data_2LTQ
#
_entry.id   2LTQ
#
_cell.length_a   1.000
_cell.length_b   1.000
_cell.length_c   1.000
_cell.angle_alpha   90.00
_cell.angle_beta   90.00
_cell.angle_gamma   90.00
#
_symmetry.space_group_name_H-M   'P 1'
#
loop_
_entity.id
_entity.type
_entity.pdbx_description
1 polymer 'Disulfide bond formation protein B'
2 polymer 'Fab fragment light chain'
3 polymer 'Fab fragment heavy chain'
4 non-polymer Ubiquinone-8
#
loop_
_entity_poly.entity_id
_entity_poly.type
_entity_poly.pdbx_seq_one_letter_code
_entity_poly.pdbx_strand_id
1 'polypeptide(L)'
;MLRFLNQASQGRGAWLLMAFTALALELTALWFQHVMLLKPSVLCIYERVALFGVLGAALIGAIAPKTPLRYVAMVIWLYS
AFRGVQLTYEHTMLQLYPSPFATCDFMVRFPEWLPLDKWVPQVFVASGDCAERQWDFLGLEMPQWLLGIFIAYLIVAVLV
VISQPFKAKKRDLFGR
;
A,D
2 'polypeptide(L)'
;MDSQAQVLILLLLWVSGTCGDIVMSQSPSSLAVSAGEKVTMSCKSSQSLLNSRTRKNYLAWYQQKPGQSPKLLIYWASTR
ESGVPDRFTGSGSGTDFTLTISSVQAEDLAVYYCKQSYNLYTFGGGTKLEIKRADAAPTVSIFPPSSEQLTSGGASVVCF
LNNFYPKDINVKWKIDGSERQNGVLNSWTDQDSKDSTYSMSSTLTLTKDEYERHNSYTCEATHKTSTSPIVKSFNRNEC
;
B,E
3 'polypeptide(L)'
;EVQLVESGGGLVKPGGSLKLSCAASGFAFSSYDMSWVRQTPEKRLEWVAYISSGGGSTYYPDTVKGRFTISRDNAKNTLY
LQMSSLKSEDTAMYYCARPDYRSYAMDYWGQGTSVTVSSAKTTAPSVYPLAPVCGDTTGSSVTLGCLVKGYFPEPVTLTW
NSGSLSSGVHTFPAVLQSDLYTLSSSVTVTSSTWPSQSITCNVAHPASSTKVDKKIEPRGP
;
C,F
#
# COMPACT_ATOMS: atom_id res chain seq x y z
N GLN A 10 4.86 42.04 -17.43
CA GLN A 10 6.26 41.99 -16.89
C GLN A 10 6.83 43.40 -16.75
N GLY A 11 5.93 44.38 -16.58
CA GLY A 11 6.33 45.78 -16.43
C GLY A 11 5.33 46.56 -15.58
N ARG A 12 5.63 47.85 -15.38
CA ARG A 12 4.76 48.74 -14.60
C ARG A 12 3.33 48.72 -15.22
N GLY A 13 3.24 48.81 -16.55
CA GLY A 13 1.96 48.81 -17.24
C GLY A 13 1.20 47.50 -17.04
N ALA A 14 1.88 46.38 -17.29
CA ALA A 14 1.29 45.05 -17.15
C ALA A 14 0.71 44.79 -15.75
N TRP A 15 1.48 45.18 -14.73
CA TRP A 15 1.06 45.04 -13.33
C TRP A 15 -0.06 46.05 -13.06
N LEU A 16 0.10 47.32 -13.48
CA LEU A 16 -0.94 48.34 -13.24
C LEU A 16 -2.28 48.00 -13.94
N LEU A 17 -2.20 47.40 -15.13
CA LEU A 17 -3.42 46.99 -15.85
C LEU A 17 -4.17 46.00 -14.98
N MET A 18 -3.48 44.95 -14.52
CA MET A 18 -4.12 43.94 -13.68
C MET A 18 -4.62 44.52 -12.35
N ALA A 19 -3.83 45.38 -11.70
CA ALA A 19 -4.27 46.03 -10.47
C ALA A 19 -5.47 46.96 -10.74
N PHE A 20 -5.42 47.70 -11.86
CA PHE A 20 -6.54 48.58 -12.24
C PHE A 20 -7.76 47.72 -12.54
N THR A 21 -7.63 46.83 -13.53
CA THR A 21 -8.74 45.97 -13.95
C THR A 21 -9.53 45.37 -12.73
N ALA A 22 -8.80 44.88 -11.74
CA ALA A 22 -9.41 44.33 -10.53
C ALA A 22 -9.99 45.42 -9.61
N LEU A 23 -9.24 46.50 -9.36
CA LEU A 23 -9.76 47.59 -8.52
C LEU A 23 -11.04 48.10 -9.17
N ALA A 24 -11.04 48.12 -10.50
CA ALA A 24 -12.19 48.60 -11.27
C ALA A 24 -13.29 47.55 -11.34
N LEU A 25 -12.93 46.38 -11.87
CA LEU A 25 -13.87 45.28 -12.04
C LEU A 25 -14.43 44.86 -10.70
N GLU A 26 -13.57 44.85 -9.69
CA GLU A 26 -13.99 44.44 -8.36
C GLU A 26 -14.69 45.54 -7.52
N LEU A 27 -14.39 46.79 -7.82
CA LEU A 27 -15.04 47.90 -7.12
C LEU A 27 -16.45 48.05 -7.67
N THR A 28 -16.62 47.85 -8.99
CA THR A 28 -17.95 47.95 -9.62
C THR A 28 -18.95 47.18 -8.77
N ALA A 29 -18.42 46.23 -8.00
CA ALA A 29 -19.22 45.39 -7.12
C ALA A 29 -20.22 46.22 -6.33
N LEU A 30 -19.80 47.44 -5.94
CA LEU A 30 -20.63 48.33 -5.13
C LEU A 30 -21.70 49.06 -5.94
N TRP A 31 -21.48 49.15 -7.25
CA TRP A 31 -22.42 49.81 -8.17
C TRP A 31 -23.64 48.92 -8.42
N PHE A 32 -24.72 49.56 -8.87
CA PHE A 32 -25.99 48.89 -9.19
C PHE A 32 -26.56 48.10 -8.01
N GLN A 33 -25.72 47.76 -7.04
CA GLN A 33 -26.17 47.01 -5.85
C GLN A 33 -27.53 47.46 -5.40
N HIS A 34 -27.77 48.78 -5.48
CA HIS A 34 -29.01 49.35 -4.98
C HIS A 34 -30.27 49.13 -5.85
N VAL A 35 -30.20 49.44 -7.14
CA VAL A 35 -31.38 49.20 -8.02
C VAL A 35 -31.62 47.71 -8.16
N MET A 36 -30.58 46.91 -7.96
CA MET A 36 -30.68 45.45 -8.10
C MET A 36 -31.77 44.85 -7.08
N LEU A 37 -31.97 45.59 -5.99
CA LEU A 37 -32.94 45.29 -4.89
C LEU A 37 -32.65 44.01 -3.87
N LEU A 38 -31.34 43.63 -4.25
CA LEU A 38 -30.12 43.10 -3.53
C LEU A 38 -29.51 44.42 -2.80
N LYS A 39 -28.74 44.06 -1.78
CA LYS A 39 -28.05 45.00 -0.91
C LYS A 39 -27.07 44.23 -0.01
N PRO A 40 -27.56 43.15 0.63
CA PRO A 40 -26.80 42.30 1.61
C PRO A 40 -25.63 41.49 1.02
N SER A 41 -24.41 41.86 1.48
CA SER A 41 -23.22 41.15 1.07
C SER A 41 -23.22 39.77 1.72
N VAL A 42 -23.54 39.74 3.01
CA VAL A 42 -23.51 38.50 3.79
C VAL A 42 -22.06 37.94 3.73
N LEU A 43 -21.93 36.62 3.63
CA LEU A 43 -20.61 35.95 3.57
C LEU A 43 -19.68 36.72 2.67
N CYS A 44 -20.25 37.29 1.61
CA CYS A 44 -19.49 38.03 0.62
C CYS A 44 -18.39 39.02 1.23
N ILE A 45 -18.70 39.69 2.34
CA ILE A 45 -17.69 40.57 2.92
C ILE A 45 -16.37 39.78 3.15
N TYR A 46 -16.50 38.59 3.73
CA TYR A 46 -15.34 37.74 3.96
C TYR A 46 -14.60 37.53 2.63
N GLU A 47 -15.37 37.40 1.55
CA GLU A 47 -14.83 37.20 0.20
C GLU A 47 -14.36 38.48 -0.47
N ARG A 48 -14.93 39.63 -0.07
CA ARG A 48 -14.51 40.87 -0.67
C ARG A 48 -13.02 40.98 -0.41
N VAL A 49 -12.62 40.54 0.78
CA VAL A 49 -11.21 40.54 1.20
C VAL A 49 -10.28 39.97 0.11
N ALA A 50 -10.64 38.85 -0.50
CA ALA A 50 -9.81 38.26 -1.56
C ALA A 50 -9.43 39.28 -2.66
N LEU A 51 -10.29 40.28 -2.92
CA LEU A 51 -9.96 41.33 -3.91
C LEU A 51 -8.75 42.20 -3.54
N PHE A 52 -8.69 42.67 -2.31
CA PHE A 52 -7.56 43.51 -1.85
C PHE A 52 -6.36 42.60 -1.60
N GLY A 53 -6.63 41.32 -1.37
CA GLY A 53 -5.55 40.36 -1.18
C GLY A 53 -4.76 40.31 -2.48
N VAL A 54 -5.45 39.96 -3.57
CA VAL A 54 -4.81 39.88 -4.90
C VAL A 54 -4.49 41.27 -5.48
N LEU A 55 -5.44 42.21 -5.36
CA LEU A 55 -5.20 43.59 -5.82
C LEU A 55 -4.08 44.16 -5.00
N GLY A 56 -4.10 43.88 -3.68
CA GLY A 56 -3.06 44.37 -2.76
C GLY A 56 -1.69 44.04 -3.31
N ALA A 57 -1.49 42.78 -3.65
CA ALA A 57 -0.24 42.27 -4.23
C ALA A 57 0.15 43.00 -5.53
N ALA A 58 -0.80 43.06 -6.48
CA ALA A 58 -0.57 43.74 -7.77
C ALA A 58 -0.30 45.24 -7.58
N LEU A 59 -1.13 45.88 -6.77
CA LEU A 59 -0.98 47.33 -6.45
C LEU A 59 0.29 47.58 -5.61
N ILE A 60 0.62 46.70 -4.67
CA ILE A 60 1.86 46.87 -3.89
C ILE A 60 3.11 46.50 -4.70
N GLY A 61 3.02 45.37 -5.42
CA GLY A 61 4.11 44.92 -6.29
C GLY A 61 4.17 45.80 -7.52
N ALA A 62 3.06 46.49 -7.78
CA ALA A 62 2.95 47.40 -8.92
C ALA A 62 4.14 48.37 -8.97
N ILE A 63 4.74 48.70 -7.81
CA ILE A 63 5.87 49.64 -7.77
C ILE A 63 6.70 49.55 -9.06
N ALA A 64 6.78 48.33 -9.59
CA ALA A 64 7.51 48.03 -10.82
C ALA A 64 8.02 46.57 -10.74
N PRO A 65 7.50 45.72 -11.63
CA PRO A 65 7.85 44.29 -11.72
C PRO A 65 9.16 43.70 -12.46
N LYS A 66 10.32 44.48 -12.20
CA LYS A 66 11.54 44.72 -12.61
C LYS A 66 12.51 45.05 -11.48
N THR A 67 13.18 46.24 -11.56
CA THR A 67 14.18 46.66 -10.57
C THR A 67 13.77 46.15 -9.18
N PRO A 68 12.54 46.36 -8.75
CA PRO A 68 12.13 45.86 -7.44
C PRO A 68 11.96 44.24 -7.40
N LEU A 69 12.80 43.67 -6.56
CA LEU A 69 12.88 42.21 -6.36
C LEU A 69 11.68 41.71 -5.53
N ARG A 70 10.90 42.64 -4.98
CA ARG A 70 9.72 42.34 -4.16
C ARG A 70 8.70 41.39 -4.93
N TYR A 71 9.17 40.78 -5.99
CA TYR A 71 8.36 39.88 -6.80
C TYR A 71 7.43 39.01 -5.93
N VAL A 72 7.75 38.91 -4.63
CA VAL A 72 6.96 38.12 -3.72
C VAL A 72 5.50 38.36 -4.03
N ALA A 73 5.24 39.53 -4.63
CA ALA A 73 3.88 39.90 -5.04
C ALA A 73 3.13 38.73 -5.67
N MET A 74 3.86 37.83 -6.33
CA MET A 74 3.28 36.69 -6.97
C MET A 74 2.59 35.67 -5.89
N VAL A 75 3.37 35.33 -4.89
CA VAL A 75 2.90 34.42 -3.87
C VAL A 75 1.68 34.99 -3.15
N ILE A 76 1.77 36.22 -2.70
CA ILE A 76 0.65 36.86 -2.04
C ILE A 76 -0.58 36.97 -3.03
N TRP A 77 -0.28 37.22 -4.30
CA TRP A 77 -1.31 37.25 -5.39
C TRP A 77 -1.86 35.84 -5.55
N LEU A 78 -0.94 34.87 -5.54
CA LEU A 78 -1.34 33.47 -5.69
C LEU A 78 -2.21 33.12 -4.51
N TYR A 79 -1.73 33.42 -3.30
CA TYR A 79 -2.47 33.10 -2.06
C TYR A 79 -3.88 33.66 -2.07
N SER A 80 -3.99 34.98 -2.21
CA SER A 80 -5.29 35.65 -2.22
C SER A 80 -6.24 35.20 -3.35
N ALA A 81 -5.70 34.85 -4.51
CA ALA A 81 -6.54 34.36 -5.61
C ALA A 81 -7.14 33.02 -5.22
N PHE A 82 -6.30 32.12 -4.69
CA PHE A 82 -6.75 30.80 -4.25
C PHE A 82 -7.70 30.91 -3.07
N ARG A 83 -7.27 31.64 -2.03
CA ARG A 83 -8.09 31.86 -0.85
C ARG A 83 -9.46 32.33 -1.30
N GLY A 84 -9.51 33.14 -2.35
CA GLY A 84 -10.79 33.61 -2.84
C GLY A 84 -11.64 32.46 -3.39
N VAL A 85 -11.00 31.56 -4.13
CA VAL A 85 -11.73 30.44 -4.74
C VAL A 85 -12.38 29.57 -3.68
N GLN A 86 -11.61 29.20 -2.63
CA GLN A 86 -12.15 28.33 -1.57
C GLN A 86 -13.39 28.91 -0.87
N LEU A 87 -13.33 30.19 -0.49
CA LEU A 87 -14.48 30.87 0.12
C LEU A 87 -15.63 31.10 -0.91
N THR A 88 -15.32 31.53 -2.15
CA THR A 88 -16.38 31.72 -3.17
C THR A 88 -17.03 30.41 -3.57
N TYR A 89 -16.22 29.36 -3.68
CA TYR A 89 -16.75 28.04 -4.08
C TYR A 89 -17.83 27.55 -3.11
N GLU A 90 -17.54 27.57 -1.80
CA GLU A 90 -18.52 27.14 -0.81
C GLU A 90 -19.78 27.98 -0.97
N HIS A 91 -19.60 29.25 -1.24
CA HIS A 91 -20.75 30.12 -1.48
C HIS A 91 -21.54 29.66 -2.71
N THR A 92 -20.86 29.16 -3.75
CA THR A 92 -21.57 28.71 -4.94
C THR A 92 -22.31 27.44 -4.58
N MET A 93 -21.61 26.56 -3.86
CA MET A 93 -22.19 25.31 -3.40
C MET A 93 -23.46 25.57 -2.53
N LEU A 94 -23.35 26.51 -1.62
CA LEU A 94 -24.46 26.86 -0.75
C LEU A 94 -25.75 27.26 -1.52
N GLN A 95 -25.70 27.34 -2.85
CA GLN A 95 -26.90 27.63 -3.66
C GLN A 95 -27.32 26.38 -4.41
N LEU A 96 -26.39 25.80 -5.17
CA LEU A 96 -26.68 24.59 -5.92
C LEU A 96 -26.72 23.40 -4.95
N TYR A 97 -26.70 23.75 -3.67
CA TYR A 97 -26.67 22.79 -2.59
C TYR A 97 -26.76 23.62 -1.31
N PRO A 98 -27.92 24.00 -0.82
CA PRO A 98 -27.98 24.82 0.40
C PRO A 98 -28.01 23.92 1.60
N SER A 99 -27.73 24.45 2.79
CA SER A 99 -27.68 23.61 3.99
C SER A 99 -28.97 23.61 4.81
N PRO A 100 -29.12 22.61 5.64
CA PRO A 100 -30.31 22.42 6.53
C PRO A 100 -30.52 23.55 7.52
N PHE A 101 -29.47 24.33 7.77
CA PHE A 101 -29.56 25.45 8.73
C PHE A 101 -30.14 26.73 8.14
N ALA A 102 -31.41 26.68 7.74
CA ALA A 102 -32.03 27.85 7.17
C ALA A 102 -31.69 29.06 8.05
N THR A 103 -31.46 28.75 9.34
CA THR A 103 -31.15 29.75 10.33
C THR A 103 -29.69 30.37 9.85
N CYS A 104 -29.37 31.47 10.43
CA CYS A 104 -28.16 32.08 10.04
C CYS A 104 -27.08 32.00 11.26
N ASP A 105 -25.83 32.14 10.90
CA ASP A 105 -24.77 32.01 11.90
C ASP A 105 -25.01 32.89 13.13
N PHE A 106 -24.41 32.46 14.25
CA PHE A 106 -24.57 33.12 15.53
C PHE A 106 -26.01 32.82 16.04
N MET A 107 -26.38 31.51 16.01
CA MET A 107 -27.71 31.07 16.55
C MET A 107 -27.76 29.58 17.07
N VAL A 108 -26.57 28.99 17.27
CA VAL A 108 -26.43 27.60 17.77
C VAL A 108 -25.79 27.57 19.17
N LEU A 114 -12.68 42.24 11.45
CA LEU A 114 -11.97 43.48 11.86
C LEU A 114 -12.45 44.67 11.00
N PRO A 115 -13.69 45.08 11.18
CA PRO A 115 -14.27 46.25 10.47
C PRO A 115 -13.81 47.61 10.98
N LEU A 116 -14.70 48.60 10.83
CA LEU A 116 -14.41 49.96 11.30
C LEU A 116 -13.15 50.46 10.61
N ASP A 117 -13.16 51.78 10.31
CA ASP A 117 -12.02 52.44 9.65
C ASP A 117 -12.25 53.96 9.39
N LYS A 118 -11.25 54.77 9.77
CA LYS A 118 -11.34 56.24 9.67
C LYS A 118 -12.12 56.78 8.47
N TRP A 119 -11.99 56.13 7.30
CA TRP A 119 -12.65 56.62 6.06
C TRP A 119 -14.18 56.34 5.95
N VAL A 120 -14.55 55.07 5.69
CA VAL A 120 -15.95 54.62 5.71
C VAL A 120 -15.99 53.08 5.68
N PRO A 121 -16.88 52.48 6.43
CA PRO A 121 -17.00 51.02 6.46
C PRO A 121 -17.71 50.43 5.20
N GLN A 122 -18.29 51.33 4.41
CA GLN A 122 -19.10 50.96 3.23
C GLN A 122 -18.62 49.68 2.45
N VAL A 123 -17.42 49.68 1.94
CA VAL A 123 -16.91 48.51 1.20
C VAL A 123 -17.34 47.17 1.83
N PHE A 124 -17.50 47.15 3.17
CA PHE A 124 -17.98 45.93 3.86
C PHE A 124 -19.27 46.18 4.66
N VAL A 125 -20.19 45.20 4.59
CA VAL A 125 -21.46 45.28 5.32
C VAL A 125 -22.14 43.90 5.36
N ALA A 126 -22.95 43.68 6.41
CA ALA A 126 -23.62 42.40 6.59
C ALA A 126 -25.04 42.54 7.16
N SER A 127 -25.40 43.73 7.66
CA SER A 127 -26.75 43.90 8.24
C SER A 127 -27.85 44.04 7.17
N GLY A 128 -28.75 43.05 7.17
CA GLY A 128 -29.88 43.04 6.25
C GLY A 128 -30.71 41.78 6.47
N ASP A 129 -30.28 40.68 5.82
CA ASP A 129 -30.98 39.39 5.91
C ASP A 129 -30.14 38.19 5.39
N CYS A 130 -30.79 37.01 5.42
CA CYS A 130 -30.17 35.77 4.95
C CYS A 130 -30.53 35.47 3.51
N ALA A 131 -30.14 34.27 3.07
CA ALA A 131 -30.50 33.80 1.77
C ALA A 131 -32.01 33.76 1.89
N GLU A 132 -32.69 34.65 1.18
CA GLU A 132 -34.13 34.72 1.31
C GLU A 132 -34.76 34.72 -0.08
N ARG A 133 -35.22 35.87 -0.51
CA ARG A 133 -35.86 35.99 -1.82
C ARG A 133 -34.84 35.91 -2.93
N GLN A 134 -33.76 36.69 -2.79
CA GLN A 134 -32.69 36.68 -3.77
C GLN A 134 -33.10 35.93 -5.01
N TRP A 135 -33.49 36.65 -6.06
CA TRP A 135 -33.88 36.00 -7.31
C TRP A 135 -33.01 36.49 -8.48
N ASP A 136 -32.26 37.56 -8.21
CA ASP A 136 -31.35 38.15 -9.19
C ASP A 136 -32.11 38.40 -10.49
N PHE A 137 -32.16 37.35 -11.31
CA PHE A 137 -32.81 37.37 -12.66
C PHE A 137 -31.96 38.11 -13.72
N LEU A 138 -30.81 38.64 -13.30
CA LEU A 138 -29.83 39.36 -14.18
C LEU A 138 -29.05 38.40 -15.08
N GLY A 139 -29.45 38.39 -16.35
CA GLY A 139 -28.80 37.56 -17.37
C GLY A 139 -28.48 36.15 -16.88
N LEU A 140 -27.38 36.02 -16.15
CA LEU A 140 -26.95 34.73 -15.61
C LEU A 140 -26.30 34.98 -14.24
N GLU A 141 -27.14 35.21 -13.24
CA GLU A 141 -26.67 35.45 -11.88
C GLU A 141 -25.42 36.31 -11.90
N MET A 142 -24.70 36.32 -10.78
CA MET A 142 -23.46 37.06 -10.70
C MET A 142 -22.72 36.71 -9.43
N PRO A 143 -23.40 36.36 -8.34
CA PRO A 143 -22.66 36.00 -7.12
C PRO A 143 -21.92 34.68 -7.31
N GLN A 144 -21.85 34.19 -8.56
CA GLN A 144 -21.18 32.92 -8.85
C GLN A 144 -20.25 33.06 -10.05
N TRP A 145 -20.49 34.08 -10.87
CA TRP A 145 -19.63 34.35 -12.03
C TRP A 145 -18.22 34.50 -11.46
N LEU A 146 -18.17 35.08 -10.25
CA LEU A 146 -16.92 35.35 -9.52
C LEU A 146 -15.96 34.15 -9.41
N LEU A 147 -16.48 32.93 -9.44
CA LEU A 147 -15.61 31.72 -9.41
C LEU A 147 -14.72 31.72 -10.65
N GLY A 148 -15.29 32.04 -11.82
CA GLY A 148 -14.52 32.09 -13.07
C GLY A 148 -13.52 33.24 -13.09
N ILE A 149 -13.97 34.40 -12.61
CA ILE A 149 -13.10 35.58 -12.60
C ILE A 149 -11.82 35.33 -11.71
N PHE A 150 -12.00 34.75 -10.53
CA PHE A 150 -10.87 34.45 -9.64
C PHE A 150 -10.04 33.33 -10.22
N ILE A 151 -10.69 32.44 -10.97
CA ILE A 151 -9.95 31.36 -11.59
C ILE A 151 -8.95 32.06 -12.58
N ALA A 152 -9.45 33.08 -13.27
CA ALA A 152 -8.62 33.84 -14.21
C ALA A 152 -7.33 34.46 -13.58
N TYR A 153 -7.49 35.16 -12.46
CA TYR A 153 -6.34 35.76 -11.78
C TYR A 153 -5.43 34.63 -11.31
N LEU A 154 -6.03 33.62 -10.68
CA LEU A 154 -5.29 32.44 -10.19
C LEU A 154 -4.67 31.72 -11.35
N ILE A 155 -5.45 31.55 -12.42
CA ILE A 155 -4.95 30.86 -13.56
C ILE A 155 -3.76 31.76 -14.36
N VAL A 156 -3.90 33.06 -14.25
CA VAL A 156 -2.86 33.93 -14.78
C VAL A 156 -1.65 33.76 -13.86
N ALA A 157 -1.87 33.86 -12.53
CA ALA A 157 -0.82 33.68 -11.54
C ALA A 157 -0.11 32.32 -11.63
N VAL A 158 -0.86 31.22 -11.66
CA VAL A 158 -0.19 29.93 -11.74
C VAL A 158 0.66 29.92 -13.01
N LEU A 159 0.05 30.31 -14.14
CA LEU A 159 0.75 30.29 -15.46
C LEU A 159 2.05 31.09 -15.57
N VAL A 160 2.13 32.21 -14.85
CA VAL A 160 3.35 33.05 -14.87
C VAL A 160 4.45 32.41 -13.99
N VAL A 161 4.06 31.75 -12.88
CA VAL A 161 5.06 31.08 -12.03
C VAL A 161 5.07 29.58 -12.28
N ILE A 162 4.07 29.07 -12.99
CA ILE A 162 3.97 27.63 -13.26
C ILE A 162 4.54 26.79 -12.08
N ASP B 21 -40.56 22.41 14.96
CA ASP B 21 -39.83 22.06 13.69
C ASP B 21 -40.84 21.78 12.58
N ILE B 22 -40.37 21.19 11.49
CA ILE B 22 -41.27 20.65 10.51
C ILE B 22 -41.78 19.31 11.07
N VAL B 23 -43.07 19.01 10.86
CA VAL B 23 -43.59 17.66 11.13
C VAL B 23 -43.98 16.86 9.88
N MET B 24 -43.26 15.77 9.67
CA MET B 24 -43.59 14.78 8.67
C MET B 24 -44.54 13.77 9.29
N SER B 25 -45.53 13.41 8.49
CA SER B 25 -46.60 12.55 8.90
C SER B 25 -47.05 11.78 7.67
N GLN B 26 -46.84 10.47 7.68
CA GLN B 26 -47.26 9.59 6.58
C GLN B 26 -48.59 8.88 6.91
N SER B 27 -49.39 8.59 5.90
CA SER B 27 -50.51 7.67 6.04
C SER B 27 -50.40 6.67 4.91
N PRO B 28 -50.80 5.40 5.14
CA PRO B 28 -51.29 4.83 6.38
C PRO B 28 -50.14 4.22 7.16
N SER B 29 -50.44 3.67 8.33
CA SER B 29 -49.45 2.92 9.09
C SER B 29 -48.99 1.68 8.32
N SER B 30 -49.96 0.94 7.77
CA SER B 30 -49.67 -0.33 7.09
C SER B 30 -50.36 -0.49 5.74
N LEU B 31 -49.69 -1.25 4.86
CA LEU B 31 -50.24 -1.66 3.57
C LEU B 31 -50.01 -3.13 3.31
N ALA B 32 -51.06 -3.81 2.86
CA ALA B 32 -50.91 -5.15 2.34
C ALA B 32 -51.00 -5.09 0.82
N VAL B 33 -50.31 -6.01 0.15
CA VAL B 33 -50.41 -6.14 -1.32
C VAL B 33 -49.88 -7.50 -1.82
N SER B 34 -50.53 -8.05 -2.84
CA SER B 34 -50.11 -9.30 -3.43
C SER B 34 -48.93 -9.00 -4.35
N ALA B 35 -47.92 -9.87 -4.27
CA ALA B 35 -46.58 -9.62 -4.84
C ALA B 35 -46.56 -9.28 -6.34
N GLY B 36 -46.59 -7.99 -6.66
CA GLY B 36 -46.44 -7.57 -8.05
C GLY B 36 -47.32 -6.40 -8.40
N GLU B 37 -47.84 -5.74 -7.37
CA GLU B 37 -48.80 -4.66 -7.55
C GLU B 37 -48.20 -3.24 -7.51
N LYS B 38 -49.05 -2.24 -7.72
CA LYS B 38 -48.68 -0.84 -7.54
C LYS B 38 -49.18 -0.35 -6.18
N VAL B 39 -48.28 0.27 -5.42
CA VAL B 39 -48.61 0.87 -4.13
C VAL B 39 -48.04 2.27 -4.11
N THR B 40 -48.84 3.19 -3.58
CA THR B 40 -48.45 4.58 -3.51
C THR B 40 -48.81 5.13 -2.13
N MET B 41 -47.91 5.00 -1.16
CA MET B 41 -48.16 5.64 0.13
C MET B 41 -47.77 7.14 0.13
N SER B 42 -48.26 7.89 1.11
CA SER B 42 -48.14 9.34 1.08
C SER B 42 -47.42 9.92 2.27
N CYS B 43 -46.59 10.93 1.98
CA CYS B 43 -45.89 11.71 2.99
C CYS B 43 -46.28 13.18 2.87
N LYS B 44 -46.82 13.73 3.95
CA LYS B 44 -47.15 15.16 4.00
C LYS B 44 -46.39 15.91 5.08
N SER B 45 -45.76 17.02 4.71
CA SER B 45 -45.00 17.82 5.67
C SER B 45 -45.74 19.10 6.07
N SER B 46 -45.51 19.54 7.30
CA SER B 46 -46.20 20.71 7.86
C SER B 46 -45.82 22.01 7.18
N GLN B 47 -44.62 22.03 6.59
CA GLN B 47 -44.01 23.22 6.02
C GLN B 47 -43.71 22.95 4.58
N SER B 48 -43.96 23.92 3.70
CA SER B 48 -43.62 23.66 2.31
C SER B 48 -42.14 23.40 2.15
N LEU B 49 -41.79 22.51 1.23
CA LEU B 49 -40.40 22.09 1.07
C LEU B 49 -39.72 22.62 -0.21
N LEU B 50 -40.29 23.66 -0.82
CA LEU B 50 -39.75 24.24 -2.07
C LEU B 50 -38.82 25.43 -1.81
N ASN B 51 -37.70 25.47 -2.53
CA ASN B 51 -36.91 26.68 -2.64
C ASN B 51 -37.46 27.58 -3.73
N SER B 52 -37.28 28.88 -3.58
CA SER B 52 -37.51 29.79 -4.70
C SER B 52 -36.53 29.42 -5.84
N ARG B 53 -35.22 29.45 -5.56
CA ARG B 53 -34.22 29.05 -6.54
C ARG B 53 -34.11 27.53 -6.71
N THR B 54 -34.40 27.11 -7.94
CA THR B 54 -34.66 25.71 -8.35
C THR B 54 -35.85 25.09 -7.66
N ARG B 55 -36.76 24.56 -8.47
CA ARG B 55 -37.69 23.54 -7.98
C ARG B 55 -36.80 22.45 -7.39
N LYS B 56 -36.70 22.46 -6.07
CA LYS B 56 -35.86 21.53 -5.34
C LYS B 56 -36.63 21.21 -4.09
N ASN B 57 -37.15 19.99 -4.01
CA ASN B 57 -38.13 19.75 -2.96
C ASN B 57 -37.67 19.10 -1.68
N TYR B 58 -36.36 18.98 -1.51
CA TYR B 58 -35.73 18.73 -0.19
C TYR B 58 -36.38 17.67 0.75
N LEU B 59 -36.97 16.66 0.12
CA LEU B 59 -37.53 15.56 0.84
C LEU B 59 -36.86 14.32 0.34
N ALA B 60 -36.53 13.42 1.27
CA ALA B 60 -36.08 12.09 0.91
C ALA B 60 -37.01 10.97 1.41
N TRP B 61 -36.95 9.82 0.73
CA TRP B 61 -37.63 8.60 1.12
C TRP B 61 -36.59 7.55 1.44
N TYR B 62 -36.64 7.00 2.66
CA TYR B 62 -35.73 5.91 3.04
C TYR B 62 -36.53 4.65 3.26
N GLN B 63 -36.09 3.55 2.68
CA GLN B 63 -36.68 2.28 3.00
C GLN B 63 -35.83 1.64 4.08
N GLN B 64 -36.46 0.85 4.94
CA GLN B 64 -35.74 0.18 6.04
C GLN B 64 -36.26 -1.21 6.21
N LYS B 65 -35.45 -2.20 5.88
CA LYS B 65 -35.86 -3.61 5.96
C LYS B 65 -35.88 -4.12 7.40
N PRO B 66 -36.64 -5.21 7.67
CA PRO B 66 -36.75 -5.68 9.05
C PRO B 66 -35.38 -5.94 9.70
N GLY B 67 -35.09 -5.17 10.76
CA GLY B 67 -33.82 -5.24 11.47
C GLY B 67 -32.71 -4.94 10.49
N GLN B 68 -32.71 -3.71 10.00
CA GLN B 68 -31.65 -3.17 9.15
C GLN B 68 -31.57 -1.66 9.23
N SER B 69 -30.39 -1.15 8.92
CA SER B 69 -30.24 0.26 8.79
C SER B 69 -31.07 0.72 7.57
N PRO B 70 -31.79 1.86 7.69
CA PRO B 70 -32.49 2.40 6.54
C PRO B 70 -31.58 2.50 5.30
N LYS B 71 -32.15 2.38 4.11
CA LYS B 71 -31.41 2.60 2.84
C LYS B 71 -31.95 3.84 2.11
N LEU B 72 -31.09 4.62 1.49
CA LEU B 72 -31.54 5.77 0.71
C LEU B 72 -32.21 5.28 -0.56
N LEU B 73 -33.31 5.93 -0.94
CA LEU B 73 -34.19 5.42 -1.97
C LEU B 73 -34.46 6.45 -3.07
N ILE B 74 -34.88 7.62 -2.61
CA ILE B 74 -35.16 8.74 -3.48
C ILE B 74 -34.67 9.97 -2.75
N TYR B 75 -33.87 10.80 -3.41
CA TYR B 75 -33.67 12.13 -2.86
C TYR B 75 -34.33 13.26 -3.66
N TRP B 76 -34.19 14.47 -3.13
CA TRP B 76 -34.81 15.68 -3.69
C TRP B 76 -36.33 15.64 -3.85
N ALA B 77 -36.86 14.54 -4.38
CA ALA B 77 -38.28 14.17 -4.21
C ALA B 77 -38.64 13.21 -5.30
N SER B 78 -38.02 13.48 -6.46
CA SER B 78 -38.19 12.75 -7.72
C SER B 78 -37.04 11.78 -7.94
N THR B 79 -35.82 12.29 -7.82
CA THR B 79 -34.61 11.58 -8.28
C THR B 79 -34.22 10.33 -7.47
N ARG B 80 -34.10 9.22 -8.18
CA ARG B 80 -33.76 7.93 -7.59
C ARG B 80 -32.25 7.79 -7.39
N GLU B 81 -31.85 6.82 -6.57
CA GLU B 81 -30.46 6.73 -6.17
C GLU B 81 -29.77 5.43 -6.66
N SER B 82 -28.47 5.54 -6.95
CA SER B 82 -27.65 4.47 -7.52
C SER B 82 -28.15 3.06 -7.22
N GLY B 83 -28.80 2.46 -8.20
CA GLY B 83 -29.34 1.10 -8.06
C GLY B 83 -30.73 1.04 -7.44
N VAL B 84 -31.51 2.10 -7.63
CA VAL B 84 -32.93 2.04 -7.33
C VAL B 84 -33.63 1.62 -8.60
N PRO B 85 -34.34 0.49 -8.56
CA PRO B 85 -35.18 0.08 -9.69
C PRO B 85 -36.31 1.09 -9.97
N ASP B 86 -36.45 1.44 -11.25
CA ASP B 86 -37.40 2.45 -11.75
C ASP B 86 -38.74 2.42 -11.02
N ARG B 87 -39.07 1.23 -10.51
CA ARG B 87 -40.38 0.92 -9.92
C ARG B 87 -40.76 1.79 -8.72
N PHE B 88 -39.77 2.12 -7.89
CA PHE B 88 -40.00 3.10 -6.84
C PHE B 88 -39.99 4.42 -7.56
N THR B 89 -41.06 5.20 -7.38
CA THR B 89 -41.11 6.54 -7.97
C THR B 89 -41.49 7.58 -6.93
N GLY B 90 -40.90 8.76 -7.06
CA GLY B 90 -41.17 9.84 -6.12
C GLY B 90 -41.86 10.98 -6.82
N SER B 91 -43.12 11.19 -6.48
CA SER B 91 -43.84 12.36 -6.94
C SER B 91 -43.98 13.23 -5.73
N GLY B 92 -44.61 14.39 -5.91
CA GLY B 92 -44.92 15.27 -4.78
C GLY B 92 -44.24 16.59 -4.95
N SER B 93 -44.70 17.59 -4.20
CA SER B 93 -44.22 18.94 -4.36
C SER B 93 -44.98 19.89 -3.46
N GLY B 94 -44.25 20.78 -2.80
CA GLY B 94 -44.83 21.61 -1.77
C GLY B 94 -44.88 20.82 -0.47
N THR B 95 -46.08 20.57 0.03
CA THR B 95 -46.23 19.88 1.31
C THR B 95 -46.71 18.43 1.12
N ASP B 96 -46.61 17.91 -0.11
CA ASP B 96 -47.41 16.75 -0.52
C ASP B 96 -46.71 15.70 -1.33
N PHE B 97 -46.05 14.78 -0.66
CA PHE B 97 -45.26 13.81 -1.37
C PHE B 97 -45.87 12.42 -1.33
N THR B 98 -45.55 11.64 -2.36
CA THR B 98 -46.11 10.30 -2.53
C THR B 98 -45.03 9.36 -3.10
N LEU B 99 -44.89 8.20 -2.47
CA LEU B 99 -43.97 7.18 -2.97
C LEU B 99 -44.78 6.07 -3.57
N THR B 100 -44.30 5.59 -4.72
CA THR B 100 -45.04 4.62 -5.53
C THR B 100 -44.15 3.46 -6.03
N ILE B 101 -44.50 2.24 -5.61
CA ILE B 101 -43.70 1.06 -5.93
C ILE B 101 -44.51 0.13 -6.78
N SER B 102 -44.19 0.07 -8.07
CA SER B 102 -44.85 -0.87 -8.98
C SER B 102 -44.10 -2.22 -9.01
N SER B 103 -44.87 -3.30 -9.21
CA SER B 103 -44.33 -4.66 -9.34
C SER B 103 -43.64 -5.11 -8.06
N VAL B 104 -44.37 -5.03 -6.94
CA VAL B 104 -43.87 -5.36 -5.61
C VAL B 104 -43.24 -6.74 -5.53
N GLN B 105 -41.91 -6.79 -5.55
CA GLN B 105 -41.25 -8.04 -5.28
C GLN B 105 -41.35 -8.40 -3.80
N ALA B 106 -40.92 -9.61 -3.48
CA ALA B 106 -41.06 -10.17 -2.14
C ALA B 106 -40.08 -9.48 -1.20
N GLU B 107 -38.92 -9.11 -1.75
CA GLU B 107 -37.87 -8.41 -1.04
C GLU B 107 -38.16 -6.92 -1.07
N ASP B 108 -39.39 -6.58 -0.70
CA ASP B 108 -39.82 -5.20 -0.57
C ASP B 108 -40.61 -5.09 0.72
N LEU B 109 -40.42 -6.05 1.61
CA LEU B 109 -41.00 -5.95 2.93
C LEU B 109 -40.23 -4.91 3.73
N ALA B 110 -40.89 -3.83 4.10
CA ALA B 110 -40.17 -2.74 4.74
C ALA B 110 -41.07 -1.70 5.36
N VAL B 111 -40.48 -0.85 6.19
CA VAL B 111 -41.10 0.41 6.50
C VAL B 111 -40.38 1.49 5.68
N TYR B 112 -41.19 2.40 5.12
CA TYR B 112 -40.74 3.45 4.22
C TYR B 112 -40.90 4.79 4.92
N TYR B 113 -39.78 5.48 5.09
CA TYR B 113 -39.73 6.67 5.91
C TYR B 113 -39.47 7.84 5.00
N CYS B 114 -40.17 8.94 5.22
CA CYS B 114 -39.83 10.13 4.48
C CYS B 114 -39.09 11.03 5.43
N LYS B 115 -38.12 11.78 4.89
CA LYS B 115 -37.32 12.72 5.68
C LYS B 115 -37.37 14.07 5.01
N GLN B 116 -37.50 15.12 5.81
CA GLN B 116 -37.31 16.45 5.26
C GLN B 116 -35.89 16.87 5.59
N SER B 117 -35.27 17.59 4.65
CA SER B 117 -33.97 18.17 4.89
C SER B 117 -33.96 19.65 4.49
N TYR B 118 -35.12 20.29 4.61
CA TYR B 118 -35.25 21.72 4.28
C TYR B 118 -34.87 22.55 5.45
N ASN B 119 -35.14 22.10 6.66
CA ASN B 119 -34.71 22.84 7.83
C ASN B 119 -34.56 21.87 8.96
N LEU B 120 -33.30 21.52 9.18
CA LEU B 120 -32.89 20.37 10.00
C LEU B 120 -33.39 19.06 9.36
N TYR B 121 -33.29 17.95 10.06
CA TYR B 121 -33.72 16.68 9.51
C TYR B 121 -34.91 16.17 10.31
N THR B 122 -36.11 16.08 9.71
CA THR B 122 -37.18 15.29 10.38
C THR B 122 -37.68 14.12 9.52
N PHE B 123 -38.23 13.12 10.22
CA PHE B 123 -38.72 11.87 9.61
C PHE B 123 -40.25 11.74 9.76
N GLY B 124 -40.85 10.96 8.88
CA GLY B 124 -42.24 10.60 9.03
C GLY B 124 -42.28 9.51 10.06
N GLY B 125 -43.47 9.03 10.36
CA GLY B 125 -43.63 7.96 11.34
C GLY B 125 -43.30 6.59 10.75
N GLY B 126 -43.59 6.42 9.47
CA GLY B 126 -43.31 5.17 8.81
C GLY B 126 -44.58 4.58 8.26
N THR B 127 -44.44 3.73 7.25
CA THR B 127 -45.54 3.05 6.60
C THR B 127 -45.01 1.64 6.39
N LYS B 128 -45.64 0.67 7.05
CA LYS B 128 -45.23 -0.73 6.92
C LYS B 128 -45.88 -1.40 5.71
N LEU B 129 -45.08 -1.74 4.70
CA LEU B 129 -45.56 -2.47 3.53
C LEU B 129 -45.38 -3.96 3.71
N GLU B 130 -46.36 -4.60 4.36
CA GLU B 130 -46.31 -6.06 4.58
C GLU B 130 -46.99 -6.82 3.45
N ILE B 131 -46.37 -7.94 3.03
CA ILE B 131 -46.85 -8.70 1.88
C ILE B 131 -48.04 -9.62 2.18
N LYS B 132 -48.87 -9.80 1.14
CA LYS B 132 -49.89 -10.83 1.10
C LYS B 132 -49.23 -12.11 0.62
N ALA B 134 -50.73 -16.43 -0.64
CA ALA B 134 -51.53 -17.64 -0.39
C ALA B 134 -51.01 -18.43 0.80
N ASP B 135 -51.92 -19.03 1.56
CA ASP B 135 -51.61 -19.68 2.83
C ASP B 135 -50.52 -20.78 2.71
N ALA B 136 -49.95 -21.19 3.84
CA ALA B 136 -49.08 -22.38 3.93
C ALA B 136 -49.12 -23.03 5.34
N ALA B 137 -48.74 -24.31 5.40
CA ALA B 137 -48.81 -25.11 6.63
C ALA B 137 -47.63 -24.93 7.59
N PRO B 138 -47.91 -24.52 8.84
CA PRO B 138 -46.87 -24.36 9.89
C PRO B 138 -46.11 -25.65 10.12
N THR B 139 -44.81 -25.55 10.39
CA THR B 139 -43.94 -26.73 10.45
C THR B 139 -43.34 -26.97 11.87
N VAL B 140 -44.15 -27.50 12.80
CA VAL B 140 -43.71 -27.61 14.21
C VAL B 140 -42.61 -28.65 14.46
N SER B 141 -41.94 -28.52 15.61
CA SER B 141 -40.80 -29.35 16.01
C SER B 141 -40.48 -29.07 17.49
N ILE B 142 -40.64 -30.06 18.36
CA ILE B 142 -40.46 -29.85 19.81
C ILE B 142 -39.03 -30.09 20.32
N PHE B 143 -38.66 -29.31 21.34
CA PHE B 143 -37.29 -29.28 21.87
C PHE B 143 -37.24 -29.35 23.41
N PRO B 144 -36.74 -30.47 23.96
CA PRO B 144 -36.61 -30.71 25.40
C PRO B 144 -35.62 -29.76 26.04
N PRO B 145 -35.66 -29.60 27.37
CA PRO B 145 -34.62 -28.87 28.10
C PRO B 145 -33.21 -29.29 27.69
N SER B 146 -32.22 -28.47 28.02
CA SER B 146 -30.82 -28.86 27.82
C SER B 146 -30.16 -29.26 29.13
N SER B 147 -29.50 -30.41 29.10
CA SER B 147 -28.79 -30.97 30.25
C SER B 147 -28.36 -29.88 31.24
N GLU B 148 -27.55 -28.92 30.76
CA GLU B 148 -26.95 -27.92 31.64
C GLU B 148 -27.97 -27.00 32.28
N GLN B 149 -28.99 -26.60 31.52
CA GLN B 149 -30.10 -25.79 32.05
C GLN B 149 -30.67 -26.48 33.30
N LEU B 150 -30.84 -27.80 33.18
CA LEU B 150 -31.37 -28.63 34.24
C LEU B 150 -30.40 -28.66 35.40
N THR B 151 -29.19 -29.14 35.16
CA THR B 151 -28.16 -29.26 36.22
C THR B 151 -27.76 -27.88 36.79
N SER B 152 -28.34 -26.83 36.23
CA SER B 152 -28.24 -25.50 36.80
C SER B 152 -29.59 -24.97 37.33
N GLY B 153 -30.51 -25.89 37.60
CA GLY B 153 -31.68 -25.61 38.44
C GLY B 153 -32.94 -25.08 37.78
N GLY B 154 -33.12 -25.42 36.51
CA GLY B 154 -34.32 -25.00 35.77
C GLY B 154 -34.60 -25.90 34.58
N ALA B 155 -35.78 -25.72 33.98
CA ALA B 155 -36.20 -26.55 32.84
C ALA B 155 -37.19 -25.84 31.92
N SER B 156 -36.84 -25.74 30.64
CA SER B 156 -37.68 -25.04 29.67
C SER B 156 -37.88 -25.87 28.42
N VAL B 157 -39.12 -25.93 27.93
CA VAL B 157 -39.44 -26.73 26.75
C VAL B 157 -40.08 -25.87 25.65
N VAL B 158 -39.50 -25.91 24.44
CA VAL B 158 -39.92 -25.05 23.32
C VAL B 158 -40.27 -25.83 22.05
N CYS B 159 -41.22 -25.30 21.26
CA CYS B 159 -41.39 -25.76 19.89
C CYS B 159 -41.54 -24.60 18.90
N PHE B 160 -40.80 -24.70 17.80
CA PHE B 160 -40.82 -23.70 16.75
C PHE B 160 -41.92 -24.03 15.75
N LEU B 161 -42.54 -22.98 15.20
CA LEU B 161 -43.58 -23.12 14.19
C LEU B 161 -43.10 -22.40 12.93
N ASN B 162 -42.17 -23.00 12.22
CA ASN B 162 -41.54 -22.32 11.10
C ASN B 162 -42.46 -22.16 9.90
N ASN B 163 -42.18 -21.14 9.08
CA ASN B 163 -42.73 -20.92 7.73
C ASN B 163 -44.24 -20.99 7.50
N PHE B 164 -45.05 -20.48 8.43
CA PHE B 164 -46.49 -20.49 8.23
C PHE B 164 -47.05 -19.16 7.74
N TYR B 165 -48.31 -19.18 7.33
CA TYR B 165 -49.02 -18.01 6.79
C TYR B 165 -50.50 -18.35 6.56
N PRO B 166 -51.44 -17.50 7.02
CA PRO B 166 -51.32 -16.21 7.67
C PRO B 166 -50.88 -16.28 9.14
N LYS B 167 -50.75 -15.11 9.75
CA LYS B 167 -50.28 -14.89 11.12
C LYS B 167 -50.96 -15.79 12.16
N ASP B 168 -52.28 -15.95 12.01
CA ASP B 168 -53.10 -16.56 13.04
C ASP B 168 -52.87 -18.06 13.22
N ILE B 169 -52.43 -18.41 14.42
CA ILE B 169 -52.10 -19.78 14.79
C ILE B 169 -52.24 -19.94 16.31
N ASN B 170 -53.20 -20.78 16.73
CA ASN B 170 -53.39 -21.06 18.15
C ASN B 170 -52.65 -22.33 18.55
N VAL B 171 -51.51 -22.12 19.20
CA VAL B 171 -50.61 -23.20 19.58
C VAL B 171 -50.90 -23.64 21.02
N LYS B 172 -51.24 -24.92 21.17
CA LYS B 172 -51.70 -25.49 22.44
C LYS B 172 -50.76 -26.57 22.93
N TRP B 173 -50.22 -26.37 24.14
CA TRP B 173 -49.33 -27.35 24.79
C TRP B 173 -50.13 -28.47 25.47
N LYS B 174 -49.59 -29.70 25.44
CA LYS B 174 -50.20 -30.87 26.09
C LYS B 174 -49.20 -31.61 26.98
N ILE B 175 -49.58 -31.80 28.24
CA ILE B 175 -48.83 -32.71 29.11
C ILE B 175 -49.58 -34.05 29.09
N ASP B 176 -49.05 -34.99 28.32
CA ASP B 176 -49.67 -36.29 27.98
C ASP B 176 -51.12 -36.24 27.46
N GLY B 177 -51.83 -35.17 27.83
CA GLY B 177 -53.24 -34.96 27.49
C GLY B 177 -53.86 -33.88 28.36
N SER B 178 -53.40 -33.81 29.62
CA SER B 178 -53.79 -32.75 30.57
C SER B 178 -53.11 -31.44 30.19
N GLU B 179 -53.91 -30.40 29.98
CA GLU B 179 -53.41 -29.17 29.37
C GLU B 179 -53.40 -27.95 30.29
N ARG B 180 -52.24 -27.68 30.89
CA ARG B 180 -52.01 -26.45 31.69
C ARG B 180 -51.39 -25.30 30.86
N GLN B 181 -51.46 -24.06 31.36
CA GLN B 181 -51.12 -22.90 30.55
C GLN B 181 -50.16 -21.87 31.19
N ASN B 182 -50.34 -21.57 32.47
CA ASN B 182 -49.51 -20.57 33.18
C ASN B 182 -47.98 -20.71 32.98
N GLY B 183 -47.42 -19.87 32.11
CA GLY B 183 -45.98 -19.89 31.81
C GLY B 183 -45.65 -20.38 30.43
N VAL B 184 -46.31 -19.80 29.42
CA VAL B 184 -46.18 -20.21 28.02
C VAL B 184 -46.08 -18.98 27.10
N LEU B 185 -44.86 -18.49 26.89
CA LEU B 185 -44.63 -17.20 26.21
C LEU B 185 -44.09 -17.32 24.77
N ASN B 186 -44.82 -16.71 23.83
CA ASN B 186 -44.59 -16.88 22.40
C ASN B 186 -43.78 -15.74 21.75
N SER B 187 -43.53 -15.87 20.44
CA SER B 187 -43.13 -14.75 19.59
C SER B 187 -43.11 -15.07 18.10
N TRP B 188 -43.83 -14.25 17.35
CA TRP B 188 -43.91 -14.35 15.90
C TRP B 188 -42.79 -13.50 15.33
N THR B 189 -42.01 -14.04 14.40
CA THR B 189 -41.12 -13.19 13.63
C THR B 189 -42.02 -12.24 12.85
N ASP B 190 -41.52 -11.03 12.60
CA ASP B 190 -42.17 -10.17 11.64
C ASP B 190 -41.91 -10.82 10.28
N GLN B 191 -42.98 -11.01 9.52
CA GLN B 191 -42.99 -11.67 8.19
C GLN B 191 -41.63 -11.73 7.44
N ASP B 192 -41.27 -12.92 6.96
CA ASP B 192 -40.06 -13.17 6.17
C ASP B 192 -40.04 -12.28 4.93
N SER B 193 -38.85 -12.00 4.39
CA SER B 193 -38.74 -11.12 3.22
C SER B 193 -38.47 -11.86 1.91
N LYS B 194 -37.78 -12.99 2.00
CA LYS B 194 -37.53 -13.84 0.83
C LYS B 194 -38.78 -14.67 0.53
N ASP B 195 -39.20 -15.43 1.53
CA ASP B 195 -40.35 -16.32 1.42
C ASP B 195 -41.65 -15.62 1.83
N SER B 196 -41.54 -14.52 2.56
CA SER B 196 -42.68 -13.66 2.90
C SER B 196 -43.76 -14.34 3.74
N THR B 197 -43.34 -15.15 4.71
CA THR B 197 -44.27 -15.83 5.60
C THR B 197 -43.79 -15.83 7.05
N TYR B 198 -44.71 -15.60 7.98
CA TYR B 198 -44.41 -15.58 9.42
C TYR B 198 -43.67 -16.82 9.94
N SER B 199 -43.34 -16.78 11.23
CA SER B 199 -42.87 -17.95 12.00
C SER B 199 -43.37 -17.74 13.42
N MET B 200 -42.97 -18.59 14.36
CA MET B 200 -43.38 -18.43 15.77
C MET B 200 -42.56 -19.33 16.67
N SER B 201 -42.61 -19.10 17.98
CA SER B 201 -41.92 -19.96 18.96
C SER B 201 -42.49 -19.83 20.38
N SER B 202 -43.17 -20.88 20.83
CA SER B 202 -43.71 -20.93 22.18
C SER B 202 -42.76 -21.63 23.16
N THR B 203 -42.68 -21.08 24.36
CA THR B 203 -41.78 -21.59 25.39
C THR B 203 -42.53 -21.88 26.68
N LEU B 204 -42.58 -23.14 27.01
CA LEU B 204 -43.10 -23.58 28.30
C LEU B 204 -41.94 -23.63 29.29
N THR B 205 -42.06 -22.89 30.38
CA THR B 205 -40.94 -22.69 31.27
C THR B 205 -41.26 -23.05 32.73
N LEU B 206 -40.79 -24.23 33.15
CA LEU B 206 -41.05 -24.78 34.48
C LEU B 206 -39.93 -24.54 35.49
N THR B 207 -40.06 -25.16 36.67
CA THR B 207 -38.93 -25.28 37.60
C THR B 207 -38.15 -26.58 37.27
N LYS B 208 -36.92 -26.70 37.77
CA LYS B 208 -36.09 -27.90 37.56
C LYS B 208 -36.82 -29.20 37.91
N ASP B 209 -37.53 -29.18 39.05
CA ASP B 209 -38.13 -30.36 39.67
C ASP B 209 -39.56 -30.67 39.21
N GLU B 210 -40.34 -29.62 39.00
CA GLU B 210 -41.70 -29.75 38.45
C GLU B 210 -41.78 -30.36 37.04
N TYR B 211 -40.65 -30.45 36.33
CA TYR B 211 -40.62 -30.91 34.93
C TYR B 211 -40.87 -32.42 34.78
N GLU B 212 -40.39 -33.20 35.74
CA GLU B 212 -40.54 -34.66 35.71
C GLU B 212 -41.85 -35.16 36.34
N ARG B 213 -42.77 -34.21 36.57
CA ARG B 213 -44.13 -34.47 37.08
C ARG B 213 -44.91 -35.44 36.20
N HIS B 214 -44.80 -35.26 34.88
CA HIS B 214 -45.38 -36.18 33.89
C HIS B 214 -44.28 -36.77 33.01
N ASN B 215 -44.69 -37.42 31.93
CA ASN B 215 -43.75 -38.03 30.99
C ASN B 215 -43.88 -37.50 29.57
N SER B 216 -45.05 -37.69 28.96
CA SER B 216 -45.27 -37.23 27.59
C SER B 216 -45.55 -35.73 27.56
N TYR B 217 -44.95 -35.08 26.57
CA TYR B 217 -45.17 -33.67 26.28
C TYR B 217 -45.41 -33.48 24.79
N THR B 218 -46.21 -32.47 24.44
CA THR B 218 -46.36 -32.07 23.04
C THR B 218 -46.90 -30.64 22.90
N CYS B 219 -46.94 -30.16 21.66
CA CYS B 219 -47.64 -28.92 21.36
C CYS B 219 -48.36 -29.07 20.03
N GLU B 220 -49.45 -28.33 19.87
CA GLU B 220 -50.20 -28.37 18.64
C GLU B 220 -50.48 -27.01 18.08
N ALA B 221 -50.49 -26.93 16.75
CA ALA B 221 -51.00 -25.77 16.03
C ALA B 221 -52.51 -25.91 15.82
N THR B 222 -53.10 -24.96 15.11
CA THR B 222 -54.51 -25.03 14.66
C THR B 222 -54.66 -24.18 13.41
N HIS B 223 -53.55 -23.56 13.01
CA HIS B 223 -53.43 -22.69 11.84
C HIS B 223 -54.32 -23.05 10.64
N LYS B 224 -55.02 -22.05 10.14
CA LYS B 224 -56.12 -22.22 9.22
C LYS B 224 -55.72 -22.52 7.77
N THR B 225 -54.82 -23.47 7.57
CA THR B 225 -54.66 -24.11 6.25
C THR B 225 -55.67 -25.26 6.18
N SER B 226 -55.77 -25.97 7.30
CA SER B 226 -56.96 -26.71 7.72
C SER B 226 -56.86 -26.87 9.23
N THR B 227 -57.97 -26.61 9.94
CA THR B 227 -57.98 -26.63 11.40
C THR B 227 -57.93 -28.08 11.96
N SER B 228 -57.03 -28.84 11.35
CA SER B 228 -56.65 -30.17 11.78
C SER B 228 -55.32 -30.03 12.55
N PRO B 229 -55.40 -29.91 13.88
CA PRO B 229 -54.30 -29.42 14.74
C PRO B 229 -52.98 -30.20 14.69
N ILE B 230 -52.05 -29.73 13.84
CA ILE B 230 -50.70 -30.32 13.67
C ILE B 230 -49.97 -30.55 15.00
N VAL B 231 -49.70 -31.80 15.30
CA VAL B 231 -49.12 -32.23 16.58
C VAL B 231 -47.68 -32.75 16.45
N LYS B 232 -46.82 -32.42 17.42
CA LYS B 232 -45.45 -32.94 17.47
C LYS B 232 -45.05 -33.13 18.92
N SER B 233 -44.60 -34.34 19.25
CA SER B 233 -44.48 -34.80 20.63
C SER B 233 -43.13 -35.41 20.99
N PHE B 234 -42.85 -35.50 22.30
CA PHE B 234 -41.78 -36.35 22.83
C PHE B 234 -42.15 -36.77 24.26
N ASN B 235 -41.36 -37.67 24.86
CA ASN B 235 -41.60 -38.09 26.25
C ASN B 235 -40.36 -38.14 27.14
N ARG B 236 -40.50 -37.52 28.31
CA ARG B 236 -39.43 -37.30 29.29
C ARG B 236 -38.39 -38.42 29.42
N ASN B 237 -38.66 -39.35 30.34
CA ASN B 237 -37.77 -40.47 30.73
C ASN B 237 -36.30 -40.49 30.24
N GLU B 238 -36.10 -40.69 28.93
CA GLU B 238 -34.75 -40.74 28.37
C GLU B 238 -34.01 -39.40 28.54
N CYS B 239 -34.72 -38.31 28.23
CA CYS B 239 -34.11 -36.99 28.16
C CYS B 239 -34.71 -36.03 29.20
N GLU C 1 -17.37 -1.83 -0.56
CA GLU C 1 -16.66 -0.63 -1.05
C GLU C 1 -16.50 0.42 0.07
N VAL C 2 -17.64 0.92 0.53
CA VAL C 2 -17.72 1.96 1.57
C VAL C 2 -18.38 1.39 2.82
N GLN C 3 -17.71 1.49 3.96
CA GLN C 3 -18.21 0.92 5.20
C GLN C 3 -18.25 1.88 6.38
N LEU C 4 -19.16 1.57 7.30
CA LEU C 4 -19.27 2.22 8.60
C LEU C 4 -19.66 1.15 9.65
N VAL C 5 -18.92 1.15 10.74
CA VAL C 5 -19.19 0.27 11.87
C VAL C 5 -19.06 1.06 13.13
N GLU C 6 -20.19 1.52 13.64
CA GLU C 6 -20.20 2.22 14.92
C GLU C 6 -20.17 1.17 16.00
N SER C 7 -19.81 1.58 17.21
CA SER C 7 -19.72 0.64 18.31
C SER C 7 -19.32 1.31 19.63
N GLY C 8 -19.38 0.50 20.68
CA GLY C 8 -18.95 0.91 22.01
C GLY C 8 -20.03 1.52 22.90
N GLY C 9 -21.08 0.76 23.19
CA GLY C 9 -22.11 1.28 24.07
C GLY C 9 -23.19 0.27 24.37
N GLY C 10 -23.45 0.06 25.65
CA GLY C 10 -24.57 -0.76 26.09
C GLY C 10 -25.47 -0.02 27.07
N LEU C 11 -25.39 -0.41 28.34
CA LEU C 11 -26.26 0.19 29.37
C LEU C 11 -25.53 1.28 30.14
N VAL C 12 -26.27 2.34 30.50
CA VAL C 12 -25.74 3.47 31.24
C VAL C 12 -26.83 4.06 32.11
N LYS C 13 -26.45 4.50 33.30
CA LYS C 13 -27.43 4.99 34.25
C LYS C 13 -27.86 6.42 33.90
N PRO C 14 -29.09 6.81 34.27
CA PRO C 14 -29.53 8.21 34.21
C PRO C 14 -28.46 9.18 34.66
N GLY C 15 -28.45 10.37 34.05
CA GLY C 15 -27.40 11.35 34.29
C GLY C 15 -26.03 10.90 33.79
N GLY C 16 -25.96 9.65 33.33
CA GLY C 16 -24.71 9.02 32.94
C GLY C 16 -23.95 9.58 31.74
N SER C 17 -22.91 8.85 31.34
CA SER C 17 -22.08 9.26 30.23
C SER C 17 -21.53 8.03 29.50
N LEU C 18 -21.01 8.24 28.28
CA LEU C 18 -20.60 7.14 27.37
C LEU C 18 -20.43 7.64 25.94
N LYS C 19 -19.35 7.19 25.31
CA LYS C 19 -18.90 7.70 24.01
C LYS C 19 -18.80 6.60 22.94
N LEU C 20 -19.43 6.84 21.79
CA LEU C 20 -19.48 5.86 20.70
C LEU C 20 -18.66 6.34 19.54
N SER C 21 -18.08 5.42 18.81
CA SER C 21 -17.23 5.77 17.68
C SER C 21 -17.64 5.00 16.47
N CYS C 22 -17.82 5.71 15.37
CA CYS C 22 -18.11 5.09 14.11
C CYS C 22 -16.79 4.88 13.43
N ALA C 23 -16.39 3.62 13.28
CA ALA C 23 -15.14 3.31 12.59
C ALA C 23 -15.41 3.39 11.08
N ALA C 24 -14.92 4.43 10.42
CA ALA C 24 -15.22 4.61 9.00
C ALA C 24 -14.18 3.97 8.11
N SER C 25 -14.60 3.29 7.04
CA SER C 25 -13.64 2.61 6.18
C SER C 25 -14.09 2.31 4.73
N GLY C 26 -13.54 3.07 3.79
CA GLY C 26 -13.65 2.73 2.38
C GLY C 26 -14.17 3.84 1.51
N PHE C 27 -13.95 5.08 1.94
CA PHE C 27 -14.27 6.27 1.16
C PHE C 27 -13.39 7.42 1.65
N ALA C 28 -13.26 8.45 0.83
CA ALA C 28 -12.49 9.65 1.18
C ALA C 28 -13.06 10.32 2.44
N PHE C 29 -12.75 9.76 3.60
CA PHE C 29 -13.35 10.22 4.83
C PHE C 29 -13.35 11.75 5.00
N SER C 30 -12.17 12.38 5.00
CA SER C 30 -12.04 13.79 5.39
C SER C 30 -12.81 14.78 4.50
N SER C 31 -13.37 14.27 3.42
CA SER C 31 -14.12 15.07 2.46
C SER C 31 -15.66 15.11 2.68
N TYR C 32 -16.23 14.04 3.24
CA TYR C 32 -17.66 14.03 3.54
C TYR C 32 -17.99 14.68 4.89
N ASP C 33 -19.28 14.96 5.12
CA ASP C 33 -19.78 15.31 6.46
C ASP C 33 -20.28 14.06 7.17
N MET C 34 -20.50 14.18 8.47
CA MET C 34 -20.98 13.03 9.20
C MET C 34 -22.12 13.37 10.15
N SER C 35 -23.01 12.40 10.33
CA SER C 35 -24.23 12.55 11.13
C SER C 35 -24.44 11.34 12.01
N TRP C 36 -25.29 11.51 13.02
CA TRP C 36 -25.53 10.49 14.02
C TRP C 36 -27.00 10.35 14.25
N VAL C 37 -27.61 9.31 13.69
CA VAL C 37 -29.05 9.12 13.84
C VAL C 37 -29.29 7.98 14.82
N ARG C 38 -30.26 8.17 15.71
CA ARG C 38 -30.73 7.11 16.62
C ARG C 38 -32.13 6.68 16.25
N GLN C 39 -32.52 5.51 16.70
CA GLN C 39 -33.88 5.04 16.45
C GLN C 39 -34.48 4.55 17.74
N THR C 40 -35.59 5.15 18.14
CA THR C 40 -36.17 4.87 19.45
C THR C 40 -36.77 3.47 19.49
N PRO C 41 -37.17 3.03 20.71
CA PRO C 41 -37.88 1.75 20.88
C PRO C 41 -39.22 1.71 20.18
N GLU C 42 -39.82 2.87 19.94
CA GLU C 42 -41.05 2.94 19.15
C GLU C 42 -40.76 2.71 17.67
N LYS C 43 -39.48 2.61 17.31
CA LYS C 43 -39.04 2.47 15.91
C LYS C 43 -38.95 3.83 15.23
N ARG C 44 -39.24 4.86 16.02
CA ARG C 44 -39.15 6.29 15.66
C ARG C 44 -37.72 6.68 15.21
N LEU C 45 -37.59 7.72 14.38
CA LEU C 45 -36.25 8.10 13.85
C LEU C 45 -35.80 9.55 14.09
N GLU C 46 -34.93 9.76 15.06
CA GLU C 46 -34.48 11.12 15.34
C GLU C 46 -33.03 11.34 14.92
N TRP C 47 -32.80 12.49 14.26
CA TRP C 47 -31.45 12.91 13.89
C TRP C 47 -30.89 13.53 15.13
N VAL C 48 -29.58 13.37 15.34
CA VAL C 48 -29.01 13.65 16.64
C VAL C 48 -27.82 14.63 16.61
N ALA C 49 -26.96 14.52 15.62
CA ALA C 49 -25.82 15.42 15.53
C ALA C 49 -25.31 15.44 14.10
N TYR C 50 -24.59 16.51 13.79
CA TYR C 50 -24.04 16.68 12.46
C TYR C 50 -22.74 17.42 12.59
N ILE C 51 -21.67 16.80 12.11
CA ILE C 51 -20.39 17.49 12.04
C ILE C 51 -20.03 17.76 10.58
N SER C 52 -19.44 18.92 10.33
CA SER C 52 -18.95 19.28 9.01
C SER C 52 -17.64 18.58 8.64
N SER C 53 -17.45 18.39 7.33
CA SER C 53 -16.27 17.72 6.74
C SER C 53 -14.95 17.89 7.52
N GLY C 54 -14.62 19.16 7.80
CA GLY C 54 -13.39 19.50 8.50
C GLY C 54 -13.65 19.88 9.96
N GLY C 55 -14.46 19.11 10.66
CA GLY C 55 -14.71 19.32 12.09
C GLY C 55 -15.08 20.74 12.50
N GLY C 56 -15.26 21.60 11.50
CA GLY C 56 -15.45 23.02 11.70
C GLY C 56 -16.69 23.34 12.49
N SER C 57 -17.84 23.20 11.84
CA SER C 57 -19.14 23.38 12.50
C SER C 57 -19.78 22.04 12.96
N THR C 58 -20.57 22.09 14.04
CA THR C 58 -21.39 20.96 14.44
C THR C 58 -22.80 21.47 14.60
N TYR C 59 -23.80 20.60 14.49
CA TYR C 59 -25.20 20.99 14.77
C TYR C 59 -25.98 19.93 15.54
N TYR C 60 -26.96 20.36 16.33
CA TYR C 60 -27.76 19.41 17.10
C TYR C 60 -29.20 19.84 17.23
N PRO C 61 -30.10 18.87 17.27
CA PRO C 61 -31.43 19.18 17.72
C PRO C 61 -31.35 19.74 19.11
N ASP C 62 -32.26 20.64 19.46
CA ASP C 62 -32.35 21.14 20.83
C ASP C 62 -32.47 20.05 21.90
N THR C 63 -32.93 18.86 21.52
CA THR C 63 -33.14 17.76 22.45
C THR C 63 -31.87 17.11 22.94
N VAL C 64 -30.76 17.29 22.22
CA VAL C 64 -29.48 16.91 22.81
C VAL C 64 -28.46 18.04 22.87
N LYS C 65 -28.81 19.20 22.32
CA LYS C 65 -27.87 20.31 22.34
C LYS C 65 -27.48 20.55 23.77
N GLY C 66 -26.18 20.55 24.01
CA GLY C 66 -25.63 20.72 25.35
C GLY C 66 -25.10 19.44 25.94
N ARG C 67 -25.82 18.33 25.73
CA ARG C 67 -25.50 17.05 26.36
C ARG C 67 -24.72 16.14 25.43
N PHE C 68 -24.58 16.53 24.17
CA PHE C 68 -24.02 15.66 23.12
C PHE C 68 -22.96 16.35 22.21
N THR C 69 -21.97 15.59 21.73
CA THR C 69 -20.76 16.19 21.13
C THR C 69 -20.14 15.44 19.93
N ILE C 70 -20.45 15.89 18.72
CA ILE C 70 -20.07 15.14 17.54
C ILE C 70 -18.66 15.50 17.07
N SER C 71 -17.66 14.82 17.62
CA SER C 71 -16.28 15.03 17.15
C SER C 71 -15.89 14.01 16.07
N ARG C 72 -14.80 14.30 15.36
CA ARG C 72 -14.20 13.36 14.40
C ARG C 72 -12.68 13.43 14.44
N ASP C 73 -12.05 12.36 13.97
CA ASP C 73 -10.61 12.31 13.89
C ASP C 73 -10.26 11.57 12.60
N ASN C 74 -9.99 12.34 11.55
CA ASN C 74 -9.66 11.79 10.24
C ASN C 74 -8.18 11.32 10.20
N ALA C 75 -7.57 11.30 11.37
CA ALA C 75 -6.31 10.65 11.54
C ALA C 75 -6.62 9.17 11.62
N LYS C 76 -7.41 8.80 12.63
CA LYS C 76 -7.79 7.41 12.78
C LYS C 76 -9.17 7.09 12.20
N ASN C 77 -9.62 7.95 11.28
CA ASN C 77 -10.81 7.68 10.46
C ASN C 77 -12.13 7.46 11.21
N THR C 78 -12.10 7.70 12.52
CA THR C 78 -13.28 7.51 13.36
C THR C 78 -14.17 8.78 13.42
N LEU C 79 -15.47 8.57 13.55
CA LEU C 79 -16.39 9.62 13.95
C LEU C 79 -16.70 9.36 15.41
N TYR C 80 -17.08 10.38 16.16
CA TYR C 80 -17.41 10.15 17.56
C TYR C 80 -18.71 10.80 17.99
N LEU C 81 -19.44 10.12 18.85
CA LEU C 81 -20.48 10.78 19.60
C LEU C 81 -20.24 10.62 21.09
N GLN C 82 -20.03 11.74 21.77
CA GLN C 82 -19.82 11.73 23.21
C GLN C 82 -21.07 12.18 23.93
N MET C 83 -21.80 11.21 24.50
CA MET C 83 -23.06 11.44 25.21
C MET C 83 -22.77 11.76 26.67
N SER C 84 -23.40 12.79 27.21
CA SER C 84 -23.33 13.07 28.65
C SER C 84 -24.73 13.04 29.26
N SER C 85 -25.00 13.90 30.25
CA SER C 85 -26.25 13.89 31.07
C SER C 85 -27.39 13.01 30.59
N LEU C 86 -27.20 11.69 30.64
CA LEU C 86 -28.04 10.79 29.86
C LEU C 86 -29.45 10.63 30.35
N LYS C 87 -30.39 11.15 29.58
CA LYS C 87 -31.82 10.90 29.77
C LYS C 87 -32.20 9.49 29.30
N SER C 88 -33.16 8.89 29.99
CA SER C 88 -33.74 7.62 29.62
C SER C 88 -34.60 7.71 28.35
N GLU C 89 -34.76 8.93 27.83
CA GLU C 89 -35.26 9.17 26.48
C GLU C 89 -34.20 8.76 25.45
N ASP C 90 -32.92 8.94 25.78
CA ASP C 90 -31.81 8.71 24.86
C ASP C 90 -31.70 7.25 24.44
N THR C 91 -32.31 6.41 25.25
CA THR C 91 -32.46 4.99 24.98
C THR C 91 -32.90 4.73 23.54
N ALA C 92 -31.95 4.34 22.67
CA ALA C 92 -32.26 4.01 21.29
C ALA C 92 -31.11 3.28 20.63
N MET C 93 -31.29 2.86 19.38
CA MET C 93 -30.23 2.31 18.53
C MET C 93 -29.54 3.48 17.86
N TYR C 94 -28.22 3.44 17.72
CA TYR C 94 -27.47 4.61 17.25
C TYR C 94 -26.72 4.48 15.91
N TYR C 95 -27.33 4.94 14.81
CA TYR C 95 -26.71 4.81 13.49
C TYR C 95 -25.78 5.98 13.20
N CYS C 96 -24.75 5.68 12.40
CA CYS C 96 -23.78 6.65 11.95
C CYS C 96 -23.99 6.76 10.46
N ALA C 97 -24.34 7.96 9.99
CA ALA C 97 -24.73 8.12 8.59
C ALA C 97 -23.84 9.07 7.76
N ARG C 98 -24.00 9.00 6.43
CA ARG C 98 -23.20 9.75 5.50
C ARG C 98 -24.08 10.54 4.53
N PRO C 99 -23.90 11.87 4.49
CA PRO C 99 -24.57 12.74 3.52
C PRO C 99 -23.65 13.40 2.48
N ASP C 100 -24.23 13.99 1.43
CA ASP C 100 -23.48 14.53 0.26
C ASP C 100 -23.24 16.04 0.28
N ALA C 105 -28.69 13.93 3.07
CA ALA C 105 -29.16 12.74 2.36
C ALA C 105 -28.27 11.53 2.65
N MET C 106 -28.57 10.88 3.77
CA MET C 106 -27.81 9.77 4.33
C MET C 106 -27.73 8.60 3.34
N ASP C 107 -26.57 8.41 2.72
CA ASP C 107 -26.50 7.45 1.64
C ASP C 107 -25.82 6.13 1.98
N TYR C 108 -24.95 6.14 3.01
CA TYR C 108 -24.40 4.90 3.60
C TYR C 108 -24.55 4.89 5.11
N TRP C 109 -25.43 4.02 5.61
CA TRP C 109 -25.76 3.97 7.03
C TRP C 109 -25.00 2.85 7.69
N GLY C 110 -24.79 2.98 9.00
CA GLY C 110 -24.04 1.97 9.73
C GLY C 110 -24.86 0.72 9.97
N GLN C 111 -25.03 0.38 11.25
CA GLN C 111 -25.64 -0.87 11.65
C GLN C 111 -26.19 -0.72 13.05
N GLY C 112 -25.69 0.30 13.75
CA GLY C 112 -26.15 0.62 15.09
C GLY C 112 -25.29 0.10 16.25
N THR C 113 -25.23 0.89 17.30
CA THR C 113 -24.92 0.39 18.61
C THR C 113 -26.19 0.72 19.36
N SER C 114 -26.79 -0.29 19.96
CA SER C 114 -27.90 -0.04 20.86
C SER C 114 -27.35 0.62 22.13
N VAL C 115 -28.06 1.62 22.63
CA VAL C 115 -27.71 2.24 23.90
C VAL C 115 -28.98 2.34 24.74
N THR C 116 -28.99 1.71 25.91
CA THR C 116 -30.13 1.89 26.81
C THR C 116 -29.79 2.54 28.15
N VAL C 117 -30.77 3.27 28.65
CA VAL C 117 -30.62 4.10 29.82
C VAL C 117 -31.76 3.73 30.75
N SER C 118 -31.36 3.32 31.95
CA SER C 118 -32.18 2.56 32.89
C SER C 118 -31.33 2.46 34.16
N SER C 119 -31.90 1.94 35.23
CA SER C 119 -31.13 1.70 36.47
C SER C 119 -31.04 0.21 36.83
N LYS C 121 -29.02 -2.34 35.73
CA LYS C 121 -28.86 -3.68 36.28
C LYS C 121 -28.61 -4.73 35.18
N THR C 122 -27.38 -4.73 34.68
CA THR C 122 -26.93 -5.66 33.64
C THR C 122 -27.00 -7.12 34.09
N THR C 123 -27.29 -8.01 33.16
CA THR C 123 -27.40 -9.44 33.45
C THR C 123 -26.95 -10.26 32.23
N ALA C 124 -25.80 -10.91 32.36
CA ALA C 124 -25.28 -11.78 31.30
C ALA C 124 -26.32 -12.82 30.89
N PRO C 125 -26.47 -13.08 29.59
CA PRO C 125 -27.50 -14.03 29.17
C PRO C 125 -27.06 -15.49 29.31
N SER C 126 -27.98 -16.33 29.77
CA SER C 126 -27.75 -17.76 29.85
C SER C 126 -28.06 -18.36 28.47
N VAL C 127 -27.16 -19.22 27.96
CA VAL C 127 -27.27 -19.77 26.60
C VAL C 127 -27.25 -21.29 26.61
N TYR C 128 -28.39 -21.89 26.31
CA TYR C 128 -28.49 -23.34 26.28
C TYR C 128 -28.72 -23.81 24.85
N PRO C 129 -28.01 -24.87 24.42
CA PRO C 129 -28.21 -25.40 23.07
C PRO C 129 -29.45 -26.29 23.01
N LEU C 130 -30.17 -26.23 21.90
CA LEU C 130 -31.39 -27.04 21.74
C LEU C 130 -31.19 -28.19 20.75
N ALA C 131 -30.88 -29.37 21.27
CA ALA C 131 -30.77 -30.58 20.46
C ALA C 131 -32.16 -31.22 20.26
N PRO C 132 -32.44 -31.79 19.05
CA PRO C 132 -33.78 -32.32 18.80
C PRO C 132 -34.13 -33.57 19.64
N VAL C 133 -35.34 -34.10 19.46
CA VAL C 133 -35.77 -35.35 20.11
C VAL C 133 -34.64 -36.40 20.18
N CYS C 134 -34.32 -36.92 21.38
CA CYS C 134 -33.22 -37.93 21.51
C CYS C 134 -33.48 -39.25 20.78
N GLY C 135 -34.70 -39.39 20.27
CA GLY C 135 -35.05 -40.48 19.36
C GLY C 135 -34.28 -40.34 18.06
N ASP C 136 -33.83 -41.48 17.54
CA ASP C 136 -33.00 -41.54 16.33
C ASP C 136 -33.82 -41.24 15.08
N THR C 137 -35.15 -41.35 15.24
CA THR C 137 -36.17 -40.97 14.24
C THR C 137 -35.73 -39.87 13.27
N THR C 138 -35.11 -40.30 12.17
CA THR C 138 -34.67 -39.36 11.14
C THR C 138 -35.85 -38.93 10.26
N GLY C 139 -36.03 -37.61 10.16
CA GLY C 139 -36.97 -37.01 9.21
C GLY C 139 -36.21 -36.74 7.94
N SER C 140 -36.12 -35.46 7.55
CA SER C 140 -35.38 -35.09 6.32
C SER C 140 -34.64 -33.76 6.46
N SER C 141 -35.38 -32.74 6.88
CA SER C 141 -34.87 -31.40 7.11
C SER C 141 -34.80 -31.15 8.60
N VAL C 142 -33.65 -31.50 9.18
CA VAL C 142 -33.42 -31.39 10.61
C VAL C 142 -33.31 -29.95 11.08
N THR C 143 -34.13 -29.57 12.06
CA THR C 143 -34.01 -28.25 12.64
C THR C 143 -33.49 -28.35 14.08
N LEU C 144 -32.50 -27.52 14.40
CA LEU C 144 -31.95 -27.46 15.75
C LEU C 144 -32.23 -26.06 16.27
N GLY C 145 -31.99 -25.86 17.56
CA GLY C 145 -32.24 -24.57 18.17
C GLY C 145 -31.13 -24.05 19.08
N CYS C 146 -31.31 -22.80 19.49
CA CYS C 146 -30.47 -22.17 20.50
C CYS C 146 -31.39 -21.34 21.39
N LEU C 147 -31.23 -21.45 22.72
CA LEU C 147 -32.10 -20.70 23.64
C LEU C 147 -31.33 -19.78 24.57
N VAL C 148 -31.83 -18.54 24.68
CA VAL C 148 -31.15 -17.44 25.38
C VAL C 148 -32.09 -16.77 26.40
N LYS C 149 -31.68 -16.81 27.66
CA LYS C 149 -32.63 -16.60 28.73
C LYS C 149 -32.05 -15.83 29.92
N GLY C 150 -32.89 -14.98 30.52
CA GLY C 150 -32.56 -14.24 31.72
C GLY C 150 -31.44 -13.26 31.50
N TYR C 151 -31.70 -12.24 30.67
CA TYR C 151 -30.71 -11.18 30.44
C TYR C 151 -31.30 -9.78 30.45
N PHE C 152 -30.40 -8.81 30.65
CA PHE C 152 -30.70 -7.40 30.50
C PHE C 152 -29.43 -6.68 30.07
N PRO C 153 -29.55 -5.71 29.16
CA PRO C 153 -30.78 -5.39 28.43
C PRO C 153 -30.71 -5.93 27.00
N GLU C 154 -31.74 -5.63 26.21
CA GLU C 154 -31.68 -5.78 24.77
C GLU C 154 -30.51 -4.94 24.26
N PRO C 155 -29.89 -5.33 23.14
CA PRO C 155 -30.17 -6.50 22.34
C PRO C 155 -29.21 -7.63 22.70
N VAL C 156 -29.35 -8.78 22.05
CA VAL C 156 -28.26 -9.73 21.97
C VAL C 156 -27.89 -9.87 20.50
N THR C 157 -26.87 -10.67 20.19
CA THR C 157 -26.50 -10.96 18.81
C THR C 157 -26.23 -12.45 18.61
N LEU C 158 -27.24 -13.14 18.08
CA LEU C 158 -27.19 -14.58 17.89
C LEU C 158 -26.80 -14.92 16.46
N THR C 159 -25.70 -15.65 16.32
CA THR C 159 -25.17 -16.06 15.01
C THR C 159 -24.97 -17.57 14.95
N TRP C 160 -25.50 -18.19 13.89
CA TRP C 160 -25.25 -19.59 13.64
C TRP C 160 -23.95 -19.77 12.86
N ASN C 161 -23.05 -20.57 13.43
CA ASN C 161 -21.73 -20.86 12.85
C ASN C 161 -20.98 -19.66 12.30
N SER C 162 -20.64 -18.72 13.20
CA SER C 162 -19.84 -17.53 12.88
C SER C 162 -20.37 -16.75 11.67
N GLY C 163 -21.70 -16.66 11.57
CA GLY C 163 -22.37 -15.97 10.49
C GLY C 163 -22.52 -16.78 9.21
N SER C 164 -21.85 -17.93 9.17
CA SER C 164 -21.84 -18.78 7.96
C SER C 164 -23.17 -19.50 7.73
N LEU C 165 -23.82 -19.93 8.82
CA LEU C 165 -25.19 -20.44 8.72
C LEU C 165 -26.12 -19.23 8.86
N SER C 166 -26.51 -18.70 7.70
CA SER C 166 -27.32 -17.50 7.65
C SER C 166 -28.60 -17.76 6.88
N SER C 167 -28.54 -18.66 5.89
CA SER C 167 -29.73 -19.00 5.10
C SER C 167 -30.56 -20.16 5.68
N GLY C 168 -31.69 -19.80 6.29
CA GLY C 168 -32.63 -20.76 6.84
C GLY C 168 -32.64 -20.76 8.34
N VAL C 169 -32.92 -19.60 8.94
CA VAL C 169 -32.89 -19.45 10.40
C VAL C 169 -33.89 -18.39 10.90
N HIS C 170 -34.56 -18.67 12.02
CA HIS C 170 -35.49 -17.70 12.64
C HIS C 170 -35.09 -17.31 14.06
N THR C 171 -35.08 -16.01 14.36
CA THR C 171 -34.69 -15.52 15.68
C THR C 171 -35.74 -14.61 16.32
N PHE C 172 -36.47 -15.17 17.25
CA PHE C 172 -37.75 -14.61 17.71
C PHE C 172 -37.61 -13.52 18.76
N PRO C 173 -38.33 -12.40 18.57
CA PRO C 173 -38.31 -11.20 19.41
C PRO C 173 -38.33 -11.48 20.91
N ALA C 174 -37.23 -11.19 21.60
CA ALA C 174 -37.13 -11.40 23.05
C ALA C 174 -38.35 -10.83 23.78
N VAL C 175 -38.82 -11.51 24.82
CA VAL C 175 -39.96 -11.00 25.59
C VAL C 175 -39.58 -10.50 26.98
N LEU C 176 -40.54 -9.84 27.62
CA LEU C 176 -40.29 -9.05 28.83
C LEU C 176 -40.93 -9.65 30.09
N GLN C 177 -40.78 -10.95 30.30
CA GLN C 177 -41.13 -11.53 31.60
C GLN C 177 -40.25 -10.94 32.68
N SER C 178 -40.84 -10.61 33.83
CA SER C 178 -40.15 -9.94 34.94
C SER C 178 -39.50 -8.62 34.52
N ASP C 179 -38.19 -8.68 34.31
CA ASP C 179 -37.35 -7.60 33.76
C ASP C 179 -36.06 -8.26 33.29
N LEU C 180 -36.26 -9.46 32.73
CA LEU C 180 -35.24 -10.22 32.01
C LEU C 180 -35.81 -10.63 30.64
N TYR C 181 -35.00 -10.51 29.61
CA TYR C 181 -35.50 -10.80 28.27
C TYR C 181 -35.15 -12.22 27.98
N THR C 182 -36.01 -12.89 27.20
CA THR C 182 -35.74 -14.28 26.83
C THR C 182 -36.11 -14.58 25.36
N LEU C 183 -35.17 -15.19 24.64
CA LEU C 183 -35.21 -15.27 23.18
C LEU C 183 -34.70 -16.60 22.60
N SER C 184 -35.40 -17.10 21.58
CA SER C 184 -35.17 -18.43 21.01
C SER C 184 -34.56 -18.34 19.63
N SER C 185 -33.96 -19.43 19.13
CA SER C 185 -33.40 -19.44 17.76
C SER C 185 -33.47 -20.78 16.99
N SER C 186 -34.31 -20.83 15.96
CA SER C 186 -34.41 -22.03 15.14
C SER C 186 -33.52 -21.87 13.94
N VAL C 187 -32.97 -22.98 13.47
CA VAL C 187 -32.23 -23.04 12.21
C VAL C 187 -32.48 -24.43 11.60
N THR C 188 -33.11 -24.46 10.42
CA THR C 188 -33.35 -25.74 9.73
C THR C 188 -32.04 -26.13 9.05
N VAL C 189 -31.96 -27.39 8.61
CA VAL C 189 -30.94 -27.77 7.63
C VAL C 189 -30.97 -29.28 7.27
N THR C 190 -30.58 -29.60 6.04
CA THR C 190 -30.51 -30.97 5.54
C THR C 190 -29.88 -31.92 6.54
N SER C 191 -30.43 -33.14 6.60
CA SER C 191 -29.94 -34.18 7.49
C SER C 191 -28.55 -34.57 7.07
N SER C 192 -28.23 -34.33 5.80
CA SER C 192 -26.89 -34.57 5.32
C SER C 192 -25.90 -33.63 6.00
N THR C 193 -26.29 -32.36 6.11
CA THR C 193 -25.41 -31.34 6.70
C THR C 193 -25.29 -31.39 8.24
N TRP C 194 -26.30 -31.86 8.97
CA TRP C 194 -26.07 -32.01 10.42
C TRP C 194 -25.27 -33.26 10.79
N PRO C 195 -25.60 -33.89 11.95
CA PRO C 195 -24.63 -34.42 12.94
C PRO C 195 -23.17 -34.48 12.46
N SER C 196 -22.93 -35.14 11.33
CA SER C 196 -21.61 -35.18 10.68
C SER C 196 -20.91 -33.85 10.74
N GLN C 197 -21.46 -32.88 10.05
CA GLN C 197 -20.91 -31.53 9.99
C GLN C 197 -21.37 -30.78 11.23
N SER C 198 -20.47 -30.01 11.85
CA SER C 198 -20.79 -29.29 13.09
C SER C 198 -21.62 -28.05 12.83
N ILE C 199 -22.44 -27.69 13.81
CA ILE C 199 -23.29 -26.49 13.78
C ILE C 199 -23.35 -25.93 15.20
N THR C 200 -22.85 -24.72 15.38
CA THR C 200 -22.87 -24.12 16.72
C THR C 200 -23.58 -22.77 16.73
N CYS C 201 -24.17 -22.47 17.89
CA CYS C 201 -24.82 -21.21 18.19
C CYS C 201 -23.81 -20.26 18.85
N ASN C 202 -23.59 -19.09 18.24
CA ASN C 202 -22.81 -18.02 18.89
C ASN C 202 -23.72 -16.90 19.38
N VAL C 203 -23.60 -16.53 20.65
CA VAL C 203 -24.42 -15.44 21.22
C VAL C 203 -23.54 -14.32 21.75
N ALA C 204 -23.85 -13.09 21.37
CA ALA C 204 -23.11 -11.94 21.86
C ALA C 204 -23.98 -10.93 22.59
N HIS C 205 -23.78 -10.85 23.90
CA HIS C 205 -24.36 -9.78 24.69
C HIS C 205 -23.33 -8.67 24.73
N PRO C 206 -23.65 -7.51 24.10
CA PRO C 206 -22.72 -6.39 24.04
C PRO C 206 -22.82 -5.57 25.31
N ALA C 207 -24.06 -5.31 25.73
CA ALA C 207 -24.35 -4.52 26.92
C ALA C 207 -23.82 -5.14 28.22
N SER C 208 -23.08 -6.26 28.11
CA SER C 208 -22.39 -6.93 29.23
C SER C 208 -21.02 -7.55 28.92
N SER C 209 -20.61 -7.53 27.65
CA SER C 209 -19.45 -8.30 27.17
C SER C 209 -19.63 -9.78 27.51
N THR C 210 -20.15 -10.54 26.54
CA THR C 210 -20.39 -11.97 26.70
C THR C 210 -20.28 -12.63 25.34
N LYS C 211 -19.25 -13.47 25.16
CA LYS C 211 -19.09 -14.18 23.89
C LYS C 211 -19.33 -15.69 24.09
N VAL C 212 -20.53 -16.03 24.54
CA VAL C 212 -20.90 -17.42 24.82
C VAL C 212 -21.08 -18.22 23.53
N ASP C 213 -20.33 -19.32 23.44
CA ASP C 213 -20.41 -20.27 22.32
C ASP C 213 -21.06 -21.55 22.79
N LYS C 214 -22.02 -22.05 22.04
CA LYS C 214 -22.71 -23.30 22.37
C LYS C 214 -22.77 -24.19 21.16
N LYS C 215 -22.04 -25.30 21.18
CA LYS C 215 -22.07 -26.28 20.07
C LYS C 215 -23.25 -27.24 20.25
N ILE C 216 -24.04 -27.45 19.20
CA ILE C 216 -25.23 -28.31 19.30
C ILE C 216 -24.86 -29.77 19.17
N GLU C 217 -24.93 -30.44 20.32
CA GLU C 217 -24.63 -31.86 20.44
C GLU C 217 -25.91 -32.67 20.37
N PRO C 218 -25.85 -33.86 19.76
CA PRO C 218 -26.93 -34.84 19.89
C PRO C 218 -27.16 -35.24 21.35
N ARG C 219 -27.75 -36.41 21.60
CA ARG C 219 -28.15 -36.71 22.97
C ARG C 219 -27.78 -38.11 23.45
N GLY C 220 -26.57 -38.23 23.99
CA GLY C 220 -26.08 -39.44 24.65
C GLY C 220 -26.53 -39.51 26.11
N PRO C 221 -26.48 -40.71 26.72
CA PRO C 221 -26.95 -40.87 28.09
C PRO C 221 -25.80 -40.93 29.10
N GLN D 10 73.59 27.49 -34.58
CA GLN D 10 72.53 27.91 -35.54
C GLN D 10 73.09 27.97 -36.98
N GLY D 11 74.19 27.27 -37.18
CA GLY D 11 74.84 27.17 -38.46
C GLY D 11 75.59 25.85 -38.51
N ARG D 12 76.22 25.59 -39.67
CA ARG D 12 76.97 24.32 -39.97
C ARG D 12 77.86 23.73 -38.86
N GLY D 13 78.47 24.56 -38.01
CA GLY D 13 79.31 24.07 -36.92
C GLY D 13 78.53 23.89 -35.61
N ALA D 14 77.68 24.88 -35.30
CA ALA D 14 76.84 24.84 -34.10
C ALA D 14 75.58 23.98 -34.31
N TRP D 15 74.86 24.28 -35.39
CA TRP D 15 73.63 23.57 -35.74
C TRP D 15 73.85 22.06 -35.83
N LEU D 16 74.97 21.62 -36.40
CA LEU D 16 75.29 20.17 -36.55
C LEU D 16 75.50 19.45 -35.22
N LEU D 17 76.00 20.18 -34.22
CA LEU D 17 76.25 19.63 -32.88
C LEU D 17 74.91 19.09 -32.40
N MET D 18 73.90 19.95 -32.53
CA MET D 18 72.54 19.59 -32.13
C MET D 18 71.91 18.48 -32.97
N ALA D 19 72.16 18.48 -34.28
CA ALA D 19 71.62 17.42 -35.15
C ALA D 19 72.34 16.08 -34.92
N PHE D 20 73.66 16.10 -35.06
CA PHE D 20 74.48 14.92 -34.86
C PHE D 20 74.41 14.38 -33.42
N THR D 21 74.14 15.26 -32.43
CA THR D 21 74.13 14.84 -31.02
C THR D 21 73.40 13.47 -30.79
N ALA D 22 72.17 13.36 -31.27
CA ALA D 22 71.41 12.11 -31.11
C ALA D 22 71.95 10.99 -32.00
N LEU D 23 72.41 11.34 -33.20
CA LEU D 23 72.95 10.32 -34.11
C LEU D 23 74.14 9.60 -33.47
N ALA D 24 75.05 10.37 -32.85
CA ALA D 24 76.22 9.79 -32.18
C ALA D 24 75.80 9.24 -30.82
N LEU D 25 75.20 10.11 -30.00
CA LEU D 25 74.75 9.73 -28.65
C LEU D 25 73.82 8.52 -28.70
N GLU D 26 72.83 8.55 -29.58
CA GLU D 26 71.88 7.45 -29.64
C GLU D 26 72.52 6.13 -30.20
N LEU D 27 73.42 6.31 -31.17
CA LEU D 27 74.17 5.19 -31.76
C LEU D 27 75.13 4.66 -30.70
N THR D 28 75.81 5.60 -30.01
CA THR D 28 76.74 5.26 -28.91
C THR D 28 75.95 4.66 -27.72
N ALA D 29 74.82 5.30 -27.40
CA ALA D 29 73.96 4.86 -26.29
C ALA D 29 73.17 3.61 -26.67
N LEU D 30 73.02 3.36 -27.98
CA LEU D 30 72.27 2.19 -28.48
C LEU D 30 72.62 0.90 -27.71
N TRP D 31 73.92 0.65 -27.54
CA TRP D 31 74.41 -0.54 -26.80
C TRP D 31 73.61 -1.77 -27.18
N PHE D 32 74.10 -2.47 -28.20
CA PHE D 32 73.47 -3.71 -28.70
C PHE D 32 71.97 -3.50 -29.00
N GLN D 33 71.47 -4.30 -29.96
CA GLN D 33 70.05 -4.25 -30.33
C GLN D 33 69.76 -5.33 -31.36
N HIS D 34 68.60 -5.20 -32.03
CA HIS D 34 68.16 -6.21 -33.02
C HIS D 34 69.21 -6.68 -34.02
N VAL D 35 70.03 -5.77 -34.54
CA VAL D 35 71.01 -6.16 -35.58
C VAL D 35 72.05 -7.20 -35.14
N MET D 36 72.48 -7.12 -33.89
CA MET D 36 73.47 -8.05 -33.36
C MET D 36 72.89 -8.80 -32.06
N LEU D 37 72.39 -8.01 -31.12
CA LEU D 37 71.76 -8.54 -29.85
C LEU D 37 70.73 -7.22 -29.58
N LEU D 38 71.02 -6.99 -28.21
CA LEU D 38 70.24 -6.55 -26.99
C LEU D 38 69.13 -7.69 -26.73
N LYS D 39 68.11 -7.30 -26.00
CA LYS D 39 67.00 -8.19 -25.62
C LYS D 39 65.58 -7.81 -26.14
N PRO D 40 65.10 -6.59 -25.95
CA PRO D 40 63.72 -6.17 -26.36
C PRO D 40 63.44 -6.32 -27.86
N SER D 41 62.14 -6.48 -28.18
CA SER D 41 61.70 -6.58 -29.61
C SER D 41 60.16 -6.48 -29.79
N VAL D 42 59.49 -5.68 -28.92
CA VAL D 42 58.01 -5.49 -28.97
C VAL D 42 57.52 -4.61 -30.16
N LEU D 43 56.70 -3.59 -29.81
CA LEU D 43 56.16 -2.61 -30.75
C LEU D 43 57.23 -1.56 -30.97
N CYS D 44 58.16 -1.53 -30.01
CA CYS D 44 59.22 -0.53 -29.93
C CYS D 44 59.99 -0.09 -31.28
N ILE D 45 60.04 -0.94 -32.27
CA ILE D 45 60.67 -0.54 -33.53
C ILE D 45 59.87 0.68 -34.12
N TYR D 46 58.54 0.62 -33.98
CA TYR D 46 57.63 1.70 -34.41
C TYR D 46 58.04 3.00 -33.72
N GLU D 47 58.64 2.86 -32.53
CA GLU D 47 59.10 4.00 -31.72
C GLU D 47 60.49 4.49 -32.15
N ARG D 48 61.30 3.56 -32.69
CA ARG D 48 62.64 3.90 -33.14
C ARG D 48 62.54 4.88 -34.28
N VAL D 49 61.43 4.75 -35.01
CA VAL D 49 61.16 5.61 -36.16
C VAL D 49 61.32 7.11 -35.80
N ALA D 50 61.02 7.49 -34.56
CA ALA D 50 61.20 8.88 -34.14
C ALA D 50 62.66 9.32 -34.36
N LEU D 51 63.61 8.45 -34.02
CA LEU D 51 65.05 8.74 -34.19
C LEU D 51 65.43 8.70 -35.68
N PHE D 52 64.91 7.70 -36.43
CA PHE D 52 65.17 7.63 -37.87
C PHE D 52 64.59 8.93 -38.45
N GLY D 53 63.51 9.38 -37.83
CA GLY D 53 62.84 10.62 -38.19
C GLY D 53 63.68 11.81 -37.82
N VAL D 54 64.23 11.84 -36.60
CA VAL D 54 65.09 12.95 -36.24
C VAL D 54 66.42 12.80 -36.97
N LEU D 55 66.94 11.57 -37.02
CA LEU D 55 68.16 11.29 -37.79
C LEU D 55 67.90 11.83 -39.18
N GLY D 56 66.86 11.31 -39.83
CA GLY D 56 66.49 11.74 -41.17
C GLY D 56 66.43 13.27 -41.22
N ALA D 57 65.58 13.83 -40.38
CA ALA D 57 65.37 15.28 -40.29
C ALA D 57 66.64 16.12 -40.06
N ALA D 58 67.44 15.70 -39.09
CA ALA D 58 68.70 16.38 -38.75
C ALA D 58 69.67 16.35 -39.92
N LEU D 59 69.85 15.16 -40.50
CA LEU D 59 70.75 14.97 -41.64
C LEU D 59 70.35 15.82 -42.84
N ILE D 60 69.04 15.93 -43.10
CA ILE D 60 68.56 16.76 -44.19
C ILE D 60 68.79 18.21 -43.79
N GLY D 61 68.38 18.57 -42.57
CA GLY D 61 68.56 19.92 -42.07
C GLY D 61 70.03 20.23 -41.82
N ALA D 62 70.87 19.26 -42.16
CA ALA D 62 72.31 19.41 -42.01
C ALA D 62 72.84 20.24 -43.16
N ILE D 63 72.09 20.27 -44.28
CA ILE D 63 72.55 21.03 -45.45
C ILE D 63 72.18 22.51 -45.37
N ALA D 64 70.93 22.79 -44.99
CA ALA D 64 70.37 24.14 -44.88
C ALA D 64 71.37 25.17 -44.24
N PRO D 65 71.75 24.95 -43.01
CA PRO D 65 72.66 25.82 -42.17
C PRO D 65 73.57 27.04 -42.68
N LYS D 66 72.93 27.89 -43.62
CA LYS D 66 73.28 28.82 -44.52
C LYS D 66 71.87 28.89 -45.28
N THR D 67 71.55 27.86 -46.10
CA THR D 67 70.28 27.78 -46.82
C THR D 67 69.12 27.63 -45.83
N PRO D 68 67.86 27.66 -46.26
CA PRO D 68 66.81 27.48 -45.32
C PRO D 68 66.05 26.05 -45.30
N LEU D 69 66.48 25.15 -46.15
CA LEU D 69 65.92 23.79 -46.17
C LEU D 69 65.76 23.25 -44.74
N ARG D 70 66.30 23.98 -43.77
CA ARG D 70 66.22 23.66 -42.37
C ARG D 70 64.69 23.76 -41.99
N TYR D 71 64.00 24.63 -42.69
CA TYR D 71 62.57 24.86 -42.50
C TYR D 71 61.79 23.53 -42.51
N VAL D 72 61.88 22.81 -43.64
CA VAL D 72 61.21 21.50 -43.79
C VAL D 72 61.81 20.46 -42.83
N ALA D 73 63.14 20.41 -42.80
CA ALA D 73 63.87 19.49 -41.93
C ALA D 73 63.59 19.75 -40.46
N MET D 74 63.40 21.02 -40.11
CA MET D 74 63.16 21.44 -38.75
C MET D 74 61.73 20.94 -38.21
N VAL D 75 60.77 20.99 -39.09
CA VAL D 75 59.46 20.53 -38.71
C VAL D 75 59.44 19.01 -38.53
N ILE D 76 59.97 18.26 -39.50
CA ILE D 76 60.01 16.82 -39.35
C ILE D 76 60.95 16.38 -38.16
N TRP D 77 61.87 17.27 -37.84
CA TRP D 77 62.80 17.15 -36.70
C TRP D 77 61.97 17.31 -35.45
N LEU D 78 60.97 18.20 -35.56
CA LEU D 78 60.00 18.44 -34.50
C LEU D 78 58.97 17.32 -34.44
N TYR D 79 58.25 17.14 -35.55
CA TYR D 79 57.20 16.11 -35.62
C TYR D 79 57.77 14.77 -35.22
N SER D 80 58.89 14.39 -35.81
CA SER D 80 59.48 13.10 -35.45
C SER D 80 59.59 12.94 -33.92
N ALA D 81 59.97 14.01 -33.25
CA ALA D 81 60.07 14.02 -31.79
C ALA D 81 58.67 13.95 -31.17
N PHE D 82 57.74 14.68 -31.78
CA PHE D 82 56.33 14.71 -31.34
C PHE D 82 55.72 13.31 -31.29
N ARG D 83 55.96 12.51 -32.33
CA ARG D 83 55.44 11.14 -32.35
C ARG D 83 56.13 10.35 -31.26
N GLY D 84 57.43 10.61 -31.07
CA GLY D 84 58.20 9.92 -30.05
C GLY D 84 57.61 10.11 -28.66
N VAL D 85 57.56 11.37 -28.22
CA VAL D 85 57.02 11.73 -26.90
C VAL D 85 55.65 11.11 -26.70
N GLN D 86 54.81 11.17 -27.73
CA GLN D 86 53.42 10.66 -27.65
C GLN D 86 53.30 9.13 -27.43
N LEU D 87 53.98 8.33 -28.25
CA LEU D 87 53.92 6.87 -28.09
C LEU D 87 54.58 6.56 -26.73
N THR D 88 55.70 7.25 -26.46
CA THR D 88 56.44 7.06 -25.19
C THR D 88 55.55 7.29 -23.97
N TYR D 89 54.81 8.39 -23.96
CA TYR D 89 53.91 8.71 -22.85
C TYR D 89 52.92 7.57 -22.65
N GLU D 90 52.30 7.17 -23.75
CA GLU D 90 51.31 6.09 -23.68
C GLU D 90 51.98 4.74 -23.38
N HIS D 91 53.24 4.60 -23.80
CA HIS D 91 54.00 3.39 -23.52
C HIS D 91 54.30 3.33 -22.03
N THR D 92 54.78 4.45 -21.49
CA THR D 92 55.11 4.54 -20.07
C THR D 92 53.81 4.46 -19.25
N MET D 93 52.69 4.92 -19.86
CA MET D 93 51.39 4.87 -19.18
C MET D 93 51.01 3.37 -18.93
N LEU D 94 51.18 2.56 -19.97
CA LEU D 94 50.90 1.11 -19.89
C LEU D 94 51.84 0.41 -18.91
N GLN D 95 53.13 0.72 -19.01
CA GLN D 95 54.12 0.10 -18.13
C GLN D 95 53.79 0.36 -16.67
N LEU D 96 53.24 1.55 -16.38
CA LEU D 96 52.91 1.90 -14.99
C LEU D 96 51.44 1.60 -14.62
N TYR D 97 50.50 2.01 -15.46
CA TYR D 97 49.09 1.77 -15.18
C TYR D 97 48.44 0.97 -16.33
N PRO D 98 48.74 -0.31 -16.46
CA PRO D 98 48.20 -1.08 -17.59
C PRO D 98 46.74 -1.43 -17.33
N SER D 99 46.22 -2.38 -18.11
CA SER D 99 44.85 -2.82 -17.99
C SER D 99 44.77 -4.29 -17.63
N PRO D 100 43.59 -4.89 -17.64
CA PRO D 100 43.45 -6.32 -17.34
C PRO D 100 43.62 -7.21 -18.56
N PHE D 101 44.00 -6.62 -19.70
CA PHE D 101 44.14 -7.38 -20.94
C PHE D 101 45.09 -8.59 -20.86
N ALA D 102 44.67 -9.60 -20.07
CA ALA D 102 45.45 -10.84 -19.85
C ALA D 102 46.68 -10.96 -20.78
N THR D 103 47.82 -10.46 -20.30
CA THR D 103 49.02 -10.51 -21.13
C THR D 103 50.35 -10.84 -20.18
N CYS D 104 51.34 -11.40 -20.84
CA CYS D 104 52.57 -11.74 -20.16
C CYS D 104 53.83 -10.89 -20.71
N ASP D 105 54.89 -10.91 -19.91
CA ASP D 105 56.07 -10.10 -20.24
C ASP D 105 56.52 -10.17 -21.70
N PHE D 106 56.27 -9.04 -22.41
CA PHE D 106 56.62 -8.89 -23.84
C PHE D 106 55.36 -8.82 -24.74
N MET D 107 54.81 -10.01 -25.10
CA MET D 107 53.61 -10.17 -25.98
C MET D 107 52.78 -8.87 -26.23
N VAL D 108 51.89 -8.53 -25.28
CA VAL D 108 50.99 -7.35 -25.39
C VAL D 108 51.33 -6.48 -26.60
N LEU D 114 53.62 -2.76 -57.22
CA LEU D 114 53.15 -1.88 -56.12
C LEU D 114 54.09 -1.98 -54.89
N PRO D 115 55.22 -1.28 -54.94
CA PRO D 115 56.17 -1.23 -53.81
C PRO D 115 55.55 -0.84 -52.47
N LEU D 116 55.10 0.42 -52.37
CA LEU D 116 54.48 0.98 -51.17
C LEU D 116 54.93 0.25 -49.85
N ASP D 117 54.38 -0.95 -49.62
CA ASP D 117 54.72 -1.77 -48.44
C ASP D 117 55.35 -3.09 -48.88
N LYS D 118 54.73 -3.69 -49.91
CA LYS D 118 55.10 -5.02 -50.40
C LYS D 118 56.52 -5.18 -50.94
N TRP D 119 56.94 -4.36 -51.90
CA TRP D 119 58.29 -4.54 -52.46
C TRP D 119 59.41 -3.76 -51.72
N VAL D 120 59.07 -3.09 -50.60
CA VAL D 120 60.09 -2.38 -49.81
C VAL D 120 60.70 -3.30 -48.72
N PRO D 121 62.01 -3.19 -48.50
CA PRO D 121 62.72 -3.97 -47.49
C PRO D 121 62.22 -3.77 -46.01
N GLN D 122 61.36 -2.77 -45.82
CA GLN D 122 60.83 -2.42 -44.50
C GLN D 122 60.41 -3.63 -43.60
N VAL D 123 59.59 -4.51 -44.14
CA VAL D 123 59.10 -5.66 -43.37
C VAL D 123 59.02 -5.37 -41.87
N PHE D 124 59.54 -6.27 -41.02
CA PHE D 124 59.52 -6.04 -39.59
C PHE D 124 60.53 -6.95 -38.85
N VAL D 125 60.44 -6.91 -37.52
CA VAL D 125 61.30 -7.68 -36.60
C VAL D 125 60.41 -8.38 -35.56
N ALA D 126 60.95 -9.43 -34.93
CA ALA D 126 60.20 -10.23 -33.94
C ALA D 126 61.13 -10.93 -32.95
N SER D 127 60.61 -11.99 -32.29
CA SER D 127 61.43 -12.75 -31.32
C SER D 127 60.87 -14.17 -31.07
N GLY D 128 60.36 -14.39 -29.85
CA GLY D 128 59.81 -15.71 -29.46
C GLY D 128 58.69 -15.54 -28.43
N ASP D 129 58.51 -16.58 -27.60
CA ASP D 129 57.43 -16.62 -26.59
C ASP D 129 57.64 -15.70 -25.37
N CYS D 130 57.34 -16.24 -24.17
CA CYS D 130 57.44 -15.47 -22.91
C CYS D 130 58.82 -15.64 -22.20
N ALA D 131 59.17 -14.58 -21.46
CA ALA D 131 60.40 -14.53 -20.68
C ALA D 131 59.94 -14.65 -19.22
N GLU D 132 60.85 -15.14 -18.37
CA GLU D 132 60.53 -15.40 -16.96
C GLU D 132 61.77 -15.64 -16.06
N ARG D 133 62.63 -14.63 -16.00
CA ARG D 133 63.84 -14.61 -15.17
C ARG D 133 64.23 -13.15 -14.90
N GLN D 134 65.40 -12.91 -14.29
CA GLN D 134 65.79 -11.52 -13.93
C GLN D 134 67.30 -11.24 -13.67
N TRP D 135 68.08 -11.41 -14.75
CA TRP D 135 69.53 -11.08 -14.75
C TRP D 135 69.80 -10.00 -15.83
N ASP D 136 70.50 -8.94 -15.39
CA ASP D 136 70.82 -7.79 -16.24
C ASP D 136 72.29 -7.37 -16.08
N PHE D 137 72.53 -6.05 -16.02
CA PHE D 137 73.91 -5.53 -15.88
C PHE D 137 74.01 -4.37 -14.88
N LEU D 138 74.24 -4.76 -13.61
CA LEU D 138 74.39 -3.86 -12.45
C LEU D 138 73.15 -3.98 -11.49
N GLY D 139 72.04 -4.55 -12.00
CA GLY D 139 70.83 -4.76 -11.20
C GLY D 139 69.98 -3.48 -11.06
N LEU D 140 69.14 -3.47 -10.00
CA LEU D 140 68.26 -2.34 -9.72
C LEU D 140 67.60 -1.81 -10.97
N GLU D 141 66.85 -0.71 -10.79
CA GLU D 141 66.12 -0.04 -11.88
C GLU D 141 66.99 1.02 -12.53
N MET D 142 67.25 0.84 -13.84
CA MET D 142 68.09 1.79 -14.58
C MET D 142 67.52 2.17 -15.95
N PRO D 143 66.58 1.42 -16.51
CA PRO D 143 66.04 1.77 -17.82
C PRO D 143 65.04 2.91 -17.72
N GLN D 144 64.69 3.25 -16.48
CA GLN D 144 63.74 4.33 -16.22
C GLN D 144 64.51 5.65 -16.06
N TRP D 145 65.61 5.61 -15.31
CA TRP D 145 66.47 6.78 -15.14
C TRP D 145 66.96 7.17 -16.55
N LEU D 146 67.17 6.14 -17.40
CA LEU D 146 67.68 6.33 -18.77
C LEU D 146 66.63 6.92 -19.72
N LEU D 147 65.48 6.26 -19.82
CA LEU D 147 64.39 6.71 -20.71
C LEU D 147 63.93 8.10 -20.40
N GLY D 148 64.07 8.50 -19.13
CA GLY D 148 63.68 9.82 -18.71
C GLY D 148 64.08 10.83 -19.78
N ILE D 149 65.30 10.68 -20.28
CA ILE D 149 65.84 11.61 -21.25
C ILE D 149 65.41 11.39 -22.75
N PHE D 150 64.93 10.21 -23.05
CA PHE D 150 64.48 9.91 -24.40
C PHE D 150 63.53 10.99 -24.91
N ILE D 151 62.82 11.68 -24.00
CA ILE D 151 61.90 12.73 -24.39
C ILE D 151 62.65 14.11 -24.52
N ALA D 152 63.64 14.29 -23.66
CA ALA D 152 64.44 15.51 -23.65
C ALA D 152 64.91 15.87 -25.07
N TYR D 153 64.97 14.84 -25.90
CA TYR D 153 65.37 14.96 -27.29
C TYR D 153 64.39 15.91 -27.95
N LEU D 154 63.11 15.76 -27.55
CA LEU D 154 62.04 16.62 -28.09
C LEU D 154 62.32 18.09 -27.76
N ILE D 155 62.83 18.38 -26.56
CA ILE D 155 63.07 19.74 -26.24
C ILE D 155 64.37 20.28 -27.17
N VAL D 156 65.33 19.43 -27.32
CA VAL D 156 66.47 19.72 -28.19
C VAL D 156 65.93 19.99 -29.61
N ALA D 157 64.72 19.50 -29.84
CA ALA D 157 64.06 19.68 -31.10
C ALA D 157 63.56 21.10 -31.12
N VAL D 158 62.73 21.43 -30.11
CA VAL D 158 62.14 22.77 -30.01
C VAL D 158 63.21 23.84 -29.98
N LEU D 159 64.39 23.46 -29.47
CA LEU D 159 65.56 24.37 -29.34
C LEU D 159 65.99 24.97 -30.69
N VAL D 160 65.56 24.33 -31.79
CA VAL D 160 65.85 24.87 -33.11
C VAL D 160 64.95 26.11 -33.25
N VAL D 161 63.61 25.91 -33.30
CA VAL D 161 62.65 27.01 -33.49
C VAL D 161 62.66 28.12 -32.43
N ILE D 162 62.76 27.76 -31.16
CA ILE D 162 62.80 28.76 -30.09
C ILE D 162 62.06 30.05 -30.49
N ASP E 21 39.44 -18.56 -15.67
CA ASP E 21 39.66 -17.20 -15.09
C ASP E 21 40.28 -17.28 -13.69
N ILE E 22 40.11 -16.20 -12.92
CA ILE E 22 40.48 -16.22 -11.51
C ILE E 22 39.21 -16.38 -10.65
N VAL E 23 39.32 -17.16 -9.57
CA VAL E 23 38.27 -17.23 -8.55
C VAL E 23 38.59 -16.46 -7.26
N MET E 24 37.71 -15.52 -6.94
CA MET E 24 37.81 -14.76 -5.72
C MET E 24 36.87 -15.39 -4.72
N SER E 25 37.34 -15.61 -3.49
CA SER E 25 36.47 -16.18 -2.46
C SER E 25 36.57 -15.48 -1.11
N GLN E 26 35.47 -14.83 -0.73
CA GLN E 26 35.35 -14.18 0.58
C GLN E 26 34.86 -15.07 1.70
N SER E 27 35.41 -14.80 2.88
CA SER E 27 35.07 -15.46 4.12
C SER E 27 35.02 -14.39 5.23
N PRO E 28 33.99 -14.43 6.08
CA PRO E 28 32.88 -15.37 6.12
C PRO E 28 31.79 -14.94 5.16
N SER E 29 30.68 -15.66 5.14
CA SER E 29 29.49 -15.23 4.39
C SER E 29 28.93 -13.95 4.97
N SER E 30 28.88 -13.92 6.30
CA SER E 30 28.37 -12.77 7.02
C SER E 30 28.91 -12.68 8.45
N LEU E 31 28.68 -11.52 9.04
CA LEU E 31 29.06 -11.26 10.41
C LEU E 31 28.26 -10.11 10.99
N ALA E 32 27.51 -10.41 12.04
CA ALA E 32 26.86 -9.37 12.82
C ALA E 32 27.89 -8.82 13.79
N VAL E 33 27.84 -7.51 14.00
CA VAL E 33 28.81 -6.87 14.90
C VAL E 33 28.25 -5.66 15.67
N SER E 34 29.00 -5.23 16.69
CA SER E 34 28.58 -4.19 17.63
C SER E 34 29.25 -2.85 17.34
N ALA E 35 28.43 -1.79 17.33
CA ALA E 35 28.85 -0.48 16.86
C ALA E 35 29.99 0.16 17.68
N GLY E 36 31.12 0.36 17.02
CA GLY E 36 32.29 0.99 17.63
C GLY E 36 33.50 0.08 17.72
N GLU E 37 33.30 -1.20 17.39
CA GLU E 37 34.36 -2.21 17.40
C GLU E 37 35.28 -2.18 16.17
N LYS E 38 36.01 -3.28 15.95
CA LYS E 38 36.89 -3.42 14.79
C LYS E 38 36.84 -4.80 14.14
N VAL E 39 35.92 -4.95 13.16
CA VAL E 39 35.80 -6.14 12.28
C VAL E 39 36.87 -6.21 11.19
N THR E 40 37.09 -7.42 10.68
CA THR E 40 37.93 -7.61 9.50
C THR E 40 37.36 -8.76 8.67
N MET E 41 36.95 -8.49 7.43
CA MET E 41 36.61 -9.59 6.52
C MET E 41 37.81 -9.99 5.69
N SER E 42 37.73 -11.15 5.07
CA SER E 42 38.83 -11.68 4.30
C SER E 42 38.49 -11.97 2.83
N CYS E 43 39.48 -11.76 1.98
CA CYS E 43 39.36 -11.98 0.56
C CYS E 43 40.56 -12.74 0.07
N LYS E 44 40.30 -13.81 -0.66
CA LYS E 44 41.36 -14.60 -1.24
C LYS E 44 41.15 -14.82 -2.74
N SER E 45 42.21 -15.25 -3.41
CA SER E 45 42.24 -15.29 -4.86
C SER E 45 42.98 -16.52 -5.28
N SER E 46 42.54 -17.14 -6.39
CA SER E 46 43.15 -18.39 -6.85
C SER E 46 44.56 -18.13 -7.34
N GLN E 47 44.71 -17.02 -8.06
CA GLN E 47 45.99 -16.59 -8.60
C GLN E 47 46.56 -15.43 -7.80
N SER E 48 47.88 -15.32 -7.81
CA SER E 48 48.54 -14.20 -7.18
C SER E 48 48.26 -12.96 -7.99
N LEU E 49 48.03 -11.86 -7.30
CA LEU E 49 47.64 -10.62 -7.95
C LEU E 49 48.78 -9.60 -7.93
N LEU E 50 49.99 -10.07 -7.61
CA LEU E 50 51.20 -9.23 -7.63
C LEU E 50 51.72 -8.97 -9.04
N ASN E 51 52.52 -7.92 -9.18
CA ASN E 51 53.18 -7.61 -10.46
C ASN E 51 54.65 -7.29 -10.26
N SER E 52 55.54 -8.06 -10.91
CA SER E 52 57.01 -7.88 -10.79
C SER E 52 57.43 -6.42 -10.66
N ARG E 53 56.82 -5.58 -11.49
CA ARG E 53 56.94 -4.13 -11.43
C ARG E 53 55.53 -3.51 -11.48
N THR E 54 55.23 -2.53 -10.62
CA THR E 54 55.92 -2.32 -9.37
C THR E 54 55.05 -3.13 -8.43
N ARG E 55 55.51 -3.38 -7.20
CA ARG E 55 54.63 -3.99 -6.20
C ARG E 55 53.27 -3.31 -6.25
N LYS E 56 52.34 -3.96 -6.95
CA LYS E 56 50.95 -3.52 -7.08
C LYS E 56 50.11 -4.79 -7.09
N ASN E 57 48.85 -4.64 -6.66
CA ASN E 57 48.07 -5.75 -6.17
C ASN E 57 46.72 -5.12 -5.95
N TYR E 58 45.94 -4.71 -6.95
CA TYR E 58 45.52 -5.39 -8.21
C TYR E 58 44.25 -6.16 -7.86
N LEU E 59 43.52 -5.49 -6.96
CA LEU E 59 42.34 -5.96 -6.31
C LEU E 59 41.73 -4.72 -5.66
N ALA E 60 40.40 -4.66 -5.69
CA ALA E 60 39.65 -3.56 -5.09
C ALA E 60 38.77 -4.03 -3.94
N TRP E 61 38.02 -3.09 -3.35
CA TRP E 61 36.99 -3.34 -2.35
C TRP E 61 35.82 -2.42 -2.63
N TYR E 62 34.63 -2.98 -2.77
CA TYR E 62 33.44 -2.19 -3.02
C TYR E 62 32.42 -2.51 -1.94
N GLN E 63 31.73 -1.49 -1.43
CA GLN E 63 30.63 -1.72 -0.50
C GLN E 63 29.27 -1.41 -1.11
N GLN E 64 28.32 -2.35 -0.97
CA GLN E 64 26.97 -2.18 -1.51
C GLN E 64 25.89 -2.27 -0.42
N LYS E 65 25.27 -1.12 -0.16
CA LYS E 65 24.13 -1.00 0.72
C LYS E 65 22.87 -1.37 -0.07
N PRO E 66 21.84 -1.91 0.62
CA PRO E 66 20.58 -2.31 -0.03
C PRO E 66 20.02 -1.24 -0.96
N GLY E 67 19.32 -1.68 -2.00
CA GLY E 67 18.69 -0.77 -2.96
C GLY E 67 19.62 0.25 -3.62
N GLN E 68 20.79 -0.22 -4.08
CA GLN E 68 21.87 0.63 -4.64
C GLN E 68 22.96 -0.13 -5.41
N SER E 69 23.81 0.62 -6.11
CA SER E 69 25.05 0.09 -6.68
C SER E 69 26.10 -0.02 -5.58
N PRO E 70 27.29 -0.56 -5.91
CA PRO E 70 28.44 -0.46 -5.00
C PRO E 70 29.17 0.88 -5.11
N LYS E 71 30.08 1.15 -4.19
CA LYS E 71 31.00 2.29 -4.29
C LYS E 71 32.42 1.76 -4.08
N LEU E 72 33.38 2.23 -4.88
CA LEU E 72 34.79 1.83 -4.68
C LEU E 72 35.30 2.35 -3.34
N LEU E 73 35.72 1.43 -2.48
CA LEU E 73 36.18 1.80 -1.17
C LEU E 73 37.68 1.87 -1.19
N ILE E 74 38.30 0.82 -1.70
CA ILE E 74 39.75 0.78 -1.79
C ILE E 74 40.15 0.18 -3.13
N TYR E 75 41.15 0.78 -3.79
CA TYR E 75 41.75 0.21 -4.98
C TYR E 75 43.22 -0.14 -4.74
N TRP E 76 43.74 -1.03 -5.59
CA TRP E 76 45.09 -1.56 -5.44
C TRP E 76 45.30 -2.12 -4.04
N ALA E 77 44.21 -2.61 -3.45
CA ALA E 77 44.14 -3.16 -2.08
C ALA E 77 44.44 -2.19 -0.93
N SER E 78 45.44 -1.33 -1.11
CA SER E 78 45.84 -0.34 -0.10
C SER E 78 45.14 0.99 -0.31
N THR E 79 45.63 1.80 -1.25
CA THR E 79 45.21 3.20 -1.33
C THR E 79 43.69 3.35 -1.21
N ARG E 80 43.27 4.19 -0.27
CA ARG E 80 41.87 4.54 -0.09
C ARG E 80 41.28 5.22 -1.32
N GLU E 81 40.00 5.53 -1.26
CA GLU E 81 39.36 6.29 -2.32
C GLU E 81 39.09 7.72 -1.86
N SER E 82 38.85 8.63 -2.81
CA SER E 82 38.61 10.05 -2.51
C SER E 82 37.29 10.25 -1.75
N GLY E 83 37.42 10.46 -0.43
CA GLY E 83 36.29 10.63 0.47
C GLY E 83 35.96 9.39 1.26
N VAL E 84 36.98 8.58 1.54
CA VAL E 84 36.79 7.33 2.28
C VAL E 84 37.52 7.36 3.64
N PRO E 85 36.73 7.27 4.72
CA PRO E 85 37.16 7.32 6.13
C PRO E 85 38.46 6.56 6.48
N ASP E 86 39.08 6.99 7.56
CA ASP E 86 40.32 6.40 8.08
C ASP E 86 40.12 4.95 8.49
N ARG E 87 38.98 4.70 9.13
CA ARG E 87 38.63 3.42 9.72
C ARG E 87 38.93 2.19 8.84
N PHE E 88 38.43 2.19 7.59
CA PHE E 88 38.75 1.15 6.59
C PHE E 88 40.24 1.16 6.25
N THR E 89 40.80 -0.03 6.06
CA THR E 89 42.23 -0.16 5.79
C THR E 89 42.52 -1.53 5.18
N GLY E 90 42.48 -1.61 3.86
CA GLY E 90 42.79 -2.86 3.16
C GLY E 90 44.23 -3.27 3.43
N SER E 91 44.48 -4.57 3.37
CA SER E 91 45.82 -5.10 3.60
C SER E 91 45.95 -6.44 2.89
N GLY E 92 47.14 -7.01 2.90
CA GLY E 92 47.33 -8.34 2.34
C GLY E 92 48.08 -8.27 1.05
N SER E 93 48.59 -9.42 0.59
CA SER E 93 49.51 -9.45 -0.54
C SER E 93 49.54 -10.75 -1.33
N GLY E 94 49.24 -10.63 -2.62
CA GLY E 94 49.36 -11.75 -3.55
C GLY E 94 48.10 -12.57 -3.64
N THR E 95 47.85 -13.36 -2.59
CA THR E 95 46.71 -14.28 -2.53
C THR E 95 45.99 -14.22 -1.18
N ASP E 96 46.01 -13.06 -0.53
CA ASP E 96 45.51 -12.91 0.86
C ASP E 96 45.14 -11.49 1.25
N PHE E 97 43.98 -11.01 0.79
CA PHE E 97 43.58 -9.62 1.01
C PHE E 97 42.53 -9.46 2.13
N THR E 98 42.66 -8.40 2.91
CA THR E 98 41.88 -8.29 4.14
C THR E 98 41.44 -6.88 4.49
N LEU E 99 40.18 -6.58 4.17
CA LEU E 99 39.56 -5.31 4.52
C LEU E 99 39.21 -5.32 5.99
N THR E 100 39.36 -4.17 6.65
CA THR E 100 39.12 -4.06 8.09
C THR E 100 38.55 -2.71 8.51
N ILE E 101 37.47 -2.74 9.30
CA ILE E 101 36.82 -1.52 9.84
C ILE E 101 36.94 -1.43 11.36
N SER E 102 37.27 -0.25 11.88
CA SER E 102 36.98 0.09 13.28
C SER E 102 35.90 1.16 13.33
N SER E 103 35.49 1.57 14.54
CA SER E 103 34.41 2.57 14.76
C SER E 103 33.10 2.22 14.03
N VAL E 104 33.00 0.96 13.64
CA VAL E 104 31.85 0.44 12.92
C VAL E 104 30.63 1.35 13.06
N GLN E 105 30.36 2.16 12.05
CA GLN E 105 29.14 2.96 12.03
C GLN E 105 27.88 2.09 11.87
N ALA E 106 26.72 2.69 12.07
CA ALA E 106 25.44 2.03 11.82
C ALA E 106 25.18 2.07 10.33
N GLU E 107 25.67 3.14 9.70
CA GLU E 107 25.68 3.30 8.23
C GLU E 107 26.96 2.69 7.64
N ASP E 108 27.27 1.47 8.10
CA ASP E 108 28.34 0.65 7.60
C ASP E 108 27.81 -0.74 7.35
N LEU E 109 26.49 -0.88 7.55
CA LEU E 109 25.80 -2.11 7.18
C LEU E 109 25.73 -2.13 5.66
N ALA E 110 26.24 -3.22 5.09
CA ALA E 110 26.37 -3.42 3.65
C ALA E 110 26.99 -4.78 3.36
N VAL E 111 27.01 -5.17 2.08
CA VAL E 111 27.80 -6.33 1.67
C VAL E 111 29.11 -5.81 1.09
N TYR E 112 30.21 -6.33 1.60
CA TYR E 112 31.52 -5.92 1.12
C TYR E 112 32.02 -7.00 0.18
N TYR E 113 32.30 -6.57 -1.06
CA TYR E 113 32.82 -7.41 -2.14
C TYR E 113 34.30 -7.11 -2.35
N CYS E 114 35.00 -8.01 -3.04
CA CYS E 114 36.35 -7.71 -3.52
C CYS E 114 36.49 -8.09 -4.97
N LYS E 115 37.14 -7.22 -5.74
CA LYS E 115 37.33 -7.35 -7.18
C LYS E 115 38.82 -7.38 -7.50
N GLN E 116 39.27 -8.43 -8.17
CA GLN E 116 40.60 -8.40 -8.77
C GLN E 116 40.48 -7.92 -10.20
N SER E 117 41.49 -7.19 -10.65
CA SER E 117 41.55 -6.78 -12.03
C SER E 117 42.88 -7.13 -12.69
N TYR E 118 43.73 -7.86 -11.97
CA TYR E 118 45.00 -8.35 -12.53
C TYR E 118 44.77 -8.93 -13.91
N ASN E 119 43.77 -9.80 -14.01
CA ASN E 119 43.42 -10.42 -15.27
C ASN E 119 41.92 -10.45 -15.34
N LEU E 120 41.38 -9.74 -16.32
CA LEU E 120 39.95 -9.52 -16.45
C LEU E 120 39.32 -8.85 -15.21
N TYR E 121 38.01 -9.02 -15.03
CA TYR E 121 37.33 -8.52 -13.85
C TYR E 121 36.52 -9.66 -13.22
N THR E 122 36.91 -10.09 -12.02
CA THR E 122 36.15 -11.13 -11.34
C THR E 122 35.89 -10.79 -9.88
N PHE E 123 34.63 -10.82 -9.45
CA PHE E 123 34.28 -10.45 -8.06
C PHE E 123 34.34 -11.57 -7.00
N GLY E 124 34.36 -11.16 -5.72
CA GLY E 124 34.23 -12.07 -4.60
C GLY E 124 32.78 -12.42 -4.35
N GLY E 125 32.52 -13.26 -3.34
CA GLY E 125 31.15 -13.61 -2.96
C GLY E 125 30.46 -12.53 -2.16
N GLY E 126 31.17 -12.02 -1.16
CA GLY E 126 30.65 -10.99 -0.28
C GLY E 126 30.85 -11.40 1.16
N THR E 127 30.89 -10.39 2.03
CA THR E 127 30.75 -10.60 3.46
C THR E 127 29.65 -9.64 3.89
N LYS E 128 28.51 -10.16 4.29
CA LYS E 128 27.39 -9.30 4.72
C LYS E 128 27.69 -8.85 6.13
N LEU E 129 27.46 -7.57 6.42
CA LEU E 129 27.80 -7.06 7.74
C LEU E 129 26.60 -6.56 8.55
N GLU E 130 25.96 -7.47 9.28
CA GLU E 130 24.79 -7.14 10.09
C GLU E 130 25.10 -6.54 11.49
N ILE E 131 24.09 -5.92 12.09
CA ILE E 131 24.23 -5.23 13.38
C ILE E 131 23.53 -5.97 14.54
N LYS E 132 24.26 -6.21 15.63
CA LYS E 132 23.66 -6.72 16.87
C LYS E 132 22.73 -5.69 17.49
N ALA E 134 21.29 -7.48 20.12
CA ALA E 134 20.71 -8.02 21.35
C ALA E 134 19.45 -8.85 21.07
N ASP E 135 19.38 -10.04 21.69
CA ASP E 135 18.44 -11.10 21.30
C ASP E 135 16.97 -10.73 21.45
N ALA E 136 16.11 -11.66 21.01
CA ALA E 136 14.64 -11.60 21.18
C ALA E 136 14.00 -12.93 20.74
N ALA E 137 12.78 -13.19 21.21
CA ALA E 137 12.03 -14.37 20.78
C ALA E 137 11.01 -14.02 19.67
N PRO E 138 10.76 -14.98 18.75
CA PRO E 138 9.89 -14.71 17.62
C PRO E 138 8.41 -14.69 17.97
N THR E 139 7.72 -13.67 17.48
CA THR E 139 6.28 -13.53 17.61
C THR E 139 5.59 -14.28 16.47
N VAL E 140 5.28 -15.54 16.72
CA VAL E 140 4.69 -16.40 15.72
C VAL E 140 3.16 -16.41 15.77
N SER E 141 2.55 -16.37 14.59
CA SER E 141 1.11 -16.37 14.48
C SER E 141 0.71 -17.14 13.23
N ILE E 142 -0.18 -18.11 13.40
CA ILE E 142 -0.67 -18.98 12.32
C ILE E 142 -1.98 -18.46 11.73
N PHE E 143 -2.22 -18.79 10.46
CA PHE E 143 -3.33 -18.24 9.70
C PHE E 143 -3.85 -19.27 8.71
N PRO E 144 -5.12 -19.69 8.86
CA PRO E 144 -5.85 -20.62 7.98
C PRO E 144 -6.09 -20.10 6.56
N PRO E 145 -6.40 -21.00 5.61
CA PRO E 145 -6.57 -20.59 4.22
C PRO E 145 -7.83 -19.74 4.05
N SER E 146 -7.63 -18.52 3.59
CA SER E 146 -8.70 -17.53 3.52
C SER E 146 -9.98 -18.01 2.85
N SER E 147 -11.09 -17.59 3.47
CA SER E 147 -12.46 -17.73 3.00
C SER E 147 -12.61 -18.01 1.50
N GLU E 148 -12.04 -17.13 0.68
CA GLU E 148 -12.25 -17.22 -0.76
C GLU E 148 -11.27 -18.13 -1.49
N GLN E 149 -10.02 -18.17 -1.03
CA GLN E 149 -9.01 -19.01 -1.68
C GLN E 149 -9.56 -20.41 -1.92
N LEU E 150 -10.26 -20.91 -0.91
CA LEU E 150 -10.83 -22.26 -0.91
C LEU E 150 -11.72 -22.53 -2.13
N THR E 151 -12.78 -21.73 -2.26
CA THR E 151 -13.71 -21.82 -3.40
C THR E 151 -12.99 -21.86 -4.75
N SER E 152 -11.78 -21.30 -4.77
CA SER E 152 -10.97 -21.24 -5.99
C SER E 152 -10.28 -22.55 -6.35
N GLY E 153 -10.36 -23.54 -5.45
CA GLY E 153 -9.79 -24.87 -5.68
C GLY E 153 -8.44 -25.07 -5.04
N GLY E 154 -7.94 -24.02 -4.38
CA GLY E 154 -6.65 -24.05 -3.71
C GLY E 154 -6.77 -23.62 -2.26
N ALA E 155 -5.72 -23.86 -1.47
CA ALA E 155 -5.71 -23.53 -0.05
C ALA E 155 -4.28 -23.39 0.52
N SER E 156 -3.96 -22.22 1.05
CA SER E 156 -2.63 -21.96 1.61
C SER E 156 -2.72 -21.52 3.07
N VAL E 157 -2.06 -22.28 3.94
CA VAL E 157 -1.94 -21.94 5.35
C VAL E 157 -0.64 -21.19 5.55
N VAL E 158 -0.69 -20.00 6.15
CA VAL E 158 0.55 -19.27 6.42
C VAL E 158 0.80 -19.09 7.91
N CYS E 159 2.03 -18.75 8.28
CA CYS E 159 2.31 -18.27 9.62
C CYS E 159 3.57 -17.43 9.69
N PHE E 160 3.44 -16.27 10.32
CA PHE E 160 4.49 -15.27 10.36
C PHE E 160 5.33 -15.33 11.63
N LEU E 161 6.60 -15.69 11.46
CA LEU E 161 7.56 -15.76 12.56
C LEU E 161 8.31 -14.43 12.66
N ASN E 162 7.76 -13.48 13.42
CA ASN E 162 8.21 -12.11 13.34
C ASN E 162 9.11 -11.65 14.48
N ASN E 163 10.00 -10.71 14.17
CA ASN E 163 10.82 -10.00 15.14
C ASN E 163 11.60 -10.86 16.11
N PHE E 164 12.70 -11.41 15.59
CA PHE E 164 13.61 -12.28 16.37
C PHE E 164 15.08 -12.12 15.98
N TYR E 165 15.95 -12.33 16.95
CA TYR E 165 17.37 -12.31 16.71
C TYR E 165 18.03 -13.32 17.64
N PRO E 166 18.98 -14.14 17.14
CA PRO E 166 19.65 -14.29 15.83
C PRO E 166 18.79 -14.94 14.73
N LYS E 167 19.17 -14.74 13.47
CA LYS E 167 18.37 -15.21 12.33
C LYS E 167 18.00 -16.70 12.40
N ASP E 168 18.95 -17.53 12.84
CA ASP E 168 18.83 -18.99 12.79
C ASP E 168 17.58 -19.48 13.48
N ILE E 169 16.51 -19.65 12.70
CA ILE E 169 15.28 -20.21 13.22
C ILE E 169 15.04 -21.53 12.52
N ASN E 170 14.03 -22.26 13.00
CA ASN E 170 13.69 -23.54 12.45
C ASN E 170 12.20 -23.80 12.63
N VAL E 171 11.46 -23.83 11.53
CA VAL E 171 10.03 -24.13 11.59
C VAL E 171 9.80 -25.62 11.35
N LYS E 172 8.74 -26.16 11.93
CA LYS E 172 8.42 -27.57 11.77
C LYS E 172 6.90 -27.76 11.80
N TRP E 173 6.31 -27.85 10.62
CA TRP E 173 4.85 -27.99 10.46
C TRP E 173 4.31 -29.36 10.88
N LYS E 174 3.07 -29.36 11.36
CA LYS E 174 2.37 -30.60 11.68
C LYS E 174 0.92 -30.52 11.22
N ILE E 175 0.47 -31.58 10.55
CA ILE E 175 -0.96 -31.87 10.30
C ILE E 175 -1.37 -32.90 11.34
N ASP E 176 -2.15 -32.46 12.33
CA ASP E 176 -2.36 -33.17 13.59
C ASP E 176 -1.27 -34.21 13.96
N GLY E 177 -0.29 -33.74 14.72
CA GLY E 177 0.74 -34.58 15.32
C GLY E 177 1.80 -35.04 14.35
N SER E 178 1.38 -35.54 13.19
CA SER E 178 2.31 -35.98 12.15
C SER E 178 2.87 -34.75 11.44
N GLU E 179 4.18 -34.75 11.22
CA GLU E 179 4.90 -33.56 10.77
C GLU E 179 5.44 -33.70 9.37
N ARG E 180 4.58 -33.52 8.36
CA ARG E 180 5.06 -33.55 6.96
C ARG E 180 5.84 -32.28 6.57
N GLN E 181 6.82 -32.45 5.68
CA GLN E 181 7.70 -31.36 5.33
C GLN E 181 7.31 -30.79 3.99
N ASN E 182 7.30 -31.62 2.96
CA ASN E 182 7.16 -31.14 1.58
C ASN E 182 5.86 -30.40 1.31
N GLY E 183 5.93 -29.42 0.42
CA GLY E 183 4.81 -28.53 0.16
C GLY E 183 4.95 -27.21 0.88
N VAL E 184 5.93 -27.13 1.79
CA VAL E 184 6.19 -25.89 2.56
C VAL E 184 7.13 -24.93 1.85
N LEU E 185 6.81 -23.65 1.92
CA LEU E 185 7.64 -22.59 1.36
C LEU E 185 8.02 -21.60 2.45
N ASN E 186 9.29 -21.19 2.50
CA ASN E 186 9.72 -20.14 3.46
C ASN E 186 10.28 -18.89 2.80
N SER E 187 10.48 -17.86 3.62
CA SER E 187 10.89 -16.55 3.16
C SER E 187 11.40 -15.66 4.31
N TRP E 188 12.59 -15.10 4.14
CA TRP E 188 13.26 -14.36 5.19
C TRP E 188 13.53 -12.92 4.84
N THR E 189 13.25 -12.04 5.78
CA THR E 189 13.59 -10.64 5.64
C THR E 189 15.05 -10.42 6.07
N ASP E 190 15.58 -9.28 5.65
CA ASP E 190 16.79 -8.73 6.22
C ASP E 190 16.45 -7.98 7.50
N GLN E 191 17.45 -7.85 8.36
CA GLN E 191 17.39 -7.01 9.54
C GLN E 191 16.48 -5.79 9.41
N ASP E 192 15.78 -5.46 10.49
CA ASP E 192 14.92 -4.28 10.50
C ASP E 192 15.79 -3.05 10.64
N SER E 193 15.32 -1.93 10.08
CA SER E 193 16.07 -0.67 10.11
C SER E 193 15.96 0.02 11.48
N LYS E 194 14.81 -0.13 12.11
CA LYS E 194 14.56 0.42 13.44
C LYS E 194 14.68 -0.68 14.49
N ASP E 195 13.86 -1.72 14.32
CA ASP E 195 13.79 -2.85 15.24
C ASP E 195 15.04 -3.76 15.14
N SER E 196 15.76 -3.66 14.03
CA SER E 196 17.06 -4.34 13.84
C SER E 196 17.02 -5.86 14.02
N THR E 197 15.88 -6.46 13.72
CA THR E 197 15.71 -7.92 13.83
C THR E 197 15.02 -8.51 12.60
N TYR E 198 14.90 -9.84 12.59
CA TYR E 198 14.36 -10.57 11.46
C TYR E 198 12.94 -11.04 11.67
N SER E 199 12.29 -11.33 10.55
CA SER E 199 10.97 -11.94 10.51
C SER E 199 10.94 -12.90 9.32
N MET E 200 10.27 -14.03 9.51
CA MET E 200 10.21 -15.01 8.47
C MET E 200 8.77 -15.51 8.33
N SER E 201 8.31 -15.70 7.09
CA SER E 201 7.03 -16.33 6.89
C SER E 201 7.19 -17.75 6.37
N SER E 202 6.18 -18.58 6.59
CA SER E 202 6.21 -19.98 6.18
C SER E 202 4.82 -20.41 5.73
N THR E 203 4.74 -21.09 4.60
CA THR E 203 3.47 -21.40 3.99
C THR E 203 3.38 -22.84 3.48
N LEU E 204 2.71 -23.66 4.27
CA LEU E 204 2.30 -24.97 3.80
C LEU E 204 1.08 -24.79 2.90
N THR E 205 1.22 -25.25 1.66
CA THR E 205 0.16 -25.07 0.68
C THR E 205 -0.40 -26.39 0.13
N LEU E 206 -1.73 -26.48 0.09
CA LEU E 206 -2.46 -27.69 -0.31
C LEU E 206 -3.65 -27.45 -1.23
N THR E 207 -3.93 -28.44 -2.07
CA THR E 207 -5.22 -28.52 -2.75
C THR E 207 -6.30 -28.70 -1.68
N LYS E 208 -7.29 -27.79 -1.71
CA LYS E 208 -8.49 -27.85 -0.88
C LYS E 208 -8.87 -29.28 -0.50
N ASP E 209 -9.11 -30.13 -1.51
CA ASP E 209 -9.38 -31.56 -1.30
C ASP E 209 -8.54 -32.13 -0.16
N GLU E 210 -7.23 -31.95 -0.26
CA GLU E 210 -6.32 -32.45 0.74
C GLU E 210 -6.31 -31.58 1.99
N TYR E 211 -6.77 -30.34 1.88
CA TYR E 211 -6.86 -29.49 3.04
C TYR E 211 -7.78 -30.13 4.06
N GLU E 212 -8.92 -30.63 3.59
CA GLU E 212 -9.94 -31.22 4.47
C GLU E 212 -9.70 -32.69 4.83
N ARG E 213 -8.62 -33.28 4.29
CA ARG E 213 -8.21 -34.60 4.73
C ARG E 213 -8.10 -34.61 6.25
N HIS E 214 -7.53 -33.55 6.81
CA HIS E 214 -7.29 -33.48 8.25
C HIS E 214 -7.96 -32.31 8.97
N ASN E 215 -7.65 -32.17 10.26
CA ASN E 215 -8.25 -31.14 11.10
C ASN E 215 -7.23 -30.20 11.72
N SER E 216 -6.26 -30.75 12.42
CA SER E 216 -5.36 -29.92 13.21
C SER E 216 -4.13 -29.50 12.42
N TYR E 217 -3.87 -28.20 12.40
CA TYR E 217 -2.67 -27.66 11.76
C TYR E 217 -1.88 -26.81 12.76
N THR E 218 -0.55 -26.87 12.69
CA THR E 218 0.32 -26.17 13.65
C THR E 218 1.74 -25.89 13.12
N CYS E 219 2.29 -24.72 13.49
CA CYS E 219 3.67 -24.36 13.15
C CYS E 219 4.49 -24.00 14.39
N GLU E 220 5.77 -24.38 14.39
CA GLU E 220 6.60 -24.22 15.58
C GLU E 220 7.96 -23.63 15.29
N ALA E 221 8.19 -22.41 15.79
CA ALA E 221 9.54 -21.86 15.87
C ALA E 221 10.40 -22.77 16.75
N THR E 222 11.71 -22.61 16.70
CA THR E 222 12.61 -23.33 17.61
C THR E 222 13.89 -22.51 17.73
N HIS E 223 13.68 -21.20 17.81
CA HIS E 223 14.72 -20.20 18.04
C HIS E 223 15.64 -20.44 19.25
N LYS E 224 16.84 -19.87 19.18
CA LYS E 224 17.81 -19.99 20.25
C LYS E 224 17.53 -18.96 21.35
N THR E 225 16.31 -18.94 21.88
CA THR E 225 15.99 -18.07 23.03
C THR E 225 15.56 -18.95 24.19
N SER E 226 14.49 -19.70 23.96
CA SER E 226 14.04 -20.72 24.89
C SER E 226 13.97 -22.03 24.13
N THR E 227 14.86 -22.97 24.45
CA THR E 227 14.81 -24.27 23.78
C THR E 227 13.58 -25.04 24.22
N SER E 228 12.45 -24.54 23.73
CA SER E 228 11.11 -25.11 23.85
C SER E 228 10.32 -24.48 22.71
N PRO E 229 9.97 -25.30 21.70
CA PRO E 229 9.21 -24.82 20.55
C PRO E 229 8.07 -23.89 20.91
N ILE E 230 7.89 -22.81 20.15
CA ILE E 230 6.66 -22.03 20.22
C ILE E 230 5.64 -22.62 19.22
N VAL E 231 4.89 -23.59 19.70
CA VAL E 231 3.73 -24.11 18.99
C VAL E 231 2.63 -23.07 19.02
N LYS E 232 1.80 -23.09 17.99
CA LYS E 232 0.72 -22.14 17.85
C LYS E 232 -0.14 -22.75 16.76
N SER E 233 -1.20 -23.42 17.19
CA SER E 233 -1.99 -24.28 16.32
C SER E 233 -3.44 -23.83 16.13
N PHE E 234 -3.99 -24.13 14.96
CA PHE E 234 -5.42 -23.96 14.69
C PHE E 234 -5.94 -25.27 14.06
N ASN E 235 -7.24 -25.54 14.19
CA ASN E 235 -7.81 -26.79 13.66
C ASN E 235 -9.15 -26.61 12.97
N ARG E 236 -9.30 -27.31 11.86
CA ARG E 236 -10.31 -27.05 10.83
C ARG E 236 -11.73 -26.65 11.28
N ASN E 237 -12.50 -27.62 11.81
CA ASN E 237 -13.94 -27.48 12.14
C ASN E 237 -14.68 -26.22 11.68
N GLU E 238 -14.45 -25.11 12.40
CA GLU E 238 -15.13 -23.83 12.19
C GLU E 238 -14.76 -23.14 10.86
N CYS E 239 -13.54 -23.42 10.36
CA CYS E 239 -13.02 -22.84 9.09
C CYS E 239 -12.70 -23.91 8.03
N GLU F 1 27.05 15.42 -8.81
CA GLU F 1 27.81 16.02 -9.94
C GLU F 1 27.91 15.04 -11.14
N VAL F 2 28.86 14.10 -11.07
CA VAL F 2 29.19 13.19 -12.19
C VAL F 2 28.22 12.00 -12.27
N GLN F 3 27.51 11.86 -13.38
CA GLN F 3 26.36 10.94 -13.42
C GLN F 3 26.10 10.06 -14.66
N LEU F 4 25.65 8.83 -14.38
CA LEU F 4 25.20 7.86 -15.39
C LEU F 4 23.74 7.45 -15.12
N VAL F 5 22.96 7.29 -16.18
CA VAL F 5 21.56 6.92 -16.03
C VAL F 5 21.23 5.82 -17.01
N GLU F 6 21.49 4.58 -16.61
CA GLU F 6 21.17 3.42 -17.45
C GLU F 6 19.68 3.10 -17.39
N SER F 7 19.13 2.61 -18.50
CA SER F 7 17.67 2.43 -18.63
C SER F 7 17.22 1.63 -19.86
N GLY F 8 15.91 1.40 -19.94
CA GLY F 8 15.31 0.63 -21.01
C GLY F 8 15.62 -0.86 -20.93
N GLY F 9 14.74 -1.61 -20.26
CA GLY F 9 14.89 -3.07 -20.11
C GLY F 9 13.86 -3.72 -19.19
N GLY F 10 13.47 -4.95 -19.53
CA GLY F 10 12.45 -5.71 -18.78
C GLY F 10 12.31 -7.11 -19.33
N LEU F 11 11.11 -7.69 -19.23
CA LEU F 11 10.86 -9.06 -19.73
C LEU F 11 11.27 -9.29 -21.19
N VAL F 12 11.70 -10.51 -21.47
CA VAL F 12 11.95 -10.99 -22.84
C VAL F 12 11.84 -12.52 -22.91
N LYS F 13 11.63 -13.04 -24.11
CA LYS F 13 11.71 -14.47 -24.36
C LYS F 13 13.16 -14.89 -24.58
N PRO F 14 13.54 -16.07 -24.09
CA PRO F 14 14.80 -16.74 -24.42
C PRO F 14 15.01 -16.80 -25.91
N GLY F 15 15.86 -15.91 -26.42
CA GLY F 15 16.15 -15.79 -27.85
C GLY F 15 16.01 -14.35 -28.33
N GLY F 16 15.18 -13.58 -27.63
CA GLY F 16 14.86 -12.20 -27.99
C GLY F 16 16.02 -11.22 -27.88
N SER F 17 15.70 -9.92 -27.88
CA SER F 17 16.73 -8.88 -27.85
C SER F 17 16.35 -7.67 -27.03
N LEU F 18 17.32 -6.80 -26.76
CA LEU F 18 17.16 -5.63 -25.88
C LEU F 18 18.37 -4.69 -25.96
N LYS F 19 18.13 -3.44 -26.35
CA LYS F 19 19.23 -2.50 -26.55
C LYS F 19 19.38 -1.54 -25.39
N LEU F 20 20.00 -2.03 -24.32
CA LEU F 20 20.22 -1.27 -23.09
C LEU F 20 21.13 -0.06 -23.29
N SER F 21 20.85 0.99 -22.51
CA SER F 21 21.50 2.29 -22.69
C SER F 21 21.74 3.02 -21.35
N CYS F 22 22.78 3.85 -21.34
CA CYS F 22 23.23 4.57 -20.16
C CYS F 22 23.62 6.02 -20.49
N ALA F 23 22.89 6.99 -19.94
CA ALA F 23 23.14 8.43 -20.20
C ALA F 23 24.17 9.01 -19.24
N ALA F 24 25.30 9.46 -19.79
CA ALA F 24 26.37 10.00 -18.97
C ALA F 24 26.25 11.52 -18.87
N SER F 25 25.96 12.01 -17.68
CA SER F 25 25.66 13.42 -17.52
C SER F 25 26.48 14.09 -16.40
N GLY F 26 27.68 14.54 -16.76
CA GLY F 26 28.51 15.33 -15.84
C GLY F 26 30.01 15.07 -15.90
N PHE F 27 30.45 14.31 -16.89
CA PHE F 27 31.88 14.04 -17.04
C PHE F 27 32.33 14.06 -18.51
N ALA F 28 33.64 14.21 -18.72
CA ALA F 28 34.24 14.38 -20.07
C ALA F 28 34.12 13.15 -20.98
N PHE F 29 33.14 12.30 -20.68
CA PHE F 29 32.75 11.13 -21.46
C PHE F 29 33.89 10.51 -22.26
N SER F 30 34.10 11.02 -23.47
CA SER F 30 35.21 10.62 -24.34
C SER F 30 36.52 10.51 -23.56
N SER F 31 36.57 11.14 -22.40
CA SER F 31 37.67 11.05 -21.46
C SER F 31 38.16 9.63 -21.22
N TYR F 32 37.36 8.83 -20.52
CA TYR F 32 37.75 7.48 -20.09
C TYR F 32 37.06 6.37 -20.90
N ASP F 33 37.46 5.13 -20.60
CA ASP F 33 36.83 3.94 -21.16
C ASP F 33 35.48 3.73 -20.46
N MET F 34 34.73 2.71 -20.87
CA MET F 34 33.44 2.37 -20.23
C MET F 34 33.18 0.85 -20.03
N SER F 35 32.10 0.52 -19.33
CA SER F 35 31.77 -0.87 -19.02
C SER F 35 30.41 -1.03 -18.38
N TRP F 36 29.85 -2.23 -18.52
CA TRP F 36 28.67 -2.68 -17.78
C TRP F 36 29.03 -3.79 -16.83
N VAL F 37 28.53 -3.71 -15.61
CA VAL F 37 28.52 -4.85 -14.72
C VAL F 37 27.07 -5.22 -14.46
N ARG F 38 26.79 -6.50 -14.31
CA ARG F 38 25.44 -6.92 -13.97
C ARG F 38 25.46 -7.64 -12.64
N GLN F 39 24.27 -7.82 -12.08
CA GLN F 39 24.11 -8.48 -10.78
C GLN F 39 22.83 -9.25 -10.79
N THR F 40 22.95 -10.53 -10.48
CA THR F 40 21.81 -11.44 -10.44
C THR F 40 20.85 -11.18 -9.26
N PRO F 41 19.69 -11.86 -9.24
CA PRO F 41 18.81 -11.79 -8.07
C PRO F 41 19.54 -12.27 -6.80
N GLU F 42 20.44 -13.23 -6.98
CA GLU F 42 21.25 -13.78 -5.89
C GLU F 42 22.39 -12.83 -5.49
N LYS F 43 22.39 -11.63 -6.07
CA LYS F 43 23.37 -10.60 -5.74
C LYS F 43 24.82 -10.97 -6.10
N ARG F 44 24.95 -11.95 -6.99
CA ARG F 44 26.20 -12.23 -7.68
C ARG F 44 26.45 -11.11 -8.68
N LEU F 45 27.68 -10.57 -8.67
CA LEU F 45 28.12 -9.57 -9.65
C LEU F 45 28.85 -10.20 -10.82
N GLU F 46 28.85 -9.51 -11.96
CA GLU F 46 29.39 -10.05 -13.20
C GLU F 46 29.84 -8.99 -14.19
N TRP F 47 31.15 -8.97 -14.49
CA TRP F 47 31.64 -8.09 -15.56
C TRP F 47 31.27 -8.60 -16.95
N VAL F 48 30.47 -7.81 -17.65
CA VAL F 48 29.85 -8.21 -18.88
C VAL F 48 30.44 -7.57 -20.13
N ALA F 49 30.77 -6.29 -20.06
CA ALA F 49 31.18 -5.56 -21.24
C ALA F 49 32.20 -4.50 -20.89
N TYR F 50 33.01 -4.10 -21.88
CA TYR F 50 34.00 -3.03 -21.70
C TYR F 50 34.38 -2.37 -23.02
N ILE F 51 33.94 -1.12 -23.21
CA ILE F 51 34.32 -0.32 -24.38
C ILE F 51 35.51 0.59 -24.05
N SER F 52 36.39 0.79 -25.03
CA SER F 52 37.56 1.67 -24.84
C SER F 52 37.19 3.16 -24.65
N SER F 53 38.20 4.03 -24.69
CA SER F 53 37.98 5.48 -24.61
C SER F 53 37.09 5.96 -25.76
N GLY F 54 37.62 5.88 -26.97
CA GLY F 54 36.83 6.12 -28.18
C GLY F 54 36.60 4.81 -28.92
N GLY F 55 35.61 4.04 -28.45
CA GLY F 55 35.21 2.75 -29.01
C GLY F 55 36.16 2.05 -29.98
N GLY F 56 37.47 2.19 -29.75
CA GLY F 56 38.50 1.56 -30.58
C GLY F 56 38.32 0.05 -30.59
N SER F 57 38.59 -0.58 -29.45
CA SER F 57 38.29 -1.99 -29.26
C SER F 57 37.37 -2.23 -28.05
N THR F 58 36.79 -3.42 -27.98
CA THR F 58 35.86 -3.80 -26.92
C THR F 58 36.33 -5.04 -26.17
N TYR F 59 35.70 -5.34 -25.03
CA TYR F 59 36.08 -6.48 -24.16
C TYR F 59 34.91 -7.21 -23.48
N TYR F 60 34.97 -8.55 -23.47
CA TYR F 60 33.88 -9.40 -22.94
C TYR F 60 34.41 -10.61 -22.15
N PRO F 61 33.60 -11.15 -21.21
CA PRO F 61 33.89 -12.48 -20.72
C PRO F 61 33.36 -13.45 -21.76
N ASP F 62 33.93 -14.65 -21.82
CA ASP F 62 33.52 -15.60 -22.84
C ASP F 62 32.01 -15.78 -22.82
N THR F 63 31.44 -15.80 -21.62
CA THR F 63 30.00 -16.04 -21.41
C THR F 63 29.02 -15.23 -22.29
N VAL F 64 29.39 -13.99 -22.62
CA VAL F 64 28.52 -13.13 -23.43
C VAL F 64 29.08 -12.91 -24.85
N LYS F 65 30.39 -13.16 -25.02
CA LYS F 65 31.12 -12.92 -26.27
C LYS F 65 30.45 -13.46 -27.53
N GLY F 66 29.79 -12.55 -28.25
CA GLY F 66 29.11 -12.89 -29.47
C GLY F 66 27.63 -13.10 -29.25
N ARG F 67 27.08 -12.42 -28.25
CA ARG F 67 25.63 -12.37 -28.05
C ARG F 67 25.27 -11.01 -27.46
N PHE F 68 26.35 -10.27 -27.18
CA PHE F 68 26.32 -8.97 -26.54
C PHE F 68 27.29 -8.09 -27.29
N THR F 69 26.91 -6.82 -27.45
CA THR F 69 27.83 -5.81 -27.99
C THR F 69 27.67 -4.48 -27.27
N ILE F 70 28.81 -3.81 -27.06
CA ILE F 70 28.86 -2.53 -26.38
C ILE F 70 29.19 -1.37 -27.33
N SER F 71 28.26 -0.43 -27.46
CA SER F 71 28.42 0.68 -28.38
C SER F 71 28.29 2.02 -27.69
N ARG F 72 29.15 2.97 -28.06
CA ARG F 72 29.05 4.34 -27.56
C ARG F 72 29.09 5.35 -28.71
N ASP F 73 28.48 6.50 -28.45
CA ASP F 73 28.54 7.67 -29.32
C ASP F 73 29.25 8.80 -28.55
N ASN F 74 30.58 8.84 -28.70
CA ASN F 74 31.46 9.78 -27.98
C ASN F 74 30.92 11.22 -27.94
N ALA F 75 30.00 11.51 -28.85
CA ALA F 75 29.31 12.80 -28.93
C ALA F 75 28.16 12.90 -27.91
N LYS F 76 27.07 12.20 -28.16
CA LYS F 76 25.82 12.42 -27.40
C LYS F 76 25.82 11.86 -25.96
N ASN F 77 27.03 11.56 -25.49
CA ASN F 77 27.30 11.15 -24.09
C ASN F 77 26.50 9.94 -23.58
N THR F 78 26.30 8.96 -24.47
CA THR F 78 25.53 7.77 -24.15
C THR F 78 26.33 6.48 -24.41
N LEU F 79 26.16 5.53 -23.50
CA LEU F 79 26.69 4.17 -23.62
C LEU F 79 25.54 3.22 -23.95
N TYR F 80 25.82 2.16 -24.70
CA TYR F 80 24.79 1.19 -25.03
C TYR F 80 25.28 -0.25 -24.83
N LEU F 81 24.37 -1.11 -24.38
CA LEU F 81 24.57 -2.56 -24.41
C LEU F 81 23.50 -3.20 -25.29
N GLN F 82 23.95 -3.82 -26.37
CA GLN F 82 23.04 -4.46 -27.30
C GLN F 82 23.04 -5.96 -27.02
N MET F 83 21.91 -6.46 -26.53
CA MET F 83 21.80 -7.86 -26.11
C MET F 83 20.93 -8.71 -27.02
N SER F 84 21.43 -9.88 -27.39
CA SER F 84 20.73 -10.71 -28.35
C SER F 84 21.02 -12.19 -28.16
N SER F 85 20.23 -13.05 -28.80
CA SER F 85 20.21 -14.49 -28.51
C SER F 85 20.32 -14.65 -27.01
N LEU F 86 19.29 -14.17 -26.33
CA LEU F 86 19.31 -14.01 -24.89
C LEU F 86 19.11 -15.31 -24.12
N LYS F 87 19.99 -15.51 -23.15
CA LYS F 87 19.89 -16.61 -22.21
C LYS F 87 19.16 -16.14 -20.95
N SER F 88 18.46 -17.08 -20.30
CA SER F 88 17.83 -16.87 -18.99
C SER F 88 18.82 -16.30 -17.99
N GLU F 89 20.07 -16.75 -18.09
CA GLU F 89 21.20 -16.31 -17.26
C GLU F 89 21.38 -14.79 -17.25
N ASP F 90 21.10 -14.15 -18.38
CA ASP F 90 21.35 -12.73 -18.52
C ASP F 90 20.39 -11.86 -17.69
N THR F 91 19.37 -12.49 -17.10
CA THR F 91 18.53 -11.85 -16.10
C THR F 91 19.44 -11.25 -15.03
N ALA F 92 19.17 -10.00 -14.70
CA ALA F 92 19.96 -9.26 -13.72
C ALA F 92 19.61 -7.79 -13.79
N MET F 93 19.94 -7.07 -12.72
CA MET F 93 19.95 -5.61 -12.75
C MET F 93 21.32 -5.23 -13.33
N TYR F 94 21.31 -4.33 -14.31
CA TYR F 94 22.51 -4.04 -15.13
C TYR F 94 23.06 -2.65 -14.84
N TYR F 95 24.25 -2.58 -14.26
CA TYR F 95 24.85 -1.30 -13.84
C TYR F 95 25.90 -0.77 -14.83
N CYS F 96 25.63 0.40 -15.40
CA CYS F 96 26.63 1.14 -16.17
C CYS F 96 27.56 1.79 -15.16
N ALA F 97 28.83 1.38 -15.21
CA ALA F 97 29.84 1.90 -14.30
C ALA F 97 31.06 2.39 -15.09
N ARG F 98 31.89 3.18 -14.43
CA ARG F 98 32.97 3.88 -15.10
C ARG F 98 34.30 3.68 -14.40
N PRO F 99 35.29 3.16 -15.14
CA PRO F 99 36.61 2.85 -14.60
C PRO F 99 37.36 4.13 -14.26
N ASP F 100 38.11 4.12 -13.17
CA ASP F 100 38.92 5.28 -12.79
C ASP F 100 40.12 5.43 -13.73
N TYR F 101 40.45 6.68 -14.00
CA TYR F 101 41.66 7.08 -14.75
C TYR F 101 42.74 5.98 -14.93
N ARG F 102 43.33 5.54 -13.82
CA ARG F 102 44.52 4.71 -13.83
C ARG F 102 44.28 3.41 -13.08
N SER F 103 43.48 3.50 -12.01
CA SER F 103 43.15 2.36 -11.17
C SER F 103 42.21 1.40 -11.89
N TYR F 104 41.45 1.93 -12.85
CA TYR F 104 40.40 1.18 -13.54
C TYR F 104 39.31 0.73 -12.57
N ALA F 105 39.57 0.96 -11.29
CA ALA F 105 38.59 0.78 -10.25
C ALA F 105 37.37 1.60 -10.60
N MET F 106 36.25 0.93 -10.81
CA MET F 106 35.02 1.61 -11.24
C MET F 106 34.55 2.61 -10.18
N ASP F 107 34.99 3.86 -10.30
CA ASP F 107 34.73 4.85 -9.26
C ASP F 107 33.37 5.55 -9.37
N TYR F 108 32.75 5.51 -10.55
CA TYR F 108 31.39 6.04 -10.63
C TYR F 108 30.37 5.13 -11.29
N TRP F 109 29.30 4.89 -10.56
CA TRP F 109 28.32 3.85 -10.88
C TRP F 109 26.95 4.42 -11.21
N GLY F 110 26.18 3.65 -12.00
CA GLY F 110 24.80 3.99 -12.31
C GLY F 110 23.81 3.52 -11.26
N GLN F 111 22.66 3.05 -11.70
CA GLN F 111 21.60 2.65 -10.79
C GLN F 111 20.90 1.36 -11.24
N GLY F 112 21.11 0.98 -12.49
CA GLY F 112 20.70 -0.32 -12.98
C GLY F 112 19.39 -0.39 -13.74
N THR F 113 19.13 -1.52 -14.39
CA THR F 113 17.89 -1.73 -15.12
C THR F 113 17.44 -3.17 -15.06
N SER F 114 16.21 -3.39 -14.59
CA SER F 114 15.66 -4.75 -14.46
C SER F 114 15.64 -5.46 -15.81
N VAL F 115 16.05 -6.72 -15.80
CA VAL F 115 15.93 -7.59 -16.95
C VAL F 115 15.51 -8.96 -16.43
N THR F 116 14.76 -9.68 -17.26
CA THR F 116 14.38 -11.06 -17.00
C THR F 116 13.99 -11.76 -18.30
N VAL F 117 14.27 -13.06 -18.35
CA VAL F 117 14.06 -13.81 -19.56
C VAL F 117 13.11 -14.97 -19.24
N SER F 118 11.83 -14.67 -19.18
CA SER F 118 10.81 -15.61 -18.68
C SER F 118 9.85 -16.13 -19.78
N SER F 119 10.15 -17.32 -20.30
CA SER F 119 9.32 -17.95 -21.32
C SER F 119 8.06 -18.56 -20.68
N LYS F 121 4.92 -12.89 -20.03
CA LYS F 121 3.56 -13.28 -19.62
C LYS F 121 3.05 -12.60 -18.35
N THR F 122 2.78 -11.30 -18.48
CA THR F 122 2.06 -10.54 -17.46
C THR F 122 1.02 -11.48 -16.82
N THR F 123 1.01 -11.58 -15.49
CA THR F 123 -0.06 -12.31 -14.76
C THR F 123 -0.44 -11.64 -13.42
N ALA F 124 -1.71 -11.76 -13.02
CA ALA F 124 -2.27 -10.96 -11.93
C ALA F 124 -2.32 -11.67 -10.57
N PRO F 125 -2.28 -10.89 -9.46
CA PRO F 125 -2.16 -11.38 -8.09
C PRO F 125 -3.44 -11.27 -7.25
N SER F 126 -4.06 -12.41 -6.95
CA SER F 126 -5.22 -12.47 -6.09
C SER F 126 -4.75 -12.18 -4.69
N VAL F 127 -5.17 -11.06 -4.12
CA VAL F 127 -4.74 -10.72 -2.77
C VAL F 127 -5.73 -11.26 -1.73
N TYR F 128 -5.50 -12.50 -1.29
CA TYR F 128 -6.35 -13.15 -0.30
C TYR F 128 -6.13 -12.48 1.05
N PRO F 129 -7.23 -12.17 1.75
CA PRO F 129 -7.08 -11.52 3.06
C PRO F 129 -6.65 -12.56 4.09
N LEU F 130 -5.99 -12.13 5.17
CA LEU F 130 -5.58 -13.04 6.24
C LEU F 130 -6.06 -12.59 7.63
N ALA F 131 -7.20 -13.12 8.06
CA ALA F 131 -7.77 -12.83 9.37
C ALA F 131 -7.42 -13.93 10.39
N PRO F 132 -7.13 -13.53 11.64
CA PRO F 132 -6.52 -14.45 12.61
C PRO F 132 -7.36 -15.68 13.00
N VAL F 133 -7.15 -16.14 14.24
CA VAL F 133 -7.63 -17.45 14.69
C VAL F 133 -9.13 -17.72 14.58
N CYS F 134 -9.46 -18.74 13.78
CA CYS F 134 -10.80 -19.29 13.55
C CYS F 134 -11.79 -19.11 14.74
N GLY F 135 -11.34 -19.58 15.90
CA GLY F 135 -11.96 -19.25 17.18
C GLY F 135 -10.98 -18.37 17.94
N ASP F 136 -11.45 -17.19 18.33
CA ASP F 136 -10.62 -16.18 18.98
C ASP F 136 -9.94 -16.67 20.27
N THR F 137 -8.82 -16.02 20.63
CA THR F 137 -8.16 -16.22 21.95
C THR F 137 -7.35 -14.96 22.32
N THR F 138 -7.83 -13.80 21.87
CA THR F 138 -7.11 -12.50 21.95
C THR F 138 -6.21 -12.32 23.19
N GLY F 139 -4.95 -12.74 23.02
CA GLY F 139 -3.94 -12.81 24.06
C GLY F 139 -3.54 -11.48 24.67
N SER F 140 -3.05 -10.55 23.84
CA SER F 140 -2.73 -9.19 24.30
C SER F 140 -2.61 -8.14 23.17
N SER F 141 -1.91 -8.49 22.10
CA SER F 141 -1.76 -7.60 20.95
C SER F 141 -2.05 -8.30 19.61
N VAL F 142 -2.83 -7.64 18.77
CA VAL F 142 -3.34 -8.22 17.52
C VAL F 142 -2.32 -8.18 16.38
N THR F 143 -2.16 -9.30 15.67
CA THR F 143 -1.32 -9.36 14.47
C THR F 143 -2.07 -9.93 13.24
N LEU F 144 -1.90 -9.28 12.09
CA LEU F 144 -2.70 -9.57 10.91
C LEU F 144 -1.87 -9.68 9.64
N GLY F 145 -2.41 -10.34 8.63
CA GLY F 145 -1.70 -10.58 7.38
C GLY F 145 -2.43 -10.14 6.11
N CYS F 146 -1.78 -10.43 4.96
CA CYS F 146 -2.24 -10.03 3.64
C CYS F 146 -1.48 -10.89 2.62
N LEU F 147 -2.17 -11.75 1.87
CA LEU F 147 -1.49 -12.72 0.98
C LEU F 147 -1.66 -12.41 -0.50
N VAL F 148 -0.58 -12.57 -1.26
CA VAL F 148 -0.56 -12.24 -2.69
C VAL F 148 0.13 -13.36 -3.47
N LYS F 149 -0.65 -14.23 -4.11
CA LYS F 149 -0.10 -15.44 -4.71
C LYS F 149 -0.27 -15.45 -6.24
N GLY F 150 0.39 -16.42 -6.89
CA GLY F 150 0.30 -16.69 -8.33
C GLY F 150 0.38 -15.54 -9.33
N TYR F 151 1.54 -14.89 -9.44
CA TYR F 151 1.69 -13.69 -10.32
C TYR F 151 2.96 -13.54 -11.16
N PHE F 152 3.01 -12.49 -11.99
CA PHE F 152 4.17 -12.19 -12.83
C PHE F 152 4.12 -10.81 -13.53
N PRO F 153 5.25 -10.10 -13.60
CA PRO F 153 6.47 -10.35 -12.83
C PRO F 153 6.64 -9.32 -11.70
N GLU F 154 7.83 -9.28 -11.14
CA GLU F 154 8.18 -8.28 -10.16
C GLU F 154 8.00 -6.91 -10.79
N PRO F 155 7.61 -5.91 -9.97
CA PRO F 155 7.27 -6.11 -8.58
C PRO F 155 5.76 -6.12 -8.40
N VAL F 156 5.33 -5.73 -7.21
CA VAL F 156 3.95 -5.42 -6.85
C VAL F 156 4.10 -4.56 -5.59
N THR F 157 3.17 -3.64 -5.36
CA THR F 157 3.24 -2.85 -4.13
C THR F 157 2.06 -3.11 -3.18
N LEU F 158 2.39 -3.74 -2.06
CA LEU F 158 1.48 -3.93 -0.95
C LEU F 158 1.69 -2.77 0.03
N THR F 159 0.59 -2.30 0.62
CA THR F 159 0.67 -1.42 1.80
C THR F 159 -0.53 -1.62 2.72
N TRP F 160 -0.43 -1.11 3.95
CA TRP F 160 -1.55 -1.10 4.90
C TRP F 160 -2.02 0.34 5.14
N ASN F 161 -3.33 0.54 5.00
CA ASN F 161 -3.98 1.85 5.09
C ASN F 161 -3.45 2.92 4.13
N SER F 162 -3.34 2.54 2.85
CA SER F 162 -2.87 3.40 1.77
C SER F 162 -1.42 3.86 1.97
N GLY F 163 -0.99 3.87 3.23
CA GLY F 163 0.36 4.21 3.65
C GLY F 163 0.35 4.61 5.12
N SER F 164 -0.86 4.86 5.63
CA SER F 164 -1.09 5.43 6.97
C SER F 164 -0.66 4.50 8.10
N LEU F 165 -0.57 3.21 7.80
CA LEU F 165 -0.06 2.25 8.75
C LEU F 165 1.25 1.68 8.20
N SER F 166 2.31 1.79 9.00
CA SER F 166 3.65 1.45 8.54
C SER F 166 4.52 0.84 9.63
N SER F 167 4.77 1.64 10.67
CA SER F 167 5.58 1.27 11.84
C SER F 167 5.45 -0.21 12.27
N GLY F 168 6.26 -1.07 11.69
CA GLY F 168 6.21 -2.50 12.00
C GLY F 168 5.45 -3.38 11.01
N VAL F 169 5.54 -3.03 9.73
CA VAL F 169 5.06 -3.89 8.63
C VAL F 169 6.17 -4.87 8.21
N HIS F 170 5.78 -5.98 7.57
CA HIS F 170 6.76 -6.95 7.07
C HIS F 170 6.33 -7.54 5.74
N THR F 171 7.01 -7.17 4.66
CA THR F 171 6.76 -7.76 3.35
C THR F 171 7.91 -8.68 2.90
N PHE F 172 7.60 -9.97 2.84
CA PHE F 172 8.62 -10.98 2.65
C PHE F 172 8.95 -11.15 1.18
N PRO F 173 10.25 -11.31 0.86
CA PRO F 173 10.69 -11.44 -0.52
C PRO F 173 9.85 -12.44 -1.29
N ALA F 174 9.42 -12.06 -2.49
CA ALA F 174 8.58 -12.94 -3.30
C ALA F 174 9.27 -14.27 -3.62
N VAL F 175 8.47 -15.23 -4.05
CA VAL F 175 8.96 -16.59 -4.21
C VAL F 175 8.36 -17.23 -5.45
N LEU F 176 9.14 -18.04 -6.15
CA LEU F 176 8.70 -18.59 -7.42
C LEU F 176 8.12 -20.00 -7.40
N GLN F 177 6.80 -20.09 -7.26
CA GLN F 177 6.07 -21.34 -7.52
C GLN F 177 5.84 -21.51 -9.02
N SER F 178 6.57 -22.48 -9.57
CA SER F 178 6.70 -22.65 -11.01
C SER F 178 6.97 -21.30 -11.69
N ASP F 179 6.15 -20.94 -12.69
CA ASP F 179 6.33 -19.69 -13.40
C ASP F 179 5.47 -18.62 -12.81
N LEU F 180 5.18 -18.77 -11.51
CA LEU F 180 4.46 -17.74 -10.80
C LEU F 180 5.20 -17.36 -9.53
N TYR F 181 4.75 -16.26 -8.93
CA TYR F 181 5.37 -15.66 -7.77
C TYR F 181 4.45 -15.75 -6.57
N THR F 182 4.96 -15.37 -5.39
CA THR F 182 4.15 -15.43 -4.18
C THR F 182 4.71 -14.51 -3.11
N LEU F 183 3.83 -13.79 -2.42
CA LEU F 183 4.22 -12.84 -1.38
C LEU F 183 3.16 -12.70 -0.27
N SER F 184 3.54 -12.05 0.83
CA SER F 184 2.63 -11.72 1.93
C SER F 184 3.27 -10.70 2.86
N SER F 185 2.45 -9.83 3.44
CA SER F 185 2.93 -8.91 4.47
C SER F 185 2.20 -9.05 5.81
N SER F 186 2.91 -8.72 6.88
CA SER F 186 2.34 -8.84 8.21
C SER F 186 2.39 -7.50 8.95
N VAL F 187 1.46 -7.30 9.88
CA VAL F 187 1.40 -6.10 10.70
C VAL F 187 0.86 -6.40 12.10
N THR F 188 1.36 -5.66 13.09
CA THR F 188 1.10 -5.96 14.50
C THR F 188 0.57 -4.73 15.30
N VAL F 189 -0.73 -4.73 15.54
CA VAL F 189 -1.48 -3.61 16.13
C VAL F 189 -1.80 -3.87 17.60
N THR F 190 -2.14 -2.81 18.35
CA THR F 190 -2.70 -2.93 19.71
C THR F 190 -4.06 -3.60 19.60
N SER F 191 -4.29 -4.62 20.42
CA SER F 191 -5.60 -5.27 20.52
C SER F 191 -6.75 -4.25 20.36
N SER F 192 -6.58 -3.09 21.01
CA SER F 192 -7.57 -2.00 21.02
C SER F 192 -7.89 -1.42 19.65
N THR F 193 -6.85 -1.18 18.86
CA THR F 193 -7.01 -0.48 17.58
C THR F 193 -7.58 -1.32 16.42
N TRP F 194 -7.31 -2.63 16.37
CA TRP F 194 -8.12 -3.42 15.45
C TRP F 194 -9.39 -3.86 16.14
N PRO F 195 -9.86 -5.09 15.86
CA PRO F 195 -11.29 -5.28 15.69
C PRO F 195 -11.98 -3.94 15.39
N SER F 196 -12.18 -3.11 16.43
CA SER F 196 -12.77 -1.76 16.33
C SER F 196 -12.48 -1.01 15.01
N GLN F 197 -11.35 -0.29 14.98
CA GLN F 197 -10.91 0.45 13.79
C GLN F 197 -10.34 -0.48 12.73
N SER F 198 -10.75 -0.24 11.48
CA SER F 198 -10.42 -1.09 10.34
C SER F 198 -9.03 -0.84 9.74
N ILE F 199 -8.52 -1.84 8.99
CA ILE F 199 -7.29 -1.71 8.22
C ILE F 199 -7.48 -2.35 6.84
N THR F 200 -7.62 -1.51 5.83
CA THR F 200 -7.77 -1.96 4.44
C THR F 200 -6.40 -2.19 3.79
N CYS F 201 -6.17 -3.41 3.30
CA CYS F 201 -4.86 -3.83 2.79
C CYS F 201 -4.70 -3.52 1.30
N ASN F 202 -3.98 -2.43 1.03
CA ASN F 202 -3.91 -1.82 -0.30
C ASN F 202 -2.78 -2.37 -1.15
N VAL F 203 -3.14 -3.14 -2.16
CA VAL F 203 -2.15 -3.78 -3.02
C VAL F 203 -2.36 -3.44 -4.48
N ALA F 204 -1.25 -3.32 -5.21
CA ALA F 204 -1.27 -3.02 -6.65
C ALA F 204 -0.18 -3.77 -7.43
N HIS F 205 -0.53 -4.22 -8.62
CA HIS F 205 0.43 -4.84 -9.55
C HIS F 205 0.62 -3.89 -10.71
N PRO F 206 1.88 -3.56 -11.07
CA PRO F 206 2.09 -2.66 -12.20
C PRO F 206 1.74 -3.32 -13.54
N ALA F 207 2.36 -4.46 -13.85
CA ALA F 207 2.15 -5.11 -15.14
C ALA F 207 0.71 -5.57 -15.39
N SER F 208 -0.12 -5.56 -14.35
CA SER F 208 -1.56 -5.86 -14.49
C SER F 208 -2.39 -4.58 -14.38
N SER F 209 -2.13 -3.83 -13.31
CA SER F 209 -2.79 -2.55 -13.01
C SER F 209 -4.09 -2.73 -12.22
N THR F 210 -3.98 -3.18 -10.98
CA THR F 210 -5.16 -3.37 -10.12
C THR F 210 -5.01 -2.80 -8.71
N LYS F 211 -5.94 -1.92 -8.34
CA LYS F 211 -6.05 -1.34 -7.00
C LYS F 211 -7.10 -2.08 -6.15
N VAL F 212 -6.72 -3.24 -5.64
CA VAL F 212 -7.59 -4.06 -4.81
C VAL F 212 -7.14 -3.88 -3.36
N ASP F 213 -8.06 -3.42 -2.50
CA ASP F 213 -7.72 -2.97 -1.13
C ASP F 213 -8.58 -3.60 -0.02
N LYS F 214 -8.18 -4.77 0.47
CA LYS F 214 -9.01 -5.60 1.36
C LYS F 214 -8.99 -5.24 2.85
N LYS F 215 -9.86 -5.90 3.64
CA LYS F 215 -9.93 -5.66 5.08
C LYS F 215 -10.37 -6.94 5.82
N GLN A 10 9.93 42.46 -16.04
CA GLN A 10 8.79 42.07 -16.93
C GLN A 10 8.00 43.30 -17.36
N GLY A 11 8.02 44.33 -16.51
CA GLY A 11 7.31 45.59 -16.79
C GLY A 11 6.37 45.97 -15.64
N ARG A 12 6.30 47.27 -15.36
CA ARG A 12 5.42 47.79 -14.33
C ARG A 12 3.95 47.80 -14.82
N GLY A 13 3.79 47.81 -16.16
CA GLY A 13 2.46 47.84 -16.76
C GLY A 13 1.62 46.65 -16.37
N ALA A 14 2.18 45.45 -16.57
CA ALA A 14 1.48 44.19 -16.25
C ALA A 14 0.77 44.21 -14.89
N TRP A 15 1.53 44.51 -13.84
CA TRP A 15 1.00 44.60 -12.48
C TRP A 15 -0.13 45.64 -12.45
N LEU A 16 0.09 46.83 -13.07
CA LEU A 16 -0.95 47.87 -13.11
C LEU A 16 -2.15 47.47 -14.00
N LEU A 17 -1.93 46.57 -14.96
CA LEU A 17 -3.01 46.08 -15.81
C LEU A 17 -4.01 45.36 -14.94
N MET A 18 -3.52 44.38 -14.16
CA MET A 18 -4.39 43.61 -13.28
C MET A 18 -4.89 44.44 -12.09
N ALA A 19 -4.03 45.25 -11.49
CA ALA A 19 -4.43 46.11 -10.38
C ALA A 19 -5.74 46.84 -10.71
N PHE A 20 -5.82 47.43 -11.91
CA PHE A 20 -7.04 48.11 -12.35
C PHE A 20 -8.10 47.05 -12.62
N THR A 21 -7.73 46.01 -13.37
CA THR A 21 -8.67 44.95 -13.76
C THR A 21 -9.58 44.52 -12.56
N ALA A 22 -9.01 44.44 -11.37
CA ALA A 22 -9.79 44.10 -10.18
C ALA A 22 -10.45 45.31 -9.50
N LEU A 23 -9.68 46.32 -9.13
CA LEU A 23 -10.24 47.54 -8.53
C LEU A 23 -11.34 48.03 -9.46
N ALA A 24 -11.21 47.67 -10.75
CA ALA A 24 -12.17 48.07 -11.76
C ALA A 24 -13.44 47.22 -11.72
N LEU A 25 -13.24 45.91 -11.86
CA LEU A 25 -14.33 44.95 -11.84
C LEU A 25 -14.87 44.81 -10.42
N GLU A 26 -13.98 44.83 -9.45
CA GLU A 26 -14.37 44.66 -8.07
C GLU A 26 -15.03 45.92 -7.41
N LEU A 27 -14.63 47.09 -7.85
CA LEU A 27 -15.23 48.31 -7.33
C LEU A 27 -16.63 48.45 -7.96
N THR A 28 -16.75 48.17 -9.27
CA THR A 28 -18.05 48.24 -9.95
C THR A 28 -19.06 47.43 -9.16
N ALA A 29 -18.54 46.40 -8.49
CA ALA A 29 -19.35 45.51 -7.65
C ALA A 29 -20.29 46.32 -6.76
N LEU A 30 -19.80 47.49 -6.29
CA LEU A 30 -20.57 48.38 -5.41
C LEU A 30 -21.81 48.96 -6.09
N TRP A 31 -21.76 49.03 -7.42
CA TRP A 31 -22.88 49.53 -8.23
C TRP A 31 -24.21 48.98 -7.69
N PHE A 32 -25.30 49.49 -8.27
CA PHE A 32 -26.68 49.12 -7.91
C PHE A 32 -26.75 48.39 -6.57
N GLN A 33 -27.09 47.09 -6.60
CA GLN A 33 -27.20 46.28 -5.39
C GLN A 33 -28.23 46.82 -4.44
N HIS A 34 -28.36 48.14 -4.41
CA HIS A 34 -29.21 48.79 -3.44
C HIS A 34 -30.73 48.68 -3.66
N VAL A 35 -31.25 49.19 -4.77
CA VAL A 35 -32.70 49.10 -5.02
C VAL A 35 -33.05 47.76 -5.64
N MET A 36 -32.24 47.32 -6.61
CA MET A 36 -32.49 46.06 -7.30
C MET A 36 -32.49 44.81 -6.28
N LEU A 37 -32.62 45.16 -5.00
CA LEU A 37 -32.70 44.17 -3.86
C LEU A 37 -31.25 43.33 -4.20
N LEU A 38 -30.38 43.81 -3.07
CA LEU A 38 -29.41 43.23 -2.24
C LEU A 38 -28.52 44.21 -1.47
N LYS A 39 -27.62 43.60 -0.71
CA LYS A 39 -26.58 44.32 0.02
C LYS A 39 -25.87 43.35 0.98
N PRO A 40 -26.62 42.81 1.95
CA PRO A 40 -26.13 41.91 3.06
C PRO A 40 -24.76 41.23 2.85
N SER A 41 -24.44 40.89 1.62
CA SER A 41 -23.17 40.26 1.30
C SER A 41 -23.08 38.89 1.95
N VAL A 42 -23.41 38.83 3.23
CA VAL A 42 -23.30 37.60 4.00
C VAL A 42 -21.82 37.14 3.92
N LEU A 43 -21.60 35.88 3.54
CA LEU A 43 -20.24 35.29 3.42
C LEU A 43 -19.39 36.19 2.53
N CYS A 44 -20.05 36.95 1.67
CA CYS A 44 -19.37 37.82 0.72
C CYS A 44 -18.45 38.94 1.41
N ILE A 45 -18.87 39.48 2.56
CA ILE A 45 -18.02 40.47 3.23
C ILE A 45 -16.69 39.78 3.67
N TYR A 46 -16.81 38.56 4.18
CA TYR A 46 -15.63 37.79 4.59
C TYR A 46 -14.76 37.55 3.35
N GLU A 47 -15.41 37.27 2.23
CA GLU A 47 -14.74 37.03 0.95
C GLU A 47 -14.38 38.31 0.20
N ARG A 48 -15.09 39.39 0.48
CA ARG A 48 -14.81 40.63 -0.23
C ARG A 48 -13.34 40.88 -0.09
N VAL A 49 -12.85 40.69 1.14
CA VAL A 49 -11.42 40.86 1.46
C VAL A 49 -10.50 40.10 0.47
N ALA A 50 -10.98 39.02 -0.12
CA ALA A 50 -10.16 38.25 -1.08
C ALA A 50 -9.52 39.14 -2.17
N LEU A 51 -10.28 40.06 -2.76
CA LEU A 51 -9.73 40.95 -3.82
C LEU A 51 -8.64 41.91 -3.31
N PHE A 52 -8.78 42.41 -2.08
CA PHE A 52 -7.76 43.29 -1.50
C PHE A 52 -6.46 42.49 -1.33
N GLY A 53 -6.59 41.19 -1.11
CA GLY A 53 -5.44 40.33 -1.01
C GLY A 53 -4.74 40.37 -2.36
N VAL A 54 -5.53 40.26 -3.44
CA VAL A 54 -5.00 40.31 -4.81
C VAL A 54 -4.68 41.74 -5.26
N LEU A 55 -5.65 42.65 -5.14
CA LEU A 55 -5.43 44.05 -5.50
C LEU A 55 -4.39 44.60 -4.56
N GLY A 56 -4.57 44.37 -3.25
CA GLY A 56 -3.61 44.82 -2.23
C GLY A 56 -2.20 44.55 -2.71
N ALA A 57 -1.94 43.29 -3.05
CA ALA A 57 -0.65 42.84 -3.60
C ALA A 57 -0.34 43.46 -4.97
N ALA A 58 -1.39 43.67 -5.78
CA ALA A 58 -1.24 44.27 -7.11
C ALA A 58 -0.94 45.76 -7.04
N LEU A 59 -1.75 46.49 -6.27
CA LEU A 59 -1.57 47.94 -6.07
C LEU A 59 -0.30 48.25 -5.24
N ILE A 60 -0.10 47.57 -4.11
CA ILE A 60 1.11 47.81 -3.30
C ILE A 60 2.36 47.22 -3.95
N GLY A 61 2.20 46.06 -4.58
CA GLY A 61 3.27 45.37 -5.30
C GLY A 61 3.38 45.96 -6.71
N ALA A 62 2.58 47.01 -6.94
CA ALA A 62 2.58 47.69 -8.22
C ALA A 62 3.66 48.80 -8.27
N ILE A 63 3.99 49.40 -7.10
CA ILE A 63 4.98 50.50 -7.10
C ILE A 63 6.37 50.01 -7.46
N ALA A 64 6.81 48.96 -6.75
CA ALA A 64 8.13 48.39 -6.92
C ALA A 64 8.41 47.97 -8.36
N PRO A 65 7.52 47.18 -8.94
CA PRO A 65 7.63 46.65 -10.33
C PRO A 65 8.36 47.72 -11.28
N LYS A 66 8.66 47.16 -12.56
CA LYS A 66 9.41 47.31 -13.60
C LYS A 66 9.88 45.73 -13.46
N THR A 67 9.69 45.16 -12.23
CA THR A 67 9.98 43.76 -11.88
C THR A 67 11.30 43.63 -11.11
N PRO A 68 11.44 44.28 -9.95
CA PRO A 68 12.66 44.16 -9.19
C PRO A 68 12.69 42.87 -8.20
N LEU A 69 13.42 43.06 -7.10
CA LEU A 69 13.62 42.02 -6.12
C LEU A 69 12.34 41.77 -5.27
N ARG A 70 11.37 42.67 -5.41
CA ARG A 70 10.11 42.59 -4.67
C ARG A 70 9.03 41.67 -5.43
N TYR A 71 9.49 41.05 -6.50
CA TYR A 71 8.65 40.15 -7.28
C TYR A 71 8.02 39.06 -6.41
N VAL A 72 8.26 39.15 -5.10
CA VAL A 72 7.71 38.19 -4.16
C VAL A 72 6.22 38.32 -4.20
N ALA A 73 5.75 39.56 -4.47
CA ALA A 73 4.31 39.84 -4.55
C ALA A 73 3.53 38.73 -5.25
N MET A 74 4.24 37.94 -6.05
CA MET A 74 3.61 36.88 -6.78
C MET A 74 2.96 35.75 -5.82
N VAL A 75 3.74 35.32 -4.85
CA VAL A 75 3.28 34.29 -3.94
C VAL A 75 2.03 34.74 -3.19
N ILE A 76 2.02 35.96 -2.71
CA ILE A 76 0.85 36.48 -2.02
C ILE A 76 -0.35 36.61 -3.03
N TRP A 77 -0.03 36.81 -4.31
CA TRP A 77 -1.03 36.87 -5.41
C TRP A 77 -1.64 35.46 -5.55
N LEU A 78 -0.78 34.45 -5.48
CA LEU A 78 -1.23 33.06 -5.58
C LEU A 78 -2.19 32.81 -4.46
N TYR A 79 -1.75 33.09 -3.22
CA TYR A 79 -2.58 32.85 -2.03
C TYR A 79 -3.94 33.54 -2.13
N SER A 80 -3.92 34.86 -2.24
CA SER A 80 -5.16 35.64 -2.29
C SER A 80 -6.19 35.16 -3.35
N ALA A 81 -5.74 34.79 -4.53
CA ALA A 81 -6.64 34.27 -5.55
C ALA A 81 -7.18 32.92 -5.10
N PHE A 82 -6.30 32.08 -4.55
CA PHE A 82 -6.67 30.75 -4.04
C PHE A 82 -7.70 30.89 -2.92
N ARG A 83 -7.27 31.48 -1.80
CA ARG A 83 -8.14 31.72 -0.66
C ARG A 83 -9.48 32.25 -1.19
N GLY A 84 -9.44 33.10 -2.20
CA GLY A 84 -10.68 33.60 -2.79
C GLY A 84 -11.51 32.45 -3.36
N VAL A 85 -10.84 31.51 -4.05
CA VAL A 85 -11.56 30.39 -4.66
C VAL A 85 -12.30 29.57 -3.60
N GLN A 86 -11.69 29.44 -2.41
CA GLN A 86 -12.32 28.66 -1.33
C GLN A 86 -13.62 29.29 -0.79
N LEU A 87 -13.58 30.61 -0.51
CA LEU A 87 -14.77 31.34 -0.04
C LEU A 87 -15.91 31.34 -1.10
N THR A 88 -15.61 31.59 -2.39
CA THR A 88 -16.66 31.55 -3.44
C THR A 88 -17.14 30.13 -3.69
N TYR A 89 -16.23 29.17 -3.66
CA TYR A 89 -16.60 27.77 -3.94
C TYR A 89 -17.71 27.27 -3.01
N GLU A 90 -17.53 27.43 -1.69
CA GLU A 90 -18.56 27.02 -0.75
C GLU A 90 -19.78 27.89 -0.93
N HIS A 91 -19.57 29.17 -1.20
CA HIS A 91 -20.68 30.07 -1.45
C HIS A 91 -21.54 29.58 -2.63
N THR A 92 -20.91 29.06 -3.69
CA THR A 92 -21.68 28.61 -4.84
C THR A 92 -22.48 27.40 -4.42
N MET A 93 -21.77 26.36 -3.99
CA MET A 93 -22.40 25.13 -3.53
C MET A 93 -23.58 25.43 -2.58
N LEU A 94 -23.29 26.08 -1.47
CA LEU A 94 -24.30 26.44 -0.50
C LEU A 94 -25.46 27.30 -1.08
N GLN A 95 -25.22 28.04 -2.17
CA GLN A 95 -26.27 28.84 -2.82
C GLN A 95 -27.24 27.92 -3.55
N LEU A 96 -26.84 26.67 -3.74
CA LEU A 96 -27.68 25.70 -4.42
C LEU A 96 -27.75 24.41 -3.63
N TYR A 97 -27.67 24.57 -2.32
CA TYR A 97 -27.67 23.49 -1.39
C TYR A 97 -27.78 24.12 0.00
N PRO A 98 -28.95 24.40 0.54
CA PRO A 98 -29.02 25.03 1.87
C PRO A 98 -28.42 24.07 2.88
N SER A 99 -28.36 24.46 4.15
CA SER A 99 -27.73 23.60 5.15
C SER A 99 -28.18 23.93 6.56
N PRO A 100 -28.10 25.20 6.95
CA PRO A 100 -28.45 25.71 8.30
C PRO A 100 -29.90 26.07 8.48
N PHE A 101 -30.34 26.10 9.74
CA PHE A 101 -31.74 26.41 10.09
C PHE A 101 -32.32 27.58 9.30
N ALA A 102 -33.64 27.79 9.42
CA ALA A 102 -34.26 28.87 8.69
C ALA A 102 -33.78 30.19 9.29
N THR A 103 -32.47 30.39 9.23
CA THR A 103 -31.86 31.58 9.78
C THR A 103 -30.50 31.77 8.88
N CYS A 104 -29.94 32.93 9.01
CA CYS A 104 -28.79 33.20 8.24
C CYS A 104 -27.48 33.26 9.21
N ASP A 105 -26.33 33.21 8.57
CA ASP A 105 -25.10 33.16 9.33
C ASP A 105 -25.03 34.20 10.47
N PHE A 106 -25.13 33.67 11.70
CA PHE A 106 -25.17 34.49 12.90
C PHE A 106 -23.85 34.43 13.68
N MET A 107 -22.74 34.72 12.97
CA MET A 107 -21.38 34.82 13.56
C MET A 107 -20.72 33.52 14.18
N VAL A 108 -20.79 32.42 13.41
CA VAL A 108 -20.21 31.12 13.80
C VAL A 108 -19.09 30.71 12.81
N LEU A 114 -10.83 45.49 10.34
CA LEU A 114 -12.32 45.46 10.29
C LEU A 114 -12.87 46.87 10.52
N PRO A 115 -12.31 47.64 11.44
CA PRO A 115 -12.76 49.02 11.73
C PRO A 115 -12.20 50.09 10.82
N LEU A 116 -11.00 50.59 11.17
CA LEU A 116 -10.32 51.60 10.35
C LEU A 116 -10.58 52.97 10.96
N ASP A 117 -9.78 53.96 10.53
CA ASP A 117 -9.89 55.36 11.01
C ASP A 117 -9.78 56.39 9.85
N LYS A 118 -8.69 56.32 9.08
CA LYS A 118 -8.41 57.32 8.03
C LYS A 118 -9.61 57.74 7.17
N TRP A 119 -10.25 56.79 6.49
CA TRP A 119 -11.36 57.12 5.57
C TRP A 119 -12.79 57.12 6.19
N VAL A 120 -13.47 55.96 6.15
CA VAL A 120 -14.79 55.75 6.77
C VAL A 120 -15.08 54.26 6.87
N PRO A 121 -15.77 53.84 7.92
CA PRO A 121 -16.08 52.42 8.10
C PRO A 121 -17.16 51.88 7.11
N GLN A 122 -17.97 52.80 6.60
CA GLN A 122 -19.09 52.49 5.70
C GLN A 122 -18.85 51.32 4.68
N VAL A 123 -17.60 51.06 4.32
CA VAL A 123 -17.30 49.99 3.36
C VAL A 123 -17.89 48.63 3.79
N PHE A 124 -18.20 48.49 5.08
CA PHE A 124 -18.78 47.23 5.61
C PHE A 124 -20.10 46.85 4.91
N VAL A 125 -20.36 45.52 4.85
CA VAL A 125 -21.59 45.01 4.24
C VAL A 125 -22.02 43.71 4.95
N ALA A 126 -23.18 43.79 5.62
CA ALA A 126 -23.68 42.65 6.40
C ALA A 126 -25.19 42.73 6.64
N SER A 127 -25.67 43.76 7.33
CA SER A 127 -27.11 43.86 7.64
C SER A 127 -28.01 43.57 6.43
N GLY A 128 -29.32 43.62 6.67
CA GLY A 128 -30.32 43.37 5.63
C GLY A 128 -30.84 41.95 5.71
N ASP A 129 -29.92 40.99 5.80
CA ASP A 129 -30.24 39.55 5.86
C ASP A 129 -30.25 38.87 4.48
N CYS A 130 -30.89 37.68 4.44
CA CYS A 130 -31.02 36.91 3.21
C CYS A 130 -32.48 36.81 2.78
N ALA A 131 -32.65 36.72 1.48
CA ALA A 131 -33.92 36.45 0.86
C ALA A 131 -33.68 35.11 0.23
N GLU A 132 -34.71 34.45 -0.26
CA GLU A 132 -34.53 33.15 -0.87
C GLU A 132 -34.60 33.28 -2.39
N ARG A 133 -35.07 34.44 -2.82
CA ARG A 133 -35.19 34.72 -4.26
C ARG A 133 -34.28 35.87 -4.63
N GLN A 134 -33.25 35.54 -5.42
CA GLN A 134 -32.29 36.52 -5.89
C GLN A 134 -32.51 36.68 -7.40
N TRP A 135 -33.10 37.80 -7.82
CA TRP A 135 -33.34 38.02 -9.23
C TRP A 135 -32.17 38.82 -9.88
N ASP A 136 -31.07 38.10 -10.08
CA ASP A 136 -29.87 38.66 -10.68
C ASP A 136 -30.21 39.20 -12.06
N PHE A 137 -29.30 40.03 -12.58
CA PHE A 137 -29.51 40.76 -13.85
C PHE A 137 -29.13 40.04 -15.17
N LEU A 138 -28.04 39.28 -15.14
CA LEU A 138 -27.54 38.53 -16.28
C LEU A 138 -27.81 37.00 -16.14
N GLY A 139 -27.22 36.21 -17.06
CA GLY A 139 -27.39 34.76 -17.07
C GLY A 139 -27.02 34.11 -15.74
N LEU A 140 -26.11 34.75 -15.01
CA LEU A 140 -25.66 34.24 -13.71
C LEU A 140 -25.53 35.43 -12.74
N GLU A 141 -25.60 35.12 -11.45
CA GLU A 141 -25.49 36.13 -10.41
C GLU A 141 -24.03 36.45 -10.13
N MET A 142 -23.76 36.99 -8.94
CA MET A 142 -22.41 37.35 -8.59
C MET A 142 -21.55 36.14 -8.50
N PRO A 143 -21.48 35.41 -7.39
CA PRO A 143 -20.59 34.25 -7.33
C PRO A 143 -20.48 33.56 -8.69
N GLN A 144 -20.47 32.24 -8.67
CA GLN A 144 -20.38 31.45 -9.89
C GLN A 144 -19.54 32.17 -10.96
N TRP A 145 -20.22 33.04 -11.74
CA TRP A 145 -19.53 33.81 -12.79
C TRP A 145 -18.25 34.33 -12.14
N LEU A 146 -18.44 35.01 -10.99
CA LEU A 146 -17.34 35.62 -10.19
C LEU A 146 -16.23 34.64 -9.80
N LEU A 147 -16.57 33.40 -9.50
CA LEU A 147 -15.53 32.37 -9.19
C LEU A 147 -14.69 32.14 -10.44
N GLY A 148 -15.33 32.11 -11.62
CA GLY A 148 -14.62 31.89 -12.88
C GLY A 148 -13.53 32.93 -13.11
N ILE A 149 -13.87 34.20 -12.88
CA ILE A 149 -12.92 35.29 -13.05
C ILE A 149 -11.73 35.15 -12.01
N PHE A 150 -12.04 34.68 -10.80
CA PHE A 150 -11.01 34.47 -9.78
C PHE A 150 -10.05 33.39 -10.23
N ILE A 151 -10.59 32.38 -10.90
CA ILE A 151 -9.73 31.32 -11.42
C ILE A 151 -8.80 32.02 -12.47
N ALA A 152 -9.40 32.91 -13.26
CA ALA A 152 -8.65 33.69 -14.26
C ALA A 152 -7.44 34.47 -13.68
N TYR A 153 -7.60 35.06 -12.50
CA TYR A 153 -6.52 35.79 -11.86
C TYR A 153 -5.52 34.77 -11.32
N LEU A 154 -6.05 33.78 -10.57
CA LEU A 154 -5.23 32.71 -10.00
C LEU A 154 -4.38 32.10 -11.10
N ILE A 155 -5.01 31.70 -12.18
CA ILE A 155 -4.29 31.07 -13.23
C ILE A 155 -3.21 32.14 -13.99
N VAL A 156 -3.69 33.34 -14.22
CA VAL A 156 -2.83 34.37 -14.76
C VAL A 156 -1.66 34.50 -13.77
N ALA A 157 -1.95 34.29 -12.47
CA ALA A 157 -0.92 34.36 -11.43
C ALA A 157 -0.05 33.09 -11.34
N VAL A 158 -0.66 31.91 -11.18
CA VAL A 158 0.16 30.72 -11.09
C VAL A 158 0.97 30.59 -12.38
N LEU A 159 0.31 30.87 -13.51
CA LEU A 159 0.94 30.73 -14.86
C LEU A 159 2.34 31.40 -15.01
N VAL A 160 2.57 32.51 -14.30
CA VAL A 160 3.88 33.19 -14.34
C VAL A 160 4.87 32.49 -13.36
N VAL A 161 4.40 32.12 -12.15
CA VAL A 161 5.26 31.40 -11.21
C VAL A 161 5.56 29.99 -11.75
N ILE A 162 4.60 29.36 -12.42
CA ILE A 162 4.83 28.02 -12.96
C ILE A 162 5.07 28.02 -14.49
N ASP B 21 -40.59 22.38 15.02
CA ASP B 21 -39.88 22.04 13.75
C ASP B 21 -40.87 21.76 12.63
N ILE B 22 -40.40 21.17 11.55
CA ILE B 22 -41.31 20.63 10.56
C ILE B 22 -41.81 19.30 11.12
N VAL B 23 -43.10 18.99 10.91
CA VAL B 23 -43.62 17.64 11.18
C VAL B 23 -44.02 16.85 9.93
N MET B 24 -43.29 15.75 9.72
CA MET B 24 -43.63 14.76 8.71
C MET B 24 -44.58 13.76 9.33
N SER B 25 -45.57 13.40 8.53
CA SER B 25 -46.65 12.53 8.94
C SER B 25 -47.09 11.78 7.71
N GLN B 26 -46.88 10.46 7.71
CA GLN B 26 -47.31 9.59 6.62
C GLN B 26 -48.63 8.88 6.94
N SER B 27 -49.43 8.59 5.94
CA SER B 27 -50.55 7.67 6.07
C SER B 27 -50.44 6.66 4.94
N PRO B 28 -50.85 5.40 5.16
CA PRO B 28 -51.34 4.82 6.40
C PRO B 28 -50.18 4.22 7.19
N SER B 29 -50.48 3.67 8.36
CA SER B 29 -49.50 2.91 9.11
C SER B 29 -49.04 1.67 8.34
N SER B 30 -50.01 0.94 7.79
CA SER B 30 -49.71 -0.33 7.11
C SER B 30 -50.40 -0.49 5.76
N LEU B 31 -49.75 -1.24 4.88
CA LEU B 31 -50.29 -1.65 3.58
C LEU B 31 -50.06 -3.13 3.32
N ALA B 32 -51.11 -3.80 2.87
CA ALA B 32 -50.96 -5.15 2.35
C ALA B 32 -51.06 -5.08 0.82
N VAL B 33 -50.37 -6.00 0.15
CA VAL B 33 -50.47 -6.13 -1.32
C VAL B 33 -49.94 -7.49 -1.81
N SER B 34 -50.59 -8.03 -2.85
CA SER B 34 -50.16 -9.28 -3.44
C SER B 34 -48.98 -8.98 -4.35
N ALA B 35 -47.98 -9.86 -4.27
CA ALA B 35 -46.64 -9.60 -4.85
C ALA B 35 -46.63 -9.27 -6.35
N GLY B 36 -46.66 -7.97 -6.66
CA GLY B 36 -46.50 -7.54 -8.05
C GLY B 36 -47.38 -6.37 -8.40
N GLU B 37 -47.90 -5.72 -7.37
CA GLU B 37 -48.86 -4.63 -7.55
C GLU B 37 -48.26 -3.22 -7.50
N LYS B 38 -49.11 -2.22 -7.72
CA LYS B 38 -48.74 -0.82 -7.52
C LYS B 38 -49.25 -0.33 -6.17
N VAL B 39 -48.34 0.30 -5.41
CA VAL B 39 -48.66 0.89 -4.11
C VAL B 39 -48.10 2.29 -4.09
N THR B 40 -48.89 3.20 -3.56
CA THR B 40 -48.50 4.60 -3.49
C THR B 40 -48.86 5.15 -2.11
N MET B 41 -47.96 5.01 -1.14
CA MET B 41 -48.21 5.64 0.16
C MET B 41 -47.82 7.15 0.15
N SER B 42 -48.31 7.89 1.14
CA SER B 42 -48.18 9.34 1.11
C SER B 42 -47.47 9.93 2.31
N CYS B 43 -46.64 10.94 2.03
CA CYS B 43 -45.93 11.71 3.03
C CYS B 43 -46.32 13.18 2.91
N LYS B 44 -46.85 13.73 3.99
CA LYS B 44 -47.19 15.16 4.04
C LYS B 44 -46.42 15.91 5.13
N SER B 45 -45.80 17.02 4.76
CA SER B 45 -45.05 17.82 5.71
C SER B 45 -45.78 19.09 6.12
N SER B 46 -45.54 19.54 7.36
CA SER B 46 -46.23 20.70 7.91
C SER B 46 -45.84 22.01 7.24
N GLN B 47 -44.65 22.02 6.65
CA GLN B 47 -44.05 23.21 6.08
C GLN B 47 -43.74 22.95 4.64
N SER B 48 -43.98 23.92 3.76
CA SER B 48 -43.66 23.66 2.36
C SER B 48 -42.17 23.40 2.20
N LEU B 49 -41.83 22.51 1.29
CA LEU B 49 -40.43 22.09 1.12
C LEU B 49 -39.76 22.63 -0.16
N LEU B 50 -40.33 23.67 -0.76
CA LEU B 50 -39.78 24.24 -2.00
C LEU B 50 -38.86 25.44 -1.76
N ASN B 51 -37.74 25.47 -2.47
CA ASN B 51 -36.95 26.69 -2.58
C ASN B 51 -37.50 27.59 -3.67
N SER B 52 -37.32 28.89 -3.52
CA SER B 52 -37.55 29.80 -4.64
C SER B 52 -36.57 29.43 -5.77
N ARG B 53 -35.26 29.46 -5.50
CA ARG B 53 -34.26 29.07 -6.49
C ARG B 53 -34.15 27.54 -6.64
N THR B 54 -34.45 27.12 -7.88
CA THR B 54 -34.70 25.72 -8.29
C THR B 54 -35.89 25.11 -7.61
N ARG B 55 -36.81 24.58 -8.41
CA ARG B 55 -37.73 23.57 -7.91
C ARG B 55 -36.85 22.47 -7.34
N LYS B 56 -36.74 22.47 -6.01
CA LYS B 56 -35.89 21.55 -5.30
C LYS B 56 -36.67 21.22 -4.04
N ASN B 57 -37.19 20.00 -3.96
CA ASN B 57 -38.16 19.76 -2.92
C ASN B 57 -37.71 19.10 -1.64
N TYR B 58 -36.40 18.98 -1.46
CA TYR B 58 -35.77 18.73 -0.15
C TYR B 58 -36.42 17.67 0.79
N LEU B 59 -37.01 16.66 0.17
CA LEU B 59 -37.58 15.56 0.87
C LEU B 59 -36.90 14.32 0.38
N ALA B 60 -36.57 13.42 1.31
CA ALA B 60 -36.12 12.09 0.94
C ALA B 60 -37.06 10.97 1.44
N TRP B 61 -37.00 9.82 0.76
CA TRP B 61 -37.68 8.59 1.14
C TRP B 61 -36.63 7.55 1.47
N TYR B 62 -36.69 6.99 2.68
CA TYR B 62 -35.78 5.91 3.05
C TYR B 62 -36.57 4.65 3.29
N GLN B 63 -36.13 3.56 2.70
CA GLN B 63 -36.73 2.28 3.01
C GLN B 63 -35.88 1.63 4.08
N GLN B 64 -36.51 0.85 4.96
CA GLN B 64 -35.79 0.17 6.05
C GLN B 64 -36.31 -1.23 6.22
N LYS B 65 -35.50 -2.21 5.88
CA LYS B 65 -35.91 -3.62 5.96
C LYS B 65 -35.93 -4.14 7.39
N PRO B 66 -36.68 -5.22 7.67
CA PRO B 66 -36.80 -5.70 9.05
C PRO B 66 -35.42 -5.95 9.69
N GLY B 67 -35.14 -5.19 10.76
CA GLY B 67 -33.87 -5.27 11.46
C GLY B 67 -32.76 -4.96 10.49
N GLN B 68 -32.77 -3.73 10.00
CA GLN B 68 -31.70 -3.19 9.14
C GLN B 68 -31.62 -1.69 9.22
N SER B 69 -30.43 -1.17 8.92
CA SER B 69 -30.29 0.25 8.78
C SER B 69 -31.11 0.70 7.57
N PRO B 70 -31.83 1.84 7.71
CA PRO B 70 -32.54 2.39 6.55
C PRO B 70 -31.63 2.49 5.31
N LYS B 71 -32.19 2.37 4.12
CA LYS B 71 -31.46 2.60 2.85
C LYS B 71 -32.01 3.83 2.13
N LEU B 72 -31.13 4.61 1.52
CA LEU B 72 -31.59 5.77 0.73
C LEU B 72 -32.27 5.28 -0.55
N LEU B 73 -33.35 5.94 -0.92
CA LEU B 73 -34.24 5.42 -1.97
C LEU B 73 -34.51 6.45 -3.04
N ILE B 74 -34.93 7.63 -2.59
CA ILE B 74 -35.20 8.75 -3.46
C ILE B 74 -34.72 9.98 -2.73
N TYR B 75 -33.93 10.81 -3.38
CA TYR B 75 -33.71 12.14 -2.84
C TYR B 75 -34.38 13.27 -3.62
N TRP B 76 -34.23 14.49 -3.10
CA TRP B 76 -34.86 15.69 -3.65
C TRP B 76 -36.37 15.66 -3.82
N ALA B 77 -36.90 14.56 -4.34
CA ALA B 77 -38.33 14.18 -4.17
C ALA B 77 -38.69 13.22 -5.26
N SER B 78 -38.06 13.49 -6.43
CA SER B 78 -38.24 12.77 -7.68
C SER B 78 -37.10 11.81 -7.91
N THR B 79 -35.87 12.31 -7.79
CA THR B 79 -34.66 11.60 -8.25
C THR B 79 -34.27 10.35 -7.44
N ARG B 80 -34.15 9.23 -8.15
CA ARG B 80 -33.81 7.94 -7.56
C ARG B 80 -32.30 7.81 -7.36
N GLU B 81 -31.90 6.84 -6.55
CA GLU B 81 -30.51 6.73 -6.14
C GLU B 81 -29.82 5.44 -6.64
N SER B 82 -28.52 5.56 -6.94
CA SER B 82 -27.70 4.48 -7.51
C SER B 82 -28.21 3.08 -7.21
N GLY B 83 -28.86 2.47 -8.20
CA GLY B 83 -29.40 1.11 -8.05
C GLY B 83 -30.78 1.06 -7.44
N VAL B 84 -31.57 2.11 -7.62
CA VAL B 84 -32.98 2.05 -7.31
C VAL B 84 -33.68 1.63 -8.59
N PRO B 85 -34.40 0.51 -8.55
CA PRO B 85 -35.24 0.10 -9.68
C PRO B 85 -36.37 1.11 -9.96
N ASP B 86 -36.51 1.46 -11.24
CA ASP B 86 -37.45 2.49 -11.73
C ASP B 86 -38.79 2.45 -11.01
N ARG B 87 -39.13 1.26 -10.49
CA ARG B 87 -40.44 0.95 -9.90
C ARG B 87 -40.82 1.81 -8.70
N PHE B 88 -39.82 2.14 -7.87
CA PHE B 88 -40.05 3.11 -6.82
C PHE B 88 -40.05 4.44 -7.54
N THR B 89 -41.11 5.22 -7.35
CA THR B 89 -41.17 6.57 -7.95
C THR B 89 -41.54 7.60 -6.91
N GLY B 90 -40.95 8.78 -7.03
CA GLY B 90 -41.22 9.86 -6.10
C GLY B 90 -41.91 11.00 -6.79
N SER B 91 -43.17 11.21 -6.44
CA SER B 91 -43.88 12.37 -6.91
C SER B 91 -44.03 13.25 -5.69
N GLY B 92 -44.66 14.41 -5.87
CA GLY B 92 -44.96 15.28 -4.74
C GLY B 92 -44.29 16.61 -4.90
N SER B 93 -44.74 17.60 -4.16
CA SER B 93 -44.27 18.97 -4.31
C SER B 93 -45.02 19.91 -3.42
N GLY B 94 -44.29 20.80 -2.75
CA GLY B 94 -44.87 21.62 -1.71
C GLY B 94 -44.92 20.83 -0.42
N THR B 95 -46.12 20.57 0.09
CA THR B 95 -46.27 19.88 1.36
C THR B 95 -46.75 18.44 1.16
N ASP B 96 -46.66 17.92 -0.06
CA ASP B 96 -47.45 16.76 -0.47
C ASP B 96 -46.75 15.70 -1.28
N PHE B 97 -46.10 14.78 -0.61
CA PHE B 97 -45.31 13.81 -1.33
C PHE B 97 -45.92 12.43 -1.28
N THR B 98 -45.60 11.65 -2.32
CA THR B 98 -46.16 10.31 -2.49
C THR B 98 -45.07 9.37 -3.06
N LEU B 99 -44.94 8.20 -2.43
CA LEU B 99 -44.02 7.20 -2.94
C LEU B 99 -44.82 6.08 -3.55
N THR B 100 -44.36 5.60 -4.69
CA THR B 100 -45.09 4.64 -5.51
C THR B 100 -44.21 3.48 -6.01
N ILE B 101 -44.56 2.26 -5.60
CA ILE B 101 -43.76 1.08 -5.91
C ILE B 101 -44.57 0.15 -6.76
N SER B 102 -44.25 0.09 -8.06
CA SER B 102 -44.91 -0.85 -8.97
C SER B 102 -44.17 -2.20 -9.00
N SER B 103 -44.93 -3.27 -9.20
CA SER B 103 -44.39 -4.64 -9.33
C SER B 103 -43.70 -5.09 -8.05
N VAL B 104 -44.44 -5.01 -6.94
CA VAL B 104 -43.92 -5.34 -5.61
C VAL B 104 -43.29 -6.73 -5.52
N GLN B 105 -41.97 -6.78 -5.55
CA GLN B 105 -41.31 -8.02 -5.28
C GLN B 105 -41.40 -8.38 -3.81
N ALA B 106 -40.98 -9.61 -3.49
CA ALA B 106 -41.12 -10.16 -2.16
C ALA B 106 -40.14 -9.48 -1.20
N GLU B 107 -38.98 -9.11 -1.75
CA GLU B 107 -37.92 -8.41 -1.04
C GLU B 107 -38.21 -6.92 -1.07
N ASP B 108 -39.44 -6.57 -0.70
CA ASP B 108 -39.87 -5.19 -0.57
C ASP B 108 -40.67 -5.08 0.72
N LEU B 109 -40.47 -6.05 1.61
CA LEU B 109 -41.06 -5.95 2.93
C LEU B 109 -40.28 -4.92 3.73
N ALA B 110 -40.94 -3.83 4.09
CA ALA B 110 -40.22 -2.75 4.74
C ALA B 110 -41.12 -1.70 5.36
N VAL B 111 -40.53 -0.86 6.20
CA VAL B 111 -41.15 0.40 6.52
C VAL B 111 -40.43 1.48 5.69
N TYR B 112 -41.23 2.39 5.14
CA TYR B 112 -40.79 3.45 4.24
C TYR B 112 -40.94 4.78 4.94
N TYR B 113 -39.83 5.47 5.11
CA TYR B 113 -39.76 6.66 5.94
C TYR B 113 -39.52 7.83 5.02
N CYS B 114 -40.22 8.94 5.24
CA CYS B 114 -39.87 10.13 4.51
C CYS B 114 -39.12 11.02 5.46
N LYS B 115 -38.16 11.77 4.92
CA LYS B 115 -37.36 12.71 5.71
C LYS B 115 -37.41 14.07 5.04
N GLN B 116 -37.54 15.11 5.85
CA GLN B 116 -37.34 16.43 5.31
C GLN B 116 -35.94 16.86 5.63
N SER B 117 -35.31 17.57 4.69
CA SER B 117 -34.00 18.17 4.93
C SER B 117 -34.00 19.64 4.54
N TYR B 118 -35.16 20.29 4.65
CA TYR B 118 -35.28 21.70 4.33
C TYR B 118 -34.90 22.55 5.50
N ASN B 119 -35.18 22.09 6.71
CA ASN B 119 -34.75 22.82 7.88
C ASN B 119 -34.59 21.85 9.00
N LEU B 120 -33.33 21.49 9.23
CA LEU B 120 -32.92 20.35 10.05
C LEU B 120 -33.43 19.05 9.40
N TYR B 121 -33.32 17.93 10.10
CA TYR B 121 -33.75 16.66 9.55
C TYR B 121 -34.95 16.14 10.34
N THR B 122 -36.15 16.06 9.75
CA THR B 122 -37.21 15.27 10.41
C THR B 122 -37.72 14.11 9.57
N PHE B 123 -38.26 13.10 10.26
CA PHE B 123 -38.76 11.85 9.65
C PHE B 123 -40.29 11.73 9.79
N GLY B 124 -40.89 10.94 8.91
CA GLY B 124 -42.28 10.59 9.07
C GLY B 124 -42.32 9.49 10.09
N GLY B 125 -43.51 9.01 10.40
CA GLY B 125 -43.67 7.95 11.36
C GLY B 125 -43.34 6.59 10.78
N GLY B 126 -43.65 6.41 9.49
CA GLY B 126 -43.36 5.16 8.83
C GLY B 126 -44.62 4.57 8.29
N THR B 127 -44.49 3.73 7.27
CA THR B 127 -45.59 3.04 6.62
C THR B 127 -45.06 1.63 6.40
N LYS B 128 -45.68 0.66 7.06
CA LYS B 128 -45.28 -0.73 6.94
C LYS B 128 -45.93 -1.40 5.72
N LEU B 129 -45.12 -1.74 4.71
CA LEU B 129 -45.61 -2.46 3.54
C LEU B 129 -45.43 -3.97 3.73
N GLU B 130 -46.41 -4.60 4.36
CA GLU B 130 -46.37 -6.06 4.58
C GLU B 130 -47.05 -6.82 3.45
N ILE B 131 -46.43 -7.93 3.03
CA ILE B 131 -46.91 -8.70 1.87
C ILE B 131 -48.10 -9.61 2.17
N LYS B 132 -48.93 -9.80 1.14
CA LYS B 132 -49.95 -10.82 1.09
C LYS B 132 -49.29 -12.10 0.61
N ALA B 134 -50.80 -16.42 -0.65
CA ALA B 134 -51.59 -17.63 -0.41
C ALA B 134 -51.06 -18.42 0.78
N ASP B 135 -51.98 -19.03 1.54
CA ASP B 135 -51.66 -19.68 2.81
C ASP B 135 -50.58 -20.78 2.68
N ALA B 136 -50.01 -21.19 3.83
CA ALA B 136 -49.15 -22.38 3.90
C ALA B 136 -49.18 -23.04 5.30
N ALA B 137 -48.80 -24.31 5.37
CA ALA B 137 -48.87 -25.12 6.60
C ALA B 137 -47.68 -24.93 7.56
N PRO B 138 -47.97 -24.53 8.81
CA PRO B 138 -46.93 -24.37 9.86
C PRO B 138 -46.17 -25.66 10.09
N THR B 139 -44.86 -25.56 10.36
CA THR B 139 -44.00 -26.74 10.42
C THR B 139 -43.41 -27.00 11.82
N VAL B 140 -44.20 -27.52 12.75
CA VAL B 140 -43.77 -27.64 14.17
C VAL B 140 -42.67 -28.68 14.42
N SER B 141 -41.99 -28.55 15.56
CA SER B 141 -40.85 -29.38 15.97
C SER B 141 -40.54 -29.09 17.45
N ILE B 142 -40.71 -30.09 18.32
CA ILE B 142 -40.51 -29.89 19.77
C ILE B 142 -39.08 -30.12 20.27
N PHE B 143 -38.72 -29.36 21.28
CA PHE B 143 -37.35 -29.33 21.83
C PHE B 143 -37.31 -29.39 23.36
N PRO B 144 -36.80 -30.52 23.91
CA PRO B 144 -36.67 -30.76 25.34
C PRO B 144 -35.67 -29.81 26.00
N PRO B 145 -35.71 -29.65 27.32
CA PRO B 145 -34.67 -28.93 28.05
C PRO B 145 -33.26 -29.34 27.64
N SER B 146 -32.27 -28.53 27.96
CA SER B 146 -30.86 -28.91 27.77
C SER B 146 -30.21 -29.31 29.08
N SER B 147 -29.56 -30.48 29.04
CA SER B 147 -28.84 -31.03 30.19
C SER B 147 -28.42 -29.95 31.18
N GLU B 148 -27.60 -28.99 30.71
CA GLU B 148 -27.00 -27.99 31.59
C GLU B 148 -28.02 -27.07 32.23
N GLN B 149 -29.03 -26.66 31.47
CA GLN B 149 -30.14 -25.86 32.01
C GLN B 149 -30.71 -26.55 33.25
N LEU B 150 -30.89 -27.87 33.13
CA LEU B 150 -31.41 -28.71 34.19
C LEU B 150 -30.45 -28.73 35.35
N THR B 151 -29.23 -29.21 35.11
CA THR B 151 -28.21 -29.33 36.16
C THR B 151 -27.80 -27.96 36.73
N SER B 152 -28.38 -26.91 36.18
CA SER B 152 -28.28 -25.57 36.76
C SER B 152 -29.62 -25.05 37.28
N GLY B 153 -30.55 -25.97 37.55
CA GLY B 153 -31.72 -25.69 38.40
C GLY B 153 -32.98 -25.16 37.74
N GLY B 154 -33.17 -25.49 36.46
CA GLY B 154 -34.36 -25.07 35.72
C GLY B 154 -34.65 -25.96 34.54
N ALA B 155 -35.83 -25.79 33.94
CA ALA B 155 -36.25 -26.62 32.80
C ALA B 155 -37.24 -25.91 31.89
N SER B 156 -36.89 -25.80 30.59
CA SER B 156 -37.73 -25.10 29.64
C SER B 156 -37.92 -25.92 28.38
N VAL B 157 -39.16 -25.98 27.89
CA VAL B 157 -39.49 -26.77 26.71
C VAL B 157 -40.13 -25.92 25.61
N VAL B 158 -39.56 -25.96 24.40
CA VAL B 158 -39.97 -25.10 23.27
C VAL B 158 -40.31 -25.87 22.00
N CYS B 159 -41.26 -25.34 21.23
CA CYS B 159 -41.44 -25.79 19.85
C CYS B 159 -41.60 -24.64 18.87
N PHE B 160 -40.85 -24.73 17.77
CA PHE B 160 -40.88 -23.73 16.71
C PHE B 160 -41.98 -24.05 15.71
N LEU B 161 -42.60 -23.02 15.17
CA LEU B 161 -43.64 -23.14 14.16
C LEU B 161 -43.16 -22.42 12.90
N ASN B 162 -42.22 -23.02 12.18
CA ASN B 162 -41.60 -22.32 11.07
C ASN B 162 -42.52 -22.18 9.87
N ASN B 163 -42.24 -21.16 9.05
CA ASN B 163 -42.78 -20.93 7.71
C ASN B 163 -44.30 -21.00 7.46
N PHE B 164 -45.11 -20.49 8.41
CA PHE B 164 -46.56 -20.50 8.20
C PHE B 164 -47.11 -19.17 7.72
N TYR B 165 -48.37 -19.18 7.31
CA TYR B 165 -49.08 -18.01 6.77
C TYR B 165 -50.56 -18.36 6.54
N PRO B 166 -51.50 -17.51 7.00
CA PRO B 166 -51.37 -16.21 7.66
C PRO B 166 -50.93 -16.29 9.12
N LYS B 167 -50.81 -15.11 9.74
CA LYS B 167 -50.33 -14.90 11.12
C LYS B 167 -51.02 -15.81 12.14
N ASP B 168 -52.33 -15.97 11.99
CA ASP B 168 -53.16 -16.57 13.03
C ASP B 168 -52.93 -18.07 13.19
N ILE B 169 -52.49 -18.43 14.40
CA ILE B 169 -52.16 -19.79 14.77
C ILE B 169 -52.30 -19.97 16.29
N ASN B 170 -53.25 -20.80 16.70
CA ASN B 170 -53.45 -21.08 18.12
C ASN B 170 -52.70 -22.36 18.52
N VAL B 171 -51.56 -22.15 19.17
CA VAL B 171 -50.66 -23.23 19.55
C VAL B 171 -50.95 -23.67 20.99
N LYS B 172 -51.29 -24.96 21.14
CA LYS B 172 -51.74 -25.52 22.40
C LYS B 172 -50.81 -26.61 22.90
N TRP B 173 -50.27 -26.41 24.10
CA TRP B 173 -49.38 -27.39 24.76
C TRP B 173 -50.18 -28.51 25.44
N LYS B 174 -49.64 -29.74 25.39
CA LYS B 174 -50.26 -30.91 26.05
C LYS B 174 -49.25 -31.66 26.93
N ILE B 175 -49.63 -31.85 28.20
CA ILE B 175 -48.89 -32.76 29.06
C ILE B 175 -49.63 -34.09 29.05
N ASP B 176 -49.09 -35.04 28.27
CA ASP B 176 -49.73 -36.34 27.93
C ASP B 176 -51.17 -36.28 27.41
N GLY B 177 -51.89 -35.22 27.78
CA GLY B 177 -53.30 -35.01 27.44
C GLY B 177 -53.91 -33.92 28.31
N SER B 178 -53.45 -33.86 29.57
CA SER B 178 -53.84 -32.80 30.52
C SER B 178 -53.17 -31.49 30.15
N GLU B 179 -53.97 -30.44 29.94
CA GLU B 179 -53.46 -29.22 29.33
C GLU B 179 -53.45 -28.00 30.25
N ARG B 180 -52.29 -27.73 30.85
CA ARG B 180 -52.05 -26.50 31.66
C ARG B 180 -51.43 -25.35 30.82
N GLN B 181 -51.51 -24.12 31.34
CA GLN B 181 -51.16 -22.94 30.53
C GLN B 181 -50.20 -21.92 31.16
N ASN B 182 -50.38 -21.63 32.45
CA ASN B 182 -49.56 -20.63 33.16
C ASN B 182 -48.02 -20.77 32.96
N GLY B 183 -47.46 -19.93 32.09
CA GLY B 183 -46.03 -19.94 31.79
C GLY B 183 -45.70 -20.44 30.40
N VAL B 184 -46.35 -19.84 29.40
CA VAL B 184 -46.23 -20.26 28.00
C VAL B 184 -46.13 -19.02 27.08
N LEU B 185 -44.91 -18.54 26.87
CA LEU B 185 -44.67 -17.25 26.18
C LEU B 185 -44.13 -17.37 24.75
N ASN B 186 -44.86 -16.76 23.81
CA ASN B 186 -44.62 -16.91 22.37
C ASN B 186 -43.83 -15.78 21.73
N SER B 187 -43.58 -15.91 20.43
CA SER B 187 -43.18 -14.79 19.57
C SER B 187 -43.16 -15.10 18.08
N TRP B 188 -43.88 -14.27 17.33
CA TRP B 188 -43.96 -14.38 15.88
C TRP B 188 -42.84 -13.52 15.32
N THR B 189 -42.06 -14.07 14.38
CA THR B 189 -41.17 -13.21 13.61
C THR B 189 -42.06 -12.26 12.84
N ASP B 190 -41.57 -11.06 12.59
CA ASP B 190 -42.22 -10.19 11.62
C ASP B 190 -41.96 -10.84 10.27
N GLN B 191 -43.03 -11.03 9.51
CA GLN B 191 -43.05 -11.68 8.19
C GLN B 191 -41.69 -11.73 7.43
N ASP B 192 -41.33 -12.93 6.95
CA ASP B 192 -40.12 -13.17 6.15
C ASP B 192 -40.10 -12.28 4.91
N SER B 193 -38.91 -12.00 4.38
CA SER B 193 -38.79 -11.12 3.21
C SER B 193 -38.53 -11.87 1.89
N LYS B 194 -37.84 -12.99 1.98
CA LYS B 194 -37.59 -13.84 0.82
C LYS B 194 -38.84 -14.67 0.52
N ASP B 195 -39.26 -15.43 1.51
CA ASP B 195 -40.41 -16.31 1.40
C ASP B 195 -41.71 -15.62 1.81
N SER B 196 -41.60 -14.52 2.54
CA SER B 196 -42.74 -13.67 2.89
C SER B 196 -43.82 -14.33 3.73
N THR B 197 -43.40 -15.15 4.69
CA THR B 197 -44.33 -15.84 5.57
C THR B 197 -43.85 -15.85 7.03
N TYR B 198 -44.77 -15.61 7.96
CA TYR B 198 -44.47 -15.59 9.40
C TYR B 198 -43.73 -16.83 9.92
N SER B 199 -43.40 -16.80 11.21
CA SER B 199 -42.92 -17.95 11.98
C SER B 199 -43.42 -17.76 13.41
N MET B 200 -43.02 -18.61 14.34
CA MET B 200 -43.43 -18.46 15.74
C MET B 200 -42.61 -19.36 16.64
N SER B 201 -42.66 -19.12 17.96
CA SER B 201 -41.98 -19.99 18.93
C SER B 201 -42.53 -19.87 20.34
N SER B 202 -43.22 -20.93 20.80
CA SER B 202 -43.76 -20.98 22.16
C SER B 202 -42.82 -21.67 23.13
N THR B 203 -42.73 -21.12 24.33
CA THR B 203 -41.82 -21.64 25.35
C THR B 203 -42.58 -21.92 26.64
N LEU B 204 -42.62 -23.19 26.99
CA LEU B 204 -43.15 -23.62 28.26
C LEU B 204 -41.99 -23.69 29.25
N THR B 205 -42.11 -22.94 30.34
CA THR B 205 -40.98 -22.75 31.24
C THR B 205 -41.30 -23.11 32.69
N LEU B 206 -40.84 -24.29 33.11
CA LEU B 206 -41.09 -24.84 34.45
C LEU B 206 -39.97 -24.60 35.45
N THR B 207 -40.10 -25.23 36.63
CA THR B 207 -38.97 -25.36 37.57
C THR B 207 -38.20 -26.65 37.23
N LYS B 208 -36.96 -26.77 37.72
CA LYS B 208 -36.14 -27.97 37.52
C LYS B 208 -36.87 -29.27 37.87
N ASP B 209 -37.57 -29.26 39.00
CA ASP B 209 -38.17 -30.45 39.63
C ASP B 209 -39.61 -30.74 39.16
N GLU B 210 -40.39 -29.69 38.95
CA GLU B 210 -41.74 -29.82 38.41
C GLU B 210 -41.82 -30.43 36.99
N TYR B 211 -40.70 -30.51 36.28
CA TYR B 211 -40.67 -30.98 34.88
C TYR B 211 -40.92 -32.49 34.73
N GLU B 212 -40.43 -33.27 35.68
CA GLU B 212 -40.58 -34.72 35.65
C GLU B 212 -41.90 -35.22 36.27
N ARG B 213 -42.81 -34.28 36.52
CA ARG B 213 -44.17 -34.53 37.02
C ARG B 213 -44.95 -35.50 36.13
N HIS B 214 -44.84 -35.32 34.82
CA HIS B 214 -45.43 -36.23 33.84
C HIS B 214 -44.33 -36.83 32.95
N ASN B 215 -44.74 -37.48 31.87
CA ASN B 215 -43.80 -38.09 30.94
C ASN B 215 -43.94 -37.55 29.50
N SER B 216 -45.10 -37.75 28.91
CA SER B 216 -45.33 -37.28 27.54
C SER B 216 -45.61 -35.78 27.51
N TYR B 217 -45.00 -35.12 26.51
CA TYR B 217 -45.23 -33.71 26.23
C TYR B 217 -45.47 -33.52 24.74
N THR B 218 -46.26 -32.51 24.40
CA THR B 218 -46.43 -32.11 22.99
C THR B 218 -46.95 -30.68 22.84
N CYS B 219 -47.00 -30.19 21.61
CA CYS B 219 -47.69 -28.95 21.32
C CYS B 219 -48.42 -29.10 19.99
N GLU B 220 -49.51 -28.36 19.84
CA GLU B 220 -50.27 -28.41 18.60
C GLU B 220 -50.54 -27.03 18.04
N ALA B 221 -50.55 -26.95 16.71
CA ALA B 221 -51.05 -25.79 16.00
C ALA B 221 -52.56 -25.94 15.78
N THR B 222 -53.16 -24.98 15.09
CA THR B 222 -54.56 -25.05 14.63
C THR B 222 -54.73 -24.19 13.38
N HIS B 223 -53.61 -23.58 12.98
CA HIS B 223 -53.49 -22.70 11.81
C HIS B 223 -54.38 -23.07 10.61
N LYS B 224 -55.08 -22.05 10.12
CA LYS B 224 -56.19 -22.22 9.19
C LYS B 224 -55.78 -22.52 7.75
N THR B 225 -54.87 -23.47 7.55
CA THR B 225 -54.73 -24.10 6.22
C THR B 225 -55.74 -25.25 6.15
N SER B 226 -55.83 -25.97 7.27
CA SER B 226 -57.03 -26.71 7.69
C SER B 226 -56.92 -26.87 9.21
N THR B 227 -58.03 -26.61 9.90
CA THR B 227 -58.03 -26.64 11.37
C THR B 227 -57.99 -28.09 11.92
N SER B 228 -57.09 -28.85 11.31
CA SER B 228 -56.71 -30.19 11.74
C SER B 228 -55.38 -30.04 12.50
N PRO B 229 -55.47 -29.92 13.85
CA PRO B 229 -54.36 -29.43 14.70
C PRO B 229 -53.04 -30.21 14.65
N ILE B 230 -52.11 -29.75 13.80
CA ILE B 230 -50.76 -30.34 13.62
C ILE B 230 -50.04 -30.56 14.96
N VAL B 231 -49.76 -31.83 15.25
CA VAL B 231 -49.18 -32.25 16.54
C VAL B 231 -47.73 -32.78 16.39
N LYS B 232 -46.88 -32.44 17.37
CA LYS B 232 -45.52 -32.97 17.42
C LYS B 232 -45.11 -33.16 18.87
N SER B 233 -44.66 -34.37 19.19
CA SER B 233 -44.54 -34.83 20.58
C SER B 233 -43.18 -35.45 20.94
N PHE B 234 -42.92 -35.54 22.24
CA PHE B 234 -41.84 -36.38 22.78
C PHE B 234 -42.20 -36.81 24.20
N ASN B 235 -41.42 -37.71 24.80
CA ASN B 235 -41.66 -38.14 26.19
C ASN B 235 -40.42 -38.19 27.08
N ARG B 236 -40.56 -37.57 28.25
CA ARG B 236 -39.49 -37.36 29.23
C ARG B 236 -38.45 -38.47 29.35
N ASN B 237 -38.71 -39.41 30.27
CA ASN B 237 -37.82 -40.53 30.66
C ASN B 237 -36.35 -40.55 30.17
N GLU B 238 -36.16 -40.74 28.87
CA GLU B 238 -34.80 -40.80 28.30
C GLU B 238 -34.07 -39.46 28.46
N CYS B 239 -34.77 -38.37 28.16
CA CYS B 239 -34.17 -37.04 28.10
C CYS B 239 -34.77 -36.08 29.13
N GLU C 1 -17.37 -1.81 -0.53
CA GLU C 1 -16.65 -0.61 -1.03
C GLU C 1 -16.50 0.43 0.09
N VAL C 2 -17.63 0.94 0.56
CA VAL C 2 -17.71 1.97 1.60
C VAL C 2 -18.38 1.40 2.85
N GLN C 3 -17.69 1.50 3.99
CA GLN C 3 -18.21 0.92 5.22
C GLN C 3 -18.24 1.87 6.41
N LEU C 4 -19.16 1.57 7.33
CA LEU C 4 -19.27 2.21 8.63
C LEU C 4 -19.66 1.15 9.67
N VAL C 5 -18.91 1.13 10.77
CA VAL C 5 -19.19 0.25 11.89
C VAL C 5 -19.06 1.05 13.16
N GLU C 6 -20.19 1.50 13.67
CA GLU C 6 -20.21 2.21 14.94
C GLU C 6 -20.18 1.16 16.02
N SER C 7 -19.81 1.55 17.24
CA SER C 7 -19.71 0.61 18.34
C SER C 7 -19.32 1.27 19.66
N GLY C 8 -19.37 0.47 20.71
CA GLY C 8 -18.94 0.87 22.04
C GLY C 8 -20.03 1.47 22.92
N GLY C 9 -21.09 0.72 23.21
CA GLY C 9 -22.12 1.24 24.09
C GLY C 9 -23.19 0.24 24.39
N GLY C 10 -23.46 0.03 25.67
CA GLY C 10 -24.57 -0.80 26.11
C GLY C 10 -25.47 -0.07 27.09
N LEU C 11 -25.40 -0.46 28.37
CA LEU C 11 -26.26 0.13 29.39
C LEU C 11 -25.54 1.23 30.17
N VAL C 12 -26.28 2.29 30.52
CA VAL C 12 -25.75 3.42 31.27
C VAL C 12 -26.84 4.01 32.13
N LYS C 13 -26.46 4.43 33.33
CA LYS C 13 -27.44 4.93 34.29
C LYS C 13 -27.85 6.36 33.93
N PRO C 14 -29.10 6.76 34.31
CA PRO C 14 -29.53 8.14 34.25
C PRO C 14 -28.46 9.13 34.70
N GLY C 15 -28.45 10.31 34.09
CA GLY C 15 -27.39 11.30 34.34
C GLY C 15 -26.03 10.84 33.84
N GLY C 16 -25.97 9.59 33.38
CA GLY C 16 -24.71 8.96 32.98
C GLY C 16 -23.95 9.52 31.80
N SER C 17 -22.91 8.79 31.39
CA SER C 17 -22.07 9.21 30.27
C SER C 17 -21.53 7.98 29.54
N LEU C 18 -21.02 8.19 28.33
CA LEU C 18 -20.61 7.10 27.42
C LEU C 18 -20.43 7.60 25.99
N LYS C 19 -19.35 7.14 25.35
CA LYS C 19 -18.90 7.65 24.06
C LYS C 19 -18.80 6.56 22.98
N LEU C 20 -19.42 6.81 21.82
CA LEU C 20 -19.48 5.82 20.74
C LEU C 20 -18.65 6.31 19.58
N SER C 21 -18.07 5.38 18.85
CA SER C 21 -17.23 5.75 17.72
C SER C 21 -17.64 4.97 16.51
N CYS C 22 -17.81 5.69 15.42
CA CYS C 22 -18.11 5.07 14.15
C CYS C 22 -16.78 4.86 13.47
N ALA C 23 -16.38 3.61 13.31
CA ALA C 23 -15.14 3.30 12.62
C ALA C 23 -15.41 3.38 11.12
N ALA C 24 -14.91 4.42 10.46
CA ALA C 24 -15.22 4.60 9.04
C ALA C 24 -14.18 3.96 8.15
N SER C 25 -14.59 3.28 7.08
CA SER C 25 -13.64 2.61 6.21
C SER C 25 -14.08 2.30 4.77
N GLY C 26 -13.53 3.07 3.83
CA GLY C 26 -13.65 2.73 2.41
C GLY C 26 -14.16 3.85 1.54
N PHE C 27 -13.94 5.08 1.99
CA PHE C 27 -14.25 6.28 1.21
C PHE C 27 -13.37 7.43 1.70
N ALA C 28 -13.24 8.46 0.87
CA ALA C 28 -12.48 9.66 1.23
C ALA C 28 -13.04 10.33 2.49
N PHE C 29 -12.74 9.76 3.65
CA PHE C 29 -13.34 10.22 4.88
C PHE C 29 -13.33 11.75 5.05
N SER C 30 -12.15 12.37 5.05
CA SER C 30 -12.03 13.79 5.46
C SER C 30 -12.79 14.78 4.56
N SER C 31 -13.35 14.27 3.49
CA SER C 31 -14.10 15.07 2.53
C SER C 31 -15.65 15.11 2.74
N TYR C 32 -16.21 14.05 3.31
CA TYR C 32 -17.64 14.03 3.60
C TYR C 32 -17.97 14.68 4.95
N ASP C 33 -19.26 14.96 5.19
CA ASP C 33 -19.76 15.31 6.52
C ASP C 33 -20.27 14.06 7.23
N MET C 34 -20.49 14.18 8.52
CA MET C 34 -20.96 13.02 9.26
C MET C 34 -22.10 13.38 10.20
N SER C 35 -23.00 12.39 10.39
CA SER C 35 -24.21 12.54 11.19
C SER C 35 -24.43 11.34 12.06
N TRP C 36 -25.29 11.51 13.06
CA TRP C 36 -25.52 10.47 14.07
C TRP C 36 -26.99 10.33 14.29
N VAL C 37 -27.60 9.31 13.73
CA VAL C 37 -29.03 9.11 13.88
C VAL C 37 -29.28 7.97 14.86
N ARG C 38 -30.26 8.16 15.76
CA ARG C 38 -30.72 7.10 16.65
C ARG C 38 -32.13 6.67 16.28
N GLN C 39 -32.53 5.49 16.72
CA GLN C 39 -33.88 5.02 16.48
C GLN C 39 -34.48 4.53 17.77
N THR C 40 -35.59 5.15 18.17
CA THR C 40 -36.18 4.85 19.47
C THR C 40 -36.76 3.45 19.52
N PRO C 41 -37.17 3.00 20.73
CA PRO C 41 -37.88 1.74 20.90
C PRO C 41 -39.22 1.69 20.21
N GLU C 42 -39.82 2.86 19.96
CA GLU C 42 -41.05 2.92 19.18
C GLU C 42 -40.76 2.70 17.69
N LYS C 43 -39.48 2.60 17.33
CA LYS C 43 -39.04 2.46 15.93
C LYS C 43 -38.95 3.82 15.25
N ARG C 44 -39.24 4.86 16.04
CA ARG C 44 -39.14 6.29 15.70
C ARG C 44 -37.71 6.68 15.24
N LEU C 45 -37.58 7.72 14.42
CA LEU C 45 -36.24 8.10 13.88
C LEU C 45 -35.79 9.54 14.13
N GLU C 46 -34.92 9.76 15.11
CA GLU C 46 -34.47 11.11 15.38
C GLU C 46 -33.01 11.34 14.97
N TRP C 47 -32.79 12.48 14.31
CA TRP C 47 -31.44 12.90 13.94
C TRP C 47 -30.88 13.52 15.19
N VAL C 48 -29.57 13.35 15.40
CA VAL C 48 -28.99 13.63 16.69
C VAL C 48 -27.81 14.61 16.68
N ALA C 49 -26.94 14.51 15.68
CA ALA C 49 -25.81 15.40 15.58
C ALA C 49 -25.30 15.43 14.17
N TYR C 50 -24.58 16.50 13.85
CA TYR C 50 -24.02 16.67 12.52
C TYR C 50 -22.73 17.40 12.65
N ILE C 51 -21.65 16.79 12.19
CA ILE C 51 -20.38 17.48 12.11
C ILE C 51 -20.01 17.75 10.65
N SER C 52 -19.42 18.91 10.40
CA SER C 52 -18.93 19.28 9.08
C SER C 52 -17.62 18.57 8.71
N SER C 53 -17.43 18.39 7.40
CA SER C 53 -16.25 17.71 6.81
C SER C 53 -14.94 17.89 7.59
N GLY C 54 -14.61 19.15 7.88
CA GLY C 54 -13.38 19.49 8.57
C GLY C 54 -13.62 19.87 10.02
N GLY C 55 -14.45 19.10 10.74
CA GLY C 55 -14.69 19.32 12.16
C GLY C 55 -15.06 20.72 12.57
N GLY C 56 -15.23 21.59 11.58
CA GLY C 56 -15.43 23.02 11.78
C GLY C 56 -16.67 23.32 12.58
N SER C 57 -17.83 23.19 11.93
CA SER C 57 -19.12 23.36 12.59
C SER C 57 -19.77 22.02 13.03
N THR C 58 -20.54 22.08 14.12
CA THR C 58 -21.37 20.94 14.52
C THR C 58 -22.78 21.46 14.68
N TYR C 59 -23.78 20.58 14.56
CA TYR C 59 -25.18 20.97 14.83
C TYR C 59 -25.97 19.91 15.62
N TYR C 60 -26.94 20.35 16.41
CA TYR C 60 -27.75 19.39 17.16
C TYR C 60 -29.18 19.82 17.31
N PRO C 61 -30.09 18.86 17.34
CA PRO C 61 -31.42 19.16 17.78
C PRO C 61 -31.32 19.73 19.18
N ASP C 62 -32.24 20.62 19.53
CA ASP C 62 -32.33 21.12 20.91
C ASP C 62 -32.45 20.03 21.97
N THR C 63 -32.92 18.84 21.58
CA THR C 63 -33.13 17.73 22.52
C THR C 63 -31.86 17.08 23.00
N VAL C 64 -30.76 17.26 22.29
CA VAL C 64 -29.47 16.87 22.87
C VAL C 64 -28.45 18.01 22.94
N LYS C 65 -28.80 19.17 22.39
CA LYS C 65 -27.85 20.28 22.41
C LYS C 65 -27.47 20.52 23.84
N GLY C 66 -26.16 20.52 24.08
CA GLY C 66 -25.61 20.69 25.42
C GLY C 66 -25.09 19.40 26.02
N ARG C 67 -25.81 18.30 25.80
CA ARG C 67 -25.49 17.02 26.42
C ARG C 67 -24.71 16.11 25.50
N PHE C 68 -24.57 16.50 24.23
CA PHE C 68 -24.01 15.62 23.17
C PHE C 68 -22.95 16.31 22.28
N THR C 69 -21.96 15.55 21.79
CA THR C 69 -20.75 16.16 21.19
C THR C 69 -20.13 15.40 19.99
N ILE C 70 -20.43 15.86 18.78
CA ILE C 70 -20.06 15.12 17.61
C ILE C 70 -18.64 15.47 17.13
N SER C 71 -17.65 14.79 17.67
CA SER C 71 -16.27 15.01 17.21
C SER C 71 -15.88 13.99 16.14
N ARG C 72 -14.79 14.28 15.42
CA ARG C 72 -14.19 13.33 14.46
C ARG C 72 -12.67 13.40 14.50
N ASP C 73 -12.04 12.33 14.02
CA ASP C 73 -10.60 12.27 13.95
C ASP C 73 -10.25 11.55 12.66
N ASN C 74 -9.98 12.32 11.62
CA ASN C 74 -9.64 11.77 10.28
C ASN C 74 -8.18 11.30 10.25
N ALA C 75 -7.56 11.28 11.44
CA ALA C 75 -6.29 10.63 11.59
C ALA C 75 -6.62 9.15 11.68
N LYS C 76 -7.40 8.78 12.69
CA LYS C 76 -7.79 7.38 12.82
C LYS C 76 -9.17 7.07 12.25
N ASN C 77 -9.62 7.92 11.32
CA ASN C 77 -10.80 7.66 10.51
C ASN C 77 -12.13 7.45 11.25
N THR C 78 -12.10 7.68 12.56
CA THR C 78 -13.28 7.49 13.40
C THR C 78 -14.15 8.76 13.47
N LEU C 79 -15.46 8.55 13.60
CA LEU C 79 -16.39 9.60 14.00
C LEU C 79 -16.68 9.33 15.46
N TYR C 80 -17.07 10.35 16.21
CA TYR C 80 -17.40 10.12 17.61
C TYR C 80 -18.70 10.78 18.04
N LEU C 81 -19.44 10.09 18.89
CA LEU C 81 -20.47 10.76 19.64
C LEU C 81 -20.23 10.58 21.14
N GLN C 82 -20.02 11.70 21.82
CA GLN C 82 -19.81 11.69 23.26
C GLN C 82 -21.07 12.14 23.98
N MET C 83 -21.79 11.17 24.55
CA MET C 83 -23.06 11.40 25.27
C MET C 83 -22.77 11.70 26.72
N SER C 84 -23.40 12.75 27.27
CA SER C 84 -23.33 13.03 28.70
C SER C 84 -24.73 12.99 29.32
N SER C 85 -25.00 13.85 30.30
CA SER C 85 -26.24 13.85 31.13
C SER C 85 -27.40 12.96 30.64
N LEU C 86 -27.20 11.65 30.69
CA LEU C 86 -28.03 10.75 29.91
C LEU C 86 -29.46 10.59 30.40
N LYS C 87 -30.40 11.11 29.63
CA LYS C 87 -31.83 10.85 29.82
C LYS C 87 -32.20 9.45 29.34
N SER C 88 -33.16 8.85 30.03
CA SER C 88 -33.74 7.57 29.65
C SER C 88 -34.60 7.67 28.38
N GLU C 89 -34.76 8.89 27.88
CA GLU C 89 -35.26 9.13 26.51
C GLU C 89 -34.19 8.72 25.48
N ASP C 90 -32.92 8.91 25.81
CA ASP C 90 -31.81 8.68 24.89
C ASP C 90 -31.69 7.22 24.47
N THR C 91 -32.31 6.37 25.28
CA THR C 91 -32.47 4.95 25.01
C THR C 91 -32.90 4.70 23.56
N ALA C 92 -31.95 4.31 22.70
CA ALA C 92 -32.26 3.99 21.31
C ALA C 92 -31.10 3.26 20.65
N MET C 93 -31.30 2.84 19.41
CA MET C 93 -30.23 2.30 18.56
C MET C 93 -29.55 3.47 17.88
N TYR C 94 -28.23 3.41 17.75
CA TYR C 94 -27.46 4.59 17.28
C TYR C 94 -26.72 4.47 15.94
N TYR C 95 -27.33 4.93 14.85
CA TYR C 95 -26.70 4.81 13.52
C TYR C 95 -25.78 5.97 13.24
N CYS C 96 -24.75 5.67 12.44
CA CYS C 96 -23.77 6.64 12.00
C CYS C 96 -23.98 6.76 10.50
N ALA C 97 -24.33 7.96 10.03
CA ALA C 97 -24.72 8.13 8.64
C ALA C 97 -23.83 9.08 7.80
N ARG C 98 -23.98 9.00 6.49
CA ARG C 98 -23.18 9.76 5.54
C ARG C 98 -24.06 10.56 4.59
N PRO C 99 -23.89 11.89 4.54
CA PRO C 99 -24.56 12.76 3.57
C PRO C 99 -23.63 13.42 2.54
N ASP C 100 -24.21 14.01 1.48
CA ASP C 100 -23.46 14.54 0.32
C ASP C 100 -23.22 16.07 0.34
N ALA C 105 -28.67 13.95 3.12
CA ALA C 105 -29.15 12.76 2.41
C ALA C 105 -28.25 11.56 2.70
N MET C 106 -28.56 10.89 3.82
CA MET C 106 -27.79 9.77 4.37
C MET C 106 -27.71 8.62 3.38
N ASP C 107 -26.56 8.42 2.77
CA ASP C 107 -26.48 7.46 1.68
C ASP C 107 -25.81 6.15 2.03
N TYR C 108 -24.94 6.15 3.04
CA TYR C 108 -24.39 4.91 3.63
C TYR C 108 -24.54 4.90 5.15
N TRP C 109 -25.42 4.03 5.64
CA TRP C 109 -25.75 3.96 7.06
C TRP C 109 -25.00 2.86 7.73
N GLY C 110 -24.79 2.98 9.02
CA GLY C 110 -24.04 1.97 9.76
C GLY C 110 -24.86 0.72 10.00
N GLN C 111 -25.03 0.38 11.27
CA GLN C 111 -25.64 -0.87 11.67
C GLN C 111 -26.19 -0.72 13.08
N GLY C 112 -25.68 0.29 13.77
CA GLY C 112 -26.15 0.60 15.12
C GLY C 112 -25.30 0.09 16.26
N THR C 113 -25.24 0.87 17.32
CA THR C 113 -24.93 0.36 18.63
C THR C 113 -26.18 0.70 19.38
N SER C 114 -26.80 -0.32 19.98
CA SER C 114 -27.90 -0.07 20.88
C SER C 114 -27.36 0.59 22.14
N VAL C 115 -28.07 1.59 22.65
CA VAL C 115 -27.71 2.20 23.93
C VAL C 115 -28.98 2.31 24.76
N THR C 116 -28.99 1.67 25.93
CA THR C 116 -30.13 1.84 26.84
C THR C 116 -29.79 2.50 28.17
N VAL C 117 -30.78 3.23 28.67
CA VAL C 117 -30.62 4.06 29.85
C VAL C 117 -31.76 3.69 30.77
N SER C 118 -31.36 3.26 31.97
CA SER C 118 -32.18 2.50 32.91
C SER C 118 -31.34 2.41 34.18
N SER C 119 -31.92 1.87 35.26
CA SER C 119 -31.14 1.64 36.49
C SER C 119 -31.05 0.14 36.85
N LYS C 121 -29.04 -2.41 35.74
CA LYS C 121 -28.87 -3.75 36.29
C LYS C 121 -28.63 -4.79 35.18
N THR C 122 -27.39 -4.79 34.69
CA THR C 122 -26.94 -5.72 33.64
C THR C 122 -27.02 -7.17 34.09
N THR C 123 -27.30 -8.08 33.16
CA THR C 123 -27.42 -9.50 33.45
C THR C 123 -26.97 -10.31 32.23
N ALA C 124 -25.82 -10.97 32.35
CA ALA C 124 -25.30 -11.83 31.30
C ALA C 124 -26.34 -12.88 30.89
N PRO C 125 -26.50 -13.13 29.57
CA PRO C 125 -27.52 -14.08 29.16
C PRO C 125 -27.09 -15.53 29.30
N SER C 126 -28.00 -16.38 29.75
CA SER C 126 -27.77 -17.82 29.82
C SER C 126 -28.08 -18.42 28.45
N VAL C 127 -27.19 -19.26 27.94
CA VAL C 127 -27.30 -19.81 26.57
C VAL C 127 -27.27 -21.33 26.57
N TYR C 128 -28.42 -21.93 26.28
CA TYR C 128 -28.51 -23.38 26.24
C TYR C 128 -28.75 -23.85 24.81
N PRO C 129 -28.04 -24.91 24.38
CA PRO C 129 -28.25 -25.44 23.03
C PRO C 129 -29.47 -26.32 22.96
N LEU C 130 -30.20 -26.26 21.85
CA LEU C 130 -31.41 -27.06 21.69
C LEU C 130 -31.23 -28.22 20.69
N ALA C 131 -30.91 -29.40 21.22
CA ALA C 131 -30.80 -30.61 20.40
C ALA C 131 -32.19 -31.24 20.19
N PRO C 132 -32.47 -31.80 19.00
CA PRO C 132 -33.81 -32.34 18.74
C PRO C 132 -34.16 -33.59 19.58
N VAL C 133 -35.37 -34.12 19.40
CA VAL C 133 -35.80 -35.37 20.04
C VAL C 133 -34.68 -36.42 20.11
N CYS C 134 -34.36 -36.94 21.31
CA CYS C 134 -33.26 -37.95 21.43
C CYS C 134 -33.51 -39.27 20.70
N GLY C 135 -34.74 -39.42 20.18
CA GLY C 135 -35.09 -40.50 19.28
C GLY C 135 -34.32 -40.36 17.99
N ASP C 136 -33.87 -41.49 17.45
CA ASP C 136 -33.03 -41.55 16.25
C ASP C 136 -33.86 -41.25 14.99
N THR C 137 -35.18 -41.36 15.16
CA THR C 137 -36.20 -40.98 14.16
C THR C 137 -35.77 -39.88 13.19
N THR C 138 -35.15 -40.30 12.08
CA THR C 138 -34.71 -39.36 11.07
C THR C 138 -35.88 -38.93 10.18
N GLY C 139 -36.07 -37.61 10.08
CA GLY C 139 -37.00 -36.99 9.14
C GLY C 139 -36.23 -36.73 7.86
N SER C 140 -36.14 -35.45 7.47
CA SER C 140 -35.41 -35.08 6.26
C SER C 140 -34.67 -33.75 6.40
N SER C 141 -35.41 -32.72 6.83
CA SER C 141 -34.88 -31.38 7.05
C SER C 141 -34.83 -31.15 8.53
N VAL C 142 -33.68 -31.49 9.12
CA VAL C 142 -33.44 -31.39 10.55
C VAL C 142 -33.34 -29.95 11.02
N THR C 143 -34.15 -29.57 12.00
CA THR C 143 -34.05 -28.25 12.59
C THR C 143 -33.51 -28.36 14.03
N LEU C 144 -32.52 -27.52 14.36
CA LEU C 144 -31.97 -27.46 15.70
C LEU C 144 -32.26 -26.08 16.22
N GLY C 145 -32.02 -25.88 17.51
CA GLY C 145 -32.27 -24.59 18.13
C GLY C 145 -31.16 -24.08 19.04
N CYS C 146 -31.33 -22.83 19.45
CA CYS C 146 -30.50 -22.20 20.47
C CYS C 146 -31.41 -21.36 21.36
N LEU C 147 -31.26 -21.49 22.68
CA LEU C 147 -32.12 -20.73 23.60
C LEU C 147 -31.35 -19.81 24.55
N VAL C 148 -31.84 -18.57 24.65
CA VAL C 148 -31.17 -17.47 25.35
C VAL C 148 -32.11 -16.81 26.38
N LYS C 149 -31.70 -16.85 27.64
CA LYS C 149 -32.65 -16.65 28.72
C LYS C 149 -32.06 -15.88 29.90
N GLY C 150 -32.92 -15.04 30.49
CA GLY C 150 -32.59 -14.29 31.71
C GLY C 150 -31.46 -13.30 31.48
N TYR C 151 -31.72 -12.29 30.65
CA TYR C 151 -30.73 -11.23 30.43
C TYR C 151 -31.32 -9.83 30.45
N PHE C 152 -30.41 -8.86 30.65
CA PHE C 152 -30.71 -7.46 30.50
C PHE C 152 -29.44 -6.72 30.08
N PRO C 153 -29.58 -5.75 29.16
CA PRO C 153 -30.79 -5.44 28.43
C PRO C 153 -30.73 -5.97 27.01
N GLU C 154 -31.75 -5.67 26.22
CA GLU C 154 -31.69 -5.81 24.77
C GLU C 154 -30.52 -4.97 24.26
N PRO C 155 -29.90 -5.36 23.14
CA PRO C 155 -30.18 -6.54 22.34
C PRO C 155 -29.22 -7.66 22.70
N VAL C 156 -29.37 -8.80 22.05
CA VAL C 156 -28.27 -9.76 21.96
C VAL C 156 -27.90 -9.90 20.49
N THR C 157 -26.88 -10.70 20.19
CA THR C 157 -26.51 -10.99 18.80
C THR C 157 -26.24 -12.47 18.60
N LEU C 158 -27.26 -13.16 18.06
CA LEU C 158 -27.21 -14.60 17.88
C LEU C 158 -26.81 -14.93 16.44
N THR C 159 -25.71 -15.67 16.30
CA THR C 159 -25.19 -16.07 15.00
C THR C 159 -24.99 -17.58 14.92
N TRP C 160 -25.51 -18.20 13.87
CA TRP C 160 -25.26 -19.61 13.61
C TRP C 160 -23.97 -19.79 12.83
N ASN C 161 -23.07 -20.58 13.41
CA ASN C 161 -21.75 -20.87 12.82
C ASN C 161 -20.99 -19.67 12.29
N SER C 162 -20.65 -18.73 13.18
CA SER C 162 -19.85 -17.54 12.86
C SER C 162 -20.38 -16.76 11.65
N GLY C 163 -21.71 -16.67 11.56
CA GLY C 163 -22.39 -15.97 10.48
C GLY C 163 -22.54 -16.79 9.20
N SER C 164 -21.87 -17.94 9.15
CA SER C 164 -21.85 -18.78 7.95
C SER C 164 -23.18 -19.50 7.70
N LEU C 165 -23.83 -19.94 8.79
CA LEU C 165 -25.20 -20.44 8.70
C LEU C 165 -26.13 -19.23 8.83
N SER C 166 -26.52 -18.70 7.67
CA SER C 166 -27.34 -17.50 7.62
C SER C 166 -28.62 -17.75 6.86
N SER C 167 -28.55 -18.65 5.87
CA SER C 167 -29.74 -18.99 5.07
C SER C 167 -30.57 -20.15 5.65
N GLY C 168 -31.71 -19.79 6.25
CA GLY C 168 -32.64 -20.75 6.80
C GLY C 168 -32.66 -20.75 8.31
N VAL C 169 -32.94 -19.59 8.90
CA VAL C 169 -32.91 -19.46 10.37
C VAL C 169 -33.90 -18.40 10.87
N HIS C 170 -34.58 -18.67 12.00
CA HIS C 170 -35.50 -17.70 12.61
C HIS C 170 -35.12 -17.32 14.04
N THR C 171 -35.09 -16.02 14.33
CA THR C 171 -34.70 -15.53 15.66
C THR C 171 -35.75 -14.62 16.30
N PHE C 172 -36.49 -15.19 17.23
CA PHE C 172 -37.77 -14.63 17.69
C PHE C 172 -37.63 -13.53 18.75
N PRO C 173 -38.34 -12.41 18.55
CA PRO C 173 -38.32 -11.22 19.40
C PRO C 173 -38.34 -11.50 20.89
N ALA C 174 -37.24 -11.21 21.59
CA ALA C 174 -37.15 -11.42 23.04
C ALA C 174 -38.35 -10.85 23.77
N VAL C 175 -38.83 -11.53 24.80
CA VAL C 175 -39.98 -11.03 25.58
C VAL C 175 -39.59 -10.53 26.97
N LEU C 176 -40.55 -9.88 27.61
CA LEU C 176 -40.30 -9.09 28.82
C LEU C 176 -40.94 -9.69 30.08
N GLN C 177 -40.79 -10.99 30.29
CA GLN C 177 -41.16 -11.58 31.58
C GLN C 177 -40.26 -10.98 32.67
N SER C 178 -40.87 -10.65 33.81
CA SER C 178 -40.17 -9.99 34.93
C SER C 178 -39.52 -8.66 34.51
N ASP C 179 -38.20 -8.72 34.30
CA ASP C 179 -37.36 -7.65 33.76
C ASP C 179 -36.08 -8.32 33.29
N LEU C 180 -36.27 -9.51 32.72
CA LEU C 180 -35.25 -10.26 32.00
C LEU C 180 -35.83 -10.67 30.64
N TYR C 181 -35.02 -10.55 29.60
CA TYR C 181 -35.52 -10.84 28.27
C TYR C 181 -35.18 -12.26 27.96
N THR C 182 -36.02 -12.93 27.19
CA THR C 182 -35.76 -14.32 26.81
C THR C 182 -36.13 -14.61 25.35
N LEU C 183 -35.19 -15.22 24.62
CA LEU C 183 -35.22 -15.30 23.16
C LEU C 183 -34.72 -16.63 22.58
N SER C 184 -35.42 -17.12 21.56
CA SER C 184 -35.19 -18.46 20.99
C SER C 184 -34.58 -18.36 19.59
N SER C 185 -33.98 -19.44 19.10
CA SER C 185 -33.43 -19.46 17.72
C SER C 185 -33.50 -20.79 16.96
N SER C 186 -34.33 -20.84 15.93
CA SER C 186 -34.43 -22.03 15.10
C SER C 186 -33.54 -21.87 13.90
N VAL C 187 -32.99 -22.98 13.43
CA VAL C 187 -32.25 -23.04 12.17
C VAL C 187 -32.50 -24.43 11.56
N THR C 188 -33.13 -24.46 10.39
CA THR C 188 -33.37 -25.73 9.69
C THR C 188 -32.07 -26.14 9.01
N VAL C 189 -31.98 -27.38 8.55
CA VAL C 189 -30.96 -27.77 7.57
C VAL C 189 -30.99 -29.27 7.22
N THR C 190 -30.60 -29.59 5.98
CA THR C 190 -30.54 -30.95 5.49
C THR C 190 -29.91 -31.91 6.47
N SER C 191 -30.46 -33.13 6.53
CA SER C 191 -29.97 -34.18 7.42
C SER C 191 -28.57 -34.57 7.00
N SER C 192 -28.26 -34.32 5.74
CA SER C 192 -26.92 -34.56 5.26
C SER C 192 -25.93 -33.62 5.94
N THR C 193 -26.31 -32.36 6.05
CA THR C 193 -25.44 -31.34 6.64
C THR C 193 -25.32 -31.40 8.18
N TRP C 194 -26.33 -31.87 8.91
CA TRP C 194 -26.09 -32.01 10.36
C TRP C 194 -25.30 -33.26 10.73
N PRO C 195 -25.63 -33.90 11.89
CA PRO C 195 -24.66 -34.43 12.88
C PRO C 195 -23.20 -34.49 12.41
N SER C 196 -22.95 -35.15 11.27
CA SER C 196 -21.65 -35.20 10.61
C SER C 196 -20.93 -33.86 10.69
N GLN C 197 -21.48 -32.88 9.99
CA GLN C 197 -20.94 -31.53 9.93
C GLN C 197 -21.39 -30.79 11.18
N SER C 198 -20.50 -30.03 11.80
CA SER C 198 -20.81 -29.30 13.04
C SER C 198 -21.65 -28.06 12.78
N ILE C 199 -22.46 -27.71 13.77
CA ILE C 199 -23.31 -26.51 13.74
C ILE C 199 -23.37 -25.96 15.15
N THR C 200 -22.87 -24.74 15.35
CA THR C 200 -22.89 -24.14 16.69
C THR C 200 -23.60 -22.80 16.70
N CYS C 201 -24.19 -22.50 17.85
CA CYS C 201 -24.84 -21.24 18.15
C CYS C 201 -23.83 -20.28 18.82
N ASN C 202 -23.61 -19.12 18.21
CA ASN C 202 -22.83 -18.05 18.86
C ASN C 202 -23.74 -16.92 19.36
N VAL C 203 -23.62 -16.56 20.63
CA VAL C 203 -24.44 -15.48 21.20
C VAL C 203 -23.56 -14.35 21.74
N ALA C 204 -23.87 -13.12 21.36
CA ALA C 204 -23.12 -11.97 21.85
C ALA C 204 -23.99 -10.96 22.60
N HIS C 205 -23.80 -10.88 23.89
CA HIS C 205 -24.38 -9.83 24.68
C HIS C 205 -23.34 -8.70 24.72
N PRO C 206 -23.67 -7.55 24.10
CA PRO C 206 -22.73 -6.43 24.05
C PRO C 206 -22.83 -5.61 25.32
N ALA C 207 -24.07 -5.35 25.74
CA ALA C 207 -24.36 -4.56 26.93
C ALA C 207 -23.84 -5.20 28.23
N SER C 208 -23.10 -6.31 28.11
CA SER C 208 -22.41 -6.98 29.24
C SER C 208 -21.03 -7.60 28.92
N SER C 209 -20.63 -7.58 27.65
CA SER C 209 -19.48 -8.35 27.18
C SER C 209 -19.65 -9.83 27.51
N THR C 210 -20.16 -10.59 26.54
CA THR C 210 -20.40 -12.02 26.70
C THR C 210 -20.30 -12.68 25.33
N LYS C 211 -19.28 -13.51 25.14
CA LYS C 211 -19.11 -14.23 23.88
C LYS C 211 -19.35 -15.74 24.07
N VAL C 212 -20.55 -16.07 24.54
CA VAL C 212 -20.92 -17.47 24.79
C VAL C 212 -21.10 -18.27 23.52
N ASP C 213 -20.35 -19.36 23.41
CA ASP C 213 -20.43 -20.30 22.29
C ASP C 213 -21.08 -21.59 22.77
N LYS C 214 -22.05 -22.08 22.01
CA LYS C 214 -22.73 -23.34 22.35
C LYS C 214 -22.79 -24.22 21.12
N LYS C 215 -22.06 -25.34 21.14
CA LYS C 215 -22.10 -26.31 20.03
C LYS C 215 -23.27 -27.27 20.21
N ILE C 216 -24.07 -27.48 19.15
CA ILE C 216 -25.26 -28.33 19.26
C ILE C 216 -24.89 -29.80 19.13
N GLU C 217 -24.96 -30.47 20.28
CA GLU C 217 -24.67 -31.88 20.39
C GLU C 217 -25.95 -32.70 20.32
N PRO C 218 -25.89 -33.89 19.69
CA PRO C 218 -26.96 -34.87 19.82
C PRO C 218 -27.19 -35.26 21.28
N ARG C 219 -27.79 -36.42 21.53
CA ARG C 219 -28.19 -36.75 22.89
C ARG C 219 -27.82 -38.14 23.38
N GLY C 220 -26.60 -38.27 23.91
CA GLY C 220 -26.12 -39.48 24.58
C GLY C 220 -26.58 -39.54 26.03
N PRO C 221 -26.53 -40.75 26.64
CA PRO C 221 -26.99 -40.91 28.02
C PRO C 221 -25.84 -40.98 29.02
N GLN D 10 71.63 26.68 -35.15
CA GLN D 10 71.53 27.90 -36.00
C GLN D 10 72.82 28.10 -36.82
N GLY D 11 73.75 27.17 -36.64
CA GLY D 11 75.01 27.18 -37.34
C GLY D 11 75.50 25.75 -37.47
N ARG D 12 76.33 25.53 -38.49
CA ARG D 12 76.86 24.19 -38.89
C ARG D 12 77.29 23.21 -37.77
N GLY D 13 78.02 23.67 -36.77
CA GLY D 13 78.46 22.81 -35.66
C GLY D 13 77.32 22.42 -34.73
N ALA D 14 76.42 23.39 -34.44
CA ALA D 14 75.27 23.16 -33.56
C ALA D 14 74.33 22.07 -34.13
N TRP D 15 73.89 22.28 -35.36
CA TRP D 15 73.01 21.35 -36.05
C TRP D 15 73.63 19.93 -36.12
N LEU D 16 74.90 19.84 -36.52
CA LEU D 16 75.61 18.53 -36.62
C LEU D 16 75.77 17.81 -35.27
N LEU D 17 76.09 18.57 -34.23
CA LEU D 17 76.23 18.04 -32.87
C LEU D 17 74.91 17.43 -32.51
N MET D 18 73.88 18.28 -32.58
CA MET D 18 72.53 17.85 -32.27
C MET D 18 71.96 16.81 -33.22
N ALA D 19 72.27 16.91 -34.52
CA ALA D 19 71.80 15.92 -35.50
C ALA D 19 72.45 14.57 -35.27
N PHE D 20 73.74 14.59 -34.93
CA PHE D 20 74.49 13.36 -34.65
C PHE D 20 74.32 12.89 -33.19
N THR D 21 74.05 13.81 -32.25
CA THR D 21 73.95 13.45 -30.83
C THR D 21 73.15 12.13 -30.58
N ALA D 22 71.95 12.03 -31.14
CA ALA D 22 71.13 10.84 -30.94
C ALA D 22 71.78 9.59 -31.53
N LEU D 23 72.33 9.69 -32.74
CA LEU D 23 73.00 8.55 -33.35
C LEU D 23 74.23 8.13 -32.54
N ALA D 24 74.93 9.11 -31.97
CA ALA D 24 76.10 8.86 -31.14
C ALA D 24 75.63 8.41 -29.76
N LEU D 25 74.73 9.20 -29.17
CA LEU D 25 74.17 8.89 -27.84
C LEU D 25 73.37 7.61 -27.86
N GLU D 26 72.57 7.40 -28.89
CA GLU D 26 71.74 6.22 -28.95
C GLU D 26 72.51 4.93 -29.33
N LEU D 27 73.44 5.08 -30.28
CA LEU D 27 74.29 3.98 -30.73
C LEU D 27 75.23 3.60 -29.61
N THR D 28 75.82 4.64 -28.98
CA THR D 28 76.76 4.45 -27.85
C THR D 28 76.02 3.85 -26.65
N ALA D 29 74.72 4.15 -26.55
CA ALA D 29 73.88 3.66 -25.46
C ALA D 29 73.38 2.24 -25.72
N LEU D 30 73.39 1.83 -26.98
CA LEU D 30 72.91 0.50 -27.39
C LEU D 30 73.43 -0.62 -26.46
N TRP D 31 74.36 -0.26 -25.58
CA TRP D 31 74.94 -1.21 -24.60
C TRP D 31 73.88 -2.23 -24.18
N PHE D 32 74.18 -3.50 -24.44
CA PHE D 32 73.29 -4.63 -24.12
C PHE D 32 71.99 -4.56 -24.93
N GLN D 33 72.12 -4.65 -26.26
CA GLN D 33 70.95 -4.67 -27.15
C GLN D 33 71.09 -5.84 -28.12
N HIS D 34 70.01 -6.14 -28.84
CA HIS D 34 69.97 -7.30 -29.74
C HIS D 34 71.23 -7.53 -30.60
N VAL D 35 72.02 -6.50 -30.85
CA VAL D 35 73.20 -6.65 -31.73
C VAL D 35 74.16 -7.77 -31.32
N MET D 36 74.34 -7.96 -30.02
CA MET D 36 75.24 -9.01 -29.53
C MET D 36 74.44 -10.03 -28.56
N LEU D 37 73.77 -9.43 -27.57
CA LEU D 37 72.97 -10.15 -26.62
C LEU D 37 72.52 -9.30 -25.21
N LEU D 38 71.20 -9.81 -25.04
CA LEU D 38 69.87 -9.23 -24.58
C LEU D 38 69.09 -8.99 -26.03
N LYS D 39 68.50 -10.10 -26.57
CA LYS D 39 67.76 -10.08 -27.84
C LYS D 39 66.39 -9.36 -27.88
N PRO D 40 65.67 -9.23 -26.77
CA PRO D 40 64.32 -8.58 -26.75
C PRO D 40 64.28 -7.17 -27.33
N SER D 41 63.25 -6.91 -28.15
CA SER D 41 63.06 -5.59 -28.79
C SER D 41 62.34 -4.55 -27.87
N VAL D 42 61.65 -3.57 -28.51
CA VAL D 42 60.91 -2.50 -27.79
C VAL D 42 60.29 -1.47 -28.80
N LEU D 43 59.04 -1.77 -29.20
CA LEU D 43 58.25 -0.93 -30.09
C LEU D 43 59.05 -0.51 -31.34
N CYS D 44 60.22 -1.14 -31.48
CA CYS D 44 61.21 -0.85 -32.49
C CYS D 44 60.74 -0.53 -33.99
N ILE D 45 59.48 -0.74 -34.28
CA ILE D 45 59.02 -0.42 -35.63
C ILE D 45 58.62 1.10 -35.68
N TYR D 46 57.81 1.53 -34.71
CA TYR D 46 57.37 2.92 -34.59
C TYR D 46 58.43 3.72 -33.82
N GLU D 47 59.11 3.02 -32.89
CA GLU D 47 60.12 3.63 -32.03
C GLU D 47 61.35 4.11 -32.82
N ARG D 48 61.94 3.21 -33.60
CA ARG D 48 63.09 3.55 -34.42
C ARG D 48 62.71 4.67 -35.36
N VAL D 49 61.44 4.63 -35.79
CA VAL D 49 60.90 5.64 -36.70
C VAL D 49 60.95 7.06 -36.11
N ALA D 50 60.57 7.22 -34.84
CA ALA D 50 60.65 8.52 -34.18
C ALA D 50 62.11 9.01 -34.10
N LEU D 51 63.01 8.10 -33.71
CA LEU D 51 64.45 8.42 -33.62
C LEU D 51 65.08 8.53 -35.00
N PHE D 52 64.87 7.52 -35.86
CA PHE D 52 65.37 7.56 -37.23
C PHE D 52 64.66 8.74 -37.90
N GLY D 53 63.53 9.10 -37.29
CA GLY D 53 62.71 10.21 -37.73
C GLY D 53 63.42 11.54 -37.53
N VAL D 54 63.92 11.78 -36.32
CA VAL D 54 64.66 13.04 -36.11
C VAL D 54 66.02 12.93 -36.80
N LEU D 55 66.54 11.69 -36.90
CA LEU D 55 67.78 11.47 -37.64
C LEU D 55 67.59 12.10 -39.00
N GLY D 56 66.61 11.59 -39.75
CA GLY D 56 66.31 12.12 -41.08
C GLY D 56 66.19 13.64 -41.02
N ALA D 57 65.30 14.11 -40.15
CA ALA D 57 65.03 15.55 -39.99
C ALA D 57 66.24 16.44 -39.77
N ALA D 58 66.96 16.21 -38.67
CA ALA D 58 68.14 17.00 -38.32
C ALA D 58 69.17 16.97 -39.44
N LEU D 59 69.34 15.80 -40.03
CA LEU D 59 70.29 15.62 -41.14
C LEU D 59 69.91 16.42 -42.37
N ILE D 60 68.63 16.34 -42.78
CA ILE D 60 68.17 17.11 -43.92
C ILE D 60 68.44 18.57 -43.65
N GLY D 61 68.44 18.93 -42.36
CA GLY D 61 68.73 20.30 -41.96
C GLY D 61 70.23 20.54 -41.81
N ALA D 62 70.91 19.54 -41.26
CA ALA D 62 72.35 19.61 -41.05
C ALA D 62 73.03 19.98 -42.36
N ILE D 63 72.31 19.80 -43.48
CA ILE D 63 72.88 20.09 -44.79
C ILE D 63 73.72 21.37 -44.80
N ALA D 64 73.15 22.42 -44.21
CA ALA D 64 73.82 23.74 -44.10
C ALA D 64 72.81 24.87 -43.73
N PRO D 65 72.99 25.47 -42.54
CA PRO D 65 72.11 26.52 -41.93
C PRO D 65 72.08 28.07 -42.33
N LYS D 66 71.40 28.35 -43.53
CA LYS D 66 71.26 29.35 -44.40
C LYS D 66 69.83 29.44 -44.96
N THR D 67 68.95 28.55 -44.47
CA THR D 67 67.51 28.60 -44.77
C THR D 67 67.05 27.49 -45.71
N PRO D 68 67.89 26.88 -46.52
CA PRO D 68 67.45 25.81 -47.35
C PRO D 68 66.28 24.87 -46.70
N LEU D 69 66.12 23.70 -47.25
CA LEU D 69 65.16 22.74 -46.75
C LEU D 69 65.21 22.64 -45.21
N ARG D 70 66.22 23.30 -44.64
CA ARG D 70 66.45 23.33 -43.21
C ARG D 70 65.11 23.86 -42.56
N TYR D 71 64.41 24.66 -43.33
CA TYR D 71 63.10 25.23 -42.91
C TYR D 71 62.10 24.10 -42.61
N VAL D 72 62.13 23.05 -43.44
CA VAL D 72 61.26 21.88 -43.24
C VAL D 72 61.86 20.90 -42.23
N ALA D 73 63.19 20.83 -42.22
CA ALA D 73 63.93 19.94 -41.34
C ALA D 73 63.58 20.14 -39.88
N MET D 74 63.51 21.41 -39.46
CA MET D 74 63.25 21.77 -38.10
C MET D 74 61.80 21.29 -37.59
N VAL D 75 60.86 21.43 -38.47
CA VAL D 75 59.52 21.03 -38.12
C VAL D 75 59.37 19.51 -38.19
N ILE D 76 59.89 18.88 -39.23
CA ILE D 76 59.79 17.43 -39.32
C ILE D 76 60.60 16.73 -38.15
N TRP D 77 61.55 17.48 -37.62
CA TRP D 77 62.36 17.07 -36.45
C TRP D 77 61.44 17.08 -35.26
N LEU D 78 60.70 18.19 -35.12
CA LEU D 78 59.69 18.33 -34.06
C LEU D 78 58.67 17.22 -34.13
N TYR D 79 58.19 16.96 -35.34
CA TYR D 79 57.16 15.93 -35.54
C TYR D 79 57.65 14.61 -35.05
N SER D 80 58.75 14.12 -35.60
CA SER D 80 59.27 12.83 -35.16
C SER D 80 59.53 12.80 -33.65
N ALA D 81 59.97 13.93 -33.11
CA ALA D 81 60.22 14.07 -31.68
C ALA D 81 58.89 14.03 -30.92
N PHE D 82 57.91 14.75 -31.45
CA PHE D 82 56.56 14.80 -30.85
C PHE D 82 55.84 13.47 -30.95
N ARG D 83 55.84 12.87 -32.14
CA ARG D 83 55.18 11.58 -32.31
C ARG D 83 55.83 10.58 -31.36
N GLY D 84 57.12 10.72 -31.14
CA GLY D 84 57.84 9.83 -30.24
C GLY D 84 57.38 9.99 -28.79
N VAL D 85 57.42 11.23 -28.31
CA VAL D 85 57.04 11.55 -26.92
C VAL D 85 55.67 10.97 -26.59
N GLN D 86 54.68 11.29 -27.43
CA GLN D 86 53.29 10.85 -27.20
C GLN D 86 53.07 9.31 -27.15
N LEU D 87 53.62 8.59 -28.11
CA LEU D 87 53.50 7.13 -28.11
C LEU D 87 54.29 6.63 -26.89
N THR D 88 55.45 7.26 -26.64
CA THR D 88 56.30 6.91 -25.49
C THR D 88 55.59 7.13 -24.15
N TYR D 89 54.89 8.26 -24.03
CA TYR D 89 54.14 8.57 -22.80
C TYR D 89 53.16 7.46 -22.51
N GLU D 90 52.42 7.05 -23.53
CA GLU D 90 51.44 5.99 -23.38
C GLU D 90 52.13 4.64 -23.08
N HIS D 91 53.26 4.40 -23.75
CA HIS D 91 54.06 3.19 -23.50
C HIS D 91 54.46 3.16 -22.04
N THR D 92 54.90 4.32 -21.53
CA THR D 92 55.29 4.43 -20.12
C THR D 92 54.03 4.30 -19.25
N MET D 93 52.90 4.88 -19.71
CA MET D 93 51.64 4.79 -18.97
C MET D 93 51.30 3.30 -18.72
N LEU D 94 51.57 2.46 -19.72
CA LEU D 94 51.32 1.02 -19.62
C LEU D 94 52.21 0.36 -18.58
N GLN D 95 53.46 0.80 -18.50
CA GLN D 95 54.41 0.21 -17.53
C GLN D 95 53.89 0.37 -16.11
N LEU D 96 53.36 1.55 -15.78
CA LEU D 96 52.87 1.80 -14.42
C LEU D 96 51.35 1.52 -14.25
N TYR D 97 50.56 1.91 -15.24
CA TYR D 97 49.11 1.70 -15.16
C TYR D 97 48.64 0.82 -16.31
N PRO D 98 48.94 -0.48 -16.30
CA PRO D 98 48.53 -1.34 -17.41
C PRO D 98 47.04 -1.62 -17.33
N SER D 99 46.60 -2.66 -18.02
CA SER D 99 45.19 -3.05 -18.04
C SER D 99 45.04 -4.53 -17.78
N PRO D 100 43.83 -5.06 -17.83
CA PRO D 100 43.60 -6.50 -17.62
C PRO D 100 43.83 -7.33 -18.87
N PHE D 101 44.58 -6.80 -19.84
CA PHE D 101 44.83 -7.51 -21.10
C PHE D 101 45.63 -8.82 -20.95
N ALA D 102 45.98 -9.17 -19.70
CA ALA D 102 46.75 -10.39 -19.37
C ALA D 102 47.73 -10.79 -20.49
N THR D 103 48.86 -10.09 -20.56
CA THR D 103 49.83 -10.39 -21.61
C THR D 103 51.37 -10.30 -21.00
N CYS D 104 52.27 -10.92 -21.75
CA CYS D 104 53.66 -10.94 -21.35
C CYS D 104 54.61 -10.14 -22.41
N ASP D 105 55.86 -10.03 -22.03
CA ASP D 105 56.81 -9.25 -22.83
C ASP D 105 56.80 -9.59 -24.35
N PHE D 106 56.80 -8.51 -25.16
CA PHE D 106 56.75 -8.61 -26.65
C PHE D 106 55.38 -9.15 -27.13
N MET D 107 54.71 -9.93 -26.27
CA MET D 107 53.34 -10.51 -26.51
C MET D 107 53.30 -11.92 -27.17
N VAL D 108 53.32 -12.96 -26.31
CA VAL D 108 53.30 -14.38 -26.76
C VAL D 108 52.02 -14.67 -27.57
N LEU D 114 56.81 -6.27 -61.17
CA LEU D 114 55.84 -5.17 -60.85
C LEU D 114 55.45 -5.21 -59.37
N PRO D 115 56.35 -4.75 -58.51
CA PRO D 115 56.08 -4.65 -57.05
C PRO D 115 54.88 -3.77 -56.68
N LEU D 116 54.72 -2.65 -57.40
CA LEU D 116 53.61 -1.67 -57.18
C LEU D 116 53.75 -0.93 -55.83
N ASP D 117 54.28 -1.63 -54.81
CA ASP D 117 54.49 -1.05 -53.48
C ASP D 117 55.09 -2.09 -52.53
N LYS D 118 54.18 -2.70 -51.75
CA LYS D 118 54.52 -3.65 -50.69
C LYS D 118 55.99 -4.06 -50.64
N TRP D 119 56.46 -4.86 -51.59
CA TRP D 119 57.86 -5.32 -51.54
C TRP D 119 58.91 -4.18 -51.59
N VAL D 120 58.82 -3.23 -50.64
CA VAL D 120 59.82 -2.14 -50.55
C VAL D 120 60.94 -2.50 -49.56
N PRO D 121 62.16 -2.05 -49.83
CA PRO D 121 63.34 -2.31 -48.98
C PRO D 121 63.07 -2.25 -47.43
N GLN D 122 62.19 -1.33 -47.03
CA GLN D 122 61.87 -1.11 -45.63
C GLN D 122 61.77 -2.41 -44.76
N VAL D 123 61.20 -3.46 -45.30
CA VAL D 123 61.02 -4.70 -44.53
C VAL D 123 60.85 -4.46 -43.03
N PHE D 124 61.31 -5.39 -42.20
CA PHE D 124 61.20 -5.21 -40.76
C PHE D 124 62.20 -6.13 -40.01
N VAL D 125 62.42 -5.77 -38.73
CA VAL D 125 63.29 -6.47 -37.80
C VAL D 125 62.80 -6.24 -36.35
N ALA D 126 62.79 -7.31 -35.56
CA ALA D 126 62.32 -7.24 -34.17
C ALA D 126 62.63 -8.53 -33.38
N SER D 127 61.60 -9.14 -32.79
CA SER D 127 61.77 -10.40 -32.03
C SER D 127 62.03 -10.18 -30.53
N GLY D 128 61.99 -11.31 -29.78
CA GLY D 128 62.22 -11.30 -28.33
C GLY D 128 61.58 -12.51 -27.66
N ASP D 129 61.61 -12.51 -26.31
CA ASP D 129 61.06 -13.61 -25.50
C ASP D 129 60.03 -13.18 -24.43
N CYS D 130 59.64 -14.16 -23.58
CA CYS D 130 58.64 -13.94 -22.53
C CYS D 130 59.23 -13.52 -21.16
N ALA D 131 58.32 -13.38 -20.18
CA ALA D 131 58.67 -13.02 -18.82
C ALA D 131 58.67 -14.32 -18.03
N GLU D 132 59.87 -14.70 -17.55
CA GLU D 132 60.06 -15.98 -16.84
C GLU D 132 61.43 -16.12 -16.13
N ARG D 133 62.25 -15.07 -16.21
CA ARG D 133 63.57 -14.99 -15.55
C ARG D 133 64.07 -13.54 -15.60
N GLN D 134 63.78 -12.77 -14.53
CA GLN D 134 64.11 -11.31 -14.53
C GLN D 134 65.43 -10.85 -13.87
N TRP D 135 66.34 -10.40 -14.75
CA TRP D 135 67.64 -9.80 -14.34
C TRP D 135 67.74 -8.36 -14.91
N ASP D 136 68.25 -7.46 -14.05
CA ASP D 136 68.41 -6.03 -14.38
C ASP D 136 68.86 -5.23 -13.16
N PHE D 137 70.18 -5.06 -13.03
CA PHE D 137 70.75 -4.31 -11.89
C PHE D 137 70.61 -2.78 -12.08
N LEU D 138 71.63 -2.06 -11.58
CA LEU D 138 71.70 -0.59 -11.54
C LEU D 138 70.29 0.08 -11.37
N GLY D 139 69.44 -0.55 -10.56
CA GLY D 139 68.08 -0.07 -10.27
C GLY D 139 67.89 1.44 -10.47
N LEU D 140 67.64 2.14 -9.36
CA LEU D 140 67.39 3.60 -9.34
C LEU D 140 66.63 4.02 -10.61
N GLU D 141 65.72 3.13 -11.03
CA GLU D 141 64.90 3.34 -12.23
C GLU D 141 65.77 3.40 -13.47
N MET D 142 65.45 2.57 -14.47
CA MET D 142 66.24 2.55 -15.71
C MET D 142 65.40 2.91 -16.95
N PRO D 143 64.19 2.42 -17.12
CA PRO D 143 63.41 2.77 -18.31
C PRO D 143 62.67 4.08 -18.10
N GLN D 144 61.77 4.39 -19.04
CA GLN D 144 60.95 5.58 -19.00
C GLN D 144 61.79 6.82 -19.30
N TRP D 145 63.05 6.80 -18.85
CA TRP D 145 63.97 7.89 -19.13
C TRP D 145 63.90 8.18 -20.65
N LEU D 146 63.50 7.13 -21.41
CA LEU D 146 63.39 7.22 -22.86
C LEU D 146 62.70 8.49 -23.36
N LEU D 147 61.53 8.77 -22.80
CA LEU D 147 60.75 9.98 -23.15
C LEU D 147 61.56 11.24 -22.94
N GLY D 148 62.57 11.16 -22.09
CA GLY D 148 63.43 12.30 -21.84
C GLY D 148 64.08 12.73 -23.15
N ILE D 149 64.58 11.74 -23.90
CA ILE D 149 65.29 12.03 -25.14
C ILE D 149 64.45 12.75 -26.25
N PHE D 150 63.21 12.35 -26.42
CA PHE D 150 62.33 13.00 -27.38
C PHE D 150 62.03 14.45 -26.92
N ILE D 151 61.83 14.64 -25.60
CA ILE D 151 61.55 15.99 -25.09
C ILE D 151 62.78 16.93 -25.34
N ALA D 152 63.97 16.39 -25.12
CA ALA D 152 65.20 17.14 -25.32
C ALA D 152 65.31 17.69 -26.75
N TYR D 153 65.26 16.76 -27.71
CA TYR D 153 65.33 17.07 -29.12
C TYR D 153 64.16 17.98 -29.43
N LEU D 154 62.99 17.58 -28.93
CA LEU D 154 61.75 18.36 -29.12
C LEU D 154 61.93 19.77 -28.55
N ILE D 155 62.67 19.91 -27.44
CA ILE D 155 62.86 21.22 -26.92
C ILE D 155 64.06 21.98 -27.82
N VAL D 156 65.12 21.24 -28.07
CA VAL D 156 66.19 21.77 -28.91
C VAL D 156 65.59 22.20 -30.26
N ALA D 157 64.47 21.56 -30.60
CA ALA D 157 63.76 21.89 -31.80
C ALA D 157 63.24 23.30 -31.60
N VAL D 158 62.51 23.50 -30.50
CA VAL D 158 61.94 24.80 -30.19
C VAL D 158 62.98 25.90 -30.36
N LEU D 159 64.14 25.70 -29.72
CA LEU D 159 65.27 26.64 -29.73
C LEU D 159 65.61 27.14 -31.15
N VAL D 160 65.12 26.41 -32.17
CA VAL D 160 65.34 26.82 -33.55
C VAL D 160 64.67 28.19 -33.72
N VAL D 161 63.61 28.44 -32.93
CA VAL D 161 62.83 29.69 -33.02
C VAL D 161 63.64 31.00 -33.00
N ILE D 162 64.28 31.31 -31.88
CA ILE D 162 65.08 32.55 -31.79
C ILE D 162 64.37 33.71 -32.50
N ASP E 21 39.43 -18.53 -15.73
CA ASP E 21 39.66 -17.18 -15.14
C ASP E 21 40.27 -17.25 -13.74
N ILE E 22 40.10 -16.19 -12.96
CA ILE E 22 40.47 -16.21 -11.56
C ILE E 22 39.21 -16.36 -10.69
N VAL E 23 39.31 -17.17 -9.62
CA VAL E 23 38.26 -17.23 -8.59
C VAL E 23 38.58 -16.46 -7.31
N MET E 24 37.71 -15.52 -6.98
CA MET E 24 37.81 -14.76 -5.75
C MET E 24 36.87 -15.40 -4.76
N SER E 25 37.34 -15.63 -3.53
CA SER E 25 36.47 -16.20 -2.50
C SER E 25 36.56 -15.51 -1.14
N GLN E 26 35.47 -14.85 -0.76
CA GLN E 26 35.36 -14.21 0.54
C GLN E 26 34.86 -15.10 1.66
N SER E 27 35.42 -14.84 2.84
CA SER E 27 35.07 -15.51 4.09
C SER E 27 35.02 -14.44 5.19
N PRO E 28 33.99 -14.47 6.05
CA PRO E 28 32.88 -15.42 6.09
C PRO E 28 31.79 -14.98 5.12
N SER E 29 30.68 -15.70 5.11
CA SER E 29 29.50 -15.26 4.36
C SER E 29 28.94 -13.99 4.95
N SER E 30 28.88 -13.96 6.28
CA SER E 30 28.39 -12.82 7.01
C SER E 30 28.92 -12.73 8.42
N LEU E 31 28.69 -11.57 9.03
CA LEU E 31 29.07 -11.32 10.39
C LEU E 31 28.28 -10.17 10.98
N ALA E 32 27.53 -10.48 12.03
CA ALA E 32 26.88 -9.43 12.82
C ALA E 32 27.90 -8.90 13.79
N VAL E 33 27.87 -7.58 14.01
CA VAL E 33 28.83 -6.95 14.90
C VAL E 33 28.28 -5.73 15.68
N SER E 34 29.03 -5.31 16.70
CA SER E 34 28.61 -4.28 17.64
C SER E 34 29.28 -2.93 17.36
N ALA E 35 28.47 -1.88 17.35
CA ALA E 35 28.89 -0.56 16.90
C ALA E 35 30.02 0.07 17.71
N GLY E 36 31.16 0.27 17.05
CA GLY E 36 32.33 0.90 17.67
C GLY E 36 33.55 -0.02 17.75
N GLU E 37 33.33 -1.29 17.41
CA GLU E 37 34.40 -2.31 17.42
C GLU E 37 35.32 -2.28 16.19
N LYS E 38 36.04 -3.37 15.96
CA LYS E 38 36.92 -3.51 14.80
C LYS E 38 36.87 -4.89 14.14
N VAL E 39 35.95 -5.03 13.17
CA VAL E 39 35.83 -6.22 12.29
C VAL E 39 36.89 -6.29 11.19
N THR E 40 37.12 -7.50 10.68
CA THR E 40 37.95 -7.69 9.50
C THR E 40 37.38 -8.82 8.66
N MET E 41 36.96 -8.54 7.43
CA MET E 41 36.63 -9.64 6.51
C MET E 41 37.82 -10.04 5.67
N SER E 42 37.74 -11.21 5.06
CA SER E 42 38.84 -11.73 4.27
C SER E 42 38.49 -12.01 2.81
N CYS E 43 39.48 -11.81 1.96
CA CYS E 43 39.36 -12.02 0.54
C CYS E 43 40.58 -12.79 0.04
N LYS E 44 40.31 -13.85 -0.70
CA LYS E 44 41.37 -14.64 -1.28
C LYS E 44 41.16 -14.84 -2.77
N SER E 45 42.20 -15.28 -3.45
CA SER E 45 42.24 -15.30 -4.90
C SER E 45 42.98 -16.54 -5.33
N SER E 46 42.54 -17.15 -6.42
CA SER E 46 43.15 -18.40 -6.91
C SER E 46 44.55 -18.14 -7.39
N GLN E 47 44.70 -17.04 -8.11
CA GLN E 47 45.99 -16.61 -8.64
C GLN E 47 46.55 -15.46 -7.85
N SER E 48 47.87 -15.35 -7.85
CA SER E 48 48.53 -14.23 -7.21
C SER E 48 48.26 -12.98 -8.02
N LEU E 49 48.03 -11.88 -7.32
CA LEU E 49 47.64 -10.64 -7.96
C LEU E 49 48.78 -9.63 -7.94
N LEU E 50 49.99 -10.10 -7.63
CA LEU E 50 51.21 -9.26 -7.64
C LEU E 50 51.72 -8.99 -9.06
N ASN E 51 52.54 -7.96 -9.20
CA ASN E 51 53.19 -7.64 -10.47
C ASN E 51 54.67 -7.31 -10.28
N SER E 52 55.56 -8.08 -10.92
CA SER E 52 57.03 -7.91 -10.80
C SER E 52 57.45 -6.45 -10.66
N ARG E 53 56.84 -5.61 -11.49
CA ARG E 53 56.96 -4.16 -11.43
C ARG E 53 55.55 -3.53 -11.47
N THR E 54 55.25 -2.56 -10.62
CA THR E 54 55.95 -2.35 -9.36
C THR E 54 55.07 -3.16 -8.42
N ARG E 55 55.53 -3.42 -7.20
CA ARG E 55 54.65 -4.04 -6.20
C ARG E 55 53.28 -3.35 -6.25
N LYS E 56 52.37 -4.00 -6.95
CA LYS E 56 50.98 -3.56 -7.07
C LYS E 56 50.12 -4.82 -7.10
N ASN E 57 48.87 -4.67 -6.66
CA ASN E 57 48.09 -5.78 -6.17
C ASN E 57 46.73 -5.14 -5.95
N TYR E 58 45.95 -4.73 -6.95
CA TYR E 58 45.54 -5.41 -8.20
C TYR E 58 44.27 -6.17 -7.86
N LEU E 59 43.54 -5.50 -6.97
CA LEU E 59 42.36 -5.97 -6.30
C LEU E 59 41.75 -4.74 -5.65
N ALA E 60 40.42 -4.68 -5.68
CA ALA E 60 39.67 -3.58 -5.08
C ALA E 60 38.79 -4.05 -3.93
N TRP E 61 38.05 -3.11 -3.34
CA TRP E 61 37.02 -3.37 -2.34
C TRP E 61 35.85 -2.43 -2.60
N TYR E 62 34.67 -3.00 -2.76
CA TYR E 62 33.47 -2.20 -3.01
C TYR E 62 32.45 -2.51 -1.91
N GLN E 63 31.76 -1.50 -1.40
CA GLN E 63 30.66 -1.74 -0.47
C GLN E 63 29.29 -1.42 -1.09
N GLN E 64 28.36 -2.36 -0.95
CA GLN E 64 27.00 -2.18 -1.48
C GLN E 64 25.92 -2.27 -0.39
N LYS E 65 25.30 -1.12 -0.14
CA LYS E 65 24.17 -1.01 0.75
C LYS E 65 22.90 -1.37 -0.04
N PRO E 66 21.87 -1.91 0.65
CA PRO E 66 20.62 -2.31 0.00
C PRO E 66 20.05 -1.23 -0.93
N GLY E 67 19.35 -1.66 -1.97
CA GLY E 67 18.72 -0.75 -2.93
C GLY E 67 19.65 0.27 -3.57
N GLN E 68 20.83 -0.20 -4.04
CA GLN E 68 21.91 0.66 -4.60
C GLN E 68 22.99 -0.11 -5.38
N SER E 69 23.85 0.64 -6.07
CA SER E 69 25.09 0.12 -6.65
C SER E 69 26.13 -0.01 -5.54
N PRO E 70 27.33 -0.54 -5.88
CA PRO E 70 28.47 -0.45 -4.97
C PRO E 70 29.19 0.89 -5.08
N LYS E 71 30.12 1.15 -4.15
CA LYS E 71 31.04 2.29 -4.26
C LYS E 71 32.45 1.76 -4.04
N LEU E 72 33.42 2.22 -4.85
CA LEU E 72 34.82 1.82 -4.65
C LEU E 72 35.34 2.34 -3.30
N LEU E 73 35.76 1.41 -2.45
CA LEU E 73 36.22 1.77 -1.12
C LEU E 73 37.72 1.85 -1.16
N ILE E 74 38.34 0.80 -1.68
CA ILE E 74 39.78 0.74 -1.76
C ILE E 74 40.19 0.15 -3.11
N TYR E 75 41.18 0.76 -3.76
CA TYR E 75 41.79 0.19 -4.96
C TYR E 75 43.24 -0.17 -4.72
N TRP E 76 43.77 -1.05 -5.57
CA TRP E 76 45.12 -1.59 -5.43
C TRP E 76 45.33 -2.15 -4.03
N ALA E 77 44.24 -2.64 -3.44
CA ALA E 77 44.17 -3.20 -2.07
C ALA E 77 44.47 -2.23 -0.92
N SER E 78 45.48 -1.37 -1.09
CA SER E 78 45.87 -0.39 -0.08
C SER E 78 45.17 0.94 -0.28
N THR E 79 45.66 1.75 -1.22
CA THR E 79 45.25 3.15 -1.29
C THR E 79 43.74 3.32 -1.17
N ARG E 80 43.31 4.15 -0.22
CA ARG E 80 41.91 4.49 -0.05
C ARG E 80 41.33 5.19 -1.27
N GLU E 81 40.05 5.50 -1.21
CA GLU E 81 39.42 6.26 -2.27
C GLU E 81 39.14 7.70 -1.79
N SER E 82 38.90 8.60 -2.74
CA SER E 82 38.66 10.02 -2.44
C SER E 82 37.35 10.23 -1.67
N GLY E 83 37.49 10.43 -0.36
CA GLY E 83 36.35 10.60 0.54
C GLY E 83 36.01 9.35 1.33
N VAL E 84 37.03 8.54 1.60
CA VAL E 84 36.85 7.29 2.34
C VAL E 84 37.57 7.32 3.69
N PRO E 85 36.78 7.22 4.79
CA PRO E 85 37.22 7.26 6.19
C PRO E 85 38.51 6.49 6.53
N ASP E 86 39.14 6.92 7.62
CA ASP E 86 40.37 6.32 8.13
C ASP E 86 40.17 4.89 8.54
N ARG E 87 39.03 4.63 9.17
CA ARG E 87 38.68 3.34 9.76
C ARG E 87 38.97 2.11 8.87
N PHE E 88 38.48 2.13 7.63
CA PHE E 88 38.79 1.09 6.63
C PHE E 88 40.28 1.10 6.29
N THR E 89 40.84 -0.10 6.08
CA THR E 89 42.27 -0.23 5.82
C THR E 89 42.55 -1.59 5.20
N GLY E 90 42.51 -1.67 3.88
CA GLY E 90 42.82 -2.92 3.18
C GLY E 90 44.26 -3.33 3.43
N SER E 91 44.51 -4.62 3.38
CA SER E 91 45.84 -5.16 3.59
C SER E 91 45.96 -6.50 2.89
N GLY E 92 47.16 -7.08 2.90
CA GLY E 92 47.35 -8.40 2.33
C GLY E 92 48.10 -8.33 1.04
N SER E 93 48.60 -9.47 0.58
CA SER E 93 49.52 -9.50 -0.55
C SER E 93 49.54 -10.81 -1.36
N GLY E 94 49.25 -10.68 -2.65
CA GLY E 94 49.36 -11.78 -3.59
C GLY E 94 48.11 -12.61 -3.68
N THR E 95 47.85 -13.40 -2.63
CA THR E 95 46.71 -14.32 -2.57
C THR E 95 45.99 -14.27 -1.21
N ASP E 96 46.02 -13.11 -0.55
CA ASP E 96 45.52 -12.96 0.82
C ASP E 96 45.14 -11.54 1.23
N PHE E 97 43.99 -11.06 0.76
CA PHE E 97 43.60 -9.67 0.99
C PHE E 97 42.54 -9.51 2.11
N THR E 98 42.67 -8.45 2.90
CA THR E 98 41.90 -8.35 4.13
C THR E 98 41.45 -6.94 4.48
N LEU E 99 40.20 -6.64 4.17
CA LEU E 99 39.59 -5.36 4.52
C LEU E 99 39.24 -5.39 5.99
N THR E 100 39.40 -4.24 6.67
CA THR E 100 39.16 -4.13 8.11
C THR E 100 38.58 -2.79 8.53
N ILE E 101 37.50 -2.81 9.31
CA ILE E 101 36.85 -1.60 9.87
C ILE E 101 36.98 -1.52 11.38
N SER E 102 37.31 -0.33 11.90
CA SER E 102 37.02 0.00 13.32
C SER E 102 35.94 1.08 13.36
N SER E 103 35.54 1.48 14.57
CA SER E 103 34.46 2.49 14.80
C SER E 103 33.15 2.14 14.07
N VAL E 104 33.04 0.88 13.67
CA VAL E 104 31.89 0.37 12.95
C VAL E 104 30.68 1.28 13.10
N GLN E 105 30.41 2.09 12.09
CA GLN E 105 29.18 2.89 12.07
C GLN E 105 27.93 2.03 11.90
N ALA E 106 26.76 2.63 12.12
CA ALA E 106 25.49 1.97 11.87
C ALA E 106 25.22 2.02 10.36
N GLU E 107 25.72 3.09 9.74
CA GLU E 107 25.72 3.26 8.28
C GLU E 107 27.00 2.64 7.69
N ASP E 108 27.31 1.43 8.14
CA ASP E 108 28.39 0.60 7.64
C ASP E 108 27.84 -0.78 7.39
N LEU E 109 26.53 -0.92 7.57
CA LEU E 109 25.83 -2.15 7.21
C LEU E 109 25.77 -2.16 5.69
N ALA E 110 26.27 -3.25 5.11
CA ALA E 110 26.40 -3.44 3.66
C ALA E 110 27.03 -4.81 3.37
N VAL E 111 27.04 -5.19 2.09
CA VAL E 111 27.82 -6.35 1.68
C VAL E 111 29.13 -5.82 1.09
N TYR E 112 30.24 -6.35 1.61
CA TYR E 112 31.54 -5.96 1.13
C TYR E 112 32.03 -7.02 0.18
N TYR E 113 32.32 -6.59 -1.05
CA TYR E 113 32.83 -7.42 -2.13
C TYR E 113 34.32 -7.13 -2.35
N CYS E 114 35.01 -8.02 -3.05
CA CYS E 114 36.37 -7.73 -3.52
C CYS E 114 36.50 -8.11 -4.98
N LYS E 115 37.15 -7.22 -5.74
CA LYS E 115 37.34 -7.35 -7.19
C LYS E 115 38.83 -7.39 -7.50
N GLN E 116 39.29 -8.43 -8.18
CA GLN E 116 40.61 -8.40 -8.78
C GLN E 116 40.49 -7.91 -10.21
N SER E 117 41.51 -7.19 -10.65
CA SER E 117 41.56 -6.76 -12.04
C SER E 117 42.90 -7.12 -12.69
N TYR E 118 43.75 -7.86 -11.98
CA TYR E 118 45.01 -8.35 -12.54
C TYR E 118 44.77 -8.92 -13.91
N ASN E 119 43.78 -9.79 -14.03
CA ASN E 119 43.43 -10.40 -15.28
C ASN E 119 41.93 -10.43 -15.36
N LEU E 120 41.39 -9.72 -16.34
CA LEU E 120 39.96 -9.49 -16.47
C LEU E 120 39.33 -8.82 -15.22
N TYR E 121 38.02 -8.99 -15.04
CA TYR E 121 37.33 -8.50 -13.86
C TYR E 121 36.53 -9.63 -13.23
N THR E 122 36.92 -10.07 -12.03
CA THR E 122 36.16 -11.12 -11.36
C THR E 122 35.90 -10.77 -9.89
N PHE E 123 34.63 -10.81 -9.46
CA PHE E 123 34.29 -10.45 -8.07
C PHE E 123 34.36 -11.56 -7.02
N GLY E 124 34.36 -11.16 -5.74
CA GLY E 124 34.23 -12.08 -4.61
C GLY E 124 32.78 -12.43 -4.36
N GLY E 125 32.52 -13.26 -3.37
CA GLY E 125 31.16 -13.62 -2.99
C GLY E 125 30.47 -12.54 -2.18
N GLY E 126 31.17 -12.03 -1.18
CA GLY E 126 30.65 -11.01 -0.30
C GLY E 126 30.86 -11.42 1.14
N THR E 127 30.90 -10.42 2.02
CA THR E 127 30.76 -10.63 3.45
C THR E 127 29.68 -9.67 3.87
N LYS E 128 28.52 -10.19 4.29
CA LYS E 128 27.41 -9.34 4.71
C LYS E 128 27.71 -8.88 6.13
N LEU E 129 27.48 -7.61 6.42
CA LEU E 129 27.82 -7.11 7.74
C LEU E 129 26.62 -6.60 8.55
N GLU E 130 25.99 -7.52 9.28
CA GLU E 130 24.82 -7.20 10.10
C GLU E 130 25.13 -6.59 11.50
N ILE E 131 24.11 -5.96 12.10
CA ILE E 131 24.27 -5.29 13.40
C ILE E 131 23.56 -6.02 14.55
N LYS E 132 24.29 -6.28 15.63
CA LYS E 132 23.69 -6.80 16.88
C LYS E 132 22.76 -5.75 17.50
N ALA E 134 21.31 -7.56 20.12
CA ALA E 134 20.74 -8.11 21.35
C ALA E 134 19.48 -8.93 21.07
N ASP E 135 19.41 -10.12 21.68
CA ASP E 135 18.46 -11.17 21.30
C ASP E 135 16.98 -10.81 21.44
N ALA E 136 16.12 -11.73 21.00
CA ALA E 136 14.67 -11.67 21.16
C ALA E 136 14.02 -12.99 20.73
N ALA E 137 12.79 -13.25 21.19
CA ALA E 137 12.04 -14.42 20.77
C ALA E 137 11.02 -14.08 19.65
N PRO E 138 10.77 -15.03 18.74
CA PRO E 138 9.90 -14.75 17.59
C PRO E 138 8.42 -14.73 17.95
N THR E 139 7.73 -13.70 17.46
CA THR E 139 6.29 -13.57 17.60
C THR E 139 5.60 -14.31 16.46
N VAL E 140 5.29 -15.57 16.70
CA VAL E 140 4.70 -16.43 15.68
C VAL E 140 3.16 -16.43 15.74
N SER E 141 2.55 -16.39 14.57
CA SER E 141 1.12 -16.39 14.46
C SER E 141 0.72 -17.14 13.21
N ILE E 142 -0.18 -18.11 13.37
CA ILE E 142 -0.66 -18.98 12.29
C ILE E 142 -1.99 -18.46 11.70
N PHE E 143 -2.22 -18.78 10.43
CA PHE E 143 -3.34 -18.22 9.67
C PHE E 143 -3.85 -19.24 8.68
N PRO E 144 -5.13 -19.66 8.83
CA PRO E 144 -5.86 -20.59 7.94
C PRO E 144 -6.10 -20.06 6.52
N PRO E 145 -6.41 -20.96 5.56
CA PRO E 145 -6.58 -20.54 4.18
C PRO E 145 -7.83 -19.69 4.03
N SER E 146 -7.64 -18.46 3.56
CA SER E 146 -8.69 -17.47 3.50
C SER E 146 -9.98 -17.95 2.82
N SER E 147 -11.09 -17.53 3.46
CA SER E 147 -12.47 -17.67 2.98
C SER E 147 -12.61 -17.94 1.47
N GLU E 148 -12.05 -17.06 0.66
CA GLU E 148 -12.26 -17.14 -0.78
C GLU E 148 -11.27 -18.05 -1.51
N GLN E 149 -10.03 -18.10 -1.05
CA GLN E 149 -9.02 -18.93 -1.71
C GLN E 149 -9.57 -20.33 -1.95
N LEU E 150 -10.27 -20.84 -0.95
CA LEU E 150 -10.84 -22.19 -0.96
C LEU E 150 -11.74 -22.45 -2.17
N THR E 151 -12.80 -21.64 -2.30
CA THR E 151 -13.73 -21.72 -3.44
C THR E 151 -13.01 -21.76 -4.78
N SER E 152 -11.80 -21.20 -4.81
CA SER E 152 -10.97 -21.13 -6.03
C SER E 152 -10.29 -22.46 -6.39
N GLY E 153 -10.38 -23.44 -5.49
CA GLY E 153 -9.82 -24.77 -5.73
C GLY E 153 -8.46 -24.98 -5.09
N GLY E 154 -7.97 -23.93 -4.43
CA GLY E 154 -6.66 -23.97 -3.76
C GLY E 154 -6.79 -23.55 -2.31
N ALA E 155 -5.74 -23.79 -1.52
CA ALA E 155 -5.72 -23.47 -0.09
C ALA E 155 -4.30 -23.33 0.47
N SER E 156 -3.98 -22.17 1.01
CA SER E 156 -2.65 -21.91 1.57
C SER E 156 -2.73 -21.47 3.02
N VAL E 157 -2.08 -22.25 3.89
CA VAL E 157 -1.95 -21.90 5.31
C VAL E 157 -0.65 -21.15 5.51
N VAL E 158 -0.70 -19.97 6.11
CA VAL E 158 0.55 -19.24 6.39
C VAL E 158 0.79 -19.07 7.88
N CYS E 159 2.03 -18.74 8.24
CA CYS E 159 2.30 -18.27 9.59
C CYS E 159 3.57 -17.43 9.66
N PHE E 160 3.45 -16.26 10.30
CA PHE E 160 4.50 -15.27 10.34
C PHE E 160 5.34 -15.33 11.61
N LEU E 161 6.60 -15.70 11.44
CA LEU E 161 7.56 -15.78 12.53
C LEU E 161 8.32 -14.45 12.65
N ASN E 162 7.77 -13.50 13.41
CA ASN E 162 8.22 -12.12 13.33
C ASN E 162 9.12 -11.67 14.47
N ASN E 163 10.02 -10.74 14.16
CA ASN E 163 10.84 -10.03 15.15
C ASN E 163 11.62 -10.90 16.10
N PHE E 164 12.72 -11.44 15.59
CA PHE E 164 13.63 -12.32 16.35
C PHE E 164 15.09 -12.16 15.97
N TYR E 165 15.96 -12.38 16.94
CA TYR E 165 17.38 -12.36 16.69
C TYR E 165 18.05 -13.38 17.62
N PRO E 166 19.00 -14.19 17.12
CA PRO E 166 19.65 -14.35 15.80
C PRO E 166 18.80 -15.00 14.70
N LYS E 167 19.18 -14.79 13.44
CA LYS E 167 18.38 -15.26 12.30
C LYS E 167 18.01 -16.74 12.37
N ASP E 168 18.95 -17.57 12.80
CA ASP E 168 18.83 -19.03 12.75
C ASP E 168 17.58 -19.54 13.44
N ILE E 169 16.51 -19.69 12.66
CA ILE E 169 15.28 -20.25 13.18
C ILE E 169 15.03 -21.56 12.47
N ASN E 170 14.02 -22.29 12.95
CA ASN E 170 13.69 -23.57 12.38
C ASN E 170 12.19 -23.83 12.57
N VAL E 171 11.45 -23.84 11.48
CA VAL E 171 10.02 -24.15 11.54
C VAL E 171 9.79 -25.63 11.28
N LYS E 172 8.71 -26.17 11.85
CA LYS E 172 8.40 -27.58 11.70
C LYS E 172 6.88 -27.78 11.73
N TRP E 173 6.28 -27.86 10.55
CA TRP E 173 4.83 -27.99 10.39
C TRP E 173 4.29 -29.36 10.80
N LYS E 174 3.04 -29.36 11.28
CA LYS E 174 2.34 -30.60 11.60
C LYS E 174 0.89 -30.52 11.15
N ILE E 175 0.43 -31.57 10.46
CA ILE E 175 -0.99 -31.86 10.21
C ILE E 175 -1.40 -32.90 11.26
N ASP E 176 -2.18 -32.45 12.25
CA ASP E 176 -2.40 -33.17 13.51
C ASP E 176 -1.31 -34.21 13.86
N GLY E 177 -0.32 -33.74 14.63
CA GLY E 177 0.70 -34.60 15.23
C GLY E 177 1.77 -35.05 14.25
N SER E 178 1.34 -35.54 13.09
CA SER E 178 2.27 -35.98 12.05
C SER E 178 2.83 -34.75 11.35
N GLU E 179 4.14 -34.76 11.11
CA GLU E 179 4.87 -33.56 10.68
C GLU E 179 5.40 -33.71 9.27
N ARG E 180 4.55 -33.51 8.27
CA ARG E 180 5.02 -33.53 6.87
C ARG E 180 5.80 -32.27 6.48
N GLN E 181 6.78 -32.44 5.59
CA GLN E 181 7.66 -31.34 5.24
C GLN E 181 7.27 -30.77 3.91
N ASN E 182 7.27 -31.60 2.87
CA ASN E 182 7.13 -31.11 1.50
C ASN E 182 5.82 -30.37 1.23
N GLY E 183 5.90 -29.37 0.34
CA GLY E 183 4.78 -28.49 0.09
C GLY E 183 4.94 -27.18 0.81
N VAL E 184 5.91 -27.09 1.72
CA VAL E 184 6.16 -25.87 2.50
C VAL E 184 7.12 -24.91 1.79
N LEU E 185 6.79 -23.62 1.86
CA LEU E 185 7.62 -22.56 1.30
C LEU E 185 8.01 -21.57 2.40
N ASN E 186 9.28 -21.17 2.45
CA ASN E 186 9.71 -20.13 3.42
C ASN E 186 10.27 -18.87 2.77
N SER E 187 10.47 -17.84 3.59
CA SER E 187 10.90 -16.53 3.14
C SER E 187 11.39 -15.66 4.29
N TRP E 188 12.60 -15.09 4.11
CA TRP E 188 13.27 -14.37 5.17
C TRP E 188 13.54 -12.92 4.83
N THR E 189 13.26 -12.04 5.78
CA THR E 189 13.60 -10.64 5.63
C THR E 189 15.05 -10.42 6.06
N ASP E 190 15.60 -9.28 5.65
CA ASP E 190 16.81 -8.73 6.23
C ASP E 190 16.47 -7.99 7.50
N GLN E 191 17.47 -7.87 8.36
CA GLN E 191 17.42 -7.03 9.54
C GLN E 191 16.50 -5.82 9.42
N ASP E 192 15.80 -5.49 10.51
CA ASP E 192 14.95 -4.31 10.52
C ASP E 192 15.82 -3.07 10.67
N SER E 193 15.36 -1.95 10.11
CA SER E 193 16.11 -0.69 10.15
C SER E 193 16.01 -0.02 11.52
N LYS E 194 14.85 -0.16 12.15
CA LYS E 194 14.61 0.39 13.48
C LYS E 194 14.72 -0.73 14.53
N ASP E 195 13.90 -1.75 14.36
CA ASP E 195 13.82 -2.89 15.27
C ASP E 195 15.08 -3.81 15.17
N SER E 196 15.79 -3.70 14.05
CA SER E 196 17.09 -4.39 13.86
C SER E 196 17.06 -5.90 14.04
N THR E 197 15.90 -6.49 13.74
CA THR E 197 15.74 -7.96 13.84
C THR E 197 15.04 -8.54 12.61
N TYR E 198 14.91 -9.87 12.59
CA TYR E 198 14.38 -10.59 11.45
C TYR E 198 12.96 -11.06 11.67
N SER E 199 12.30 -11.35 10.55
CA SER E 199 10.98 -11.95 10.50
C SER E 199 10.94 -12.91 9.32
N MET E 200 10.28 -14.03 9.49
CA MET E 200 10.20 -15.03 8.45
C MET E 200 8.77 -15.51 8.30
N SER E 201 8.32 -15.69 7.08
CA SER E 201 7.03 -16.32 6.87
C SER E 201 7.19 -17.75 6.33
N SER E 202 6.17 -18.58 6.55
CA SER E 202 6.20 -19.97 6.13
C SER E 202 4.81 -20.39 5.69
N THR E 203 4.73 -21.07 4.56
CA THR E 203 3.46 -21.37 3.94
C THR E 203 3.36 -22.80 3.43
N LEU E 204 2.69 -23.64 4.21
CA LEU E 204 2.28 -24.94 3.74
C LEU E 204 1.07 -24.75 2.84
N THR E 205 1.19 -25.20 1.60
CA THR E 205 0.13 -25.02 0.62
C THR E 205 -0.43 -26.34 0.07
N LEU E 206 -1.76 -26.43 0.02
CA LEU E 206 -2.49 -27.63 -0.38
C LEU E 206 -3.68 -27.39 -1.30
N THR E 207 -3.96 -28.37 -2.14
CA THR E 207 -5.24 -28.45 -2.82
C THR E 207 -6.33 -28.62 -1.75
N LYS E 208 -7.31 -27.72 -1.79
CA LYS E 208 -8.53 -27.78 -0.94
C LYS E 208 -8.91 -29.21 -0.57
N ASP E 209 -9.15 -30.05 -1.58
CA ASP E 209 -9.41 -31.49 -1.39
C ASP E 209 -8.58 -32.06 -0.24
N GLU E 210 -7.27 -31.88 -0.34
CA GLU E 210 -6.36 -32.38 0.66
C GLU E 210 -6.34 -31.52 1.91
N TYR E 211 -6.80 -30.28 1.80
CA TYR E 211 -6.89 -29.44 2.98
C TYR E 211 -7.81 -30.08 4.00
N GLU E 212 -8.95 -30.58 3.52
CA GLU E 212 -9.98 -31.17 4.39
C GLU E 212 -9.72 -32.63 4.74
N ARG E 213 -8.66 -33.23 4.20
CA ARG E 213 -8.25 -34.56 4.64
C ARG E 213 -8.15 -34.56 6.16
N HIS E 214 -7.55 -33.51 6.73
CA HIS E 214 -7.33 -33.44 8.16
C HIS E 214 -8.00 -32.28 8.88
N ASN E 215 -7.68 -32.14 10.18
CA ASN E 215 -8.28 -31.13 11.02
C ASN E 215 -7.27 -30.17 11.65
N SER E 216 -6.28 -30.74 12.34
CA SER E 216 -5.38 -29.91 13.13
C SER E 216 -4.16 -29.49 12.34
N TYR E 217 -3.89 -28.19 12.34
CA TYR E 217 -2.69 -27.65 11.70
C TYR E 217 -1.89 -26.81 12.69
N THR E 218 -0.57 -26.87 12.62
CA THR E 218 0.30 -26.18 13.59
C THR E 218 1.72 -25.89 13.06
N CYS E 219 2.26 -24.73 13.43
CA CYS E 219 3.65 -24.38 13.10
C CYS E 219 4.48 -24.01 14.34
N GLU E 220 5.76 -24.39 14.33
CA GLU E 220 6.59 -24.26 15.52
C GLU E 220 7.96 -23.66 15.24
N ALA E 221 8.19 -22.45 15.74
CA ALA E 221 9.53 -21.89 15.82
C ALA E 221 10.39 -22.82 16.70
N THR E 222 11.70 -22.66 16.65
CA THR E 222 12.61 -23.38 17.56
C THR E 222 13.88 -22.56 17.67
N HIS E 223 13.67 -21.25 17.76
CA HIS E 223 14.72 -20.26 18.00
C HIS E 223 15.64 -20.51 19.20
N LYS E 224 16.83 -19.93 19.14
CA LYS E 224 17.81 -20.07 20.20
C LYS E 224 17.54 -19.04 21.30
N THR E 225 16.32 -19.02 21.84
CA THR E 225 16.00 -18.16 22.99
C THR E 225 15.56 -19.02 24.14
N SER E 226 14.49 -19.77 23.91
CA SER E 226 14.04 -20.80 24.84
C SER E 226 13.97 -22.11 24.08
N THR E 227 14.86 -23.06 24.40
CA THR E 227 14.81 -24.35 23.72
C THR E 227 13.57 -25.12 24.15
N SER E 228 12.44 -24.62 23.66
CA SER E 228 11.11 -25.18 23.80
C SER E 228 10.30 -24.55 22.65
N PRO E 229 9.96 -25.35 21.63
CA PRO E 229 9.20 -24.87 20.49
C PRO E 229 8.06 -23.94 20.86
N ILE E 230 7.88 -22.86 20.09
CA ILE E 230 6.65 -22.07 20.17
C ILE E 230 5.64 -22.66 19.17
N VAL E 231 4.88 -23.63 19.65
CA VAL E 231 3.73 -24.15 18.94
C VAL E 231 2.62 -23.10 18.98
N LYS E 232 1.79 -23.12 17.94
CA LYS E 232 0.72 -22.17 17.80
C LYS E 232 -0.15 -22.77 16.71
N SER E 233 -1.21 -23.44 17.15
CA SER E 233 -2.00 -24.29 16.26
C SER E 233 -3.45 -23.83 16.08
N PHE E 234 -4.01 -24.13 14.90
CA PHE E 234 -5.43 -23.97 14.64
C PHE E 234 -5.96 -25.26 14.00
N ASN E 235 -7.26 -25.53 14.13
CA ASN E 235 -7.83 -26.77 13.60
C ASN E 235 -9.16 -26.58 12.92
N ARG E 236 -9.31 -27.29 11.80
CA ARG E 236 -10.33 -27.02 10.76
C ARG E 236 -11.75 -26.62 11.22
N ASN E 237 -12.51 -27.58 11.74
CA ASN E 237 -13.96 -27.45 12.08
C ASN E 237 -14.69 -26.18 11.62
N GLU E 238 -14.46 -25.09 12.34
CA GLU E 238 -15.14 -23.80 12.15
C GLU E 238 -14.77 -23.10 10.82
N CYS E 239 -13.56 -23.38 10.31
CA CYS E 239 -13.04 -22.80 9.05
C CYS E 239 -12.71 -23.86 7.99
N GLU F 1 27.06 15.44 -8.82
CA GLU F 1 27.82 16.03 -9.96
C GLU F 1 27.92 15.06 -11.15
N VAL F 2 28.86 14.11 -11.09
CA VAL F 2 29.20 13.21 -12.21
C VAL F 2 28.23 12.02 -12.28
N GLN F 3 27.52 11.87 -13.40
CA GLN F 3 26.36 10.96 -13.44
C GLN F 3 26.12 10.07 -14.68
N LEU F 4 25.66 8.85 -14.40
CA LEU F 4 25.21 7.87 -15.41
C LEU F 4 23.76 7.46 -15.14
N VAL F 5 22.97 7.30 -16.20
CA VAL F 5 21.57 6.94 -16.05
C VAL F 5 21.24 5.83 -17.03
N GLU F 6 21.51 4.59 -16.64
CA GLU F 6 21.19 3.44 -17.48
C GLU F 6 19.70 3.11 -17.41
N SER F 7 19.14 2.61 -18.53
CA SER F 7 17.70 2.44 -18.66
C SER F 7 17.25 1.63 -19.89
N GLY F 8 15.94 1.40 -19.97
CA GLY F 8 15.33 0.64 -21.04
C GLY F 8 15.64 -0.85 -20.96
N GLY F 9 14.77 -1.61 -20.29
CA GLY F 9 14.92 -3.07 -20.14
C GLY F 9 13.89 -3.72 -19.21
N GLY F 10 13.49 -4.94 -19.56
CA GLY F 10 12.47 -5.70 -18.80
C GLY F 10 12.33 -7.10 -19.36
N LEU F 11 11.14 -7.69 -19.26
CA LEU F 11 10.89 -9.06 -19.76
C LEU F 11 11.30 -9.28 -21.22
N VAL F 12 11.73 -10.51 -21.51
CA VAL F 12 11.98 -10.97 -22.87
C VAL F 12 11.88 -12.51 -22.94
N LYS F 13 11.66 -13.04 -24.14
CA LYS F 13 11.74 -14.47 -24.38
C LYS F 13 13.19 -14.87 -24.62
N PRO F 14 13.58 -16.07 -24.12
CA PRO F 14 14.84 -16.72 -24.44
C PRO F 14 15.05 -16.79 -25.94
N GLY F 15 15.89 -15.90 -26.45
CA GLY F 15 16.18 -15.78 -27.87
C GLY F 15 16.04 -14.34 -28.36
N GLY F 16 15.21 -13.57 -27.65
CA GLY F 16 14.89 -12.18 -28.02
C GLY F 16 16.04 -11.21 -27.90
N SER F 17 15.73 -9.91 -27.90
CA SER F 17 16.76 -8.87 -27.88
C SER F 17 16.37 -7.66 -27.06
N LEU F 18 17.35 -6.79 -26.79
CA LEU F 18 17.19 -5.63 -25.90
C LEU F 18 18.40 -4.68 -25.98
N LYS F 19 18.17 -3.43 -26.37
CA LYS F 19 19.26 -2.49 -26.57
C LYS F 19 19.41 -1.52 -25.41
N LEU F 20 20.03 -2.02 -24.34
CA LEU F 20 20.25 -1.26 -23.11
C LEU F 20 21.14 -0.05 -23.31
N SER F 21 20.87 1.01 -22.54
CA SER F 21 21.52 2.31 -22.71
C SER F 21 21.76 3.04 -21.38
N CYS F 22 22.80 3.87 -21.36
CA CYS F 22 23.25 4.59 -20.17
C CYS F 22 23.63 6.03 -20.51
N ALA F 23 22.90 7.00 -19.96
CA ALA F 23 23.16 8.44 -20.22
C ALA F 23 24.19 9.03 -19.26
N ALA F 24 25.31 9.49 -19.81
CA ALA F 24 26.38 10.02 -18.99
C ALA F 24 26.26 11.53 -18.89
N SER F 25 25.98 12.03 -17.70
CA SER F 25 25.67 13.45 -17.54
C SER F 25 26.49 14.10 -16.42
N GLY F 26 27.69 14.55 -16.77
CA GLY F 26 28.51 15.34 -15.85
C GLY F 26 30.01 15.09 -15.92
N PHE F 27 30.46 14.32 -16.91
CA PHE F 27 31.89 14.06 -17.06
C PHE F 27 32.34 14.08 -18.53
N ALA F 28 33.66 14.22 -18.73
CA ALA F 28 34.25 14.40 -20.08
C ALA F 28 34.14 13.17 -20.99
N PHE F 29 33.16 12.32 -20.69
CA PHE F 29 32.76 11.15 -21.48
C PHE F 29 33.91 10.53 -22.27
N SER F 30 34.12 11.04 -23.49
CA SER F 30 35.23 10.64 -24.35
C SER F 30 36.54 10.53 -23.57
N SER F 31 36.58 11.17 -22.42
CA SER F 31 37.68 11.08 -21.47
C SER F 31 38.18 9.65 -21.23
N TYR F 32 37.37 8.85 -20.52
CA TYR F 32 37.76 7.50 -20.10
C TYR F 32 37.08 6.39 -20.91
N ASP F 33 37.48 5.15 -20.62
CA ASP F 33 36.85 3.96 -21.17
C ASP F 33 35.50 3.76 -20.47
N MET F 34 34.75 2.73 -20.88
CA MET F 34 33.46 2.39 -20.25
C MET F 34 33.21 0.87 -20.05
N SER F 35 32.12 0.53 -19.35
CA SER F 35 31.79 -0.85 -19.04
C SER F 35 30.42 -1.02 -18.40
N TRP F 36 29.88 -2.22 -18.54
CA TRP F 36 28.70 -2.66 -17.79
C TRP F 36 29.05 -3.78 -16.84
N VAL F 37 28.53 -3.69 -15.63
CA VAL F 37 28.53 -4.83 -14.74
C VAL F 37 27.08 -5.20 -14.47
N ARG F 38 26.80 -6.48 -14.34
CA ARG F 38 25.46 -6.91 -14.00
C ARG F 38 25.47 -7.63 -12.67
N GLN F 39 24.29 -7.80 -12.09
CA GLN F 39 24.13 -8.46 -10.81
C GLN F 39 22.85 -9.24 -10.81
N THR F 40 22.97 -10.52 -10.50
CA THR F 40 21.82 -11.43 -10.46
C THR F 40 20.87 -11.16 -9.28
N PRO F 41 19.71 -11.86 -9.26
CA PRO F 41 18.82 -11.78 -8.09
C PRO F 41 19.55 -12.25 -6.83
N GLU F 42 20.46 -13.22 -7.00
CA GLU F 42 21.27 -13.76 -5.92
C GLU F 42 22.40 -12.82 -5.50
N LYS F 43 22.41 -11.63 -6.08
CA LYS F 43 23.38 -10.59 -5.76
C LYS F 43 24.84 -10.96 -6.12
N ARG F 44 24.97 -11.94 -7.01
CA ARG F 44 26.22 -12.22 -7.70
C ARG F 44 26.47 -11.09 -8.70
N LEU F 45 27.70 -10.56 -8.69
CA LEU F 45 28.13 -9.55 -9.66
C LEU F 45 28.86 -10.18 -10.83
N GLU F 46 28.87 -9.48 -11.97
CA GLU F 46 29.41 -10.04 -13.21
C GLU F 46 29.87 -8.98 -14.21
N TRP F 47 31.17 -8.95 -14.51
CA TRP F 47 31.66 -8.08 -15.58
C TRP F 47 31.30 -8.58 -16.97
N VAL F 48 30.50 -7.79 -17.67
CA VAL F 48 29.87 -8.20 -18.89
C VAL F 48 30.46 -7.56 -20.15
N ALA F 49 30.79 -6.28 -20.08
CA ALA F 49 31.21 -5.54 -21.26
C ALA F 49 32.23 -4.48 -20.91
N TYR F 50 33.03 -4.08 -21.89
CA TYR F 50 34.03 -3.00 -21.72
C TYR F 50 34.41 -2.35 -23.04
N ILE F 51 33.97 -1.11 -23.23
CA ILE F 51 34.33 -0.30 -24.39
C ILE F 51 35.53 0.61 -24.06
N SER F 52 36.41 0.82 -25.05
CA SER F 52 37.58 1.70 -24.85
C SER F 52 37.21 3.18 -24.66
N SER F 53 38.22 4.05 -24.71
CA SER F 53 38.01 5.50 -24.61
C SER F 53 37.11 5.98 -25.77
N GLY F 54 37.65 5.91 -26.99
CA GLY F 54 36.85 6.14 -28.19
C GLY F 54 36.62 4.83 -28.93
N GLY F 55 35.64 4.07 -28.45
CA GLY F 55 35.24 2.77 -29.03
C GLY F 55 36.19 2.07 -29.99
N GLY F 56 37.50 2.20 -29.76
CA GLY F 56 38.53 1.58 -30.58
C GLY F 56 38.35 0.08 -30.60
N SER F 57 38.63 -0.56 -29.46
CA SER F 57 38.32 -1.97 -29.28
C SER F 57 37.40 -2.21 -28.06
N THR F 58 36.81 -3.41 -27.99
CA THR F 58 35.89 -3.77 -26.92
C THR F 58 36.36 -5.03 -26.18
N TYR F 59 35.72 -5.32 -25.04
CA TYR F 59 36.11 -6.46 -24.17
C TYR F 59 34.93 -7.20 -23.50
N TYR F 60 35.00 -8.53 -23.47
CA TYR F 60 33.92 -9.38 -22.95
C TYR F 60 34.44 -10.59 -22.15
N PRO F 61 33.62 -11.13 -21.22
CA PRO F 61 33.92 -12.46 -20.73
C PRO F 61 33.39 -13.43 -21.78
N ASP F 62 33.96 -14.62 -21.84
CA ASP F 62 33.54 -15.57 -22.86
C ASP F 62 32.04 -15.77 -22.85
N THR F 63 31.47 -15.78 -21.64
CA THR F 63 30.04 -16.03 -21.43
C THR F 63 29.06 -15.21 -22.30
N VAL F 64 29.42 -13.98 -22.63
CA VAL F 64 28.55 -13.11 -23.45
C VAL F 64 29.11 -12.89 -24.87
N LYS F 65 30.43 -13.14 -25.03
CA LYS F 65 31.16 -12.90 -26.28
C LYS F 65 30.48 -13.44 -27.54
N GLY F 66 29.82 -12.53 -28.26
CA GLY F 66 29.14 -12.87 -29.49
C GLY F 66 27.66 -13.08 -29.27
N ARG F 67 27.11 -12.40 -28.27
CA ARG F 67 25.65 -12.37 -28.07
C ARG F 67 25.31 -11.00 -27.48
N PHE F 68 26.38 -10.25 -27.20
CA PHE F 68 26.35 -8.95 -26.56
C PHE F 68 27.32 -8.07 -27.30
N THR F 69 26.95 -6.81 -27.48
CA THR F 69 27.85 -5.80 -28.01
C THR F 69 27.70 -4.46 -27.28
N ILE F 70 28.84 -3.81 -27.08
CA ILE F 70 28.88 -2.50 -26.39
C ILE F 70 29.22 -1.35 -27.35
N SER F 71 28.29 -0.42 -27.48
CA SER F 71 28.45 0.70 -28.40
C SER F 71 28.32 2.04 -27.71
N ARG F 72 29.18 2.98 -28.07
CA ARG F 72 29.08 4.36 -27.58
C ARG F 72 29.12 5.37 -28.73
N ASP F 73 28.50 6.52 -28.47
CA ASP F 73 28.56 7.69 -29.34
C ASP F 73 29.28 8.82 -28.57
N ASN F 74 30.61 8.87 -28.71
CA ASN F 74 31.49 9.81 -27.99
C ASN F 74 30.95 11.23 -27.96
N ALA F 75 30.02 11.53 -28.88
CA ALA F 75 29.33 12.82 -28.94
C ALA F 75 28.17 12.92 -27.93
N LYS F 76 27.08 12.21 -28.18
CA LYS F 76 25.83 12.45 -27.42
C LYS F 76 25.84 11.87 -25.98
N ASN F 77 27.05 11.57 -25.50
CA ASN F 77 27.32 11.17 -24.12
C ASN F 77 26.52 9.96 -23.60
N THR F 78 26.32 8.98 -24.48
CA THR F 78 25.55 7.78 -24.18
C THR F 78 26.35 6.50 -24.42
N LEU F 79 26.18 5.55 -23.51
CA LEU F 79 26.70 4.19 -23.64
C LEU F 79 25.56 3.23 -23.97
N TYR F 80 25.84 2.18 -24.72
CA TYR F 80 24.81 1.20 -25.04
C TYR F 80 25.31 -0.24 -24.85
N LEU F 81 24.40 -1.10 -24.40
CA LEU F 81 24.59 -2.54 -24.42
C LEU F 81 23.53 -3.20 -25.31
N GLN F 82 23.98 -3.81 -26.39
CA GLN F 82 23.07 -4.45 -27.33
C GLN F 82 23.07 -5.94 -27.04
N MET F 83 21.94 -6.44 -26.55
CA MET F 83 21.84 -7.84 -26.14
C MET F 83 20.97 -8.70 -27.04
N SER F 84 21.46 -9.86 -27.41
CA SER F 84 20.76 -10.70 -28.37
C SER F 84 21.06 -12.18 -28.17
N SER F 85 20.27 -13.04 -28.83
CA SER F 85 20.25 -14.48 -28.54
C SER F 85 20.36 -14.65 -27.04
N LEU F 86 19.33 -14.16 -26.36
CA LEU F 86 19.34 -14.00 -24.91
C LEU F 86 19.14 -15.29 -24.14
N LYS F 87 20.02 -15.51 -23.17
CA LYS F 87 19.92 -16.60 -22.24
C LYS F 87 19.20 -16.12 -20.98
N SER F 88 18.50 -17.06 -20.32
CA SER F 88 17.86 -16.86 -19.01
C SER F 88 18.85 -16.29 -18.01
N GLU F 89 20.10 -16.74 -18.12
CA GLU F 89 21.22 -16.29 -17.28
C GLU F 89 21.42 -14.77 -17.27
N ASP F 90 21.13 -14.14 -18.40
CA ASP F 90 21.37 -12.71 -18.54
C ASP F 90 20.42 -11.86 -17.71
N THR F 91 19.40 -12.49 -17.12
CA THR F 91 18.55 -11.84 -16.11
C THR F 91 19.46 -11.24 -15.06
N ALA F 92 19.19 -9.98 -14.72
CA ALA F 92 19.98 -9.24 -13.74
C ALA F 92 19.62 -7.78 -13.81
N MET F 93 19.96 -7.05 -12.75
CA MET F 93 19.98 -5.61 -12.77
C MET F 93 21.34 -5.22 -13.35
N TYR F 94 21.33 -4.32 -14.34
CA TYR F 94 22.52 -4.02 -15.15
C TYR F 94 23.07 -2.64 -14.86
N TYR F 95 24.26 -2.57 -14.28
CA TYR F 95 24.87 -1.29 -13.87
C TYR F 95 25.92 -0.76 -14.85
N CYS F 96 25.64 0.41 -15.43
CA CYS F 96 26.64 1.15 -16.19
C CYS F 96 27.59 1.80 -15.18
N ALA F 97 28.85 1.40 -15.22
CA ALA F 97 29.85 1.93 -14.32
C ALA F 97 31.08 2.41 -15.10
N ARG F 98 31.91 3.20 -14.44
CA ARG F 98 32.99 3.90 -15.11
C ARG F 98 34.32 3.70 -14.41
N PRO F 99 35.30 3.17 -15.15
CA PRO F 99 36.62 2.88 -14.61
C PRO F 99 37.38 4.15 -14.28
N ASP F 100 38.13 4.14 -13.18
CA ASP F 100 38.94 5.30 -12.80
C ASP F 100 40.13 5.45 -13.73
N TYR F 101 40.47 6.70 -14.02
CA TYR F 101 41.68 7.11 -14.76
C TYR F 101 42.75 6.01 -14.94
N ARG F 102 43.34 5.57 -13.83
CA ARG F 102 44.53 4.73 -13.84
C ARG F 102 44.29 3.44 -13.09
N SER F 103 43.49 3.53 -12.02
CA SER F 103 43.16 2.38 -11.18
C SER F 103 42.23 1.42 -11.90
N TYR F 104 41.46 1.95 -12.86
CA TYR F 104 40.42 1.20 -13.55
C TYR F 104 39.32 0.75 -12.58
N ALA F 105 39.58 0.99 -11.30
CA ALA F 105 38.61 0.80 -10.26
C ALA F 105 37.39 1.63 -10.60
N MET F 106 36.26 0.96 -10.83
CA MET F 106 35.04 1.63 -11.25
C MET F 106 34.56 2.62 -10.19
N ASP F 107 35.01 3.87 -10.31
CA ASP F 107 34.74 4.87 -9.28
C ASP F 107 33.38 5.57 -9.39
N TYR F 108 32.75 5.52 -10.56
CA TYR F 108 31.40 6.06 -10.65
C TYR F 108 30.39 5.15 -11.30
N TRP F 109 29.30 4.90 -10.57
CA TRP F 109 28.34 3.87 -10.90
C TRP F 109 26.96 4.44 -11.23
N GLY F 110 26.20 3.67 -12.02
CA GLY F 110 24.81 4.00 -12.34
C GLY F 110 23.83 3.53 -11.29
N GLN F 111 22.67 3.06 -11.72
CA GLN F 111 21.60 2.66 -10.80
C GLN F 111 20.91 1.37 -11.26
N GLY F 112 21.13 1.00 -12.51
CA GLY F 112 20.71 -0.32 -13.00
C GLY F 112 19.40 -0.37 -13.76
N THR F 113 19.16 -1.51 -14.41
CA THR F 113 17.91 -1.72 -15.15
C THR F 113 17.46 -3.16 -15.08
N SER F 114 16.23 -3.38 -14.62
CA SER F 114 15.68 -4.73 -14.49
C SER F 114 15.66 -5.45 -15.83
N VAL F 115 16.07 -6.71 -15.82
CA VAL F 115 15.96 -7.59 -16.97
C VAL F 115 15.53 -8.95 -16.46
N THR F 116 14.79 -9.66 -17.29
CA THR F 116 14.41 -11.05 -17.03
C THR F 116 14.02 -11.75 -18.32
N VAL F 117 14.29 -13.05 -18.38
CA VAL F 117 14.09 -13.81 -19.59
C VAL F 117 13.15 -14.97 -19.27
N SER F 118 11.86 -14.66 -19.20
CA SER F 118 10.84 -15.61 -18.71
C SER F 118 9.88 -16.13 -19.81
N SER F 119 10.19 -17.32 -20.33
CA SER F 119 9.35 -17.95 -21.34
C SER F 119 8.10 -18.55 -20.72
N LYS F 121 4.94 -12.89 -20.06
CA LYS F 121 3.58 -13.28 -19.67
C LYS F 121 3.08 -12.60 -18.38
N THR F 122 2.81 -11.30 -18.51
CA THR F 122 2.09 -10.54 -17.50
C THR F 122 1.04 -11.48 -16.86
N THR F 123 1.04 -11.59 -15.53
CA THR F 123 -0.04 -12.31 -14.80
C THR F 123 -0.42 -11.64 -13.45
N ALA F 124 -1.69 -11.76 -13.07
CA ALA F 124 -2.25 -10.96 -11.97
C ALA F 124 -2.30 -11.67 -10.61
N PRO F 125 -2.26 -10.88 -9.51
CA PRO F 125 -2.14 -11.39 -8.13
C PRO F 125 -3.43 -11.27 -7.29
N SER F 126 -4.03 -12.41 -7.00
CA SER F 126 -5.21 -12.48 -6.14
C SER F 126 -4.73 -12.19 -4.73
N VAL F 127 -5.15 -11.06 -4.16
CA VAL F 127 -4.72 -10.72 -2.80
C VAL F 127 -5.71 -11.26 -1.77
N TYR F 128 -5.49 -12.50 -1.34
CA TYR F 128 -6.32 -13.14 -0.34
C TYR F 128 -6.12 -12.48 1.01
N PRO F 129 -7.22 -12.17 1.71
CA PRO F 129 -7.07 -11.53 3.01
C PRO F 129 -6.64 -12.56 4.05
N LEU F 130 -5.98 -12.14 5.12
CA LEU F 130 -5.58 -13.05 6.20
C LEU F 130 -6.06 -12.59 7.58
N ALA F 131 -7.20 -13.13 8.01
CA ALA F 131 -7.77 -12.84 9.33
C ALA F 131 -7.41 -13.93 10.34
N PRO F 132 -7.12 -13.53 11.60
CA PRO F 132 -6.51 -14.45 12.56
C PRO F 132 -7.35 -15.68 12.96
N VAL F 133 -7.15 -16.15 14.19
CA VAL F 133 -7.62 -17.46 14.65
C VAL F 133 -9.13 -17.72 14.53
N CYS F 134 -9.45 -18.74 13.74
CA CYS F 134 -10.80 -19.31 13.50
C CYS F 134 -11.77 -19.13 14.68
N GLY F 135 -11.35 -19.59 15.85
CA GLY F 135 -11.95 -19.27 17.13
C GLY F 135 -10.98 -18.38 17.90
N ASP F 136 -11.45 -17.20 18.28
CA ASP F 136 -10.62 -16.19 18.94
C ASP F 136 -9.94 -16.68 20.23
N THR F 137 -8.82 -16.03 20.59
CA THR F 137 -8.16 -16.23 21.90
C THR F 137 -7.35 -14.96 22.28
N THR F 138 -7.83 -13.81 21.82
CA THR F 138 -7.12 -12.51 21.90
C THR F 138 -6.21 -12.33 23.14
N GLY F 139 -4.96 -12.75 22.97
CA GLY F 139 -3.94 -12.82 24.03
C GLY F 139 -3.55 -11.48 24.63
N SER F 140 -3.06 -10.55 23.80
CA SER F 140 -2.73 -9.19 24.25
C SER F 140 -2.62 -8.15 23.13
N SER F 141 -1.91 -8.49 22.06
CA SER F 141 -1.77 -7.60 20.90
C SER F 141 -2.05 -8.30 19.57
N VAL F 142 -2.84 -7.64 18.73
CA VAL F 142 -3.35 -8.22 17.48
C VAL F 142 -2.32 -8.18 16.35
N THR F 143 -2.17 -9.30 15.63
CA THR F 143 -1.32 -9.37 14.43
C THR F 143 -2.06 -9.93 13.20
N LEU F 144 -1.90 -9.28 12.05
CA LEU F 144 -2.70 -9.58 10.87
C LEU F 144 -1.86 -9.68 9.60
N GLY F 145 -2.40 -10.34 8.59
CA GLY F 145 -1.69 -10.58 7.34
C GLY F 145 -2.42 -10.15 6.07
N CYS F 146 -1.77 -10.43 4.93
CA CYS F 146 -2.23 -10.03 3.59
C CYS F 146 -1.46 -10.90 2.58
N LEU F 147 -2.16 -11.76 1.82
CA LEU F 147 -1.48 -12.72 0.94
C LEU F 147 -1.65 -12.41 -0.53
N VAL F 148 -0.57 -12.57 -1.30
CA VAL F 148 -0.55 -12.25 -2.73
C VAL F 148 0.15 -13.37 -3.51
N LYS F 149 -0.63 -14.23 -4.15
CA LYS F 149 -0.08 -15.44 -4.75
C LYS F 149 -0.25 -15.46 -6.27
N GLY F 150 0.40 -16.42 -6.93
CA GLY F 150 0.32 -16.69 -8.38
C GLY F 150 0.41 -15.54 -9.37
N TYR F 151 1.57 -14.89 -9.48
CA TYR F 151 1.71 -13.69 -10.35
C TYR F 151 2.99 -13.54 -11.20
N PHE F 152 3.03 -12.49 -12.03
CA PHE F 152 4.20 -12.19 -12.86
C PHE F 152 4.14 -10.81 -13.57
N PRO F 153 5.28 -10.10 -13.64
CA PRO F 153 6.48 -10.35 -12.85
C PRO F 153 6.65 -9.32 -11.74
N GLU F 154 7.86 -9.27 -11.17
CA GLU F 154 8.20 -8.28 -10.18
C GLU F 154 8.02 -6.90 -10.82
N PRO F 155 7.63 -5.90 -10.01
CA PRO F 155 7.29 -6.11 -8.62
C PRO F 155 5.78 -6.12 -8.44
N VAL F 156 5.35 -5.74 -7.25
CA VAL F 156 3.96 -5.41 -6.88
C VAL F 156 4.11 -4.56 -5.62
N THR F 157 3.18 -3.64 -5.39
CA THR F 157 3.24 -2.84 -4.17
C THR F 157 2.07 -3.11 -3.22
N LEU F 158 2.40 -3.75 -2.10
CA LEU F 158 1.48 -3.93 -0.99
C LEU F 158 1.69 -2.78 0.00
N THR F 159 0.60 -2.30 0.59
CA THR F 159 0.67 -1.43 1.76
C THR F 159 -0.53 -1.62 2.68
N TRP F 160 -0.42 -1.12 3.91
CA TRP F 160 -1.55 -1.11 4.86
C TRP F 160 -2.02 0.32 5.10
N ASN F 161 -3.33 0.53 4.96
CA ASN F 161 -3.98 1.84 5.04
C ASN F 161 -3.45 2.91 4.09
N SER F 162 -3.33 2.53 2.81
CA SER F 162 -2.86 3.40 1.72
C SER F 162 -1.42 3.85 1.93
N GLY F 163 -0.99 3.86 3.20
CA GLY F 163 0.36 4.20 3.61
C GLY F 163 0.34 4.60 5.08
N SER F 164 -0.86 4.86 5.59
CA SER F 164 -1.10 5.42 6.92
C SER F 164 -0.67 4.50 8.05
N LEU F 165 -0.56 3.22 7.76
CA LEU F 165 -0.06 2.25 8.71
C LEU F 165 1.25 1.68 8.17
N SER F 166 2.31 1.80 8.96
CA SER F 166 3.66 1.45 8.50
C SER F 166 4.51 0.84 9.60
N SER F 167 4.76 1.64 10.64
CA SER F 167 5.57 1.28 11.81
C SER F 167 5.44 -0.20 12.24
N GLY F 168 6.26 -1.07 11.65
CA GLY F 168 6.21 -2.51 11.97
C GLY F 168 5.44 -3.37 10.98
N VAL F 169 5.54 -3.04 9.69
CA VAL F 169 5.06 -3.89 8.60
C VAL F 169 6.17 -4.88 8.18
N HIS F 170 5.78 -5.98 7.54
CA HIS F 170 6.76 -6.94 7.04
C HIS F 170 6.33 -7.54 5.70
N THR F 171 7.02 -7.17 4.63
CA THR F 171 6.77 -7.76 3.31
C THR F 171 7.92 -8.68 2.87
N PHE F 172 7.61 -9.97 2.81
CA PHE F 172 8.63 -10.98 2.62
C PHE F 172 8.96 -11.14 1.15
N PRO F 173 10.26 -11.31 0.82
CA PRO F 173 10.71 -11.44 -0.56
C PRO F 173 9.87 -12.44 -1.32
N ALA F 174 9.43 -12.06 -2.52
CA ALA F 174 8.60 -12.93 -3.33
C ALA F 174 9.28 -14.26 -3.66
N VAL F 175 8.50 -15.23 -4.08
CA VAL F 175 8.99 -16.59 -4.25
C VAL F 175 8.38 -17.23 -5.49
N LEU F 176 9.17 -18.04 -6.18
CA LEU F 176 8.72 -18.58 -7.45
C LEU F 176 8.14 -20.00 -7.44
N GLN F 177 6.81 -20.08 -7.29
CA GLN F 177 6.09 -21.34 -7.55
C GLN F 177 5.87 -21.51 -9.05
N SER F 178 6.59 -22.48 -9.61
CA SER F 178 6.73 -22.64 -11.05
C SER F 178 6.99 -21.28 -11.73
N ASP F 179 6.17 -20.94 -12.72
CA ASP F 179 6.36 -19.69 -13.44
C ASP F 179 5.50 -18.62 -12.84
N LEU F 180 5.21 -18.76 -11.56
CA LEU F 180 4.49 -17.74 -10.83
C LEU F 180 5.22 -17.36 -9.57
N TYR F 181 4.77 -16.26 -8.96
CA TYR F 181 5.40 -15.66 -7.80
C TYR F 181 4.48 -15.75 -6.61
N THR F 182 4.97 -15.37 -5.43
CA THR F 182 4.17 -15.42 -4.21
C THR F 182 4.73 -14.51 -3.15
N LEU F 183 3.85 -13.80 -2.46
CA LEU F 183 4.23 -12.84 -1.41
C LEU F 183 3.17 -12.70 -0.30
N SER F 184 3.55 -12.04 0.79
CA SER F 184 2.65 -11.73 1.89
C SER F 184 3.28 -10.70 2.81
N SER F 185 2.46 -9.83 3.41
CA SER F 185 2.94 -8.91 4.44
C SER F 185 2.21 -9.05 5.78
N SER F 186 2.91 -8.73 6.85
CA SER F 186 2.35 -8.84 8.18
C SER F 186 2.39 -7.50 8.90
N VAL F 187 1.46 -7.31 9.84
CA VAL F 187 1.41 -6.09 10.66
C VAL F 187 0.86 -6.40 12.06
N THR F 188 1.35 -5.67 13.05
CA THR F 188 1.10 -5.96 14.46
C THR F 188 0.58 -4.73 15.26
N VAL F 189 -0.74 -4.74 15.51
CA VAL F 189 -1.49 -3.61 16.09
C VAL F 189 -1.80 -3.87 17.57
N THR F 190 -2.15 -2.81 18.30
CA THR F 190 -2.70 -2.94 19.66
C THR F 190 -4.06 -3.60 19.56
N SER F 191 -4.30 -4.63 20.38
CA SER F 191 -5.61 -5.27 20.47
C SER F 191 -6.75 -4.25 20.33
N SER F 192 -6.59 -3.09 20.96
CA SER F 192 -7.57 -2.02 20.99
C SER F 192 -7.90 -1.44 19.60
N THR F 193 -6.86 -1.19 18.81
CA THR F 193 -7.02 -0.49 17.54
C THR F 193 -7.59 -1.32 16.38
N TRP F 194 -7.32 -2.63 16.32
CA TRP F 194 -8.12 -3.43 15.40
C TRP F 194 -9.39 -3.87 16.09
N PRO F 195 -9.87 -5.10 15.82
CA PRO F 195 -11.29 -5.29 15.64
C PRO F 195 -11.99 -3.95 15.34
N SER F 196 -12.19 -3.12 16.38
CA SER F 196 -12.78 -1.77 16.28
C SER F 196 -12.48 -1.02 14.96
N GLN F 197 -11.36 -0.29 14.93
CA GLN F 197 -10.92 0.44 13.74
C GLN F 197 -10.34 -0.48 12.68
N SER F 198 -10.75 -0.25 11.43
CA SER F 198 -10.42 -1.10 10.29
C SER F 198 -9.03 -0.85 9.69
N ILE F 199 -8.53 -1.84 8.96
CA ILE F 199 -7.29 -1.71 8.18
C ILE F 199 -7.48 -2.36 6.80
N THR F 200 -7.62 -1.52 5.79
CA THR F 200 -7.76 -1.97 4.40
C THR F 200 -6.39 -2.20 3.75
N CYS F 201 -6.17 -3.41 3.27
CA CYS F 201 -4.86 -3.83 2.75
C CYS F 201 -4.69 -3.52 1.26
N ASN F 202 -3.96 -2.44 0.99
CA ASN F 202 -3.90 -1.82 -0.34
C ASN F 202 -2.77 -2.38 -1.18
N VAL F 203 -3.13 -3.15 -2.20
CA VAL F 203 -2.13 -3.79 -3.05
C VAL F 203 -2.35 -3.44 -4.53
N ALA F 204 -1.25 -3.32 -5.25
CA ALA F 204 -1.25 -3.01 -6.68
C ALA F 204 -0.16 -3.76 -7.46
N HIS F 205 -0.52 -4.22 -8.67
CA HIS F 205 0.44 -4.84 -9.59
C HIS F 205 0.64 -3.89 -10.76
N PRO F 206 1.90 -3.56 -11.11
CA PRO F 206 2.11 -2.67 -12.24
C PRO F 206 1.75 -3.32 -13.57
N ALA F 207 2.37 -4.46 -13.88
CA ALA F 207 2.17 -5.10 -15.17
C ALA F 207 0.73 -5.57 -15.42
N SER F 208 -0.11 -5.57 -14.38
CA SER F 208 -1.54 -5.86 -14.54
C SER F 208 -2.37 -4.58 -14.42
N SER F 209 -2.10 -3.83 -13.36
CA SER F 209 -2.76 -2.55 -13.05
C SER F 209 -4.08 -2.74 -12.27
N THR F 210 -3.97 -3.18 -11.01
CA THR F 210 -5.14 -3.38 -10.16
C THR F 210 -4.99 -2.81 -8.75
N LYS F 211 -5.94 -1.93 -8.38
CA LYS F 211 -6.03 -1.34 -7.04
C LYS F 211 -7.09 -2.08 -6.20
N VAL F 212 -6.71 -3.25 -5.69
CA VAL F 212 -7.57 -4.06 -4.85
C VAL F 212 -7.14 -3.89 -3.40
N ASP F 213 -8.05 -3.42 -2.54
CA ASP F 213 -7.70 -2.98 -1.18
C ASP F 213 -8.57 -3.60 -0.06
N LYS F 214 -8.17 -4.77 0.43
CA LYS F 214 -9.00 -5.61 1.31
C LYS F 214 -8.99 -5.25 2.81
N LYS F 215 -9.84 -5.91 3.58
CA LYS F 215 -9.93 -5.68 5.03
C LYS F 215 -10.37 -6.95 5.78
N GLN A 10 4.93 41.69 -15.86
CA GLN A 10 6.40 41.81 -15.69
C GLN A 10 6.84 43.27 -15.79
N GLY A 11 5.86 44.17 -15.75
CA GLY A 11 6.12 45.61 -15.84
C GLY A 11 4.93 46.43 -15.34
N ARG A 12 5.16 47.74 -15.16
CA ARG A 12 4.11 48.66 -14.72
C ARG A 12 2.83 48.47 -15.56
N GLY A 13 3.02 48.25 -16.86
CA GLY A 13 1.89 48.05 -17.78
C GLY A 13 1.04 46.85 -17.37
N ALA A 14 1.66 45.67 -17.39
CA ALA A 14 0.97 44.42 -17.04
C ALA A 14 0.51 44.38 -15.57
N TRP A 15 1.33 44.98 -14.69
CA TRP A 15 1.01 45.05 -13.27
C TRP A 15 -0.13 46.04 -13.06
N LEU A 16 0.01 47.28 -13.58
CA LEU A 16 -1.06 48.30 -13.38
C LEU A 16 -2.42 47.89 -14.03
N LEU A 17 -2.36 47.27 -15.20
CA LEU A 17 -3.58 46.79 -15.87
C LEU A 17 -4.23 45.77 -14.96
N MET A 18 -3.44 44.81 -14.47
CA MET A 18 -3.97 43.79 -13.58
C MET A 18 -4.55 44.35 -12.28
N ALA A 19 -3.76 45.14 -11.56
CA ALA A 19 -4.25 45.77 -10.33
C ALA A 19 -5.40 46.73 -10.64
N PHE A 20 -5.29 47.48 -11.73
CA PHE A 20 -6.35 48.42 -12.13
C PHE A 20 -7.59 47.62 -12.50
N THR A 21 -7.42 46.62 -13.39
CA THR A 21 -8.54 45.81 -13.86
C THR A 21 -9.47 45.34 -12.69
N ALA A 22 -8.87 44.78 -11.65
CA ALA A 22 -9.65 44.32 -10.49
C ALA A 22 -10.27 45.45 -9.67
N LEU A 23 -9.45 46.41 -9.22
CA LEU A 23 -9.99 47.55 -8.45
C LEU A 23 -11.03 48.23 -9.31
N ALA A 24 -10.70 48.39 -10.60
CA ALA A 24 -11.60 49.04 -11.54
C ALA A 24 -12.91 48.26 -11.70
N LEU A 25 -12.75 46.99 -12.07
CA LEU A 25 -13.89 46.11 -12.29
C LEU A 25 -14.58 45.79 -10.97
N GLU A 26 -13.83 45.20 -10.05
CA GLU A 26 -14.37 44.80 -8.77
C GLU A 26 -14.97 45.95 -7.91
N LEU A 27 -14.59 47.16 -8.22
CA LEU A 27 -15.14 48.31 -7.50
C LEU A 27 -16.56 48.56 -8.01
N THR A 28 -16.79 48.32 -9.32
CA THR A 28 -18.13 48.51 -9.89
C THR A 28 -19.13 47.70 -9.09
N ALA A 29 -18.60 46.66 -8.43
CA ALA A 29 -19.41 45.76 -7.62
C ALA A 29 -20.06 46.52 -6.45
N LEU A 30 -19.30 47.45 -5.87
CA LEU A 30 -19.78 48.25 -4.71
C LEU A 30 -21.09 48.97 -4.98
N TRP A 31 -21.36 49.23 -6.26
CA TRP A 31 -22.59 49.90 -6.69
C TRP A 31 -23.76 48.93 -6.66
N PHE A 32 -23.72 47.94 -7.55
CA PHE A 32 -24.75 46.91 -7.69
C PHE A 32 -25.86 47.02 -6.64
N GLN A 33 -25.52 46.73 -5.36
CA GLN A 33 -26.50 46.78 -4.29
C GLN A 33 -27.51 47.89 -4.51
N HIS A 34 -27.00 49.10 -4.75
CA HIS A 34 -27.86 50.27 -4.86
C HIS A 34 -28.93 50.25 -5.97
N VAL A 35 -28.53 50.11 -7.23
CA VAL A 35 -29.53 50.08 -8.32
C VAL A 35 -30.33 48.78 -8.25
N MET A 36 -29.64 47.67 -7.93
CA MET A 36 -30.29 46.37 -7.88
C MET A 36 -31.27 46.24 -6.62
N LEU A 37 -31.08 47.18 -5.67
CA LEU A 37 -31.93 47.30 -4.38
C LEU A 37 -32.66 45.79 -4.47
N LEU A 38 -31.92 45.05 -3.53
CA LEU A 38 -32.22 44.08 -2.43
C LEU A 38 -31.29 44.60 -1.16
N LYS A 39 -30.54 43.66 -0.63
CA LYS A 39 -29.65 43.87 0.51
C LYS A 39 -28.65 42.71 0.59
N PRO A 40 -27.86 42.52 -0.49
CA PRO A 40 -26.83 41.42 -0.63
C PRO A 40 -25.46 41.71 0.02
N SER A 41 -24.88 40.65 0.59
CA SER A 41 -23.55 40.74 1.20
C SER A 41 -23.35 39.54 2.10
N VAL A 42 -23.98 39.59 3.28
CA VAL A 42 -23.84 38.54 4.29
C VAL A 42 -22.36 38.08 4.30
N LEU A 43 -22.14 36.77 4.39
CA LEU A 43 -20.77 36.20 4.45
C LEU A 43 -19.90 36.80 3.36
N CYS A 44 -20.52 37.02 2.21
CA CYS A 44 -19.81 37.48 1.04
C CYS A 44 -18.73 38.64 1.33
N ILE A 45 -19.00 39.51 2.29
CA ILE A 45 -18.01 40.55 2.59
C ILE A 45 -16.62 39.88 2.89
N TYR A 46 -16.66 38.76 3.59
CA TYR A 46 -15.44 38.03 3.89
C TYR A 46 -14.76 37.65 2.56
N GLU A 47 -15.57 37.42 1.53
CA GLU A 47 -15.08 37.06 0.20
C GLU A 47 -14.65 38.22 -0.66
N ARG A 48 -15.35 39.36 -0.53
CA ARG A 48 -15.00 40.51 -1.33
C ARG A 48 -13.60 40.88 -0.92
N VAL A 49 -13.32 40.74 0.39
CA VAL A 49 -12.00 41.01 0.97
C VAL A 49 -10.84 40.41 0.14
N ALA A 50 -11.07 39.26 -0.49
CA ALA A 50 -10.03 38.64 -1.34
C ALA A 50 -9.49 39.62 -2.40
N LEU A 51 -10.31 40.55 -2.91
CA LEU A 51 -9.85 41.55 -3.88
C LEU A 51 -8.64 42.38 -3.39
N PHE A 52 -8.63 42.77 -2.12
CA PHE A 52 -7.48 43.50 -1.56
C PHE A 52 -6.30 42.54 -1.41
N GLY A 53 -6.60 41.28 -1.09
CA GLY A 53 -5.56 40.28 -0.99
C GLY A 53 -4.80 40.29 -2.31
N VAL A 54 -5.56 40.35 -3.42
CA VAL A 54 -4.94 40.42 -4.75
C VAL A 54 -4.44 41.82 -5.10
N LEU A 55 -5.30 42.83 -4.96
CA LEU A 55 -4.89 44.22 -5.23
C LEU A 55 -3.78 44.55 -4.21
N GLY A 56 -4.06 44.33 -2.92
CA GLY A 56 -3.09 44.58 -1.85
C GLY A 56 -1.72 44.06 -2.28
N ALA A 57 -1.71 42.82 -2.78
CA ALA A 57 -0.50 42.18 -3.31
C ALA A 57 0.07 42.92 -4.55
N ALA A 58 -0.82 43.40 -5.41
CA ALA A 58 -0.41 44.16 -6.61
C ALA A 58 -0.18 45.64 -6.29
N LEU A 59 -1.20 46.29 -5.73
CA LEU A 59 -1.10 47.70 -5.31
C LEU A 59 0.07 47.95 -4.36
N ILE A 60 0.15 47.22 -3.24
CA ILE A 60 1.27 47.42 -2.31
C ILE A 60 2.60 46.95 -2.91
N GLY A 61 2.50 46.15 -3.99
CA GLY A 61 3.67 45.67 -4.72
C GLY A 61 3.73 46.36 -6.08
N ALA A 62 2.72 47.21 -6.32
CA ALA A 62 2.62 47.97 -7.57
C ALA A 62 3.61 49.16 -7.53
N ILE A 63 3.49 50.06 -6.54
CA ILE A 63 4.38 51.24 -6.46
C ILE A 63 5.81 50.87 -6.85
N ALA A 64 6.11 49.57 -6.72
CA ALA A 64 7.42 49.00 -7.07
C ALA A 64 7.25 47.72 -7.92
N PRO A 65 6.88 47.91 -9.19
CA PRO A 65 6.58 46.78 -10.17
C PRO A 65 8.01 46.31 -10.73
N LYS A 66 8.29 46.91 -12.02
CA LYS A 66 9.05 46.71 -13.06
C LYS A 66 9.11 45.24 -13.17
N THR A 67 9.88 44.72 -12.23
CA THR A 67 10.17 43.30 -12.05
C THR A 67 11.32 43.12 -11.05
N PRO A 68 11.92 44.21 -10.55
CA PRO A 68 12.99 44.08 -9.57
C PRO A 68 12.69 42.96 -8.43
N LEU A 69 13.71 42.77 -7.61
CA LEU A 69 13.69 41.77 -6.57
C LEU A 69 12.32 41.63 -5.89
N ARG A 70 11.63 42.77 -5.77
CA ARG A 70 10.33 42.85 -5.12
C ARG A 70 9.22 41.98 -5.86
N TYR A 71 9.70 41.10 -6.73
CA TYR A 71 8.82 40.21 -7.48
C TYR A 71 8.20 39.13 -6.58
N VAL A 72 8.44 39.27 -5.28
CA VAL A 72 7.88 38.34 -4.32
C VAL A 72 6.39 38.48 -4.36
N ALA A 73 5.93 39.70 -4.65
CA ALA A 73 4.50 39.99 -4.71
C ALA A 73 3.70 38.90 -5.43
N MET A 74 4.40 38.11 -6.23
CA MET A 74 3.76 37.07 -7.00
C MET A 74 2.95 36.01 -6.08
N VAL A 75 3.62 35.58 -5.04
CA VAL A 75 3.02 34.62 -4.15
C VAL A 75 1.79 35.17 -3.44
N ILE A 76 1.95 36.26 -2.71
CA ILE A 76 0.83 36.85 -2.03
C ILE A 76 -0.33 37.18 -3.04
N TRP A 77 0.04 37.50 -4.29
CA TRP A 77 -0.93 37.73 -5.40
C TRP A 77 -1.59 36.41 -5.73
N LEU A 78 -0.80 35.34 -5.66
CA LEU A 78 -1.32 34.01 -5.96
C LEU A 78 -2.23 33.58 -4.86
N TYR A 79 -1.69 33.52 -3.64
CA TYR A 79 -2.47 33.06 -2.48
C TYR A 79 -3.86 33.65 -2.44
N SER A 80 -3.97 34.95 -2.36
CA SER A 80 -5.26 35.63 -2.28
C SER A 80 -6.29 35.19 -3.33
N ALA A 81 -5.85 34.90 -4.55
CA ALA A 81 -6.77 34.44 -5.58
C ALA A 81 -7.25 33.04 -5.25
N PHE A 82 -6.34 32.20 -4.72
CA PHE A 82 -6.67 30.82 -4.34
C PHE A 82 -7.67 30.81 -3.19
N ARG A 83 -7.36 31.58 -2.14
CA ARG A 83 -8.24 31.69 -0.98
C ARG A 83 -9.59 32.23 -1.47
N GLY A 84 -9.56 33.17 -2.41
CA GLY A 84 -10.81 33.69 -2.96
C GLY A 84 -11.69 32.56 -3.48
N VAL A 85 -11.08 31.61 -4.23
CA VAL A 85 -11.85 30.50 -4.78
C VAL A 85 -12.56 29.73 -3.67
N GLN A 86 -11.86 29.44 -2.56
CA GLN A 86 -12.46 28.70 -1.45
C GLN A 86 -13.71 29.39 -0.85
N LEU A 87 -13.66 30.73 -0.73
CA LEU A 87 -14.82 31.50 -0.26
C LEU A 87 -15.93 31.58 -1.36
N THR A 88 -15.58 31.88 -2.63
CA THR A 88 -16.62 31.94 -3.69
C THR A 88 -17.20 30.57 -3.99
N TYR A 89 -16.36 29.54 -3.99
CA TYR A 89 -16.82 28.18 -4.28
C TYR A 89 -17.83 27.68 -3.25
N GLU A 90 -17.48 27.77 -1.95
CA GLU A 90 -18.40 27.31 -0.90
C GLU A 90 -19.68 28.10 -0.99
N HIS A 91 -19.57 29.39 -1.19
CA HIS A 91 -20.77 30.21 -1.35
C HIS A 91 -21.58 29.79 -2.59
N THR A 92 -20.89 29.45 -3.68
CA THR A 92 -21.60 29.04 -4.89
C THR A 92 -22.30 27.73 -4.61
N MET A 93 -21.53 26.77 -4.11
CA MET A 93 -22.05 25.46 -3.77
C MET A 93 -23.28 25.57 -2.81
N LEU A 94 -23.21 26.52 -1.90
CA LEU A 94 -24.29 26.74 -0.96
C LEU A 94 -25.67 27.00 -1.62
N GLN A 95 -25.73 27.83 -2.66
CA GLN A 95 -26.99 28.11 -3.36
C GLN A 95 -27.41 26.88 -4.16
N LEU A 96 -26.45 26.16 -4.71
CA LEU A 96 -26.76 24.96 -5.50
C LEU A 96 -27.46 23.96 -4.57
N TYR A 97 -26.98 23.95 -3.33
CA TYR A 97 -27.45 23.05 -2.32
C TYR A 97 -27.06 23.67 -0.97
N PRO A 98 -27.87 24.50 -0.33
CA PRO A 98 -27.43 25.13 0.92
C PRO A 98 -27.78 24.25 2.09
N SER A 99 -27.23 24.51 3.26
CA SER A 99 -27.49 23.67 4.43
C SER A 99 -28.93 23.80 4.95
N PRO A 100 -29.23 23.06 6.02
CA PRO A 100 -30.58 23.02 6.65
C PRO A 100 -30.75 23.97 7.82
N PHE A 101 -29.64 24.43 8.40
CA PHE A 101 -29.66 25.30 9.57
C PHE A 101 -30.97 26.06 9.77
N ALA A 102 -31.54 25.95 10.97
CA ALA A 102 -32.79 26.61 11.23
C ALA A 102 -32.60 28.12 11.09
N THR A 103 -32.77 28.83 12.21
CA THR A 103 -32.65 30.25 12.24
C THR A 103 -31.05 30.55 11.87
N CYS A 104 -30.89 31.46 10.97
CA CYS A 104 -29.59 31.75 10.57
C CYS A 104 -29.16 33.25 11.02
N ASP A 105 -28.00 33.31 11.65
CA ASP A 105 -27.53 34.61 12.14
C ASP A 105 -26.48 35.22 11.21
N PHE A 106 -26.16 36.50 11.47
CA PHE A 106 -25.24 37.27 10.65
C PHE A 106 -23.93 36.54 10.36
N MET A 107 -23.85 35.26 10.82
CA MET A 107 -22.66 34.43 10.55
C MET A 107 -22.96 32.89 10.30
N VAL A 108 -24.23 32.58 10.01
CA VAL A 108 -24.72 31.21 9.71
C VAL A 108 -26.23 31.23 9.39
N LEU A 114 -10.42 45.68 11.54
CA LEU A 114 -11.40 45.34 10.47
C LEU A 114 -12.03 46.64 9.92
N PRO A 115 -12.21 47.65 10.75
CA PRO A 115 -12.77 48.96 10.33
C PRO A 115 -11.94 49.70 9.29
N LEU A 116 -11.80 51.02 9.50
CA LEU A 116 -11.00 51.86 8.62
C LEU A 116 -10.73 53.15 9.40
N ASP A 117 -11.74 54.03 9.43
CA ASP A 117 -11.69 55.31 10.16
C ASP A 117 -11.30 56.50 9.24
N LYS A 118 -10.13 56.42 8.60
CA LYS A 118 -9.61 57.53 7.79
C LYS A 118 -10.50 58.01 6.64
N TRP A 119 -11.30 57.12 6.04
CA TRP A 119 -12.15 57.49 4.90
C TRP A 119 -13.69 57.28 5.08
N VAL A 120 -14.10 56.01 5.27
CA VAL A 120 -15.50 55.66 5.59
C VAL A 120 -15.51 54.34 6.38
N PRO A 121 -16.37 54.23 7.36
CA PRO A 121 -16.45 53.00 8.15
C PRO A 121 -17.08 51.80 7.39
N GLN A 122 -17.95 52.13 6.43
CA GLN A 122 -18.71 51.15 5.64
C GLN A 122 -17.96 49.80 5.31
N VAL A 123 -16.78 49.88 4.72
CA VAL A 123 -16.02 48.69 4.35
C VAL A 123 -16.78 47.37 4.59
N PHE A 124 -16.94 46.96 5.85
CA PHE A 124 -17.67 45.74 6.18
C PHE A 124 -19.20 45.94 6.27
N VAL A 125 -19.95 44.88 5.91
CA VAL A 125 -21.41 44.92 5.99
C VAL A 125 -21.99 43.50 5.94
N ALA A 126 -23.18 43.32 6.50
CA ALA A 126 -23.82 42.01 6.57
C ALA A 126 -25.01 41.86 5.62
N SER A 127 -26.24 41.82 6.16
CA SER A 127 -27.42 41.68 5.29
C SER A 127 -28.75 41.99 6.01
N GLY A 128 -29.83 41.38 5.49
CA GLY A 128 -31.15 41.55 6.07
C GLY A 128 -32.00 40.31 5.82
N ASP A 129 -31.32 39.25 5.32
CA ASP A 129 -32.00 37.96 5.00
C ASP A 129 -31.02 36.79 4.79
N CYS A 130 -31.59 35.59 4.75
CA CYS A 130 -30.84 34.34 4.55
C CYS A 130 -30.95 33.85 3.09
N ALA A 131 -30.84 32.54 2.95
CA ALA A 131 -31.02 31.91 1.69
C ALA A 131 -32.50 32.02 1.53
N GLU A 132 -33.00 32.04 0.31
CA GLU A 132 -34.43 32.17 0.08
C GLU A 132 -34.69 33.47 -0.71
N ARG A 133 -35.24 33.29 -1.90
CA ARG A 133 -35.56 34.39 -2.79
C ARG A 133 -34.35 35.30 -2.97
N GLN A 134 -33.77 35.22 -4.15
CA GLN A 134 -32.63 36.06 -4.51
C GLN A 134 -32.42 35.93 -6.02
N TRP A 135 -33.37 36.45 -6.81
CA TRP A 135 -33.24 36.35 -8.27
C TRP A 135 -32.36 37.47 -8.84
N ASP A 136 -32.42 37.61 -10.16
CA ASP A 136 -31.66 38.62 -10.87
C ASP A 136 -32.24 38.70 -12.29
N PHE A 137 -31.33 38.66 -13.27
CA PHE A 137 -31.68 38.82 -14.69
C PHE A 137 -31.61 37.56 -15.61
N LEU A 138 -31.88 37.83 -16.91
CA LEU A 138 -31.87 36.83 -18.00
C LEU A 138 -30.45 36.44 -18.43
N GLY A 139 -29.50 36.60 -17.51
CA GLY A 139 -28.11 36.22 -17.80
C GLY A 139 -27.30 35.99 -16.52
N LEU A 140 -27.72 35.01 -15.73
CA LEU A 140 -27.05 34.65 -14.49
C LEU A 140 -26.97 35.88 -13.58
N GLU A 141 -26.83 35.62 -12.27
CA GLU A 141 -26.75 36.68 -11.29
C GLU A 141 -25.34 37.26 -11.24
N MET A 142 -24.54 36.78 -10.30
CA MET A 142 -23.18 37.24 -10.17
C MET A 142 -22.38 36.28 -9.33
N PRO A 143 -22.71 36.03 -8.07
CA PRO A 143 -21.89 35.13 -7.27
C PRO A 143 -21.17 34.10 -8.15
N GLN A 144 -21.94 33.39 -8.98
CA GLN A 144 -21.38 32.35 -9.82
C GLN A 144 -20.37 32.89 -10.83
N TRP A 145 -20.78 33.93 -11.59
CA TRP A 145 -19.90 34.55 -12.56
C TRP A 145 -18.59 34.83 -11.81
N LEU A 146 -18.73 35.53 -10.68
CA LEU A 146 -17.59 35.94 -9.81
C LEU A 146 -16.58 34.85 -9.51
N LEU A 147 -17.03 33.64 -9.24
CA LEU A 147 -16.10 32.51 -8.98
C LEU A 147 -15.26 32.26 -10.22
N GLY A 148 -15.90 32.28 -11.41
CA GLY A 148 -15.18 32.04 -12.66
C GLY A 148 -14.03 33.01 -12.88
N ILE A 149 -14.32 34.30 -12.72
CA ILE A 149 -13.30 35.32 -12.90
C ILE A 149 -12.07 35.07 -11.94
N PHE A 150 -12.35 34.71 -10.69
CA PHE A 150 -11.28 34.43 -9.72
C PHE A 150 -10.42 33.27 -10.22
N ILE A 151 -11.04 32.35 -10.96
CA ILE A 151 -10.29 31.24 -11.49
C ILE A 151 -9.28 31.88 -12.53
N ALA A 152 -9.79 32.87 -13.26
CA ALA A 152 -8.96 33.58 -14.25
C ALA A 152 -7.73 34.31 -13.64
N TYR A 153 -7.94 35.10 -12.59
CA TYR A 153 -6.85 35.81 -11.92
C TYR A 153 -5.91 34.76 -11.33
N LEU A 154 -6.52 33.71 -10.76
CA LEU A 154 -5.77 32.59 -10.17
C LEU A 154 -4.94 31.93 -11.27
N ILE A 155 -5.56 31.72 -12.42
CA ILE A 155 -4.89 31.05 -13.47
C ILE A 155 -3.60 31.98 -14.07
N VAL A 156 -3.82 33.27 -14.11
CA VAL A 156 -2.76 34.17 -14.51
C VAL A 156 -1.64 34.03 -13.48
N ALA A 157 -2.03 34.01 -12.19
CA ALA A 157 -1.06 33.85 -11.09
C ALA A 157 -0.26 32.56 -11.15
N VAL A 158 -0.91 31.40 -11.22
CA VAL A 158 -0.14 30.17 -11.26
C VAL A 158 0.64 30.15 -12.58
N LEU A 159 -0.08 30.13 -13.71
CA LEU A 159 0.54 30.06 -15.05
C LEU A 159 1.77 30.94 -15.29
N VAL A 160 1.75 32.17 -14.78
CA VAL A 160 2.90 33.09 -14.92
C VAL A 160 4.10 32.59 -14.07
N VAL A 161 3.84 32.11 -12.84
CA VAL A 161 4.94 31.56 -12.02
C VAL A 161 5.09 30.04 -12.28
N ILE A 162 4.10 29.44 -12.94
CA ILE A 162 4.13 28.00 -13.23
C ILE A 162 4.11 27.17 -11.92
N ASP B 21 -40.59 22.39 15.02
CA ASP B 21 -39.87 22.05 13.75
C ASP B 21 -40.87 21.77 12.63
N ILE B 22 -40.40 21.18 11.55
CA ILE B 22 -41.31 20.64 10.57
C ILE B 22 -41.82 19.30 11.12
N VAL B 23 -43.09 19.00 10.90
CA VAL B 23 -43.61 17.65 11.17
C VAL B 23 -44.01 16.85 9.92
N MET B 24 -43.28 15.76 9.71
CA MET B 24 -43.62 14.77 8.71
C MET B 24 -44.57 13.77 9.33
N SER B 25 -45.57 13.41 8.53
CA SER B 25 -46.63 12.53 8.93
C SER B 25 -47.08 11.78 7.70
N GLN B 26 -46.87 10.46 7.71
CA GLN B 26 -47.29 9.59 6.62
C GLN B 26 -48.61 8.88 6.94
N SER B 27 -49.41 8.59 5.92
CA SER B 27 -50.52 7.67 6.06
C SER B 27 -50.42 6.66 4.93
N PRO B 28 -50.81 5.40 5.15
CA PRO B 28 -51.31 4.82 6.39
C PRO B 28 -50.16 4.22 7.18
N SER B 29 -50.46 3.66 8.35
CA SER B 29 -49.47 2.91 9.10
C SER B 29 -49.01 1.67 8.34
N SER B 30 -49.98 0.94 7.78
CA SER B 30 -49.68 -0.32 7.10
C SER B 30 -50.37 -0.49 5.75
N LEU B 31 -49.71 -1.25 4.86
CA LEU B 31 -50.26 -1.65 3.58
C LEU B 31 -50.03 -3.13 3.31
N ALA B 32 -51.07 -3.80 2.85
CA ALA B 32 -50.92 -5.14 2.34
C ALA B 32 -51.01 -5.08 0.81
N VAL B 33 -50.32 -5.99 0.14
CA VAL B 33 -50.41 -6.13 -1.32
C VAL B 33 -49.89 -7.49 -1.82
N SER B 34 -50.54 -8.03 -2.85
CA SER B 34 -50.11 -9.28 -3.46
C SER B 34 -48.93 -8.98 -4.36
N ALA B 35 -47.92 -9.86 -4.28
CA ALA B 35 -46.59 -9.60 -4.85
C ALA B 35 -46.57 -9.27 -6.34
N GLY B 36 -46.60 -7.97 -6.67
CA GLY B 36 -46.44 -7.54 -8.05
C GLY B 36 -47.32 -6.37 -8.40
N GLU B 37 -47.85 -5.71 -7.38
CA GLU B 37 -48.80 -4.63 -7.55
C GLU B 37 -48.20 -3.22 -7.50
N LYS B 38 -49.06 -2.22 -7.72
CA LYS B 38 -48.68 -0.82 -7.53
C LYS B 38 -49.19 -0.33 -6.17
N VAL B 39 -48.29 0.30 -5.41
CA VAL B 39 -48.61 0.89 -4.12
C VAL B 39 -48.05 2.29 -4.10
N THR B 40 -48.85 3.21 -3.57
CA THR B 40 -48.46 4.60 -3.50
C THR B 40 -48.81 5.14 -2.12
N MET B 41 -47.91 5.02 -1.14
CA MET B 41 -48.17 5.65 0.15
C MET B 41 -47.78 7.14 0.15
N SER B 42 -48.28 7.90 1.14
CA SER B 42 -48.15 9.34 1.10
C SER B 42 -47.44 9.92 2.30
N CYS B 43 -46.61 10.94 2.02
CA CYS B 43 -45.91 11.72 3.03
C CYS B 43 -46.29 13.18 2.91
N LYS B 44 -46.83 13.74 3.99
CA LYS B 44 -47.17 15.17 4.04
C LYS B 44 -46.40 15.91 5.13
N SER B 45 -45.78 17.02 4.75
CA SER B 45 -45.03 17.82 5.71
C SER B 45 -45.77 19.10 6.12
N SER B 46 -45.53 19.55 7.35
CA SER B 46 -46.22 20.70 7.91
C SER B 46 -45.84 22.02 7.23
N GLN B 47 -44.64 22.03 6.65
CA GLN B 47 -44.04 23.22 6.08
C GLN B 47 -43.74 22.95 4.64
N SER B 48 -43.98 23.92 3.76
CA SER B 48 -43.65 23.67 2.37
C SER B 48 -42.16 23.40 2.21
N LEU B 49 -41.81 22.52 1.30
CA LEU B 49 -40.41 22.10 1.12
C LEU B 49 -39.73 22.64 -0.15
N LEU B 50 -40.30 23.68 -0.76
CA LEU B 50 -39.77 24.25 -2.00
C LEU B 50 -38.83 25.45 -1.75
N ASN B 51 -37.71 25.48 -2.46
CA ASN B 51 -36.93 26.70 -2.56
C ASN B 51 -37.48 27.60 -3.67
N SER B 52 -37.30 28.91 -3.51
CA SER B 52 -37.52 29.81 -4.63
C SER B 52 -36.55 29.44 -5.76
N ARG B 53 -35.24 29.48 -5.48
CA ARG B 53 -34.23 29.08 -6.47
C ARG B 53 -34.12 27.55 -6.63
N THR B 54 -34.42 27.14 -7.86
CA THR B 54 -34.67 25.74 -8.27
C THR B 54 -35.86 25.12 -7.59
N ARG B 55 -36.77 24.59 -8.40
CA ARG B 55 -37.70 23.57 -7.90
C ARG B 55 -36.81 22.48 -7.32
N LYS B 56 -36.72 22.48 -6.00
CA LYS B 56 -35.86 21.56 -5.28
C LYS B 56 -36.64 21.23 -4.03
N ASN B 57 -37.16 20.01 -3.95
CA ASN B 57 -38.14 19.77 -2.91
C ASN B 57 -37.69 19.11 -1.63
N TYR B 58 -36.37 18.99 -1.46
CA TYR B 58 -35.75 18.75 -0.13
C TYR B 58 -36.40 17.69 0.80
N LEU B 59 -36.99 16.67 0.17
CA LEU B 59 -37.55 15.57 0.89
C LEU B 59 -36.87 14.33 0.39
N ALA B 60 -36.54 13.43 1.32
CA ALA B 60 -36.09 12.10 0.95
C ALA B 60 -37.03 10.98 1.46
N TRP B 61 -36.96 9.84 0.77
CA TRP B 61 -37.65 8.60 1.16
C TRP B 61 -36.61 7.56 1.48
N TYR B 62 -36.65 7.01 2.69
CA TYR B 62 -35.74 5.93 3.06
C TYR B 62 -36.54 4.66 3.29
N GLN B 63 -36.11 3.57 2.70
CA GLN B 63 -36.69 2.28 3.02
C GLN B 63 -35.84 1.64 4.10
N GLN B 64 -36.48 0.86 4.97
CA GLN B 64 -35.77 0.18 6.06
C GLN B 64 -36.28 -1.21 6.23
N LYS B 65 -35.46 -2.19 5.89
CA LYS B 65 -35.87 -3.60 5.97
C LYS B 65 -35.90 -4.13 7.41
N PRO B 66 -36.66 -5.21 7.68
CA PRO B 66 -36.76 -5.69 9.06
C PRO B 66 -35.39 -5.94 9.71
N GLY B 67 -35.11 -5.18 10.77
CA GLY B 67 -33.84 -5.26 11.48
C GLY B 67 -32.72 -4.95 10.51
N GLN B 68 -32.74 -3.72 10.01
CA GLN B 68 -31.67 -3.18 9.17
C GLN B 68 -31.59 -1.67 9.25
N SER B 69 -30.41 -1.15 8.95
CA SER B 69 -30.26 0.26 8.81
C SER B 69 -31.09 0.73 7.60
N PRO B 70 -31.80 1.86 7.72
CA PRO B 70 -32.52 2.40 6.57
C PRO B 70 -31.60 2.51 5.34
N LYS B 71 -32.17 2.38 4.14
CA LYS B 71 -31.42 2.61 2.88
C LYS B 71 -31.98 3.84 2.14
N LEU B 72 -31.10 4.63 1.53
CA LEU B 72 -31.55 5.79 0.75
C LEU B 72 -32.23 5.30 -0.52
N LEU B 73 -33.32 5.95 -0.90
CA LEU B 73 -34.19 5.44 -1.94
C LEU B 73 -34.47 6.47 -3.02
N ILE B 74 -34.89 7.64 -2.57
CA ILE B 74 -35.16 8.76 -3.44
C ILE B 74 -34.68 9.99 -2.71
N TYR B 75 -33.89 10.82 -3.37
CA TYR B 75 -33.68 12.15 -2.82
C TYR B 75 -34.35 13.29 -3.61
N TRP B 76 -34.20 14.50 -3.08
CA TRP B 76 -34.82 15.71 -3.63
C TRP B 76 -36.34 15.67 -3.80
N ALA B 77 -36.87 14.57 -4.32
CA ALA B 77 -38.29 14.19 -4.17
C ALA B 77 -38.65 13.23 -5.26
N SER B 78 -38.03 13.51 -6.41
CA SER B 78 -38.20 12.78 -7.67
C SER B 78 -37.05 11.82 -7.90
N THR B 79 -35.82 12.32 -7.77
CA THR B 79 -34.61 11.62 -8.23
C THR B 79 -34.23 10.37 -7.42
N ARG B 80 -34.11 9.25 -8.13
CA ARG B 80 -33.75 7.96 -7.55
C ARG B 80 -32.26 7.82 -7.34
N GLU B 81 -31.86 6.86 -6.53
CA GLU B 81 -30.46 6.75 -6.13
C GLU B 81 -29.77 5.46 -6.63
N SER B 82 -28.48 5.58 -6.91
CA SER B 82 -27.65 4.50 -7.47
C SER B 82 -28.16 3.09 -7.18
N GLY B 83 -28.80 2.49 -8.17
CA GLY B 83 -29.34 1.13 -8.03
C GLY B 83 -30.73 1.07 -7.41
N VAL B 84 -31.51 2.13 -7.60
CA VAL B 84 -32.93 2.07 -7.30
C VAL B 84 -33.63 1.65 -8.58
N PRO B 85 -34.34 0.52 -8.53
CA PRO B 85 -35.19 0.12 -9.66
C PRO B 85 -36.31 1.12 -9.94
N ASP B 86 -36.45 1.47 -11.22
CA ASP B 86 -37.39 2.49 -11.73
C ASP B 86 -38.74 2.46 -11.00
N ARG B 87 -39.08 1.27 -10.49
CA ARG B 87 -40.38 0.96 -9.90
C ARG B 87 -40.76 1.82 -8.70
N PHE B 88 -39.78 2.15 -7.87
CA PHE B 88 -40.00 3.12 -6.81
C PHE B 88 -40.00 4.45 -7.52
N THR B 89 -41.07 5.22 -7.35
CA THR B 89 -41.12 6.57 -7.94
C THR B 89 -41.49 7.60 -6.89
N GLY B 90 -40.90 8.78 -7.03
CA GLY B 90 -41.18 9.87 -6.09
C GLY B 90 -41.87 11.00 -6.79
N SER B 91 -43.13 11.22 -6.44
CA SER B 91 -43.84 12.38 -6.91
C SER B 91 -43.99 13.25 -5.69
N GLY B 92 -44.63 14.41 -5.87
CA GLY B 92 -44.93 15.29 -4.74
C GLY B 92 -44.25 16.62 -4.90
N SER B 93 -44.71 17.60 -4.15
CA SER B 93 -44.23 18.96 -4.32
C SER B 93 -44.99 19.91 -3.41
N GLY B 94 -44.27 20.80 -2.75
CA GLY B 94 -44.85 21.63 -1.72
C GLY B 94 -44.89 20.83 -0.42
N THR B 95 -46.09 20.58 0.09
CA THR B 95 -46.25 19.89 1.36
C THR B 95 -46.73 18.44 1.16
N ASP B 96 -46.63 17.93 -0.06
CA ASP B 96 -47.43 16.76 -0.47
C ASP B 96 -46.73 15.71 -1.29
N PHE B 97 -46.07 14.80 -0.62
CA PHE B 97 -45.27 13.82 -1.34
C PHE B 97 -45.89 12.44 -1.29
N THR B 98 -45.57 11.66 -2.32
CA THR B 98 -46.12 10.32 -2.50
C THR B 98 -45.04 9.37 -3.06
N LEU B 99 -44.90 8.21 -2.43
CA LEU B 99 -43.98 7.20 -2.94
C LEU B 99 -44.78 6.09 -3.55
N THR B 100 -44.31 5.61 -4.69
CA THR B 100 -45.05 4.64 -5.50
C THR B 100 -44.16 3.48 -6.01
N ILE B 101 -44.50 2.26 -5.60
CA ILE B 101 -43.71 1.08 -5.91
C ILE B 101 -44.52 0.15 -6.76
N SER B 102 -44.19 0.09 -8.06
CA SER B 102 -44.84 -0.85 -8.97
C SER B 102 -44.11 -2.19 -9.00
N SER B 103 -44.88 -3.26 -9.20
CA SER B 103 -44.33 -4.62 -9.33
C SER B 103 -43.64 -5.09 -8.05
N VAL B 104 -44.37 -5.01 -6.94
CA VAL B 104 -43.87 -5.33 -5.61
C VAL B 104 -43.24 -6.72 -5.52
N GLN B 105 -41.91 -6.77 -5.55
CA GLN B 105 -41.25 -8.02 -5.27
C GLN B 105 -41.35 -8.38 -3.80
N ALA B 106 -40.93 -9.59 -3.49
CA ALA B 106 -41.06 -10.15 -2.15
C ALA B 106 -40.09 -9.46 -1.19
N GLU B 107 -38.92 -9.10 -1.74
CA GLU B 107 -37.87 -8.40 -1.04
C GLU B 107 -38.16 -6.90 -1.07
N ASP B 108 -39.39 -6.56 -0.69
CA ASP B 108 -39.83 -5.18 -0.56
C ASP B 108 -40.62 -5.07 0.73
N LEU B 109 -40.43 -6.04 1.62
CA LEU B 109 -41.02 -5.94 2.94
C LEU B 109 -40.24 -4.91 3.74
N ALA B 110 -40.90 -3.82 4.10
CA ALA B 110 -40.18 -2.74 4.74
C ALA B 110 -41.08 -1.70 5.37
N VAL B 111 -40.50 -0.86 6.21
CA VAL B 111 -41.12 0.41 6.52
C VAL B 111 -40.40 1.49 5.70
N TYR B 112 -41.21 2.40 5.15
CA TYR B 112 -40.76 3.45 4.24
C TYR B 112 -40.92 4.79 4.95
N TYR B 113 -39.80 5.48 5.11
CA TYR B 113 -39.75 6.66 5.95
C TYR B 113 -39.49 7.84 5.03
N CYS B 114 -40.19 8.95 5.25
CA CYS B 114 -39.85 10.13 4.52
C CYS B 114 -39.10 11.03 5.47
N LYS B 115 -38.14 11.78 4.93
CA LYS B 115 -37.34 12.73 5.72
C LYS B 115 -37.39 14.08 5.06
N GLN B 116 -37.53 15.12 5.86
CA GLN B 116 -37.33 16.45 5.31
C GLN B 116 -35.92 16.88 5.64
N SER B 117 -35.29 17.59 4.70
CA SER B 117 -33.99 18.18 4.95
C SER B 117 -33.99 19.66 4.57
N TYR B 118 -35.14 20.30 4.67
CA TYR B 118 -35.27 21.71 4.34
C TYR B 118 -34.88 22.56 5.52
N ASN B 119 -35.17 22.11 6.73
CA ASN B 119 -34.74 22.83 7.90
C ASN B 119 -34.59 21.87 9.01
N LEU B 120 -33.33 21.51 9.25
CA LEU B 120 -32.92 20.36 10.07
C LEU B 120 -33.42 19.06 9.42
N TYR B 121 -33.31 17.95 10.12
CA TYR B 121 -33.74 16.68 9.57
C TYR B 121 -34.94 16.16 10.36
N THR B 122 -36.13 16.07 9.77
CA THR B 122 -37.21 15.28 10.42
C THR B 122 -37.72 14.12 9.57
N PHE B 123 -38.26 13.11 10.27
CA PHE B 123 -38.75 11.87 9.65
C PHE B 123 -40.27 11.74 9.80
N GLY B 124 -40.87 10.95 8.91
CA GLY B 124 -42.26 10.60 9.07
C GLY B 124 -42.31 9.49 10.10
N GLY B 125 -43.49 9.01 10.40
CA GLY B 125 -43.66 7.95 11.37
C GLY B 125 -43.33 6.59 10.78
N GLY B 126 -43.62 6.41 9.50
CA GLY B 126 -43.33 5.17 8.84
C GLY B 126 -44.60 4.57 8.29
N THR B 127 -44.46 3.73 7.27
CA THR B 127 -45.56 3.04 6.61
C THR B 127 -45.02 1.64 6.40
N LYS B 128 -45.65 0.66 7.07
CA LYS B 128 -45.25 -0.73 6.93
C LYS B 128 -45.89 -1.40 5.72
N LEU B 129 -45.10 -1.73 4.71
CA LEU B 129 -45.57 -2.46 3.53
C LEU B 129 -45.39 -3.96 3.72
N GLU B 130 -46.37 -4.59 4.36
CA GLU B 130 -46.33 -6.06 4.58
C GLU B 130 -47.00 -6.83 3.44
N ILE B 131 -46.39 -7.93 3.03
CA ILE B 131 -46.86 -8.69 1.88
C ILE B 131 -48.05 -9.62 2.17
N LYS B 132 -48.87 -9.79 1.13
CA LYS B 132 -49.90 -10.82 1.08
C LYS B 132 -49.23 -12.10 0.60
N ALA B 134 -50.74 -16.42 -0.66
CA ALA B 134 -51.53 -17.64 -0.42
C ALA B 134 -51.00 -18.42 0.77
N ASP B 135 -51.92 -19.03 1.53
CA ASP B 135 -51.61 -19.68 2.80
C ASP B 135 -50.52 -20.78 2.68
N ALA B 136 -49.95 -21.19 3.82
CA ALA B 136 -49.10 -22.38 3.90
C ALA B 136 -49.13 -23.03 5.30
N ALA B 137 -48.74 -24.31 5.36
CA ALA B 137 -48.81 -25.12 6.59
C ALA B 137 -47.63 -24.92 7.56
N PRO B 138 -47.92 -24.54 8.81
CA PRO B 138 -46.89 -24.37 9.85
C PRO B 138 -46.12 -25.66 10.09
N THR B 139 -44.81 -25.56 10.36
CA THR B 139 -43.95 -26.74 10.42
C THR B 139 -43.36 -26.98 11.83
N VAL B 140 -44.16 -27.51 12.76
CA VAL B 140 -43.72 -27.64 14.18
C VAL B 140 -42.62 -28.68 14.42
N SER B 141 -41.95 -28.54 15.57
CA SER B 141 -40.81 -29.38 15.98
C SER B 141 -40.50 -29.08 17.46
N ILE B 142 -40.67 -30.08 18.32
CA ILE B 142 -40.47 -29.88 19.78
C ILE B 142 -39.05 -30.12 20.28
N PHE B 143 -38.68 -29.34 21.30
CA PHE B 143 -37.31 -29.31 21.84
C PHE B 143 -37.28 -29.38 23.38
N PRO B 144 -36.76 -30.50 23.92
CA PRO B 144 -36.64 -30.75 25.36
C PRO B 144 -35.63 -29.79 26.01
N PRO B 145 -35.68 -29.64 27.34
CA PRO B 145 -34.65 -28.91 28.07
C PRO B 145 -33.24 -29.33 27.66
N SER B 146 -32.25 -28.51 27.98
CA SER B 146 -30.84 -28.89 27.80
C SER B 146 -30.18 -29.29 29.10
N SER B 147 -29.53 -30.45 29.07
CA SER B 147 -28.82 -31.01 30.21
C SER B 147 -28.39 -29.92 31.21
N GLU B 148 -27.58 -28.96 30.74
CA GLU B 148 -26.98 -27.96 31.62
C GLU B 148 -28.00 -27.04 32.26
N GLN B 149 -29.02 -26.64 31.50
CA GLN B 149 -30.13 -25.84 32.03
C GLN B 149 -30.70 -26.53 33.28
N LEU B 150 -30.87 -27.85 33.16
CA LEU B 150 -31.40 -28.68 34.22
C LEU B 150 -30.44 -28.71 35.38
N THR B 151 -29.22 -29.19 35.13
CA THR B 151 -28.20 -29.31 36.19
C THR B 151 -27.78 -27.94 36.76
N SER B 152 -28.37 -26.88 36.21
CA SER B 152 -28.28 -25.54 36.78
C SER B 152 -29.62 -25.02 37.31
N GLY B 153 -30.55 -25.94 37.58
CA GLY B 153 -31.71 -25.67 38.42
C GLY B 153 -32.97 -25.14 37.76
N GLY B 154 -33.16 -25.47 36.48
CA GLY B 154 -34.35 -25.05 35.75
C GLY B 154 -34.64 -25.95 34.56
N ALA B 155 -35.82 -25.78 33.96
CA ALA B 155 -36.24 -26.61 32.82
C ALA B 155 -37.22 -25.89 31.90
N SER B 156 -36.88 -25.79 30.61
CA SER B 156 -37.72 -25.08 29.65
C SER B 156 -37.91 -25.91 28.39
N VAL B 157 -39.14 -25.97 27.91
CA VAL B 157 -39.46 -26.76 26.72
C VAL B 157 -40.10 -25.91 25.61
N VAL B 158 -39.53 -25.95 24.41
CA VAL B 158 -39.94 -25.09 23.29
C VAL B 158 -40.29 -25.86 22.01
N CYS B 159 -41.24 -25.33 21.24
CA CYS B 159 -41.40 -25.78 19.86
C CYS B 159 -41.56 -24.63 18.88
N PHE B 160 -40.81 -24.72 17.77
CA PHE B 160 -40.84 -23.72 16.72
C PHE B 160 -41.93 -24.04 15.72
N LEU B 161 -42.55 -23.01 15.18
CA LEU B 161 -43.59 -23.14 14.16
C LEU B 161 -43.12 -22.41 12.91
N ASN B 162 -42.18 -23.01 12.19
CA ASN B 162 -41.55 -22.32 11.08
C ASN B 162 -42.48 -22.17 9.87
N ASN B 163 -42.19 -21.14 9.07
CA ASN B 163 -42.74 -20.93 7.71
C ASN B 163 -44.25 -20.99 7.47
N PHE B 164 -45.05 -20.49 8.41
CA PHE B 164 -46.50 -20.50 8.20
C PHE B 164 -47.05 -19.17 7.72
N TYR B 165 -48.33 -19.19 7.30
CA TYR B 165 -49.03 -18.02 6.77
C TYR B 165 -50.51 -18.36 6.53
N PRO B 166 -51.45 -17.51 6.99
CA PRO B 166 -51.32 -16.22 7.65
C PRO B 166 -50.89 -16.29 9.11
N LYS B 167 -50.77 -15.10 9.73
CA LYS B 167 -50.30 -14.90 11.11
C LYS B 167 -50.98 -15.81 12.13
N ASP B 168 -52.29 -15.97 11.99
CA ASP B 168 -53.12 -16.57 13.02
C ASP B 168 -52.89 -18.07 13.19
N ILE B 169 -52.45 -18.43 14.39
CA ILE B 169 -52.11 -19.80 14.76
C ILE B 169 -52.27 -19.97 16.28
N ASN B 170 -53.23 -20.80 16.70
CA ASN B 170 -53.42 -21.08 18.11
C ASN B 170 -52.67 -22.35 18.51
N VAL B 171 -51.53 -22.15 19.16
CA VAL B 171 -50.63 -23.23 19.55
C VAL B 171 -50.91 -23.67 20.99
N LYS B 172 -51.26 -24.95 21.13
CA LYS B 172 -51.72 -25.52 22.39
C LYS B 172 -50.78 -26.61 22.90
N TRP B 173 -50.24 -26.40 24.10
CA TRP B 173 -49.36 -27.39 24.75
C TRP B 173 -50.15 -28.52 25.43
N LYS B 174 -49.61 -29.74 25.39
CA LYS B 174 -50.23 -30.91 26.04
C LYS B 174 -49.23 -31.65 26.93
N ILE B 175 -49.60 -31.85 28.19
CA ILE B 175 -48.87 -32.75 29.06
C ILE B 175 -49.61 -34.09 29.04
N ASP B 176 -49.07 -35.04 28.26
CA ASP B 176 -49.69 -36.34 27.92
C ASP B 176 -51.14 -36.28 27.39
N GLY B 177 -51.86 -35.22 27.77
CA GLY B 177 -53.27 -35.01 27.43
C GLY B 177 -53.88 -33.92 28.30
N SER B 178 -53.43 -33.85 29.56
CA SER B 178 -53.82 -32.80 30.52
C SER B 178 -53.14 -31.49 30.13
N GLU B 179 -53.94 -30.44 29.93
CA GLU B 179 -53.43 -29.22 29.32
C GLU B 179 -53.43 -27.99 30.24
N ARG B 180 -52.27 -27.73 30.85
CA ARG B 180 -52.04 -26.50 31.65
C ARG B 180 -51.42 -25.35 30.81
N GLN B 181 -51.49 -24.12 31.33
CA GLN B 181 -51.15 -22.94 30.52
C GLN B 181 -50.19 -21.92 31.15
N ASN B 182 -50.38 -21.62 32.44
CA ASN B 182 -49.54 -20.63 33.15
C ASN B 182 -48.01 -20.76 32.96
N GLY B 183 -47.45 -19.92 32.09
CA GLY B 183 -46.01 -19.94 31.79
C GLY B 183 -45.69 -20.43 30.40
N VAL B 184 -46.34 -19.84 29.40
CA VAL B 184 -46.21 -20.25 27.99
C VAL B 184 -46.12 -19.02 27.07
N LEU B 185 -44.89 -18.53 26.86
CA LEU B 185 -44.66 -17.24 26.19
C LEU B 185 -44.12 -17.35 24.75
N ASN B 186 -44.85 -16.75 23.82
CA ASN B 186 -44.61 -16.91 22.38
C ASN B 186 -43.80 -15.77 21.73
N SER B 187 -43.55 -15.91 20.43
CA SER B 187 -43.15 -14.79 19.58
C SER B 187 -43.13 -15.09 18.09
N TRP B 188 -43.85 -14.27 17.33
CA TRP B 188 -43.94 -14.37 15.89
C TRP B 188 -42.81 -13.52 15.32
N THR B 189 -42.03 -14.06 14.39
CA THR B 189 -41.13 -13.21 13.63
C THR B 189 -42.03 -12.26 12.84
N ASP B 190 -41.54 -11.05 12.59
CA ASP B 190 -42.18 -10.18 11.64
C ASP B 190 -41.93 -10.83 10.28
N GLN B 191 -43.00 -11.03 9.52
CA GLN B 191 -43.00 -11.67 8.19
C GLN B 191 -41.65 -11.72 7.43
N ASP B 192 -41.29 -12.92 6.96
CA ASP B 192 -40.08 -13.16 6.16
C ASP B 192 -40.05 -12.28 4.92
N SER B 193 -38.86 -11.99 4.39
CA SER B 193 -38.74 -11.12 3.22
C SER B 193 -38.48 -11.86 1.90
N LYS B 194 -37.79 -12.98 1.99
CA LYS B 194 -37.53 -13.83 0.83
C LYS B 194 -38.78 -14.66 0.53
N ASP B 195 -39.21 -15.43 1.52
CA ASP B 195 -40.36 -16.31 1.41
C ASP B 195 -41.66 -15.61 1.81
N SER B 196 -41.54 -14.51 2.55
CA SER B 196 -42.69 -13.66 2.89
C SER B 196 -43.77 -14.33 3.73
N THR B 197 -43.34 -15.14 4.69
CA THR B 197 -44.28 -15.83 5.58
C THR B 197 -43.81 -15.84 7.03
N TYR B 198 -44.73 -15.60 7.97
CA TYR B 198 -44.43 -15.58 9.41
C TYR B 198 -43.69 -16.82 9.92
N SER B 199 -43.36 -16.80 11.22
CA SER B 199 -42.88 -17.95 11.98
C SER B 199 -43.39 -17.75 13.41
N MET B 200 -42.99 -18.60 14.34
CA MET B 200 -43.40 -18.46 15.74
C MET B 200 -42.58 -19.35 16.66
N SER B 201 -42.63 -19.12 17.97
CA SER B 201 -41.95 -19.99 18.94
C SER B 201 -42.51 -19.86 20.35
N SER B 202 -43.19 -20.91 20.80
CA SER B 202 -43.74 -20.97 22.16
C SER B 202 -42.80 -21.66 23.13
N THR B 203 -42.70 -21.11 24.34
CA THR B 203 -41.80 -21.63 25.36
C THR B 203 -42.55 -21.92 26.65
N LEU B 204 -42.61 -23.19 26.99
CA LEU B 204 -43.13 -23.61 28.26
C LEU B 204 -41.97 -23.68 29.25
N THR B 205 -42.10 -22.94 30.34
CA THR B 205 -40.97 -22.73 31.24
C THR B 205 -41.30 -23.09 32.70
N LEU B 206 -40.83 -24.27 33.12
CA LEU B 206 -41.09 -24.83 34.46
C LEU B 206 -39.97 -24.59 35.47
N THR B 207 -40.09 -25.22 36.64
CA THR B 207 -38.97 -25.34 37.58
C THR B 207 -38.19 -26.64 37.23
N LYS B 208 -36.96 -26.75 37.74
CA LYS B 208 -36.12 -27.96 37.54
C LYS B 208 -36.86 -29.26 37.88
N ASP B 209 -37.57 -29.24 39.02
CA ASP B 209 -38.17 -30.43 39.64
C ASP B 209 -39.60 -30.73 39.17
N GLU B 210 -40.38 -29.68 38.96
CA GLU B 210 -41.74 -29.80 38.41
C GLU B 210 -41.81 -30.42 37.00
N TYR B 211 -40.68 -30.51 36.29
CA TYR B 211 -40.66 -30.96 34.89
C TYR B 211 -40.90 -32.47 34.74
N GLU B 212 -40.42 -33.26 35.70
CA GLU B 212 -40.57 -34.72 35.66
C GLU B 212 -41.88 -35.22 36.29
N ARG B 213 -42.80 -34.27 36.52
CA ARG B 213 -44.16 -34.53 37.03
C ARG B 213 -44.94 -35.50 36.14
N HIS B 214 -44.82 -35.31 34.82
CA HIS B 214 -45.40 -36.23 33.84
C HIS B 214 -44.31 -36.82 32.96
N ASN B 215 -44.72 -37.47 31.87
CA ASN B 215 -43.76 -38.07 30.94
C ASN B 215 -43.90 -37.55 29.51
N SER B 216 -45.07 -37.74 28.91
CA SER B 216 -45.30 -37.28 27.54
C SER B 216 -45.57 -35.77 27.51
N TYR B 217 -44.97 -35.12 26.52
CA TYR B 217 -45.20 -33.71 26.23
C TYR B 217 -45.43 -33.51 24.74
N THR B 218 -46.23 -32.51 24.40
CA THR B 218 -46.39 -32.11 22.99
C THR B 218 -46.92 -30.66 22.84
N CYS B 219 -46.96 -30.19 21.61
CA CYS B 219 -47.66 -28.96 21.32
C CYS B 219 -48.38 -29.10 19.99
N GLU B 220 -49.47 -28.36 19.83
CA GLU B 220 -50.23 -28.40 18.60
C GLU B 220 -50.50 -27.03 18.04
N ALA B 221 -50.51 -26.95 16.71
CA ALA B 221 -51.02 -25.79 15.99
C ALA B 221 -52.52 -25.94 15.78
N THR B 222 -53.12 -24.98 15.07
CA THR B 222 -54.52 -25.05 14.62
C THR B 222 -54.68 -24.20 13.37
N HIS B 223 -53.57 -23.59 12.97
CA HIS B 223 -53.45 -22.70 11.80
C HIS B 223 -54.34 -23.07 10.60
N LYS B 224 -55.03 -22.06 10.10
CA LYS B 224 -56.14 -22.23 9.17
C LYS B 224 -55.73 -22.53 7.73
N THR B 225 -54.82 -23.48 7.54
CA THR B 225 -54.68 -24.11 6.21
C THR B 225 -55.68 -25.26 6.13
N SER B 226 -55.78 -25.98 7.25
CA SER B 226 -56.97 -26.72 7.67
C SER B 226 -56.87 -26.88 9.19
N THR B 227 -57.97 -26.62 9.89
CA THR B 227 -57.99 -26.65 11.35
C THR B 227 -57.94 -28.10 11.90
N SER B 228 -57.04 -28.86 11.30
CA SER B 228 -56.66 -30.19 11.72
C SER B 228 -55.34 -30.04 12.49
N PRO B 229 -55.41 -29.92 13.83
CA PRO B 229 -54.32 -29.43 14.68
C PRO B 229 -53.00 -30.21 14.64
N ILE B 230 -52.07 -29.75 13.79
CA ILE B 230 -50.72 -30.34 13.62
C ILE B 230 -49.99 -30.56 14.95
N VAL B 231 -49.71 -31.83 15.25
CA VAL B 231 -49.14 -32.25 16.53
C VAL B 231 -47.68 -32.77 16.39
N LYS B 232 -46.84 -32.44 17.37
CA LYS B 232 -45.47 -32.96 17.41
C LYS B 232 -45.06 -33.16 18.87
N SER B 233 -44.62 -34.37 19.19
CA SER B 233 -44.50 -34.82 20.59
C SER B 233 -43.14 -35.44 20.95
N PHE B 234 -42.88 -35.53 22.25
CA PHE B 234 -41.81 -36.38 22.79
C PHE B 234 -42.17 -36.81 24.21
N ASN B 235 -41.38 -37.71 24.81
CA ASN B 235 -41.62 -38.13 26.20
C ASN B 235 -40.38 -38.17 27.09
N ARG B 236 -40.52 -37.56 28.25
CA ARG B 236 -39.46 -37.35 29.25
C ARG B 236 -38.42 -38.46 29.37
N ASN B 237 -38.67 -39.40 30.29
CA ASN B 237 -37.78 -40.52 30.68
C ASN B 237 -36.32 -40.52 30.19
N GLU B 238 -36.12 -40.73 28.88
CA GLU B 238 -34.78 -40.78 28.32
C GLU B 238 -34.04 -39.43 28.48
N CYS B 239 -34.74 -38.35 28.17
CA CYS B 239 -34.13 -37.02 28.11
C CYS B 239 -34.74 -36.07 29.15
N GLU C 1 -17.34 -1.80 -0.50
CA GLU C 1 -16.62 -0.59 -1.00
C GLU C 1 -16.47 0.44 0.12
N VAL C 2 -17.61 0.95 0.60
CA VAL C 2 -17.68 1.98 1.63
C VAL C 2 -18.35 1.41 2.88
N GLN C 3 -17.67 1.51 4.01
CA GLN C 3 -18.19 0.93 5.24
C GLN C 3 -18.22 1.89 6.44
N LEU C 4 -19.13 1.58 7.35
CA LEU C 4 -19.25 2.22 8.66
C LEU C 4 -19.63 1.16 9.69
N VAL C 5 -18.89 1.15 10.80
CA VAL C 5 -19.16 0.27 11.92
C VAL C 5 -19.03 1.07 13.19
N GLU C 6 -20.18 1.52 13.70
CA GLU C 6 -20.19 2.23 14.97
C GLU C 6 -20.16 1.17 16.05
N SER C 7 -19.79 1.57 17.26
CA SER C 7 -19.71 0.63 18.37
C SER C 7 -19.31 1.29 19.68
N GLY C 8 -19.37 0.49 20.74
CA GLY C 8 -18.94 0.89 22.07
C GLY C 8 -20.03 1.50 22.95
N GLY C 9 -21.09 0.74 23.23
CA GLY C 9 -22.11 1.26 24.12
C GLY C 9 -23.20 0.25 24.41
N GLY C 10 -23.45 0.04 25.70
CA GLY C 10 -24.57 -0.78 26.13
C GLY C 10 -25.48 -0.05 27.11
N LEU C 11 -25.41 -0.44 28.39
CA LEU C 11 -26.27 0.16 29.41
C LEU C 11 -25.55 1.26 30.18
N VAL C 12 -26.29 2.31 30.54
CA VAL C 12 -25.76 3.45 31.29
C VAL C 12 -26.85 4.04 32.15
N LYS C 13 -26.47 4.47 33.35
CA LYS C 13 -27.45 4.96 34.30
C LYS C 13 -27.87 6.38 33.95
N PRO C 14 -29.11 6.78 34.32
CA PRO C 14 -29.55 8.18 34.25
C PRO C 14 -28.47 9.16 34.70
N GLY C 15 -28.46 10.34 34.10
CA GLY C 15 -27.40 11.32 34.36
C GLY C 15 -26.04 10.87 33.85
N GLY C 16 -25.97 9.62 33.39
CA GLY C 16 -24.72 8.99 33.00
C GLY C 16 -23.96 9.55 31.81
N SER C 17 -22.92 8.83 31.41
CA SER C 17 -22.09 9.23 30.29
C SER C 17 -21.54 8.00 29.56
N LEU C 18 -21.02 8.22 28.34
CA LEU C 18 -20.62 7.12 27.44
C LEU C 18 -20.43 7.62 26.00
N LYS C 19 -19.35 7.17 25.37
CA LYS C 19 -18.90 7.68 24.08
C LYS C 19 -18.80 6.59 23.00
N LEU C 20 -19.42 6.82 21.84
CA LEU C 20 -19.47 5.84 20.76
C LEU C 20 -18.65 6.34 19.60
N SER C 21 -18.06 5.40 18.87
CA SER C 21 -17.22 5.77 17.75
C SER C 21 -17.63 4.99 16.53
N CYS C 22 -17.80 5.71 15.44
CA CYS C 22 -18.09 5.09 14.17
C CYS C 22 -16.77 4.88 13.50
N ALA C 23 -16.37 3.62 13.34
CA ALA C 23 -15.12 3.31 12.65
C ALA C 23 -15.39 3.39 11.14
N ALA C 24 -14.88 4.43 10.48
CA ALA C 24 -15.20 4.62 9.07
C ALA C 24 -14.15 3.98 8.18
N SER C 25 -14.58 3.30 7.11
CA SER C 25 -13.62 2.62 6.24
C SER C 25 -14.06 2.31 4.80
N GLY C 26 -13.50 3.08 3.86
CA GLY C 26 -13.62 2.75 2.44
C GLY C 26 -14.13 3.86 1.57
N PHE C 27 -13.90 5.09 2.01
CA PHE C 27 -14.22 6.28 1.23
C PHE C 27 -13.36 7.44 1.73
N ALA C 28 -13.22 8.47 0.90
CA ALA C 28 -12.44 9.67 1.26
C ALA C 28 -13.02 10.34 2.51
N PHE C 29 -12.72 9.77 3.67
CA PHE C 29 -13.31 10.23 4.92
C PHE C 29 -13.31 11.76 5.08
N SER C 30 -12.13 12.38 5.09
CA SER C 30 -12.00 13.80 5.48
C SER C 30 -12.76 14.79 4.60
N SER C 31 -13.32 14.28 3.51
CA SER C 31 -14.07 15.08 2.55
C SER C 31 -15.62 15.13 2.77
N TYR C 32 -16.18 14.06 3.33
CA TYR C 32 -17.61 14.05 3.62
C TYR C 32 -17.95 14.69 4.98
N ASP C 33 -19.24 14.97 5.20
CA ASP C 33 -19.74 15.33 6.53
C ASP C 33 -20.24 14.08 7.25
N MET C 34 -20.47 14.19 8.54
CA MET C 34 -20.94 13.04 9.27
C MET C 34 -22.09 13.39 10.22
N SER C 35 -22.98 12.41 10.40
CA SER C 35 -24.20 12.56 11.20
C SER C 35 -24.42 11.36 12.07
N TRP C 36 -25.27 11.52 13.08
CA TRP C 36 -25.52 10.49 14.08
C TRP C 36 -26.97 10.35 14.31
N VAL C 37 -27.59 9.32 13.74
CA VAL C 37 -29.03 9.13 13.89
C VAL C 37 -29.27 7.99 14.87
N ARG C 38 -30.25 8.18 15.76
CA ARG C 38 -30.71 7.12 16.65
C ARG C 38 -32.12 6.69 16.27
N GLN C 39 -32.51 5.51 16.73
CA GLN C 39 -33.87 5.04 16.48
C GLN C 39 -34.46 4.55 17.77
N THR C 40 -35.58 5.16 18.18
CA THR C 40 -36.17 4.87 19.47
C THR C 40 -36.76 3.47 19.52
N PRO C 41 -37.16 3.03 20.73
CA PRO C 41 -37.87 1.76 20.90
C PRO C 41 -39.22 1.71 20.21
N GLU C 42 -39.82 2.88 19.96
CA GLU C 42 -41.05 2.95 19.17
C GLU C 42 -40.75 2.72 17.69
N LYS C 43 -39.48 2.62 17.33
CA LYS C 43 -39.03 2.48 15.92
C LYS C 43 -38.94 3.84 15.24
N ARG C 44 -39.22 4.87 16.04
CA ARG C 44 -39.13 6.30 15.69
C ARG C 44 -37.71 6.69 15.24
N LEU C 45 -37.57 7.73 14.42
CA LEU C 45 -36.23 8.11 13.89
C LEU C 45 -35.78 9.56 14.13
N GLU C 46 -34.91 9.77 15.11
CA GLU C 46 -34.46 11.13 15.39
C GLU C 46 -33.01 11.36 14.97
N TRP C 47 -32.78 12.50 14.31
CA TRP C 47 -31.43 12.92 13.94
C TRP C 47 -30.87 13.54 15.18
N VAL C 48 -29.57 13.37 15.40
CA VAL C 48 -28.97 13.65 16.70
C VAL C 48 -27.80 14.63 16.67
N ALA C 49 -26.94 14.54 15.68
CA ALA C 49 -25.80 15.42 15.59
C ALA C 49 -25.29 15.45 14.17
N TYR C 50 -24.57 16.51 13.86
CA TYR C 50 -24.02 16.68 12.53
C TYR C 50 -22.72 17.42 12.67
N ILE C 51 -21.64 16.80 12.20
CA ILE C 51 -20.37 17.50 12.13
C ILE C 51 -20.00 17.76 10.67
N SER C 52 -19.40 18.93 10.42
CA SER C 52 -18.90 19.29 9.09
C SER C 52 -17.60 18.58 8.73
N SER C 53 -17.41 18.40 7.43
CA SER C 53 -16.23 17.73 6.83
C SER C 53 -14.92 17.90 7.61
N GLY C 54 -14.59 19.16 7.90
CA GLY C 54 -13.36 19.50 8.60
C GLY C 54 -13.60 19.89 10.05
N GLY C 55 -14.43 19.11 10.75
CA GLY C 55 -14.67 19.33 12.19
C GLY C 55 -15.05 20.74 12.59
N GLY C 56 -15.22 21.60 11.60
CA GLY C 56 -15.41 23.03 11.79
C GLY C 56 -16.65 23.34 12.59
N SER C 57 -17.81 23.20 11.94
CA SER C 57 -19.10 23.38 12.59
C SER C 57 -19.75 22.03 13.04
N THR C 58 -20.53 22.09 14.13
CA THR C 58 -21.35 20.96 14.53
C THR C 58 -22.78 21.47 14.69
N TYR C 59 -23.77 20.59 14.57
CA TYR C 59 -25.18 20.99 14.85
C TYR C 59 -25.96 19.93 15.62
N TYR C 60 -26.94 20.36 16.41
CA TYR C 60 -27.73 19.41 17.17
C TYR C 60 -29.17 19.84 17.30
N PRO C 61 -30.09 18.88 17.34
CA PRO C 61 -31.41 19.18 17.78
C PRO C 61 -31.32 19.74 19.18
N ASP C 62 -32.23 20.64 19.53
CA ASP C 62 -32.33 21.14 20.89
C ASP C 62 -32.45 20.04 21.97
N THR C 63 -32.92 18.85 21.58
CA THR C 63 -33.13 17.76 22.52
C THR C 63 -31.85 17.10 23.00
N VAL C 64 -30.75 17.28 22.28
CA VAL C 64 -29.47 16.89 22.88
C VAL C 64 -28.44 18.03 22.94
N LYS C 65 -28.79 19.19 22.39
CA LYS C 65 -27.85 20.31 22.41
C LYS C 65 -27.47 20.54 23.85
N GLY C 66 -26.17 20.54 24.08
CA GLY C 66 -25.62 20.71 25.43
C GLY C 66 -25.09 19.42 26.02
N ARG C 67 -25.81 18.32 25.80
CA ARG C 67 -25.49 17.04 26.43
C ARG C 67 -24.70 16.13 25.51
N PHE C 68 -24.57 16.52 24.24
CA PHE C 68 -24.01 15.64 23.19
C PHE C 68 -22.94 16.33 22.29
N THR C 69 -21.96 15.57 21.80
CA THR C 69 -20.76 16.18 21.21
C THR C 69 -20.12 15.43 20.00
N ILE C 70 -20.43 15.88 18.80
CA ILE C 70 -20.05 15.14 17.62
C ILE C 70 -18.63 15.49 17.15
N SER C 71 -17.64 14.81 17.70
CA SER C 71 -16.26 15.02 17.23
C SER C 71 -15.87 14.01 16.16
N ARG C 72 -14.78 14.30 15.44
CA ARG C 72 -14.18 13.35 14.48
C ARG C 72 -12.67 13.42 14.53
N ASP C 73 -12.02 12.35 14.05
CA ASP C 73 -10.59 12.29 13.97
C ASP C 73 -10.24 11.56 12.69
N ASN C 74 -9.97 12.34 11.65
CA ASN C 74 -9.63 11.79 10.31
C ASN C 74 -8.16 11.32 10.29
N ALA C 75 -7.55 11.30 11.47
CA ALA C 75 -6.27 10.64 11.62
C ALA C 75 -6.60 9.16 11.72
N LYS C 76 -7.38 8.79 12.72
CA LYS C 76 -7.77 7.40 12.86
C LYS C 76 -9.15 7.09 12.28
N ASN C 77 -9.60 7.94 11.36
CA ASN C 77 -10.79 7.68 10.54
C ASN C 77 -12.11 7.47 11.29
N THR C 78 -12.09 7.70 12.59
CA THR C 78 -13.26 7.51 13.43
C THR C 78 -14.14 8.78 13.49
N LEU C 79 -15.45 8.57 13.62
CA LEU C 79 -16.37 9.63 14.02
C LEU C 79 -16.68 9.35 15.48
N TYR C 80 -17.06 10.37 16.23
CA TYR C 80 -17.39 10.14 17.64
C TYR C 80 -18.69 10.80 18.06
N LEU C 81 -19.43 10.11 18.92
CA LEU C 81 -20.46 10.78 19.67
C LEU C 81 -20.23 10.60 21.16
N GLN C 82 -20.02 11.72 21.84
CA GLN C 82 -19.81 11.72 23.28
C GLN C 82 -21.07 12.16 24.00
N MET C 83 -21.79 11.19 24.57
CA MET C 83 -23.06 11.42 25.29
C MET C 83 -22.78 11.73 26.73
N SER C 84 -23.41 12.77 27.28
CA SER C 84 -23.33 13.05 28.72
C SER C 84 -24.73 13.01 29.33
N SER C 85 -25.01 13.88 30.31
CA SER C 85 -26.26 13.88 31.14
C SER C 85 -27.40 12.98 30.65
N LEU C 86 -27.20 11.67 30.70
CA LEU C 86 -28.04 10.77 29.91
C LEU C 86 -29.46 10.61 30.41
N LYS C 87 -30.41 11.14 29.64
CA LYS C 87 -31.83 10.87 29.82
C LYS C 87 -32.20 9.48 29.35
N SER C 88 -33.16 8.87 30.04
CA SER C 88 -33.75 7.60 29.64
C SER C 88 -34.61 7.70 28.38
N GLU C 89 -34.76 8.92 27.87
CA GLU C 89 -35.26 9.15 26.52
C GLU C 89 -34.20 8.75 25.48
N ASP C 90 -32.92 8.93 25.82
CA ASP C 90 -31.81 8.70 24.90
C ASP C 90 -31.70 7.24 24.47
N THR C 91 -32.32 6.39 25.29
CA THR C 91 -32.47 4.98 25.01
C THR C 91 -32.91 4.72 23.56
N ALA C 92 -31.95 4.33 22.71
CA ALA C 92 -32.26 4.00 21.32
C ALA C 92 -31.10 3.28 20.66
N MET C 93 -31.29 2.85 19.42
CA MET C 93 -30.22 2.32 18.56
C MET C 93 -29.54 3.49 17.90
N TYR C 94 -28.22 3.44 17.76
CA TYR C 94 -27.45 4.60 17.30
C TYR C 94 -26.71 4.49 15.95
N TYR C 95 -27.31 4.95 14.86
CA TYR C 95 -26.69 4.82 13.54
C TYR C 95 -25.76 5.98 13.25
N CYS C 96 -24.73 5.69 12.45
CA CYS C 96 -23.76 6.66 12.01
C CYS C 96 -23.96 6.78 10.51
N ALA C 97 -24.31 7.97 10.05
CA ALA C 97 -24.69 8.14 8.65
C ALA C 97 -23.81 9.09 7.82
N ARG C 98 -23.96 9.01 6.50
CA ARG C 98 -23.16 9.78 5.56
C ARG C 98 -24.04 10.57 4.60
N PRO C 99 -23.86 11.90 4.55
CA PRO C 99 -24.53 12.77 3.59
C PRO C 99 -23.61 13.43 2.55
N ASP C 100 -24.18 14.02 1.50
CA ASP C 100 -23.43 14.55 0.34
C ASP C 100 -23.18 16.07 0.36
N ALA C 105 -28.64 13.96 3.13
CA ALA C 105 -29.12 12.77 2.42
C ALA C 105 -28.23 11.57 2.70
N MET C 106 -28.53 10.91 3.83
CA MET C 106 -27.77 9.79 4.38
C MET C 106 -27.69 8.63 3.39
N ASP C 107 -26.53 8.44 2.78
CA ASP C 107 -26.46 7.47 1.69
C ASP C 107 -25.79 6.15 2.04
N TYR C 108 -24.91 6.16 3.06
CA TYR C 108 -24.36 4.92 3.65
C TYR C 108 -24.52 4.92 5.17
N TRP C 109 -25.40 4.05 5.66
CA TRP C 109 -25.74 3.98 7.08
C TRP C 109 -24.97 2.87 7.74
N GLY C 110 -24.77 2.99 9.05
CA GLY C 110 -24.02 1.98 9.78
C GLY C 110 -24.84 0.73 10.01
N GLN C 111 -25.01 0.40 11.29
CA GLN C 111 -25.63 -0.86 11.69
C GLN C 111 -26.17 -0.71 13.09
N GLY C 112 -25.67 0.31 13.79
CA GLY C 112 -26.13 0.63 15.14
C GLY C 112 -25.29 0.10 16.28
N THR C 113 -25.23 0.90 17.34
CA THR C 113 -24.92 0.38 18.65
C THR C 113 -26.18 0.72 19.39
N SER C 114 -26.79 -0.30 20.00
CA SER C 114 -27.90 -0.05 20.89
C SER C 114 -27.35 0.61 22.16
N VAL C 115 -28.06 1.61 22.66
CA VAL C 115 -27.72 2.22 23.94
C VAL C 115 -28.98 2.33 24.77
N THR C 116 -28.99 1.69 25.95
CA THR C 116 -30.13 1.87 26.85
C THR C 116 -29.80 2.53 28.18
N VAL C 117 -30.79 3.26 28.69
CA VAL C 117 -30.63 4.08 29.85
C VAL C 117 -31.77 3.72 30.78
N SER C 118 -31.37 3.29 31.98
CA SER C 118 -32.19 2.53 32.92
C SER C 118 -31.35 2.44 34.20
N SER C 119 -31.92 1.90 35.27
CA SER C 119 -31.15 1.67 36.49
C SER C 119 -31.07 0.18 36.86
N LYS C 121 -29.05 -2.37 35.75
CA LYS C 121 -28.88 -3.71 36.31
C LYS C 121 -28.64 -4.76 35.19
N THR C 122 -27.40 -4.77 34.70
CA THR C 122 -26.96 -5.69 33.66
C THR C 122 -27.02 -7.15 34.12
N THR C 123 -27.31 -8.04 33.18
CA THR C 123 -27.43 -9.46 33.47
C THR C 123 -26.98 -10.29 32.25
N ALA C 124 -25.83 -10.93 32.37
CA ALA C 124 -25.31 -11.81 31.32
C ALA C 124 -26.35 -12.85 30.91
N PRO C 125 -26.50 -13.11 29.60
CA PRO C 125 -27.53 -14.06 29.18
C PRO C 125 -27.09 -15.51 29.32
N SER C 126 -28.01 -16.36 29.78
CA SER C 126 -27.78 -17.80 29.84
C SER C 126 -28.09 -18.38 28.47
N VAL C 127 -27.19 -19.24 27.96
CA VAL C 127 -27.29 -19.79 26.60
C VAL C 127 -27.28 -21.31 26.61
N TYR C 128 -28.41 -21.90 26.30
CA TYR C 128 -28.52 -23.36 26.27
C TYR C 128 -28.74 -23.83 24.83
N PRO C 129 -28.04 -24.88 24.41
CA PRO C 129 -28.24 -25.41 23.06
C PRO C 129 -29.47 -26.30 22.99
N LEU C 130 -30.20 -26.24 21.88
CA LEU C 130 -31.41 -27.05 21.72
C LEU C 130 -31.22 -28.20 20.73
N ALA C 131 -30.90 -29.38 21.24
CA ALA C 131 -30.80 -30.59 20.43
C ALA C 131 -32.18 -31.22 20.22
N PRO C 132 -32.46 -31.79 19.02
CA PRO C 132 -33.80 -32.32 18.76
C PRO C 132 -34.15 -33.57 19.60
N VAL C 133 -35.36 -34.11 19.42
CA VAL C 133 -35.79 -35.35 20.07
C VAL C 133 -34.67 -36.40 20.13
N CYS C 134 -34.35 -36.92 21.33
CA CYS C 134 -33.26 -37.93 21.45
C CYS C 134 -33.51 -39.25 20.73
N GLY C 135 -34.73 -39.39 20.22
CA GLY C 135 -35.08 -40.48 19.30
C GLY C 135 -34.30 -40.34 18.02
N ASP C 136 -33.86 -41.48 17.48
CA ASP C 136 -33.01 -41.53 16.28
C ASP C 136 -33.85 -41.24 15.02
N THR C 137 -35.17 -41.34 15.19
CA THR C 137 -36.19 -40.96 14.19
C THR C 137 -35.75 -39.86 13.21
N THR C 138 -35.12 -40.29 12.12
CA THR C 138 -34.69 -39.35 11.09
C THR C 138 -35.87 -38.91 10.21
N GLY C 139 -36.04 -37.60 10.11
CA GLY C 139 -36.97 -36.98 9.17
C GLY C 139 -36.21 -36.72 7.88
N SER C 140 -36.11 -35.44 7.50
CA SER C 140 -35.39 -35.07 6.28
C SER C 140 -34.64 -33.74 6.42
N SER C 141 -35.38 -32.71 6.85
CA SER C 141 -34.87 -31.37 7.07
C SER C 141 -34.81 -31.14 8.56
N VAL C 142 -33.65 -31.48 9.14
CA VAL C 142 -33.42 -31.38 10.58
C VAL C 142 -33.31 -29.93 11.05
N THR C 143 -34.13 -29.56 12.03
CA THR C 143 -34.02 -28.23 12.61
C THR C 143 -33.50 -28.35 14.05
N LEU C 144 -32.50 -27.51 14.38
CA LEU C 144 -31.96 -27.45 15.72
C LEU C 144 -32.24 -26.06 16.25
N GLY C 145 -32.01 -25.86 17.54
CA GLY C 145 -32.25 -24.56 18.15
C GLY C 145 -31.15 -24.06 19.07
N CYS C 146 -31.32 -22.80 19.48
CA CYS C 146 -30.48 -22.18 20.50
C CYS C 146 -31.40 -21.34 21.38
N LEU C 147 -31.25 -21.46 22.71
CA LEU C 147 -32.11 -20.71 23.62
C LEU C 147 -31.35 -19.79 24.56
N VAL C 148 -31.84 -18.55 24.66
CA VAL C 148 -31.18 -17.45 25.37
C VAL C 148 -32.11 -16.78 26.40
N LYS C 149 -31.71 -16.83 27.66
CA LYS C 149 -32.65 -16.62 28.74
C LYS C 149 -32.07 -15.85 29.92
N GLY C 150 -32.92 -15.01 30.51
CA GLY C 150 -32.59 -14.26 31.72
C GLY C 150 -31.46 -13.28 31.50
N TYR C 151 -31.73 -12.27 30.68
CA TYR C 151 -30.73 -11.20 30.45
C TYR C 151 -31.32 -9.80 30.47
N PHE C 152 -30.43 -8.84 30.66
CA PHE C 152 -30.72 -7.43 30.51
C PHE C 152 -29.45 -6.70 30.09
N PRO C 153 -29.58 -5.73 29.18
CA PRO C 153 -30.79 -5.42 28.44
C PRO C 153 -30.73 -5.95 27.03
N GLU C 154 -31.76 -5.65 26.23
CA GLU C 154 -31.68 -5.79 24.78
C GLU C 154 -30.52 -4.95 24.28
N PRO C 155 -29.90 -5.34 23.16
CA PRO C 155 -30.18 -6.52 22.36
C PRO C 155 -29.22 -7.64 22.71
N VAL C 156 -29.37 -8.78 22.07
CA VAL C 156 -28.27 -9.75 21.98
C VAL C 156 -27.90 -9.88 20.50
N THR C 157 -26.88 -10.67 20.21
CA THR C 157 -26.51 -10.96 18.83
C THR C 157 -26.23 -12.45 18.62
N LEU C 158 -27.24 -13.14 18.09
CA LEU C 158 -27.20 -14.58 17.90
C LEU C 158 -26.80 -14.92 16.46
N THR C 159 -25.70 -15.66 16.33
CA THR C 159 -25.16 -16.06 15.02
C THR C 159 -24.98 -17.57 14.95
N TRP C 160 -25.50 -18.18 13.90
CA TRP C 160 -25.25 -19.59 13.64
C TRP C 160 -23.95 -19.77 12.86
N ASN C 161 -23.05 -20.57 13.45
CA ASN C 161 -21.73 -20.86 12.86
C ASN C 161 -20.97 -19.65 12.32
N SER C 162 -20.64 -18.71 13.21
CA SER C 162 -19.83 -17.52 12.89
C SER C 162 -20.36 -16.75 11.69
N GLY C 163 -21.70 -16.66 11.59
CA GLY C 163 -22.37 -15.96 10.50
C GLY C 163 -22.51 -16.77 9.22
N SER C 164 -21.85 -17.92 9.18
CA SER C 164 -21.83 -18.77 7.97
C SER C 164 -23.16 -19.48 7.74
N LEU C 165 -23.81 -19.91 8.82
CA LEU C 165 -25.17 -20.42 8.73
C LEU C 165 -26.11 -19.22 8.85
N SER C 166 -26.50 -18.69 7.71
CA SER C 166 -27.32 -17.49 7.65
C SER C 166 -28.60 -17.74 6.88
N SER C 167 -28.53 -18.64 5.89
CA SER C 167 -29.71 -18.98 5.09
C SER C 167 -30.55 -20.14 5.67
N GLY C 168 -31.68 -19.78 6.27
CA GLY C 168 -32.63 -20.74 6.83
C GLY C 168 -32.64 -20.74 8.33
N VAL C 169 -32.92 -19.58 8.93
CA VAL C 169 -32.89 -19.44 10.38
C VAL C 169 -33.88 -18.37 10.90
N HIS C 170 -34.56 -18.65 12.01
CA HIS C 170 -35.48 -17.68 12.62
C HIS C 170 -35.10 -17.30 14.06
N THR C 171 -35.08 -16.00 14.35
CA THR C 171 -34.69 -15.51 15.68
C THR C 171 -35.73 -14.60 16.32
N PHE C 172 -36.48 -15.17 17.24
CA PHE C 172 -37.75 -14.61 17.70
C PHE C 172 -37.61 -13.51 18.75
N PRO C 173 -38.33 -12.39 18.56
CA PRO C 173 -38.31 -11.20 19.41
C PRO C 173 -38.33 -11.48 20.90
N ALA C 174 -37.23 -11.18 21.60
CA ALA C 174 -37.15 -11.40 23.05
C ALA C 174 -38.36 -10.83 23.77
N VAL C 175 -38.83 -11.51 24.82
CA VAL C 175 -39.99 -11.01 25.58
C VAL C 175 -39.59 -10.51 26.98
N LEU C 176 -40.56 -9.86 27.62
CA LEU C 176 -40.31 -9.07 28.82
C LEU C 176 -40.95 -9.66 30.08
N GLN C 177 -40.80 -10.97 30.28
CA GLN C 177 -41.16 -11.55 31.59
C GLN C 177 -40.26 -10.95 32.68
N SER C 178 -40.87 -10.62 33.82
CA SER C 178 -40.18 -9.96 34.93
C SER C 178 -39.53 -8.63 34.51
N ASP C 179 -38.22 -8.69 34.30
CA ASP C 179 -37.38 -7.62 33.76
C ASP C 179 -36.09 -8.29 33.29
N LEU C 180 -36.28 -9.48 32.73
CA LEU C 180 -35.26 -10.24 32.02
C LEU C 180 -35.84 -10.64 30.65
N TYR C 181 -35.03 -10.53 29.61
CA TYR C 181 -35.52 -10.82 28.28
C TYR C 181 -35.18 -12.24 27.97
N THR C 182 -36.03 -12.91 27.20
CA THR C 182 -35.75 -14.30 26.83
C THR C 182 -36.13 -14.59 25.36
N LEU C 183 -35.18 -15.20 24.64
CA LEU C 183 -35.22 -15.28 23.17
C LEU C 183 -34.72 -16.61 22.60
N SER C 184 -35.41 -17.10 21.58
CA SER C 184 -35.19 -18.44 21.00
C SER C 184 -34.57 -18.34 19.61
N SER C 185 -33.97 -19.42 19.12
CA SER C 185 -33.42 -19.44 17.74
C SER C 185 -33.48 -20.78 16.98
N SER C 186 -34.31 -20.82 15.95
CA SER C 186 -34.42 -22.01 15.13
C SER C 186 -33.52 -21.86 13.92
N VAL C 187 -32.98 -22.97 13.45
CA VAL C 187 -32.23 -23.02 12.19
C VAL C 187 -32.48 -24.41 11.58
N THR C 188 -33.11 -24.44 10.40
CA THR C 188 -33.34 -25.71 9.71
C THR C 188 -32.04 -26.12 9.03
N VAL C 189 -31.95 -27.37 8.59
CA VAL C 189 -30.93 -27.75 7.60
C VAL C 189 -30.96 -29.26 7.25
N THR C 190 -30.58 -29.58 6.01
CA THR C 190 -30.51 -30.94 5.52
C THR C 190 -29.88 -31.91 6.50
N SER C 191 -30.43 -33.12 6.57
CA SER C 191 -29.94 -34.16 7.46
C SER C 191 -28.55 -34.55 7.04
N SER C 192 -28.23 -34.31 5.77
CA SER C 192 -26.89 -34.55 5.29
C SER C 192 -25.90 -33.61 5.97
N THR C 193 -26.29 -32.33 6.09
CA THR C 193 -25.42 -31.32 6.68
C THR C 193 -25.30 -31.38 8.22
N TRP C 194 -26.31 -31.85 8.95
CA TRP C 194 -26.07 -32.00 10.40
C TRP C 194 -25.28 -33.25 10.77
N PRO C 195 -25.61 -33.89 11.93
CA PRO C 195 -24.64 -34.42 12.92
C PRO C 195 -23.18 -34.47 12.44
N SER C 196 -22.94 -35.13 11.32
CA SER C 196 -21.63 -35.18 10.65
C SER C 196 -20.91 -33.85 10.73
N GLN C 197 -21.47 -32.86 10.04
CA GLN C 197 -20.91 -31.52 9.98
C GLN C 197 -21.37 -30.77 11.22
N SER C 198 -20.48 -30.01 11.84
CA SER C 198 -20.79 -29.28 13.08
C SER C 198 -21.63 -28.05 12.82
N ILE C 199 -22.45 -27.68 13.81
CA ILE C 199 -23.29 -26.49 13.77
C ILE C 199 -23.36 -25.94 15.19
N THR C 200 -22.86 -24.72 15.38
CA THR C 200 -22.88 -24.13 16.72
C THR C 200 -23.59 -22.78 16.73
N CYS C 201 -24.18 -22.48 17.88
CA CYS C 201 -24.83 -21.21 18.18
C CYS C 201 -23.82 -20.27 18.85
N ASN C 202 -23.60 -19.09 18.25
CA ASN C 202 -22.82 -18.03 18.89
C ASN C 202 -23.74 -16.90 19.39
N VAL C 203 -23.61 -16.54 20.66
CA VAL C 203 -24.43 -15.46 21.22
C VAL C 203 -23.55 -14.34 21.77
N ALA C 204 -23.86 -13.10 21.39
CA ALA C 204 -23.12 -11.95 21.88
C ALA C 204 -23.98 -10.95 22.62
N HIS C 205 -23.79 -10.86 23.92
CA HIS C 205 -24.37 -9.80 24.71
C HIS C 205 -23.34 -8.68 24.75
N PRO C 206 -23.66 -7.53 24.13
CA PRO C 206 -22.73 -6.40 24.08
C PRO C 206 -22.83 -5.59 25.35
N ALA C 207 -24.07 -5.32 25.76
CA ALA C 207 -24.37 -4.53 26.95
C ALA C 207 -23.84 -5.17 28.25
N SER C 208 -23.09 -6.29 28.14
CA SER C 208 -22.41 -6.95 29.27
C SER C 208 -21.04 -7.57 28.95
N SER C 209 -20.63 -7.56 27.69
CA SER C 209 -19.47 -8.33 27.21
C SER C 209 -19.64 -9.81 27.54
N THR C 210 -20.16 -10.57 26.57
CA THR C 210 -20.41 -11.99 26.74
C THR C 210 -20.30 -12.66 25.36
N LYS C 211 -19.27 -13.48 25.18
CA LYS C 211 -19.12 -14.21 23.92
C LYS C 211 -19.34 -15.71 24.11
N VAL C 212 -20.55 -16.05 24.56
CA VAL C 212 -20.92 -17.43 24.83
C VAL C 212 -21.10 -18.24 23.54
N ASP C 213 -20.35 -19.34 23.45
CA ASP C 213 -20.43 -20.29 22.33
C ASP C 213 -21.07 -21.56 22.80
N LYS C 214 -22.05 -22.07 22.04
CA LYS C 214 -22.73 -23.31 22.37
C LYS C 214 -22.79 -24.21 21.16
N LYS C 215 -22.06 -25.31 21.18
CA LYS C 215 -22.09 -26.29 20.07
C LYS C 215 -23.26 -27.25 20.25
N ILE C 216 -24.05 -27.45 19.19
CA ILE C 216 -25.25 -28.31 19.29
C ILE C 216 -24.88 -29.77 19.16
N GLU C 217 -24.95 -30.46 20.31
CA GLU C 217 -24.66 -31.87 20.43
C GLU C 217 -25.94 -32.67 20.35
N PRO C 218 -25.88 -33.86 19.73
CA PRO C 218 -26.95 -34.85 19.85
C PRO C 218 -27.18 -35.25 21.32
N ARG C 219 -27.78 -36.41 21.56
CA ARG C 219 -28.19 -36.73 22.93
C ARG C 219 -27.82 -38.13 23.42
N GLY C 220 -26.60 -38.24 23.95
CA GLY C 220 -26.12 -39.46 24.61
C GLY C 220 -26.57 -39.52 26.07
N PRO C 221 -26.53 -40.73 26.67
CA PRO C 221 -26.99 -40.88 28.05
C PRO C 221 -25.84 -40.95 29.07
N GLN D 10 71.32 28.65 -34.02
CA GLN D 10 72.07 29.95 -33.93
C GLN D 10 73.58 29.70 -34.18
N GLY D 11 73.85 28.64 -34.93
CA GLY D 11 75.21 28.26 -35.29
C GLY D 11 75.15 27.01 -36.14
N ARG D 12 76.06 26.95 -37.12
CA ARG D 12 76.15 25.86 -38.12
C ARG D 12 76.22 24.39 -37.60
N GLY D 13 76.96 24.13 -36.53
CA GLY D 13 77.10 22.77 -36.00
C GLY D 13 75.93 22.38 -35.09
N ALA D 14 75.07 23.34 -34.77
CA ALA D 14 73.91 23.12 -33.90
C ALA D 14 73.15 21.85 -34.31
N TRP D 15 72.70 21.82 -35.56
CA TRP D 15 71.98 20.68 -36.10
C TRP D 15 72.86 19.42 -36.15
N LEU D 16 74.12 19.55 -36.61
CA LEU D 16 75.07 18.42 -36.72
C LEU D 16 75.46 17.82 -35.36
N LEU D 17 75.56 18.68 -34.34
CA LEU D 17 75.89 18.26 -32.97
C LEU D 17 74.76 17.35 -32.56
N MET D 18 73.53 17.83 -32.80
CA MET D 18 72.33 17.08 -32.47
C MET D 18 72.16 15.80 -33.30
N ALA D 19 72.34 15.87 -34.62
CA ALA D 19 72.27 14.68 -35.49
C ALA D 19 73.23 13.60 -34.98
N PHE D 20 74.46 14.02 -34.67
CA PHE D 20 75.49 13.11 -34.14
C PHE D 20 75.06 12.52 -32.78
N THR D 21 74.61 13.34 -31.83
CA THR D 21 74.23 12.83 -30.50
C THR D 21 73.19 11.65 -30.58
N ALA D 22 72.11 11.86 -31.31
CA ALA D 22 71.10 10.80 -31.46
C ALA D 22 71.69 9.54 -32.11
N LEU D 23 72.57 9.72 -33.09
CA LEU D 23 73.21 8.56 -33.73
C LEU D 23 74.16 7.86 -32.74
N ALA D 24 74.92 8.66 -31.97
CA ALA D 24 75.84 8.13 -30.97
C ALA D 24 75.02 7.68 -29.76
N LEU D 25 74.18 8.59 -29.25
CA LEU D 25 73.30 8.31 -28.10
C LEU D 25 72.42 7.09 -28.40
N GLU D 26 71.81 7.05 -29.57
CA GLU D 26 70.95 5.93 -29.90
C GLU D 26 71.76 4.61 -30.18
N LEU D 27 72.82 4.74 -30.98
CA LEU D 27 73.72 3.61 -31.29
C LEU D 27 74.29 3.10 -29.97
N THR D 28 74.66 4.03 -29.08
CA THR D 28 75.22 3.69 -27.76
C THR D 28 74.13 3.06 -26.88
N ALA D 29 72.96 3.70 -26.84
CA ALA D 29 71.83 3.23 -26.03
C ALA D 29 71.40 1.82 -26.45
N LEU D 30 71.46 1.52 -27.74
CA LEU D 30 71.05 0.21 -28.28
C LEU D 30 71.61 -0.95 -27.43
N TRP D 31 72.59 -0.65 -26.57
CA TRP D 31 73.21 -1.66 -25.68
C TRP D 31 72.55 -3.02 -25.86
N PHE D 32 73.20 -3.87 -26.67
CA PHE D 32 72.72 -5.22 -26.96
C PHE D 32 71.26 -5.22 -27.44
N GLN D 33 71.08 -5.54 -28.73
CA GLN D 33 69.75 -5.63 -29.32
C GLN D 33 69.83 -6.45 -30.62
N HIS D 34 68.95 -6.13 -31.58
CA HIS D 34 68.89 -6.87 -32.85
C HIS D 34 70.12 -6.72 -33.77
N VAL D 35 70.79 -5.57 -33.74
CA VAL D 35 71.89 -5.34 -34.67
C VAL D 35 73.11 -6.27 -34.51
N MET D 36 73.72 -6.26 -33.31
CA MET D 36 74.89 -7.10 -33.05
C MET D 36 74.49 -8.38 -32.18
N LEU D 37 73.82 -8.10 -31.06
CA LEU D 37 73.31 -9.13 -30.16
C LEU D 37 72.74 -8.60 -28.64
N LEU D 38 71.57 -9.38 -28.56
CA LEU D 38 70.14 -9.17 -28.07
C LEU D 38 69.55 -9.29 -26.77
N LYS D 39 69.29 -8.11 -26.20
CA LYS D 39 68.76 -8.00 -24.83
C LYS D 39 67.27 -7.56 -24.68
N PRO D 40 66.90 -6.32 -25.04
CA PRO D 40 65.50 -5.83 -24.89
C PRO D 40 64.58 -6.25 -26.05
N SER D 41 64.45 -5.37 -27.04
CA SER D 41 63.61 -5.59 -28.24
C SER D 41 62.11 -5.84 -27.93
N VAL D 42 61.31 -4.75 -27.94
CA VAL D 42 59.84 -4.82 -27.70
C VAL D 42 59.15 -3.45 -28.00
N LEU D 43 58.05 -3.55 -28.80
CA LEU D 43 57.21 -2.42 -29.16
C LEU D 43 58.04 -1.32 -29.85
N CYS D 44 58.92 -0.72 -29.05
CA CYS D 44 59.74 0.42 -29.45
C CYS D 44 60.34 0.49 -30.93
N ILE D 45 60.22 -0.58 -31.68
CA ILE D 45 60.68 -0.54 -33.07
C ILE D 45 59.80 0.51 -33.85
N TYR D 46 58.55 0.66 -33.41
CA TYR D 46 57.60 1.64 -33.99
C TYR D 46 58.11 3.05 -33.68
N GLU D 47 58.78 3.18 -32.53
CA GLU D 47 59.33 4.45 -32.04
C GLU D 47 60.67 4.79 -32.71
N ARG D 48 61.36 3.74 -33.19
CA ARG D 48 62.65 3.93 -33.86
C ARG D 48 62.50 5.01 -34.91
N VAL D 49 61.29 5.09 -35.47
CA VAL D 49 60.96 6.08 -36.49
C VAL D 49 61.14 7.53 -35.96
N ALA D 50 60.80 7.77 -34.70
CA ALA D 50 61.00 9.09 -34.11
C ALA D 50 62.48 9.49 -34.13
N LEU D 51 63.34 8.63 -33.58
CA LEU D 51 64.81 8.88 -33.57
C LEU D 51 65.38 8.82 -34.99
N PHE D 52 64.96 7.84 -35.79
CA PHE D 52 65.39 7.75 -37.19
C PHE D 52 64.79 8.98 -37.88
N GLY D 53 63.74 9.51 -37.23
CA GLY D 53 63.04 10.68 -37.68
C GLY D 53 63.84 11.94 -37.44
N VAL D 54 64.38 12.09 -36.24
CA VAL D 54 65.20 13.28 -35.99
C VAL D 54 66.53 13.12 -36.74
N LEU D 55 66.98 11.87 -36.89
CA LEU D 55 68.17 11.60 -37.71
C LEU D 55 67.92 12.25 -39.05
N GLY D 56 66.82 11.85 -39.71
CA GLY D 56 66.46 12.41 -41.00
C GLY D 56 66.33 13.92 -40.89
N ALA D 57 65.48 14.35 -39.96
CA ALA D 57 65.21 15.79 -39.72
C ALA D 57 66.45 16.66 -39.54
N ALA D 58 67.28 16.32 -38.54
CA ALA D 58 68.50 17.06 -38.23
C ALA D 58 69.49 16.95 -39.39
N LEU D 59 69.53 15.78 -40.01
CA LEU D 59 70.43 15.51 -41.15
C LEU D 59 69.99 16.25 -42.41
N ILE D 60 68.69 16.30 -42.67
CA ILE D 60 68.18 17.02 -43.83
C ILE D 60 68.40 18.49 -43.57
N GLY D 61 68.56 18.85 -42.30
CA GLY D 61 68.82 20.23 -41.93
C GLY D 61 70.32 20.47 -41.73
N ALA D 62 71.07 19.37 -41.74
CA ALA D 62 72.52 19.42 -41.57
C ALA D 62 73.15 19.99 -42.84
N ILE D 63 72.34 20.72 -43.62
CA ILE D 63 72.84 21.30 -44.87
C ILE D 63 73.41 22.71 -44.69
N ALA D 64 73.01 23.33 -43.58
CA ALA D 64 73.47 24.68 -43.17
C ALA D 64 72.28 25.67 -43.00
N PRO D 65 72.07 26.14 -41.75
CA PRO D 65 70.97 27.06 -41.29
C PRO D 65 70.07 27.77 -42.40
N LYS D 66 70.79 28.38 -43.47
CA LYS D 66 70.53 29.26 -44.43
C LYS D 66 69.18 29.41 -44.86
N THR D 67 68.34 28.55 -44.31
CA THR D 67 66.89 28.58 -44.56
C THR D 67 66.39 27.40 -45.39
N PRO D 68 67.11 26.92 -46.39
CA PRO D 68 66.64 25.79 -47.12
C PRO D 68 65.96 24.61 -46.23
N LEU D 69 66.25 23.38 -46.60
CA LEU D 69 65.75 22.24 -45.85
C LEU D 69 65.91 22.48 -44.31
N ARG D 70 66.65 23.53 -43.98
CA ARG D 70 66.90 23.95 -42.60
C ARG D 70 65.47 24.40 -42.06
N TYR D 71 64.65 24.90 -42.97
CA TYR D 71 63.28 25.32 -42.65
C TYR D 71 62.36 24.11 -42.52
N VAL D 72 62.63 23.06 -43.31
CA VAL D 72 61.84 21.81 -43.27
C VAL D 72 62.30 20.91 -42.12
N ALA D 73 63.61 20.80 -41.96
CA ALA D 73 64.21 19.98 -40.91
C ALA D 73 63.51 20.16 -39.56
N MET D 74 63.38 21.41 -39.13
CA MET D 74 62.81 21.73 -37.87
C MET D 74 61.31 21.16 -37.70
N VAL D 75 60.57 21.26 -38.76
CA VAL D 75 59.22 20.77 -38.72
C VAL D 75 59.20 19.23 -38.69
N ILE D 76 59.94 18.58 -39.59
CA ILE D 76 59.98 17.12 -39.57
C ILE D 76 60.75 16.59 -38.30
N TRP D 77 61.52 17.49 -37.71
CA TRP D 77 62.26 17.26 -36.45
C TRP D 77 61.23 17.32 -35.34
N LEU D 78 60.45 18.41 -35.36
CA LEU D 78 59.33 18.60 -34.40
C LEU D 78 58.37 17.43 -34.45
N TYR D 79 57.86 17.14 -35.65
CA TYR D 79 56.89 16.05 -35.81
C TYR D 79 57.48 14.76 -35.31
N SER D 80 58.66 14.40 -35.79
CA SER D 80 59.27 13.16 -35.34
C SER D 80 59.47 13.12 -33.82
N ALA D 81 59.94 14.25 -33.28
CA ALA D 81 60.17 14.38 -31.84
C ALA D 81 58.85 14.14 -31.09
N PHE D 82 57.79 14.79 -31.57
CA PHE D 82 56.45 14.65 -30.97
C PHE D 82 55.96 13.21 -31.01
N ARG D 83 55.71 12.68 -32.20
CA ARG D 83 55.24 11.29 -32.32
C ARG D 83 56.07 10.43 -31.39
N GLY D 84 57.29 10.85 -31.12
CA GLY D 84 58.18 10.11 -30.22
C GLY D 84 57.67 10.14 -28.79
N VAL D 85 57.41 11.34 -28.29
CA VAL D 85 56.91 11.54 -26.92
C VAL D 85 55.55 10.85 -26.74
N GLN D 86 54.71 10.93 -27.78
CA GLN D 86 53.35 10.34 -27.73
C GLN D 86 53.29 8.80 -27.60
N LEU D 87 54.01 8.09 -28.46
CA LEU D 87 54.01 6.63 -28.38
C LEU D 87 54.68 6.26 -27.05
N THR D 88 55.81 6.94 -26.75
CA THR D 88 56.55 6.71 -25.50
C THR D 88 55.65 6.86 -24.26
N TYR D 89 54.80 7.89 -24.26
CA TYR D 89 53.87 8.12 -23.15
C TYR D 89 52.98 6.90 -22.99
N GLU D 90 52.50 6.36 -24.10
CA GLU D 90 51.63 5.20 -24.06
C GLU D 90 52.37 3.98 -23.47
N HIS D 91 53.68 3.90 -23.71
CA HIS D 91 54.50 2.85 -23.14
C HIS D 91 54.53 3.03 -21.62
N THR D 92 54.63 4.29 -21.19
CA THR D 92 54.67 4.61 -19.76
C THR D 92 53.32 4.22 -19.14
N MET D 93 52.21 4.45 -19.88
CA MET D 93 50.88 4.08 -19.40
C MET D 93 50.82 2.52 -19.24
N LEU D 94 51.43 1.83 -20.19
CA LEU D 94 51.50 0.36 -20.16
C LEU D 94 51.94 -0.16 -18.81
N GLN D 95 52.71 0.63 -18.09
CA GLN D 95 53.20 0.22 -16.78
C GLN D 95 52.04 -0.08 -15.83
N LEU D 96 50.81 -0.03 -16.33
CA LEU D 96 49.63 -0.31 -15.49
C LEU D 96 48.31 -0.11 -16.24
N TYR D 97 48.18 -0.73 -17.41
CA TYR D 97 46.97 -0.60 -18.21
C TYR D 97 46.47 -1.97 -18.66
N PRO D 98 47.32 -2.85 -19.15
CA PRO D 98 46.83 -4.12 -19.70
C PRO D 98 46.40 -5.04 -18.57
N SER D 99 45.56 -6.01 -18.90
CA SER D 99 45.07 -6.97 -17.93
C SER D 99 44.30 -8.09 -18.62
N PRO D 100 44.86 -8.69 -19.66
CA PRO D 100 44.20 -9.79 -20.38
C PRO D 100 44.57 -11.16 -19.83
N PHE D 101 44.23 -12.20 -20.59
CA PHE D 101 44.48 -13.58 -20.15
C PHE D 101 45.91 -13.83 -19.62
N ALA D 102 46.07 -14.95 -18.89
CA ALA D 102 47.35 -15.36 -18.28
C ALA D 102 48.32 -14.19 -18.06
N THR D 103 49.60 -14.43 -18.25
CA THR D 103 50.57 -13.38 -18.02
C THR D 103 51.96 -13.65 -18.92
N CYS D 104 52.19 -12.71 -19.82
CA CYS D 104 53.38 -12.78 -20.64
C CYS D 104 53.84 -11.30 -21.15
N ASP D 105 55.12 -11.22 -21.50
CA ASP D 105 55.67 -9.93 -21.90
C ASP D 105 55.63 -9.60 -23.40
N PHE D 106 54.82 -8.58 -23.72
CA PHE D 106 54.62 -8.10 -25.11
C PHE D 106 53.19 -7.56 -25.33
N MET D 107 52.77 -7.47 -26.62
CA MET D 107 51.40 -6.96 -27.03
C MET D 107 50.28 -7.10 -25.96
N VAL D 108 49.37 -8.05 -26.17
CA VAL D 108 48.21 -8.29 -25.30
C VAL D 108 47.45 -6.99 -24.97
N LEU D 114 59.34 -3.41 -61.54
CA LEU D 114 58.12 -2.60 -61.49
C LEU D 114 57.40 -2.71 -60.14
N PRO D 115 57.80 -1.91 -59.17
CA PRO D 115 57.16 -1.88 -57.84
C PRO D 115 55.63 -1.79 -57.85
N LEU D 116 55.10 -0.89 -58.70
CA LEU D 116 53.62 -0.67 -58.82
C LEU D 116 52.96 -0.28 -57.49
N ASP D 117 52.97 -1.21 -56.53
CA ASP D 117 52.38 -0.98 -55.20
C ASP D 117 52.95 -1.99 -54.19
N LYS D 118 53.43 -3.12 -54.73
CA LYS D 118 53.91 -4.25 -53.93
C LYS D 118 55.25 -4.05 -53.21
N TRP D 119 56.29 -3.58 -53.90
CA TRP D 119 57.60 -3.42 -53.22
C TRP D 119 57.72 -2.11 -52.39
N VAL D 120 56.99 -2.06 -51.25
CA VAL D 120 57.09 -0.89 -50.34
C VAL D 120 58.22 -1.07 -49.32
N PRO D 121 58.86 0.04 -48.93
CA PRO D 121 59.96 0.03 -47.95
C PRO D 121 59.60 -0.45 -46.50
N GLN D 122 58.31 -0.62 -46.26
CA GLN D 122 57.79 -1.01 -44.95
C GLN D 122 58.48 -2.26 -44.30
N VAL D 123 59.44 -2.85 -45.01
CA VAL D 123 60.11 -4.04 -44.46
C VAL D 123 60.51 -3.87 -43.00
N PHE D 124 59.99 -4.78 -42.15
CA PHE D 124 60.31 -4.73 -40.73
C PHE D 124 61.33 -5.82 -40.36
N VAL D 125 62.07 -5.53 -39.28
CA VAL D 125 63.12 -6.40 -38.72
C VAL D 125 63.00 -6.41 -37.19
N ALA D 126 63.74 -7.33 -36.54
CA ALA D 126 63.71 -7.47 -35.08
C ALA D 126 62.62 -8.45 -34.63
N SER D 127 62.61 -8.76 -33.32
CA SER D 127 61.59 -9.67 -32.77
C SER D 127 61.41 -9.52 -31.25
N GLY D 128 61.27 -10.66 -30.56
CA GLY D 128 61.08 -10.68 -29.11
C GLY D 128 60.53 -12.03 -28.64
N ASP D 129 60.27 -12.12 -27.32
CA ASP D 129 59.76 -13.36 -26.70
C ASP D 129 58.78 -13.12 -25.52
N CYS D 130 58.75 -14.10 -24.59
CA CYS D 130 57.83 -14.08 -23.43
C CYS D 130 58.46 -13.55 -22.12
N ALA D 131 57.90 -14.01 -21.00
CA ALA D 131 58.36 -13.65 -19.68
C ALA D 131 59.83 -14.07 -19.63
N GLU D 132 60.51 -13.66 -18.55
CA GLU D 132 61.94 -13.90 -18.41
C GLU D 132 62.47 -14.04 -16.95
N ARG D 133 63.81 -14.15 -16.86
CA ARG D 133 64.52 -14.27 -15.58
C ARG D 133 65.92 -13.62 -15.78
N GLN D 134 66.77 -13.66 -14.72
CA GLN D 134 68.08 -12.97 -14.80
C GLN D 134 69.29 -13.57 -14.05
N TRP D 135 70.48 -13.11 -14.53
CA TRP D 135 71.79 -13.48 -13.92
C TRP D 135 72.65 -12.19 -13.75
N ASP D 136 72.32 -11.44 -12.69
CA ASP D 136 73.01 -10.18 -12.36
C ASP D 136 73.23 -10.05 -10.84
N PHE D 137 73.91 -8.98 -10.44
CA PHE D 137 74.19 -8.73 -9.01
C PHE D 137 74.43 -7.24 -8.70
N LEU D 138 74.08 -6.86 -7.46
CA LEU D 138 74.14 -5.48 -6.91
C LEU D 138 73.24 -4.51 -7.73
N GLY D 139 73.09 -4.76 -9.04
CA GLY D 139 72.24 -3.93 -9.92
C GLY D 139 72.97 -2.71 -10.48
N LEU D 140 72.58 -2.32 -11.71
CA LEU D 140 73.18 -1.16 -12.39
C LEU D 140 72.22 0.04 -12.35
N GLU D 141 71.05 -0.15 -12.98
CA GLU D 141 70.01 0.87 -13.06
C GLU D 141 68.84 0.36 -13.91
N MET D 142 67.74 1.13 -13.92
CA MET D 142 66.56 0.74 -14.69
C MET D 142 66.09 1.81 -15.69
N PRO D 143 65.58 1.41 -16.86
CA PRO D 143 65.13 2.41 -17.83
C PRO D 143 63.93 3.17 -17.29
N GLN D 144 64.11 4.47 -17.09
CA GLN D 144 63.05 5.33 -16.59
C GLN D 144 63.15 6.72 -17.25
N TRP D 145 64.31 7.36 -17.09
CA TRP D 145 64.56 8.65 -17.71
C TRP D 145 64.28 8.51 -19.22
N LEU D 146 64.30 7.24 -19.67
CA LEU D 146 64.11 6.90 -21.08
C LEU D 146 63.02 7.69 -21.78
N LEU D 147 62.10 8.24 -20.97
CA LEU D 147 61.02 9.05 -21.48
C LEU D 147 61.43 10.51 -21.69
N GLY D 148 62.19 11.03 -20.73
CA GLY D 148 62.67 12.40 -20.83
C GLY D 148 63.47 12.56 -22.10
N ILE D 149 64.37 11.61 -22.35
CA ILE D 149 65.29 11.67 -23.48
C ILE D 149 64.62 12.06 -24.85
N PHE D 150 63.32 11.88 -24.95
CA PHE D 150 62.60 12.27 -26.14
C PHE D 150 62.22 13.76 -26.08
N ILE D 151 61.59 14.19 -24.97
CA ILE D 151 61.17 15.58 -24.82
C ILE D 151 62.43 16.54 -24.90
N ALA D 152 63.59 15.94 -24.64
CA ALA D 152 64.83 16.70 -24.65
C ALA D 152 65.11 17.36 -26.00
N TYR D 153 65.27 16.52 -27.01
CA TYR D 153 65.55 16.95 -28.37
C TYR D 153 64.42 17.85 -28.79
N LEU D 154 63.19 17.42 -28.45
CA LEU D 154 61.98 18.19 -28.81
C LEU D 154 62.14 19.65 -28.42
N ILE D 155 62.73 19.94 -27.27
CA ILE D 155 62.88 21.31 -26.90
C ILE D 155 64.10 21.98 -27.85
N VAL D 156 65.11 21.19 -28.07
CA VAL D 156 66.22 21.63 -28.93
C VAL D 156 65.62 22.07 -30.29
N ALA D 157 64.41 21.58 -30.54
CA ALA D 157 63.70 21.92 -31.74
C ALA D 157 63.14 23.31 -31.51
N VAL D 158 62.44 23.47 -30.38
CA VAL D 158 61.83 24.75 -30.05
C VAL D 158 62.80 25.90 -30.30
N LEU D 159 64.01 25.76 -29.75
CA LEU D 159 65.08 26.77 -29.86
C LEU D 159 65.28 27.29 -31.29
N VAL D 160 64.74 26.55 -32.28
CA VAL D 160 64.83 26.98 -33.67
C VAL D 160 64.16 28.36 -33.74
N VAL D 161 63.20 28.61 -32.84
CA VAL D 161 62.42 29.86 -32.83
C VAL D 161 63.22 31.16 -32.68
N ILE D 162 64.49 31.08 -32.32
CA ILE D 162 65.34 32.26 -32.18
C ILE D 162 64.68 33.27 -31.21
N ASP E 21 39.44 -18.48 -15.69
CA ASP E 21 39.67 -17.12 -15.10
C ASP E 21 40.28 -17.20 -13.70
N ILE E 22 40.12 -16.14 -12.93
CA ILE E 22 40.49 -16.16 -11.52
C ILE E 22 39.23 -16.31 -10.65
N VAL E 23 39.33 -17.11 -9.58
CA VAL E 23 38.28 -17.18 -8.56
C VAL E 23 38.59 -16.41 -7.27
N MET E 24 37.72 -15.47 -6.94
CA MET E 24 37.82 -14.73 -5.71
C MET E 24 36.88 -15.36 -4.71
N SER E 25 37.35 -15.59 -3.49
CA SER E 25 36.49 -16.16 -2.45
C SER E 25 36.58 -15.46 -1.11
N GLN E 26 35.48 -14.81 -0.73
CA GLN E 26 35.37 -14.17 0.58
C GLN E 26 34.87 -15.07 1.71
N SER E 27 35.43 -14.80 2.88
CA SER E 27 35.09 -15.46 4.13
C SER E 27 35.03 -14.40 5.24
N PRO E 28 34.01 -14.44 6.09
CA PRO E 28 32.90 -15.39 6.13
C PRO E 28 31.82 -14.95 5.16
N SER E 29 30.69 -15.67 5.14
CA SER E 29 29.52 -15.24 4.40
C SER E 29 28.96 -13.96 4.99
N SER E 30 28.91 -13.93 6.32
CA SER E 30 28.40 -12.78 7.04
C SER E 30 28.93 -12.70 8.47
N LEU E 31 28.70 -11.54 9.07
CA LEU E 31 29.08 -11.29 10.44
C LEU E 31 28.30 -10.14 11.03
N ALA E 32 27.54 -10.45 12.08
CA ALA E 32 26.89 -9.42 12.86
C ALA E 32 27.92 -8.87 13.83
N VAL E 33 27.87 -7.56 14.05
CA VAL E 33 28.85 -6.92 14.95
C VAL E 33 28.28 -5.70 15.73
N SER E 34 29.03 -5.29 16.75
CA SER E 34 28.62 -4.24 17.69
C SER E 34 29.28 -2.91 17.40
N ALA E 35 28.47 -1.86 17.40
CA ALA E 35 28.89 -0.53 16.94
C ALA E 35 30.03 0.09 17.76
N GLY E 36 31.17 0.29 17.10
CA GLY E 36 32.33 0.93 17.72
C GLY E 36 33.54 0.01 17.80
N GLU E 37 33.34 -1.26 17.46
CA GLU E 37 34.39 -2.28 17.46
C GLU E 37 35.31 -2.24 16.23
N LYS E 38 36.04 -3.34 16.01
CA LYS E 38 36.93 -3.47 14.85
C LYS E 38 36.88 -4.86 14.19
N VAL E 39 35.96 -5.00 13.22
CA VAL E 39 35.83 -6.19 12.33
C VAL E 39 36.89 -6.25 11.24
N THR E 40 37.12 -7.46 10.73
CA THR E 40 37.96 -7.65 9.55
C THR E 40 37.39 -8.78 8.70
N MET E 41 36.98 -8.51 7.47
CA MET E 41 36.64 -9.61 6.55
C MET E 41 37.84 -10.00 5.72
N SER E 42 37.75 -11.17 5.09
CA SER E 42 38.85 -11.69 4.31
C SER E 42 38.51 -11.97 2.86
N CYS E 43 39.49 -11.75 2.00
CA CYS E 43 39.37 -11.97 0.57
C CYS E 43 40.58 -12.74 0.08
N LYS E 44 40.31 -13.80 -0.66
CA LYS E 44 41.38 -14.59 -1.24
C LYS E 44 41.16 -14.80 -2.73
N SER E 45 42.22 -15.23 -3.41
CA SER E 45 42.25 -15.25 -4.86
C SER E 45 43.00 -16.49 -5.29
N SER E 46 42.56 -17.09 -6.39
CA SER E 46 43.16 -18.35 -6.86
C SER E 46 44.57 -18.08 -7.35
N GLN E 47 44.72 -16.98 -8.08
CA GLN E 47 46.00 -16.55 -8.61
C GLN E 47 46.56 -15.40 -7.81
N SER E 48 47.89 -15.28 -7.81
CA SER E 48 48.54 -14.17 -7.18
C SER E 48 48.27 -12.93 -7.98
N LEU E 49 48.04 -11.82 -7.29
CA LEU E 49 47.66 -10.58 -7.93
C LEU E 49 48.79 -9.57 -7.89
N LEU E 50 50.00 -10.03 -7.59
CA LEU E 50 51.21 -9.20 -7.61
C LEU E 50 51.73 -8.93 -9.02
N ASN E 51 52.55 -7.88 -9.16
CA ASN E 51 53.19 -7.56 -10.43
C ASN E 51 54.67 -7.25 -10.23
N SER E 52 55.56 -8.02 -10.87
CA SER E 52 57.02 -7.84 -10.77
C SER E 52 57.45 -6.38 -10.62
N ARG E 53 56.84 -5.53 -11.45
CA ARG E 53 56.95 -4.08 -11.38
C ARG E 53 55.55 -3.46 -11.43
N THR E 54 55.25 -2.50 -10.57
CA THR E 54 55.94 -2.28 -9.32
C THR E 54 55.07 -3.10 -8.38
N ARG E 55 55.53 -3.35 -7.16
CA ARG E 55 54.66 -3.96 -6.16
C ARG E 55 53.29 -3.28 -6.20
N LYS E 56 52.36 -3.93 -6.91
CA LYS E 56 50.97 -3.49 -7.03
C LYS E 56 50.12 -4.75 -7.05
N ASN E 57 48.88 -4.61 -6.62
CA ASN E 57 48.09 -5.72 -6.13
C ASN E 57 46.74 -5.08 -5.91
N TYR E 58 45.96 -4.67 -6.91
CA TYR E 58 45.53 -5.35 -8.16
C TYR E 58 44.28 -6.11 -7.82
N LEU E 59 43.55 -5.45 -6.93
CA LEU E 59 42.36 -5.92 -6.26
C LEU E 59 41.75 -4.69 -5.62
N ALA E 60 40.42 -4.62 -5.64
CA ALA E 60 39.68 -3.53 -5.04
C ALA E 60 38.79 -4.00 -3.88
N TRP E 61 38.04 -3.06 -3.30
CA TRP E 61 37.02 -3.32 -2.29
C TRP E 61 35.86 -2.39 -2.56
N TYR E 62 34.66 -2.95 -2.71
CA TYR E 62 33.46 -2.16 -2.96
C TYR E 62 32.45 -2.48 -1.87
N GLN E 63 31.76 -1.46 -1.36
CA GLN E 63 30.66 -1.70 -0.43
C GLN E 63 29.29 -1.39 -1.03
N GLN E 64 28.35 -2.32 -0.90
CA GLN E 64 26.99 -2.15 -1.43
C GLN E 64 25.91 -2.24 -0.35
N LYS E 65 25.31 -1.10 -0.09
CA LYS E 65 24.16 -0.99 0.79
C LYS E 65 22.89 -1.35 0.01
N PRO E 66 21.87 -1.89 0.71
CA PRO E 66 20.61 -2.29 0.05
C PRO E 66 20.05 -1.21 -0.88
N GLY E 67 19.35 -1.64 -1.92
CA GLY E 67 18.72 -0.73 -2.89
C GLY E 67 19.65 0.29 -3.53
N GLN E 68 20.82 -0.17 -3.99
CA GLN E 68 21.90 0.68 -4.55
C GLN E 68 22.99 -0.08 -5.32
N SER E 69 23.84 0.67 -6.02
CA SER E 69 25.08 0.15 -6.60
C SER E 69 26.13 0.02 -5.49
N PRO E 70 27.32 -0.51 -5.83
CA PRO E 70 28.47 -0.41 -4.93
C PRO E 70 29.19 0.93 -5.03
N LYS E 71 30.12 1.19 -4.11
CA LYS E 71 31.03 2.33 -4.20
C LYS E 71 32.45 1.79 -4.00
N LEU E 72 33.41 2.26 -4.80
CA LEU E 72 34.81 1.86 -4.60
C LEU E 72 35.33 2.38 -3.25
N LEU E 73 35.75 1.46 -2.40
CA LEU E 73 36.21 1.82 -1.07
C LEU E 73 37.71 1.90 -1.11
N ILE E 74 38.34 0.84 -1.63
CA ILE E 74 39.78 0.79 -1.71
C ILE E 74 40.18 0.20 -3.06
N TYR E 75 41.17 0.81 -3.71
CA TYR E 75 41.78 0.24 -4.91
C TYR E 75 43.25 -0.12 -4.67
N TRP E 76 43.76 -0.99 -5.52
CA TRP E 76 45.12 -1.54 -5.38
C TRP E 76 45.33 -2.10 -3.98
N ALA E 77 44.23 -2.59 -3.40
CA ALA E 77 44.17 -3.15 -2.02
C ALA E 77 44.47 -2.17 -0.87
N SER E 78 45.48 -1.32 -1.05
CA SER E 78 45.87 -0.34 -0.04
C SER E 78 45.17 1.00 -0.24
N THR E 79 45.66 1.81 -1.17
CA THR E 79 45.24 3.21 -1.25
C THR E 79 43.72 3.36 -1.13
N ARG E 80 43.30 4.20 -0.18
CA ARG E 80 41.90 4.54 0.00
C ARG E 80 41.32 5.24 -1.22
N GLU E 81 40.04 5.54 -1.16
CA GLU E 81 39.39 6.31 -2.22
C GLU E 81 39.13 7.74 -1.74
N SER E 82 38.89 8.65 -2.70
CA SER E 82 38.65 10.06 -2.38
C SER E 82 37.33 10.27 -1.63
N GLY E 83 37.47 10.47 -0.32
CA GLY E 83 36.33 10.65 0.60
C GLY E 83 35.99 9.39 1.38
N VAL E 84 37.02 8.58 1.65
CA VAL E 84 36.83 7.33 2.38
C VAL E 84 37.55 7.36 3.75
N PRO E 85 36.78 7.27 4.84
CA PRO E 85 37.20 7.30 6.23
C PRO E 85 38.50 6.53 6.58
N ASP E 86 39.13 6.96 7.67
CA ASP E 86 40.35 6.37 8.18
C ASP E 86 40.16 4.93 8.59
N ARG E 87 39.02 4.67 9.22
CA ARG E 87 38.67 3.38 9.81
C ARG E 87 38.97 2.16 8.92
N PHE E 88 38.47 2.17 7.67
CA PHE E 88 38.79 1.13 6.67
C PHE E 88 40.28 1.13 6.33
N THR E 89 40.84 -0.05 6.13
CA THR E 89 42.27 -0.19 5.86
C THR E 89 42.54 -1.54 5.25
N GLY E 90 42.50 -1.62 3.93
CA GLY E 90 42.82 -2.86 3.23
C GLY E 90 44.25 -3.28 3.48
N SER E 91 44.51 -4.58 3.42
CA SER E 91 45.84 -5.11 3.64
C SER E 91 45.98 -6.45 2.93
N GLY E 92 47.17 -7.02 2.94
CA GLY E 92 47.35 -8.34 2.37
C GLY E 92 48.11 -8.27 1.08
N SER E 93 48.60 -9.42 0.62
CA SER E 93 49.53 -9.44 -0.51
C SER E 93 49.55 -10.74 -1.32
N GLY E 94 49.26 -10.62 -2.61
CA GLY E 94 49.37 -11.73 -3.55
C GLY E 94 48.11 -12.55 -3.64
N THR E 95 47.87 -13.35 -2.59
CA THR E 95 46.73 -14.26 -2.53
C THR E 95 46.00 -14.22 -1.18
N ASP E 96 46.03 -13.06 -0.51
CA ASP E 96 45.53 -12.91 0.86
C ASP E 96 45.15 -11.48 1.27
N PHE E 97 44.00 -11.01 0.80
CA PHE E 97 43.60 -9.61 1.04
C PHE E 97 42.55 -9.46 2.15
N THR E 98 42.67 -8.41 2.94
CA THR E 98 41.91 -8.31 4.17
C THR E 98 41.46 -6.90 4.53
N LEU E 99 40.20 -6.60 4.21
CA LEU E 99 39.59 -5.33 4.57
C LEU E 99 39.24 -5.33 6.03
N THR E 100 39.40 -4.20 6.71
CA THR E 100 39.16 -4.09 8.15
C THR E 100 38.57 -2.75 8.57
N ILE E 101 37.50 -2.77 9.36
CA ILE E 101 36.85 -1.56 9.91
C ILE E 101 36.98 -1.48 11.43
N SER E 102 37.30 -0.30 11.95
CA SER E 102 37.02 0.04 13.36
C SER E 102 35.93 1.12 13.41
N SER E 103 35.53 1.51 14.62
CA SER E 103 34.46 2.52 14.85
C SER E 103 33.14 2.17 14.11
N VAL E 104 33.03 0.91 13.72
CA VAL E 104 31.89 0.40 12.99
C VAL E 104 30.67 1.31 13.15
N GLN E 105 30.40 2.12 12.14
CA GLN E 105 29.18 2.93 12.12
C GLN E 105 27.92 2.06 11.96
N ALA E 106 26.76 2.65 12.16
CA ALA E 106 25.48 1.99 11.91
C ALA E 106 25.22 2.05 10.42
N GLU E 107 25.72 3.12 9.80
CA GLU E 107 25.72 3.29 8.34
C GLU E 107 27.00 2.67 7.73
N ASP E 108 27.31 1.46 8.20
CA ASP E 108 28.38 0.63 7.69
C ASP E 108 27.83 -0.75 7.43
N LEU E 109 26.52 -0.89 7.62
CA LEU E 109 25.83 -2.12 7.25
C LEU E 109 25.76 -2.13 5.73
N ALA E 110 26.27 -3.23 5.16
CA ALA E 110 26.40 -3.41 3.72
C ALA E 110 27.02 -4.77 3.41
N VAL E 111 27.05 -5.15 2.14
CA VAL E 111 27.82 -6.32 1.72
C VAL E 111 29.13 -5.79 1.13
N TYR E 112 30.23 -6.31 1.65
CA TYR E 112 31.54 -5.92 1.17
C TYR E 112 32.03 -6.98 0.22
N TYR E 113 32.32 -6.55 -1.01
CA TYR E 113 32.84 -7.38 -2.09
C TYR E 113 34.32 -7.09 -2.31
N CYS E 114 35.02 -7.99 -3.00
CA CYS E 114 36.37 -7.69 -3.47
C CYS E 114 36.51 -8.06 -4.94
N LYS E 115 37.16 -7.17 -5.70
CA LYS E 115 37.35 -7.30 -7.15
C LYS E 115 38.83 -7.33 -7.46
N GLN E 116 39.29 -8.38 -8.14
CA GLN E 116 40.61 -8.35 -8.74
C GLN E 116 40.49 -7.86 -10.16
N SER E 117 41.51 -7.14 -10.60
CA SER E 117 41.56 -6.71 -11.99
C SER E 117 42.90 -7.07 -12.65
N TYR E 118 43.75 -7.80 -11.94
CA TYR E 118 45.01 -8.29 -12.50
C TYR E 118 44.77 -8.86 -13.88
N ASN E 119 43.78 -9.73 -13.98
CA ASN E 119 43.43 -10.34 -15.24
C ASN E 119 41.93 -10.38 -15.32
N LEU E 120 41.40 -9.66 -16.30
CA LEU E 120 39.96 -9.44 -16.42
C LEU E 120 39.33 -8.77 -15.17
N TYR E 121 38.03 -8.94 -15.00
CA TYR E 121 37.33 -8.44 -13.81
C TYR E 121 36.53 -9.58 -13.18
N THR E 122 36.92 -10.02 -11.99
CA THR E 122 36.16 -11.07 -11.32
C THR E 122 35.90 -10.73 -9.85
N PHE E 123 34.64 -10.76 -9.42
CA PHE E 123 34.30 -10.41 -8.03
C PHE E 123 34.36 -11.52 -6.98
N GLY E 124 34.37 -11.11 -5.70
CA GLY E 124 34.24 -12.04 -4.57
C GLY E 124 32.79 -12.39 -4.33
N GLY E 125 32.54 -13.22 -3.32
CA GLY E 125 31.16 -13.58 -2.95
C GLY E 125 30.47 -12.49 -2.14
N GLY E 126 31.18 -12.00 -1.14
CA GLY E 126 30.67 -10.97 -0.26
C GLY E 126 30.87 -11.39 1.19
N THR E 127 30.92 -10.38 2.06
CA THR E 127 30.77 -10.60 3.49
C THR E 127 29.68 -9.63 3.91
N LYS E 128 28.53 -10.16 4.33
CA LYS E 128 27.42 -9.31 4.76
C LYS E 128 27.72 -8.85 6.16
N LEU E 129 27.48 -7.58 6.47
CA LEU E 129 27.83 -7.08 7.79
C LEU E 129 26.63 -6.57 8.60
N GLU E 130 25.99 -7.49 9.33
CA GLU E 130 24.82 -7.17 10.15
C GLU E 130 25.12 -6.57 11.54
N ILE E 131 24.12 -5.95 12.15
CA ILE E 131 24.27 -5.27 13.44
C ILE E 131 23.56 -6.01 14.60
N LYS E 132 24.29 -6.25 15.69
CA LYS E 132 23.69 -6.78 16.93
C LYS E 132 22.76 -5.73 17.55
N ALA E 134 21.32 -7.55 20.17
CA ALA E 134 20.75 -8.10 21.39
C ALA E 134 19.48 -8.92 21.12
N ASP E 135 19.42 -10.11 21.73
CA ASP E 135 18.48 -11.17 21.34
C ASP E 135 17.00 -10.80 21.48
N ALA E 136 16.14 -11.73 21.05
CA ALA E 136 14.69 -11.66 21.21
C ALA E 136 14.03 -12.99 20.77
N ALA E 137 12.82 -13.25 21.24
CA ALA E 137 12.05 -14.42 20.81
C ALA E 137 11.03 -14.08 19.70
N PRO E 138 10.79 -15.03 18.78
CA PRO E 138 9.91 -14.75 17.65
C PRO E 138 8.43 -14.73 17.99
N THR E 139 7.74 -13.71 17.50
CA THR E 139 6.31 -13.58 17.64
C THR E 139 5.61 -14.31 16.50
N VAL E 140 5.30 -15.57 16.75
CA VAL E 140 4.72 -16.43 15.73
C VAL E 140 3.19 -16.45 15.79
N SER E 141 2.58 -16.40 14.62
CA SER E 141 1.14 -16.39 14.51
C SER E 141 0.73 -17.15 13.25
N ILE E 142 -0.16 -18.13 13.42
CA ILE E 142 -0.64 -18.98 12.33
C ILE E 142 -1.96 -18.48 11.75
N PHE E 143 -2.20 -18.78 10.47
CA PHE E 143 -3.31 -18.24 9.72
C PHE E 143 -3.83 -19.26 8.72
N PRO E 144 -5.10 -19.67 8.87
CA PRO E 144 -5.84 -20.60 7.99
C PRO E 144 -6.08 -20.08 6.57
N PRO E 145 -6.38 -20.97 5.61
CA PRO E 145 -6.56 -20.55 4.22
C PRO E 145 -7.82 -19.71 4.07
N SER E 146 -7.61 -18.48 3.61
CA SER E 146 -8.68 -17.49 3.55
C SER E 146 -9.97 -17.97 2.87
N SER E 147 -11.07 -17.55 3.50
CA SER E 147 -12.45 -17.69 3.02
C SER E 147 -12.59 -17.96 1.52
N GLU E 148 -12.04 -17.07 0.71
CA GLU E 148 -12.24 -17.16 -0.74
C GLU E 148 -11.25 -18.07 -1.47
N GLN E 149 -10.00 -18.11 -1.00
CA GLN E 149 -9.01 -18.94 -1.66
C GLN E 149 -9.55 -20.35 -1.91
N LEU E 150 -10.26 -20.86 -0.90
CA LEU E 150 -10.82 -22.20 -0.91
C LEU E 150 -11.71 -22.46 -2.12
N THR E 151 -12.77 -21.66 -2.26
CA THR E 151 -13.71 -21.74 -3.39
C THR E 151 -12.98 -21.78 -4.74
N SER E 152 -11.78 -21.21 -4.77
CA SER E 152 -10.96 -21.14 -5.98
C SER E 152 -10.27 -22.47 -6.35
N GLY E 153 -10.35 -23.45 -5.45
CA GLY E 153 -9.80 -24.78 -5.69
C GLY E 153 -8.43 -24.99 -5.05
N GLY E 154 -7.94 -23.94 -4.39
CA GLY E 154 -6.64 -23.98 -3.72
C GLY E 154 -6.77 -23.56 -2.26
N ALA E 155 -5.71 -23.80 -1.48
CA ALA E 155 -5.70 -23.48 -0.05
C ALA E 155 -4.28 -23.34 0.52
N SER E 156 -3.95 -22.17 1.05
CA SER E 156 -2.63 -21.92 1.62
C SER E 156 -2.71 -21.49 3.06
N VAL E 157 -2.06 -22.25 3.94
CA VAL E 157 -1.93 -21.91 5.35
C VAL E 157 -0.62 -21.16 5.55
N VAL E 158 -0.67 -19.97 6.15
CA VAL E 158 0.57 -19.25 6.44
C VAL E 158 0.81 -19.07 7.93
N CYS E 159 2.05 -18.75 8.29
CA CYS E 159 2.33 -18.26 9.63
C CYS E 159 3.60 -17.43 9.70
N PHE E 160 3.46 -16.27 10.34
CA PHE E 160 4.52 -15.28 10.38
C PHE E 160 5.35 -15.33 11.65
N LEU E 161 6.62 -15.71 11.49
CA LEU E 161 7.58 -15.78 12.58
C LEU E 161 8.33 -14.44 12.69
N ASN E 162 7.78 -13.51 13.45
CA ASN E 162 8.24 -12.13 13.37
C ASN E 162 9.14 -11.67 14.51
N ASN E 163 10.03 -10.74 14.21
CA ASN E 163 10.85 -10.03 15.19
C ASN E 163 11.63 -10.90 16.14
N PHE E 164 12.74 -11.44 15.64
CA PHE E 164 13.64 -12.32 16.40
C PHE E 164 15.10 -12.16 16.01
N TYR E 165 15.98 -12.37 16.99
CA TYR E 165 17.39 -12.35 16.73
C TYR E 165 18.05 -13.36 17.66
N PRO E 166 19.01 -14.18 17.16
CA PRO E 166 19.67 -14.34 15.84
C PRO E 166 18.82 -14.97 14.74
N LYS E 167 19.19 -14.77 13.49
CA LYS E 167 18.39 -15.23 12.34
C LYS E 167 18.02 -16.73 12.41
N ASP E 168 18.97 -17.56 12.85
CA ASP E 168 18.85 -19.01 12.78
C ASP E 168 17.60 -19.52 13.48
N ILE E 169 16.54 -19.68 12.70
CA ILE E 169 15.30 -20.23 13.21
C ILE E 169 15.05 -21.56 12.51
N ASN E 170 14.05 -22.28 12.99
CA ASN E 170 13.71 -23.56 12.43
C ASN E 170 12.22 -23.82 12.62
N VAL E 171 11.47 -23.84 11.51
CA VAL E 171 10.04 -24.15 11.58
C VAL E 171 9.82 -25.63 11.32
N LYS E 172 8.75 -26.17 11.89
CA LYS E 172 8.43 -27.58 11.74
C LYS E 172 6.91 -27.78 11.77
N TRP E 173 6.32 -27.86 10.59
CA TRP E 173 4.87 -27.99 10.43
C TRP E 173 4.33 -29.36 10.85
N LYS E 174 3.07 -29.37 11.32
CA LYS E 174 2.38 -30.60 11.63
C LYS E 174 0.92 -30.52 11.19
N ILE E 175 0.47 -31.58 10.51
CA ILE E 175 -0.94 -31.86 10.26
C ILE E 175 -1.36 -32.91 11.29
N ASP E 176 -2.14 -32.46 12.28
CA ASP E 176 -2.36 -33.18 13.54
C ASP E 176 -1.27 -34.23 13.90
N GLY E 177 -0.28 -33.76 14.67
CA GLY E 177 0.74 -34.60 15.26
C GLY E 177 1.81 -35.05 14.29
N SER E 178 1.39 -35.55 13.13
CA SER E 178 2.31 -35.98 12.08
C SER E 178 2.87 -34.75 11.38
N GLU E 179 4.18 -34.76 11.15
CA GLU E 179 4.90 -33.56 10.72
C GLU E 179 5.44 -33.71 9.32
N ARG E 180 4.59 -33.51 8.31
CA ARG E 180 5.06 -33.54 6.90
C ARG E 180 5.84 -32.27 6.51
N GLN E 181 6.82 -32.43 5.62
CA GLN E 181 7.71 -31.34 5.28
C GLN E 181 7.31 -30.77 3.94
N ASN E 182 7.31 -31.60 2.90
CA ASN E 182 7.16 -31.10 1.54
C ASN E 182 5.86 -30.36 1.27
N GLY E 183 5.93 -29.37 0.38
CA GLY E 183 4.81 -28.49 0.13
C GLY E 183 4.96 -27.17 0.86
N VAL E 184 5.94 -27.09 1.76
CA VAL E 184 6.19 -25.86 2.54
C VAL E 184 7.15 -24.90 1.83
N LEU E 185 6.82 -23.61 1.90
CA LEU E 185 7.65 -22.56 1.35
C LEU E 185 8.03 -21.57 2.44
N ASN E 186 9.30 -21.16 2.50
CA ASN E 186 9.72 -20.12 3.46
C ASN E 186 10.29 -18.86 2.81
N SER E 187 10.50 -17.84 3.64
CA SER E 187 10.91 -16.53 3.17
C SER E 187 11.41 -15.65 4.34
N TRP E 188 12.61 -15.08 4.15
CA TRP E 188 13.28 -14.35 5.22
C TRP E 188 13.56 -12.91 4.88
N THR E 189 13.27 -12.03 5.82
CA THR E 189 13.62 -10.63 5.67
C THR E 189 15.06 -10.41 6.11
N ASP E 190 15.60 -9.27 5.70
CA ASP E 190 16.82 -8.72 6.28
C ASP E 190 16.48 -7.98 7.55
N GLN E 191 17.48 -7.85 8.41
CA GLN E 191 17.42 -7.02 9.59
C GLN E 191 16.50 -5.80 9.46
N ASP E 192 15.81 -5.47 10.55
CA ASP E 192 14.95 -4.30 10.57
C ASP E 192 15.82 -3.06 10.72
N SER E 193 15.35 -1.93 10.15
CA SER E 193 16.11 -0.68 10.19
C SER E 193 16.00 0.00 11.57
N LYS E 194 14.85 -0.16 12.20
CA LYS E 194 14.60 0.40 13.53
C LYS E 194 14.72 -0.72 14.58
N ASP E 195 13.90 -1.75 14.41
CA ASP E 195 13.83 -2.89 15.31
C ASP E 195 15.08 -3.80 15.22
N SER E 196 15.80 -3.70 14.10
CA SER E 196 17.09 -4.38 13.90
C SER E 196 17.06 -5.89 14.09
N THR E 197 15.91 -6.49 13.78
CA THR E 197 15.74 -7.95 13.89
C THR E 197 15.05 -8.54 12.65
N TYR E 198 14.92 -9.87 12.64
CA TYR E 198 14.39 -10.59 11.50
C TYR E 198 12.97 -11.06 11.71
N SER E 199 12.32 -11.34 10.59
CA SER E 199 10.99 -11.95 10.55
C SER E 199 10.96 -12.90 9.35
N MET E 200 10.29 -14.03 9.53
CA MET E 200 10.22 -15.02 8.50
C MET E 200 8.79 -15.51 8.35
N SER E 201 8.33 -15.69 7.12
CA SER E 201 7.04 -16.32 6.91
C SER E 201 7.21 -17.74 6.38
N SER E 202 6.20 -18.58 6.60
CA SER E 202 6.22 -19.97 6.18
C SER E 202 4.83 -20.39 5.74
N THR E 203 4.76 -21.07 4.60
CA THR E 203 3.49 -21.37 3.98
C THR E 203 3.39 -22.81 3.47
N LEU E 204 2.71 -23.64 4.26
CA LEU E 204 2.31 -24.95 3.78
C LEU E 204 1.10 -24.76 2.88
N THR E 205 1.22 -25.20 1.64
CA THR E 205 0.16 -25.02 0.66
C THR E 205 -0.40 -26.35 0.11
N LEU E 206 -1.73 -26.43 0.06
CA LEU E 206 -2.46 -27.64 -0.34
C LEU E 206 -3.66 -27.39 -1.26
N THR E 207 -3.93 -28.38 -2.10
CA THR E 207 -5.21 -28.46 -2.78
C THR E 207 -6.30 -28.64 -1.72
N LYS E 208 -7.28 -27.73 -1.73
CA LYS E 208 -8.49 -27.80 -0.91
C LYS E 208 -8.87 -29.23 -0.53
N ASP E 209 -9.11 -30.06 -1.55
CA ASP E 209 -9.37 -31.50 -1.35
C ASP E 209 -8.55 -32.07 -0.21
N GLU E 210 -7.23 -31.89 -0.30
CA GLU E 210 -6.32 -32.40 0.70
C GLU E 210 -6.31 -31.54 1.95
N TYR E 211 -6.77 -30.30 1.84
CA TYR E 211 -6.85 -29.45 3.02
C TYR E 211 -7.77 -30.09 4.03
N GLU E 212 -8.91 -30.59 3.55
CA GLU E 212 -9.94 -31.18 4.42
C GLU E 212 -9.69 -32.65 4.78
N ARG E 213 -8.62 -33.25 4.25
CA ARG E 213 -8.21 -34.58 4.67
C ARG E 213 -8.10 -34.59 6.19
N HIS E 214 -7.52 -33.52 6.76
CA HIS E 214 -7.29 -33.46 8.20
C HIS E 214 -7.96 -32.29 8.93
N ASN E 215 -7.65 -32.16 10.21
CA ASN E 215 -8.25 -31.14 11.06
C ASN E 215 -7.23 -30.19 11.69
N SER E 216 -6.24 -30.75 12.38
CA SER E 216 -5.35 -29.93 13.17
C SER E 216 -4.12 -29.51 12.39
N TYR E 217 -3.86 -28.20 12.37
CA TYR E 217 -2.65 -27.66 11.74
C TYR E 217 -1.87 -26.82 12.74
N THR E 218 -0.53 -26.89 12.66
CA THR E 218 0.33 -26.19 13.63
C THR E 218 1.75 -25.89 13.10
N CYS E 219 2.29 -24.74 13.47
CA CYS E 219 3.68 -24.39 13.14
C CYS E 219 4.51 -24.03 14.38
N GLU E 220 5.79 -24.40 14.37
CA GLU E 220 6.61 -24.26 15.57
C GLU E 220 7.98 -23.66 15.28
N ALA E 221 8.21 -22.45 15.78
CA ALA E 221 9.55 -21.89 15.87
C ALA E 221 10.42 -22.81 16.74
N THR E 222 11.73 -22.65 16.69
CA THR E 222 12.63 -23.37 17.59
C THR E 222 13.91 -22.56 17.72
N HIS E 223 13.70 -21.24 17.80
CA HIS E 223 14.74 -20.25 18.03
C HIS E 223 15.66 -20.51 19.24
N LYS E 224 16.86 -19.93 19.18
CA LYS E 224 17.83 -20.06 20.25
C LYS E 224 17.55 -19.03 21.35
N THR E 225 16.34 -19.01 21.88
CA THR E 225 16.01 -18.16 23.03
C THR E 225 15.58 -19.02 24.18
N SER E 226 14.51 -19.77 23.95
CA SER E 226 14.07 -20.79 24.89
C SER E 226 14.00 -22.11 24.13
N THR E 227 14.89 -23.05 24.44
CA THR E 227 14.83 -24.35 23.75
C THR E 227 13.60 -25.12 24.19
N SER E 228 12.47 -24.62 23.70
CA SER E 228 11.14 -25.18 23.84
C SER E 228 10.33 -24.55 22.69
N PRO E 229 9.99 -25.36 21.67
CA PRO E 229 9.23 -24.88 20.53
C PRO E 229 8.09 -23.94 20.90
N ILE E 230 7.91 -22.86 20.14
CA ILE E 230 6.68 -22.08 20.21
C ILE E 230 5.67 -22.66 19.21
N VAL E 231 4.91 -23.64 19.69
CA VAL E 231 3.76 -24.16 18.98
C VAL E 231 2.65 -23.11 19.02
N LYS E 232 1.82 -23.12 17.98
CA LYS E 232 0.74 -22.18 17.84
C LYS E 232 -0.12 -22.79 16.76
N SER E 233 -1.19 -23.45 17.19
CA SER E 233 -1.97 -24.31 16.31
C SER E 233 -3.42 -23.85 16.12
N PHE E 234 -3.98 -24.14 14.95
CA PHE E 234 -5.40 -23.98 14.68
C PHE E 234 -5.93 -25.29 14.05
N ASN E 235 -7.22 -25.55 14.18
CA ASN E 235 -7.79 -26.80 13.65
C ASN E 235 -9.13 -26.61 12.96
N ARG E 236 -9.29 -27.31 11.84
CA ARG E 236 -10.30 -27.04 10.81
C ARG E 236 -11.71 -26.64 11.27
N ASN E 237 -12.48 -27.62 11.78
CA ASN E 237 -13.92 -27.47 12.13
C ASN E 237 -14.67 -26.20 11.66
N GLU E 238 -14.43 -25.11 12.39
CA GLU E 238 -15.11 -23.83 12.19
C GLU E 238 -14.74 -23.12 10.86
N CYS E 239 -13.53 -23.40 10.35
CA CYS E 239 -13.01 -22.82 9.09
C CYS E 239 -12.69 -23.89 8.03
N GLU F 1 27.07 15.42 -8.77
CA GLU F 1 27.84 16.01 -9.91
C GLU F 1 27.94 15.04 -11.11
N VAL F 2 28.88 14.09 -11.04
CA VAL F 2 29.21 13.20 -12.16
C VAL F 2 28.24 12.01 -12.23
N GLN F 3 27.53 11.86 -13.34
CA GLN F 3 26.38 10.96 -13.40
C GLN F 3 26.13 10.07 -14.62
N LEU F 4 25.67 8.84 -14.35
CA LEU F 4 25.21 7.87 -15.36
C LEU F 4 23.76 7.46 -15.09
N VAL F 5 22.97 7.30 -16.15
CA VAL F 5 21.57 6.94 -16.00
C VAL F 5 21.23 5.83 -16.98
N GLU F 6 21.51 4.59 -16.59
CA GLU F 6 21.18 3.43 -17.44
C GLU F 6 19.69 3.11 -17.37
N SER F 7 19.15 2.62 -18.49
CA SER F 7 17.69 2.44 -18.61
C SER F 7 17.24 1.64 -19.83
N GLY F 8 15.93 1.41 -19.91
CA GLY F 8 15.32 0.64 -20.99
C GLY F 8 15.63 -0.84 -20.91
N GLY F 9 14.76 -1.60 -20.25
CA GLY F 9 14.91 -3.06 -20.09
C GLY F 9 13.87 -3.71 -19.18
N GLY F 10 13.48 -4.94 -19.52
CA GLY F 10 12.46 -5.69 -18.76
C GLY F 10 12.31 -7.10 -19.32
N LEU F 11 11.12 -7.68 -19.22
CA LEU F 11 10.87 -9.04 -19.72
C LEU F 11 11.28 -9.28 -21.18
N VAL F 12 11.71 -10.50 -21.46
CA VAL F 12 11.97 -10.97 -22.84
C VAL F 12 11.85 -12.50 -22.91
N LYS F 13 11.64 -13.02 -24.10
CA LYS F 13 11.71 -14.46 -24.35
C LYS F 13 13.17 -14.87 -24.59
N PRO F 14 13.55 -16.05 -24.08
CA PRO F 14 14.81 -16.72 -24.42
C PRO F 14 15.01 -16.78 -25.91
N GLY F 15 15.86 -15.90 -26.41
CA GLY F 15 16.15 -15.76 -27.85
C GLY F 15 16.02 -14.33 -28.33
N GLY F 16 15.19 -13.56 -27.63
CA GLY F 16 14.87 -12.17 -27.99
C GLY F 16 16.02 -11.20 -27.86
N SER F 17 15.71 -9.89 -27.87
CA SER F 17 16.74 -8.85 -27.84
C SER F 17 16.35 -7.65 -27.01
N LEU F 18 17.33 -6.77 -26.75
CA LEU F 18 17.17 -5.62 -25.86
C LEU F 18 18.38 -4.68 -25.94
N LYS F 19 18.14 -3.42 -26.33
CA LYS F 19 19.25 -2.47 -26.53
C LYS F 19 19.40 -1.51 -25.37
N LEU F 20 20.02 -2.02 -24.31
CA LEU F 20 20.23 -1.26 -23.08
C LEU F 20 21.14 -0.05 -23.27
N SER F 21 20.87 1.00 -22.50
CA SER F 21 21.51 2.31 -22.66
C SER F 21 21.75 3.03 -21.34
N CYS F 22 22.79 3.87 -21.32
CA CYS F 22 23.25 4.59 -20.13
C CYS F 22 23.63 6.03 -20.46
N ALA F 23 22.90 7.00 -19.92
CA ALA F 23 23.16 8.44 -20.17
C ALA F 23 24.19 9.02 -19.22
N ALA F 24 25.31 9.48 -19.76
CA ALA F 24 26.38 10.02 -18.94
C ALA F 24 26.26 11.53 -18.85
N SER F 25 25.98 12.03 -17.64
CA SER F 25 25.68 13.43 -17.48
C SER F 25 26.49 14.09 -16.37
N GLY F 26 27.70 14.54 -16.72
CA GLY F 26 28.52 15.33 -15.80
C GLY F 26 30.02 15.07 -15.86
N PHE F 27 30.47 14.31 -16.85
CA PHE F 27 31.90 14.04 -17.01
C PHE F 27 32.35 14.07 -18.49
N ALA F 28 33.66 14.21 -18.69
CA ALA F 28 34.25 14.38 -20.03
C ALA F 28 34.15 13.16 -20.95
N PHE F 29 33.16 12.31 -20.64
CA PHE F 29 32.76 11.14 -21.44
C PHE F 29 33.91 10.52 -22.23
N SER F 30 34.11 11.02 -23.45
CA SER F 30 35.23 10.63 -24.31
C SER F 30 36.54 10.52 -23.54
N SER F 31 36.58 11.16 -22.37
CA SER F 31 37.68 11.07 -21.43
C SER F 31 38.18 9.64 -21.20
N TYR F 32 37.37 8.83 -20.49
CA TYR F 32 37.76 7.48 -20.07
C TYR F 32 37.08 6.38 -20.87
N ASP F 33 37.47 5.14 -20.59
CA ASP F 33 36.84 3.95 -21.14
C ASP F 33 35.49 3.74 -20.44
N MET F 34 34.74 2.72 -20.85
CA MET F 34 33.46 2.38 -20.21
C MET F 34 33.20 0.86 -20.02
N SER F 35 32.10 0.52 -19.31
CA SER F 35 31.78 -0.86 -19.01
C SER F 35 30.42 -1.02 -18.36
N TRP F 36 29.86 -2.24 -18.51
CA TRP F 36 28.69 -2.67 -17.76
C TRP F 36 29.05 -3.79 -16.82
N VAL F 37 28.53 -3.70 -15.60
CA VAL F 37 28.53 -4.86 -14.71
C VAL F 37 27.08 -5.21 -14.44
N ARG F 38 26.79 -6.50 -14.31
CA ARG F 38 25.45 -6.92 -13.97
C ARG F 38 25.46 -7.64 -12.63
N GLN F 39 24.28 -7.82 -12.06
CA GLN F 39 24.13 -8.47 -10.77
C GLN F 39 22.84 -9.25 -10.78
N THR F 40 22.95 -10.53 -10.47
CA THR F 40 21.81 -11.45 -10.43
C THR F 40 20.86 -11.18 -9.25
N PRO F 41 19.70 -11.86 -9.23
CA PRO F 41 18.82 -11.79 -8.06
C PRO F 41 19.54 -12.27 -6.79
N GLU F 42 20.45 -13.23 -6.97
CA GLU F 42 21.26 -13.79 -5.89
C GLU F 42 22.40 -12.84 -5.49
N LYS F 43 22.41 -11.64 -6.06
CA LYS F 43 23.38 -10.60 -5.74
C LYS F 43 24.84 -10.98 -6.10
N ARG F 44 24.97 -11.95 -6.99
CA ARG F 44 26.21 -12.23 -7.67
C ARG F 44 26.46 -11.10 -8.68
N LEU F 45 27.69 -10.58 -8.67
CA LEU F 45 28.13 -9.56 -9.64
C LEU F 45 28.86 -10.20 -10.82
N GLU F 46 28.87 -9.50 -11.94
CA GLU F 46 29.40 -10.05 -13.18
C GLU F 46 29.85 -9.00 -14.19
N TRP F 47 31.16 -8.97 -14.49
CA TRP F 47 31.65 -8.09 -15.56
C TRP F 47 31.28 -8.59 -16.94
N VAL F 48 30.49 -7.80 -17.63
CA VAL F 48 29.86 -8.21 -18.87
C VAL F 48 30.45 -7.57 -20.13
N ALA F 49 30.78 -6.28 -20.05
CA ALA F 49 31.20 -5.55 -21.24
C ALA F 49 32.21 -4.48 -20.88
N TYR F 50 33.02 -4.09 -21.86
CA TYR F 50 34.01 -3.02 -21.69
C TYR F 50 34.40 -2.36 -23.01
N ILE F 51 33.96 -1.11 -23.19
CA ILE F 51 34.33 -0.31 -24.36
C ILE F 51 35.53 0.60 -24.04
N SER F 52 36.41 0.81 -25.02
CA SER F 52 37.57 1.68 -24.82
C SER F 52 37.20 3.18 -24.63
N SER F 53 38.22 4.04 -24.67
CA SER F 53 38.00 5.49 -24.58
C SER F 53 37.11 5.97 -25.74
N GLY F 54 37.64 5.89 -26.96
CA GLY F 54 36.85 6.13 -28.16
C GLY F 54 36.62 4.83 -28.90
N GLY F 55 35.62 4.06 -28.42
CA GLY F 55 35.23 2.76 -29.00
C GLY F 55 36.18 2.06 -29.96
N GLY F 56 37.49 2.20 -29.73
CA GLY F 56 38.52 1.57 -30.56
C GLY F 56 38.34 0.07 -30.58
N SER F 57 38.61 -0.56 -29.43
CA SER F 57 38.30 -1.98 -29.26
C SER F 57 37.38 -2.21 -28.03
N THR F 58 36.80 -3.41 -27.97
CA THR F 58 35.87 -3.78 -26.90
C THR F 58 36.34 -5.03 -26.16
N TYR F 59 35.71 -5.33 -25.02
CA TYR F 59 36.09 -6.47 -24.15
C TYR F 59 34.91 -7.20 -23.47
N TYR F 60 34.98 -8.54 -23.46
CA TYR F 60 33.90 -9.38 -22.93
C TYR F 60 34.42 -10.60 -22.14
N PRO F 61 33.60 -11.14 -21.20
CA PRO F 61 33.90 -12.47 -20.71
C PRO F 61 33.38 -13.44 -21.75
N ASP F 62 33.94 -14.63 -21.82
CA ASP F 62 33.52 -15.58 -22.84
C ASP F 62 32.02 -15.77 -22.83
N THR F 63 31.44 -15.80 -21.63
CA THR F 63 30.01 -16.03 -21.41
C THR F 63 29.04 -15.22 -22.29
N VAL F 64 29.40 -13.98 -22.61
CA VAL F 64 28.53 -13.12 -23.42
C VAL F 64 29.09 -12.90 -24.85
N LYS F 65 30.40 -13.15 -25.01
CA LYS F 65 31.14 -12.90 -26.26
C LYS F 65 30.45 -13.44 -27.52
N GLY F 66 29.80 -12.53 -28.25
CA GLY F 66 29.12 -12.87 -29.48
C GLY F 66 27.64 -13.08 -29.25
N ARG F 67 27.08 -12.40 -28.24
CA ARG F 67 25.63 -12.36 -28.04
C ARG F 67 25.29 -10.99 -27.45
N PHE F 68 26.36 -10.26 -27.17
CA PHE F 68 26.33 -8.96 -26.53
C PHE F 68 27.30 -8.06 -27.28
N THR F 69 26.92 -6.80 -27.45
CA THR F 69 27.83 -5.80 -27.99
C THR F 69 27.69 -4.46 -27.26
N ILE F 70 28.82 -3.80 -27.05
CA ILE F 70 28.87 -2.50 -26.36
C ILE F 70 29.21 -1.35 -27.33
N SER F 71 28.28 -0.42 -27.44
CA SER F 71 28.44 0.69 -28.37
C SER F 71 28.30 2.05 -27.67
N ARG F 72 29.17 2.98 -28.03
CA ARG F 72 29.07 4.35 -27.54
C ARG F 72 29.11 5.37 -28.68
N ASP F 73 28.49 6.52 -28.43
CA ASP F 73 28.54 7.69 -29.30
C ASP F 73 29.27 8.82 -28.53
N ASN F 74 30.60 8.86 -28.67
CA ASN F 74 31.48 9.81 -27.95
C ASN F 74 30.94 11.23 -27.92
N ALA F 75 30.01 11.53 -28.82
CA ALA F 75 29.32 12.81 -28.90
C ALA F 75 28.18 12.92 -27.88
N LYS F 76 27.08 12.22 -28.13
CA LYS F 76 25.84 12.44 -27.37
C LYS F 76 25.83 11.87 -25.93
N ASN F 77 27.04 11.57 -25.46
CA ASN F 77 27.32 11.16 -24.07
C ASN F 77 26.51 9.96 -23.55
N THR F 78 26.32 8.98 -24.44
CA THR F 78 25.55 7.78 -24.13
C THR F 78 26.35 6.50 -24.38
N LEU F 79 26.18 5.54 -23.47
CA LEU F 79 26.69 4.19 -23.60
C LEU F 79 25.55 3.23 -23.92
N TYR F 80 25.83 2.17 -24.68
CA TYR F 80 24.81 1.20 -25.00
C TYR F 80 25.29 -0.24 -24.81
N LEU F 81 24.38 -1.10 -24.36
CA LEU F 81 24.58 -2.54 -24.39
C LEU F 81 23.52 -3.19 -25.27
N GLN F 82 23.97 -3.80 -26.36
CA GLN F 82 23.06 -4.45 -27.29
C GLN F 82 23.05 -5.94 -27.02
N MET F 83 21.92 -6.44 -26.51
CA MET F 83 21.81 -7.84 -26.10
C MET F 83 20.94 -8.69 -27.01
N SER F 84 21.44 -9.86 -27.38
CA SER F 84 20.73 -10.70 -28.34
C SER F 84 21.03 -12.17 -28.15
N SER F 85 20.24 -13.02 -28.80
CA SER F 85 20.22 -14.47 -28.51
C SER F 85 20.33 -14.63 -27.00
N LEU F 86 19.30 -14.16 -26.33
CA LEU F 86 19.32 -13.99 -24.88
C LEU F 86 19.12 -15.29 -24.11
N LYS F 87 20.00 -15.50 -23.14
CA LYS F 87 19.90 -16.60 -22.21
C LYS F 87 19.17 -16.12 -20.95
N SER F 88 18.47 -17.05 -20.30
CA SER F 88 17.84 -16.86 -18.99
C SER F 88 18.83 -16.29 -17.98
N GLU F 89 20.08 -16.75 -18.09
CA GLU F 89 21.20 -16.29 -17.26
C GLU F 89 21.39 -14.78 -17.24
N ASP F 90 21.11 -14.13 -18.37
CA ASP F 90 21.35 -12.71 -18.52
C ASP F 90 20.40 -11.85 -17.68
N THR F 91 19.38 -12.48 -17.09
CA THR F 91 18.54 -11.84 -16.09
C THR F 91 19.45 -11.24 -15.02
N ALA F 92 19.18 -9.98 -14.69
CA ALA F 92 19.97 -9.25 -13.71
C ALA F 92 19.62 -7.79 -13.78
N MET F 93 19.95 -7.06 -12.71
CA MET F 93 19.97 -5.61 -12.74
C MET F 93 21.33 -5.23 -13.33
N TYR F 94 21.32 -4.32 -14.31
CA TYR F 94 22.52 -4.02 -15.11
C TYR F 94 23.07 -2.65 -14.82
N TYR F 95 24.26 -2.58 -14.24
CA TYR F 95 24.87 -1.30 -13.83
C TYR F 95 25.92 -0.77 -14.81
N CYS F 96 25.64 0.40 -15.39
CA CYS F 96 26.64 1.14 -16.15
C CYS F 96 27.58 1.79 -15.15
N ALA F 97 28.84 1.38 -15.18
CA ALA F 97 29.86 1.91 -14.29
C ALA F 97 31.06 2.39 -15.07
N ARG F 98 31.92 3.18 -14.41
CA ARG F 98 33.00 3.88 -15.08
C ARG F 98 34.33 3.68 -14.38
N PRO F 99 35.30 3.16 -15.12
CA PRO F 99 36.62 2.85 -14.57
C PRO F 99 37.38 4.13 -14.24
N ASP F 100 38.13 4.11 -13.14
CA ASP F 100 38.93 5.28 -12.76
C ASP F 100 40.13 5.42 -13.70
N TYR F 101 40.47 6.68 -13.98
CA TYR F 101 41.67 7.08 -14.73
C TYR F 101 42.75 5.99 -14.91
N ARG F 102 43.34 5.54 -13.80
CA ARG F 102 44.54 4.71 -13.81
C ARG F 102 44.29 3.41 -13.06
N SER F 103 43.50 3.50 -11.99
CA SER F 103 43.17 2.36 -11.16
C SER F 103 42.23 1.39 -11.87
N TYR F 104 41.46 1.93 -12.83
CA TYR F 104 40.41 1.18 -13.52
C TYR F 104 39.33 0.73 -12.56
N ALA F 105 39.58 0.96 -11.27
CA ALA F 105 38.60 0.78 -10.24
C ALA F 105 37.38 1.60 -10.58
N MET F 106 36.26 0.93 -10.79
CA MET F 106 35.04 1.61 -11.21
C MET F 106 34.57 2.60 -10.16
N ASP F 107 35.01 3.85 -10.28
CA ASP F 107 34.74 4.84 -9.24
C ASP F 107 33.39 5.55 -9.35
N TYR F 108 32.77 5.50 -10.52
CA TYR F 108 31.40 6.04 -10.61
C TYR F 108 30.39 5.12 -11.27
N TRP F 109 29.31 4.89 -10.53
CA TRP F 109 28.35 3.85 -10.86
C TRP F 109 26.96 4.42 -11.20
N GLY F 110 26.20 3.66 -11.97
CA GLY F 110 24.81 3.99 -12.30
C GLY F 110 23.84 3.52 -11.24
N GLN F 111 22.67 3.05 -11.68
CA GLN F 111 21.60 2.65 -10.77
C GLN F 111 20.91 1.36 -11.21
N GLY F 112 21.13 0.99 -12.48
CA GLY F 112 20.71 -0.33 -12.96
C GLY F 112 19.40 -0.38 -13.72
N THR F 113 19.15 -1.52 -14.37
CA THR F 113 17.91 -1.72 -15.11
C THR F 113 17.46 -3.17 -15.04
N SER F 114 16.22 -3.39 -14.58
CA SER F 114 15.66 -4.73 -14.45
C SER F 114 15.65 -5.44 -15.80
N VAL F 115 16.06 -6.71 -15.78
CA VAL F 115 15.95 -7.59 -16.94
C VAL F 115 15.52 -8.95 -16.42
N THR F 116 14.77 -9.66 -17.25
CA THR F 116 14.40 -11.05 -16.99
C THR F 116 14.00 -11.75 -18.29
N VAL F 117 14.28 -13.05 -18.34
CA VAL F 117 14.07 -13.80 -19.56
C VAL F 117 13.13 -14.96 -19.24
N SER F 118 11.83 -14.65 -19.17
CA SER F 118 10.82 -15.60 -18.68
C SER F 118 9.86 -16.13 -19.78
N SER F 119 10.17 -17.31 -20.30
CA SER F 119 9.33 -17.95 -21.31
C SER F 119 8.08 -18.54 -20.68
N LYS F 121 4.92 -12.87 -20.02
CA LYS F 121 3.56 -13.27 -19.62
C LYS F 121 3.07 -12.58 -18.35
N THR F 122 2.79 -11.28 -18.47
CA THR F 122 2.07 -10.53 -17.45
C THR F 122 1.02 -11.46 -16.81
N THR F 123 1.03 -11.58 -15.48
CA THR F 123 -0.06 -12.29 -14.75
C THR F 123 -0.44 -11.63 -13.41
N ALA F 124 -1.70 -11.75 -13.02
CA ALA F 124 -2.26 -10.94 -11.92
C ALA F 124 -2.31 -11.66 -10.57
N PRO F 125 -2.27 -10.88 -9.46
CA PRO F 125 -2.14 -11.38 -8.08
C PRO F 125 -3.43 -11.26 -7.25
N SER F 126 -4.05 -12.40 -6.95
CA SER F 126 -5.21 -12.47 -6.09
C SER F 126 -4.73 -12.19 -4.67
N VAL F 127 -5.15 -11.06 -4.11
CA VAL F 127 -4.73 -10.72 -2.75
C VAL F 127 -5.72 -11.26 -1.71
N TYR F 128 -5.49 -12.50 -1.29
CA TYR F 128 -6.32 -13.15 -0.29
C TYR F 128 -6.12 -12.49 1.06
N PRO F 129 -7.22 -12.16 1.76
CA PRO F 129 -7.06 -11.52 3.06
C PRO F 129 -6.64 -12.56 4.10
N LEU F 130 -5.98 -12.14 5.17
CA LEU F 130 -5.57 -13.06 6.25
C LEU F 130 -6.05 -12.60 7.63
N ALA F 131 -7.20 -13.14 8.06
CA ALA F 131 -7.76 -12.84 9.38
C ALA F 131 -7.41 -13.93 10.39
N PRO F 132 -7.11 -13.54 11.65
CA PRO F 132 -6.50 -14.46 12.61
C PRO F 132 -7.35 -15.69 13.02
N VAL F 133 -7.14 -16.16 14.24
CA VAL F 133 -7.61 -17.47 14.69
C VAL F 133 -9.12 -17.73 14.59
N CYS F 134 -9.44 -18.75 13.78
CA CYS F 134 -10.79 -19.31 13.55
C CYS F 134 -11.77 -19.13 14.73
N GLY F 135 -11.34 -19.60 15.90
CA GLY F 135 -11.95 -19.28 17.18
C GLY F 135 -10.98 -18.39 17.94
N ASP F 136 -11.44 -17.21 18.33
CA ASP F 136 -10.61 -16.20 18.99
C ASP F 136 -9.92 -16.69 20.28
N THR F 137 -8.81 -16.05 20.63
CA THR F 137 -8.15 -16.25 21.94
C THR F 137 -7.33 -14.98 22.33
N THR F 138 -7.82 -13.82 21.88
CA THR F 138 -7.10 -12.53 21.95
C THR F 138 -6.19 -12.35 23.20
N GLY F 139 -4.94 -12.77 23.02
CA GLY F 139 -3.92 -12.84 24.07
C GLY F 139 -3.53 -11.50 24.68
N SER F 140 -3.04 -10.58 23.85
CA SER F 140 -2.71 -9.21 24.31
C SER F 140 -2.60 -8.17 23.18
N SER F 141 -1.89 -8.51 22.11
CA SER F 141 -1.75 -7.62 20.96
C SER F 141 -2.03 -8.32 19.62
N VAL F 142 -2.82 -7.66 18.78
CA VAL F 142 -3.33 -8.24 17.54
C VAL F 142 -2.30 -8.20 16.39
N THR F 143 -2.15 -9.32 15.69
CA THR F 143 -1.31 -9.38 14.48
C THR F 143 -2.06 -9.95 13.26
N LEU F 144 -1.89 -9.29 12.11
CA LEU F 144 -2.69 -9.58 10.91
C LEU F 144 -1.85 -9.70 9.65
N GLY F 145 -2.40 -10.35 8.64
CA GLY F 145 -1.69 -10.59 7.38
C GLY F 145 -2.41 -10.16 6.12
N CYS F 146 -1.77 -10.44 4.98
CA CYS F 146 -2.23 -10.04 3.64
C CYS F 146 -1.46 -10.90 2.63
N LEU F 147 -2.16 -11.76 1.87
CA LEU F 147 -1.48 -12.73 0.99
C LEU F 147 -1.65 -12.41 -0.48
N VAL F 148 -0.57 -12.56 -1.26
CA VAL F 148 -0.54 -12.25 -2.68
C VAL F 148 0.14 -13.37 -3.47
N LYS F 149 -0.64 -14.22 -4.11
CA LYS F 149 -0.09 -15.44 -4.71
C LYS F 149 -0.26 -15.45 -6.23
N GLY F 150 0.39 -16.42 -6.89
CA GLY F 150 0.30 -16.68 -8.34
C GLY F 150 0.40 -15.54 -9.33
N TYR F 151 1.55 -14.88 -9.44
CA TYR F 151 1.70 -13.68 -10.31
C TYR F 151 2.98 -13.53 -11.16
N PHE F 152 3.02 -12.48 -11.98
CA PHE F 152 4.19 -12.18 -12.82
C PHE F 152 4.13 -10.80 -13.53
N PRO F 153 5.27 -10.10 -13.59
CA PRO F 153 6.48 -10.34 -12.81
C PRO F 153 6.64 -9.31 -11.69
N GLU F 154 7.85 -9.27 -11.13
CA GLU F 154 8.19 -8.27 -10.14
C GLU F 154 8.01 -6.90 -10.77
N PRO F 155 7.63 -5.90 -9.97
CA PRO F 155 7.29 -6.10 -8.57
C PRO F 155 5.78 -6.11 -8.39
N VAL F 156 5.34 -5.74 -7.19
CA VAL F 156 3.96 -5.40 -6.83
C VAL F 156 4.11 -4.57 -5.57
N THR F 157 3.18 -3.64 -5.34
CA THR F 157 3.25 -2.85 -4.11
C THR F 157 2.07 -3.12 -3.17
N LEU F 158 2.40 -3.75 -2.04
CA LEU F 158 1.49 -3.93 -0.93
C LEU F 158 1.70 -2.78 0.05
N THR F 159 0.61 -2.31 0.65
CA THR F 159 0.68 -1.43 1.81
C THR F 159 -0.52 -1.62 2.74
N TRP F 160 -0.41 -1.12 3.96
CA TRP F 160 -1.53 -1.12 4.92
C TRP F 160 -2.00 0.32 5.16
N ASN F 161 -3.32 0.52 5.03
CA ASN F 161 -3.97 1.83 5.11
C ASN F 161 -3.43 2.91 4.15
N SER F 162 -3.32 2.53 2.87
CA SER F 162 -2.85 3.40 1.79
C SER F 162 -1.41 3.85 1.99
N GLY F 163 -0.98 3.86 3.26
CA GLY F 163 0.38 4.20 3.68
C GLY F 163 0.36 4.60 5.14
N SER F 164 -0.84 4.85 5.65
CA SER F 164 -1.07 5.42 6.99
C SER F 164 -0.64 4.50 8.12
N LEU F 165 -0.55 3.21 7.82
CA LEU F 165 -0.04 2.24 8.77
C LEU F 165 1.26 1.67 8.23
N SER F 166 2.33 1.78 9.02
CA SER F 166 3.67 1.44 8.55
C SER F 166 4.53 0.82 9.66
N SER F 167 4.78 1.62 10.69
CA SER F 167 5.60 1.25 11.86
C SER F 167 5.46 -0.22 12.29
N GLY F 168 6.29 -1.10 11.71
CA GLY F 168 6.23 -2.53 12.02
C GLY F 168 5.46 -3.40 11.03
N VAL F 169 5.55 -3.05 9.74
CA VAL F 169 5.08 -3.91 8.65
C VAL F 169 6.18 -4.89 8.23
N HIS F 170 5.79 -5.99 7.59
CA HIS F 170 6.76 -6.96 7.09
C HIS F 170 6.34 -7.55 5.74
N THR F 171 7.03 -7.18 4.67
CA THR F 171 6.78 -7.77 3.36
C THR F 171 7.92 -8.69 2.90
N PHE F 172 7.61 -9.98 2.85
CA PHE F 172 8.63 -10.99 2.66
C PHE F 172 8.96 -11.15 1.19
N PRO F 173 10.27 -11.32 0.87
CA PRO F 173 10.70 -11.45 -0.52
C PRO F 173 9.86 -12.45 -1.28
N ALA F 174 9.43 -12.07 -2.48
CA ALA F 174 8.60 -12.94 -3.30
C ALA F 174 9.28 -14.26 -3.61
N VAL F 175 8.48 -15.24 -4.05
CA VAL F 175 8.98 -16.60 -4.21
C VAL F 175 8.36 -17.24 -5.46
N LEU F 176 9.16 -18.04 -6.15
CA LEU F 176 8.70 -18.58 -7.43
C LEU F 176 8.12 -20.01 -7.40
N GLN F 177 6.80 -20.08 -7.26
CA GLN F 177 6.07 -21.34 -7.52
C GLN F 177 5.86 -21.51 -9.02
N SER F 178 6.58 -22.48 -9.57
CA SER F 178 6.72 -22.64 -11.02
C SER F 178 6.97 -21.29 -11.70
N ASP F 179 6.15 -20.94 -12.69
CA ASP F 179 6.34 -19.69 -13.40
C ASP F 179 5.48 -18.62 -12.80
N LEU F 180 5.19 -18.76 -11.52
CA LEU F 180 4.47 -17.73 -10.80
C LEU F 180 5.20 -17.35 -9.53
N TYR F 181 4.76 -16.26 -8.93
CA TYR F 181 5.38 -15.65 -7.76
C TYR F 181 4.46 -15.75 -6.57
N THR F 182 4.96 -15.38 -5.38
CA THR F 182 4.16 -15.43 -4.17
C THR F 182 4.72 -14.52 -3.11
N LEU F 183 3.84 -13.80 -2.42
CA LEU F 183 4.23 -12.85 -1.37
C LEU F 183 3.17 -12.71 -0.25
N SER F 184 3.55 -12.05 0.84
CA SER F 184 2.65 -11.73 1.94
C SER F 184 3.28 -10.71 2.86
N SER F 185 2.46 -9.84 3.45
CA SER F 185 2.95 -8.92 4.49
C SER F 185 2.21 -9.06 5.82
N SER F 186 2.92 -8.74 6.90
CA SER F 186 2.36 -8.85 8.22
C SER F 186 2.40 -7.51 8.96
N VAL F 187 1.47 -7.31 9.89
CA VAL F 187 1.42 -6.11 10.71
C VAL F 187 0.87 -6.42 12.11
N THR F 188 1.37 -5.68 13.11
CA THR F 188 1.12 -5.98 14.52
C THR F 188 0.60 -4.75 15.31
N VAL F 189 -0.71 -4.75 15.56
CA VAL F 189 -1.47 -3.63 16.15
C VAL F 189 -1.79 -3.89 17.63
N THR F 190 -2.12 -2.83 18.37
CA THR F 190 -2.69 -2.96 19.72
C THR F 190 -4.05 -3.62 19.63
N SER F 191 -4.28 -4.65 20.44
CA SER F 191 -5.59 -5.29 20.53
C SER F 191 -6.73 -4.28 20.38
N SER F 192 -6.56 -3.11 21.03
CA SER F 192 -7.55 -2.04 21.05
C SER F 192 -7.87 -1.46 19.67
N THR F 193 -6.83 -1.20 18.87
CA THR F 193 -6.99 -0.51 17.60
C THR F 193 -7.56 -1.33 16.44
N TRP F 194 -7.30 -2.64 16.38
CA TRP F 194 -8.10 -3.43 15.46
C TRP F 194 -9.38 -3.88 16.15
N PRO F 195 -9.85 -5.11 15.88
CA PRO F 195 -11.27 -5.29 15.71
C PRO F 195 -11.96 -3.95 15.41
N SER F 196 -12.17 -3.13 16.45
CA SER F 196 -12.76 -1.78 16.35
C SER F 196 -12.46 -1.03 15.03
N GLN F 197 -11.33 -0.31 15.00
CA GLN F 197 -10.90 0.43 13.82
C GLN F 197 -10.32 -0.49 12.74
N SER F 198 -10.73 -0.26 11.50
CA SER F 198 -10.41 -1.11 10.35
C SER F 198 -9.01 -0.85 9.75
N ILE F 199 -8.51 -1.84 9.02
CA ILE F 199 -7.27 -1.71 8.24
C ILE F 199 -7.46 -2.35 6.87
N THR F 200 -7.61 -1.51 5.84
CA THR F 200 -7.74 -1.97 4.46
C THR F 200 -6.38 -2.19 3.82
N CYS F 201 -6.16 -3.42 3.33
CA CYS F 201 -4.85 -3.83 2.81
C CYS F 201 -4.69 -3.52 1.32
N ASN F 202 -3.96 -2.44 1.05
CA ASN F 202 -3.89 -1.83 -0.27
C ASN F 202 -2.76 -2.38 -1.12
N VAL F 203 -3.13 -3.14 -2.14
CA VAL F 203 -2.13 -3.79 -2.99
C VAL F 203 -2.35 -3.44 -4.47
N ALA F 204 -1.24 -3.31 -5.20
CA ALA F 204 -1.26 -3.01 -6.63
C ALA F 204 -0.17 -3.76 -7.41
N HIS F 205 -0.51 -4.22 -8.61
CA HIS F 205 0.44 -4.83 -9.52
C HIS F 205 0.64 -3.88 -10.70
N PRO F 206 1.89 -3.55 -11.05
CA PRO F 206 2.11 -2.65 -12.18
C PRO F 206 1.75 -3.31 -13.52
N ALA F 207 2.37 -4.45 -13.83
CA ALA F 207 2.16 -5.10 -15.13
C ALA F 207 0.72 -5.56 -15.37
N SER F 208 -0.11 -5.55 -14.33
CA SER F 208 -1.54 -5.85 -14.48
C SER F 208 -2.38 -4.57 -14.36
N SER F 209 -2.11 -3.82 -13.30
CA SER F 209 -2.77 -2.54 -12.98
C SER F 209 -4.08 -2.71 -12.20
N THR F 210 -3.96 -3.17 -10.95
CA THR F 210 -5.15 -3.36 -10.10
C THR F 210 -4.99 -2.79 -8.69
N LYS F 211 -5.93 -1.91 -8.32
CA LYS F 211 -6.02 -1.33 -6.98
C LYS F 211 -7.08 -2.07 -6.14
N VAL F 212 -6.70 -3.24 -5.63
CA VAL F 212 -7.57 -4.05 -4.80
C VAL F 212 -7.13 -3.88 -3.34
N ASP F 213 -8.05 -3.42 -2.48
CA ASP F 213 -7.70 -2.97 -1.11
C ASP F 213 -8.57 -3.59 -0.01
N LYS F 214 -8.17 -4.77 0.49
CA LYS F 214 -9.00 -5.61 1.37
C LYS F 214 -8.98 -5.24 2.86
N LYS F 215 -9.84 -5.91 3.65
CA LYS F 215 -9.92 -5.68 5.10
C LYS F 215 -10.36 -6.94 5.84
N GLN A 10 8.83 43.19 -16.31
CA GLN A 10 7.51 42.68 -16.75
C GLN A 10 6.61 43.82 -17.22
N GLY A 11 7.08 45.04 -16.98
CA GLY A 11 6.35 46.25 -17.39
C GLY A 11 5.20 46.57 -16.45
N ARG A 12 5.05 47.87 -16.12
CA ARG A 12 3.98 48.32 -15.24
C ARG A 12 2.62 47.75 -15.73
N GLY A 13 2.40 47.78 -17.04
CA GLY A 13 1.15 47.30 -17.63
C GLY A 13 0.77 45.93 -17.09
N ALA A 14 1.74 45.02 -17.05
CA ALA A 14 1.51 43.65 -16.57
C ALA A 14 0.78 43.58 -15.23
N TRP A 15 1.35 44.26 -14.22
CA TRP A 15 0.76 44.34 -12.89
C TRP A 15 -0.23 45.51 -12.88
N LEU A 16 0.16 46.68 -13.41
CA LEU A 16 -0.75 47.87 -13.42
C LEU A 16 -2.15 47.55 -13.95
N LEU A 17 -2.23 46.90 -15.11
CA LEU A 17 -3.52 46.50 -15.68
C LEU A 17 -4.22 45.62 -14.67
N MET A 18 -3.55 44.54 -14.26
CA MET A 18 -4.14 43.62 -13.28
C MET A 18 -4.66 44.32 -12.03
N ALA A 19 -3.83 45.13 -11.38
CA ALA A 19 -4.28 45.90 -10.21
C ALA A 19 -5.43 46.85 -10.63
N PHE A 20 -5.29 47.49 -11.79
CA PHE A 20 -6.36 48.38 -12.29
C PHE A 20 -7.60 47.53 -12.54
N THR A 21 -7.48 46.51 -13.39
CA THR A 21 -8.61 45.65 -13.74
C THR A 21 -9.43 45.21 -12.47
N ALA A 22 -8.74 44.84 -11.41
CA ALA A 22 -9.40 44.44 -10.17
C ALA A 22 -10.05 45.62 -9.41
N LEU A 23 -9.28 46.65 -9.09
CA LEU A 23 -9.84 47.85 -8.42
C LEU A 23 -10.90 48.42 -9.34
N ALA A 24 -10.78 48.13 -10.63
CA ALA A 24 -11.72 48.62 -11.63
C ALA A 24 -12.96 47.75 -11.71
N LEU A 25 -12.73 46.47 -11.99
CA LEU A 25 -13.80 45.50 -12.15
C LEU A 25 -14.46 45.23 -10.80
N GLU A 26 -13.65 44.94 -9.79
CA GLU A 26 -14.16 44.63 -8.47
C GLU A 26 -14.77 45.83 -7.70
N LEU A 27 -14.45 47.03 -8.13
CA LEU A 27 -15.02 48.22 -7.52
C LEU A 27 -16.46 48.37 -8.03
N THR A 28 -16.67 48.16 -9.34
CA THR A 28 -18.00 48.24 -9.93
C THR A 28 -18.96 47.42 -9.09
N ALA A 29 -18.37 46.48 -8.34
CA ALA A 29 -19.13 45.60 -7.46
C ALA A 29 -20.05 46.40 -6.54
N LEU A 30 -19.60 47.62 -6.17
CA LEU A 30 -20.35 48.49 -5.27
C LEU A 30 -21.57 49.13 -5.92
N TRP A 31 -21.55 49.20 -7.25
CA TRP A 31 -22.66 49.78 -8.03
C TRP A 31 -23.98 49.08 -7.68
N PHE A 32 -24.56 48.42 -8.68
CA PHE A 32 -25.82 47.68 -8.54
C PHE A 32 -26.02 47.10 -7.15
N GLN A 33 -24.92 46.71 -6.48
CA GLN A 33 -25.00 46.17 -5.11
C GLN A 33 -26.15 46.78 -4.36
N HIS A 34 -25.85 47.78 -3.52
CA HIS A 34 -26.84 48.39 -2.67
C HIS A 34 -27.80 49.41 -3.33
N VAL A 35 -27.40 50.00 -4.46
CA VAL A 35 -28.28 50.98 -5.12
C VAL A 35 -29.58 50.30 -5.56
N MET A 36 -29.47 49.12 -6.17
CA MET A 36 -30.64 48.42 -6.65
C MET A 36 -31.47 47.74 -5.46
N LEU A 37 -30.76 46.94 -4.65
CA LEU A 37 -31.32 46.22 -3.46
C LEU A 37 -30.91 44.63 -3.70
N LEU A 38 -29.48 44.59 -3.67
CA LEU A 38 -28.44 43.79 -3.03
C LEU A 38 -27.90 44.71 -1.77
N LYS A 39 -28.63 44.58 -0.65
CA LYS A 39 -28.29 45.22 0.61
C LYS A 39 -27.24 44.37 1.33
N PRO A 40 -27.48 43.04 1.42
CA PRO A 40 -26.62 42.03 2.13
C PRO A 40 -25.37 41.55 1.37
N SER A 41 -24.57 40.75 2.08
CA SER A 41 -23.37 40.17 1.50
C SER A 41 -22.98 38.90 2.22
N VAL A 42 -23.99 38.17 2.71
CA VAL A 42 -23.77 36.94 3.48
C VAL A 42 -22.26 36.86 3.87
N LEU A 43 -21.59 35.82 3.38
CA LEU A 43 -20.15 35.62 3.61
C LEU A 43 -19.34 36.40 2.57
N CYS A 44 -20.05 36.88 1.55
CA CYS A 44 -19.44 37.64 0.47
C CYS A 44 -18.51 38.83 0.97
N ILE A 45 -18.80 39.41 2.13
CA ILE A 45 -17.90 40.46 2.63
C ILE A 45 -16.48 39.83 2.88
N TYR A 46 -16.46 38.62 3.38
CA TYR A 46 -15.21 37.89 3.59
C TYR A 46 -14.52 37.74 2.23
N GLU A 47 -15.32 37.58 1.18
CA GLU A 47 -14.83 37.45 -0.19
C GLU A 47 -14.45 38.80 -0.82
N ARG A 48 -15.04 39.89 -0.33
CA ARG A 48 -14.70 41.19 -0.88
C ARG A 48 -13.24 41.43 -0.54
N VAL A 49 -12.88 41.06 0.69
CA VAL A 49 -11.51 41.17 1.19
C VAL A 49 -10.47 40.60 0.19
N ALA A 50 -10.72 39.42 -0.37
CA ALA A 50 -9.79 38.82 -1.34
C ALA A 50 -9.42 39.79 -2.47
N LEU A 51 -10.28 40.76 -2.80
CA LEU A 51 -9.98 41.76 -3.87
C LEU A 51 -8.73 42.59 -3.58
N PHE A 52 -8.51 42.99 -2.33
CA PHE A 52 -7.30 43.74 -1.97
C PHE A 52 -6.15 42.75 -1.82
N GLY A 53 -6.47 41.51 -1.44
CA GLY A 53 -5.45 40.49 -1.35
C GLY A 53 -4.78 40.40 -2.71
N VAL A 54 -5.59 40.27 -3.77
CA VAL A 54 -5.08 40.19 -5.14
C VAL A 54 -4.60 41.53 -5.68
N LEU A 55 -5.44 42.56 -5.56
CA LEU A 55 -5.05 43.92 -6.00
C LEU A 55 -3.85 44.34 -5.19
N GLY A 56 -3.97 44.25 -3.86
CA GLY A 56 -2.86 44.60 -2.96
C GLY A 56 -1.57 43.98 -3.45
N ALA A 57 -1.67 42.72 -3.87
CA ALA A 57 -0.53 41.96 -4.41
C ALA A 57 0.08 42.61 -5.67
N ALA A 58 -0.73 42.73 -6.72
CA ALA A 58 -0.29 43.31 -8.00
C ALA A 58 0.11 44.78 -7.84
N LEU A 59 -0.66 45.52 -7.05
CA LEU A 59 -0.38 46.94 -6.76
C LEU A 59 0.94 47.10 -6.00
N ILE A 60 1.10 46.46 -4.84
CA ILE A 60 2.36 46.56 -4.09
C ILE A 60 3.53 45.93 -4.86
N GLY A 61 3.19 45.02 -5.77
CA GLY A 61 4.18 44.38 -6.64
C GLY A 61 4.40 45.24 -7.87
N ALA A 62 3.55 46.27 -8.01
CA ALA A 62 3.65 47.22 -9.10
C ALA A 62 4.23 48.56 -8.61
N ILE A 63 4.36 48.73 -7.28
CA ILE A 63 4.88 50.00 -6.72
C ILE A 63 6.20 50.39 -7.39
N ALA A 64 7.14 49.44 -7.39
CA ALA A 64 8.46 49.61 -7.98
C ALA A 64 8.83 48.41 -8.87
N PRO A 65 8.24 48.36 -10.06
CA PRO A 65 8.48 47.25 -11.08
C PRO A 65 9.92 47.58 -11.72
N LYS A 66 10.14 46.87 -12.94
CA LYS A 66 11.06 46.45 -13.74
C LYS A 66 11.25 45.16 -12.83
N THR A 67 10.25 44.22 -12.86
CA THR A 67 10.29 42.96 -12.08
C THR A 67 11.58 42.85 -11.24
N PRO A 68 11.65 43.59 -10.13
CA PRO A 68 12.83 43.54 -9.30
C PRO A 68 12.71 42.47 -8.07
N LEU A 69 13.56 42.71 -7.08
CA LEU A 69 13.66 41.86 -5.93
C LEU A 69 12.31 41.60 -5.24
N ARG A 70 11.49 42.64 -5.22
CA ARG A 70 10.17 42.60 -4.56
C ARG A 70 9.15 41.68 -5.37
N TYR A 71 9.65 41.04 -6.40
CA TYR A 71 8.85 40.15 -7.24
C TYR A 71 8.17 39.06 -6.41
N VAL A 72 8.23 39.21 -5.09
CA VAL A 72 7.60 38.26 -4.21
C VAL A 72 6.11 38.39 -4.39
N ALA A 73 5.66 39.63 -4.67
CA ALA A 73 4.25 39.92 -4.86
C ALA A 73 3.52 38.82 -5.64
N MET A 74 4.29 38.03 -6.39
CA MET A 74 3.73 36.98 -7.18
C MET A 74 2.95 35.88 -6.29
N VAL A 75 3.50 35.62 -5.13
CA VAL A 75 2.92 34.63 -4.24
C VAL A 75 1.65 35.16 -3.58
N ILE A 76 1.78 36.23 -2.81
CA ILE A 76 0.62 36.81 -2.16
C ILE A 76 -0.57 36.97 -3.18
N TRP A 77 -0.23 37.20 -4.45
CA TRP A 77 -1.22 37.27 -5.56
C TRP A 77 -1.78 35.84 -5.77
N LEU A 78 -0.88 34.86 -5.72
CA LEU A 78 -1.29 33.48 -5.90
C LEU A 78 -2.20 33.09 -4.77
N TYR A 79 -1.73 33.31 -3.53
CA TYR A 79 -2.51 32.96 -2.34
C TYR A 79 -3.85 33.66 -2.28
N SER A 80 -3.84 34.97 -2.38
CA SER A 80 -5.07 35.77 -2.30
C SER A 80 -6.19 35.34 -3.27
N ALA A 81 -5.85 34.98 -4.50
CA ALA A 81 -6.85 34.52 -5.45
C ALA A 81 -7.32 33.11 -5.05
N PHE A 82 -6.36 32.29 -4.58
CA PHE A 82 -6.67 30.92 -4.16
C PHE A 82 -7.70 30.90 -3.05
N ARG A 83 -7.39 31.57 -1.96
CA ARG A 83 -8.30 31.66 -0.81
C ARG A 83 -9.64 32.18 -1.31
N GLY A 84 -9.61 33.14 -2.22
CA GLY A 84 -10.85 33.66 -2.79
C GLY A 84 -11.62 32.55 -3.51
N VAL A 85 -10.90 31.67 -4.20
CA VAL A 85 -11.54 30.59 -4.94
C VAL A 85 -12.29 29.64 -4.01
N GLN A 86 -11.67 29.31 -2.87
CA GLN A 86 -12.30 28.38 -1.91
C GLN A 86 -13.56 28.96 -1.22
N LEU A 87 -13.48 30.23 -0.81
CA LEU A 87 -14.62 30.93 -0.20
C LEU A 87 -15.77 31.11 -1.24
N THR A 88 -15.48 31.55 -2.48
CA THR A 88 -16.54 31.67 -3.52
C THR A 88 -17.05 30.32 -3.96
N TYR A 89 -16.20 29.31 -3.95
CA TYR A 89 -16.60 27.96 -4.37
C TYR A 89 -17.73 27.40 -3.48
N GLU A 90 -17.54 27.45 -2.16
CA GLU A 90 -18.58 26.97 -1.24
C GLU A 90 -19.80 27.86 -1.38
N HIS A 91 -19.58 29.14 -1.59
CA HIS A 91 -20.69 30.05 -1.82
C HIS A 91 -21.51 29.64 -3.04
N THR A 92 -20.85 29.23 -4.13
CA THR A 92 -21.58 28.84 -5.33
C THR A 92 -22.33 27.58 -5.03
N MET A 93 -21.63 26.62 -4.42
CA MET A 93 -22.21 25.35 -4.03
C MET A 93 -23.50 25.57 -3.17
N LEU A 94 -23.41 26.49 -2.24
CA LEU A 94 -24.56 26.81 -1.38
C LEU A 94 -25.87 27.06 -2.16
N GLN A 95 -25.82 27.09 -3.50
CA GLN A 95 -27.04 27.23 -4.30
C GLN A 95 -27.38 25.90 -4.97
N LEU A 96 -26.38 25.25 -5.54
CA LEU A 96 -26.60 23.97 -6.18
C LEU A 96 -26.68 22.89 -5.09
N TYR A 97 -26.53 23.34 -3.86
CA TYR A 97 -26.51 22.50 -2.69
C TYR A 97 -26.62 23.44 -1.49
N PRO A 98 -27.80 23.84 -1.03
CA PRO A 98 -27.87 24.76 0.11
C PRO A 98 -27.88 23.94 1.38
N SER A 99 -28.14 24.57 2.53
CA SER A 99 -28.11 23.83 3.79
C SER A 99 -29.21 24.27 4.77
N PRO A 100 -29.45 23.45 5.78
CA PRO A 100 -30.48 23.68 6.82
C PRO A 100 -30.09 24.70 7.87
N PHE A 101 -29.53 24.21 8.98
CA PHE A 101 -29.11 25.05 10.10
C PHE A 101 -30.22 25.98 10.61
N ALA A 102 -31.44 25.79 10.13
CA ALA A 102 -32.53 26.64 10.56
C ALA A 102 -32.08 28.09 10.32
N THR A 103 -31.82 28.80 11.42
CA THR A 103 -31.40 30.18 11.38
C THR A 103 -29.93 30.14 10.64
N CYS A 104 -29.59 31.25 10.06
CA CYS A 104 -28.38 31.28 9.36
C CYS A 104 -27.30 32.20 10.15
N ASP A 105 -26.04 31.84 9.96
CA ASP A 105 -24.99 32.54 10.67
C ASP A 105 -24.74 33.96 10.11
N PHE A 106 -25.21 34.94 10.88
CA PHE A 106 -25.15 36.34 10.50
C PHE A 106 -23.83 37.03 10.92
N MET A 107 -23.01 36.30 11.70
CA MET A 107 -21.67 36.80 12.09
C MET A 107 -20.82 35.86 13.04
N VAL A 108 -21.00 34.54 12.88
CA VAL A 108 -20.28 33.51 13.65
C VAL A 108 -19.80 32.36 12.72
N LEU A 114 -8.93 45.08 14.33
CA LEU A 114 -9.66 44.27 13.34
C LEU A 114 -10.48 45.19 12.41
N PRO A 115 -11.03 46.28 12.93
CA PRO A 115 -11.80 47.24 12.11
C PRO A 115 -10.95 48.32 11.42
N LEU A 116 -11.57 49.48 11.20
CA LEU A 116 -10.91 50.59 10.60
C LEU A 116 -11.45 51.85 11.27
N ASP A 117 -10.71 52.97 11.11
CA ASP A 117 -11.11 54.28 11.68
C ASP A 117 -10.84 55.47 10.71
N LYS A 118 -9.77 55.37 9.91
CA LYS A 118 -9.36 56.48 9.02
C LYS A 118 -10.38 56.88 7.94
N TRP A 119 -10.95 55.90 7.23
CA TRP A 119 -11.89 56.20 6.12
C TRP A 119 -13.41 56.03 6.43
N VAL A 120 -13.87 54.76 6.52
CA VAL A 120 -15.24 54.44 6.91
C VAL A 120 -15.28 53.00 7.43
N PRO A 121 -16.04 52.75 8.49
CA PRO A 121 -16.16 51.41 9.04
C PRO A 121 -16.78 50.39 8.02
N GLN A 122 -17.31 50.92 6.93
CA GLN A 122 -18.02 50.14 5.91
C GLN A 122 -17.45 48.69 5.65
N VAL A 123 -16.20 48.45 5.96
CA VAL A 123 -15.60 47.12 5.74
C VAL A 123 -16.63 45.98 5.82
N PHE A 124 -17.42 45.93 6.90
CA PHE A 124 -18.47 44.90 7.04
C PHE A 124 -19.80 45.34 6.38
N VAL A 125 -20.55 44.35 5.86
CA VAL A 125 -21.85 44.60 5.23
C VAL A 125 -22.62 43.28 5.07
N ALA A 126 -23.91 43.33 5.44
CA ALA A 126 -24.75 42.14 5.39
C ALA A 126 -26.22 42.45 5.72
N SER A 127 -26.52 43.67 6.18
CA SER A 127 -27.90 44.03 6.53
C SER A 127 -28.96 43.33 5.65
N GLY A 128 -30.12 43.09 6.26
CA GLY A 128 -31.24 42.45 5.57
C GLY A 128 -31.43 41.02 6.06
N ASP A 129 -31.33 40.07 5.11
CA ASP A 129 -31.54 38.64 5.41
C ASP A 129 -30.41 37.71 4.89
N CYS A 130 -30.74 36.41 4.84
CA CYS A 130 -29.83 35.37 4.36
C CYS A 130 -30.02 35.09 2.87
N ALA A 131 -29.66 33.87 2.50
CA ALA A 131 -29.85 33.41 1.16
C ALA A 131 -31.27 32.94 1.23
N GLU A 132 -32.01 33.05 0.15
CA GLU A 132 -33.41 32.64 0.15
C GLU A 132 -34.03 32.97 -1.20
N ARG A 133 -34.25 34.26 -1.42
CA ARG A 133 -34.83 34.71 -2.69
C ARG A 133 -34.01 35.87 -3.24
N GLN A 134 -33.57 35.69 -4.48
CA GLN A 134 -32.79 36.69 -5.18
C GLN A 134 -32.58 36.23 -6.62
N TRP A 135 -33.58 36.46 -7.47
CA TRP A 135 -33.47 36.02 -8.87
C TRP A 135 -32.33 36.76 -9.59
N ASP A 136 -31.87 37.83 -8.95
CA ASP A 136 -30.79 38.65 -9.47
C ASP A 136 -31.08 39.01 -10.93
N PHE A 137 -30.02 39.39 -11.64
CA PHE A 137 -30.10 39.85 -13.04
C PHE A 137 -30.15 38.77 -14.14
N LEU A 138 -31.04 39.06 -15.12
CA LEU A 138 -31.29 38.21 -16.31
C LEU A 138 -29.98 37.74 -17.00
N GLY A 139 -29.38 36.70 -16.43
CA GLY A 139 -28.17 36.10 -16.98
C GLY A 139 -27.38 35.29 -15.96
N LEU A 140 -27.30 35.80 -14.73
CA LEU A 140 -26.60 35.13 -13.66
C LEU A 140 -26.22 36.18 -12.59
N GLU A 141 -26.26 35.74 -11.32
CA GLU A 141 -25.91 36.61 -10.21
C GLU A 141 -24.41 36.84 -10.17
N MET A 142 -23.92 37.35 -9.05
CA MET A 142 -22.51 37.67 -8.94
C MET A 142 -21.72 36.43 -8.69
N PRO A 143 -21.77 35.80 -7.52
CA PRO A 143 -20.97 34.60 -7.30
C PRO A 143 -20.76 33.82 -8.59
N GLN A 144 -21.12 32.55 -8.59
CA GLN A 144 -20.98 31.70 -9.76
C GLN A 144 -20.06 32.32 -10.82
N TRP A 145 -20.60 33.32 -11.55
CA TRP A 145 -19.82 34.02 -12.56
C TRP A 145 -18.47 34.32 -11.92
N LEU A 146 -18.53 35.10 -10.84
CA LEU A 146 -17.33 35.55 -10.07
C LEU A 146 -16.30 34.47 -9.77
N LEU A 147 -16.73 33.23 -9.62
CA LEU A 147 -15.78 32.11 -9.39
C LEU A 147 -14.84 32.00 -10.59
N GLY A 148 -15.37 32.23 -11.79
CA GLY A 148 -14.56 32.17 -13.02
C GLY A 148 -13.54 33.31 -13.09
N ILE A 149 -13.98 34.50 -12.67
CA ILE A 149 -13.09 35.67 -12.70
C ILE A 149 -11.81 35.41 -11.81
N PHE A 150 -11.99 34.87 -10.61
CA PHE A 150 -10.85 34.56 -9.74
C PHE A 150 -10.02 33.44 -10.36
N ILE A 151 -10.69 32.51 -11.03
CA ILE A 151 -9.97 31.44 -11.68
C ILE A 151 -9.04 32.13 -12.74
N ALA A 152 -9.58 33.17 -13.35
CA ALA A 152 -8.81 33.96 -14.34
C ALA A 152 -7.57 34.67 -13.74
N TYR A 153 -7.70 35.27 -12.56
CA TYR A 153 -6.58 35.95 -11.91
C TYR A 153 -5.65 34.88 -11.35
N LEU A 154 -6.28 33.86 -10.73
CA LEU A 154 -5.53 32.72 -10.17
C LEU A 154 -4.79 32.01 -11.29
N ILE A 155 -5.49 31.78 -12.39
CA ILE A 155 -4.89 31.06 -13.47
C ILE A 155 -3.71 32.01 -14.24
N VAL A 156 -3.98 33.30 -14.30
CA VAL A 156 -2.99 34.22 -14.82
C VAL A 156 -1.78 34.13 -13.89
N ALA A 157 -2.02 34.24 -12.58
CA ALA A 157 -0.97 34.14 -11.55
C ALA A 157 -0.26 32.78 -11.54
N VAL A 158 -1.01 31.67 -11.60
CA VAL A 158 -0.34 30.37 -11.61
C VAL A 158 0.53 30.31 -12.88
N LEU A 159 -0.03 30.72 -14.02
CA LEU A 159 0.69 30.67 -15.33
C LEU A 159 2.06 31.36 -15.38
N VAL A 160 2.20 32.53 -14.74
CA VAL A 160 3.49 33.25 -14.70
C VAL A 160 4.46 32.57 -13.73
N VAL A 161 3.97 32.13 -12.54
CA VAL A 161 4.85 31.44 -11.58
C VAL A 161 5.36 30.12 -12.18
N ILE A 162 4.48 29.33 -12.79
CA ILE A 162 4.90 28.06 -13.38
C ILE A 162 5.53 28.23 -14.77
N ASP B 21 -40.55 22.39 15.00
CA ASP B 21 -39.84 22.04 13.72
C ASP B 21 -40.84 21.77 12.61
N ILE B 22 -40.38 21.18 11.52
CA ILE B 22 -41.28 20.64 10.54
C ILE B 22 -41.78 19.30 11.10
N VAL B 23 -43.07 19.00 10.89
CA VAL B 23 -43.59 17.65 11.16
C VAL B 23 -44.00 16.85 9.91
N MET B 24 -43.27 15.76 9.70
CA MET B 24 -43.62 14.77 8.70
C MET B 24 -44.56 13.77 9.32
N SER B 25 -45.55 13.40 8.52
CA SER B 25 -46.63 12.54 8.93
C SER B 25 -47.08 11.78 7.70
N GLN B 26 -46.87 10.47 7.71
CA GLN B 26 -47.30 9.59 6.61
C GLN B 26 -48.62 8.88 6.95
N SER B 27 -49.42 8.59 5.93
CA SER B 27 -50.54 7.68 6.07
C SER B 27 -50.43 6.67 4.94
N PRO B 28 -50.84 5.41 5.17
CA PRO B 28 -51.33 4.84 6.41
C PRO B 28 -50.17 4.23 7.20
N SER B 29 -50.47 3.67 8.37
CA SER B 29 -49.48 2.92 9.12
C SER B 29 -49.02 1.68 8.35
N SER B 30 -49.99 0.94 7.81
CA SER B 30 -49.71 -0.32 7.12
C SER B 30 -50.40 -0.49 5.77
N LEU B 31 -49.74 -1.25 4.89
CA LEU B 31 -50.29 -1.64 3.60
C LEU B 31 -50.07 -3.13 3.33
N ALA B 32 -51.11 -3.80 2.88
CA ALA B 32 -50.96 -5.14 2.36
C ALA B 32 -51.06 -5.08 0.85
N VAL B 33 -50.38 -6.00 0.17
CA VAL B 33 -50.47 -6.13 -1.29
C VAL B 33 -49.94 -7.49 -1.80
N SER B 34 -50.60 -8.03 -2.83
CA SER B 34 -50.18 -9.28 -3.42
C SER B 34 -49.00 -8.99 -4.33
N ALA B 35 -47.99 -9.87 -4.25
CA ALA B 35 -46.66 -9.61 -4.83
C ALA B 35 -46.64 -9.27 -6.33
N GLY B 36 -46.67 -7.99 -6.65
CA GLY B 36 -46.51 -7.55 -8.04
C GLY B 36 -47.40 -6.38 -8.38
N GLU B 37 -47.92 -5.72 -7.35
CA GLU B 37 -48.87 -4.64 -7.53
C GLU B 37 -48.27 -3.23 -7.48
N LYS B 38 -49.13 -2.22 -7.70
CA LYS B 38 -48.75 -0.83 -7.51
C LYS B 38 -49.25 -0.34 -6.15
N VAL B 39 -48.35 0.29 -5.39
CA VAL B 39 -48.67 0.88 -4.11
C VAL B 39 -48.10 2.28 -4.09
N THR B 40 -48.89 3.20 -3.55
CA THR B 40 -48.51 4.59 -3.48
C THR B 40 -48.86 5.14 -2.10
N MET B 41 -47.96 5.01 -1.14
CA MET B 41 -48.21 5.64 0.16
C MET B 41 -47.81 7.15 0.16
N SER B 42 -48.30 7.89 1.15
CA SER B 42 -48.18 9.34 1.12
C SER B 42 -47.46 9.93 2.30
N CYS B 43 -46.63 10.93 2.02
CA CYS B 43 -45.92 11.71 3.02
C CYS B 43 -46.31 13.18 2.91
N LYS B 44 -46.84 13.74 3.98
CA LYS B 44 -47.18 15.16 4.03
C LYS B 44 -46.41 15.91 5.12
N SER B 45 -45.79 17.02 4.74
CA SER B 45 -45.03 17.82 5.70
C SER B 45 -45.76 19.10 6.11
N SER B 46 -45.52 19.54 7.33
CA SER B 46 -46.20 20.70 7.90
C SER B 46 -45.83 22.02 7.22
N GLN B 47 -44.64 22.03 6.63
CA GLN B 47 -44.03 23.21 6.06
C GLN B 47 -43.73 22.95 4.62
N SER B 48 -43.97 23.92 3.73
CA SER B 48 -43.64 23.66 2.34
C SER B 48 -42.16 23.39 2.18
N LEU B 49 -41.81 22.51 1.27
CA LEU B 49 -40.42 22.08 1.10
C LEU B 49 -39.73 22.62 -0.19
N LEU B 50 -40.31 23.66 -0.79
CA LEU B 50 -39.78 24.23 -2.03
C LEU B 50 -38.84 25.43 -1.79
N ASN B 51 -37.73 25.46 -2.51
CA ASN B 51 -36.94 26.68 -2.61
C ASN B 51 -37.49 27.57 -3.71
N SER B 52 -37.31 28.88 -3.55
CA SER B 52 -37.54 29.79 -4.68
C SER B 52 -36.56 29.42 -5.80
N ARG B 53 -35.26 29.45 -5.54
CA ARG B 53 -34.26 29.05 -6.53
C ARG B 53 -34.14 27.52 -6.69
N THR B 54 -34.45 27.10 -7.92
CA THR B 54 -34.70 25.71 -8.33
C THR B 54 -35.89 25.09 -7.64
N ARG B 55 -36.81 24.56 -8.44
CA ARG B 55 -37.73 23.55 -7.95
C ARG B 55 -36.85 22.45 -7.36
N LYS B 56 -36.75 22.45 -6.05
CA LYS B 56 -35.90 21.53 -5.32
C LYS B 56 -36.67 21.21 -4.07
N ASN B 57 -37.19 19.99 -3.99
CA ASN B 57 -38.17 19.75 -2.94
C ASN B 57 -37.70 19.09 -1.66
N TYR B 58 -36.39 18.97 -1.49
CA TYR B 58 -35.77 18.73 -0.18
C TYR B 58 -36.41 17.67 0.76
N LEU B 59 -37.01 16.66 0.14
CA LEU B 59 -37.57 15.55 0.85
C LEU B 59 -36.89 14.31 0.35
N ALA B 60 -36.56 13.41 1.28
CA ALA B 60 -36.11 12.08 0.91
C ALA B 60 -37.05 10.97 1.42
N TRP B 61 -36.99 9.82 0.74
CA TRP B 61 -37.67 8.59 1.13
C TRP B 61 -36.64 7.54 1.46
N TYR B 62 -36.68 6.99 2.66
CA TYR B 62 -35.77 5.90 3.03
C TYR B 62 -36.57 4.65 3.27
N GLN B 63 -36.13 3.54 2.68
CA GLN B 63 -36.72 2.27 3.01
C GLN B 63 -35.87 1.63 4.08
N GLN B 64 -36.51 0.84 4.95
CA GLN B 64 -35.79 0.17 6.03
C GLN B 64 -36.31 -1.22 6.21
N LYS B 65 -35.49 -2.21 5.87
CA LYS B 65 -35.90 -3.62 5.95
C LYS B 65 -35.93 -4.14 7.39
N PRO B 66 -36.68 -5.23 7.66
CA PRO B 66 -36.78 -5.71 9.05
C PRO B 66 -35.41 -5.95 9.69
N GLY B 67 -35.12 -5.19 10.75
CA GLY B 67 -33.85 -5.27 11.45
C GLY B 67 -32.75 -4.96 10.48
N GLN B 68 -32.76 -3.73 9.99
CA GLN B 68 -31.69 -3.19 9.13
C GLN B 68 -31.61 -1.69 9.21
N SER B 69 -30.42 -1.18 8.90
CA SER B 69 -30.28 0.25 8.77
C SER B 69 -31.11 0.70 7.55
N PRO B 70 -31.82 1.85 7.69
CA PRO B 70 -32.53 2.38 6.53
C PRO B 70 -31.62 2.49 5.30
N LYS B 71 -32.19 2.36 4.10
CA LYS B 71 -31.45 2.59 2.83
C LYS B 71 -32.00 3.82 2.11
N LEU B 72 -31.13 4.61 1.49
CA LEU B 72 -31.59 5.76 0.71
C LEU B 72 -32.27 5.27 -0.56
N LEU B 73 -33.35 5.93 -0.95
CA LEU B 73 -34.24 5.41 -1.98
C LEU B 73 -34.51 6.44 -3.06
N ILE B 74 -34.93 7.61 -2.61
CA ILE B 74 -35.20 8.73 -3.48
C ILE B 74 -34.72 9.96 -2.75
N TYR B 75 -33.93 10.79 -3.41
CA TYR B 75 -33.72 12.13 -2.86
C TYR B 75 -34.38 13.25 -3.65
N TRP B 76 -34.23 14.47 -3.13
CA TRP B 76 -34.85 15.67 -3.68
C TRP B 76 -36.36 15.64 -3.84
N ALA B 77 -36.90 14.55 -4.36
CA ALA B 77 -38.33 14.17 -4.20
C ALA B 77 -38.69 13.21 -5.29
N SER B 78 -38.07 13.47 -6.45
CA SER B 78 -38.25 12.75 -7.70
C SER B 78 -37.10 11.79 -7.93
N THR B 79 -35.87 12.29 -7.82
CA THR B 79 -34.67 11.58 -8.27
C THR B 79 -34.28 10.33 -7.47
N ARG B 80 -34.16 9.21 -8.17
CA ARG B 80 -33.81 7.92 -7.58
C ARG B 80 -32.31 7.79 -7.38
N GLU B 81 -31.91 6.82 -6.57
CA GLU B 81 -30.51 6.72 -6.17
C GLU B 81 -29.83 5.42 -6.67
N SER B 82 -28.53 5.54 -6.96
CA SER B 82 -27.71 4.46 -7.53
C SER B 82 -28.23 3.05 -7.23
N GLY B 83 -28.87 2.44 -8.22
CA GLY B 83 -29.41 1.10 -8.07
C GLY B 83 -30.80 1.03 -7.45
N VAL B 84 -31.58 2.09 -7.65
CA VAL B 84 -32.99 2.04 -7.33
C VAL B 84 -33.70 1.62 -8.61
N PRO B 85 -34.42 0.49 -8.56
CA PRO B 85 -35.26 0.08 -9.69
C PRO B 85 -36.38 1.09 -9.97
N ASP B 86 -36.52 1.44 -11.25
CA ASP B 86 -37.47 2.47 -11.75
C ASP B 86 -38.81 2.43 -11.02
N ARG B 87 -39.15 1.24 -10.50
CA ARG B 87 -40.45 0.93 -9.91
C ARG B 87 -40.83 1.80 -8.71
N PHE B 88 -39.83 2.12 -7.88
CA PHE B 88 -40.06 3.10 -6.83
C PHE B 88 -40.06 4.42 -7.54
N THR B 89 -41.12 5.21 -7.36
CA THR B 89 -41.18 6.55 -7.95
C THR B 89 -41.54 7.58 -6.91
N GLY B 90 -40.96 8.77 -7.04
CA GLY B 90 -41.22 9.85 -6.11
C GLY B 90 -41.91 10.98 -6.81
N SER B 91 -43.18 11.20 -6.45
CA SER B 91 -43.88 12.37 -6.92
C SER B 91 -44.03 13.24 -5.70
N GLY B 92 -44.66 14.40 -5.87
CA GLY B 92 -44.97 15.27 -4.75
C GLY B 92 -44.29 16.60 -4.91
N SER B 93 -44.74 17.59 -4.17
CA SER B 93 -44.26 18.95 -4.33
C SER B 93 -45.02 19.90 -3.43
N GLY B 94 -44.29 20.79 -2.77
CA GLY B 94 -44.87 21.61 -1.72
C GLY B 94 -44.90 20.82 -0.43
N THR B 95 -46.11 20.57 0.07
CA THR B 95 -46.27 19.88 1.35
C THR B 95 -46.74 18.44 1.15
N ASP B 96 -46.65 17.92 -0.07
CA ASP B 96 -47.45 16.76 -0.49
C ASP B 96 -46.75 15.70 -1.30
N PHE B 97 -46.09 14.78 -0.62
CA PHE B 97 -45.31 13.81 -1.34
C PHE B 97 -45.92 12.42 -1.29
N THR B 98 -45.61 11.65 -2.33
CA THR B 98 -46.15 10.30 -2.50
C THR B 98 -45.08 9.36 -3.07
N LEU B 99 -44.94 8.20 -2.44
CA LEU B 99 -44.03 7.18 -2.94
C LEU B 99 -44.83 6.07 -3.54
N THR B 100 -44.35 5.59 -4.70
CA THR B 100 -45.10 4.62 -5.51
C THR B 100 -44.21 3.46 -6.01
N ILE B 101 -44.56 2.24 -5.59
CA ILE B 101 -43.77 1.07 -5.91
C ILE B 101 -44.59 0.13 -6.76
N SER B 102 -44.26 0.07 -8.05
CA SER B 102 -44.92 -0.87 -8.96
C SER B 102 -44.18 -2.21 -8.99
N SER B 103 -44.95 -3.28 -9.19
CA SER B 103 -44.41 -4.65 -9.33
C SER B 103 -43.72 -5.10 -8.05
N VAL B 104 -44.45 -5.02 -6.94
CA VAL B 104 -43.93 -5.35 -5.60
C VAL B 104 -43.30 -6.73 -5.51
N GLN B 105 -41.98 -6.79 -5.55
CA GLN B 105 -41.32 -8.04 -5.27
C GLN B 105 -41.42 -8.40 -3.80
N ALA B 106 -40.99 -9.61 -3.48
CA ALA B 106 -41.12 -10.17 -2.14
C ALA B 106 -40.15 -9.48 -1.20
N GLU B 107 -38.99 -9.11 -1.75
CA GLU B 107 -37.93 -8.42 -1.04
C GLU B 107 -38.22 -6.92 -1.07
N ASP B 108 -39.44 -6.58 -0.69
CA ASP B 108 -39.88 -5.20 -0.57
C ASP B 108 -40.66 -5.08 0.72
N LEU B 109 -40.47 -6.05 1.61
CA LEU B 109 -41.06 -5.96 2.94
C LEU B 109 -40.27 -4.92 3.74
N ALA B 110 -40.93 -3.83 4.10
CA ALA B 110 -40.21 -2.74 4.73
C ALA B 110 -41.11 -1.70 5.36
N VAL B 111 -40.53 -0.87 6.21
CA VAL B 111 -41.14 0.39 6.51
C VAL B 111 -40.42 1.48 5.68
N TYR B 112 -41.23 2.38 5.14
CA TYR B 112 -40.78 3.44 4.23
C TYR B 112 -40.93 4.78 4.94
N TYR B 113 -39.81 5.47 5.09
CA TYR B 113 -39.75 6.66 5.93
C TYR B 113 -39.50 7.82 5.01
N CYS B 114 -40.20 8.93 5.23
CA CYS B 114 -39.85 10.12 4.50
C CYS B 114 -39.11 11.02 5.44
N LYS B 115 -38.14 11.77 4.91
CA LYS B 115 -37.35 12.72 5.70
C LYS B 115 -37.40 14.07 5.03
N GLN B 116 -37.53 15.11 5.83
CA GLN B 116 -37.33 16.43 5.28
C GLN B 116 -35.92 16.86 5.60
N SER B 117 -35.30 17.57 4.66
CA SER B 117 -33.99 18.15 4.89
C SER B 117 -33.99 19.64 4.51
N TYR B 118 -35.14 20.28 4.62
CA TYR B 118 -35.27 21.70 4.30
C TYR B 118 -34.87 22.54 5.47
N ASN B 119 -35.15 22.09 6.67
CA ASN B 119 -34.72 22.82 7.85
C ASN B 119 -34.57 21.85 8.97
N LEU B 120 -33.31 21.49 9.20
CA LEU B 120 -32.90 20.35 10.02
C LEU B 120 -33.40 19.05 9.36
N TYR B 121 -33.30 17.93 10.07
CA TYR B 121 -33.74 16.66 9.52
C TYR B 121 -34.93 16.15 10.31
N THR B 122 -36.12 16.07 9.73
CA THR B 122 -37.18 15.27 10.39
C THR B 122 -37.70 14.11 9.54
N PHE B 123 -38.25 13.11 10.24
CA PHE B 123 -38.74 11.86 9.63
C PHE B 123 -40.26 11.73 9.78
N GLY B 124 -40.87 10.94 8.90
CA GLY B 124 -42.27 10.59 9.06
C GLY B 124 -42.29 9.49 10.09
N GLY B 125 -43.49 9.02 10.38
CA GLY B 125 -43.65 7.95 11.35
C GLY B 125 -43.33 6.60 10.77
N GLY B 126 -43.62 6.42 9.49
CA GLY B 126 -43.34 5.17 8.83
C GLY B 126 -44.61 4.57 8.28
N THR B 127 -44.48 3.73 7.27
CA THR B 127 -45.57 3.04 6.61
C THR B 127 -45.05 1.64 6.41
N LYS B 128 -45.67 0.66 7.07
CA LYS B 128 -45.28 -0.73 6.94
C LYS B 128 -45.92 -1.40 5.73
N LEU B 129 -45.12 -1.74 4.72
CA LEU B 129 -45.60 -2.46 3.54
C LEU B 129 -45.43 -3.97 3.73
N GLU B 130 -46.41 -4.60 4.38
CA GLU B 130 -46.37 -6.06 4.59
C GLU B 130 -47.04 -6.82 3.46
N ILE B 131 -46.43 -7.93 3.05
CA ILE B 131 -46.91 -8.70 1.89
C ILE B 131 -48.11 -9.61 2.19
N LYS B 132 -48.93 -9.79 1.16
CA LYS B 132 -49.96 -10.82 1.11
C LYS B 132 -49.29 -12.10 0.64
N ALA B 134 -50.81 -16.43 -0.62
CA ALA B 134 -51.60 -17.63 -0.38
C ALA B 134 -51.07 -18.42 0.81
N ASP B 135 -51.99 -19.02 1.57
CA ASP B 135 -51.67 -19.69 2.85
C ASP B 135 -50.59 -20.78 2.73
N ALA B 136 -50.02 -21.18 3.86
CA ALA B 136 -49.15 -22.38 3.94
C ALA B 136 -49.19 -23.02 5.34
N ALA B 137 -48.81 -24.30 5.40
CA ALA B 137 -48.87 -25.11 6.64
C ALA B 137 -47.68 -24.93 7.59
N PRO B 138 -47.97 -24.53 8.85
CA PRO B 138 -46.94 -24.36 9.89
C PRO B 138 -46.16 -25.66 10.13
N THR B 139 -44.86 -25.56 10.39
CA THR B 139 -44.00 -26.73 10.45
C THR B 139 -43.40 -26.99 11.86
N VAL B 140 -44.20 -27.52 12.78
CA VAL B 140 -43.76 -27.63 14.21
C VAL B 140 -42.66 -28.67 14.45
N SER B 141 -41.98 -28.54 15.59
CA SER B 141 -40.85 -29.37 16.00
C SER B 141 -40.52 -29.08 17.47
N ILE B 142 -40.69 -30.07 18.35
CA ILE B 142 -40.50 -29.87 19.80
C ILE B 142 -39.07 -30.11 20.30
N PHE B 143 -38.69 -29.33 21.31
CA PHE B 143 -37.33 -29.31 21.85
C PHE B 143 -37.29 -29.38 23.39
N PRO B 144 -36.77 -30.50 23.93
CA PRO B 144 -36.65 -30.74 25.37
C PRO B 144 -35.64 -29.78 26.01
N PRO B 145 -35.69 -29.63 27.34
CA PRO B 145 -34.64 -28.91 28.08
C PRO B 145 -33.24 -29.33 27.66
N SER B 146 -32.25 -28.51 27.98
CA SER B 146 -30.84 -28.89 27.78
C SER B 146 -30.18 -29.30 29.09
N SER B 147 -29.53 -30.45 29.06
CA SER B 147 -28.82 -31.01 30.20
C SER B 147 -28.39 -29.92 31.20
N GLU B 148 -27.57 -28.97 30.72
CA GLU B 148 -26.97 -27.97 31.59
C GLU B 148 -27.99 -27.04 32.24
N GLN B 149 -29.00 -26.64 31.47
CA GLN B 149 -30.11 -25.83 32.02
C GLN B 149 -30.67 -26.52 33.27
N LEU B 150 -30.86 -27.84 33.14
CA LEU B 150 -31.38 -28.68 34.20
C LEU B 150 -30.42 -28.71 35.37
N THR B 151 -29.19 -29.19 35.12
CA THR B 151 -28.17 -29.31 36.16
C THR B 151 -27.76 -27.94 36.74
N SER B 152 -28.34 -26.88 36.19
CA SER B 152 -28.24 -25.54 36.76
C SER B 152 -29.59 -25.01 37.29
N GLY B 153 -30.51 -25.94 37.56
CA GLY B 153 -31.67 -25.66 38.40
C GLY B 153 -32.93 -25.13 37.75
N GLY B 154 -33.13 -25.46 36.48
CA GLY B 154 -34.32 -25.04 35.74
C GLY B 154 -34.61 -25.93 34.56
N ALA B 155 -35.79 -25.76 33.95
CA ALA B 155 -36.21 -26.59 32.82
C ALA B 155 -37.20 -25.88 31.90
N SER B 156 -36.86 -25.77 30.62
CA SER B 156 -37.70 -25.07 29.65
C SER B 156 -37.90 -25.89 28.40
N VAL B 157 -39.14 -25.96 27.92
CA VAL B 157 -39.46 -26.76 26.73
C VAL B 157 -40.10 -25.90 25.64
N VAL B 158 -39.53 -25.94 24.42
CA VAL B 158 -39.95 -25.08 23.30
C VAL B 158 -40.30 -25.85 22.03
N CYS B 159 -41.25 -25.32 21.26
CA CYS B 159 -41.42 -25.78 19.87
C CYS B 159 -41.57 -24.62 18.89
N PHE B 160 -40.84 -24.72 17.79
CA PHE B 160 -40.86 -23.72 16.73
C PHE B 160 -41.96 -24.04 15.73
N LEU B 161 -42.59 -23.00 15.19
CA LEU B 161 -43.63 -23.14 14.18
C LEU B 161 -43.16 -22.41 12.92
N ASN B 162 -42.21 -23.01 12.21
CA ASN B 162 -41.60 -22.33 11.10
C ASN B 162 -42.52 -22.17 9.89
N ASN B 163 -42.24 -21.15 9.07
CA ASN B 163 -42.79 -20.93 7.72
C ASN B 163 -44.30 -20.99 7.49
N PHE B 164 -45.10 -20.49 8.43
CA PHE B 164 -46.54 -20.50 8.23
C PHE B 164 -47.10 -19.17 7.74
N TYR B 165 -48.38 -19.18 7.34
CA TYR B 165 -49.07 -18.01 6.80
C TYR B 165 -50.55 -18.35 6.58
N PRO B 166 -51.49 -17.50 7.03
CA PRO B 166 -51.37 -16.21 7.69
C PRO B 166 -50.92 -16.28 9.15
N LYS B 167 -50.80 -15.10 9.77
CA LYS B 167 -50.33 -14.90 11.14
C LYS B 167 -51.00 -15.79 12.17
N ASP B 168 -52.32 -15.95 12.02
CA ASP B 168 -53.14 -16.56 13.07
C ASP B 168 -52.92 -18.05 13.24
N ILE B 169 -52.47 -18.41 14.43
CA ILE B 169 -52.14 -19.78 14.81
C ILE B 169 -52.29 -19.95 16.33
N ASN B 170 -53.24 -20.78 16.75
CA ASN B 170 -53.43 -21.06 18.17
C ASN B 170 -52.69 -22.34 18.56
N VAL B 171 -51.54 -22.13 19.21
CA VAL B 171 -50.64 -23.22 19.59
C VAL B 171 -50.93 -23.66 21.03
N LYS B 172 -51.27 -24.93 21.18
CA LYS B 172 -51.73 -25.50 22.44
C LYS B 172 -50.79 -26.59 22.94
N TRP B 173 -50.24 -26.38 24.14
CA TRP B 173 -49.36 -27.36 24.80
C TRP B 173 -50.16 -28.48 25.48
N LYS B 174 -49.62 -29.71 25.44
CA LYS B 174 -50.23 -30.88 26.10
C LYS B 174 -49.23 -31.63 26.97
N ILE B 175 -49.61 -31.82 28.24
CA ILE B 175 -48.86 -32.73 29.11
C ILE B 175 -49.60 -34.07 29.09
N ASP B 176 -49.08 -35.01 28.31
CA ASP B 176 -49.70 -36.31 27.98
C ASP B 176 -51.15 -36.25 27.45
N GLY B 177 -51.87 -35.19 27.84
CA GLY B 177 -53.28 -34.97 27.49
C GLY B 177 -53.89 -33.89 28.37
N SER B 178 -53.43 -33.82 29.62
CA SER B 178 -53.81 -32.77 30.58
C SER B 178 -53.14 -31.46 30.20
N GLU B 179 -53.94 -30.41 29.99
CA GLU B 179 -53.43 -29.19 29.38
C GLU B 179 -53.41 -27.96 30.29
N ARG B 180 -52.26 -27.70 30.90
CA ARG B 180 -52.01 -26.47 31.70
C ARG B 180 -51.41 -25.32 30.87
N GLN B 181 -51.48 -24.08 31.38
CA GLN B 181 -51.13 -22.91 30.56
C GLN B 181 -50.17 -21.89 31.20
N ASN B 182 -50.35 -21.59 32.49
CA ASN B 182 -49.51 -20.59 33.19
C ASN B 182 -47.98 -20.73 32.99
N GLY B 183 -47.42 -19.89 32.12
CA GLY B 183 -45.99 -19.92 31.83
C GLY B 183 -45.66 -20.40 30.43
N VAL B 184 -46.31 -19.82 29.43
CA VAL B 184 -46.19 -20.23 28.02
C VAL B 184 -46.10 -18.99 27.10
N LEU B 185 -44.88 -18.52 26.88
CA LEU B 185 -44.64 -17.22 26.20
C LEU B 185 -44.11 -17.34 24.77
N ASN B 186 -44.84 -16.74 23.84
CA ASN B 186 -44.60 -16.89 22.40
C ASN B 186 -43.80 -15.76 21.75
N SER B 187 -43.56 -15.89 20.45
CA SER B 187 -43.16 -14.77 19.59
C SER B 187 -43.14 -15.09 18.09
N TRP B 188 -43.87 -14.26 17.35
CA TRP B 188 -43.95 -14.37 15.90
C TRP B 188 -42.82 -13.51 15.34
N THR B 189 -42.05 -14.06 14.40
CA THR B 189 -41.15 -13.20 13.63
C THR B 189 -42.06 -12.25 12.85
N ASP B 190 -41.57 -11.05 12.60
CA ASP B 190 -42.20 -10.18 11.64
C ASP B 190 -41.95 -10.84 10.28
N GLN B 191 -43.03 -11.02 9.53
CA GLN B 191 -43.04 -11.68 8.20
C GLN B 191 -41.68 -11.73 7.44
N ASP B 192 -41.33 -12.93 6.96
CA ASP B 192 -40.11 -13.17 6.16
C ASP B 192 -40.09 -12.28 4.92
N SER B 193 -38.91 -12.01 4.39
CA SER B 193 -38.79 -11.13 3.22
C SER B 193 -38.54 -11.87 1.91
N LYS B 194 -37.84 -13.00 1.99
CA LYS B 194 -37.60 -13.84 0.82
C LYS B 194 -38.84 -14.67 0.53
N ASP B 195 -39.26 -15.44 1.52
CA ASP B 195 -40.42 -16.32 1.42
C ASP B 195 -41.72 -15.62 1.83
N SER B 196 -41.60 -14.52 2.56
CA SER B 196 -42.74 -13.67 2.90
C SER B 196 -43.82 -14.34 3.74
N THR B 197 -43.39 -15.15 4.70
CA THR B 197 -44.33 -15.84 5.60
C THR B 197 -43.85 -15.84 7.05
N TYR B 198 -44.77 -15.60 7.99
CA TYR B 198 -44.47 -15.59 9.42
C TYR B 198 -43.72 -16.83 9.94
N SER B 199 -43.40 -16.79 11.23
CA SER B 199 -42.92 -17.95 12.00
C SER B 199 -43.41 -17.75 13.43
N MET B 200 -43.01 -18.60 14.36
CA MET B 200 -43.42 -18.44 15.76
C MET B 200 -42.59 -19.34 16.67
N SER B 201 -42.65 -19.11 17.98
CA SER B 201 -41.95 -19.98 18.95
C SER B 201 -42.52 -19.85 20.37
N SER B 202 -43.20 -20.90 20.82
CA SER B 202 -43.74 -20.95 22.18
C SER B 202 -42.79 -21.65 23.16
N THR B 203 -42.70 -21.10 24.35
CA THR B 203 -41.80 -21.61 25.37
C THR B 203 -42.54 -21.90 26.67
N LEU B 204 -42.60 -23.17 27.01
CA LEU B 204 -43.12 -23.59 28.28
C LEU B 204 -41.96 -23.66 29.27
N THR B 205 -42.08 -22.91 30.37
CA THR B 205 -40.95 -22.72 31.26
C THR B 205 -41.27 -23.08 32.72
N LEU B 206 -40.80 -24.26 33.14
CA LEU B 206 -41.06 -24.81 34.47
C LEU B 206 -39.93 -24.57 35.48
N THR B 207 -40.06 -25.19 36.66
CA THR B 207 -38.93 -25.31 37.58
C THR B 207 -38.16 -26.61 37.25
N LYS B 208 -36.93 -26.74 37.74
CA LYS B 208 -36.09 -27.94 37.54
C LYS B 208 -36.83 -29.24 37.88
N ASP B 209 -37.52 -29.22 39.03
CA ASP B 209 -38.13 -30.41 39.65
C ASP B 209 -39.56 -30.70 39.20
N GLU B 210 -40.35 -29.65 38.97
CA GLU B 210 -41.70 -29.78 38.44
C GLU B 210 -41.79 -30.39 37.02
N TYR B 211 -40.66 -30.48 36.32
CA TYR B 211 -40.63 -30.95 34.91
C TYR B 211 -40.89 -32.45 34.77
N GLU B 212 -40.40 -33.24 35.71
CA GLU B 212 -40.55 -34.69 35.68
C GLU B 212 -41.86 -35.19 36.31
N ARG B 213 -42.77 -34.24 36.56
CA ARG B 213 -44.13 -34.50 37.06
C ARG B 213 -44.92 -35.47 36.18
N HIS B 214 -44.81 -35.28 34.86
CA HIS B 214 -45.40 -36.20 33.88
C HIS B 214 -44.30 -36.80 32.99
N ASN B 215 -44.71 -37.44 31.91
CA ASN B 215 -43.78 -38.06 30.97
C ASN B 215 -43.91 -37.52 29.55
N SER B 216 -45.08 -37.72 28.94
CA SER B 216 -45.30 -37.25 27.59
C SER B 216 -45.58 -35.76 27.54
N TYR B 217 -44.98 -35.09 26.55
CA TYR B 217 -45.21 -33.68 26.27
C TYR B 217 -45.45 -33.50 24.78
N THR B 218 -46.24 -32.50 24.44
CA THR B 218 -46.41 -32.09 23.03
C THR B 218 -46.94 -30.65 22.89
N CYS B 219 -46.98 -30.17 21.65
CA CYS B 219 -47.67 -28.94 21.36
C CYS B 219 -48.40 -29.08 20.03
N GLU B 220 -49.49 -28.34 19.88
CA GLU B 220 -50.25 -28.38 18.65
C GLU B 220 -50.53 -27.01 18.08
N ALA B 221 -50.53 -26.93 16.76
CA ALA B 221 -51.04 -25.77 16.04
C ALA B 221 -52.55 -25.92 15.83
N THR B 222 -53.15 -24.96 15.13
CA THR B 222 -54.55 -25.03 14.68
C THR B 222 -54.72 -24.18 13.42
N HIS B 223 -53.61 -23.57 13.02
CA HIS B 223 -53.49 -22.68 11.86
C HIS B 223 -54.37 -23.05 10.66
N LYS B 224 -55.08 -22.05 10.16
CA LYS B 224 -56.19 -22.21 9.24
C LYS B 224 -55.79 -22.51 7.79
N THR B 225 -54.88 -23.47 7.59
CA THR B 225 -54.74 -24.10 6.27
C THR B 225 -55.74 -25.24 6.20
N SER B 226 -55.84 -25.97 7.31
CA SER B 226 -57.03 -26.70 7.74
C SER B 226 -56.92 -26.86 9.26
N THR B 227 -58.03 -26.60 9.96
CA THR B 227 -58.03 -26.63 11.42
C THR B 227 -57.99 -28.07 11.98
N SER B 228 -57.08 -28.84 11.37
CA SER B 228 -56.71 -30.17 11.80
C SER B 228 -55.38 -30.02 12.56
N PRO B 229 -55.46 -29.90 13.90
CA PRO B 229 -54.35 -29.41 14.75
C PRO B 229 -53.04 -30.20 14.70
N ILE B 230 -52.11 -29.73 13.85
CA ILE B 230 -50.76 -30.33 13.66
C ILE B 230 -50.03 -30.55 15.01
N VAL B 231 -49.75 -31.81 15.30
CA VAL B 231 -49.17 -32.24 16.58
C VAL B 231 -47.72 -32.77 16.44
N LYS B 232 -46.87 -32.43 17.41
CA LYS B 232 -45.51 -32.96 17.45
C LYS B 232 -45.09 -33.14 18.91
N SER B 233 -44.64 -34.36 19.22
CA SER B 233 -44.52 -34.81 20.62
C SER B 233 -43.17 -35.43 20.97
N PHE B 234 -42.90 -35.53 22.28
CA PHE B 234 -41.83 -36.37 22.82
C PHE B 234 -42.18 -36.80 24.24
N ASN B 235 -41.40 -37.69 24.83
CA ASN B 235 -41.63 -38.11 26.23
C ASN B 235 -40.40 -38.16 27.12
N ARG B 236 -40.53 -37.55 28.28
CA ARG B 236 -39.46 -37.33 29.27
C ARG B 236 -38.43 -38.45 29.39
N ASN B 237 -38.69 -39.38 30.31
CA ASN B 237 -37.79 -40.51 30.70
C ASN B 237 -36.33 -40.52 30.21
N GLU B 238 -36.13 -40.72 28.90
CA GLU B 238 -34.79 -40.77 28.33
C GLU B 238 -34.05 -39.43 28.49
N CYS B 239 -34.75 -38.35 28.18
CA CYS B 239 -34.14 -37.02 28.12
C CYS B 239 -34.74 -36.07 29.16
N GLU C 1 -17.38 -1.82 -0.55
CA GLU C 1 -16.65 -0.61 -1.04
C GLU C 1 -16.50 0.42 0.07
N VAL C 2 -17.64 0.93 0.55
CA VAL C 2 -17.72 1.96 1.58
C VAL C 2 -18.39 1.39 2.83
N GLN C 3 -17.71 1.49 3.96
CA GLN C 3 -18.22 0.91 5.20
C GLN C 3 -18.25 1.87 6.39
N LEU C 4 -19.17 1.56 7.30
CA LEU C 4 -19.29 2.20 8.61
C LEU C 4 -19.66 1.14 9.65
N VAL C 5 -18.92 1.14 10.75
CA VAL C 5 -19.20 0.26 11.87
C VAL C 5 -19.07 1.06 13.14
N GLU C 6 -20.20 1.51 13.65
CA GLU C 6 -20.22 2.21 14.92
C GLU C 6 -20.20 1.17 16.00
N SER C 7 -19.83 1.57 17.21
CA SER C 7 -19.73 0.63 18.32
C SER C 7 -19.34 1.29 19.63
N GLY C 8 -19.39 0.49 20.69
CA GLY C 8 -18.97 0.88 22.02
C GLY C 8 -20.05 1.50 22.90
N GLY C 9 -21.11 0.74 23.19
CA GLY C 9 -22.14 1.26 24.07
C GLY C 9 -23.22 0.25 24.36
N GLY C 10 -23.48 0.04 25.65
CA GLY C 10 -24.59 -0.78 26.08
C GLY C 10 -25.49 -0.06 27.07
N LEU C 11 -25.43 -0.44 28.34
CA LEU C 11 -26.29 0.16 29.36
C LEU C 11 -25.57 1.26 30.14
N VAL C 12 -26.30 2.31 30.49
CA VAL C 12 -25.78 3.44 31.24
C VAL C 12 -26.87 4.04 32.11
N LYS C 13 -26.49 4.47 33.30
CA LYS C 13 -27.47 4.96 34.26
C LYS C 13 -27.90 6.38 33.90
N PRO C 14 -29.14 6.78 34.27
CA PRO C 14 -29.57 8.17 34.20
C PRO C 14 -28.51 9.15 34.66
N GLY C 15 -28.49 10.34 34.05
CA GLY C 15 -27.44 11.32 34.30
C GLY C 15 -26.07 10.87 33.80
N GLY C 16 -26.00 9.62 33.33
CA GLY C 16 -24.75 8.99 32.95
C GLY C 16 -23.99 9.55 31.75
N SER C 17 -22.95 8.83 31.36
CA SER C 17 -22.12 9.23 30.24
C SER C 17 -21.57 8.01 29.51
N LEU C 18 -21.05 8.22 28.29
CA LEU C 18 -20.65 7.12 27.39
C LEU C 18 -20.46 7.62 25.95
N LYS C 19 -19.38 7.16 25.32
CA LYS C 19 -18.93 7.68 24.02
C LYS C 19 -18.84 6.58 22.95
N LEU C 20 -19.46 6.82 21.79
CA LEU C 20 -19.50 5.84 20.71
C LEU C 20 -18.69 6.33 19.55
N SER C 21 -18.10 5.39 18.82
CA SER C 21 -17.26 5.76 17.69
C SER C 21 -17.66 4.99 16.48
N CYS C 22 -17.84 5.70 15.39
CA CYS C 22 -18.13 5.09 14.12
C CYS C 22 -16.80 4.88 13.45
N ALA C 23 -16.41 3.62 13.29
CA ALA C 23 -15.15 3.31 12.60
C ALA C 23 -15.42 3.39 11.09
N ALA C 24 -14.92 4.43 10.43
CA ALA C 24 -15.25 4.61 9.02
C ALA C 24 -14.20 3.97 8.13
N SER C 25 -14.61 3.29 7.06
CA SER C 25 -13.65 2.61 6.19
C SER C 25 -14.10 2.31 4.75
N GLY C 26 -13.55 3.07 3.81
CA GLY C 26 -13.65 2.73 2.39
C GLY C 26 -14.18 3.84 1.51
N PHE C 27 -13.95 5.08 1.96
CA PHE C 27 -14.26 6.28 1.18
C PHE C 27 -13.39 7.43 1.67
N ALA C 28 -13.26 8.46 0.84
CA ALA C 28 -12.50 9.66 1.20
C ALA C 28 -13.07 10.33 2.46
N PHE C 29 -12.76 9.76 3.62
CA PHE C 29 -13.36 10.23 4.85
C PHE C 29 -13.36 11.75 5.02
N SER C 30 -12.18 12.38 5.02
CA SER C 30 -12.06 13.79 5.42
C SER C 30 -12.82 14.79 4.52
N SER C 31 -13.38 14.27 3.45
CA SER C 31 -14.13 15.07 2.49
C SER C 31 -15.67 15.11 2.70
N TYR C 32 -16.24 14.04 3.27
CA TYR C 32 -17.67 14.02 3.56
C TYR C 32 -18.00 14.67 4.91
N ASP C 33 -19.29 14.96 5.14
CA ASP C 33 -19.78 15.31 6.47
C ASP C 33 -20.30 14.06 7.19
N MET C 34 -20.52 14.17 8.48
CA MET C 34 -21.00 13.03 9.21
C MET C 34 -22.14 13.37 10.16
N SER C 35 -23.03 12.38 10.35
CA SER C 35 -24.25 12.54 11.14
C SER C 35 -24.46 11.33 12.02
N TRP C 36 -25.32 11.50 13.02
CA TRP C 36 -25.55 10.47 14.03
C TRP C 36 -27.02 10.33 14.25
N VAL C 37 -27.63 9.30 13.69
CA VAL C 37 -29.06 9.11 13.84
C VAL C 37 -29.31 7.97 14.82
N ARG C 38 -30.28 8.16 15.71
CA ARG C 38 -30.75 7.09 16.61
C ARG C 38 -32.15 6.67 16.23
N GLN C 39 -32.54 5.49 16.69
CA GLN C 39 -33.91 5.01 16.44
C GLN C 39 -34.50 4.52 17.74
N THR C 40 -35.61 5.13 18.13
CA THR C 40 -36.20 4.85 19.44
C THR C 40 -36.79 3.45 19.48
N PRO C 41 -37.19 2.99 20.69
CA PRO C 41 -37.90 1.73 20.86
C PRO C 41 -39.24 1.68 20.17
N GLU C 42 -39.85 2.84 19.92
CA GLU C 42 -41.08 2.91 19.13
C GLU C 42 -40.78 2.69 17.66
N LYS C 43 -39.50 2.58 17.30
CA LYS C 43 -39.06 2.44 15.89
C LYS C 43 -38.97 3.81 15.21
N ARG C 44 -39.26 4.84 16.01
CA ARG C 44 -39.17 6.27 15.65
C ARG C 44 -37.74 6.66 15.20
N LEU C 45 -37.60 7.70 14.38
CA LEU C 45 -36.27 8.07 13.84
C LEU C 45 -35.82 9.52 14.09
N GLU C 46 -34.95 9.74 15.06
CA GLU C 46 -34.50 11.10 15.34
C GLU C 46 -33.05 11.33 14.92
N TRP C 47 -32.82 12.47 14.27
CA TRP C 47 -31.48 12.89 13.89
C TRP C 47 -30.91 13.52 15.14
N VAL C 48 -29.61 13.35 15.35
CA VAL C 48 -29.03 13.64 16.65
C VAL C 48 -27.85 14.62 16.62
N ALA C 49 -26.99 14.51 15.63
CA ALA C 49 -25.85 15.41 15.54
C ALA C 49 -25.33 15.43 14.11
N TYR C 50 -24.62 16.49 13.80
CA TYR C 50 -24.06 16.66 12.48
C TYR C 50 -22.77 17.40 12.60
N ILE C 51 -21.69 16.79 12.14
CA ILE C 51 -20.42 17.48 12.06
C ILE C 51 -20.05 17.74 10.60
N SER C 52 -19.46 18.91 10.35
CA SER C 52 -18.96 19.28 9.03
C SER C 52 -17.67 18.57 8.66
N SER C 53 -17.47 18.39 7.36
CA SER C 53 -16.29 17.72 6.76
C SER C 53 -14.97 17.89 7.55
N GLY C 54 -14.64 19.15 7.83
CA GLY C 54 -13.42 19.49 8.53
C GLY C 54 -13.66 19.88 9.98
N GLY C 55 -14.48 19.10 10.69
CA GLY C 55 -14.73 19.32 12.12
C GLY C 55 -15.10 20.74 12.52
N GLY C 56 -15.28 21.59 11.53
CA GLY C 56 -15.47 23.02 11.72
C GLY C 56 -16.72 23.33 12.52
N SER C 57 -17.87 23.19 11.87
CA SER C 57 -19.17 23.36 12.53
C SER C 57 -19.81 22.02 12.97
N THR C 58 -20.59 22.08 14.06
CA THR C 58 -21.42 20.95 14.46
C THR C 58 -22.83 21.46 14.63
N TYR C 59 -23.83 20.58 14.51
CA TYR C 59 -25.23 20.97 14.78
C TYR C 59 -26.01 19.91 15.56
N TYR C 60 -26.98 20.34 16.35
CA TYR C 60 -27.79 19.39 17.11
C TYR C 60 -29.22 19.81 17.25
N PRO C 61 -30.14 18.85 17.28
CA PRO C 61 -31.46 19.16 17.73
C PRO C 61 -31.36 19.72 19.12
N ASP C 62 -32.30 20.62 19.47
CA ASP C 62 -32.38 21.12 20.84
C ASP C 62 -32.50 20.03 21.91
N THR C 63 -32.96 18.83 21.53
CA THR C 63 -33.18 17.73 22.46
C THR C 63 -31.90 17.09 22.94
N VAL C 64 -30.79 17.26 22.23
CA VAL C 64 -29.51 16.88 22.82
C VAL C 64 -28.50 18.02 22.88
N LYS C 65 -28.85 19.18 22.33
CA LYS C 65 -27.90 20.29 22.35
C LYS C 65 -27.52 20.53 23.78
N GLY C 66 -26.22 20.53 24.02
CA GLY C 66 -25.67 20.70 25.36
C GLY C 66 -25.13 19.42 25.96
N ARG C 67 -25.85 18.32 25.75
CA ARG C 67 -25.53 17.03 26.37
C ARG C 67 -24.75 16.12 25.45
N PHE C 68 -24.61 16.51 24.19
CA PHE C 68 -24.05 15.64 23.13
C PHE C 68 -22.99 16.33 22.23
N THR C 69 -22.01 15.57 21.75
CA THR C 69 -20.80 16.17 21.14
C THR C 69 -20.17 15.42 19.95
N ILE C 70 -20.47 15.87 18.74
CA ILE C 70 -20.10 15.13 17.56
C ILE C 70 -18.68 15.49 17.09
N SER C 71 -17.68 14.81 17.64
CA SER C 71 -16.31 15.02 17.17
C SER C 71 -15.92 14.01 16.09
N ARG C 72 -14.82 14.30 15.39
CA ARG C 72 -14.23 13.35 14.42
C ARG C 72 -12.71 13.42 14.47
N ASP C 73 -12.07 12.36 13.99
CA ASP C 73 -10.62 12.29 13.91
C ASP C 73 -10.28 11.57 12.62
N ASN C 74 -10.01 12.34 11.58
CA ASN C 74 -9.68 11.79 10.25
C ASN C 74 -8.21 11.32 10.23
N ALA C 75 -7.59 11.30 11.40
CA ALA C 75 -6.32 10.65 11.57
C ALA C 75 -6.64 9.17 11.65
N LYS C 76 -7.42 8.80 12.66
CA LYS C 76 -7.81 7.41 12.80
C LYS C 76 -9.19 7.10 12.22
N ASN C 77 -9.64 7.93 11.29
CA ASN C 77 -10.82 7.68 10.48
C ASN C 77 -12.15 7.46 11.23
N THR C 78 -12.13 7.70 12.53
CA THR C 78 -13.30 7.50 13.38
C THR C 78 -14.19 8.77 13.43
N LEU C 79 -15.49 8.57 13.57
CA LEU C 79 -16.42 9.62 13.97
C LEU C 79 -16.72 9.34 15.43
N TYR C 80 -17.11 10.36 16.18
CA TYR C 80 -17.43 10.14 17.58
C TYR C 80 -18.73 10.79 18.00
N LEU C 81 -19.47 10.10 18.86
CA LEU C 81 -20.51 10.77 19.61
C LEU C 81 -20.27 10.60 21.11
N GLN C 82 -20.07 11.72 21.78
CA GLN C 82 -19.85 11.71 23.22
C GLN C 82 -21.11 12.16 23.94
N MET C 83 -21.82 11.18 24.52
CA MET C 83 -23.10 11.43 25.23
C MET C 83 -22.81 11.73 26.68
N SER C 84 -23.44 12.77 27.23
CA SER C 84 -23.37 13.05 28.66
C SER C 84 -24.77 13.01 29.27
N SER C 85 -25.05 13.87 30.26
CA SER C 85 -26.29 13.87 31.09
C SER C 85 -27.43 12.98 30.60
N LEU C 86 -27.23 11.67 30.64
CA LEU C 86 -28.07 10.76 29.87
C LEU C 86 -29.50 10.60 30.36
N LYS C 87 -30.44 11.12 29.58
CA LYS C 87 -31.87 10.87 29.77
C LYS C 87 -32.23 9.46 29.30
N SER C 88 -33.20 8.87 29.99
CA SER C 88 -33.78 7.58 29.60
C SER C 88 -34.64 7.67 28.34
N GLU C 89 -34.80 8.90 27.83
CA GLU C 89 -35.29 9.13 26.47
C GLU C 89 -34.24 8.72 25.44
N ASP C 90 -32.95 8.93 25.78
CA ASP C 90 -31.84 8.68 24.85
C ASP C 90 -31.73 7.22 24.43
N THR C 91 -32.34 6.37 25.24
CA THR C 91 -32.49 4.96 24.98
C THR C 91 -32.93 4.71 23.53
N ALA C 92 -31.98 4.31 22.66
CA ALA C 92 -32.29 3.99 21.28
C ALA C 92 -31.13 3.26 20.62
N MET C 93 -31.31 2.84 19.37
CA MET C 93 -30.25 2.29 18.52
C MET C 93 -29.58 3.46 17.85
N TYR C 94 -28.25 3.42 17.72
CA TYR C 94 -27.49 4.59 17.25
C TYR C 94 -26.74 4.47 15.91
N TYR C 95 -27.35 4.92 14.81
CA TYR C 95 -26.73 4.80 13.49
C TYR C 95 -25.79 5.96 13.20
N CYS C 96 -24.77 5.68 12.41
CA CYS C 96 -23.79 6.64 11.96
C CYS C 96 -24.00 6.76 10.47
N ALA C 97 -24.35 7.95 10.00
CA ALA C 97 -24.74 8.12 8.59
C ALA C 97 -23.86 9.07 7.76
N ARG C 98 -24.01 8.98 6.44
CA ARG C 98 -23.21 9.75 5.51
C ARG C 98 -24.09 10.54 4.54
N PRO C 99 -23.91 11.87 4.50
CA PRO C 99 -24.59 12.74 3.53
C PRO C 99 -23.66 13.40 2.49
N ASP C 100 -24.24 13.99 1.44
CA ASP C 100 -23.49 14.53 0.27
C ASP C 100 -23.25 16.04 0.30
N ALA C 105 -28.70 13.93 3.08
CA ALA C 105 -29.16 12.74 2.36
C ALA C 105 -28.28 11.53 2.66
N MET C 106 -28.58 10.88 3.77
CA MET C 106 -27.81 9.76 4.33
C MET C 106 -27.73 8.60 3.34
N ASP C 107 -26.57 8.40 2.73
CA ASP C 107 -26.50 7.44 1.64
C ASP C 107 -25.84 6.13 1.99
N TYR C 108 -24.95 6.14 3.01
CA TYR C 108 -24.41 4.89 3.60
C TYR C 108 -24.56 4.89 5.12
N TRP C 109 -25.44 4.02 5.61
CA TRP C 109 -25.77 3.96 7.03
C TRP C 109 -25.01 2.84 7.70
N GLY C 110 -24.81 2.97 9.00
CA GLY C 110 -24.06 1.96 9.73
C GLY C 110 -24.88 0.71 9.97
N GLN C 111 -25.04 0.38 11.25
CA GLN C 111 -25.66 -0.87 11.64
C GLN C 111 -26.20 -0.72 13.05
N GLY C 112 -25.71 0.29 13.75
CA GLY C 112 -26.17 0.61 15.09
C GLY C 112 -25.31 0.09 16.25
N THR C 113 -25.26 0.87 17.30
CA THR C 113 -24.95 0.37 18.61
C THR C 113 -26.21 0.70 19.35
N SER C 114 -26.83 -0.30 19.96
CA SER C 114 -27.92 -0.07 20.86
C SER C 114 -27.38 0.60 22.12
N VAL C 115 -28.09 1.60 22.62
CA VAL C 115 -27.74 2.22 23.89
C VAL C 115 -29.01 2.32 24.73
N THR C 116 -29.02 1.68 25.91
CA THR C 116 -30.16 1.85 26.81
C THR C 116 -29.82 2.51 28.14
N VAL C 117 -30.80 3.25 28.64
CA VAL C 117 -30.66 4.07 29.81
C VAL C 117 -31.79 3.70 30.75
N SER C 118 -31.39 3.29 31.94
CA SER C 118 -32.21 2.53 32.88
C SER C 118 -31.37 2.43 34.15
N SER C 119 -31.95 1.90 35.22
CA SER C 119 -31.17 1.67 36.45
C SER C 119 -31.09 0.17 36.82
N LYS C 121 -29.06 -2.38 35.71
CA LYS C 121 -28.89 -3.72 36.26
C LYS C 121 -28.65 -4.76 35.16
N THR C 122 -27.41 -4.76 34.67
CA THR C 122 -26.96 -5.70 33.63
C THR C 122 -27.03 -7.15 34.08
N THR C 123 -27.32 -8.05 33.15
CA THR C 123 -27.44 -9.47 33.44
C THR C 123 -26.99 -10.29 32.22
N ALA C 124 -25.82 -10.94 32.34
CA ALA C 124 -25.31 -11.81 31.29
C ALA C 124 -26.35 -12.86 30.87
N PRO C 125 -26.50 -13.11 29.56
CA PRO C 125 -27.53 -14.06 29.16
C PRO C 125 -27.08 -15.51 29.29
N SER C 126 -28.00 -16.36 29.75
CA SER C 126 -27.77 -17.80 29.82
C SER C 126 -28.08 -18.39 28.45
N VAL C 127 -27.19 -19.25 27.94
CA VAL C 127 -27.28 -19.79 26.58
C VAL C 127 -27.26 -21.31 26.59
N TYR C 128 -28.41 -21.92 26.29
CA TYR C 128 -28.51 -23.37 26.25
C TYR C 128 -28.74 -23.84 24.82
N PRO C 129 -28.02 -24.91 24.39
CA PRO C 129 -28.23 -25.43 23.04
C PRO C 129 -29.46 -26.32 22.96
N LEU C 130 -30.18 -26.26 21.86
CA LEU C 130 -31.40 -27.06 21.71
C LEU C 130 -31.20 -28.22 20.71
N ALA C 131 -30.89 -29.39 21.23
CA ALA C 131 -30.78 -30.61 20.42
C ALA C 131 -32.17 -31.23 20.21
N PRO C 132 -32.44 -31.81 19.01
CA PRO C 132 -33.79 -32.34 18.76
C PRO C 132 -34.13 -33.59 19.59
N VAL C 133 -35.34 -34.13 19.41
CA VAL C 133 -35.77 -35.38 20.06
C VAL C 133 -34.64 -36.43 20.14
N CYS C 134 -34.32 -36.94 21.33
CA CYS C 134 -33.23 -37.95 21.45
C CYS C 134 -33.48 -39.27 20.73
N GLY C 135 -34.70 -39.42 20.22
CA GLY C 135 -35.06 -40.51 19.30
C GLY C 135 -34.28 -40.36 18.02
N ASP C 136 -33.83 -41.50 17.48
CA ASP C 136 -32.99 -41.56 16.28
C ASP C 136 -33.82 -41.26 15.03
N THR C 137 -35.14 -41.37 15.19
CA THR C 137 -36.16 -41.00 14.19
C THR C 137 -35.73 -39.89 13.22
N THR C 138 -35.10 -40.32 12.12
CA THR C 138 -34.67 -39.38 11.10
C THR C 138 -35.85 -38.94 10.21
N GLY C 139 -36.03 -37.63 10.11
CA GLY C 139 -36.96 -37.03 9.17
C GLY C 139 -36.20 -36.75 7.88
N SER C 140 -36.10 -35.47 7.50
CA SER C 140 -35.38 -35.11 6.28
C SER C 140 -34.63 -33.78 6.43
N SER C 141 -35.37 -32.75 6.84
CA SER C 141 -34.85 -31.40 7.07
C SER C 141 -34.79 -31.17 8.56
N VAL C 142 -33.65 -31.51 9.13
CA VAL C 142 -33.41 -31.41 10.58
C VAL C 142 -33.31 -29.97 11.05
N THR C 143 -34.12 -29.59 12.02
CA THR C 143 -34.01 -28.26 12.60
C THR C 143 -33.49 -28.38 14.03
N LEU C 144 -32.50 -27.54 14.36
CA LEU C 144 -31.96 -27.47 15.72
C LEU C 144 -32.24 -26.09 16.23
N GLY C 145 -32.00 -25.88 17.52
CA GLY C 145 -32.25 -24.58 18.14
C GLY C 145 -31.14 -24.08 19.04
N CYS C 146 -31.31 -22.82 19.47
CA CYS C 146 -30.48 -22.19 20.48
C CYS C 146 -31.39 -21.36 21.36
N LEU C 147 -31.25 -21.48 22.68
CA LEU C 147 -32.11 -20.73 23.61
C LEU C 147 -31.35 -19.80 24.55
N VAL C 148 -31.85 -18.57 24.65
CA VAL C 148 -31.17 -17.46 25.35
C VAL C 148 -32.11 -16.79 26.37
N LYS C 149 -31.71 -16.84 27.64
CA LYS C 149 -32.66 -16.63 28.71
C LYS C 149 -32.07 -15.87 29.89
N GLY C 150 -32.92 -15.02 30.49
CA GLY C 150 -32.59 -14.28 31.70
C GLY C 150 -31.46 -13.29 31.47
N TYR C 151 -31.72 -12.27 30.65
CA TYR C 151 -30.74 -11.21 30.41
C TYR C 151 -31.33 -9.81 30.43
N PHE C 152 -30.43 -8.85 30.63
CA PHE C 152 -30.73 -7.44 30.48
C PHE C 152 -29.46 -6.71 30.06
N PRO C 153 -29.59 -5.74 29.14
CA PRO C 153 -30.81 -5.42 28.41
C PRO C 153 -30.74 -5.96 26.99
N GLU C 154 -31.77 -5.67 26.20
CA GLU C 154 -31.70 -5.81 24.75
C GLU C 154 -30.53 -4.97 24.25
N PRO C 155 -29.92 -5.36 23.13
CA PRO C 155 -30.19 -6.53 22.31
C PRO C 155 -29.23 -7.65 22.68
N VAL C 156 -29.38 -8.80 22.04
CA VAL C 156 -28.28 -9.76 21.95
C VAL C 156 -27.90 -9.90 20.48
N THR C 157 -26.88 -10.69 20.18
CA THR C 157 -26.52 -10.97 18.79
C THR C 157 -26.24 -12.47 18.60
N LEU C 158 -27.26 -13.16 18.06
CA LEU C 158 -27.21 -14.60 17.88
C LEU C 158 -26.80 -14.94 16.44
N THR C 159 -25.70 -15.67 16.30
CA THR C 159 -25.17 -16.08 15.00
C THR C 159 -24.99 -17.59 14.93
N TRP C 160 -25.51 -18.20 13.88
CA TRP C 160 -25.25 -19.61 13.61
C TRP C 160 -23.95 -19.78 12.84
N ASN C 161 -23.04 -20.59 13.41
CA ASN C 161 -21.73 -20.87 12.83
C ASN C 161 -20.98 -19.66 12.29
N SER C 162 -20.64 -18.72 13.18
CA SER C 162 -19.85 -17.54 12.86
C SER C 162 -20.38 -16.76 11.66
N GLY C 163 -21.71 -16.68 11.56
CA GLY C 163 -22.37 -15.97 10.48
C GLY C 163 -22.52 -16.79 9.20
N SER C 164 -21.85 -17.94 9.15
CA SER C 164 -21.84 -18.79 7.95
C SER C 164 -23.16 -19.50 7.71
N LEU C 165 -23.81 -19.94 8.79
CA LEU C 165 -25.18 -20.44 8.71
C LEU C 165 -26.12 -19.24 8.83
N SER C 166 -26.51 -18.71 7.68
CA SER C 166 -27.32 -17.51 7.63
C SER C 166 -28.61 -17.77 6.86
N SER C 167 -28.53 -18.67 5.87
CA SER C 167 -29.72 -19.01 5.07
C SER C 167 -30.55 -20.17 5.66
N GLY C 168 -31.68 -19.81 6.25
CA GLY C 168 -32.63 -20.78 6.81
C GLY C 168 -32.64 -20.77 8.32
N VAL C 169 -32.92 -19.61 8.91
CA VAL C 169 -32.89 -19.47 10.37
C VAL C 169 -33.89 -18.41 10.87
N HIS C 170 -34.56 -18.68 12.00
CA HIS C 170 -35.49 -17.72 12.60
C HIS C 170 -35.10 -17.33 14.04
N THR C 171 -35.09 -16.03 14.33
CA THR C 171 -34.70 -15.54 15.66
C THR C 171 -35.74 -14.63 16.29
N PHE C 172 -36.49 -15.19 17.22
CA PHE C 172 -37.76 -14.64 17.68
C PHE C 172 -37.62 -13.54 18.73
N PRO C 173 -38.34 -12.42 18.53
CA PRO C 173 -38.32 -11.23 19.38
C PRO C 173 -38.34 -11.52 20.88
N ALA C 174 -37.25 -11.21 21.57
CA ALA C 174 -37.15 -11.43 23.02
C ALA C 174 -38.37 -10.85 23.75
N VAL C 175 -38.84 -11.53 24.79
CA VAL C 175 -39.98 -11.04 25.56
C VAL C 175 -39.60 -10.53 26.95
N LEU C 176 -40.56 -9.88 27.60
CA LEU C 176 -40.32 -9.09 28.79
C LEU C 176 -40.96 -9.68 30.07
N GLN C 177 -40.80 -10.99 30.27
CA GLN C 177 -41.17 -11.58 31.57
C GLN C 177 -40.27 -10.97 32.65
N SER C 178 -40.87 -10.64 33.79
CA SER C 178 -40.18 -9.98 34.91
C SER C 178 -39.54 -8.65 34.49
N ASP C 179 -38.23 -8.71 34.28
CA ASP C 179 -37.39 -7.64 33.74
C ASP C 179 -36.09 -8.30 33.27
N LEU C 180 -36.29 -9.49 32.70
CA LEU C 180 -35.27 -10.25 31.99
C LEU C 180 -35.84 -10.66 30.62
N TYR C 181 -35.03 -10.54 29.59
CA TYR C 181 -35.52 -10.83 28.25
C TYR C 181 -35.19 -12.25 27.95
N THR C 182 -36.03 -12.93 27.17
CA THR C 182 -35.76 -14.32 26.80
C THR C 182 -36.14 -14.62 25.34
N LEU C 183 -35.19 -15.22 24.62
CA LEU C 183 -35.23 -15.30 23.15
C LEU C 183 -34.71 -16.63 22.57
N SER C 184 -35.41 -17.13 21.55
CA SER C 184 -35.19 -18.46 20.99
C SER C 184 -34.57 -18.37 19.60
N SER C 185 -33.96 -19.45 19.10
CA SER C 185 -33.41 -19.46 17.72
C SER C 185 -33.49 -20.79 16.96
N SER C 186 -34.31 -20.85 15.93
CA SER C 186 -34.42 -22.04 15.11
C SER C 186 -33.52 -21.89 13.90
N VAL C 187 -32.97 -23.00 13.43
CA VAL C 187 -32.24 -23.05 12.18
C VAL C 187 -32.48 -24.44 11.57
N THR C 188 -33.11 -24.48 10.39
CA THR C 188 -33.35 -25.74 9.69
C THR C 188 -32.05 -26.15 9.01
N VAL C 189 -31.95 -27.40 8.57
CA VAL C 189 -30.93 -27.78 7.59
C VAL C 189 -30.96 -29.29 7.24
N THR C 190 -30.57 -29.60 6.00
CA THR C 190 -30.51 -30.97 5.51
C THR C 190 -29.88 -31.93 6.49
N SER C 191 -30.42 -33.15 6.56
CA SER C 191 -29.92 -34.19 7.45
C SER C 191 -28.53 -34.58 7.03
N SER C 192 -28.22 -34.34 5.76
CA SER C 192 -26.88 -34.58 5.29
C SER C 192 -25.89 -33.64 5.96
N THR C 193 -26.28 -32.36 6.08
CA THR C 193 -25.40 -31.34 6.67
C THR C 193 -25.28 -31.40 8.20
N TRP C 194 -26.29 -31.88 8.94
CA TRP C 194 -26.06 -32.02 10.39
C TRP C 194 -25.27 -33.27 10.76
N PRO C 195 -25.59 -33.91 11.91
CA PRO C 195 -24.63 -34.44 12.91
C PRO C 195 -23.17 -34.49 12.43
N SER C 196 -22.92 -35.15 11.30
CA SER C 196 -21.61 -35.19 10.64
C SER C 196 -20.90 -33.86 10.71
N GLN C 197 -21.45 -32.88 10.02
CA GLN C 197 -20.91 -31.53 9.96
C GLN C 197 -21.36 -30.78 11.21
N SER C 198 -20.47 -30.03 11.82
CA SER C 198 -20.79 -29.30 13.06
C SER C 198 -21.62 -28.06 12.80
N ILE C 199 -22.44 -27.70 13.79
CA ILE C 199 -23.29 -26.50 13.76
C ILE C 199 -23.35 -25.94 15.17
N THR C 200 -22.85 -24.74 15.36
CA THR C 200 -22.87 -24.13 16.69
C THR C 200 -23.59 -22.79 16.71
N CYS C 201 -24.18 -22.49 17.87
CA CYS C 201 -24.83 -21.23 18.17
C CYS C 201 -23.82 -20.28 18.82
N ASN C 202 -23.60 -19.11 18.22
CA ASN C 202 -22.82 -18.04 18.86
C ASN C 202 -23.74 -16.91 19.36
N VAL C 203 -23.62 -16.55 20.64
CA VAL C 203 -24.43 -15.47 21.20
C VAL C 203 -23.55 -14.35 21.73
N ALA C 204 -23.87 -13.11 21.36
CA ALA C 204 -23.13 -11.96 21.85
C ALA C 204 -24.00 -10.95 22.59
N HIS C 205 -23.80 -10.87 23.89
CA HIS C 205 -24.38 -9.81 24.67
C HIS C 205 -23.34 -8.69 24.71
N PRO C 206 -23.68 -7.54 24.09
CA PRO C 206 -22.74 -6.41 24.04
C PRO C 206 -22.84 -5.59 25.31
N ALA C 207 -24.08 -5.33 25.72
CA ALA C 207 -24.38 -4.54 26.91
C ALA C 207 -23.86 -5.17 28.21
N SER C 208 -23.11 -6.29 28.10
CA SER C 208 -22.42 -6.95 29.23
C SER C 208 -21.05 -7.57 28.91
N SER C 209 -20.64 -7.55 27.64
CA SER C 209 -19.49 -8.32 27.17
C SER C 209 -19.66 -9.80 27.50
N THR C 210 -20.17 -10.57 26.54
CA THR C 210 -20.41 -12.00 26.70
C THR C 210 -20.30 -12.65 25.33
N LYS C 211 -19.27 -13.48 25.14
CA LYS C 211 -19.12 -14.21 23.88
C LYS C 211 -19.35 -15.71 24.08
N VAL C 212 -20.55 -16.05 24.54
CA VAL C 212 -20.92 -17.44 24.80
C VAL C 212 -21.09 -18.25 23.51
N ASP C 213 -20.34 -19.35 23.42
CA ASP C 213 -20.43 -20.28 22.30
C ASP C 213 -21.06 -21.57 22.77
N LYS C 214 -22.04 -22.07 22.02
CA LYS C 214 -22.71 -23.32 22.35
C LYS C 214 -22.78 -24.21 21.14
N LYS C 215 -22.05 -25.32 21.16
CA LYS C 215 -22.08 -26.29 20.05
C LYS C 215 -23.26 -27.26 20.23
N ILE C 216 -24.04 -27.48 19.17
CA ILE C 216 -25.23 -28.32 19.27
C ILE C 216 -24.87 -29.79 19.15
N GLU C 217 -24.94 -30.47 20.30
CA GLU C 217 -24.64 -31.88 20.42
C GLU C 217 -25.92 -32.69 20.33
N PRO C 218 -25.86 -33.89 19.72
CA PRO C 218 -26.93 -34.86 19.85
C PRO C 218 -27.16 -35.26 21.31
N ARG C 219 -27.75 -36.42 21.56
CA ARG C 219 -28.16 -36.74 22.93
C ARG C 219 -27.79 -38.14 23.42
N GLY C 220 -26.58 -38.26 23.94
CA GLY C 220 -26.09 -39.47 24.61
C GLY C 220 -26.54 -39.53 26.07
N PRO C 221 -26.50 -40.74 26.67
CA PRO C 221 -26.96 -40.89 28.05
C PRO C 221 -25.81 -40.96 29.05
N GLN D 10 76.23 30.02 -34.51
CA GLN D 10 75.77 28.61 -34.30
C GLN D 10 76.96 27.64 -34.44
N GLY D 11 77.97 28.09 -35.17
CA GLY D 11 79.15 27.30 -35.41
C GLY D 11 78.94 26.48 -36.66
N ARG D 12 80.05 26.23 -37.38
CA ARG D 12 80.08 25.50 -38.68
C ARG D 12 79.20 24.22 -38.81
N GLY D 13 78.92 23.53 -37.72
CA GLY D 13 78.08 22.32 -37.78
C GLY D 13 77.07 22.24 -36.64
N ALA D 14 76.51 23.39 -36.25
CA ALA D 14 75.52 23.47 -35.18
C ALA D 14 74.50 22.32 -35.25
N TRP D 15 73.80 22.24 -36.38
CA TRP D 15 72.79 21.20 -36.60
C TRP D 15 73.36 19.80 -36.41
N LEU D 16 74.61 19.57 -36.85
CA LEU D 16 75.26 18.24 -36.75
C LEU D 16 75.41 17.73 -35.30
N LEU D 17 75.56 18.68 -34.37
CA LEU D 17 75.67 18.37 -32.93
C LEU D 17 74.49 17.47 -32.61
N MET D 18 73.32 17.92 -33.08
CA MET D 18 72.08 17.17 -32.89
C MET D 18 72.07 15.82 -33.63
N ALA D 19 72.30 15.81 -34.94
CA ALA D 19 72.37 14.55 -35.71
C ALA D 19 73.41 13.61 -35.10
N PHE D 20 74.55 14.18 -34.71
CA PHE D 20 75.63 13.42 -34.06
C PHE D 20 75.18 12.83 -32.71
N THR D 21 74.52 13.63 -31.86
CA THR D 21 74.09 13.14 -30.53
C THR D 21 73.12 11.89 -30.63
N ALA D 22 72.17 11.94 -31.54
CA ALA D 22 71.23 10.83 -31.69
C ALA D 22 71.93 9.54 -32.14
N LEU D 23 72.69 9.61 -33.23
CA LEU D 23 73.43 8.43 -33.70
C LEU D 23 74.49 8.01 -32.70
N ALA D 24 75.03 9.00 -31.97
CA ALA D 24 76.05 8.74 -30.95
C ALA D 24 75.36 8.25 -29.68
N LEU D 25 74.43 9.06 -29.17
CA LEU D 25 73.68 8.72 -27.95
C LEU D 25 72.82 7.47 -28.16
N GLU D 26 72.17 7.38 -29.31
CA GLU D 26 71.30 6.25 -29.56
C GLU D 26 72.06 4.92 -29.80
N LEU D 27 73.21 5.04 -30.47
CA LEU D 27 74.11 3.91 -30.73
C LEU D 27 74.69 3.44 -29.41
N THR D 28 75.05 4.43 -28.55
CA THR D 28 75.57 4.16 -27.20
C THR D 28 74.47 3.55 -26.33
N ALA D 29 73.21 3.92 -26.64
CA ALA D 29 72.04 3.42 -25.91
C ALA D 29 71.63 2.03 -26.42
N LEU D 30 71.82 1.79 -27.73
CA LEU D 30 71.47 0.48 -28.34
C LEU D 30 71.99 -0.70 -27.50
N TRP D 31 72.99 -0.44 -26.66
CA TRP D 31 73.57 -1.46 -25.77
C TRP D 31 73.60 -2.83 -26.43
N PHE D 32 74.20 -2.86 -27.62
CA PHE D 32 74.35 -4.09 -28.41
C PHE D 32 72.99 -4.66 -28.84
N GLN D 33 72.99 -5.45 -29.91
CA GLN D 33 71.78 -6.10 -30.40
C GLN D 33 72.17 -7.16 -31.44
N HIS D 34 72.29 -6.73 -32.70
CA HIS D 34 72.59 -7.66 -33.80
C HIS D 34 74.02 -8.24 -33.82
N VAL D 35 75.01 -7.50 -33.33
CA VAL D 35 76.39 -7.98 -33.40
C VAL D 35 76.73 -9.18 -32.49
N MET D 36 76.56 -9.01 -31.18
CA MET D 36 76.85 -10.09 -30.22
C MET D 36 75.54 -10.44 -29.36
N LEU D 37 74.96 -9.39 -28.77
CA LEU D 37 73.72 -9.50 -27.96
C LEU D 37 73.52 -7.90 -27.45
N LEU D 38 72.68 -8.09 -26.32
CA LEU D 38 71.49 -7.39 -25.73
C LEU D 38 70.40 -7.02 -26.83
N LYS D 39 69.48 -7.98 -27.19
CA LYS D 39 68.45 -7.71 -28.22
C LYS D 39 66.97 -7.72 -27.76
N PRO D 40 66.67 -7.69 -26.46
CA PRO D 40 65.25 -7.71 -25.95
C PRO D 40 64.51 -6.38 -26.17
N SER D 41 63.62 -6.37 -27.18
CA SER D 41 62.79 -5.19 -27.48
C SER D 41 61.39 -5.54 -28.06
N VAL D 42 60.40 -4.64 -27.78
CA VAL D 42 58.99 -4.82 -28.23
C VAL D 42 58.46 -3.64 -29.08
N LEU D 43 57.29 -3.10 -28.64
CA LEU D 43 56.64 -1.92 -29.28
C LEU D 43 57.74 -1.01 -29.79
N CYS D 44 58.78 -0.87 -28.96
CA CYS D 44 59.88 0.04 -29.18
C CYS D 44 60.51 0.17 -30.65
N ILE D 45 60.24 -0.78 -31.53
CA ILE D 45 60.75 -0.65 -32.89
C ILE D 45 59.96 0.50 -33.61
N TYR D 46 58.68 0.63 -33.24
CA TYR D 46 57.78 1.69 -33.78
C TYR D 46 58.34 3.05 -33.37
N GLU D 47 58.91 3.10 -32.15
CA GLU D 47 59.49 4.33 -31.60
C GLU D 47 60.90 4.59 -32.18
N ARG D 48 61.64 3.52 -32.46
CA ARG D 48 62.97 3.64 -33.06
C ARG D 48 62.84 4.37 -34.37
N VAL D 49 61.69 4.15 -35.02
CA VAL D 49 61.38 4.79 -36.30
C VAL D 49 61.32 6.34 -36.15
N ALA D 50 60.76 6.84 -35.05
CA ALA D 50 60.75 8.28 -34.81
C ALA D 50 62.19 8.83 -34.73
N LEU D 51 63.08 8.07 -34.08
CA LEU D 51 64.51 8.45 -33.96
C LEU D 51 65.18 8.49 -35.32
N PHE D 52 64.85 7.54 -36.21
CA PHE D 52 65.39 7.56 -37.57
C PHE D 52 64.91 8.87 -38.21
N GLY D 53 63.73 9.30 -37.72
CA GLY D 53 63.11 10.53 -38.16
C GLY D 53 63.85 11.74 -37.66
N VAL D 54 64.23 11.74 -36.38
CA VAL D 54 64.97 12.89 -35.87
C VAL D 54 66.38 12.88 -36.49
N LEU D 55 66.90 11.67 -36.74
CA LEU D 55 68.19 11.54 -37.42
C LEU D 55 67.97 12.13 -38.83
N GLY D 56 67.08 11.48 -39.59
CA GLY D 56 66.76 11.94 -40.95
C GLY D 56 66.58 13.46 -40.94
N ALA D 57 65.66 13.92 -40.10
CA ALA D 57 65.33 15.35 -39.96
C ALA D 57 66.54 16.28 -39.82
N ALA D 58 67.31 16.09 -38.75
CA ALA D 58 68.49 16.91 -38.47
C ALA D 58 69.46 16.90 -39.64
N LEU D 59 69.73 15.70 -40.16
CA LEU D 59 70.63 15.51 -41.31
C LEU D 59 70.17 16.29 -42.54
N ILE D 60 68.85 16.38 -42.72
CA ILE D 60 68.30 17.15 -43.83
C ILE D 60 68.56 18.61 -43.55
N GLY D 61 68.41 19.00 -42.28
CA GLY D 61 68.65 20.39 -41.86
C GLY D 61 70.14 20.65 -41.69
N ALA D 62 70.94 19.64 -42.01
CA ALA D 62 72.39 19.74 -41.91
C ALA D 62 72.93 20.27 -43.23
N ILE D 63 72.01 20.54 -44.18
CA ILE D 63 72.44 21.05 -45.49
C ILE D 63 72.12 22.53 -45.69
N ALA D 64 71.20 23.03 -44.84
CA ALA D 64 70.74 24.43 -44.86
C ALA D 64 71.20 25.28 -43.65
N PRO D 65 72.14 24.75 -42.87
CA PRO D 65 72.76 25.38 -41.64
C PRO D 65 72.82 26.95 -41.44
N LYS D 66 72.59 27.73 -42.58
CA LYS D 66 72.77 28.99 -43.02
C LYS D 66 71.77 29.25 -44.17
N THR D 67 71.40 28.16 -44.92
CA THR D 67 70.36 28.28 -45.96
C THR D 67 68.98 28.07 -45.31
N PRO D 68 67.91 27.85 -46.07
CA PRO D 68 66.65 27.65 -45.43
C PRO D 68 66.06 26.14 -45.38
N LEU D 69 66.43 25.33 -46.34
CA LEU D 69 66.00 23.92 -46.38
C LEU D 69 65.98 23.31 -44.97
N ARG D 70 66.51 24.08 -44.00
CA ARG D 70 66.52 23.70 -42.61
C ARG D 70 65.09 24.06 -42.04
N TYR D 71 64.40 24.91 -42.78
CA TYR D 71 63.05 25.36 -42.43
C TYR D 71 62.12 24.14 -42.27
N VAL D 72 62.25 23.15 -43.17
CA VAL D 72 61.47 21.91 -43.09
C VAL D 72 62.12 20.90 -42.13
N ALA D 73 63.43 20.69 -42.32
CA ALA D 73 64.21 19.78 -41.48
C ALA D 73 63.82 19.85 -40.02
N MET D 74 63.71 21.08 -39.50
CA MET D 74 63.39 21.29 -38.13
C MET D 74 61.91 20.83 -37.74
N VAL D 75 61.02 21.02 -38.68
CA VAL D 75 59.64 20.62 -38.44
C VAL D 75 59.53 19.10 -38.42
N ILE D 76 60.19 18.40 -39.35
CA ILE D 76 60.13 16.95 -39.36
C ILE D 76 60.89 16.35 -38.11
N TRP D 77 61.88 17.09 -37.67
CA TRP D 77 62.67 16.79 -36.45
C TRP D 77 61.74 16.95 -35.27
N LEU D 78 61.01 18.07 -35.29
CA LEU D 78 60.00 18.38 -34.27
C LEU D 78 58.93 17.30 -34.25
N TYR D 79 58.30 17.06 -35.39
CA TYR D 79 57.24 16.05 -35.49
C TYR D 79 57.77 14.71 -35.06
N SER D 80 58.92 14.31 -35.57
CA SER D 80 59.46 13.01 -35.19
C SER D 80 59.64 12.89 -33.67
N ALA D 81 60.15 13.95 -33.05
CA ALA D 81 60.36 13.99 -31.62
C ALA D 81 59.02 13.91 -30.90
N PHE D 82 58.09 14.78 -31.30
CA PHE D 82 56.74 14.84 -30.71
C PHE D 82 56.01 13.51 -30.83
N ARG D 83 56.09 12.87 -31.99
CA ARG D 83 55.42 11.58 -32.18
C ARG D 83 56.00 10.61 -31.17
N GLY D 84 57.31 10.69 -30.95
CA GLY D 84 57.97 9.82 -29.98
C GLY D 84 57.45 10.04 -28.57
N VAL D 85 57.15 11.30 -28.26
CA VAL D 85 56.65 11.68 -26.92
C VAL D 85 55.31 11.00 -26.64
N GLN D 86 54.39 11.07 -27.61
CA GLN D 86 53.05 10.48 -27.46
C GLN D 86 52.99 8.93 -27.49
N LEU D 87 53.76 8.30 -28.37
CA LEU D 87 53.77 6.84 -28.43
C LEU D 87 54.46 6.35 -27.15
N THR D 88 55.62 6.96 -26.84
CA THR D 88 56.38 6.60 -25.63
C THR D 88 55.64 6.95 -24.34
N TYR D 89 54.88 8.04 -24.36
CA TYR D 89 54.11 8.47 -23.19
C TYR D 89 53.16 7.37 -22.80
N GLU D 90 52.40 6.87 -23.77
CA GLU D 90 51.43 5.82 -23.48
C GLU D 90 52.13 4.50 -23.12
N HIS D 91 53.31 4.27 -23.69
CA HIS D 91 54.12 3.09 -23.38
C HIS D 91 54.62 3.21 -21.95
N THR D 92 55.01 4.44 -21.57
CA THR D 92 55.49 4.69 -20.21
C THR D 92 54.34 4.45 -19.22
N MET D 93 53.12 4.87 -19.60
CA MET D 93 51.94 4.65 -18.76
C MET D 93 51.64 3.11 -18.71
N LEU D 94 51.86 2.45 -19.84
CA LEU D 94 51.64 0.99 -19.95
C LEU D 94 52.40 0.24 -18.87
N GLN D 95 53.63 0.64 -18.58
CA GLN D 95 54.42 -0.02 -17.57
C GLN D 95 53.74 0.06 -16.20
N LEU D 96 53.27 1.25 -15.82
CA LEU D 96 52.65 1.44 -14.50
C LEU D 96 51.18 1.01 -14.45
N TYR D 97 50.40 1.36 -15.45
CA TYR D 97 48.98 1.02 -15.46
C TYR D 97 48.63 0.23 -16.73
N PRO D 98 48.89 -1.06 -16.78
CA PRO D 98 48.62 -1.82 -18.01
C PRO D 98 47.15 -2.20 -18.08
N SER D 99 46.84 -3.18 -18.93
CA SER D 99 45.47 -3.65 -19.10
C SER D 99 45.17 -4.78 -18.14
N PRO D 100 44.03 -5.46 -18.30
CA PRO D 100 43.70 -6.60 -17.45
C PRO D 100 44.06 -7.94 -18.09
N PHE D 101 43.26 -8.37 -19.06
CA PHE D 101 43.45 -9.66 -19.70
C PHE D 101 44.91 -10.12 -19.79
N ALA D 102 45.21 -11.23 -19.08
CA ALA D 102 46.57 -11.81 -19.01
C ALA D 102 47.51 -11.32 -20.11
N THR D 103 48.65 -10.76 -19.71
CA THR D 103 49.58 -10.24 -20.69
C THR D 103 51.13 -10.27 -20.07
N CYS D 104 51.98 -10.96 -20.83
CA CYS D 104 53.36 -11.06 -20.42
C CYS D 104 54.36 -10.33 -21.49
N ASP D 105 55.49 -9.91 -20.96
CA ASP D 105 56.43 -9.13 -21.76
C ASP D 105 56.85 -9.76 -23.10
N PHE D 106 56.32 -9.18 -24.18
CA PHE D 106 56.61 -9.62 -25.56
C PHE D 106 55.50 -9.16 -26.54
N MET D 107 54.57 -8.29 -26.04
CA MET D 107 53.44 -7.71 -26.85
C MET D 107 52.42 -6.87 -26.03
N VAL D 108 51.49 -7.55 -25.36
CA VAL D 108 50.42 -6.92 -24.54
C VAL D 108 49.05 -7.01 -25.25
N LEU D 114 54.43 -5.13 -59.04
CA LEU D 114 54.29 -3.70 -58.73
C LEU D 114 54.73 -3.36 -57.31
N PRO D 115 55.13 -2.11 -57.09
CA PRO D 115 55.53 -1.60 -55.76
C PRO D 115 54.35 -1.29 -54.82
N LEU D 116 54.56 -0.33 -53.91
CA LEU D 116 53.53 0.05 -52.94
C LEU D 116 53.06 -1.11 -52.05
N ASP D 117 53.40 -2.33 -52.45
CA ASP D 117 53.06 -3.56 -51.72
C ASP D 117 54.29 -4.10 -51.00
N LYS D 118 54.22 -5.40 -50.70
CA LYS D 118 55.24 -6.12 -49.94
C LYS D 118 56.60 -5.44 -49.88
N TRP D 119 57.28 -5.26 -51.01
CA TRP D 119 58.62 -4.64 -50.98
C TRP D 119 58.62 -3.15 -50.56
N VAL D 120 57.69 -2.76 -49.67
CA VAL D 120 57.64 -1.37 -49.16
C VAL D 120 58.55 -1.20 -47.94
N PRO D 121 59.15 -0.01 -47.79
CA PRO D 121 60.08 0.29 -46.69
C PRO D 121 59.65 -0.32 -45.29
N GLN D 122 58.41 -0.77 -45.20
CA GLN D 122 57.85 -1.33 -43.97
C GLN D 122 58.69 -2.49 -43.34
N VAL D 123 59.76 -2.90 -44.00
CA VAL D 123 60.57 -4.00 -43.48
C VAL D 123 60.72 -3.94 -41.95
N PHE D 124 60.24 -5.00 -41.28
CA PHE D 124 60.32 -5.05 -39.82
C PHE D 124 61.42 -6.02 -39.36
N VAL D 125 61.49 -6.18 -38.04
CA VAL D 125 62.46 -7.05 -37.35
C VAL D 125 61.71 -7.87 -36.27
N ALA D 126 62.32 -8.99 -35.86
CA ALA D 126 61.70 -9.90 -34.88
C ALA D 126 62.04 -9.51 -33.44
N SER D 127 61.65 -10.36 -32.48
CA SER D 127 61.93 -10.09 -31.05
C SER D 127 62.19 -11.38 -30.24
N GLY D 128 61.72 -11.37 -28.99
CA GLY D 128 61.88 -12.51 -28.07
C GLY D 128 60.70 -12.64 -27.11
N ASP D 129 60.83 -13.57 -26.15
CA ASP D 129 59.76 -13.87 -25.18
C ASP D 129 59.76 -13.00 -23.91
N CYS D 130 59.48 -13.65 -22.76
CA CYS D 130 59.37 -12.94 -21.47
C CYS D 130 60.71 -12.85 -20.69
N ALA D 131 60.60 -12.37 -19.44
CA ALA D 131 61.73 -12.23 -18.53
C ALA D 131 61.59 -13.37 -17.53
N GLU D 132 62.74 -13.90 -17.10
CA GLU D 132 62.77 -15.08 -16.21
C GLU D 132 64.19 -15.41 -15.66
N ARG D 133 65.09 -14.42 -15.73
CA ARG D 133 66.47 -14.54 -15.20
C ARG D 133 66.95 -13.13 -14.79
N GLN D 134 66.19 -12.47 -13.92
CA GLN D 134 66.48 -11.07 -13.49
C GLN D 134 67.90 -10.51 -13.82
N TRP D 135 67.88 -9.44 -14.63
CA TRP D 135 69.09 -8.67 -15.00
C TRP D 135 68.69 -7.26 -15.51
N ASP D 136 68.47 -6.36 -14.53
CA ASP D 136 68.08 -4.97 -14.81
C ASP D 136 68.70 -4.00 -13.80
N PHE D 137 69.97 -4.23 -13.45
CA PHE D 137 70.67 -3.36 -12.47
C PHE D 137 70.95 -1.97 -13.05
N LEU D 138 71.71 -1.95 -14.15
CA LEU D 138 72.18 -0.73 -14.83
C LEU D 138 71.84 0.59 -14.09
N GLY D 139 71.12 1.49 -14.77
CA GLY D 139 70.74 2.79 -14.22
C GLY D 139 69.33 2.83 -13.60
N LEU D 140 69.24 3.46 -12.42
CA LEU D 140 67.97 3.58 -11.68
C LEU D 140 66.78 3.67 -12.63
N GLU D 141 65.76 2.90 -12.30
CA GLU D 141 64.52 2.81 -13.06
C GLU D 141 64.79 2.93 -14.56
N MET D 142 65.69 2.10 -15.08
CA MET D 142 66.08 2.15 -16.48
C MET D 142 64.98 2.69 -17.42
N PRO D 143 63.86 2.02 -17.55
CA PRO D 143 62.82 2.54 -18.45
C PRO D 143 62.41 3.94 -18.04
N GLN D 144 61.60 4.58 -18.90
CA GLN D 144 61.06 5.90 -18.64
C GLN D 144 62.08 6.99 -18.95
N TRP D 145 63.37 6.62 -18.88
CA TRP D 145 64.45 7.54 -19.21
C TRP D 145 64.19 8.02 -20.66
N LEU D 146 63.91 7.04 -21.55
CA LEU D 146 63.66 7.31 -22.97
C LEU D 146 62.63 8.40 -23.21
N LEU D 147 61.63 8.46 -22.35
CA LEU D 147 60.57 9.49 -22.46
C LEU D 147 61.12 10.89 -22.29
N GLY D 148 62.00 11.07 -21.31
CA GLY D 148 62.58 12.37 -21.08
C GLY D 148 63.28 12.83 -22.35
N ILE D 149 64.16 11.97 -22.87
CA ILE D 149 64.96 12.31 -24.04
C ILE D 149 64.16 12.73 -25.32
N PHE D 150 63.05 12.06 -25.57
CA PHE D 150 62.21 12.43 -26.70
C PHE D 150 61.67 13.86 -26.52
N ILE D 151 61.21 14.21 -25.31
CA ILE D 151 60.69 15.57 -25.07
C ILE D 151 61.88 16.59 -25.04
N ALA D 152 63.05 16.08 -24.71
CA ALA D 152 64.25 16.93 -24.65
C ALA D 152 64.64 17.43 -26.05
N TYR D 153 64.74 16.49 -26.99
CA TYR D 153 65.08 16.77 -28.36
C TYR D 153 64.04 17.73 -28.89
N LEU D 154 62.77 17.44 -28.54
CA LEU D 154 61.65 18.30 -28.95
C LEU D 154 61.87 19.73 -28.47
N ILE D 155 62.41 19.91 -27.26
CA ILE D 155 62.61 21.25 -26.80
C ILE D 155 63.93 21.88 -27.63
N VAL D 156 64.91 21.04 -27.84
CA VAL D 156 66.09 21.45 -28.62
C VAL D 156 65.60 22.01 -29.97
N ALA D 157 64.39 21.60 -30.33
CA ALA D 157 63.76 22.07 -31.53
C ALA D 157 63.31 23.49 -31.22
N VAL D 158 62.50 23.61 -30.16
CA VAL D 158 61.98 24.93 -29.75
C VAL D 158 63.10 25.97 -29.75
N LEU D 159 64.33 25.50 -29.53
CA LEU D 159 65.54 26.34 -29.44
C LEU D 159 66.00 26.87 -30.81
N VAL D 160 65.55 26.19 -31.88
CA VAL D 160 65.85 26.65 -33.23
C VAL D 160 64.78 27.70 -33.59
N VAL D 161 63.50 27.32 -33.42
CA VAL D 161 62.36 28.18 -33.78
C VAL D 161 62.50 29.67 -33.43
N ILE D 162 63.31 30.00 -32.43
CA ILE D 162 63.52 31.40 -32.07
C ILE D 162 62.26 32.25 -32.35
N ASP E 21 39.42 -18.52 -15.71
CA ASP E 21 39.64 -17.16 -15.12
C ASP E 21 40.26 -17.23 -13.72
N ILE E 22 40.09 -16.17 -12.95
CA ILE E 22 40.46 -16.19 -11.54
C ILE E 22 39.19 -16.34 -10.68
N VAL E 23 39.30 -17.14 -9.61
CA VAL E 23 38.24 -17.20 -8.58
C VAL E 23 38.56 -16.44 -7.29
N MET E 24 37.69 -15.49 -6.96
CA MET E 24 37.79 -14.74 -5.74
C MET E 24 36.85 -15.37 -4.74
N SER E 25 37.32 -15.60 -3.52
CA SER E 25 36.46 -16.17 -2.48
C SER E 25 36.55 -15.47 -1.13
N GLN E 26 35.45 -14.82 -0.75
CA GLN E 26 35.33 -14.17 0.54
C GLN E 26 34.84 -15.07 1.67
N SER E 27 35.39 -14.79 2.85
CA SER E 27 35.04 -15.45 4.11
C SER E 27 34.99 -14.39 5.21
N PRO E 28 33.96 -14.43 6.06
CA PRO E 28 32.86 -15.38 6.10
C PRO E 28 31.77 -14.94 5.14
N SER E 29 30.66 -15.66 5.11
CA SER E 29 29.47 -15.23 4.37
C SER E 29 28.92 -13.95 4.95
N SER E 30 28.86 -13.92 6.28
CA SER E 30 28.35 -12.78 7.00
C SER E 30 28.89 -12.68 8.43
N LEU E 31 28.65 -11.52 9.02
CA LEU E 31 29.03 -11.26 10.39
C LEU E 31 28.25 -10.12 10.98
N ALA E 32 27.50 -10.42 12.03
CA ALA E 32 26.84 -9.39 12.80
C ALA E 32 27.87 -8.84 13.77
N VAL E 33 27.82 -7.53 13.99
CA VAL E 33 28.79 -6.88 14.89
C VAL E 33 28.23 -5.67 15.67
N SER E 34 28.98 -5.25 16.68
CA SER E 34 28.56 -4.21 17.63
C SER E 34 29.23 -2.86 17.34
N ALA E 35 28.41 -1.82 17.33
CA ALA E 35 28.83 -0.50 16.87
C ALA E 35 29.97 0.13 17.69
N GLY E 36 31.11 0.34 17.03
CA GLY E 36 32.27 0.97 17.64
C GLY E 36 33.48 0.06 17.72
N GLU E 37 33.28 -1.21 17.39
CA GLU E 37 34.34 -2.23 17.40
C GLU E 37 35.25 -2.20 16.17
N LYS E 38 35.99 -3.30 15.95
CA LYS E 38 36.87 -3.44 14.78
C LYS E 38 36.83 -4.82 14.13
N VAL E 39 35.91 -4.96 13.16
CA VAL E 39 35.78 -6.15 12.28
C VAL E 39 36.84 -6.22 11.19
N THR E 40 37.08 -7.43 10.68
CA THR E 40 37.91 -7.63 9.50
C THR E 40 37.35 -8.76 8.66
N MET E 41 36.93 -8.48 7.42
CA MET E 41 36.59 -9.59 6.52
C MET E 41 37.78 -9.98 5.67
N SER E 42 37.71 -11.15 5.05
CA SER E 42 38.81 -11.67 4.27
C SER E 42 38.47 -11.96 2.81
N CYS E 43 39.46 -11.75 1.96
CA CYS E 43 39.33 -11.97 0.54
C CYS E 43 40.54 -12.73 0.05
N LYS E 44 40.28 -13.81 -0.69
CA LYS E 44 41.35 -14.59 -1.26
C LYS E 44 41.13 -14.80 -2.76
N SER E 45 42.19 -15.23 -3.44
CA SER E 45 42.22 -15.27 -4.89
C SER E 45 42.96 -16.50 -5.31
N SER E 46 42.53 -17.12 -6.41
CA SER E 46 43.13 -18.36 -6.88
C SER E 46 44.54 -18.09 -7.37
N GLN E 47 44.69 -17.00 -8.10
CA GLN E 47 45.97 -16.57 -8.63
C GLN E 47 46.53 -15.42 -7.83
N SER E 48 47.86 -15.30 -7.83
CA SER E 48 48.51 -14.18 -7.20
C SER E 48 48.24 -12.93 -8.01
N LEU E 49 48.01 -11.83 -7.32
CA LEU E 49 47.61 -10.60 -7.96
C LEU E 49 48.76 -9.58 -7.94
N LEU E 50 49.97 -10.05 -7.63
CA LEU E 50 51.18 -9.22 -7.64
C LEU E 50 51.69 -8.94 -9.06
N ASN E 51 52.50 -7.90 -9.20
CA ASN E 51 53.16 -7.58 -10.47
C ASN E 51 54.63 -7.26 -10.27
N SER E 52 55.52 -8.03 -10.91
CA SER E 52 56.99 -7.86 -10.80
C SER E 52 57.42 -6.40 -10.67
N ARG E 53 56.80 -5.55 -11.49
CA ARG E 53 56.92 -4.10 -11.43
C ARG E 53 55.52 -3.48 -11.48
N THR E 54 55.21 -2.50 -10.63
CA THR E 54 55.91 -2.29 -9.37
C THR E 54 55.04 -3.11 -8.44
N ARG E 55 55.49 -3.36 -7.21
CA ARG E 55 54.61 -3.98 -6.20
C ARG E 55 53.24 -3.29 -6.26
N LYS E 56 52.32 -3.95 -6.96
CA LYS E 56 50.94 -3.50 -7.08
C LYS E 56 50.08 -4.76 -7.09
N ASN E 57 48.83 -4.62 -6.67
CA ASN E 57 48.05 -5.73 -6.18
C ASN E 57 46.70 -5.10 -5.96
N TYR E 58 45.92 -4.69 -6.96
CA TYR E 58 45.50 -5.36 -8.21
C TYR E 58 44.24 -6.13 -7.87
N LEU E 59 43.50 -5.46 -6.98
CA LEU E 59 42.32 -5.93 -6.32
C LEU E 59 41.70 -4.70 -5.66
N ALA E 60 40.38 -4.63 -5.70
CA ALA E 60 39.64 -3.54 -5.10
C ALA E 60 38.75 -4.02 -3.94
N TRP E 61 38.00 -3.07 -3.36
CA TRP E 61 36.97 -3.33 -2.35
C TRP E 61 35.81 -2.40 -2.63
N TYR E 62 34.62 -2.96 -2.78
CA TYR E 62 33.43 -2.17 -3.02
C TYR E 62 32.40 -2.49 -1.94
N GLN E 63 31.72 -1.47 -1.43
CA GLN E 63 30.61 -1.71 -0.50
C GLN E 63 29.25 -1.39 -1.11
N GLN E 64 28.31 -2.33 -0.97
CA GLN E 64 26.95 -2.16 -1.50
C GLN E 64 25.87 -2.25 -0.42
N LYS E 65 25.25 -1.10 -0.16
CA LYS E 65 24.11 -0.98 0.72
C LYS E 65 22.85 -1.36 -0.06
N PRO E 66 21.82 -1.89 0.63
CA PRO E 66 20.56 -2.30 -0.03
C PRO E 66 20.01 -1.22 -0.96
N GLY E 67 19.30 -1.65 -2.00
CA GLY E 67 18.68 -0.75 -2.96
C GLY E 67 19.60 0.27 -3.61
N GLN E 68 20.78 -0.20 -4.08
CA GLN E 68 21.86 0.66 -4.63
C GLN E 68 22.94 -0.11 -5.40
N SER E 69 23.80 0.64 -6.10
CA SER E 69 25.04 0.12 -6.68
C SER E 69 26.08 0.00 -5.57
N PRO E 70 27.28 -0.53 -5.91
CA PRO E 70 28.43 -0.44 -5.00
C PRO E 70 29.14 0.90 -5.10
N LYS E 71 30.07 1.16 -4.19
CA LYS E 71 30.98 2.31 -4.29
C LYS E 71 32.40 1.78 -4.07
N LEU E 72 33.36 2.24 -4.88
CA LEU E 72 34.76 1.85 -4.68
C LEU E 72 35.29 2.36 -3.33
N LEU E 73 35.70 1.45 -2.47
CA LEU E 73 36.16 1.81 -1.15
C LEU E 73 37.67 1.89 -1.18
N ILE E 74 38.28 0.84 -1.70
CA ILE E 74 39.72 0.79 -1.79
C ILE E 74 40.13 0.19 -3.13
N TYR E 75 41.12 0.80 -3.78
CA TYR E 75 41.74 0.23 -4.98
C TYR E 75 43.20 -0.13 -4.74
N TRP E 76 43.72 -1.00 -5.59
CA TRP E 76 45.07 -1.54 -5.45
C TRP E 76 45.29 -2.10 -4.04
N ALA E 77 44.19 -2.59 -3.46
CA ALA E 77 44.12 -3.15 -2.08
C ALA E 77 44.43 -2.18 -0.93
N SER E 78 45.43 -1.32 -1.11
CA SER E 78 45.82 -0.33 -0.10
C SER E 78 45.12 1.01 -0.31
N THR E 79 45.61 1.81 -1.25
CA THR E 79 45.18 3.21 -1.32
C THR E 79 43.68 3.37 -1.21
N ARG E 80 43.25 4.20 -0.26
CA ARG E 80 41.85 4.54 -0.08
C ARG E 80 41.27 5.24 -1.31
N GLU E 81 39.99 5.54 -1.25
CA GLU E 81 39.35 6.30 -2.31
C GLU E 81 39.08 7.73 -1.83
N SER E 82 38.83 8.64 -2.79
CA SER E 82 38.59 10.06 -2.48
C SER E 82 37.28 10.26 -1.73
N GLY E 83 37.41 10.47 -0.41
CA GLY E 83 36.27 10.65 0.50
C GLY E 83 35.94 9.39 1.28
N VAL E 84 36.96 8.59 1.56
CA VAL E 84 36.78 7.34 2.30
C VAL E 84 37.50 7.37 3.65
N PRO E 85 36.72 7.27 4.74
CA PRO E 85 37.15 7.32 6.15
C PRO E 85 38.44 6.56 6.49
N ASP E 86 39.07 6.98 7.58
CA ASP E 86 40.30 6.39 8.09
C ASP E 86 40.11 4.95 8.51
N ARG E 87 38.97 4.70 9.14
CA ARG E 87 38.62 3.40 9.73
C ARG E 87 38.92 2.18 8.85
N PHE E 88 38.42 2.20 7.60
CA PHE E 88 38.73 1.15 6.60
C PHE E 88 40.22 1.15 6.27
N THR E 89 40.78 -0.04 6.06
CA THR E 89 42.21 -0.16 5.79
C THR E 89 42.50 -1.53 5.18
N GLY E 90 42.46 -1.61 3.86
CA GLY E 90 42.78 -2.85 3.16
C GLY E 90 44.21 -3.27 3.42
N SER E 91 44.47 -4.56 3.37
CA SER E 91 45.80 -5.10 3.59
C SER E 91 45.92 -6.44 2.88
N GLY E 92 47.12 -7.01 2.90
CA GLY E 92 47.31 -8.33 2.33
C GLY E 92 48.06 -8.26 1.04
N SER E 93 48.57 -9.41 0.58
CA SER E 93 49.49 -9.43 -0.56
C SER E 93 49.51 -10.74 -1.35
N GLY E 94 49.22 -10.62 -2.64
CA GLY E 94 49.34 -11.73 -3.58
C GLY E 94 48.08 -12.56 -3.66
N THR E 95 47.83 -13.34 -2.62
CA THR E 95 46.68 -14.26 -2.56
C THR E 95 45.96 -14.21 -1.20
N ASP E 96 45.99 -13.05 -0.54
CA ASP E 96 45.50 -12.91 0.84
C ASP E 96 45.11 -11.48 1.23
N PHE E 97 43.96 -11.00 0.77
CA PHE E 97 43.56 -9.61 0.99
C PHE E 97 42.51 -9.45 2.12
N THR E 98 42.63 -8.39 2.90
CA THR E 98 41.87 -8.29 4.13
C THR E 98 41.42 -6.88 4.48
N LEU E 99 40.16 -6.59 4.16
CA LEU E 99 39.54 -5.32 4.50
C LEU E 99 39.19 -5.32 5.98
N THR E 100 39.35 -4.18 6.65
CA THR E 100 39.11 -4.07 8.09
C THR E 100 38.53 -2.72 8.51
N ILE E 101 37.45 -2.75 9.29
CA ILE E 101 36.80 -1.54 9.84
C ILE E 101 36.92 -1.45 11.36
N SER E 102 37.25 -0.26 11.88
CA SER E 102 36.96 0.07 13.30
C SER E 102 35.87 1.14 13.33
N SER E 103 35.48 1.55 14.54
CA SER E 103 34.39 2.56 14.77
C SER E 103 33.09 2.22 14.04
N VAL E 104 32.97 0.96 13.64
CA VAL E 104 31.84 0.43 12.92
C VAL E 104 30.61 1.33 13.07
N GLN E 105 30.35 2.14 12.05
CA GLN E 105 29.12 2.95 12.04
C GLN E 105 27.87 2.08 11.86
N ALA E 106 26.70 2.69 12.08
CA ALA E 106 25.42 2.02 11.84
C ALA E 106 25.16 2.07 10.34
N GLU E 107 25.65 3.14 9.71
CA GLU E 107 25.66 3.29 8.25
C GLU E 107 26.94 2.68 7.65
N ASP E 108 27.25 1.47 8.12
CA ASP E 108 28.33 0.65 7.60
C ASP E 108 27.79 -0.74 7.36
N LEU E 109 26.47 -0.87 7.55
CA LEU E 109 25.78 -2.11 7.18
C LEU E 109 25.72 -2.13 5.66
N ALA E 110 26.22 -3.22 5.09
CA ALA E 110 26.34 -3.41 3.64
C ALA E 110 26.98 -4.77 3.35
N VAL E 111 27.00 -5.15 2.08
CA VAL E 111 27.78 -6.32 1.66
C VAL E 111 29.09 -5.80 1.08
N TYR E 112 30.19 -6.31 1.59
CA TYR E 112 31.50 -5.92 1.11
C TYR E 112 32.00 -6.99 0.17
N TYR E 113 32.28 -6.56 -1.06
CA TYR E 113 32.80 -7.39 -2.14
C TYR E 113 34.28 -7.09 -2.36
N CYS E 114 34.98 -7.99 -3.05
CA CYS E 114 36.33 -7.70 -3.52
C CYS E 114 36.48 -8.08 -4.99
N LYS E 115 37.12 -7.19 -5.74
CA LYS E 115 37.31 -7.32 -7.20
C LYS E 115 38.79 -7.35 -7.51
N GLN E 116 39.26 -8.40 -8.18
CA GLN E 116 40.58 -8.37 -8.78
C GLN E 116 40.46 -7.89 -10.21
N SER E 117 41.48 -7.17 -10.66
CA SER E 117 41.54 -6.74 -12.04
C SER E 117 42.86 -7.10 -12.69
N TYR E 118 43.72 -7.84 -11.98
CA TYR E 118 44.99 -8.32 -12.54
C TYR E 118 44.74 -8.90 -13.92
N ASN E 119 43.75 -9.76 -14.03
CA ASN E 119 43.40 -10.38 -15.29
C ASN E 119 41.90 -10.41 -15.36
N LEU E 120 41.36 -9.71 -16.34
CA LEU E 120 39.93 -9.48 -16.47
C LEU E 120 39.30 -8.81 -15.22
N TYR E 121 37.99 -8.98 -15.04
CA TYR E 121 37.30 -8.49 -13.86
C TYR E 121 36.51 -9.62 -13.22
N THR E 122 36.89 -10.06 -12.03
CA THR E 122 36.14 -11.10 -11.37
C THR E 122 35.87 -10.76 -9.89
N PHE E 123 34.61 -10.79 -9.47
CA PHE E 123 34.26 -10.43 -8.07
C PHE E 123 34.32 -11.55 -7.01
N GLY E 124 34.33 -11.13 -5.74
CA GLY E 124 34.20 -12.05 -4.61
C GLY E 124 32.75 -12.40 -4.37
N GLY E 125 32.50 -13.24 -3.36
CA GLY E 125 31.13 -13.59 -2.99
C GLY E 125 30.44 -12.51 -2.17
N GLY E 126 31.15 -12.01 -1.18
CA GLY E 126 30.63 -10.98 -0.30
C GLY E 126 30.82 -11.39 1.14
N THR E 127 30.88 -10.38 2.02
CA THR E 127 30.73 -10.60 3.45
C THR E 127 29.64 -9.63 3.87
N LYS E 128 28.48 -10.16 4.28
CA LYS E 128 27.37 -9.31 4.70
C LYS E 128 27.67 -8.85 6.12
N LEU E 129 27.44 -7.57 6.41
CA LEU E 129 27.78 -7.06 7.73
C LEU E 129 26.59 -6.56 8.54
N GLU E 130 25.95 -7.47 9.27
CA GLU E 130 24.78 -7.15 10.09
C GLU E 130 25.08 -6.55 11.49
N ILE E 131 24.07 -5.92 12.08
CA ILE E 131 24.22 -5.24 13.38
C ILE E 131 23.51 -5.97 14.53
N LYS E 132 24.24 -6.22 15.62
CA LYS E 132 23.65 -6.74 16.86
C LYS E 132 22.70 -5.70 17.48
N ALA E 134 21.27 -7.50 20.10
CA ALA E 134 20.69 -8.05 21.34
C ALA E 134 19.43 -8.87 21.06
N ASP E 135 19.36 -10.05 21.67
CA ASP E 135 18.42 -11.12 21.29
C ASP E 135 16.94 -10.76 21.43
N ALA E 136 16.09 -11.69 21.00
CA ALA E 136 14.63 -11.62 21.16
C ALA E 136 13.99 -12.94 20.72
N ALA E 137 12.76 -13.21 21.19
CA ALA E 137 12.00 -14.39 20.76
C ALA E 137 10.99 -14.05 19.65
N PRO E 138 10.74 -14.99 18.74
CA PRO E 138 9.86 -14.72 17.60
C PRO E 138 8.39 -14.70 17.94
N THR E 139 7.70 -13.68 17.45
CA THR E 139 6.25 -13.55 17.59
C THR E 139 5.57 -14.29 16.44
N VAL E 140 5.26 -15.56 16.70
CA VAL E 140 4.67 -16.41 15.69
C VAL E 140 3.14 -16.42 15.74
N SER E 141 2.53 -16.38 14.56
CA SER E 141 1.09 -16.38 14.46
C SER E 141 0.70 -17.14 13.21
N ILE E 142 -0.20 -18.11 13.38
CA ILE E 142 -0.68 -18.98 12.29
C ILE E 142 -2.01 -18.47 11.70
N PHE E 143 -2.24 -18.78 10.43
CA PHE E 143 -3.36 -18.24 9.67
C PHE E 143 -3.88 -19.26 8.68
N PRO E 144 -5.15 -19.68 8.83
CA PRO E 144 -5.88 -20.62 7.95
C PRO E 144 -6.12 -20.09 6.53
N PRO E 145 -6.42 -20.99 5.57
CA PRO E 145 -6.59 -20.57 4.19
C PRO E 145 -7.85 -19.72 4.02
N SER E 146 -7.65 -18.50 3.56
CA SER E 146 -8.72 -17.51 3.49
C SER E 146 -10.00 -17.99 2.83
N SER E 147 -11.11 -17.57 3.45
CA SER E 147 -12.49 -17.71 2.97
C SER E 147 -12.63 -17.99 1.47
N GLU E 148 -12.07 -17.11 0.65
CA GLU E 148 -12.27 -17.18 -0.78
C GLU E 148 -11.29 -18.10 -1.52
N GLN E 149 -10.04 -18.15 -1.05
CA GLN E 149 -9.03 -18.98 -1.71
C GLN E 149 -9.59 -20.38 -1.95
N LEU E 150 -10.28 -20.89 -0.94
CA LEU E 150 -10.85 -22.24 -0.95
C LEU E 150 -11.74 -22.50 -2.16
N THR E 151 -12.81 -21.70 -2.30
CA THR E 151 -13.73 -21.79 -3.43
C THR E 151 -13.01 -21.83 -4.77
N SER E 152 -11.81 -21.26 -4.81
CA SER E 152 -10.99 -21.19 -6.03
C SER E 152 -10.30 -22.52 -6.38
N GLY E 153 -10.38 -23.50 -5.49
CA GLY E 153 -9.82 -24.83 -5.73
C GLY E 153 -8.46 -25.04 -5.07
N GLY E 154 -7.96 -23.99 -4.42
CA GLY E 154 -6.67 -24.02 -3.74
C GLY E 154 -6.80 -23.59 -2.30
N ALA E 155 -5.74 -23.83 -1.51
CA ALA E 155 -5.72 -23.50 -0.08
C ALA E 155 -4.31 -23.37 0.49
N SER E 156 -3.99 -22.20 1.02
CA SER E 156 -2.66 -21.94 1.58
C SER E 156 -2.74 -21.51 3.03
N VAL E 157 -2.09 -22.26 3.90
CA VAL E 157 -1.96 -21.93 5.31
C VAL E 157 -0.67 -21.17 5.52
N VAL E 158 -0.71 -19.99 6.11
CA VAL E 158 0.53 -19.25 6.39
C VAL E 158 0.78 -19.08 7.89
N CYS E 159 2.01 -18.75 8.25
CA CYS E 159 2.28 -18.26 9.59
C CYS E 159 3.55 -17.42 9.66
N PHE E 160 3.42 -16.27 10.29
CA PHE E 160 4.48 -15.26 10.34
C PHE E 160 5.31 -15.33 11.60
N LEU E 161 6.57 -15.69 11.44
CA LEU E 161 7.54 -15.77 12.54
C LEU E 161 8.28 -14.43 12.64
N ASN E 162 7.73 -13.49 13.40
CA ASN E 162 8.19 -12.11 13.32
C ASN E 162 9.08 -11.65 14.46
N ASN E 163 9.98 -10.72 14.15
CA ASN E 163 10.80 -10.01 15.13
C ASN E 163 11.58 -10.88 16.09
N PHE E 164 12.69 -11.42 15.58
CA PHE E 164 13.59 -12.29 16.35
C PHE E 164 15.05 -12.13 15.97
N TYR E 165 15.92 -12.34 16.93
CA TYR E 165 17.34 -12.32 16.69
C TYR E 165 18.01 -13.33 17.61
N PRO E 166 18.96 -14.15 17.11
CA PRO E 166 19.62 -14.31 15.81
C PRO E 166 18.77 -14.95 14.71
N LYS E 167 19.14 -14.75 13.45
CA LYS E 167 18.35 -15.22 12.30
C LYS E 167 17.98 -16.71 12.38
N ASP E 168 18.94 -17.53 12.80
CA ASP E 168 18.80 -19.00 12.76
C ASP E 168 17.56 -19.49 13.45
N ILE E 169 16.50 -19.66 12.67
CA ILE E 169 15.26 -20.21 13.18
C ILE E 169 15.01 -21.53 12.49
N ASN E 170 14.01 -22.26 12.96
CA ASN E 170 13.67 -23.54 12.41
C ASN E 170 12.18 -23.80 12.59
N VAL E 171 11.43 -23.83 11.49
CA VAL E 171 10.00 -24.14 11.56
C VAL E 171 9.78 -25.62 11.30
N LYS E 172 8.72 -26.16 11.88
CA LYS E 172 8.39 -27.57 11.72
C LYS E 172 6.88 -27.76 11.76
N TRP E 173 6.28 -27.85 10.57
CA TRP E 173 4.83 -27.99 10.42
C TRP E 173 4.29 -29.36 10.84
N LYS E 174 3.04 -29.36 11.30
CA LYS E 174 2.34 -30.59 11.62
C LYS E 174 0.89 -30.52 11.17
N ILE E 175 0.44 -31.58 10.49
CA ILE E 175 -0.98 -31.87 10.24
C ILE E 175 -1.40 -32.90 11.29
N ASP E 176 -2.18 -32.46 12.28
CA ASP E 176 -2.39 -33.17 13.54
C ASP E 176 -1.30 -34.21 13.90
N GLY E 177 -0.32 -33.74 14.66
CA GLY E 177 0.71 -34.59 15.26
C GLY E 177 1.78 -35.05 14.29
N SER E 178 1.35 -35.55 13.13
CA SER E 178 2.29 -35.98 12.09
C SER E 178 2.84 -34.75 11.39
N GLU E 179 4.15 -34.75 11.15
CA GLU E 179 4.87 -33.55 10.72
C GLU E 179 5.40 -33.70 9.32
N ARG E 180 4.56 -33.51 8.31
CA ARG E 180 5.03 -33.54 6.91
C ARG E 180 5.81 -32.27 6.52
N GLN E 181 6.79 -32.44 5.63
CA GLN E 181 7.67 -31.35 5.28
C GLN E 181 7.28 -30.77 3.94
N ASN E 182 7.27 -31.61 2.90
CA ASN E 182 7.13 -31.12 1.53
C ASN E 182 5.83 -30.38 1.26
N GLY E 183 5.90 -29.39 0.37
CA GLY E 183 4.78 -28.51 0.12
C GLY E 183 4.94 -27.19 0.84
N VAL E 184 5.91 -27.10 1.75
CA VAL E 184 6.16 -25.87 2.52
C VAL E 184 7.11 -24.92 1.81
N LEU E 185 6.79 -23.63 1.88
CA LEU E 185 7.61 -22.57 1.32
C LEU E 185 7.99 -21.58 2.42
N ASN E 186 9.27 -21.17 2.47
CA ASN E 186 9.69 -20.14 3.43
C ASN E 186 10.25 -18.88 2.78
N SER E 187 10.45 -17.85 3.60
CA SER E 187 10.87 -16.53 3.13
C SER E 187 11.38 -15.65 4.29
N TRP E 188 12.57 -15.10 4.11
CA TRP E 188 13.24 -14.36 5.17
C TRP E 188 13.51 -12.92 4.82
N THR E 189 13.22 -12.03 5.77
CA THR E 189 13.57 -10.63 5.62
C THR E 189 15.02 -10.41 6.05
N ASP E 190 15.57 -9.27 5.64
CA ASP E 190 16.77 -8.72 6.21
C ASP E 190 16.43 -7.97 7.49
N GLN E 191 17.43 -7.84 8.35
CA GLN E 191 17.37 -7.01 9.53
C GLN E 191 16.46 -5.79 9.40
N ASP E 192 15.76 -5.46 10.48
CA ASP E 192 14.90 -4.28 10.49
C ASP E 192 15.77 -3.04 10.64
N SER E 193 15.30 -1.93 10.08
CA SER E 193 16.06 -0.67 10.12
C SER E 193 15.96 0.01 11.48
N LYS E 194 14.79 -0.14 12.12
CA LYS E 194 14.55 0.42 13.45
C LYS E 194 14.67 -0.69 14.50
N ASP E 195 13.84 -1.72 14.33
CA ASP E 195 13.77 -2.86 15.23
C ASP E 195 15.02 -3.77 15.14
N SER E 196 15.75 -3.67 14.03
CA SER E 196 17.04 -4.35 13.83
C SER E 196 17.01 -5.86 14.02
N THR E 197 15.87 -6.47 13.72
CA THR E 197 15.69 -7.92 13.82
C THR E 197 15.00 -8.52 12.59
N TYR E 198 14.88 -9.84 12.58
CA TYR E 198 14.35 -10.56 11.45
C TYR E 198 12.92 -11.04 11.66
N SER E 199 12.27 -11.33 10.54
CA SER E 199 10.95 -11.94 10.49
C SER E 199 10.91 -12.90 9.31
N MET E 200 10.25 -14.02 9.49
CA MET E 200 10.18 -15.02 8.45
C MET E 200 8.75 -15.51 8.31
N SER E 201 8.29 -15.69 7.07
CA SER E 201 7.00 -16.32 6.86
C SER E 201 7.17 -17.74 6.34
N SER E 202 6.16 -18.58 6.56
CA SER E 202 6.18 -19.98 6.15
C SER E 202 4.80 -20.39 5.70
N THR E 203 4.72 -21.08 4.57
CA THR E 203 3.45 -21.39 3.94
C THR E 203 3.35 -22.82 3.45
N LEU E 204 2.69 -23.65 4.23
CA LEU E 204 2.27 -24.96 3.76
C LEU E 204 1.06 -24.78 2.85
N THR E 205 1.19 -25.23 1.62
CA THR E 205 0.13 -25.05 0.64
C THR E 205 -0.43 -26.38 0.08
N LEU E 206 -1.75 -26.46 0.04
CA LEU E 206 -2.48 -27.67 -0.36
C LEU E 206 -3.69 -27.43 -1.28
N THR E 207 -3.96 -28.42 -2.11
CA THR E 207 -5.24 -28.50 -2.79
C THR E 207 -6.33 -28.67 -1.74
N LYS E 208 -7.31 -27.76 -1.76
CA LYS E 208 -8.52 -27.83 -0.93
C LYS E 208 -8.89 -29.26 -0.55
N ASP E 209 -9.14 -30.10 -1.56
CA ASP E 209 -9.39 -31.53 -1.36
C ASP E 209 -8.57 -32.11 -0.22
N GLU E 210 -7.26 -31.92 -0.31
CA GLU E 210 -6.35 -32.42 0.69
C GLU E 210 -6.34 -31.56 1.94
N TYR E 211 -6.80 -30.32 1.83
CA TYR E 211 -6.88 -29.48 3.00
C TYR E 211 -7.81 -30.12 4.01
N GLU E 212 -8.94 -30.61 3.54
CA GLU E 212 -9.97 -31.20 4.41
C GLU E 212 -9.72 -32.67 4.77
N ARG E 213 -8.65 -33.26 4.24
CA ARG E 213 -8.23 -34.60 4.67
C ARG E 213 -8.13 -34.59 6.19
N HIS E 214 -7.56 -33.53 6.76
CA HIS E 214 -7.32 -33.46 8.19
C HIS E 214 -7.99 -32.30 8.92
N ASN E 215 -7.68 -32.16 10.21
CA ASN E 215 -8.29 -31.14 11.05
C ASN E 215 -7.27 -30.19 11.67
N SER E 216 -6.28 -30.75 12.37
CA SER E 216 -5.39 -29.92 13.16
C SER E 216 -4.16 -29.50 12.37
N TYR E 217 -3.89 -28.20 12.35
CA TYR E 217 -2.69 -27.66 11.72
C TYR E 217 -1.91 -26.81 12.72
N THR E 218 -0.57 -26.87 12.64
CA THR E 218 0.30 -26.18 13.60
C THR E 218 1.72 -25.89 13.08
N CYS E 219 2.26 -24.72 13.45
CA CYS E 219 3.65 -24.37 13.12
C CYS E 219 4.47 -24.01 14.36
N GLU E 220 5.75 -24.38 14.34
CA GLU E 220 6.57 -24.23 15.54
C GLU E 220 7.94 -23.64 15.25
N ALA E 221 8.17 -22.43 15.75
CA ALA E 221 9.51 -21.87 15.84
C ALA E 221 10.38 -22.78 16.71
N THR E 222 11.69 -22.62 16.67
CA THR E 222 12.59 -23.34 17.57
C THR E 222 13.86 -22.51 17.69
N HIS E 223 13.66 -21.21 17.78
CA HIS E 223 14.69 -20.22 18.01
C HIS E 223 15.62 -20.46 19.22
N LYS E 224 16.82 -19.89 19.15
CA LYS E 224 17.78 -20.01 20.22
C LYS E 224 17.51 -18.98 21.32
N THR E 225 16.29 -18.96 21.85
CA THR E 225 15.97 -18.10 23.00
C THR E 225 15.53 -18.98 24.15
N SER E 226 14.46 -19.73 23.92
CA SER E 226 14.02 -20.75 24.85
C SER E 226 13.95 -22.05 24.09
N THR E 227 14.84 -23.00 24.41
CA THR E 227 14.80 -24.30 23.73
C THR E 227 13.55 -25.07 24.18
N SER E 228 12.42 -24.57 23.68
CA SER E 228 11.10 -25.13 23.81
C SER E 228 10.29 -24.51 22.66
N PRO E 229 9.94 -25.31 21.65
CA PRO E 229 9.19 -24.84 20.50
C PRO E 229 8.04 -23.91 20.88
N ILE E 230 7.86 -22.83 20.11
CA ILE E 230 6.63 -22.05 20.17
C ILE E 230 5.62 -22.64 19.18
N VAL E 231 4.87 -23.61 19.66
CA VAL E 231 3.71 -24.13 18.96
C VAL E 231 2.60 -23.08 18.99
N LYS E 232 1.78 -23.10 17.96
CA LYS E 232 0.70 -22.16 17.81
C LYS E 232 -0.16 -22.76 16.73
N SER E 233 -1.23 -23.43 17.16
CA SER E 233 -2.01 -24.29 16.28
C SER E 233 -3.46 -23.83 16.09
N PHE E 234 -4.01 -24.13 14.92
CA PHE E 234 -5.44 -23.97 14.65
C PHE E 234 -5.97 -25.27 14.02
N ASN E 235 -7.27 -25.54 14.15
CA ASN E 235 -7.83 -26.79 13.62
C ASN E 235 -9.18 -26.61 12.93
N ARG E 236 -9.32 -27.31 11.81
CA ARG E 236 -10.33 -27.03 10.79
C ARG E 236 -11.76 -26.64 11.24
N ASN E 237 -12.52 -27.61 11.75
CA ASN E 237 -13.97 -27.48 12.09
C ASN E 237 -14.70 -26.21 11.64
N GLU E 238 -14.47 -25.11 12.36
CA GLU E 238 -15.15 -23.83 12.15
C GLU E 238 -14.79 -23.13 10.82
N CYS E 239 -13.57 -23.41 10.32
CA CYS E 239 -13.05 -22.84 9.05
C CYS E 239 -12.73 -23.90 7.99
N GLU F 1 27.03 15.41 -8.85
CA GLU F 1 27.79 16.00 -9.99
C GLU F 1 27.89 15.02 -11.19
N VAL F 2 28.84 14.08 -11.12
CA VAL F 2 29.17 13.17 -12.24
C VAL F 2 28.20 11.97 -12.31
N GLN F 3 27.49 11.83 -13.43
CA GLN F 3 26.34 10.92 -13.47
C GLN F 3 26.09 10.03 -14.70
N LEU F 4 25.62 8.81 -14.42
CA LEU F 4 25.17 7.83 -15.43
C LEU F 4 23.72 7.42 -15.16
N VAL F 5 22.94 7.26 -16.22
CA VAL F 5 21.54 6.90 -16.07
C VAL F 5 21.19 5.79 -17.05
N GLU F 6 21.48 4.56 -16.66
CA GLU F 6 21.15 3.40 -17.50
C GLU F 6 19.66 3.08 -17.44
N SER F 7 19.10 2.58 -18.55
CA SER F 7 17.65 2.40 -18.68
C SER F 7 17.20 1.60 -19.90
N GLY F 8 15.89 1.37 -19.98
CA GLY F 8 15.28 0.60 -21.05
C GLY F 8 15.59 -0.89 -20.97
N GLY F 9 14.72 -1.64 -20.30
CA GLY F 9 14.87 -3.10 -20.14
C GLY F 9 13.84 -3.75 -19.23
N GLY F 10 13.44 -4.97 -19.57
CA GLY F 10 12.42 -5.73 -18.81
C GLY F 10 12.28 -7.14 -19.37
N LEU F 11 11.09 -7.72 -19.27
CA LEU F 11 10.84 -9.09 -19.77
C LEU F 11 11.25 -9.31 -21.22
N VAL F 12 11.68 -10.54 -21.51
CA VAL F 12 11.93 -11.01 -22.88
C VAL F 12 11.83 -12.55 -22.95
N LYS F 13 11.61 -13.07 -24.15
CA LYS F 13 11.68 -14.50 -24.38
C LYS F 13 13.13 -14.91 -24.62
N PRO F 14 13.52 -16.10 -24.12
CA PRO F 14 14.78 -16.76 -24.44
C PRO F 14 14.99 -16.84 -25.94
N GLY F 15 15.83 -15.94 -26.45
CA GLY F 15 16.13 -15.82 -27.88
C GLY F 15 15.99 -14.38 -28.36
N GLY F 16 15.16 -13.61 -27.66
CA GLY F 16 14.84 -12.23 -28.03
C GLY F 16 15.99 -11.25 -27.90
N SER F 17 15.68 -9.96 -27.91
CA SER F 17 16.71 -8.91 -27.89
C SER F 17 16.32 -7.70 -27.06
N LEU F 18 17.30 -6.83 -26.80
CA LEU F 18 17.13 -5.67 -25.91
C LEU F 18 18.35 -4.72 -26.00
N LYS F 19 18.11 -3.47 -26.39
CA LYS F 19 19.22 -2.53 -26.58
C LYS F 19 19.36 -1.57 -25.43
N LEU F 20 19.98 -2.06 -24.36
CA LEU F 20 20.20 -1.30 -23.13
C LEU F 20 21.10 -0.10 -23.33
N SER F 21 20.83 0.96 -22.56
CA SER F 21 21.48 2.26 -22.72
C SER F 21 21.72 2.99 -21.39
N CYS F 22 22.76 3.82 -21.38
CA CYS F 22 23.21 4.54 -20.20
C CYS F 22 23.60 5.99 -20.53
N ALA F 23 22.86 6.97 -19.99
CA ALA F 23 23.13 8.40 -20.25
C ALA F 23 24.16 8.99 -19.28
N ALA F 24 25.27 9.44 -19.84
CA ALA F 24 26.35 9.98 -19.02
C ALA F 24 26.23 11.49 -18.93
N SER F 25 25.94 11.99 -17.73
CA SER F 25 25.63 13.40 -17.57
C SER F 25 26.46 14.06 -16.46
N GLY F 26 27.66 14.51 -16.80
CA GLY F 26 28.49 15.30 -15.89
C GLY F 26 29.99 15.05 -15.95
N PHE F 27 30.42 14.28 -16.94
CA PHE F 27 31.86 14.02 -17.09
C PHE F 27 32.31 14.04 -18.56
N ALA F 28 33.62 14.17 -18.78
CA ALA F 28 34.21 14.36 -20.12
C ALA F 28 34.11 13.12 -21.03
N PHE F 29 33.12 12.27 -20.72
CA PHE F 29 32.72 11.10 -21.51
C PHE F 29 33.87 10.48 -22.30
N SER F 30 34.07 10.99 -23.52
CA SER F 30 35.20 10.59 -24.38
C SER F 30 36.51 10.48 -23.62
N SER F 31 36.54 11.12 -22.45
CA SER F 31 37.65 11.03 -21.50
C SER F 31 38.15 9.60 -21.27
N TYR F 32 37.34 8.80 -20.56
CA TYR F 32 37.73 7.45 -20.13
C TYR F 32 37.04 6.34 -20.94
N ASP F 33 37.44 5.11 -20.65
CA ASP F 33 36.80 3.91 -21.20
C ASP F 33 35.46 3.70 -20.50
N MET F 34 34.71 2.68 -20.91
CA MET F 34 33.42 2.34 -20.27
C MET F 34 33.17 0.83 -20.08
N SER F 35 32.08 0.49 -19.37
CA SER F 35 31.75 -0.90 -19.06
C SER F 35 30.38 -1.06 -18.41
N TRP F 36 29.83 -2.27 -18.56
CA TRP F 36 28.65 -2.70 -17.80
C TRP F 36 29.01 -3.82 -16.87
N VAL F 37 28.50 -3.73 -15.65
CA VAL F 37 28.49 -4.88 -14.76
C VAL F 37 27.05 -5.24 -14.49
N ARG F 38 26.76 -6.53 -14.35
CA ARG F 38 25.41 -6.95 -14.01
C ARG F 38 25.43 -7.66 -12.68
N GLN F 39 24.25 -7.84 -12.10
CA GLN F 39 24.09 -8.49 -10.82
C GLN F 39 22.80 -9.28 -10.82
N THR F 40 22.92 -10.55 -10.51
CA THR F 40 21.78 -11.47 -10.47
C THR F 40 20.82 -11.19 -9.29
N PRO F 41 19.66 -11.88 -9.27
CA PRO F 41 18.79 -11.81 -8.11
C PRO F 41 19.50 -12.28 -6.83
N GLU F 42 20.41 -13.25 -7.01
CA GLU F 42 21.22 -13.79 -5.92
C GLU F 42 22.37 -12.86 -5.52
N LYS F 43 22.37 -11.66 -6.10
CA LYS F 43 23.34 -10.62 -5.77
C LYS F 43 24.80 -10.99 -6.14
N ARG F 44 24.93 -11.97 -7.03
CA ARG F 44 26.18 -12.24 -7.71
C ARG F 44 26.43 -11.12 -8.71
N LEU F 45 27.65 -10.59 -8.70
CA LEU F 45 28.10 -9.58 -9.68
C LEU F 45 28.83 -10.22 -10.86
N GLU F 46 28.84 -9.52 -11.99
CA GLU F 46 29.37 -10.07 -13.22
C GLU F 46 29.82 -9.02 -14.23
N TRP F 47 31.12 -9.00 -14.53
CA TRP F 47 31.61 -8.12 -15.59
C TRP F 47 31.25 -8.63 -16.99
N VAL F 48 30.46 -7.82 -17.68
CA VAL F 48 29.82 -8.24 -18.91
C VAL F 48 30.42 -7.60 -20.17
N ALA F 49 30.75 -6.32 -20.10
CA ALA F 49 31.16 -5.59 -21.28
C ALA F 49 32.18 -4.53 -20.93
N TYR F 50 32.99 -4.13 -21.91
CA TYR F 50 33.98 -3.05 -21.74
C TYR F 50 34.36 -2.40 -23.06
N ILE F 51 33.92 -1.15 -23.25
CA ILE F 51 34.29 -0.35 -24.41
C ILE F 51 35.49 0.56 -24.09
N SER F 52 36.36 0.76 -25.07
CA SER F 52 37.54 1.64 -24.87
C SER F 52 37.17 3.13 -24.70
N SER F 53 38.18 4.00 -24.73
CA SER F 53 37.96 5.45 -24.65
C SER F 53 37.07 5.93 -25.80
N GLY F 54 37.61 5.84 -27.02
CA GLY F 54 36.82 6.08 -28.23
C GLY F 54 36.58 4.77 -28.96
N GLY F 55 35.59 4.01 -28.48
CA GLY F 55 35.20 2.71 -29.06
C GLY F 55 36.14 2.01 -30.02
N GLY F 56 37.45 2.15 -29.79
CA GLY F 56 38.49 1.52 -30.62
C GLY F 56 38.31 0.01 -30.63
N SER F 57 38.58 -0.61 -29.48
CA SER F 57 38.27 -2.03 -29.30
C SER F 57 37.34 -2.26 -28.09
N THR F 58 36.77 -3.47 -28.02
CA THR F 58 35.84 -3.83 -26.95
C THR F 58 36.31 -5.08 -26.20
N TYR F 59 35.67 -5.38 -25.06
CA TYR F 59 36.06 -6.51 -24.19
C TYR F 59 34.88 -7.25 -23.52
N TYR F 60 34.95 -8.58 -23.49
CA TYR F 60 33.86 -9.43 -22.97
C TYR F 60 34.39 -10.64 -22.17
N PRO F 61 33.57 -11.18 -21.24
CA PRO F 61 33.87 -12.51 -20.74
C PRO F 61 33.35 -13.48 -21.79
N ASP F 62 33.91 -14.68 -21.85
CA ASP F 62 33.49 -15.63 -22.87
C ASP F 62 31.99 -15.81 -22.85
N THR F 63 31.42 -15.83 -21.65
CA THR F 63 29.98 -16.08 -21.44
C THR F 63 29.01 -15.26 -22.32
N VAL F 64 29.37 -14.02 -22.64
CA VAL F 64 28.50 -13.15 -23.45
C VAL F 64 29.05 -12.94 -24.88
N LYS F 65 30.36 -13.19 -25.04
CA LYS F 65 31.10 -12.94 -26.29
C LYS F 65 30.42 -13.49 -27.55
N GLY F 66 29.76 -12.58 -28.27
CA GLY F 66 29.08 -12.93 -29.51
C GLY F 66 27.61 -13.14 -29.28
N ARG F 67 27.06 -12.45 -28.28
CA ARG F 67 25.60 -12.41 -28.08
C ARG F 67 25.26 -11.05 -27.49
N PHE F 68 26.33 -10.31 -27.21
CA PHE F 68 26.30 -9.01 -26.57
C PHE F 68 27.27 -8.12 -27.32
N THR F 69 26.89 -6.85 -27.49
CA THR F 69 27.80 -5.85 -28.02
C THR F 69 27.65 -4.51 -27.30
N ILE F 70 28.79 -3.85 -27.11
CA ILE F 70 28.83 -2.56 -26.42
C ILE F 70 29.17 -1.40 -27.37
N SER F 71 28.24 -0.47 -27.50
CA SER F 71 28.40 0.65 -28.42
C SER F 71 28.26 1.99 -27.73
N ARG F 72 29.13 2.94 -28.10
CA ARG F 72 29.04 4.31 -27.61
C ARG F 72 29.07 5.31 -28.75
N ASP F 73 28.46 6.47 -28.50
CA ASP F 73 28.52 7.63 -29.37
C ASP F 73 29.23 8.77 -28.60
N ASN F 74 30.57 8.81 -28.74
CA ASN F 74 31.45 9.76 -28.02
C ASN F 74 30.90 11.18 -27.99
N ALA F 75 29.98 11.48 -28.90
CA ALA F 75 29.29 12.76 -28.98
C ALA F 75 28.14 12.87 -27.96
N LYS F 76 27.04 12.16 -28.21
CA LYS F 76 25.80 12.39 -27.45
C LYS F 76 25.80 11.83 -26.02
N ASN F 77 27.01 11.52 -25.53
CA ASN F 77 27.28 11.11 -24.15
C ASN F 77 26.47 9.91 -23.63
N THR F 78 26.29 8.94 -24.51
CA THR F 78 25.51 7.73 -24.20
C THR F 78 26.31 6.45 -24.45
N LEU F 79 26.14 5.50 -23.54
CA LEU F 79 26.66 4.14 -23.66
C LEU F 79 25.51 3.19 -23.99
N TYR F 80 25.80 2.12 -24.74
CA TYR F 80 24.77 1.15 -25.07
C TYR F 80 25.26 -0.28 -24.87
N LEU F 81 24.35 -1.14 -24.42
CA LEU F 81 24.55 -2.59 -24.45
C LEU F 81 23.49 -3.24 -25.32
N GLN F 82 23.93 -3.86 -26.41
CA GLN F 82 23.02 -4.50 -27.33
C GLN F 82 23.01 -5.99 -27.06
N MET F 83 21.89 -6.49 -26.56
CA MET F 83 21.79 -7.89 -26.14
C MET F 83 20.92 -8.74 -27.05
N SER F 84 21.41 -9.92 -27.42
CA SER F 84 20.70 -10.75 -28.38
C SER F 84 21.00 -12.23 -28.18
N SER F 85 20.20 -13.08 -28.83
CA SER F 85 20.20 -14.52 -28.54
C SER F 85 20.30 -14.68 -27.04
N LEU F 86 19.27 -14.20 -26.36
CA LEU F 86 19.29 -14.03 -24.92
C LEU F 86 19.09 -15.34 -24.15
N LYS F 87 19.97 -15.54 -23.17
CA LYS F 87 19.87 -16.64 -22.24
C LYS F 87 19.14 -16.16 -20.98
N SER F 88 18.44 -17.10 -20.32
CA SER F 88 17.81 -16.90 -19.01
C SER F 88 18.79 -16.33 -18.01
N GLU F 89 20.05 -16.78 -18.12
CA GLU F 89 21.17 -16.33 -17.29
C GLU F 89 21.36 -14.81 -17.27
N ASP F 90 21.07 -14.18 -18.40
CA ASP F 90 21.33 -12.75 -18.55
C ASP F 90 20.36 -11.89 -17.73
N THR F 91 19.35 -12.52 -17.13
CA THR F 91 18.51 -11.88 -16.12
C THR F 91 19.41 -11.28 -15.07
N ALA F 92 19.15 -10.02 -14.73
CA ALA F 92 19.94 -9.28 -13.75
C ALA F 92 19.59 -7.81 -13.82
N MET F 93 19.91 -7.09 -12.76
CA MET F 93 19.93 -5.63 -12.79
C MET F 93 21.29 -5.25 -13.38
N TYR F 94 21.30 -4.35 -14.35
CA TYR F 94 22.49 -4.05 -15.16
C TYR F 94 23.04 -2.67 -14.89
N TYR F 95 24.23 -2.61 -14.30
CA TYR F 95 24.83 -1.33 -13.89
C TYR F 95 25.88 -0.79 -14.86
N CYS F 96 25.61 0.38 -15.45
CA CYS F 96 26.61 1.12 -16.20
C CYS F 96 27.55 1.76 -15.21
N ALA F 97 28.80 1.35 -15.25
CA ALA F 97 29.82 1.88 -14.35
C ALA F 97 31.03 2.37 -15.12
N ARG F 98 31.88 3.15 -14.47
CA ARG F 98 32.96 3.86 -15.15
C ARG F 98 34.29 3.65 -14.45
N PRO F 99 35.27 3.13 -15.18
CA PRO F 99 36.58 2.83 -14.64
C PRO F 99 37.34 4.10 -14.30
N ASP F 100 38.09 4.09 -13.20
CA ASP F 100 38.89 5.25 -12.83
C ASP F 100 40.09 5.40 -13.76
N TYR F 101 40.44 6.66 -14.05
CA TYR F 101 41.63 7.06 -14.79
C TYR F 101 42.72 5.97 -14.97
N ARG F 102 43.30 5.53 -13.87
CA ARG F 102 44.49 4.69 -13.87
C ARG F 102 44.26 3.40 -13.12
N SER F 103 43.47 3.48 -12.06
CA SER F 103 43.13 2.34 -11.21
C SER F 103 42.19 1.37 -11.94
N TYR F 104 41.42 1.90 -12.89
CA TYR F 104 40.38 1.15 -13.57
C TYR F 104 39.29 0.71 -12.61
N ALA F 105 39.55 0.94 -11.33
CA ALA F 105 38.57 0.76 -10.29
C ALA F 105 37.35 1.58 -10.63
N MET F 106 36.22 0.91 -10.84
CA MET F 106 35.00 1.59 -11.27
C MET F 106 34.52 2.58 -10.22
N ASP F 107 34.97 3.83 -10.34
CA ASP F 107 34.70 4.83 -9.31
C ASP F 107 33.35 5.53 -9.42
N TYR F 108 32.72 5.49 -10.59
CA TYR F 108 31.37 6.02 -10.68
C TYR F 108 30.35 5.10 -11.33
N TRP F 109 29.27 4.87 -10.60
CA TRP F 109 28.31 3.83 -10.92
C TRP F 109 26.93 4.40 -11.26
N GLY F 110 26.16 3.63 -12.03
CA GLY F 110 24.78 3.97 -12.36
C GLY F 110 23.79 3.50 -11.30
N GLN F 111 22.63 3.02 -11.75
CA GLN F 111 21.57 2.63 -10.83
C GLN F 111 20.87 1.33 -11.28
N GLY F 112 21.09 0.96 -12.54
CA GLY F 112 20.67 -0.35 -13.02
C GLY F 112 19.36 -0.41 -13.77
N THR F 113 19.11 -1.54 -14.43
CA THR F 113 17.88 -1.75 -15.17
C THR F 113 17.42 -3.20 -15.09
N SER F 114 16.19 -3.41 -14.63
CA SER F 114 15.63 -4.77 -14.50
C SER F 114 15.61 -5.48 -15.84
N VAL F 115 16.02 -6.75 -15.83
CA VAL F 115 15.92 -7.63 -16.98
C VAL F 115 15.48 -8.98 -16.47
N THR F 116 14.74 -9.69 -17.29
CA THR F 116 14.36 -11.09 -17.04
C THR F 116 13.97 -11.78 -18.32
N VAL F 117 14.24 -13.08 -18.39
CA VAL F 117 14.04 -13.84 -19.60
C VAL F 117 13.10 -15.00 -19.27
N SER F 118 11.81 -14.69 -19.20
CA SER F 118 10.79 -15.63 -18.71
C SER F 118 9.83 -16.16 -19.80
N SER F 119 10.14 -17.35 -20.34
CA SER F 119 9.30 -17.98 -21.35
C SER F 119 8.04 -18.58 -20.71
N LYS F 121 4.89 -12.91 -20.06
CA LYS F 121 3.53 -13.31 -19.66
C LYS F 121 3.04 -12.63 -18.38
N THR F 122 2.76 -11.33 -18.51
CA THR F 122 2.03 -10.57 -17.50
C THR F 122 0.99 -11.50 -16.86
N THR F 123 0.98 -11.61 -15.53
CA THR F 123 -0.09 -12.33 -14.80
C THR F 123 -0.47 -11.66 -13.45
N ALA F 124 -1.74 -11.79 -13.06
CA ALA F 124 -2.29 -10.98 -11.97
C ALA F 124 -2.35 -11.69 -10.61
N PRO F 125 -2.30 -10.90 -9.50
CA PRO F 125 -2.18 -11.40 -8.12
C PRO F 125 -3.46 -11.28 -7.29
N SER F 126 -4.08 -12.42 -6.99
CA SER F 126 -5.25 -12.48 -6.13
C SER F 126 -4.78 -12.20 -4.72
N VAL F 127 -5.19 -11.07 -4.15
CA VAL F 127 -4.76 -10.73 -2.80
C VAL F 127 -5.76 -11.27 -1.76
N TYR F 128 -5.52 -12.51 -1.33
CA TYR F 128 -6.37 -13.15 -0.34
C TYR F 128 -6.16 -12.49 1.01
N PRO F 129 -7.26 -12.18 1.71
CA PRO F 129 -7.10 -11.52 3.02
C PRO F 129 -6.67 -12.57 4.06
N LEU F 130 -6.01 -12.13 5.13
CA LEU F 130 -5.62 -13.04 6.20
C LEU F 130 -6.09 -12.59 7.58
N ALA F 131 -7.23 -13.13 8.02
CA ALA F 131 -7.80 -12.83 9.34
C ALA F 131 -7.45 -13.92 10.35
N PRO F 132 -7.15 -13.52 11.61
CA PRO F 132 -6.54 -14.44 12.58
C PRO F 132 -7.39 -15.67 12.97
N VAL F 133 -7.18 -16.15 14.20
CA VAL F 133 -7.66 -17.46 14.66
C VAL F 133 -9.16 -17.71 14.54
N CYS F 134 -9.49 -18.73 13.74
CA CYS F 134 -10.83 -19.30 13.52
C CYS F 134 -11.81 -19.12 14.69
N GLY F 135 -11.38 -19.58 15.87
CA GLY F 135 -11.98 -19.25 17.15
C GLY F 135 -11.01 -18.37 17.91
N ASP F 136 -11.48 -17.19 18.30
CA ASP F 136 -10.64 -16.17 18.95
C ASP F 136 -9.96 -16.66 20.24
N THR F 137 -8.86 -16.02 20.60
CA THR F 137 -8.19 -16.21 21.91
C THR F 137 -7.37 -14.96 22.29
N THR F 138 -7.86 -13.79 21.83
CA THR F 138 -7.14 -12.50 21.91
C THR F 138 -6.24 -12.31 23.15
N GLY F 139 -4.98 -12.74 22.98
CA GLY F 139 -3.96 -12.81 24.03
C GLY F 139 -3.57 -11.47 24.63
N SER F 140 -3.08 -10.54 23.80
CA SER F 140 -2.76 -9.18 24.26
C SER F 140 -2.64 -8.14 23.13
N SER F 141 -1.94 -8.48 22.06
CA SER F 141 -1.79 -7.59 20.91
C SER F 141 -2.08 -8.29 19.57
N VAL F 142 -2.86 -7.63 18.73
CA VAL F 142 -3.37 -8.21 17.48
C VAL F 142 -2.35 -8.18 16.36
N THR F 143 -2.20 -9.30 15.64
CA THR F 143 -1.34 -9.36 14.43
C THR F 143 -2.09 -9.93 13.21
N LEU F 144 -1.93 -9.28 12.06
CA LEU F 144 -2.73 -9.58 10.86
C LEU F 144 -1.89 -9.68 9.61
N GLY F 145 -2.44 -10.35 8.59
CA GLY F 145 -1.73 -10.59 7.34
C GLY F 145 -2.45 -10.15 6.07
N CYS F 146 -1.80 -10.44 4.93
CA CYS F 146 -2.26 -10.05 3.59
C CYS F 146 -1.50 -10.91 2.58
N LEU F 147 -2.19 -11.76 1.83
CA LEU F 147 -1.51 -12.73 0.95
C LEU F 147 -1.69 -12.42 -0.53
N VAL F 148 -0.61 -12.58 -1.29
CA VAL F 148 -0.58 -12.26 -2.73
C VAL F 148 0.11 -13.38 -3.51
N LYS F 149 -0.68 -14.24 -4.14
CA LYS F 149 -0.13 -15.45 -4.75
C LYS F 149 -0.29 -15.47 -6.27
N GLY F 150 0.36 -16.43 -6.92
CA GLY F 150 0.27 -16.71 -8.36
C GLY F 150 0.35 -15.56 -9.36
N TYR F 151 1.52 -14.91 -9.47
CA TYR F 151 1.67 -13.71 -10.34
C TYR F 151 2.94 -13.56 -11.20
N PHE F 152 2.98 -12.51 -12.02
CA PHE F 152 4.15 -12.21 -12.87
C PHE F 152 4.09 -10.83 -13.57
N PRO F 153 5.24 -10.12 -13.64
CA PRO F 153 6.45 -10.37 -12.86
C PRO F 153 6.62 -9.34 -11.74
N GLU F 154 7.81 -9.29 -11.18
CA GLU F 154 8.16 -8.30 -10.19
C GLU F 154 7.97 -6.93 -10.83
N PRO F 155 7.59 -5.92 -10.02
CA PRO F 155 7.25 -6.12 -8.62
C PRO F 155 5.74 -6.14 -8.44
N VAL F 156 5.30 -5.76 -7.24
CA VAL F 156 3.92 -5.42 -6.88
C VAL F 156 4.07 -4.59 -5.62
N THR F 157 3.14 -3.65 -5.40
CA THR F 157 3.21 -2.85 -4.17
C THR F 157 2.04 -3.13 -3.23
N LEU F 158 2.36 -3.76 -2.10
CA LEU F 158 1.44 -3.94 -0.99
C LEU F 158 1.66 -2.79 -0.01
N THR F 159 0.56 -2.31 0.59
CA THR F 159 0.64 -1.43 1.75
C THR F 159 -0.56 -1.62 2.68
N TRP F 160 -0.45 -1.12 3.91
CA TRP F 160 -1.58 -1.11 4.86
C TRP F 160 -2.04 0.33 5.09
N ASN F 161 -3.36 0.52 4.96
CA ASN F 161 -4.01 1.84 5.04
C ASN F 161 -3.48 2.91 4.08
N SER F 162 -3.36 2.52 2.81
CA SER F 162 -2.89 3.39 1.72
C SER F 162 -1.44 3.84 1.92
N GLY F 163 -1.02 3.86 3.19
CA GLY F 163 0.33 4.20 3.61
C GLY F 163 0.32 4.61 5.07
N SER F 164 -0.89 4.86 5.58
CA SER F 164 -1.11 5.42 6.91
C SER F 164 -0.69 4.50 8.05
N LEU F 165 -0.59 3.21 7.75
CA LEU F 165 -0.09 2.25 8.71
C LEU F 165 1.22 1.67 8.16
N SER F 166 2.29 1.79 8.95
CA SER F 166 3.62 1.44 8.48
C SER F 166 4.49 0.83 9.59
N SER F 167 4.74 1.63 10.63
CA SER F 167 5.55 1.26 11.80
C SER F 167 5.41 -0.21 12.23
N GLY F 168 6.23 -1.08 11.65
CA GLY F 168 6.18 -2.51 11.97
C GLY F 168 5.42 -3.39 10.97
N VAL F 169 5.51 -3.04 9.69
CA VAL F 169 5.03 -3.90 8.59
C VAL F 169 6.14 -4.88 8.17
N HIS F 170 5.75 -5.99 7.54
CA HIS F 170 6.72 -6.95 7.03
C HIS F 170 6.30 -7.55 5.70
N THR F 171 6.98 -7.18 4.62
CA THR F 171 6.73 -7.77 3.31
C THR F 171 7.88 -8.69 2.86
N PHE F 172 7.57 -9.98 2.80
CA PHE F 172 8.59 -10.99 2.62
C PHE F 172 8.92 -11.15 1.15
N PRO F 173 10.22 -11.33 0.83
CA PRO F 173 10.67 -11.46 -0.56
C PRO F 173 9.82 -12.45 -1.33
N ALA F 174 9.40 -12.08 -2.52
CA ALA F 174 8.55 -12.95 -3.33
C ALA F 174 9.24 -14.27 -3.65
N VAL F 175 8.45 -15.25 -4.09
CA VAL F 175 8.94 -16.61 -4.25
C VAL F 175 8.33 -17.26 -5.49
N LEU F 176 9.12 -18.06 -6.19
CA LEU F 176 8.67 -18.60 -7.46
C LEU F 176 8.09 -20.02 -7.43
N GLN F 177 6.76 -20.11 -7.29
CA GLN F 177 6.04 -21.35 -7.54
C GLN F 177 5.82 -21.54 -9.05
N SER F 178 6.55 -22.51 -9.60
CA SER F 178 6.68 -22.66 -11.05
C SER F 178 6.94 -21.31 -11.72
N ASP F 179 6.13 -20.97 -12.71
CA ASP F 179 6.31 -19.72 -13.43
C ASP F 179 5.45 -18.64 -12.83
N LEU F 180 5.16 -18.78 -11.55
CA LEU F 180 4.44 -17.75 -10.83
C LEU F 180 5.17 -17.37 -9.56
N TYR F 181 4.72 -16.27 -8.97
CA TYR F 181 5.36 -15.67 -7.80
C TYR F 181 4.44 -15.77 -6.60
N THR F 182 4.93 -15.39 -5.42
CA THR F 182 4.13 -15.44 -4.21
C THR F 182 4.69 -14.53 -3.15
N LEU F 183 3.81 -13.81 -2.46
CA LEU F 183 4.19 -12.86 -1.41
C LEU F 183 3.13 -12.72 -0.30
N SER F 184 3.51 -12.06 0.79
CA SER F 184 2.61 -11.73 1.89
C SER F 184 3.24 -10.71 2.82
N SER F 185 2.43 -9.84 3.41
CA SER F 185 2.90 -8.92 4.44
C SER F 185 2.18 -9.06 5.78
N SER F 186 2.88 -8.73 6.85
CA SER F 186 2.31 -8.84 8.18
C SER F 186 2.37 -7.50 8.91
N VAL F 187 1.43 -7.31 9.84
CA VAL F 187 1.38 -6.10 10.66
C VAL F 187 0.83 -6.41 12.06
N THR F 188 1.32 -5.67 13.05
CA THR F 188 1.07 -5.96 14.47
C THR F 188 0.55 -4.73 15.26
N VAL F 189 -0.77 -4.73 15.50
CA VAL F 189 -1.51 -3.61 16.09
C VAL F 189 -1.83 -3.86 17.56
N THR F 190 -2.17 -2.80 18.31
CA THR F 190 -2.72 -2.93 19.67
C THR F 190 -4.09 -3.59 19.56
N SER F 191 -4.32 -4.62 20.38
CA SER F 191 -5.64 -5.26 20.47
C SER F 191 -6.78 -4.24 20.32
N SER F 192 -6.61 -3.08 20.97
CA SER F 192 -7.59 -2.00 20.98
C SER F 192 -7.91 -1.43 19.60
N THR F 193 -6.88 -1.18 18.81
CA THR F 193 -7.04 -0.48 17.53
C THR F 193 -7.60 -1.32 16.38
N TRP F 194 -7.34 -2.62 16.33
CA TRP F 194 -8.15 -3.42 15.40
C TRP F 194 -9.42 -3.86 16.10
N PRO F 195 -9.89 -5.09 15.82
CA PRO F 195 -11.31 -5.28 15.65
C PRO F 195 -12.01 -3.94 15.35
N SER F 196 -12.21 -3.11 16.38
CA SER F 196 -12.80 -1.77 16.28
C SER F 196 -12.50 -1.01 14.97
N GLN F 197 -11.38 -0.28 14.94
CA GLN F 197 -10.94 0.45 13.74
C GLN F 197 -10.37 -0.47 12.67
N SER F 198 -10.77 -0.24 11.43
CA SER F 198 -10.45 -1.10 10.30
C SER F 198 -9.05 -0.84 9.70
N ILE F 199 -8.55 -1.84 8.95
CA ILE F 199 -7.31 -1.71 8.18
C ILE F 199 -7.50 -2.35 6.81
N THR F 200 -7.65 -1.51 5.78
CA THR F 200 -7.79 -1.97 4.39
C THR F 200 -6.42 -2.20 3.76
N CYS F 201 -6.19 -3.42 3.27
CA CYS F 201 -4.89 -3.83 2.75
C CYS F 201 -4.73 -3.53 1.26
N ASN F 202 -4.00 -2.44 1.00
CA ASN F 202 -3.94 -1.83 -0.34
C ASN F 202 -2.80 -2.38 -1.18
N VAL F 203 -3.16 -3.16 -2.20
CA VAL F 203 -2.17 -3.80 -3.05
C VAL F 203 -2.39 -3.45 -4.53
N ALA F 204 -1.28 -3.34 -5.26
CA ALA F 204 -1.29 -3.03 -6.70
C ALA F 204 -0.20 -3.79 -7.46
N HIS F 205 -0.56 -4.24 -8.66
CA HIS F 205 0.40 -4.86 -9.59
C HIS F 205 0.60 -3.91 -10.75
N PRO F 206 1.86 -3.58 -11.11
CA PRO F 206 2.07 -2.68 -12.25
C PRO F 206 1.71 -3.34 -13.57
N ALA F 207 2.33 -4.48 -13.89
CA ALA F 207 2.12 -5.13 -15.18
C ALA F 207 0.69 -5.60 -15.43
N SER F 208 -0.15 -5.59 -14.38
CA SER F 208 -1.58 -5.88 -14.53
C SER F 208 -2.41 -4.61 -14.42
N SER F 209 -2.15 -3.85 -13.36
CA SER F 209 -2.81 -2.57 -13.04
C SER F 209 -4.11 -2.75 -12.27
N THR F 210 -4.00 -3.20 -11.01
CA THR F 210 -5.18 -3.39 -10.16
C THR F 210 -5.03 -2.82 -8.75
N LYS F 211 -5.97 -1.94 -8.38
CA LYS F 211 -6.07 -1.35 -7.04
C LYS F 211 -7.13 -2.09 -6.19
N VAL F 212 -6.74 -3.26 -5.69
CA VAL F 212 -7.61 -4.08 -4.85
C VAL F 212 -7.17 -3.89 -3.40
N ASP F 213 -8.09 -3.43 -2.54
CA ASP F 213 -7.74 -2.99 -1.17
C ASP F 213 -8.61 -3.60 -0.06
N LYS F 214 -8.21 -4.78 0.43
CA LYS F 214 -9.04 -5.62 1.32
C LYS F 214 -9.02 -5.25 2.81
N LYS F 215 -9.88 -5.90 3.59
CA LYS F 215 -9.96 -5.67 5.04
C LYS F 215 -10.40 -6.94 5.78
N GLN A 10 9.15 42.35 -15.91
CA GLN A 10 8.17 41.97 -16.96
C GLN A 10 7.43 43.21 -17.47
N GLY A 11 7.65 44.34 -16.80
CA GLY A 11 7.04 45.62 -17.18
C GLY A 11 6.10 46.14 -16.09
N ARG A 12 5.88 47.46 -16.12
CA ARG A 12 4.96 48.12 -15.18
C ARG A 12 3.50 47.84 -15.60
N GLY A 13 3.26 47.77 -16.90
CA GLY A 13 1.92 47.52 -17.44
C GLY A 13 1.39 46.15 -17.03
N ALA A 14 2.30 45.19 -16.92
CA ALA A 14 1.94 43.81 -16.56
C ALA A 14 1.03 43.70 -15.34
N TRP A 15 1.47 44.27 -14.22
CA TRP A 15 0.72 44.26 -12.99
C TRP A 15 -0.26 45.44 -12.98
N LEU A 16 0.13 46.57 -13.60
CA LEU A 16 -0.74 47.77 -13.59
C LEU A 16 -2.12 47.52 -14.25
N LEU A 17 -2.13 46.83 -15.38
CA LEU A 17 -3.39 46.50 -16.06
C LEU A 17 -4.18 45.57 -15.16
N MET A 18 -3.54 44.47 -14.73
CA MET A 18 -4.22 43.51 -13.88
C MET A 18 -4.62 44.09 -12.52
N ALA A 19 -3.71 44.81 -11.86
CA ALA A 19 -4.05 45.47 -10.59
C ALA A 19 -5.22 46.45 -10.79
N PHE A 20 -5.16 47.26 -11.85
CA PHE A 20 -6.27 48.19 -12.17
C PHE A 20 -7.50 47.35 -12.47
N THR A 21 -7.33 46.26 -13.24
CA THR A 21 -8.44 45.40 -13.64
C THR A 21 -9.36 45.03 -12.40
N ALA A 22 -8.75 44.61 -11.32
CA ALA A 22 -9.50 44.28 -10.11
C ALA A 22 -10.19 45.48 -9.44
N LEU A 23 -9.43 46.52 -9.11
CA LEU A 23 -10.03 47.73 -8.51
C LEU A 23 -11.09 48.23 -9.48
N ALA A 24 -10.88 47.97 -10.77
CA ALA A 24 -11.81 48.41 -11.81
C ALA A 24 -13.03 47.52 -11.87
N LEU A 25 -12.78 46.23 -12.11
CA LEU A 25 -13.84 45.24 -12.22
C LEU A 25 -14.52 45.05 -10.87
N GLU A 26 -13.72 44.98 -9.82
CA GLU A 26 -14.25 44.76 -8.49
C GLU A 26 -15.09 45.94 -7.90
N LEU A 27 -14.63 47.15 -8.11
CA LEU A 27 -15.36 48.31 -7.60
C LEU A 27 -16.80 48.22 -8.09
N THR A 28 -17.00 47.71 -9.32
CA THR A 28 -18.36 47.55 -9.86
C THR A 28 -19.24 46.91 -8.81
N ALA A 29 -18.58 46.21 -7.88
CA ALA A 29 -19.26 45.51 -6.81
C ALA A 29 -20.16 46.46 -6.01
N LEU A 30 -19.59 47.62 -5.60
CA LEU A 30 -20.30 48.60 -4.77
C LEU A 30 -21.63 49.04 -5.37
N TRP A 31 -21.81 48.74 -6.65
CA TRP A 31 -23.06 49.06 -7.37
C TRP A 31 -24.08 47.93 -7.18
N PHE A 32 -25.02 47.85 -8.12
CA PHE A 32 -26.06 46.82 -8.15
C PHE A 32 -27.04 46.92 -6.98
N GLN A 33 -26.59 46.53 -5.78
CA GLN A 33 -27.45 46.55 -4.59
C GLN A 33 -28.66 47.45 -4.79
N HIS A 34 -28.39 48.75 -4.90
CA HIS A 34 -29.45 49.73 -4.97
C HIS A 34 -30.29 49.75 -6.26
N VAL A 35 -29.71 49.41 -7.40
CA VAL A 35 -30.48 49.41 -8.65
C VAL A 35 -31.41 48.21 -8.69
N MET A 36 -31.08 47.16 -7.92
CA MET A 36 -31.89 45.96 -7.91
C MET A 36 -32.80 45.86 -6.59
N LEU A 37 -32.19 46.23 -5.46
CA LEU A 37 -32.89 46.22 -4.11
C LEU A 37 -33.08 44.57 -3.91
N LEU A 38 -33.04 44.49 -2.49
CA LEU A 38 -33.81 43.73 -1.45
C LEU A 38 -33.17 43.58 -0.07
N LYS A 39 -32.28 42.64 -0.05
CA LYS A 39 -31.52 42.28 1.13
C LYS A 39 -30.13 41.78 0.71
N PRO A 40 -29.34 42.68 0.08
CA PRO A 40 -27.95 42.41 -0.44
C PRO A 40 -26.82 42.39 0.61
N SER A 41 -25.60 42.22 0.09
CA SER A 41 -24.41 42.21 0.93
C SER A 41 -24.52 41.22 2.07
N VAL A 42 -24.03 40.00 1.81
CA VAL A 42 -24.11 38.93 2.82
C VAL A 42 -22.70 38.30 3.03
N LEU A 43 -22.68 37.00 3.39
CA LEU A 43 -21.42 36.27 3.63
C LEU A 43 -20.36 36.73 2.66
N CYS A 44 -20.80 37.18 1.49
CA CYS A 44 -19.91 37.63 0.44
C CYS A 44 -18.86 38.74 0.89
N ILE A 45 -19.11 39.39 2.02
CA ILE A 45 -18.14 40.39 2.46
C ILE A 45 -16.81 39.69 2.87
N TYR A 46 -16.92 38.56 3.54
CA TYR A 46 -15.75 37.81 3.97
C TYR A 46 -14.86 37.56 2.75
N GLU A 47 -15.47 37.12 1.67
CA GLU A 47 -14.76 36.84 0.42
C GLU A 47 -14.48 38.07 -0.44
N ARG A 48 -15.29 39.12 -0.27
CA ARG A 48 -15.10 40.31 -1.06
C ARG A 48 -13.68 40.77 -0.79
N VAL A 49 -13.26 40.57 0.46
CA VAL A 49 -11.89 40.89 0.90
C VAL A 49 -10.82 40.29 -0.02
N ALA A 50 -11.04 39.07 -0.53
CA ALA A 50 -10.08 38.45 -1.45
C ALA A 50 -9.52 39.42 -2.51
N LEU A 51 -10.32 40.42 -2.93
CA LEU A 51 -9.84 41.41 -3.91
C LEU A 51 -8.62 42.22 -3.44
N PHE A 52 -8.64 42.72 -2.21
CA PHE A 52 -7.51 43.49 -1.68
C PHE A 52 -6.34 42.53 -1.44
N GLY A 53 -6.65 41.27 -1.19
CA GLY A 53 -5.62 40.27 -1.01
C GLY A 53 -4.82 40.22 -2.30
N VAL A 54 -5.52 40.00 -3.43
CA VAL A 54 -4.87 39.95 -4.74
C VAL A 54 -4.56 41.33 -5.32
N LEU A 55 -5.51 42.27 -5.18
CA LEU A 55 -5.29 43.65 -5.65
C LEU A 55 -4.16 44.24 -4.83
N GLY A 56 -4.26 44.07 -3.48
CA GLY A 56 -3.23 44.57 -2.56
C GLY A 56 -1.86 44.05 -3.01
N ALA A 57 -1.83 42.77 -3.36
CA ALA A 57 -0.61 42.11 -3.88
C ALA A 57 -0.17 42.69 -5.25
N ALA A 58 -1.12 42.74 -6.21
CA ALA A 58 -0.85 43.28 -7.54
C ALA A 58 -0.50 44.77 -7.49
N LEU A 59 -1.19 45.50 -6.61
CA LEU A 59 -0.93 46.94 -6.38
C LEU A 59 0.48 47.15 -5.78
N ILE A 60 0.90 46.33 -4.82
CA ILE A 60 2.26 46.46 -4.25
C ILE A 60 3.34 46.18 -5.31
N GLY A 61 3.07 45.18 -6.16
CA GLY A 61 3.96 44.85 -7.28
C GLY A 61 3.85 45.94 -8.34
N ALA A 62 2.65 46.52 -8.46
CA ALA A 62 2.38 47.60 -9.39
C ALA A 62 3.16 48.87 -9.00
N ILE A 63 3.00 49.34 -7.75
CA ILE A 63 3.72 50.56 -7.31
C ILE A 63 5.22 50.35 -7.32
N ALA A 64 5.61 49.08 -7.16
CA ALA A 64 7.02 48.67 -7.15
C ALA A 64 7.24 47.48 -8.11
N PRO A 65 7.13 47.76 -9.43
CA PRO A 65 7.25 46.72 -10.53
C PRO A 65 8.82 46.53 -10.73
N LYS A 66 9.29 47.01 -11.99
CA LYS A 66 10.25 46.89 -12.85
C LYS A 66 10.15 45.37 -13.02
N THR A 67 10.70 44.72 -12.00
CA THR A 67 10.72 43.27 -11.82
C THR A 67 12.00 42.83 -11.08
N PRO A 68 12.33 43.47 -9.96
CA PRO A 68 13.49 43.05 -9.19
C PRO A 68 13.14 41.87 -8.11
N LEU A 69 13.96 41.84 -7.06
CA LEU A 69 13.84 40.88 -6.02
C LEU A 69 12.47 40.92 -5.31
N ARG A 70 11.84 42.09 -5.37
CA ARG A 70 10.55 42.33 -4.72
C ARG A 70 9.37 41.55 -5.46
N TYR A 71 9.75 40.77 -6.46
CA TYR A 71 8.80 39.96 -7.23
C TYR A 71 8.05 38.97 -6.32
N VAL A 72 8.18 39.17 -5.01
CA VAL A 72 7.51 38.32 -4.06
C VAL A 72 6.02 38.48 -4.26
N ALA A 73 5.62 39.70 -4.61
CA ALA A 73 4.21 40.02 -4.84
C ALA A 73 3.46 38.89 -5.54
N MET A 74 4.21 38.01 -6.19
CA MET A 74 3.63 36.92 -6.92
C MET A 74 2.85 35.87 -5.94
N VAL A 75 3.54 35.50 -4.89
CA VAL A 75 2.98 34.55 -3.95
C VAL A 75 1.72 35.09 -3.28
N ILE A 76 1.85 36.24 -2.62
CA ILE A 76 0.70 36.83 -1.97
C ILE A 76 -0.49 37.01 -2.99
N TRP A 77 -0.15 37.26 -4.26
CA TRP A 77 -1.13 37.34 -5.37
C TRP A 77 -1.71 35.97 -5.61
N LEU A 78 -0.82 34.97 -5.61
CA LEU A 78 -1.24 33.59 -5.83
C LEU A 78 -2.18 33.21 -4.71
N TYR A 79 -1.73 33.41 -3.46
CA TYR A 79 -2.54 33.03 -2.29
C TYR A 79 -3.92 33.67 -2.31
N SER A 80 -3.97 34.98 -2.29
CA SER A 80 -5.24 35.72 -2.24
C SER A 80 -6.27 35.27 -3.30
N ALA A 81 -5.83 34.96 -4.51
CA ALA A 81 -6.75 34.49 -5.54
C ALA A 81 -7.23 33.08 -5.18
N PHE A 82 -6.30 32.23 -4.76
CA PHE A 82 -6.62 30.85 -4.34
C PHE A 82 -7.58 30.87 -3.15
N ARG A 83 -7.27 31.74 -2.18
CA ARG A 83 -8.11 31.89 -1.00
C ARG A 83 -9.52 32.28 -1.46
N GLY A 84 -9.61 33.23 -2.38
CA GLY A 84 -10.90 33.62 -2.92
C GLY A 84 -11.61 32.40 -3.52
N VAL A 85 -10.88 31.55 -4.23
CA VAL A 85 -11.48 30.37 -4.85
C VAL A 85 -12.13 29.47 -3.79
N GLN A 86 -11.52 29.40 -2.61
CA GLN A 86 -12.06 28.55 -1.53
C GLN A 86 -13.42 29.07 -0.97
N LEU A 87 -13.46 30.35 -0.58
CA LEU A 87 -14.70 30.96 -0.06
C LEU A 87 -15.82 31.00 -1.15
N THR A 88 -15.50 31.36 -2.41
CA THR A 88 -16.52 31.36 -3.48
C THR A 88 -17.09 29.99 -3.73
N TYR A 89 -16.23 28.97 -3.74
CA TYR A 89 -16.67 27.59 -3.98
C TYR A 89 -17.78 27.18 -3.00
N GLU A 90 -17.53 27.31 -1.70
CA GLU A 90 -18.54 26.97 -0.70
C GLU A 90 -19.75 27.86 -0.89
N HIS A 91 -19.51 29.11 -1.22
CA HIS A 91 -20.60 30.03 -1.49
C HIS A 91 -21.42 29.58 -2.70
N THR A 92 -20.76 29.05 -3.74
CA THR A 92 -21.48 28.61 -4.93
C THR A 92 -22.22 27.35 -4.60
N MET A 93 -21.53 26.47 -3.88
CA MET A 93 -22.11 25.21 -3.43
C MET A 93 -23.44 25.45 -2.66
N LEU A 94 -23.44 26.43 -1.79
CA LEU A 94 -24.61 26.80 -1.02
C LEU A 94 -25.90 26.95 -1.86
N GLN A 95 -25.82 26.78 -3.18
CA GLN A 95 -27.01 26.86 -4.05
C GLN A 95 -27.43 25.47 -4.49
N LEU A 96 -26.59 24.80 -5.27
CA LEU A 96 -26.90 23.46 -5.76
C LEU A 96 -26.83 22.49 -4.58
N TYR A 97 -26.64 23.07 -3.39
CA TYR A 97 -26.50 22.33 -2.16
C TYR A 97 -26.61 23.38 -1.05
N PRO A 98 -27.79 23.83 -0.64
CA PRO A 98 -27.85 24.89 0.37
C PRO A 98 -27.84 24.30 1.75
N SER A 99 -27.31 25.00 2.73
CA SER A 99 -27.25 24.46 4.10
C SER A 99 -28.53 23.72 4.50
N PRO A 100 -28.51 23.08 5.66
CA PRO A 100 -29.65 22.33 6.25
C PRO A 100 -30.77 23.24 6.70
N PHE A 101 -30.46 24.52 6.97
CA PHE A 101 -31.49 25.49 7.38
C PHE A 101 -30.93 26.91 7.56
N ALA A 102 -31.76 27.81 8.08
CA ALA A 102 -31.31 29.17 8.26
C ALA A 102 -30.09 29.15 9.18
N THR A 103 -28.94 28.84 8.57
CA THR A 103 -27.72 28.71 9.30
C THR A 103 -27.00 30.19 9.16
N CYS A 104 -26.90 30.84 10.27
CA CYS A 104 -26.32 32.12 10.25
C CYS A 104 -25.48 32.37 11.62
N ASP A 105 -24.55 33.31 11.53
CA ASP A 105 -23.69 33.56 12.69
C ASP A 105 -24.47 34.08 13.90
N PHE A 106 -24.65 33.15 14.87
CA PHE A 106 -25.45 33.40 16.07
C PHE A 106 -26.04 32.08 16.60
N MET A 107 -27.15 31.62 16.00
CA MET A 107 -27.80 30.33 16.39
C MET A 107 -27.10 29.05 15.79
N VAL A 108 -26.47 29.20 14.62
CA VAL A 108 -25.76 28.10 13.91
C VAL A 108 -26.20 26.72 14.36
N LEU A 114 -13.11 45.97 12.47
CA LEU A 114 -12.37 46.26 11.23
C LEU A 114 -12.94 47.53 10.55
N PRO A 115 -12.81 48.68 11.20
CA PRO A 115 -13.28 49.97 10.64
C PRO A 115 -12.30 50.68 9.73
N LEU A 116 -11.76 51.80 10.19
CA LEU A 116 -10.79 52.58 9.45
C LEU A 116 -10.81 54.00 9.97
N ASP A 117 -9.60 54.58 10.13
CA ASP A 117 -9.43 55.96 10.63
C ASP A 117 -8.98 56.94 9.53
N LYS A 118 -7.67 57.24 9.48
CA LYS A 118 -7.12 58.26 8.57
C LYS A 118 -8.01 58.61 7.36
N TRP A 119 -8.33 57.63 6.53
CA TRP A 119 -9.11 57.88 5.28
C TRP A 119 -10.57 58.36 5.47
N VAL A 120 -11.54 57.46 5.21
CA VAL A 120 -12.97 57.73 5.47
C VAL A 120 -13.67 56.38 5.69
N PRO A 121 -14.57 56.32 6.66
CA PRO A 121 -15.27 55.07 6.95
C PRO A 121 -16.40 54.74 5.92
N GLN A 122 -16.94 55.80 5.31
CA GLN A 122 -18.10 55.69 4.42
C GLN A 122 -18.17 54.38 3.53
N VAL A 123 -17.05 53.93 2.99
CA VAL A 123 -17.07 52.70 2.20
C VAL A 123 -16.89 51.43 3.05
N PHE A 124 -17.26 51.53 4.34
CA PHE A 124 -17.17 50.39 5.28
C PHE A 124 -17.82 49.11 4.74
N VAL A 125 -17.36 47.96 5.25
CA VAL A 125 -17.90 46.67 4.83
C VAL A 125 -19.11 46.30 5.70
N ALA A 126 -19.90 45.33 5.24
CA ALA A 126 -21.11 44.93 5.95
C ALA A 126 -21.58 43.53 5.56
N SER A 127 -22.82 43.16 5.94
CA SER A 127 -23.33 41.82 5.57
C SER A 127 -24.86 41.69 5.76
N GLY A 128 -25.33 40.44 5.73
CA GLY A 128 -26.75 40.15 5.89
C GLY A 128 -26.91 38.91 6.76
N ASP A 129 -27.97 38.13 6.49
CA ASP A 129 -28.31 36.93 7.27
C ASP A 129 -28.15 35.59 6.51
N CYS A 130 -29.27 34.83 6.47
CA CYS A 130 -29.31 33.53 5.79
C CYS A 130 -29.77 33.68 4.35
N ALA A 131 -29.95 32.53 3.71
CA ALA A 131 -30.47 32.48 2.38
C ALA A 131 -31.89 32.94 2.61
N GLU A 132 -32.48 33.63 1.67
CA GLU A 132 -33.83 34.13 1.86
C GLU A 132 -34.37 34.60 0.50
N ARG A 133 -34.53 33.64 -0.40
CA ARG A 133 -35.04 33.90 -1.73
C ARG A 133 -34.06 34.69 -2.56
N GLN A 134 -34.00 36.00 -2.31
CA GLN A 134 -33.11 36.87 -3.04
C GLN A 134 -32.75 36.27 -4.39
N TRP A 135 -33.62 36.45 -5.39
CA TRP A 135 -33.35 35.86 -6.70
C TRP A 135 -32.00 36.37 -7.26
N ASP A 136 -32.08 37.16 -8.32
CA ASP A 136 -30.92 37.74 -8.99
C ASP A 136 -31.41 38.46 -10.25
N PHE A 137 -30.72 38.18 -11.36
CA PHE A 137 -30.99 38.84 -12.66
C PHE A 137 -30.22 38.28 -13.88
N LEU A 138 -29.82 39.21 -14.75
CA LEU A 138 -29.06 38.95 -16.01
C LEU A 138 -27.89 37.97 -15.81
N GLY A 139 -27.68 37.17 -16.85
CA GLY A 139 -26.62 36.16 -16.83
C GLY A 139 -26.80 35.12 -15.71
N LEU A 140 -26.19 35.40 -14.57
CA LEU A 140 -26.28 34.52 -13.41
C LEU A 140 -25.96 35.32 -12.14
N GLU A 141 -25.70 34.59 -11.05
CA GLU A 141 -25.40 35.24 -9.77
C GLU A 141 -23.91 35.54 -9.71
N MET A 142 -23.58 36.79 -9.40
CA MET A 142 -22.20 37.21 -9.31
C MET A 142 -21.38 36.09 -8.70
N PRO A 143 -21.64 35.64 -7.48
CA PRO A 143 -20.82 34.58 -6.92
C PRO A 143 -20.29 33.63 -8.00
N GLN A 144 -21.13 32.67 -8.40
CA GLN A 144 -20.74 31.69 -9.40
C GLN A 144 -19.94 32.31 -10.55
N TRP A 145 -20.46 33.43 -11.07
CA TRP A 145 -19.79 34.14 -12.16
C TRP A 145 -18.42 34.51 -11.61
N LEU A 146 -18.43 35.06 -10.38
CA LEU A 146 -17.22 35.52 -9.66
C LEU A 146 -16.15 34.44 -9.49
N LEU A 147 -16.54 33.19 -9.22
CA LEU A 147 -15.56 32.09 -9.12
C LEU A 147 -14.88 31.90 -10.48
N GLY A 148 -15.66 31.92 -11.56
CA GLY A 148 -15.10 31.76 -12.91
C GLY A 148 -14.06 32.82 -13.22
N ILE A 149 -14.35 34.06 -12.88
CA ILE A 149 -13.44 35.16 -13.13
C ILE A 149 -12.20 35.10 -12.15
N PHE A 150 -12.43 34.61 -10.93
CA PHE A 150 -11.35 34.51 -9.94
C PHE A 150 -10.32 33.50 -10.39
N ILE A 151 -10.77 32.49 -11.12
CA ILE A 151 -9.84 31.49 -11.60
C ILE A 151 -8.84 32.25 -12.54
N ALA A 152 -9.40 33.19 -13.30
CA ALA A 152 -8.59 34.02 -14.22
C ALA A 152 -7.32 34.63 -13.57
N TYR A 153 -7.44 35.16 -12.34
CA TYR A 153 -6.29 35.73 -11.64
C TYR A 153 -5.42 34.57 -11.17
N LEU A 154 -6.07 33.53 -10.63
CA LEU A 154 -5.36 32.34 -10.15
C LEU A 154 -4.67 31.67 -11.31
N ILE A 155 -5.37 31.56 -12.43
CA ILE A 155 -4.80 30.90 -13.56
C ILE A 155 -3.54 31.78 -14.24
N VAL A 156 -3.68 33.09 -14.16
CA VAL A 156 -2.60 33.95 -14.59
C VAL A 156 -1.45 33.73 -13.60
N ALA A 157 -1.79 33.67 -12.30
CA ALA A 157 -0.80 33.45 -11.24
C ALA A 157 0.00 32.16 -11.41
N VAL A 158 -0.66 31.01 -11.59
CA VAL A 158 0.09 29.78 -11.75
C VAL A 158 0.97 29.94 -13.01
N LEU A 159 0.38 30.44 -14.09
CA LEU A 159 1.06 30.58 -15.39
C LEU A 159 2.38 31.42 -15.36
N VAL A 160 2.40 32.52 -14.61
CA VAL A 160 3.61 33.36 -14.49
C VAL A 160 4.70 32.60 -13.68
N VAL A 161 4.30 31.89 -12.61
CA VAL A 161 5.30 31.13 -11.83
C VAL A 161 5.58 29.78 -12.50
N ILE A 162 4.65 29.29 -13.32
CA ILE A 162 4.85 28.00 -14.01
C ILE A 162 3.84 27.80 -15.15
N ASP B 21 -40.63 22.39 14.99
CA ASP B 21 -39.91 22.04 13.72
C ASP B 21 -40.91 21.76 12.60
N ILE B 22 -40.43 21.17 11.51
CA ILE B 22 -41.34 20.64 10.53
C ILE B 22 -41.84 19.30 11.09
N VAL B 23 -43.13 18.98 10.87
CA VAL B 23 -43.66 17.64 11.14
C VAL B 23 -44.05 16.85 9.90
N MET B 24 -43.31 15.76 9.68
CA MET B 24 -43.66 14.76 8.68
C MET B 24 -44.59 13.76 9.30
N SER B 25 -45.60 13.39 8.50
CA SER B 25 -46.66 12.53 8.91
C SER B 25 -47.11 11.76 7.67
N GLN B 26 -46.90 10.45 7.68
CA GLN B 26 -47.32 9.57 6.59
C GLN B 26 -48.64 8.86 6.91
N SER B 27 -49.45 8.59 5.90
CA SER B 27 -50.57 7.66 6.04
C SER B 27 -50.45 6.65 4.90
N PRO B 28 -50.85 5.39 5.13
CA PRO B 28 -51.34 4.81 6.36
C PRO B 28 -50.19 4.20 7.16
N SER B 29 -50.49 3.65 8.33
CA SER B 29 -49.50 2.90 9.08
C SER B 29 -49.04 1.66 8.31
N SER B 30 -50.00 0.92 7.76
CA SER B 30 -49.71 -0.33 7.08
C SER B 30 -50.40 -0.51 5.72
N LEU B 31 -49.74 -1.26 4.85
CA LEU B 31 -50.29 -1.67 3.55
C LEU B 31 -50.06 -3.15 3.29
N ALA B 32 -51.10 -3.82 2.84
CA ALA B 32 -50.95 -5.16 2.32
C ALA B 32 -51.04 -5.10 0.79
N VAL B 33 -50.35 -6.02 0.12
CA VAL B 33 -50.45 -6.14 -1.34
C VAL B 33 -49.92 -7.51 -1.85
N SER B 34 -50.56 -8.05 -2.87
CA SER B 34 -50.14 -9.30 -3.47
C SER B 34 -48.96 -9.01 -4.38
N ALA B 35 -47.95 -9.87 -4.29
CA ALA B 35 -46.61 -9.62 -4.87
C ALA B 35 -46.60 -9.27 -6.37
N GLY B 36 -46.63 -7.99 -6.69
CA GLY B 36 -46.47 -7.56 -8.07
C GLY B 36 -47.35 -6.39 -8.43
N GLU B 37 -47.88 -5.74 -7.39
CA GLU B 37 -48.84 -4.65 -7.58
C GLU B 37 -48.24 -3.24 -7.52
N LYS B 38 -49.09 -2.24 -7.75
CA LYS B 38 -48.72 -0.84 -7.55
C LYS B 38 -49.23 -0.35 -6.20
N VAL B 39 -48.33 0.28 -5.43
CA VAL B 39 -48.65 0.88 -4.14
C VAL B 39 -48.09 2.27 -4.12
N THR B 40 -48.87 3.19 -3.59
CA THR B 40 -48.49 4.59 -3.52
C THR B 40 -48.86 5.13 -2.14
N MET B 41 -47.96 5.00 -1.17
CA MET B 41 -48.21 5.63 0.13
C MET B 41 -47.82 7.13 0.12
N SER B 42 -48.31 7.88 1.11
CA SER B 42 -48.19 9.33 1.08
C SER B 42 -47.47 9.92 2.27
N CYS B 43 -46.65 10.92 2.00
CA CYS B 43 -45.94 11.71 3.00
C CYS B 43 -46.33 13.16 2.88
N LYS B 44 -46.87 13.73 3.96
CA LYS B 44 -47.21 15.14 4.01
C LYS B 44 -46.44 15.90 5.10
N SER B 45 -45.82 17.01 4.73
CA SER B 45 -45.06 17.81 5.68
C SER B 45 -45.81 19.08 6.09
N SER B 46 -45.57 19.53 7.32
CA SER B 46 -46.26 20.69 7.88
C SER B 46 -45.88 22.00 7.20
N GLN B 47 -44.68 22.02 6.61
CA GLN B 47 -44.08 23.21 6.04
C GLN B 47 -43.78 22.94 4.61
N SER B 48 -44.02 23.92 3.72
CA SER B 48 -43.68 23.66 2.33
C SER B 48 -42.20 23.40 2.18
N LEU B 49 -41.85 22.51 1.25
CA LEU B 49 -40.46 22.09 1.09
C LEU B 49 -39.78 22.63 -0.20
N LEU B 50 -40.35 23.66 -0.80
CA LEU B 50 -39.81 24.24 -2.04
C LEU B 50 -38.89 25.44 -1.79
N ASN B 51 -37.77 25.47 -2.50
CA ASN B 51 -36.98 26.69 -2.60
C ASN B 51 -37.53 27.59 -3.71
N SER B 52 -37.35 28.89 -3.54
CA SER B 52 -37.58 29.80 -4.67
C SER B 52 -36.60 29.43 -5.80
N ARG B 53 -35.30 29.47 -5.52
CA ARG B 53 -34.29 29.07 -6.52
C ARG B 53 -34.17 27.55 -6.67
N THR B 54 -34.48 27.13 -7.90
CA THR B 54 -34.73 25.73 -8.32
C THR B 54 -35.91 25.11 -7.64
N ARG B 55 -36.82 24.58 -8.44
CA ARG B 55 -37.76 23.56 -7.95
C ARG B 55 -36.87 22.47 -7.36
N LYS B 56 -36.77 22.47 -6.04
CA LYS B 56 -35.92 21.54 -5.32
C LYS B 56 -36.70 21.22 -4.07
N ASN B 57 -37.21 20.01 -3.99
CA ASN B 57 -38.19 19.76 -2.94
C ASN B 57 -37.73 19.10 -1.66
N TYR B 58 -36.42 18.98 -1.49
CA TYR B 58 -35.79 18.74 -0.17
C TYR B 58 -36.43 17.67 0.76
N LEU B 59 -37.03 16.68 0.13
CA LEU B 59 -37.59 15.57 0.85
C LEU B 59 -36.91 14.31 0.35
N ALA B 60 -36.59 13.42 1.28
CA ALA B 60 -36.13 12.09 0.92
C ALA B 60 -37.07 10.98 1.43
N TRP B 61 -37.00 9.82 0.73
CA TRP B 61 -37.68 8.60 1.12
C TRP B 61 -36.65 7.55 1.45
N TYR B 62 -36.69 7.00 2.66
CA TYR B 62 -35.78 5.91 3.03
C TYR B 62 -36.58 4.66 3.27
N GLN B 63 -36.13 3.56 2.67
CA GLN B 63 -36.73 2.28 2.99
C GLN B 63 -35.88 1.64 4.07
N GLN B 64 -36.51 0.85 4.94
CA GLN B 64 -35.79 0.17 6.02
C GLN B 64 -36.31 -1.21 6.20
N LYS B 65 -35.49 -2.20 5.86
CA LYS B 65 -35.90 -3.61 5.94
C LYS B 65 -35.93 -4.13 7.38
N PRO B 66 -36.68 -5.22 7.65
CA PRO B 66 -36.79 -5.70 9.03
C PRO B 66 -35.41 -5.94 9.67
N GLY B 67 -35.13 -5.19 10.74
CA GLY B 67 -33.86 -5.26 11.45
C GLY B 67 -32.75 -4.95 10.48
N GLN B 68 -32.76 -3.72 9.98
CA GLN B 68 -31.70 -3.17 9.13
C GLN B 68 -31.62 -1.67 9.21
N SER B 69 -30.44 -1.16 8.91
CA SER B 69 -30.29 0.27 8.77
C SER B 69 -31.12 0.72 7.55
N PRO B 70 -31.84 1.86 7.69
CA PRO B 70 -32.54 2.40 6.53
C PRO B 70 -31.63 2.50 5.30
N LYS B 71 -32.19 2.37 4.10
CA LYS B 71 -31.45 2.61 2.84
C LYS B 71 -32.01 3.84 2.11
N LEU B 72 -31.13 4.63 1.49
CA LEU B 72 -31.60 5.78 0.71
C LEU B 72 -32.26 5.29 -0.57
N LEU B 73 -33.36 5.95 -0.94
CA LEU B 73 -34.24 5.43 -1.98
C LEU B 73 -34.52 6.46 -3.06
N ILE B 74 -34.93 7.63 -2.60
CA ILE B 74 -35.21 8.76 -3.48
C ILE B 74 -34.73 9.99 -2.74
N TYR B 75 -33.93 10.81 -3.40
CA TYR B 75 -33.73 12.14 -2.86
C TYR B 75 -34.38 13.28 -3.64
N TRP B 76 -34.25 14.49 -3.12
CA TRP B 76 -34.86 15.69 -3.68
C TRP B 76 -36.38 15.65 -3.84
N ALA B 77 -36.91 14.55 -4.36
CA ALA B 77 -38.34 14.18 -4.20
C ALA B 77 -38.70 13.22 -5.29
N SER B 78 -38.07 13.49 -6.45
CA SER B 78 -38.25 12.77 -7.71
C SER B 78 -37.10 11.80 -7.94
N THR B 79 -35.87 12.32 -7.81
CA THR B 79 -34.66 11.60 -8.28
C THR B 79 -34.28 10.36 -7.46
N ARG B 80 -34.15 9.23 -8.18
CA ARG B 80 -33.80 7.95 -7.59
C ARG B 80 -32.30 7.82 -7.39
N GLU B 81 -31.90 6.84 -6.57
CA GLU B 81 -30.50 6.74 -6.16
C GLU B 81 -29.81 5.46 -6.66
N SER B 82 -28.52 5.56 -6.95
CA SER B 82 -27.69 4.49 -7.52
C SER B 82 -28.20 3.08 -7.22
N GLY B 83 -28.85 2.48 -8.21
CA GLY B 83 -29.38 1.13 -8.06
C GLY B 83 -30.77 1.06 -7.46
N VAL B 84 -31.56 2.12 -7.64
CA VAL B 84 -32.97 2.06 -7.33
C VAL B 84 -33.67 1.64 -8.61
N PRO B 85 -34.39 0.51 -8.56
CA PRO B 85 -35.22 0.10 -9.70
C PRO B 85 -36.35 1.10 -9.97
N ASP B 86 -36.49 1.47 -11.25
CA ASP B 86 -37.44 2.48 -11.76
C ASP B 86 -38.78 2.44 -11.03
N ARG B 87 -39.12 1.25 -10.52
CA ARG B 87 -40.42 0.94 -9.93
C ARG B 87 -40.80 1.81 -8.73
N PHE B 88 -39.81 2.13 -7.89
CA PHE B 88 -40.04 3.12 -6.84
C PHE B 88 -40.04 4.43 -7.56
N THR B 89 -41.11 5.21 -7.38
CA THR B 89 -41.17 6.55 -7.97
C THR B 89 -41.53 7.59 -6.93
N GLY B 90 -40.95 8.78 -7.06
CA GLY B 90 -41.22 9.86 -6.12
C GLY B 90 -41.91 10.99 -6.82
N SER B 91 -43.17 11.20 -6.46
CA SER B 91 -43.88 12.37 -6.94
C SER B 91 -44.04 13.25 -5.72
N GLY B 92 -44.66 14.40 -5.89
CA GLY B 92 -44.97 15.27 -4.77
C GLY B 92 -44.29 16.60 -4.94
N SER B 93 -44.76 17.59 -4.18
CA SER B 93 -44.29 18.95 -4.35
C SER B 93 -45.04 19.90 -3.44
N GLY B 94 -44.31 20.78 -2.79
CA GLY B 94 -44.90 21.61 -1.75
C GLY B 94 -44.94 20.83 -0.46
N THR B 95 -46.14 20.56 0.06
CA THR B 95 -46.30 19.87 1.33
C THR B 95 -46.77 18.43 1.13
N ASP B 96 -46.67 17.91 -0.10
CA ASP B 96 -47.47 16.74 -0.51
C ASP B 96 -46.76 15.69 -1.33
N PHE B 97 -46.11 14.77 -0.64
CA PHE B 97 -45.32 13.80 -1.37
C PHE B 97 -45.93 12.42 -1.32
N THR B 98 -45.61 11.64 -2.35
CA THR B 98 -46.16 10.31 -2.53
C THR B 98 -45.08 9.36 -3.09
N LEU B 99 -44.94 8.20 -2.47
CA LEU B 99 -44.03 7.19 -2.97
C LEU B 99 -44.82 6.08 -3.58
N THR B 100 -44.35 5.59 -4.72
CA THR B 100 -45.08 4.62 -5.53
C THR B 100 -44.19 3.46 -6.04
N ILE B 101 -44.55 2.25 -5.63
CA ILE B 101 -43.75 1.06 -5.94
C ILE B 101 -44.56 0.14 -6.79
N SER B 102 -44.23 0.07 -8.08
CA SER B 102 -44.89 -0.87 -8.99
C SER B 102 -44.14 -2.21 -9.02
N SER B 103 -44.91 -3.28 -9.23
CA SER B 103 -44.37 -4.64 -9.36
C SER B 103 -43.68 -5.10 -8.07
N VAL B 104 -44.41 -5.02 -6.96
CA VAL B 104 -43.90 -5.35 -5.64
C VAL B 104 -43.28 -6.73 -5.54
N GLN B 105 -41.94 -6.79 -5.58
CA GLN B 105 -41.28 -8.03 -5.30
C GLN B 105 -41.38 -8.40 -3.83
N ALA B 106 -40.95 -9.60 -3.51
CA ALA B 106 -41.10 -10.16 -2.17
C ALA B 106 -40.12 -9.47 -1.22
N GLU B 107 -38.96 -9.11 -1.77
CA GLU B 107 -37.90 -8.41 -1.06
C GLU B 107 -38.19 -6.92 -1.10
N ASP B 108 -39.42 -6.57 -0.72
CA ASP B 108 -39.86 -5.20 -0.59
C ASP B 108 -40.64 -5.08 0.70
N LEU B 109 -40.45 -6.05 1.58
CA LEU B 109 -41.04 -5.95 2.91
C LEU B 109 -40.26 -4.92 3.71
N ALA B 110 -40.93 -3.83 4.08
CA ALA B 110 -40.21 -2.74 4.72
C ALA B 110 -41.11 -1.70 5.34
N VAL B 111 -40.53 -0.86 6.18
CA VAL B 111 -41.15 0.40 6.50
C VAL B 111 -40.43 1.48 5.67
N TYR B 112 -41.23 2.39 5.11
CA TYR B 112 -40.80 3.44 4.22
C TYR B 112 -40.95 4.79 4.91
N TYR B 113 -39.83 5.48 5.08
CA TYR B 113 -39.78 6.66 5.91
C TYR B 113 -39.52 7.83 5.00
N CYS B 114 -40.22 8.93 5.22
CA CYS B 114 -39.88 10.13 4.48
C CYS B 114 -39.13 11.02 5.44
N LYS B 115 -38.18 11.78 4.90
CA LYS B 115 -37.38 12.72 5.69
C LYS B 115 -37.42 14.07 5.02
N GLN B 116 -37.56 15.12 5.82
CA GLN B 116 -37.37 16.44 5.28
C GLN B 116 -35.95 16.86 5.60
N SER B 117 -35.34 17.58 4.67
CA SER B 117 -34.03 18.18 4.90
C SER B 117 -34.03 19.65 4.52
N TYR B 118 -35.17 20.30 4.63
CA TYR B 118 -35.31 21.71 4.30
C TYR B 118 -34.93 22.55 5.47
N ASN B 119 -35.21 22.10 6.69
CA ASN B 119 -34.78 22.83 7.85
C ASN B 119 -34.62 21.87 8.98
N LEU B 120 -33.37 21.51 9.21
CA LEU B 120 -32.96 20.36 10.03
C LEU B 120 -33.46 19.06 9.37
N TYR B 121 -33.35 17.94 10.07
CA TYR B 121 -33.77 16.67 9.53
C TYR B 121 -34.98 16.16 10.32
N THR B 122 -36.17 16.07 9.73
CA THR B 122 -37.24 15.28 10.39
C THR B 122 -37.74 14.11 9.54
N PHE B 123 -38.29 13.11 10.23
CA PHE B 123 -38.78 11.86 9.61
C PHE B 123 -40.30 11.73 9.77
N GLY B 124 -40.90 10.95 8.88
CA GLY B 124 -42.30 10.58 9.04
C GLY B 124 -42.34 9.49 10.07
N GLY B 125 -43.53 9.01 10.36
CA GLY B 125 -43.68 7.94 11.33
C GLY B 125 -43.36 6.59 10.75
N GLY B 126 -43.65 6.41 9.47
CA GLY B 126 -43.36 5.16 8.80
C GLY B 126 -44.63 4.56 8.26
N THR B 127 -44.48 3.72 7.24
CA THR B 127 -45.59 3.04 6.58
C THR B 127 -45.06 1.64 6.38
N LYS B 128 -45.68 0.65 7.03
CA LYS B 128 -45.28 -0.74 6.92
C LYS B 128 -45.92 -1.41 5.69
N LEU B 129 -45.11 -1.74 4.69
CA LEU B 129 -45.59 -2.48 3.51
C LEU B 129 -45.42 -3.97 3.70
N GLU B 130 -46.40 -4.61 4.34
CA GLU B 130 -46.35 -6.07 4.55
C GLU B 130 -47.03 -6.84 3.43
N ILE B 131 -46.41 -7.94 3.00
CA ILE B 131 -46.89 -8.71 1.85
C ILE B 131 -48.08 -9.63 2.15
N LYS B 132 -48.90 -9.81 1.11
CA LYS B 132 -49.93 -10.83 1.06
C LYS B 132 -49.27 -12.12 0.59
N ALA B 134 -50.76 -16.44 -0.68
CA ALA B 134 -51.56 -17.65 -0.43
C ALA B 134 -51.03 -18.44 0.75
N ASP B 135 -51.94 -19.04 1.51
CA ASP B 135 -51.63 -19.70 2.78
C ASP B 135 -50.54 -20.80 2.67
N ALA B 136 -49.98 -21.21 3.80
CA ALA B 136 -49.11 -22.39 3.88
C ALA B 136 -49.16 -23.04 5.28
N ALA B 137 -48.75 -24.32 5.34
CA ALA B 137 -48.82 -25.13 6.57
C ALA B 137 -47.64 -24.94 7.54
N PRO B 138 -47.93 -24.55 8.79
CA PRO B 138 -46.90 -24.38 9.84
C PRO B 138 -46.13 -25.67 10.08
N THR B 139 -44.83 -25.57 10.34
CA THR B 139 -43.96 -26.74 10.40
C THR B 139 -43.37 -26.99 11.81
N VAL B 140 -44.17 -27.53 12.75
CA VAL B 140 -43.73 -27.64 14.16
C VAL B 140 -42.63 -28.68 14.40
N SER B 141 -41.95 -28.54 15.54
CA SER B 141 -40.81 -29.38 15.96
C SER B 141 -40.50 -29.08 17.43
N ILE B 142 -40.66 -30.08 18.31
CA ILE B 142 -40.47 -29.88 19.76
C ILE B 142 -39.05 -30.12 20.26
N PHE B 143 -38.67 -29.34 21.28
CA PHE B 143 -37.32 -29.32 21.82
C PHE B 143 -37.27 -29.38 23.36
N PRO B 144 -36.76 -30.50 23.90
CA PRO B 144 -36.64 -30.75 25.34
C PRO B 144 -35.63 -29.79 25.98
N PRO B 145 -35.68 -29.64 27.31
CA PRO B 145 -34.64 -28.91 28.05
C PRO B 145 -33.24 -29.32 27.63
N SER B 146 -32.25 -28.51 27.96
CA SER B 146 -30.84 -28.89 27.77
C SER B 146 -30.18 -29.29 29.07
N SER B 147 -29.53 -30.44 29.04
CA SER B 147 -28.82 -31.00 30.19
C SER B 147 -28.39 -29.91 31.18
N GLU B 148 -27.58 -28.95 30.71
CA GLU B 148 -26.97 -27.95 31.59
C GLU B 148 -28.00 -27.03 32.23
N GLN B 149 -29.01 -26.63 31.47
CA GLN B 149 -30.12 -25.83 32.01
C GLN B 149 -30.69 -26.52 33.25
N LEU B 150 -30.87 -27.84 33.13
CA LEU B 150 -31.39 -28.68 34.19
C LEU B 150 -30.43 -28.70 35.35
N THR B 151 -29.21 -29.18 35.11
CA THR B 151 -28.19 -29.30 36.16
C THR B 151 -27.78 -27.93 36.73
N SER B 152 -28.37 -26.87 36.19
CA SER B 152 -28.27 -25.54 36.75
C SER B 152 -29.62 -25.01 37.28
N GLY B 153 -30.54 -25.93 37.55
CA GLY B 153 -31.71 -25.66 38.39
C GLY B 153 -32.97 -25.13 37.73
N GLY B 154 -33.15 -25.46 36.46
CA GLY B 154 -34.35 -25.05 35.72
C GLY B 154 -34.63 -25.94 34.53
N ALA B 155 -35.81 -25.77 33.93
CA ALA B 155 -36.22 -26.60 32.80
C ALA B 155 -37.22 -25.89 31.87
N SER B 156 -36.87 -25.79 30.59
CA SER B 156 -37.71 -25.08 29.62
C SER B 156 -37.91 -25.90 28.37
N VAL B 157 -39.15 -25.97 27.89
CA VAL B 157 -39.47 -26.77 26.70
C VAL B 157 -40.10 -25.91 25.60
N VAL B 158 -39.53 -25.96 24.39
CA VAL B 158 -39.94 -25.09 23.27
C VAL B 158 -40.30 -25.86 21.99
N CYS B 159 -41.24 -25.33 21.22
CA CYS B 159 -41.41 -25.78 19.83
C CYS B 159 -41.56 -24.63 18.85
N PHE B 160 -40.82 -24.72 17.75
CA PHE B 160 -40.85 -23.73 16.70
C PHE B 160 -41.94 -24.05 15.70
N LEU B 161 -42.56 -23.01 15.16
CA LEU B 161 -43.60 -23.15 14.14
C LEU B 161 -43.13 -22.42 12.89
N ASN B 162 -42.20 -23.02 12.17
CA ASN B 162 -41.57 -22.33 11.05
C ASN B 162 -42.49 -22.17 9.85
N ASN B 163 -42.21 -21.15 9.04
CA ASN B 163 -42.75 -20.94 7.68
C ASN B 163 -44.26 -20.99 7.45
N PHE B 164 -45.07 -20.50 8.39
CA PHE B 164 -46.52 -20.51 8.19
C PHE B 164 -47.08 -19.19 7.70
N TYR B 165 -48.34 -19.19 7.29
CA TYR B 165 -49.04 -18.03 6.74
C TYR B 165 -50.53 -18.38 6.52
N PRO B 166 -51.47 -17.53 6.97
CA PRO B 166 -51.35 -16.23 7.64
C PRO B 166 -50.91 -16.30 9.10
N LYS B 167 -50.79 -15.12 9.72
CA LYS B 167 -50.31 -14.91 11.09
C LYS B 167 -50.99 -15.82 12.11
N ASP B 168 -52.30 -15.98 11.97
CA ASP B 168 -53.14 -16.59 13.01
C ASP B 168 -52.91 -18.09 13.18
N ILE B 169 -52.46 -18.43 14.38
CA ILE B 169 -52.13 -19.81 14.74
C ILE B 169 -52.27 -19.98 16.27
N ASN B 170 -53.23 -20.81 16.69
CA ASN B 170 -53.43 -21.10 18.10
C ASN B 170 -52.67 -22.37 18.50
N VAL B 171 -51.53 -22.16 19.15
CA VAL B 171 -50.64 -23.24 19.53
C VAL B 171 -50.92 -23.68 20.97
N LYS B 172 -51.27 -24.96 21.12
CA LYS B 172 -51.72 -25.53 22.38
C LYS B 172 -50.78 -26.62 22.88
N TRP B 173 -50.24 -26.41 24.08
CA TRP B 173 -49.36 -27.39 24.74
C TRP B 173 -50.15 -28.52 25.42
N LYS B 174 -49.61 -29.75 25.38
CA LYS B 174 -50.22 -30.92 26.03
C LYS B 174 -49.22 -31.65 26.91
N ILE B 175 -49.60 -31.85 28.17
CA ILE B 175 -48.85 -32.76 29.04
C ILE B 175 -49.60 -34.10 29.04
N ASP B 176 -49.07 -35.04 28.25
CA ASP B 176 -49.69 -36.34 27.91
C ASP B 176 -51.13 -36.29 27.39
N GLY B 177 -51.85 -35.23 27.76
CA GLY B 177 -53.26 -35.01 27.42
C GLY B 177 -53.88 -33.93 28.29
N SER B 178 -53.42 -33.86 29.55
CA SER B 178 -53.81 -32.81 30.50
C SER B 178 -53.14 -31.50 30.13
N GLU B 179 -53.94 -30.45 29.92
CA GLU B 179 -53.43 -29.23 29.30
C GLU B 179 -53.42 -28.00 30.23
N ARG B 180 -52.27 -27.73 30.84
CA ARG B 180 -52.02 -26.51 31.63
C ARG B 180 -51.42 -25.35 30.80
N GLN B 181 -51.49 -24.12 31.31
CA GLN B 181 -51.15 -22.94 30.50
C GLN B 181 -50.19 -21.93 31.14
N ASN B 182 -50.38 -21.62 32.43
CA ASN B 182 -49.54 -20.63 33.13
C ASN B 182 -48.01 -20.76 32.93
N GLY B 183 -47.46 -19.92 32.06
CA GLY B 183 -46.01 -19.94 31.78
C GLY B 183 -45.69 -20.43 30.38
N VAL B 184 -46.33 -19.84 29.38
CA VAL B 184 -46.21 -20.26 27.97
C VAL B 184 -46.12 -19.03 27.06
N LEU B 185 -44.89 -18.54 26.84
CA LEU B 185 -44.66 -17.24 26.16
C LEU B 185 -44.12 -17.36 24.73
N ASN B 186 -44.85 -16.75 23.79
CA ASN B 186 -44.61 -16.91 22.36
C ASN B 186 -43.81 -15.78 21.71
N SER B 187 -43.56 -15.91 20.41
CA SER B 187 -43.16 -14.78 19.55
C SER B 187 -43.15 -15.10 18.06
N TRP B 188 -43.87 -14.28 17.31
CA TRP B 188 -43.94 -14.37 15.87
C TRP B 188 -42.83 -13.53 15.30
N THR B 189 -42.04 -14.07 14.36
CA THR B 189 -41.15 -13.20 13.60
C THR B 189 -42.05 -12.26 12.82
N ASP B 190 -41.56 -11.05 12.57
CA ASP B 190 -42.20 -10.19 11.61
C ASP B 190 -41.95 -10.84 10.25
N GLN B 191 -43.01 -11.03 9.49
CA GLN B 191 -43.02 -11.68 8.17
C GLN B 191 -41.67 -11.73 7.41
N ASP B 192 -41.31 -12.93 6.94
CA ASP B 192 -40.10 -13.17 6.14
C ASP B 192 -40.08 -12.28 4.89
N SER B 193 -38.88 -12.00 4.37
CA SER B 193 -38.77 -11.12 3.19
C SER B 193 -38.51 -11.86 1.87
N LYS B 194 -37.81 -13.00 1.97
CA LYS B 194 -37.56 -13.83 0.80
C LYS B 194 -38.80 -14.67 0.50
N ASP B 195 -39.23 -15.44 1.50
CA ASP B 195 -40.39 -16.32 1.38
C ASP B 195 -41.69 -15.62 1.79
N SER B 196 -41.57 -14.52 2.53
CA SER B 196 -42.71 -13.67 2.86
C SER B 196 -43.79 -14.34 3.71
N THR B 197 -43.37 -15.16 4.67
CA THR B 197 -44.31 -15.84 5.56
C THR B 197 -43.83 -15.85 7.01
N TYR B 198 -44.75 -15.61 7.94
CA TYR B 198 -44.45 -15.59 9.38
C TYR B 198 -43.71 -16.83 9.90
N SER B 199 -43.38 -16.80 11.20
CA SER B 199 -42.89 -17.95 11.97
C SER B 199 -43.40 -17.76 13.39
N MET B 200 -43.00 -18.61 14.33
CA MET B 200 -43.41 -18.45 15.73
C MET B 200 -42.59 -19.35 16.63
N SER B 201 -42.64 -19.12 17.95
CA SER B 201 -41.96 -19.99 18.92
C SER B 201 -42.51 -19.86 20.33
N SER B 202 -43.20 -20.92 20.79
CA SER B 202 -43.74 -20.97 22.14
C SER B 202 -42.80 -21.67 23.12
N THR B 203 -42.70 -21.12 24.32
CA THR B 203 -41.80 -21.62 25.33
C THR B 203 -42.56 -21.91 26.63
N LEU B 204 -42.60 -23.19 26.97
CA LEU B 204 -43.12 -23.61 28.25
C LEU B 204 -41.97 -23.67 29.24
N THR B 205 -42.09 -22.94 30.33
CA THR B 205 -40.97 -22.73 31.22
C THR B 205 -41.29 -23.09 32.68
N LEU B 206 -40.82 -24.27 33.10
CA LEU B 206 -41.08 -24.84 34.43
C LEU B 206 -39.96 -24.58 35.45
N THR B 207 -40.08 -25.21 36.62
CA THR B 207 -38.96 -25.34 37.55
C THR B 207 -38.18 -26.64 37.22
N LYS B 208 -36.94 -26.75 37.71
CA LYS B 208 -36.12 -27.95 37.51
C LYS B 208 -36.85 -29.25 37.86
N ASP B 209 -37.55 -29.24 38.99
CA ASP B 209 -38.15 -30.43 39.62
C ASP B 209 -39.58 -30.72 39.16
N GLU B 210 -40.37 -29.68 38.93
CA GLU B 210 -41.73 -29.80 38.40
C GLU B 210 -41.80 -30.41 36.98
N TYR B 211 -40.67 -30.51 36.28
CA TYR B 211 -40.65 -30.96 34.87
C TYR B 211 -40.90 -32.47 34.72
N GLU B 212 -40.40 -33.25 35.68
CA GLU B 212 -40.55 -34.71 35.64
C GLU B 212 -41.87 -35.21 36.27
N ARG B 213 -42.78 -34.27 36.52
CA ARG B 213 -44.15 -34.53 37.02
C ARG B 213 -44.92 -35.50 36.12
N HIS B 214 -44.81 -35.32 34.80
CA HIS B 214 -45.40 -36.23 33.82
C HIS B 214 -44.30 -36.82 32.95
N ASN B 215 -44.71 -37.47 31.86
CA ASN B 215 -43.76 -38.08 30.92
C ASN B 215 -43.89 -37.54 29.50
N SER B 216 -45.06 -37.73 28.89
CA SER B 216 -45.28 -37.28 27.53
C SER B 216 -45.57 -35.78 27.49
N TYR B 217 -44.97 -35.12 26.50
CA TYR B 217 -45.20 -33.71 26.22
C TYR B 217 -45.43 -33.52 24.73
N THR B 218 -46.22 -32.51 24.38
CA THR B 218 -46.39 -32.11 22.97
C THR B 218 -46.92 -30.67 22.83
N CYS B 219 -46.97 -30.19 21.60
CA CYS B 219 -47.66 -28.96 21.30
C CYS B 219 -48.38 -29.11 19.97
N GLU B 220 -49.47 -28.37 19.82
CA GLU B 220 -50.23 -28.41 18.58
C GLU B 220 -50.51 -27.04 18.02
N ALA B 221 -50.51 -26.96 16.70
CA ALA B 221 -51.02 -25.80 15.98
C ALA B 221 -52.53 -25.95 15.77
N THR B 222 -53.13 -24.99 15.07
CA THR B 222 -54.53 -25.07 14.61
C THR B 222 -54.70 -24.21 13.35
N HIS B 223 -53.58 -23.60 12.96
CA HIS B 223 -53.46 -22.72 11.79
C HIS B 223 -54.34 -23.08 10.59
N LYS B 224 -55.04 -22.07 10.09
CA LYS B 224 -56.15 -22.25 9.17
C LYS B 224 -55.74 -22.55 7.72
N THR B 225 -54.84 -23.50 7.52
CA THR B 225 -54.69 -24.13 6.19
C THR B 225 -55.70 -25.28 6.13
N SER B 226 -55.78 -25.99 7.24
CA SER B 226 -56.98 -26.73 7.67
C SER B 226 -56.89 -26.89 9.17
N THR B 227 -57.99 -26.64 9.87
CA THR B 227 -58.00 -26.66 11.35
C THR B 227 -57.95 -28.11 11.89
N SER B 228 -57.05 -28.87 11.29
CA SER B 228 -56.66 -30.22 11.72
C SER B 228 -55.34 -30.05 12.48
N PRO B 229 -55.42 -29.94 13.83
CA PRO B 229 -54.32 -29.45 14.67
C PRO B 229 -53.01 -30.23 14.63
N ILE B 230 -52.08 -29.76 13.78
CA ILE B 230 -50.72 -30.34 13.60
C ILE B 230 -50.00 -30.57 14.94
N VAL B 231 -49.71 -31.84 15.24
CA VAL B 231 -49.14 -32.26 16.52
C VAL B 231 -47.69 -32.79 16.39
N LYS B 232 -46.84 -32.45 17.35
CA LYS B 232 -45.48 -32.97 17.40
C LYS B 232 -45.06 -33.16 18.86
N SER B 233 -44.61 -34.37 19.17
CA SER B 233 -44.50 -34.83 20.57
C SER B 233 -43.15 -35.44 20.93
N PHE B 234 -42.87 -35.54 22.23
CA PHE B 234 -41.80 -36.38 22.77
C PHE B 234 -42.17 -36.81 24.19
N ASN B 235 -41.38 -37.71 24.79
CA ASN B 235 -41.61 -38.13 26.18
C ASN B 235 -40.37 -38.18 27.07
N ARG B 236 -40.51 -37.56 28.24
CA ARG B 236 -39.45 -37.35 29.23
C ARG B 236 -38.40 -38.46 29.34
N ASN B 237 -38.67 -39.40 30.27
CA ASN B 237 -37.78 -40.52 30.66
C ASN B 237 -36.31 -40.53 30.17
N GLU B 238 -36.11 -40.73 28.87
CA GLU B 238 -34.77 -40.77 28.30
C GLU B 238 -34.03 -39.44 28.46
N CYS B 239 -34.73 -38.35 28.16
CA CYS B 239 -34.13 -37.02 28.09
C CYS B 239 -34.73 -36.06 29.13
N GLU C 1 -17.42 -1.78 -0.57
CA GLU C 1 -16.69 -0.57 -1.06
C GLU C 1 -16.54 0.46 0.06
N VAL C 2 -17.68 0.97 0.53
CA VAL C 2 -17.76 2.00 1.57
C VAL C 2 -18.42 1.43 2.81
N GLN C 3 -17.74 1.53 3.95
CA GLN C 3 -18.25 0.96 5.18
C GLN C 3 -18.28 1.91 6.39
N LEU C 4 -19.20 1.60 7.29
CA LEU C 4 -19.31 2.23 8.60
C LEU C 4 -19.69 1.17 9.64
N VAL C 5 -18.94 1.16 10.74
CA VAL C 5 -19.22 0.29 11.86
C VAL C 5 -19.08 1.08 13.13
N GLU C 6 -20.22 1.53 13.64
CA GLU C 6 -20.23 2.23 14.92
C GLU C 6 -20.20 1.18 15.99
N SER C 7 -19.83 1.58 17.20
CA SER C 7 -19.74 0.64 18.30
C SER C 7 -19.34 1.30 19.62
N GLY C 8 -19.40 0.50 20.68
CA GLY C 8 -18.96 0.90 22.01
C GLY C 8 -20.05 1.51 22.89
N GLY C 9 -21.11 0.75 23.18
CA GLY C 9 -22.13 1.26 24.07
C GLY C 9 -23.22 0.26 24.36
N GLY C 10 -23.47 0.04 25.64
CA GLY C 10 -24.58 -0.79 26.08
C GLY C 10 -25.48 -0.06 27.06
N LEU C 11 -25.41 -0.44 28.34
CA LEU C 11 -26.27 0.15 29.36
C LEU C 11 -25.55 1.26 30.14
N VAL C 12 -26.29 2.30 30.50
CA VAL C 12 -25.76 3.43 31.25
C VAL C 12 -26.85 4.04 32.11
N LYS C 13 -26.47 4.46 33.30
CA LYS C 13 -27.45 4.94 34.26
C LYS C 13 -27.87 6.37 33.91
N PRO C 14 -29.12 6.77 34.29
CA PRO C 14 -29.55 8.16 34.22
C PRO C 14 -28.47 9.14 34.67
N GLY C 15 -28.47 10.33 34.07
CA GLY C 15 -27.41 11.31 34.32
C GLY C 15 -26.05 10.85 33.81
N GLY C 16 -25.99 9.61 33.35
CA GLY C 16 -24.72 8.98 32.96
C GLY C 16 -23.97 9.55 31.76
N SER C 17 -22.93 8.83 31.36
CA SER C 17 -22.09 9.23 30.24
C SER C 17 -21.56 8.01 29.51
N LEU C 18 -21.04 8.21 28.29
CA LEU C 18 -20.63 7.13 27.38
C LEU C 18 -20.45 7.63 25.95
N LYS C 19 -19.37 7.18 25.31
CA LYS C 19 -18.93 7.69 24.02
C LYS C 19 -18.83 6.59 22.94
N LEU C 20 -19.45 6.84 21.79
CA LEU C 20 -19.50 5.85 20.70
C LEU C 20 -18.69 6.34 19.55
N SER C 21 -18.10 5.42 18.81
CA SER C 21 -17.26 5.78 17.69
C SER C 21 -17.67 5.02 16.47
N CYS C 22 -17.85 5.73 15.38
CA CYS C 22 -18.14 5.11 14.11
C CYS C 22 -16.82 4.89 13.43
N ALA C 23 -16.42 3.63 13.27
CA ALA C 23 -15.17 3.34 12.58
C ALA C 23 -15.44 3.42 11.07
N ALA C 24 -14.94 4.45 10.42
CA ALA C 24 -15.26 4.64 9.00
C ALA C 24 -14.21 4.00 8.11
N SER C 25 -14.64 3.32 7.04
CA SER C 25 -13.68 2.65 6.16
C SER C 25 -14.13 2.34 4.73
N GLY C 26 -13.57 3.11 3.79
CA GLY C 26 -13.69 2.77 2.38
C GLY C 26 -14.21 3.88 1.50
N PHE C 27 -13.99 5.12 1.94
CA PHE C 27 -14.30 6.32 1.16
C PHE C 27 -13.42 7.47 1.66
N ALA C 28 -13.30 8.50 0.83
CA ALA C 28 -12.53 9.70 1.19
C ALA C 28 -13.10 10.37 2.45
N PHE C 29 -12.79 9.80 3.61
CA PHE C 29 -13.39 10.27 4.84
C PHE C 29 -13.39 11.79 5.01
N SER C 30 -12.21 12.42 5.01
CA SER C 30 -12.09 13.83 5.41
C SER C 30 -12.85 14.82 4.53
N SER C 31 -13.41 14.31 3.44
CA SER C 31 -14.17 15.11 2.49
C SER C 31 -15.71 15.15 2.71
N TYR C 32 -16.27 14.08 3.27
CA TYR C 32 -17.70 14.07 3.56
C TYR C 32 -18.04 14.71 4.92
N ASP C 33 -19.32 14.99 5.15
CA ASP C 33 -19.82 15.34 6.48
C ASP C 33 -20.33 14.09 7.20
N MET C 34 -20.54 14.20 8.49
CA MET C 34 -21.03 13.06 9.22
C MET C 34 -22.16 13.40 10.17
N SER C 35 -23.05 12.41 10.37
CA SER C 35 -24.27 12.57 11.16
C SER C 35 -24.48 11.36 12.03
N TRP C 36 -25.33 11.52 13.04
CA TRP C 36 -25.57 10.49 14.04
C TRP C 36 -27.03 10.35 14.28
N VAL C 37 -27.64 9.32 13.70
CA VAL C 37 -29.08 9.13 13.86
C VAL C 37 -29.32 7.98 14.83
N ARG C 38 -30.30 8.18 15.73
CA ARG C 38 -30.76 7.11 16.64
C ARG C 38 -32.17 6.68 16.26
N GLN C 39 -32.56 5.50 16.71
CA GLN C 39 -33.91 5.03 16.46
C GLN C 39 -34.51 4.54 17.75
N THR C 40 -35.61 5.15 18.16
CA THR C 40 -36.21 4.85 19.46
C THR C 40 -36.79 3.46 19.50
N PRO C 41 -37.19 3.00 20.72
CA PRO C 41 -37.90 1.74 20.89
C PRO C 41 -39.24 1.70 20.20
N GLU C 42 -39.85 2.85 19.94
CA GLU C 42 -41.08 2.92 19.16
C GLU C 42 -40.79 2.69 17.69
N LYS C 43 -39.51 2.59 17.31
CA LYS C 43 -39.07 2.46 15.92
C LYS C 43 -38.99 3.82 15.24
N ARG C 44 -39.27 4.86 16.04
CA ARG C 44 -39.18 6.28 15.68
C ARG C 44 -37.75 6.68 15.23
N LEU C 45 -37.62 7.72 14.41
CA LEU C 45 -36.28 8.10 13.88
C LEU C 45 -35.83 9.55 14.11
N GLU C 46 -34.97 9.76 15.09
CA GLU C 46 -34.52 11.11 15.37
C GLU C 46 -33.07 11.35 14.95
N TRP C 47 -32.84 12.49 14.29
CA TRP C 47 -31.50 12.92 13.92
C TRP C 47 -30.93 13.53 15.16
N VAL C 48 -29.62 13.36 15.37
CA VAL C 48 -29.04 13.66 16.67
C VAL C 48 -27.86 14.63 16.66
N ALA C 49 -27.00 14.53 15.65
CA ALA C 49 -25.86 15.43 15.56
C ALA C 49 -25.35 15.44 14.14
N TYR C 50 -24.64 16.52 13.82
CA TYR C 50 -24.08 16.69 12.49
C TYR C 50 -22.79 17.43 12.62
N ILE C 51 -21.71 16.81 12.15
CA ILE C 51 -20.44 17.51 12.08
C ILE C 51 -20.08 17.77 10.61
N SER C 52 -19.48 18.94 10.37
CA SER C 52 -18.98 19.31 9.04
C SER C 52 -17.69 18.60 8.67
N SER C 53 -17.50 18.42 7.37
CA SER C 53 -16.31 17.75 6.77
C SER C 53 -15.00 17.92 7.55
N GLY C 54 -14.67 19.18 7.84
CA GLY C 54 -13.44 19.52 8.54
C GLY C 54 -13.69 19.91 9.98
N GLY C 55 -14.50 19.14 10.70
CA GLY C 55 -14.75 19.35 12.12
C GLY C 55 -15.12 20.76 12.53
N GLY C 56 -15.30 21.62 11.54
CA GLY C 56 -15.50 23.05 11.74
C GLY C 56 -16.73 23.36 12.54
N SER C 57 -17.89 23.22 11.89
CA SER C 57 -19.19 23.38 12.54
C SER C 57 -19.83 22.04 13.00
N THR C 58 -20.60 22.10 14.08
CA THR C 58 -21.43 20.97 14.49
C THR C 58 -22.84 21.48 14.65
N TYR C 59 -23.84 20.60 14.54
CA TYR C 59 -25.25 20.99 14.81
C TYR C 59 -26.03 19.93 15.59
N TYR C 60 -27.00 20.36 16.38
CA TYR C 60 -27.80 19.41 17.14
C TYR C 60 -29.24 19.83 17.29
N PRO C 61 -30.15 18.86 17.32
CA PRO C 61 -31.47 19.17 17.76
C PRO C 61 -31.37 19.73 19.16
N ASP C 62 -32.30 20.63 19.51
CA ASP C 62 -32.38 21.13 20.88
C ASP C 62 -32.50 20.03 21.95
N THR C 63 -32.97 18.84 21.56
CA THR C 63 -33.17 17.74 22.50
C THR C 63 -31.90 17.09 22.98
N VAL C 64 -30.80 17.28 22.26
CA VAL C 64 -29.51 16.88 22.85
C VAL C 64 -28.49 18.03 22.91
N LYS C 65 -28.84 19.19 22.37
CA LYS C 65 -27.90 20.30 22.39
C LYS C 65 -27.51 20.53 23.82
N GLY C 66 -26.21 20.53 24.05
CA GLY C 66 -25.67 20.71 25.40
C GLY C 66 -25.13 19.42 25.99
N ARG C 67 -25.85 18.31 25.77
CA ARG C 67 -25.53 17.03 26.39
C ARG C 67 -24.75 16.13 25.47
N PHE C 68 -24.61 16.52 24.20
CA PHE C 68 -24.05 15.64 23.14
C PHE C 68 -22.99 16.34 22.25
N THR C 69 -22.00 15.57 21.76
CA THR C 69 -20.80 16.19 21.16
C THR C 69 -20.17 15.43 19.95
N ILE C 70 -20.48 15.89 18.75
CA ILE C 70 -20.11 15.15 17.57
C ILE C 70 -18.69 15.50 17.10
N SER C 71 -17.69 14.83 17.64
CA SER C 71 -16.32 15.03 17.18
C SER C 71 -15.93 14.03 16.09
N ARG C 72 -14.84 14.31 15.39
CA ARG C 72 -14.24 13.38 14.42
C ARG C 72 -12.72 13.45 14.46
N ASP C 73 -12.09 12.39 13.98
CA ASP C 73 -10.64 12.32 13.90
C ASP C 73 -10.29 11.59 12.61
N ASN C 74 -10.03 12.37 11.56
CA ASN C 74 -9.70 11.82 10.24
C ASN C 74 -8.23 11.36 10.21
N ALA C 75 -7.61 11.33 11.38
CA ALA C 75 -6.34 10.69 11.54
C ALA C 75 -6.66 9.19 11.63
N LYS C 76 -7.44 8.82 12.63
CA LYS C 76 -7.83 7.44 12.77
C LYS C 76 -9.21 7.11 12.20
N ASN C 77 -9.66 7.97 11.27
CA ASN C 77 -10.85 7.71 10.47
C ASN C 77 -12.17 7.49 11.22
N THR C 78 -12.14 7.73 12.52
CA THR C 78 -13.31 7.53 13.36
C THR C 78 -14.20 8.80 13.42
N LEU C 79 -15.50 8.59 13.56
CA LEU C 79 -16.43 9.64 13.97
C LEU C 79 -16.73 9.37 15.42
N TYR C 80 -17.12 10.39 16.18
CA TYR C 80 -17.44 10.15 17.57
C TYR C 80 -18.73 10.81 18.01
N LEU C 81 -19.47 10.12 18.86
CA LEU C 81 -20.51 10.78 19.61
C LEU C 81 -20.26 10.61 21.11
N GLN C 82 -20.06 11.73 21.79
CA GLN C 82 -19.85 11.73 23.23
C GLN C 82 -21.10 12.16 23.95
N MET C 83 -21.82 11.20 24.52
CA MET C 83 -23.09 11.42 25.24
C MET C 83 -22.80 11.73 26.69
N SER C 84 -23.43 12.77 27.23
CA SER C 84 -23.35 13.05 28.68
C SER C 84 -24.75 13.01 29.29
N SER C 85 -25.04 13.87 30.28
CA SER C 85 -26.27 13.86 31.11
C SER C 85 -27.42 12.98 30.61
N LEU C 86 -27.22 11.67 30.66
CA LEU C 86 -28.06 10.76 29.88
C LEU C 86 -29.48 10.60 30.38
N LYS C 87 -30.42 11.12 29.61
CA LYS C 87 -31.85 10.86 29.80
C LYS C 87 -32.22 9.46 29.32
N SER C 88 -33.19 8.86 30.02
CA SER C 88 -33.77 7.58 29.63
C SER C 88 -34.63 7.68 28.36
N GLU C 89 -34.78 8.90 27.86
CA GLU C 89 -35.28 9.13 26.51
C GLU C 89 -34.22 8.73 25.47
N ASP C 90 -32.95 8.92 25.80
CA ASP C 90 -31.84 8.68 24.87
C ASP C 90 -31.72 7.22 24.45
N THR C 91 -32.33 6.38 25.26
CA THR C 91 -32.49 4.96 24.99
C THR C 91 -32.92 4.71 23.54
N ALA C 92 -31.97 4.32 22.68
CA ALA C 92 -32.29 4.00 21.29
C ALA C 92 -31.13 3.28 20.64
N MET C 93 -31.32 2.85 19.39
CA MET C 93 -30.26 2.31 18.54
C MET C 93 -29.57 3.48 17.86
N TYR C 94 -28.25 3.44 17.72
CA TYR C 94 -27.49 4.60 17.25
C TYR C 94 -26.75 4.48 15.92
N TYR C 95 -27.36 4.94 14.82
CA TYR C 95 -26.73 4.83 13.50
C TYR C 95 -25.82 5.99 13.21
N CYS C 96 -24.78 5.69 12.42
CA CYS C 96 -23.81 6.66 11.97
C CYS C 96 -24.03 6.79 10.47
N ALA C 97 -24.37 7.97 10.00
CA ALA C 97 -24.76 8.15 8.60
C ALA C 97 -23.88 9.10 7.77
N ARG C 98 -24.04 9.01 6.45
CA ARG C 98 -23.24 9.78 5.51
C ARG C 98 -24.12 10.58 4.56
N PRO C 99 -23.94 11.91 4.51
CA PRO C 99 -24.62 12.78 3.55
C PRO C 99 -23.70 13.44 2.50
N ASP C 100 -24.27 14.02 1.45
CA ASP C 100 -23.53 14.57 0.28
C ASP C 100 -23.29 16.09 0.31
N ALA C 105 -28.73 13.97 3.11
CA ALA C 105 -29.20 12.77 2.39
C ALA C 105 -28.31 11.57 2.68
N MET C 106 -28.61 10.91 3.80
CA MET C 106 -27.85 9.80 4.35
C MET C 106 -27.77 8.63 3.36
N ASP C 107 -26.61 8.44 2.74
CA ASP C 107 -26.54 7.48 1.65
C ASP C 107 -25.87 6.16 2.00
N TYR C 108 -24.99 6.18 3.02
CA TYR C 108 -24.43 4.93 3.60
C TYR C 108 -24.59 4.93 5.12
N TRP C 109 -25.46 4.04 5.62
CA TRP C 109 -25.79 3.98 7.03
C TRP C 109 -25.04 2.88 7.70
N GLY C 110 -24.83 3.00 8.99
CA GLY C 110 -24.08 1.99 9.73
C GLY C 110 -24.90 0.74 9.97
N GLN C 111 -25.05 0.40 11.24
CA GLN C 111 -25.67 -0.85 11.64
C GLN C 111 -26.21 -0.70 13.05
N GLY C 112 -25.72 0.31 13.75
CA GLY C 112 -26.18 0.63 15.09
C GLY C 112 -25.32 0.10 16.24
N THR C 113 -25.26 0.89 17.29
CA THR C 113 -24.95 0.39 18.60
C THR C 113 -26.21 0.72 19.35
N SER C 114 -26.82 -0.30 19.95
CA SER C 114 -27.92 -0.05 20.86
C SER C 114 -27.38 0.61 22.12
N VAL C 115 -28.08 1.60 22.62
CA VAL C 115 -27.74 2.22 23.90
C VAL C 115 -29.00 2.32 24.74
N THR C 116 -29.01 1.68 25.91
CA THR C 116 -30.15 1.85 26.82
C THR C 116 -29.81 2.52 28.14
N VAL C 117 -30.79 3.24 28.65
CA VAL C 117 -30.64 4.06 29.82
C VAL C 117 -31.78 3.70 30.76
N SER C 118 -31.37 3.28 31.95
CA SER C 118 -32.19 2.51 32.89
C SER C 118 -31.34 2.42 34.17
N SER C 119 -31.92 1.88 35.24
CA SER C 119 -31.14 1.65 36.47
C SER C 119 -31.05 0.16 36.83
N LYS C 121 -29.03 -2.39 35.71
CA LYS C 121 -28.86 -3.73 36.26
C LYS C 121 -28.62 -4.77 35.16
N THR C 122 -27.39 -4.77 34.66
CA THR C 122 -26.94 -5.70 33.62
C THR C 122 -27.00 -7.17 34.07
N THR C 123 -27.29 -8.05 33.13
CA THR C 123 -27.41 -9.47 33.43
C THR C 123 -26.95 -10.30 32.21
N ALA C 124 -25.80 -10.94 32.33
CA ALA C 124 -25.29 -11.81 31.27
C ALA C 124 -26.33 -12.86 30.86
N PRO C 125 -26.48 -13.11 29.55
CA PRO C 125 -27.51 -14.06 29.13
C PRO C 125 -27.06 -15.51 29.27
N SER C 126 -27.98 -16.36 29.73
CA SER C 126 -27.75 -17.80 29.79
C SER C 126 -28.06 -18.40 28.42
N VAL C 127 -27.16 -19.24 27.91
CA VAL C 127 -27.27 -19.79 26.55
C VAL C 127 -27.25 -21.31 26.55
N TYR C 128 -28.39 -21.91 26.25
CA TYR C 128 -28.50 -23.37 26.22
C TYR C 128 -28.72 -23.83 24.78
N PRO C 129 -28.01 -24.90 24.36
CA PRO C 129 -28.21 -25.42 23.01
C PRO C 129 -29.46 -26.31 22.93
N LEU C 130 -30.18 -26.25 21.83
CA LEU C 130 -31.38 -27.06 21.67
C LEU C 130 -31.20 -28.20 20.67
N ALA C 131 -30.88 -29.39 21.20
CA ALA C 131 -30.78 -30.59 20.38
C ALA C 131 -32.16 -31.23 20.18
N PRO C 132 -32.44 -31.80 18.98
CA PRO C 132 -33.78 -32.33 18.72
C PRO C 132 -34.13 -33.58 19.56
N VAL C 133 -35.34 -34.12 19.38
CA VAL C 133 -35.76 -35.38 20.03
C VAL C 133 -34.63 -36.42 20.09
N CYS C 134 -34.32 -36.94 21.29
CA CYS C 134 -33.22 -37.94 21.41
C CYS C 134 -33.47 -39.26 20.68
N GLY C 135 -34.69 -39.41 20.17
CA GLY C 135 -35.05 -40.49 19.26
C GLY C 135 -34.27 -40.35 17.97
N ASP C 136 -33.82 -41.49 17.44
CA ASP C 136 -32.99 -41.54 16.23
C ASP C 136 -33.82 -41.24 14.98
N THR C 137 -35.14 -41.35 15.14
CA THR C 137 -36.16 -40.97 14.15
C THR C 137 -35.73 -39.87 13.17
N THR C 138 -35.11 -40.29 12.07
CA THR C 138 -34.67 -39.35 11.05
C THR C 138 -35.85 -38.92 10.16
N GLY C 139 -36.03 -37.60 10.07
CA GLY C 139 -36.97 -36.99 9.13
C GLY C 139 -36.21 -36.72 7.85
N SER C 140 -36.12 -35.45 7.46
CA SER C 140 -35.40 -35.08 6.25
C SER C 140 -34.65 -33.75 6.38
N SER C 141 -35.38 -32.72 6.81
CA SER C 141 -34.87 -31.37 7.03
C SER C 141 -34.81 -31.14 8.52
N VAL C 142 -33.66 -31.49 9.10
CA VAL C 142 -33.42 -31.39 10.54
C VAL C 142 -33.32 -29.95 11.01
N THR C 143 -34.13 -29.57 11.99
CA THR C 143 -34.02 -28.23 12.57
C THR C 143 -33.49 -28.35 14.02
N LEU C 144 -32.51 -27.51 14.34
CA LEU C 144 -31.95 -27.46 15.68
C LEU C 144 -32.24 -26.07 16.21
N GLY C 145 -32.00 -25.86 17.50
CA GLY C 145 -32.24 -24.57 18.11
C GLY C 145 -31.14 -24.06 19.02
N CYS C 146 -31.30 -22.81 19.44
CA CYS C 146 -30.47 -22.18 20.45
C CYS C 146 -31.39 -21.35 21.35
N LEU C 147 -31.24 -21.48 22.66
CA LEU C 147 -32.10 -20.72 23.59
C LEU C 147 -31.33 -19.80 24.53
N VAL C 148 -31.83 -18.57 24.63
CA VAL C 148 -31.15 -17.46 25.33
C VAL C 148 -32.10 -16.80 26.36
N LYS C 149 -31.69 -16.84 27.62
CA LYS C 149 -32.64 -16.64 28.70
C LYS C 149 -32.04 -15.87 29.87
N GLY C 150 -32.89 -15.02 30.47
CA GLY C 150 -32.57 -14.28 31.69
C GLY C 150 -31.44 -13.29 31.46
N TYR C 151 -31.71 -12.27 30.64
CA TYR C 151 -30.72 -11.21 30.41
C TYR C 151 -31.31 -9.82 30.43
N PHE C 152 -30.41 -8.84 30.62
CA PHE C 152 -30.71 -7.44 30.48
C PHE C 152 -29.44 -6.71 30.05
N PRO C 153 -29.58 -5.74 29.14
CA PRO C 153 -30.79 -5.42 28.41
C PRO C 153 -30.72 -5.96 26.99
N GLU C 154 -31.76 -5.66 26.20
CA GLU C 154 -31.69 -5.80 24.75
C GLU C 154 -30.52 -4.96 24.24
N PRO C 155 -29.91 -5.35 23.12
CA PRO C 155 -30.19 -6.52 22.32
C PRO C 155 -29.22 -7.65 22.67
N VAL C 156 -29.37 -8.79 22.03
CA VAL C 156 -28.28 -9.75 21.94
C VAL C 156 -27.90 -9.88 20.46
N THR C 157 -26.88 -10.68 20.17
CA THR C 157 -26.52 -10.96 18.78
C THR C 157 -26.24 -12.46 18.58
N LEU C 158 -27.25 -13.14 18.04
CA LEU C 158 -27.21 -14.59 17.85
C LEU C 158 -26.81 -14.91 16.42
N THR C 159 -25.71 -15.66 16.28
CA THR C 159 -25.18 -16.05 14.97
C THR C 159 -24.99 -17.57 14.90
N TRP C 160 -25.51 -18.18 13.85
CA TRP C 160 -25.25 -19.59 13.58
C TRP C 160 -23.97 -19.77 12.80
N ASN C 161 -23.06 -20.56 13.38
CA ASN C 161 -21.74 -20.84 12.79
C ASN C 161 -20.98 -19.64 12.25
N SER C 162 -20.65 -18.71 13.14
CA SER C 162 -19.86 -17.51 12.82
C SER C 162 -20.39 -16.73 11.62
N GLY C 163 -21.72 -16.64 11.53
CA GLY C 163 -22.39 -15.95 10.44
C GLY C 163 -22.54 -16.76 9.17
N SER C 164 -21.87 -17.92 9.11
CA SER C 164 -21.85 -18.75 7.91
C SER C 164 -23.19 -19.47 7.67
N LEU C 165 -23.83 -19.91 8.76
CA LEU C 165 -25.20 -20.41 8.67
C LEU C 165 -26.13 -19.21 8.80
N SER C 166 -26.52 -18.68 7.65
CA SER C 166 -27.35 -17.48 7.60
C SER C 166 -28.62 -17.74 6.83
N SER C 167 -28.57 -18.63 5.85
CA SER C 167 -29.75 -18.98 5.05
C SER C 167 -30.57 -20.14 5.63
N GLY C 168 -31.72 -19.78 6.23
CA GLY C 168 -32.64 -20.74 6.79
C GLY C 168 -32.66 -20.75 8.30
N VAL C 169 -32.94 -19.59 8.89
CA VAL C 169 -32.91 -19.44 10.34
C VAL C 169 -33.90 -18.39 10.86
N HIS C 170 -34.57 -18.66 11.98
CA HIS C 170 -35.50 -17.69 12.60
C HIS C 170 -35.11 -17.31 14.03
N THR C 171 -35.09 -16.01 14.32
CA THR C 171 -34.70 -15.52 15.65
C THR C 171 -35.75 -14.62 16.29
N PHE C 172 -36.49 -15.18 17.23
CA PHE C 172 -37.76 -14.63 17.68
C PHE C 172 -37.62 -13.53 18.73
N PRO C 173 -38.34 -12.41 18.54
CA PRO C 173 -38.32 -11.22 19.39
C PRO C 173 -38.34 -11.50 20.89
N ALA C 174 -37.24 -11.21 21.58
CA ALA C 174 -37.15 -11.43 23.02
C ALA C 174 -38.35 -10.85 23.76
N VAL C 175 -38.82 -11.54 24.80
CA VAL C 175 -39.97 -11.03 25.57
C VAL C 175 -39.59 -10.54 26.96
N LEU C 176 -40.54 -9.88 27.60
CA LEU C 176 -40.30 -9.09 28.81
C LEU C 176 -40.93 -9.69 30.07
N GLN C 177 -40.79 -11.00 30.28
CA GLN C 177 -41.14 -11.58 31.58
C GLN C 177 -40.24 -10.98 32.66
N SER C 178 -40.85 -10.66 33.81
CA SER C 178 -40.16 -9.99 34.92
C SER C 178 -39.51 -8.66 34.50
N ASP C 179 -38.19 -8.72 34.29
CA ASP C 179 -37.36 -7.65 33.74
C ASP C 179 -36.06 -8.31 33.27
N LEU C 180 -36.26 -9.50 32.70
CA LEU C 180 -35.25 -10.26 31.99
C LEU C 180 -35.82 -10.66 30.63
N TYR C 181 -35.01 -10.55 29.58
CA TYR C 181 -35.51 -10.83 28.25
C TYR C 181 -35.17 -12.26 27.95
N THR C 182 -36.01 -12.93 27.17
CA THR C 182 -35.75 -14.32 26.80
C THR C 182 -36.12 -14.61 25.34
N LEU C 183 -35.18 -15.22 24.61
CA LEU C 183 -35.22 -15.30 23.14
C LEU C 183 -34.71 -16.62 22.56
N SER C 184 -35.40 -17.12 21.54
CA SER C 184 -35.17 -18.45 20.97
C SER C 184 -34.56 -18.35 19.58
N SER C 185 -33.97 -19.44 19.08
CA SER C 185 -33.41 -19.46 17.71
C SER C 185 -33.48 -20.78 16.95
N SER C 186 -34.31 -20.83 15.91
CA SER C 186 -34.42 -22.03 15.09
C SER C 186 -33.53 -21.86 13.88
N VAL C 187 -32.98 -22.98 13.42
CA VAL C 187 -32.25 -23.03 12.15
C VAL C 187 -32.49 -24.41 11.54
N THR C 188 -33.12 -24.45 10.37
CA THR C 188 -33.36 -25.72 9.67
C THR C 188 -32.06 -26.13 8.99
N VAL C 189 -31.97 -27.37 8.53
CA VAL C 189 -30.95 -27.76 7.55
C VAL C 189 -30.98 -29.25 7.20
N THR C 190 -30.59 -29.57 5.97
CA THR C 190 -30.53 -30.95 5.47
C THR C 190 -29.89 -31.90 6.45
N SER C 191 -30.45 -33.12 6.51
CA SER C 191 -29.94 -34.16 7.40
C SER C 191 -28.55 -34.55 6.97
N SER C 192 -28.24 -34.31 5.71
CA SER C 192 -26.90 -34.54 5.24
C SER C 192 -25.90 -33.60 5.91
N THR C 193 -26.30 -32.33 6.02
CA THR C 193 -25.43 -31.31 6.62
C THR C 193 -25.30 -31.37 8.16
N TRP C 194 -26.31 -31.86 8.89
CA TRP C 194 -26.07 -32.00 10.34
C TRP C 194 -25.28 -33.24 10.71
N PRO C 195 -25.60 -33.88 11.86
CA PRO C 195 -24.63 -34.40 12.85
C PRO C 195 -23.17 -34.46 12.37
N SER C 196 -22.93 -35.13 11.24
CA SER C 196 -21.62 -35.17 10.58
C SER C 196 -20.90 -33.83 10.65
N GLN C 197 -21.47 -32.85 9.96
CA GLN C 197 -20.91 -31.51 9.90
C GLN C 197 -21.38 -30.76 11.15
N SER C 198 -20.47 -30.00 11.76
CA SER C 198 -20.79 -29.27 13.00
C SER C 198 -21.62 -28.03 12.74
N ILE C 199 -22.45 -27.68 13.74
CA ILE C 199 -23.29 -26.48 13.71
C ILE C 199 -23.36 -25.93 15.13
N THR C 200 -22.86 -24.71 15.32
CA THR C 200 -22.87 -24.12 16.65
C THR C 200 -23.58 -22.77 16.67
N CYS C 201 -24.18 -22.48 17.83
CA CYS C 201 -24.83 -21.22 18.13
C CYS C 201 -23.82 -20.27 18.79
N ASN C 202 -23.60 -19.10 18.18
CA ASN C 202 -22.83 -18.02 18.83
C ASN C 202 -23.74 -16.90 19.33
N VAL C 203 -23.61 -16.53 20.61
CA VAL C 203 -24.43 -15.45 21.17
C VAL C 203 -23.55 -14.33 21.72
N ALA C 204 -23.87 -13.10 21.33
CA ALA C 204 -23.12 -11.95 21.82
C ALA C 204 -23.99 -10.94 22.56
N HIS C 205 -23.79 -10.86 23.87
CA HIS C 205 -24.37 -9.80 24.65
C HIS C 205 -23.34 -8.69 24.70
N PRO C 206 -23.66 -7.52 24.08
CA PRO C 206 -22.74 -6.40 24.02
C PRO C 206 -22.84 -5.59 25.29
N ALA C 207 -24.07 -5.33 25.71
CA ALA C 207 -24.37 -4.54 26.90
C ALA C 207 -23.84 -5.16 28.20
N SER C 208 -23.10 -6.28 28.08
CA SER C 208 -22.41 -6.95 29.21
C SER C 208 -21.02 -7.57 28.89
N SER C 209 -20.62 -7.55 27.62
CA SER C 209 -19.47 -8.32 27.14
C SER C 209 -19.64 -9.80 27.47
N THR C 210 -20.16 -10.57 26.50
CA THR C 210 -20.40 -12.00 26.67
C THR C 210 -20.29 -12.65 25.30
N LYS C 211 -19.26 -13.48 25.11
CA LYS C 211 -19.10 -14.19 23.85
C LYS C 211 -19.34 -15.71 24.04
N VAL C 212 -20.54 -16.04 24.50
CA VAL C 212 -20.90 -17.43 24.76
C VAL C 212 -21.08 -18.25 23.48
N ASP C 213 -20.34 -19.33 23.38
CA ASP C 213 -20.42 -20.27 22.26
C ASP C 213 -21.06 -21.57 22.73
N LYS C 214 -22.03 -22.06 21.98
CA LYS C 214 -22.70 -23.31 22.31
C LYS C 214 -22.77 -24.19 21.10
N LYS C 215 -22.03 -25.31 21.11
CA LYS C 215 -22.08 -26.28 20.00
C LYS C 215 -23.25 -27.25 20.18
N ILE C 216 -24.04 -27.46 19.12
CA ILE C 216 -25.23 -28.31 19.23
C ILE C 216 -24.86 -29.78 19.10
N GLU C 217 -24.93 -30.46 20.25
CA GLU C 217 -24.63 -31.87 20.36
C GLU C 217 -25.91 -32.68 20.29
N PRO C 218 -25.84 -33.87 19.66
CA PRO C 218 -26.93 -34.84 19.80
C PRO C 218 -27.15 -35.25 21.26
N ARG C 219 -27.74 -36.41 21.51
CA ARG C 219 -28.15 -36.73 22.87
C ARG C 219 -27.78 -38.12 23.36
N GLY C 220 -26.56 -38.25 23.89
CA GLY C 220 -26.07 -39.46 24.55
C GLY C 220 -26.52 -39.53 26.01
N PRO C 221 -26.47 -40.73 26.61
CA PRO C 221 -26.94 -40.89 27.99
C PRO C 221 -25.78 -40.96 29.00
N GLN D 10 74.33 30.42 -35.08
CA GLN D 10 74.35 29.34 -34.07
C GLN D 10 75.56 28.40 -34.29
N GLY D 11 76.60 28.98 -34.90
CA GLY D 11 77.82 28.26 -35.18
C GLY D 11 77.55 27.25 -36.27
N ARG D 12 78.56 27.04 -37.12
CA ARG D 12 78.51 26.13 -38.32
C ARG D 12 77.84 24.76 -38.17
N GLY D 13 78.15 24.02 -37.11
CA GLY D 13 77.58 22.68 -36.91
C GLY D 13 76.45 22.68 -35.87
N ALA D 14 75.73 23.80 -35.78
CA ALA D 14 74.62 23.93 -34.81
C ALA D 14 73.77 22.66 -34.75
N TRP D 15 73.21 22.27 -35.89
CA TRP D 15 72.40 21.07 -36.00
C TRP D 15 73.27 19.80 -35.98
N LEU D 16 74.47 19.86 -36.57
CA LEU D 16 75.40 18.70 -36.64
C LEU D 16 75.86 18.22 -35.24
N LEU D 17 76.04 19.16 -34.32
CA LEU D 17 76.44 18.84 -32.94
C LEU D 17 75.40 17.89 -32.41
N MET D 18 74.15 18.36 -32.44
CA MET D 18 73.02 17.57 -31.98
C MET D 18 72.63 16.42 -32.91
N ALA D 19 72.65 16.65 -34.22
CA ALA D 19 72.32 15.59 -35.19
C ALA D 19 73.14 14.33 -34.91
N PHE D 20 74.47 14.48 -34.96
CA PHE D 20 75.39 13.37 -34.67
C PHE D 20 75.17 12.78 -33.27
N THR D 21 75.06 13.63 -32.24
CA THR D 21 74.90 13.12 -30.86
C THR D 21 73.67 12.15 -30.70
N ALA D 22 72.49 12.57 -31.13
CA ALA D 22 71.30 11.73 -31.00
C ALA D 22 71.49 10.37 -31.63
N LEU D 23 71.89 10.32 -32.90
CA LEU D 23 72.15 9.04 -33.57
C LEU D 23 73.33 8.31 -32.94
N ALA D 24 74.40 9.07 -32.66
CA ALA D 24 75.60 8.51 -32.03
C ALA D 24 75.25 8.10 -30.60
N LEU D 25 74.74 9.06 -29.83
CA LEU D 25 74.31 8.82 -28.43
C LEU D 25 73.18 7.79 -28.40
N GLU D 26 72.28 7.83 -29.37
CA GLU D 26 71.19 6.88 -29.41
C GLU D 26 71.64 5.49 -30.00
N LEU D 27 72.60 5.55 -30.91
CA LEU D 27 73.20 4.34 -31.52
C LEU D 27 73.75 3.47 -30.41
N THR D 28 74.43 4.13 -29.45
CA THR D 28 75.02 3.44 -28.29
C THR D 28 73.93 2.71 -27.48
N ALA D 29 72.73 3.30 -27.47
CA ALA D 29 71.58 2.74 -26.75
C ALA D 29 71.14 1.41 -27.33
N LEU D 30 71.46 1.17 -28.60
CA LEU D 30 71.08 -0.07 -29.29
C LEU D 30 71.54 -1.33 -28.51
N TRP D 31 72.58 -1.16 -27.68
CA TRP D 31 73.08 -2.24 -26.82
C TRP D 31 73.06 -3.58 -27.55
N PHE D 32 74.24 -3.97 -28.06
CA PHE D 32 74.42 -5.24 -28.76
C PHE D 32 73.65 -5.31 -30.08
N GLN D 33 72.50 -4.64 -30.15
CA GLN D 33 71.69 -4.59 -31.38
C GLN D 33 71.61 -5.95 -32.03
N HIS D 34 70.93 -6.02 -33.17
CA HIS D 34 70.71 -7.29 -33.88
C HIS D 34 71.98 -8.11 -34.16
N VAL D 35 73.07 -7.47 -34.58
CA VAL D 35 74.29 -8.22 -34.93
C VAL D 35 74.94 -9.01 -33.79
N MET D 36 74.94 -8.43 -32.59
CA MET D 36 75.53 -9.08 -31.42
C MET D 36 74.37 -9.67 -30.47
N LEU D 37 73.33 -8.86 -30.29
CA LEU D 37 72.09 -9.27 -29.48
C LEU D 37 71.11 -7.97 -29.94
N LEU D 38 71.12 -7.24 -28.71
CA LEU D 38 70.04 -6.43 -28.01
C LEU D 38 69.08 -7.55 -27.30
N LYS D 39 68.47 -7.15 -26.17
CA LYS D 39 67.58 -8.03 -25.38
C LYS D 39 66.05 -7.94 -25.69
N PRO D 40 65.45 -6.76 -25.77
CA PRO D 40 63.98 -6.63 -26.04
C PRO D 40 63.60 -6.82 -27.52
N SER D 41 62.34 -6.45 -27.83
CA SER D 41 61.81 -6.54 -29.21
C SER D 41 60.29 -6.18 -29.34
N VAL D 42 59.92 -4.98 -28.83
CA VAL D 42 58.51 -4.48 -28.91
C VAL D 42 58.44 -2.94 -28.70
N LEU D 43 57.40 -2.34 -29.32
CA LEU D 43 57.13 -0.90 -29.22
C LEU D 43 58.17 -0.09 -29.93
N CYS D 44 59.42 -0.44 -29.63
CA CYS D 44 60.59 0.27 -30.10
C CYS D 44 60.85 0.45 -31.68
N ILE D 45 60.44 -0.50 -32.50
CA ILE D 45 60.62 -0.31 -33.93
C ILE D 45 59.69 0.85 -34.42
N TYR D 46 58.43 0.80 -33.98
CA TYR D 46 57.42 1.84 -34.31
C TYR D 46 57.86 3.17 -33.71
N GLU D 47 58.45 3.09 -32.51
CA GLU D 47 58.92 4.25 -31.75
C GLU D 47 60.27 4.75 -32.29
N ARG D 48 61.02 3.86 -32.94
CA ARG D 48 62.31 4.22 -33.52
C ARG D 48 62.09 5.28 -34.57
N VAL D 49 60.87 5.31 -35.09
CA VAL D 49 60.46 6.28 -36.11
C VAL D 49 60.86 7.72 -35.70
N ALA D 50 60.74 8.07 -34.43
CA ALA D 50 61.16 9.39 -33.96
C ALA D 50 62.64 9.66 -34.32
N LEU D 51 63.48 8.64 -34.13
CA LEU D 51 64.92 8.74 -34.47
C LEU D 51 65.14 8.76 -35.96
N PHE D 52 64.66 7.72 -36.67
CA PHE D 52 64.79 7.69 -38.14
C PHE D 52 64.21 9.01 -38.65
N GLY D 53 63.31 9.56 -37.84
CA GLY D 53 62.66 10.82 -38.12
C GLY D 53 63.55 11.99 -37.78
N VAL D 54 64.07 12.02 -36.56
CA VAL D 54 64.96 13.13 -36.20
C VAL D 54 66.27 12.98 -36.98
N LEU D 55 66.75 11.73 -37.10
CA LEU D 55 67.94 11.46 -37.92
C LEU D 55 67.62 12.03 -39.29
N GLY D 56 66.51 11.57 -39.89
CA GLY D 56 66.09 12.05 -41.20
C GLY D 56 66.22 13.56 -41.26
N ALA D 57 65.51 14.24 -40.37
CA ALA D 57 65.49 15.72 -40.30
C ALA D 57 66.86 16.37 -40.07
N ALA D 58 67.49 16.04 -38.93
CA ALA D 58 68.78 16.62 -38.57
C ALA D 58 69.71 16.69 -39.76
N LEU D 59 69.66 15.67 -40.60
CA LEU D 59 70.49 15.59 -41.80
C LEU D 59 69.93 16.49 -42.94
N ILE D 60 68.61 16.51 -43.10
CA ILE D 60 67.97 17.37 -44.08
C ILE D 60 68.11 18.79 -43.59
N GLY D 61 68.47 18.93 -42.32
CA GLY D 61 68.69 20.25 -41.71
C GLY D 61 70.18 20.56 -41.62
N ALA D 62 71.00 19.65 -42.17
CA ALA D 62 72.43 19.82 -42.18
C ALA D 62 72.88 19.98 -43.64
N ILE D 63 72.78 18.90 -44.42
CA ILE D 63 73.24 18.92 -45.81
C ILE D 63 73.09 20.32 -46.44
N ALA D 64 72.04 21.03 -46.02
CA ALA D 64 71.74 22.40 -46.49
C ALA D 64 71.68 23.46 -45.34
N PRO D 65 72.85 24.01 -45.01
CA PRO D 65 73.05 25.05 -43.91
C PRO D 65 72.32 26.43 -44.17
N LYS D 66 72.37 27.36 -43.07
CA LYS D 66 71.72 28.45 -42.68
C LYS D 66 70.64 28.74 -43.58
N THR D 67 70.83 28.29 -44.82
CA THR D 67 69.81 28.39 -45.88
C THR D 67 68.43 28.09 -45.30
N PRO D 68 67.40 27.84 -46.12
CA PRO D 68 66.13 27.57 -45.55
C PRO D 68 65.69 26.00 -45.37
N LEU D 69 66.31 25.14 -46.14
CA LEU D 69 66.08 23.71 -46.01
C LEU D 69 65.98 23.31 -44.50
N ARG D 70 66.31 24.26 -43.64
CA ARG D 70 66.24 24.10 -42.20
C ARG D 70 64.69 24.24 -41.84
N TYR D 71 64.00 25.03 -42.63
CA TYR D 71 62.57 25.27 -42.46
C TYR D 71 61.79 23.95 -42.41
N VAL D 72 62.08 23.05 -43.36
CA VAL D 72 61.42 21.73 -43.43
C VAL D 72 62.08 20.74 -42.46
N ALA D 73 63.38 20.58 -42.59
CA ALA D 73 64.16 19.69 -41.73
C ALA D 73 63.77 19.81 -40.26
N MET D 74 63.79 21.04 -39.75
CA MET D 74 63.47 21.31 -38.37
C MET D 74 62.00 20.82 -37.97
N VAL D 75 61.10 20.99 -38.90
CA VAL D 75 59.74 20.57 -38.64
C VAL D 75 59.67 19.05 -38.55
N ILE D 76 60.35 18.32 -39.44
CA ILE D 76 60.32 16.86 -39.37
C ILE D 76 60.93 16.35 -38.00
N TRP D 77 61.98 17.05 -37.57
CA TRP D 77 62.65 16.79 -36.27
C TRP D 77 61.62 17.07 -35.20
N LEU D 78 60.94 18.21 -35.35
CA LEU D 78 59.85 18.61 -34.44
C LEU D 78 58.76 17.55 -34.42
N TYR D 79 58.24 17.22 -35.60
CA TYR D 79 57.17 16.22 -35.71
C TYR D 79 57.67 14.89 -35.23
N SER D 80 58.80 14.43 -35.75
CA SER D 80 59.32 13.13 -35.32
C SER D 80 59.47 13.07 -33.80
N ALA D 81 59.92 14.18 -33.20
CA ALA D 81 60.08 14.28 -31.76
C ALA D 81 58.71 14.25 -31.08
N PHE D 82 57.75 14.95 -31.69
CA PHE D 82 56.37 14.99 -31.18
C PHE D 82 55.69 13.63 -31.24
N ARG D 83 55.86 12.91 -32.35
CA ARG D 83 55.24 11.59 -32.48
C ARG D 83 55.77 10.70 -31.40
N GLY D 84 57.09 10.75 -31.18
CA GLY D 84 57.72 9.93 -30.16
C GLY D 84 57.10 10.15 -28.78
N VAL D 85 56.96 11.43 -28.41
CA VAL D 85 56.39 11.81 -27.11
C VAL D 85 55.15 10.98 -26.80
N GLN D 86 54.11 11.13 -27.62
CA GLN D 86 52.84 10.43 -27.42
C GLN D 86 52.91 8.90 -27.43
N LEU D 87 53.72 8.32 -28.31
CA LEU D 87 53.85 6.87 -28.36
C LEU D 87 54.51 6.43 -27.05
N THR D 88 55.60 7.14 -26.68
CA THR D 88 56.35 6.84 -25.45
C THR D 88 55.51 7.13 -24.19
N TYR D 89 54.82 8.26 -24.18
CA TYR D 89 54.01 8.66 -23.03
C TYR D 89 53.07 7.53 -22.67
N GLU D 90 52.32 7.06 -23.65
CA GLU D 90 51.37 5.99 -23.39
C GLU D 90 52.07 4.67 -23.04
N HIS D 91 53.26 4.48 -23.59
CA HIS D 91 54.07 3.30 -23.27
C HIS D 91 54.41 3.31 -21.79
N THR D 92 54.87 4.48 -21.32
CA THR D 92 55.25 4.64 -19.91
C THR D 92 53.98 4.49 -19.05
N MET D 93 52.86 5.07 -19.51
CA MET D 93 51.58 4.93 -18.80
C MET D 93 51.18 3.43 -18.75
N LEU D 94 51.39 2.75 -19.88
CA LEU D 94 51.09 1.31 -19.98
C LEU D 94 51.95 0.50 -19.01
N GLN D 95 53.24 0.80 -18.94
CA GLN D 95 54.14 0.07 -18.05
C GLN D 95 53.74 0.28 -16.60
N LEU D 96 53.32 1.48 -16.24
CA LEU D 96 52.94 1.78 -14.85
C LEU D 96 51.51 1.31 -14.50
N TYR D 97 50.53 1.67 -15.33
CA TYR D 97 49.15 1.28 -15.07
C TYR D 97 48.60 0.46 -16.24
N PRO D 98 48.90 -0.83 -16.32
CA PRO D 98 48.43 -1.61 -17.47
C PRO D 98 46.97 -1.98 -17.31
N SER D 99 46.47 -2.79 -18.25
CA SER D 99 45.07 -3.22 -18.22
C SER D 99 44.98 -4.70 -17.91
N PRO D 100 43.79 -5.30 -17.99
CA PRO D 100 43.62 -6.73 -17.73
C PRO D 100 43.73 -7.56 -19.01
N PHE D 101 42.58 -8.07 -19.47
CA PHE D 101 42.53 -8.93 -20.66
C PHE D 101 43.77 -9.81 -20.83
N ALA D 102 44.05 -10.62 -19.79
CA ALA D 102 45.23 -11.54 -19.75
C ALA D 102 46.35 -11.11 -20.70
N THR D 103 47.41 -10.53 -20.13
CA THR D 103 48.50 -10.04 -20.96
C THR D 103 49.96 -10.40 -20.24
N CYS D 104 50.97 -10.38 -21.08
CA CYS D 104 52.32 -10.66 -20.60
C CYS D 104 53.44 -9.81 -21.43
N ASP D 105 54.52 -9.54 -20.71
CA ASP D 105 55.58 -8.70 -21.28
C ASP D 105 56.07 -9.12 -22.67
N PHE D 106 55.69 -8.30 -23.67
CA PHE D 106 56.06 -8.53 -25.10
C PHE D 106 54.82 -8.38 -26.02
N MET D 107 54.28 -9.54 -26.49
CA MET D 107 53.10 -9.62 -27.41
C MET D 107 52.09 -8.43 -27.30
N VAL D 108 51.22 -8.48 -26.27
CA VAL D 108 50.20 -7.43 -26.05
C VAL D 108 50.85 -6.10 -25.61
N LEU D 114 56.35 -3.65 -58.65
CA LEU D 114 55.67 -2.47 -58.05
C LEU D 114 55.70 -2.51 -56.52
N PRO D 115 56.80 -2.07 -55.92
CA PRO D 115 56.93 -1.98 -54.45
C PRO D 115 55.93 -1.05 -53.76
N LEU D 116 55.24 -0.23 -54.57
CA LEU D 116 54.26 0.76 -54.10
C LEU D 116 54.09 0.73 -52.54
N ASP D 117 55.13 1.24 -51.84
CA ASP D 117 55.15 1.33 -50.38
C ASP D 117 54.94 -0.04 -49.74
N LYS D 118 53.67 -0.46 -49.78
CA LYS D 118 53.21 -1.71 -49.15
C LYS D 118 54.24 -2.36 -48.24
N TRP D 119 54.58 -3.63 -48.49
CA TRP D 119 55.54 -4.33 -47.64
C TRP D 119 56.86 -3.55 -47.41
N VAL D 120 57.19 -3.31 -46.11
CA VAL D 120 58.45 -2.60 -45.77
C VAL D 120 59.58 -3.61 -45.51
N PRO D 121 60.80 -3.28 -45.95
CA PRO D 121 61.99 -4.13 -45.73
C PRO D 121 62.60 -4.09 -44.29
N GLN D 122 62.20 -3.09 -43.51
CA GLN D 122 62.75 -2.85 -42.18
C GLN D 122 63.11 -4.16 -41.37
N VAL D 123 62.54 -5.28 -41.77
CA VAL D 123 62.80 -6.55 -41.09
C VAL D 123 62.53 -6.44 -39.58
N PHE D 124 61.60 -7.26 -39.09
CA PHE D 124 61.27 -7.25 -37.66
C PHE D 124 62.18 -8.20 -36.89
N VAL D 125 61.90 -8.28 -35.57
CA VAL D 125 62.63 -9.12 -34.61
C VAL D 125 61.61 -9.72 -33.60
N ALA D 126 61.83 -10.99 -33.23
CA ALA D 126 60.93 -11.69 -32.31
C ALA D 126 61.61 -12.93 -31.69
N SER D 127 60.80 -13.78 -31.01
CA SER D 127 61.34 -15.01 -30.41
C SER D 127 60.26 -16.09 -30.20
N GLY D 128 59.76 -16.20 -28.97
CA GLY D 128 58.73 -17.18 -28.61
C GLY D 128 58.57 -17.33 -27.10
N ASP D 129 57.32 -17.25 -26.63
CA ASP D 129 56.95 -17.37 -25.20
C ASP D 129 57.33 -16.11 -24.40
N CYS D 130 57.06 -16.18 -23.07
CA CYS D 130 57.31 -15.06 -22.15
C CYS D 130 58.74 -15.08 -21.52
N ALA D 131 59.20 -13.87 -21.20
CA ALA D 131 60.48 -13.65 -20.55
C ALA D 131 60.17 -13.46 -19.07
N GLU D 132 60.86 -14.24 -18.24
CA GLU D 132 60.58 -14.26 -16.79
C GLU D 132 61.78 -14.00 -15.84
N ARG D 133 62.95 -14.54 -16.20
CA ARG D 133 64.19 -14.37 -15.42
C ARG D 133 64.96 -13.15 -16.01
N GLN D 134 65.25 -12.15 -15.15
CA GLN D 134 65.89 -10.91 -15.66
C GLN D 134 66.63 -10.01 -14.61
N TRP D 135 67.97 -10.06 -14.72
CA TRP D 135 68.88 -9.22 -13.92
C TRP D 135 70.13 -8.86 -14.74
N ASP D 136 70.96 -7.97 -14.16
CA ASP D 136 72.19 -7.48 -14.81
C ASP D 136 73.01 -6.60 -13.84
N PHE D 137 72.34 -6.07 -12.82
CA PHE D 137 72.99 -5.20 -11.81
C PHE D 137 73.74 -4.01 -12.45
N LEU D 138 73.53 -2.83 -11.84
CA LEU D 138 74.08 -1.52 -12.29
C LEU D 138 73.21 -0.89 -13.38
N GLY D 139 72.03 -1.47 -13.64
CA GLY D 139 71.10 -1.00 -14.67
C GLY D 139 70.54 0.41 -14.42
N LEU D 140 71.41 1.29 -13.90
CA LEU D 140 71.06 2.67 -13.59
C LEU D 140 69.72 2.75 -12.86
N GLU D 141 69.03 3.87 -13.09
CA GLU D 141 67.72 4.16 -12.46
C GLU D 141 66.60 3.47 -13.23
N MET D 142 66.95 2.46 -14.03
CA MET D 142 65.98 1.70 -14.83
C MET D 142 65.21 2.57 -15.83
N PRO D 143 64.77 2.02 -16.96
CA PRO D 143 64.02 2.83 -17.92
C PRO D 143 62.86 3.52 -17.24
N GLN D 144 62.55 4.73 -17.72
CA GLN D 144 61.44 5.52 -17.20
C GLN D 144 61.71 7.01 -17.46
N TRP D 145 62.98 7.39 -17.45
CA TRP D 145 63.40 8.75 -17.77
C TRP D 145 63.51 8.84 -19.30
N LEU D 146 63.65 7.66 -19.93
CA LEU D 146 63.85 7.55 -21.38
C LEU D 146 62.93 8.44 -22.20
N LEU D 147 61.66 8.48 -21.82
CA LEU D 147 60.68 9.29 -22.50
C LEU D 147 60.95 10.78 -22.36
N GLY D 148 61.28 11.21 -21.15
CA GLY D 148 61.58 12.60 -20.88
C GLY D 148 62.86 12.98 -21.59
N ILE D 149 63.93 12.22 -21.29
CA ILE D 149 65.24 12.52 -21.85
C ILE D 149 65.31 12.57 -23.43
N PHE D 150 64.52 11.76 -24.09
CA PHE D 150 64.43 11.81 -25.54
C PHE D 150 63.80 13.13 -25.98
N ILE D 151 62.82 13.64 -25.22
CA ILE D 151 62.16 14.91 -25.56
C ILE D 151 63.25 16.03 -25.75
N ALA D 152 64.41 15.79 -25.16
CA ALA D 152 65.52 16.75 -25.25
C ALA D 152 65.66 17.31 -26.68
N TYR D 153 65.51 16.41 -27.65
CA TYR D 153 65.58 16.75 -29.04
C TYR D 153 64.46 17.72 -29.34
N LEU D 154 63.25 17.35 -28.89
CA LEU D 154 62.06 18.19 -29.09
C LEU D 154 62.33 19.63 -28.65
N ILE D 155 62.99 19.83 -27.50
CA ILE D 155 63.25 21.17 -27.10
C ILE D 155 64.45 21.81 -28.08
N VAL D 156 65.45 21.00 -28.33
CA VAL D 156 66.52 21.40 -29.25
C VAL D 156 65.90 21.70 -30.62
N ALA D 157 64.71 21.12 -30.83
CA ALA D 157 63.96 21.34 -32.03
C ALA D 157 63.35 22.71 -31.89
N VAL D 158 62.67 22.92 -30.76
CA VAL D 158 62.02 24.22 -30.49
C VAL D 158 63.07 25.31 -30.32
N LEU D 159 64.25 24.90 -29.83
CA LEU D 159 65.37 25.84 -29.55
C LEU D 159 66.13 26.30 -30.81
N VAL D 160 66.35 25.35 -31.76
CA VAL D 160 67.02 25.70 -33.01
C VAL D 160 66.11 26.72 -33.69
N VAL D 161 64.78 26.47 -33.67
CA VAL D 161 63.80 27.38 -34.32
C VAL D 161 63.45 28.66 -33.53
N ILE D 162 62.83 28.54 -32.37
CA ILE D 162 62.53 29.72 -31.56
C ILE D 162 62.65 29.39 -30.06
N ASP E 21 39.45 -18.55 -15.68
CA ASP E 21 39.67 -17.19 -15.08
C ASP E 21 40.28 -17.26 -13.69
N ILE E 22 40.12 -16.19 -12.92
CA ILE E 22 40.48 -16.21 -11.51
C ILE E 22 39.22 -16.37 -10.65
N VAL E 23 39.33 -17.16 -9.58
CA VAL E 23 38.27 -17.22 -8.55
C VAL E 23 38.59 -16.45 -7.26
N MET E 24 37.71 -15.51 -6.94
CA MET E 24 37.81 -14.74 -5.72
C MET E 24 36.87 -15.38 -4.72
N SER E 25 37.35 -15.61 -3.49
CA SER E 25 36.48 -16.17 -2.46
C SER E 25 36.57 -15.47 -1.11
N GLN E 26 35.47 -14.82 -0.73
CA GLN E 26 35.35 -14.16 0.57
C GLN E 26 34.86 -15.06 1.70
N SER E 27 35.41 -14.78 2.87
CA SER E 27 35.07 -15.45 4.13
C SER E 27 35.02 -14.37 5.23
N PRO E 28 33.98 -14.41 6.08
CA PRO E 28 32.88 -15.36 6.13
C PRO E 28 31.80 -14.93 5.15
N SER E 29 30.68 -15.65 5.13
CA SER E 29 29.50 -15.21 4.39
C SER E 29 28.94 -13.94 4.98
N SER E 30 28.88 -13.91 6.30
CA SER E 30 28.38 -12.76 7.02
C SER E 30 28.91 -12.66 8.44
N LEU E 31 28.67 -11.50 9.04
CA LEU E 31 29.05 -11.24 10.40
C LEU E 31 28.26 -10.10 10.99
N ALA E 32 27.51 -10.40 12.04
CA ALA E 32 26.86 -9.36 12.82
C ALA E 32 27.89 -8.81 13.79
N VAL E 33 27.84 -7.50 14.00
CA VAL E 33 28.81 -6.86 14.89
C VAL E 33 28.24 -5.64 15.67
N SER E 34 28.99 -5.21 16.68
CA SER E 34 28.58 -4.17 17.62
C SER E 34 29.24 -2.83 17.33
N ALA E 35 28.43 -1.78 17.32
CA ALA E 35 28.84 -0.46 16.86
C ALA E 35 29.98 0.17 17.68
N GLY E 36 31.12 0.38 17.01
CA GLY E 36 32.29 1.01 17.63
C GLY E 36 33.49 0.10 17.72
N GLU E 37 33.29 -1.18 17.39
CA GLU E 37 34.34 -2.19 17.40
C GLU E 37 35.27 -2.17 16.16
N LYS E 38 36.00 -3.26 15.95
CA LYS E 38 36.89 -3.40 14.79
C LYS E 38 36.84 -4.79 14.13
N VAL E 39 35.92 -4.94 13.16
CA VAL E 39 35.79 -6.13 12.28
C VAL E 39 36.86 -6.20 11.19
N THR E 40 37.09 -7.41 10.69
CA THR E 40 37.93 -7.60 9.50
C THR E 40 37.36 -8.74 8.67
N MET E 41 36.94 -8.47 7.44
CA MET E 41 36.61 -9.57 6.53
C MET E 41 37.80 -9.96 5.69
N SER E 42 37.72 -11.14 5.07
CA SER E 42 38.83 -11.66 4.29
C SER E 42 38.48 -11.95 2.84
N CYS E 43 39.48 -11.74 1.98
CA CYS E 43 39.36 -11.96 0.56
C CYS E 43 40.56 -12.73 0.07
N LYS E 44 40.31 -13.80 -0.67
CA LYS E 44 41.37 -14.59 -1.24
C LYS E 44 41.15 -14.80 -2.73
N SER E 45 42.21 -15.24 -3.41
CA SER E 45 42.24 -15.27 -4.86
C SER E 45 42.98 -16.51 -5.28
N SER E 46 42.55 -17.12 -6.38
CA SER E 46 43.16 -18.37 -6.85
C SER E 46 44.58 -18.11 -7.33
N GLN E 47 44.71 -17.01 -8.06
CA GLN E 47 46.00 -16.58 -8.60
C GLN E 47 46.56 -15.42 -7.80
N SER E 48 47.88 -15.31 -7.80
CA SER E 48 48.54 -14.19 -7.18
C SER E 48 48.26 -12.94 -7.99
N LEU E 49 48.04 -11.84 -7.30
CA LEU E 49 47.64 -10.60 -7.94
C LEU E 49 48.78 -9.59 -7.92
N LEU E 50 49.99 -10.06 -7.61
CA LEU E 50 51.20 -9.22 -7.62
C LEU E 50 51.72 -8.95 -9.04
N ASN E 51 52.53 -7.91 -9.18
CA ASN E 51 53.18 -7.59 -10.46
C ASN E 51 54.67 -7.27 -10.26
N SER E 52 55.54 -8.04 -10.89
CA SER E 52 57.02 -7.86 -10.78
C SER E 52 57.44 -6.41 -10.65
N ARG E 53 56.83 -5.56 -11.48
CA ARG E 53 56.95 -4.10 -11.42
C ARG E 53 55.54 -3.50 -11.47
N THR E 54 55.23 -2.52 -10.62
CA THR E 54 55.92 -2.30 -9.37
C THR E 54 55.05 -3.12 -8.43
N ARG E 55 55.51 -3.36 -7.19
CA ARG E 55 54.64 -3.98 -6.19
C ARG E 55 53.27 -3.29 -6.25
N LYS E 56 52.34 -3.95 -6.95
CA LYS E 56 50.96 -3.50 -7.07
C LYS E 56 50.11 -4.77 -7.09
N ASN E 57 48.85 -4.62 -6.66
CA ASN E 57 48.07 -5.73 -6.17
C ASN E 57 46.72 -5.11 -5.95
N TYR E 58 45.94 -4.70 -6.95
CA TYR E 58 45.52 -5.38 -8.20
C TYR E 58 44.25 -6.14 -7.86
N LEU E 59 43.54 -5.47 -6.97
CA LEU E 59 42.34 -5.94 -6.31
C LEU E 59 41.73 -4.71 -5.66
N ALA E 60 40.40 -4.64 -5.69
CA ALA E 60 39.65 -3.55 -5.10
C ALA E 60 38.77 -4.02 -3.94
N TRP E 61 38.02 -3.08 -3.36
CA TRP E 61 37.00 -3.34 -2.35
C TRP E 61 35.83 -2.40 -2.63
N TYR E 62 34.64 -2.96 -2.78
CA TYR E 62 33.44 -2.18 -3.02
C TYR E 62 32.42 -2.49 -1.94
N GLN E 63 31.74 -1.47 -1.43
CA GLN E 63 30.63 -1.71 -0.50
C GLN E 63 29.26 -1.39 -1.11
N GLN E 64 28.32 -2.33 -0.98
CA GLN E 64 26.98 -2.17 -1.51
C GLN E 64 25.88 -2.25 -0.42
N LYS E 65 25.27 -1.10 -0.18
CA LYS E 65 24.13 -0.99 0.70
C LYS E 65 22.86 -1.36 -0.07
N PRO E 66 21.83 -1.89 0.62
CA PRO E 66 20.59 -2.30 -0.04
C PRO E 66 20.02 -1.23 -0.97
N GLY E 67 19.31 -1.66 -2.01
CA GLY E 67 18.69 -0.76 -2.97
C GLY E 67 19.63 0.25 -3.62
N GLN E 68 20.80 -0.20 -4.09
CA GLN E 68 21.88 0.64 -4.65
C GLN E 68 22.96 -0.12 -5.41
N SER E 69 23.82 0.63 -6.11
CA SER E 69 25.06 0.11 -6.69
C SER E 69 26.11 -0.01 -5.58
N PRO E 70 27.30 -0.53 -5.92
CA PRO E 70 28.44 -0.45 -5.01
C PRO E 70 29.16 0.90 -5.12
N LYS E 71 30.09 1.16 -4.20
CA LYS E 71 31.00 2.30 -4.30
C LYS E 71 32.41 1.77 -4.09
N LEU E 72 33.38 2.24 -4.89
CA LEU E 72 34.79 1.85 -4.68
C LEU E 72 35.30 2.36 -3.34
N LEU E 73 35.71 1.45 -2.48
CA LEU E 73 36.18 1.82 -1.16
C LEU E 73 37.68 1.89 -1.19
N ILE E 74 38.30 0.83 -1.71
CA ILE E 74 39.75 0.78 -1.80
C ILE E 74 40.16 0.18 -3.13
N TYR E 75 41.15 0.79 -3.78
CA TYR E 75 41.75 0.23 -4.99
C TYR E 75 43.22 -0.13 -4.74
N TRP E 76 43.74 -1.01 -5.59
CA TRP E 76 45.10 -1.54 -5.44
C TRP E 76 45.31 -2.11 -4.05
N ALA E 77 44.21 -2.59 -3.46
CA ALA E 77 44.14 -3.15 -2.08
C ALA E 77 44.44 -2.17 -0.93
N SER E 78 45.45 -1.31 -1.11
CA SER E 78 45.84 -0.31 -0.11
C SER E 78 45.14 1.01 -0.31
N THR E 79 45.63 1.81 -1.25
CA THR E 79 45.21 3.21 -1.33
C THR E 79 43.69 3.37 -1.21
N ARG E 80 43.27 4.21 -0.27
CA ARG E 80 41.87 4.55 -0.09
C ARG E 80 41.28 5.24 -1.32
N GLU E 81 40.00 5.55 -1.26
CA GLU E 81 39.37 6.31 -2.32
C GLU E 81 39.09 7.73 -1.85
N SER E 82 38.85 8.64 -2.81
CA SER E 82 38.61 10.06 -2.51
C SER E 82 37.30 10.26 -1.75
N GLY E 83 37.43 10.47 -0.44
CA GLY E 83 36.28 10.65 0.47
C GLY E 83 35.96 9.39 1.25
N VAL E 84 36.98 8.59 1.53
CA VAL E 84 36.79 7.35 2.28
C VAL E 84 37.51 7.38 3.63
N PRO E 85 36.73 7.29 4.72
CA PRO E 85 37.16 7.33 6.13
C PRO E 85 38.45 6.58 6.47
N ASP E 86 39.09 7.00 7.56
CA ASP E 86 40.31 6.41 8.07
C ASP E 86 40.12 4.98 8.50
N ARG E 87 38.98 4.73 9.12
CA ARG E 87 38.62 3.42 9.72
C ARG E 87 38.93 2.20 8.83
N PHE E 88 38.44 2.22 7.59
CA PHE E 88 38.75 1.17 6.59
C PHE E 88 40.24 1.17 6.26
N THR E 89 40.80 -0.01 6.06
CA THR E 89 42.23 -0.15 5.79
C THR E 89 42.52 -1.51 5.19
N GLY E 90 42.48 -1.59 3.86
CA GLY E 90 42.80 -2.84 3.16
C GLY E 90 44.23 -3.25 3.43
N SER E 91 44.48 -4.56 3.37
CA SER E 91 45.82 -5.08 3.60
C SER E 91 45.94 -6.42 2.89
N GLY E 92 47.14 -6.99 2.91
CA GLY E 92 47.32 -8.32 2.34
C GLY E 92 48.08 -8.25 1.05
N SER E 93 48.58 -9.40 0.60
CA SER E 93 49.51 -9.42 -0.53
C SER E 93 49.54 -10.73 -1.33
N GLY E 94 49.24 -10.62 -2.62
CA GLY E 94 49.37 -11.73 -3.56
C GLY E 94 48.10 -12.56 -3.64
N THR E 95 47.86 -13.34 -2.59
CA THR E 95 46.71 -14.26 -2.53
C THR E 95 45.99 -14.21 -1.18
N ASP E 96 46.01 -13.04 -0.52
CA ASP E 96 45.51 -12.89 0.86
C ASP E 96 45.14 -11.47 1.25
N PHE E 97 43.99 -11.00 0.79
CA PHE E 97 43.58 -9.60 1.01
C PHE E 97 42.53 -9.45 2.13
N THR E 98 42.65 -8.37 2.91
CA THR E 98 41.89 -8.27 4.14
C THR E 98 41.43 -6.87 4.49
N LEU E 99 40.18 -6.57 4.17
CA LEU E 99 39.56 -5.30 4.52
C LEU E 99 39.21 -5.31 5.98
N THR E 100 39.37 -4.16 6.65
CA THR E 100 39.12 -4.05 8.09
C THR E 100 38.54 -2.69 8.50
N ILE E 101 37.47 -2.72 9.30
CA ILE E 101 36.81 -1.51 9.84
C ILE E 101 36.94 -1.42 11.36
N SER E 102 37.27 -0.23 11.88
CA SER E 102 36.97 0.10 13.29
C SER E 102 35.88 1.18 13.33
N SER E 103 35.48 1.59 14.54
CA SER E 103 34.41 2.59 14.76
C SER E 103 33.10 2.24 14.02
N VAL E 104 32.99 0.98 13.64
CA VAL E 104 31.84 0.46 12.91
C VAL E 104 30.62 1.36 13.06
N GLN E 105 30.36 2.17 12.04
CA GLN E 105 29.13 2.98 12.02
C GLN E 105 27.88 2.11 11.86
N ALA E 106 26.71 2.70 12.07
CA ALA E 106 25.44 2.04 11.82
C ALA E 106 25.18 2.09 10.32
N GLU E 107 25.67 3.16 9.69
CA GLU E 107 25.67 3.32 8.23
C GLU E 107 26.97 2.69 7.63
N ASP E 108 27.27 1.49 8.10
CA ASP E 108 28.34 0.67 7.60
C ASP E 108 27.80 -0.72 7.35
N LEU E 109 26.48 -0.86 7.54
CA LEU E 109 25.79 -2.10 7.18
C LEU E 109 25.73 -2.11 5.66
N ALA E 110 26.24 -3.20 5.09
CA ALA E 110 26.37 -3.40 3.64
C ALA E 110 27.00 -4.77 3.35
N VAL E 111 27.01 -5.16 2.08
CA VAL E 111 27.79 -6.32 1.67
C VAL E 111 29.10 -5.79 1.08
N TYR E 112 30.22 -6.32 1.60
CA TYR E 112 31.53 -5.92 1.12
C TYR E 112 32.01 -6.99 0.17
N TYR E 113 32.30 -6.56 -1.05
CA TYR E 113 32.82 -7.39 -2.14
C TYR E 113 34.30 -7.10 -2.35
N CYS E 114 35.00 -7.99 -3.05
CA CYS E 114 36.35 -7.70 -3.51
C CYS E 114 36.50 -8.09 -4.98
N LYS E 115 37.14 -7.20 -5.74
CA LYS E 115 37.34 -7.34 -7.19
C LYS E 115 38.82 -7.37 -7.50
N GLN E 116 39.28 -8.42 -8.17
CA GLN E 116 40.60 -8.38 -8.77
C GLN E 116 40.48 -7.90 -10.20
N SER E 117 41.50 -7.18 -10.65
CA SER E 117 41.55 -6.76 -12.03
C SER E 117 42.89 -7.12 -12.68
N TYR E 118 43.74 -7.86 -11.97
CA TYR E 118 45.00 -8.34 -12.53
C TYR E 118 44.77 -8.92 -13.91
N ASN E 119 43.77 -9.79 -14.01
CA ASN E 119 43.43 -10.41 -15.26
C ASN E 119 41.93 -10.44 -15.35
N LEU E 120 41.39 -9.74 -16.33
CA LEU E 120 39.95 -9.51 -16.45
C LEU E 120 39.33 -8.84 -15.21
N TYR E 121 38.02 -9.01 -15.03
CA TYR E 121 37.33 -8.50 -13.85
C TYR E 121 36.53 -9.64 -13.21
N THR E 122 36.92 -10.08 -12.02
CA THR E 122 36.16 -11.13 -11.35
C THR E 122 35.89 -10.77 -9.88
N PHE E 123 34.64 -10.80 -9.45
CA PHE E 123 34.29 -10.45 -8.07
C PHE E 123 34.34 -11.56 -7.00
N GLY E 124 34.36 -11.14 -5.72
CA GLY E 124 34.23 -12.06 -4.59
C GLY E 124 32.78 -12.41 -4.35
N GLY E 125 32.52 -13.24 -3.34
CA GLY E 125 31.15 -13.60 -2.97
C GLY E 125 30.46 -12.52 -2.16
N GLY E 126 31.16 -12.00 -1.16
CA GLY E 126 30.64 -10.98 -0.29
C GLY E 126 30.84 -11.38 1.16
N THR E 127 30.89 -10.38 2.03
CA THR E 127 30.75 -10.59 3.46
C THR E 127 29.66 -9.61 3.88
N LYS E 128 28.51 -10.14 4.29
CA LYS E 128 27.39 -9.30 4.71
C LYS E 128 27.69 -8.83 6.13
N LEU E 129 27.45 -7.55 6.42
CA LEU E 129 27.81 -7.05 7.74
C LEU E 129 26.60 -6.54 8.54
N GLU E 130 25.96 -7.45 9.27
CA GLU E 130 24.80 -7.14 10.09
C GLU E 130 25.09 -6.53 11.48
N ILE E 131 24.08 -5.90 12.08
CA ILE E 131 24.22 -5.22 13.38
C ILE E 131 23.52 -5.96 14.54
N LYS E 132 24.26 -6.19 15.62
CA LYS E 132 23.66 -6.71 16.86
C LYS E 132 22.72 -5.66 17.49
N ALA E 134 21.28 -7.46 20.10
CA ALA E 134 20.71 -8.01 21.34
C ALA E 134 19.44 -8.84 21.06
N ASP E 135 19.38 -10.02 21.68
CA ASP E 135 18.43 -11.09 21.30
C ASP E 135 16.95 -10.72 21.44
N ALA E 136 16.10 -11.65 21.00
CA ALA E 136 14.64 -11.58 21.17
C ALA E 136 14.00 -12.91 20.73
N ALA E 137 12.78 -13.17 21.21
CA ALA E 137 12.02 -14.35 20.78
C ALA E 137 11.00 -14.01 19.66
N PRO E 138 10.75 -14.97 18.75
CA PRO E 138 9.89 -14.69 17.61
C PRO E 138 8.40 -14.68 17.96
N THR E 139 7.71 -13.66 17.46
CA THR E 139 6.27 -13.52 17.61
C THR E 139 5.59 -14.27 16.46
N VAL E 140 5.28 -15.53 16.72
CA VAL E 140 4.69 -16.39 15.70
C VAL E 140 3.15 -16.41 15.76
N SER E 141 2.55 -16.36 14.58
CA SER E 141 1.11 -16.36 14.47
C SER E 141 0.71 -17.13 13.22
N ILE E 142 -0.18 -18.10 13.39
CA ILE E 142 -0.66 -18.96 12.30
C ILE E 142 -1.98 -18.46 11.72
N PHE E 143 -2.22 -18.78 10.45
CA PHE E 143 -3.34 -18.23 9.69
C PHE E 143 -3.85 -19.26 8.70
N PRO E 144 -5.13 -19.68 8.85
CA PRO E 144 -5.85 -20.61 7.97
C PRO E 144 -6.09 -20.09 6.55
N PRO E 145 -6.40 -20.99 5.59
CA PRO E 145 -6.57 -20.58 4.20
C PRO E 145 -7.83 -19.73 4.04
N SER E 146 -7.63 -18.51 3.57
CA SER E 146 -8.69 -17.53 3.50
C SER E 146 -9.98 -18.01 2.83
N SER E 147 -11.08 -17.58 3.46
CA SER E 147 -12.46 -17.73 2.98
C SER E 147 -12.61 -18.01 1.49
N GLU E 148 -12.04 -17.13 0.66
CA GLU E 148 -12.24 -17.20 -0.78
C GLU E 148 -11.26 -18.12 -1.50
N GLN E 149 -10.02 -18.17 -1.04
CA GLN E 149 -9.01 -19.00 -1.69
C GLN E 149 -9.56 -20.40 -1.94
N LEU E 150 -10.26 -20.91 -0.92
CA LEU E 150 -10.83 -22.25 -0.93
C LEU E 150 -11.72 -22.52 -2.14
N THR E 151 -12.78 -21.72 -2.28
CA THR E 151 -13.71 -21.82 -3.42
C THR E 151 -12.99 -21.86 -4.76
N SER E 152 -11.78 -21.30 -4.79
CA SER E 152 -10.96 -21.22 -6.00
C SER E 152 -10.28 -22.55 -6.37
N GLY E 153 -10.35 -23.52 -5.46
CA GLY E 153 -9.79 -24.85 -5.70
C GLY E 153 -8.44 -25.06 -5.05
N GLY E 154 -7.94 -24.01 -4.41
CA GLY E 154 -6.65 -24.03 -3.72
C GLY E 154 -6.77 -23.61 -2.27
N ALA E 155 -5.72 -23.86 -1.48
CA ALA E 155 -5.71 -23.52 -0.06
C ALA E 155 -4.28 -23.39 0.51
N SER E 156 -3.96 -22.22 1.04
CA SER E 156 -2.63 -21.95 1.60
C SER E 156 -2.72 -21.51 3.05
N VAL E 157 -2.06 -22.27 3.93
CA VAL E 157 -1.94 -21.92 5.33
C VAL E 157 -0.64 -21.16 5.54
N VAL E 158 -0.69 -19.98 6.13
CA VAL E 158 0.55 -19.26 6.41
C VAL E 158 0.80 -19.08 7.90
N CYS E 159 2.03 -18.74 8.27
CA CYS E 159 2.31 -18.26 9.61
C CYS E 159 3.57 -17.42 9.67
N PHE E 160 3.44 -16.25 10.31
CA PHE E 160 4.49 -15.26 10.35
C PHE E 160 5.33 -15.31 11.62
N LEU E 161 6.59 -15.67 11.45
CA LEU E 161 7.56 -15.75 12.56
C LEU E 161 8.30 -14.41 12.66
N ASN E 162 7.76 -13.47 13.41
CA ASN E 162 8.20 -12.09 13.32
C ASN E 162 9.10 -11.63 14.47
N ASN E 163 10.00 -10.70 14.15
CA ASN E 163 10.82 -9.99 15.14
C ASN E 163 11.60 -10.85 16.10
N PHE E 164 12.70 -11.39 15.59
CA PHE E 164 13.60 -12.26 16.36
C PHE E 164 15.07 -12.11 15.97
N TYR E 165 15.95 -12.31 16.95
CA TYR E 165 17.36 -12.29 16.70
C TYR E 165 18.02 -13.30 17.64
N PRO E 166 18.98 -14.12 17.13
CA PRO E 166 19.64 -14.28 15.82
C PRO E 166 18.78 -14.92 14.72
N LYS E 167 19.16 -14.73 13.46
CA LYS E 167 18.36 -15.19 12.32
C LYS E 167 18.00 -16.69 12.40
N ASP E 168 18.95 -17.51 12.83
CA ASP E 168 18.82 -18.97 12.78
C ASP E 168 17.57 -19.48 13.48
N ILE E 169 16.51 -19.64 12.70
CA ILE E 169 15.28 -20.19 13.21
C ILE E 169 15.03 -21.51 12.51
N ASN E 170 14.03 -22.24 13.00
CA ASN E 170 13.69 -23.52 12.44
C ASN E 170 12.20 -23.79 12.62
N VAL E 171 11.46 -23.81 11.53
CA VAL E 171 10.03 -24.12 11.59
C VAL E 171 9.80 -25.61 11.34
N LYS E 172 8.74 -26.14 11.92
CA LYS E 172 8.42 -27.55 11.77
C LYS E 172 6.90 -27.75 11.80
N TRP E 173 6.31 -27.84 10.61
CA TRP E 173 4.85 -27.98 10.45
C TRP E 173 4.31 -29.34 10.88
N LYS E 174 3.06 -29.35 11.34
CA LYS E 174 2.36 -30.58 11.67
C LYS E 174 0.91 -30.50 11.22
N ILE E 175 0.46 -31.57 10.54
CA ILE E 175 -0.95 -31.86 10.28
C ILE E 175 -1.36 -32.89 11.33
N ASP E 176 -2.15 -32.45 12.31
CA ASP E 176 -2.36 -33.16 13.59
C ASP E 176 -1.28 -34.19 13.95
N GLY E 177 -0.29 -33.73 14.71
CA GLY E 177 0.73 -34.57 15.31
C GLY E 177 1.80 -35.03 14.34
N SER E 178 1.38 -35.53 13.18
CA SER E 178 2.31 -35.97 12.13
C SER E 178 2.87 -34.73 11.44
N GLU E 179 4.18 -34.74 11.21
CA GLU E 179 4.90 -33.55 10.77
C GLU E 179 5.43 -33.69 9.36
N ARG E 180 4.58 -33.50 8.36
CA ARG E 180 5.06 -33.54 6.95
C ARG E 180 5.84 -32.27 6.56
N GLN E 181 6.82 -32.44 5.67
CA GLN E 181 7.70 -31.34 5.32
C GLN E 181 7.31 -30.78 3.98
N ASN E 182 7.30 -31.61 2.94
CA ASN E 182 7.17 -31.12 1.58
C ASN E 182 5.86 -30.38 1.30
N GLY E 183 5.93 -29.41 0.41
CA GLY E 183 4.81 -28.52 0.16
C GLY E 183 4.96 -27.20 0.87
N VAL E 184 5.94 -27.11 1.79
CA VAL E 184 6.19 -25.88 2.55
C VAL E 184 7.14 -24.92 1.84
N LEU E 185 6.82 -23.63 1.90
CA LEU E 185 7.64 -22.58 1.35
C LEU E 185 8.02 -21.59 2.44
N ASN E 186 9.29 -21.18 2.49
CA ASN E 186 9.72 -20.13 3.45
C ASN E 186 10.28 -18.88 2.80
N SER E 187 10.48 -17.85 3.62
CA SER E 187 10.90 -16.53 3.14
C SER E 187 11.40 -15.65 4.30
N TRP E 188 12.59 -15.09 4.13
CA TRP E 188 13.26 -14.35 5.18
C TRP E 188 13.53 -12.92 4.83
N THR E 189 13.24 -12.03 5.78
CA THR E 189 13.59 -10.63 5.63
C THR E 189 15.04 -10.40 6.06
N ASP E 190 15.58 -9.26 5.64
CA ASP E 190 16.80 -8.71 6.22
C ASP E 190 16.44 -7.96 7.49
N GLN E 191 17.44 -7.83 8.35
CA GLN E 191 17.38 -6.99 9.53
C GLN E 191 16.47 -5.78 9.40
N ASP E 192 15.78 -5.45 10.48
CA ASP E 192 14.92 -4.27 10.49
C ASP E 192 15.78 -3.03 10.63
N SER E 193 15.31 -1.91 10.06
CA SER E 193 16.07 -0.65 10.10
C SER E 193 15.96 0.02 11.47
N LYS E 194 14.81 -0.12 12.10
CA LYS E 194 14.56 0.44 13.43
C LYS E 194 14.68 -0.67 14.48
N ASP E 195 13.85 -1.70 14.32
CA ASP E 195 13.78 -2.84 15.23
C ASP E 195 15.04 -3.75 15.13
N SER E 196 15.76 -3.64 14.02
CA SER E 196 17.05 -4.32 13.82
C SER E 196 17.02 -5.84 14.02
N THR E 197 15.87 -6.45 13.72
CA THR E 197 15.71 -7.89 13.82
C THR E 197 15.02 -8.50 12.60
N TYR E 198 14.90 -9.82 12.59
CA TYR E 198 14.36 -10.55 11.45
C TYR E 198 12.93 -11.02 11.67
N SER E 199 12.28 -11.32 10.55
CA SER E 199 10.96 -11.92 10.50
C SER E 199 10.93 -12.88 9.32
N MET E 200 10.27 -14.00 9.50
CA MET E 200 10.21 -15.01 8.46
C MET E 200 8.78 -15.50 8.31
N SER E 201 8.32 -15.68 7.08
CA SER E 201 7.03 -16.31 6.88
C SER E 201 7.19 -17.74 6.36
N SER E 202 6.18 -18.57 6.58
CA SER E 202 6.21 -19.97 6.17
C SER E 202 4.82 -20.40 5.72
N THR E 203 4.75 -21.08 4.59
CA THR E 203 3.48 -21.38 3.97
C THR E 203 3.38 -22.81 3.47
N LEU E 204 2.71 -23.65 4.26
CA LEU E 204 2.30 -24.96 3.79
C LEU E 204 1.09 -24.79 2.89
N THR E 205 1.22 -25.24 1.65
CA THR E 205 0.16 -25.06 0.67
C THR E 205 -0.40 -26.38 0.12
N LEU E 206 -1.73 -26.47 0.07
CA LEU E 206 -2.46 -27.69 -0.32
C LEU E 206 -3.65 -27.44 -1.24
N THR E 207 -3.93 -28.43 -2.09
CA THR E 207 -5.20 -28.52 -2.76
C THR E 207 -6.30 -28.69 -1.70
N LYS E 208 -7.28 -27.79 -1.73
CA LYS E 208 -8.49 -27.85 -0.89
C LYS E 208 -8.87 -29.28 -0.52
N ASP E 209 -9.11 -30.12 -1.52
CA ASP E 209 -9.37 -31.55 -1.32
C ASP E 209 -8.54 -32.12 -0.17
N GLU E 210 -7.23 -31.94 -0.27
CA GLU E 210 -6.31 -32.44 0.73
C GLU E 210 -6.31 -31.58 1.98
N TYR E 211 -6.76 -30.34 1.86
CA TYR E 211 -6.86 -29.48 3.03
C TYR E 211 -7.78 -30.12 4.05
N GLU E 212 -8.92 -30.62 3.58
CA GLU E 212 -9.94 -31.21 4.45
C GLU E 212 -9.69 -32.67 4.81
N ARG E 213 -8.62 -33.27 4.28
CA ARG E 213 -8.21 -34.60 4.72
C ARG E 213 -8.10 -34.60 6.24
N HIS E 214 -7.53 -33.54 6.80
CA HIS E 214 -7.29 -33.46 8.25
C HIS E 214 -7.97 -32.30 8.96
N ASN E 215 -7.66 -32.15 10.24
CA ASN E 215 -8.25 -31.13 11.09
C ASN E 215 -7.24 -30.18 11.71
N SER E 216 -6.26 -30.74 12.41
CA SER E 216 -5.36 -29.91 13.19
C SER E 216 -4.14 -29.49 12.40
N TYR E 217 -3.87 -28.19 12.38
CA TYR E 217 -2.67 -27.64 11.75
C TYR E 217 -1.88 -26.80 12.75
N THR E 218 -0.55 -26.86 12.67
CA THR E 218 0.31 -26.16 13.63
C THR E 218 1.74 -25.87 13.11
N CYS E 219 2.28 -24.71 13.47
CA CYS E 219 3.67 -24.36 13.14
C CYS E 219 4.50 -23.99 14.38
N GLU E 220 5.77 -24.36 14.38
CA GLU E 220 6.60 -24.21 15.57
C GLU E 220 7.96 -23.62 15.28
N ALA E 221 8.19 -22.40 15.78
CA ALA E 221 9.54 -21.85 15.86
C ALA E 221 10.40 -22.76 16.74
N THR E 222 11.71 -22.60 16.69
CA THR E 222 12.61 -23.31 17.61
C THR E 222 13.88 -22.49 17.72
N HIS E 223 13.67 -21.18 17.81
CA HIS E 223 14.72 -20.18 18.04
C HIS E 223 15.64 -20.43 19.25
N LYS E 224 16.83 -19.86 19.18
CA LYS E 224 17.80 -19.98 20.25
C LYS E 224 17.53 -18.95 21.34
N THR E 225 16.31 -18.92 21.87
CA THR E 225 15.98 -18.06 23.02
C THR E 225 15.55 -18.93 24.17
N SER E 226 14.48 -19.68 23.94
CA SER E 226 14.03 -20.71 24.88
C SER E 226 13.97 -22.02 24.12
N THR E 227 14.85 -22.96 24.45
CA THR E 227 14.81 -24.26 23.77
C THR E 227 13.57 -25.02 24.21
N SER E 228 12.44 -24.53 23.72
CA SER E 228 11.11 -25.09 23.85
C SER E 228 10.31 -24.47 22.70
N PRO E 229 9.96 -25.28 21.69
CA PRO E 229 9.21 -24.81 20.54
C PRO E 229 8.06 -23.87 20.90
N ILE E 230 7.89 -22.80 20.14
CA ILE E 230 6.65 -22.01 20.20
C ILE E 230 5.64 -22.60 19.21
N VAL E 231 4.88 -23.58 19.70
CA VAL E 231 3.73 -24.10 18.98
C VAL E 231 2.62 -23.06 19.02
N LYS E 232 1.80 -23.07 17.98
CA LYS E 232 0.72 -22.13 17.83
C LYS E 232 -0.15 -22.74 16.74
N SER E 233 -1.21 -23.41 17.19
CA SER E 233 -1.99 -24.26 16.30
C SER E 233 -3.45 -23.81 16.12
N PHE E 234 -4.00 -24.11 14.95
CA PHE E 234 -5.42 -23.96 14.68
C PHE E 234 -5.95 -25.26 14.04
N ASN E 235 -7.25 -25.53 14.17
CA ASN E 235 -7.81 -26.78 13.65
C ASN E 235 -9.15 -26.59 12.96
N ARG E 236 -9.29 -27.30 11.84
CA ARG E 236 -10.32 -27.04 10.81
C ARG E 236 -11.73 -26.64 11.27
N ASN E 237 -12.49 -27.60 11.79
CA ASN E 237 -13.94 -27.47 12.13
C ASN E 237 -14.68 -26.20 11.66
N GLU E 238 -14.45 -25.10 12.38
CA GLU E 238 -15.13 -23.82 12.17
C GLU E 238 -14.76 -23.13 10.84
N CYS E 239 -13.55 -23.41 10.34
CA CYS E 239 -13.03 -22.84 9.07
C CYS E 239 -12.71 -23.90 8.01
N GLU F 1 27.03 15.42 -8.88
CA GLU F 1 27.78 16.01 -10.01
C GLU F 1 27.89 15.03 -11.21
N VAL F 2 28.83 14.09 -11.14
CA VAL F 2 29.16 13.19 -12.26
C VAL F 2 28.20 12.00 -12.33
N GLN F 3 27.49 11.84 -13.45
CA GLN F 3 26.33 10.94 -13.49
C GLN F 3 26.08 10.04 -14.72
N LEU F 4 25.62 8.82 -14.44
CA LEU F 4 25.18 7.85 -15.45
C LEU F 4 23.72 7.43 -15.18
N VAL F 5 22.93 7.27 -16.24
CA VAL F 5 21.54 6.91 -16.09
C VAL F 5 21.19 5.80 -17.06
N GLU F 6 21.46 4.56 -16.67
CA GLU F 6 21.14 3.40 -17.51
C GLU F 6 19.65 3.08 -17.44
N SER F 7 19.10 2.59 -18.56
CA SER F 7 17.65 2.41 -18.69
C SER F 7 17.20 1.60 -19.91
N GLY F 8 15.89 1.37 -19.99
CA GLY F 8 15.28 0.61 -21.07
C GLY F 8 15.59 -0.88 -20.98
N GLY F 9 14.72 -1.63 -20.32
CA GLY F 9 14.87 -3.10 -20.15
C GLY F 9 13.84 -3.75 -19.24
N GLY F 10 13.45 -4.98 -19.58
CA GLY F 10 12.43 -5.73 -18.82
C GLY F 10 12.29 -7.14 -19.38
N LEU F 11 11.09 -7.72 -19.27
CA LEU F 11 10.84 -9.09 -19.77
C LEU F 11 11.26 -9.31 -21.23
N VAL F 12 11.68 -10.54 -21.51
CA VAL F 12 11.94 -11.01 -22.88
C VAL F 12 11.83 -12.54 -22.95
N LYS F 13 11.61 -13.07 -24.15
CA LYS F 13 11.69 -14.51 -24.39
C LYS F 13 13.14 -14.91 -24.63
N PRO F 14 13.53 -16.10 -24.12
CA PRO F 14 14.79 -16.76 -24.45
C PRO F 14 14.99 -16.83 -25.95
N GLY F 15 15.84 -15.94 -26.45
CA GLY F 15 16.13 -15.81 -27.89
C GLY F 15 15.99 -14.38 -28.37
N GLY F 16 15.16 -13.61 -27.67
CA GLY F 16 14.84 -12.23 -28.03
C GLY F 16 15.99 -11.25 -27.92
N SER F 17 15.68 -9.95 -27.92
CA SER F 17 16.71 -8.90 -27.90
C SER F 17 16.32 -7.70 -27.08
N LEU F 18 17.30 -6.82 -26.81
CA LEU F 18 17.13 -5.66 -25.92
C LEU F 18 18.34 -4.72 -26.01
N LYS F 19 18.11 -3.46 -26.40
CA LYS F 19 19.21 -2.52 -26.60
C LYS F 19 19.36 -1.56 -25.44
N LEU F 20 19.98 -2.06 -24.38
CA LEU F 20 20.19 -1.30 -23.14
C LEU F 20 21.10 -0.09 -23.34
N SER F 21 20.83 0.97 -22.57
CA SER F 21 21.47 2.28 -22.74
C SER F 21 21.71 3.00 -21.41
N CYS F 22 22.75 3.83 -21.40
CA CYS F 22 23.20 4.56 -20.21
C CYS F 22 23.59 6.00 -20.55
N ALA F 23 22.86 6.98 -20.01
CA ALA F 23 23.11 8.41 -20.26
C ALA F 23 24.15 9.00 -19.30
N ALA F 24 25.26 9.45 -19.85
CA ALA F 24 26.34 10.00 -19.03
C ALA F 24 26.22 11.50 -18.94
N SER F 25 25.93 12.01 -17.75
CA SER F 25 25.63 13.41 -17.59
C SER F 25 26.44 14.07 -16.47
N GLY F 26 27.65 14.52 -16.82
CA GLY F 26 28.48 15.31 -15.91
C GLY F 26 29.97 15.07 -15.97
N PHE F 27 30.42 14.30 -16.96
CA PHE F 27 31.85 14.03 -17.11
C PHE F 27 32.30 14.06 -18.58
N ALA F 28 33.61 14.19 -18.79
CA ALA F 28 34.20 14.38 -20.14
C ALA F 28 34.10 13.14 -21.05
N PHE F 29 33.11 12.29 -20.74
CA PHE F 29 32.71 11.11 -21.54
C PHE F 29 33.86 10.50 -22.33
N SER F 30 34.07 11.00 -23.54
CA SER F 30 35.18 10.60 -24.41
C SER F 30 36.50 10.49 -23.63
N SER F 31 36.53 11.14 -22.47
CA SER F 31 37.64 11.05 -21.53
C SER F 31 38.13 9.62 -21.29
N TYR F 32 37.33 8.82 -20.58
CA TYR F 32 37.72 7.47 -20.16
C TYR F 32 37.03 6.37 -20.97
N ASP F 33 37.43 5.13 -20.67
CA ASP F 33 36.80 3.94 -21.22
C ASP F 33 35.45 3.73 -20.52
N MET F 34 34.71 2.70 -20.93
CA MET F 34 33.42 2.36 -20.29
C MET F 34 33.16 0.84 -20.10
N SER F 35 32.08 0.51 -19.40
CA SER F 35 31.75 -0.88 -19.07
C SER F 35 30.38 -1.04 -18.43
N TRP F 36 29.83 -2.26 -18.57
CA TRP F 36 28.65 -2.69 -17.83
C TRP F 36 29.01 -3.80 -16.88
N VAL F 37 28.50 -3.71 -15.67
CA VAL F 37 28.50 -4.86 -14.77
C VAL F 37 27.05 -5.23 -14.50
N ARG F 38 26.77 -6.51 -14.37
CA ARG F 38 25.42 -6.93 -14.02
C ARG F 38 25.44 -7.65 -12.69
N GLN F 39 24.25 -7.83 -12.12
CA GLN F 39 24.10 -8.48 -10.83
C GLN F 39 22.81 -9.26 -10.83
N THR F 40 22.93 -10.54 -10.52
CA THR F 40 21.79 -11.45 -10.48
C THR F 40 20.84 -11.19 -9.30
N PRO F 41 19.68 -11.87 -9.28
CA PRO F 41 18.80 -11.80 -8.11
C PRO F 41 19.52 -12.28 -6.84
N GLU F 42 20.43 -13.24 -7.02
CA GLU F 42 21.24 -13.79 -5.94
C GLU F 42 22.37 -12.84 -5.53
N LYS F 43 22.38 -11.64 -6.10
CA LYS F 43 23.35 -10.60 -5.78
C LYS F 43 24.81 -10.98 -6.14
N ARG F 44 24.94 -11.95 -7.04
CA ARG F 44 26.20 -12.24 -7.72
C ARG F 44 26.44 -11.11 -8.73
N LEU F 45 27.66 -10.57 -8.72
CA LEU F 45 28.11 -9.57 -9.70
C LEU F 45 28.83 -10.21 -10.87
N GLU F 46 28.84 -9.51 -12.00
CA GLU F 46 29.38 -10.06 -13.24
C GLU F 46 29.82 -9.00 -14.24
N TRP F 47 31.13 -8.98 -14.55
CA TRP F 47 31.62 -8.10 -15.61
C TRP F 47 31.25 -8.62 -17.00
N VAL F 48 30.45 -7.81 -17.70
CA VAL F 48 29.83 -8.22 -18.93
C VAL F 48 30.42 -7.59 -20.19
N ALA F 49 30.75 -6.30 -20.12
CA ALA F 49 31.16 -5.57 -21.31
C ALA F 49 32.17 -4.50 -20.94
N TYR F 50 32.99 -4.11 -21.93
CA TYR F 50 33.98 -3.04 -21.76
C TYR F 50 34.36 -2.38 -23.08
N ILE F 51 33.92 -1.15 -23.27
CA ILE F 51 34.28 -0.33 -24.43
C ILE F 51 35.48 0.57 -24.11
N SER F 52 36.36 0.79 -25.09
CA SER F 52 37.53 1.66 -24.90
C SER F 52 37.16 3.14 -24.72
N SER F 53 38.17 4.02 -24.75
CA SER F 53 37.96 5.47 -24.66
C SER F 53 37.05 5.95 -25.82
N GLY F 54 37.60 5.87 -27.04
CA GLY F 54 36.80 6.10 -28.25
C GLY F 54 36.57 4.79 -28.99
N GLY F 55 35.58 4.02 -28.50
CA GLY F 55 35.19 2.73 -29.07
C GLY F 55 36.13 2.03 -30.04
N GLY F 56 37.44 2.17 -29.81
CA GLY F 56 38.48 1.54 -30.63
C GLY F 56 38.29 0.03 -30.65
N SER F 57 38.57 -0.60 -29.51
CA SER F 57 38.27 -2.01 -29.32
C SER F 57 37.34 -2.25 -28.11
N THR F 58 36.76 -3.44 -28.04
CA THR F 58 35.83 -3.81 -26.96
C THR F 58 36.31 -5.06 -26.22
N TYR F 59 35.67 -5.36 -25.08
CA TYR F 59 36.06 -6.49 -24.21
C TYR F 59 34.88 -7.23 -23.53
N TYR F 60 34.95 -8.56 -23.52
CA TYR F 60 33.86 -9.41 -22.99
C TYR F 60 34.39 -10.62 -22.20
N PRO F 61 33.57 -11.16 -21.26
CA PRO F 61 33.88 -12.49 -20.77
C PRO F 61 33.34 -13.45 -21.81
N ASP F 62 33.91 -14.66 -21.87
CA ASP F 62 33.50 -15.61 -22.89
C ASP F 62 32.00 -15.80 -22.87
N THR F 63 31.43 -15.82 -21.67
CA THR F 63 29.99 -16.05 -21.46
C THR F 63 29.02 -15.25 -22.34
N VAL F 64 29.37 -14.01 -22.65
CA VAL F 64 28.50 -13.15 -23.47
C VAL F 64 29.06 -12.93 -24.90
N LYS F 65 30.37 -13.17 -25.06
CA LYS F 65 31.10 -12.94 -26.30
C LYS F 65 30.43 -13.47 -27.57
N GLY F 66 29.77 -12.57 -28.29
CA GLY F 66 29.09 -12.92 -29.52
C GLY F 66 27.61 -13.12 -29.30
N ARG F 67 27.06 -12.44 -28.29
CA ARG F 67 25.60 -12.40 -28.10
C ARG F 67 25.25 -11.04 -27.51
N PHE F 68 26.33 -10.29 -27.22
CA PHE F 68 26.31 -8.99 -26.58
C PHE F 68 27.27 -8.10 -27.33
N THR F 69 26.89 -6.85 -27.50
CA THR F 69 27.80 -5.84 -28.04
C THR F 69 27.65 -4.50 -27.32
N ILE F 70 28.78 -3.83 -27.12
CA ILE F 70 28.83 -2.54 -26.42
C ILE F 70 29.17 -1.39 -27.39
N SER F 71 28.24 -0.45 -27.52
CA SER F 71 28.40 0.66 -28.44
C SER F 71 28.26 2.00 -27.75
N ARG F 72 29.13 2.95 -28.12
CA ARG F 72 29.02 4.32 -27.62
C ARG F 72 29.06 5.33 -28.77
N ASP F 73 28.44 6.48 -28.51
CA ASP F 73 28.50 7.65 -29.39
C ASP F 73 29.22 8.79 -28.62
N ASN F 74 30.55 8.83 -28.76
CA ASN F 74 31.43 9.76 -28.05
C ASN F 74 30.89 11.20 -28.01
N ALA F 75 29.95 11.49 -28.92
CA ALA F 75 29.27 12.77 -28.99
C ALA F 75 28.12 12.88 -27.98
N LYS F 76 27.02 12.17 -28.23
CA LYS F 76 25.78 12.40 -27.47
C LYS F 76 25.79 11.84 -26.03
N ASN F 77 27.00 11.54 -25.55
CA ASN F 77 27.27 11.13 -24.16
C ASN F 77 26.46 9.92 -23.65
N THR F 78 26.27 8.95 -24.52
CA THR F 78 25.50 7.75 -24.22
C THR F 78 26.30 6.47 -24.46
N LEU F 79 26.13 5.51 -23.55
CA LEU F 79 26.65 4.15 -23.68
C LEU F 79 25.51 3.20 -24.00
N TYR F 80 25.79 2.14 -24.75
CA TYR F 80 24.76 1.16 -25.08
C TYR F 80 25.25 -0.27 -24.89
N LEU F 81 24.34 -1.13 -24.44
CA LEU F 81 24.55 -2.58 -24.46
C LEU F 81 23.48 -3.22 -25.34
N GLN F 82 23.93 -3.84 -26.42
CA GLN F 82 23.02 -4.49 -27.35
C GLN F 82 23.02 -5.98 -27.08
N MET F 83 21.89 -6.48 -26.57
CA MET F 83 21.78 -7.88 -26.16
C MET F 83 20.91 -8.74 -27.06
N SER F 84 21.41 -9.91 -27.43
CA SER F 84 20.71 -10.74 -28.39
C SER F 84 21.00 -12.22 -28.19
N SER F 85 20.21 -13.08 -28.84
CA SER F 85 20.20 -14.51 -28.56
C SER F 85 20.30 -14.67 -27.05
N LEU F 86 19.27 -14.19 -26.37
CA LEU F 86 19.29 -14.03 -24.93
C LEU F 86 19.10 -15.33 -24.15
N LYS F 87 19.98 -15.54 -23.19
CA LYS F 87 19.87 -16.64 -22.25
C LYS F 87 19.15 -16.15 -20.98
N SER F 88 18.44 -17.09 -20.33
CA SER F 88 17.82 -16.89 -19.03
C SER F 88 18.81 -16.32 -18.02
N GLU F 89 20.06 -16.77 -18.13
CA GLU F 89 21.18 -16.33 -17.30
C GLU F 89 21.38 -14.80 -17.29
N ASP F 90 21.09 -14.16 -18.41
CA ASP F 90 21.33 -12.74 -18.56
C ASP F 90 20.37 -11.88 -17.73
N THR F 91 19.35 -12.51 -17.14
CA THR F 91 18.52 -11.86 -16.14
C THR F 91 19.42 -11.26 -15.08
N ALA F 92 19.15 -10.01 -14.73
CA ALA F 92 19.95 -9.27 -13.76
C ALA F 92 19.59 -7.80 -13.83
N MET F 93 19.92 -7.08 -12.77
CA MET F 93 19.94 -5.63 -12.80
C MET F 93 21.30 -5.24 -13.38
N TYR F 94 21.30 -4.34 -14.37
CA TYR F 94 22.49 -4.04 -15.18
C TYR F 94 23.04 -2.67 -14.89
N TYR F 95 24.23 -2.60 -14.31
CA TYR F 95 24.83 -1.32 -13.90
C TYR F 95 25.88 -0.78 -14.89
N CYS F 96 25.61 0.38 -15.46
CA CYS F 96 26.60 1.13 -16.22
C CYS F 96 27.54 1.78 -15.22
N ALA F 97 28.81 1.37 -15.26
CA ALA F 97 29.81 1.90 -14.35
C ALA F 97 31.03 2.38 -15.14
N ARG F 98 31.87 3.18 -14.49
CA ARG F 98 32.95 3.88 -15.16
C ARG F 98 34.28 3.68 -14.46
N PRO F 99 35.27 3.15 -15.20
CA PRO F 99 36.59 2.85 -14.66
C PRO F 99 37.34 4.12 -14.33
N ASP F 100 38.09 4.12 -13.23
CA ASP F 100 38.90 5.28 -12.86
C ASP F 100 40.09 5.43 -13.80
N TYR F 101 40.43 6.68 -14.07
CA TYR F 101 41.64 7.08 -14.82
C TYR F 101 42.71 5.99 -15.00
N ARG F 102 43.30 5.55 -13.89
CA ARG F 102 44.49 4.71 -13.90
C ARG F 102 44.25 3.42 -13.14
N SER F 103 43.47 3.51 -12.08
CA SER F 103 43.12 2.37 -11.24
C SER F 103 42.19 1.40 -11.95
N TYR F 104 41.43 1.93 -12.91
CA TYR F 104 40.37 1.18 -13.60
C TYR F 104 39.29 0.73 -12.64
N ALA F 105 39.55 0.96 -11.36
CA ALA F 105 38.57 0.78 -10.31
C ALA F 105 37.35 1.61 -10.65
N MET F 106 36.23 0.93 -10.87
CA MET F 106 35.00 1.61 -11.30
C MET F 106 34.53 2.60 -10.24
N ASP F 107 34.97 3.85 -10.36
CA ASP F 107 34.70 4.85 -9.33
C ASP F 107 33.35 5.55 -9.44
N TYR F 108 32.72 5.50 -10.60
CA TYR F 108 31.36 6.04 -10.70
C TYR F 108 30.35 5.13 -11.35
N TRP F 109 29.27 4.88 -10.61
CA TRP F 109 28.30 3.85 -10.94
C TRP F 109 26.93 4.41 -11.27
N GLY F 110 26.16 3.65 -12.06
CA GLY F 110 24.78 3.98 -12.37
C GLY F 110 23.79 3.51 -11.31
N GLN F 111 22.63 3.03 -11.76
CA GLN F 111 21.57 2.64 -10.84
C GLN F 111 20.88 1.35 -11.29
N GLY F 112 21.09 0.97 -12.55
CA GLY F 112 20.68 -0.35 -13.03
C GLY F 112 19.36 -0.40 -13.78
N THR F 113 19.11 -1.54 -14.44
CA THR F 113 17.88 -1.74 -15.18
C THR F 113 17.43 -3.19 -15.10
N SER F 114 16.20 -3.41 -14.64
CA SER F 114 15.63 -4.76 -14.51
C SER F 114 15.61 -5.47 -15.85
N VAL F 115 16.03 -6.74 -15.83
CA VAL F 115 15.92 -7.62 -17.00
C VAL F 115 15.49 -8.98 -16.47
N THR F 116 14.74 -9.70 -17.30
CA THR F 116 14.37 -11.08 -17.04
C THR F 116 13.98 -11.78 -18.33
N VAL F 117 14.25 -13.07 -18.39
CA VAL F 117 14.05 -13.83 -19.60
C VAL F 117 13.10 -15.00 -19.27
N SER F 118 11.81 -14.69 -19.20
CA SER F 118 10.79 -15.64 -18.72
C SER F 118 9.83 -16.17 -19.81
N SER F 119 10.15 -17.35 -20.33
CA SER F 119 9.30 -17.98 -21.35
C SER F 119 8.05 -18.58 -20.72
N LYS F 121 4.89 -12.91 -20.06
CA LYS F 121 3.53 -13.31 -19.66
C LYS F 121 3.04 -12.62 -18.39
N THR F 122 2.76 -11.33 -18.51
CA THR F 122 2.04 -10.57 -17.49
C THR F 122 1.00 -11.51 -16.86
N THR F 123 0.99 -11.62 -15.52
CA THR F 123 -0.08 -12.34 -14.79
C THR F 123 -0.46 -11.66 -13.45
N ALA F 124 -1.73 -11.79 -13.05
CA ALA F 124 -2.29 -10.98 -11.96
C ALA F 124 -2.34 -11.69 -10.60
N PRO F 125 -2.29 -10.91 -9.50
CA PRO F 125 -2.17 -11.40 -8.12
C PRO F 125 -3.45 -11.29 -7.29
N SER F 126 -4.07 -12.43 -6.99
CA SER F 126 -5.23 -12.49 -6.12
C SER F 126 -4.75 -12.20 -4.71
N VAL F 127 -5.18 -11.08 -4.15
CA VAL F 127 -4.75 -10.74 -2.79
C VAL F 127 -5.74 -11.27 -1.75
N TYR F 128 -5.51 -12.52 -1.32
CA TYR F 128 -6.34 -13.16 -0.33
C TYR F 128 -6.14 -12.50 1.01
N PRO F 129 -7.24 -12.18 1.72
CA PRO F 129 -7.08 -11.53 3.03
C PRO F 129 -6.65 -12.57 4.06
N LEU F 130 -5.99 -12.14 5.14
CA LEU F 130 -5.59 -13.06 6.21
C LEU F 130 -6.07 -12.60 7.59
N ALA F 131 -7.20 -13.13 8.03
CA ALA F 131 -7.77 -12.84 9.34
C ALA F 131 -7.42 -13.92 10.36
N PRO F 132 -7.12 -13.53 11.61
CA PRO F 132 -6.51 -14.45 12.58
C PRO F 132 -7.35 -15.68 12.98
N VAL F 133 -7.15 -16.15 14.22
CA VAL F 133 -7.62 -17.46 14.66
C VAL F 133 -9.14 -17.72 14.56
N CYS F 134 -9.45 -18.74 13.75
CA CYS F 134 -10.80 -19.31 13.53
C CYS F 134 -11.78 -19.12 14.71
N GLY F 135 -11.35 -19.59 15.88
CA GLY F 135 -11.95 -19.26 17.16
C GLY F 135 -10.98 -18.38 17.92
N ASP F 136 -11.44 -17.19 18.30
CA ASP F 136 -10.62 -16.18 18.95
C ASP F 136 -9.93 -16.67 20.25
N THR F 137 -8.82 -16.02 20.61
CA THR F 137 -8.16 -16.22 21.92
C THR F 137 -7.35 -14.96 22.30
N THR F 138 -7.83 -13.80 21.84
CA THR F 138 -7.12 -12.50 21.92
C THR F 138 -6.21 -12.32 23.17
N GLY F 139 -4.95 -12.73 22.98
CA GLY F 139 -3.93 -12.80 24.04
C GLY F 139 -3.54 -11.47 24.64
N SER F 140 -3.06 -10.54 23.81
CA SER F 140 -2.73 -9.17 24.26
C SER F 140 -2.61 -8.14 23.13
N SER F 141 -1.90 -8.49 22.06
CA SER F 141 -1.77 -7.59 20.91
C SER F 141 -2.04 -8.30 19.57
N VAL F 142 -2.83 -7.64 18.73
CA VAL F 142 -3.35 -8.22 17.49
C VAL F 142 -2.32 -8.18 16.36
N THR F 143 -2.17 -9.30 15.64
CA THR F 143 -1.32 -9.36 14.44
C THR F 143 -2.07 -9.93 13.22
N LEU F 144 -1.90 -9.28 12.05
CA LEU F 144 -2.70 -9.58 10.87
C LEU F 144 -1.87 -9.68 9.61
N GLY F 145 -2.41 -10.35 8.60
CA GLY F 145 -1.71 -10.59 7.35
C GLY F 145 -2.42 -10.16 6.08
N CYS F 146 -1.79 -10.44 4.93
CA CYS F 146 -2.24 -10.05 3.60
C CYS F 146 -1.48 -10.91 2.58
N LEU F 147 -2.17 -11.76 1.83
CA LEU F 147 -1.50 -12.74 0.95
C LEU F 147 -1.67 -12.43 -0.52
N VAL F 148 -0.59 -12.58 -1.29
CA VAL F 148 -0.56 -12.26 -2.72
C VAL F 148 0.13 -13.39 -3.50
N LYS F 149 -0.66 -14.24 -4.14
CA LYS F 149 -0.10 -15.45 -4.74
C LYS F 149 -0.28 -15.47 -6.27
N GLY F 150 0.37 -16.44 -6.92
CA GLY F 150 0.28 -16.71 -8.36
C GLY F 150 0.37 -15.56 -9.36
N TYR F 151 1.54 -14.91 -9.47
CA TYR F 151 1.67 -13.70 -10.35
C TYR F 151 2.95 -13.56 -11.20
N PHE F 152 3.00 -12.51 -12.02
CA PHE F 152 4.17 -12.21 -12.86
C PHE F 152 4.09 -10.84 -13.57
N PRO F 153 5.24 -10.12 -13.64
CA PRO F 153 6.45 -10.37 -12.86
C PRO F 153 6.62 -9.34 -11.74
N GLU F 154 7.82 -9.30 -11.18
CA GLU F 154 8.16 -8.29 -10.20
C GLU F 154 7.99 -6.92 -10.82
N PRO F 155 7.60 -5.92 -10.02
CA PRO F 155 7.25 -6.13 -8.62
C PRO F 155 5.74 -6.14 -8.45
N VAL F 156 5.32 -5.76 -7.25
CA VAL F 156 3.93 -5.43 -6.89
C VAL F 156 4.08 -4.58 -5.63
N THR F 157 3.15 -3.65 -5.40
CA THR F 157 3.22 -2.86 -4.17
C THR F 157 2.04 -3.13 -3.22
N LEU F 158 2.38 -3.76 -2.11
CA LEU F 158 1.46 -3.94 -0.99
C LEU F 158 1.67 -2.79 0.00
N THR F 159 0.58 -2.31 0.58
CA THR F 159 0.66 -1.43 1.75
C THR F 159 -0.55 -1.63 2.68
N TRP F 160 -0.43 -1.12 3.91
CA TRP F 160 -1.56 -1.11 4.86
C TRP F 160 -2.03 0.32 5.10
N ASN F 161 -3.34 0.52 4.96
CA ASN F 161 -4.00 1.83 5.04
C ASN F 161 -3.47 2.90 4.08
N SER F 162 -3.35 2.52 2.81
CA SER F 162 -2.88 3.38 1.72
C SER F 162 -1.43 3.83 1.92
N GLY F 163 -1.02 3.85 3.19
CA GLY F 163 0.35 4.20 3.61
C GLY F 163 0.33 4.60 5.07
N SER F 164 -0.88 4.85 5.58
CA SER F 164 -1.11 5.42 6.92
C SER F 164 -0.68 4.50 8.05
N LEU F 165 -0.58 3.21 7.74
CA LEU F 165 -0.07 2.25 8.71
C LEU F 165 1.24 1.67 8.16
N SER F 166 2.30 1.79 8.95
CA SER F 166 3.64 1.45 8.49
C SER F 166 4.50 0.83 9.59
N SER F 167 4.75 1.63 10.63
CA SER F 167 5.55 1.27 11.80
C SER F 167 5.43 -0.20 12.23
N GLY F 168 6.25 -1.08 11.65
CA GLY F 168 6.21 -2.51 11.97
C GLY F 168 5.44 -3.38 10.96
N VAL F 169 5.53 -3.04 9.69
CA VAL F 169 5.05 -3.90 8.59
C VAL F 169 6.16 -4.88 8.17
N HIS F 170 5.77 -5.99 7.53
CA HIS F 170 6.75 -6.94 7.03
C HIS F 170 6.32 -7.55 5.69
N THR F 171 7.00 -7.17 4.62
CA THR F 171 6.75 -7.77 3.30
C THR F 171 7.90 -8.69 2.86
N PHE F 172 7.60 -9.97 2.80
CA PHE F 172 8.61 -11.00 2.62
C PHE F 172 8.95 -11.15 1.15
N PRO F 173 10.24 -11.33 0.82
CA PRO F 173 10.69 -11.45 -0.56
C PRO F 173 9.84 -12.45 -1.33
N ALA F 174 9.41 -12.07 -2.52
CA ALA F 174 8.57 -12.95 -3.33
C ALA F 174 9.26 -14.28 -3.65
N VAL F 175 8.47 -15.25 -4.08
CA VAL F 175 8.96 -16.61 -4.25
C VAL F 175 8.35 -17.24 -5.49
N LEU F 176 9.14 -18.05 -6.18
CA LEU F 176 8.69 -18.60 -7.46
C LEU F 176 8.11 -20.02 -7.43
N GLN F 177 6.79 -20.10 -7.29
CA GLN F 177 6.06 -21.36 -7.54
C GLN F 177 5.84 -21.54 -9.05
N SER F 178 6.56 -22.51 -9.60
CA SER F 178 6.70 -22.67 -11.05
C SER F 178 6.96 -21.31 -11.72
N ASP F 179 6.14 -20.97 -12.71
CA ASP F 179 6.33 -19.72 -13.43
C ASP F 179 5.47 -18.65 -12.83
N LEU F 180 5.17 -18.79 -11.54
CA LEU F 180 4.46 -17.75 -10.83
C LEU F 180 5.19 -17.37 -9.56
N TYR F 181 4.73 -16.28 -8.96
CA TYR F 181 5.38 -15.68 -7.80
C TYR F 181 4.45 -15.76 -6.60
N THR F 182 4.94 -15.39 -5.42
CA THR F 182 4.14 -15.44 -4.21
C THR F 182 4.71 -14.53 -3.15
N LEU F 183 3.83 -13.81 -2.46
CA LEU F 183 4.21 -12.85 -1.41
C LEU F 183 3.15 -12.71 -0.30
N SER F 184 3.53 -12.06 0.80
CA SER F 184 2.62 -11.73 1.89
C SER F 184 3.26 -10.71 2.82
N SER F 185 2.44 -9.85 3.41
CA SER F 185 2.92 -8.92 4.44
C SER F 185 2.19 -9.06 5.78
N SER F 186 2.90 -8.74 6.85
CA SER F 186 2.34 -8.85 8.17
C SER F 186 2.38 -7.50 8.91
N VAL F 187 1.45 -7.31 9.85
CA VAL F 187 1.40 -6.10 10.66
C VAL F 187 0.85 -6.40 12.05
N THR F 188 1.34 -5.66 13.05
CA THR F 188 1.10 -5.96 14.46
C THR F 188 0.58 -4.73 15.26
N VAL F 189 -0.74 -4.74 15.51
CA VAL F 189 -1.49 -3.61 16.09
C VAL F 189 -1.81 -3.87 17.57
N THR F 190 -2.15 -2.81 18.31
CA THR F 190 -2.70 -2.94 19.66
C THR F 190 -4.07 -3.59 19.57
N SER F 191 -4.29 -4.62 20.39
CA SER F 191 -5.61 -5.27 20.48
C SER F 191 -6.75 -4.25 20.33
N SER F 192 -6.58 -3.09 20.97
CA SER F 192 -7.57 -2.01 20.99
C SER F 192 -7.90 -1.44 19.61
N THR F 193 -6.86 -1.18 18.82
CA THR F 193 -7.02 -0.49 17.54
C THR F 193 -7.58 -1.33 16.39
N TRP F 194 -7.31 -2.63 16.33
CA TRP F 194 -8.12 -3.42 15.41
C TRP F 194 -9.39 -3.86 16.11
N PRO F 195 -9.87 -5.10 15.84
CA PRO F 195 -11.29 -5.28 15.66
C PRO F 195 -11.99 -3.94 15.36
N SER F 196 -12.19 -3.12 16.39
CA SER F 196 -12.77 -1.77 16.29
C SER F 196 -12.49 -1.02 14.98
N GLN F 197 -11.36 -0.30 14.94
CA GLN F 197 -10.93 0.44 13.75
C GLN F 197 -10.35 -0.48 12.68
N SER F 198 -10.76 -0.25 11.44
CA SER F 198 -10.43 -1.10 10.30
C SER F 198 -9.04 -0.85 9.70
N ILE F 199 -8.53 -1.85 8.96
CA ILE F 199 -7.30 -1.72 8.18
C ILE F 199 -7.49 -2.36 6.81
N THR F 200 -7.63 -1.52 5.78
CA THR F 200 -7.77 -1.98 4.41
C THR F 200 -6.41 -2.21 3.76
N CYS F 201 -6.18 -3.43 3.27
CA CYS F 201 -4.88 -3.84 2.75
C CYS F 201 -4.71 -3.54 1.27
N ASN F 202 -3.99 -2.45 1.00
CA ASN F 202 -3.93 -1.84 -0.33
C ASN F 202 -2.79 -2.39 -1.18
N VAL F 203 -3.15 -3.16 -2.20
CA VAL F 203 -2.16 -3.81 -3.05
C VAL F 203 -2.38 -3.46 -4.53
N ALA F 204 -1.27 -3.33 -5.26
CA ALA F 204 -1.29 -3.03 -6.69
C ALA F 204 -0.20 -3.78 -7.47
N HIS F 205 -0.55 -4.25 -8.66
CA HIS F 205 0.41 -4.87 -9.58
C HIS F 205 0.60 -3.91 -10.75
N PRO F 206 1.86 -3.59 -11.11
CA PRO F 206 2.08 -2.69 -12.24
C PRO F 206 1.72 -3.35 -13.57
N ALA F 207 2.33 -4.48 -13.89
CA ALA F 207 2.13 -5.13 -15.17
C ALA F 207 0.69 -5.60 -15.42
N SER F 208 -0.14 -5.59 -14.39
CA SER F 208 -1.58 -5.89 -14.53
C SER F 208 -2.41 -4.61 -14.42
N SER F 209 -2.14 -3.85 -13.35
CA SER F 209 -2.81 -2.57 -13.04
C SER F 209 -4.11 -2.76 -12.25
N THR F 210 -4.00 -3.21 -11.01
CA THR F 210 -5.17 -3.41 -10.15
C THR F 210 -5.03 -2.83 -8.75
N LYS F 211 -5.96 -1.94 -8.38
CA LYS F 211 -6.06 -1.36 -7.04
C LYS F 211 -7.12 -2.09 -6.19
N VAL F 212 -6.73 -3.27 -5.68
CA VAL F 212 -7.60 -4.08 -4.85
C VAL F 212 -7.17 -3.90 -3.39
N ASP F 213 -8.08 -3.44 -2.54
CA ASP F 213 -7.73 -2.99 -1.17
C ASP F 213 -8.60 -3.61 -0.06
N LYS F 214 -8.19 -4.79 0.44
CA LYS F 214 -9.02 -5.63 1.33
C LYS F 214 -9.01 -5.26 2.81
N LYS F 215 -9.86 -5.91 3.60
CA LYS F 215 -9.94 -5.68 5.05
C LYS F 215 -10.39 -6.95 5.79
N GLN A 10 8.37 43.23 -13.89
CA GLN A 10 9.15 43.50 -15.13
C GLN A 10 8.68 44.81 -15.77
N GLY A 11 7.69 45.43 -15.15
CA GLY A 11 7.13 46.69 -15.63
C GLY A 11 5.92 47.14 -14.79
N ARG A 12 5.74 48.47 -14.70
CA ARG A 12 4.63 49.03 -13.93
C ARG A 12 3.29 48.68 -14.63
N GLY A 13 3.24 48.85 -15.96
CA GLY A 13 2.04 48.55 -16.73
C GLY A 13 1.48 47.16 -16.43
N ALA A 14 2.32 46.15 -16.65
CA ALA A 14 1.94 44.76 -16.41
C ALA A 14 1.16 44.55 -15.11
N TRP A 15 1.63 45.20 -14.05
CA TRP A 15 0.98 45.14 -12.75
C TRP A 15 -0.13 46.22 -12.70
N LEU A 16 0.19 47.46 -13.10
CA LEU A 16 -0.80 48.55 -13.04
C LEU A 16 -2.09 48.24 -13.84
N LEU A 17 -1.95 47.90 -15.12
CA LEU A 17 -3.11 47.54 -15.95
C LEU A 17 -3.84 46.42 -15.26
N MET A 18 -3.11 45.38 -14.85
CA MET A 18 -3.73 44.25 -14.16
C MET A 18 -4.34 44.63 -12.83
N ALA A 19 -3.65 45.44 -12.03
CA ALA A 19 -4.21 45.94 -10.77
C ALA A 19 -5.40 46.88 -11.06
N PHE A 20 -5.33 47.64 -12.17
CA PHE A 20 -6.42 48.53 -12.57
C PHE A 20 -7.63 47.65 -12.90
N THR A 21 -7.41 46.60 -13.72
CA THR A 21 -8.49 45.69 -14.12
C THR A 21 -9.32 45.18 -12.88
N ALA A 22 -8.63 44.72 -11.85
CA ALA A 22 -9.29 44.29 -10.61
C ALA A 22 -9.86 45.47 -9.80
N LEU A 23 -9.08 46.54 -9.61
CA LEU A 23 -9.59 47.73 -8.91
C LEU A 23 -10.82 48.21 -9.68
N ALA A 24 -10.81 47.97 -11.00
CA ALA A 24 -11.90 48.38 -11.86
C ALA A 24 -13.09 47.43 -11.75
N LEU A 25 -12.81 46.17 -12.06
CA LEU A 25 -13.82 45.11 -12.02
C LEU A 25 -14.32 44.94 -10.58
N GLU A 26 -13.39 44.93 -9.64
CA GLU A 26 -13.76 44.75 -8.24
C GLU A 26 -14.46 45.96 -7.57
N LEU A 27 -14.09 47.16 -7.98
CA LEU A 27 -14.71 48.35 -7.41
C LEU A 27 -16.14 48.43 -7.95
N THR A 28 -16.34 48.10 -9.23
CA THR A 28 -17.68 48.12 -9.83
C THR A 28 -18.65 47.45 -8.87
N ALA A 29 -18.09 46.54 -8.08
CA ALA A 29 -18.87 45.79 -7.09
C ALA A 29 -19.54 46.73 -6.10
N LEU A 30 -18.74 47.65 -5.51
CA LEU A 30 -19.21 48.59 -4.49
C LEU A 30 -20.49 49.32 -4.90
N TRP A 31 -20.75 49.35 -6.20
CA TRP A 31 -21.95 49.99 -6.76
C TRP A 31 -23.17 49.09 -6.52
N PHE A 32 -22.92 47.78 -6.45
CA PHE A 32 -23.95 46.77 -6.21
C PHE A 32 -25.22 47.34 -5.60
N GLN A 33 -25.43 47.11 -4.29
CA GLN A 33 -26.62 47.60 -3.60
C GLN A 33 -27.50 48.44 -4.50
N HIS A 34 -26.93 49.54 -5.00
CA HIS A 34 -27.68 50.51 -5.77
C HIS A 34 -28.31 50.03 -7.08
N VAL A 35 -27.77 48.97 -7.69
CA VAL A 35 -28.35 48.48 -8.96
C VAL A 35 -29.85 48.29 -8.82
N MET A 36 -30.27 47.48 -7.83
CA MET A 36 -31.69 47.22 -7.65
C MET A 36 -32.22 47.82 -6.27
N LEU A 37 -31.39 47.60 -5.23
CA LEU A 37 -31.66 48.11 -3.89
C LEU A 37 -30.89 47.61 -2.47
N LEU A 38 -30.76 46.22 -2.72
CA LEU A 38 -29.73 45.14 -2.38
C LEU A 38 -28.54 45.34 -1.54
N LYS A 39 -28.88 45.70 -0.33
CA LYS A 39 -27.93 45.82 0.75
C LYS A 39 -27.09 44.54 0.85
N PRO A 40 -27.75 43.41 1.09
CA PRO A 40 -27.13 42.05 1.30
C PRO A 40 -25.68 41.86 0.83
N SER A 41 -24.90 41.20 1.67
CA SER A 41 -23.51 40.89 1.34
C SER A 41 -22.92 39.92 2.34
N VAL A 42 -23.71 38.91 2.72
CA VAL A 42 -23.29 37.95 3.74
C VAL A 42 -21.85 37.44 3.48
N LEU A 43 -21.66 36.12 3.55
CA LEU A 43 -20.34 35.48 3.32
C LEU A 43 -19.53 36.32 2.34
N CYS A 44 -20.23 36.97 1.43
CA CYS A 44 -19.63 37.77 0.41
C CYS A 44 -18.58 38.86 0.99
N ILE A 45 -18.86 39.46 2.14
CA ILE A 45 -17.89 40.40 2.71
C ILE A 45 -16.55 39.65 2.97
N TYR A 46 -16.65 38.48 3.59
CA TYR A 46 -15.48 37.67 3.87
C TYR A 46 -14.70 37.47 2.57
N GLU A 47 -15.43 37.23 1.48
CA GLU A 47 -14.83 37.01 0.16
C GLU A 47 -14.47 38.27 -0.59
N ARG A 48 -15.19 39.37 -0.33
CA ARG A 48 -14.92 40.59 -1.04
C ARG A 48 -13.52 41.01 -0.66
N VAL A 49 -13.23 40.85 0.64
CA VAL A 49 -11.92 41.19 1.20
C VAL A 49 -10.74 40.67 0.34
N ALA A 50 -10.92 39.56 -0.35
CA ALA A 50 -9.86 39.01 -1.22
C ALA A 50 -9.35 40.04 -2.24
N LEU A 51 -10.19 41.00 -2.65
CA LEU A 51 -9.74 42.06 -3.60
C LEU A 51 -8.40 42.69 -3.26
N PHE A 52 -8.19 43.06 -1.98
CA PHE A 52 -6.90 43.65 -1.57
C PHE A 52 -5.85 42.54 -1.54
N GLY A 53 -6.26 41.33 -1.18
CA GLY A 53 -5.35 40.21 -1.17
C GLY A 53 -4.64 40.19 -2.50
N VAL A 54 -5.43 40.17 -3.59
CA VAL A 54 -4.89 40.15 -4.95
C VAL A 54 -4.50 41.54 -5.47
N LEU A 55 -5.37 42.52 -5.26
CA LEU A 55 -5.08 43.90 -5.69
C LEU A 55 -3.93 44.41 -4.84
N GLY A 56 -4.06 44.25 -3.52
CA GLY A 56 -3.02 44.68 -2.58
C GLY A 56 -1.66 44.16 -3.03
N ALA A 57 -1.63 42.88 -3.36
CA ALA A 57 -0.41 42.20 -3.84
C ALA A 57 0.26 42.91 -5.03
N ALA A 58 -0.54 43.17 -6.08
CA ALA A 58 -0.04 43.84 -7.28
C ALA A 58 0.16 45.32 -7.07
N LEU A 59 -0.81 45.97 -6.43
CA LEU A 59 -0.76 47.41 -6.14
C LEU A 59 0.33 47.74 -5.10
N ILE A 60 0.48 46.93 -4.05
CA ILE A 60 1.50 47.21 -3.02
C ILE A 60 2.92 47.06 -3.59
N GLY A 61 3.11 46.07 -4.47
CA GLY A 61 4.39 45.84 -5.13
C GLY A 61 4.61 46.89 -6.21
N ALA A 62 3.52 47.21 -6.91
CA ALA A 62 3.55 48.22 -7.98
C ALA A 62 4.44 49.41 -7.60
N ILE A 63 4.03 50.22 -6.61
CA ILE A 63 4.82 51.41 -6.24
C ILE A 63 6.31 51.12 -6.22
N ALA A 64 6.62 49.86 -5.87
CA ALA A 64 8.00 49.38 -5.77
C ALA A 64 8.41 48.55 -6.99
N PRO A 65 9.48 48.99 -7.66
CA PRO A 65 10.01 48.33 -8.88
C PRO A 65 10.26 46.75 -8.78
N LYS A 66 9.88 46.07 -9.97
CA LYS A 66 9.57 44.91 -10.44
C LYS A 66 10.44 43.77 -10.42
N THR A 67 11.53 43.89 -11.19
CA THR A 67 12.57 42.85 -11.25
C THR A 67 13.04 42.52 -9.82
N PRO A 68 13.30 43.52 -8.98
CA PRO A 68 13.71 43.24 -7.61
C PRO A 68 12.76 42.14 -6.88
N LEU A 69 13.08 41.94 -5.61
CA LEU A 69 12.36 41.01 -4.77
C LEU A 69 10.84 41.23 -4.79
N ARG A 70 10.44 42.34 -5.41
CA ARG A 70 9.03 42.75 -5.48
C ARG A 70 8.17 41.67 -6.25
N TYR A 71 8.84 40.75 -6.93
CA TYR A 71 8.18 39.66 -7.66
C TYR A 71 7.59 38.62 -6.71
N VAL A 72 7.88 38.79 -5.41
CA VAL A 72 7.33 37.90 -4.41
C VAL A 72 5.84 38.13 -4.38
N ALA A 73 5.43 39.36 -4.70
CA ALA A 73 4.01 39.72 -4.73
C ALA A 73 3.14 38.61 -5.31
N MET A 74 3.74 37.75 -6.12
CA MET A 74 3.03 36.69 -6.76
C MET A 74 2.24 35.74 -5.69
N VAL A 75 3.00 35.15 -4.81
CA VAL A 75 2.42 34.25 -3.85
C VAL A 75 1.26 34.87 -3.10
N ILE A 76 1.43 36.10 -2.64
CA ILE A 76 0.37 36.79 -1.95
C ILE A 76 -0.85 37.06 -2.91
N TRP A 77 -0.54 37.32 -4.18
CA TRP A 77 -1.55 37.50 -5.26
C TRP A 77 -2.09 36.13 -5.64
N LEU A 78 -1.26 35.11 -5.39
CA LEU A 78 -1.66 33.74 -5.70
C LEU A 78 -2.56 33.26 -4.58
N TYR A 79 -2.09 33.37 -3.33
CA TYR A 79 -2.87 32.93 -2.16
C TYR A 79 -4.27 33.51 -2.16
N SER A 80 -4.39 34.81 -2.34
CA SER A 80 -5.69 35.49 -2.35
C SER A 80 -6.64 35.04 -3.48
N ALA A 81 -6.11 34.68 -4.64
CA ALA A 81 -6.94 34.18 -5.74
C ALA A 81 -7.46 32.80 -5.37
N PHE A 82 -6.59 31.98 -4.75
CA PHE A 82 -6.97 30.63 -4.29
C PHE A 82 -8.03 30.72 -3.20
N ARG A 83 -7.64 31.25 -2.05
CA ARG A 83 -8.56 31.45 -0.94
C ARG A 83 -9.80 32.17 -1.46
N GLY A 84 -9.63 33.00 -2.47
CA GLY A 84 -10.78 33.67 -3.07
C GLY A 84 -11.72 32.66 -3.71
N VAL A 85 -11.19 31.79 -4.57
CA VAL A 85 -12.01 30.77 -5.23
C VAL A 85 -12.66 29.85 -4.22
N GLN A 86 -11.99 29.62 -3.06
CA GLN A 86 -12.54 28.73 -2.02
C GLN A 86 -13.86 29.27 -1.41
N LEU A 87 -13.85 30.54 -0.97
CA LEU A 87 -15.06 31.18 -0.42
C LEU A 87 -16.14 31.38 -1.54
N THR A 88 -15.76 31.84 -2.74
CA THR A 88 -16.75 32.00 -3.85
C THR A 88 -17.36 30.68 -4.26
N TYR A 89 -16.56 29.62 -4.25
CA TYR A 89 -17.05 28.30 -4.66
C TYR A 89 -18.15 27.79 -3.72
N GLU A 90 -17.80 27.51 -2.46
CA GLU A 90 -18.78 27.04 -1.49
C GLU A 90 -19.98 27.96 -1.49
N HIS A 91 -19.73 29.25 -1.65
CA HIS A 91 -20.81 30.22 -1.76
C HIS A 91 -21.73 29.89 -2.94
N THR A 92 -21.16 29.43 -4.06
CA THR A 92 -21.98 29.10 -5.22
C THR A 92 -22.81 27.88 -4.86
N MET A 93 -22.10 26.81 -4.48
CA MET A 93 -22.74 25.57 -4.07
C MET A 93 -23.95 25.85 -3.12
N LEU A 94 -23.78 26.80 -2.22
CA LEU A 94 -24.83 27.16 -1.28
C LEU A 94 -26.15 27.60 -1.96
N GLN A 95 -26.08 28.32 -3.09
CA GLN A 95 -27.29 28.72 -3.82
C GLN A 95 -27.69 27.62 -4.81
N LEU A 96 -26.80 26.66 -5.01
CA LEU A 96 -27.08 25.56 -5.93
C LEU A 96 -27.64 24.39 -5.12
N TYR A 97 -27.34 24.44 -3.82
CA TYR A 97 -27.72 23.41 -2.88
C TYR A 97 -27.47 24.00 -1.49
N PRO A 98 -28.45 24.52 -0.78
CA PRO A 98 -28.15 25.17 0.50
C PRO A 98 -28.16 24.15 1.60
N SER A 99 -27.66 24.51 2.79
CA SER A 99 -27.61 23.53 3.89
C SER A 99 -28.43 23.93 5.10
N PRO A 100 -29.59 23.33 5.28
CA PRO A 100 -30.54 23.59 6.36
C PRO A 100 -29.92 23.92 7.70
N PHE A 101 -29.48 25.17 7.85
CA PHE A 101 -28.90 25.63 9.12
C PHE A 101 -29.98 25.99 10.18
N ALA A 102 -31.24 25.86 9.83
CA ALA A 102 -32.29 26.18 10.76
C ALA A 102 -32.40 27.71 10.81
N THR A 103 -32.74 28.24 11.98
CA THR A 103 -32.89 29.66 12.19
C THR A 103 -31.39 30.29 11.91
N CYS A 104 -31.36 31.14 10.93
CA CYS A 104 -30.10 31.67 10.60
C CYS A 104 -30.04 33.25 10.98
N ASP A 105 -28.99 33.57 11.71
CA ASP A 105 -28.81 34.96 12.15
C ASP A 105 -27.42 35.52 11.85
N PHE A 106 -27.41 36.56 11.01
CA PHE A 106 -26.16 37.19 10.54
C PHE A 106 -25.19 36.13 10.01
N MET A 107 -24.38 35.57 10.91
CA MET A 107 -23.41 34.51 10.56
C MET A 107 -24.02 33.16 10.00
N VAL A 108 -24.41 32.28 10.94
CA VAL A 108 -24.98 30.94 10.62
C VAL A 108 -26.44 30.85 11.09
N LEU A 114 -11.50 45.25 10.65
CA LEU A 114 -12.91 44.96 10.35
C LEU A 114 -13.75 46.25 10.40
N PRO A 115 -13.38 47.20 11.24
CA PRO A 115 -14.10 48.50 11.35
C PRO A 115 -13.55 49.63 10.51
N LEU A 116 -12.49 50.27 10.99
CA LEU A 116 -11.84 51.36 10.27
C LEU A 116 -12.49 52.69 10.64
N ASP A 117 -11.71 53.77 10.49
CA ASP A 117 -12.16 55.14 10.81
C ASP A 117 -11.71 56.18 9.76
N LYS A 118 -10.51 56.02 9.22
CA LYS A 118 -9.92 57.02 8.30
C LYS A 118 -10.66 57.24 6.97
N TRP A 119 -11.56 56.31 6.60
CA TRP A 119 -12.28 56.43 5.32
C TRP A 119 -13.81 56.11 5.37
N VAL A 120 -14.16 54.80 5.36
CA VAL A 120 -15.54 54.34 5.53
C VAL A 120 -15.51 52.90 6.06
N PRO A 121 -16.39 52.57 6.97
CA PRO A 121 -16.45 51.21 7.53
C PRO A 121 -17.14 50.19 6.56
N GLN A 122 -17.83 50.73 5.55
CA GLN A 122 -18.62 49.95 4.61
C GLN A 122 -18.04 48.52 4.24
N VAL A 123 -16.82 48.23 4.67
CA VAL A 123 -16.24 46.92 4.39
C VAL A 123 -17.03 45.75 5.01
N PHE A 124 -18.34 45.95 5.17
CA PHE A 124 -19.23 44.91 5.68
C PHE A 124 -20.72 45.21 5.46
N VAL A 125 -21.48 44.16 5.12
CA VAL A 125 -22.93 44.28 4.93
C VAL A 125 -23.59 42.89 4.88
N ALA A 126 -24.90 42.86 5.12
CA ALA A 126 -25.64 41.59 5.17
C ALA A 126 -27.14 41.80 5.33
N SER A 127 -27.93 40.71 5.22
CA SER A 127 -29.40 40.84 5.38
C SER A 127 -30.04 39.63 6.08
N GLY A 128 -29.36 38.50 6.03
CA GLY A 128 -29.84 37.28 6.68
C GLY A 128 -29.35 36.05 5.94
N ASP A 129 -28.98 35.01 6.71
CA ASP A 129 -28.42 33.76 6.16
C ASP A 129 -29.43 32.59 6.08
N CYS A 130 -30.51 32.82 5.32
CA CYS A 130 -31.55 31.83 5.10
C CYS A 130 -31.91 31.71 3.62
N ALA A 131 -33.15 31.30 3.39
CA ALA A 131 -33.70 31.23 2.08
C ALA A 131 -34.61 32.44 2.09
N GLU A 132 -34.49 33.30 1.10
CA GLU A 132 -35.29 34.50 1.07
C GLU A 132 -35.31 35.08 -0.34
N ARG A 133 -35.65 36.35 -0.44
CA ARG A 133 -35.74 37.01 -1.74
C ARG A 133 -34.34 37.31 -2.25
N GLN A 134 -34.16 37.03 -3.54
CA GLN A 134 -32.89 37.27 -4.21
C GLN A 134 -33.18 37.69 -5.65
N TRP A 135 -33.40 36.71 -6.52
CA TRP A 135 -33.68 36.99 -7.95
C TRP A 135 -32.46 37.64 -8.64
N ASP A 136 -31.82 38.57 -7.93
CA ASP A 136 -30.64 39.25 -8.43
C ASP A 136 -30.81 39.54 -9.92
N PHE A 137 -29.68 39.63 -10.60
CA PHE A 137 -29.62 40.01 -12.04
C PHE A 137 -30.02 38.93 -13.07
N LEU A 138 -31.15 39.22 -13.76
CA LEU A 138 -31.73 38.39 -14.85
C LEU A 138 -30.68 37.77 -15.77
N GLY A 139 -29.47 38.33 -15.77
CA GLY A 139 -28.39 37.81 -16.60
C GLY A 139 -27.36 37.02 -15.78
N LEU A 140 -27.79 35.90 -15.21
CA LEU A 140 -26.93 35.04 -14.42
C LEU A 140 -26.44 35.81 -13.18
N GLU A 141 -26.26 35.07 -12.07
CA GLU A 141 -25.79 35.67 -10.82
C GLU A 141 -24.31 35.93 -10.90
N MET A 142 -23.83 36.82 -10.03
CA MET A 142 -22.42 37.17 -10.03
C MET A 142 -21.62 36.06 -9.42
N PRO A 143 -21.65 35.85 -8.10
CA PRO A 143 -20.85 34.76 -7.52
C PRO A 143 -20.74 33.58 -8.49
N GLN A 144 -21.82 33.27 -9.18
CA GLN A 144 -21.84 32.16 -10.13
C GLN A 144 -20.95 32.43 -11.33
N TRP A 145 -20.99 33.67 -11.83
CA TRP A 145 -20.15 34.06 -12.97
C TRP A 145 -18.79 34.37 -12.37
N LEU A 146 -18.83 35.05 -11.21
CA LEU A 146 -17.62 35.50 -10.46
C LEU A 146 -16.54 34.45 -10.31
N LEU A 147 -16.89 33.21 -9.97
CA LEU A 147 -15.89 32.15 -9.88
C LEU A 147 -15.03 32.11 -11.12
N GLY A 148 -15.57 32.57 -12.24
CA GLY A 148 -14.85 32.61 -13.51
C GLY A 148 -13.71 33.63 -13.49
N ILE A 149 -13.93 34.73 -12.77
CA ILE A 149 -12.92 35.77 -12.67
C ILE A 149 -11.72 35.31 -11.74
N PHE A 150 -12.05 34.72 -10.58
CA PHE A 150 -11.02 34.27 -9.65
C PHE A 150 -10.17 33.19 -10.28
N ILE A 151 -10.81 32.22 -10.92
CA ILE A 151 -10.06 31.17 -11.56
C ILE A 151 -9.15 31.87 -12.63
N ALA A 152 -9.72 32.90 -13.24
CA ALA A 152 -8.98 33.70 -14.24
C ALA A 152 -7.66 34.32 -13.70
N TYR A 153 -7.67 34.83 -12.49
CA TYR A 153 -6.47 35.39 -11.89
C TYR A 153 -5.59 34.25 -11.41
N LEU A 154 -6.24 33.23 -10.85
CA LEU A 154 -5.54 32.03 -10.36
C LEU A 154 -4.83 31.36 -11.50
N ILE A 155 -5.54 31.21 -12.62
CA ILE A 155 -4.96 30.54 -13.74
C ILE A 155 -3.79 31.48 -14.49
N VAL A 156 -4.00 32.77 -14.44
CA VAL A 156 -3.00 33.70 -14.93
C VAL A 156 -1.84 33.62 -13.94
N ALA A 157 -2.18 33.57 -12.63
CA ALA A 157 -1.16 33.47 -11.57
C ALA A 157 -0.35 32.17 -11.60
N VAL A 158 -1.01 31.02 -11.60
CA VAL A 158 -0.24 29.77 -11.63
C VAL A 158 0.65 29.81 -12.87
N LEU A 159 0.06 30.14 -14.03
CA LEU A 159 0.80 30.17 -15.31
C LEU A 159 2.06 31.08 -15.36
N VAL A 160 2.02 32.22 -14.67
CA VAL A 160 3.19 33.14 -14.61
C VAL A 160 4.34 32.46 -13.80
N VAL A 161 4.02 31.77 -12.69
CA VAL A 161 5.06 31.07 -11.94
C VAL A 161 5.42 29.74 -12.63
N ILE A 162 4.46 28.83 -12.74
CA ILE A 162 4.75 27.54 -13.37
C ILE A 162 4.43 27.52 -14.89
N ASP B 21 -41.17 22.43 14.19
CA ASP B 21 -40.44 22.11 12.91
C ASP B 21 -41.43 21.88 11.79
N ILE B 22 -40.96 21.30 10.69
CA ILE B 22 -41.87 20.81 9.68
C ILE B 22 -42.39 19.46 10.19
N VAL B 23 -43.68 19.19 9.96
CA VAL B 23 -44.23 17.84 10.18
C VAL B 23 -44.63 17.08 8.91
N MET B 24 -43.91 15.99 8.68
CA MET B 24 -44.26 15.03 7.65
C MET B 24 -45.23 14.03 8.23
N SER B 25 -46.23 13.70 7.41
CA SER B 25 -47.31 12.84 7.79
C SER B 25 -47.75 12.12 6.52
N GLN B 26 -47.56 10.80 6.50
CA GLN B 26 -48.00 9.97 5.38
C GLN B 26 -49.32 9.26 5.68
N SER B 27 -50.12 9.03 4.63
CA SER B 27 -51.26 8.12 4.74
C SER B 27 -51.15 7.14 3.58
N PRO B 28 -51.58 5.88 3.77
CA PRO B 28 -52.09 5.28 4.99
C PRO B 28 -50.96 4.63 5.77
N SER B 29 -51.28 4.05 6.92
CA SER B 29 -50.31 3.26 7.67
C SER B 29 -49.87 2.03 6.87
N SER B 30 -50.83 1.33 6.30
CA SER B 30 -50.56 0.09 5.58
C SER B 30 -51.24 -0.04 4.22
N LEU B 31 -50.59 -0.78 3.33
CA LEU B 31 -51.12 -1.14 2.02
C LEU B 31 -50.91 -2.62 1.71
N ALA B 32 -51.96 -3.26 1.24
CA ALA B 32 -51.83 -4.58 0.68
C ALA B 32 -51.90 -4.49 -0.84
N VAL B 33 -51.22 -5.40 -1.53
CA VAL B 33 -51.29 -5.49 -3.00
C VAL B 33 -50.78 -6.85 -3.53
N SER B 34 -51.43 -7.34 -4.58
CA SER B 34 -51.03 -8.59 -5.20
C SER B 34 -49.83 -8.29 -6.09
N ALA B 35 -48.83 -9.17 -6.02
CA ALA B 35 -47.49 -8.93 -6.57
C ALA B 35 -47.45 -8.55 -8.06
N GLY B 36 -47.46 -7.26 -8.35
CA GLY B 36 -47.27 -6.80 -9.72
C GLY B 36 -48.13 -5.60 -10.05
N GLU B 37 -48.66 -4.96 -9.02
CA GLU B 37 -49.59 -3.85 -9.17
C GLU B 37 -48.97 -2.46 -9.07
N LYS B 38 -49.80 -1.43 -9.28
CA LYS B 38 -49.41 -0.05 -9.04
C LYS B 38 -49.92 0.42 -7.68
N VAL B 39 -49.02 1.01 -6.90
CA VAL B 39 -49.35 1.58 -5.59
C VAL B 39 -48.76 2.95 -5.53
N THR B 40 -49.54 3.88 -4.98
CA THR B 40 -49.14 5.26 -4.87
C THR B 40 -49.51 5.78 -3.48
N MET B 41 -48.61 5.60 -2.50
CA MET B 41 -48.88 6.20 -1.20
C MET B 41 -48.46 7.69 -1.16
N SER B 42 -48.95 8.43 -0.16
CA SER B 42 -48.80 9.88 -0.14
C SER B 42 -48.09 10.42 1.07
N CYS B 43 -47.24 11.42 0.83
CA CYS B 43 -46.54 12.16 1.86
C CYS B 43 -46.89 13.62 1.78
N LYS B 44 -47.44 14.18 2.86
CA LYS B 44 -47.75 15.59 2.95
C LYS B 44 -46.98 16.31 4.07
N SER B 45 -46.34 17.42 3.72
CA SER B 45 -45.58 18.18 4.71
C SER B 45 -46.30 19.46 5.15
N SER B 46 -46.08 19.86 6.39
CA SER B 46 -46.75 21.02 6.97
C SER B 46 -46.34 22.34 6.34
N GLN B 47 -45.14 22.35 5.76
CA GLN B 47 -44.51 23.55 5.23
C GLN B 47 -44.19 23.32 3.79
N SER B 48 -44.41 24.31 2.93
CA SER B 48 -44.06 24.08 1.53
C SER B 48 -42.58 23.80 1.38
N LEU B 49 -42.24 22.93 0.45
CA LEU B 49 -40.85 22.50 0.29
C LEU B 49 -40.14 23.05 -0.98
N LEU B 50 -40.69 24.12 -1.55
CA LEU B 50 -40.13 24.72 -2.78
C LEU B 50 -39.18 25.88 -2.48
N ASN B 51 -38.05 25.91 -3.18
CA ASN B 51 -37.25 27.13 -3.25
C ASN B 51 -37.77 28.06 -4.32
N SER B 52 -37.57 29.36 -4.13
CA SER B 52 -37.77 30.29 -5.23
C SER B 52 -36.78 29.95 -6.36
N ARG B 53 -35.48 29.95 -6.07
CA ARG B 53 -34.47 29.56 -7.06
C ARG B 53 -34.38 28.03 -7.26
N THR B 54 -34.68 27.66 -8.50
CA THR B 54 -34.95 26.28 -8.96
C THR B 54 -36.15 25.66 -8.30
N ARG B 55 -37.07 25.17 -9.13
CA ARG B 55 -38.01 24.15 -8.68
C ARG B 55 -37.16 23.03 -8.11
N LYS B 56 -37.07 22.99 -6.79
CA LYS B 56 -36.24 22.04 -6.08
C LYS B 56 -37.03 21.70 -4.85
N ASN B 57 -37.58 20.48 -4.81
CA ASN B 57 -38.58 20.23 -3.78
C ASN B 57 -38.14 19.53 -2.51
N TYR B 58 -36.84 19.38 -2.33
CA TYR B 58 -36.23 19.09 -1.01
C TYR B 58 -36.90 18.03 -0.11
N LEU B 59 -37.49 17.04 -0.77
CA LEU B 59 -38.10 15.93 -0.09
C LEU B 59 -37.43 14.68 -0.62
N ALA B 60 -37.13 13.75 0.29
CA ALA B 60 -36.69 12.43 -0.09
C ALA B 60 -37.66 11.32 0.36
N TRP B 61 -37.59 10.18 -0.35
CA TRP B 61 -38.31 8.95 0.00
C TRP B 61 -37.30 7.89 0.31
N TYR B 62 -37.36 7.30 1.50
CA TYR B 62 -36.47 6.20 1.85
C TYR B 62 -37.30 4.94 2.04
N GLN B 63 -36.86 3.86 1.43
CA GLN B 63 -37.48 2.58 1.71
C GLN B 63 -36.66 1.89 2.77
N GLN B 64 -37.32 1.09 3.62
CA GLN B 64 -36.62 0.38 4.70
C GLN B 64 -37.17 -1.01 4.83
N LYS B 65 -36.35 -2.00 4.47
CA LYS B 65 -36.79 -3.41 4.51
C LYS B 65 -36.85 -3.96 5.93
N PRO B 66 -37.62 -5.05 6.17
CA PRO B 66 -37.75 -5.55 7.53
C PRO B 66 -36.40 -5.85 8.19
N GLY B 67 -36.11 -5.11 9.27
CA GLY B 67 -34.85 -5.23 10.00
C GLY B 67 -33.73 -4.92 9.04
N GLN B 68 -33.70 -3.68 8.58
CA GLN B 68 -32.62 -3.12 7.76
C GLN B 68 -32.51 -1.63 7.87
N SER B 69 -31.33 -1.13 7.60
CA SER B 69 -31.15 0.29 7.50
C SER B 69 -31.96 0.80 6.29
N PRO B 70 -32.65 1.94 6.44
CA PRO B 70 -33.34 2.53 5.29
C PRO B 70 -32.41 2.65 4.08
N LYS B 71 -32.96 2.57 2.87
CA LYS B 71 -32.21 2.81 1.62
C LYS B 71 -32.73 4.08 0.92
N LEU B 72 -31.84 4.86 0.33
CA LEU B 72 -32.27 6.04 -0.43
C LEU B 72 -32.93 5.60 -1.71
N LEU B 73 -34.01 6.29 -2.09
CA LEU B 73 -34.89 5.81 -3.15
C LEU B 73 -35.13 6.87 -4.21
N ILE B 74 -35.54 8.05 -3.73
CA ILE B 74 -35.78 9.19 -4.57
C ILE B 74 -35.28 10.40 -3.80
N TYR B 75 -34.47 11.23 -4.43
CA TYR B 75 -34.24 12.54 -3.84
C TYR B 75 -34.88 13.71 -4.61
N TRP B 76 -34.71 14.90 -4.06
CA TRP B 76 -35.31 16.13 -4.58
C TRP B 76 -36.83 16.12 -4.77
N ALA B 77 -37.37 15.05 -5.32
CA ALA B 77 -38.80 14.69 -5.18
C ALA B 77 -39.17 13.77 -6.30
N SER B 78 -38.53 14.05 -7.45
CA SER B 78 -38.69 13.37 -8.73
C SER B 78 -37.57 12.39 -8.97
N THR B 79 -36.32 12.87 -8.82
CA THR B 79 -35.12 12.16 -9.29
C THR B 79 -34.78 10.88 -8.50
N ARG B 80 -34.66 9.78 -9.24
CA ARG B 80 -34.34 8.47 -8.68
C ARG B 80 -32.84 8.31 -8.47
N GLU B 81 -32.47 7.30 -7.67
CA GLU B 81 -31.08 7.17 -7.26
C GLU B 81 -30.41 5.88 -7.78
N SER B 82 -29.11 5.98 -8.05
CA SER B 82 -28.29 4.90 -8.64
C SER B 82 -28.83 3.50 -8.39
N GLY B 83 -29.48 2.93 -9.40
CA GLY B 83 -30.04 1.59 -9.30
C GLY B 83 -31.43 1.54 -8.70
N VAL B 84 -32.19 2.60 -8.87
CA VAL B 84 -33.62 2.56 -8.58
C VAL B 84 -34.31 2.19 -9.87
N PRO B 85 -35.05 1.07 -9.86
CA PRO B 85 -35.88 0.70 -11.02
C PRO B 85 -36.98 1.74 -11.29
N ASP B 86 -37.10 2.13 -12.56
CA ASP B 86 -38.02 3.18 -13.03
C ASP B 86 -39.37 3.15 -12.32
N ARG B 87 -39.74 1.95 -11.85
CA ARG B 87 -41.06 1.65 -11.29
C ARG B 87 -41.43 2.48 -10.06
N PHE B 88 -40.45 2.77 -9.21
CA PHE B 88 -40.67 3.72 -8.13
C PHE B 88 -40.65 5.07 -8.82
N THR B 89 -41.69 5.86 -8.63
CA THR B 89 -41.72 7.21 -9.18
C THR B 89 -42.09 8.23 -8.12
N GLY B 90 -41.48 9.41 -8.21
CA GLY B 90 -41.74 10.47 -7.24
C GLY B 90 -42.41 11.63 -7.93
N SER B 91 -43.66 11.85 -7.59
CA SER B 91 -44.35 13.05 -8.03
C SER B 91 -44.51 13.89 -6.79
N GLY B 92 -45.11 15.06 -6.95
CA GLY B 92 -45.42 15.91 -5.79
C GLY B 92 -44.71 17.24 -5.92
N SER B 93 -45.16 18.21 -5.15
CA SER B 93 -44.67 19.56 -5.27
C SER B 93 -45.42 20.50 -4.35
N GLY B 94 -44.68 21.35 -3.66
CA GLY B 94 -45.27 22.17 -2.61
C GLY B 94 -45.32 21.35 -1.34
N THR B 95 -46.54 21.09 -0.86
CA THR B 95 -46.72 20.38 0.41
C THR B 95 -47.23 18.95 0.16
N ASP B 96 -47.12 18.46 -1.07
CA ASP B 96 -47.93 17.32 -1.53
C ASP B 96 -47.24 16.27 -2.36
N PHE B 97 -46.61 15.33 -1.70
CA PHE B 97 -45.83 14.37 -2.43
C PHE B 97 -46.46 12.98 -2.43
N THR B 98 -46.14 12.23 -3.48
CA THR B 98 -46.71 10.91 -3.70
C THR B 98 -45.65 9.96 -4.27
N LEU B 99 -45.54 8.79 -3.68
CA LEU B 99 -44.63 7.77 -4.20
C LEU B 99 -45.43 6.68 -4.84
N THR B 100 -44.96 6.23 -6.00
CA THR B 100 -45.71 5.29 -6.84
C THR B 100 -44.83 4.13 -7.37
N ILE B 101 -45.20 2.91 -7.00
CA ILE B 101 -44.42 1.72 -7.32
C ILE B 101 -45.24 0.84 -8.21
N SER B 102 -44.90 0.80 -9.50
CA SER B 102 -45.56 -0.10 -10.45
C SER B 102 -44.85 -1.46 -10.51
N SER B 103 -45.63 -2.51 -10.74
CA SER B 103 -45.11 -3.88 -10.90
C SER B 103 -44.44 -4.39 -9.62
N VAL B 104 -45.19 -4.32 -8.52
CA VAL B 104 -44.69 -4.70 -7.19
C VAL B 104 -44.09 -6.09 -7.14
N GLN B 105 -42.76 -6.16 -7.16
CA GLN B 105 -42.12 -7.42 -6.90
C GLN B 105 -42.25 -7.83 -5.44
N ALA B 106 -41.84 -9.06 -5.16
CA ALA B 106 -42.00 -9.64 -3.83
C ALA B 106 -41.03 -9.00 -2.85
N GLU B 107 -39.86 -8.64 -3.39
CA GLU B 107 -38.80 -7.98 -2.64
C GLU B 107 -39.06 -6.48 -2.63
N ASP B 108 -40.29 -6.12 -2.26
CA ASP B 108 -40.70 -4.75 -2.10
C ASP B 108 -41.50 -4.65 -0.83
N LEU B 109 -41.35 -5.64 0.04
CA LEU B 109 -41.94 -5.57 1.36
C LEU B 109 -41.16 -4.58 2.20
N ALA B 110 -41.81 -3.48 2.58
CA ALA B 110 -41.07 -2.43 3.26
C ALA B 110 -41.97 -1.39 3.90
N VAL B 111 -41.38 -0.59 4.77
CA VAL B 111 -41.98 0.68 5.11
C VAL B 111 -41.23 1.78 4.32
N TYR B 112 -42.02 2.71 3.79
CA TYR B 112 -41.54 3.78 2.92
C TYR B 112 -41.68 5.10 3.65
N TYR B 113 -40.56 5.76 3.85
CA TYR B 113 -40.49 6.93 4.71
C TYR B 113 -40.20 8.12 3.83
N CYS B 114 -40.89 9.23 4.07
CA CYS B 114 -40.52 10.43 3.37
C CYS B 114 -39.76 11.30 4.35
N LYS B 115 -38.79 12.04 3.85
CA LYS B 115 -37.98 12.96 4.68
C LYS B 115 -38.00 14.32 4.04
N GLN B 116 -38.13 15.35 4.87
CA GLN B 116 -37.90 16.68 4.36
C GLN B 116 -36.49 17.08 4.71
N SER B 117 -35.85 17.80 3.80
CA SER B 117 -34.53 18.36 4.07
C SER B 117 -34.51 19.85 3.72
N TYR B 118 -35.65 20.52 3.84
CA TYR B 118 -35.75 21.94 3.55
C TYR B 118 -35.36 22.74 4.75
N ASN B 119 -35.67 22.27 5.94
CA ASN B 119 -35.23 22.96 7.13
C ASN B 119 -35.11 21.95 8.23
N LEU B 120 -33.86 21.57 8.46
CA LEU B 120 -33.48 20.40 9.26
C LEU B 120 -33.99 19.12 8.57
N TYR B 121 -33.91 17.98 9.24
CA TYR B 121 -34.36 16.74 8.66
C TYR B 121 -35.58 16.22 9.42
N THR B 122 -36.77 16.18 8.81
CA THR B 122 -37.85 15.39 9.44
C THR B 122 -38.37 14.26 8.55
N PHE B 123 -38.94 13.24 9.21
CA PHE B 123 -39.45 12.02 8.57
C PHE B 123 -40.97 11.90 8.69
N GLY B 124 -41.58 11.15 7.78
CA GLY B 124 -42.98 10.82 7.91
C GLY B 124 -43.05 9.70 8.91
N GLY B 125 -44.24 9.23 9.18
CA GLY B 125 -44.44 8.14 10.12
C GLY B 125 -44.13 6.79 9.50
N GLY B 126 -44.41 6.66 8.22
CA GLY B 126 -44.13 5.42 7.52
C GLY B 126 -45.41 4.86 6.95
N THR B 127 -45.27 4.04 5.91
CA THR B 127 -46.37 3.40 5.22
C THR B 127 -45.87 1.98 4.99
N LYS B 128 -46.51 1.01 5.61
CA LYS B 128 -46.13 -0.39 5.46
C LYS B 128 -46.78 -1.02 4.22
N LEU B 129 -45.97 -1.34 3.20
CA LEU B 129 -46.44 -2.03 2.00
C LEU B 129 -46.29 -3.54 2.15
N GLU B 130 -47.29 -4.17 2.77
CA GLU B 130 -47.27 -5.64 2.95
C GLU B 130 -47.94 -6.36 1.78
N ILE B 131 -47.35 -7.47 1.35
CA ILE B 131 -47.83 -8.19 0.16
C ILE B 131 -49.04 -9.10 0.43
N LYS B 132 -49.84 -9.24 -0.62
CA LYS B 132 -50.90 -10.24 -0.71
C LYS B 132 -50.24 -11.52 -1.21
N ALA B 134 -51.81 -15.79 -2.60
CA ALA B 134 -52.62 -16.99 -2.40
C ALA B 134 -52.11 -17.82 -1.23
N ASP B 135 -53.05 -18.42 -0.51
CA ASP B 135 -52.77 -19.12 0.75
C ASP B 135 -51.70 -20.24 0.62
N ALA B 136 -51.15 -20.68 1.75
CA ALA B 136 -50.30 -21.89 1.81
C ALA B 136 -50.37 -22.58 3.20
N ALA B 137 -50.01 -23.86 3.22
CA ALA B 137 -50.10 -24.70 4.43
C ALA B 137 -48.93 -24.56 5.41
N PRO B 138 -49.22 -24.19 6.68
CA PRO B 138 -48.20 -24.06 7.74
C PRO B 138 -47.46 -25.38 7.94
N THR B 139 -46.15 -25.30 8.23
CA THR B 139 -45.31 -26.50 8.26
C THR B 139 -44.74 -26.80 9.68
N VAL B 140 -45.56 -27.34 10.58
CA VAL B 140 -45.14 -27.50 12.00
C VAL B 140 -44.06 -28.56 12.23
N SER B 141 -43.39 -28.47 13.38
CA SER B 141 -42.28 -29.33 13.79
C SER B 141 -41.97 -29.09 15.27
N ILE B 142 -42.17 -30.10 16.12
CA ILE B 142 -41.98 -29.94 17.58
C ILE B 142 -40.58 -30.22 18.09
N PHE B 143 -40.20 -29.47 19.13
CA PHE B 143 -38.84 -29.49 19.68
C PHE B 143 -38.81 -29.59 21.22
N PRO B 144 -38.34 -30.74 21.74
CA PRO B 144 -38.23 -31.02 23.17
C PRO B 144 -37.22 -30.10 23.86
N PRO B 145 -37.28 -29.98 25.19
CA PRO B 145 -36.24 -29.29 25.95
C PRO B 145 -34.83 -29.73 25.55
N SER B 146 -33.83 -28.93 25.90
CA SER B 146 -32.42 -29.33 25.71
C SER B 146 -31.79 -29.78 27.01
N SER B 147 -31.15 -30.94 26.96
CA SER B 147 -30.47 -31.55 28.10
C SER B 147 -30.03 -30.49 29.12
N GLU B 148 -29.20 -29.53 28.68
CA GLU B 148 -28.59 -28.57 29.60
C GLU B 148 -29.60 -27.64 30.26
N GLN B 149 -30.60 -27.20 29.50
CA GLN B 149 -31.71 -26.40 30.04
C GLN B 149 -32.30 -27.12 31.26
N LEU B 150 -32.50 -28.42 31.10
CA LEU B 150 -33.05 -29.28 32.13
C LEU B 150 -32.10 -29.35 33.30
N THR B 151 -30.89 -29.85 33.06
CA THR B 151 -29.87 -30.01 34.12
C THR B 151 -29.45 -28.66 34.73
N SER B 152 -30.01 -27.58 34.20
CA SER B 152 -29.89 -26.26 34.80
C SER B 152 -31.24 -25.73 35.34
N GLY B 153 -32.18 -26.64 35.57
CA GLY B 153 -33.36 -26.37 36.40
C GLY B 153 -34.60 -25.81 35.75
N GLY B 154 -34.78 -26.09 34.46
CA GLY B 154 -35.96 -25.63 33.72
C GLY B 154 -36.25 -26.49 32.51
N ALA B 155 -37.41 -26.29 31.90
CA ALA B 155 -37.83 -27.08 30.74
C ALA B 155 -38.80 -26.33 29.83
N SER B 156 -38.44 -26.19 28.55
CA SER B 156 -39.25 -25.46 27.59
C SER B 156 -39.45 -26.25 26.32
N VAL B 157 -40.68 -26.27 25.81
CA VAL B 157 -41.00 -27.03 24.61
C VAL B 157 -41.61 -26.13 23.52
N VAL B 158 -41.03 -26.15 22.32
CA VAL B 158 -41.41 -25.25 21.21
C VAL B 158 -41.76 -25.98 19.91
N CYS B 159 -42.68 -25.42 19.14
CA CYS B 159 -42.85 -25.84 17.75
C CYS B 159 -42.97 -24.65 16.79
N PHE B 160 -42.22 -24.73 15.70
CA PHE B 160 -42.22 -23.70 14.67
C PHE B 160 -43.31 -23.98 13.66
N LEU B 161 -43.90 -22.91 13.13
CA LEU B 161 -44.93 -23.00 12.11
C LEU B 161 -44.44 -22.26 10.87
N ASN B 162 -43.50 -22.85 10.15
CA ASN B 162 -42.85 -22.14 9.07
C ASN B 162 -43.75 -21.95 7.85
N ASN B 163 -43.44 -20.90 7.07
CA ASN B 163 -43.97 -20.64 5.72
C ASN B 163 -45.48 -20.68 5.47
N PHE B 164 -46.28 -20.18 6.41
CA PHE B 164 -47.73 -20.17 6.19
C PHE B 164 -48.26 -18.81 5.73
N TYR B 165 -49.52 -18.80 5.30
CA TYR B 165 -50.20 -17.59 4.79
C TYR B 165 -51.68 -17.91 4.54
N PRO B 166 -52.61 -17.07 5.01
CA PRO B 166 -52.48 -15.78 5.70
C PRO B 166 -52.06 -15.91 7.17
N LYS B 167 -51.92 -14.75 7.81
CA LYS B 167 -51.46 -14.58 9.20
C LYS B 167 -52.17 -15.49 10.19
N ASP B 168 -53.48 -15.64 10.02
CA ASP B 168 -54.33 -16.25 11.04
C ASP B 168 -54.14 -17.76 11.16
N ILE B 169 -53.71 -18.15 12.37
CA ILE B 169 -53.41 -19.54 12.71
C ILE B 169 -53.57 -19.74 14.22
N ASN B 170 -54.54 -20.57 14.61
CA ASN B 170 -54.76 -20.88 16.01
C ASN B 170 -54.04 -22.18 16.38
N VAL B 171 -52.90 -22.01 17.05
CA VAL B 171 -52.02 -23.12 17.42
C VAL B 171 -52.33 -23.60 18.84
N LYS B 172 -52.70 -24.87 18.95
CA LYS B 172 -53.18 -25.46 20.19
C LYS B 172 -52.27 -26.58 20.67
N TRP B 173 -51.73 -26.42 21.89
CA TRP B 173 -50.88 -27.42 22.52
C TRP B 173 -51.70 -28.56 23.16
N LYS B 174 -51.18 -29.79 23.10
CA LYS B 174 -51.82 -30.97 23.71
C LYS B 174 -50.84 -31.75 24.58
N ILE B 175 -51.24 -31.97 25.83
CA ILE B 175 -50.52 -32.91 26.69
C ILE B 175 -51.28 -34.24 26.63
N ASP B 176 -50.76 -35.17 25.83
CA ASP B 176 -51.40 -36.45 25.45
C ASP B 176 -52.84 -36.36 24.92
N GLY B 177 -53.54 -35.29 25.32
CA GLY B 177 -54.94 -35.05 24.96
C GLY B 177 -55.56 -33.97 25.85
N SER B 178 -55.12 -33.95 27.11
CA SER B 178 -55.49 -32.91 28.10
C SER B 178 -54.79 -31.61 27.76
N GLU B 179 -55.58 -30.54 27.57
CA GLU B 179 -55.03 -29.31 27.00
C GLU B 179 -55.02 -28.11 27.95
N ARG B 180 -53.86 -27.88 28.58
CA ARG B 180 -53.61 -26.68 29.41
C ARG B 180 -52.97 -25.51 28.61
N GLN B 181 -53.04 -24.30 29.16
CA GLN B 181 -52.65 -23.10 28.38
C GLN B 181 -51.69 -22.11 29.06
N ASN B 182 -51.88 -21.85 30.35
CA ASN B 182 -51.04 -20.88 31.10
C ASN B 182 -49.51 -21.04 30.91
N GLY B 183 -48.93 -20.19 30.06
CA GLY B 183 -47.49 -20.22 29.79
C GLY B 183 -47.15 -20.69 28.39
N VAL B 184 -47.78 -20.06 27.40
CA VAL B 184 -47.64 -20.44 25.98
C VAL B 184 -47.52 -19.18 25.10
N LEU B 185 -46.29 -18.71 24.91
CA LEU B 185 -46.02 -17.41 24.27
C LEU B 185 -45.47 -17.49 22.83
N ASN B 186 -46.19 -16.85 21.91
CA ASN B 186 -45.93 -16.97 20.47
C ASN B 186 -45.10 -15.83 19.87
N SER B 187 -44.83 -15.94 18.56
CA SER B 187 -44.40 -14.80 17.74
C SER B 187 -44.38 -15.07 16.24
N TRP B 188 -45.08 -14.21 15.50
CA TRP B 188 -45.14 -14.28 14.06
C TRP B 188 -44.00 -13.44 13.52
N THR B 189 -43.21 -13.96 12.59
CA THR B 189 -42.30 -13.10 11.85
C THR B 189 -43.17 -12.12 11.08
N ASP B 190 -42.66 -10.92 10.87
CA ASP B 190 -43.28 -10.01 9.93
C ASP B 190 -43.01 -10.64 8.56
N GLN B 191 -44.08 -10.78 7.79
CA GLN B 191 -44.09 -11.40 6.44
C GLN B 191 -42.73 -11.46 5.70
N ASP B 192 -42.37 -12.64 5.20
CA ASP B 192 -41.15 -12.89 4.40
C ASP B 192 -41.11 -11.97 3.18
N SER B 193 -39.91 -11.70 2.68
CA SER B 193 -39.76 -10.79 1.53
C SER B 193 -39.50 -11.50 0.20
N LYS B 194 -38.82 -12.64 0.26
CA LYS B 194 -38.58 -13.46 -0.92
C LYS B 194 -39.83 -14.26 -1.25
N ASP B 195 -40.28 -15.04 -0.28
CA ASP B 195 -41.44 -15.90 -0.43
C ASP B 195 -42.74 -15.20 -0.02
N SER B 196 -42.61 -14.12 0.74
CA SER B 196 -43.75 -13.26 1.10
C SER B 196 -44.85 -13.93 1.91
N THR B 197 -44.45 -14.78 2.85
CA THR B 197 -45.40 -15.47 3.72
C THR B 197 -44.95 -15.52 5.17
N TYR B 198 -45.87 -15.30 6.10
CA TYR B 198 -45.59 -15.32 7.54
C TYR B 198 -44.88 -16.58 8.04
N SER B 199 -44.56 -16.59 9.33
CA SER B 199 -44.10 -17.78 10.07
C SER B 199 -44.63 -17.60 11.50
N MET B 200 -44.25 -18.50 12.41
CA MET B 200 -44.67 -18.37 13.81
C MET B 200 -43.88 -19.30 14.71
N SER B 201 -43.95 -19.10 16.02
CA SER B 201 -43.28 -20.00 16.99
C SER B 201 -43.86 -19.91 18.40
N SER B 202 -44.56 -20.96 18.81
CA SER B 202 -45.12 -21.05 20.16
C SER B 202 -44.21 -21.78 21.12
N THR B 203 -44.12 -21.27 22.34
CA THR B 203 -43.23 -21.81 23.35
C THR B 203 -44.00 -22.12 24.63
N LEU B 204 -44.08 -23.41 24.93
CA LEU B 204 -44.63 -23.86 26.20
C LEU B 204 -43.48 -23.96 27.20
N THR B 205 -43.60 -23.25 28.31
CA THR B 205 -42.48 -23.09 29.22
C THR B 205 -42.83 -23.48 30.66
N LEU B 206 -42.38 -24.68 31.05
CA LEU B 206 -42.67 -25.27 32.38
C LEU B 206 -41.55 -25.08 33.40
N THR B 207 -41.71 -25.73 34.56
CA THR B 207 -40.59 -25.90 35.50
C THR B 207 -39.83 -27.19 35.14
N LYS B 208 -38.61 -27.34 35.64
CA LYS B 208 -37.80 -28.56 35.42
C LYS B 208 -38.55 -29.86 35.72
N ASP B 209 -39.28 -29.86 36.85
CA ASP B 209 -39.90 -31.05 37.44
C ASP B 209 -41.33 -31.31 36.95
N GLU B 210 -42.09 -30.24 36.75
CA GLU B 210 -43.45 -30.33 36.19
C GLU B 210 -43.52 -30.90 34.76
N TYR B 211 -42.38 -30.99 34.07
CA TYR B 211 -42.34 -31.42 32.65
C TYR B 211 -42.62 -32.91 32.46
N GLU B 212 -42.16 -33.73 33.40
CA GLU B 212 -42.33 -35.18 33.32
C GLU B 212 -43.67 -35.68 33.92
N ARG B 213 -44.57 -34.73 34.19
CA ARG B 213 -45.93 -34.97 34.66
C ARG B 213 -46.72 -35.91 33.74
N HIS B 214 -46.59 -35.69 32.43
CA HIS B 214 -47.18 -36.57 31.41
C HIS B 214 -46.07 -37.16 30.52
N ASN B 215 -46.48 -37.77 29.42
CA ASN B 215 -45.53 -38.37 28.49
C ASN B 215 -45.65 -37.79 27.07
N SER B 216 -46.81 -37.96 26.45
CA SER B 216 -47.01 -37.45 25.10
C SER B 216 -47.26 -35.95 25.09
N TYR B 217 -46.65 -35.27 24.13
CA TYR B 217 -46.85 -33.85 23.88
C TYR B 217 -47.06 -33.62 22.39
N THR B 218 -47.84 -32.60 22.06
CA THR B 218 -47.97 -32.15 20.67
C THR B 218 -48.48 -30.71 20.56
N CYS B 219 -48.50 -30.19 19.34
CA CYS B 219 -49.18 -28.93 19.06
C CYS B 219 -49.88 -29.03 17.72
N GLU B 220 -50.96 -28.27 17.57
CA GLU B 220 -51.70 -28.27 16.33
C GLU B 220 -51.95 -26.88 15.81
N ALA B 221 -51.93 -26.76 14.48
CA ALA B 221 -52.40 -25.58 13.79
C ALA B 221 -53.92 -25.69 13.56
N THR B 222 -54.50 -24.71 12.87
CA THR B 222 -55.89 -24.74 12.40
C THR B 222 -56.02 -23.85 11.17
N HIS B 223 -54.90 -23.25 10.80
CA HIS B 223 -54.75 -22.34 9.66
C HIS B 223 -55.63 -22.66 8.44
N LYS B 224 -56.31 -21.63 7.96
CA LYS B 224 -57.41 -21.75 7.02
C LYS B 224 -56.99 -22.02 5.57
N THR B 225 -56.09 -22.99 5.35
CA THR B 225 -55.94 -23.59 4.02
C THR B 225 -56.96 -24.71 3.90
N SER B 226 -57.08 -25.46 5.01
CA SER B 226 -58.30 -26.18 5.39
C SER B 226 -58.22 -26.39 6.90
N THR B 227 -59.32 -26.12 7.59
CA THR B 227 -59.35 -26.20 9.06
C THR B 227 -59.33 -27.66 9.57
N SER B 228 -58.44 -28.42 8.96
CA SER B 228 -58.08 -29.77 9.35
C SER B 228 -56.77 -29.66 10.14
N PRO B 229 -56.86 -29.58 11.48
CA PRO B 229 -55.76 -29.13 12.35
C PRO B 229 -54.46 -29.93 12.30
N ILE B 230 -53.51 -29.47 11.48
CA ILE B 230 -52.17 -30.07 11.30
C ILE B 230 -51.46 -30.34 12.63
N VAL B 231 -51.20 -31.62 12.90
CA VAL B 231 -50.65 -32.08 14.18
C VAL B 231 -49.21 -32.63 14.05
N LYS B 232 -48.36 -32.33 15.04
CA LYS B 232 -47.01 -32.87 15.09
C LYS B 232 -46.62 -33.11 16.54
N SER B 233 -46.20 -34.34 16.83
CA SER B 233 -46.10 -34.83 18.21
C SER B 233 -44.76 -35.49 18.57
N PHE B 234 -44.51 -35.62 19.87
CA PHE B 234 -43.45 -36.49 20.40
C PHE B 234 -43.85 -36.95 21.81
N ASN B 235 -43.08 -37.88 22.39
CA ASN B 235 -43.34 -38.33 23.76
C ASN B 235 -42.12 -38.42 24.66
N ARG B 236 -42.25 -37.84 25.85
CA ARG B 236 -41.20 -37.67 26.85
C ARG B 236 -40.18 -38.81 26.96
N ASN B 237 -40.46 -39.76 27.85
CA ASN B 237 -39.60 -40.91 28.22
C ASN B 237 -38.13 -40.93 27.75
N GLU B 238 -37.92 -41.10 26.44
CA GLU B 238 -36.57 -41.16 25.88
C GLU B 238 -35.81 -39.83 26.09
N CYS B 239 -36.48 -38.73 25.81
CA CYS B 239 -35.86 -37.41 25.79
C CYS B 239 -36.45 -36.47 26.84
N GLU C 1 -18.17 -1.71 -1.69
CA GLU C 1 -17.43 -0.51 -2.14
C GLU C 1 -17.26 0.49 -1.00
N VAL C 2 -18.40 1.01 -0.52
CA VAL C 2 -18.48 2.01 0.54
C VAL C 2 -19.16 1.42 1.76
N GLN C 3 -18.50 1.48 2.91
CA GLN C 3 -19.04 0.88 4.12
C GLN C 3 -19.06 1.80 5.34
N LEU C 4 -20.00 1.49 6.24
CA LEU C 4 -20.12 2.10 7.56
C LEU C 4 -20.54 1.01 8.56
N VAL C 5 -19.81 0.96 9.67
CA VAL C 5 -20.11 0.05 10.76
C VAL C 5 -19.99 0.81 12.06
N GLU C 6 -21.12 1.27 12.57
CA GLU C 6 -21.13 1.94 13.85
C GLU C 6 -21.14 0.86 14.91
N SER C 7 -20.78 1.22 16.13
CA SER C 7 -20.72 0.26 17.21
C SER C 7 -20.33 0.86 18.55
N GLY C 8 -20.41 0.04 19.58
CA GLY C 8 -20.00 0.40 20.93
C GLY C 8 -21.08 0.99 21.81
N GLY C 9 -22.15 0.25 22.06
CA GLY C 9 -23.19 0.76 22.95
C GLY C 9 -24.28 -0.23 23.20
N GLY C 10 -24.56 -0.47 24.48
CA GLY C 10 -25.70 -1.29 24.88
C GLY C 10 -26.60 -0.56 25.86
N LEU C 11 -26.55 -0.99 27.13
CA LEU C 11 -27.42 -0.41 28.16
C LEU C 11 -26.69 0.66 28.97
N VAL C 12 -27.41 1.71 29.35
CA VAL C 12 -26.87 2.82 30.13
C VAL C 12 -27.97 3.41 31.00
N LYS C 13 -27.59 3.79 32.21
CA LYS C 13 -28.57 4.27 33.17
C LYS C 13 -28.96 5.72 32.85
N PRO C 14 -30.20 6.13 33.22
CA PRO C 14 -30.61 7.52 33.18
C PRO C 14 -29.54 8.47 33.68
N GLY C 15 -29.49 9.68 33.11
CA GLY C 15 -28.42 10.64 33.39
C GLY C 15 -27.06 10.17 32.90
N GLY C 16 -27.01 8.93 32.40
CA GLY C 16 -25.76 8.30 32.01
C GLY C 16 -24.98 8.87 30.84
N SER C 17 -23.95 8.14 30.43
CA SER C 17 -23.09 8.56 29.34
C SER C 17 -22.56 7.35 28.58
N LEU C 18 -22.02 7.58 27.38
CA LEU C 18 -21.62 6.50 26.45
C LEU C 18 -21.42 7.04 25.02
N LYS C 19 -20.34 6.59 24.39
CA LYS C 19 -19.85 7.12 23.12
C LYS C 19 -19.76 6.06 22.01
N LEU C 20 -20.37 6.34 20.86
CA LEU C 20 -20.42 5.38 19.75
C LEU C 20 -19.58 5.90 18.61
N SER C 21 -19.00 4.98 17.87
CA SER C 21 -18.14 5.35 16.76
C SER C 21 -18.55 4.62 15.52
N CYS C 22 -18.70 5.37 14.44
CA CYS C 22 -18.98 4.79 13.17
C CYS C 22 -17.64 4.58 12.49
N ALA C 23 -17.28 3.32 12.30
CA ALA C 23 -16.02 3.00 11.62
C ALA C 23 -16.27 3.13 10.12
N ALA C 24 -15.74 4.18 9.49
CA ALA C 24 -16.04 4.41 8.08
C ALA C 24 -14.99 3.78 7.18
N SER C 25 -15.41 3.13 6.10
CA SER C 25 -14.45 2.46 5.21
C SER C 25 -14.88 2.20 3.76
N GLY C 26 -14.30 2.98 2.85
CA GLY C 26 -14.40 2.68 1.42
C GLY C 26 -14.89 3.83 0.57
N PHE C 27 -14.65 5.05 1.05
CA PHE C 27 -14.93 6.28 0.30
C PHE C 27 -14.05 7.39 0.84
N ALA C 28 -13.89 8.45 0.04
CA ALA C 28 -13.11 9.62 0.44
C ALA C 28 -13.69 10.27 1.71
N PHE C 29 -13.40 9.66 2.85
CA PHE C 29 -14.00 10.10 4.10
C PHE C 29 -13.98 11.63 4.31
N SER C 30 -12.79 12.23 4.34
CA SER C 30 -12.64 13.63 4.77
C SER C 30 -13.37 14.66 3.91
N SER C 31 -13.93 14.18 2.81
CA SER C 31 -14.65 15.02 1.85
C SER C 31 -16.20 15.09 2.06
N TYR C 32 -16.80 14.02 2.58
CA TYR C 32 -18.23 14.03 2.86
C TYR C 32 -18.57 14.63 4.22
N ASP C 33 -19.85 14.94 4.44
CA ASP C 33 -20.36 15.25 5.78
C ASP C 33 -20.91 14.00 6.46
N MET C 34 -21.14 14.08 7.75
CA MET C 34 -21.64 12.92 8.44
C MET C 34 -22.79 13.26 9.38
N SER C 35 -23.70 12.28 9.54
CA SER C 35 -24.92 12.44 10.32
C SER C 35 -25.17 11.22 11.16
N TRP C 36 -26.03 11.37 12.15
CA TRP C 36 -26.31 10.31 13.13
C TRP C 36 -27.77 10.20 13.33
N VAL C 37 -28.40 9.20 12.74
CA VAL C 37 -29.84 9.02 12.86
C VAL C 37 -30.12 7.86 13.81
N ARG C 38 -31.10 8.04 14.69
CA ARG C 38 -31.59 6.96 15.56
C ARG C 38 -33.00 6.57 15.15
N GLN C 39 -33.42 5.39 15.57
CA GLN C 39 -34.78 4.95 15.30
C GLN C 39 -35.40 4.44 16.56
N THR C 40 -36.51 5.06 16.96
CA THR C 40 -37.12 4.73 18.24
C THR C 40 -37.73 3.34 18.25
N PRO C 41 -38.15 2.87 19.44
CA PRO C 41 -38.88 1.62 19.57
C PRO C 41 -40.23 1.61 18.86
N GLU C 42 -40.81 2.79 18.64
CA GLU C 42 -42.02 2.91 17.84
C GLU C 42 -41.71 2.71 16.36
N LYS C 43 -40.43 2.60 16.00
CA LYS C 43 -39.98 2.49 14.61
C LYS C 43 -39.85 3.87 13.97
N ARG C 44 -40.13 4.88 14.79
CA ARG C 44 -40.00 6.32 14.47
C ARG C 44 -38.57 6.70 14.05
N LEU C 45 -38.40 7.76 13.25
CA LEU C 45 -37.06 8.12 12.75
C LEU C 45 -36.59 9.56 13.03
N GLU C 46 -35.72 9.74 14.02
CA GLU C 46 -35.26 11.07 14.36
C GLU C 46 -33.80 11.28 13.96
N TRP C 47 -33.54 12.44 13.34
CA TRP C 47 -32.18 12.85 12.98
C TRP C 47 -31.62 13.43 14.25
N VAL C 48 -30.32 13.23 14.48
CA VAL C 48 -29.75 13.47 15.80
C VAL C 48 -28.56 14.42 15.82
N ALA C 49 -27.68 14.33 14.83
CA ALA C 49 -26.53 15.20 14.76
C ALA C 49 -25.99 15.27 13.36
N TYR C 50 -25.26 16.33 13.08
CA TYR C 50 -24.68 16.53 11.77
C TYR C 50 -23.38 17.23 11.93
N ILE C 51 -22.31 16.61 11.47
CA ILE C 51 -21.01 17.29 11.42
C ILE C 51 -20.63 17.58 9.97
N SER C 52 -20.01 18.74 9.77
CA SER C 52 -19.49 19.14 8.46
C SER C 52 -18.20 18.42 8.09
N SER C 53 -17.99 18.26 6.78
CA SER C 53 -16.82 17.58 6.18
C SER C 53 -15.51 17.72 6.98
N GLY C 54 -15.16 18.97 7.31
CA GLY C 54 -13.93 19.27 8.04
C GLY C 54 -14.19 19.62 9.49
N GLY C 55 -15.03 18.84 10.17
CA GLY C 55 -15.30 19.02 11.60
C GLY C 55 -15.65 20.42 12.03
N GLY C 56 -15.79 21.31 11.06
CA GLY C 56 -15.97 22.74 11.30
C GLY C 56 -17.22 23.05 12.09
N SER C 57 -18.37 22.95 11.42
CA SER C 57 -19.67 23.12 12.07
C SER C 57 -20.34 21.78 12.48
N THR C 58 -21.13 21.83 13.55
CA THR C 58 -21.98 20.69 13.91
C THR C 58 -23.38 21.23 14.07
N TYR C 59 -24.40 20.38 13.91
CA TYR C 59 -25.80 20.79 14.18
C TYR C 59 -26.61 19.71 14.92
N TYR C 60 -27.59 20.14 15.71
CA TYR C 60 -28.41 19.18 16.43
C TYR C 60 -29.85 19.63 16.56
N PRO C 61 -30.78 18.68 16.56
CA PRO C 61 -32.10 19.00 17.00
C PRO C 61 -32.02 19.53 18.41
N ASP C 62 -32.93 20.43 18.78
CA ASP C 62 -33.02 20.90 20.15
C ASP C 62 -33.17 19.77 21.19
N THR C 63 -33.65 18.60 20.77
CA THR C 63 -33.90 17.48 21.68
C THR C 63 -32.64 16.79 22.15
N VAL C 64 -31.52 16.97 21.45
CA VAL C 64 -30.25 16.55 22.05
C VAL C 64 -29.22 17.67 22.15
N LYS C 65 -29.54 18.85 21.64
CA LYS C 65 -28.58 19.95 21.70
C LYS C 65 -28.21 20.13 23.14
N GLY C 66 -26.91 20.10 23.40
CA GLY C 66 -26.37 20.23 24.74
C GLY C 66 -25.87 18.91 25.32
N ARG C 67 -26.61 17.84 25.06
CA ARG C 67 -26.32 16.53 25.64
C ARG C 67 -25.54 15.63 24.71
N PHE C 68 -25.38 16.05 23.46
CA PHE C 68 -24.82 15.20 22.39
C PHE C 68 -23.74 15.89 21.53
N THR C 69 -22.76 15.12 21.03
CA THR C 69 -21.53 15.73 20.46
C THR C 69 -20.91 14.99 19.25
N ILE C 70 -21.20 15.49 18.05
CA ILE C 70 -20.81 14.77 16.85
C ILE C 70 -19.38 15.11 16.41
N SER C 71 -18.40 14.41 16.95
CA SER C 71 -17.02 14.61 16.51
C SER C 71 -16.64 13.61 15.41
N ARG C 72 -15.53 13.90 14.72
CA ARG C 72 -14.93 12.97 13.74
C ARG C 72 -13.42 13.02 13.80
N ASP C 73 -12.79 11.95 13.30
CA ASP C 73 -11.35 11.87 13.24
C ASP C 73 -11.00 11.17 11.94
N ASN C 74 -10.70 11.96 10.91
CA ASN C 74 -10.35 11.45 9.58
C ASN C 74 -8.90 10.95 9.56
N ALA C 75 -8.30 10.89 10.74
CA ALA C 75 -7.04 10.21 10.90
C ALA C 75 -7.39 8.73 10.94
N LYS C 76 -8.19 8.34 11.93
CA LYS C 76 -8.61 6.96 12.03
C LYS C 76 -9.99 6.68 11.42
N ASN C 77 -10.40 7.57 10.52
CA ASN C 77 -11.59 7.35 9.68
C ASN C 77 -12.92 7.14 10.40
N THR C 78 -12.91 7.34 11.71
CA THR C 78 -14.10 7.14 12.54
C THR C 78 -14.96 8.43 12.62
N LEU C 79 -16.28 8.24 12.74
CA LEU C 79 -17.18 9.29 13.15
C LEU C 79 -17.50 8.99 14.61
N TYR C 80 -17.88 10.00 15.38
CA TYR C 80 -18.23 9.73 16.76
C TYR C 80 -19.52 10.40 17.20
N LEU C 81 -20.29 9.70 18.02
CA LEU C 81 -21.32 10.37 18.78
C LEU C 81 -21.10 10.15 20.27
N GLN C 82 -20.89 11.25 20.98
CA GLN C 82 -20.69 11.20 22.42
C GLN C 82 -21.95 11.65 23.14
N MET C 83 -22.70 10.67 23.68
CA MET C 83 -23.97 10.91 24.38
C MET C 83 -23.69 11.18 25.84
N SER C 84 -24.32 12.20 26.41
CA SER C 84 -24.25 12.44 27.85
C SER C 84 -25.66 12.41 28.45
N SER C 85 -25.94 13.26 29.46
CA SER C 85 -27.20 13.24 30.26
C SER C 85 -28.35 12.40 29.74
N LEU C 86 -28.18 11.07 29.75
CA LEU C 86 -29.02 10.21 28.94
C LEU C 86 -30.45 10.06 29.41
N LYS C 87 -31.37 10.63 28.64
CA LYS C 87 -32.80 10.39 28.80
C LYS C 87 -33.19 9.01 28.29
N SER C 88 -34.18 8.40 28.95
CA SER C 88 -34.77 7.14 28.52
C SER C 88 -35.61 7.29 27.25
N GLU C 89 -35.75 8.53 26.77
CA GLU C 89 -36.22 8.81 25.42
C GLU C 89 -35.16 8.41 24.38
N ASP C 90 -33.88 8.58 24.74
CA ASP C 90 -32.76 8.35 23.82
C ASP C 90 -32.66 6.89 23.36
N THR C 91 -33.31 6.03 24.14
CA THR C 91 -33.48 4.63 23.83
C THR C 91 -33.90 4.42 22.37
N ALA C 92 -32.95 4.04 21.52
CA ALA C 92 -33.25 3.75 20.11
C ALA C 92 -32.09 3.03 19.45
N MET C 93 -32.27 2.64 18.19
CA MET C 93 -31.20 2.10 17.34
C MET C 93 -30.49 3.28 16.71
N TYR C 94 -29.17 3.21 16.58
CA TYR C 94 -28.38 4.39 16.16
C TYR C 94 -27.62 4.28 14.83
N TYR C 95 -28.21 4.79 13.74
CA TYR C 95 -27.57 4.69 12.42
C TYR C 95 -26.61 5.84 12.17
N CYS C 96 -25.58 5.55 11.38
CA CYS C 96 -24.59 6.51 10.98
C CYS C 96 -24.78 6.68 9.48
N ALA C 97 -25.09 7.88 9.04
CA ALA C 97 -25.46 8.10 7.64
C ALA C 97 -24.56 9.06 6.85
N ARG C 98 -24.69 9.02 5.52
CA ARG C 98 -23.87 9.79 4.62
C ARG C 98 -24.72 10.62 3.67
N PRO C 99 -24.52 11.96 3.67
CA PRO C 99 -25.17 12.86 2.72
C PRO C 99 -24.21 13.53 1.71
N ASP C 100 -24.77 14.15 0.66
CA ASP C 100 -23.99 14.71 -0.48
C ASP C 100 -23.72 16.23 -0.41
N ALA C 105 -29.25 14.14 2.24
CA ALA C 105 -29.73 12.97 1.49
C ALA C 105 -28.87 11.74 1.77
N MET C 106 -29.20 11.06 2.85
CA MET C 106 -28.46 9.92 3.38
C MET C 106 -28.39 8.78 2.36
N ASP C 107 -27.22 8.58 1.77
CA ASP C 107 -27.16 7.65 0.66
C ASP C 107 -26.51 6.32 0.98
N TYR C 108 -25.65 6.28 2.00
CA TYR C 108 -25.13 5.01 2.56
C TYR C 108 -25.30 4.96 4.08
N TRP C 109 -26.20 4.09 4.54
CA TRP C 109 -26.56 4.00 5.95
C TRP C 109 -25.82 2.86 6.60
N GLY C 110 -25.63 2.94 7.90
CA GLY C 110 -24.91 1.91 8.62
C GLY C 110 -25.76 0.66 8.81
N GLN C 111 -25.94 0.30 10.07
CA GLN C 111 -26.58 -0.96 10.43
C GLN C 111 -27.14 -0.83 11.83
N GLY C 112 -26.64 0.15 12.56
CA GLY C 112 -27.10 0.44 13.91
C GLY C 112 -26.28 -0.13 15.05
N THR C 113 -26.23 0.63 16.13
CA THR C 113 -25.93 0.09 17.42
C THR C 113 -27.20 0.42 18.17
N SER C 114 -27.83 -0.60 18.74
CA SER C 114 -28.95 -0.36 19.63
C SER C 114 -28.41 0.26 20.92
N VAL C 115 -29.11 1.25 21.43
CA VAL C 115 -28.76 1.83 22.74
C VAL C 115 -30.03 1.93 23.56
N THR C 116 -30.07 1.27 24.71
CA THR C 116 -31.23 1.43 25.61
C THR C 116 -30.90 2.05 26.96
N VAL C 117 -31.87 2.78 27.47
CA VAL C 117 -31.72 3.57 28.66
C VAL C 117 -32.87 3.20 29.57
N SER C 118 -32.49 2.73 30.76
CA SER C 118 -33.34 1.97 31.67
C SER C 118 -32.52 1.83 32.95
N SER C 119 -33.11 1.28 34.00
CA SER C 119 -32.35 0.99 35.23
C SER C 119 -32.31 -0.51 35.56
N LYS C 121 -30.31 -3.07 34.41
CA LYS C 121 -30.17 -4.42 34.92
C LYS C 121 -29.94 -5.44 33.79
N THR C 122 -28.70 -5.45 33.31
CA THR C 122 -28.25 -6.36 32.25
C THR C 122 -28.36 -7.83 32.66
N THR C 123 -28.64 -8.69 31.70
CA THR C 123 -28.78 -10.12 31.95
C THR C 123 -28.34 -10.92 30.71
N ALA C 124 -27.19 -11.59 30.83
CA ALA C 124 -26.68 -12.43 29.75
C ALA C 124 -27.73 -13.45 29.30
N PRO C 125 -27.87 -13.67 27.99
CA PRO C 125 -28.91 -14.58 27.54
C PRO C 125 -28.50 -16.05 27.64
N SER C 126 -29.43 -16.90 28.06
CA SER C 126 -29.23 -18.34 28.09
C SER C 126 -29.53 -18.88 26.70
N VAL C 127 -28.65 -19.75 26.18
CA VAL C 127 -28.75 -20.25 24.81
C VAL C 127 -28.75 -21.77 24.77
N TYR C 128 -29.90 -22.34 24.43
CA TYR C 128 -30.03 -23.79 24.36
C TYR C 128 -30.24 -24.21 22.91
N PRO C 129 -29.55 -25.28 22.47
CA PRO C 129 -29.74 -25.76 21.09
C PRO C 129 -30.99 -26.63 20.99
N LEU C 130 -31.70 -26.52 19.87
CA LEU C 130 -32.92 -27.31 19.68
C LEU C 130 -32.73 -28.43 18.65
N ALA C 131 -32.44 -29.64 19.15
CA ALA C 131 -32.35 -30.82 18.29
C ALA C 131 -33.75 -31.42 18.06
N PRO C 132 -34.02 -31.95 16.83
CA PRO C 132 -35.37 -32.45 16.55
C PRO C 132 -35.75 -33.72 17.35
N VAL C 133 -36.96 -34.24 17.14
CA VAL C 133 -37.43 -35.49 17.74
C VAL C 133 -36.32 -36.56 17.80
N CYS C 134 -36.02 -37.11 18.99
CA CYS C 134 -34.95 -38.15 19.09
C CYS C 134 -35.22 -39.44 18.34
N GLY C 135 -36.43 -39.54 17.80
CA GLY C 135 -36.79 -40.60 16.86
C GLY C 135 -36.00 -40.44 15.58
N ASP C 136 -35.56 -41.58 15.02
CA ASP C 136 -34.71 -41.61 13.82
C ASP C 136 -35.51 -41.26 12.58
N THR C 137 -36.84 -41.36 12.72
CA THR C 137 -37.85 -40.93 11.71
C THR C 137 -37.38 -39.81 10.78
N THR C 138 -36.75 -40.22 9.68
CA THR C 138 -36.28 -39.26 8.68
C THR C 138 -37.44 -38.77 7.80
N GLY C 139 -37.60 -37.45 7.74
CA GLY C 139 -38.50 -36.81 6.80
C GLY C 139 -37.72 -36.51 5.53
N SER C 140 -37.60 -35.23 5.18
CA SER C 140 -36.86 -34.84 3.98
C SER C 140 -36.09 -33.52 4.17
N SER C 141 -36.81 -32.50 4.62
CA SER C 141 -36.27 -31.17 4.88
C SER C 141 -36.23 -30.98 6.38
N VAL C 142 -35.10 -31.36 6.96
CA VAL C 142 -34.87 -31.30 8.41
C VAL C 142 -34.75 -29.87 8.91
N THR C 143 -35.58 -29.51 9.89
CA THR C 143 -35.45 -28.20 10.51
C THR C 143 -34.94 -28.35 11.95
N LEU C 144 -33.94 -27.55 12.32
CA LEU C 144 -33.41 -27.54 13.67
C LEU C 144 -33.68 -26.15 14.23
N GLY C 145 -33.45 -25.99 15.53
CA GLY C 145 -33.69 -24.71 16.17
C GLY C 145 -32.58 -24.25 17.11
N CYS C 146 -32.73 -23.01 17.56
CA CYS C 146 -31.90 -22.43 18.60
C CYS C 146 -32.82 -21.60 19.50
N LEU C 147 -32.68 -21.75 20.82
CA LEU C 147 -33.54 -21.02 21.75
C LEU C 147 -32.78 -20.13 22.72
N VAL C 148 -33.25 -18.89 22.86
CA VAL C 148 -32.57 -17.81 23.60
C VAL C 148 -33.51 -17.17 24.62
N LYS C 149 -33.12 -17.24 25.89
CA LYS C 149 -34.08 -17.05 26.96
C LYS C 149 -33.49 -16.32 28.16
N GLY C 150 -34.34 -15.48 28.77
CA GLY C 150 -34.01 -14.77 30.01
C GLY C 150 -32.87 -13.81 29.83
N TYR C 151 -33.10 -12.76 29.03
CA TYR C 151 -32.09 -11.71 28.84
C TYR C 151 -32.65 -10.31 28.89
N PHE C 152 -31.73 -9.36 29.12
CA PHE C 152 -32.00 -7.94 29.01
C PHE C 152 -30.72 -7.23 28.63
N PRO C 153 -30.82 -6.23 27.73
CA PRO C 153 -32.02 -5.88 26.99
C PRO C 153 -31.94 -6.37 25.56
N GLU C 154 -32.97 -6.03 24.77
CA GLU C 154 -32.87 -6.14 23.31
C GLU C 154 -31.69 -5.30 22.86
N PRO C 155 -31.07 -5.67 21.72
CA PRO C 155 -31.35 -6.82 20.89
C PRO C 155 -30.42 -7.97 21.23
N VAL C 156 -30.58 -9.10 20.55
CA VAL C 156 -29.49 -10.07 20.44
C VAL C 156 -29.11 -10.18 18.97
N THR C 157 -28.09 -10.98 18.67
CA THR C 157 -27.71 -11.24 17.28
C THR C 157 -27.46 -12.73 17.04
N LEU C 158 -28.48 -13.39 16.48
CA LEU C 158 -28.46 -14.82 16.25
C LEU C 158 -28.04 -15.12 14.81
N THR C 159 -26.96 -15.87 14.66
CA THR C 159 -26.41 -16.25 13.35
C THR C 159 -26.26 -17.76 13.25
N TRP C 160 -26.77 -18.34 12.17
CA TRP C 160 -26.54 -19.74 11.87
C TRP C 160 -25.24 -19.92 11.11
N ASN C 161 -24.35 -20.75 11.67
CA ASN C 161 -23.03 -21.05 11.10
C ASN C 161 -22.25 -19.84 10.60
N SER C 162 -21.92 -18.93 11.52
CA SER C 162 -21.09 -17.74 11.25
C SER C 162 -21.59 -16.93 10.06
N GLY C 163 -22.92 -16.82 9.94
CA GLY C 163 -23.56 -16.07 8.87
C GLY C 163 -23.71 -16.85 7.58
N SER C 164 -23.06 -18.01 7.50
CA SER C 164 -23.04 -18.82 6.27
C SER C 164 -24.38 -19.51 6.00
N LEU C 165 -25.05 -19.96 7.06
CA LEU C 165 -26.43 -20.43 6.95
C LEU C 165 -27.35 -19.22 7.09
N SER C 166 -27.71 -18.65 5.95
CA SER C 166 -28.50 -17.44 5.92
C SER C 166 -29.78 -17.65 5.13
N SER C 167 -29.72 -18.52 4.12
CA SER C 167 -30.90 -18.83 3.30
C SER C 167 -31.75 -19.97 3.84
N GLY C 168 -32.89 -19.62 4.43
CA GLY C 168 -33.85 -20.58 4.95
C GLY C 168 -33.89 -20.62 6.45
N VAL C 169 -34.16 -19.47 7.08
CA VAL C 169 -34.14 -19.37 8.53
C VAL C 169 -35.12 -18.31 9.07
N HIS C 170 -35.82 -18.60 10.17
CA HIS C 170 -36.74 -17.63 10.80
C HIS C 170 -36.35 -17.29 12.24
N THR C 171 -36.32 -16.00 12.57
CA THR C 171 -35.93 -15.56 13.91
C THR C 171 -36.97 -14.64 14.57
N PHE C 172 -37.74 -15.22 15.47
CA PHE C 172 -39.01 -14.66 15.93
C PHE C 172 -38.86 -13.60 17.01
N PRO C 173 -39.56 -12.46 16.83
CA PRO C 173 -39.53 -11.28 17.72
C PRO C 173 -39.58 -11.61 19.21
N ALA C 174 -38.48 -11.35 19.93
CA ALA C 174 -38.41 -11.61 21.36
C ALA C 174 -39.62 -11.03 22.09
N VAL C 175 -40.12 -11.73 23.11
CA VAL C 175 -41.27 -11.24 23.87
C VAL C 175 -40.89 -10.78 25.28
N LEU C 176 -41.85 -10.12 25.94
CA LEU C 176 -41.60 -9.37 27.17
C LEU C 176 -42.27 -9.99 28.40
N GLN C 177 -42.14 -11.31 28.58
CA GLN C 177 -42.54 -11.91 29.85
C GLN C 177 -41.64 -11.37 30.97
N SER C 178 -42.25 -11.06 32.11
CA SER C 178 -41.56 -10.44 33.25
C SER C 178 -40.89 -9.11 32.88
N ASP C 179 -39.57 -9.19 32.68
CA ASP C 179 -38.70 -8.11 32.18
C ASP C 179 -37.42 -8.79 31.71
N LEU C 180 -37.63 -9.96 31.11
CA LEU C 180 -36.62 -10.72 30.39
C LEU C 180 -37.18 -11.08 29.00
N TYR C 181 -36.36 -10.94 27.97
CA TYR C 181 -36.84 -11.19 26.63
C TYR C 181 -36.52 -12.62 26.29
N THR C 182 -37.37 -13.24 25.49
CA THR C 182 -37.12 -14.63 25.09
C THR C 182 -37.47 -14.88 23.60
N LEU C 183 -36.54 -15.47 22.87
CA LEU C 183 -36.55 -15.52 21.41
C LEU C 183 -36.06 -16.84 20.79
N SER C 184 -36.75 -17.29 19.76
CA SER C 184 -36.54 -18.61 19.15
C SER C 184 -35.91 -18.49 17.78
N SER C 185 -35.33 -19.57 17.26
CA SER C 185 -34.75 -19.56 15.89
C SER C 185 -34.84 -20.87 15.09
N SER C 186 -35.65 -20.87 14.05
CA SER C 186 -35.77 -22.05 13.19
C SER C 186 -34.86 -21.88 11.99
N VAL C 187 -34.32 -22.98 11.51
CA VAL C 187 -33.57 -23.01 10.26
C VAL C 187 -33.83 -24.38 9.60
N THR C 188 -34.45 -24.37 8.42
CA THR C 188 -34.69 -25.62 7.68
C THR C 188 -33.39 -26.02 7.01
N VAL C 189 -33.32 -27.27 6.53
CA VAL C 189 -32.29 -27.64 5.56
C VAL C 189 -32.35 -29.13 5.16
N THR C 190 -31.95 -29.43 3.92
CA THR C 190 -31.90 -30.78 3.38
C THR C 190 -31.30 -31.77 4.35
N SER C 191 -31.88 -32.98 4.38
CA SER C 191 -31.41 -34.06 5.24
C SER C 191 -30.01 -34.46 4.83
N SER C 192 -29.68 -34.19 3.58
CA SER C 192 -28.34 -34.44 3.11
C SER C 192 -27.34 -33.54 3.83
N THR C 193 -27.71 -32.26 3.96
CA THR C 193 -26.82 -31.28 4.60
C THR C 193 -26.72 -31.38 6.13
N TRP C 194 -27.75 -31.85 6.85
CA TRP C 194 -27.54 -32.04 8.29
C TRP C 194 -26.77 -33.31 8.64
N PRO C 195 -27.12 -33.97 9.77
CA PRO C 195 -26.18 -34.55 10.75
C PRO C 195 -24.71 -34.61 10.29
N SER C 196 -24.46 -35.26 9.15
CA SER C 196 -23.15 -35.30 8.51
C SER C 196 -22.41 -33.99 8.63
N GLN C 197 -22.94 -32.98 7.95
CA GLN C 197 -22.37 -31.64 7.94
C GLN C 197 -22.83 -30.91 9.20
N SER C 198 -21.93 -30.19 9.85
CA SER C 198 -22.24 -29.48 11.10
C SER C 198 -23.05 -28.23 10.86
N ILE C 199 -23.88 -27.89 11.85
CA ILE C 199 -24.70 -26.67 11.84
C ILE C 199 -24.78 -26.15 13.27
N THR C 200 -24.26 -24.96 13.51
CA THR C 200 -24.29 -24.39 14.86
C THR C 200 -24.97 -23.03 14.90
N CYS C 201 -25.58 -22.77 16.05
CA CYS C 201 -26.21 -21.49 16.37
C CYS C 201 -25.20 -20.58 17.08
N ASN C 202 -24.94 -19.40 16.52
CA ASN C 202 -24.15 -18.36 17.19
C ASN C 202 -25.05 -17.24 17.71
N VAL C 203 -24.94 -16.91 19.00
CA VAL C 203 -25.74 -15.83 19.58
C VAL C 203 -24.85 -14.74 20.16
N ALA C 204 -25.15 -13.49 19.81
CA ALA C 204 -24.39 -12.36 20.34
C ALA C 204 -25.24 -11.36 21.10
N HIS C 205 -25.06 -11.32 22.40
CA HIS C 205 -25.64 -10.27 23.21
C HIS C 205 -24.58 -9.17 23.29
N PRO C 206 -24.88 -8.00 22.71
CA PRO C 206 -23.93 -6.89 22.70
C PRO C 206 -24.03 -6.10 23.99
N ALA C 207 -25.26 -5.83 24.40
CA ALA C 207 -25.57 -5.07 25.60
C ALA C 207 -25.06 -5.74 26.90
N SER C 208 -24.34 -6.87 26.75
CA SER C 208 -23.68 -7.58 27.87
C SER C 208 -22.31 -8.22 27.56
N SER C 209 -21.89 -8.17 26.29
CA SER C 209 -20.75 -8.95 25.81
C SER C 209 -20.95 -10.43 26.09
N THR C 210 -21.46 -11.16 25.10
CA THR C 210 -21.73 -12.58 25.22
C THR C 210 -21.61 -13.21 23.83
N LYS C 211 -20.61 -14.05 23.64
CA LYS C 211 -20.43 -14.74 22.37
C LYS C 211 -20.69 -16.25 22.52
N VAL C 212 -21.91 -16.57 22.95
CA VAL C 212 -22.31 -17.96 23.17
C VAL C 212 -22.49 -18.74 21.86
N ASP C 213 -21.75 -19.84 21.74
CA ASP C 213 -21.84 -20.75 20.59
C ASP C 213 -22.51 -22.03 21.02
N LYS C 214 -23.48 -22.50 20.24
CA LYS C 214 -24.18 -23.74 20.54
C LYS C 214 -24.24 -24.59 19.29
N LYS C 215 -23.54 -25.72 19.30
CA LYS C 215 -23.58 -26.66 18.15
C LYS C 215 -24.76 -27.61 18.29
N ILE C 216 -25.55 -27.78 17.23
CA ILE C 216 -26.75 -28.61 17.28
C ILE C 216 -26.41 -30.08 17.12
N GLU C 217 -26.50 -30.78 18.25
CA GLU C 217 -26.24 -32.20 18.34
C GLU C 217 -27.53 -32.99 18.22
N PRO C 218 -27.48 -34.16 17.57
CA PRO C 218 -28.57 -35.12 17.65
C PRO C 218 -28.82 -35.57 19.11
N ARG C 219 -29.45 -36.72 19.31
CA ARG C 219 -29.87 -37.07 20.66
C ARG C 219 -29.54 -38.49 21.11
N GLY C 220 -28.33 -38.64 21.65
CA GLY C 220 -27.87 -39.88 22.29
C GLY C 220 -28.35 -39.98 23.74
N PRO C 221 -28.34 -41.20 24.31
CA PRO C 221 -28.81 -41.38 25.68
C PRO C 221 -27.68 -41.49 26.70
N GLN D 10 70.55 27.35 -36.90
CA GLN D 10 71.61 27.94 -36.01
C GLN D 10 73.01 27.61 -36.55
N GLY D 11 73.07 27.42 -37.87
CA GLY D 11 74.32 27.11 -38.54
C GLY D 11 74.68 25.68 -38.25
N ARG D 12 75.62 25.14 -39.04
CA ARG D 12 76.08 23.72 -38.98
C ARG D 12 76.61 23.19 -37.63
N GLY D 13 77.45 23.94 -36.93
CA GLY D 13 78.03 23.48 -35.66
C GLY D 13 76.97 23.19 -34.61
N ALA D 14 76.11 24.18 -34.34
CA ALA D 14 75.05 24.03 -33.33
C ALA D 14 74.02 22.96 -33.75
N TRP D 15 73.50 23.10 -34.96
CA TRP D 15 72.50 22.16 -35.49
C TRP D 15 73.04 20.73 -35.54
N LEU D 16 74.24 20.55 -36.09
CA LEU D 16 74.87 19.18 -36.22
C LEU D 16 75.26 18.58 -34.86
N LEU D 17 75.53 19.45 -33.88
CA LEU D 17 75.90 19.02 -32.53
C LEU D 17 74.84 18.02 -32.10
N MET D 18 73.59 18.49 -32.14
CA MET D 18 72.45 17.67 -31.77
C MET D 18 72.18 16.51 -32.72
N ALA D 19 72.12 16.76 -34.03
CA ALA D 19 71.90 15.69 -35.01
C ALA D 19 72.82 14.50 -34.75
N PHE D 20 74.12 14.77 -34.69
CA PHE D 20 75.12 13.74 -34.39
C PHE D 20 75.01 13.23 -32.95
N THR D 21 74.78 14.12 -31.97
CA THR D 21 74.72 13.70 -30.55
C THR D 21 73.68 12.56 -30.29
N ALA D 22 72.44 12.76 -30.74
CA ALA D 22 71.41 11.73 -30.53
C ALA D 22 71.70 10.46 -31.32
N LEU D 23 71.92 10.57 -32.63
CA LEU D 23 72.27 9.41 -33.46
C LEU D 23 73.52 8.73 -32.91
N ALA D 24 74.37 9.51 -32.22
CA ALA D 24 75.58 8.99 -31.60
C ALA D 24 75.20 8.37 -30.25
N LEU D 25 74.53 9.18 -29.41
CA LEU D 25 74.06 8.73 -28.10
C LEU D 25 73.02 7.60 -28.26
N GLU D 26 72.11 7.74 -29.22
CA GLU D 26 71.10 6.73 -29.42
C GLU D 26 71.70 5.40 -30.01
N LEU D 27 72.73 5.56 -30.84
CA LEU D 27 73.46 4.42 -31.43
C LEU D 27 74.11 3.64 -30.30
N THR D 28 74.66 4.38 -29.32
CA THR D 28 75.29 3.79 -28.13
C THR D 28 74.23 3.10 -27.25
N ALA D 29 73.02 3.66 -27.29
CA ALA D 29 71.89 3.12 -26.52
C ALA D 29 71.51 1.72 -26.99
N LEU D 30 71.54 1.49 -28.31
CA LEU D 30 71.21 0.19 -28.90
C LEU D 30 71.79 -0.98 -28.09
N TRP D 31 72.90 -0.73 -27.38
CA TRP D 31 73.55 -1.73 -26.52
C TRP D 31 73.01 -3.13 -26.81
N PHE D 32 73.93 -4.02 -27.17
CA PHE D 32 73.61 -5.43 -27.47
C PHE D 32 72.83 -5.59 -28.78
N GLN D 33 71.65 -4.96 -28.87
CA GLN D 33 70.84 -5.04 -30.09
C GLN D 33 71.10 -6.34 -30.83
N HIS D 34 71.13 -6.27 -32.16
CA HIS D 34 71.30 -7.46 -33.01
C HIS D 34 72.47 -8.39 -32.64
N VAL D 35 73.61 -7.83 -32.24
CA VAL D 35 74.77 -8.67 -31.95
C VAL D 35 74.58 -9.72 -30.84
N MET D 36 74.02 -9.30 -29.71
CA MET D 36 73.78 -10.21 -28.59
C MET D 36 72.19 -10.34 -28.31
N LEU D 37 71.41 -9.79 -29.24
CA LEU D 37 69.89 -9.82 -29.20
C LEU D 37 69.51 -8.19 -29.24
N LEU D 38 69.76 -7.88 -27.87
CA LEU D 38 69.16 -6.90 -26.88
C LEU D 38 67.76 -7.62 -26.43
N LYS D 39 67.85 -8.68 -25.59
CA LYS D 39 66.68 -9.44 -25.10
C LYS D 39 65.28 -8.84 -25.45
N PRO D 40 64.88 -7.72 -24.87
CA PRO D 40 63.54 -7.11 -25.11
C PRO D 40 63.30 -6.67 -26.56
N SER D 41 62.02 -6.45 -26.89
CA SER D 41 61.62 -5.98 -28.23
C SER D 41 60.08 -5.98 -28.48
N VAL D 42 59.38 -4.94 -27.96
CA VAL D 42 57.90 -4.80 -28.11
C VAL D 42 57.49 -3.71 -29.12
N LEU D 43 56.24 -3.22 -28.96
CA LEU D 43 55.66 -2.13 -29.80
C LEU D 43 56.77 -1.19 -30.15
N CYS D 44 57.62 -0.92 -29.15
CA CYS D 44 58.70 0.03 -29.21
C CYS D 44 59.56 0.16 -30.56
N ILE D 45 59.36 -0.76 -31.49
CA ILE D 45 60.06 -0.64 -32.76
C ILE D 45 59.52 0.62 -33.53
N TYR D 46 58.21 0.87 -33.40
CA TYR D 46 57.54 2.04 -33.99
C TYR D 46 58.17 3.31 -33.41
N GLU D 47 58.52 3.24 -32.10
CA GLU D 47 59.13 4.36 -31.38
C GLU D 47 60.55 4.63 -31.87
N ARG D 48 61.31 3.56 -32.13
CA ARG D 48 62.67 3.68 -32.67
C ARG D 48 62.59 4.36 -34.02
N VAL D 49 61.52 4.03 -34.75
CA VAL D 49 61.26 4.62 -36.06
C VAL D 49 61.05 6.15 -35.97
N ALA D 50 60.32 6.62 -34.95
CA ALA D 50 60.15 8.05 -34.74
C ALA D 50 61.53 8.75 -34.64
N LEU D 51 62.47 8.11 -33.92
CA LEU D 51 63.85 8.63 -33.78
C LEU D 51 64.57 8.63 -35.12
N PHE D 52 64.35 7.58 -35.93
CA PHE D 52 64.95 7.53 -37.26
C PHE D 52 64.50 8.81 -37.98
N GLY D 53 63.27 9.20 -37.67
CA GLY D 53 62.66 10.40 -38.21
C GLY D 53 63.35 11.64 -37.68
N VAL D 54 63.63 11.69 -36.38
CA VAL D 54 64.31 12.87 -35.84
C VAL D 54 65.77 12.83 -36.31
N LEU D 55 66.28 11.62 -36.56
CA LEU D 55 67.63 11.47 -37.13
C LEU D 55 67.56 12.11 -38.49
N GLY D 56 66.64 11.61 -39.34
CA GLY D 56 66.47 12.15 -40.68
C GLY D 56 66.25 13.65 -40.62
N ALA D 57 65.31 14.06 -39.76
CA ALA D 57 64.94 15.48 -39.58
C ALA D 57 66.12 16.43 -39.35
N ALA D 58 66.84 16.21 -38.24
CA ALA D 58 67.99 17.04 -37.89
C ALA D 58 69.11 16.88 -38.91
N LEU D 59 69.30 15.65 -39.38
CA LEU D 59 70.33 15.33 -40.39
C LEU D 59 70.04 15.99 -41.73
N ILE D 60 68.76 16.02 -42.13
CA ILE D 60 68.37 16.66 -43.38
C ILE D 60 68.65 18.14 -43.25
N GLY D 61 68.29 18.70 -42.10
CA GLY D 61 68.53 20.12 -41.84
C GLY D 61 70.01 20.42 -41.68
N ALA D 62 70.79 19.35 -41.45
CA ALA D 62 72.22 19.46 -41.29
C ALA D 62 72.85 19.66 -42.67
N ILE D 63 72.39 18.87 -43.65
CA ILE D 63 72.97 18.92 -44.99
C ILE D 63 73.12 20.35 -45.51
N ALA D 64 72.03 21.12 -45.39
CA ALA D 64 71.98 22.52 -45.84
C ALA D 64 71.70 23.53 -44.69
N PRO D 65 72.77 23.93 -43.98
CA PRO D 65 72.74 24.91 -42.82
C PRO D 65 73.00 26.43 -43.27
N LYS D 66 72.82 27.39 -42.21
CA LYS D 66 72.59 28.67 -42.08
C LYS D 66 71.34 28.72 -42.92
N THR D 67 71.55 28.48 -44.21
CA THR D 67 70.49 28.45 -45.23
C THR D 67 69.12 28.25 -44.61
N PRO D 68 68.06 27.95 -45.35
CA PRO D 68 66.81 27.72 -44.70
C PRO D 68 66.23 26.20 -44.70
N LEU D 69 66.85 25.36 -45.48
CA LEU D 69 66.43 23.93 -45.53
C LEU D 69 66.09 23.41 -44.13
N ARG D 70 66.45 24.20 -43.11
CA ARG D 70 66.19 23.87 -41.74
C ARG D 70 64.64 24.12 -41.49
N TYR D 71 64.10 25.03 -42.28
CA TYR D 71 62.69 25.40 -42.21
C TYR D 71 61.80 24.16 -42.20
N VAL D 72 62.04 23.24 -43.15
CA VAL D 72 61.29 21.98 -43.25
C VAL D 72 61.84 20.92 -42.30
N ALA D 73 63.16 20.88 -42.19
CA ALA D 73 63.84 19.91 -41.34
C ALA D 73 63.44 20.02 -39.88
N MET D 74 63.52 21.24 -39.35
CA MET D 74 63.23 21.49 -37.96
C MET D 74 61.74 21.08 -37.54
N VAL D 75 60.88 21.14 -38.52
CA VAL D 75 59.50 20.79 -38.26
C VAL D 75 59.33 19.26 -38.31
N ILE D 76 59.87 18.61 -39.33
CA ILE D 76 59.77 17.16 -39.41
C ILE D 76 60.48 16.47 -38.18
N TRP D 77 61.33 17.26 -37.53
CA TRP D 77 62.04 16.87 -36.30
C TRP D 77 61.01 16.88 -35.18
N LEU D 78 60.27 17.99 -35.10
CA LEU D 78 59.19 18.14 -34.13
C LEU D 78 58.25 16.94 -34.14
N TYR D 79 57.65 16.70 -35.30
CA TYR D 79 56.72 15.59 -35.44
C TYR D 79 57.40 14.29 -35.12
N SER D 80 58.51 14.01 -35.80
CA SER D 80 59.20 12.75 -35.56
C SER D 80 59.40 12.50 -34.06
N ALA D 81 59.48 13.58 -33.29
CA ALA D 81 59.63 13.49 -31.85
C ALA D 81 58.26 13.33 -31.18
N PHE D 82 57.36 14.25 -31.50
CA PHE D 82 56.00 14.25 -30.94
C PHE D 82 55.40 12.85 -30.90
N ARG D 83 55.45 12.14 -32.02
CA ARG D 83 54.93 10.78 -32.04
C ARG D 83 55.73 9.94 -31.06
N GLY D 84 57.05 10.14 -31.06
CA GLY D 84 57.92 9.42 -30.13
C GLY D 84 57.44 9.54 -28.69
N VAL D 85 57.42 10.78 -28.18
CA VAL D 85 56.97 11.07 -26.82
C VAL D 85 55.56 10.54 -26.61
N GLN D 86 54.70 10.71 -27.61
CA GLN D 86 53.28 10.28 -27.52
C GLN D 86 53.05 8.76 -27.37
N LEU D 87 53.59 7.96 -28.28
CA LEU D 87 53.42 6.52 -28.19
C LEU D 87 54.25 6.06 -26.97
N THR D 88 55.48 6.60 -26.86
CA THR D 88 56.38 6.28 -25.74
C THR D 88 55.73 6.52 -24.37
N TYR D 89 54.78 7.45 -24.33
CA TYR D 89 54.07 7.76 -23.09
C TYR D 89 53.04 6.68 -22.82
N GLU D 90 52.23 6.39 -23.82
CA GLU D 90 51.18 5.39 -23.67
C GLU D 90 51.77 4.01 -23.36
N HIS D 91 53.07 3.85 -23.61
CA HIS D 91 53.76 2.61 -23.30
C HIS D 91 53.60 2.29 -21.83
N THR D 92 53.69 3.33 -21.00
CA THR D 92 53.54 3.17 -19.55
C THR D 92 52.05 3.15 -19.19
N MET D 93 51.30 4.14 -19.68
CA MET D 93 49.85 4.22 -19.43
C MET D 93 49.19 2.89 -19.89
N LEU D 94 49.78 2.27 -20.90
CA LEU D 94 49.28 1.00 -21.44
C LEU D 94 49.34 -0.11 -20.42
N GLN D 95 50.43 -0.18 -19.67
CA GLN D 95 50.60 -1.23 -18.67
C GLN D 95 49.27 -1.59 -18.00
N LEU D 96 48.62 -2.65 -18.51
CA LEU D 96 47.34 -3.09 -17.95
C LEU D 96 46.60 -4.10 -18.87
N TYR D 97 47.19 -5.26 -19.05
CA TYR D 97 46.58 -6.31 -19.88
C TYR D 97 47.48 -7.53 -19.95
N PRO D 98 47.24 -8.55 -19.14
CA PRO D 98 48.10 -9.71 -19.16
C PRO D 98 47.81 -10.59 -20.37
N SER D 99 47.06 -11.67 -20.15
CA SER D 99 46.72 -12.60 -21.21
C SER D 99 45.81 -13.71 -20.68
N PRO D 100 44.58 -13.78 -21.13
CA PRO D 100 43.64 -14.84 -20.71
C PRO D 100 43.94 -16.17 -21.37
N PHE D 101 43.25 -17.22 -20.91
CA PHE D 101 43.45 -18.57 -21.43
C PHE D 101 44.82 -18.77 -22.09
N ALA D 102 45.75 -19.36 -21.30
CA ALA D 102 47.14 -19.66 -21.74
C ALA D 102 48.16 -18.68 -21.11
N THR D 103 49.42 -18.82 -21.49
CA THR D 103 50.44 -17.97 -20.92
C THR D 103 51.72 -17.81 -21.97
N CYS D 104 51.97 -16.56 -22.33
CA CYS D 104 53.07 -16.25 -23.21
C CYS D 104 53.60 -14.73 -23.01
N ASP D 105 54.68 -14.43 -23.71
CA ASP D 105 55.32 -13.12 -23.55
C ASP D 105 54.46 -11.91 -23.98
N PHE D 106 54.74 -10.77 -23.32
CA PHE D 106 54.02 -9.50 -23.58
C PHE D 106 54.46 -8.39 -22.57
N MET D 107 55.11 -8.83 -21.45
CA MET D 107 55.63 -7.89 -20.40
C MET D 107 57.09 -8.22 -19.94
N VAL D 108 57.51 -9.47 -20.14
CA VAL D 108 58.87 -9.92 -19.79
C VAL D 108 59.54 -10.65 -20.97
N LEU D 114 58.32 -4.97 -63.04
CA LEU D 114 58.13 -4.02 -61.92
C LEU D 114 57.53 -4.73 -60.68
N PRO D 115 58.04 -4.39 -59.50
CA PRO D 115 57.53 -4.92 -58.22
C PRO D 115 56.37 -4.13 -57.62
N LEU D 116 55.52 -3.58 -58.49
CA LEU D 116 54.35 -2.79 -58.07
C LEU D 116 54.43 -2.28 -56.62
N ASP D 117 54.88 -1.02 -56.46
CA ASP D 117 55.02 -0.37 -55.14
C ASP D 117 54.17 -1.08 -54.09
N LYS D 118 53.03 -0.46 -53.80
CA LYS D 118 52.08 -0.92 -52.78
C LYS D 118 52.72 -0.81 -51.38
N TRP D 119 53.10 -1.93 -50.78
CA TRP D 119 53.65 -1.88 -49.41
C TRP D 119 54.99 -1.11 -49.28
N VAL D 120 56.08 -1.80 -48.89
CA VAL D 120 57.41 -1.18 -48.80
C VAL D 120 58.52 -2.24 -48.67
N PRO D 121 59.65 -2.03 -49.35
CA PRO D 121 60.81 -2.94 -49.31
C PRO D 121 61.57 -3.00 -47.94
N GLN D 122 61.48 -1.91 -47.19
CA GLN D 122 62.20 -1.77 -45.92
C GLN D 122 61.95 -2.90 -44.87
N VAL D 123 61.13 -3.87 -45.21
CA VAL D 123 60.80 -4.95 -44.28
C VAL D 123 60.65 -4.47 -42.84
N PHE D 124 61.13 -5.25 -41.87
CA PHE D 124 61.05 -4.85 -40.47
C PHE D 124 62.06 -5.63 -39.60
N VAL D 125 61.94 -5.40 -38.28
CA VAL D 125 62.80 -6.02 -37.26
C VAL D 125 62.03 -7.21 -36.61
N ALA D 126 62.74 -8.01 -35.83
CA ALA D 126 62.16 -9.21 -35.20
C ALA D 126 61.89 -9.01 -33.70
N SER D 127 61.64 -10.11 -32.99
CA SER D 127 61.38 -10.04 -31.54
C SER D 127 61.83 -11.31 -30.78
N GLY D 128 60.88 -11.95 -30.09
CA GLY D 128 61.16 -13.15 -29.29
C GLY D 128 59.92 -14.06 -29.23
N ASP D 129 60.00 -15.06 -28.32
CA ASP D 129 58.92 -16.07 -28.17
C ASP D 129 57.98 -15.82 -26.97
N CYS D 130 57.89 -16.83 -26.07
CA CYS D 130 57.00 -16.77 -24.90
C CYS D 130 57.69 -16.26 -23.61
N ALA D 131 56.85 -15.98 -22.60
CA ALA D 131 57.29 -15.52 -21.30
C ALA D 131 57.85 -16.75 -20.60
N GLU D 132 58.61 -16.51 -19.53
CA GLU D 132 59.29 -17.60 -18.78
C GLU D 132 59.84 -17.19 -17.40
N ARG D 133 60.46 -16.02 -17.33
CA ARG D 133 61.02 -15.45 -16.09
C ARG D 133 62.15 -14.47 -16.48
N GLN D 134 62.83 -13.88 -15.46
CA GLN D 134 63.85 -12.85 -15.76
C GLN D 134 65.04 -12.68 -14.76
N TRP D 135 66.22 -12.45 -15.39
CA TRP D 135 67.48 -12.17 -14.68
C TRP D 135 68.39 -11.26 -15.53
N ASP D 136 68.40 -9.96 -15.16
CA ASP D 136 69.17 -8.93 -15.87
C ASP D 136 70.62 -8.87 -15.37
N PHE D 137 71.22 -7.66 -15.46
CA PHE D 137 72.62 -7.47 -15.01
C PHE D 137 72.84 -6.09 -14.38
N LEU D 138 71.77 -5.58 -13.75
CA LEU D 138 71.73 -4.26 -13.06
C LEU D 138 70.39 -3.49 -13.36
N GLY D 139 69.35 -3.82 -12.57
CA GLY D 139 68.02 -3.21 -12.70
C GLY D 139 67.97 -1.73 -12.30
N LEU D 140 67.22 -1.44 -11.23
CA LEU D 140 67.04 -0.07 -10.73
C LEU D 140 66.76 0.89 -11.88
N GLU D 141 65.47 1.17 -12.07
CA GLU D 141 64.98 2.08 -13.10
C GLU D 141 65.48 1.65 -14.49
N MET D 142 64.56 1.63 -15.46
CA MET D 142 64.94 1.23 -16.82
C MET D 142 63.95 1.74 -17.89
N PRO D 143 62.71 1.29 -17.92
CA PRO D 143 61.78 1.79 -18.94
C PRO D 143 61.20 3.13 -18.53
N GLN D 144 60.63 3.83 -19.52
CA GLN D 144 60.00 5.12 -19.29
C GLN D 144 61.03 6.19 -18.96
N TRP D 145 62.12 5.76 -18.32
CA TRP D 145 63.22 6.68 -17.98
C TRP D 145 63.69 7.30 -19.30
N LEU D 146 64.01 6.43 -20.28
CA LEU D 146 64.51 6.86 -21.60
C LEU D 146 63.48 7.72 -22.36
N LEU D 147 62.20 7.37 -22.25
CA LEU D 147 61.11 8.14 -22.92
C LEU D 147 61.21 9.62 -22.59
N GLY D 148 61.20 9.94 -21.30
CA GLY D 148 61.28 11.34 -20.90
C GLY D 148 62.58 11.93 -21.43
N ILE D 149 63.69 11.35 -20.99
CA ILE D 149 65.01 11.89 -21.33
C ILE D 149 65.27 12.15 -22.86
N PHE D 150 64.53 11.46 -23.71
CA PHE D 150 64.65 11.67 -25.14
C PHE D 150 63.93 12.95 -25.54
N ILE D 151 62.69 13.15 -25.04
CA ILE D 151 61.91 14.33 -25.39
C ILE D 151 62.80 15.64 -25.22
N ALA D 152 63.83 15.49 -24.40
CA ALA D 152 64.74 16.62 -24.14
C ALA D 152 65.50 17.02 -25.41
N TYR D 153 65.69 16.03 -26.28
CA TYR D 153 66.36 16.20 -27.55
C TYR D 153 65.44 17.03 -28.43
N LEU D 154 64.14 16.77 -28.29
CA LEU D 154 63.12 17.51 -29.04
C LEU D 154 63.05 18.95 -28.60
N ILE D 155 63.27 19.23 -27.32
CA ILE D 155 63.20 20.58 -26.85
C ILE D 155 64.46 21.43 -27.56
N VAL D 156 65.45 20.68 -27.98
CA VAL D 156 66.59 21.27 -28.69
C VAL D 156 66.10 21.75 -30.07
N ALA D 157 65.00 21.15 -30.52
CA ALA D 157 64.38 21.52 -31.76
C ALA D 157 63.61 22.79 -31.49
N VAL D 158 62.82 22.76 -30.40
CA VAL D 158 62.00 23.91 -30.04
C VAL D 158 62.82 25.18 -30.12
N LEU D 159 64.02 25.16 -29.53
CA LEU D 159 64.94 26.30 -29.47
C LEU D 159 64.93 27.14 -30.77
N VAL D 160 64.40 26.55 -31.85
CA VAL D 160 64.29 27.28 -33.10
C VAL D 160 63.65 28.64 -32.80
N VAL D 161 62.81 28.70 -31.76
CA VAL D 161 62.05 29.91 -31.40
C VAL D 161 62.66 31.23 -31.93
N ILE D 162 63.87 31.59 -31.55
CA ILE D 162 64.48 32.83 -32.04
C ILE D 162 64.86 32.68 -33.52
N ASP E 21 38.53 -18.91 -16.63
CA ASP E 21 38.77 -17.58 -15.99
C ASP E 21 39.36 -17.69 -14.59
N ILE E 22 39.20 -16.64 -13.80
CA ILE E 22 39.55 -16.71 -12.38
C ILE E 22 38.28 -16.87 -11.54
N VAL E 23 38.36 -17.70 -10.49
CA VAL E 23 37.29 -17.77 -9.48
C VAL E 23 37.60 -17.05 -8.17
N MET E 24 36.74 -16.11 -7.82
CA MET E 24 36.84 -15.38 -6.58
C MET E 24 35.88 -16.04 -5.61
N SER E 25 36.32 -16.30 -4.38
CA SER E 25 35.45 -16.89 -3.38
C SER E 25 35.53 -16.22 -2.00
N GLN E 26 34.44 -15.57 -1.62
CA GLN E 26 34.31 -14.96 -0.30
C GLN E 26 33.79 -15.88 0.80
N SER E 27 34.33 -15.64 1.99
CA SER E 27 33.96 -16.33 3.21
C SER E 27 33.92 -15.30 4.34
N PRO E 28 32.87 -15.35 5.18
CA PRO E 28 31.76 -16.28 5.18
C PRO E 28 30.69 -15.80 4.22
N SER E 29 29.56 -16.50 4.16
CA SER E 29 28.40 -16.03 3.42
C SER E 29 27.85 -14.76 4.03
N SER E 30 27.78 -14.77 5.36
CA SER E 30 27.29 -13.64 6.11
C SER E 30 27.80 -13.59 7.53
N LEU E 31 27.58 -12.44 8.17
CA LEU E 31 27.95 -12.23 9.54
C LEU E 31 27.17 -11.09 10.16
N ALA E 32 26.40 -11.41 11.19
CA ALA E 32 25.76 -10.39 12.00
C ALA E 32 26.78 -9.89 12.99
N VAL E 33 26.75 -8.57 13.24
CA VAL E 33 27.72 -7.97 14.16
C VAL E 33 27.16 -6.77 14.97
N SER E 34 27.90 -6.39 16.01
CA SER E 34 27.49 -5.38 16.98
C SER E 34 28.19 -4.03 16.73
N ALA E 35 27.39 -2.97 16.75
CA ALA E 35 27.83 -1.65 16.33
C ALA E 35 28.97 -1.07 17.17
N GLY E 36 30.12 -0.85 16.53
CA GLY E 36 31.28 -0.26 17.18
C GLY E 36 32.47 -1.19 17.25
N GLU E 37 32.26 -2.45 16.88
CA GLU E 37 33.31 -3.49 16.87
C GLU E 37 34.24 -3.43 15.65
N LYS E 38 34.95 -4.53 15.41
CA LYS E 38 35.85 -4.65 14.26
C LYS E 38 35.79 -6.02 13.56
N VAL E 39 34.88 -6.12 12.57
CA VAL E 39 34.74 -7.29 11.66
C VAL E 39 35.82 -7.34 10.57
N THR E 40 36.04 -8.53 10.03
CA THR E 40 36.89 -8.71 8.86
C THR E 40 36.31 -9.81 7.98
N MET E 41 35.91 -9.50 6.75
CA MET E 41 35.57 -10.57 5.81
C MET E 41 36.77 -10.96 4.97
N SER E 42 36.68 -12.11 4.32
CA SER E 42 37.79 -12.62 3.54
C SER E 42 37.45 -12.87 2.07
N CYS E 43 38.46 -12.65 1.23
CA CYS E 43 38.35 -12.82 -0.20
C CYS E 43 39.56 -13.59 -0.70
N LYS E 44 39.28 -14.64 -1.47
CA LYS E 44 40.35 -15.43 -2.06
C LYS E 44 40.14 -15.59 -3.55
N SER E 45 41.20 -16.02 -4.23
CA SER E 45 41.24 -16.01 -5.68
C SER E 45 41.98 -17.24 -6.13
N SER E 46 41.54 -17.81 -7.26
CA SER E 46 42.13 -19.06 -7.75
C SER E 46 43.56 -18.80 -8.22
N GLN E 47 43.73 -17.69 -8.91
CA GLN E 47 45.02 -17.27 -9.42
C GLN E 47 45.60 -16.14 -8.58
N SER E 48 46.92 -16.05 -8.57
CA SER E 48 47.58 -14.96 -7.89
C SER E 48 47.35 -13.69 -8.67
N LEU E 49 47.12 -12.59 -7.95
CA LEU E 49 46.75 -11.34 -8.56
C LEU E 49 47.91 -10.34 -8.50
N LEU E 50 49.11 -10.84 -8.18
CA LEU E 50 50.33 -10.02 -8.16
C LEU E 50 50.87 -9.73 -9.56
N ASN E 51 51.71 -8.69 -9.67
CA ASN E 51 52.37 -8.35 -10.92
C ASN E 51 53.85 -8.05 -10.70
N SER E 52 54.74 -8.82 -11.35
CA SER E 52 56.21 -8.67 -11.21
C SER E 52 56.64 -7.22 -11.03
N ARG E 53 56.06 -6.34 -11.83
CA ARG E 53 56.20 -4.90 -11.73
C ARG E 53 54.80 -4.26 -11.79
N THR E 54 54.51 -3.30 -10.91
CA THR E 54 55.19 -3.13 -9.63
C THR E 54 54.30 -3.96 -8.74
N ARG E 55 54.74 -4.25 -7.50
CA ARG E 55 53.84 -4.89 -6.54
C ARG E 55 52.48 -4.18 -6.59
N LYS E 56 51.55 -4.79 -7.31
CA LYS E 56 50.18 -4.33 -7.43
C LYS E 56 49.30 -5.57 -7.50
N ASN E 57 48.05 -5.42 -7.09
CA ASN E 57 47.25 -6.53 -6.64
C ASN E 57 45.90 -5.89 -6.42
N TYR E 58 45.14 -5.44 -7.41
CA TYR E 58 44.73 -6.07 -8.68
C TYR E 58 43.44 -6.82 -8.39
N LEU E 59 42.71 -6.18 -7.48
CA LEU E 59 41.51 -6.64 -6.85
C LEU E 59 40.91 -5.42 -6.17
N ALA E 60 39.58 -5.33 -6.21
CA ALA E 60 38.85 -4.24 -5.59
C ALA E 60 37.95 -4.73 -4.46
N TRP E 61 37.21 -3.80 -3.86
CA TRP E 61 36.16 -4.07 -2.87
C TRP E 61 35.02 -3.11 -3.13
N TYR E 62 33.82 -3.66 -3.31
CA TYR E 62 32.64 -2.84 -3.56
C TYR E 62 31.60 -3.16 -2.49
N GLN E 63 30.92 -2.15 -1.96
CA GLN E 63 29.80 -2.40 -1.05
C GLN E 63 28.45 -2.04 -1.67
N GLN E 64 27.49 -2.97 -1.57
CA GLN E 64 26.15 -2.77 -2.11
C GLN E 64 25.06 -2.87 -1.04
N LYS E 65 24.45 -1.71 -0.76
CA LYS E 65 23.30 -1.61 0.11
C LYS E 65 22.04 -1.93 -0.69
N PRO E 66 20.99 -2.47 -0.03
CA PRO E 66 19.74 -2.84 -0.72
C PRO E 66 19.21 -1.73 -1.62
N GLY E 67 18.51 -2.12 -2.68
CA GLY E 67 17.91 -1.18 -3.63
C GLY E 67 18.87 -0.16 -4.23
N GLN E 68 20.04 -0.63 -4.69
CA GLN E 68 21.14 0.23 -5.22
C GLN E 68 22.22 -0.53 -6.00
N SER E 69 23.09 0.22 -6.66
CA SER E 69 24.33 -0.30 -7.24
C SER E 69 25.36 -0.47 -6.12
N PRO E 70 26.55 -1.01 -6.46
CA PRO E 70 27.69 -0.96 -5.54
C PRO E 70 28.43 0.37 -5.60
N LYS E 71 29.35 0.60 -4.66
CA LYS E 71 30.28 1.72 -4.71
C LYS E 71 31.69 1.17 -4.50
N LEU E 72 32.67 1.63 -5.28
CA LEU E 72 34.06 1.22 -5.07
C LEU E 72 34.57 1.68 -3.71
N LEU E 73 34.97 0.74 -2.87
CA LEU E 73 35.42 1.05 -1.54
C LEU E 73 36.92 1.10 -1.55
N ILE E 74 37.53 0.06 -2.08
CA ILE E 74 38.97 -0.01 -2.16
C ILE E 74 39.39 -0.58 -3.51
N TYR E 75 40.39 0.03 -4.14
CA TYR E 75 41.00 -0.51 -5.34
C TYR E 75 42.46 -0.90 -5.09
N TRP E 76 42.98 -1.76 -5.97
CA TRP E 76 44.33 -2.32 -5.82
C TRP E 76 44.52 -2.93 -4.43
N ALA E 77 43.40 -3.42 -3.87
CA ALA E 77 43.31 -4.01 -2.51
C ALA E 77 43.61 -3.07 -1.33
N SER E 78 44.64 -2.22 -1.48
CA SER E 78 45.02 -1.27 -0.44
C SER E 78 44.34 0.08 -0.61
N THR E 79 44.86 0.90 -1.51
CA THR E 79 44.46 2.31 -1.56
C THR E 79 42.95 2.49 -1.45
N ARG E 80 42.53 3.30 -0.49
CA ARG E 80 41.14 3.66 -0.32
C ARG E 80 40.58 4.39 -1.54
N GLU E 81 39.30 4.72 -1.48
CA GLU E 81 38.68 5.52 -2.52
C GLU E 81 38.43 6.94 -2.02
N SER E 82 38.22 7.88 -2.95
CA SER E 82 37.99 9.30 -2.61
C SER E 82 36.67 9.50 -1.85
N GLY E 83 36.79 9.66 -0.53
CA GLY E 83 35.65 9.84 0.36
C GLY E 83 35.28 8.56 1.11
N VAL E 84 36.29 7.73 1.38
CA VAL E 84 36.08 6.46 2.07
C VAL E 84 36.78 6.45 3.44
N PRO E 85 35.99 6.34 4.52
CA PRO E 85 36.40 6.33 5.92
C PRO E 85 37.67 5.54 6.27
N ASP E 86 38.29 5.93 7.38
CA ASP E 86 39.51 5.30 7.89
C ASP E 86 39.29 3.86 8.25
N ARG E 87 38.13 3.60 8.87
CA ARG E 87 37.76 2.29 9.42
C ARG E 87 38.05 1.09 8.51
N PHE E 88 37.57 1.15 7.25
CA PHE E 88 37.88 0.13 6.23
C PHE E 88 39.37 0.12 5.90
N THR E 89 39.93 -1.07 5.68
CA THR E 89 41.35 -1.22 5.42
C THR E 89 41.63 -2.57 4.78
N GLY E 90 41.60 -2.61 3.45
CA GLY E 90 41.90 -3.84 2.73
C GLY E 90 43.33 -4.28 2.98
N SER E 91 43.56 -5.58 2.90
CA SER E 91 44.89 -6.14 3.12
C SER E 91 45.00 -7.46 2.37
N GLY E 92 46.19 -8.05 2.39
CA GLY E 92 46.36 -9.36 1.79
C GLY E 92 47.13 -9.27 0.50
N SER E 93 47.62 -10.41 0.02
CA SER E 93 48.56 -10.42 -1.10
C SER E 93 48.57 -11.71 -1.93
N GLY E 94 48.30 -11.54 -3.22
CA GLY E 94 48.41 -12.62 -4.19
C GLY E 94 47.14 -13.43 -4.32
N THR E 95 46.86 -14.25 -3.30
CA THR E 95 45.70 -15.15 -3.28
C THR E 95 44.96 -15.12 -1.93
N ASP E 96 45.00 -13.98 -1.24
CA ASP E 96 44.49 -13.86 0.14
C ASP E 96 44.12 -12.44 0.57
N PHE E 97 42.99 -11.94 0.11
CA PHE E 97 42.61 -10.54 0.37
C PHE E 97 41.54 -10.40 1.48
N THR E 98 41.68 -9.36 2.30
CA THR E 98 40.90 -9.29 3.52
C THR E 98 40.47 -7.88 3.90
N LEU E 99 39.22 -7.56 3.58
CA LEU E 99 38.62 -6.28 3.96
C LEU E 99 38.25 -6.33 5.43
N THR E 100 38.42 -5.21 6.12
CA THR E 100 38.16 -5.13 7.57
C THR E 100 37.59 -3.79 8.02
N ILE E 101 36.50 -3.82 8.80
CA ILE E 101 35.87 -2.62 9.37
C ILE E 101 35.98 -2.58 10.89
N SER E 102 36.32 -1.41 11.45
CA SER E 102 36.01 -1.11 12.86
C SER E 102 34.94 -0.01 12.92
N SER E 103 34.53 0.36 14.14
CA SER E 103 33.46 1.37 14.38
C SER E 103 32.17 1.07 13.62
N VAL E 104 32.04 -0.18 13.19
CA VAL E 104 30.90 -0.66 12.44
C VAL E 104 29.69 0.26 12.60
N GLN E 105 29.44 1.11 11.61
CA GLN E 105 28.23 1.93 11.59
C GLN E 105 26.97 1.08 11.39
N ALA E 106 25.81 1.70 11.61
CA ALA E 106 24.52 1.06 11.32
C ALA E 106 24.28 1.16 9.82
N GLU E 107 24.81 2.24 9.24
CA GLU E 107 24.83 2.44 7.78
C GLU E 107 26.10 1.82 7.18
N ASP E 108 26.39 0.60 7.61
CA ASP E 108 27.46 -0.23 7.09
C ASP E 108 26.89 -1.61 6.80
N LEU E 109 25.58 -1.73 6.97
CA LEU E 109 24.88 -2.93 6.57
C LEU E 109 24.82 -2.91 5.04
N ALA E 110 25.32 -3.99 4.45
CA ALA E 110 25.47 -4.15 3.00
C ALA E 110 26.08 -5.51 2.67
N VAL E 111 26.11 -5.86 1.38
CA VAL E 111 26.87 -7.01 0.95
C VAL E 111 28.20 -6.50 0.40
N TYR E 112 29.28 -7.05 0.91
CA TYR E 112 30.61 -6.66 0.45
C TYR E 112 31.10 -7.72 -0.52
N TYR E 113 31.41 -7.25 -1.73
CA TYR E 113 31.92 -8.06 -2.83
C TYR E 113 33.41 -7.79 -3.02
N CYS E 114 34.10 -8.67 -3.73
CA CYS E 114 35.46 -8.39 -4.17
C CYS E 114 35.62 -8.73 -5.65
N LYS E 115 36.28 -7.83 -6.38
CA LYS E 115 36.49 -7.93 -7.82
C LYS E 115 37.98 -7.98 -8.12
N GLN E 116 38.43 -9.01 -8.81
CA GLN E 116 39.76 -8.98 -9.40
C GLN E 116 39.67 -8.45 -10.82
N SER E 117 40.71 -7.73 -11.23
CA SER E 117 40.78 -7.28 -12.61
C SER E 117 42.11 -7.64 -13.25
N TYR E 118 42.95 -8.41 -12.55
CA TYR E 118 44.21 -8.89 -13.11
C TYR E 118 43.99 -9.43 -14.50
N ASN E 119 42.98 -10.27 -14.64
CA ASN E 119 42.63 -10.85 -15.92
C ASN E 119 41.14 -10.86 -16.02
N LEU E 120 40.62 -10.10 -16.98
CA LEU E 120 39.19 -9.86 -17.13
C LEU E 120 38.56 -9.22 -15.86
N TYR E 121 37.25 -9.37 -15.71
CA TYR E 121 36.55 -8.90 -14.52
C TYR E 121 35.72 -10.04 -13.93
N THR E 122 36.09 -10.51 -12.74
CA THR E 122 35.30 -11.57 -12.10
C THR E 122 35.03 -11.26 -10.64
N PHE E 123 33.77 -11.28 -10.23
CA PHE E 123 33.41 -10.96 -8.83
C PHE E 123 33.44 -12.11 -7.79
N GLY E 124 33.44 -11.73 -6.52
CA GLY E 124 33.29 -12.68 -5.41
C GLY E 124 31.82 -13.00 -5.19
N GLY E 125 31.54 -13.87 -4.22
CA GLY E 125 30.16 -14.21 -3.86
C GLY E 125 29.48 -13.14 -3.04
N GLY E 126 30.18 -12.68 -2.01
CA GLY E 126 29.67 -11.67 -1.12
C GLY E 126 29.85 -12.12 0.32
N THR E 127 29.90 -11.14 1.22
CA THR E 127 29.74 -11.40 2.64
C THR E 127 28.66 -10.42 3.08
N LYS E 128 27.49 -10.94 3.47
CA LYS E 128 26.38 -10.08 3.91
C LYS E 128 26.67 -9.67 5.33
N LEU E 129 26.45 -8.40 5.66
CA LEU E 129 26.79 -7.94 6.99
C LEU E 129 25.58 -7.44 7.80
N GLU E 130 24.94 -8.36 8.49
CA GLU E 130 23.75 -8.05 9.31
C GLU E 130 24.05 -7.48 10.72
N ILE E 131 23.04 -6.86 11.33
CA ILE E 131 23.18 -6.21 12.65
C ILE E 131 22.45 -6.98 13.77
N LYS E 132 23.16 -7.26 14.87
CA LYS E 132 22.55 -7.81 16.08
C LYS E 132 21.62 -6.77 16.72
N ALA E 134 20.12 -8.63 19.27
CA ALA E 134 19.52 -9.19 20.48
C ALA E 134 18.25 -9.99 20.17
N ASP E 135 18.16 -11.19 20.74
CA ASP E 135 17.20 -12.23 20.32
C ASP E 135 15.73 -11.85 20.46
N ALA E 136 14.86 -12.74 19.98
CA ALA E 136 13.40 -12.66 20.12
C ALA E 136 12.75 -13.97 19.65
N ALA E 137 11.51 -14.22 20.10
CA ALA E 137 10.74 -15.37 19.62
C ALA E 137 9.74 -14.98 18.52
N PRO E 138 9.49 -15.90 17.56
CA PRO E 138 8.64 -15.58 16.43
C PRO E 138 7.16 -15.55 16.76
N THR E 139 6.49 -14.51 16.28
CA THR E 139 5.04 -14.36 16.41
C THR E 139 4.36 -15.05 15.24
N VAL E 140 4.03 -16.32 15.46
CA VAL E 140 3.44 -17.14 14.41
C VAL E 140 1.91 -17.13 14.45
N SER E 141 1.32 -17.04 13.26
CA SER E 141 -0.13 -17.01 13.14
C SER E 141 -0.52 -17.73 11.87
N ILE E 142 -1.43 -18.69 11.99
CA ILE E 142 -1.92 -19.52 10.87
C ILE E 142 -3.22 -18.97 10.29
N PHE E 143 -3.44 -19.25 9.00
CA PHE E 143 -4.54 -18.66 8.25
C PHE E 143 -5.06 -19.65 7.22
N PRO E 144 -6.34 -20.05 7.35
CA PRO E 144 -7.08 -20.95 6.43
C PRO E 144 -7.29 -20.37 5.02
N PRO E 145 -7.60 -21.25 4.04
CA PRO E 145 -7.75 -20.78 2.66
C PRO E 145 -8.98 -19.92 2.51
N SER E 146 -8.77 -18.68 2.08
CA SER E 146 -9.82 -17.68 2.03
C SER E 146 -11.09 -18.12 1.33
N SER E 147 -12.20 -17.69 1.96
CA SER E 147 -13.58 -17.80 1.46
C SER E 147 -13.71 -18.04 -0.05
N GLU E 148 -13.13 -17.13 -0.84
CA GLU E 148 -13.31 -17.17 -2.28
C GLU E 148 -12.33 -18.09 -3.02
N GLN E 149 -11.10 -18.16 -2.55
CA GLN E 149 -10.09 -19.00 -3.21
C GLN E 149 -10.66 -20.38 -3.51
N LEU E 150 -11.39 -20.90 -2.52
CA LEU E 150 -11.97 -22.24 -2.57
C LEU E 150 -12.85 -22.46 -3.80
N THR E 151 -13.90 -21.64 -3.92
CA THR E 151 -14.82 -21.68 -5.07
C THR E 151 -14.08 -21.69 -6.41
N SER E 152 -12.86 -21.14 -6.41
CA SER E 152 -12.03 -21.05 -7.60
C SER E 152 -11.36 -22.37 -8.01
N GLY E 153 -11.46 -23.38 -7.13
CA GLY E 153 -10.92 -24.71 -7.40
C GLY E 153 -9.58 -24.96 -6.74
N GLY E 154 -9.06 -23.93 -6.06
CA GLY E 154 -7.78 -24.01 -5.36
C GLY E 154 -7.93 -23.62 -3.91
N ALA E 155 -6.88 -23.90 -3.11
CA ALA E 155 -6.88 -23.61 -1.68
C ALA E 155 -5.46 -23.52 -1.10
N SER E 156 -5.13 -22.37 -0.52
CA SER E 156 -3.81 -22.14 0.06
C SER E 156 -3.89 -21.75 1.52
N VAL E 157 -3.27 -22.55 2.38
CA VAL E 157 -3.16 -22.24 3.81
C VAL E 157 -1.84 -21.51 4.04
N VAL E 158 -1.88 -20.35 4.67
CA VAL E 158 -0.63 -19.65 4.99
C VAL E 158 -0.41 -19.51 6.49
N CYS E 159 0.83 -19.22 6.87
CA CYS E 159 1.11 -18.78 8.23
C CYS E 159 2.37 -17.96 8.34
N PHE E 160 2.26 -16.82 9.01
CA PHE E 160 3.33 -15.84 9.09
C PHE E 160 4.14 -15.94 10.36
N LEU E 161 5.40 -16.32 10.21
CA LEU E 161 6.36 -16.45 11.31
C LEU E 161 7.13 -15.13 11.47
N ASN E 162 6.58 -14.20 12.25
CA ASN E 162 7.06 -12.82 12.20
C ASN E 162 7.94 -12.41 13.37
N ASN E 163 8.86 -11.49 13.10
CA ASN E 163 9.68 -10.82 14.10
C ASN E 163 10.43 -11.72 15.05
N PHE E 164 11.53 -12.27 14.54
CA PHE E 164 12.41 -13.17 15.29
C PHE E 164 13.89 -13.03 14.93
N TYR E 165 14.74 -13.28 15.90
CA TYR E 165 16.17 -13.28 15.68
C TYR E 165 16.80 -14.32 16.58
N PRO E 166 17.75 -15.14 16.06
CA PRO E 166 18.42 -15.27 14.76
C PRO E 166 17.58 -15.87 13.64
N LYS E 167 17.96 -15.64 12.38
CA LYS E 167 17.18 -16.07 11.22
C LYS E 167 16.79 -17.55 11.24
N ASP E 168 17.71 -18.40 11.66
CA ASP E 168 17.57 -19.86 11.57
C ASP E 168 16.30 -20.36 12.24
N ILE E 169 15.24 -20.49 11.44
CA ILE E 169 14.00 -21.03 11.93
C ILE E 169 13.74 -22.33 11.19
N ASN E 170 12.72 -23.05 11.63
CA ASN E 170 12.37 -24.31 11.04
C ASN E 170 10.87 -24.56 11.19
N VAL E 171 10.14 -24.53 10.08
CA VAL E 171 8.70 -24.82 10.12
C VAL E 171 8.46 -26.29 9.82
N LYS E 172 7.38 -26.83 10.37
CA LYS E 172 7.03 -28.23 10.18
C LYS E 172 5.52 -28.41 10.18
N TRP E 173 4.93 -28.45 8.99
CA TRP E 173 3.49 -28.56 8.81
C TRP E 173 2.92 -29.93 9.18
N LYS E 174 1.66 -29.92 9.64
CA LYS E 174 0.93 -31.15 9.92
C LYS E 174 -0.51 -31.04 9.45
N ILE E 175 -0.97 -32.08 8.73
CA ILE E 175 -2.39 -32.34 8.46
C ILE E 175 -2.83 -33.40 9.46
N ASP E 176 -3.62 -32.96 10.46
CA ASP E 176 -3.86 -33.72 11.71
C ASP E 176 -2.79 -34.78 12.04
N GLY E 177 -1.81 -34.35 12.83
CA GLY E 177 -0.80 -35.23 13.42
C GLY E 177 0.27 -35.67 12.45
N SER E 178 -0.15 -36.14 11.27
CA SER E 178 0.79 -36.55 10.22
C SER E 178 1.38 -35.31 9.56
N GLU E 179 2.69 -35.33 9.34
CA GLU E 179 3.43 -34.13 8.96
C GLU E 179 3.97 -34.25 7.56
N ARG E 180 3.14 -34.01 6.54
CA ARG E 180 3.64 -34.01 5.15
C ARG E 180 4.44 -32.75 4.80
N GLN E 181 5.43 -32.90 3.92
CA GLN E 181 6.34 -31.81 3.61
C GLN E 181 5.97 -31.20 2.28
N ASN E 182 5.96 -32.01 1.23
CA ASN E 182 5.85 -31.47 -0.13
C ASN E 182 4.56 -30.71 -0.40
N GLY E 183 4.65 -29.70 -1.26
CA GLY E 183 3.55 -28.79 -1.50
C GLY E 183 3.71 -27.49 -0.74
N VAL E 184 4.68 -27.44 0.18
CA VAL E 184 4.94 -26.25 0.99
C VAL E 184 5.92 -25.29 0.32
N LEU E 185 5.61 -23.99 0.42
CA LEU E 185 6.47 -22.93 -0.10
C LEU E 185 6.84 -21.98 1.03
N ASN E 186 8.12 -21.60 1.11
CA ASN E 186 8.55 -20.59 2.11
C ASN E 186 9.14 -19.33 1.50
N SER E 187 9.35 -18.33 2.35
CA SER E 187 9.80 -17.00 1.93
C SER E 187 10.30 -16.17 3.11
N TRP E 188 11.50 -15.61 2.97
CA TRP E 188 12.17 -14.92 4.05
C TRP E 188 12.47 -13.48 3.75
N THR E 189 12.18 -12.62 4.71
CA THR E 189 12.55 -11.21 4.61
C THR E 189 14.00 -11.03 5.07
N ASP E 190 14.56 -9.89 4.69
CA ASP E 190 15.78 -9.37 5.30
C ASP E 190 15.43 -8.65 6.59
N GLN E 191 16.42 -8.57 7.46
CA GLN E 191 16.35 -7.76 8.67
C GLN E 191 15.46 -6.53 8.56
N ASP E 192 14.77 -6.23 9.65
CA ASP E 192 13.93 -5.03 9.69
C ASP E 192 14.80 -3.81 9.87
N SER E 193 14.36 -2.67 9.34
CA SER E 193 15.14 -1.42 9.42
C SER E 193 15.02 -0.78 10.81
N LYS E 194 13.86 -0.93 11.42
CA LYS E 194 13.60 -0.41 12.76
C LYS E 194 13.69 -1.55 13.78
N ASP E 195 12.86 -2.56 13.58
CA ASP E 195 12.76 -3.72 14.45
C ASP E 195 13.99 -4.66 14.35
N SER E 196 14.73 -4.52 13.24
CA SER E 196 16.02 -5.22 13.04
C SER E 196 15.96 -6.74 13.19
N THR E 197 14.80 -7.31 12.85
CA THR E 197 14.61 -8.77 12.92
C THR E 197 13.92 -9.33 11.65
N TYR E 198 13.79 -10.64 11.61
CA TYR E 198 13.26 -11.33 10.45
C TYR E 198 11.82 -11.79 10.62
N SER E 199 11.18 -12.04 9.49
CA SER E 199 9.85 -12.61 9.41
C SER E 199 9.82 -13.53 8.21
N MET E 200 9.13 -14.66 8.34
CA MET E 200 9.06 -15.63 7.28
C MET E 200 7.62 -16.08 7.09
N SER E 201 7.18 -16.22 5.85
CA SER E 201 5.88 -16.83 5.62
C SER E 201 6.03 -18.25 5.05
N SER E 202 5.00 -19.06 5.24
CA SER E 202 5.02 -20.45 4.79
C SER E 202 3.62 -20.84 4.32
N THR E 203 3.55 -21.48 3.16
CA THR E 203 2.28 -21.76 2.52
C THR E 203 2.17 -23.17 1.97
N LEU E 204 1.48 -24.01 2.72
CA LEU E 204 1.05 -25.30 2.21
C LEU E 204 -0.14 -25.07 1.30
N THR E 205 -0.01 -25.49 0.04
CA THR E 205 -1.05 -25.26 -0.94
C THR E 205 -1.62 -26.56 -1.53
N LEU E 206 -2.95 -26.63 -1.59
CA LEU E 206 -3.70 -27.82 -2.03
C LEU E 206 -4.88 -27.53 -2.95
N THR E 207 -5.16 -28.49 -3.83
CA THR E 207 -6.42 -28.54 -4.53
C THR E 207 -7.53 -28.72 -3.49
N LYS E 208 -8.50 -27.80 -3.50
CA LYS E 208 -9.73 -27.86 -2.68
C LYS E 208 -10.12 -29.30 -2.35
N ASP E 209 -10.37 -30.11 -3.38
CA ASP E 209 -10.65 -31.54 -3.23
C ASP E 209 -9.85 -32.16 -2.09
N GLU E 210 -8.53 -32.00 -2.16
CA GLU E 210 -7.64 -32.54 -1.16
C GLU E 210 -7.64 -31.71 0.11
N TYR E 211 -8.07 -30.46 0.01
CA TYR E 211 -8.16 -29.65 1.21
C TYR E 211 -9.10 -30.30 2.21
N GLU E 212 -10.25 -30.77 1.70
CA GLU E 212 -11.29 -31.36 2.55
C GLU E 212 -11.07 -32.85 2.87
N ARG E 213 -10.00 -33.44 2.33
CA ARG E 213 -9.61 -34.79 2.73
C ARG E 213 -9.53 -34.83 4.25
N HIS E 214 -8.94 -33.80 4.85
CA HIS E 214 -8.72 -33.78 6.29
C HIS E 214 -9.38 -32.62 7.04
N ASN E 215 -9.09 -32.52 8.33
CA ASN E 215 -9.69 -31.52 9.20
C ASN E 215 -8.66 -30.60 9.87
N SER E 216 -7.69 -31.19 10.55
CA SER E 216 -6.80 -30.40 11.38
C SER E 216 -5.56 -29.98 10.62
N TYR E 217 -5.26 -28.69 10.64
CA TYR E 217 -4.05 -28.14 10.04
C TYR E 217 -3.26 -27.34 11.06
N THR E 218 -1.92 -27.43 11.00
CA THR E 218 -1.06 -26.76 12.00
C THR E 218 0.37 -26.48 11.50
N CYS E 219 0.93 -25.34 11.90
CA CYS E 219 2.33 -25.00 11.60
C CYS E 219 3.13 -24.69 12.86
N GLU E 220 4.41 -25.08 12.85
CA GLU E 220 5.22 -24.98 14.06
C GLU E 220 6.60 -24.40 13.81
N ALA E 221 6.85 -23.20 14.34
CA ALA E 221 8.20 -22.67 14.45
C ALA E 221 9.03 -23.62 15.31
N THR E 222 10.35 -23.48 15.29
CA THR E 222 11.23 -24.24 16.19
C THR E 222 12.51 -23.45 16.34
N HIS E 223 12.32 -22.13 16.46
CA HIS E 223 13.38 -21.16 16.74
C HIS E 223 14.28 -21.46 17.94
N LYS E 224 15.49 -20.90 17.91
CA LYS E 224 16.44 -21.07 18.99
C LYS E 224 16.17 -20.07 20.11
N THR E 225 14.94 -20.05 20.63
CA THR E 225 14.61 -19.22 21.81
C THR E 225 14.16 -20.10 22.92
N SER E 226 13.08 -20.84 22.66
CA SER E 226 12.61 -21.88 23.55
C SER E 226 12.53 -23.17 22.76
N THR E 227 13.40 -24.13 23.06
CA THR E 227 13.34 -25.40 22.34
C THR E 227 12.08 -26.17 22.75
N SER E 228 10.97 -25.65 22.26
CA SER E 228 9.62 -26.19 22.35
C SER E 228 8.85 -25.52 21.22
N PRO E 229 8.50 -26.29 20.18
CA PRO E 229 7.76 -25.77 19.04
C PRO E 229 6.63 -24.82 19.42
N ILE E 230 6.48 -23.72 18.69
CA ILE E 230 5.25 -22.93 18.76
C ILE E 230 4.25 -23.47 17.73
N VAL E 231 3.47 -24.44 18.18
CA VAL E 231 2.32 -24.93 17.44
C VAL E 231 1.23 -23.86 17.49
N LYS E 232 0.42 -23.84 16.45
CA LYS E 232 -0.64 -22.87 16.31
C LYS E 232 -1.51 -23.44 15.21
N SER E 233 -2.58 -24.10 15.61
CA SER E 233 -3.37 -24.91 14.70
C SER E 233 -4.82 -24.44 14.50
N PHE E 234 -5.36 -24.69 13.32
CA PHE E 234 -6.78 -24.50 13.04
C PHE E 234 -7.31 -25.77 12.36
N ASN E 235 -8.62 -26.03 12.46
CA ASN E 235 -9.20 -27.25 11.90
C ASN E 235 -10.52 -27.02 11.20
N ARG E 236 -10.67 -27.69 10.06
CA ARG E 236 -11.68 -27.38 9.03
C ARG E 236 -13.09 -26.97 9.48
N ASN E 237 -13.87 -27.95 9.95
CA ASN E 237 -15.32 -27.80 10.28
C ASN E 237 -16.03 -26.51 9.85
N GLU E 238 -15.79 -25.43 10.61
CA GLU E 238 -16.45 -24.13 10.43
C GLU E 238 -16.06 -23.41 9.12
N CYS E 239 -14.84 -23.69 8.62
CA CYS E 239 -14.29 -23.08 7.39
C CYS E 239 -13.98 -24.12 6.30
N GLU F 1 26.62 14.99 -9.02
CA GLU F 1 27.40 15.60 -10.13
C GLU F 1 27.50 14.65 -11.35
N VAL F 2 28.43 13.69 -11.30
CA VAL F 2 28.75 12.82 -12.44
C VAL F 2 27.77 11.64 -12.55
N GLN F 3 27.07 11.53 -13.68
CA GLN F 3 25.90 10.65 -13.76
C GLN F 3 25.66 9.80 -15.02
N LEU F 4 25.17 8.58 -14.78
CA LEU F 4 24.71 7.63 -15.82
C LEU F 4 23.25 7.23 -15.57
N VAL F 5 22.48 7.13 -16.65
CA VAL F 5 21.07 6.78 -16.52
C VAL F 5 20.72 5.71 -17.54
N GLU F 6 20.96 4.45 -17.17
CA GLU F 6 20.63 3.33 -18.05
C GLU F 6 19.13 3.03 -18.01
N SER F 7 18.59 2.57 -19.14
CA SER F 7 17.14 2.42 -19.29
C SER F 7 16.69 1.66 -20.54
N GLY F 8 15.38 1.45 -20.64
CA GLY F 8 14.77 0.72 -21.75
C GLY F 8 15.05 -0.77 -21.70
N GLY F 9 14.15 -1.53 -21.06
CA GLY F 9 14.28 -2.99 -20.94
C GLY F 9 13.23 -3.65 -20.06
N GLY F 10 12.82 -4.86 -20.43
CA GLY F 10 11.77 -5.62 -19.71
C GLY F 10 11.62 -7.00 -20.30
N LEU F 11 10.41 -7.57 -20.23
CA LEU F 11 10.14 -8.92 -20.77
C LEU F 11 10.57 -9.11 -22.23
N VAL F 12 10.98 -10.34 -22.55
CA VAL F 12 11.24 -10.78 -23.92
C VAL F 12 11.11 -12.30 -24.03
N LYS F 13 10.89 -12.80 -25.24
CA LYS F 13 10.95 -14.22 -25.53
C LYS F 13 12.40 -14.65 -25.76
N PRO F 14 12.76 -15.86 -25.29
CA PRO F 14 14.02 -16.53 -25.62
C PRO F 14 14.23 -16.57 -27.12
N GLY F 15 15.10 -15.67 -27.58
CA GLY F 15 15.40 -15.51 -29.01
C GLY F 15 15.30 -14.06 -29.46
N GLY F 16 14.47 -13.29 -28.74
CA GLY F 16 14.18 -11.90 -29.07
C GLY F 16 15.35 -10.94 -28.91
N SER F 17 15.06 -9.63 -28.88
CA SER F 17 16.11 -8.62 -28.81
C SER F 17 15.73 -7.42 -27.97
N LEU F 18 16.72 -6.58 -27.67
CA LEU F 18 16.57 -5.44 -26.75
C LEU F 18 17.80 -4.51 -26.80
N LYS F 19 17.59 -3.25 -27.16
CA LYS F 19 18.70 -2.32 -27.32
C LYS F 19 18.86 -1.39 -26.13
N LEU F 20 19.46 -1.92 -25.07
CA LEU F 20 19.67 -1.20 -23.82
C LEU F 20 20.59 -0.01 -23.98
N SER F 21 20.33 1.04 -23.18
CA SER F 21 21.00 2.33 -23.30
C SER F 21 21.25 3.02 -21.96
N CYS F 22 22.29 3.83 -21.90
CA CYS F 22 22.75 4.51 -20.68
C CYS F 22 23.16 5.95 -20.99
N ALA F 23 22.43 6.93 -20.42
CA ALA F 23 22.72 8.36 -20.64
C ALA F 23 23.75 8.91 -19.65
N ALA F 24 24.88 9.35 -20.18
CA ALA F 24 25.96 9.86 -19.32
C ALA F 24 25.86 11.38 -19.20
N SER F 25 25.58 11.84 -17.99
CA SER F 25 25.29 13.25 -17.79
C SER F 25 26.10 13.86 -16.65
N GLY F 26 27.32 14.30 -16.98
CA GLY F 26 28.15 15.05 -16.04
C GLY F 26 29.65 14.78 -16.08
N PHE F 27 30.08 14.03 -17.09
CA PHE F 27 31.52 13.75 -17.23
C PHE F 27 31.98 13.80 -18.70
N ALA F 28 33.30 13.92 -18.89
CA ALA F 28 33.91 14.14 -20.22
C ALA F 28 33.79 12.92 -21.17
N PHE F 29 32.79 12.08 -20.90
CA PHE F 29 32.38 10.94 -21.72
C PHE F 29 33.52 10.32 -22.52
N SER F 30 33.75 10.86 -23.72
CA SER F 30 34.87 10.47 -24.59
C SER F 30 36.17 10.31 -23.81
N SER F 31 36.21 10.92 -22.62
CA SER F 31 37.30 10.79 -21.67
C SER F 31 37.76 9.34 -21.46
N TYR F 32 36.94 8.54 -20.79
CA TYR F 32 37.31 7.17 -20.40
C TYR F 32 36.61 6.10 -21.24
N ASP F 33 36.99 4.85 -20.98
CA ASP F 33 36.34 3.68 -21.58
C ASP F 33 34.98 3.47 -20.89
N MET F 34 34.22 2.48 -21.34
CA MET F 34 32.92 2.14 -20.73
C MET F 34 32.63 0.63 -20.57
N SER F 35 31.53 0.28 -19.89
CA SER F 35 31.18 -1.11 -19.62
C SER F 35 29.80 -1.25 -18.99
N TRP F 36 29.24 -2.45 -19.17
CA TRP F 36 28.04 -2.89 -18.45
C TRP F 36 28.37 -4.04 -17.53
N VAL F 37 27.85 -3.98 -16.32
CA VAL F 37 27.81 -5.15 -15.46
C VAL F 37 26.36 -5.49 -15.22
N ARG F 38 26.05 -6.78 -15.11
CA ARG F 38 24.69 -7.19 -14.80
C ARG F 38 24.68 -7.94 -13.49
N GLN F 39 23.48 -8.10 -12.93
CA GLN F 39 23.30 -8.80 -11.67
C GLN F 39 22.01 -9.55 -11.71
N THR F 40 22.10 -10.84 -11.43
CA THR F 40 20.94 -11.74 -11.43
C THR F 40 19.97 -11.47 -10.25
N PRO F 41 18.81 -12.15 -10.26
CA PRO F 41 17.92 -12.09 -9.10
C PRO F 41 18.62 -12.62 -7.85
N GLU F 42 19.51 -13.58 -8.03
CA GLU F 42 20.30 -14.18 -6.96
C GLU F 42 21.45 -13.26 -6.51
N LYS F 43 21.48 -12.06 -7.06
CA LYS F 43 22.47 -11.04 -6.69
C LYS F 43 23.92 -11.43 -7.05
N ARG F 44 24.04 -12.39 -7.97
CA ARG F 44 25.30 -12.67 -8.64
C ARG F 44 25.57 -11.52 -9.62
N LEU F 45 26.81 -11.01 -9.58
CA LEU F 45 27.28 -9.98 -10.51
C LEU F 45 28.01 -10.60 -11.70
N GLU F 46 28.04 -9.87 -12.82
CA GLU F 46 28.59 -10.40 -14.06
C GLU F 46 29.07 -9.33 -15.03
N TRP F 47 30.37 -9.30 -15.31
CA TRP F 47 30.89 -8.41 -16.36
C TRP F 47 30.53 -8.87 -17.76
N VAL F 48 29.75 -8.04 -18.44
CA VAL F 48 29.13 -8.42 -19.69
C VAL F 48 29.75 -7.75 -20.93
N ALA F 49 30.09 -6.47 -20.82
CA ALA F 49 30.54 -5.72 -21.97
C ALA F 49 31.57 -4.69 -21.58
N TYR F 50 32.40 -4.27 -22.54
CA TYR F 50 33.41 -3.22 -22.33
C TYR F 50 33.81 -2.54 -23.63
N ILE F 51 33.39 -1.28 -23.78
CA ILE F 51 33.78 -0.45 -24.93
C ILE F 51 35.00 0.43 -24.57
N SER F 52 35.89 0.65 -25.53
CA SER F 52 37.07 1.49 -25.30
C SER F 52 36.73 2.98 -25.09
N SER F 53 37.75 3.84 -25.08
CA SER F 53 37.56 5.29 -24.96
C SER F 53 36.69 5.82 -26.11
N GLY F 54 37.23 5.76 -27.33
CA GLY F 54 36.46 6.04 -28.53
C GLY F 54 36.20 4.76 -29.31
N GLY F 55 35.20 4.00 -28.86
CA GLY F 55 34.79 2.72 -29.47
C GLY F 55 35.74 2.03 -30.44
N GLY F 56 37.04 2.14 -30.20
CA GLY F 56 38.08 1.52 -31.03
C GLY F 56 37.87 0.02 -31.08
N SER F 57 38.13 -0.65 -29.96
CA SER F 57 37.79 -2.06 -29.82
C SER F 57 36.85 -2.31 -28.62
N THR F 58 36.26 -3.50 -28.59
CA THR F 58 35.30 -3.89 -27.54
C THR F 58 35.74 -5.16 -26.82
N TYR F 59 35.09 -5.48 -25.70
CA TYR F 59 35.45 -6.65 -24.86
C TYR F 59 34.26 -7.38 -24.22
N TYR F 60 34.30 -8.71 -24.23
CA TYR F 60 33.20 -9.56 -23.74
C TYR F 60 33.69 -10.80 -22.97
N PRO F 61 32.86 -11.35 -22.07
CA PRO F 61 33.12 -12.70 -21.60
C PRO F 61 32.59 -13.63 -22.67
N ASP F 62 33.14 -14.83 -22.77
CA ASP F 62 32.71 -15.75 -23.82
C ASP F 62 31.21 -15.91 -23.82
N THR F 63 30.63 -15.95 -22.63
CA THR F 63 29.19 -16.18 -22.43
C THR F 63 28.23 -15.32 -23.30
N VAL F 64 28.62 -14.08 -23.59
CA VAL F 64 27.78 -13.18 -24.39
C VAL F 64 28.35 -12.93 -25.80
N LYS F 65 29.66 -13.20 -25.95
CA LYS F 65 30.42 -12.94 -27.19
C LYS F 65 29.74 -13.43 -28.47
N GLY F 66 29.11 -12.50 -29.17
CA GLY F 66 28.43 -12.79 -30.42
C GLY F 66 26.95 -12.98 -30.22
N ARG F 67 26.40 -12.33 -29.20
CA ARG F 67 24.94 -12.26 -29.02
C ARG F 67 24.61 -10.91 -28.39
N PHE F 68 25.69 -10.19 -28.08
CA PHE F 68 25.68 -8.90 -27.41
C PHE F 68 26.67 -8.01 -28.12
N THR F 69 26.31 -6.74 -28.26
CA THR F 69 27.25 -5.74 -28.76
C THR F 69 27.12 -4.41 -28.00
N ILE F 70 28.26 -3.78 -27.77
CA ILE F 70 28.32 -2.51 -27.04
C ILE F 70 28.68 -1.34 -27.97
N SER F 71 27.77 -0.38 -28.08
CA SER F 71 27.96 0.75 -28.97
C SER F 71 27.84 2.08 -28.24
N ARG F 72 28.73 3.02 -28.57
CA ARG F 72 28.65 4.38 -28.05
C ARG F 72 28.71 5.42 -29.16
N ASP F 73 28.11 6.57 -28.88
CA ASP F 73 28.20 7.76 -29.72
C ASP F 73 28.93 8.87 -28.91
N ASN F 74 30.26 8.88 -29.04
CA ASN F 74 31.15 9.80 -28.28
C ASN F 74 30.63 11.24 -28.23
N ALA F 75 29.72 11.56 -29.14
CA ALA F 75 29.05 12.87 -29.18
C ALA F 75 27.90 12.96 -28.17
N LYS F 76 26.79 12.29 -28.46
CA LYS F 76 25.54 12.51 -27.70
C LYS F 76 25.52 11.91 -26.28
N ASN F 77 26.71 11.57 -25.79
CA ASN F 77 26.96 11.12 -24.41
C ASN F 77 26.13 9.92 -23.94
N THR F 78 25.94 8.97 -24.85
CA THR F 78 25.14 7.77 -24.58
C THR F 78 25.92 6.49 -24.86
N LEU F 79 25.72 5.50 -23.98
CA LEU F 79 26.22 4.15 -24.14
C LEU F 79 25.07 3.22 -24.50
N TYR F 80 25.35 2.18 -25.27
CA TYR F 80 24.30 1.23 -25.64
C TYR F 80 24.77 -0.21 -25.47
N LEU F 81 23.84 -1.08 -25.06
CA LEU F 81 24.01 -2.52 -25.12
C LEU F 81 22.94 -3.13 -26.03
N GLN F 82 23.40 -3.72 -27.12
CA GLN F 82 22.48 -4.33 -28.07
C GLN F 82 22.45 -5.82 -27.85
N MET F 83 21.31 -6.32 -27.37
CA MET F 83 21.18 -7.73 -27.00
C MET F 83 20.30 -8.54 -27.94
N SER F 84 20.78 -9.71 -28.33
CA SER F 84 20.08 -10.50 -29.32
C SER F 84 20.35 -12.00 -29.16
N SER F 85 19.55 -12.82 -29.84
CA SER F 85 19.50 -14.27 -29.59
C SER F 85 19.59 -14.47 -28.10
N LEU F 86 18.56 -13.99 -27.42
CA LEU F 86 18.56 -13.87 -25.97
C LEU F 86 18.34 -15.18 -25.24
N LYS F 87 19.21 -15.43 -24.26
CA LYS F 87 19.07 -16.55 -23.36
C LYS F 87 18.34 -16.09 -22.09
N SER F 88 17.62 -17.03 -21.47
CA SER F 88 16.97 -16.86 -20.16
C SER F 88 17.95 -16.34 -19.13
N GLU F 89 19.22 -16.81 -19.24
CA GLU F 89 20.33 -16.40 -18.38
C GLU F 89 20.54 -14.89 -18.33
N ASP F 90 20.29 -14.22 -19.45
CA ASP F 90 20.56 -12.79 -19.55
C ASP F 90 19.61 -11.93 -18.70
N THR F 91 18.57 -12.56 -18.14
CA THR F 91 17.73 -11.93 -17.12
C THR F 91 18.63 -11.38 -16.05
N ALA F 92 18.38 -10.13 -15.67
CA ALA F 92 19.18 -9.43 -14.67
C ALA F 92 18.85 -7.95 -14.70
N MET F 93 19.17 -7.27 -13.61
CA MET F 93 19.22 -5.81 -13.60
C MET F 93 20.59 -5.44 -14.17
N TYR F 94 20.62 -4.51 -15.12
CA TYR F 94 21.82 -4.21 -15.90
C TYR F 94 22.39 -2.85 -15.58
N TYR F 95 23.58 -2.82 -14.98
CA TYR F 95 24.20 -1.56 -14.53
C TYR F 95 25.26 -1.02 -15.49
N CYS F 96 25.02 0.17 -16.04
CA CYS F 96 26.04 0.91 -16.77
C CYS F 96 26.98 1.52 -15.74
N ALA F 97 28.23 1.09 -15.77
CA ALA F 97 29.24 1.58 -14.85
C ALA F 97 30.47 2.06 -15.60
N ARG F 98 31.32 2.82 -14.91
CA ARG F 98 32.43 3.52 -15.56
C ARG F 98 33.74 3.28 -14.85
N PRO F 99 34.73 2.75 -15.59
CA PRO F 99 36.03 2.42 -15.05
C PRO F 99 36.81 3.67 -14.67
N ASP F 100 37.54 3.62 -13.56
CA ASP F 100 38.36 4.76 -13.15
C ASP F 100 39.57 4.90 -14.07
N TYR F 101 39.93 6.16 -14.30
CA TYR F 101 41.15 6.56 -15.03
C TYR F 101 42.21 5.45 -15.23
N ARG F 102 42.78 4.98 -14.12
CA ARG F 102 43.96 4.11 -14.14
C ARG F 102 43.69 2.81 -13.43
N SER F 103 42.88 2.89 -12.37
CA SER F 103 42.52 1.73 -11.57
C SER F 103 41.58 0.79 -12.32
N TYR F 104 40.83 1.36 -13.27
CA TYR F 104 39.78 0.65 -13.99
C TYR F 104 38.67 0.20 -13.05
N ALA F 105 38.92 0.39 -11.76
CA ALA F 105 37.93 0.20 -10.73
C ALA F 105 36.73 1.05 -11.07
N MET F 106 35.60 0.41 -11.31
CA MET F 106 34.39 1.12 -11.73
C MET F 106 33.92 2.08 -10.65
N ASP F 107 34.39 3.33 -10.74
CA ASP F 107 34.13 4.31 -9.68
C ASP F 107 32.78 5.03 -9.78
N TYR F 108 32.17 5.02 -10.96
CA TYR F 108 30.82 5.58 -11.05
C TYR F 108 29.80 4.71 -11.75
N TRP F 109 28.70 4.47 -11.02
CA TRP F 109 27.73 3.46 -11.39
C TRP F 109 26.36 4.06 -11.72
N GLY F 110 25.60 3.32 -12.53
CA GLY F 110 24.22 3.69 -12.86
C GLY F 110 23.22 3.21 -11.83
N GLN F 111 22.06 2.77 -12.29
CA GLN F 111 20.97 2.36 -11.40
C GLN F 111 20.26 1.10 -11.89
N GLY F 112 20.48 0.75 -13.15
CA GLY F 112 20.05 -0.54 -13.68
C GLY F 112 18.75 -0.56 -14.46
N THR F 113 18.48 -1.67 -15.14
CA THR F 113 17.25 -1.83 -15.90
C THR F 113 16.77 -3.27 -15.87
N SER F 114 15.53 -3.48 -15.42
CA SER F 114 14.95 -4.83 -15.33
C SER F 114 14.94 -5.50 -16.70
N VAL F 115 15.33 -6.77 -16.71
CA VAL F 115 15.21 -7.61 -17.89
C VAL F 115 14.76 -8.98 -17.42
N THR F 116 14.01 -9.67 -18.27
CA THR F 116 13.61 -11.05 -18.05
C THR F 116 13.21 -11.71 -19.37
N VAL F 117 13.47 -13.01 -19.46
CA VAL F 117 13.26 -13.73 -20.69
C VAL F 117 12.30 -14.88 -20.42
N SER F 118 11.01 -14.55 -20.35
CA SER F 118 9.98 -15.49 -19.90
C SER F 118 9.02 -15.97 -21.02
N SER F 119 9.31 -17.15 -21.57
CA SER F 119 8.48 -17.74 -22.61
C SER F 119 7.20 -18.33 -22.01
N LYS F 121 4.14 -12.63 -21.23
CA LYS F 121 2.77 -13.02 -20.86
C LYS F 121 2.28 -12.36 -19.57
N THR F 122 2.02 -11.05 -19.66
CA THR F 122 1.29 -10.32 -18.63
C THR F 122 0.23 -11.24 -18.04
N THR F 123 0.21 -11.39 -16.70
CA THR F 123 -0.89 -12.11 -16.00
C THR F 123 -1.28 -11.47 -14.65
N ALA F 124 -2.54 -11.59 -14.27
CA ALA F 124 -3.11 -10.80 -13.17
C ALA F 124 -3.18 -11.55 -11.83
N PRO F 125 -3.13 -10.80 -10.70
CA PRO F 125 -3.04 -11.33 -9.34
C PRO F 125 -4.33 -11.21 -8.51
N SER F 126 -4.96 -12.36 -8.25
CA SER F 126 -6.15 -12.42 -7.40
C SER F 126 -5.68 -12.18 -5.98
N VAL F 127 -6.08 -11.07 -5.39
CA VAL F 127 -5.67 -10.77 -4.02
C VAL F 127 -6.67 -11.32 -3.01
N TYR F 128 -6.47 -12.57 -2.61
CA TYR F 128 -7.33 -13.23 -1.64
C TYR F 128 -7.13 -12.61 -0.27
N PRO F 129 -8.23 -12.29 0.43
CA PRO F 129 -8.07 -11.68 1.75
C PRO F 129 -7.68 -12.76 2.77
N LEU F 130 -7.02 -12.37 3.85
CA LEU F 130 -6.65 -13.32 4.91
C LEU F 130 -7.14 -12.89 6.30
N ALA F 131 -8.29 -13.43 6.71
CA ALA F 131 -8.87 -13.16 8.02
C ALA F 131 -8.54 -14.27 9.01
N PRO F 132 -8.26 -13.92 10.28
CA PRO F 132 -7.67 -14.87 11.23
C PRO F 132 -8.53 -16.10 11.58
N VAL F 133 -8.36 -16.61 12.80
CA VAL F 133 -8.86 -17.92 13.20
C VAL F 133 -10.37 -18.15 13.09
N CYS F 134 -10.70 -19.14 12.26
CA CYS F 134 -12.05 -19.68 11.99
C CYS F 134 -13.04 -19.51 13.17
N GLY F 135 -12.63 -20.02 14.32
CA GLY F 135 -13.24 -19.71 15.61
C GLY F 135 -12.27 -18.87 16.41
N ASP F 136 -12.72 -17.69 16.82
CA ASP F 136 -11.88 -16.71 17.51
C ASP F 136 -11.21 -17.25 18.79
N THR F 137 -10.09 -16.63 19.19
CA THR F 137 -9.45 -16.87 20.49
C THR F 137 -8.62 -15.63 20.92
N THR F 138 -9.08 -14.45 20.49
CA THR F 138 -8.34 -13.17 20.61
C THR F 138 -7.45 -13.04 21.86
N GLY F 139 -6.20 -13.48 21.69
CA GLY F 139 -5.19 -13.59 22.75
C GLY F 139 -4.78 -12.28 23.39
N SER F 140 -4.27 -11.33 22.60
CA SER F 140 -3.92 -10.00 23.10
C SER F 140 -3.78 -8.92 22.00
N SER F 141 -3.07 -9.25 20.92
CA SER F 141 -2.90 -8.33 19.80
C SER F 141 -3.18 -8.99 18.44
N VAL F 142 -3.94 -8.29 17.61
CA VAL F 142 -4.45 -8.84 16.34
C VAL F 142 -3.42 -8.79 15.22
N THR F 143 -3.27 -9.89 14.47
CA THR F 143 -2.41 -9.93 13.27
C THR F 143 -3.15 -10.45 12.03
N LEU F 144 -2.97 -9.77 10.90
CA LEU F 144 -3.76 -10.02 9.69
C LEU F 144 -2.91 -10.11 8.44
N GLY F 145 -3.46 -10.73 7.41
CA GLY F 145 -2.74 -10.95 6.16
C GLY F 145 -3.44 -10.47 4.90
N CYS F 146 -2.79 -10.74 3.74
CA CYS F 146 -3.22 -10.29 2.41
C CYS F 146 -2.46 -11.14 1.39
N LEU F 147 -3.16 -11.97 0.61
CA LEU F 147 -2.48 -12.92 -0.30
C LEU F 147 -2.64 -12.57 -1.77
N VAL F 148 -1.56 -12.73 -2.52
CA VAL F 148 -1.51 -12.36 -3.94
C VAL F 148 -0.83 -13.48 -4.75
N LYS F 149 -1.62 -14.31 -5.43
CA LYS F 149 -1.08 -15.52 -6.04
C LYS F 149 -1.23 -15.48 -7.57
N GLY F 150 -0.60 -16.44 -8.24
CA GLY F 150 -0.67 -16.67 -9.69
C GLY F 150 -0.55 -15.49 -10.66
N TYR F 151 0.62 -14.86 -10.74
CA TYR F 151 0.79 -13.64 -11.58
C TYR F 151 2.08 -13.49 -12.41
N PHE F 152 2.15 -12.42 -13.21
CA PHE F 152 3.33 -12.12 -14.03
C PHE F 152 3.30 -10.71 -14.70
N PRO F 153 4.46 -10.03 -14.73
CA PRO F 153 5.65 -10.32 -13.94
C PRO F 153 5.82 -9.32 -12.79
N GLU F 154 7.02 -9.31 -12.21
CA GLU F 154 7.38 -8.34 -11.20
C GLU F 154 7.22 -6.96 -11.81
N PRO F 155 6.85 -5.97 -10.97
CA PRO F 155 6.49 -6.21 -9.59
C PRO F 155 4.97 -6.20 -9.42
N VAL F 156 4.54 -5.84 -8.22
CA VAL F 156 3.15 -5.51 -7.86
C VAL F 156 3.30 -4.68 -6.58
N THR F 157 2.39 -3.75 -6.34
CA THR F 157 2.45 -2.99 -5.09
C THR F 157 1.26 -3.27 -4.16
N LEU F 158 1.57 -3.93 -3.05
CA LEU F 158 0.64 -4.13 -1.96
C LEU F 158 0.85 -3.01 -0.94
N THR F 159 -0.23 -2.54 -0.35
CA THR F 159 -0.15 -1.69 0.85
C THR F 159 -1.38 -1.89 1.75
N TRP F 160 -1.27 -1.42 3.00
CA TRP F 160 -2.40 -1.42 3.94
C TRP F 160 -2.85 0.02 4.21
N ASN F 161 -4.16 0.25 4.06
CA ASN F 161 -4.79 1.56 4.18
C ASN F 161 -4.23 2.66 3.25
N SER F 162 -4.11 2.31 1.97
CA SER F 162 -3.60 3.19 0.91
C SER F 162 -2.15 3.61 1.14
N GLY F 163 -1.75 3.59 2.41
CA GLY F 163 -0.38 3.89 2.85
C GLY F 163 -0.42 4.25 4.33
N SER F 164 -1.63 4.52 4.83
CA SER F 164 -1.86 5.05 6.18
C SER F 164 -1.46 4.09 7.29
N LEU F 165 -1.38 2.81 6.96
CA LEU F 165 -0.89 1.81 7.89
C LEU F 165 0.40 1.23 7.35
N SER F 166 1.46 1.31 8.15
CA SER F 166 2.80 0.95 7.69
C SER F 166 3.64 0.30 8.78
N SER F 167 3.89 1.06 9.84
CA SER F 167 4.68 0.65 11.01
C SER F 167 4.52 -0.83 11.40
N GLY F 168 5.34 -1.70 10.81
CA GLY F 168 5.25 -3.14 11.08
C GLY F 168 4.49 -3.97 10.06
N VAL F 169 4.60 -3.59 8.78
CA VAL F 169 4.12 -4.42 7.66
C VAL F 169 5.21 -5.40 7.22
N HIS F 170 4.81 -6.49 6.55
CA HIS F 170 5.78 -7.45 6.03
C HIS F 170 5.35 -8.01 4.68
N THR F 171 6.06 -7.61 3.63
CA THR F 171 5.81 -8.16 2.29
C THR F 171 6.95 -9.10 1.83
N PHE F 172 6.62 -10.37 1.73
CA PHE F 172 7.63 -11.40 1.53
C PHE F 172 7.97 -11.52 0.06
N PRO F 173 9.27 -11.71 -0.26
CA PRO F 173 9.73 -11.82 -1.64
C PRO F 173 8.87 -12.78 -2.44
N ALA F 174 8.47 -12.35 -3.62
CA ALA F 174 7.62 -13.20 -4.47
C ALA F 174 8.29 -14.52 -4.82
N VAL F 175 7.49 -15.47 -5.29
CA VAL F 175 7.96 -16.83 -5.49
C VAL F 175 7.35 -17.44 -6.74
N LEU F 176 8.14 -18.23 -7.46
CA LEU F 176 7.69 -18.73 -8.75
C LEU F 176 7.08 -20.14 -8.77
N GLN F 177 5.76 -20.20 -8.64
CA GLN F 177 5.02 -21.44 -8.94
C GLN F 177 4.81 -21.57 -10.45
N SER F 178 5.52 -22.54 -11.02
CA SER F 178 5.66 -22.66 -12.47
C SER F 178 5.96 -21.29 -13.11
N ASP F 179 5.16 -20.90 -14.09
CA ASP F 179 5.37 -19.64 -14.78
C ASP F 179 4.53 -18.57 -14.16
N LEU F 180 4.22 -18.74 -12.88
CA LEU F 180 3.51 -17.72 -12.14
C LEU F 180 4.23 -17.39 -10.86
N TYR F 181 3.80 -16.30 -10.23
CA TYR F 181 4.42 -15.75 -9.05
C TYR F 181 3.48 -15.84 -7.86
N THR F 182 3.97 -15.52 -6.67
CA THR F 182 3.16 -15.59 -5.46
C THR F 182 3.72 -14.71 -4.37
N LEU F 183 2.85 -13.99 -3.67
CA LEU F 183 3.24 -13.08 -2.60
C LEU F 183 2.17 -12.96 -1.49
N SER F 184 2.55 -12.33 -0.37
CA SER F 184 1.63 -12.02 0.72
C SER F 184 2.28 -11.03 1.68
N SER F 185 1.47 -10.17 2.28
CA SER F 185 1.96 -9.29 3.35
C SER F 185 1.21 -9.44 4.68
N SER F 186 1.90 -9.16 5.76
CA SER F 186 1.33 -9.30 7.08
C SER F 186 1.38 -7.98 7.84
N VAL F 187 0.44 -7.79 8.77
CA VAL F 187 0.41 -6.62 9.63
C VAL F 187 -0.17 -6.95 11.01
N THR F 188 0.33 -6.24 12.03
CA THR F 188 0.06 -6.57 13.43
C THR F 188 -0.45 -5.36 14.25
N VAL F 189 -1.76 -5.34 14.49
CA VAL F 189 -2.51 -4.22 15.09
C VAL F 189 -2.84 -4.52 16.57
N THR F 190 -3.17 -3.48 17.33
CA THR F 190 -3.74 -3.62 18.67
C THR F 190 -5.12 -4.26 18.54
N SER F 191 -5.37 -5.31 19.32
CA SER F 191 -6.70 -5.93 19.39
C SER F 191 -7.83 -4.88 19.25
N SER F 192 -7.64 -3.75 19.93
CA SER F 192 -8.60 -2.65 19.97
C SER F 192 -8.90 -2.03 18.60
N THR F 193 -7.86 -1.77 17.82
CA THR F 193 -7.99 -1.04 16.56
C THR F 193 -8.56 -1.84 15.38
N TRP F 194 -8.31 -3.14 15.30
CA TRP F 194 -9.13 -3.90 14.35
C TRP F 194 -10.41 -4.35 15.01
N PRO F 195 -10.90 -5.56 14.70
CA PRO F 195 -12.32 -5.71 14.51
C PRO F 195 -12.99 -4.35 14.24
N SER F 196 -13.19 -3.56 15.30
CA SER F 196 -13.76 -2.19 15.22
C SER F 196 -13.44 -1.41 13.92
N GLN F 197 -12.30 -0.70 13.93
CA GLN F 197 -11.84 0.06 12.76
C GLN F 197 -11.27 -0.86 11.67
N SER F 198 -11.66 -0.57 10.44
CA SER F 198 -11.33 -1.40 9.28
C SER F 198 -9.93 -1.15 8.70
N ILE F 199 -9.43 -2.14 7.93
CA ILE F 199 -8.19 -2.01 7.18
C ILE F 199 -8.37 -2.61 5.78
N THR F 200 -8.49 -1.74 4.79
CA THR F 200 -8.62 -2.16 3.39
C THR F 200 -7.26 -2.39 2.76
N CYS F 201 -7.04 -3.60 2.24
CA CYS F 201 -5.74 -4.02 1.72
C CYS F 201 -5.56 -3.68 0.24
N ASN F 202 -4.81 -2.60 0.01
CA ASN F 202 -4.71 -1.96 -1.30
C ASN F 202 -3.58 -2.51 -2.15
N VAL F 203 -3.95 -3.24 -3.20
CA VAL F 203 -2.95 -3.88 -4.05
C VAL F 203 -3.15 -3.49 -5.51
N ALA F 204 -2.03 -3.36 -6.24
CA ALA F 204 -2.03 -3.02 -7.66
C ALA F 204 -0.94 -3.77 -8.44
N HIS F 205 -1.29 -4.19 -9.66
CA HIS F 205 -0.33 -4.80 -10.58
C HIS F 205 -0.10 -3.81 -11.72
N PRO F 206 1.17 -3.50 -12.06
CA PRO F 206 1.40 -2.58 -13.17
C PRO F 206 1.05 -3.20 -14.51
N ALA F 207 1.65 -4.33 -14.85
CA ALA F 207 1.45 -4.94 -16.17
C ALA F 207 0.00 -5.37 -16.44
N SER F 208 -0.84 -5.39 -15.41
CA SER F 208 -2.28 -5.65 -15.58
C SER F 208 -3.09 -4.37 -15.44
N SER F 209 -2.82 -3.65 -14.35
CA SER F 209 -3.46 -2.36 -14.01
C SER F 209 -4.79 -2.54 -13.25
N THR F 210 -4.69 -3.03 -12.01
CA THR F 210 -5.88 -3.22 -11.18
C THR F 210 -5.73 -2.69 -9.75
N LYS F 211 -6.66 -1.80 -9.37
CA LYS F 211 -6.77 -1.26 -8.01
C LYS F 211 -7.84 -2.00 -7.20
N VAL F 212 -7.49 -3.19 -6.72
CA VAL F 212 -8.38 -4.01 -5.91
C VAL F 212 -7.96 -3.88 -4.45
N ASP F 213 -8.87 -3.42 -3.59
CA ASP F 213 -8.54 -3.02 -2.21
C ASP F 213 -9.42 -3.65 -1.13
N LYS F 214 -9.04 -4.84 -0.66
CA LYS F 214 -9.90 -5.69 0.19
C LYS F 214 -9.90 -5.37 1.69
N LYS F 215 -10.77 -6.03 2.44
CA LYS F 215 -10.87 -5.84 3.90
C LYS F 215 -11.34 -7.12 4.61
N GLN A 10 6.98 41.60 -14.84
CA GLN A 10 8.13 41.98 -15.71
C GLN A 10 8.19 43.49 -15.89
N GLY A 11 7.06 44.15 -15.64
CA GLY A 11 6.94 45.60 -15.77
C GLY A 11 5.75 46.15 -15.01
N ARG A 12 5.68 47.49 -14.92
CA ARG A 12 4.57 48.17 -14.24
C ARG A 12 3.25 47.93 -15.01
N GLY A 13 3.30 48.10 -16.34
CA GLY A 13 2.12 47.93 -17.18
C GLY A 13 1.36 46.65 -16.84
N ALA A 14 2.02 45.51 -17.00
CA ALA A 14 1.41 44.22 -16.74
C ALA A 14 0.63 44.15 -15.41
N TRP A 15 1.31 44.49 -14.32
CA TRP A 15 0.70 44.51 -13.00
C TRP A 15 -0.33 45.64 -12.94
N LEU A 16 -0.05 46.79 -13.57
CA LEU A 16 -0.99 47.94 -13.54
C LEU A 16 -2.38 47.59 -14.16
N LEU A 17 -2.37 46.85 -15.27
CA LEU A 17 -3.62 46.42 -15.90
C LEU A 17 -4.34 45.51 -14.91
N MET A 18 -3.64 44.49 -14.41
CA MET A 18 -4.24 43.57 -13.46
C MET A 18 -4.60 44.25 -12.13
N ALA A 19 -3.73 45.12 -11.62
CA ALA A 19 -4.04 45.87 -10.39
C ALA A 19 -5.18 46.88 -10.66
N PHE A 20 -5.13 47.54 -11.81
CA PHE A 20 -6.20 48.48 -12.19
C PHE A 20 -7.48 47.67 -12.41
N THR A 21 -7.45 46.77 -13.41
CA THR A 21 -8.62 45.96 -13.75
C THR A 21 -9.34 45.39 -12.47
N ALA A 22 -8.59 44.77 -11.60
CA ALA A 22 -9.16 44.24 -10.36
C ALA A 22 -9.89 45.28 -9.51
N LEU A 23 -9.24 46.38 -9.16
CA LEU A 23 -9.91 47.43 -8.37
C LEU A 23 -10.96 48.09 -9.25
N ALA A 24 -10.54 48.43 -10.47
CA ALA A 24 -11.42 49.13 -11.40
C ALA A 24 -12.64 48.30 -11.77
N LEU A 25 -12.36 47.13 -12.35
CA LEU A 25 -13.42 46.21 -12.80
C LEU A 25 -14.22 45.72 -11.62
N GLU A 26 -13.54 45.17 -10.63
CA GLU A 26 -14.22 44.62 -9.48
C GLU A 26 -14.95 45.65 -8.57
N LEU A 27 -14.38 46.84 -8.46
CA LEU A 27 -15.02 47.88 -7.65
C LEU A 27 -16.48 48.00 -8.07
N THR A 28 -16.78 47.64 -9.33
CA THR A 28 -18.16 47.70 -9.83
C THR A 28 -19.08 47.06 -8.79
N ALA A 29 -18.49 46.16 -8.01
CA ALA A 29 -19.20 45.46 -6.95
C ALA A 29 -20.06 46.42 -6.13
N LEU A 30 -19.44 47.51 -5.66
CA LEU A 30 -20.11 48.52 -4.83
C LEU A 30 -21.27 49.21 -5.56
N TRP A 31 -21.21 49.18 -6.90
CA TRP A 31 -22.26 49.76 -7.75
C TRP A 31 -23.43 48.77 -7.88
N PHE A 32 -24.49 49.25 -8.54
CA PHE A 32 -25.70 48.46 -8.78
C PHE A 32 -26.42 48.04 -7.51
N GLN A 33 -25.66 47.79 -6.44
CA GLN A 33 -26.23 47.35 -5.16
C GLN A 33 -27.65 47.87 -4.99
N HIS A 34 -27.83 49.17 -5.22
CA HIS A 34 -29.11 49.80 -4.97
C HIS A 34 -30.22 49.61 -6.04
N VAL A 35 -29.92 49.87 -7.31
CA VAL A 35 -30.93 49.68 -8.35
C VAL A 35 -31.35 48.22 -8.41
N MET A 36 -30.40 47.31 -8.16
CA MET A 36 -30.67 45.88 -8.21
C MET A 36 -31.59 45.41 -6.97
N LEU A 37 -31.87 46.39 -6.11
CA LEU A 37 -32.70 46.24 -4.90
C LEU A 37 -32.21 45.76 -3.40
N LEU A 38 -31.29 44.71 -3.68
CA LEU A 38 -29.95 44.28 -3.12
C LEU A 38 -29.15 45.27 -2.28
N LYS A 39 -28.34 44.60 -1.48
CA LYS A 39 -27.49 45.26 -0.49
C LYS A 39 -26.67 44.20 0.26
N PRO A 40 -27.34 43.24 0.88
CA PRO A 40 -26.72 42.12 1.70
C PRO A 40 -25.38 41.54 1.19
N SER A 41 -24.80 40.71 2.04
CA SER A 41 -23.54 40.05 1.71
C SER A 41 -23.25 38.98 2.75
N VAL A 42 -22.98 39.43 3.98
CA VAL A 42 -22.57 38.54 5.07
C VAL A 42 -21.38 37.69 4.55
N LEU A 43 -21.50 36.35 4.64
CA LEU A 43 -20.45 35.41 4.18
C LEU A 43 -19.69 36.02 3.01
N CYS A 44 -20.41 36.80 2.20
CA CYS A 44 -19.83 37.44 1.02
C CYS A 44 -18.73 38.54 1.36
N ILE A 45 -18.92 39.31 2.43
CA ILE A 45 -17.88 40.31 2.77
C ILE A 45 -16.52 39.57 2.96
N TYR A 46 -16.58 38.32 3.35
CA TYR A 46 -15.38 37.51 3.51
C TYR A 46 -14.75 37.32 2.12
N GLU A 47 -15.57 37.42 1.07
CA GLU A 47 -15.12 37.27 -0.30
C GLU A 47 -14.51 38.54 -0.89
N ARG A 48 -15.03 39.71 -0.51
CA ARG A 48 -14.48 40.94 -1.03
C ARG A 48 -13.04 40.98 -0.59
N VAL A 49 -12.81 40.51 0.64
CA VAL A 49 -11.46 40.44 1.23
C VAL A 49 -10.44 39.79 0.28
N ALA A 50 -10.83 38.75 -0.45
CA ALA A 50 -9.92 38.08 -1.38
C ALA A 50 -9.30 39.06 -2.41
N LEU A 51 -10.07 40.05 -2.89
CA LEU A 51 -9.53 41.05 -3.86
C LEU A 51 -8.49 41.99 -3.25
N PHE A 52 -8.77 42.56 -2.08
CA PHE A 52 -7.80 43.47 -1.43
C PHE A 52 -6.48 42.73 -1.24
N GLY A 53 -6.56 41.40 -1.14
CA GLY A 53 -5.35 40.59 -1.03
C GLY A 53 -4.66 40.66 -2.38
N VAL A 54 -5.41 40.36 -3.45
CA VAL A 54 -4.87 40.39 -4.82
C VAL A 54 -4.51 41.81 -5.27
N LEU A 55 -5.45 42.76 -5.15
CA LEU A 55 -5.16 44.15 -5.52
C LEU A 55 -3.99 44.62 -4.66
N GLY A 56 -4.13 44.49 -3.34
CA GLY A 56 -3.08 44.89 -2.39
C GLY A 56 -1.73 44.40 -2.88
N ALA A 57 -1.72 43.17 -3.37
CA ALA A 57 -0.51 42.53 -3.90
C ALA A 57 0.00 43.17 -5.21
N ALA A 58 -0.89 43.25 -6.21
CA ALA A 58 -0.55 43.81 -7.52
C ALA A 58 -0.09 45.26 -7.41
N LEU A 59 -0.84 46.06 -6.65
CA LEU A 59 -0.52 47.48 -6.41
C LEU A 59 0.76 47.63 -5.55
N ILE A 60 0.87 46.89 -4.43
CA ILE A 60 2.08 46.99 -3.59
C ILE A 60 3.25 46.23 -4.23
N GLY A 61 2.92 45.35 -5.17
CA GLY A 61 3.93 44.59 -5.92
C GLY A 61 4.22 45.29 -7.23
N ALA A 62 3.52 46.42 -7.43
CA ALA A 62 3.71 47.26 -8.61
C ALA A 62 4.16 48.68 -8.21
N ILE A 63 4.15 48.99 -6.89
CA ILE A 63 4.53 50.34 -6.44
C ILE A 63 5.98 50.66 -6.76
N ALA A 64 6.81 49.60 -6.70
CA ALA A 64 8.25 49.70 -6.95
C ALA A 64 8.67 48.87 -8.17
N PRO A 65 8.31 49.37 -9.36
CA PRO A 65 8.60 48.69 -10.66
C PRO A 65 10.02 49.21 -11.23
N LYS A 66 10.41 48.50 -12.41
CA LYS A 66 11.44 48.18 -13.15
C LYS A 66 11.41 46.71 -12.46
N THR A 67 10.19 46.10 -12.36
CA THR A 67 9.97 44.75 -11.77
C THR A 67 11.20 44.29 -10.98
N PRO A 68 11.46 44.86 -9.81
CA PRO A 68 12.60 44.43 -9.04
C PRO A 68 12.28 43.22 -8.00
N LEU A 69 13.22 43.03 -7.08
CA LEU A 69 13.15 41.99 -6.09
C LEU A 69 11.75 41.92 -5.42
N ARG A 70 11.15 43.10 -5.23
CA ARG A 70 9.84 43.23 -4.59
C ARG A 70 8.71 42.39 -5.36
N TYR A 71 9.15 41.67 -6.38
CA TYR A 71 8.27 40.81 -7.15
C TYR A 71 7.74 39.64 -6.33
N VAL A 72 8.32 39.44 -5.15
CA VAL A 72 7.89 38.38 -4.26
C VAL A 72 6.39 38.46 -4.15
N ALA A 73 5.86 39.68 -4.28
CA ALA A 73 4.42 39.92 -4.20
C ALA A 73 3.62 38.87 -4.99
N MET A 74 4.28 38.22 -5.94
CA MET A 74 3.64 37.24 -6.77
C MET A 74 2.82 36.14 -5.91
N VAL A 75 3.50 35.55 -4.97
CA VAL A 75 2.89 34.52 -4.15
C VAL A 75 1.67 35.05 -3.41
N ILE A 76 1.85 36.10 -2.62
CA ILE A 76 0.74 36.67 -1.89
C ILE A 76 -0.43 37.05 -2.87
N TRP A 77 -0.07 37.42 -4.11
CA TRP A 77 -1.05 37.70 -5.20
C TRP A 77 -1.70 36.40 -5.60
N LEU A 78 -0.89 35.35 -5.63
CA LEU A 78 -1.40 34.01 -5.98
C LEU A 78 -2.22 33.50 -4.84
N TYR A 79 -1.68 33.63 -3.61
CA TYR A 79 -2.36 33.12 -2.41
C TYR A 79 -3.78 33.65 -2.28
N SER A 80 -3.92 34.97 -2.28
CA SER A 80 -5.24 35.61 -2.14
C SER A 80 -6.28 35.16 -3.18
N ALA A 81 -5.84 34.75 -4.36
CA ALA A 81 -6.77 34.26 -5.38
C ALA A 81 -7.27 32.87 -4.97
N PHE A 82 -6.33 32.03 -4.52
CA PHE A 82 -6.67 30.66 -4.06
C PHE A 82 -7.64 30.72 -2.89
N ARG A 83 -7.32 31.57 -1.92
CA ARG A 83 -8.17 31.75 -0.74
C ARG A 83 -9.55 32.23 -1.23
N GLY A 84 -9.56 33.09 -2.23
CA GLY A 84 -10.83 33.55 -2.79
C GLY A 84 -11.55 32.39 -3.49
N VAL A 85 -10.79 31.56 -4.21
CA VAL A 85 -11.40 30.45 -4.94
C VAL A 85 -12.13 29.51 -3.99
N GLN A 86 -11.54 29.22 -2.83
CA GLN A 86 -12.16 28.31 -1.85
C GLN A 86 -13.42 28.90 -1.18
N LEU A 87 -13.31 30.15 -0.68
CA LEU A 87 -14.45 30.84 -0.08
C LEU A 87 -15.59 31.06 -1.13
N THR A 88 -15.31 31.64 -2.30
CA THR A 88 -16.37 31.82 -3.34
C THR A 88 -17.01 30.51 -3.73
N TYR A 89 -16.20 29.47 -3.92
CA TYR A 89 -16.73 28.16 -4.31
C TYR A 89 -17.79 27.66 -3.33
N GLU A 90 -17.38 27.39 -2.08
CA GLU A 90 -18.33 26.93 -1.07
C GLU A 90 -19.55 27.85 -1.06
N HIS A 91 -19.29 29.14 -1.13
CA HIS A 91 -20.39 30.10 -1.21
C HIS A 91 -21.24 29.87 -2.46
N THR A 92 -20.61 29.44 -3.57
CA THR A 92 -21.36 29.20 -4.79
C THR A 92 -22.16 27.94 -4.61
N MET A 93 -21.52 26.93 -4.03
CA MET A 93 -22.16 25.66 -3.74
C MET A 93 -23.37 25.85 -2.77
N LEU A 94 -23.17 26.69 -1.77
CA LEU A 94 -24.22 26.95 -0.78
C LEU A 94 -25.57 27.36 -1.40
N GLN A 95 -25.59 27.78 -2.67
CA GLN A 95 -26.86 28.13 -3.34
C GLN A 95 -27.48 26.88 -3.99
N LEU A 96 -26.92 26.47 -5.11
CA LEU A 96 -27.43 25.30 -5.81
C LEU A 96 -27.05 24.03 -5.05
N TYR A 97 -27.56 23.96 -3.82
CA TYR A 97 -27.27 22.88 -2.92
C TYR A 97 -27.15 23.56 -1.55
N PRO A 98 -28.22 24.00 -0.90
CA PRO A 98 -28.07 24.70 0.39
C PRO A 98 -28.05 23.67 1.49
N SER A 99 -28.00 24.11 2.74
CA SER A 99 -27.91 23.16 3.86
C SER A 99 -28.97 23.37 4.94
N PRO A 100 -29.34 22.30 5.62
CA PRO A 100 -30.33 22.29 6.73
C PRO A 100 -30.33 23.54 7.56
N PHE A 101 -29.21 24.27 7.54
CA PHE A 101 -29.06 25.50 8.34
C PHE A 101 -30.35 26.32 8.48
N ALA A 102 -31.14 26.40 7.42
CA ALA A 102 -32.38 27.15 7.49
C ALA A 102 -31.99 28.59 7.80
N THR A 103 -31.85 28.89 9.11
CA THR A 103 -31.52 30.20 9.58
C THR A 103 -30.01 30.49 8.99
N CYS A 104 -29.67 31.73 9.00
CA CYS A 104 -28.41 32.07 8.49
C CYS A 104 -27.43 32.56 9.69
N ASP A 105 -26.17 32.76 9.34
CA ASP A 105 -25.19 33.08 10.39
C ASP A 105 -25.63 34.23 11.28
N PHE A 106 -26.05 33.84 12.50
CA PHE A 106 -26.55 34.79 13.50
C PHE A 106 -27.17 34.03 14.69
N MET A 107 -27.45 32.72 14.48
CA MET A 107 -28.03 31.87 15.58
C MET A 107 -27.29 30.49 15.78
N VAL A 108 -26.14 30.32 15.10
CA VAL A 108 -25.30 29.09 15.15
C VAL A 108 -25.94 27.98 15.98
N LEU A 114 -10.90 44.20 10.90
CA LEU A 114 -11.37 45.23 11.86
C LEU A 114 -11.87 46.49 11.12
N PRO A 115 -12.98 47.04 11.56
CA PRO A 115 -13.58 48.24 10.95
C PRO A 115 -12.62 49.38 10.65
N LEU A 116 -12.02 49.92 11.70
CA LEU A 116 -11.05 51.01 11.55
C LEU A 116 -11.75 52.22 10.93
N ASP A 117 -11.35 53.41 11.41
CA ASP A 117 -11.91 54.70 10.96
C ASP A 117 -11.01 55.44 9.95
N LYS A 118 -10.92 56.77 10.11
CA LYS A 118 -10.16 57.63 9.19
C LYS A 118 -10.34 57.30 7.70
N TRP A 119 -11.58 56.91 7.31
CA TRP A 119 -11.86 56.56 5.89
C TRP A 119 -13.36 56.32 5.58
N VAL A 120 -13.86 55.11 5.90
CA VAL A 120 -15.29 54.76 5.79
C VAL A 120 -15.56 53.49 6.62
N PRO A 121 -16.69 53.45 7.30
CA PRO A 121 -17.03 52.29 8.12
C PRO A 121 -17.52 51.07 7.27
N GLN A 122 -18.10 51.38 6.10
CA GLN A 122 -18.72 50.39 5.23
C GLN A 122 -18.04 48.97 5.20
N VAL A 123 -16.91 48.83 5.87
CA VAL A 123 -16.22 47.53 5.90
C VAL A 123 -17.17 46.33 5.80
N PHE A 124 -18.27 46.33 6.57
CA PHE A 124 -19.25 45.23 6.53
C PHE A 124 -20.45 45.56 5.62
N VAL A 125 -21.13 44.49 5.16
CA VAL A 125 -22.32 44.64 4.31
C VAL A 125 -23.35 43.54 4.63
N ALA A 126 -24.54 43.99 5.05
CA ALA A 126 -25.60 43.06 5.44
C ALA A 126 -27.00 43.70 5.37
N SER A 127 -27.68 43.84 6.51
CA SER A 127 -29.02 44.45 6.54
C SER A 127 -30.12 43.56 5.95
N GLY A 128 -30.04 43.32 4.64
CA GLY A 128 -31.01 42.48 3.95
C GLY A 128 -30.98 41.07 4.50
N ASP A 129 -30.07 40.86 5.47
CA ASP A 129 -29.87 39.55 6.14
C ASP A 129 -29.08 38.54 5.28
N CYS A 130 -29.73 37.39 5.01
CA CYS A 130 -29.16 36.33 4.19
C CYS A 130 -29.57 36.49 2.72
N ALA A 131 -29.15 35.51 1.93
CA ALA A 131 -29.52 35.45 0.56
C ALA A 131 -30.92 34.90 0.67
N GLU A 132 -31.84 35.38 -0.14
CA GLU A 132 -33.21 34.92 -0.06
C GLU A 132 -33.88 35.09 -1.41
N ARG A 133 -34.51 36.24 -1.60
CA ARG A 133 -35.19 36.54 -2.85
C ARG A 133 -34.18 36.66 -3.98
N GLN A 134 -34.65 36.36 -5.19
CA GLN A 134 -33.83 36.44 -6.39
C GLN A 134 -34.71 36.94 -7.54
N TRP A 135 -34.47 36.45 -8.74
CA TRP A 135 -35.28 36.84 -9.92
C TRP A 135 -34.65 38.03 -10.66
N ASP A 136 -33.31 38.06 -10.63
CA ASP A 136 -32.53 39.07 -11.32
C ASP A 136 -32.40 38.68 -12.79
N PHE A 137 -32.35 39.70 -13.64
CA PHE A 137 -32.32 39.53 -15.11
C PHE A 137 -30.96 39.29 -15.81
N LEU A 138 -29.91 39.88 -15.24
CA LEU A 138 -28.53 39.77 -15.71
C LEU A 138 -27.89 38.40 -15.42
N GLY A 139 -27.25 37.84 -16.45
CA GLY A 139 -26.58 36.54 -16.33
C GLY A 139 -27.26 35.60 -15.33
N LEU A 140 -26.74 35.58 -14.10
CA LEU A 140 -27.30 34.76 -13.04
C LEU A 140 -27.41 35.60 -11.76
N GLU A 141 -26.26 35.84 -11.12
CA GLU A 141 -26.22 36.63 -9.91
C GLU A 141 -24.84 37.27 -9.74
N MET A 142 -23.90 36.52 -9.18
CA MET A 142 -22.56 37.02 -9.01
C MET A 142 -21.64 35.90 -8.60
N PRO A 143 -21.78 35.28 -7.44
CA PRO A 143 -20.85 34.23 -7.05
C PRO A 143 -20.34 33.46 -8.27
N GLN A 144 -21.18 32.57 -8.81
CA GLN A 144 -20.78 31.75 -9.95
C GLN A 144 -19.92 32.52 -10.93
N TRP A 145 -20.42 33.68 -11.39
CA TRP A 145 -19.66 34.52 -12.31
C TRP A 145 -18.35 34.83 -11.59
N LEU A 146 -18.50 35.27 -10.33
CA LEU A 146 -17.36 35.66 -9.44
C LEU A 146 -16.34 34.55 -9.20
N LEU A 147 -16.78 33.31 -9.05
CA LEU A 147 -15.82 32.17 -8.88
C LEU A 147 -14.96 32.06 -10.12
N GLY A 148 -15.56 32.24 -11.31
CA GLY A 148 -14.82 32.16 -12.57
C GLY A 148 -13.74 33.23 -12.68
N ILE A 149 -14.07 34.44 -12.21
CA ILE A 149 -13.14 35.55 -12.28
C ILE A 149 -11.84 35.25 -11.41
N PHE A 150 -12.04 34.77 -10.18
CA PHE A 150 -10.91 34.43 -9.30
C PHE A 150 -10.09 33.32 -9.93
N ILE A 151 -10.75 32.42 -10.66
CA ILE A 151 -10.02 31.38 -11.33
C ILE A 151 -9.10 32.08 -12.37
N ALA A 152 -9.68 33.09 -13.04
CA ALA A 152 -8.92 33.87 -14.03
C ALA A 152 -7.58 34.45 -13.52
N TYR A 153 -7.60 35.12 -12.37
CA TYR A 153 -6.38 35.68 -11.80
C TYR A 153 -5.53 34.53 -11.27
N LEU A 154 -6.21 33.54 -10.67
CA LEU A 154 -5.55 32.37 -10.10
C LEU A 154 -4.73 31.68 -11.17
N ILE A 155 -5.34 31.51 -12.35
CA ILE A 155 -4.66 30.82 -13.39
C ILE A 155 -3.41 31.76 -14.05
N VAL A 156 -3.72 33.03 -14.22
CA VAL A 156 -2.69 33.96 -14.69
C VAL A 156 -1.55 33.86 -13.67
N ALA A 157 -1.89 33.91 -12.37
CA ALA A 157 -0.91 33.79 -11.28
C ALA A 157 -0.16 32.45 -11.29
N VAL A 158 -0.87 31.32 -11.36
CA VAL A 158 -0.16 30.05 -11.38
C VAL A 158 0.70 30.03 -12.65
N LEU A 159 0.15 30.52 -13.76
CA LEU A 159 0.83 30.50 -15.07
C LEU A 159 2.24 31.17 -15.12
N VAL A 160 2.39 32.31 -14.45
CA VAL A 160 3.69 33.00 -14.40
C VAL A 160 4.63 32.31 -13.38
N VAL A 161 4.10 31.92 -12.21
CA VAL A 161 4.94 31.22 -11.22
C VAL A 161 5.06 29.73 -11.58
N ILE A 162 3.93 29.04 -11.72
CA ILE A 162 3.93 27.61 -12.08
C ILE A 162 4.49 26.75 -10.92
N ASP B 21 -40.57 22.38 15.02
CA ASP B 21 -39.85 22.03 13.74
C ASP B 21 -40.85 21.75 12.63
N ILE B 22 -40.39 21.16 11.55
CA ILE B 22 -41.30 20.63 10.56
C ILE B 22 -41.80 19.29 11.12
N VAL B 23 -43.08 18.98 10.90
CA VAL B 23 -43.61 17.63 11.17
C VAL B 23 -44.00 16.84 9.93
N MET B 24 -43.28 15.75 9.72
CA MET B 24 -43.62 14.76 8.71
C MET B 24 -44.55 13.75 9.33
N SER B 25 -45.56 13.39 8.54
CA SER B 25 -46.63 12.52 8.94
C SER B 25 -47.07 11.76 7.71
N GLN B 26 -46.87 10.45 7.72
CA GLN B 26 -47.29 9.58 6.62
C GLN B 26 -48.61 8.87 6.95
N SER B 27 -49.42 8.58 5.94
CA SER B 27 -50.53 7.66 6.08
C SER B 27 -50.43 6.65 4.95
N PRO B 28 -50.83 5.39 5.17
CA PRO B 28 -51.31 4.81 6.40
C PRO B 28 -50.16 4.21 7.20
N SER B 29 -50.46 3.65 8.36
CA SER B 29 -49.47 2.89 9.12
C SER B 29 -49.02 1.65 8.35
N SER B 30 -49.98 0.93 7.80
CA SER B 30 -49.69 -0.34 7.11
C SER B 30 -50.38 -0.51 5.77
N LEU B 31 -49.72 -1.25 4.88
CA LEU B 31 -50.27 -1.67 3.59
C LEU B 31 -50.04 -3.15 3.32
N ALA B 32 -51.08 -3.82 2.87
CA ALA B 32 -50.94 -5.16 2.35
C ALA B 32 -51.03 -5.09 0.84
N VAL B 33 -50.34 -6.02 0.17
CA VAL B 33 -50.44 -6.15 -1.30
C VAL B 33 -49.91 -7.50 -1.81
N SER B 34 -50.56 -8.04 -2.83
CA SER B 34 -50.14 -9.29 -3.43
C SER B 34 -48.96 -9.00 -4.34
N ALA B 35 -47.95 -9.88 -4.26
CA ALA B 35 -46.62 -9.62 -4.84
C ALA B 35 -46.60 -9.28 -6.33
N GLY B 36 -46.64 -7.99 -6.65
CA GLY B 36 -46.48 -7.56 -8.04
C GLY B 36 -47.36 -6.39 -8.39
N GLU B 37 -47.88 -5.73 -7.37
CA GLU B 37 -48.84 -4.65 -7.54
C GLU B 37 -48.24 -3.24 -7.49
N LYS B 38 -49.09 -2.24 -7.71
CA LYS B 38 -48.72 -0.83 -7.51
C LYS B 38 -49.23 -0.34 -6.16
N VAL B 39 -48.33 0.28 -5.40
CA VAL B 39 -48.64 0.87 -4.10
C VAL B 39 -48.08 2.27 -4.08
N THR B 40 -48.87 3.19 -3.55
CA THR B 40 -48.49 4.58 -3.49
C THR B 40 -48.84 5.13 -2.11
N MET B 41 -47.93 5.00 -1.13
CA MET B 41 -48.20 5.63 0.17
C MET B 41 -47.79 7.13 0.16
N SER B 42 -48.29 7.88 1.15
CA SER B 42 -48.16 9.33 1.12
C SER B 42 -47.45 9.91 2.30
N CYS B 43 -46.62 10.92 2.03
CA CYS B 43 -45.92 11.70 3.04
C CYS B 43 -46.30 13.16 2.91
N LYS B 44 -46.84 13.73 3.99
CA LYS B 44 -47.17 15.14 4.05
C LYS B 44 -46.41 15.90 5.13
N SER B 45 -45.78 17.01 4.76
CA SER B 45 -45.04 17.81 5.72
C SER B 45 -45.77 19.08 6.12
N SER B 46 -45.53 19.52 7.35
CA SER B 46 -46.21 20.69 7.91
C SER B 46 -45.83 22.00 7.24
N GLN B 47 -44.64 22.02 6.65
CA GLN B 47 -44.04 23.20 6.08
C GLN B 47 -43.74 22.94 4.64
N SER B 48 -43.98 23.90 3.76
CA SER B 48 -43.65 23.66 2.36
C SER B 48 -42.16 23.39 2.20
N LEU B 49 -41.82 22.50 1.28
CA LEU B 49 -40.43 22.08 1.12
C LEU B 49 -39.74 22.61 -0.16
N LEU B 50 -40.31 23.66 -0.76
CA LEU B 50 -39.78 24.23 -2.01
C LEU B 50 -38.85 25.43 -1.76
N ASN B 51 -37.73 25.46 -2.48
CA ASN B 51 -36.95 26.67 -2.58
C ASN B 51 -37.50 27.58 -3.68
N SER B 52 -37.31 28.88 -3.52
CA SER B 52 -37.54 29.78 -4.64
C SER B 52 -36.57 29.42 -5.77
N ARG B 53 -35.26 29.45 -5.50
CA ARG B 53 -34.26 29.06 -6.49
C ARG B 53 -34.14 27.53 -6.66
N THR B 54 -34.44 27.12 -7.88
CA THR B 54 -34.70 25.72 -8.30
C THR B 54 -35.88 25.09 -7.62
N ARG B 55 -36.80 24.57 -8.42
CA ARG B 55 -37.73 23.54 -7.92
C ARG B 55 -36.85 22.46 -7.34
N LYS B 56 -36.74 22.46 -6.02
CA LYS B 56 -35.89 21.53 -5.30
C LYS B 56 -36.67 21.21 -4.05
N ASN B 57 -37.19 19.99 -3.97
CA ASN B 57 -38.16 19.75 -2.92
C ASN B 57 -37.70 19.09 -1.63
N TYR B 58 -36.39 18.97 -1.47
CA TYR B 58 -35.77 18.72 -0.15
C TYR B 58 -36.41 17.66 0.78
N LEU B 59 -37.00 16.66 0.16
CA LEU B 59 -37.56 15.56 0.87
C LEU B 59 -36.89 14.30 0.37
N ALA B 60 -36.56 13.40 1.30
CA ALA B 60 -36.11 12.08 0.94
C ALA B 60 -37.05 10.96 1.44
N TRP B 61 -36.97 9.81 0.75
CA TRP B 61 -37.66 8.59 1.14
C TRP B 61 -36.62 7.54 1.47
N TYR B 62 -36.67 6.99 2.68
CA TYR B 62 -35.75 5.90 3.05
C TYR B 62 -36.56 4.64 3.28
N GLN B 63 -36.11 3.54 2.69
CA GLN B 63 -36.70 2.27 3.01
C GLN B 63 -35.85 1.63 4.09
N GLN B 64 -36.48 0.84 4.96
CA GLN B 64 -35.77 0.16 6.04
C GLN B 64 -36.30 -1.23 6.22
N LYS B 65 -35.47 -2.22 5.88
CA LYS B 65 -35.88 -3.63 5.96
C LYS B 65 -35.91 -4.14 7.40
N PRO B 66 -36.66 -5.23 7.67
CA PRO B 66 -36.77 -5.71 9.05
C PRO B 66 -35.40 -5.96 9.70
N GLY B 67 -35.11 -5.20 10.76
CA GLY B 67 -33.84 -5.27 11.47
C GLY B 67 -32.73 -4.97 10.49
N GLN B 68 -32.73 -3.74 10.00
CA GLN B 68 -31.67 -3.19 9.15
C GLN B 68 -31.59 -1.68 9.22
N SER B 69 -30.41 -1.18 8.92
CA SER B 69 -30.27 0.24 8.79
C SER B 69 -31.10 0.70 7.57
N PRO B 70 -31.81 1.84 7.70
CA PRO B 70 -32.52 2.38 6.55
C PRO B 70 -31.61 2.49 5.32
N LYS B 71 -32.18 2.36 4.11
CA LYS B 71 -31.44 2.59 2.85
C LYS B 71 -31.98 3.82 2.12
N LEU B 72 -31.11 4.61 1.51
CA LEU B 72 -31.57 5.76 0.73
C LEU B 72 -32.25 5.27 -0.55
N LEU B 73 -33.34 5.93 -0.92
CA LEU B 73 -34.23 5.41 -1.96
C LEU B 73 -34.50 6.45 -3.04
N ILE B 74 -34.92 7.62 -2.59
CA ILE B 74 -35.19 8.74 -3.45
C ILE B 74 -34.71 9.97 -2.72
N TYR B 75 -33.91 10.80 -3.39
CA TYR B 75 -33.70 12.13 -2.84
C TYR B 75 -34.36 13.26 -3.62
N TRP B 76 -34.21 14.47 -3.10
CA TRP B 76 -34.85 15.67 -3.66
C TRP B 76 -36.36 15.64 -3.82
N ALA B 77 -36.89 14.55 -4.34
CA ALA B 77 -38.31 14.17 -4.18
C ALA B 77 -38.68 13.21 -5.27
N SER B 78 -38.05 13.48 -6.42
CA SER B 78 -38.23 12.76 -7.68
C SER B 78 -37.08 11.79 -7.91
N THR B 79 -35.85 12.30 -7.79
CA THR B 79 -34.65 11.59 -8.25
C THR B 79 -34.26 10.34 -7.44
N ARG B 80 -34.14 9.23 -8.16
CA ARG B 80 -33.78 7.93 -7.56
C ARG B 80 -32.29 7.79 -7.37
N GLU B 81 -31.89 6.83 -6.56
CA GLU B 81 -30.50 6.73 -6.15
C GLU B 81 -29.81 5.44 -6.65
N SER B 82 -28.51 5.55 -6.94
CA SER B 82 -27.69 4.47 -7.51
C SER B 82 -28.20 3.07 -7.21
N GLY B 83 -28.84 2.47 -8.20
CA GLY B 83 -29.38 1.11 -8.05
C GLY B 83 -30.77 1.05 -7.43
N VAL B 84 -31.55 2.10 -7.63
CA VAL B 84 -32.96 2.05 -7.31
C VAL B 84 -33.67 1.63 -8.59
N PRO B 85 -34.38 0.49 -8.54
CA PRO B 85 -35.23 0.09 -9.68
C PRO B 85 -36.35 1.10 -9.96
N ASP B 86 -36.49 1.46 -11.24
CA ASP B 86 -37.44 2.47 -11.74
C ASP B 86 -38.78 2.44 -11.01
N ARG B 87 -39.12 1.25 -10.50
CA ARG B 87 -40.42 0.94 -9.91
C ARG B 87 -40.80 1.80 -8.70
N PHE B 88 -39.81 2.13 -7.87
CA PHE B 88 -40.03 3.10 -6.81
C PHE B 88 -40.04 4.43 -7.54
N THR B 89 -41.10 5.20 -7.35
CA THR B 89 -41.15 6.55 -7.94
C THR B 89 -41.53 7.59 -6.90
N GLY B 90 -40.94 8.77 -7.03
CA GLY B 90 -41.21 9.85 -6.09
C GLY B 90 -41.90 10.98 -6.79
N SER B 91 -43.15 11.20 -6.44
CA SER B 91 -43.87 12.36 -6.90
C SER B 91 -44.02 13.23 -5.69
N GLY B 92 -44.65 14.39 -5.86
CA GLY B 92 -44.95 15.27 -4.73
C GLY B 92 -44.27 16.59 -4.90
N SER B 93 -44.73 17.58 -4.15
CA SER B 93 -44.26 18.94 -4.31
C SER B 93 -45.02 19.89 -3.41
N GLY B 94 -44.29 20.78 -2.75
CA GLY B 94 -44.87 21.61 -1.71
C GLY B 94 -44.90 20.81 -0.42
N THR B 95 -46.11 20.56 0.09
CA THR B 95 -46.26 19.88 1.37
C THR B 95 -46.74 18.43 1.17
N ASP B 96 -46.64 17.90 -0.06
CA ASP B 96 -47.45 16.74 -0.46
C ASP B 96 -46.74 15.70 -1.28
N PHE B 97 -46.09 14.77 -0.61
CA PHE B 97 -45.30 13.80 -1.34
C PHE B 97 -45.91 12.42 -1.28
N THR B 98 -45.59 11.64 -2.31
CA THR B 98 -46.14 10.30 -2.50
C THR B 98 -45.07 9.36 -3.05
N LEU B 99 -44.92 8.19 -2.43
CA LEU B 99 -44.00 7.18 -2.94
C LEU B 99 -44.81 6.07 -3.54
N THR B 100 -44.34 5.58 -4.69
CA THR B 100 -45.07 4.62 -5.50
C THR B 100 -44.19 3.46 -6.00
N ILE B 101 -44.53 2.24 -5.59
CA ILE B 101 -43.74 1.06 -5.90
C ILE B 101 -44.56 0.14 -6.76
N SER B 102 -44.23 0.08 -8.04
CA SER B 102 -44.89 -0.87 -8.96
C SER B 102 -44.15 -2.21 -8.99
N SER B 103 -44.91 -3.28 -9.19
CA SER B 103 -44.38 -4.65 -9.32
C SER B 103 -43.68 -5.10 -8.05
N VAL B 104 -44.41 -5.02 -6.94
CA VAL B 104 -43.90 -5.35 -5.60
C VAL B 104 -43.28 -6.74 -5.51
N GLN B 105 -41.94 -6.79 -5.55
CA GLN B 105 -41.27 -8.03 -5.27
C GLN B 105 -41.38 -8.40 -3.80
N ALA B 106 -40.95 -9.61 -3.48
CA ALA B 106 -41.08 -10.17 -2.14
C ALA B 106 -40.12 -9.49 -1.20
N GLU B 107 -38.95 -9.12 -1.75
CA GLU B 107 -37.90 -8.42 -1.04
C GLU B 107 -38.18 -6.93 -1.07
N ASP B 108 -39.41 -6.58 -0.69
CA ASP B 108 -39.85 -5.21 -0.56
C ASP B 108 -40.64 -5.09 0.72
N LEU B 109 -40.44 -6.06 1.61
CA LEU B 109 -41.03 -5.97 2.94
C LEU B 109 -40.25 -4.93 3.73
N ALA B 110 -40.91 -3.84 4.10
CA ALA B 110 -40.20 -2.75 4.74
C ALA B 110 -41.10 -1.71 5.37
N VAL B 111 -40.51 -0.88 6.20
CA VAL B 111 -41.13 0.39 6.51
C VAL B 111 -40.41 1.48 5.70
N TYR B 112 -41.21 2.37 5.15
CA TYR B 112 -40.77 3.43 4.24
C TYR B 112 -40.93 4.78 4.94
N TYR B 113 -39.81 5.46 5.10
CA TYR B 113 -39.75 6.65 5.94
C TYR B 113 -39.49 7.82 5.03
N CYS B 114 -40.20 8.92 5.25
CA CYS B 114 -39.85 10.11 4.51
C CYS B 114 -39.10 11.01 5.46
N LYS B 115 -38.14 11.76 4.92
CA LYS B 115 -37.35 12.71 5.71
C LYS B 115 -37.39 14.06 5.04
N GLN B 116 -37.53 15.10 5.85
CA GLN B 116 -37.33 16.43 5.30
C GLN B 116 -35.92 16.86 5.63
N SER B 117 -35.30 17.57 4.69
CA SER B 117 -34.00 18.16 4.92
C SER B 117 -33.99 19.64 4.54
N TYR B 118 -35.14 20.28 4.65
CA TYR B 118 -35.28 21.69 4.33
C TYR B 118 -34.89 22.54 5.49
N ASN B 119 -35.17 22.09 6.70
CA ASN B 119 -34.73 22.82 7.88
C ASN B 119 -34.58 21.85 8.99
N LEU B 120 -33.32 21.49 9.23
CA LEU B 120 -32.91 20.34 10.05
C LEU B 120 -33.41 19.04 9.40
N TYR B 121 -33.31 17.92 10.10
CA TYR B 121 -33.73 16.66 9.55
C TYR B 121 -34.93 16.14 10.34
N THR B 122 -36.13 16.06 9.75
CA THR B 122 -37.20 15.27 10.41
C THR B 122 -37.70 14.10 9.56
N PHE B 123 -38.25 13.10 10.26
CA PHE B 123 -38.74 11.85 9.65
C PHE B 123 -40.27 11.72 9.79
N GLY B 124 -40.87 10.93 8.91
CA GLY B 124 -42.26 10.58 9.07
C GLY B 124 -42.29 9.48 10.10
N GLY B 125 -43.49 9.00 10.39
CA GLY B 125 -43.65 7.93 11.36
C GLY B 125 -43.32 6.58 10.77
N GLY B 126 -43.62 6.40 9.50
CA GLY B 126 -43.33 5.15 8.83
C GLY B 126 -44.60 4.55 8.30
N THR B 127 -44.46 3.72 7.27
CA THR B 127 -45.56 3.03 6.62
C THR B 127 -45.03 1.63 6.42
N LYS B 128 -45.66 0.66 7.07
CA LYS B 128 -45.26 -0.75 6.95
C LYS B 128 -45.90 -1.41 5.73
N LEU B 129 -45.10 -1.75 4.72
CA LEU B 129 -45.59 -2.48 3.54
C LEU B 129 -45.40 -3.98 3.73
N GLU B 130 -46.38 -4.61 4.38
CA GLU B 130 -46.34 -6.07 4.58
C GLU B 130 -47.02 -6.83 3.46
N ILE B 131 -46.40 -7.95 3.04
CA ILE B 131 -46.88 -8.71 1.88
C ILE B 131 -48.07 -9.63 2.19
N LYS B 132 -48.90 -9.81 1.15
CA LYS B 132 -49.92 -10.83 1.10
C LYS B 132 -49.26 -12.12 0.62
N ALA B 134 -50.77 -16.44 -0.64
CA ALA B 134 -51.56 -17.65 -0.39
C ALA B 134 -51.04 -18.43 0.80
N ASP B 135 -51.95 -19.05 1.55
CA ASP B 135 -51.64 -19.70 2.82
C ASP B 135 -50.54 -20.79 2.70
N ALA B 136 -49.97 -21.21 3.84
CA ALA B 136 -49.10 -22.40 3.92
C ALA B 136 -49.15 -23.05 5.31
N ALA B 137 -48.76 -24.32 5.38
CA ALA B 137 -48.83 -25.13 6.61
C ALA B 137 -47.64 -24.95 7.57
N PRO B 138 -47.93 -24.55 8.82
CA PRO B 138 -46.89 -24.38 9.87
C PRO B 138 -46.13 -25.67 10.11
N THR B 139 -44.82 -25.57 10.38
CA THR B 139 -43.96 -26.76 10.42
C THR B 139 -43.36 -27.00 11.84
N VAL B 140 -44.17 -27.53 12.77
CA VAL B 140 -43.72 -27.64 14.19
C VAL B 140 -42.63 -28.68 14.43
N SER B 141 -41.94 -28.55 15.57
CA SER B 141 -40.80 -29.39 15.99
C SER B 141 -40.49 -29.09 17.46
N ILE B 142 -40.66 -30.09 18.33
CA ILE B 142 -40.46 -29.89 19.78
C ILE B 142 -39.04 -30.13 20.28
N PHE B 143 -38.66 -29.36 21.30
CA PHE B 143 -37.29 -29.33 21.84
C PHE B 143 -37.25 -29.39 23.37
N PRO B 144 -36.75 -30.52 23.92
CA PRO B 144 -36.62 -30.76 25.36
C PRO B 144 -35.62 -29.81 26.00
N PRO B 145 -35.66 -29.65 27.33
CA PRO B 145 -34.62 -28.93 28.06
C PRO B 145 -33.21 -29.34 27.65
N SER B 146 -32.22 -28.53 27.97
CA SER B 146 -30.82 -28.91 27.77
C SER B 146 -30.16 -29.31 29.08
N SER B 147 -29.50 -30.47 29.05
CA SER B 147 -28.79 -31.02 30.20
C SER B 147 -28.36 -29.94 31.18
N GLU B 148 -27.55 -28.98 30.71
CA GLU B 148 -26.95 -27.98 31.59
C GLU B 148 -27.96 -27.05 32.24
N GLN B 149 -28.99 -26.66 31.47
CA GLN B 149 -30.09 -25.86 32.02
C GLN B 149 -30.66 -26.54 33.26
N LEU B 150 -30.83 -27.86 33.14
CA LEU B 150 -31.36 -28.70 34.20
C LEU B 150 -30.40 -28.73 35.36
N THR B 151 -29.18 -29.20 35.11
CA THR B 151 -28.15 -29.32 36.16
C THR B 151 -27.74 -27.95 36.74
N SER B 152 -28.32 -26.90 36.19
CA SER B 152 -28.23 -25.56 36.76
C SER B 152 -29.57 -25.04 37.28
N GLY B 153 -30.50 -25.97 37.56
CA GLY B 153 -31.67 -25.68 38.40
C GLY B 153 -32.92 -25.15 37.74
N GLY B 154 -33.12 -25.49 36.47
CA GLY B 154 -34.31 -25.07 35.73
C GLY B 154 -34.60 -25.96 34.55
N ALA B 155 -35.78 -25.79 33.95
CA ALA B 155 -36.20 -26.62 32.81
C ALA B 155 -37.18 -25.91 31.90
N SER B 156 -36.85 -25.80 30.61
CA SER B 156 -37.69 -25.10 29.64
C SER B 156 -37.88 -25.92 28.38
N VAL B 157 -39.12 -25.99 27.91
CA VAL B 157 -39.45 -26.78 26.72
C VAL B 157 -40.08 -25.92 25.62
N VAL B 158 -39.51 -25.97 24.41
CA VAL B 158 -39.92 -25.10 23.28
C VAL B 158 -40.27 -25.87 22.00
N CYS B 159 -41.21 -25.35 21.24
CA CYS B 159 -41.39 -25.79 19.86
C CYS B 159 -41.55 -24.64 18.88
N PHE B 160 -40.81 -24.73 17.78
CA PHE B 160 -40.83 -23.74 16.71
C PHE B 160 -41.94 -24.06 15.72
N LEU B 161 -42.56 -23.02 15.18
CA LEU B 161 -43.59 -23.16 14.17
C LEU B 161 -43.12 -22.43 12.90
N ASN B 162 -42.18 -23.03 12.20
CA ASN B 162 -41.56 -22.34 11.08
C ASN B 162 -42.49 -22.19 9.88
N ASN B 163 -42.20 -21.16 9.07
CA ASN B 163 -42.75 -20.94 7.72
C ASN B 163 -44.26 -21.01 7.48
N PHE B 164 -45.07 -20.51 8.42
CA PHE B 164 -46.51 -20.52 8.22
C PHE B 164 -47.07 -19.19 7.73
N TYR B 165 -48.34 -19.20 7.33
CA TYR B 165 -49.04 -18.02 6.79
C TYR B 165 -50.53 -18.37 6.56
N PRO B 166 -51.46 -17.52 7.02
CA PRO B 166 -51.34 -16.23 7.68
C PRO B 166 -50.90 -16.31 9.14
N LYS B 167 -50.77 -15.12 9.75
CA LYS B 167 -50.30 -14.92 11.13
C LYS B 167 -50.98 -15.82 12.15
N ASP B 168 -52.29 -15.98 12.01
CA ASP B 168 -53.12 -16.58 13.04
C ASP B 168 -52.89 -18.08 13.21
N ILE B 169 -52.45 -18.44 14.42
CA ILE B 169 -52.12 -19.81 14.79
C ILE B 169 -52.25 -19.98 16.31
N ASN B 170 -53.21 -20.81 16.72
CA ASN B 170 -53.41 -21.09 18.14
C ASN B 170 -52.65 -22.36 18.53
N VAL B 171 -51.52 -22.16 19.19
CA VAL B 171 -50.62 -23.24 19.57
C VAL B 171 -50.90 -23.69 21.02
N LYS B 172 -51.25 -24.96 21.15
CA LYS B 172 -51.70 -25.53 22.42
C LYS B 172 -50.76 -26.62 22.91
N TRP B 173 -50.22 -26.41 24.12
CA TRP B 173 -49.34 -27.40 24.77
C TRP B 173 -50.13 -28.52 25.46
N LYS B 174 -49.59 -29.75 25.42
CA LYS B 174 -50.20 -30.93 26.07
C LYS B 174 -49.21 -31.66 26.95
N ILE B 175 -49.57 -31.86 28.20
CA ILE B 175 -48.83 -32.76 29.07
C ILE B 175 -49.58 -34.10 29.07
N ASP B 176 -49.04 -35.05 28.28
CA ASP B 176 -49.67 -36.35 27.93
C ASP B 176 -51.12 -36.28 27.42
N GLY B 177 -51.83 -35.23 27.80
CA GLY B 177 -53.25 -35.02 27.46
C GLY B 177 -53.86 -33.93 28.33
N SER B 178 -53.40 -33.86 29.59
CA SER B 178 -53.79 -32.81 30.54
C SER B 178 -53.11 -31.49 30.17
N GLU B 179 -53.91 -30.46 29.95
CA GLU B 179 -53.41 -29.23 29.35
C GLU B 179 -53.40 -28.00 30.27
N ARG B 180 -52.24 -27.73 30.88
CA ARG B 180 -52.00 -26.51 31.67
C ARG B 180 -51.39 -25.35 30.84
N GLN B 181 -51.47 -24.13 31.35
CA GLN B 181 -51.12 -22.95 30.54
C GLN B 181 -50.15 -21.93 31.17
N ASN B 182 -50.34 -21.63 32.46
CA ASN B 182 -49.50 -20.63 33.18
C ASN B 182 -47.98 -20.77 32.97
N GLY B 183 -47.41 -19.93 32.10
CA GLY B 183 -45.98 -19.95 31.80
C GLY B 183 -45.65 -20.44 30.41
N VAL B 184 -46.30 -19.85 29.41
CA VAL B 184 -46.18 -20.26 28.01
C VAL B 184 -46.09 -19.03 27.08
N LEU B 185 -44.86 -18.55 26.88
CA LEU B 185 -44.63 -17.25 26.20
C LEU B 185 -44.10 -17.36 24.76
N ASN B 186 -44.82 -16.76 23.82
CA ASN B 186 -44.58 -16.91 22.39
C ASN B 186 -43.79 -15.78 21.74
N SER B 187 -43.54 -15.91 20.43
CA SER B 187 -43.14 -14.79 19.58
C SER B 187 -43.13 -15.11 18.09
N TRP B 188 -43.85 -14.28 17.34
CA TRP B 188 -43.93 -14.39 15.89
C TRP B 188 -42.80 -13.54 15.33
N THR B 189 -42.03 -14.08 14.39
CA THR B 189 -41.13 -13.22 13.63
C THR B 189 -42.03 -12.27 12.85
N ASP B 190 -41.54 -11.07 12.59
CA ASP B 190 -42.18 -10.20 11.63
C ASP B 190 -41.93 -10.85 10.27
N GLN B 191 -43.00 -11.04 9.52
CA GLN B 191 -43.01 -11.69 8.20
C GLN B 191 -41.66 -11.74 7.43
N ASP B 192 -41.30 -12.94 6.96
CA ASP B 192 -40.09 -13.18 6.16
C ASP B 192 -40.07 -12.29 4.92
N SER B 193 -38.88 -12.01 4.39
CA SER B 193 -38.76 -11.13 3.22
C SER B 193 -38.50 -11.88 1.91
N LYS B 194 -37.81 -13.01 1.99
CA LYS B 194 -37.56 -13.85 0.82
C LYS B 194 -38.81 -14.68 0.53
N ASP B 195 -39.23 -15.44 1.52
CA ASP B 195 -40.39 -16.32 1.40
C ASP B 195 -41.68 -15.63 1.81
N SER B 196 -41.56 -14.53 2.55
CA SER B 196 -42.71 -13.68 2.90
C SER B 196 -43.79 -14.35 3.74
N THR B 197 -43.36 -15.16 4.70
CA THR B 197 -44.29 -15.85 5.58
C THR B 197 -43.82 -15.86 7.04
N TYR B 198 -44.74 -15.62 7.97
CA TYR B 198 -44.44 -15.61 9.41
C TYR B 198 -43.69 -16.84 9.93
N SER B 199 -43.37 -16.81 11.22
CA SER B 199 -42.88 -17.96 12.00
C SER B 199 -43.39 -17.77 13.42
N MET B 200 -42.99 -18.62 14.35
CA MET B 200 -43.40 -18.47 15.75
C MET B 200 -42.56 -19.37 16.66
N SER B 201 -42.62 -19.14 17.97
CA SER B 201 -41.93 -20.00 18.94
C SER B 201 -42.49 -19.87 20.35
N SER B 202 -43.17 -20.93 20.81
CA SER B 202 -43.72 -20.98 22.16
C SER B 202 -42.77 -21.68 23.14
N THR B 203 -42.68 -21.12 24.35
CA THR B 203 -41.77 -21.64 25.36
C THR B 203 -42.53 -21.92 26.66
N LEU B 204 -42.57 -23.20 27.00
CA LEU B 204 -43.09 -23.62 28.27
C LEU B 204 -41.94 -23.69 29.27
N THR B 205 -42.06 -22.95 30.35
CA THR B 205 -40.94 -22.75 31.24
C THR B 205 -41.26 -23.11 32.71
N LEU B 206 -40.79 -24.29 33.12
CA LEU B 206 -41.04 -24.84 34.46
C LEU B 206 -39.92 -24.60 35.46
N THR B 207 -40.05 -25.23 36.64
CA THR B 207 -38.91 -25.35 37.57
C THR B 207 -38.14 -26.65 37.24
N LYS B 208 -36.90 -26.76 37.73
CA LYS B 208 -36.08 -27.97 37.53
C LYS B 208 -36.81 -29.27 37.88
N ASP B 209 -37.51 -29.25 39.01
CA ASP B 209 -38.11 -30.44 39.64
C ASP B 209 -39.55 -30.74 39.18
N GLU B 210 -40.34 -29.69 38.96
CA GLU B 210 -41.69 -29.82 38.42
C GLU B 210 -41.77 -30.43 37.00
N TYR B 211 -40.64 -30.51 36.30
CA TYR B 211 -40.62 -30.98 34.89
C TYR B 211 -40.86 -32.49 34.75
N GLU B 212 -40.38 -33.26 35.70
CA GLU B 212 -40.53 -34.73 35.66
C GLU B 212 -41.84 -35.22 36.29
N ARG B 213 -42.76 -34.28 36.54
CA ARG B 213 -44.11 -34.53 37.04
C ARG B 213 -44.89 -35.51 36.15
N HIS B 214 -44.79 -35.32 34.83
CA HIS B 214 -45.37 -36.23 33.86
C HIS B 214 -44.27 -36.83 32.97
N ASN B 215 -44.68 -37.48 31.88
CA ASN B 215 -43.74 -38.09 30.95
C ASN B 215 -43.88 -37.55 29.52
N SER B 216 -45.04 -37.75 28.92
CA SER B 216 -45.27 -37.28 27.56
C SER B 216 -45.55 -35.78 27.52
N TYR B 217 -44.96 -35.13 26.53
CA TYR B 217 -45.19 -33.72 26.25
C TYR B 217 -45.41 -33.52 24.75
N THR B 218 -46.21 -32.52 24.41
CA THR B 218 -46.37 -32.12 23.01
C THR B 218 -46.90 -30.68 22.87
N CYS B 219 -46.95 -30.20 21.62
CA CYS B 219 -47.65 -28.96 21.33
C CYS B 219 -48.37 -29.11 20.00
N GLU B 220 -49.46 -28.37 19.85
CA GLU B 220 -50.22 -28.41 18.62
C GLU B 220 -50.49 -27.04 18.05
N ALA B 221 -50.50 -26.96 16.73
CA ALA B 221 -51.00 -25.80 16.02
C ALA B 221 -52.52 -25.96 15.81
N THR B 222 -53.12 -24.99 15.11
CA THR B 222 -54.52 -25.06 14.65
C THR B 222 -54.69 -24.21 13.40
N HIS B 223 -53.57 -23.60 13.00
CA HIS B 223 -53.45 -22.71 11.83
C HIS B 223 -54.34 -23.08 10.63
N LYS B 224 -55.04 -22.07 10.13
CA LYS B 224 -56.15 -22.24 9.21
C LYS B 224 -55.74 -22.54 7.77
N THR B 225 -54.84 -23.50 7.57
CA THR B 225 -54.69 -24.12 6.25
C THR B 225 -55.70 -25.27 6.17
N SER B 226 -55.79 -25.99 7.29
CA SER B 226 -56.99 -26.72 7.71
C SER B 226 -56.88 -26.89 9.22
N THR B 227 -57.99 -26.63 9.92
CA THR B 227 -58.00 -26.66 11.39
C THR B 227 -57.95 -28.10 11.94
N SER B 228 -57.04 -28.87 11.33
CA SER B 228 -56.67 -30.20 11.76
C SER B 228 -55.34 -30.05 12.53
N PRO B 229 -55.42 -29.94 13.87
CA PRO B 229 -54.32 -29.44 14.72
C PRO B 229 -53.00 -30.23 14.66
N ILE B 230 -52.07 -29.77 13.82
CA ILE B 230 -50.72 -30.35 13.64
C ILE B 230 -49.99 -30.58 14.97
N VAL B 231 -49.71 -31.84 15.27
CA VAL B 231 -49.13 -32.26 16.55
C VAL B 231 -47.68 -32.79 16.42
N LYS B 232 -46.83 -32.45 17.39
CA LYS B 232 -45.46 -32.98 17.43
C LYS B 232 -45.06 -33.16 18.88
N SER B 233 -44.60 -34.37 19.21
CA SER B 233 -44.49 -34.83 20.59
C SER B 233 -43.13 -35.45 20.95
N PHE B 234 -42.86 -35.55 22.25
CA PHE B 234 -41.79 -36.39 22.79
C PHE B 234 -42.16 -36.82 24.22
N ASN B 235 -41.37 -37.72 24.81
CA ASN B 235 -41.60 -38.14 26.20
C ASN B 235 -40.36 -38.19 27.09
N ARG B 236 -40.49 -37.58 28.26
CA ARG B 236 -39.43 -37.36 29.25
C ARG B 236 -38.39 -38.48 29.37
N ASN B 237 -38.65 -39.41 30.29
CA ASN B 237 -37.76 -40.54 30.67
C ASN B 237 -36.29 -40.54 30.18
N GLU B 238 -36.09 -40.74 28.89
CA GLU B 238 -34.75 -40.80 28.31
C GLU B 238 -34.02 -39.46 28.48
N CYS B 239 -34.72 -38.37 28.17
CA CYS B 239 -34.12 -37.04 28.11
C CYS B 239 -34.71 -36.08 29.15
N GLU C 1 -17.38 -1.79 -0.55
CA GLU C 1 -16.65 -0.58 -1.04
C GLU C 1 -16.50 0.45 0.08
N VAL C 2 -17.63 0.96 0.56
CA VAL C 2 -17.71 1.98 1.59
C VAL C 2 -18.38 1.41 2.84
N GLN C 3 -17.69 1.51 3.97
CA GLN C 3 -18.20 0.93 5.21
C GLN C 3 -18.24 1.89 6.40
N LEU C 4 -19.15 1.58 7.32
CA LEU C 4 -19.27 2.22 8.62
C LEU C 4 -19.64 1.16 9.66
N VAL C 5 -18.89 1.15 10.76
CA VAL C 5 -19.17 0.27 11.88
C VAL C 5 -19.04 1.07 13.15
N GLU C 6 -20.17 1.52 13.67
CA GLU C 6 -20.19 2.22 14.94
C GLU C 6 -20.16 1.17 16.02
N SER C 7 -19.79 1.57 17.23
CA SER C 7 -19.69 0.63 18.33
C SER C 7 -19.30 1.28 19.65
N GLY C 8 -19.35 0.49 20.70
CA GLY C 8 -18.91 0.89 22.03
C GLY C 8 -20.01 1.49 22.92
N GLY C 9 -21.06 0.74 23.20
CA GLY C 9 -22.09 1.25 24.09
C GLY C 9 -23.17 0.25 24.39
N GLY C 10 -23.43 0.04 25.67
CA GLY C 10 -24.54 -0.79 26.11
C GLY C 10 -25.44 -0.06 27.09
N LEU C 11 -25.37 -0.45 28.37
CA LEU C 11 -26.23 0.14 29.39
C LEU C 11 -25.50 1.25 30.16
N VAL C 12 -26.25 2.30 30.52
CA VAL C 12 -25.71 3.43 31.27
C VAL C 12 -26.81 4.02 32.13
N LYS C 13 -26.42 4.45 33.34
CA LYS C 13 -27.40 4.94 34.29
C LYS C 13 -27.82 6.37 33.93
N PRO C 14 -29.05 6.77 34.31
CA PRO C 14 -29.50 8.16 34.25
C PRO C 14 -28.42 9.14 34.70
N GLY C 15 -28.41 10.32 34.10
CA GLY C 15 -27.35 11.31 34.34
C GLY C 15 -26.00 10.85 33.84
N GLY C 16 -25.93 9.60 33.38
CA GLY C 16 -24.67 8.98 32.98
C GLY C 16 -23.92 9.54 31.78
N SER C 17 -22.88 8.82 31.39
CA SER C 17 -22.04 9.22 30.27
C SER C 17 -21.50 7.99 29.53
N LEU C 18 -20.99 8.20 28.32
CA LEU C 18 -20.58 7.11 27.41
C LEU C 18 -20.40 7.61 25.98
N LYS C 19 -19.33 7.16 25.34
CA LYS C 19 -18.87 7.67 24.04
C LYS C 19 -18.77 6.57 22.96
N LEU C 20 -19.41 6.82 21.82
CA LEU C 20 -19.46 5.84 20.73
C LEU C 20 -18.63 6.33 19.57
N SER C 21 -18.05 5.40 18.84
CA SER C 21 -17.22 5.76 17.71
C SER C 21 -17.62 5.00 16.50
N CYS C 22 -17.80 5.71 15.40
CA CYS C 22 -18.09 5.09 14.14
C CYS C 22 -16.77 4.88 13.46
N ALA C 23 -16.38 3.62 13.29
CA ALA C 23 -15.13 3.32 12.61
C ALA C 23 -15.40 3.40 11.10
N ALA C 24 -14.90 4.44 10.44
CA ALA C 24 -15.22 4.63 9.03
C ALA C 24 -14.16 3.99 8.13
N SER C 25 -14.60 3.31 7.06
CA SER C 25 -13.64 2.63 6.19
C SER C 25 -14.08 2.33 4.76
N GLY C 26 -13.53 3.09 3.82
CA GLY C 26 -13.64 2.75 2.40
C GLY C 26 -14.17 3.87 1.53
N PHE C 27 -13.94 5.10 1.96
CA PHE C 27 -14.26 6.29 1.19
C PHE C 27 -13.38 7.45 1.69
N ALA C 28 -13.25 8.47 0.86
CA ALA C 28 -12.48 9.67 1.21
C ALA C 28 -13.05 10.35 2.47
N PHE C 29 -12.74 9.78 3.63
CA PHE C 29 -13.34 10.24 4.87
C PHE C 29 -13.33 11.78 5.04
N SER C 30 -12.16 12.40 5.03
CA SER C 30 -12.03 13.81 5.44
C SER C 30 -12.79 14.80 4.54
N SER C 31 -13.35 14.29 3.47
CA SER C 31 -14.10 15.09 2.51
C SER C 31 -15.65 15.13 2.73
N TYR C 32 -16.22 14.06 3.29
CA TYR C 32 -17.65 14.05 3.58
C TYR C 32 -17.98 14.70 4.94
N ASP C 33 -19.26 14.98 5.17
CA ASP C 33 -19.76 15.32 6.51
C ASP C 33 -20.27 14.08 7.22
N MET C 34 -20.49 14.19 8.52
CA MET C 34 -20.96 13.04 9.25
C MET C 34 -22.10 13.38 10.19
N SER C 35 -22.99 12.40 10.39
CA SER C 35 -24.21 12.55 11.18
C SER C 35 -24.42 11.35 12.06
N TRP C 36 -25.27 11.51 13.07
CA TRP C 36 -25.52 10.48 14.06
C TRP C 36 -26.97 10.35 14.29
N VAL C 37 -27.59 9.32 13.74
CA VAL C 37 -29.02 9.12 13.89
C VAL C 37 -29.27 7.98 14.87
N ARG C 38 -30.24 8.17 15.76
CA ARG C 38 -30.70 7.11 16.66
C ARG C 38 -32.11 6.68 16.28
N GLN C 39 -32.51 5.49 16.74
CA GLN C 39 -33.86 5.03 16.49
C GLN C 39 -34.45 4.54 17.78
N THR C 40 -35.57 5.15 18.19
CA THR C 40 -36.16 4.86 19.48
C THR C 40 -36.74 3.46 19.53
N PRO C 41 -37.15 3.01 20.74
CA PRO C 41 -37.85 1.75 20.92
C PRO C 41 -39.20 1.70 20.22
N GLU C 42 -39.81 2.86 19.98
CA GLU C 42 -41.03 2.93 19.19
C GLU C 42 -40.74 2.71 17.72
N LYS C 43 -39.46 2.60 17.35
CA LYS C 43 -39.02 2.47 15.94
C LYS C 43 -38.93 3.83 15.26
N ARG C 44 -39.21 4.86 16.06
CA ARG C 44 -39.12 6.29 15.71
C ARG C 44 -37.70 6.68 15.26
N LEU C 45 -37.57 7.73 14.43
CA LEU C 45 -36.23 8.11 13.90
C LEU C 45 -35.78 9.55 14.14
N GLU C 46 -34.91 9.76 15.12
CA GLU C 46 -34.46 11.12 15.40
C GLU C 46 -33.01 11.35 14.98
N TRP C 47 -32.79 12.49 14.32
CA TRP C 47 -31.43 12.91 13.95
C TRP C 47 -30.86 13.53 15.19
N VAL C 48 -29.57 13.37 15.40
CA VAL C 48 -28.98 13.65 16.70
C VAL C 48 -27.80 14.63 16.67
N ALA C 49 -26.94 14.53 15.68
CA ALA C 49 -25.80 15.41 15.58
C ALA C 49 -25.29 15.44 14.16
N TYR C 50 -24.57 16.51 13.85
CA TYR C 50 -24.02 16.67 12.52
C TYR C 50 -22.72 17.42 12.65
N ILE C 51 -21.65 16.80 12.18
CA ILE C 51 -20.37 17.49 12.10
C ILE C 51 -20.01 17.76 10.64
N SER C 52 -19.41 18.93 10.39
CA SER C 52 -18.92 19.29 9.07
C SER C 52 -17.63 18.58 8.70
N SER C 53 -17.43 18.40 7.40
CA SER C 53 -16.25 17.73 6.80
C SER C 53 -14.94 17.90 7.57
N GLY C 54 -14.60 19.16 7.86
CA GLY C 54 -13.38 19.50 8.57
C GLY C 54 -13.62 19.89 10.01
N GLY C 55 -14.44 19.11 10.72
CA GLY C 55 -14.69 19.33 12.15
C GLY C 55 -15.06 20.74 12.56
N GLY C 56 -15.24 21.60 11.56
CA GLY C 56 -15.43 23.02 11.76
C GLY C 56 -16.67 23.34 12.56
N SER C 57 -17.82 23.21 11.92
CA SER C 57 -19.12 23.38 12.56
C SER C 57 -19.76 22.04 13.03
N THR C 58 -20.54 22.09 14.11
CA THR C 58 -21.36 20.96 14.51
C THR C 58 -22.78 21.47 14.67
N TYR C 59 -23.78 20.60 14.56
CA TYR C 59 -25.18 20.99 14.84
C TYR C 59 -25.96 19.92 15.61
N TYR C 60 -26.93 20.36 16.40
CA TYR C 60 -27.73 19.40 17.16
C TYR C 60 -29.17 19.82 17.31
N PRO C 61 -30.08 18.86 17.34
CA PRO C 61 -31.41 19.17 17.79
C PRO C 61 -31.31 19.73 19.19
N ASP C 62 -32.24 20.63 19.54
CA ASP C 62 -32.31 21.13 20.91
C ASP C 62 -32.44 20.03 21.98
N THR C 63 -32.91 18.84 21.59
CA THR C 63 -33.11 17.74 22.53
C THR C 63 -31.84 17.09 23.00
N VAL C 64 -30.74 17.27 22.29
CA VAL C 64 -29.45 16.88 22.87
C VAL C 64 -28.43 18.02 22.93
N LYS C 65 -28.79 19.19 22.39
CA LYS C 65 -27.83 20.29 22.41
C LYS C 65 -27.45 20.53 23.84
N GLY C 66 -26.14 20.53 24.08
CA GLY C 66 -25.60 20.70 25.42
C GLY C 66 -25.06 19.41 26.01
N ARG C 67 -25.79 18.31 25.80
CA ARG C 67 -25.47 17.03 26.42
C ARG C 67 -24.68 16.11 25.49
N PHE C 68 -24.55 16.51 24.23
CA PHE C 68 -23.99 15.64 23.17
C PHE C 68 -22.93 16.32 22.28
N THR C 69 -21.95 15.57 21.78
CA THR C 69 -20.73 16.18 21.18
C THR C 69 -20.11 15.42 19.98
N ILE C 70 -20.42 15.87 18.77
CA ILE C 70 -20.05 15.13 17.59
C ILE C 70 -18.63 15.49 17.12
N SER C 71 -17.63 14.81 17.67
CA SER C 71 -16.26 15.02 17.20
C SER C 71 -15.88 14.01 16.12
N ARG C 72 -14.78 14.30 15.41
CA ARG C 72 -14.18 13.35 14.45
C ARG C 72 -12.66 13.42 14.49
N ASP C 73 -12.03 12.36 14.01
CA ASP C 73 -10.59 12.30 13.92
C ASP C 73 -10.24 11.57 12.63
N ASN C 74 -9.98 12.34 11.59
CA ASN C 74 -9.63 11.80 10.26
C ASN C 74 -8.17 11.33 10.23
N ALA C 75 -7.55 11.31 11.41
CA ALA C 75 -6.28 10.65 11.57
C ALA C 75 -6.61 9.17 11.65
N LYS C 76 -7.39 8.80 12.66
CA LYS C 76 -7.78 7.41 12.80
C LYS C 76 -9.15 7.09 12.23
N ASN C 77 -9.60 7.94 11.30
CA ASN C 77 -10.80 7.69 10.49
C ASN C 77 -12.12 7.47 11.24
N THR C 78 -12.09 7.71 12.55
CA THR C 78 -13.26 7.51 13.38
C THR C 78 -14.14 8.77 13.45
N LEU C 79 -15.45 8.57 13.59
CA LEU C 79 -16.37 9.62 13.99
C LEU C 79 -16.67 9.35 15.44
N TYR C 80 -17.05 10.37 16.20
CA TYR C 80 -17.38 10.13 17.60
C TYR C 80 -18.68 10.80 18.03
N LEU C 81 -19.43 10.10 18.89
CA LEU C 81 -20.45 10.77 19.64
C LEU C 81 -20.21 10.60 21.13
N GLN C 82 -20.01 11.72 21.81
CA GLN C 82 -19.79 11.71 23.25
C GLN C 82 -21.05 12.15 23.98
N MET C 83 -21.76 11.18 24.54
CA MET C 83 -23.03 11.42 25.26
C MET C 83 -22.74 11.72 26.72
N SER C 84 -23.38 12.76 27.26
CA SER C 84 -23.29 13.04 28.70
C SER C 84 -24.70 13.00 29.31
N SER C 85 -24.97 13.86 30.29
CA SER C 85 -26.21 13.86 31.13
C SER C 85 -27.36 12.97 30.64
N LEU C 86 -27.17 11.66 30.68
CA LEU C 86 -28.00 10.76 29.90
C LEU C 86 -29.43 10.59 30.40
N LYS C 87 -30.37 11.12 29.63
CA LYS C 87 -31.80 10.86 29.82
C LYS C 87 -32.16 9.46 29.35
N SER C 88 -33.13 8.86 30.04
CA SER C 88 -33.71 7.58 29.66
C SER C 88 -34.57 7.68 28.38
N GLU C 89 -34.74 8.90 27.89
CA GLU C 89 -35.23 9.14 26.53
C GLU C 89 -34.17 8.73 25.49
N ASP C 90 -32.90 8.92 25.82
CA ASP C 90 -31.78 8.69 24.90
C ASP C 90 -31.67 7.23 24.48
N THR C 91 -32.28 6.37 25.28
CA THR C 91 -32.45 4.96 25.02
C THR C 91 -32.88 4.71 23.57
N ALA C 92 -31.92 4.32 22.71
CA ALA C 92 -32.24 4.00 21.32
C ALA C 92 -31.09 3.27 20.66
N MET C 93 -31.27 2.85 19.41
CA MET C 93 -30.21 2.31 18.57
C MET C 93 -29.53 3.48 17.88
N TYR C 94 -28.21 3.43 17.75
CA TYR C 94 -27.45 4.60 17.28
C TYR C 94 -26.70 4.48 15.94
N TYR C 95 -27.31 4.94 14.85
CA TYR C 95 -26.69 4.82 13.53
C TYR C 95 -25.76 5.98 13.23
N CYS C 96 -24.73 5.69 12.44
CA CYS C 96 -23.76 6.66 11.99
C CYS C 96 -23.97 6.78 10.50
N ALA C 97 -24.32 7.97 10.03
CA ALA C 97 -24.70 8.14 8.63
C ALA C 97 -23.83 9.10 7.80
N ARG C 98 -23.98 9.01 6.48
CA ARG C 98 -23.19 9.77 5.53
C ARG C 98 -24.07 10.57 4.58
N PRO C 99 -23.89 11.91 4.54
CA PRO C 99 -24.57 12.77 3.57
C PRO C 99 -23.64 13.43 2.53
N ASP C 100 -24.22 14.02 1.48
CA ASP C 100 -23.47 14.56 0.31
C ASP C 100 -23.23 16.08 0.34
N ALA C 105 -28.68 13.96 3.13
CA ALA C 105 -29.15 12.77 2.41
C ALA C 105 -28.26 11.56 2.70
N MET C 106 -28.56 10.91 3.82
CA MET C 106 -27.79 9.79 4.37
C MET C 106 -27.72 8.63 3.38
N ASP C 107 -26.56 8.44 2.77
CA ASP C 107 -26.49 7.48 1.68
C ASP C 107 -25.82 6.16 2.02
N TYR C 108 -24.94 6.17 3.04
CA TYR C 108 -24.39 4.92 3.63
C TYR C 108 -24.54 4.91 5.15
N TRP C 109 -25.42 4.04 5.64
CA TRP C 109 -25.75 3.98 7.06
C TRP C 109 -24.99 2.86 7.73
N GLY C 110 -24.78 2.99 9.02
CA GLY C 110 -24.04 1.98 9.75
C GLY C 110 -24.85 0.72 9.99
N GLN C 111 -25.01 0.39 11.27
CA GLN C 111 -25.63 -0.86 11.67
C GLN C 111 -26.17 -0.71 13.08
N GLY C 112 -25.68 0.30 13.78
CA GLY C 112 -26.13 0.62 15.12
C GLY C 112 -25.28 0.10 16.26
N THR C 113 -25.22 0.89 17.32
CA THR C 113 -24.90 0.38 18.63
C THR C 113 -26.17 0.71 19.38
N SER C 114 -26.78 -0.30 19.98
CA SER C 114 -27.88 -0.06 20.89
C SER C 114 -27.33 0.60 22.15
N VAL C 115 -28.04 1.60 22.66
CA VAL C 115 -27.69 2.22 23.92
C VAL C 115 -28.96 2.32 24.77
N THR C 116 -28.95 1.68 25.93
CA THR C 116 -30.10 1.85 26.85
C THR C 116 -29.76 2.51 28.17
N VAL C 117 -30.75 3.24 28.68
CA VAL C 117 -30.59 4.06 29.85
C VAL C 117 -31.73 3.69 30.79
N SER C 118 -31.33 3.28 31.98
CA SER C 118 -32.14 2.51 32.91
C SER C 118 -31.30 2.42 34.19
N SER C 119 -31.87 1.88 35.26
CA SER C 119 -31.10 1.65 36.49
C SER C 119 -31.01 0.16 36.85
N LYS C 121 -28.99 -2.39 35.74
CA LYS C 121 -28.82 -3.73 36.29
C LYS C 121 -28.58 -4.77 35.19
N THR C 122 -27.35 -4.78 34.68
CA THR C 122 -26.90 -5.71 33.65
C THR C 122 -26.97 -7.17 34.10
N THR C 123 -27.25 -8.06 33.16
CA THR C 123 -27.37 -9.48 33.45
C THR C 123 -26.92 -10.29 32.23
N ALA C 124 -25.77 -10.95 32.35
CA ALA C 124 -25.26 -11.81 31.29
C ALA C 124 -26.30 -12.87 30.88
N PRO C 125 -26.45 -13.12 29.57
CA PRO C 125 -27.49 -14.06 29.16
C PRO C 125 -27.04 -15.52 29.30
N SER C 126 -27.96 -16.37 29.75
CA SER C 126 -27.73 -17.81 29.82
C SER C 126 -28.04 -18.40 28.44
N VAL C 127 -27.14 -19.25 27.94
CA VAL C 127 -27.25 -19.80 26.58
C VAL C 127 -27.23 -21.32 26.58
N TYR C 128 -28.36 -21.92 26.28
CA TYR C 128 -28.48 -23.37 26.24
C TYR C 128 -28.70 -23.84 24.81
N PRO C 129 -28.00 -24.90 24.39
CA PRO C 129 -28.20 -25.43 23.04
C PRO C 129 -29.43 -26.31 22.97
N LEU C 130 -30.16 -26.25 21.86
CA LEU C 130 -31.37 -27.06 21.70
C LEU C 130 -31.19 -28.21 20.71
N ALA C 131 -30.86 -29.40 21.22
CA ALA C 131 -30.76 -30.60 20.41
C ALA C 131 -32.15 -31.23 20.20
N PRO C 132 -32.43 -31.79 19.00
CA PRO C 132 -33.77 -32.33 18.75
C PRO C 132 -34.12 -33.58 19.58
N VAL C 133 -35.33 -34.11 19.41
CA VAL C 133 -35.76 -35.36 20.05
C VAL C 133 -34.64 -36.41 20.12
N CYS C 134 -34.31 -36.93 21.31
CA CYS C 134 -33.22 -37.94 21.43
C CYS C 134 -33.47 -39.26 20.71
N GLY C 135 -34.69 -39.41 20.20
CA GLY C 135 -35.05 -40.49 19.29
C GLY C 135 -34.27 -40.36 17.99
N ASP C 136 -33.82 -41.49 17.47
CA ASP C 136 -32.99 -41.54 16.26
C ASP C 136 -33.82 -41.24 15.01
N THR C 137 -35.14 -41.35 15.17
CA THR C 137 -36.16 -40.97 14.17
C THR C 137 -35.72 -39.87 13.21
N THR C 138 -35.11 -40.29 12.10
CA THR C 138 -34.67 -39.36 11.08
C THR C 138 -35.85 -38.91 10.19
N GLY C 139 -36.03 -37.60 10.10
CA GLY C 139 -36.97 -36.99 9.16
C GLY C 139 -36.21 -36.72 7.87
N SER C 140 -36.12 -35.45 7.49
CA SER C 140 -35.39 -35.07 6.27
C SER C 140 -34.64 -33.75 6.41
N SER C 141 -35.38 -32.72 6.83
CA SER C 141 -34.87 -31.38 7.06
C SER C 141 -34.80 -31.14 8.55
N VAL C 142 -33.65 -31.48 9.13
CA VAL C 142 -33.41 -31.38 10.57
C VAL C 142 -33.30 -29.94 11.04
N THR C 143 -34.12 -29.56 12.01
CA THR C 143 -34.01 -28.24 12.60
C THR C 143 -33.48 -28.36 14.03
N LEU C 144 -32.49 -27.52 14.36
CA LEU C 144 -31.94 -27.46 15.71
C LEU C 144 -32.23 -26.07 16.24
N GLY C 145 -31.98 -25.87 17.52
CA GLY C 145 -32.23 -24.57 18.14
C GLY C 145 -31.13 -24.07 19.04
N CYS C 146 -31.29 -22.81 19.47
CA CYS C 146 -30.45 -22.19 20.48
C CYS C 146 -31.37 -21.35 21.37
N LEU C 147 -31.22 -21.48 22.69
CA LEU C 147 -32.07 -20.72 23.62
C LEU C 147 -31.32 -19.80 24.55
N VAL C 148 -31.80 -18.56 24.65
CA VAL C 148 -31.13 -17.46 25.36
C VAL C 148 -32.07 -16.80 26.39
N LYS C 149 -31.66 -16.84 27.65
CA LYS C 149 -32.61 -16.64 28.72
C LYS C 149 -32.01 -15.86 29.90
N GLY C 150 -32.86 -15.02 30.50
CA GLY C 150 -32.54 -14.28 31.72
C GLY C 150 -31.41 -13.29 31.49
N TYR C 151 -31.68 -12.28 30.66
CA TYR C 151 -30.69 -11.22 30.44
C TYR C 151 -31.28 -9.82 30.46
N PHE C 152 -30.37 -8.85 30.65
CA PHE C 152 -30.67 -7.44 30.51
C PHE C 152 -29.41 -6.71 30.08
N PRO C 153 -29.54 -5.74 29.16
CA PRO C 153 -30.75 -5.43 28.44
C PRO C 153 -30.69 -5.96 27.02
N GLU C 154 -31.72 -5.66 26.22
CA GLU C 154 -31.65 -5.81 24.78
C GLU C 154 -30.48 -4.96 24.27
N PRO C 155 -29.87 -5.36 23.15
CA PRO C 155 -30.15 -6.52 22.35
C PRO C 155 -29.19 -7.64 22.70
N VAL C 156 -29.34 -8.79 22.05
CA VAL C 156 -28.24 -9.75 21.96
C VAL C 156 -27.87 -9.89 20.50
N THR C 157 -26.85 -10.68 20.19
CA THR C 157 -26.48 -10.97 18.80
C THR C 157 -26.21 -12.47 18.60
N LEU C 158 -27.23 -13.15 18.07
CA LEU C 158 -27.18 -14.59 17.88
C LEU C 158 -26.78 -14.93 16.45
N THR C 159 -25.68 -15.66 16.31
CA THR C 159 -25.15 -16.06 15.00
C THR C 159 -24.96 -17.58 14.93
N TRP C 160 -25.50 -18.19 13.87
CA TRP C 160 -25.24 -19.59 13.61
C TRP C 160 -23.94 -19.77 12.83
N ASN C 161 -23.04 -20.57 13.40
CA ASN C 161 -21.72 -20.86 12.81
C ASN C 161 -20.97 -19.65 12.28
N SER C 162 -20.63 -18.71 13.18
CA SER C 162 -19.83 -17.52 12.85
C SER C 162 -20.37 -16.75 11.65
N GLY C 163 -21.69 -16.66 11.56
CA GLY C 163 -22.36 -15.96 10.47
C GLY C 163 -22.51 -16.77 9.20
N SER C 164 -21.84 -17.92 9.14
CA SER C 164 -21.84 -18.76 7.94
C SER C 164 -23.16 -19.48 7.70
N LEU C 165 -23.81 -19.91 8.78
CA LEU C 165 -25.18 -20.42 8.70
C LEU C 165 -26.11 -19.22 8.83
N SER C 166 -26.50 -18.69 7.68
CA SER C 166 -27.32 -17.48 7.63
C SER C 166 -28.60 -17.74 6.86
N SER C 167 -28.54 -18.64 5.88
CA SER C 167 -29.72 -18.98 5.07
C SER C 167 -30.55 -20.14 5.65
N GLY C 168 -31.69 -19.79 6.26
CA GLY C 168 -32.63 -20.75 6.81
C GLY C 168 -32.64 -20.74 8.32
N VAL C 169 -32.93 -19.59 8.92
CA VAL C 169 -32.89 -19.44 10.37
C VAL C 169 -33.87 -18.39 10.88
N HIS C 170 -34.55 -18.66 12.01
CA HIS C 170 -35.48 -17.69 12.62
C HIS C 170 -35.08 -17.31 14.05
N THR C 171 -35.06 -16.01 14.35
CA THR C 171 -34.67 -15.52 15.67
C THR C 171 -35.72 -14.62 16.31
N PHE C 172 -36.47 -15.18 17.25
CA PHE C 172 -37.73 -14.63 17.71
C PHE C 172 -37.59 -13.53 18.76
N PRO C 173 -38.31 -12.41 18.56
CA PRO C 173 -38.29 -11.21 19.42
C PRO C 173 -38.31 -11.49 20.90
N ALA C 174 -37.21 -11.20 21.61
CA ALA C 174 -37.11 -11.42 23.06
C ALA C 174 -38.32 -10.84 23.78
N VAL C 175 -38.79 -11.52 24.83
CA VAL C 175 -39.94 -11.03 25.60
C VAL C 175 -39.55 -10.53 26.98
N LEU C 176 -40.51 -9.88 27.63
CA LEU C 176 -40.27 -9.09 28.83
C LEU C 176 -40.90 -9.68 30.10
N GLN C 177 -40.75 -10.99 30.31
CA GLN C 177 -41.10 -11.57 31.61
C GLN C 177 -40.21 -10.98 32.69
N SER C 178 -40.81 -10.65 33.83
CA SER C 178 -40.12 -9.98 34.95
C SER C 178 -39.48 -8.66 34.53
N ASP C 179 -38.15 -8.71 34.32
CA ASP C 179 -37.32 -7.64 33.78
C ASP C 179 -36.03 -8.31 33.30
N LEU C 180 -36.23 -9.50 32.73
CA LEU C 180 -35.21 -10.25 32.01
C LEU C 180 -35.79 -10.66 30.66
N TYR C 181 -34.98 -10.54 29.61
CA TYR C 181 -35.48 -10.83 28.28
C TYR C 181 -35.14 -12.25 27.98
N THR C 182 -35.98 -12.92 27.20
CA THR C 182 -35.72 -14.32 26.83
C THR C 182 -36.09 -14.60 25.36
N LEU C 183 -35.15 -15.21 24.64
CA LEU C 183 -35.19 -15.30 23.17
C LEU C 183 -34.68 -16.62 22.59
N SER C 184 -35.38 -17.12 21.58
CA SER C 184 -35.16 -18.45 21.00
C SER C 184 -34.55 -18.35 19.61
N SER C 185 -33.95 -19.43 19.11
CA SER C 185 -33.40 -19.45 17.74
C SER C 185 -33.46 -20.78 16.97
N SER C 186 -34.30 -20.83 15.94
CA SER C 186 -34.40 -22.02 15.12
C SER C 186 -33.51 -21.87 13.91
N VAL C 187 -32.96 -22.98 13.44
CA VAL C 187 -32.23 -23.03 12.18
C VAL C 187 -32.48 -24.42 11.57
N THR C 188 -33.11 -24.45 10.40
CA THR C 188 -33.34 -25.71 9.69
C THR C 188 -32.04 -26.13 9.01
N VAL C 189 -31.95 -27.37 8.56
CA VAL C 189 -30.93 -27.75 7.58
C VAL C 189 -30.97 -29.26 7.23
N THR C 190 -30.58 -29.58 5.99
CA THR C 190 -30.52 -30.94 5.50
C THR C 190 -29.89 -31.90 6.48
N SER C 191 -30.43 -33.12 6.54
CA SER C 191 -29.94 -34.16 7.43
C SER C 191 -28.55 -34.56 7.01
N SER C 192 -28.23 -34.31 5.75
CA SER C 192 -26.89 -34.55 5.27
C SER C 192 -25.90 -33.60 5.94
N THR C 193 -26.30 -32.34 6.06
CA THR C 193 -25.42 -31.32 6.65
C THR C 193 -25.28 -31.38 8.18
N TRP C 194 -26.30 -31.85 8.91
CA TRP C 194 -26.06 -32.01 10.36
C TRP C 194 -25.27 -33.26 10.74
N PRO C 195 -25.59 -33.89 11.89
CA PRO C 195 -24.63 -34.42 12.88
C PRO C 195 -23.17 -34.48 12.40
N SER C 196 -22.92 -35.13 11.27
CA SER C 196 -21.61 -35.18 10.60
C SER C 196 -20.90 -33.85 10.68
N GLN C 197 -21.46 -32.86 9.99
CA GLN C 197 -20.91 -31.52 9.92
C GLN C 197 -21.36 -30.77 11.17
N SER C 198 -20.47 -30.02 11.79
CA SER C 198 -20.77 -29.28 13.03
C SER C 198 -21.62 -28.05 12.77
N ILE C 199 -22.44 -27.69 13.76
CA ILE C 199 -23.28 -26.50 13.74
C ILE C 199 -23.34 -25.94 15.15
N THR C 200 -22.85 -24.73 15.34
CA THR C 200 -22.86 -24.13 16.68
C THR C 200 -23.57 -22.78 16.69
N CYS C 201 -24.16 -22.49 17.86
CA CYS C 201 -24.81 -21.22 18.15
C CYS C 201 -23.81 -20.27 18.81
N ASN C 202 -23.58 -19.10 18.22
CA ASN C 202 -22.80 -18.03 18.85
C ASN C 202 -23.71 -16.90 19.36
N VAL C 203 -23.59 -16.54 20.63
CA VAL C 203 -24.40 -15.47 21.20
C VAL C 203 -23.53 -14.34 21.73
N ALA C 204 -23.84 -13.11 21.36
CA ALA C 204 -23.09 -11.96 21.84
C ALA C 204 -23.96 -10.95 22.59
N HIS C 205 -23.76 -10.87 23.89
CA HIS C 205 -24.34 -9.81 24.68
C HIS C 205 -23.30 -8.69 24.72
N PRO C 206 -23.63 -7.54 24.10
CA PRO C 206 -22.70 -6.41 24.04
C PRO C 206 -22.79 -5.60 25.32
N ALA C 207 -24.04 -5.34 25.74
CA ALA C 207 -24.33 -4.55 26.93
C ALA C 207 -23.79 -5.18 28.23
N SER C 208 -23.06 -6.29 28.11
CA SER C 208 -22.37 -6.97 29.23
C SER C 208 -21.00 -7.59 28.92
N SER C 209 -20.59 -7.56 27.65
CA SER C 209 -19.44 -8.33 27.17
C SER C 209 -19.61 -9.81 27.50
N THR C 210 -20.12 -10.58 26.54
CA THR C 210 -20.36 -12.00 26.69
C THR C 210 -20.26 -12.66 25.33
N LYS C 211 -19.23 -13.50 25.14
CA LYS C 211 -19.07 -14.21 23.87
C LYS C 211 -19.31 -15.72 24.07
N VAL C 212 -20.51 -16.06 24.53
CA VAL C 212 -20.88 -17.45 24.79
C VAL C 212 -21.07 -18.25 23.50
N ASP C 213 -20.31 -19.34 23.41
CA ASP C 213 -20.39 -20.29 22.29
C ASP C 213 -21.03 -21.58 22.76
N LYS C 214 -22.02 -22.07 22.01
CA LYS C 214 -22.69 -23.32 22.34
C LYS C 214 -22.75 -24.21 21.12
N LYS C 215 -22.02 -25.32 21.14
CA LYS C 215 -22.06 -26.30 20.03
C LYS C 215 -23.24 -27.25 20.20
N ILE C 216 -24.03 -27.47 19.15
CA ILE C 216 -25.22 -28.32 19.25
C ILE C 216 -24.85 -29.79 19.13
N GLU C 217 -24.92 -30.47 20.27
CA GLU C 217 -24.63 -31.88 20.40
C GLU C 217 -25.90 -32.68 20.31
N PRO C 218 -25.84 -33.87 19.70
CA PRO C 218 -26.92 -34.85 19.82
C PRO C 218 -27.14 -35.26 21.28
N ARG C 219 -27.74 -36.41 21.53
CA ARG C 219 -28.14 -36.74 22.91
C ARG C 219 -27.77 -38.13 23.39
N GLY C 220 -26.55 -38.25 23.91
CA GLY C 220 -26.07 -39.47 24.58
C GLY C 220 -26.53 -39.54 26.03
N PRO C 221 -26.48 -40.74 26.64
CA PRO C 221 -26.93 -40.90 28.01
C PRO C 221 -25.78 -40.96 29.02
N GLN D 10 73.60 28.13 -34.73
CA GLN D 10 72.22 28.14 -35.31
C GLN D 10 72.27 27.86 -36.83
N GLY D 11 73.32 27.16 -37.23
CA GLY D 11 73.52 26.77 -38.61
C GLY D 11 74.35 25.50 -38.61
N ARG D 12 75.21 25.37 -39.62
CA ARG D 12 76.10 24.19 -39.85
C ARG D 12 76.77 23.54 -38.64
N GLY D 13 77.29 24.31 -37.70
CA GLY D 13 77.96 23.77 -36.52
C GLY D 13 76.98 23.37 -35.41
N ALA D 14 76.00 24.24 -35.16
CA ALA D 14 74.97 24.01 -34.13
C ALA D 14 74.13 22.76 -34.45
N TRP D 15 73.58 22.73 -35.67
CA TRP D 15 72.77 21.61 -36.14
C TRP D 15 73.53 20.28 -36.04
N LEU D 16 74.82 20.28 -36.41
CA LEU D 16 75.66 19.07 -36.35
C LEU D 16 75.96 18.60 -34.89
N LEU D 17 76.19 19.58 -34.01
CA LEU D 17 76.46 19.31 -32.58
C LEU D 17 75.37 18.38 -32.12
N MET D 18 74.13 18.85 -32.27
CA MET D 18 72.95 18.09 -31.88
C MET D 18 72.70 16.84 -32.72
N ALA D 19 72.89 16.92 -34.03
CA ALA D 19 72.72 15.76 -34.91
C ALA D 19 73.63 14.61 -34.45
N PHE D 20 74.88 14.95 -34.15
CA PHE D 20 75.86 13.96 -33.66
C PHE D 20 75.44 13.35 -32.32
N THR D 21 75.04 14.18 -31.34
CA THR D 21 74.69 13.67 -30.00
C THR D 21 73.60 12.53 -30.05
N ALA D 22 72.47 12.81 -30.70
CA ALA D 22 71.43 11.79 -30.83
C ALA D 22 71.88 10.62 -31.72
N LEU D 23 72.58 10.93 -32.81
CA LEU D 23 73.09 9.87 -33.70
C LEU D 23 74.10 8.99 -32.93
N ALA D 24 74.82 9.59 -31.98
CA ALA D 24 75.77 8.85 -31.16
C ALA D 24 75.03 8.17 -30.02
N LEU D 25 74.30 8.96 -29.24
CA LEU D 25 73.53 8.46 -28.11
C LEU D 25 72.44 7.46 -28.57
N GLU D 26 71.73 7.81 -29.64
CA GLU D 26 70.66 6.95 -30.12
C GLU D 26 71.21 5.64 -30.79
N LEU D 27 72.41 5.77 -31.36
CA LEU D 27 73.12 4.64 -31.97
C LEU D 27 73.65 3.76 -30.85
N THR D 28 74.34 4.39 -29.88
CA THR D 28 74.93 3.68 -28.73
C THR D 28 73.81 3.07 -27.87
N ALA D 29 72.66 3.76 -27.83
CA ALA D 29 71.50 3.31 -27.05
C ALA D 29 70.91 2.02 -27.61
N LEU D 30 71.19 1.74 -28.89
CA LEU D 30 70.68 0.53 -29.55
C LEU D 30 71.30 -0.76 -28.96
N TRP D 31 72.48 -0.62 -28.34
CA TRP D 31 73.20 -1.76 -27.71
C TRP D 31 72.87 -3.06 -28.45
N PHE D 32 72.37 -4.04 -27.69
CA PHE D 32 72.04 -5.35 -28.24
C PHE D 32 71.00 -5.24 -29.38
N GLN D 33 71.30 -5.89 -30.50
CA GLN D 33 70.40 -5.92 -31.66
C GLN D 33 71.06 -6.67 -32.81
N HIS D 34 70.22 -7.19 -33.71
CA HIS D 34 70.71 -8.00 -34.83
C HIS D 34 71.96 -7.47 -35.56
N VAL D 35 72.22 -6.18 -35.47
CA VAL D 35 73.34 -5.60 -36.20
C VAL D 35 74.73 -6.18 -35.84
N MET D 36 74.98 -6.37 -34.56
CA MET D 36 76.27 -6.90 -34.09
C MET D 36 76.05 -8.25 -33.25
N LEU D 37 75.19 -8.16 -32.24
CA LEU D 37 74.81 -9.33 -31.37
C LEU D 37 73.86 -8.48 -30.22
N LEU D 38 74.14 -9.27 -29.08
CA LEU D 38 73.35 -9.76 -27.91
C LEU D 38 71.83 -9.96 -28.09
N LYS D 39 71.29 -11.05 -27.52
CA LYS D 39 69.84 -11.35 -27.60
C LYS D 39 68.86 -10.21 -27.21
N PRO D 40 68.82 -9.76 -25.96
CA PRO D 40 67.85 -8.71 -25.48
C PRO D 40 67.71 -7.52 -26.43
N SER D 41 66.55 -7.45 -27.10
CA SER D 41 66.24 -6.32 -28.01
C SER D 41 64.95 -6.55 -28.86
N VAL D 42 63.88 -5.79 -28.51
CA VAL D 42 62.58 -5.86 -29.22
C VAL D 42 61.73 -4.55 -29.04
N LEU D 43 60.48 -4.62 -29.57
CA LEU D 43 59.48 -3.51 -29.48
C LEU D 43 60.09 -2.24 -30.03
N CYS D 44 61.00 -1.66 -29.24
CA CYS D 44 61.61 -0.38 -29.49
C CYS D 44 62.04 0.00 -30.99
N ILE D 45 61.99 -0.95 -31.89
CA ILE D 45 62.30 -0.64 -33.29
C ILE D 45 61.15 0.27 -33.87
N TYR D 46 59.96 0.12 -33.29
CA TYR D 46 58.76 0.93 -33.66
C TYR D 46 58.99 2.36 -33.21
N GLU D 47 59.38 2.51 -31.93
CA GLU D 47 59.63 3.83 -31.32
C GLU D 47 60.89 4.50 -31.88
N ARG D 48 61.82 3.69 -32.39
CA ARG D 48 63.05 4.20 -32.99
C ARG D 48 62.67 5.14 -34.12
N VAL D 49 61.42 4.99 -34.57
CA VAL D 49 60.89 5.81 -35.67
C VAL D 49 61.14 7.31 -35.43
N ALA D 50 60.86 7.83 -34.24
CA ALA D 50 61.13 9.23 -33.94
C ALA D 50 62.61 9.58 -34.16
N LEU D 51 63.50 8.78 -33.55
CA LEU D 51 64.95 8.98 -33.68
C LEU D 51 65.38 8.85 -35.15
N PHE D 52 64.85 7.85 -35.87
CA PHE D 52 65.15 7.71 -37.30
C PHE D 52 64.60 8.95 -37.98
N GLY D 53 63.53 9.48 -37.39
CA GLY D 53 62.86 10.67 -37.86
C GLY D 53 63.68 11.90 -37.61
N VAL D 54 64.11 12.11 -36.36
CA VAL D 54 64.93 13.28 -36.09
C VAL D 54 66.28 13.12 -36.80
N LEU D 55 66.74 11.87 -36.91
CA LEU D 55 67.97 11.58 -37.68
C LEU D 55 67.71 12.14 -39.06
N GLY D 56 66.67 11.62 -39.75
CA GLY D 56 66.31 12.09 -41.07
C GLY D 56 66.31 13.60 -41.11
N ALA D 57 65.48 14.20 -40.25
CA ALA D 57 65.33 15.67 -40.16
C ALA D 57 66.63 16.43 -39.90
N ALA D 58 67.28 16.16 -38.77
CA ALA D 58 68.53 16.81 -38.38
C ALA D 58 69.57 16.67 -39.48
N LEU D 59 69.61 15.48 -40.10
CA LEU D 59 70.54 15.20 -41.21
C LEU D 59 70.19 15.98 -42.47
N ILE D 60 68.91 16.01 -42.84
CA ILE D 60 68.47 16.77 -44.00
C ILE D 60 68.58 18.24 -43.66
N GLY D 61 68.41 18.55 -42.38
CA GLY D 61 68.54 19.93 -41.89
C GLY D 61 70.01 20.29 -41.70
N ALA D 62 70.88 19.31 -41.94
CA ALA D 62 72.32 19.52 -41.83
C ALA D 62 72.89 19.72 -43.23
N ILE D 63 72.01 19.71 -44.25
CA ILE D 63 72.47 19.85 -45.62
C ILE D 63 72.66 21.32 -46.03
N ALA D 64 71.56 22.08 -45.96
CA ALA D 64 71.54 23.51 -46.33
C ALA D 64 71.96 24.45 -45.17
N PRO D 65 73.14 25.04 -45.31
CA PRO D 65 73.74 26.01 -44.31
C PRO D 65 73.26 27.52 -44.16
N LYS D 66 72.63 27.78 -42.88
CA LYS D 66 71.81 28.67 -42.37
C LYS D 66 70.64 28.31 -43.28
N THR D 67 70.82 28.71 -44.54
CA THR D 67 69.87 28.47 -45.63
C THR D 67 68.44 28.27 -45.13
N PRO D 68 67.49 27.84 -45.96
CA PRO D 68 66.21 27.61 -45.45
C PRO D 68 65.71 26.07 -45.26
N LEU D 69 66.26 25.20 -46.07
CA LEU D 69 65.95 23.75 -45.95
C LEU D 69 65.86 23.34 -44.47
N ARG D 70 66.25 24.27 -43.59
CA ARG D 70 66.16 24.08 -42.16
C ARG D 70 64.61 24.26 -41.79
N TYR D 71 63.94 25.08 -42.58
CA TYR D 71 62.52 25.36 -42.41
C TYR D 71 61.70 24.06 -42.36
N VAL D 72 62.00 23.13 -43.28
CA VAL D 72 61.31 21.84 -43.35
C VAL D 72 61.90 20.84 -42.34
N ALA D 73 63.22 20.82 -42.24
CA ALA D 73 63.93 19.94 -41.33
C ALA D 73 63.54 20.17 -39.87
N MET D 74 63.33 21.44 -39.52
CA MET D 74 63.01 21.81 -38.17
C MET D 74 61.62 21.17 -37.67
N VAL D 75 60.64 21.23 -38.54
CA VAL D 75 59.36 20.67 -38.18
C VAL D 75 59.43 19.14 -38.14
N ILE D 76 59.92 18.51 -39.19
CA ILE D 76 60.03 17.06 -39.18
C ILE D 76 61.04 16.57 -38.06
N TRP D 77 61.84 17.53 -37.61
CA TRP D 77 62.83 17.33 -36.55
C TRP D 77 62.11 17.31 -35.24
N LEU D 78 61.38 18.40 -34.98
CA LEU D 78 60.57 18.54 -33.80
C LEU D 78 59.37 17.58 -33.83
N TYR D 79 58.85 17.36 -35.03
CA TYR D 79 57.69 16.48 -35.21
C TYR D 79 58.06 15.07 -34.85
N SER D 80 59.09 14.53 -35.46
CA SER D 80 59.49 13.15 -35.15
C SER D 80 59.74 12.97 -33.65
N ALA D 81 60.38 13.96 -33.03
CA ALA D 81 60.66 13.93 -31.60
C ALA D 81 59.34 13.97 -30.83
N PHE D 82 58.40 14.79 -31.32
CA PHE D 82 57.06 14.90 -30.72
C PHE D 82 56.30 13.58 -30.78
N ARG D 83 56.33 12.91 -31.94
CA ARG D 83 55.66 11.61 -32.05
C ARG D 83 56.28 10.67 -31.04
N GLY D 84 57.57 10.85 -30.77
CA GLY D 84 58.26 10.00 -29.80
C GLY D 84 57.62 10.08 -28.42
N VAL D 85 57.60 11.29 -27.86
CA VAL D 85 57.03 11.53 -26.53
C VAL D 85 55.61 10.96 -26.44
N GLN D 86 54.80 11.23 -27.46
CA GLN D 86 53.39 10.78 -27.50
C GLN D 86 53.19 9.26 -27.46
N LEU D 87 53.82 8.53 -28.37
CA LEU D 87 53.71 7.08 -28.38
C LEU D 87 54.41 6.59 -27.10
N THR D 88 55.54 7.22 -26.76
CA THR D 88 56.31 6.89 -25.55
C THR D 88 55.50 7.13 -24.27
N TYR D 89 54.76 8.24 -24.23
CA TYR D 89 53.94 8.56 -23.06
C TYR D 89 52.97 7.45 -22.79
N GLU D 90 52.13 7.14 -23.78
CA GLU D 90 51.14 6.08 -23.62
C GLU D 90 51.81 4.72 -23.48
N HIS D 91 52.86 4.48 -24.26
CA HIS D 91 53.63 3.24 -24.18
C HIS D 91 54.22 3.12 -22.78
N THR D 92 54.73 4.25 -22.27
CA THR D 92 55.30 4.30 -20.92
C THR D 92 54.18 3.99 -19.90
N MET D 93 52.96 4.47 -20.18
CA MET D 93 51.82 4.22 -19.29
C MET D 93 51.71 2.68 -19.04
N LEU D 94 52.19 1.91 -20.00
CA LEU D 94 52.17 0.44 -19.89
C LEU D 94 52.75 -0.05 -18.58
N GLN D 95 53.92 0.46 -18.21
CA GLN D 95 54.56 0.04 -16.99
C GLN D 95 53.63 0.19 -15.78
N LEU D 96 52.48 0.84 -15.99
CA LEU D 96 51.53 1.05 -14.90
C LEU D 96 50.08 1.21 -15.37
N TYR D 97 49.16 0.49 -14.72
CA TYR D 97 47.75 0.55 -15.08
C TYR D 97 47.46 -0.38 -16.25
N PRO D 98 48.14 -1.51 -16.37
CA PRO D 98 47.86 -2.41 -17.49
C PRO D 98 46.59 -3.21 -17.20
N SER D 99 46.32 -4.20 -18.05
CA SER D 99 45.14 -5.05 -17.88
C SER D 99 44.80 -5.74 -19.20
N PRO D 100 45.54 -6.75 -19.60
CA PRO D 100 45.27 -7.47 -20.86
C PRO D 100 44.49 -8.75 -20.63
N PHE D 101 45.22 -9.87 -20.53
CA PHE D 101 44.57 -11.17 -20.36
C PHE D 101 45.56 -12.32 -20.05
N ALA D 102 44.99 -13.49 -19.69
CA ALA D 102 45.77 -14.69 -19.31
C ALA D 102 47.03 -14.35 -18.51
N THR D 103 48.01 -15.26 -18.55
CA THR D 103 49.24 -15.03 -17.78
C THR D 103 50.57 -15.41 -18.72
N CYS D 104 51.32 -14.36 -19.00
CA CYS D 104 52.55 -14.52 -19.73
C CYS D 104 53.60 -13.31 -19.44
N ASP D 105 54.79 -13.45 -20.02
CA ASP D 105 55.83 -12.43 -19.81
C ASP D 105 56.41 -11.85 -21.11
N PHE D 106 56.04 -10.58 -21.38
CA PHE D 106 56.46 -9.84 -22.58
C PHE D 106 55.34 -8.90 -23.08
N MET D 107 54.51 -9.40 -24.04
CA MET D 107 53.34 -8.61 -24.62
C MET D 107 51.96 -9.23 -24.25
N VAL D 108 51.58 -9.05 -22.97
CA VAL D 108 50.29 -9.52 -22.45
C VAL D 108 49.21 -8.43 -22.54
N LEU D 114 55.91 -3.23 -58.72
CA LEU D 114 55.06 -2.26 -58.01
C LEU D 114 55.25 -2.34 -56.49
N PRO D 115 56.32 -1.76 -55.98
CA PRO D 115 56.58 -1.68 -54.52
C PRO D 115 55.69 -0.69 -53.76
N LEU D 116 55.84 0.60 -54.08
CA LEU D 116 55.09 1.69 -53.46
C LEU D 116 55.16 1.65 -51.88
N ASP D 117 54.10 1.12 -51.25
CA ASP D 117 54.02 0.99 -49.79
C ASP D 117 54.33 -0.43 -49.36
N LYS D 118 54.04 -1.37 -50.27
CA LYS D 118 54.13 -2.80 -50.01
C LYS D 118 55.45 -3.30 -49.41
N TRP D 119 55.48 -4.56 -48.97
CA TRP D 119 56.68 -5.12 -48.33
C TRP D 119 57.85 -4.11 -48.21
N VAL D 120 57.89 -3.38 -47.06
CA VAL D 120 58.98 -2.42 -46.81
C VAL D 120 60.19 -3.09 -46.13
N PRO D 121 61.41 -2.68 -46.50
CA PRO D 121 62.65 -3.22 -45.96
C PRO D 121 62.66 -3.45 -44.40
N GLN D 122 61.78 -2.74 -43.71
CA GLN D 122 61.70 -2.78 -42.25
C GLN D 122 62.01 -4.19 -41.62
N VAL D 123 61.22 -5.20 -41.94
CA VAL D 123 61.40 -6.53 -41.39
C VAL D 123 61.61 -6.48 -39.87
N PHE D 124 60.59 -6.94 -39.12
CA PHE D 124 60.68 -6.95 -37.67
C PHE D 124 61.35 -8.23 -37.15
N VAL D 125 61.52 -8.28 -35.83
CA VAL D 125 62.12 -9.39 -35.11
C VAL D 125 61.27 -9.69 -33.84
N ALA D 126 61.42 -10.90 -33.29
CA ALA D 126 60.65 -11.32 -32.12
C ALA D 126 61.29 -12.54 -31.43
N SER D 127 60.49 -13.25 -30.61
CA SER D 127 60.99 -14.45 -29.91
C SER D 127 59.89 -15.50 -29.66
N GLY D 128 60.30 -16.63 -29.05
CA GLY D 128 59.40 -17.75 -28.76
C GLY D 128 58.58 -17.52 -27.48
N ASP D 129 57.28 -17.74 -27.59
CA ASP D 129 56.31 -17.55 -26.48
C ASP D 129 56.67 -16.39 -25.54
N CYS D 130 57.05 -16.76 -24.30
CA CYS D 130 57.40 -15.76 -23.25
C CYS D 130 58.78 -16.02 -22.60
N ALA D 131 59.40 -14.91 -22.18
CA ALA D 131 60.68 -14.90 -21.47
C ALA D 131 60.39 -14.40 -20.06
N GLU D 132 60.71 -15.23 -19.09
CA GLU D 132 60.39 -14.98 -17.67
C GLU D 132 60.93 -13.68 -17.04
N ARG D 133 62.13 -13.77 -16.45
CA ARG D 133 62.80 -12.61 -15.81
C ARG D 133 64.07 -12.30 -16.61
N GLN D 134 64.30 -11.01 -16.90
CA GLN D 134 65.43 -10.61 -17.78
C GLN D 134 66.83 -10.26 -17.16
N TRP D 135 67.03 -8.94 -16.96
CA TRP D 135 68.26 -8.40 -16.35
C TRP D 135 68.15 -6.85 -16.19
N ASP D 136 67.93 -6.44 -14.93
CA ASP D 136 67.77 -5.02 -14.58
C ASP D 136 68.69 -4.61 -13.43
N PHE D 137 69.96 -4.28 -13.76
CA PHE D 137 70.94 -3.87 -12.74
C PHE D 137 70.76 -2.40 -12.33
N LEU D 138 71.50 -1.53 -13.04
CA LEU D 138 71.57 -0.08 -12.75
C LEU D 138 70.36 0.51 -11.97
N GLY D 139 70.60 1.68 -11.34
CA GLY D 139 69.57 2.35 -10.52
C GLY D 139 68.73 3.37 -11.29
N LEU D 140 69.14 4.64 -11.22
CA LEU D 140 68.44 5.76 -11.87
C LEU D 140 66.93 5.54 -11.82
N GLU D 141 66.46 4.70 -12.74
CA GLU D 141 65.04 4.37 -12.87
C GLU D 141 64.84 3.31 -13.96
N MET D 142 65.77 3.23 -14.90
CA MET D 142 65.73 2.25 -15.99
C MET D 142 64.67 2.58 -17.05
N PRO D 143 64.29 1.63 -17.92
CA PRO D 143 63.33 1.96 -18.98
C PRO D 143 62.23 2.85 -18.44
N GLN D 144 61.43 3.40 -19.35
CA GLN D 144 60.30 4.26 -19.00
C GLN D 144 60.79 5.66 -18.63
N TRP D 145 62.01 5.71 -18.08
CA TRP D 145 62.62 7.00 -17.73
C TRP D 145 63.07 7.67 -19.02
N LEU D 146 63.54 6.83 -19.96
CA LEU D 146 64.05 7.27 -21.25
C LEU D 146 63.21 8.34 -21.91
N LEU D 147 61.95 8.44 -21.49
CA LEU D 147 61.00 9.44 -22.01
C LEU D 147 61.58 10.84 -21.97
N GLY D 148 62.38 11.11 -20.93
CA GLY D 148 63.01 12.41 -20.80
C GLY D 148 63.74 12.72 -22.10
N ILE D 149 64.49 11.72 -22.60
CA ILE D 149 65.28 11.93 -23.80
C ILE D 149 64.47 12.25 -25.11
N PHE D 150 63.24 11.81 -25.17
CA PHE D 150 62.38 12.11 -26.31
C PHE D 150 61.92 13.58 -26.24
N ILE D 151 61.50 14.04 -25.05
CA ILE D 151 61.07 15.43 -24.90
C ILE D 151 62.35 16.38 -24.94
N ALA D 152 63.49 15.79 -24.63
CA ALA D 152 64.74 16.55 -24.62
C ALA D 152 65.07 17.12 -26.01
N TYR D 153 65.27 16.20 -26.96
CA TYR D 153 65.56 16.52 -28.33
C TYR D 153 64.41 17.34 -28.85
N LEU D 154 63.20 16.95 -28.42
CA LEU D 154 61.97 17.68 -28.77
C LEU D 154 62.02 19.09 -28.18
N ILE D 155 62.61 19.26 -27.00
CA ILE D 155 62.68 20.58 -26.47
C ILE D 155 64.01 21.36 -27.16
N VAL D 156 65.14 20.69 -27.09
CA VAL D 156 66.34 21.25 -27.73
C VAL D 156 66.00 21.59 -29.19
N ALA D 157 65.06 20.83 -29.75
CA ALA D 157 64.58 21.05 -31.09
C ALA D 157 63.89 22.39 -31.05
N VAL D 158 62.93 22.51 -30.12
CA VAL D 158 62.18 23.77 -29.95
C VAL D 158 63.15 24.92 -29.72
N LEU D 159 64.14 24.70 -28.85
CA LEU D 159 65.16 25.72 -28.50
C LEU D 159 66.01 26.14 -29.72
N VAL D 160 66.26 25.19 -30.63
CA VAL D 160 66.96 25.52 -31.88
C VAL D 160 65.94 26.35 -32.70
N VAL D 161 64.70 25.84 -32.82
CA VAL D 161 63.65 26.52 -33.60
C VAL D 161 63.28 27.94 -33.17
N ILE D 162 63.14 28.19 -31.87
CA ILE D 162 62.83 29.53 -31.38
C ILE D 162 62.98 29.62 -29.87
N ASP E 21 39.43 -18.49 -15.70
CA ASP E 21 39.65 -17.13 -15.11
C ASP E 21 40.26 -17.21 -13.72
N ILE E 22 40.10 -16.14 -12.94
CA ILE E 22 40.47 -16.16 -11.53
C ILE E 22 39.21 -16.32 -10.67
N VAL E 23 39.31 -17.11 -9.60
CA VAL E 23 38.25 -17.18 -8.57
C VAL E 23 38.58 -16.42 -7.28
N MET E 24 37.70 -15.47 -6.96
CA MET E 24 37.80 -14.71 -5.73
C MET E 24 36.86 -15.35 -4.74
N SER E 25 37.33 -15.58 -3.51
CA SER E 25 36.47 -16.15 -2.47
C SER E 25 36.56 -15.45 -1.12
N GLN E 26 35.46 -14.80 -0.74
CA GLN E 26 35.34 -14.16 0.56
C GLN E 26 34.85 -15.05 1.69
N SER E 27 35.40 -14.78 2.87
CA SER E 27 35.06 -15.44 4.11
C SER E 27 35.01 -14.39 5.22
N PRO E 28 33.98 -14.42 6.06
CA PRO E 28 32.88 -15.36 6.11
C PRO E 28 31.79 -14.93 5.15
N SER E 29 30.67 -15.65 5.12
CA SER E 29 29.49 -15.23 4.38
C SER E 29 28.93 -13.95 4.96
N SER E 30 28.88 -13.92 6.29
CA SER E 30 28.37 -12.77 7.02
C SER E 30 28.91 -12.68 8.44
N LEU E 31 28.68 -11.52 9.04
CA LEU E 31 29.06 -11.27 10.41
C LEU E 31 28.26 -10.11 10.99
N ALA E 32 27.51 -10.43 12.04
CA ALA E 32 26.86 -9.39 12.83
C ALA E 32 27.88 -8.85 13.80
N VAL E 33 27.85 -7.53 14.01
CA VAL E 33 28.81 -6.89 14.91
C VAL E 33 28.25 -5.67 15.69
N SER E 34 29.00 -5.25 16.71
CA SER E 34 28.58 -4.22 17.65
C SER E 34 29.25 -2.87 17.35
N ALA E 35 28.44 -1.82 17.36
CA ALA E 35 28.85 -0.50 16.90
C ALA E 35 29.99 0.13 17.71
N GLY E 36 31.13 0.33 17.05
CA GLY E 36 32.29 0.97 17.67
C GLY E 36 33.49 0.05 17.75
N GLU E 37 33.30 -1.22 17.41
CA GLU E 37 34.35 -2.23 17.42
C GLU E 37 35.27 -2.20 16.19
N LYS E 38 36.01 -3.30 15.96
CA LYS E 38 36.90 -3.43 14.80
C LYS E 38 36.85 -4.82 14.14
N VAL E 39 35.92 -4.96 13.17
CA VAL E 39 35.80 -6.15 12.30
C VAL E 39 36.87 -6.22 11.21
N THR E 40 37.10 -7.42 10.69
CA THR E 40 37.93 -7.62 9.51
C THR E 40 37.36 -8.76 8.67
N MET E 41 36.94 -8.48 7.44
CA MET E 41 36.61 -9.59 6.53
C MET E 41 37.80 -9.97 5.68
N SER E 42 37.72 -11.14 5.07
CA SER E 42 38.83 -11.67 4.28
C SER E 42 38.48 -11.95 2.83
N CYS E 43 39.47 -11.74 1.97
CA CYS E 43 39.34 -11.95 0.55
C CYS E 43 40.55 -12.71 0.05
N LYS E 44 40.30 -13.79 -0.68
CA LYS E 44 41.36 -14.58 -1.26
C LYS E 44 41.15 -14.78 -2.75
N SER E 45 42.21 -15.21 -3.43
CA SER E 45 42.23 -15.25 -4.89
C SER E 45 42.97 -16.48 -5.31
N SER E 46 42.54 -17.09 -6.41
CA SER E 46 43.14 -18.33 -6.88
C SER E 46 44.55 -18.07 -7.36
N GLN E 47 44.70 -16.97 -8.09
CA GLN E 47 45.98 -16.54 -8.63
C GLN E 47 46.54 -15.39 -7.83
N SER E 48 47.86 -15.27 -7.83
CA SER E 48 48.52 -14.16 -7.20
C SER E 48 48.24 -12.91 -8.01
N LEU E 49 48.02 -11.80 -7.31
CA LEU E 49 47.63 -10.57 -7.96
C LEU E 49 48.76 -9.55 -7.93
N LEU E 50 49.97 -10.02 -7.61
CA LEU E 50 51.18 -9.18 -7.64
C LEU E 50 51.70 -8.92 -9.05
N ASN E 51 52.51 -7.87 -9.19
CA ASN E 51 53.16 -7.55 -10.46
C ASN E 51 54.64 -7.23 -10.27
N SER E 52 55.53 -8.00 -10.91
CA SER E 52 57.00 -7.82 -10.80
C SER E 52 57.42 -6.36 -10.66
N ARG E 53 56.80 -5.52 -11.49
CA ARG E 53 56.93 -4.06 -11.42
C ARG E 53 55.52 -3.45 -11.47
N THR E 54 55.22 -2.47 -10.62
CA THR E 54 55.91 -2.26 -9.36
C THR E 54 55.04 -3.08 -8.42
N ARG E 55 55.49 -3.33 -7.19
CA ARG E 55 54.62 -3.95 -6.20
C ARG E 55 53.25 -3.26 -6.25
N LYS E 56 52.33 -3.92 -6.95
CA LYS E 56 50.95 -3.47 -7.07
C LYS E 56 50.09 -4.74 -7.08
N ASN E 57 48.84 -4.60 -6.66
CA ASN E 57 48.06 -5.70 -6.17
C ASN E 57 46.71 -5.08 -5.95
N TYR E 58 45.93 -4.67 -6.95
CA TYR E 58 45.50 -5.34 -8.20
C TYR E 58 44.25 -6.11 -7.86
N LEU E 59 43.51 -5.44 -6.96
CA LEU E 59 42.33 -5.91 -6.30
C LEU E 59 41.71 -4.68 -5.65
N ALA E 60 40.39 -4.62 -5.68
CA ALA E 60 39.65 -3.52 -5.08
C ALA E 60 38.75 -4.00 -3.93
N TRP E 61 38.01 -3.06 -3.34
CA TRP E 61 36.99 -3.32 -2.33
C TRP E 61 35.82 -2.39 -2.61
N TYR E 62 34.62 -2.95 -2.75
CA TYR E 62 33.43 -2.16 -3.00
C TYR E 62 32.41 -2.47 -1.91
N GLN E 63 31.72 -1.46 -1.40
CA GLN E 63 30.62 -1.70 -0.47
C GLN E 63 29.25 -1.38 -1.08
N GLN E 64 28.31 -2.33 -0.95
CA GLN E 64 26.96 -2.15 -1.49
C GLN E 64 25.87 -2.24 -0.39
N LYS E 65 25.26 -1.10 -0.13
CA LYS E 65 24.12 -0.99 0.75
C LYS E 65 22.85 -1.34 -0.04
N PRO E 66 21.83 -1.88 0.66
CA PRO E 66 20.57 -2.29 0.00
C PRO E 66 20.01 -1.21 -0.92
N GLY E 67 19.31 -1.65 -1.97
CA GLY E 67 18.68 -0.74 -2.93
C GLY E 67 19.61 0.28 -3.58
N GLN E 68 20.79 -0.19 -4.05
CA GLN E 68 21.87 0.67 -4.60
C GLN E 68 22.94 -0.10 -5.37
N SER E 69 23.80 0.66 -6.07
CA SER E 69 25.04 0.13 -6.65
C SER E 69 26.09 0.01 -5.54
N PRO E 70 27.28 -0.52 -5.88
CA PRO E 70 28.43 -0.43 -4.97
C PRO E 70 29.15 0.92 -5.08
N LYS E 71 30.07 1.19 -4.16
CA LYS E 71 30.99 2.32 -4.26
C LYS E 71 32.40 1.80 -4.05
N LEU E 72 33.36 2.26 -4.85
CA LEU E 72 34.77 1.87 -4.65
C LEU E 72 35.29 2.39 -3.30
N LEU E 73 35.71 1.47 -2.45
CA LEU E 73 36.17 1.83 -1.13
C LEU E 73 37.68 1.91 -1.16
N ILE E 74 38.29 0.85 -1.68
CA ILE E 74 39.73 0.80 -1.77
C ILE E 74 40.14 0.21 -3.11
N TYR E 75 41.13 0.82 -3.76
CA TYR E 75 41.74 0.25 -4.96
C TYR E 75 43.20 -0.10 -4.72
N TRP E 76 43.73 -0.99 -5.57
CA TRP E 76 45.08 -1.52 -5.43
C TRP E 76 45.29 -2.09 -4.03
N ALA E 77 44.20 -2.57 -3.43
CA ALA E 77 44.13 -3.13 -2.07
C ALA E 77 44.43 -2.16 -0.92
N SER E 78 45.44 -1.30 -1.09
CA SER E 78 45.83 -0.31 -0.09
C SER E 78 45.13 1.02 -0.29
N THR E 79 45.62 1.83 -1.22
CA THR E 79 45.19 3.23 -1.30
C THR E 79 43.68 3.39 -1.19
N ARG E 80 43.26 4.22 -0.24
CA ARG E 80 41.85 4.56 -0.06
C ARG E 80 41.27 5.25 -1.29
N GLU E 81 39.99 5.55 -1.22
CA GLU E 81 39.35 6.32 -2.27
C GLU E 81 39.08 7.75 -1.81
N SER E 82 38.84 8.66 -2.76
CA SER E 82 38.59 10.08 -2.45
C SER E 82 37.28 10.28 -1.69
N GLY E 83 37.42 10.48 -0.37
CA GLY E 83 36.28 10.66 0.53
C GLY E 83 35.95 9.40 1.31
N VAL E 84 36.97 8.60 1.59
CA VAL E 84 36.79 7.35 2.33
C VAL E 84 37.51 7.38 3.68
N PRO E 85 36.72 7.28 4.78
CA PRO E 85 37.16 7.33 6.17
C PRO E 85 38.45 6.57 6.52
N ASP E 86 39.08 6.99 7.61
CA ASP E 86 40.31 6.39 8.12
C ASP E 86 40.12 4.97 8.53
N ARG E 87 38.98 4.71 9.17
CA ARG E 87 38.63 3.41 9.75
C ARG E 87 38.92 2.19 8.87
N PHE E 88 38.43 2.20 7.62
CA PHE E 88 38.74 1.16 6.62
C PHE E 88 40.23 1.16 6.28
N THR E 89 40.79 -0.02 6.08
CA THR E 89 42.22 -0.16 5.81
C THR E 89 42.51 -1.52 5.21
N GLY E 90 42.47 -1.59 3.88
CA GLY E 90 42.79 -2.83 3.18
C GLY E 90 44.22 -3.25 3.43
N SER E 91 44.47 -4.55 3.38
CA SER E 91 45.82 -5.08 3.60
C SER E 91 45.94 -6.42 2.89
N GLY E 92 47.14 -6.99 2.91
CA GLY E 92 47.32 -8.31 2.34
C GLY E 92 48.08 -8.24 1.04
N SER E 93 48.58 -9.39 0.59
CA SER E 93 49.49 -9.41 -0.54
C SER E 93 49.52 -10.72 -1.34
N GLY E 94 49.23 -10.60 -2.63
CA GLY E 94 49.35 -11.70 -3.57
C GLY E 94 48.09 -12.54 -3.67
N THR E 95 47.84 -13.32 -2.62
CA THR E 95 46.70 -14.24 -2.55
C THR E 95 45.97 -14.19 -1.20
N ASP E 96 46.00 -13.03 -0.54
CA ASP E 96 45.51 -12.89 0.84
C ASP E 96 45.12 -11.46 1.24
N PHE E 97 43.98 -10.98 0.78
CA PHE E 97 43.57 -9.60 1.01
C PHE E 97 42.53 -9.44 2.12
N THR E 98 42.64 -8.38 2.91
CA THR E 98 41.88 -8.28 4.14
C THR E 98 41.43 -6.87 4.49
N LEU E 99 40.17 -6.58 4.17
CA LEU E 99 39.56 -5.30 4.52
C LEU E 99 39.21 -5.31 6.00
N THR E 100 39.37 -4.17 6.66
CA THR E 100 39.12 -4.06 8.11
C THR E 100 38.54 -2.71 8.53
N ILE E 101 37.47 -2.74 9.32
CA ILE E 101 36.81 -1.53 9.86
C ILE E 101 36.94 -1.45 11.38
N SER E 102 37.27 -0.27 11.91
CA SER E 102 36.98 0.07 13.32
C SER E 102 35.89 1.15 13.36
N SER E 103 35.49 1.56 14.57
CA SER E 103 34.41 2.55 14.79
C SER E 103 33.10 2.21 14.06
N VAL E 104 32.99 0.95 13.67
CA VAL E 104 31.85 0.43 12.95
C VAL E 104 30.63 1.34 13.10
N GLN E 105 30.36 2.14 12.08
CA GLN E 105 29.14 2.95 12.06
C GLN E 105 27.88 2.08 11.90
N ALA E 106 26.71 2.68 12.11
CA ALA E 106 25.44 2.01 11.86
C ALA E 106 25.18 2.06 10.36
N GLU E 107 25.67 3.14 9.75
CA GLU E 107 25.68 3.30 8.28
C GLU E 107 26.95 2.68 7.68
N ASP E 108 27.27 1.47 8.15
CA ASP E 108 28.34 0.65 7.63
C ASP E 108 27.80 -0.73 7.38
N LEU E 109 26.49 -0.88 7.57
CA LEU E 109 25.79 -2.11 7.21
C LEU E 109 25.73 -2.12 5.69
N ALA E 110 26.23 -3.21 5.12
CA ALA E 110 26.36 -3.40 3.67
C ALA E 110 26.99 -4.77 3.37
N VAL E 111 27.00 -5.15 2.10
CA VAL E 111 27.79 -6.30 1.68
C VAL E 111 29.10 -5.79 1.10
N TYR E 112 30.21 -6.30 1.62
CA TYR E 112 31.51 -5.91 1.13
C TYR E 112 32.01 -6.97 0.19
N TYR E 113 32.29 -6.54 -1.04
CA TYR E 113 32.81 -7.38 -2.13
C TYR E 113 34.29 -7.08 -2.34
N CYS E 114 34.99 -7.98 -3.04
CA CYS E 114 36.34 -7.69 -3.50
C CYS E 114 36.48 -8.06 -4.97
N LYS E 115 37.12 -7.17 -5.73
CA LYS E 115 37.32 -7.30 -7.18
C LYS E 115 38.80 -7.33 -7.50
N GLN E 116 39.26 -8.38 -8.16
CA GLN E 116 40.58 -8.35 -8.77
C GLN E 116 40.46 -7.87 -10.19
N SER E 117 41.49 -7.14 -10.65
CA SER E 117 41.54 -6.72 -12.03
C SER E 117 42.87 -7.07 -12.68
N TYR E 118 43.72 -7.81 -11.97
CA TYR E 118 44.98 -8.29 -12.54
C TYR E 118 44.75 -8.87 -13.91
N ASN E 119 43.76 -9.73 -14.02
CA ASN E 119 43.41 -10.35 -15.28
C ASN E 119 41.91 -10.39 -15.35
N LEU E 120 41.37 -9.67 -16.32
CA LEU E 120 39.93 -9.45 -16.46
C LEU E 120 39.30 -8.78 -15.21
N TYR E 121 38.00 -8.96 -15.03
CA TYR E 121 37.31 -8.45 -13.85
C TYR E 121 36.50 -9.59 -13.21
N THR E 122 36.90 -10.03 -12.02
CA THR E 122 36.14 -11.08 -11.35
C THR E 122 35.88 -10.73 -9.88
N PHE E 123 34.62 -10.77 -9.45
CA PHE E 123 34.27 -10.41 -8.06
C PHE E 123 34.34 -11.52 -7.00
N GLY E 124 34.34 -11.11 -5.73
CA GLY E 124 34.22 -12.03 -4.60
C GLY E 124 32.77 -12.38 -4.35
N GLY E 125 32.52 -13.23 -3.34
CA GLY E 125 31.14 -13.58 -2.97
C GLY E 125 30.45 -12.49 -2.16
N GLY E 126 31.16 -11.99 -1.16
CA GLY E 126 30.64 -10.97 -0.28
C GLY E 126 30.84 -11.37 1.16
N THR E 127 30.89 -10.37 2.04
CA THR E 127 30.75 -10.60 3.46
C THR E 127 29.66 -9.62 3.89
N LYS E 128 28.50 -10.15 4.29
CA LYS E 128 27.39 -9.30 4.73
C LYS E 128 27.69 -8.84 6.14
N LEU E 129 27.45 -7.57 6.43
CA LEU E 129 27.80 -7.06 7.76
C LEU E 129 26.60 -6.56 8.56
N GLU E 130 25.96 -7.47 9.29
CA GLU E 130 24.79 -7.15 10.11
C GLU E 130 25.10 -6.55 11.51
N ILE E 131 24.09 -5.93 12.11
CA ILE E 131 24.23 -5.25 13.41
C ILE E 131 23.53 -5.98 14.55
N LYS E 132 24.26 -6.23 15.65
CA LYS E 132 23.67 -6.75 16.88
C LYS E 132 22.73 -5.71 17.51
N ALA E 134 21.28 -7.52 20.13
CA ALA E 134 20.72 -8.06 21.37
C ALA E 134 19.45 -8.88 21.08
N ASP E 135 19.39 -10.07 21.69
CA ASP E 135 18.45 -11.14 21.31
C ASP E 135 16.97 -10.77 21.45
N ALA E 136 16.12 -11.70 21.02
CA ALA E 136 14.65 -11.64 21.18
C ALA E 136 14.01 -12.97 20.74
N ALA E 137 12.79 -13.23 21.21
CA ALA E 137 12.03 -14.41 20.78
C ALA E 137 11.01 -14.06 19.67
N PRO E 138 10.76 -15.02 18.75
CA PRO E 138 9.89 -14.73 17.62
C PRO E 138 8.41 -14.72 17.98
N THR E 139 7.72 -13.70 17.48
CA THR E 139 6.28 -13.56 17.62
C THR E 139 5.60 -14.31 16.47
N VAL E 140 5.29 -15.57 16.73
CA VAL E 140 4.69 -16.43 15.72
C VAL E 140 3.16 -16.44 15.77
N SER E 141 2.55 -16.40 14.60
CA SER E 141 1.11 -16.40 14.49
C SER E 141 0.72 -17.16 13.24
N ILE E 142 -0.17 -18.13 13.41
CA ILE E 142 -0.66 -19.00 12.32
C ILE E 142 -1.98 -18.49 11.73
N PHE E 143 -2.22 -18.80 10.46
CA PHE E 143 -3.33 -18.26 9.70
C PHE E 143 -3.85 -19.28 8.71
N PRO E 144 -5.12 -19.69 8.86
CA PRO E 144 -5.85 -20.63 7.98
C PRO E 144 -6.09 -20.10 6.56
N PRO E 145 -6.40 -20.99 5.60
CA PRO E 145 -6.57 -20.59 4.22
C PRO E 145 -7.83 -19.74 4.05
N SER E 146 -7.64 -18.51 3.59
CA SER E 146 -8.70 -17.52 3.53
C SER E 146 -9.98 -18.00 2.86
N SER E 147 -11.08 -17.59 3.49
CA SER E 147 -12.47 -17.72 3.01
C SER E 147 -12.61 -18.01 1.50
N GLU E 148 -12.05 -17.12 0.68
CA GLU E 148 -12.25 -17.20 -0.76
C GLU E 148 -11.27 -18.11 -1.48
N GLN E 149 -10.03 -18.16 -1.02
CA GLN E 149 -9.02 -18.98 -1.67
C GLN E 149 -9.57 -20.39 -1.92
N LEU E 150 -10.27 -20.90 -0.91
CA LEU E 150 -10.83 -22.25 -0.92
C LEU E 150 -11.73 -22.51 -2.13
N THR E 151 -12.78 -21.70 -2.26
CA THR E 151 -13.72 -21.80 -3.40
C THR E 151 -12.99 -21.83 -4.75
N SER E 152 -11.79 -21.27 -4.78
CA SER E 152 -10.97 -21.20 -5.99
C SER E 152 -10.29 -22.52 -6.36
N GLY E 153 -10.36 -23.51 -5.45
CA GLY E 153 -9.80 -24.84 -5.69
C GLY E 153 -8.44 -25.04 -5.05
N GLY E 154 -7.95 -23.98 -4.39
CA GLY E 154 -6.65 -24.03 -3.72
C GLY E 154 -6.79 -23.60 -2.27
N ALA E 155 -5.73 -23.83 -1.49
CA ALA E 155 -5.71 -23.51 -0.05
C ALA E 155 -4.29 -23.39 0.50
N SER E 156 -3.97 -22.21 1.05
CA SER E 156 -2.65 -21.95 1.61
C SER E 156 -2.72 -21.51 3.05
N VAL E 157 -2.06 -22.27 3.93
CA VAL E 157 -1.94 -21.93 5.34
C VAL E 157 -0.64 -21.18 5.54
N VAL E 158 -0.69 -19.99 6.15
CA VAL E 158 0.55 -19.27 6.42
C VAL E 158 0.80 -19.09 7.91
N CYS E 159 2.03 -18.76 8.27
CA CYS E 159 2.31 -18.28 9.62
C CYS E 159 3.57 -17.44 9.69
N PHE E 160 3.45 -16.27 10.32
CA PHE E 160 4.49 -15.28 10.36
C PHE E 160 5.33 -15.34 11.64
N LEU E 161 6.60 -15.70 11.46
CA LEU E 161 7.56 -15.78 12.56
C LEU E 161 8.31 -14.44 12.67
N ASN E 162 7.76 -13.50 13.43
CA ASN E 162 8.22 -12.12 13.35
C ASN E 162 9.11 -11.67 14.49
N ASN E 163 10.00 -10.73 14.18
CA ASN E 163 10.83 -10.02 15.16
C ASN E 163 11.61 -10.89 16.11
N PHE E 164 12.71 -11.44 15.61
CA PHE E 164 13.61 -12.31 16.37
C PHE E 164 15.08 -12.14 15.99
N TYR E 165 15.95 -12.36 16.96
CA TYR E 165 17.36 -12.34 16.71
C TYR E 165 18.04 -13.35 17.64
N PRO E 166 18.98 -14.16 17.13
CA PRO E 166 19.65 -14.32 15.83
C PRO E 166 18.79 -14.96 14.72
N LYS E 167 19.17 -14.75 13.46
CA LYS E 167 18.37 -15.22 12.32
C LYS E 167 18.01 -16.71 12.39
N ASP E 168 18.95 -17.54 12.83
CA ASP E 168 18.83 -19.00 12.77
C ASP E 168 17.58 -19.51 13.47
N ILE E 169 16.52 -19.67 12.69
CA ILE E 169 15.28 -20.22 13.20
C ILE E 169 15.03 -21.55 12.50
N ASN E 170 14.03 -22.27 12.98
CA ASN E 170 13.70 -23.56 12.43
C ASN E 170 12.20 -23.81 12.60
N VAL E 171 11.46 -23.84 11.51
CA VAL E 171 10.04 -24.15 11.57
C VAL E 171 9.81 -25.63 11.31
N LYS E 172 8.75 -26.16 11.90
CA LYS E 172 8.42 -27.58 11.74
C LYS E 172 6.91 -27.78 11.77
N TRP E 173 6.31 -27.87 10.58
CA TRP E 173 4.86 -28.00 10.43
C TRP E 173 4.32 -29.37 10.85
N LYS E 174 3.06 -29.37 11.32
CA LYS E 174 2.37 -30.61 11.64
C LYS E 174 0.91 -30.54 11.18
N ILE E 175 0.48 -31.60 10.51
CA ILE E 175 -0.95 -31.89 10.26
C ILE E 175 -1.37 -32.92 11.31
N ASP E 176 -2.15 -32.48 12.29
CA ASP E 176 -2.36 -33.19 13.56
C ASP E 176 -1.27 -34.23 13.91
N GLY E 177 -0.28 -33.76 14.68
CA GLY E 177 0.75 -34.61 15.28
C GLY E 177 1.81 -35.06 14.30
N SER E 178 1.39 -35.56 13.15
CA SER E 178 2.32 -35.99 12.10
C SER E 178 2.88 -34.76 11.40
N GLU E 179 4.18 -34.77 11.16
CA GLU E 179 4.90 -33.57 10.73
C GLU E 179 5.43 -33.71 9.32
N ARG E 180 4.59 -33.52 8.32
CA ARG E 180 5.05 -33.55 6.92
C ARG E 180 5.84 -32.28 6.53
N GLN E 181 6.82 -32.44 5.63
CA GLN E 181 7.69 -31.35 5.28
C GLN E 181 7.30 -30.77 3.95
N ASN E 182 7.30 -31.61 2.91
CA ASN E 182 7.16 -31.12 1.55
C ASN E 182 5.85 -30.38 1.27
N GLY E 183 5.92 -29.40 0.38
CA GLY E 183 4.81 -28.52 0.13
C GLY E 183 4.95 -27.19 0.85
N VAL E 184 5.93 -27.11 1.77
CA VAL E 184 6.19 -25.89 2.54
C VAL E 184 7.13 -24.92 1.83
N LEU E 185 6.81 -23.63 1.90
CA LEU E 185 7.64 -22.57 1.34
C LEU E 185 8.01 -21.59 2.43
N ASN E 186 9.29 -21.18 2.49
CA ASN E 186 9.70 -20.14 3.44
C ASN E 186 10.27 -18.88 2.80
N SER E 187 10.48 -17.85 3.63
CA SER E 187 10.90 -16.54 3.16
C SER E 187 11.39 -15.66 4.31
N TRP E 188 12.60 -15.10 4.14
CA TRP E 188 13.26 -14.36 5.19
C TRP E 188 13.53 -12.92 4.84
N THR E 189 13.24 -12.04 5.79
CA THR E 189 13.59 -10.63 5.65
C THR E 189 15.04 -10.41 6.09
N ASP E 190 15.57 -9.27 5.67
CA ASP E 190 16.78 -8.72 6.24
C ASP E 190 16.45 -7.98 7.52
N GLN E 191 17.44 -7.85 8.37
CA GLN E 191 17.38 -7.01 9.56
C GLN E 191 16.47 -5.80 9.43
N ASP E 192 15.78 -5.47 10.52
CA ASP E 192 14.92 -4.29 10.53
C ASP E 192 15.78 -3.05 10.67
N SER E 193 15.31 -1.93 10.11
CA SER E 193 16.07 -0.67 10.15
C SER E 193 15.97 0.00 11.52
N LYS E 194 14.81 -0.15 12.15
CA LYS E 194 14.56 0.41 13.49
C LYS E 194 14.68 -0.70 14.54
N ASP E 195 13.86 -1.74 14.37
CA ASP E 195 13.79 -2.87 15.27
C ASP E 195 15.04 -3.78 15.18
N SER E 196 15.77 -3.68 14.06
CA SER E 196 17.06 -4.36 13.86
C SER E 196 17.02 -5.87 14.05
N THR E 197 15.88 -6.48 13.75
CA THR E 197 15.71 -7.93 13.85
C THR E 197 15.01 -8.53 12.62
N TYR E 198 14.89 -9.85 12.61
CA TYR E 198 14.36 -10.58 11.47
C TYR E 198 12.94 -11.05 11.68
N SER E 199 12.29 -11.34 10.56
CA SER E 199 10.96 -11.95 10.52
C SER E 199 10.94 -12.91 9.33
N MET E 200 10.27 -14.03 9.51
CA MET E 200 10.20 -15.02 8.47
C MET E 200 8.77 -15.51 8.33
N SER E 201 8.31 -15.69 7.10
CA SER E 201 7.03 -16.33 6.89
C SER E 201 7.19 -17.75 6.36
N SER E 202 6.18 -18.58 6.59
CA SER E 202 6.20 -19.98 6.17
C SER E 202 4.82 -20.40 5.72
N THR E 203 4.74 -21.09 4.59
CA THR E 203 3.47 -21.39 3.97
C THR E 203 3.38 -22.83 3.47
N LEU E 204 2.71 -23.65 4.25
CA LEU E 204 2.29 -24.97 3.78
C LEU E 204 1.08 -24.78 2.88
N THR E 205 1.20 -25.24 1.63
CA THR E 205 0.16 -25.04 0.66
C THR E 205 -0.40 -26.37 0.10
N LEU E 206 -1.73 -26.46 0.06
CA LEU E 206 -2.47 -27.67 -0.34
C LEU E 206 -3.66 -27.43 -1.26
N THR E 207 -3.94 -28.42 -2.09
CA THR E 207 -5.21 -28.51 -2.78
C THR E 207 -6.31 -28.67 -1.71
N LYS E 208 -7.29 -27.78 -1.74
CA LYS E 208 -8.50 -27.84 -0.89
C LYS E 208 -8.87 -29.27 -0.53
N ASP E 209 -9.12 -30.11 -1.54
CA ASP E 209 -9.38 -31.54 -1.34
C ASP E 209 -8.54 -32.12 -0.19
N GLU E 210 -7.24 -31.93 -0.29
CA GLU E 210 -6.32 -32.43 0.71
C GLU E 210 -6.31 -31.57 1.96
N TYR E 211 -6.77 -30.33 1.84
CA TYR E 211 -6.86 -29.49 3.02
C TYR E 211 -7.78 -30.13 4.04
N GLU E 212 -8.92 -30.63 3.56
CA GLU E 212 -9.94 -31.22 4.43
C GLU E 212 -9.69 -32.68 4.79
N ARG E 213 -8.62 -33.28 4.25
CA ARG E 213 -8.20 -34.60 4.69
C ARG E 213 -8.10 -34.61 6.21
N HIS E 214 -7.53 -33.55 6.77
CA HIS E 214 -7.29 -33.48 8.22
C HIS E 214 -7.96 -32.32 8.94
N ASN E 215 -7.65 -32.18 10.22
CA ASN E 215 -8.25 -31.16 11.07
C ASN E 215 -7.23 -30.21 11.70
N SER E 216 -6.26 -30.76 12.39
CA SER E 216 -5.35 -29.94 13.18
C SER E 216 -4.13 -29.52 12.39
N TYR E 217 -3.86 -28.22 12.37
CA TYR E 217 -2.66 -27.67 11.74
C TYR E 217 -1.88 -26.83 12.74
N THR E 218 -0.54 -26.89 12.66
CA THR E 218 0.32 -26.19 13.62
C THR E 218 1.74 -25.90 13.10
N CYS E 219 2.28 -24.74 13.47
CA CYS E 219 3.68 -24.38 13.13
C CYS E 219 4.50 -24.02 14.37
N GLU E 220 5.77 -24.39 14.36
CA GLU E 220 6.61 -24.25 15.56
C GLU E 220 7.97 -23.65 15.27
N ALA E 221 8.19 -22.44 15.77
CA ALA E 221 9.54 -21.88 15.86
C ALA E 221 10.40 -22.80 16.73
N THR E 222 11.72 -22.64 16.69
CA THR E 222 12.62 -23.35 17.59
C THR E 222 13.89 -22.53 17.71
N HIS E 223 13.69 -21.23 17.79
CA HIS E 223 14.72 -20.24 18.02
C HIS E 223 15.64 -20.48 19.23
N LYS E 224 16.84 -19.90 19.16
CA LYS E 224 17.81 -20.03 20.23
C LYS E 224 17.54 -19.00 21.33
N THR E 225 16.32 -18.98 21.87
CA THR E 225 16.00 -18.12 23.02
C THR E 225 15.57 -19.00 24.17
N SER E 226 14.50 -19.75 23.94
CA SER E 226 14.05 -20.77 24.88
C SER E 226 13.99 -22.08 24.11
N THR E 227 14.88 -23.02 24.43
CA THR E 227 14.83 -24.31 23.75
C THR E 227 13.59 -25.09 24.19
N SER E 228 12.46 -24.59 23.70
CA SER E 228 11.12 -25.15 23.83
C SER E 228 10.32 -24.53 22.68
N PRO E 229 9.98 -25.34 21.67
CA PRO E 229 9.22 -24.86 20.53
C PRO E 229 8.07 -23.93 20.90
N ILE E 230 7.89 -22.85 20.12
CA ILE E 230 6.66 -22.07 20.20
C ILE E 230 5.66 -22.65 19.20
N VAL E 231 4.90 -23.63 19.69
CA VAL E 231 3.74 -24.15 18.98
C VAL E 231 2.63 -23.10 19.00
N LYS E 232 1.81 -23.12 17.98
CA LYS E 232 0.74 -22.18 17.83
C LYS E 232 -0.14 -22.79 16.75
N SER E 233 -1.20 -23.45 17.18
CA SER E 233 -1.98 -24.30 16.30
C SER E 233 -3.43 -23.86 16.12
N PHE E 234 -3.98 -24.16 14.95
CA PHE E 234 -5.42 -23.99 14.68
C PHE E 234 -5.94 -25.29 14.04
N ASN E 235 -7.24 -25.57 14.17
CA ASN E 235 -7.80 -26.81 13.64
C ASN E 235 -9.14 -26.63 12.96
N ARG E 236 -9.29 -27.33 11.84
CA ARG E 236 -10.31 -27.06 10.81
C ARG E 236 -11.72 -26.66 11.27
N ASN E 237 -12.49 -27.64 11.78
CA ASN E 237 -13.93 -27.50 12.12
C ASN E 237 -14.67 -26.23 11.66
N GLU E 238 -14.44 -25.14 12.38
CA GLU E 238 -15.12 -23.85 12.19
C GLU E 238 -14.76 -23.16 10.85
N CYS E 239 -13.54 -23.44 10.35
CA CYS E 239 -13.03 -22.86 9.08
C CYS E 239 -12.70 -23.92 8.02
N GLU F 1 27.06 15.40 -8.80
CA GLU F 1 27.82 15.98 -9.94
C GLU F 1 27.93 15.01 -11.14
N VAL F 2 28.87 14.06 -11.07
CA VAL F 2 29.19 13.17 -12.20
C VAL F 2 28.22 11.97 -12.27
N GLN F 3 27.52 11.83 -13.39
CA GLN F 3 26.36 10.92 -13.43
C GLN F 3 26.11 10.04 -14.66
N LEU F 4 25.64 8.82 -14.39
CA LEU F 4 25.19 7.85 -15.40
C LEU F 4 23.73 7.43 -15.12
N VAL F 5 22.95 7.27 -16.19
CA VAL F 5 21.55 6.91 -16.03
C VAL F 5 21.21 5.81 -17.02
N GLU F 6 21.48 4.57 -16.62
CA GLU F 6 21.16 3.41 -17.47
C GLU F 6 19.66 3.09 -17.40
N SER F 7 19.11 2.61 -18.51
CA SER F 7 17.65 2.43 -18.64
C SER F 7 17.20 1.63 -19.87
N GLY F 8 15.89 1.40 -19.95
CA GLY F 8 15.28 0.63 -21.02
C GLY F 8 15.59 -0.86 -20.95
N GLY F 9 14.72 -1.61 -20.27
CA GLY F 9 14.86 -3.07 -20.12
C GLY F 9 13.84 -3.72 -19.20
N GLY F 10 13.44 -4.94 -19.55
CA GLY F 10 12.43 -5.69 -18.79
C GLY F 10 12.28 -7.11 -19.35
N LEU F 11 11.08 -7.68 -19.25
CA LEU F 11 10.83 -9.05 -19.75
C LEU F 11 11.23 -9.28 -21.21
N VAL F 12 11.67 -10.51 -21.50
CA VAL F 12 11.91 -10.97 -22.87
C VAL F 12 11.80 -12.50 -22.94
N LYS F 13 11.58 -13.03 -24.14
CA LYS F 13 11.66 -14.46 -24.38
C LYS F 13 13.11 -14.87 -24.62
N PRO F 14 13.50 -16.06 -24.12
CA PRO F 14 14.75 -16.72 -24.45
C PRO F 14 14.96 -16.79 -25.95
N GLY F 15 15.81 -15.89 -26.46
CA GLY F 15 16.10 -15.77 -27.89
C GLY F 15 15.96 -14.34 -28.37
N GLY F 16 15.13 -13.56 -27.67
CA GLY F 16 14.81 -12.18 -28.02
C GLY F 16 15.96 -11.20 -27.90
N SER F 17 15.66 -9.91 -27.90
CA SER F 17 16.69 -8.86 -27.88
C SER F 17 16.30 -7.65 -27.06
N LEU F 18 17.28 -6.79 -26.78
CA LEU F 18 17.12 -5.62 -25.90
C LEU F 18 18.34 -4.69 -25.98
N LYS F 19 18.10 -3.42 -26.37
CA LYS F 19 19.20 -2.49 -26.56
C LYS F 19 19.35 -1.52 -25.41
N LEU F 20 19.98 -2.03 -24.34
CA LEU F 20 20.19 -1.27 -23.11
C LEU F 20 21.10 -0.06 -23.30
N SER F 21 20.82 1.00 -22.53
CA SER F 21 21.47 2.30 -22.70
C SER F 21 21.72 3.02 -21.37
N CYS F 22 22.76 3.85 -21.35
CA CYS F 22 23.21 4.57 -20.17
C CYS F 22 23.60 6.02 -20.50
N ALA F 23 22.87 6.99 -19.95
CA ALA F 23 23.13 8.42 -20.20
C ALA F 23 24.16 9.01 -19.25
N ALA F 24 25.28 9.46 -19.79
CA ALA F 24 26.36 10.00 -18.97
C ALA F 24 26.24 11.51 -18.88
N SER F 25 25.96 12.00 -17.68
CA SER F 25 25.65 13.41 -17.52
C SER F 25 26.48 14.07 -16.41
N GLY F 26 27.67 14.52 -16.75
CA GLY F 26 28.51 15.30 -15.84
C GLY F 26 30.00 15.06 -15.90
N PHE F 27 30.45 14.28 -16.89
CA PHE F 27 31.88 14.03 -17.04
C PHE F 27 32.32 14.05 -18.52
N ALA F 28 33.64 14.18 -18.73
CA ALA F 28 34.23 14.37 -20.07
C ALA F 28 34.12 13.13 -20.99
N PHE F 29 33.13 12.28 -20.69
CA PHE F 29 32.73 11.12 -21.48
C PHE F 29 33.87 10.50 -22.27
N SER F 30 34.08 11.00 -23.49
CA SER F 30 35.19 10.61 -24.35
C SER F 30 36.52 10.49 -23.58
N SER F 31 36.55 11.13 -22.42
CA SER F 31 37.66 11.04 -21.48
C SER F 31 38.15 9.61 -21.25
N TYR F 32 37.34 8.80 -20.54
CA TYR F 32 37.73 7.45 -20.11
C TYR F 32 37.04 6.35 -20.92
N ASP F 33 37.44 5.11 -20.63
CA ASP F 33 36.80 3.92 -21.19
C ASP F 33 35.46 3.71 -20.49
N MET F 34 34.71 2.69 -20.90
CA MET F 34 33.42 2.35 -20.26
C MET F 34 33.16 0.84 -20.07
N SER F 35 32.08 0.50 -19.36
CA SER F 35 31.75 -0.89 -19.05
C SER F 35 30.38 -1.05 -18.41
N TRP F 36 29.83 -2.26 -18.55
CA TRP F 36 28.65 -2.69 -17.80
C TRP F 36 29.01 -3.81 -16.87
N VAL F 37 28.50 -3.72 -15.64
CA VAL F 37 28.49 -4.88 -14.76
C VAL F 37 27.04 -5.23 -14.49
N ARG F 38 26.76 -6.52 -14.35
CA ARG F 38 25.42 -6.94 -14.01
C ARG F 38 25.43 -7.66 -12.68
N GLN F 39 24.24 -7.83 -12.10
CA GLN F 39 24.09 -8.49 -10.82
C GLN F 39 22.80 -9.28 -10.82
N THR F 40 22.92 -10.55 -10.51
CA THR F 40 21.78 -11.47 -10.47
C THR F 40 20.82 -11.19 -9.29
N PRO F 41 19.66 -11.88 -9.27
CA PRO F 41 18.79 -11.81 -8.11
C PRO F 41 19.51 -12.29 -6.84
N GLU F 42 20.41 -13.25 -7.02
CA GLU F 42 21.23 -13.81 -5.93
C GLU F 42 22.36 -12.86 -5.53
N LYS F 43 22.37 -11.66 -6.10
CA LYS F 43 23.35 -10.62 -5.78
C LYS F 43 24.80 -11.01 -6.14
N ARG F 44 24.93 -11.97 -7.04
CA ARG F 44 26.18 -12.26 -7.72
C ARG F 44 26.43 -11.14 -8.72
N LEU F 45 27.65 -10.60 -8.72
CA LEU F 45 28.09 -9.59 -9.68
C LEU F 45 28.82 -10.22 -10.87
N GLU F 46 28.83 -9.52 -11.99
CA GLU F 46 29.36 -10.07 -13.23
C GLU F 46 29.82 -9.02 -14.24
N TRP F 47 31.12 -8.99 -14.54
CA TRP F 47 31.61 -8.12 -15.61
C TRP F 47 31.24 -8.62 -16.99
N VAL F 48 30.44 -7.82 -17.69
CA VAL F 48 29.81 -8.24 -18.92
C VAL F 48 30.41 -7.59 -20.18
N ALA F 49 30.73 -6.30 -20.10
CA ALA F 49 31.16 -5.57 -21.29
C ALA F 49 32.17 -4.50 -20.93
N TYR F 50 32.98 -4.11 -21.91
CA TYR F 50 33.97 -3.04 -21.74
C TYR F 50 34.36 -2.38 -23.06
N ILE F 51 33.91 -1.14 -23.24
CA ILE F 51 34.28 -0.33 -24.41
C ILE F 51 35.48 0.57 -24.08
N SER F 52 36.36 0.79 -25.07
CA SER F 52 37.53 1.66 -24.87
C SER F 52 37.16 3.14 -24.68
N SER F 53 38.17 4.02 -24.72
CA SER F 53 37.97 5.47 -24.63
C SER F 53 37.07 5.94 -25.78
N GLY F 54 37.60 5.87 -27.01
CA GLY F 54 36.81 6.11 -28.21
C GLY F 54 36.57 4.80 -28.95
N GLY F 55 35.58 4.04 -28.47
CA GLY F 55 35.19 2.74 -29.05
C GLY F 55 36.13 2.04 -30.02
N GLY F 56 37.44 2.18 -29.78
CA GLY F 56 38.48 1.55 -30.61
C GLY F 56 38.29 0.04 -30.62
N SER F 57 38.56 -0.59 -29.49
CA SER F 57 38.25 -2.00 -29.31
C SER F 57 37.33 -2.23 -28.09
N THR F 58 36.75 -3.44 -28.01
CA THR F 58 35.82 -3.81 -26.95
C THR F 58 36.29 -5.06 -26.21
N TYR F 59 35.66 -5.36 -25.07
CA TYR F 59 36.04 -6.50 -24.20
C TYR F 59 34.87 -7.23 -23.53
N TYR F 60 34.94 -8.56 -23.51
CA TYR F 60 33.85 -9.41 -22.98
C TYR F 60 34.37 -10.62 -22.19
N PRO F 61 33.55 -11.16 -21.26
CA PRO F 61 33.85 -12.50 -20.77
C PRO F 61 33.32 -13.47 -21.82
N ASP F 62 33.89 -14.66 -21.88
CA ASP F 62 33.47 -15.61 -22.90
C ASP F 62 31.97 -15.79 -22.88
N THR F 63 31.39 -15.82 -21.68
CA THR F 63 29.96 -16.06 -21.46
C THR F 63 28.99 -15.24 -22.34
N VAL F 64 29.34 -14.00 -22.66
CA VAL F 64 28.48 -13.13 -23.47
C VAL F 64 29.03 -12.91 -24.90
N LYS F 65 30.34 -13.16 -25.06
CA LYS F 65 31.08 -12.92 -26.31
C LYS F 65 30.40 -13.46 -27.58
N GLY F 66 29.74 -12.55 -28.30
CA GLY F 66 29.06 -12.89 -29.53
C GLY F 66 27.58 -13.09 -29.30
N ARG F 67 27.03 -12.42 -28.29
CA ARG F 67 25.58 -12.38 -28.09
C ARG F 67 25.23 -11.01 -27.50
N PHE F 68 26.30 -10.26 -27.22
CA PHE F 68 26.29 -8.97 -26.58
C PHE F 68 27.25 -8.08 -27.32
N THR F 69 26.87 -6.82 -27.50
CA THR F 69 27.78 -5.82 -28.03
C THR F 69 27.64 -4.48 -27.30
N ILE F 70 28.77 -3.81 -27.10
CA ILE F 70 28.83 -2.53 -26.41
C ILE F 70 29.16 -1.37 -27.37
N SER F 71 28.23 -0.43 -27.49
CA SER F 71 28.39 0.68 -28.41
C SER F 71 28.26 2.02 -27.71
N ARG F 72 29.13 2.96 -28.08
CA ARG F 72 29.03 4.34 -27.58
C ARG F 72 29.07 5.34 -28.72
N ASP F 73 28.45 6.51 -28.46
CA ASP F 73 28.51 7.68 -29.34
C ASP F 73 29.23 8.80 -28.57
N ASN F 74 30.57 8.85 -28.71
CA ASN F 74 31.45 9.78 -28.00
C ASN F 74 30.91 11.22 -27.95
N ALA F 75 29.98 11.51 -28.87
CA ALA F 75 29.29 12.80 -28.94
C ALA F 75 28.14 12.91 -27.92
N LYS F 76 27.04 12.20 -28.17
CA LYS F 76 25.80 12.43 -27.40
C LYS F 76 25.81 11.86 -25.98
N ASN F 77 27.02 11.55 -25.49
CA ASN F 77 27.29 11.15 -24.10
C ASN F 77 26.48 9.94 -23.59
N THR F 78 26.29 8.96 -24.47
CA THR F 78 25.51 7.76 -24.16
C THR F 78 26.31 6.48 -24.42
N LEU F 79 26.14 5.52 -23.51
CA LEU F 79 26.66 4.16 -23.64
C LEU F 79 25.51 3.22 -23.96
N TYR F 80 25.80 2.16 -24.72
CA TYR F 80 24.77 1.18 -25.05
C TYR F 80 25.25 -0.25 -24.86
N LEU F 81 24.34 -1.11 -24.40
CA LEU F 81 24.54 -2.56 -24.44
C LEU F 81 23.47 -3.20 -25.32
N GLN F 82 23.92 -3.82 -26.40
CA GLN F 82 23.00 -4.46 -27.32
C GLN F 82 23.00 -5.95 -27.06
N MET F 83 21.87 -6.46 -26.55
CA MET F 83 21.76 -7.85 -26.14
C MET F 83 20.89 -8.71 -27.05
N SER F 84 21.38 -9.87 -27.41
CA SER F 84 20.69 -10.70 -28.38
C SER F 84 20.97 -12.18 -28.18
N SER F 85 20.18 -13.04 -28.84
CA SER F 85 20.16 -14.48 -28.56
C SER F 85 20.27 -14.64 -27.05
N LEU F 86 19.24 -14.16 -26.37
CA LEU F 86 19.27 -14.00 -24.93
C LEU F 86 19.06 -15.30 -24.16
N LYS F 87 19.95 -15.50 -23.19
CA LYS F 87 19.84 -16.61 -22.26
C LYS F 87 19.11 -16.13 -20.99
N SER F 88 18.42 -17.07 -20.33
CA SER F 88 17.78 -16.87 -19.03
C SER F 88 18.78 -16.31 -18.02
N GLU F 89 20.03 -16.75 -18.13
CA GLU F 89 21.15 -16.31 -17.30
C GLU F 89 21.35 -14.79 -17.29
N ASP F 90 21.06 -14.15 -18.41
CA ASP F 90 21.31 -12.73 -18.55
C ASP F 90 20.35 -11.87 -17.72
N THR F 91 19.34 -12.49 -17.14
CA THR F 91 18.50 -11.85 -16.12
C THR F 91 19.40 -11.26 -15.07
N ALA F 92 19.14 -10.00 -14.72
CA ALA F 92 19.93 -9.26 -13.75
C ALA F 92 19.58 -7.80 -13.82
N MET F 93 19.92 -7.08 -12.75
CA MET F 93 19.93 -5.62 -12.78
C MET F 93 21.29 -5.24 -13.36
N TYR F 94 21.29 -4.34 -14.34
CA TYR F 94 22.49 -4.05 -15.15
C TYR F 94 23.04 -2.66 -14.86
N TYR F 95 24.23 -2.60 -14.28
CA TYR F 95 24.83 -1.32 -13.87
C TYR F 95 25.88 -0.79 -14.86
N CYS F 96 25.62 0.38 -15.43
CA CYS F 96 26.61 1.12 -16.19
C CYS F 96 27.55 1.77 -15.19
N ALA F 97 28.81 1.36 -15.23
CA ALA F 97 29.82 1.89 -14.33
C ALA F 97 31.04 2.37 -15.11
N ARG F 98 31.89 3.16 -14.45
CA ARG F 98 32.97 3.86 -15.13
C ARG F 98 34.29 3.64 -14.43
N PRO F 99 35.27 3.13 -15.17
CA PRO F 99 36.59 2.82 -14.63
C PRO F 99 37.36 4.09 -14.29
N ASP F 100 38.11 4.08 -13.19
CA ASP F 100 38.91 5.24 -12.81
C ASP F 100 40.11 5.39 -13.76
N TYR F 101 40.45 6.64 -14.03
CA TYR F 101 41.65 7.05 -14.78
C TYR F 101 42.72 5.95 -14.96
N ARG F 102 43.32 5.51 -13.86
CA ARG F 102 44.50 4.66 -13.87
C ARG F 102 44.27 3.37 -13.12
N SER F 103 43.48 3.46 -12.05
CA SER F 103 43.14 2.32 -11.21
C SER F 103 42.20 1.35 -11.93
N TYR F 104 41.43 1.88 -12.89
CA TYR F 104 40.39 1.14 -13.57
C TYR F 104 39.30 0.69 -12.61
N ALA F 105 39.55 0.92 -11.33
CA ALA F 105 38.58 0.74 -10.29
C ALA F 105 37.36 1.57 -10.63
N MET F 106 36.24 0.90 -10.84
CA MET F 106 35.02 1.57 -11.26
C MET F 106 34.54 2.57 -10.21
N ASP F 107 34.99 3.82 -10.33
CA ASP F 107 34.73 4.81 -9.29
C ASP F 107 33.37 5.51 -9.40
N TYR F 108 32.74 5.48 -10.57
CA TYR F 108 31.39 6.01 -10.65
C TYR F 108 30.37 5.10 -11.31
N TRP F 109 29.28 4.86 -10.57
CA TRP F 109 28.33 3.82 -10.90
C TRP F 109 26.94 4.39 -11.23
N GLY F 110 26.18 3.63 -12.01
CA GLY F 110 24.79 3.97 -12.33
C GLY F 110 23.81 3.50 -11.28
N GLN F 111 22.65 3.03 -11.72
CA GLN F 111 21.59 2.64 -10.80
C GLN F 111 20.89 1.35 -11.25
N GLY F 112 21.10 0.96 -12.51
CA GLY F 112 20.68 -0.34 -13.00
C GLY F 112 19.37 -0.39 -13.75
N THR F 113 19.11 -1.53 -14.41
CA THR F 113 17.88 -1.74 -15.14
C THR F 113 17.42 -3.18 -15.07
N SER F 114 16.19 -3.40 -14.61
CA SER F 114 15.63 -4.75 -14.48
C SER F 114 15.61 -5.46 -15.83
N VAL F 115 16.02 -6.73 -15.82
CA VAL F 115 15.91 -7.60 -16.97
C VAL F 115 15.48 -8.96 -16.46
N THR F 116 14.73 -9.68 -17.28
CA THR F 116 14.35 -11.06 -17.03
C THR F 116 13.95 -11.75 -18.32
N VAL F 117 14.23 -13.05 -18.38
CA VAL F 117 14.03 -13.81 -19.59
C VAL F 117 13.07 -14.97 -19.27
N SER F 118 11.79 -14.66 -19.21
CA SER F 118 10.77 -15.60 -18.72
C SER F 118 9.81 -16.13 -19.81
N SER F 119 10.11 -17.32 -20.34
CA SER F 119 9.27 -17.94 -21.35
C SER F 119 8.02 -18.53 -20.71
N LYS F 121 4.87 -12.87 -20.04
CA LYS F 121 3.52 -13.27 -19.64
C LYS F 121 3.03 -12.58 -18.37
N THR F 122 2.74 -11.28 -18.49
CA THR F 122 2.02 -10.53 -17.47
C THR F 122 0.98 -11.46 -16.83
N THR F 123 0.98 -11.57 -15.50
CA THR F 123 -0.09 -12.29 -14.78
C THR F 123 -0.47 -11.62 -13.42
N ALA F 124 -1.75 -11.75 -13.03
CA ALA F 124 -2.30 -10.95 -11.94
C ALA F 124 -2.35 -11.66 -10.59
N PRO F 125 -2.30 -10.88 -9.47
CA PRO F 125 -2.19 -11.38 -8.10
C PRO F 125 -3.47 -11.26 -7.26
N SER F 126 -4.08 -12.40 -6.96
CA SER F 126 -5.25 -12.46 -6.09
C SER F 126 -4.77 -12.18 -4.70
N VAL F 127 -5.18 -11.05 -4.12
CA VAL F 127 -4.75 -10.72 -2.77
C VAL F 127 -5.74 -11.25 -1.73
N TYR F 128 -5.52 -12.50 -1.30
CA TYR F 128 -6.35 -13.14 -0.31
C TYR F 128 -6.15 -12.48 1.04
N PRO F 129 -7.24 -12.16 1.75
CA PRO F 129 -7.08 -11.52 3.05
C PRO F 129 -6.66 -12.56 4.09
N LEU F 130 -6.00 -12.14 5.16
CA LEU F 130 -5.60 -13.05 6.24
C LEU F 130 -6.07 -12.60 7.62
N ALA F 131 -7.21 -13.14 8.05
CA ALA F 131 -7.77 -12.85 9.37
C ALA F 131 -7.42 -13.94 10.38
N PRO F 132 -7.13 -13.54 11.64
CA PRO F 132 -6.52 -14.47 12.60
C PRO F 132 -7.36 -15.70 13.00
N VAL F 133 -7.16 -16.17 14.23
CA VAL F 133 -7.63 -17.47 14.67
C VAL F 133 -9.14 -17.73 14.58
N CYS F 134 -9.46 -18.76 13.77
CA CYS F 134 -10.81 -19.31 13.54
C CYS F 134 -11.79 -19.13 14.72
N GLY F 135 -11.35 -19.61 15.89
CA GLY F 135 -11.96 -19.28 17.17
C GLY F 135 -10.99 -18.40 17.94
N ASP F 136 -11.45 -17.21 18.32
CA ASP F 136 -10.62 -16.20 18.98
C ASP F 136 -9.93 -16.70 20.26
N THR F 137 -8.82 -16.05 20.63
CA THR F 137 -8.15 -16.26 21.93
C THR F 137 -7.34 -15.00 22.32
N THR F 138 -7.83 -13.83 21.87
CA THR F 138 -7.11 -12.54 21.94
C THR F 138 -6.20 -12.36 23.19
N GLY F 139 -4.94 -12.78 23.00
CA GLY F 139 -3.92 -12.85 24.06
C GLY F 139 -3.53 -11.52 24.66
N SER F 140 -3.04 -10.59 23.83
CA SER F 140 -2.71 -9.23 24.29
C SER F 140 -2.59 -8.18 23.17
N SER F 141 -1.89 -8.53 22.10
CA SER F 141 -1.75 -7.64 20.94
C SER F 141 -2.03 -8.34 19.61
N VAL F 142 -2.81 -7.67 18.76
CA VAL F 142 -3.33 -8.25 17.52
C VAL F 142 -2.31 -8.21 16.39
N THR F 143 -2.17 -9.33 15.67
CA THR F 143 -1.31 -9.39 14.46
C THR F 143 -2.06 -9.95 13.24
N LEU F 144 -1.90 -9.30 12.09
CA LEU F 144 -2.69 -9.59 10.90
C LEU F 144 -1.86 -9.70 9.64
N GLY F 145 -2.41 -10.36 8.62
CA GLY F 145 -1.71 -10.59 7.37
C GLY F 145 -2.43 -10.17 6.10
N CYS F 146 -1.79 -10.45 4.96
CA CYS F 146 -2.24 -10.04 3.63
C CYS F 146 -1.48 -10.91 2.61
N LEU F 147 -2.17 -11.76 1.86
CA LEU F 147 -1.50 -12.73 0.96
C LEU F 147 -1.68 -12.42 -0.50
N VAL F 148 -0.60 -12.57 -1.27
CA VAL F 148 -0.58 -12.25 -2.70
C VAL F 148 0.11 -13.37 -3.49
N LYS F 149 -0.67 -14.22 -4.13
CA LYS F 149 -0.13 -15.44 -4.73
C LYS F 149 -0.30 -15.45 -6.25
N GLY F 150 0.35 -16.41 -6.91
CA GLY F 150 0.26 -16.69 -8.36
C GLY F 150 0.35 -15.54 -9.36
N TYR F 151 1.51 -14.88 -9.46
CA TYR F 151 1.66 -13.68 -10.33
C TYR F 151 2.93 -13.53 -11.18
N PHE F 152 2.98 -12.49 -12.00
CA PHE F 152 4.15 -12.18 -12.84
C PHE F 152 4.09 -10.81 -13.55
N PRO F 153 5.23 -10.10 -13.61
CA PRO F 153 6.44 -10.35 -12.84
C PRO F 153 6.61 -9.32 -11.72
N GLU F 154 7.81 -9.28 -11.16
CA GLU F 154 8.16 -8.27 -10.17
C GLU F 154 7.98 -6.90 -10.80
N PRO F 155 7.59 -5.91 -9.98
CA PRO F 155 7.25 -6.11 -8.59
C PRO F 155 5.74 -6.12 -8.42
N VAL F 156 5.32 -5.74 -7.21
CA VAL F 156 3.93 -5.41 -6.85
C VAL F 156 4.08 -4.57 -5.59
N THR F 157 3.16 -3.64 -5.36
CA THR F 157 3.23 -2.85 -4.13
C THR F 157 2.06 -3.12 -3.18
N LEU F 158 2.39 -3.76 -2.06
CA LEU F 158 1.46 -3.94 -0.95
C LEU F 158 1.69 -2.79 0.03
N THR F 159 0.59 -2.31 0.64
CA THR F 159 0.67 -1.44 1.79
C THR F 159 -0.53 -1.63 2.72
N TRP F 160 -0.43 -1.12 3.95
CA TRP F 160 -1.54 -1.12 4.91
C TRP F 160 -2.01 0.32 5.16
N ASN F 161 -3.33 0.52 5.01
CA ASN F 161 -3.98 1.83 5.10
C ASN F 161 -3.44 2.91 4.14
N SER F 162 -3.33 2.52 2.87
CA SER F 162 -2.86 3.39 1.79
C SER F 162 -1.41 3.84 1.98
N GLY F 163 -0.99 3.86 3.24
CA GLY F 163 0.37 4.20 3.67
C GLY F 163 0.36 4.59 5.13
N SER F 164 -0.85 4.85 5.64
CA SER F 164 -1.08 5.41 6.98
C SER F 164 -0.65 4.49 8.11
N LEU F 165 -0.56 3.20 7.81
CA LEU F 165 -0.05 2.23 8.76
C LEU F 165 1.26 1.65 8.22
N SER F 166 2.33 1.76 9.01
CA SER F 166 3.66 1.42 8.54
C SER F 166 4.52 0.81 9.64
N SER F 167 4.78 1.61 10.68
CA SER F 167 5.59 1.24 11.84
C SER F 167 5.45 -0.24 12.27
N GLY F 168 6.28 -1.11 11.68
CA GLY F 168 6.22 -2.55 12.00
C GLY F 168 5.45 -3.41 11.01
N VAL F 169 5.55 -3.07 9.73
CA VAL F 169 5.07 -3.92 8.63
C VAL F 169 6.17 -4.91 8.21
N HIS F 170 5.78 -6.01 7.57
CA HIS F 170 6.75 -6.97 7.06
C HIS F 170 6.32 -7.57 5.73
N THR F 171 7.01 -7.19 4.65
CA THR F 171 6.76 -7.78 3.33
C THR F 171 7.90 -8.70 2.88
N PHE F 172 7.59 -9.99 2.82
CA PHE F 172 8.60 -11.01 2.63
C PHE F 172 8.94 -11.16 1.16
N PRO F 173 10.24 -11.34 0.84
CA PRO F 173 10.68 -11.46 -0.55
C PRO F 173 9.84 -12.46 -1.32
N ALA F 174 9.40 -12.08 -2.52
CA ALA F 174 8.56 -12.95 -3.32
C ALA F 174 9.25 -14.28 -3.64
N VAL F 175 8.45 -15.25 -4.07
CA VAL F 175 8.94 -16.61 -4.25
C VAL F 175 8.33 -17.25 -5.48
N LEU F 176 9.12 -18.05 -6.18
CA LEU F 176 8.66 -18.59 -7.46
C LEU F 176 8.08 -20.01 -7.43
N GLN F 177 6.76 -20.09 -7.29
CA GLN F 177 6.02 -21.34 -7.55
C GLN F 177 5.80 -21.51 -9.06
N SER F 178 6.53 -22.48 -9.61
CA SER F 178 6.66 -22.65 -11.05
C SER F 178 6.92 -21.29 -11.73
N ASP F 179 6.11 -20.94 -12.72
CA ASP F 179 6.29 -19.69 -13.43
C ASP F 179 5.43 -18.62 -12.83
N LEU F 180 5.14 -18.76 -11.55
CA LEU F 180 4.43 -17.73 -10.82
C LEU F 180 5.17 -17.36 -9.56
N TYR F 181 4.71 -16.26 -8.96
CA TYR F 181 5.35 -15.66 -7.79
C TYR F 181 4.43 -15.75 -6.59
N THR F 182 4.93 -15.38 -5.41
CA THR F 182 4.13 -15.43 -4.20
C THR F 182 4.69 -14.52 -3.14
N LEU F 183 3.81 -13.80 -2.45
CA LEU F 183 4.20 -12.86 -1.39
C LEU F 183 3.14 -12.72 -0.28
N SER F 184 3.53 -12.06 0.82
CA SER F 184 2.62 -11.74 1.92
C SER F 184 3.26 -10.72 2.83
N SER F 185 2.45 -9.85 3.43
CA SER F 185 2.92 -8.94 4.46
C SER F 185 2.20 -9.08 5.81
N SER F 186 2.90 -8.75 6.88
CA SER F 186 2.35 -8.86 8.21
C SER F 186 2.39 -7.53 8.93
N VAL F 187 1.46 -7.33 9.87
CA VAL F 187 1.41 -6.12 10.69
C VAL F 187 0.86 -6.44 12.09
N THR F 188 1.36 -5.70 13.08
CA THR F 188 1.11 -5.99 14.50
C THR F 188 0.59 -4.76 15.30
N VAL F 189 -0.72 -4.76 15.54
CA VAL F 189 -1.46 -3.65 16.13
C VAL F 189 -1.79 -3.91 17.61
N THR F 190 -2.12 -2.85 18.36
CA THR F 190 -2.68 -2.98 19.71
C THR F 190 -4.05 -3.63 19.61
N SER F 191 -4.27 -4.66 20.43
CA SER F 191 -5.59 -5.30 20.51
C SER F 191 -6.73 -4.28 20.37
N SER F 192 -6.55 -3.12 21.02
CA SER F 192 -7.55 -2.04 21.04
C SER F 192 -7.87 -1.46 19.66
N THR F 193 -6.83 -1.21 18.87
CA THR F 193 -7.00 -0.51 17.59
C THR F 193 -7.56 -1.34 16.43
N TRP F 194 -7.30 -2.65 16.38
CA TRP F 194 -8.11 -3.44 15.46
C TRP F 194 -9.38 -3.88 16.15
N PRO F 195 -9.85 -5.11 15.87
CA PRO F 195 -11.28 -5.29 15.71
C PRO F 195 -11.97 -3.95 15.40
N SER F 196 -12.16 -3.13 16.45
CA SER F 196 -12.76 -1.78 16.35
C SER F 196 -12.46 -1.03 15.03
N GLN F 197 -11.33 -0.31 15.00
CA GLN F 197 -10.90 0.43 13.82
C GLN F 197 -10.32 -0.49 12.74
N SER F 198 -10.73 -0.26 11.50
CA SER F 198 -10.41 -1.11 10.35
C SER F 198 -9.02 -0.86 9.75
N ILE F 199 -8.52 -1.85 9.01
CA ILE F 199 -7.29 -1.72 8.23
C ILE F 199 -7.47 -2.36 6.86
N THR F 200 -7.62 -1.52 5.84
CA THR F 200 -7.76 -1.96 4.46
C THR F 200 -6.39 -2.20 3.81
N CYS F 201 -6.17 -3.42 3.31
CA CYS F 201 -4.87 -3.83 2.80
C CYS F 201 -4.70 -3.52 1.32
N ASN F 202 -3.98 -2.44 1.04
CA ASN F 202 -3.91 -1.82 -0.28
C ASN F 202 -2.78 -2.37 -1.13
N VAL F 203 -3.15 -3.15 -2.16
CA VAL F 203 -2.16 -3.79 -3.01
C VAL F 203 -2.37 -3.44 -4.48
N ALA F 204 -1.26 -3.31 -5.22
CA ALA F 204 -1.28 -3.01 -6.64
C ALA F 204 -0.19 -3.76 -7.43
N HIS F 205 -0.54 -4.22 -8.62
CA HIS F 205 0.41 -4.84 -9.55
C HIS F 205 0.61 -3.88 -10.71
N PRO F 206 1.87 -3.55 -11.07
CA PRO F 206 2.08 -2.66 -12.20
C PRO F 206 1.72 -3.31 -13.53
N ALA F 207 2.34 -4.45 -13.85
CA ALA F 207 2.13 -5.10 -15.14
C ALA F 207 0.68 -5.56 -15.39
N SER F 208 -0.15 -5.55 -14.35
CA SER F 208 -1.58 -5.84 -14.50
C SER F 208 -2.41 -4.57 -14.37
N SER F 209 -2.14 -3.81 -13.31
CA SER F 209 -2.80 -2.53 -12.99
C SER F 209 -4.11 -2.71 -12.21
N THR F 210 -4.00 -3.17 -10.96
CA THR F 210 -5.17 -3.36 -10.11
C THR F 210 -5.02 -2.79 -8.70
N LYS F 211 -5.95 -1.91 -8.33
CA LYS F 211 -6.05 -1.32 -6.98
C LYS F 211 -7.11 -2.06 -6.14
N VAL F 212 -6.72 -3.24 -5.64
CA VAL F 212 -7.59 -4.05 -4.81
C VAL F 212 -7.16 -3.87 -3.34
N ASP F 213 -8.08 -3.42 -2.49
CA ASP F 213 -7.73 -2.97 -1.12
C ASP F 213 -8.58 -3.59 -0.01
N LYS F 214 -8.19 -4.77 0.48
CA LYS F 214 -9.02 -5.61 1.36
C LYS F 214 -9.01 -5.24 2.86
N LYS F 215 -9.85 -5.90 3.64
CA LYS F 215 -9.94 -5.67 5.09
C LYS F 215 -10.37 -6.94 5.84
N GLN A 10 6.03 41.44 -16.37
CA GLN A 10 7.42 41.69 -15.89
C GLN A 10 7.74 43.18 -15.91
N GLY A 11 6.69 44.00 -15.79
CA GLY A 11 6.84 45.45 -15.78
C GLY A 11 5.73 46.12 -14.96
N ARG A 12 5.99 47.38 -14.57
CA ARG A 12 5.01 48.16 -13.78
C ARG A 12 3.60 48.06 -14.45
N GLY A 13 3.55 48.24 -15.77
CA GLY A 13 2.30 48.17 -16.51
C GLY A 13 1.69 46.77 -16.47
N ALA A 14 2.55 45.76 -16.56
CA ALA A 14 2.12 44.36 -16.54
C ALA A 14 1.23 44.01 -15.33
N TRP A 15 1.70 44.38 -14.14
CA TRP A 15 0.97 44.17 -12.90
C TRP A 15 -0.08 45.27 -12.76
N LEU A 16 0.31 46.55 -12.99
CA LEU A 16 -0.64 47.69 -12.84
C LEU A 16 -2.02 47.42 -13.49
N LEU A 17 -2.01 46.82 -14.69
CA LEU A 17 -3.27 46.50 -15.37
C LEU A 17 -4.10 45.64 -14.44
N MET A 18 -3.50 44.59 -13.89
CA MET A 18 -4.22 43.69 -13.00
C MET A 18 -4.74 44.40 -11.74
N ALA A 19 -3.88 45.14 -11.04
CA ALA A 19 -4.32 45.91 -9.87
C ALA A 19 -5.42 46.92 -10.26
N PHE A 20 -5.19 47.66 -11.36
CA PHE A 20 -6.20 48.63 -11.83
C PHE A 20 -7.48 47.86 -12.17
N THR A 21 -7.36 46.87 -13.06
CA THR A 21 -8.52 46.09 -13.49
C THR A 21 -9.39 45.59 -12.28
N ALA A 22 -8.75 44.96 -11.31
CA ALA A 22 -9.46 44.46 -10.13
C ALA A 22 -10.11 45.57 -9.29
N LEU A 23 -9.50 46.74 -9.23
CA LEU A 23 -10.07 47.84 -8.45
C LEU A 23 -11.23 48.43 -9.25
N ALA A 24 -11.06 48.45 -10.57
CA ALA A 24 -12.05 49.01 -11.47
C ALA A 24 -13.19 48.07 -11.76
N LEU A 25 -12.82 46.91 -12.33
CA LEU A 25 -13.78 45.89 -12.73
C LEU A 25 -14.54 45.39 -11.53
N GLU A 26 -13.85 45.25 -10.41
CA GLU A 26 -14.47 44.74 -9.20
C GLU A 26 -15.24 45.79 -8.35
N LEU A 27 -14.76 47.01 -8.35
CA LEU A 27 -15.45 48.07 -7.61
C LEU A 27 -16.83 48.25 -8.23
N THR A 28 -16.96 47.91 -9.53
CA THR A 28 -18.27 48.01 -10.21
C THR A 28 -19.33 47.38 -9.32
N ALA A 29 -18.89 46.41 -8.52
CA ALA A 29 -19.76 45.70 -7.59
C ALA A 29 -20.54 46.69 -6.73
N LEU A 30 -19.82 47.58 -6.04
CA LEU A 30 -20.42 48.55 -5.12
C LEU A 30 -21.48 49.43 -5.78
N TRP A 31 -21.32 49.66 -7.09
CA TRP A 31 -22.25 50.47 -7.87
C TRP A 31 -23.62 49.79 -7.94
N PHE A 32 -23.75 48.87 -8.89
CA PHE A 32 -24.99 48.13 -9.13
C PHE A 32 -25.70 47.72 -7.85
N GLN A 33 -24.94 47.36 -6.81
CA GLN A 33 -25.53 46.94 -5.54
C GLN A 33 -26.87 47.57 -5.30
N HIS A 34 -26.98 48.85 -5.65
CA HIS A 34 -28.20 49.59 -5.38
C HIS A 34 -29.40 49.37 -6.33
N VAL A 35 -29.18 49.47 -7.64
CA VAL A 35 -30.29 49.24 -8.58
C VAL A 35 -30.83 47.82 -8.43
N MET A 36 -29.94 46.86 -8.14
CA MET A 36 -30.32 45.47 -7.99
C MET A 36 -31.68 45.32 -7.14
N LEU A 37 -31.84 46.25 -6.19
CA LEU A 37 -33.04 46.34 -5.28
C LEU A 37 -33.60 44.75 -5.25
N LEU A 38 -32.58 44.12 -4.43
CA LEU A 38 -32.70 43.09 -3.38
C LEU A 38 -31.73 43.72 -2.20
N LYS A 39 -30.97 42.84 -1.60
CA LYS A 39 -30.04 43.14 -0.52
C LYS A 39 -28.64 42.64 -0.90
N PRO A 40 -27.63 43.50 -0.76
CA PRO A 40 -26.18 43.20 -1.08
C PRO A 40 -25.38 42.47 0.02
N SER A 41 -24.13 42.91 0.19
CA SER A 41 -23.26 42.35 1.19
C SER A 41 -23.56 40.87 1.40
N VAL A 42 -23.72 40.50 2.66
CA VAL A 42 -23.93 39.09 3.05
C VAL A 42 -22.51 38.46 3.17
N LEU A 43 -22.46 37.15 3.43
CA LEU A 43 -21.19 36.41 3.58
C LEU A 43 -20.20 36.88 2.53
N CYS A 44 -20.72 37.49 1.47
CA CYS A 44 -19.90 38.00 0.37
C CYS A 44 -18.81 39.07 0.81
N ILE A 45 -18.93 39.63 2.01
CA ILE A 45 -17.91 40.58 2.45
C ILE A 45 -16.57 39.83 2.71
N TYR A 46 -16.68 38.59 3.16
CA TYR A 46 -15.50 37.77 3.44
C TYR A 46 -14.64 37.71 2.18
N GLU A 47 -15.28 37.41 1.04
CA GLU A 47 -14.60 37.31 -0.24
C GLU A 47 -14.15 38.66 -0.81
N ARG A 48 -14.89 39.72 -0.49
CA ARG A 48 -14.51 41.04 -0.99
C ARG A 48 -13.09 41.25 -0.55
N VAL A 49 -12.79 40.75 0.66
CA VAL A 49 -11.43 40.83 1.23
C VAL A 49 -10.39 40.07 0.38
N ALA A 50 -10.70 38.86 -0.05
CA ALA A 50 -9.78 38.09 -0.92
C ALA A 50 -9.30 38.92 -2.13
N LEU A 51 -10.22 39.65 -2.80
CA LEU A 51 -9.81 40.50 -3.97
C LEU A 51 -8.86 41.64 -3.56
N PHE A 52 -9.16 42.38 -2.48
CA PHE A 52 -8.27 43.45 -1.99
C PHE A 52 -6.92 42.82 -1.64
N GLY A 53 -6.91 41.51 -1.38
CA GLY A 53 -5.68 40.82 -1.09
C GLY A 53 -4.82 40.85 -2.34
N VAL A 54 -5.38 40.35 -3.45
CA VAL A 54 -4.68 40.34 -4.75
C VAL A 54 -4.36 41.75 -5.24
N LEU A 55 -5.27 42.71 -5.00
CA LEU A 55 -5.03 44.11 -5.38
C LEU A 55 -3.85 44.59 -4.53
N GLY A 56 -3.86 44.25 -3.22
CA GLY A 56 -2.79 44.64 -2.30
C GLY A 56 -1.45 44.16 -2.85
N ALA A 57 -1.45 42.92 -3.33
CA ALA A 57 -0.26 42.29 -3.93
C ALA A 57 0.13 42.89 -5.29
N ALA A 58 -0.86 42.98 -6.19
CA ALA A 58 -0.65 43.53 -7.53
C ALA A 58 -0.19 44.99 -7.48
N LEU A 59 -0.78 45.74 -6.56
CA LEU A 59 -0.43 47.17 -6.36
C LEU A 59 0.91 47.32 -5.63
N ILE A 60 1.10 46.65 -4.47
CA ILE A 60 2.39 46.74 -3.76
C ILE A 60 3.46 45.91 -4.47
N GLY A 61 3.03 45.06 -5.40
CA GLY A 61 3.94 44.24 -6.20
C GLY A 61 4.21 44.94 -7.52
N ALA A 62 3.61 46.13 -7.67
CA ALA A 62 3.83 46.98 -8.83
C ALA A 62 4.36 48.36 -8.42
N ILE A 63 3.64 49.06 -7.51
CA ILE A 63 4.03 50.43 -7.14
C ILE A 63 5.54 50.58 -7.06
N ALA A 64 6.13 49.81 -6.14
CA ALA A 64 7.57 49.84 -5.88
C ALA A 64 8.37 49.16 -7.00
N PRO A 65 8.08 47.89 -7.25
CA PRO A 65 8.75 47.07 -8.34
C PRO A 65 8.62 47.95 -9.67
N LYS A 66 8.74 47.20 -10.86
CA LYS A 66 9.02 47.25 -12.15
C LYS A 66 9.19 45.69 -12.45
N THR A 67 9.58 44.88 -11.43
CA THR A 67 9.72 43.41 -11.50
C THR A 67 11.02 42.95 -10.82
N PRO A 68 11.66 43.79 -10.02
CA PRO A 68 12.86 43.37 -9.34
C PRO A 68 12.56 42.36 -8.09
N LEU A 69 13.66 41.95 -7.47
CA LEU A 69 13.64 41.04 -6.36
C LEU A 69 12.45 41.30 -5.39
N ARG A 70 11.84 42.47 -5.55
CA ARG A 70 10.72 42.90 -4.71
C ARG A 70 9.36 42.16 -5.13
N TYR A 71 9.49 41.26 -6.09
CA TYR A 71 8.35 40.46 -6.57
C TYR A 71 7.81 39.54 -5.47
N VAL A 72 8.17 39.84 -4.22
CA VAL A 72 7.71 39.05 -3.10
C VAL A 72 6.23 38.87 -3.25
N ALA A 73 5.55 39.94 -3.69
CA ALA A 73 4.10 39.90 -3.89
C ALA A 73 3.63 38.62 -4.58
N MET A 74 4.55 37.95 -5.26
CA MET A 74 4.24 36.75 -5.99
C MET A 74 3.35 35.70 -5.13
N VAL A 75 3.81 35.46 -3.93
CA VAL A 75 3.14 34.52 -3.07
C VAL A 75 1.76 34.99 -2.67
N ILE A 76 1.69 36.16 -2.02
CA ILE A 76 0.42 36.69 -1.61
C ILE A 76 -0.54 36.87 -2.85
N TRP A 77 0.07 37.11 -4.01
CA TRP A 77 -0.67 37.21 -5.31
C TRP A 77 -1.33 35.86 -5.59
N LEU A 78 -0.66 34.80 -5.15
CA LEU A 78 -1.20 33.45 -5.34
C LEU A 78 -2.17 33.17 -4.24
N TYR A 79 -1.69 33.20 -2.98
CA TYR A 79 -2.52 32.88 -1.82
C TYR A 79 -3.86 33.59 -1.85
N SER A 80 -3.82 34.91 -1.90
CA SER A 80 -5.04 35.72 -1.90
C SER A 80 -6.06 35.35 -2.98
N ALA A 81 -5.60 34.90 -4.14
CA ALA A 81 -6.52 34.46 -5.19
C ALA A 81 -7.06 33.08 -4.85
N PHE A 82 -6.19 32.22 -4.31
CA PHE A 82 -6.58 30.86 -3.89
C PHE A 82 -7.67 30.92 -2.83
N ARG A 83 -7.43 31.75 -1.81
CA ARG A 83 -8.40 31.95 -0.74
C ARG A 83 -9.69 32.48 -1.36
N GLY A 84 -9.57 33.34 -2.36
CA GLY A 84 -10.75 33.85 -3.05
C GLY A 84 -11.65 32.68 -3.48
N VAL A 85 -11.06 31.68 -4.14
CA VAL A 85 -11.85 30.53 -4.60
C VAL A 85 -12.49 29.81 -3.41
N GLN A 86 -11.74 29.62 -2.33
CA GLN A 86 -12.28 28.92 -1.14
C GLN A 86 -13.60 29.54 -0.62
N LEU A 87 -13.57 30.85 -0.30
CA LEU A 87 -14.77 31.56 0.14
C LEU A 87 -15.84 31.65 -1.00
N THR A 88 -15.45 32.08 -2.23
CA THR A 88 -16.42 32.16 -3.34
C THR A 88 -16.97 30.79 -3.70
N TYR A 89 -16.13 29.77 -3.68
CA TYR A 89 -16.56 28.41 -4.05
C TYR A 89 -17.69 27.90 -3.14
N GLU A 90 -17.39 27.71 -1.85
CA GLU A 90 -18.41 27.24 -0.93
C GLU A 90 -19.67 28.06 -1.09
N HIS A 91 -19.50 29.36 -1.18
CA HIS A 91 -20.65 30.24 -1.40
C HIS A 91 -21.43 29.86 -2.65
N THR A 92 -20.73 29.65 -3.77
CA THR A 92 -21.41 29.28 -5.00
C THR A 92 -21.99 27.90 -4.82
N MET A 93 -21.17 27.01 -4.27
CA MET A 93 -21.57 25.63 -4.01
C MET A 93 -22.88 25.59 -3.15
N LEU A 94 -22.91 26.37 -2.10
CA LEU A 94 -24.06 26.41 -1.21
C LEU A 94 -25.38 26.82 -1.92
N GLN A 95 -25.34 27.77 -2.85
CA GLN A 95 -26.54 28.18 -3.59
C GLN A 95 -27.29 26.98 -4.12
N LEU A 96 -26.55 25.95 -4.51
CA LEU A 96 -27.18 24.73 -5.00
C LEU A 96 -27.14 23.66 -3.91
N TYR A 97 -28.34 23.19 -3.56
CA TYR A 97 -28.51 22.25 -2.50
C TYR A 97 -28.16 23.02 -1.23
N PRO A 98 -28.80 24.15 -0.93
CA PRO A 98 -28.37 24.92 0.25
C PRO A 98 -28.67 24.13 1.50
N SER A 99 -27.72 24.03 2.42
CA SER A 99 -27.94 23.22 3.63
C SER A 99 -29.17 23.64 4.42
N PRO A 100 -29.64 22.75 5.29
CA PRO A 100 -30.81 22.97 6.19
C PRO A 100 -30.68 24.17 7.09
N PHE A 101 -29.50 24.81 7.09
CA PHE A 101 -29.23 25.98 7.94
C PHE A 101 -30.30 27.07 7.84
N ALA A 102 -31.53 26.73 8.20
CA ALA A 102 -32.60 27.68 8.12
C ALA A 102 -32.17 28.96 8.84
N THR A 103 -31.35 28.75 9.89
CA THR A 103 -30.84 29.81 10.71
C THR A 103 -29.83 30.66 9.72
N CYS A 104 -29.55 31.85 10.15
CA CYS A 104 -28.73 32.66 9.34
C CYS A 104 -27.27 32.85 10.05
N ASP A 105 -26.28 33.03 9.20
CA ASP A 105 -24.92 33.11 9.71
C ASP A 105 -24.69 34.38 10.54
N PHE A 106 -23.83 34.22 11.58
CA PHE A 106 -23.56 35.29 12.54
C PHE A 106 -22.23 35.05 13.30
N MET A 107 -22.27 34.12 14.28
CA MET A 107 -21.02 33.74 15.01
C MET A 107 -21.04 32.29 15.66
N VAL A 108 -22.00 31.46 15.23
CA VAL A 108 -22.17 30.07 15.70
C VAL A 108 -22.01 29.07 14.54
N LEU A 114 -9.02 44.77 14.39
CA LEU A 114 -9.83 43.55 14.20
C LEU A 114 -10.95 43.83 13.18
N PRO A 115 -11.60 44.98 13.26
CA PRO A 115 -12.66 45.38 12.30
C PRO A 115 -12.15 45.98 11.00
N LEU A 116 -10.87 46.34 10.98
CA LEU A 116 -10.25 46.87 9.80
C LEU A 116 -11.22 47.86 9.13
N ASP A 117 -11.18 49.12 9.64
CA ASP A 117 -12.04 50.20 9.11
C ASP A 117 -11.52 51.63 9.41
N LYS A 118 -11.08 52.34 8.36
CA LYS A 118 -10.53 53.71 8.50
C LYS A 118 -11.54 54.84 8.28
N TRP A 119 -11.96 55.08 7.02
CA TRP A 119 -12.88 56.19 6.70
C TRP A 119 -14.39 55.91 7.02
N VAL A 120 -14.79 54.63 7.03
CA VAL A 120 -16.11 54.19 7.46
C VAL A 120 -16.17 52.66 7.46
N PRO A 121 -16.80 52.07 8.47
CA PRO A 121 -16.94 50.62 8.54
C PRO A 121 -18.02 50.07 7.55
N GLN A 122 -18.78 50.98 6.95
CA GLN A 122 -19.89 50.64 6.05
C GLN A 122 -19.69 49.34 5.18
N VAL A 123 -18.46 48.88 5.04
CA VAL A 123 -18.22 47.66 4.27
C VAL A 123 -18.78 46.39 4.96
N PHE A 124 -18.71 46.35 6.29
CA PHE A 124 -19.23 45.19 7.06
C PHE A 124 -20.67 44.79 6.67
N VAL A 125 -21.09 43.61 7.14
CA VAL A 125 -22.44 43.13 6.86
C VAL A 125 -23.39 43.58 7.98
N ALA A 126 -24.66 43.81 7.62
CA ALA A 126 -25.65 44.30 8.57
C ALA A 126 -27.03 44.49 7.93
N SER A 127 -27.13 45.31 6.88
CA SER A 127 -28.43 45.56 6.25
C SER A 127 -28.91 44.40 5.34
N GLY A 128 -30.24 44.25 5.29
CA GLY A 128 -30.86 43.22 4.46
C GLY A 128 -31.26 42.01 5.29
N ASP A 129 -31.14 40.82 4.67
CA ASP A 129 -31.53 39.56 5.33
C ASP A 129 -30.66 38.34 4.94
N CYS A 130 -31.34 37.18 4.81
CA CYS A 130 -30.67 35.92 4.43
C CYS A 130 -30.73 35.69 2.92
N ALA A 131 -30.38 34.47 2.56
CA ALA A 131 -30.47 34.04 1.20
C ALA A 131 -31.96 33.84 1.08
N GLU A 132 -32.61 34.57 0.20
CA GLU A 132 -34.05 34.47 0.08
C GLU A 132 -34.46 34.57 -1.40
N ARG A 133 -35.52 35.30 -1.66
CA ARG A 133 -36.03 35.45 -3.03
C ARG A 133 -35.11 36.34 -3.85
N GLN A 134 -35.58 36.68 -5.04
CA GLN A 134 -34.84 37.52 -5.95
C GLN A 134 -35.43 37.39 -7.35
N TRP A 135 -35.72 38.53 -7.99
CA TRP A 135 -36.30 38.46 -9.34
C TRP A 135 -35.19 38.30 -10.41
N ASP A 136 -34.32 39.31 -10.50
CA ASP A 136 -33.21 39.31 -11.43
C ASP A 136 -33.75 39.46 -12.86
N PHE A 137 -32.80 39.43 -13.81
CA PHE A 137 -33.12 39.66 -15.24
C PHE A 137 -32.58 38.67 -16.29
N LEU A 138 -31.32 38.92 -16.71
CA LEU A 138 -30.60 38.07 -17.69
C LEU A 138 -29.08 37.98 -17.37
N GLY A 139 -28.64 38.70 -16.34
CA GLY A 139 -27.23 38.69 -15.95
C GLY A 139 -26.91 37.67 -14.85
N LEU A 140 -27.70 36.61 -14.80
CA LEU A 140 -27.55 35.54 -13.82
C LEU A 140 -27.07 36.13 -12.48
N GLU A 141 -26.32 35.33 -11.74
CA GLU A 141 -25.78 35.77 -10.45
C GLU A 141 -24.30 36.14 -10.60
N MET A 142 -23.64 36.41 -9.48
CA MET A 142 -22.24 36.76 -9.52
C MET A 142 -21.42 35.65 -8.91
N PRO A 143 -21.56 35.32 -7.64
CA PRO A 143 -20.76 34.24 -7.07
C PRO A 143 -20.56 33.11 -8.09
N GLN A 144 -21.58 32.85 -8.91
CA GLN A 144 -21.50 31.80 -9.90
C GLN A 144 -20.46 32.08 -10.97
N TRP A 145 -20.54 33.27 -11.58
CA TRP A 145 -19.59 33.67 -12.60
C TRP A 145 -18.32 34.08 -11.86
N LEU A 146 -18.53 34.92 -10.83
CA LEU A 146 -17.44 35.48 -9.98
C LEU A 146 -16.41 34.48 -9.51
N LEU A 147 -16.82 33.27 -9.13
CA LEU A 147 -15.85 32.21 -8.72
C LEU A 147 -14.97 31.88 -9.91
N GLY A 148 -15.55 31.83 -11.12
CA GLY A 148 -14.78 31.52 -12.33
C GLY A 148 -13.74 32.60 -12.64
N ILE A 149 -14.15 33.85 -12.50
CA ILE A 149 -13.24 34.97 -12.76
C ILE A 149 -11.99 34.91 -11.79
N PHE A 150 -12.23 34.54 -10.53
CA PHE A 150 -11.12 34.39 -9.56
C PHE A 150 -10.15 33.33 -10.05
N ILE A 151 -10.69 32.26 -10.64
CA ILE A 151 -9.83 31.25 -11.19
C ILE A 151 -9.03 31.94 -12.35
N ALA A 152 -9.77 32.68 -13.18
CA ALA A 152 -9.15 33.44 -14.28
C ALA A 152 -8.02 34.40 -13.82
N TYR A 153 -8.26 35.18 -12.78
CA TYR A 153 -7.24 36.08 -12.25
C TYR A 153 -6.13 35.22 -11.65
N LEU A 154 -6.55 34.24 -10.83
CA LEU A 154 -5.59 33.33 -10.17
C LEU A 154 -4.71 32.70 -11.21
N ILE A 155 -5.33 32.07 -12.20
CA ILE A 155 -4.57 31.35 -13.18
C ILE A 155 -3.55 32.39 -14.03
N VAL A 156 -4.09 33.53 -14.41
CA VAL A 156 -3.26 34.54 -15.04
C VAL A 156 -2.17 34.91 -14.03
N ALA A 157 -2.58 35.04 -12.75
CA ALA A 157 -1.65 35.37 -11.66
C ALA A 157 -0.68 34.23 -11.31
N VAL A 158 -1.17 33.01 -11.10
CA VAL A 158 -0.27 31.94 -10.75
C VAL A 158 0.48 31.50 -11.99
N LEU A 159 -0.25 31.16 -13.05
CA LEU A 159 0.35 30.59 -14.29
C LEU A 159 1.70 31.22 -14.71
N VAL A 160 1.93 32.49 -14.39
CA VAL A 160 3.21 33.15 -14.71
C VAL A 160 4.36 32.46 -13.93
N VAL A 161 4.11 31.99 -12.70
CA VAL A 161 5.16 31.30 -11.93
C VAL A 161 5.62 30.03 -12.68
N ILE A 162 4.72 29.42 -13.45
CA ILE A 162 5.09 28.22 -14.20
C ILE A 162 4.90 28.38 -15.72
N ASP B 21 -41.04 22.58 14.52
CA ASP B 21 -40.31 22.23 13.27
C ASP B 21 -41.28 21.95 12.14
N ILE B 22 -40.80 21.36 11.06
CA ILE B 22 -41.69 20.82 10.06
C ILE B 22 -42.22 19.48 10.62
N VAL B 23 -43.49 19.18 10.39
CA VAL B 23 -44.02 17.83 10.65
C VAL B 23 -44.40 17.04 9.40
N MET B 24 -43.68 15.94 9.20
CA MET B 24 -44.00 14.94 8.21
C MET B 24 -44.95 13.95 8.80
N SER B 25 -45.94 13.59 8.00
CA SER B 25 -47.03 12.73 8.39
C SER B 25 -47.45 11.96 7.15
N GLN B 26 -47.25 10.64 7.17
CA GLN B 26 -47.65 9.77 6.07
C GLN B 26 -48.98 9.07 6.38
N SER B 27 -49.76 8.78 5.35
CA SER B 27 -50.89 7.86 5.47
C SER B 27 -50.77 6.85 4.34
N PRO B 28 -51.17 5.60 4.58
CA PRO B 28 -51.69 5.02 5.80
C PRO B 28 -50.55 4.42 6.62
N SER B 29 -50.87 3.87 7.78
CA SER B 29 -49.90 3.11 8.56
C SER B 29 -49.44 1.86 7.81
N SER B 30 -50.39 1.13 7.24
CA SER B 30 -50.09 -0.13 6.57
C SER B 30 -50.76 -0.30 5.21
N LEU B 31 -50.10 -1.06 4.34
CA LEU B 31 -50.61 -1.48 3.04
C LEU B 31 -50.39 -2.96 2.78
N ALA B 32 -51.43 -3.63 2.32
CA ALA B 32 -51.28 -4.97 1.80
C ALA B 32 -51.33 -4.92 0.28
N VAL B 33 -50.64 -5.84 -0.38
CA VAL B 33 -50.71 -5.98 -1.84
C VAL B 33 -50.18 -7.34 -2.33
N SER B 34 -50.81 -7.89 -3.36
CA SER B 34 -50.39 -9.15 -3.94
C SER B 34 -49.19 -8.86 -4.83
N ALA B 35 -48.19 -9.73 -4.72
CA ALA B 35 -46.84 -9.49 -5.28
C ALA B 35 -46.80 -9.15 -6.78
N GLY B 36 -46.82 -7.86 -7.11
CA GLY B 36 -46.63 -7.44 -8.49
C GLY B 36 -47.51 -6.27 -8.87
N GLU B 37 -48.05 -5.60 -7.85
CA GLU B 37 -48.99 -4.52 -8.05
C GLU B 37 -48.39 -3.10 -7.99
N LYS B 38 -49.23 -2.11 -8.23
CA LYS B 38 -48.86 -0.70 -8.04
C LYS B 38 -49.39 -0.20 -6.70
N VAL B 39 -48.50 0.42 -5.93
CA VAL B 39 -48.84 1.02 -4.64
C VAL B 39 -48.27 2.41 -4.62
N THR B 40 -49.07 3.34 -4.10
CA THR B 40 -48.68 4.74 -4.04
C THR B 40 -49.06 5.29 -2.66
N MET B 41 -48.17 5.15 -1.67
CA MET B 41 -48.45 5.80 -0.38
C MET B 41 -48.05 7.29 -0.39
N SER B 42 -48.56 8.05 0.58
CA SER B 42 -48.43 9.50 0.55
C SER B 42 -47.73 10.09 1.75
N CYS B 43 -46.89 11.09 1.48
CA CYS B 43 -46.20 11.87 2.50
C CYS B 43 -46.59 13.34 2.36
N LYS B 44 -47.13 13.90 3.43
CA LYS B 44 -47.47 15.32 3.47
C LYS B 44 -46.72 16.08 4.57
N SER B 45 -46.09 17.19 4.20
CA SER B 45 -45.35 17.99 5.17
C SER B 45 -46.09 19.26 5.55
N SER B 46 -45.87 19.72 6.79
CA SER B 46 -46.56 20.88 7.33
C SER B 46 -46.17 22.19 6.65
N GLN B 47 -44.97 22.20 6.09
CA GLN B 47 -44.34 23.38 5.52
C GLN B 47 -44.01 23.11 4.09
N SER B 48 -44.24 24.08 3.20
CA SER B 48 -43.88 23.81 1.81
C SER B 48 -42.40 23.54 1.68
N LEU B 49 -42.03 22.65 0.78
CA LEU B 49 -40.64 22.23 0.63
C LEU B 49 -39.93 22.74 -0.64
N LEU B 50 -40.48 23.79 -1.25
CA LEU B 50 -39.93 24.36 -2.49
C LEU B 50 -38.99 25.55 -2.23
N ASN B 51 -37.87 25.57 -2.92
CA ASN B 51 -37.07 26.79 -3.02
C ASN B 51 -37.61 27.69 -4.14
N SER B 52 -37.42 28.99 -3.98
CA SER B 52 -37.63 29.89 -5.11
C SER B 52 -36.63 29.52 -6.22
N ARG B 53 -35.33 29.55 -5.92
CA ARG B 53 -34.31 29.14 -6.89
C ARG B 53 -34.20 27.61 -7.05
N THR B 54 -34.48 27.19 -8.28
CA THR B 54 -34.73 25.79 -8.69
C THR B 54 -35.93 25.18 -8.03
N ARG B 55 -36.83 24.65 -8.85
CA ARG B 55 -37.77 23.64 -8.36
C ARG B 55 -36.91 22.54 -7.76
N LYS B 56 -36.83 22.56 -6.44
CA LYS B 56 -36.00 21.63 -5.70
C LYS B 56 -36.79 21.32 -4.45
N ASN B 57 -37.32 20.10 -4.38
CA ASN B 57 -38.32 19.86 -3.35
C ASN B 57 -37.88 19.21 -2.06
N TYR B 58 -36.57 19.09 -1.86
CA TYR B 58 -35.97 18.84 -0.53
C TYR B 58 -36.64 17.80 0.39
N LEU B 59 -37.22 16.79 -0.24
CA LEU B 59 -37.80 15.69 0.47
C LEU B 59 -37.12 14.43 -0.01
N ALA B 60 -36.80 13.54 0.93
CA ALA B 60 -36.35 12.21 0.59
C ALA B 60 -37.31 11.09 1.07
N TRP B 61 -37.23 9.95 0.40
CA TRP B 61 -37.93 8.72 0.77
C TRP B 61 -36.90 7.67 1.12
N TYR B 62 -36.97 7.13 2.33
CA TYR B 62 -36.07 6.04 2.73
C TYR B 62 -36.88 4.78 2.96
N GLN B 63 -36.43 3.68 2.37
CA GLN B 63 -37.03 2.40 2.69
C GLN B 63 -36.20 1.76 3.78
N GLN B 64 -36.86 0.99 4.65
CA GLN B 64 -36.16 0.31 5.75
C GLN B 64 -36.68 -1.07 5.92
N LYS B 65 -35.87 -2.07 5.61
CA LYS B 65 -36.28 -3.48 5.68
C LYS B 65 -36.34 -3.99 7.12
N PRO B 66 -37.10 -5.07 7.39
CA PRO B 66 -37.23 -5.55 8.76
C PRO B 66 -35.87 -5.79 9.43
N GLY B 67 -35.60 -5.03 10.50
CA GLY B 67 -34.35 -5.10 11.23
C GLY B 67 -33.22 -4.81 10.27
N GLN B 68 -33.21 -3.58 9.77
CA GLN B 68 -32.13 -3.04 8.94
C GLN B 68 -32.04 -1.54 9.02
N SER B 69 -30.85 -1.03 8.73
CA SER B 69 -30.70 0.39 8.59
C SER B 69 -31.51 0.84 7.36
N PRO B 70 -32.22 1.98 7.46
CA PRO B 70 -32.91 2.52 6.30
C PRO B 70 -31.97 2.62 5.08
N LYS B 71 -32.52 2.50 3.88
CA LYS B 71 -31.76 2.71 2.63
C LYS B 71 -32.29 3.94 1.88
N LEU B 72 -31.40 4.73 1.28
CA LEU B 72 -31.84 5.87 0.49
C LEU B 72 -32.50 5.38 -0.80
N LEU B 73 -33.58 6.04 -1.20
CA LEU B 73 -34.45 5.52 -2.26
C LEU B 73 -34.69 6.55 -3.34
N ILE B 74 -35.11 7.73 -2.91
CA ILE B 74 -35.37 8.83 -3.78
C ILE B 74 -34.90 10.07 -3.05
N TYR B 75 -34.09 10.91 -3.70
CA TYR B 75 -33.88 12.24 -3.15
C TYR B 75 -34.53 13.36 -3.96
N TRP B 76 -34.39 14.58 -3.43
CA TRP B 76 -35.00 15.78 -4.00
C TRP B 76 -36.52 15.75 -4.20
N ALA B 77 -37.04 14.65 -4.72
CA ALA B 77 -38.46 14.28 -4.58
C ALA B 77 -38.81 13.32 -5.68
N SER B 78 -38.17 13.58 -6.83
CA SER B 78 -38.32 12.85 -8.09
C SER B 78 -37.17 11.88 -8.29
N THR B 79 -35.94 12.38 -8.15
CA THR B 79 -34.73 11.67 -8.58
C THR B 79 -34.37 10.42 -7.76
N ARG B 80 -34.23 9.30 -8.46
CA ARG B 80 -33.89 8.01 -7.86
C ARG B 80 -32.40 7.88 -7.63
N GLU B 81 -32.03 6.90 -6.81
CA GLU B 81 -30.64 6.80 -6.38
C GLU B 81 -29.95 5.51 -6.85
N SER B 82 -28.64 5.61 -7.13
CA SER B 82 -27.81 4.52 -7.68
C SER B 82 -28.33 3.12 -7.38
N GLY B 83 -28.96 2.52 -8.38
CA GLY B 83 -29.50 1.17 -8.23
C GLY B 83 -30.90 1.12 -7.64
N VAL B 84 -31.68 2.17 -7.85
CA VAL B 84 -33.10 2.12 -7.56
C VAL B 84 -33.78 1.70 -8.86
N PRO B 85 -34.50 0.57 -8.82
CA PRO B 85 -35.33 0.16 -9.96
C PRO B 85 -36.44 1.17 -10.26
N ASP B 86 -36.56 1.52 -11.55
CA ASP B 86 -37.50 2.54 -12.07
C ASP B 86 -38.84 2.51 -11.36
N ARG B 87 -39.20 1.32 -10.85
CA ARG B 87 -40.51 1.03 -10.29
C ARG B 87 -40.90 1.89 -9.09
N PHE B 88 -39.94 2.23 -8.25
CA PHE B 88 -40.17 3.21 -7.20
C PHE B 88 -40.16 4.53 -7.92
N THR B 89 -41.23 5.31 -7.77
CA THR B 89 -41.26 6.65 -8.37
C THR B 89 -41.64 7.69 -7.34
N GLY B 90 -41.06 8.87 -7.46
CA GLY B 90 -41.34 9.96 -6.53
C GLY B 90 -42.01 11.09 -7.25
N SER B 91 -43.28 11.31 -6.92
CA SER B 91 -43.98 12.48 -7.41
C SER B 91 -44.14 13.36 -6.20
N GLY B 92 -44.77 14.52 -6.38
CA GLY B 92 -45.08 15.40 -5.27
C GLY B 92 -44.40 16.72 -5.43
N SER B 93 -44.87 17.72 -4.70
CA SER B 93 -44.39 19.08 -4.86
C SER B 93 -45.15 20.03 -3.96
N GLY B 94 -44.44 20.92 -3.30
CA GLY B 94 -45.03 21.75 -2.27
C GLY B 94 -45.10 20.97 -0.98
N THR B 95 -46.31 20.72 -0.50
CA THR B 95 -46.49 20.04 0.78
C THR B 95 -46.97 18.59 0.58
N ASP B 96 -46.84 18.07 -0.64
CA ASP B 96 -47.65 16.91 -1.06
C ASP B 96 -46.94 15.84 -1.85
N PHE B 97 -46.29 14.92 -1.16
CA PHE B 97 -45.49 13.95 -1.87
C PHE B 97 -46.11 12.57 -1.82
N THR B 98 -45.78 11.78 -2.84
CA THR B 98 -46.33 10.44 -3.03
C THR B 98 -45.25 9.50 -3.57
N LEU B 99 -45.13 8.33 -2.93
CA LEU B 99 -44.21 7.32 -3.42
C LEU B 99 -45.00 6.20 -4.04
N THR B 100 -44.51 5.71 -5.17
CA THR B 100 -45.24 4.75 -5.99
C THR B 100 -44.35 3.58 -6.47
N ILE B 101 -44.70 2.37 -6.06
CA ILE B 101 -43.90 1.18 -6.35
C ILE B 101 -44.71 0.26 -7.22
N SER B 102 -44.35 0.19 -8.50
CA SER B 102 -45.00 -0.76 -9.41
C SER B 102 -44.27 -2.10 -9.43
N SER B 103 -45.04 -3.18 -9.63
CA SER B 103 -44.50 -4.55 -9.75
C SER B 103 -43.83 -5.00 -8.46
N VAL B 104 -44.58 -4.91 -7.36
CA VAL B 104 -44.09 -5.23 -6.03
C VAL B 104 -43.47 -6.62 -5.91
N GLN B 105 -42.15 -6.68 -5.92
CA GLN B 105 -41.49 -7.92 -5.63
C GLN B 105 -41.62 -8.28 -4.15
N ALA B 106 -41.20 -9.49 -3.83
CA ALA B 106 -41.36 -10.04 -2.50
C ALA B 106 -40.40 -9.35 -1.53
N GLU B 107 -39.24 -8.99 -2.06
CA GLU B 107 -38.18 -8.29 -1.33
C GLU B 107 -38.46 -6.80 -1.38
N ASP B 108 -39.70 -6.45 -1.02
CA ASP B 108 -40.13 -5.07 -0.91
C ASP B 108 -40.94 -4.95 0.36
N LEU B 109 -40.77 -5.91 1.26
CA LEU B 109 -41.38 -5.81 2.58
C LEU B 109 -40.62 -4.78 3.39
N ALA B 110 -41.28 -3.68 3.73
CA ALA B 110 -40.56 -2.59 4.38
C ALA B 110 -41.48 -1.55 4.98
N VAL B 111 -40.90 -0.71 5.83
CA VAL B 111 -41.52 0.56 6.12
C VAL B 111 -40.78 1.63 5.31
N TYR B 112 -41.57 2.54 4.74
CA TYR B 112 -41.11 3.59 3.84
C TYR B 112 -41.27 4.94 4.53
N TYR B 113 -40.16 5.62 4.71
CA TYR B 113 -40.11 6.81 5.54
C TYR B 113 -39.83 7.98 4.63
N CYS B 114 -40.54 9.08 4.82
CA CYS B 114 -40.18 10.27 4.09
C CYS B 114 -39.44 11.17 5.05
N LYS B 115 -38.47 11.91 4.53
CA LYS B 115 -37.68 12.86 5.33
C LYS B 115 -37.71 14.21 4.65
N GLN B 116 -37.86 15.26 5.44
CA GLN B 116 -37.64 16.58 4.90
C GLN B 116 -36.24 17.00 5.25
N SER B 117 -35.60 17.71 4.32
CA SER B 117 -34.30 18.30 4.58
C SER B 117 -34.28 19.77 4.18
N TYR B 118 -35.44 20.42 4.27
CA TYR B 118 -35.55 21.83 3.94
C TYR B 118 -35.18 22.68 5.11
N ASN B 119 -35.49 22.24 6.31
CA ASN B 119 -35.07 22.97 7.49
C ASN B 119 -34.94 22.00 8.62
N LEU B 120 -33.68 21.64 8.87
CA LEU B 120 -33.30 20.51 9.71
C LEU B 120 -33.79 19.20 9.05
N TYR B 121 -33.71 18.08 9.76
CA TYR B 121 -34.13 16.82 9.21
C TYR B 121 -35.35 16.31 9.98
N THR B 122 -36.53 16.23 9.37
CA THR B 122 -37.61 15.44 10.02
C THR B 122 -38.11 14.28 9.16
N PHE B 123 -38.67 13.28 9.85
CA PHE B 123 -39.15 12.02 9.24
C PHE B 123 -40.68 11.90 9.36
N GLY B 124 -41.28 11.12 8.47
CA GLY B 124 -42.66 10.76 8.60
C GLY B 124 -42.72 9.68 9.63
N GLY B 125 -43.92 9.20 9.92
CA GLY B 125 -44.10 8.14 10.88
C GLY B 125 -43.77 6.78 10.31
N GLY B 126 -44.05 6.60 9.03
CA GLY B 126 -43.75 5.34 8.37
C GLY B 126 -45.01 4.74 7.82
N THR B 127 -44.86 3.90 6.80
CA THR B 127 -45.95 3.22 6.12
C THR B 127 -45.42 1.81 5.94
N LYS B 128 -46.07 0.84 6.59
CA LYS B 128 -45.66 -0.56 6.48
C LYS B 128 -46.29 -1.23 5.25
N LEU B 129 -45.47 -1.58 4.26
CA LEU B 129 -45.93 -2.31 3.08
C LEU B 129 -45.76 -3.81 3.27
N GLU B 130 -46.76 -4.44 3.91
CA GLU B 130 -46.72 -5.89 4.13
C GLU B 130 -47.38 -6.66 2.99
N ILE B 131 -46.77 -7.77 2.59
CA ILE B 131 -47.22 -8.54 1.43
C ILE B 131 -48.42 -9.45 1.71
N LYS B 132 -49.23 -9.64 0.66
CA LYS B 132 -50.26 -10.65 0.59
C LYS B 132 -49.59 -11.94 0.14
N ALA B 134 -51.09 -16.27 -1.13
CA ALA B 134 -51.89 -17.47 -0.90
C ALA B 134 -51.39 -18.26 0.31
N ASP B 135 -52.32 -18.85 1.05
CA ASP B 135 -52.03 -19.50 2.33
C ASP B 135 -50.95 -20.61 2.23
N ALA B 136 -50.39 -21.01 3.39
CA ALA B 136 -49.54 -22.21 3.48
C ALA B 136 -49.61 -22.85 4.88
N ALA B 137 -49.23 -24.13 4.96
CA ALA B 137 -49.31 -24.93 6.19
C ALA B 137 -48.15 -24.74 7.18
N PRO B 138 -48.46 -24.34 8.42
CA PRO B 138 -47.44 -24.17 9.49
C PRO B 138 -46.68 -25.47 9.74
N THR B 139 -45.38 -25.37 10.03
CA THR B 139 -44.52 -26.55 10.11
C THR B 139 -43.95 -26.80 11.53
N VAL B 140 -44.78 -27.31 12.45
CA VAL B 140 -44.37 -27.43 13.87
C VAL B 140 -43.26 -28.48 14.14
N SER B 141 -42.61 -28.33 15.30
CA SER B 141 -41.48 -29.17 15.73
C SER B 141 -41.19 -28.87 17.21
N ILE B 142 -41.38 -29.87 18.08
CA ILE B 142 -41.21 -29.66 19.54
C ILE B 142 -39.80 -29.90 20.07
N PHE B 143 -39.44 -29.12 21.10
CA PHE B 143 -38.08 -29.09 21.65
C PHE B 143 -38.07 -29.16 23.18
N PRO B 144 -37.58 -30.28 23.75
CA PRO B 144 -37.48 -30.52 25.19
C PRO B 144 -36.48 -29.56 25.85
N PRO B 145 -36.55 -29.41 27.18
CA PRO B 145 -35.52 -28.68 27.92
C PRO B 145 -34.10 -29.10 27.53
N SER B 146 -33.12 -28.28 27.88
CA SER B 146 -31.71 -28.67 27.70
C SER B 146 -31.07 -29.07 29.03
N SER B 147 -30.42 -30.23 29.00
CA SER B 147 -29.73 -30.78 30.17
C SER B 147 -29.33 -29.69 31.17
N GLU B 148 -28.50 -28.75 30.70
CA GLU B 148 -27.90 -27.74 31.59
C GLU B 148 -28.93 -26.81 32.21
N GLN B 149 -29.94 -26.41 31.43
CA GLN B 149 -31.06 -25.60 31.94
C GLN B 149 -31.64 -26.28 33.17
N LEU B 150 -31.83 -27.60 33.06
CA LEU B 150 -32.37 -28.43 34.11
C LEU B 150 -31.43 -28.45 35.30
N THR B 151 -30.21 -28.94 35.07
CA THR B 151 -29.20 -29.06 36.14
C THR B 151 -28.79 -27.68 36.72
N SER B 152 -29.37 -26.63 36.15
CA SER B 152 -29.26 -25.29 36.71
C SER B 152 -30.63 -24.75 37.22
N GLY B 153 -31.56 -25.68 37.48
CA GLY B 153 -32.74 -25.40 38.30
C GLY B 153 -33.99 -24.86 37.62
N GLY B 154 -34.16 -25.19 36.34
CA GLY B 154 -35.33 -24.77 35.58
C GLY B 154 -35.61 -25.68 34.39
N ALA B 155 -36.77 -25.50 33.77
CA ALA B 155 -37.17 -26.33 32.63
C ALA B 155 -38.14 -25.62 31.69
N SER B 156 -37.78 -25.53 30.41
CA SER B 156 -38.59 -24.82 29.42
C SER B 156 -38.77 -25.66 28.17
N VAL B 157 -40.00 -25.72 27.67
CA VAL B 157 -40.30 -26.52 26.48
C VAL B 157 -40.92 -25.66 25.37
N VAL B 158 -40.33 -25.72 24.17
CA VAL B 158 -40.72 -24.86 23.03
C VAL B 158 -41.05 -25.63 21.75
N CYS B 159 -41.98 -25.11 20.97
CA CYS B 159 -42.13 -25.55 19.58
C CYS B 159 -42.26 -24.41 18.59
N PHE B 160 -41.50 -24.51 17.50
CA PHE B 160 -41.50 -23.52 16.44
C PHE B 160 -42.59 -23.84 15.43
N LEU B 161 -43.19 -22.80 14.87
CA LEU B 161 -44.22 -22.94 13.84
C LEU B 161 -43.72 -22.22 12.59
N ASN B 162 -42.76 -22.82 11.90
CA ASN B 162 -42.12 -22.15 10.79
C ASN B 162 -43.03 -21.99 9.56
N ASN B 163 -42.72 -20.98 8.75
CA ASN B 163 -43.24 -20.76 7.39
C ASN B 163 -44.75 -20.82 7.13
N PHE B 164 -45.57 -20.31 8.05
CA PHE B 164 -47.02 -20.31 7.82
C PHE B 164 -47.56 -18.98 7.32
N TYR B 165 -48.82 -19.00 6.88
CA TYR B 165 -49.51 -17.83 6.32
C TYR B 165 -50.99 -18.17 6.07
N PRO B 166 -51.92 -17.31 6.52
CA PRO B 166 -51.82 -16.01 7.17
C PRO B 166 -51.40 -16.09 8.65
N LYS B 167 -51.28 -14.90 9.25
CA LYS B 167 -50.84 -14.69 10.64
C LYS B 167 -51.54 -15.58 11.65
N ASP B 168 -52.85 -15.75 11.48
CA ASP B 168 -53.70 -16.35 12.51
C ASP B 168 -53.47 -17.84 12.68
N ILE B 169 -53.05 -18.19 13.90
CA ILE B 169 -52.74 -19.56 14.28
C ILE B 169 -52.91 -19.72 15.81
N ASN B 170 -53.87 -20.55 16.21
CA ASN B 170 -54.09 -20.83 17.62
C ASN B 170 -53.36 -22.10 18.03
N VAL B 171 -52.23 -21.89 18.71
CA VAL B 171 -51.34 -22.97 19.12
C VAL B 171 -51.64 -23.41 20.54
N LYS B 172 -52.00 -24.68 20.69
CA LYS B 172 -52.48 -25.24 21.95
C LYS B 172 -51.55 -26.34 22.47
N TRP B 173 -51.03 -26.12 23.68
CA TRP B 173 -50.17 -27.11 24.36
C TRP B 173 -50.97 -28.23 25.03
N LYS B 174 -50.44 -29.46 25.00
CA LYS B 174 -51.07 -30.62 25.65
C LYS B 174 -50.08 -31.37 26.55
N ILE B 175 -50.48 -31.56 27.81
CA ILE B 175 -49.75 -32.45 28.69
C ILE B 175 -50.52 -33.79 28.67
N ASP B 176 -49.96 -34.74 27.91
CA ASP B 176 -50.59 -36.05 27.56
C ASP B 176 -52.02 -35.98 27.02
N GLY B 177 -52.75 -34.92 27.37
CA GLY B 177 -54.15 -34.70 27.01
C GLY B 177 -54.78 -33.61 27.86
N SER B 178 -54.34 -33.53 29.13
CA SER B 178 -54.74 -32.48 30.07
C SER B 178 -54.06 -31.17 29.70
N GLU B 179 -54.85 -30.12 29.47
CA GLU B 179 -54.33 -28.91 28.86
C GLU B 179 -54.33 -27.68 29.78
N ARG B 180 -53.18 -27.40 30.41
CA ARG B 180 -52.95 -26.18 31.20
C ARG B 180 -52.32 -25.03 30.37
N GLN B 181 -52.40 -23.80 30.89
CA GLN B 181 -52.03 -22.63 30.06
C GLN B 181 -51.08 -21.61 30.72
N ASN B 182 -51.28 -21.31 32.00
CA ASN B 182 -50.46 -20.30 32.71
C ASN B 182 -48.93 -20.45 32.55
N GLY B 183 -48.35 -19.62 31.68
CA GLY B 183 -46.91 -19.63 31.41
C GLY B 183 -46.57 -20.14 30.02
N VAL B 184 -47.19 -19.55 29.01
CA VAL B 184 -47.04 -19.97 27.62
C VAL B 184 -46.93 -18.75 26.69
N LEU B 185 -45.70 -18.27 26.50
CA LEU B 185 -45.45 -16.98 25.81
C LEU B 185 -44.89 -17.10 24.38
N ASN B 186 -45.60 -16.50 23.44
CA ASN B 186 -45.33 -16.65 22.01
C ASN B 186 -44.52 -15.53 21.37
N SER B 187 -44.25 -15.67 20.07
CA SER B 187 -43.83 -14.55 19.21
C SER B 187 -43.79 -14.88 17.73
N TRP B 188 -44.49 -14.05 16.96
CA TRP B 188 -44.54 -14.16 15.52
C TRP B 188 -43.41 -13.31 14.96
N THR B 189 -42.61 -13.86 14.05
CA THR B 189 -41.71 -13.01 13.30
C THR B 189 -42.59 -12.06 12.49
N ASP B 190 -42.09 -10.87 12.25
CA ASP B 190 -42.71 -10.00 11.26
C ASP B 190 -42.43 -10.65 9.93
N GLN B 191 -43.49 -10.85 9.14
CA GLN B 191 -43.48 -11.49 7.82
C GLN B 191 -42.11 -11.56 7.08
N ASP B 192 -41.75 -12.76 6.62
CA ASP B 192 -40.53 -13.01 5.85
C ASP B 192 -40.48 -12.13 4.60
N SER B 193 -39.27 -11.86 4.09
CA SER B 193 -39.14 -10.98 2.92
C SER B 193 -38.85 -11.74 1.61
N LYS B 194 -38.16 -12.86 1.71
CA LYS B 194 -37.91 -13.71 0.56
C LYS B 194 -39.15 -14.54 0.24
N ASP B 195 -39.59 -15.31 1.24
CA ASP B 195 -40.75 -16.17 1.10
C ASP B 195 -42.05 -15.48 1.49
N SER B 196 -41.94 -14.37 2.22
CA SER B 196 -43.09 -13.52 2.54
C SER B 196 -44.18 -14.18 3.37
N THR B 197 -43.78 -15.00 4.33
CA THR B 197 -44.73 -15.67 5.21
C THR B 197 -44.28 -15.67 6.67
N TYR B 198 -45.21 -15.43 7.59
CA TYR B 198 -44.94 -15.41 9.03
C TYR B 198 -44.21 -16.64 9.57
N SER B 199 -43.91 -16.61 10.87
CA SER B 199 -43.44 -17.76 11.65
C SER B 199 -43.98 -17.55 13.06
N MET B 200 -43.59 -18.41 14.01
CA MET B 200 -44.03 -18.24 15.40
C MET B 200 -43.22 -19.14 16.32
N SER B 201 -43.30 -18.90 17.64
CA SER B 201 -42.63 -19.77 18.63
C SER B 201 -43.22 -19.63 20.03
N SER B 202 -43.90 -20.67 20.48
CA SER B 202 -44.47 -20.72 21.83
C SER B 202 -43.55 -21.42 22.81
N THR B 203 -43.48 -20.86 24.02
CA THR B 203 -42.60 -21.37 25.05
C THR B 203 -43.37 -21.65 26.34
N LEU B 204 -43.43 -22.92 26.68
CA LEU B 204 -43.98 -23.34 27.95
C LEU B 204 -42.84 -23.41 28.96
N THR B 205 -42.98 -22.66 30.05
CA THR B 205 -41.87 -22.46 30.96
C THR B 205 -42.22 -22.82 32.41
N LEU B 206 -41.76 -23.99 32.85
CA LEU B 206 -42.04 -24.53 34.18
C LEU B 206 -40.94 -24.30 35.20
N THR B 207 -41.08 -24.91 36.38
CA THR B 207 -39.98 -25.04 37.34
C THR B 207 -39.20 -26.34 37.02
N LYS B 208 -37.98 -26.46 37.53
CA LYS B 208 -37.15 -27.67 37.36
C LYS B 208 -37.89 -28.97 37.70
N ASP B 209 -38.61 -28.94 38.81
CA ASP B 209 -39.23 -30.12 39.44
C ASP B 209 -40.66 -30.42 38.95
N GLU B 210 -41.43 -29.36 38.71
CA GLU B 210 -42.78 -29.49 38.15
C GLU B 210 -42.84 -30.11 36.74
N TYR B 211 -41.69 -30.20 36.05
CA TYR B 211 -41.64 -30.67 34.65
C TYR B 211 -41.90 -32.18 34.51
N GLU B 212 -41.43 -32.96 35.47
CA GLU B 212 -41.59 -34.42 35.44
C GLU B 212 -42.91 -34.90 36.04
N ARG B 213 -43.82 -33.96 36.27
CA ARG B 213 -45.20 -34.21 36.75
C ARG B 213 -45.96 -35.18 35.86
N HIS B 214 -45.82 -35.00 34.54
CA HIS B 214 -46.40 -35.92 33.55
C HIS B 214 -45.28 -36.53 32.69
N ASN B 215 -45.68 -37.18 31.60
CA ASN B 215 -44.72 -37.79 30.69
C ASN B 215 -44.83 -37.26 29.25
N SER B 216 -45.99 -37.45 28.63
CA SER B 216 -46.19 -37.00 27.26
C SER B 216 -46.46 -35.50 27.21
N TYR B 217 -45.84 -34.84 26.23
CA TYR B 217 -46.06 -33.44 25.94
C TYR B 217 -46.27 -33.25 24.44
N THR B 218 -47.05 -32.24 24.07
CA THR B 218 -47.19 -31.85 22.67
C THR B 218 -47.71 -30.41 22.51
N CYS B 219 -47.73 -29.93 21.27
CA CYS B 219 -48.41 -28.69 20.96
C CYS B 219 -49.12 -28.85 19.62
N GLU B 220 -50.20 -28.10 19.44
CA GLU B 220 -50.94 -28.15 18.19
C GLU B 220 -51.20 -26.78 17.62
N ALA B 221 -51.18 -26.70 16.29
CA ALA B 221 -51.67 -25.55 15.56
C ALA B 221 -53.18 -25.70 15.33
N THR B 222 -53.76 -24.74 14.60
CA THR B 222 -55.15 -24.80 14.13
C THR B 222 -55.29 -23.96 12.86
N HIS B 223 -54.17 -23.34 12.48
CA HIS B 223 -54.02 -22.47 11.32
C HIS B 223 -54.90 -22.84 10.10
N LYS B 224 -55.58 -21.83 9.59
CA LYS B 224 -56.68 -22.01 8.64
C LYS B 224 -56.24 -22.31 7.21
N THR B 225 -55.33 -23.27 7.03
CA THR B 225 -55.17 -23.91 5.71
C THR B 225 -56.18 -25.05 5.63
N SER B 226 -56.29 -25.76 6.74
CA SER B 226 -57.49 -26.49 7.15
C SER B 226 -57.42 -26.64 8.67
N THR B 227 -58.54 -26.38 9.34
CA THR B 227 -58.58 -26.40 10.81
C THR B 227 -58.54 -27.85 11.37
N SER B 228 -57.63 -28.61 10.78
CA SER B 228 -57.26 -29.95 11.23
C SER B 228 -55.95 -29.80 12.01
N PRO B 229 -56.06 -29.67 13.35
CA PRO B 229 -54.97 -29.19 14.22
C PRO B 229 -53.65 -29.98 14.19
N ILE B 230 -52.71 -29.52 13.36
CA ILE B 230 -51.35 -30.11 13.21
C ILE B 230 -50.65 -30.33 14.56
N VAL B 231 -50.38 -31.60 14.87
CA VAL B 231 -49.82 -32.02 16.16
C VAL B 231 -48.37 -32.54 16.06
N LYS B 232 -47.54 -32.21 17.04
CA LYS B 232 -46.18 -32.73 17.11
C LYS B 232 -45.80 -32.93 18.58
N SER B 233 -45.36 -34.14 18.91
CA SER B 233 -45.27 -34.58 20.30
C SER B 233 -43.92 -35.20 20.69
N PHE B 234 -43.68 -35.29 22.00
CA PHE B 234 -42.62 -36.14 22.55
C PHE B 234 -43.00 -36.56 23.97
N ASN B 235 -42.23 -37.46 24.59
CA ASN B 235 -42.49 -37.87 25.98
C ASN B 235 -41.27 -37.92 26.89
N ARG B 236 -41.42 -37.31 28.05
CA ARG B 236 -40.38 -37.08 29.06
C ARG B 236 -39.35 -38.21 29.19
N ASN B 237 -39.63 -39.13 30.12
CA ASN B 237 -38.75 -40.25 30.53
C ASN B 237 -37.27 -40.27 30.07
N GLU B 238 -37.05 -40.48 28.77
CA GLU B 238 -35.70 -40.53 28.22
C GLU B 238 -34.95 -39.20 28.40
N CYS B 239 -35.65 -38.11 28.07
CA CYS B 239 -35.04 -36.79 28.02
C CYS B 239 -35.65 -35.82 29.04
N GLU C 1 -17.61 -1.78 -0.46
CA GLU C 1 -16.88 -0.57 -0.94
C GLU C 1 -16.74 0.46 0.17
N VAL C 2 -17.89 0.98 0.61
CA VAL C 2 -17.99 2.01 1.65
C VAL C 2 -18.68 1.45 2.88
N GLN C 3 -18.02 1.55 4.02
CA GLN C 3 -18.56 0.98 5.26
C GLN C 3 -18.61 1.95 6.45
N LEU C 4 -19.55 1.65 7.35
CA LEU C 4 -19.69 2.30 8.63
C LEU C 4 -20.10 1.23 9.67
N VAL C 5 -19.37 1.23 10.79
CA VAL C 5 -19.68 0.36 11.91
C VAL C 5 -19.57 1.17 13.18
N GLU C 6 -20.71 1.62 13.67
CA GLU C 6 -20.75 2.33 14.94
C GLU C 6 -20.74 1.28 16.02
N SER C 7 -20.40 1.68 17.24
CA SER C 7 -20.33 0.76 18.35
C SER C 7 -19.96 1.42 19.67
N GLY C 8 -20.04 0.62 20.73
CA GLY C 8 -19.63 1.02 22.06
C GLY C 8 -20.74 1.64 22.92
N GLY C 9 -21.80 0.89 23.19
CA GLY C 9 -22.85 1.41 24.05
C GLY C 9 -23.93 0.41 24.33
N GLY C 10 -24.22 0.21 25.60
CA GLY C 10 -25.35 -0.61 26.03
C GLY C 10 -26.26 0.13 26.98
N LEU C 11 -26.22 -0.26 28.26
CA LEU C 11 -27.10 0.34 29.26
C LEU C 11 -26.39 1.45 30.05
N VAL C 12 -27.14 2.50 30.39
CA VAL C 12 -26.62 3.64 31.14
C VAL C 12 -27.73 4.24 31.97
N LYS C 13 -27.37 4.67 33.18
CA LYS C 13 -28.36 5.17 34.11
C LYS C 13 -28.77 6.60 33.74
N PRO C 14 -30.03 7.00 34.08
CA PRO C 14 -30.45 8.39 34.00
C PRO C 14 -29.40 9.37 34.48
N GLY C 15 -29.37 10.55 33.87
CA GLY C 15 -28.31 11.53 34.13
C GLY C 15 -26.94 11.08 33.66
N GLY C 16 -26.87 9.83 33.20
CA GLY C 16 -25.60 9.19 32.84
C GLY C 16 -24.82 9.75 31.66
N SER C 17 -23.78 9.02 31.28
CA SER C 17 -22.91 9.41 30.18
C SER C 17 -22.36 8.19 29.46
N LEU C 18 -21.82 8.39 28.26
CA LEU C 18 -21.40 7.29 27.37
C LEU C 18 -21.18 7.78 25.93
N LYS C 19 -20.09 7.32 25.32
CA LYS C 19 -19.62 7.83 24.03
C LYS C 19 -19.50 6.72 22.96
N LEU C 20 -20.10 6.97 21.80
CA LEU C 20 -20.13 5.98 20.72
C LEU C 20 -19.29 6.46 19.57
N SER C 21 -18.69 5.53 18.86
CA SER C 21 -17.83 5.88 17.74
C SER C 21 -18.21 5.11 16.53
N CYS C 22 -18.36 5.81 15.43
CA CYS C 22 -18.63 5.20 14.16
C CYS C 22 -17.29 4.97 13.51
N ALA C 23 -16.89 3.71 13.37
CA ALA C 23 -15.63 3.41 12.71
C ALA C 23 -15.87 3.48 11.20
N ALA C 24 -15.36 4.51 10.54
CA ALA C 24 -15.64 4.69 9.11
C ALA C 24 -14.58 4.04 8.25
N SER C 25 -14.98 3.35 7.18
CA SER C 25 -14.01 2.68 6.33
C SER C 25 -14.43 2.36 4.88
N GLY C 26 -13.86 3.12 3.95
CA GLY C 26 -13.94 2.77 2.53
C GLY C 26 -14.44 3.89 1.64
N PHE C 27 -14.22 5.12 2.09
CA PHE C 27 -14.52 6.31 1.30
C PHE C 27 -13.65 7.47 1.80
N ALA C 28 -13.49 8.50 0.97
CA ALA C 28 -12.74 9.69 1.33
C ALA C 28 -13.34 10.37 2.57
N PHE C 29 -13.05 9.81 3.75
CA PHE C 29 -13.67 10.28 4.97
C PHE C 29 -13.67 11.82 5.13
N SER C 30 -12.49 12.43 5.15
CA SER C 30 -12.37 13.85 5.55
C SER C 30 -13.11 14.84 4.64
N SER C 31 -13.64 14.32 3.54
CA SER C 31 -14.38 15.12 2.57
C SER C 31 -15.93 15.16 2.75
N TYR C 32 -16.51 14.10 3.31
CA TYR C 32 -17.94 14.09 3.57
C TYR C 32 -18.30 14.74 4.92
N ASP C 33 -19.59 15.03 5.12
CA ASP C 33 -20.11 15.38 6.44
C ASP C 33 -20.64 14.15 7.15
N MET C 34 -20.89 14.26 8.44
CA MET C 34 -21.38 13.11 9.17
C MET C 34 -22.54 13.47 10.08
N SER C 35 -23.44 12.49 10.27
CA SER C 35 -24.67 12.65 11.03
C SER C 35 -24.91 11.45 11.91
N TRP C 36 -25.78 11.61 12.90
CA TRP C 36 -26.04 10.59 13.90
C TRP C 36 -27.51 10.47 14.10
N VAL C 37 -28.11 9.43 13.53
CA VAL C 37 -29.54 9.23 13.65
C VAL C 37 -29.82 8.10 14.63
N ARG C 38 -30.81 8.30 15.50
CA ARG C 38 -31.29 7.24 16.40
C ARG C 38 -32.69 6.82 15.99
N GLN C 39 -33.10 5.64 16.45
CA GLN C 39 -34.45 5.17 16.18
C GLN C 39 -35.08 4.69 17.46
N THR C 40 -36.20 5.30 17.84
CA THR C 40 -36.80 5.02 19.12
C THR C 40 -37.40 3.62 19.16
N PRO C 41 -37.83 3.18 20.36
CA PRO C 41 -38.54 1.91 20.54
C PRO C 41 -39.87 1.87 19.81
N GLU C 42 -40.46 3.03 19.55
CA GLU C 42 -41.68 3.09 18.74
C GLU C 42 -41.35 2.86 17.27
N LYS C 43 -40.07 2.75 16.93
CA LYS C 43 -39.60 2.62 15.53
C LYS C 43 -39.49 3.97 14.85
N ARG C 44 -39.80 5.01 15.64
CA ARG C 44 -39.70 6.43 15.28
C ARG C 44 -38.26 6.82 14.85
N LEU C 45 -38.09 7.86 14.03
CA LEU C 45 -36.75 8.23 13.52
C LEU C 45 -36.31 9.67 13.76
N GLU C 46 -35.46 9.89 14.75
CA GLU C 46 -35.01 11.25 15.04
C GLU C 46 -33.55 11.48 14.65
N TRP C 47 -33.31 12.62 13.99
CA TRP C 47 -31.96 13.03 13.64
C TRP C 47 -31.41 13.66 14.89
N VAL C 48 -30.11 13.49 15.13
CA VAL C 48 -29.55 13.78 16.44
C VAL C 48 -28.37 14.76 16.44
N ALA C 49 -27.49 14.65 15.45
CA ALA C 49 -26.35 15.53 15.39
C ALA C 49 -25.81 15.55 13.97
N TYR C 50 -25.09 16.62 13.67
CA TYR C 50 -24.50 16.79 12.36
C TYR C 50 -23.21 17.51 12.50
N ILE C 51 -22.13 16.89 12.06
CA ILE C 51 -20.85 17.59 12.01
C ILE C 51 -20.45 17.84 10.55
N SER C 52 -19.85 19.00 10.31
CA SER C 52 -19.33 19.37 8.99
C SER C 52 -18.03 18.66 8.66
N SER C 53 -17.81 18.46 7.36
CA SER C 53 -16.61 17.78 6.79
C SER C 53 -15.31 17.96 7.60
N GLY C 54 -14.98 19.22 7.88
CA GLY C 54 -13.77 19.57 8.61
C GLY C 54 -14.05 19.96 10.05
N GLY C 55 -14.89 19.19 10.74
CA GLY C 55 -15.16 19.41 12.16
C GLY C 55 -15.54 20.82 12.56
N GLY C 56 -15.69 21.68 11.56
CA GLY C 56 -15.88 23.11 11.74
C GLY C 56 -17.15 23.42 12.52
N SER C 57 -18.28 23.29 11.84
CA SER C 57 -19.60 23.47 12.47
C SER C 57 -20.25 22.13 12.92
N THR C 58 -21.05 22.19 13.99
CA THR C 58 -21.88 21.06 14.37
C THR C 58 -23.30 21.58 14.50
N TYR C 59 -24.30 20.70 14.38
CA TYR C 59 -25.71 21.10 14.62
C TYR C 59 -26.50 20.05 15.39
N TYR C 60 -27.49 20.48 16.16
CA TYR C 60 -28.31 19.53 16.91
C TYR C 60 -29.74 19.96 17.01
N PRO C 61 -30.66 19.00 17.03
CA PRO C 61 -32.00 19.32 17.44
C PRO C 61 -31.93 19.88 18.84
N ASP C 62 -32.86 20.78 19.17
CA ASP C 62 -32.96 21.29 20.54
C ASP C 62 -33.11 20.20 21.61
N THR C 63 -33.58 19.00 21.22
CA THR C 63 -33.80 17.91 22.15
C THR C 63 -32.54 17.26 22.67
N VAL C 64 -31.43 17.44 21.97
CA VAL C 64 -30.15 17.05 22.59
C VAL C 64 -29.13 18.19 22.66
N LYS C 65 -29.47 19.35 22.10
CA LYS C 65 -28.53 20.45 22.13
C LYS C 65 -28.17 20.70 23.57
N GLY C 66 -26.87 20.69 23.84
CA GLY C 66 -26.35 20.87 25.19
C GLY C 66 -25.83 19.58 25.80
N ARG C 67 -26.55 18.49 25.57
CA ARG C 67 -26.25 17.20 26.21
C ARG C 67 -25.44 16.29 25.31
N PHE C 68 -25.28 16.68 24.04
CA PHE C 68 -24.70 15.80 23.01
C PHE C 68 -23.61 16.47 22.13
N THR C 69 -22.63 15.71 21.67
CA THR C 69 -21.41 16.32 21.09
C THR C 69 -20.76 15.56 19.91
N ILE C 70 -21.04 16.00 18.69
CA ILE C 70 -20.64 15.25 17.52
C ILE C 70 -19.22 15.60 17.08
N SER C 71 -18.23 14.92 17.64
CA SER C 71 -16.85 15.13 17.21
C SER C 71 -16.44 14.12 16.14
N ARG C 72 -15.33 14.39 15.45
CA ARG C 72 -14.72 13.45 14.51
C ARG C 72 -13.19 13.51 14.58
N ASP C 73 -12.55 12.45 14.12
CA ASP C 73 -11.10 12.38 14.07
C ASP C 73 -10.74 11.65 12.79
N ASN C 74 -10.44 12.41 11.75
CA ASN C 74 -10.09 11.86 10.44
C ASN C 74 -8.62 11.39 10.43
N ALA C 75 -8.03 11.36 11.62
CA ALA C 75 -6.76 10.72 11.80
C ALA C 75 -7.09 9.23 11.90
N LYS C 76 -7.90 8.87 12.90
CA LYS C 76 -8.29 7.49 13.03
C LYS C 76 -9.65 7.16 12.43
N ASN C 77 -10.08 8.02 11.49
CA ASN C 77 -11.25 7.75 10.66
C ASN C 77 -12.60 7.54 11.38
N THR C 78 -12.59 7.78 12.68
CA THR C 78 -13.78 7.59 13.49
C THR C 78 -14.67 8.87 13.54
N LEU C 79 -15.98 8.66 13.65
CA LEU C 79 -16.90 9.72 14.03
C LEU C 79 -17.24 9.45 15.48
N TYR C 80 -17.63 10.48 16.22
CA TYR C 80 -17.99 10.25 17.60
C TYR C 80 -19.29 10.92 18.01
N LEU C 81 -20.05 10.24 18.85
CA LEU C 81 -21.10 10.91 19.58
C LEU C 81 -20.89 10.74 21.08
N GLN C 82 -20.70 11.87 21.76
CA GLN C 82 -20.51 11.86 23.20
C GLN C 82 -21.78 12.31 23.90
N MET C 83 -22.52 11.34 24.46
CA MET C 83 -23.80 11.58 25.14
C MET C 83 -23.54 11.90 26.60
N SER C 84 -24.18 12.94 27.12
CA SER C 84 -24.14 13.22 28.57
C SER C 84 -25.54 13.20 29.14
N SER C 85 -25.83 14.06 30.12
CA SER C 85 -27.10 14.06 30.92
C SER C 85 -28.23 13.18 30.42
N LEU C 86 -28.05 11.87 30.48
CA LEU C 86 -28.87 10.96 29.68
C LEU C 86 -30.30 10.80 30.15
N LYS C 87 -31.23 11.33 29.36
CA LYS C 87 -32.66 11.07 29.51
C LYS C 87 -33.02 9.67 29.05
N SER C 88 -34.00 9.07 29.73
CA SER C 88 -34.57 7.79 29.33
C SER C 88 -35.41 7.88 28.05
N GLU C 89 -35.56 9.10 27.52
CA GLU C 89 -36.03 9.33 26.16
C GLU C 89 -34.95 8.92 25.14
N ASP C 90 -33.67 9.11 25.51
CA ASP C 90 -32.54 8.87 24.61
C ASP C 90 -32.42 7.40 24.19
N THR C 91 -33.06 6.56 25.00
CA THR C 91 -33.21 5.16 24.74
C THR C 91 -33.61 4.89 23.27
N ALA C 92 -32.65 4.49 22.44
CA ALA C 92 -32.93 4.16 21.05
C ALA C 92 -31.76 3.43 20.42
N MET C 93 -31.93 3.00 19.16
CA MET C 93 -30.84 2.45 18.34
C MET C 93 -30.15 3.61 17.68
N TYR C 94 -28.82 3.56 17.57
CA TYR C 94 -28.05 4.73 17.11
C TYR C 94 -27.28 4.60 15.78
N TYR C 95 -27.87 5.06 14.68
CA TYR C 95 -27.21 4.92 13.37
C TYR C 95 -26.27 6.08 13.08
N CYS C 96 -25.24 5.79 12.32
CA CYS C 96 -24.26 6.75 11.88
C CYS C 96 -24.43 6.87 10.39
N ALA C 97 -24.77 8.06 9.91
CA ALA C 97 -25.12 8.22 8.49
C ALA C 97 -24.22 9.17 7.68
N ARG C 98 -24.35 9.07 6.35
CA ARG C 98 -23.53 9.83 5.43
C ARG C 98 -24.39 10.62 4.45
N PRO C 99 -24.21 11.95 4.40
CA PRO C 99 -24.87 12.82 3.42
C PRO C 99 -23.92 13.47 2.39
N ASP C 100 -24.47 14.05 1.33
CA ASP C 100 -23.69 14.58 0.17
C ASP C 100 -23.45 16.11 0.20
N ALA C 105 -28.96 14.02 2.88
CA ALA C 105 -29.42 12.82 2.16
C ALA C 105 -28.54 11.62 2.48
N MET C 106 -28.86 10.97 3.59
CA MET C 106 -28.11 9.84 4.16
C MET C 106 -28.02 8.68 3.18
N ASP C 107 -26.85 8.48 2.59
CA ASP C 107 -26.76 7.52 1.52
C ASP C 107 -26.09 6.20 1.88
N TYR C 108 -25.23 6.22 2.92
CA TYR C 108 -24.70 4.98 3.52
C TYR C 108 -24.89 4.97 5.04
N TRP C 109 -25.77 4.10 5.52
CA TRP C 109 -26.14 4.06 6.92
C TRP C 109 -25.39 2.94 7.61
N GLY C 110 -25.22 3.07 8.92
CA GLY C 110 -24.48 2.07 9.67
C GLY C 110 -25.30 0.82 9.90
N GLN C 111 -25.50 0.48 11.17
CA GLN C 111 -26.12 -0.77 11.56
C GLN C 111 -26.70 -0.60 12.96
N GLY C 112 -26.21 0.41 13.66
CA GLY C 112 -26.69 0.74 15.00
C GLY C 112 -25.87 0.21 16.17
N THR C 113 -25.83 1.02 17.22
CA THR C 113 -25.54 0.52 18.53
C THR C 113 -26.82 0.86 19.25
N SER C 114 -27.45 -0.15 19.85
CA SER C 114 -28.57 0.10 20.73
C SER C 114 -28.05 0.76 22.00
N VAL C 115 -28.76 1.76 22.48
CA VAL C 115 -28.44 2.39 23.76
C VAL C 115 -29.72 2.49 24.57
N THR C 116 -29.75 1.86 25.75
CA THR C 116 -30.91 2.05 26.63
C THR C 116 -30.60 2.70 27.96
N VAL C 117 -31.60 3.44 28.44
CA VAL C 117 -31.47 4.28 29.61
C VAL C 117 -32.62 3.92 30.52
N SER C 118 -32.24 3.50 31.73
CA SER C 118 -33.09 2.75 32.65
C SER C 118 -32.26 2.65 33.94
N SER C 119 -32.87 2.13 35.01
CA SER C 119 -32.12 1.90 36.25
C SER C 119 -32.04 0.41 36.62
N LYS C 121 -30.00 -2.16 35.57
CA LYS C 121 -29.85 -3.49 36.13
C LYS C 121 -29.58 -4.54 35.04
N THR C 122 -28.34 -4.55 34.57
CA THR C 122 -27.88 -5.49 33.53
C THR C 122 -27.95 -6.94 34.00
N THR C 123 -28.23 -7.84 33.05
CA THR C 123 -28.35 -9.26 33.36
C THR C 123 -27.88 -10.08 32.15
N ALA C 124 -26.73 -10.74 32.29
CA ALA C 124 -26.19 -11.61 31.25
C ALA C 124 -27.23 -12.66 30.83
N PRO C 125 -27.35 -12.92 29.52
CA PRO C 125 -28.37 -13.86 29.09
C PRO C 125 -27.93 -15.32 29.24
N SER C 126 -28.86 -16.17 29.69
CA SER C 126 -28.63 -17.60 29.76
C SER C 126 -28.92 -18.21 28.39
N VAL C 127 -28.01 -19.06 27.90
CA VAL C 127 -28.10 -19.61 26.55
C VAL C 127 -28.08 -21.13 26.55
N TYR C 128 -29.21 -21.74 26.23
CA TYR C 128 -29.32 -23.18 26.20
C TYR C 128 -29.52 -23.65 24.77
N PRO C 129 -28.80 -24.73 24.36
CA PRO C 129 -28.98 -25.26 23.01
C PRO C 129 -30.21 -26.14 22.92
N LEU C 130 -30.92 -26.09 21.80
CA LEU C 130 -32.12 -26.89 21.62
C LEU C 130 -31.92 -28.05 20.63
N ALA C 131 -31.61 -29.22 21.17
CA ALA C 131 -31.49 -30.43 20.36
C ALA C 131 -32.88 -31.07 20.12
N PRO C 132 -33.13 -31.65 18.92
CA PRO C 132 -34.47 -32.18 18.64
C PRO C 132 -34.84 -33.42 19.48
N VAL C 133 -36.04 -33.96 19.28
CA VAL C 133 -36.49 -35.20 19.93
C VAL C 133 -35.37 -36.25 20.02
N CYS C 134 -35.07 -36.77 21.23
CA CYS C 134 -33.98 -37.78 21.37
C CYS C 134 -34.23 -39.10 20.65
N GLY C 135 -35.44 -39.24 20.11
CA GLY C 135 -35.77 -40.34 19.21
C GLY C 135 -34.97 -40.20 17.93
N ASP C 136 -34.51 -41.34 17.41
CA ASP C 136 -33.65 -41.41 16.22
C ASP C 136 -34.45 -41.11 14.95
N THR C 137 -35.78 -41.22 15.09
CA THR C 137 -36.78 -40.85 14.07
C THR C 137 -36.33 -39.74 13.11
N THR C 138 -35.68 -40.17 12.02
CA THR C 138 -35.21 -39.25 11.00
C THR C 138 -36.38 -38.80 10.09
N GLY C 139 -36.56 -37.49 9.99
CA GLY C 139 -37.47 -36.89 9.01
C GLY C 139 -36.68 -36.63 7.75
N SER C 140 -36.58 -35.36 7.35
CA SER C 140 -35.83 -34.99 6.15
C SER C 140 -35.08 -33.66 6.30
N SER C 141 -35.83 -32.64 6.70
CA SER C 141 -35.31 -31.29 6.92
C SER C 141 -35.28 -31.05 8.42
N VAL C 142 -34.14 -31.39 9.03
CA VAL C 142 -33.94 -31.28 10.48
C VAL C 142 -33.83 -29.83 10.93
N THR C 143 -34.67 -29.45 11.89
CA THR C 143 -34.56 -28.12 12.46
C THR C 143 -34.07 -28.23 13.92
N LEU C 144 -33.09 -27.39 14.27
CA LEU C 144 -32.57 -27.33 15.61
C LEU C 144 -32.86 -25.93 16.13
N GLY C 145 -32.65 -25.72 17.42
CA GLY C 145 -32.91 -24.43 18.02
C GLY C 145 -31.82 -23.91 18.95
N CYS C 146 -31.98 -22.66 19.36
CA CYS C 146 -31.18 -22.03 20.39
C CYS C 146 -32.11 -21.19 21.25
N LEU C 147 -31.98 -21.31 22.58
CA LEU C 147 -32.86 -20.55 23.48
C LEU C 147 -32.12 -19.62 24.43
N VAL C 148 -32.61 -18.38 24.52
CA VAL C 148 -31.95 -17.27 25.23
C VAL C 148 -32.90 -16.61 26.23
N LYS C 149 -32.52 -16.64 27.49
CA LYS C 149 -33.49 -16.43 28.56
C LYS C 149 -32.93 -15.66 29.75
N GLY C 150 -33.79 -14.80 30.32
CA GLY C 150 -33.48 -14.06 31.53
C GLY C 150 -32.35 -13.07 31.33
N TYR C 151 -32.59 -12.06 30.49
CA TYR C 151 -31.60 -11.00 30.28
C TYR C 151 -32.18 -9.60 30.27
N PHE C 152 -31.29 -8.64 30.49
CA PHE C 152 -31.58 -7.23 30.33
C PHE C 152 -30.30 -6.51 29.92
N PRO C 153 -30.41 -5.54 29.00
CA PRO C 153 -31.61 -5.23 28.25
C PRO C 153 -31.52 -5.77 26.83
N GLU C 154 -32.53 -5.47 26.02
CA GLU C 154 -32.43 -5.62 24.57
C GLU C 154 -31.25 -4.78 24.08
N PRO C 155 -30.62 -5.18 22.98
CA PRO C 155 -30.88 -6.36 22.18
C PRO C 155 -29.92 -7.48 22.56
N VAL C 156 -30.06 -8.63 21.91
CA VAL C 156 -28.97 -9.59 21.85
C VAL C 156 -28.57 -9.74 20.39
N THR C 157 -27.54 -10.53 20.12
CA THR C 157 -27.14 -10.83 18.74
C THR C 157 -26.87 -12.33 18.55
N LEU C 158 -27.88 -13.02 17.99
CA LEU C 158 -27.83 -14.46 17.81
C LEU C 158 -27.41 -14.80 16.39
N THR C 159 -26.30 -15.54 16.28
CA THR C 159 -25.74 -15.94 14.99
C THR C 159 -25.55 -17.47 14.93
N TRP C 160 -26.06 -18.07 13.87
CA TRP C 160 -25.81 -19.48 13.62
C TRP C 160 -24.50 -19.67 12.87
N ASN C 161 -23.60 -20.47 13.47
CA ASN C 161 -22.28 -20.76 12.92
C ASN C 161 -21.50 -19.55 12.37
N SER C 162 -21.19 -18.62 13.28
CA SER C 162 -20.38 -17.43 12.96
C SER C 162 -20.88 -16.66 11.75
N GLY C 163 -22.21 -16.57 11.63
CA GLY C 163 -22.87 -15.87 10.52
C GLY C 163 -22.99 -16.70 9.25
N SER C 164 -22.32 -17.85 9.22
CA SER C 164 -22.28 -18.69 8.02
C SER C 164 -23.61 -19.42 7.75
N LEU C 165 -24.28 -19.84 8.82
CA LEU C 165 -25.64 -20.34 8.71
C LEU C 165 -26.57 -19.13 8.82
N SER C 166 -26.95 -18.61 7.66
CA SER C 166 -27.76 -17.41 7.59
C SER C 166 -29.02 -17.67 6.79
N SER C 167 -28.94 -18.57 5.81
CA SER C 167 -30.11 -18.91 4.99
C SER C 167 -30.96 -20.07 5.56
N GLY C 168 -32.10 -19.71 6.14
CA GLY C 168 -33.05 -20.67 6.67
C GLY C 168 -33.10 -20.65 8.19
N VAL C 169 -33.39 -19.49 8.76
CA VAL C 169 -33.39 -19.34 10.22
C VAL C 169 -34.39 -18.28 10.70
N HIS C 170 -35.08 -18.54 11.81
CA HIS C 170 -36.02 -17.57 12.40
C HIS C 170 -35.66 -17.18 13.84
N THR C 171 -35.64 -15.88 14.12
CA THR C 171 -35.28 -15.38 15.47
C THR C 171 -36.33 -14.47 16.06
N PHE C 172 -37.11 -15.03 16.99
CA PHE C 172 -38.38 -14.48 17.42
C PHE C 172 -38.26 -13.37 18.47
N PRO C 173 -38.97 -12.25 18.25
CA PRO C 173 -38.97 -11.05 19.09
C PRO C 173 -39.01 -11.33 20.59
N ALA C 174 -37.93 -11.03 21.30
CA ALA C 174 -37.87 -11.23 22.76
C ALA C 174 -39.09 -10.66 23.46
N VAL C 175 -39.59 -11.34 24.49
CA VAL C 175 -40.75 -10.84 25.24
C VAL C 175 -40.39 -10.31 26.63
N LEU C 176 -41.37 -9.66 27.26
CA LEU C 176 -41.14 -8.87 28.46
C LEU C 176 -41.80 -9.46 29.71
N GLN C 177 -41.66 -10.76 29.93
CA GLN C 177 -42.05 -11.33 31.23
C GLN C 177 -41.17 -10.74 32.32
N SER C 178 -41.80 -10.40 33.45
CA SER C 178 -41.12 -9.73 34.57
C SER C 178 -40.47 -8.41 34.16
N ASP C 179 -39.14 -8.47 33.99
CA ASP C 179 -38.29 -7.41 33.45
C ASP C 179 -37.00 -8.08 33.01
N LEU C 180 -37.19 -9.26 32.45
CA LEU C 180 -36.15 -10.03 31.76
C LEU C 180 -36.70 -10.44 30.38
N TYR C 181 -35.87 -10.33 29.36
CA TYR C 181 -36.34 -10.62 28.02
C TYR C 181 -35.99 -12.05 27.72
N THR C 182 -36.83 -12.72 26.95
CA THR C 182 -36.56 -14.11 26.58
C THR C 182 -36.91 -14.41 25.11
N LEU C 183 -35.95 -15.02 24.40
CA LEU C 183 -35.96 -15.12 22.94
C LEU C 183 -35.43 -16.44 22.38
N SER C 184 -36.11 -16.94 21.34
CA SER C 184 -35.88 -18.28 20.78
C SER C 184 -35.24 -18.19 19.42
N SER C 185 -34.63 -19.28 18.93
CA SER C 185 -34.05 -19.30 17.57
C SER C 185 -34.10 -20.64 16.81
N SER C 186 -34.91 -20.69 15.76
CA SER C 186 -35.01 -21.89 14.94
C SER C 186 -34.09 -21.75 13.75
N VAL C 187 -33.53 -22.85 13.30
CA VAL C 187 -32.77 -22.92 12.06
C VAL C 187 -33.01 -24.30 11.45
N THR C 188 -33.61 -24.35 10.26
CA THR C 188 -33.84 -25.62 9.56
C THR C 188 -32.53 -26.04 8.91
N VAL C 189 -32.43 -27.29 8.47
CA VAL C 189 -31.39 -27.68 7.52
C VAL C 189 -31.42 -29.18 7.17
N THR C 190 -31.01 -29.50 5.95
CA THR C 190 -30.93 -30.88 5.45
C THR C 190 -30.32 -31.83 6.46
N SER C 191 -30.87 -33.04 6.52
CA SER C 191 -30.41 -34.08 7.42
C SER C 191 -29.00 -34.48 7.03
N SER C 192 -28.65 -34.24 5.77
CA SER C 192 -27.31 -34.48 5.32
C SER C 192 -26.33 -33.55 6.01
N THR C 193 -26.72 -32.27 6.12
CA THR C 193 -25.85 -31.25 6.72
C THR C 193 -25.76 -31.30 8.26
N TRP C 194 -26.79 -31.77 8.97
CA TRP C 194 -26.58 -31.91 10.43
C TRP C 194 -25.80 -33.16 10.82
N PRO C 195 -26.15 -33.79 11.97
CA PRO C 195 -25.20 -34.32 12.98
C PRO C 195 -23.73 -34.38 12.54
N SER C 196 -23.47 -35.04 11.41
CA SER C 196 -22.14 -35.10 10.78
C SER C 196 -21.44 -33.76 10.86
N GLN C 197 -21.97 -32.79 10.15
CA GLN C 197 -21.42 -31.44 10.10
C GLN C 197 -21.90 -30.69 11.33
N SER C 198 -21.01 -29.92 11.96
CA SER C 198 -21.35 -29.19 13.19
C SER C 198 -22.18 -27.95 12.91
N ILE C 199 -23.01 -27.58 13.88
CA ILE C 199 -23.86 -26.39 13.82
C ILE C 199 -23.96 -25.83 15.24
N THR C 200 -23.45 -24.61 15.44
CA THR C 200 -23.50 -24.01 16.76
C THR C 200 -24.21 -22.66 16.76
N CYS C 201 -24.82 -22.35 17.91
CA CYS C 201 -25.48 -21.09 18.18
C CYS C 201 -24.49 -20.14 18.86
N ASN C 202 -24.24 -18.97 18.25
CA ASN C 202 -23.48 -17.90 18.91
C ASN C 202 -24.40 -16.77 19.38
N VAL C 203 -24.30 -16.40 20.65
CA VAL C 203 -25.13 -15.32 21.20
C VAL C 203 -24.26 -14.19 21.75
N ALA C 204 -24.56 -12.96 21.37
CA ALA C 204 -23.82 -11.81 21.86
C ALA C 204 -24.71 -10.79 22.58
N HIS C 205 -24.53 -10.70 23.89
CA HIS C 205 -25.13 -9.64 24.65
C HIS C 205 -24.10 -8.52 24.71
N PRO C 206 -24.40 -7.37 24.07
CA PRO C 206 -23.47 -6.25 24.04
C PRO C 206 -23.59 -5.43 25.30
N ALA C 207 -24.84 -5.15 25.69
CA ALA C 207 -25.15 -4.37 26.87
C ALA C 207 -24.65 -4.99 28.18
N SER C 208 -23.91 -6.11 28.08
CA SER C 208 -23.25 -6.77 29.24
C SER C 208 -21.87 -7.40 28.94
N SER C 209 -21.44 -7.38 27.69
CA SER C 209 -20.28 -8.16 27.24
C SER C 209 -20.45 -9.64 27.57
N THR C 210 -20.96 -10.40 26.60
CA THR C 210 -21.20 -11.83 26.77
C THR C 210 -21.07 -12.50 25.40
N LYS C 211 -20.04 -13.33 25.23
CA LYS C 211 -19.86 -14.05 23.98
C LYS C 211 -20.09 -15.56 24.18
N VAL C 212 -21.31 -15.89 24.62
CA VAL C 212 -21.69 -17.28 24.88
C VAL C 212 -21.84 -18.10 23.59
N ASP C 213 -21.09 -19.19 23.51
CA ASP C 213 -21.15 -20.14 22.40
C ASP C 213 -21.80 -21.42 22.87
N LYS C 214 -22.76 -21.92 22.09
CA LYS C 214 -23.45 -23.17 22.42
C LYS C 214 -23.50 -24.06 21.21
N LYS C 215 -22.77 -25.17 21.25
CA LYS C 215 -22.78 -26.16 20.14
C LYS C 215 -23.96 -27.11 20.30
N ILE C 216 -24.73 -27.33 19.23
CA ILE C 216 -25.93 -28.18 19.31
C ILE C 216 -25.56 -29.65 19.21
N GLU C 217 -25.65 -30.32 20.35
CA GLU C 217 -25.36 -31.73 20.48
C GLU C 217 -26.63 -32.54 20.39
N PRO C 218 -26.57 -33.73 19.77
CA PRO C 218 -27.65 -34.70 19.88
C PRO C 218 -27.90 -35.10 21.34
N ARG C 219 -28.50 -36.26 21.58
CA ARG C 219 -28.94 -36.56 22.95
C ARG C 219 -28.58 -37.96 23.44
N GLY C 220 -27.38 -38.08 24.00
CA GLY C 220 -26.91 -39.30 24.67
C GLY C 220 -27.40 -39.35 26.13
N PRO C 221 -27.36 -40.56 26.74
CA PRO C 221 -27.84 -40.70 28.11
C PRO C 221 -26.72 -40.77 29.13
N GLN D 10 70.85 26.37 -34.03
CA GLN D 10 71.18 27.84 -34.06
C GLN D 10 72.64 28.05 -34.46
N GLY D 11 73.18 27.07 -35.18
CA GLY D 11 74.54 27.11 -35.67
C GLY D 11 75.01 25.68 -35.88
N ARG D 12 75.64 25.46 -37.05
CA ARG D 12 76.12 24.12 -37.52
C ARG D 12 76.81 23.20 -36.48
N GLY D 13 77.69 23.72 -35.65
CA GLY D 13 78.39 22.90 -34.66
C GLY D 13 77.45 22.22 -33.66
N ALA D 14 76.54 23.03 -33.08
CA ALA D 14 75.57 22.53 -32.09
C ALA D 14 74.59 21.52 -32.73
N TRP D 15 74.15 21.84 -33.95
CA TRP D 15 73.21 21.00 -34.69
C TRP D 15 73.76 19.56 -34.85
N LEU D 16 75.01 19.42 -35.31
CA LEU D 16 75.64 18.08 -35.50
C LEU D 16 75.93 17.35 -34.16
N LEU D 17 76.25 18.13 -33.13
CA LEU D 17 76.49 17.60 -31.78
C LEU D 17 75.19 16.99 -31.34
N MET D 18 74.12 17.76 -31.54
CA MET D 18 72.78 17.33 -31.17
C MET D 18 72.35 16.00 -31.80
N ALA D 19 72.59 15.82 -33.10
CA ALA D 19 72.25 14.55 -33.76
C ALA D 19 73.09 13.40 -33.21
N PHE D 20 74.39 13.62 -33.09
CA PHE D 20 75.32 12.62 -32.57
C PHE D 20 74.95 12.18 -31.14
N THR D 21 74.41 13.09 -30.31
CA THR D 21 74.11 12.75 -28.91
C THR D 21 73.22 11.46 -28.76
N ALA D 22 72.11 11.40 -29.48
CA ALA D 22 71.22 10.25 -29.38
C ALA D 22 71.90 8.95 -29.86
N LEU D 23 72.40 8.95 -31.09
CA LEU D 23 73.08 7.77 -31.62
C LEU D 23 74.33 7.45 -30.80
N ALA D 24 74.91 8.48 -30.19
CA ALA D 24 76.11 8.31 -29.36
C ALA D 24 75.70 7.73 -28.02
N LEU D 25 74.81 8.45 -27.32
CA LEU D 25 74.32 8.03 -26.01
C LEU D 25 73.43 6.77 -26.12
N GLU D 26 72.54 6.76 -27.11
CA GLU D 26 71.63 5.64 -27.24
C GLU D 26 72.35 4.31 -27.62
N LEU D 27 73.37 4.45 -28.47
CA LEU D 27 74.20 3.31 -28.89
C LEU D 27 74.98 2.82 -27.69
N THR D 28 75.74 3.74 -27.06
CA THR D 28 76.56 3.41 -25.88
C THR D 28 75.69 2.81 -24.78
N ALA D 29 74.50 3.39 -24.58
CA ALA D 29 73.55 2.95 -23.56
C ALA D 29 73.20 1.47 -23.71
N LEU D 30 73.42 0.93 -24.91
CA LEU D 30 73.08 -0.47 -25.21
C LEU D 30 73.62 -1.44 -24.14
N TRP D 31 74.83 -1.18 -23.65
CA TRP D 31 75.46 -2.01 -22.60
C TRP D 31 75.00 -3.45 -22.69
N PHE D 32 75.51 -4.15 -23.73
CA PHE D 32 75.17 -5.56 -23.97
C PHE D 32 74.52 -5.77 -25.34
N GLN D 33 74.99 -6.78 -26.07
CA GLN D 33 74.42 -7.13 -27.38
C GLN D 33 75.14 -8.37 -27.91
N HIS D 34 76.02 -8.18 -28.90
CA HIS D 34 76.74 -9.29 -29.53
C HIS D 34 77.64 -10.11 -28.59
N VAL D 35 78.33 -9.46 -27.65
CA VAL D 35 79.26 -10.19 -26.79
C VAL D 35 78.61 -11.05 -25.68
N MET D 36 77.56 -10.51 -25.05
CA MET D 36 76.86 -11.22 -23.98
C MET D 36 75.40 -11.69 -24.48
N LEU D 37 74.62 -10.72 -24.95
CA LEU D 37 73.23 -10.95 -25.50
C LEU D 37 73.01 -9.46 -26.22
N LEU D 38 72.22 -8.79 -25.26
CA LEU D 38 71.07 -7.82 -25.29
C LEU D 38 69.90 -8.36 -26.22
N LYS D 39 68.75 -8.78 -25.60
CA LYS D 39 67.60 -9.27 -26.38
C LYS D 39 66.22 -8.59 -26.11
N PRO D 40 65.87 -8.26 -24.87
CA PRO D 40 64.53 -7.67 -24.53
C PRO D 40 64.11 -6.51 -25.44
N SER D 41 62.85 -6.58 -25.91
CA SER D 41 62.27 -5.51 -26.75
C SER D 41 60.74 -5.65 -26.97
N VAL D 42 59.98 -4.59 -26.57
CA VAL D 42 58.49 -4.54 -26.71
C VAL D 42 57.99 -3.38 -27.58
N LEU D 43 56.85 -2.80 -27.17
CA LEU D 43 56.21 -1.63 -27.85
C LEU D 43 57.33 -0.78 -28.40
N CYS D 44 58.35 -0.56 -27.55
CA CYS D 44 59.47 0.31 -27.83
C CYS D 44 60.11 0.32 -29.30
N ILE D 45 59.72 -0.62 -30.13
CA ILE D 45 60.21 -0.61 -31.51
C ILE D 45 59.72 0.72 -32.19
N TYR D 46 58.47 1.10 -31.90
CA TYR D 46 57.86 2.35 -32.40
C TYR D 46 58.71 3.54 -31.91
N GLU D 47 59.16 3.44 -30.65
CA GLU D 47 59.99 4.48 -30.02
C GLU D 47 61.41 4.52 -30.61
N ARG D 48 61.94 3.34 -30.96
CA ARG D 48 63.26 3.24 -31.59
C ARG D 48 63.20 3.96 -32.92
N VAL D 49 62.06 3.80 -33.60
CA VAL D 49 61.82 4.45 -34.89
C VAL D 49 61.75 6.00 -34.74
N ALA D 50 61.08 6.49 -33.70
CA ALA D 50 61.03 7.94 -33.46
C ALA D 50 62.44 8.51 -33.25
N LEU D 51 63.27 7.76 -32.51
CA LEU D 51 64.69 8.15 -32.27
C LEU D 51 65.49 8.13 -33.56
N PHE D 52 65.26 7.11 -34.40
CA PHE D 52 65.93 7.04 -35.71
C PHE D 52 65.48 8.27 -36.48
N GLY D 53 64.20 8.60 -36.30
CA GLY D 53 63.57 9.76 -36.90
C GLY D 53 64.11 11.03 -36.27
N VAL D 54 64.34 11.02 -34.96
CA VAL D 54 64.92 12.20 -34.32
C VAL D 54 66.40 12.29 -34.75
N LEU D 55 67.02 11.12 -34.98
CA LEU D 55 68.38 11.09 -35.51
C LEU D 55 68.29 11.65 -36.91
N GLY D 56 67.29 11.16 -37.67
CA GLY D 56 67.08 11.63 -39.04
C GLY D 56 67.00 13.14 -39.05
N ALA D 57 66.03 13.67 -38.32
CA ALA D 57 65.79 15.13 -38.23
C ALA D 57 67.02 15.98 -37.90
N ALA D 58 67.68 15.67 -36.78
CA ALA D 58 68.87 16.40 -36.33
C ALA D 58 69.93 16.42 -37.42
N LEU D 59 70.26 15.25 -37.94
CA LEU D 59 71.25 15.10 -39.01
C LEU D 59 70.87 15.89 -40.26
N ILE D 60 69.59 15.85 -40.63
CA ILE D 60 69.11 16.61 -41.78
C ILE D 60 69.30 18.07 -41.44
N GLY D 61 69.00 18.45 -40.21
CA GLY D 61 69.18 19.82 -39.75
C GLY D 61 70.66 20.17 -39.60
N ALA D 62 71.51 19.21 -39.96
CA ALA D 62 72.94 19.39 -39.92
C ALA D 62 73.53 19.17 -41.32
N ILE D 63 72.65 19.17 -42.32
CA ILE D 63 73.11 18.92 -43.70
C ILE D 63 73.57 20.18 -44.42
N ALA D 64 72.66 21.14 -44.55
CA ALA D 64 72.93 22.42 -45.23
C ALA D 64 72.39 23.66 -44.43
N PRO D 65 72.47 23.59 -43.09
CA PRO D 65 72.08 24.68 -42.09
C PRO D 65 72.18 26.11 -42.78
N LYS D 66 72.56 27.18 -41.88
CA LYS D 66 72.47 28.50 -41.87
C LYS D 66 71.24 28.78 -42.63
N THR D 67 71.26 28.22 -43.84
CA THR D 67 70.12 28.27 -44.77
C THR D 67 68.84 27.86 -44.03
N PRO D 68 67.79 27.39 -44.71
CA PRO D 68 66.61 27.02 -43.97
C PRO D 68 66.35 25.43 -43.74
N LEU D 69 67.04 24.61 -44.51
CA LEU D 69 66.92 23.15 -44.34
C LEU D 69 66.89 22.78 -42.84
N ARG D 70 67.28 23.73 -42.00
CA ARG D 70 67.24 23.58 -40.57
C ARG D 70 65.72 23.70 -40.13
N TYR D 71 65.00 24.48 -40.92
CA TYR D 71 63.56 24.70 -40.72
C TYR D 71 62.79 23.38 -40.91
N VAL D 72 63.30 22.51 -41.79
CA VAL D 72 62.67 21.19 -42.06
C VAL D 72 63.02 20.19 -40.97
N ALA D 73 64.29 20.15 -40.60
CA ALA D 73 64.78 19.25 -39.56
C ALA D 73 64.10 19.49 -38.22
N MET D 74 64.11 20.74 -37.78
CA MET D 74 63.55 21.11 -36.50
C MET D 74 62.04 20.62 -36.32
N VAL D 75 61.29 20.75 -37.39
CA VAL D 75 59.92 20.28 -37.33
C VAL D 75 59.88 18.76 -37.21
N ILE D 76 60.68 18.04 -38.00
CA ILE D 76 60.68 16.59 -37.88
C ILE D 76 61.28 16.13 -36.49
N TRP D 77 62.34 16.84 -36.08
CA TRP D 77 63.01 16.62 -34.80
C TRP D 77 61.99 16.79 -33.71
N LEU D 78 61.25 17.90 -33.80
CA LEU D 78 60.15 18.20 -32.88
C LEU D 78 59.13 17.08 -32.86
N TYR D 79 58.55 16.81 -34.03
CA TYR D 79 57.53 15.77 -34.14
C TYR D 79 58.07 14.44 -33.71
N SER D 80 59.21 14.06 -34.24
CA SER D 80 59.78 12.76 -33.88
C SER D 80 59.97 12.62 -32.36
N ALA D 81 60.46 13.70 -31.74
CA ALA D 81 60.66 13.71 -30.29
C ALA D 81 59.33 13.59 -29.57
N PHE D 82 58.34 14.35 -30.06
CA PHE D 82 56.98 14.36 -29.48
C PHE D 82 56.35 12.97 -29.51
N ARG D 83 56.43 12.29 -30.65
CA ARG D 83 55.87 10.95 -30.74
C ARG D 83 56.59 10.06 -29.74
N GLY D 84 57.90 10.24 -29.61
CA GLY D 84 58.69 9.48 -28.65
C GLY D 84 58.18 9.66 -27.23
N VAL D 85 57.91 10.93 -26.86
CA VAL D 85 57.40 11.28 -25.53
C VAL D 85 56.05 10.59 -25.29
N GLN D 86 55.15 10.70 -26.26
CA GLN D 86 53.79 10.11 -26.15
C GLN D 86 53.74 8.58 -26.01
N LEU D 87 54.41 7.85 -26.90
CA LEU D 87 54.41 6.40 -26.83
C LEU D 87 55.06 6.02 -25.50
N THR D 88 56.17 6.69 -25.17
CA THR D 88 56.90 6.45 -23.91
C THR D 88 56.01 6.63 -22.68
N TYR D 89 55.63 7.87 -22.39
CA TYR D 89 54.78 8.17 -21.25
C TYR D 89 53.64 7.19 -21.19
N GLU D 90 53.07 6.88 -22.34
CA GLU D 90 51.94 5.96 -22.40
C GLU D 90 52.35 4.55 -21.99
N HIS D 91 53.55 4.14 -22.37
CA HIS D 91 54.09 2.83 -21.99
C HIS D 91 54.34 2.82 -20.50
N THR D 92 54.69 3.98 -19.95
CA THR D 92 54.95 4.12 -18.53
C THR D 92 53.63 3.99 -17.76
N MET D 93 52.56 4.64 -18.27
CA MET D 93 51.24 4.54 -17.63
C MET D 93 50.80 3.06 -17.59
N LEU D 94 50.89 2.40 -18.73
CA LEU D 94 50.50 0.99 -18.84
C LEU D 94 51.40 0.08 -18.01
N GLN D 95 52.71 0.30 -18.07
CA GLN D 95 53.65 -0.52 -17.32
C GLN D 95 53.48 -0.32 -15.83
N LEU D 96 52.84 0.78 -15.42
CA LEU D 96 52.67 1.04 -13.99
C LEU D 96 51.18 1.06 -13.55
N TYR D 97 50.28 0.80 -14.48
CA TYR D 97 48.85 0.80 -14.16
C TYR D 97 48.10 -0.12 -15.12
N PRO D 98 48.47 -1.39 -15.21
CA PRO D 98 47.74 -2.29 -16.10
C PRO D 98 46.43 -2.72 -15.43
N SER D 99 45.86 -3.83 -15.90
CA SER D 99 44.61 -4.34 -15.37
C SER D 99 44.27 -5.66 -16.05
N PRO D 100 44.22 -5.69 -17.38
CA PRO D 100 43.89 -6.92 -18.11
C PRO D 100 45.09 -7.81 -18.31
N PHE D 101 45.71 -7.72 -19.48
CA PHE D 101 46.86 -8.56 -19.83
C PHE D 101 47.09 -9.72 -18.83
N ALA D 102 47.63 -9.39 -17.65
CA ALA D 102 47.95 -10.36 -16.58
C ALA D 102 48.86 -11.51 -17.10
N THR D 103 49.87 -11.16 -17.88
CA THR D 103 50.71 -12.17 -18.49
C THR D 103 52.28 -11.65 -18.55
N CYS D 104 53.15 -12.60 -18.89
CA CYS D 104 54.56 -12.28 -19.00
C CYS D 104 55.07 -12.32 -20.54
N ASP D 105 55.97 -11.38 -20.82
CA ASP D 105 56.40 -11.15 -22.20
C ASP D 105 56.65 -12.43 -23.01
N PHE D 106 55.70 -12.69 -23.94
CA PHE D 106 55.74 -13.88 -24.82
C PHE D 106 55.99 -15.17 -24.00
N MET D 107 55.78 -16.35 -24.64
CA MET D 107 56.00 -17.72 -24.05
C MET D 107 55.10 -18.11 -22.85
N VAL D 108 55.01 -17.23 -21.85
CA VAL D 108 54.18 -17.46 -20.65
C VAL D 108 53.33 -16.21 -20.32
N LEU D 114 53.59 -1.97 -57.73
CA LEU D 114 52.52 -2.51 -56.84
C LEU D 114 53.06 -2.69 -55.41
N PRO D 115 54.31 -3.08 -55.25
CA PRO D 115 54.94 -3.26 -53.93
C PRO D 115 55.04 -1.98 -53.08
N LEU D 116 53.94 -1.23 -53.02
CA LEU D 116 53.86 0.06 -52.30
C LEU D 116 54.61 0.02 -50.92
N ASP D 117 53.96 -0.55 -49.89
CA ASP D 117 54.54 -0.66 -48.54
C ASP D 117 54.92 -2.11 -48.26
N LYS D 118 54.32 -2.64 -47.18
CA LYS D 118 54.60 -3.95 -46.66
C LYS D 118 55.94 -4.52 -47.13
N TRP D 119 55.98 -5.11 -48.33
CA TRP D 119 57.24 -5.71 -48.80
C TRP D 119 58.33 -4.67 -49.21
N VAL D 120 58.40 -3.55 -48.47
CA VAL D 120 59.45 -2.53 -48.71
C VAL D 120 60.70 -2.81 -47.84
N PRO D 121 61.87 -2.32 -48.28
CA PRO D 121 63.14 -2.53 -47.58
C PRO D 121 63.05 -2.43 -46.01
N GLN D 122 62.15 -1.59 -45.52
CA GLN D 122 61.97 -1.34 -44.09
C GLN D 122 62.12 -2.62 -43.18
N VAL D 123 61.68 -3.75 -43.66
CA VAL D 123 61.73 -4.98 -42.88
C VAL D 123 61.59 -4.73 -41.37
N PHE D 124 62.21 -5.58 -40.54
CA PHE D 124 62.14 -5.39 -39.09
C PHE D 124 63.35 -6.04 -38.39
N VAL D 125 63.24 -6.06 -37.04
CA VAL D 125 64.27 -6.61 -36.15
C VAL D 125 63.62 -7.68 -35.23
N ALA D 126 64.45 -8.45 -34.53
CA ALA D 126 63.98 -9.55 -33.68
C ALA D 126 63.59 -9.05 -32.28
N SER D 127 63.28 -10.01 -31.38
CA SER D 127 62.91 -9.65 -30.00
C SER D 127 63.58 -10.56 -28.95
N GLY D 128 62.96 -10.64 -27.76
CA GLY D 128 63.48 -11.45 -26.64
C GLY D 128 62.36 -12.22 -25.96
N ASP D 129 62.71 -12.86 -24.83
CA ASP D 129 61.77 -13.70 -24.06
C ASP D 129 61.12 -13.01 -22.85
N CYS D 130 61.00 -13.77 -21.74
CA CYS D 130 60.33 -13.28 -20.51
C CYS D 130 61.29 -12.58 -19.52
N ALA D 131 60.66 -11.80 -18.62
CA ALA D 131 61.35 -11.08 -17.57
C ALA D 131 61.20 -11.94 -16.32
N GLU D 132 62.17 -11.82 -15.41
CA GLU D 132 62.20 -12.65 -14.18
C GLU D 132 63.16 -12.12 -13.08
N ARG D 133 63.19 -10.79 -12.93
CA ARG D 133 63.99 -10.07 -11.91
C ARG D 133 65.47 -10.04 -12.33
N GLN D 134 65.98 -8.85 -12.63
CA GLN D 134 67.36 -8.70 -13.17
C GLN D 134 68.53 -9.50 -12.53
N TRP D 135 69.75 -9.10 -12.97
CA TRP D 135 71.03 -9.65 -12.46
C TRP D 135 72.13 -8.57 -12.50
N ASP D 136 73.06 -8.68 -11.54
CA ASP D 136 74.18 -7.74 -11.39
C ASP D 136 73.78 -6.55 -10.50
N PHE D 137 74.65 -6.22 -9.54
CA PHE D 137 74.37 -5.11 -8.60
C PHE D 137 74.22 -3.75 -9.32
N LEU D 138 74.30 -3.80 -10.66
CA LEU D 138 74.25 -2.59 -11.54
C LEU D 138 72.83 -2.03 -11.83
N GLY D 139 72.09 -2.68 -12.72
CA GLY D 139 70.73 -2.23 -13.11
C GLY D 139 70.08 -1.26 -12.12
N LEU D 140 69.58 -1.82 -11.02
CA LEU D 140 68.89 -1.05 -9.97
C LEU D 140 67.61 -0.45 -10.50
N GLU D 141 67.73 0.77 -11.03
CA GLU D 141 66.60 1.54 -11.58
C GLU D 141 66.08 0.88 -12.86
N MET D 142 64.96 1.41 -13.36
CA MET D 142 64.34 0.84 -14.59
C MET D 142 64.04 1.87 -15.67
N PRO D 143 63.77 1.45 -16.90
CA PRO D 143 63.49 2.43 -17.95
C PRO D 143 62.52 3.49 -17.43
N GLN D 144 63.05 4.50 -16.75
CA GLN D 144 62.27 5.58 -16.20
C GLN D 144 62.74 6.91 -16.80
N TRP D 145 64.00 7.27 -16.52
CA TRP D 145 64.60 8.47 -17.08
C TRP D 145 64.39 8.42 -18.61
N LEU D 146 64.13 7.19 -19.10
CA LEU D 146 63.93 6.92 -20.55
C LEU D 146 63.05 7.95 -21.22
N LEU D 147 61.95 8.30 -20.58
CA LEU D 147 61.03 9.32 -21.10
C LEU D 147 61.61 10.72 -20.95
N GLY D 148 62.48 10.89 -19.96
CA GLY D 148 63.11 12.18 -19.75
C GLY D 148 63.94 12.53 -20.98
N ILE D 149 64.67 11.54 -21.50
CA ILE D 149 65.56 11.78 -22.63
C ILE D 149 64.88 12.27 -23.96
N PHE D 150 63.73 11.71 -24.28
CA PHE D 150 62.99 12.14 -25.46
C PHE D 150 62.48 13.57 -25.25
N ILE D 151 61.89 13.85 -24.07
CA ILE D 151 61.38 15.21 -23.81
C ILE D 151 62.59 16.19 -23.62
N ALA D 152 63.73 15.62 -23.27
CA ALA D 152 64.94 16.42 -23.07
C ALA D 152 65.41 17.08 -24.39
N TYR D 153 65.49 16.25 -25.41
CA TYR D 153 65.89 16.67 -26.75
C TYR D 153 64.80 17.61 -27.23
N LEU D 154 63.57 17.34 -26.79
CA LEU D 154 62.41 18.18 -27.15
C LEU D 154 62.60 19.59 -26.59
N ILE D 155 63.17 19.72 -25.38
CA ILE D 155 63.37 21.03 -24.86
C ILE D 155 64.59 21.77 -25.75
N VAL D 156 65.52 20.96 -26.19
CA VAL D 156 66.59 21.47 -27.05
C VAL D 156 65.95 21.98 -28.36
N ALA D 157 64.81 21.37 -28.71
CA ALA D 157 64.05 21.78 -29.85
C ALA D 157 63.59 23.19 -29.55
N VAL D 158 62.93 23.35 -28.38
CA VAL D 158 62.43 24.66 -27.96
C VAL D 158 63.48 25.73 -28.18
N LEU D 159 64.71 25.43 -27.74
CA LEU D 159 65.85 26.36 -27.86
C LEU D 159 66.31 26.58 -29.33
N VAL D 160 66.04 25.58 -30.19
CA VAL D 160 66.35 25.74 -31.61
C VAL D 160 65.40 26.84 -32.12
N VAL D 161 64.08 26.68 -31.87
CA VAL D 161 63.07 27.64 -32.35
C VAL D 161 63.09 29.04 -31.74
N ILE D 162 63.68 29.19 -30.55
CA ILE D 162 63.78 30.51 -29.91
C ILE D 162 62.39 31.10 -29.66
N ASP E 21 39.37 -18.74 -14.45
CA ASP E 21 39.59 -17.39 -13.85
C ASP E 21 40.18 -17.46 -12.44
N ILE E 22 40.01 -16.38 -11.68
CA ILE E 22 40.35 -16.41 -10.26
C ILE E 22 39.06 -16.55 -9.42
N VAL E 23 39.15 -17.34 -8.35
CA VAL E 23 38.07 -17.40 -7.34
C VAL E 23 38.38 -16.63 -6.05
N MET E 24 37.50 -15.68 -5.74
CA MET E 24 37.58 -14.92 -4.51
C MET E 24 36.62 -15.55 -3.53
N SER E 25 37.07 -15.78 -2.31
CA SER E 25 36.18 -16.34 -1.29
C SER E 25 36.25 -15.63 0.07
N GLN E 26 35.15 -14.98 0.42
CA GLN E 26 35.01 -14.32 1.72
C GLN E 26 34.50 -15.21 2.84
N SER E 27 35.03 -14.94 4.04
CA SER E 27 34.66 -15.60 5.27
C SER E 27 34.59 -14.53 6.37
N PRO E 28 33.54 -14.56 7.21
CA PRO E 28 32.44 -15.50 7.24
C PRO E 28 31.37 -15.06 6.24
N SER E 29 30.25 -15.78 6.21
CA SER E 29 29.08 -15.35 5.45
C SER E 29 28.52 -14.07 6.02
N SER E 30 28.44 -14.04 7.34
CA SER E 30 27.93 -12.88 8.05
C SER E 30 28.44 -12.79 9.48
N LEU E 31 28.21 -11.62 10.07
CA LEU E 31 28.56 -11.37 11.44
C LEU E 31 27.76 -10.22 12.01
N ALA E 32 26.98 -10.51 13.05
CA ALA E 32 26.32 -9.47 13.82
C ALA E 32 27.34 -8.93 14.81
N VAL E 33 27.29 -7.61 15.01
CA VAL E 33 28.25 -6.97 15.93
C VAL E 33 27.68 -5.75 16.68
N SER E 34 28.41 -5.33 17.72
CA SER E 34 27.98 -4.29 18.65
C SER E 34 28.66 -2.95 18.37
N ALA E 35 27.85 -1.90 18.35
CA ALA E 35 28.28 -0.58 17.89
C ALA E 35 29.40 0.05 18.72
N GLY E 36 30.56 0.25 18.07
CA GLY E 36 31.72 0.89 18.71
C GLY E 36 32.92 -0.04 18.82
N GLU E 37 32.72 -1.31 18.49
CA GLU E 37 33.77 -2.34 18.52
C GLU E 37 34.71 -2.31 17.31
N LYS E 38 35.44 -3.42 17.10
CA LYS E 38 36.34 -3.55 15.96
C LYS E 38 36.30 -4.94 15.31
N VAL E 39 35.40 -5.09 14.32
CA VAL E 39 35.28 -6.27 13.44
C VAL E 39 36.37 -6.36 12.37
N THR E 40 36.61 -7.56 11.86
CA THR E 40 37.46 -7.77 10.70
C THR E 40 36.90 -8.90 9.86
N MET E 41 36.51 -8.63 8.61
CA MET E 41 36.19 -9.73 7.70
C MET E 41 37.39 -10.13 6.88
N SER E 42 37.32 -11.31 6.27
CA SER E 42 38.43 -11.84 5.51
C SER E 42 38.11 -12.13 4.04
N CYS E 43 39.12 -11.92 3.21
CA CYS E 43 39.02 -12.14 1.78
C CYS E 43 40.24 -12.91 1.31
N LYS E 44 39.99 -13.99 0.58
CA LYS E 44 41.06 -14.78 0.03
C LYS E 44 40.87 -14.99 -1.48
N SER E 45 41.93 -15.43 -2.13
CA SER E 45 41.99 -15.47 -3.58
C SER E 45 42.74 -16.71 -3.99
N SER E 46 42.32 -17.33 -5.09
CA SER E 46 42.92 -18.57 -5.55
C SER E 46 44.35 -18.32 -6.01
N GLN E 47 44.51 -17.22 -6.73
CA GLN E 47 45.81 -16.81 -7.25
C GLN E 47 46.36 -15.65 -6.45
N SER E 48 47.69 -15.54 -6.42
CA SER E 48 48.33 -14.42 -5.79
C SER E 48 48.08 -13.17 -6.61
N LEU E 49 47.84 -12.07 -5.92
CA LEU E 49 47.47 -10.83 -6.57
C LEU E 49 48.61 -9.82 -6.53
N LEU E 50 49.82 -10.29 -6.20
CA LEU E 50 51.02 -9.46 -6.19
C LEU E 50 51.57 -9.21 -7.60
N ASN E 51 52.39 -8.16 -7.73
CA ASN E 51 53.06 -7.85 -8.99
C ASN E 51 54.54 -7.53 -8.76
N SER E 52 55.43 -8.31 -9.39
CA SER E 52 56.90 -8.14 -9.24
C SER E 52 57.33 -6.68 -9.11
N ARG E 53 56.73 -5.84 -9.95
CA ARG E 53 56.86 -4.39 -9.89
C ARG E 53 55.45 -3.77 -9.97
N THR E 54 55.14 -2.78 -9.13
CA THR E 54 55.81 -2.57 -7.85
C THR E 54 54.93 -3.38 -6.93
N ARG E 55 55.36 -3.62 -5.69
CA ARG E 55 54.46 -4.24 -4.71
C ARG E 55 53.10 -3.55 -4.78
N LYS E 56 52.19 -4.19 -5.50
CA LYS E 56 50.80 -3.75 -5.65
C LYS E 56 49.94 -5.01 -5.68
N ASN E 57 48.69 -4.86 -5.27
CA ASN E 57 47.89 -5.96 -4.80
C ASN E 57 46.53 -5.33 -4.60
N TYR E 58 45.78 -4.92 -5.62
CA TYR E 58 45.38 -5.60 -6.88
C TYR E 58 44.10 -6.35 -6.55
N LEU E 59 43.36 -5.67 -5.68
CA LEU E 59 42.16 -6.14 -5.04
C LEU E 59 41.54 -4.90 -4.40
N ALA E 60 40.22 -4.83 -4.46
CA ALA E 60 39.46 -3.74 -3.87
C ALA E 60 38.56 -4.20 -2.73
N TRP E 61 37.81 -3.25 -2.16
CA TRP E 61 36.76 -3.50 -1.18
C TRP E 61 35.60 -2.57 -1.47
N TYR E 62 34.41 -3.13 -1.64
CA TYR E 62 33.22 -2.34 -1.92
C TYR E 62 32.17 -2.64 -0.85
N GLN E 63 31.49 -1.61 -0.35
CA GLN E 63 30.37 -1.85 0.55
C GLN E 63 29.01 -1.53 -0.07
N GLN E 64 28.07 -2.47 0.04
CA GLN E 64 26.72 -2.29 -0.51
C GLN E 64 25.62 -2.37 0.55
N LYS E 65 25.01 -1.22 0.79
CA LYS E 65 23.85 -1.10 1.66
C LYS E 65 22.60 -1.46 0.84
N PRO E 66 21.56 -2.00 1.52
CA PRO E 66 20.31 -2.39 0.85
C PRO E 66 19.77 -1.32 -0.09
N GLY E 67 19.08 -1.75 -1.15
CA GLY E 67 18.48 -0.85 -2.13
C GLY E 67 19.42 0.17 -2.75
N GLN E 68 20.61 -0.31 -3.21
CA GLN E 68 21.70 0.55 -3.74
C GLN E 68 22.80 -0.22 -4.49
N SER E 69 23.66 0.52 -5.18
CA SER E 69 24.92 -0.01 -5.73
C SER E 69 25.95 -0.13 -4.60
N PRO E 70 27.13 -0.67 -4.92
CA PRO E 70 28.27 -0.58 -3.99
C PRO E 70 29.00 0.76 -4.09
N LYS E 71 29.90 1.02 -3.15
CA LYS E 71 30.82 2.15 -3.23
C LYS E 71 32.23 1.63 -3.00
N LEU E 72 33.22 2.08 -3.78
CA LEU E 72 34.62 1.68 -3.56
C LEU E 72 35.11 2.20 -2.20
N LEU E 73 35.50 1.28 -1.34
CA LEU E 73 35.94 1.65 -0.01
C LEU E 73 37.45 1.71 -0.01
N ILE E 74 38.08 0.66 -0.51
CA ILE E 74 39.52 0.60 -0.57
C ILE E 74 39.95 0.00 -1.90
N TYR E 75 40.96 0.60 -2.54
CA TYR E 75 41.58 0.03 -3.73
C TYR E 75 43.03 -0.33 -3.46
N TRP E 76 43.57 -1.22 -4.30
CA TRP E 76 44.92 -1.75 -4.13
C TRP E 76 45.11 -2.32 -2.72
N ALA E 77 43.99 -2.80 -2.15
CA ALA E 77 43.90 -3.35 -0.78
C ALA E 77 44.19 -2.38 0.37
N SER E 78 45.20 -1.53 0.21
CA SER E 78 45.57 -0.53 1.22
C SER E 78 44.88 0.80 1.00
N THR E 79 45.39 1.60 0.08
CA THR E 79 44.98 3.01 -0.01
C THR E 79 43.47 3.17 0.07
N ARG E 80 43.03 4.01 1.01
CA ARG E 80 41.63 4.36 1.16
C ARG E 80 41.08 5.05 -0.08
N GLU E 81 39.79 5.35 -0.04
CA GLU E 81 39.17 6.12 -1.12
C GLU E 81 38.90 7.56 -0.66
N SER E 82 38.67 8.45 -1.62
CA SER E 82 38.43 9.88 -1.31
C SER E 82 37.11 10.09 -0.58
N GLY E 83 37.22 10.30 0.73
CA GLY E 83 36.06 10.48 1.62
C GLY E 83 35.71 9.23 2.40
N VAL E 84 36.72 8.42 2.70
CA VAL E 84 36.53 7.18 3.44
C VAL E 84 37.22 7.21 4.80
N PRO E 85 36.42 7.13 5.88
CA PRO E 85 36.82 7.16 7.29
C PRO E 85 38.10 6.41 7.67
N ASP E 86 38.71 6.83 8.76
CA ASP E 86 39.94 6.24 9.29
C ASP E 86 39.73 4.79 9.71
N ARG E 87 38.57 4.55 10.33
CA ARG E 87 38.21 3.26 10.92
C ARG E 87 38.52 2.04 10.04
N PHE E 88 38.05 2.04 8.78
CA PHE E 88 38.38 0.99 7.79
C PHE E 88 39.87 1.00 7.48
N THR E 89 40.43 -0.20 7.30
CA THR E 89 41.86 -0.34 7.05
C THR E 89 42.16 -1.70 6.46
N GLY E 90 42.13 -1.79 5.13
CA GLY E 90 42.45 -3.03 4.44
C GLY E 90 43.89 -3.45 4.73
N SER E 91 44.13 -4.76 4.68
CA SER E 91 45.46 -5.29 4.92
C SER E 91 45.60 -6.63 4.24
N GLY E 92 46.79 -7.21 4.26
CA GLY E 92 46.98 -8.54 3.70
C GLY E 92 47.76 -8.47 2.42
N SER E 93 48.26 -9.62 1.98
CA SER E 93 49.21 -9.66 0.87
C SER E 93 49.24 -10.97 0.08
N GLY E 94 48.97 -10.84 -1.23
CA GLY E 94 49.10 -11.95 -2.15
C GLY E 94 47.84 -12.79 -2.27
N THR E 95 47.58 -13.57 -1.22
CA THR E 95 46.43 -14.48 -1.17
C THR E 95 45.67 -14.43 0.16
N ASP E 96 45.69 -13.26 0.82
CA ASP E 96 45.17 -13.10 2.19
C ASP E 96 44.79 -11.68 2.58
N PHE E 97 43.66 -11.20 2.10
CA PHE E 97 43.25 -9.81 2.31
C PHE E 97 42.19 -9.64 3.41
N THR E 98 42.30 -8.57 4.19
CA THR E 98 41.51 -8.47 5.40
C THR E 98 41.06 -7.05 5.74
N LEU E 99 39.81 -6.75 5.41
CA LEU E 99 39.19 -5.47 5.74
C LEU E 99 38.82 -5.48 7.20
N THR E 100 38.97 -4.33 7.86
CA THR E 100 38.69 -4.21 9.30
C THR E 100 38.12 -2.87 9.71
N ILE E 101 37.03 -2.89 10.48
CA ILE E 101 36.37 -1.68 11.01
C ILE E 101 36.47 -1.58 12.53
N SER E 102 36.79 -0.40 13.06
CA SER E 102 36.48 -0.05 14.45
C SER E 102 35.39 1.03 14.47
N SER E 103 34.97 1.44 15.68
CA SER E 103 33.90 2.44 15.88
C SER E 103 32.60 2.11 15.12
N VAL E 104 32.48 0.84 14.73
CA VAL E 104 31.36 0.33 13.99
C VAL E 104 30.14 1.23 14.11
N GLN E 105 29.89 2.05 13.09
CA GLN E 105 28.67 2.85 13.05
C GLN E 105 27.42 1.98 12.86
N ALA E 106 26.25 2.59 13.05
CA ALA E 106 24.98 1.94 12.78
C ALA E 106 24.75 1.98 11.28
N GLU E 107 25.25 3.05 10.66
CA GLU E 107 25.29 3.20 9.20
C GLU E 107 26.58 2.58 8.62
N ASP E 108 26.87 1.38 9.10
CA ASP E 108 27.95 0.54 8.61
C ASP E 108 27.41 -0.84 8.36
N LEU E 109 26.09 -0.98 8.53
CA LEU E 109 25.40 -2.21 8.15
C LEU E 109 25.36 -2.22 6.63
N ALA E 110 25.87 -3.33 6.07
CA ALA E 110 26.03 -3.51 4.63
C ALA E 110 26.65 -4.89 4.35
N VAL E 111 26.70 -5.27 3.07
CA VAL E 111 27.47 -6.44 2.67
C VAL E 111 28.79 -5.92 2.12
N TYR E 112 29.89 -6.45 2.66
CA TYR E 112 31.21 -6.06 2.20
C TYR E 112 31.72 -7.13 1.26
N TYR E 113 32.03 -6.71 0.04
CA TYR E 113 32.56 -7.54 -1.02
C TYR E 113 34.05 -7.26 -1.22
N CYS E 114 34.75 -8.16 -1.90
CA CYS E 114 36.12 -7.87 -2.35
C CYS E 114 36.28 -8.26 -3.81
N LYS E 115 36.93 -7.37 -4.56
CA LYS E 115 37.16 -7.52 -6.01
C LYS E 115 38.65 -7.55 -6.29
N GLN E 116 39.12 -8.60 -6.95
CA GLN E 116 40.45 -8.58 -7.53
C GLN E 116 40.36 -8.10 -8.96
N SER E 117 41.39 -7.38 -9.39
CA SER E 117 41.48 -6.96 -10.78
C SER E 117 42.82 -7.33 -11.40
N TYR E 118 43.65 -8.06 -10.67
CA TYR E 118 44.92 -8.56 -11.20
C TYR E 118 44.71 -9.14 -12.58
N ASN E 119 43.71 -10.01 -12.71
CA ASN E 119 43.39 -10.62 -13.97
C ASN E 119 41.89 -10.65 -14.07
N LEU E 120 41.37 -9.94 -15.06
CA LEU E 120 39.94 -9.71 -15.22
C LEU E 120 39.29 -9.04 -13.99
N TYR E 121 37.98 -9.20 -13.82
CA TYR E 121 37.27 -8.69 -12.66
C TYR E 121 36.45 -9.82 -12.04
N THR E 122 36.82 -10.26 -10.84
CA THR E 122 36.04 -11.30 -10.18
C THR E 122 35.76 -10.95 -8.71
N PHE E 123 34.48 -10.98 -8.31
CA PHE E 123 34.12 -10.61 -6.93
C PHE E 123 34.15 -11.72 -5.86
N GLY E 124 34.14 -11.30 -4.59
CA GLY E 124 33.99 -12.22 -3.46
C GLY E 124 32.54 -12.56 -3.24
N GLY E 125 32.25 -13.39 -2.23
CA GLY E 125 30.88 -13.74 -1.88
C GLY E 125 30.18 -12.65 -1.09
N GLY E 126 30.87 -12.15 -0.08
CA GLY E 126 30.34 -11.11 0.78
C GLY E 126 30.52 -11.52 2.23
N THR E 127 30.55 -10.52 3.10
CA THR E 127 30.38 -10.72 4.53
C THR E 127 29.28 -9.75 4.93
N LYS E 128 28.12 -10.28 5.32
CA LYS E 128 27.00 -9.42 5.73
C LYS E 128 27.28 -8.95 7.14
N LEU E 129 27.05 -7.68 7.43
CA LEU E 129 27.37 -7.16 8.75
C LEU E 129 26.15 -6.66 9.53
N GLU E 130 25.51 -7.56 10.26
CA GLU E 130 24.32 -7.24 11.05
C GLU E 130 24.60 -6.63 12.45
N ILE E 131 23.58 -5.99 13.03
CA ILE E 131 23.70 -5.31 14.33
C ILE E 131 22.98 -6.04 15.47
N LYS E 132 23.68 -6.28 16.57
CA LYS E 132 23.07 -6.80 17.80
C LYS E 132 22.12 -5.75 18.41
N ALA E 134 20.63 -7.54 21.00
CA ALA E 134 20.03 -8.08 22.23
C ALA E 134 18.77 -8.90 21.92
N ASP E 135 18.69 -10.08 22.55
CA ASP E 135 17.75 -11.14 22.15
C ASP E 135 16.27 -10.77 22.26
N ALA E 136 15.42 -11.70 21.82
CA ALA E 136 13.95 -11.63 21.95
C ALA E 136 13.31 -12.95 21.50
N ALA E 137 12.08 -13.21 21.95
CA ALA E 137 11.32 -14.38 21.52
C ALA E 137 10.33 -14.04 20.39
N PRO E 138 10.09 -14.99 19.47
CA PRO E 138 9.24 -14.72 18.31
C PRO E 138 7.76 -14.69 18.64
N THR E 139 7.08 -13.67 18.12
CA THR E 139 5.63 -13.53 18.24
C THR E 139 4.97 -14.27 17.08
N VAL E 140 4.65 -15.53 17.34
CA VAL E 140 4.08 -16.39 16.32
C VAL E 140 2.54 -16.40 16.35
N SER E 141 1.95 -16.35 15.16
CA SER E 141 0.52 -16.35 15.02
C SER E 141 0.14 -17.11 13.76
N ILE E 142 -0.76 -18.08 13.92
CA ILE E 142 -1.23 -18.95 12.83
C ILE E 142 -2.53 -18.43 12.21
N PHE E 143 -2.75 -18.75 10.94
CA PHE E 143 -3.85 -18.20 10.16
C PHE E 143 -4.35 -19.22 9.16
N PRO E 144 -5.63 -19.64 9.29
CA PRO E 144 -6.35 -20.57 8.39
C PRO E 144 -6.56 -20.04 6.97
N PRO E 145 -6.85 -20.95 6.02
CA PRO E 145 -7.00 -20.53 4.63
C PRO E 145 -8.25 -19.69 4.43
N SER E 146 -8.04 -18.46 3.97
CA SER E 146 -9.09 -17.47 3.89
C SER E 146 -10.37 -17.95 3.20
N SER E 147 -11.48 -17.52 3.80
CA SER E 147 -12.85 -17.66 3.30
C SER E 147 -12.98 -17.94 1.79
N GLU E 148 -12.39 -17.06 0.98
CA GLU E 148 -12.57 -17.14 -0.46
C GLU E 148 -11.58 -18.07 -1.16
N GLN E 149 -10.34 -18.12 -0.68
CA GLN E 149 -9.33 -18.95 -1.31
C GLN E 149 -9.88 -20.36 -1.57
N LEU E 150 -10.60 -20.86 -0.57
CA LEU E 150 -11.17 -22.19 -0.58
C LEU E 150 -12.04 -22.47 -1.81
N THR E 151 -13.09 -21.65 -1.96
CA THR E 151 -14.01 -21.75 -3.12
C THR E 151 -13.26 -21.79 -4.45
N SER E 152 -12.05 -21.23 -4.46
CA SER E 152 -11.21 -21.17 -5.65
C SER E 152 -10.52 -22.50 -6.01
N GLY E 153 -10.62 -23.48 -5.11
CA GLY E 153 -10.07 -24.81 -5.33
C GLY E 153 -8.72 -25.02 -4.66
N GLY E 154 -8.23 -23.97 -4.00
CA GLY E 154 -6.95 -24.01 -3.29
C GLY E 154 -7.10 -23.58 -1.86
N ALA E 155 -6.06 -23.82 -1.05
CA ALA E 155 -6.08 -23.49 0.38
C ALA E 155 -4.66 -23.36 0.97
N SER E 156 -4.34 -22.18 1.51
CA SER E 156 -3.02 -21.93 2.10
C SER E 156 -3.13 -21.49 3.54
N VAL E 157 -2.49 -22.25 4.43
CA VAL E 157 -2.40 -21.90 5.84
C VAL E 157 -1.10 -21.15 6.06
N VAL E 158 -1.15 -19.97 6.65
CA VAL E 158 0.09 -19.25 6.95
C VAL E 158 0.31 -19.06 8.45
N CYS E 159 1.54 -18.73 8.84
CA CYS E 159 1.79 -18.25 10.18
C CYS E 159 3.06 -17.42 10.27
N PHE E 160 2.92 -16.26 10.90
CA PHE E 160 3.98 -15.26 10.96
C PHE E 160 4.79 -15.32 12.24
N LEU E 161 6.05 -15.69 12.10
CA LEU E 161 7.00 -15.77 13.22
C LEU E 161 7.76 -14.44 13.33
N ASN E 162 7.19 -13.49 14.08
CA ASN E 162 7.66 -12.11 14.00
C ASN E 162 8.54 -11.66 15.15
N ASN E 163 9.44 -10.73 14.86
CA ASN E 163 10.24 -10.02 15.85
C ASN E 163 11.01 -10.88 16.82
N PHE E 164 12.12 -11.44 16.34
CA PHE E 164 13.00 -12.30 17.13
C PHE E 164 14.48 -12.15 16.77
N TYR E 165 15.33 -12.36 17.75
CA TYR E 165 16.75 -12.35 17.52
C TYR E 165 17.38 -13.36 18.48
N PRO E 166 18.35 -14.19 17.99
CA PRO E 166 19.03 -14.36 16.70
C PRO E 166 18.20 -14.99 15.59
N LYS E 167 18.60 -14.80 14.33
CA LYS E 167 17.81 -15.27 13.18
C LYS E 167 17.44 -16.75 13.24
N ASP E 168 18.38 -17.58 13.70
CA ASP E 168 18.24 -19.04 13.65
C ASP E 168 16.98 -19.54 14.32
N ILE E 169 15.94 -19.69 13.53
CA ILE E 169 14.69 -20.25 14.02
C ILE E 169 14.45 -21.57 13.32
N ASN E 170 13.44 -22.29 13.78
CA ASN E 170 13.11 -23.57 13.21
C ASN E 170 11.60 -23.83 13.37
N VAL E 171 10.88 -23.85 12.26
CA VAL E 171 9.45 -24.15 12.31
C VAL E 171 9.22 -25.63 12.05
N LYS E 172 8.15 -26.16 12.60
CA LYS E 172 7.82 -27.57 12.46
C LYS E 172 6.31 -27.77 12.46
N TRP E 173 5.73 -27.85 11.26
CA TRP E 173 4.28 -27.98 11.08
C TRP E 173 3.72 -29.35 11.50
N LYS E 174 2.47 -29.34 11.94
CA LYS E 174 1.76 -30.58 12.26
C LYS E 174 0.31 -30.49 11.78
N ILE E 175 -0.13 -31.56 11.09
CA ILE E 175 -1.54 -31.83 10.82
C ILE E 175 -1.98 -32.87 11.86
N ASP E 176 -2.78 -32.42 12.82
CA ASP E 176 -3.02 -33.13 14.09
C ASP E 176 -1.95 -34.17 14.47
N GLY E 177 -0.97 -33.70 15.25
CA GLY E 177 0.05 -34.55 15.87
C GLY E 177 1.13 -35.02 14.92
N SER E 178 0.72 -35.52 13.76
CA SER E 178 1.67 -35.96 12.72
C SER E 178 2.25 -34.73 12.04
N GLU E 179 3.56 -34.74 11.83
CA GLU E 179 4.29 -33.56 11.40
C GLU E 179 4.85 -33.70 10.01
N ARG E 180 4.02 -33.51 8.99
CA ARG E 180 4.52 -33.55 7.59
C ARG E 180 5.32 -32.28 7.21
N GLN E 181 6.31 -32.46 6.34
CA GLN E 181 7.19 -31.37 6.00
C GLN E 181 6.83 -30.80 4.65
N ASN E 182 6.85 -31.64 3.62
CA ASN E 182 6.74 -31.15 2.25
C ASN E 182 5.43 -30.40 1.95
N GLY E 183 5.53 -29.42 1.06
CA GLY E 183 4.41 -28.53 0.79
C GLY E 183 4.55 -27.21 1.51
N VAL E 184 5.52 -27.13 2.44
CA VAL E 184 5.76 -25.90 3.20
C VAL E 184 6.73 -24.95 2.51
N LEU E 185 6.41 -23.66 2.57
CA LEU E 185 7.25 -22.61 2.02
C LEU E 185 7.61 -21.62 3.12
N ASN E 186 8.89 -21.21 3.20
CA ASN E 186 9.30 -20.17 4.15
C ASN E 186 9.89 -18.92 3.52
N SER E 187 10.06 -17.89 4.34
CA SER E 187 10.51 -16.57 3.87
C SER E 187 10.99 -15.70 5.03
N TRP E 188 12.19 -15.14 4.88
CA TRP E 188 12.84 -14.41 5.95
C TRP E 188 13.13 -12.96 5.60
N THR E 189 12.83 -12.08 6.54
CA THR E 189 13.18 -10.68 6.39
C THR E 189 14.62 -10.46 6.85
N ASP E 190 15.18 -9.33 6.44
CA ASP E 190 16.38 -8.79 7.04
C ASP E 190 16.02 -8.03 8.31
N GLN E 191 17.00 -7.91 9.18
CA GLN E 191 16.92 -7.06 10.36
C GLN E 191 16.01 -5.84 10.21
N ASP E 192 15.31 -5.51 11.29
CA ASP E 192 14.45 -4.32 11.27
C ASP E 192 15.32 -3.09 11.42
N SER E 193 14.87 -1.98 10.86
CA SER E 193 15.63 -0.71 10.90
C SER E 193 15.50 -0.03 12.27
N LYS E 194 14.33 -0.17 12.88
CA LYS E 194 14.06 0.39 14.21
C LYS E 194 14.16 -0.72 15.26
N ASP E 195 13.33 -1.75 15.08
CA ASP E 195 13.24 -2.88 15.99
C ASP E 195 14.49 -3.80 15.92
N SER E 196 15.23 -3.70 14.82
CA SER E 196 16.54 -4.39 14.65
C SER E 196 16.49 -5.90 14.84
N THR E 197 15.35 -6.50 14.51
CA THR E 197 15.17 -7.95 14.63
C THR E 197 14.49 -8.56 13.38
N TYR E 198 14.36 -9.88 13.38
CA TYR E 198 13.85 -10.60 12.23
C TYR E 198 12.42 -11.07 12.42
N SER E 199 11.78 -11.36 11.29
CA SER E 199 10.46 -11.96 11.22
C SER E 199 10.46 -12.92 10.04
N MET E 200 9.78 -14.05 10.21
CA MET E 200 9.72 -15.04 9.17
C MET E 200 8.30 -15.52 9.00
N SER E 201 7.86 -15.71 7.77
CA SER E 201 6.57 -16.33 7.53
C SER E 201 6.74 -17.76 7.02
N SER E 202 5.71 -18.59 7.22
CA SER E 202 5.74 -19.99 6.81
C SER E 202 4.37 -20.41 6.35
N THR E 203 4.30 -21.09 5.22
CA THR E 203 3.04 -21.39 4.57
C THR E 203 2.95 -22.83 4.07
N LEU E 204 2.26 -23.66 4.84
CA LEU E 204 1.85 -24.96 4.37
C LEU E 204 0.67 -24.79 3.45
N THR E 205 0.80 -25.23 2.21
CA THR E 205 -0.22 -25.05 1.20
C THR E 205 -0.78 -26.38 0.65
N LEU E 206 -2.12 -26.46 0.59
CA LEU E 206 -2.84 -27.67 0.18
C LEU E 206 -4.02 -27.42 -0.76
N THR E 207 -4.28 -28.41 -1.61
CA THR E 207 -5.55 -28.49 -2.31
C THR E 207 -6.65 -28.66 -1.27
N LYS E 208 -7.64 -27.75 -1.31
CA LYS E 208 -8.86 -27.80 -0.49
C LYS E 208 -9.24 -29.23 -0.13
N ASP E 209 -9.48 -30.07 -1.14
CA ASP E 209 -9.75 -31.51 -0.94
C ASP E 209 -8.94 -32.08 0.22
N GLU E 210 -7.63 -31.90 0.15
CA GLU E 210 -6.73 -32.40 1.17
C GLU E 210 -6.75 -31.53 2.41
N TYR E 211 -7.20 -30.29 2.29
CA TYR E 211 -7.30 -29.44 3.46
C TYR E 211 -8.25 -30.07 4.46
N GLU E 212 -9.38 -30.57 3.96
CA GLU E 212 -10.42 -31.15 4.82
C GLU E 212 -10.19 -32.62 5.19
N ARG E 213 -9.11 -33.22 4.68
CA ARG E 213 -8.71 -34.55 5.12
C ARG E 213 -8.63 -34.55 6.64
N HIS E 214 -8.06 -33.50 7.22
CA HIS E 214 -7.86 -33.42 8.66
C HIS E 214 -8.53 -32.25 9.36
N ASN E 215 -8.24 -32.11 10.66
CA ASN E 215 -8.86 -31.08 11.48
C ASN E 215 -7.85 -30.13 12.13
N SER E 216 -6.88 -30.69 12.84
CA SER E 216 -5.99 -29.86 13.64
C SER E 216 -4.75 -29.46 12.88
N TYR E 217 -4.47 -28.16 12.86
CA TYR E 217 -3.26 -27.61 12.25
C TYR E 217 -2.49 -26.77 13.26
N THR E 218 -1.16 -26.84 13.21
CA THR E 218 -0.31 -26.14 14.18
C THR E 218 1.13 -25.85 13.68
N CYS E 219 1.67 -24.70 14.05
CA CYS E 219 3.06 -24.35 13.75
C CYS E 219 3.86 -24.00 15.00
N GLU E 220 5.14 -24.36 15.02
CA GLU E 220 5.95 -24.23 16.23
C GLU E 220 7.32 -23.63 15.97
N ALA E 221 7.54 -22.42 16.46
CA ALA E 221 8.89 -21.87 16.57
C ALA E 221 9.74 -22.78 17.46
N THR E 222 11.05 -22.63 17.44
CA THR E 222 11.93 -23.35 18.37
C THR E 222 13.21 -22.53 18.50
N HIS E 223 13.00 -21.22 18.58
CA HIS E 223 14.04 -20.23 18.83
C HIS E 223 14.94 -20.48 20.05
N LYS E 224 16.14 -19.91 20.01
CA LYS E 224 17.09 -20.04 21.09
C LYS E 224 16.80 -19.00 22.18
N THR E 225 15.57 -18.97 22.69
CA THR E 225 15.23 -18.11 23.83
C THR E 225 14.77 -18.97 24.98
N SER E 226 13.71 -19.72 24.73
CA SER E 226 13.24 -20.74 25.66
C SER E 226 13.18 -22.05 24.91
N THR E 227 14.06 -23.00 25.24
CA THR E 227 14.02 -24.30 24.56
C THR E 227 12.77 -25.06 24.99
N SER E 228 11.64 -24.56 24.48
CA SER E 228 10.31 -25.12 24.59
C SER E 228 9.53 -24.49 23.42
N PRO E 229 9.21 -25.30 22.40
CA PRO E 229 8.47 -24.82 21.24
C PRO E 229 7.32 -23.89 21.59
N ILE E 230 7.16 -22.81 20.82
CA ILE E 230 5.93 -22.02 20.86
C ILE E 230 4.94 -22.61 19.85
N VAL E 231 4.16 -23.58 20.32
CA VAL E 231 3.02 -24.09 19.58
C VAL E 231 1.92 -23.05 19.59
N LYS E 232 1.11 -23.06 18.54
CA LYS E 232 0.05 -22.11 18.38
C LYS E 232 -0.80 -22.72 17.28
N SER E 233 -1.88 -23.38 17.70
CA SER E 233 -2.65 -24.23 16.81
C SER E 233 -4.10 -23.78 16.60
N PHE E 234 -4.63 -24.07 15.41
CA PHE E 234 -6.05 -23.91 15.11
C PHE E 234 -6.57 -25.21 14.47
N ASN E 235 -7.87 -25.48 14.58
CA ASN E 235 -8.44 -26.72 14.05
C ASN E 235 -9.76 -26.54 13.34
N ARG E 236 -9.89 -27.24 12.22
CA ARG E 236 -10.89 -26.97 11.17
C ARG E 236 -12.31 -26.57 11.60
N ASN E 237 -13.08 -27.53 12.11
CA ASN E 237 -14.54 -27.39 12.42
C ASN E 237 -15.26 -26.12 11.94
N GLU E 238 -15.04 -25.02 12.67
CA GLU E 238 -15.71 -23.74 12.44
C GLU E 238 -15.31 -23.04 11.12
N CYS E 239 -14.09 -23.33 10.64
CA CYS E 239 -13.54 -22.76 9.38
C CYS E 239 -13.22 -23.83 8.33
N GLU F 1 27.02 15.26 -7.90
CA GLU F 1 27.81 15.84 -9.02
C GLU F 1 27.92 14.86 -10.22
N VAL F 2 28.86 13.91 -10.13
CA VAL F 2 29.20 13.00 -11.24
C VAL F 2 28.23 11.82 -11.32
N GLN F 3 27.54 11.67 -12.46
CA GLN F 3 26.39 10.76 -12.52
C GLN F 3 26.15 9.87 -13.76
N LEU F 4 25.69 8.65 -13.48
CA LEU F 4 25.26 7.68 -14.50
C LEU F 4 23.79 7.27 -14.25
N VAL F 5 23.03 7.11 -15.32
CA VAL F 5 21.62 6.76 -15.20
C VAL F 5 21.30 5.65 -16.19
N GLU F 6 21.56 4.40 -15.78
CA GLU F 6 21.25 3.25 -16.62
C GLU F 6 19.75 2.93 -16.59
N SER F 7 19.22 2.44 -17.71
CA SER F 7 17.77 2.27 -17.86
C SER F 7 17.34 1.46 -19.09
N GLY F 8 16.02 1.24 -19.19
CA GLY F 8 15.44 0.47 -20.28
C GLY F 8 15.74 -1.02 -20.19
N GLY F 9 14.85 -1.78 -19.53
CA GLY F 9 14.99 -3.23 -19.37
C GLY F 9 13.95 -3.87 -18.47
N GLY F 10 13.55 -5.10 -18.82
CA GLY F 10 12.52 -5.85 -18.07
C GLY F 10 12.38 -7.26 -18.63
N LEU F 11 11.17 -7.84 -18.55
CA LEU F 11 10.93 -9.20 -19.05
C LEU F 11 11.37 -9.44 -20.50
N VAL F 12 11.80 -10.67 -20.77
CA VAL F 12 12.08 -11.14 -22.14
C VAL F 12 11.96 -12.68 -22.20
N LYS F 13 11.76 -13.20 -23.40
CA LYS F 13 11.83 -14.63 -23.64
C LYS F 13 13.30 -15.05 -23.85
N PRO F 14 13.67 -16.24 -23.33
CA PRO F 14 14.93 -16.90 -23.65
C PRO F 14 15.16 -16.98 -25.14
N GLY F 15 16.02 -16.09 -25.63
CA GLY F 15 16.34 -15.97 -27.05
C GLY F 15 16.22 -14.53 -27.54
N GLY F 16 15.37 -13.76 -26.86
CA GLY F 16 15.06 -12.37 -27.23
C GLY F 16 16.22 -11.40 -27.09
N SER F 17 15.91 -10.10 -27.11
CA SER F 17 16.95 -9.06 -27.06
C SER F 17 16.54 -7.85 -26.25
N LEU F 18 17.52 -6.98 -25.97
CA LEU F 18 17.36 -5.82 -25.08
C LEU F 18 18.56 -4.88 -25.15
N LYS F 19 18.34 -3.63 -25.54
CA LYS F 19 19.45 -2.69 -25.73
C LYS F 19 19.58 -1.73 -24.58
N LEU F 20 20.19 -2.22 -23.50
CA LEU F 20 20.37 -1.46 -22.26
C LEU F 20 21.29 -0.25 -22.45
N SER F 21 21.01 0.80 -21.68
CA SER F 21 21.66 2.10 -21.84
C SER F 21 21.89 2.84 -20.51
N CYS F 22 22.92 3.67 -20.48
CA CYS F 22 23.36 4.38 -19.29
C CYS F 22 23.76 5.83 -19.62
N ALA F 23 23.02 6.80 -19.09
CA ALA F 23 23.29 8.24 -19.35
C ALA F 23 24.31 8.82 -18.37
N ALA F 24 25.44 9.27 -18.90
CA ALA F 24 26.49 9.81 -18.06
C ALA F 24 26.38 11.33 -17.97
N SER F 25 26.08 11.82 -16.79
CA SER F 25 25.77 13.23 -16.63
C SER F 25 26.56 13.89 -15.50
N GLY F 26 27.78 14.33 -15.83
CA GLY F 26 28.60 15.13 -14.91
C GLY F 26 30.09 14.87 -14.94
N PHE F 27 30.55 14.10 -15.92
CA PHE F 27 31.98 13.83 -16.05
C PHE F 27 32.45 13.85 -17.51
N ALA F 28 33.78 13.98 -17.70
CA ALA F 28 34.39 14.15 -19.03
C ALA F 28 34.30 12.92 -19.94
N PHE F 29 33.31 12.07 -19.65
CA PHE F 29 32.91 10.90 -20.44
C PHE F 29 34.08 10.28 -21.22
N SER F 30 34.30 10.78 -22.43
CA SER F 30 35.43 10.37 -23.27
C SER F 30 36.73 10.26 -22.48
N SER F 31 36.75 10.90 -21.32
CA SER F 31 37.84 10.81 -20.35
C SER F 31 38.32 9.38 -20.10
N TYR F 32 37.51 8.59 -19.41
CA TYR F 32 37.88 7.24 -18.98
C TYR F 32 37.20 6.13 -19.79
N ASP F 33 37.60 4.89 -19.49
CA ASP F 33 36.97 3.70 -20.05
C ASP F 33 35.60 3.49 -19.38
N MET F 34 34.86 2.48 -19.79
CA MET F 34 33.56 2.14 -19.18
C MET F 34 33.30 0.63 -18.99
N SER F 35 32.19 0.29 -18.30
CA SER F 35 31.86 -1.09 -17.98
C SER F 35 30.48 -1.24 -17.37
N TRP F 36 29.93 -2.44 -17.52
CA TRP F 36 28.74 -2.88 -16.79
C TRP F 36 29.07 -3.99 -15.83
N VAL F 37 28.54 -3.90 -14.63
CA VAL F 37 28.51 -5.05 -13.74
C VAL F 37 27.05 -5.40 -13.50
N ARG F 38 26.76 -6.69 -13.36
CA ARG F 38 25.41 -7.10 -13.04
C ARG F 38 25.40 -7.82 -11.70
N GLN F 39 24.20 -7.98 -11.15
CA GLN F 39 24.02 -8.64 -9.87
C GLN F 39 22.73 -9.41 -9.89
N THR F 40 22.85 -10.69 -9.57
CA THR F 40 21.69 -11.60 -9.55
C THR F 40 20.72 -11.32 -8.39
N PRO F 41 19.55 -12.00 -8.39
CA PRO F 41 18.66 -11.92 -7.24
C PRO F 41 19.36 -12.40 -5.96
N GLU F 42 20.26 -13.37 -6.11
CA GLU F 42 21.05 -13.92 -5.02
C GLU F 42 22.19 -12.98 -4.59
N LYS F 43 22.20 -11.79 -5.17
CA LYS F 43 23.18 -10.75 -4.83
C LYS F 43 24.64 -11.13 -5.16
N ARG F 44 24.79 -12.11 -6.05
CA ARG F 44 26.04 -12.39 -6.72
C ARG F 44 26.31 -11.27 -7.72
N LEU F 45 27.54 -10.74 -7.69
CA LEU F 45 28.00 -9.73 -8.65
C LEU F 45 28.75 -10.38 -9.81
N GLU F 46 28.78 -9.69 -10.95
CA GLU F 46 29.34 -10.24 -12.17
C GLU F 46 29.81 -9.19 -13.17
N TRP F 47 31.12 -9.17 -13.45
CA TRP F 47 31.64 -8.30 -14.51
C TRP F 47 31.29 -8.81 -15.90
N VAL F 48 30.51 -8.01 -16.62
CA VAL F 48 29.90 -8.43 -17.86
C VAL F 48 30.52 -7.79 -19.11
N ALA F 49 30.85 -6.51 -19.04
CA ALA F 49 31.28 -5.78 -20.21
C ALA F 49 32.31 -4.72 -19.84
N TYR F 50 33.13 -4.33 -20.81
CA TYR F 50 34.12 -3.26 -20.62
C TYR F 50 34.54 -2.61 -21.93
N ILE F 51 34.10 -1.36 -22.14
CA ILE F 51 34.49 -0.56 -23.30
C ILE F 51 35.69 0.34 -22.96
N SER F 52 36.59 0.55 -23.92
CA SER F 52 37.75 1.41 -23.70
C SER F 52 37.38 2.90 -23.53
N SER F 53 38.40 3.78 -23.55
CA SER F 53 38.20 5.22 -23.47
C SER F 53 37.33 5.70 -24.65
N GLY F 54 37.88 5.62 -25.86
CA GLY F 54 37.11 5.85 -27.07
C GLY F 54 36.88 4.54 -27.82
N GLY F 55 35.88 3.78 -27.35
CA GLY F 55 35.49 2.49 -27.93
C GLY F 55 36.45 1.79 -28.88
N GLY F 56 37.76 1.92 -28.62
CA GLY F 56 38.80 1.28 -29.42
C GLY F 56 38.62 -0.23 -29.44
N SER F 57 38.87 -0.85 -28.29
CA SER F 57 38.55 -2.26 -28.11
C SER F 57 37.60 -2.49 -26.91
N THR F 58 37.02 -3.69 -26.85
CA THR F 58 36.07 -4.05 -25.80
C THR F 58 36.53 -5.30 -25.04
N TYR F 59 35.87 -5.59 -23.91
CA TYR F 59 36.23 -6.73 -23.03
C TYR F 59 35.04 -7.46 -22.38
N TYR F 60 35.11 -8.79 -22.35
CA TYR F 60 34.01 -9.63 -21.85
C TYR F 60 34.51 -10.85 -21.03
N PRO F 61 33.68 -11.38 -20.11
CA PRO F 61 33.96 -12.71 -19.61
C PRO F 61 33.45 -13.68 -20.66
N ASP F 62 34.02 -14.88 -20.72
CA ASP F 62 33.61 -15.83 -21.74
C ASP F 62 32.11 -16.01 -21.74
N THR F 63 31.51 -16.02 -20.56
CA THR F 63 30.08 -16.26 -20.36
C THR F 63 29.12 -15.45 -21.27
N VAL F 64 29.48 -14.20 -21.59
CA VAL F 64 28.64 -13.34 -22.42
C VAL F 64 29.23 -13.13 -23.84
N LYS F 65 30.54 -13.38 -23.97
CA LYS F 65 31.30 -13.15 -25.20
C LYS F 65 30.63 -13.69 -26.48
N GLY F 66 30.00 -12.79 -27.21
CA GLY F 66 29.33 -13.13 -28.46
C GLY F 66 27.85 -13.33 -28.26
N ARG F 67 27.28 -12.64 -27.27
CA ARG F 67 25.83 -12.60 -27.09
C ARG F 67 25.48 -11.23 -26.51
N PHE F 68 26.55 -10.50 -26.21
CA PHE F 68 26.51 -9.20 -25.58
C PHE F 68 27.50 -8.31 -26.31
N THR F 69 27.13 -7.05 -26.50
CA THR F 69 28.05 -6.05 -27.02
C THR F 69 27.89 -4.70 -26.30
N ILE F 70 29.03 -4.05 -26.07
CA ILE F 70 29.07 -2.76 -25.39
C ILE F 70 29.43 -1.61 -26.35
N SER F 71 28.50 -0.66 -26.48
CA SER F 71 28.68 0.45 -27.42
C SER F 71 28.54 1.80 -26.72
N ARG F 72 29.41 2.73 -27.08
CA ARG F 72 29.32 4.11 -26.59
C ARG F 72 29.37 5.11 -27.74
N ASP F 73 28.76 6.27 -27.50
CA ASP F 73 28.84 7.44 -28.37
C ASP F 73 29.55 8.57 -27.59
N ASN F 74 30.88 8.60 -27.71
CA ASN F 74 31.75 9.54 -26.98
C ASN F 74 31.21 10.98 -26.96
N ALA F 75 30.30 11.27 -27.89
CA ALA F 75 29.62 12.56 -27.98
C ALA F 75 28.46 12.67 -26.98
N LYS F 76 27.36 11.97 -27.25
CA LYS F 76 26.10 12.21 -26.51
C LYS F 76 26.08 11.65 -25.07
N ASN F 77 27.28 11.34 -24.58
CA ASN F 77 27.52 10.94 -23.18
C ASN F 77 26.70 9.74 -22.67
N THR F 78 26.53 8.75 -23.56
CA THR F 78 25.75 7.56 -23.25
C THR F 78 26.55 6.27 -23.49
N LEU F 79 26.35 5.31 -22.58
CA LEU F 79 26.87 3.96 -22.69
C LEU F 79 25.72 3.00 -23.03
N TYR F 80 26.02 1.95 -23.78
CA TYR F 80 24.99 0.97 -24.12
C TYR F 80 25.48 -0.46 -23.92
N LEU F 81 24.55 -1.32 -23.48
CA LEU F 81 24.75 -2.77 -23.49
C LEU F 81 23.70 -3.41 -24.40
N GLN F 82 24.16 -4.03 -25.47
CA GLN F 82 23.26 -4.67 -26.41
C GLN F 82 23.25 -6.16 -26.13
N MET F 83 22.12 -6.66 -25.65
CA MET F 83 21.99 -8.06 -25.24
C MET F 83 21.13 -8.91 -26.16
N SER F 84 21.63 -10.09 -26.51
CA SER F 84 20.95 -10.92 -27.48
C SER F 84 21.23 -12.39 -27.28
N SER F 85 20.45 -13.26 -27.94
CA SER F 85 20.42 -14.69 -27.65
C SER F 85 20.50 -14.85 -26.14
N LEU F 86 19.46 -14.37 -25.49
CA LEU F 86 19.45 -14.20 -24.05
C LEU F 86 19.24 -15.49 -23.27
N LYS F 87 20.10 -15.70 -22.28
CA LYS F 87 19.98 -16.80 -21.35
C LYS F 87 19.23 -16.32 -20.10
N SER F 88 18.51 -17.25 -19.45
CA SER F 88 17.86 -17.03 -18.16
C SER F 88 18.82 -16.47 -17.14
N GLU F 89 20.09 -16.92 -17.22
CA GLU F 89 21.19 -16.48 -16.37
C GLU F 89 21.39 -14.96 -16.37
N ASP F 90 21.12 -14.33 -17.50
CA ASP F 90 21.38 -12.90 -17.64
C ASP F 90 20.41 -12.04 -16.83
N THR F 91 19.38 -12.65 -16.25
CA THR F 91 18.53 -12.01 -15.26
C THR F 91 19.41 -11.41 -14.19
N ALA F 92 19.15 -10.16 -13.86
CA ALA F 92 19.92 -9.42 -12.87
C ALA F 92 19.57 -7.95 -12.96
N MET F 93 19.89 -7.22 -11.88
CA MET F 93 19.91 -5.77 -11.92
C MET F 93 21.29 -5.40 -12.48
N TYR F 94 21.30 -4.49 -13.46
CA TYR F 94 22.51 -4.20 -14.25
C TYR F 94 23.06 -2.82 -13.96
N TYR F 95 24.24 -2.76 -13.35
CA TYR F 95 24.85 -1.48 -12.94
C TYR F 95 25.91 -0.96 -13.90
N CYS F 96 25.65 0.22 -14.49
CA CYS F 96 26.67 0.95 -15.24
C CYS F 96 27.59 1.59 -14.21
N ALA F 97 28.86 1.18 -14.24
CA ALA F 97 29.85 1.71 -13.31
C ALA F 97 31.08 2.18 -14.07
N ARG F 98 31.92 2.97 -13.40
CA ARG F 98 33.01 3.67 -14.06
C ARG F 98 34.32 3.46 -13.34
N PRO F 99 35.32 2.93 -14.05
CA PRO F 99 36.63 2.63 -13.49
C PRO F 99 37.38 3.90 -13.14
N ASP F 100 38.11 3.90 -12.03
CA ASP F 100 38.92 5.05 -11.64
C ASP F 100 40.13 5.19 -12.56
N TYR F 101 40.47 6.44 -12.84
CA TYR F 101 41.70 6.84 -13.56
C TYR F 101 42.77 5.75 -13.72
N ARG F 102 43.34 5.30 -12.60
CA ARG F 102 44.52 4.46 -12.59
C ARG F 102 44.27 3.17 -11.84
N SER F 103 43.46 3.26 -10.78
CA SER F 103 43.10 2.13 -9.94
C SER F 103 42.18 1.16 -10.68
N TYR F 104 41.43 1.69 -11.65
CA TYR F 104 40.40 0.94 -12.36
C TYR F 104 39.28 0.51 -11.41
N ALA F 105 39.52 0.74 -10.13
CA ALA F 105 38.52 0.57 -9.10
C ALA F 105 37.31 1.39 -9.47
N MET F 106 36.19 0.72 -9.71
CA MET F 106 34.98 1.41 -10.15
C MET F 106 34.49 2.40 -9.11
N ASP F 107 34.94 3.65 -9.22
CA ASP F 107 34.66 4.65 -8.20
C ASP F 107 33.31 5.35 -8.33
N TYR F 108 32.70 5.31 -9.51
CA TYR F 108 31.34 5.85 -9.63
C TYR F 108 30.35 4.94 -10.30
N TRP F 109 29.25 4.70 -9.58
CA TRP F 109 28.29 3.67 -9.93
C TRP F 109 26.91 4.24 -10.29
N GLY F 110 26.16 3.48 -11.08
CA GLY F 110 24.79 3.81 -11.42
C GLY F 110 23.78 3.35 -10.39
N GLN F 111 22.62 2.88 -10.84
CA GLN F 111 21.55 2.49 -9.95
C GLN F 111 20.85 1.20 -10.40
N GLY F 112 21.09 0.82 -11.65
CA GLY F 112 20.68 -0.49 -12.15
C GLY F 112 19.37 -0.54 -12.92
N THR F 113 19.13 -1.68 -13.58
CA THR F 113 17.90 -1.88 -14.34
C THR F 113 17.45 -3.33 -14.27
N SER F 114 16.21 -3.54 -13.83
CA SER F 114 15.64 -4.89 -13.71
C SER F 114 15.65 -5.61 -15.05
N VAL F 115 16.06 -6.87 -15.03
CA VAL F 115 15.96 -7.75 -16.18
C VAL F 115 15.52 -9.11 -15.66
N THR F 116 14.78 -9.83 -16.51
CA THR F 116 14.40 -11.21 -16.24
C THR F 116 14.03 -11.91 -17.55
N VAL F 117 14.30 -13.21 -17.59
CA VAL F 117 14.11 -13.97 -18.81
C VAL F 117 13.16 -15.12 -18.50
N SER F 118 11.86 -14.80 -18.46
CA SER F 118 10.84 -15.75 -17.99
C SER F 118 9.90 -16.28 -19.10
N SER F 119 10.21 -17.47 -19.62
CA SER F 119 9.39 -18.10 -20.64
C SER F 119 8.12 -18.68 -20.03
N LYS F 121 4.97 -13.01 -19.44
CA LYS F 121 3.61 -13.40 -19.07
C LYS F 121 3.09 -12.71 -17.80
N THR F 122 2.82 -11.41 -17.93
CA THR F 122 2.08 -10.65 -16.93
C THR F 122 1.03 -11.57 -16.31
N THR F 123 1.00 -11.69 -14.98
CA THR F 123 -0.09 -12.40 -14.26
C THR F 123 -0.49 -11.72 -12.93
N ALA F 124 -1.77 -11.84 -12.56
CA ALA F 124 -2.35 -11.02 -11.48
C ALA F 124 -2.42 -11.74 -10.12
N PRO F 125 -2.39 -10.95 -9.01
CA PRO F 125 -2.31 -11.44 -7.64
C PRO F 125 -3.60 -11.32 -6.82
N SER F 126 -4.22 -12.46 -6.53
CA SER F 126 -5.41 -12.51 -5.69
C SER F 126 -4.95 -12.23 -4.28
N VAL F 127 -5.38 -11.10 -3.72
CA VAL F 127 -4.97 -10.75 -2.36
C VAL F 127 -5.99 -11.29 -1.33
N TYR F 128 -5.77 -12.53 -0.89
CA TYR F 128 -6.63 -13.17 0.08
C TYR F 128 -6.44 -12.50 1.43
N PRO F 129 -7.55 -12.18 2.12
CA PRO F 129 -7.41 -11.53 3.42
C PRO F 129 -7.01 -12.56 4.47
N LEU F 130 -6.37 -12.14 5.55
CA LEU F 130 -5.99 -13.05 6.63
C LEU F 130 -6.49 -12.59 8.01
N ALA F 131 -7.64 -13.12 8.42
CA ALA F 131 -8.24 -12.83 9.73
C ALA F 131 -7.90 -13.91 10.75
N PRO F 132 -7.63 -13.51 12.01
CA PRO F 132 -7.04 -14.43 12.99
C PRO F 132 -7.90 -15.66 13.38
N VAL F 133 -7.71 -16.13 14.61
CA VAL F 133 -8.20 -17.43 15.05
C VAL F 133 -9.71 -17.69 14.93
N CYS F 134 -10.02 -18.71 14.12
CA CYS F 134 -11.36 -19.27 13.87
C CYS F 134 -12.37 -19.08 15.03
N GLY F 135 -11.95 -19.54 16.21
CA GLY F 135 -12.58 -19.21 17.48
C GLY F 135 -11.62 -18.33 18.25
N ASP F 136 -12.09 -17.14 18.62
CA ASP F 136 -11.27 -16.13 19.30
C ASP F 136 -10.60 -16.63 20.60
N THR F 137 -9.50 -15.98 20.98
CA THR F 137 -8.86 -16.17 22.30
C THR F 137 -8.05 -14.92 22.69
N THR F 138 -8.52 -13.75 22.22
CA THR F 138 -7.81 -12.46 22.31
C THR F 138 -6.92 -12.28 23.57
N GLY F 139 -5.66 -12.70 23.41
CA GLY F 139 -4.65 -12.77 24.49
C GLY F 139 -4.27 -11.44 25.10
N SER F 140 -3.77 -10.51 24.27
CA SER F 140 -3.44 -9.15 24.73
C SER F 140 -3.30 -8.11 23.60
N SER F 141 -2.58 -8.47 22.54
CA SER F 141 -2.41 -7.58 21.39
C SER F 141 -2.68 -8.29 20.06
N VAL F 142 -3.45 -7.62 19.19
CA VAL F 142 -3.93 -8.20 17.94
C VAL F 142 -2.89 -8.17 16.82
N THR F 143 -2.72 -9.29 16.12
CA THR F 143 -1.86 -9.36 14.92
C THR F 143 -2.59 -9.93 13.69
N LEU F 144 -2.40 -9.28 12.54
CA LEU F 144 -3.18 -9.57 11.34
C LEU F 144 -2.32 -9.70 10.09
N GLY F 145 -2.85 -10.35 9.08
CA GLY F 145 -2.12 -10.59 7.84
C GLY F 145 -2.82 -10.17 6.55
N CYS F 146 -2.16 -10.46 5.43
CA CYS F 146 -2.59 -10.06 4.08
C CYS F 146 -1.80 -10.93 3.08
N LEU F 147 -2.49 -11.78 2.32
CA LEU F 147 -1.80 -12.76 1.45
C LEU F 147 -1.94 -12.45 -0.03
N VAL F 148 -0.86 -12.61 -0.78
CA VAL F 148 -0.80 -12.30 -2.21
C VAL F 148 -0.10 -13.43 -2.98
N LYS F 149 -0.88 -14.28 -3.63
CA LYS F 149 -0.32 -15.50 -4.21
C LYS F 149 -0.46 -15.52 -5.74
N GLY F 150 0.20 -16.49 -6.38
CA GLY F 150 0.13 -16.76 -7.82
C GLY F 150 0.25 -15.62 -8.83
N TYR F 151 1.41 -14.97 -8.91
CA TYR F 151 1.58 -13.77 -9.78
C TYR F 151 2.86 -13.63 -10.61
N PHE F 152 2.93 -12.58 -11.44
CA PHE F 152 4.11 -12.28 -12.26
C PHE F 152 4.07 -10.91 -12.97
N PRO F 153 5.21 -10.21 -13.02
CA PRO F 153 6.41 -10.46 -12.21
C PRO F 153 6.56 -9.43 -11.09
N GLU F 154 7.76 -9.38 -10.51
CA GLU F 154 8.09 -8.38 -9.53
C GLU F 154 7.92 -7.01 -10.16
N PRO F 155 7.52 -6.01 -9.36
CA PRO F 155 7.15 -6.21 -7.97
C PRO F 155 5.64 -6.21 -7.83
N VAL F 156 5.19 -5.83 -6.63
CA VAL F 156 3.81 -5.49 -6.30
C VAL F 156 3.93 -4.64 -5.04
N THR F 157 3.00 -3.72 -4.83
CA THR F 157 3.06 -2.91 -3.60
C THR F 157 1.86 -3.17 -2.68
N LEU F 158 2.16 -3.80 -1.55
CA LEU F 158 1.22 -3.98 -0.45
C LEU F 158 1.43 -2.83 0.53
N THR F 159 0.33 -2.35 1.10
CA THR F 159 0.39 -1.47 2.26
C THR F 159 -0.84 -1.65 3.17
N TRP F 160 -0.75 -1.14 4.40
CA TRP F 160 -1.88 -1.13 5.33
C TRP F 160 -2.36 0.31 5.56
N ASN F 161 -3.66 0.52 5.40
CA ASN F 161 -4.31 1.83 5.47
C ASN F 161 -3.76 2.89 4.52
N SER F 162 -3.62 2.51 3.25
CA SER F 162 -3.13 3.37 2.17
C SER F 162 -1.68 3.82 2.39
N GLY F 163 -1.29 3.83 3.66
CA GLY F 163 0.06 4.17 4.11
C GLY F 163 0.02 4.58 5.57
N SER F 164 -1.19 4.84 6.06
CA SER F 164 -1.44 5.40 7.39
C SER F 164 -1.04 4.48 8.53
N LEU F 165 -0.94 3.19 8.23
CA LEU F 165 -0.46 2.23 9.20
C LEU F 165 0.86 1.66 8.69
N SER F 166 1.91 1.76 9.49
CA SER F 166 3.26 1.41 9.06
C SER F 166 4.09 0.81 10.17
N SER F 167 4.33 1.60 11.21
CA SER F 167 5.12 1.23 12.39
C SER F 167 4.98 -0.24 12.82
N GLY F 168 5.80 -1.11 12.26
CA GLY F 168 5.74 -2.55 12.58
C GLY F 168 4.98 -3.41 11.57
N VAL F 169 5.11 -3.08 10.29
CA VAL F 169 4.64 -3.93 9.19
C VAL F 169 5.75 -4.92 8.80
N HIS F 170 5.37 -6.02 8.16
CA HIS F 170 6.35 -7.00 7.68
C HIS F 170 5.94 -7.59 6.33
N THR F 171 6.65 -7.23 5.27
CA THR F 171 6.43 -7.83 3.95
C THR F 171 7.58 -8.75 3.53
N PHE F 172 7.27 -10.03 3.46
CA PHE F 172 8.28 -11.06 3.30
C PHE F 172 8.64 -11.22 1.83
N PRO F 173 9.94 -11.40 1.53
CA PRO F 173 10.42 -11.53 0.16
C PRO F 173 9.58 -12.53 -0.62
N ALA F 174 9.17 -12.15 -1.82
CA ALA F 174 8.35 -13.03 -2.65
C ALA F 174 9.03 -14.35 -2.95
N VAL F 175 8.24 -15.33 -3.39
CA VAL F 175 8.73 -16.69 -3.55
C VAL F 175 8.14 -17.33 -4.79
N LEU F 176 8.94 -18.14 -5.47
CA LEU F 176 8.51 -18.68 -6.76
C LEU F 176 7.92 -20.10 -6.74
N GLN F 177 6.60 -20.18 -6.62
CA GLN F 177 5.87 -21.43 -6.88
C GLN F 177 5.67 -21.61 -8.40
N SER F 178 6.41 -22.58 -8.94
CA SER F 178 6.57 -22.75 -10.38
C SER F 178 6.85 -21.40 -11.04
N ASP F 179 6.04 -21.05 -12.05
CA ASP F 179 6.26 -19.81 -12.78
C ASP F 179 5.39 -18.72 -12.20
N LEU F 180 5.08 -18.86 -10.91
CA LEU F 180 4.34 -17.83 -10.21
C LEU F 180 5.05 -17.45 -8.92
N TYR F 181 4.60 -16.35 -8.33
CA TYR F 181 5.21 -15.74 -7.16
C TYR F 181 4.27 -15.83 -5.98
N THR F 182 4.75 -15.46 -4.80
CA THR F 182 3.92 -15.49 -3.60
C THR F 182 4.46 -14.59 -2.53
N LEU F 183 3.57 -13.87 -1.85
CA LEU F 183 3.95 -12.91 -0.80
C LEU F 183 2.87 -12.77 0.29
N SER F 184 3.24 -12.10 1.39
CA SER F 184 2.32 -11.78 2.46
C SER F 184 2.94 -10.75 3.40
N SER F 185 2.11 -9.88 3.97
CA SER F 185 2.58 -8.96 5.01
C SER F 185 1.82 -9.09 6.33
N SER F 186 2.51 -8.77 7.42
CA SER F 186 1.91 -8.87 8.74
C SER F 186 1.95 -7.52 9.46
N VAL F 187 1.00 -7.33 10.39
CA VAL F 187 0.95 -6.12 11.20
C VAL F 187 0.37 -6.42 12.59
N THR F 188 0.85 -5.68 13.59
CA THR F 188 0.58 -5.96 15.00
C THR F 188 0.05 -4.74 15.78
N VAL F 189 -1.27 -4.73 16.00
CA VAL F 189 -2.03 -3.61 16.57
C VAL F 189 -2.38 -3.86 18.05
N THR F 190 -2.73 -2.80 18.78
CA THR F 190 -3.30 -2.92 20.12
C THR F 190 -4.68 -3.57 20.00
N SER F 191 -4.93 -4.59 20.81
CA SER F 191 -6.24 -5.23 20.88
C SER F 191 -7.37 -4.21 20.70
N SER F 192 -7.21 -3.05 21.36
CA SER F 192 -8.19 -1.97 21.36
C SER F 192 -8.50 -1.39 19.97
N THR F 193 -7.43 -1.15 19.19
CA THR F 193 -7.57 -0.45 17.91
C THR F 193 -8.13 -1.29 16.75
N TRP F 194 -7.86 -2.60 16.70
CA TRP F 194 -8.65 -3.39 15.76
C TRP F 194 -9.94 -3.83 16.44
N PRO F 195 -10.41 -5.06 16.16
CA PRO F 195 -11.84 -5.23 15.96
C PRO F 195 -12.52 -3.90 15.65
N SER F 196 -12.73 -3.07 16.68
CA SER F 196 -13.31 -1.71 16.56
C SER F 196 -12.99 -0.96 15.25
N GLN F 197 -11.87 -0.25 15.23
CA GLN F 197 -11.40 0.48 14.05
C GLN F 197 -10.81 -0.45 13.00
N SER F 198 -11.20 -0.22 11.74
CA SER F 198 -10.86 -1.07 10.61
C SER F 198 -9.45 -0.83 10.03
N ILE F 199 -8.94 -1.82 9.31
CA ILE F 199 -7.69 -1.70 8.55
C ILE F 199 -7.85 -2.35 7.18
N THR F 200 -7.98 -1.51 6.15
CA THR F 200 -8.10 -1.97 4.76
C THR F 200 -6.71 -2.20 4.15
N CYS F 201 -6.49 -3.43 3.66
CA CYS F 201 -5.17 -3.84 3.17
C CYS F 201 -4.99 -3.55 1.69
N ASN F 202 -4.25 -2.46 1.43
CA ASN F 202 -4.15 -1.86 0.10
C ASN F 202 -3.01 -2.41 -0.73
N VAL F 203 -3.36 -3.18 -1.74
CA VAL F 203 -2.36 -3.83 -2.58
C VAL F 203 -2.55 -3.50 -4.06
N ALA F 204 -1.42 -3.37 -4.77
CA ALA F 204 -1.40 -3.08 -6.21
C ALA F 204 -0.31 -3.83 -6.95
N HIS F 205 -0.64 -4.30 -8.16
CA HIS F 205 0.33 -4.91 -9.07
C HIS F 205 0.55 -3.97 -10.24
N PRO F 206 1.82 -3.65 -10.56
CA PRO F 206 2.05 -2.75 -11.70
C PRO F 206 1.72 -3.42 -13.04
N ALA F 207 2.34 -4.56 -13.33
CA ALA F 207 2.16 -5.20 -14.62
C ALA F 207 0.72 -5.67 -14.90
N SER F 208 -0.13 -5.65 -13.87
CA SER F 208 -1.56 -5.94 -14.05
C SER F 208 -2.39 -4.66 -13.95
N SER F 209 -2.14 -3.90 -12.88
CA SER F 209 -2.81 -2.62 -12.58
C SER F 209 -4.13 -2.80 -11.82
N THR F 210 -4.05 -3.24 -10.57
CA THR F 210 -5.24 -3.44 -9.73
C THR F 210 -5.11 -2.85 -8.33
N LYS F 211 -6.05 -1.97 -7.98
CA LYS F 211 -6.17 -1.38 -6.64
C LYS F 211 -7.24 -2.12 -5.81
N VAL F 212 -6.87 -3.28 -5.29
CA VAL F 212 -7.76 -4.09 -4.48
C VAL F 212 -7.35 -3.91 -3.01
N ASP F 213 -8.28 -3.44 -2.17
CA ASP F 213 -7.95 -2.99 -0.80
C ASP F 213 -8.84 -3.61 0.30
N LYS F 214 -8.45 -4.78 0.80
CA LYS F 214 -9.30 -5.62 1.67
C LYS F 214 -9.32 -5.24 3.16
N LYS F 215 -10.19 -5.90 3.93
CA LYS F 215 -10.30 -5.66 5.38
C LYS F 215 -10.75 -6.92 6.12
N GLN A 10 5.82 41.50 -15.42
CA GLN A 10 6.96 41.81 -16.32
C GLN A 10 7.35 43.29 -16.21
N GLY A 11 6.33 44.14 -16.01
CA GLY A 11 6.54 45.59 -15.87
C GLY A 11 5.40 46.26 -15.11
N ARG A 12 5.53 47.57 -14.92
CA ARG A 12 4.51 48.36 -14.23
C ARG A 12 3.16 48.27 -14.99
N GLY A 13 3.22 48.42 -16.32
CA GLY A 13 2.03 48.36 -17.16
C GLY A 13 1.21 47.12 -16.90
N ALA A 14 1.83 45.96 -17.07
CA ALA A 14 1.17 44.66 -16.86
C ALA A 14 0.59 44.50 -15.44
N TRP A 15 1.39 44.89 -14.44
CA TRP A 15 0.98 44.84 -13.04
C TRP A 15 -0.15 45.85 -12.83
N LEU A 16 0.02 47.10 -13.30
CA LEU A 16 -1.03 48.13 -13.12
C LEU A 16 -2.34 47.80 -13.88
N LEU A 17 -2.22 47.17 -15.05
CA LEU A 17 -3.40 46.77 -15.83
C LEU A 17 -4.18 45.78 -14.98
N MET A 18 -3.49 44.77 -14.45
CA MET A 18 -4.16 43.78 -13.61
C MET A 18 -4.69 44.38 -12.30
N ALA A 19 -3.89 45.23 -11.65
CA ALA A 19 -4.36 45.91 -10.43
C ALA A 19 -5.47 46.93 -10.77
N PHE A 20 -5.33 47.61 -11.91
CA PHE A 20 -6.36 48.57 -12.35
C PHE A 20 -7.63 47.78 -12.67
N THR A 21 -7.49 46.74 -13.50
CA THR A 21 -8.65 45.94 -13.92
C THR A 21 -9.52 45.47 -12.69
N ALA A 22 -8.86 45.08 -11.61
CA ALA A 22 -9.57 44.66 -10.40
C ALA A 22 -10.21 45.83 -9.63
N LEU A 23 -9.49 46.94 -9.46
CA LEU A 23 -10.06 48.11 -8.78
C LEU A 23 -11.31 48.52 -9.55
N ALA A 24 -11.22 48.43 -10.88
CA ALA A 24 -12.33 48.81 -11.76
C ALA A 24 -13.40 47.73 -11.79
N LEU A 25 -12.96 46.51 -12.13
CA LEU A 25 -13.86 45.35 -12.22
C LEU A 25 -14.51 45.11 -10.88
N GLU A 26 -13.71 45.18 -9.81
CA GLU A 26 -14.24 44.94 -8.48
C GLU A 26 -15.12 46.09 -7.90
N LEU A 27 -14.79 47.31 -8.26
CA LEU A 27 -15.59 48.44 -7.79
C LEU A 27 -16.99 48.31 -8.35
N THR A 28 -17.11 47.81 -9.60
CA THR A 28 -18.44 47.61 -10.21
C THR A 28 -19.34 46.93 -9.20
N ALA A 29 -18.72 46.12 -8.35
CA ALA A 29 -19.42 45.37 -7.33
C ALA A 29 -20.48 46.24 -6.63
N LEU A 30 -20.09 47.47 -6.27
CA LEU A 30 -20.96 48.40 -5.55
C LEU A 30 -22.21 48.79 -6.32
N TRP A 31 -22.05 49.01 -7.62
CA TRP A 31 -23.16 49.39 -8.51
C TRP A 31 -24.36 48.48 -8.29
N PHE A 32 -25.38 48.68 -9.12
CA PHE A 32 -26.62 47.91 -9.08
C PHE A 32 -27.21 47.80 -7.68
N GLN A 33 -27.90 46.68 -7.41
CA GLN A 33 -28.51 46.44 -6.09
C GLN A 33 -29.36 47.60 -5.64
N HIS A 34 -29.12 48.77 -6.22
CA HIS A 34 -29.81 49.97 -5.80
C HIS A 34 -31.23 50.20 -6.36
N VAL A 35 -31.39 50.19 -7.69
CA VAL A 35 -32.73 50.39 -8.26
C VAL A 35 -33.64 49.22 -7.92
N MET A 36 -33.09 48.00 -7.94
CA MET A 36 -33.86 46.80 -7.67
C MET A 36 -34.60 46.87 -6.26
N LEU A 37 -34.39 48.01 -5.59
CA LEU A 37 -35.01 48.34 -4.24
C LEU A 37 -35.47 46.88 -3.59
N LEU A 38 -34.21 46.24 -3.52
CA LEU A 38 -33.58 45.31 -2.51
C LEU A 38 -31.99 45.54 -2.69
N LYS A 39 -31.29 45.40 -1.57
CA LYS A 39 -29.84 45.48 -1.51
C LYS A 39 -29.28 44.22 -0.81
N PRO A 40 -28.57 43.38 -1.56
CA PRO A 40 -27.91 42.12 -1.07
C PRO A 40 -26.53 42.31 -0.40
N SER A 41 -26.09 41.24 0.26
CA SER A 41 -24.81 41.23 0.93
C SER A 41 -24.68 40.09 1.92
N VAL A 42 -23.78 39.16 1.61
CA VAL A 42 -23.57 37.97 2.46
C VAL A 42 -22.06 37.77 2.74
N LEU A 43 -21.55 36.55 2.47
CA LEU A 43 -20.11 36.22 2.67
C LEU A 43 -19.26 37.30 2.02
N CYS A 44 -19.89 38.17 1.25
CA CYS A 44 -19.24 39.25 0.53
C CYS A 44 -18.26 40.13 1.47
N ILE A 45 -18.33 39.95 2.78
CA ILE A 45 -17.41 40.68 3.65
C ILE A 45 -16.14 39.83 3.97
N TYR A 46 -16.34 38.52 3.99
CA TYR A 46 -15.24 37.59 4.20
C TYR A 46 -14.60 37.24 2.85
N GLU A 47 -15.39 37.36 1.78
CA GLU A 47 -14.95 37.06 0.43
C GLU A 47 -14.22 38.16 -0.29
N ARG A 48 -14.84 39.35 -0.42
CA ARG A 48 -14.21 40.43 -1.14
C ARG A 48 -12.80 40.52 -0.65
N VAL A 49 -12.57 39.92 0.51
CA VAL A 49 -11.25 39.88 1.15
C VAL A 49 -10.14 39.45 0.17
N ALA A 50 -10.42 38.50 -0.72
CA ALA A 50 -9.41 38.06 -1.70
C ALA A 50 -9.13 39.14 -2.78
N LEU A 51 -10.18 39.71 -3.38
CA LEU A 51 -9.99 40.77 -4.41
C LEU A 51 -9.18 41.97 -3.91
N PHE A 52 -9.35 42.36 -2.65
CA PHE A 52 -8.58 43.48 -2.09
C PHE A 52 -7.21 42.95 -1.64
N GLY A 53 -7.17 41.70 -1.20
CA GLY A 53 -5.93 41.06 -0.82
C GLY A 53 -5.07 41.02 -2.07
N VAL A 54 -5.73 40.85 -3.22
CA VAL A 54 -5.02 40.81 -4.52
C VAL A 54 -4.69 42.22 -5.03
N LEU A 55 -5.66 43.13 -4.97
CA LEU A 55 -5.41 44.53 -5.38
C LEU A 55 -4.38 45.11 -4.42
N GLY A 56 -4.60 44.88 -3.11
CA GLY A 56 -3.67 45.36 -2.07
C GLY A 56 -2.27 44.84 -2.35
N ALA A 57 -2.20 43.55 -2.70
CA ALA A 57 -0.94 42.89 -3.06
C ALA A 57 -0.38 43.37 -4.42
N ALA A 58 -1.26 43.42 -5.42
CA ALA A 58 -0.89 43.88 -6.78
C ALA A 58 -0.40 45.32 -6.76
N LEU A 59 -1.05 46.16 -5.94
CA LEU A 59 -0.65 47.57 -5.75
C LEU A 59 0.76 47.69 -5.14
N ILE A 60 1.07 46.92 -4.09
CA ILE A 60 2.42 46.97 -3.50
C ILE A 60 3.48 46.46 -4.48
N GLY A 61 3.14 45.40 -5.22
CA GLY A 61 4.03 44.84 -6.24
C GLY A 61 4.02 45.74 -7.46
N ALA A 62 2.95 46.54 -7.58
CA ALA A 62 2.80 47.48 -8.68
C ALA A 62 3.31 48.87 -8.28
N ILE A 63 3.60 49.08 -6.97
CA ILE A 63 4.11 50.39 -6.51
C ILE A 63 5.64 50.45 -6.57
N ALA A 64 6.23 49.24 -6.61
CA ALA A 64 7.69 49.08 -6.67
C ALA A 64 8.09 48.21 -7.87
N PRO A 65 7.53 48.52 -9.04
CA PRO A 65 7.82 47.78 -10.32
C PRO A 65 9.11 48.46 -11.00
N LYS A 66 9.41 47.89 -12.27
CA LYS A 66 10.35 47.74 -13.15
C LYS A 66 10.49 46.20 -12.66
N THR A 67 9.32 45.53 -12.38
CA THR A 67 9.24 44.12 -11.91
C THR A 67 10.59 43.65 -11.36
N PRO A 68 11.05 44.22 -10.25
CA PRO A 68 12.34 43.81 -9.72
C PRO A 68 12.26 42.66 -8.58
N LEU A 69 13.36 42.56 -7.85
CA LEU A 69 13.51 41.59 -6.78
C LEU A 69 12.31 41.57 -5.83
N ARG A 70 11.51 42.63 -5.89
CA ARG A 70 10.33 42.79 -5.04
C ARG A 70 9.11 41.89 -5.55
N TYR A 71 9.27 41.34 -6.74
CA TYR A 71 8.26 40.48 -7.34
C TYR A 71 7.71 39.46 -6.33
N VAL A 72 8.32 39.42 -5.15
CA VAL A 72 7.88 38.50 -4.12
C VAL A 72 6.38 38.53 -4.07
N ALA A 73 5.82 39.69 -4.42
CA ALA A 73 4.36 39.87 -4.45
C ALA A 73 3.64 38.64 -5.00
N MET A 74 4.37 37.80 -5.74
CA MET A 74 3.81 36.63 -6.34
C MET A 74 2.95 35.75 -5.29
N VAL A 75 3.61 35.32 -4.24
CA VAL A 75 2.97 34.49 -3.26
C VAL A 75 1.71 35.16 -2.69
N ILE A 76 1.88 36.31 -2.06
CA ILE A 76 0.76 37.01 -1.49
C ILE A 76 -0.42 37.13 -2.54
N TRP A 77 -0.06 37.35 -3.81
CA TRP A 77 -1.03 37.41 -4.93
C TRP A 77 -1.60 36.00 -5.13
N LEU A 78 -0.71 35.01 -5.04
CA LEU A 78 -1.13 33.61 -5.19
C LEU A 78 -2.14 33.31 -4.11
N TYR A 79 -1.73 33.47 -2.85
CA TYR A 79 -2.62 33.17 -1.71
C TYR A 79 -3.89 34.00 -1.73
N SER A 80 -3.73 35.31 -1.77
CA SER A 80 -4.88 36.23 -1.75
C SER A 80 -5.92 35.99 -2.87
N ALA A 81 -5.47 35.61 -4.06
CA ALA A 81 -6.40 35.33 -5.15
C ALA A 81 -6.94 33.91 -4.99
N PHE A 82 -6.09 33.01 -4.47
CA PHE A 82 -6.49 31.62 -4.23
C PHE A 82 -7.61 31.54 -3.21
N ARG A 83 -7.36 32.11 -2.02
CA ARG A 83 -8.36 32.13 -0.95
C ARG A 83 -9.71 32.52 -1.55
N GLY A 84 -9.71 33.05 -2.76
CA GLY A 84 -10.95 33.40 -3.40
C GLY A 84 -11.78 32.17 -3.74
N VAL A 85 -11.19 31.25 -4.52
CA VAL A 85 -11.92 30.07 -4.96
C VAL A 85 -12.59 29.37 -3.79
N GLN A 86 -11.86 29.13 -2.70
CA GLN A 86 -12.41 28.43 -1.54
C GLN A 86 -13.59 29.18 -0.87
N LEU A 87 -13.43 30.49 -0.68
CA LEU A 87 -14.50 31.33 -0.11
C LEU A 87 -15.73 31.42 -1.07
N THR A 88 -15.51 31.46 -2.40
CA THR A 88 -16.65 31.51 -3.35
C THR A 88 -17.23 30.14 -3.63
N TYR A 89 -16.37 29.14 -3.78
CA TYR A 89 -16.82 27.78 -4.09
C TYR A 89 -17.86 27.28 -3.07
N GLU A 90 -17.54 27.35 -1.79
CA GLU A 90 -18.47 26.92 -0.75
C GLU A 90 -19.71 27.77 -0.81
N HIS A 91 -19.57 28.99 -1.31
CA HIS A 91 -20.72 29.87 -1.47
C HIS A 91 -21.57 29.46 -2.69
N THR A 92 -20.94 28.88 -3.71
CA THR A 92 -21.69 28.47 -4.89
C THR A 92 -22.47 27.22 -4.54
N MET A 93 -21.96 26.52 -3.52
CA MET A 93 -22.61 25.33 -3.01
C MET A 93 -23.81 25.67 -2.08
N LEU A 94 -23.54 26.52 -1.09
CA LEU A 94 -24.54 26.90 -0.12
C LEU A 94 -25.90 27.32 -0.73
N GLN A 95 -25.93 28.40 -1.51
CA GLN A 95 -27.19 28.85 -2.16
C GLN A 95 -27.61 27.89 -3.24
N LEU A 96 -26.92 26.77 -3.33
CA LEU A 96 -27.25 25.76 -4.33
C LEU A 96 -27.64 24.46 -3.62
N TYR A 97 -27.40 24.47 -2.32
CA TYR A 97 -27.63 23.35 -1.47
C TYR A 97 -27.56 23.86 -0.04
N PRO A 98 -28.49 24.68 0.45
CA PRO A 98 -28.40 25.17 1.82
C PRO A 98 -28.46 23.95 2.74
N SER A 99 -28.34 24.17 4.05
CA SER A 99 -28.32 23.03 4.98
C SER A 99 -28.80 23.41 6.37
N PRO A 100 -28.08 24.29 7.04
CA PRO A 100 -28.39 24.78 8.42
C PRO A 100 -29.55 25.75 8.49
N PHE A 101 -30.65 25.30 9.08
CA PHE A 101 -31.86 26.11 9.25
C PHE A 101 -32.24 26.91 8.00
N ALA A 102 -33.51 26.81 7.60
CA ALA A 102 -33.95 27.54 6.43
C ALA A 102 -34.04 29.02 6.78
N THR A 103 -33.20 29.43 7.71
CA THR A 103 -33.18 30.80 8.16
C THR A 103 -31.58 31.15 8.32
N CYS A 104 -31.27 32.38 8.06
CA CYS A 104 -29.93 32.76 8.15
C CYS A 104 -29.71 33.82 9.35
N ASP A 105 -28.76 33.49 10.20
CA ASP A 105 -28.48 34.35 11.34
C ASP A 105 -26.99 34.70 11.49
N PHE A 106 -26.71 36.00 11.53
CA PHE A 106 -25.34 36.52 11.60
C PHE A 106 -24.49 35.90 10.49
N MET A 107 -24.33 34.57 10.52
CA MET A 107 -23.59 33.84 9.44
C MET A 107 -24.42 32.66 8.79
N VAL A 108 -24.99 31.78 9.63
CA VAL A 108 -25.77 30.60 9.18
C VAL A 108 -26.89 30.97 8.22
N LEU A 114 -8.81 44.99 16.90
CA LEU A 114 -8.62 44.64 15.48
C LEU A 114 -9.89 44.88 14.67
N PRO A 115 -10.26 46.13 14.45
CA PRO A 115 -11.46 46.50 13.67
C PRO A 115 -11.59 45.77 12.35
N LEU A 116 -12.61 46.18 11.58
CA LEU A 116 -12.83 45.60 10.27
C LEU A 116 -12.19 46.59 9.28
N ASP A 117 -12.05 47.86 9.74
CA ASP A 117 -11.42 48.94 8.95
C ASP A 117 -11.33 50.29 9.70
N LYS A 118 -10.38 51.14 9.24
CA LYS A 118 -10.14 52.45 9.91
C LYS A 118 -11.00 53.61 9.42
N TRP A 119 -10.65 54.23 8.27
CA TRP A 119 -11.35 55.42 7.75
C TRP A 119 -12.90 55.42 7.94
N VAL A 120 -13.54 54.26 7.70
CA VAL A 120 -14.97 54.05 7.99
C VAL A 120 -15.26 52.55 8.00
N PRO A 121 -16.09 52.10 8.92
CA PRO A 121 -16.41 50.68 9.03
C PRO A 121 -17.23 50.14 7.82
N GLN A 122 -17.87 51.06 7.12
CA GLN A 122 -18.75 50.74 5.99
C GLN A 122 -18.30 49.51 5.09
N VAL A 123 -17.08 49.03 5.28
CA VAL A 123 -16.61 47.88 4.49
C VAL A 123 -17.46 46.62 4.71
N PHE A 124 -17.81 46.32 5.97
CA PHE A 124 -18.66 45.14 6.29
C PHE A 124 -19.94 45.09 5.44
N VAL A 125 -20.29 43.87 5.00
CA VAL A 125 -21.50 43.66 4.21
C VAL A 125 -22.47 42.74 4.97
N ALA A 126 -23.77 43.02 4.83
CA ALA A 126 -24.79 42.26 5.54
C ALA A 126 -26.21 42.58 5.04
N SER A 127 -26.39 43.70 4.36
CA SER A 127 -27.72 44.11 3.85
C SER A 127 -28.81 44.13 4.93
N GLY A 128 -29.61 43.08 5.00
CA GLY A 128 -30.69 42.98 5.97
C GLY A 128 -31.47 41.69 5.78
N ASP A 129 -30.76 40.55 5.89
CA ASP A 129 -31.35 39.20 5.72
C ASP A 129 -30.95 38.55 4.38
N CYS A 130 -31.63 37.43 4.08
CA CYS A 130 -31.42 36.67 2.84
C CYS A 130 -32.50 37.02 1.82
N ALA A 131 -32.13 36.89 0.55
CA ALA A 131 -33.03 37.07 -0.53
C ALA A 131 -33.17 35.66 -1.04
N GLU A 132 -34.29 35.33 -1.63
CA GLU A 132 -34.49 33.98 -2.12
C GLU A 132 -35.39 34.01 -3.34
N ARG A 133 -36.36 34.92 -3.31
CA ARG A 133 -37.30 35.09 -4.43
C ARG A 133 -36.67 35.94 -5.52
N GLN A 134 -35.69 36.76 -5.13
CA GLN A 134 -34.98 37.61 -6.08
C GLN A 134 -35.97 38.36 -6.95
N TRP A 135 -35.47 39.21 -7.85
CA TRP A 135 -36.37 39.94 -8.78
C TRP A 135 -35.59 40.42 -10.01
N ASP A 136 -34.28 40.46 -9.89
CA ASP A 136 -33.40 40.84 -10.99
C ASP A 136 -33.63 39.91 -12.17
N PHE A 137 -33.70 40.51 -13.37
CA PHE A 137 -34.01 39.79 -14.62
C PHE A 137 -32.85 39.44 -15.57
N LEU A 138 -31.82 40.30 -15.57
CA LEU A 138 -30.59 40.10 -16.41
C LEU A 138 -29.39 39.69 -15.53
N GLY A 139 -29.07 40.46 -14.50
CA GLY A 139 -27.95 40.13 -13.62
C GLY A 139 -28.12 38.80 -12.90
N LEU A 140 -27.66 37.73 -13.56
CA LEU A 140 -27.76 36.39 -13.02
C LEU A 140 -27.38 36.39 -11.53
N GLU A 141 -26.14 35.99 -11.25
CA GLU A 141 -25.64 35.95 -9.87
C GLU A 141 -24.15 36.29 -9.86
N MET A 142 -23.65 36.67 -8.70
CA MET A 142 -22.24 37.03 -8.59
C MET A 142 -21.42 35.79 -8.36
N PRO A 143 -21.28 35.28 -7.15
CA PRO A 143 -20.45 34.08 -6.96
C PRO A 143 -20.45 33.20 -8.21
N GLN A 144 -21.59 33.17 -8.91
CA GLN A 144 -21.71 32.35 -10.11
C GLN A 144 -20.54 32.55 -11.08
N TRP A 145 -20.72 33.47 -12.03
CA TRP A 145 -19.67 33.74 -13.01
C TRP A 145 -18.46 34.21 -12.23
N LEU A 146 -18.75 35.04 -11.21
CA LEU A 146 -17.74 35.65 -10.32
C LEU A 146 -16.65 34.71 -9.83
N LEU A 147 -16.96 33.45 -9.59
CA LEU A 147 -15.94 32.46 -9.18
C LEU A 147 -15.00 32.19 -10.34
N GLY A 148 -15.57 31.92 -11.52
CA GLY A 148 -14.77 31.62 -12.71
C GLY A 148 -13.72 32.69 -12.98
N ILE A 149 -14.17 33.94 -13.05
CA ILE A 149 -13.27 35.06 -13.29
C ILE A 149 -12.16 35.14 -12.18
N PHE A 150 -12.50 34.76 -10.95
CA PHE A 150 -11.54 34.77 -9.85
C PHE A 150 -10.39 33.84 -10.16
N ILE A 151 -10.69 32.66 -10.70
CA ILE A 151 -9.64 31.74 -11.05
C ILE A 151 -8.88 32.40 -12.25
N ALA A 152 -9.65 33.00 -13.15
CA ALA A 152 -9.07 33.70 -14.31
C ALA A 152 -8.11 34.86 -13.94
N TYR A 153 -8.53 35.75 -13.05
CA TYR A 153 -7.68 36.87 -12.61
C TYR A 153 -6.50 36.28 -11.85
N LEU A 154 -6.82 35.34 -10.94
CA LEU A 154 -5.79 34.67 -10.14
C LEU A 154 -4.75 34.09 -11.05
N ILE A 155 -5.20 33.47 -12.14
CA ILE A 155 -4.26 32.84 -13.01
C ILE A 155 -3.48 33.95 -14.00
N VAL A 156 -4.26 34.69 -14.75
CA VAL A 156 -3.68 35.72 -15.59
C VAL A 156 -2.75 36.53 -14.71
N ALA A 157 -3.09 36.63 -13.41
CA ALA A 157 -2.29 37.37 -12.44
C ALA A 157 -1.16 36.57 -11.80
N VAL A 158 -1.47 35.42 -11.20
CA VAL A 158 -0.43 34.67 -10.54
C VAL A 158 0.29 33.79 -11.55
N LEU A 159 -0.48 33.23 -12.50
CA LEU A 159 0.05 32.24 -13.49
C LEU A 159 1.47 32.54 -14.00
N VAL A 160 1.96 33.77 -13.81
CA VAL A 160 3.35 34.11 -14.20
C VAL A 160 4.36 33.27 -13.39
N VAL A 161 3.98 32.81 -12.19
CA VAL A 161 4.90 31.96 -11.39
C VAL A 161 5.22 30.67 -12.16
N ILE A 162 4.41 30.33 -13.17
CA ILE A 162 4.68 29.12 -13.94
C ILE A 162 4.77 29.40 -15.46
N ASP B 21 -40.59 22.40 15.03
CA ASP B 21 -39.86 22.06 13.75
C ASP B 21 -40.87 21.77 12.64
N ILE B 22 -40.39 21.18 11.56
CA ILE B 22 -41.30 20.65 10.56
C ILE B 22 -41.80 19.31 11.13
N VAL B 23 -43.08 19.00 10.91
CA VAL B 23 -43.61 17.66 11.17
C VAL B 23 -44.00 16.85 9.93
N MET B 24 -43.28 15.77 9.72
CA MET B 24 -43.61 14.78 8.71
C MET B 24 -44.56 13.77 9.33
N SER B 25 -45.55 13.41 8.54
CA SER B 25 -46.62 12.54 8.95
C SER B 25 -47.07 11.78 7.71
N GLN B 26 -46.85 10.46 7.71
CA GLN B 26 -47.28 9.60 6.62
C GLN B 26 -48.60 8.87 6.96
N SER B 27 -49.40 8.59 5.94
CA SER B 27 -50.52 7.67 6.07
C SER B 27 -50.40 6.67 4.93
N PRO B 28 -50.80 5.40 5.16
CA PRO B 28 -51.30 4.82 6.40
C PRO B 28 -50.15 4.23 7.19
N SER B 29 -50.44 3.66 8.36
CA SER B 29 -49.45 2.91 9.12
C SER B 29 -49.00 1.67 8.35
N SER B 30 -49.96 0.94 7.80
CA SER B 30 -49.67 -0.33 7.11
C SER B 30 -50.35 -0.49 5.76
N LEU B 31 -49.69 -1.25 4.89
CA LEU B 31 -50.23 -1.66 3.59
C LEU B 31 -50.00 -3.14 3.32
N ALA B 32 -51.05 -3.81 2.87
CA ALA B 32 -50.90 -5.15 2.35
C ALA B 32 -50.99 -5.09 0.83
N VAL B 33 -50.30 -6.01 0.16
CA VAL B 33 -50.40 -6.13 -1.31
C VAL B 33 -49.87 -7.50 -1.81
N SER B 34 -50.52 -8.04 -2.83
CA SER B 34 -50.08 -9.29 -3.42
C SER B 34 -48.90 -8.99 -4.34
N ALA B 35 -47.90 -9.86 -4.25
CA ALA B 35 -46.56 -9.61 -4.83
C ALA B 35 -46.55 -9.27 -6.32
N GLY B 36 -46.58 -7.98 -6.65
CA GLY B 36 -46.42 -7.55 -8.04
C GLY B 36 -47.30 -6.38 -8.39
N GLU B 37 -47.82 -5.72 -7.36
CA GLU B 37 -48.78 -4.64 -7.54
C GLU B 37 -48.18 -3.23 -7.48
N LYS B 38 -49.04 -2.23 -7.71
CA LYS B 38 -48.67 -0.83 -7.51
C LYS B 38 -49.18 -0.34 -6.16
N VAL B 39 -48.28 0.29 -5.40
CA VAL B 39 -48.61 0.88 -4.10
C VAL B 39 -48.04 2.28 -4.09
N THR B 40 -48.83 3.20 -3.56
CA THR B 40 -48.45 4.59 -3.48
C THR B 40 -48.81 5.14 -2.11
N MET B 41 -47.90 5.01 -1.13
CA MET B 41 -48.16 5.65 0.17
C MET B 41 -47.77 7.14 0.17
N SER B 42 -48.27 7.89 1.14
CA SER B 42 -48.14 9.34 1.12
C SER B 42 -47.43 9.92 2.31
N CYS B 43 -46.60 10.94 2.03
CA CYS B 43 -45.90 11.71 3.04
C CYS B 43 -46.28 13.17 2.91
N LYS B 44 -46.83 13.74 3.99
CA LYS B 44 -47.16 15.16 4.04
C LYS B 44 -46.40 15.91 5.13
N SER B 45 -45.78 17.02 4.76
CA SER B 45 -45.02 17.82 5.72
C SER B 45 -45.76 19.10 6.12
N SER B 46 -45.53 19.55 7.35
CA SER B 46 -46.22 20.70 7.90
C SER B 46 -45.84 22.02 7.23
N GLN B 47 -44.64 22.03 6.65
CA GLN B 47 -44.04 23.22 6.08
C GLN B 47 -43.74 22.95 4.64
N SER B 48 -43.98 23.92 3.76
CA SER B 48 -43.64 23.66 2.36
C SER B 48 -42.16 23.40 2.21
N LEU B 49 -41.80 22.51 1.29
CA LEU B 49 -40.41 22.10 1.13
C LEU B 49 -39.73 22.64 -0.15
N LEU B 50 -40.30 23.68 -0.76
CA LEU B 50 -39.77 24.25 -2.00
C LEU B 50 -38.83 25.45 -1.75
N ASN B 51 -37.71 25.48 -2.46
CA ASN B 51 -36.93 26.70 -2.56
C ASN B 51 -37.48 27.60 -3.67
N SER B 52 -37.30 28.91 -3.51
CA SER B 52 -37.54 29.81 -4.63
C SER B 52 -36.55 29.44 -5.76
N ARG B 53 -35.24 29.48 -5.48
CA ARG B 53 -34.24 29.08 -6.48
C ARG B 53 -34.12 27.55 -6.63
N THR B 54 -34.43 27.14 -7.86
CA THR B 54 -34.67 25.74 -8.28
C THR B 54 -35.87 25.12 -7.60
N ARG B 55 -36.77 24.59 -8.40
CA ARG B 55 -37.70 23.57 -7.90
C ARG B 55 -36.81 22.48 -7.32
N LYS B 56 -36.72 22.48 -6.00
CA LYS B 56 -35.86 21.56 -5.28
C LYS B 56 -36.64 21.23 -4.03
N ASN B 57 -37.16 20.01 -3.95
CA ASN B 57 -38.14 19.77 -2.91
C ASN B 57 -37.68 19.11 -1.62
N TYR B 58 -36.37 18.99 -1.45
CA TYR B 58 -35.75 18.75 -0.12
C TYR B 58 -36.39 17.69 0.81
N LEU B 59 -36.98 16.68 0.17
CA LEU B 59 -37.54 15.58 0.89
C LEU B 59 -36.87 14.33 0.39
N ALA B 60 -36.53 13.44 1.32
CA ALA B 60 -36.08 12.10 0.96
C ALA B 60 -37.02 10.99 1.46
N TRP B 61 -36.95 9.84 0.78
CA TRP B 61 -37.63 8.61 1.16
C TRP B 61 -36.59 7.56 1.49
N TYR B 62 -36.64 7.01 2.70
CA TYR B 62 -35.73 5.92 3.08
C TYR B 62 -36.53 4.67 3.31
N GLN B 63 -36.09 3.57 2.72
CA GLN B 63 -36.68 2.29 3.04
C GLN B 63 -35.82 1.65 4.11
N GLN B 64 -36.46 0.86 4.99
CA GLN B 64 -35.74 0.19 6.08
C GLN B 64 -36.27 -1.20 6.25
N LYS B 65 -35.44 -2.19 5.91
CA LYS B 65 -35.85 -3.60 5.98
C LYS B 65 -35.88 -4.12 7.43
N PRO B 66 -36.64 -5.21 7.70
CA PRO B 66 -36.74 -5.68 9.08
C PRO B 66 -35.36 -5.93 9.73
N GLY B 67 -35.09 -5.17 10.79
CA GLY B 67 -33.83 -5.24 11.50
C GLY B 67 -32.71 -4.94 10.53
N GLN B 68 -32.72 -3.71 10.03
CA GLN B 68 -31.65 -3.16 9.18
C GLN B 68 -31.57 -1.65 9.26
N SER B 69 -30.40 -1.14 8.96
CA SER B 69 -30.24 0.28 8.83
C SER B 69 -31.07 0.73 7.61
N PRO B 70 -31.79 1.87 7.73
CA PRO B 70 -32.49 2.41 6.58
C PRO B 70 -31.59 2.52 5.36
N LYS B 71 -32.14 2.39 4.15
CA LYS B 71 -31.41 2.62 2.88
C LYS B 71 -31.96 3.85 2.16
N LEU B 72 -31.08 4.64 1.55
CA LEU B 72 -31.54 5.80 0.76
C LEU B 72 -32.22 5.30 -0.52
N LEU B 73 -33.30 5.96 -0.89
CA LEU B 73 -34.19 5.43 -1.94
C LEU B 73 -34.46 6.47 -3.01
N ILE B 74 -34.88 7.65 -2.57
CA ILE B 74 -35.16 8.76 -3.44
C ILE B 74 -34.68 9.99 -2.70
N TYR B 75 -33.88 10.83 -3.36
CA TYR B 75 -33.68 12.16 -2.81
C TYR B 75 -34.34 13.29 -3.60
N TRP B 76 -34.19 14.50 -3.07
CA TRP B 76 -34.82 15.71 -3.63
C TRP B 76 -36.33 15.67 -3.80
N ALA B 77 -36.87 14.57 -4.32
CA ALA B 77 -38.29 14.19 -4.17
C ALA B 77 -38.65 13.23 -5.26
N SER B 78 -38.02 13.50 -6.41
CA SER B 78 -38.19 12.78 -7.66
C SER B 78 -37.04 11.81 -7.89
N THR B 79 -35.82 12.32 -7.77
CA THR B 79 -34.60 11.61 -8.23
C THR B 79 -34.22 10.37 -7.41
N ARG B 80 -34.09 9.24 -8.13
CA ARG B 80 -33.75 7.96 -7.54
C ARG B 80 -32.25 7.83 -7.34
N GLU B 81 -31.85 6.86 -6.52
CA GLU B 81 -30.45 6.75 -6.12
C GLU B 81 -29.77 5.47 -6.61
N SER B 82 -28.46 5.58 -6.90
CA SER B 82 -27.64 4.50 -7.47
C SER B 82 -28.14 3.09 -7.17
N GLY B 83 -28.79 2.49 -8.16
CA GLY B 83 -29.32 1.14 -8.02
C GLY B 83 -30.72 1.07 -7.39
N VAL B 84 -31.50 2.13 -7.58
CA VAL B 84 -32.92 2.07 -7.28
C VAL B 84 -33.62 1.64 -8.56
N PRO B 85 -34.33 0.52 -8.51
CA PRO B 85 -35.17 0.11 -9.65
C PRO B 85 -36.30 1.12 -9.94
N ASP B 86 -36.43 1.48 -11.21
CA ASP B 86 -37.38 2.49 -11.71
C ASP B 86 -38.72 2.45 -10.99
N ARG B 87 -39.06 1.26 -10.47
CA ARG B 87 -40.37 0.95 -9.89
C ARG B 87 -40.74 1.81 -8.69
N PHE B 88 -39.76 2.14 -7.86
CA PHE B 88 -39.99 3.12 -6.80
C PHE B 88 -39.99 4.44 -7.52
N THR B 89 -41.05 5.22 -7.33
CA THR B 89 -41.11 6.57 -7.93
C THR B 89 -41.48 7.60 -6.89
N GLY B 90 -40.90 8.78 -7.02
CA GLY B 90 -41.17 9.87 -6.08
C GLY B 90 -41.87 11.00 -6.78
N SER B 91 -43.12 11.22 -6.43
CA SER B 91 -43.83 12.37 -6.90
C SER B 91 -43.99 13.25 -5.68
N GLY B 92 -44.62 14.41 -5.86
CA GLY B 92 -44.92 15.27 -4.73
C GLY B 92 -44.24 16.61 -4.90
N SER B 93 -44.70 17.60 -4.14
CA SER B 93 -44.23 18.96 -4.32
C SER B 93 -45.00 19.91 -3.41
N GLY B 94 -44.26 20.79 -2.75
CA GLY B 94 -44.85 21.62 -1.71
C GLY B 94 -44.89 20.83 -0.42
N THR B 95 -46.09 20.58 0.09
CA THR B 95 -46.25 19.89 1.36
C THR B 95 -46.72 18.44 1.17
N ASP B 96 -46.62 17.92 -0.06
CA ASP B 96 -47.42 16.75 -0.48
C ASP B 96 -46.72 15.70 -1.28
N PHE B 97 -46.06 14.79 -0.61
CA PHE B 97 -45.27 13.81 -1.33
C PHE B 97 -45.88 12.43 -1.28
N THR B 98 -45.57 11.64 -2.32
CA THR B 98 -46.11 10.31 -2.49
C THR B 98 -45.03 9.37 -3.05
N LEU B 99 -44.89 8.21 -2.43
CA LEU B 99 -43.97 7.20 -2.93
C LEU B 99 -44.77 6.08 -3.54
N THR B 100 -44.29 5.61 -4.68
CA THR B 100 -45.03 4.63 -5.49
C THR B 100 -44.15 3.47 -6.00
N ILE B 101 -44.49 2.25 -5.58
CA ILE B 101 -43.69 1.08 -5.90
C ILE B 101 -44.51 0.14 -6.75
N SER B 102 -44.17 0.08 -8.04
CA SER B 102 -44.83 -0.86 -8.96
C SER B 102 -44.09 -2.20 -8.98
N SER B 103 -44.85 -3.27 -9.18
CA SER B 103 -44.31 -4.63 -9.31
C SER B 103 -43.62 -5.10 -8.03
N VAL B 104 -44.36 -5.01 -6.93
CA VAL B 104 -43.84 -5.34 -5.59
C VAL B 104 -43.22 -6.73 -5.50
N GLN B 105 -41.89 -6.77 -5.54
CA GLN B 105 -41.22 -8.02 -5.25
C GLN B 105 -41.33 -8.38 -3.78
N ALA B 106 -40.90 -9.60 -3.47
CA ALA B 106 -41.04 -10.15 -2.13
C ALA B 106 -40.07 -9.46 -1.18
N GLU B 107 -38.91 -9.10 -1.73
CA GLU B 107 -37.84 -8.40 -1.02
C GLU B 107 -38.14 -6.90 -1.04
N ASP B 108 -39.37 -6.56 -0.67
CA ASP B 108 -39.81 -5.18 -0.54
C ASP B 108 -40.60 -5.07 0.74
N LEU B 109 -40.41 -6.03 1.63
CA LEU B 109 -40.99 -5.95 2.95
C LEU B 109 -40.21 -4.91 3.76
N ALA B 110 -40.88 -3.82 4.12
CA ALA B 110 -40.16 -2.74 4.76
C ALA B 110 -41.07 -1.69 5.39
N VAL B 111 -40.48 -0.85 6.23
CA VAL B 111 -41.10 0.41 6.53
C VAL B 111 -40.39 1.50 5.71
N TYR B 112 -41.19 2.40 5.16
CA TYR B 112 -40.74 3.45 4.26
C TYR B 112 -40.91 4.80 4.96
N TYR B 113 -39.78 5.48 5.12
CA TYR B 113 -39.73 6.67 5.95
C TYR B 113 -39.47 7.85 5.04
N CYS B 114 -40.18 8.95 5.27
CA CYS B 114 -39.84 10.14 4.53
C CYS B 114 -39.09 11.03 5.48
N LYS B 115 -38.13 11.78 4.94
CA LYS B 115 -37.34 12.73 5.73
C LYS B 115 -37.38 14.08 5.06
N GLN B 116 -37.52 15.13 5.86
CA GLN B 116 -37.32 16.45 5.32
C GLN B 116 -35.91 16.88 5.65
N SER B 117 -35.30 17.60 4.71
CA SER B 117 -33.98 18.18 4.94
C SER B 117 -33.98 19.67 4.56
N TYR B 118 -35.14 20.31 4.67
CA TYR B 118 -35.27 21.73 4.34
C TYR B 118 -34.89 22.56 5.52
N ASN B 119 -35.17 22.12 6.72
CA ASN B 119 -34.73 22.85 7.90
C ASN B 119 -34.58 21.88 9.02
N LEU B 120 -33.32 21.52 9.25
CA LEU B 120 -32.92 20.38 10.07
C LEU B 120 -33.41 19.07 9.42
N TYR B 121 -33.31 17.95 10.11
CA TYR B 121 -33.74 16.69 9.57
C TYR B 121 -34.94 16.17 10.36
N THR B 122 -36.13 16.09 9.78
CA THR B 122 -37.20 15.29 10.43
C THR B 122 -37.70 14.13 9.58
N PHE B 123 -38.25 13.13 10.28
CA PHE B 123 -38.73 11.87 9.66
C PHE B 123 -40.26 11.74 9.80
N GLY B 124 -40.86 10.96 8.93
CA GLY B 124 -42.26 10.60 9.08
C GLY B 124 -42.29 9.50 10.11
N GLY B 125 -43.48 9.02 10.41
CA GLY B 125 -43.64 7.96 11.37
C GLY B 125 -43.31 6.59 10.78
N GLY B 126 -43.61 6.42 9.50
CA GLY B 126 -43.32 5.17 8.84
C GLY B 126 -44.59 4.57 8.30
N THR B 127 -44.44 3.73 7.28
CA THR B 127 -45.54 3.04 6.62
C THR B 127 -45.01 1.64 6.42
N LYS B 128 -45.64 0.67 7.08
CA LYS B 128 -45.23 -0.73 6.95
C LYS B 128 -45.88 -1.40 5.73
N LEU B 129 -45.07 -1.74 4.73
CA LEU B 129 -45.55 -2.46 3.55
C LEU B 129 -45.37 -3.96 3.73
N GLU B 130 -46.34 -4.60 4.38
CA GLU B 130 -46.31 -6.05 4.60
C GLU B 130 -46.98 -6.82 3.46
N ILE B 131 -46.37 -7.93 3.05
CA ILE B 131 -46.84 -8.69 1.89
C ILE B 131 -48.03 -9.61 2.19
N LYS B 132 -48.86 -9.80 1.16
CA LYS B 132 -49.88 -10.83 1.10
C LYS B 132 -49.21 -12.11 0.63
N ALA B 134 -50.71 -16.43 -0.63
CA ALA B 134 -51.51 -17.64 -0.39
C ALA B 134 -50.98 -18.43 0.80
N ASP B 135 -51.89 -19.04 1.55
CA ASP B 135 -51.58 -19.69 2.83
C ASP B 135 -50.50 -20.79 2.71
N ALA B 136 -49.92 -21.19 3.85
CA ALA B 136 -49.06 -22.39 3.92
C ALA B 136 -49.10 -23.04 5.33
N ALA B 137 -48.71 -24.31 5.39
CA ALA B 137 -48.78 -25.12 6.62
C ALA B 137 -47.60 -24.92 7.58
N PRO B 138 -47.88 -24.53 8.83
CA PRO B 138 -46.85 -24.37 9.89
C PRO B 138 -46.09 -25.65 10.12
N THR B 139 -44.78 -25.56 10.39
CA THR B 139 -43.91 -26.73 10.45
C THR B 139 -43.32 -26.98 11.86
N VAL B 140 -44.13 -27.51 12.79
CA VAL B 140 -43.69 -27.62 14.21
C VAL B 140 -42.59 -28.66 14.45
N SER B 141 -41.92 -28.53 15.61
CA SER B 141 -40.78 -29.36 16.01
C SER B 141 -40.46 -29.08 17.48
N ILE B 142 -40.62 -30.07 18.36
CA ILE B 142 -40.44 -29.87 19.81
C ILE B 142 -39.01 -30.11 20.32
N PHE B 143 -38.64 -29.33 21.34
CA PHE B 143 -37.28 -29.30 21.87
C PHE B 143 -37.23 -29.36 23.41
N PRO B 144 -36.73 -30.49 23.96
CA PRO B 144 -36.60 -30.73 25.40
C PRO B 144 -35.60 -29.78 26.04
N PRO B 145 -35.65 -29.62 27.37
CA PRO B 145 -34.61 -28.90 28.10
C PRO B 145 -33.20 -29.31 27.69
N SER B 146 -32.21 -28.48 28.02
CA SER B 146 -30.80 -28.86 27.82
C SER B 146 -30.16 -29.27 29.13
N SER B 147 -29.49 -30.43 29.10
CA SER B 147 -28.78 -30.98 30.25
C SER B 147 -28.36 -29.89 31.24
N GLU B 148 -27.55 -28.94 30.77
CA GLU B 148 -26.94 -27.93 31.65
C GLU B 148 -27.96 -27.01 32.29
N GLN B 149 -28.99 -26.61 31.53
CA GLN B 149 -30.10 -25.81 32.06
C GLN B 149 -30.66 -26.50 33.31
N LEU B 150 -30.84 -27.82 33.19
CA LEU B 150 -31.37 -28.66 34.25
C LEU B 150 -30.41 -28.68 35.41
N THR B 151 -29.18 -29.16 35.17
CA THR B 151 -28.16 -29.28 36.21
C THR B 151 -27.75 -27.91 36.79
N SER B 152 -28.34 -26.85 36.24
CA SER B 152 -28.23 -25.51 36.80
C SER B 152 -29.59 -24.99 37.34
N GLY B 153 -30.51 -25.92 37.60
CA GLY B 153 -31.68 -25.64 38.45
C GLY B 153 -32.94 -25.11 37.79
N GLY B 154 -33.12 -25.44 36.52
CA GLY B 154 -34.32 -25.02 35.78
C GLY B 154 -34.61 -25.92 34.59
N ALA B 155 -35.78 -25.75 33.99
CA ALA B 155 -36.19 -26.58 32.85
C ALA B 155 -37.18 -25.87 31.93
N SER B 156 -36.84 -25.76 30.65
CA SER B 156 -37.68 -25.06 29.67
C SER B 156 -37.87 -25.89 28.42
N VAL B 157 -39.11 -25.95 27.94
CA VAL B 157 -39.43 -26.75 26.75
C VAL B 157 -40.07 -25.89 25.65
N VAL B 158 -39.50 -25.93 24.44
CA VAL B 158 -39.90 -25.07 23.32
C VAL B 158 -40.26 -25.84 22.04
N CYS B 159 -41.20 -25.32 21.26
CA CYS B 159 -41.37 -25.77 19.89
C CYS B 159 -41.53 -24.61 18.90
N PHE B 160 -40.78 -24.70 17.81
CA PHE B 160 -40.81 -23.72 16.74
C PHE B 160 -41.90 -24.04 15.75
N LEU B 161 -42.52 -22.99 15.21
CA LEU B 161 -43.55 -23.13 14.19
C LEU B 161 -43.08 -22.41 12.93
N ASN B 162 -42.15 -23.01 12.23
CA ASN B 162 -41.52 -22.32 11.11
C ASN B 162 -42.45 -22.16 9.90
N ASN B 163 -42.16 -21.14 9.09
CA ASN B 163 -42.71 -20.93 7.74
C ASN B 163 -44.21 -20.99 7.49
N PHE B 164 -45.02 -20.48 8.44
CA PHE B 164 -46.47 -20.50 8.23
C PHE B 164 -47.03 -19.17 7.74
N TYR B 165 -48.30 -19.18 7.33
CA TYR B 165 -49.00 -18.01 6.79
C TYR B 165 -50.48 -18.37 6.56
N PRO B 166 -51.42 -17.51 7.02
CA PRO B 166 -51.31 -16.22 7.68
C PRO B 166 -50.86 -16.30 9.14
N LYS B 167 -50.74 -15.12 9.76
CA LYS B 167 -50.26 -14.90 11.13
C LYS B 167 -50.95 -15.81 12.16
N ASP B 168 -52.26 -15.97 12.00
CA ASP B 168 -53.09 -16.58 13.04
C ASP B 168 -52.87 -18.07 13.21
N ILE B 169 -52.42 -18.43 14.42
CA ILE B 169 -52.08 -19.80 14.79
C ILE B 169 -52.24 -19.96 16.31
N ASN B 170 -53.20 -20.80 16.72
CA ASN B 170 -53.39 -21.08 18.14
C ASN B 170 -52.64 -22.35 18.53
N VAL B 171 -51.49 -22.14 19.19
CA VAL B 171 -50.59 -23.23 19.58
C VAL B 171 -50.88 -23.67 21.01
N LYS B 172 -51.23 -24.95 21.15
CA LYS B 172 -51.69 -25.51 22.42
C LYS B 172 -50.75 -26.60 22.92
N TRP B 173 -50.20 -26.39 24.13
CA TRP B 173 -49.32 -27.38 24.78
C TRP B 173 -50.12 -28.50 25.46
N LYS B 174 -49.58 -29.73 25.42
CA LYS B 174 -50.19 -30.91 26.07
C LYS B 174 -49.19 -31.65 26.96
N ILE B 175 -49.56 -31.83 28.22
CA ILE B 175 -48.82 -32.74 29.09
C ILE B 175 -49.57 -34.08 29.07
N ASP B 176 -49.03 -35.02 28.30
CA ASP B 176 -49.65 -36.33 27.95
C ASP B 176 -51.10 -36.27 27.44
N GLY B 177 -51.82 -35.21 27.81
CA GLY B 177 -53.23 -35.01 27.46
C GLY B 177 -53.85 -33.91 28.34
N SER B 178 -53.39 -33.84 29.59
CA SER B 178 -53.78 -32.80 30.55
C SER B 178 -53.11 -31.47 30.17
N GLU B 179 -53.91 -30.44 29.96
CA GLU B 179 -53.40 -29.21 29.35
C GLU B 179 -53.39 -27.98 30.27
N ARG B 180 -52.24 -27.71 30.88
CA ARG B 180 -52.00 -26.49 31.68
C ARG B 180 -51.38 -25.33 30.85
N GLN B 181 -51.47 -24.11 31.36
CA GLN B 181 -51.11 -22.94 30.54
C GLN B 181 -50.16 -21.91 31.18
N ASN B 182 -50.34 -21.61 32.47
CA ASN B 182 -49.51 -20.61 33.18
C ASN B 182 -47.98 -20.75 32.98
N GLY B 183 -47.42 -19.91 32.12
CA GLY B 183 -45.98 -19.92 31.82
C GLY B 183 -45.66 -20.41 30.42
N VAL B 184 -46.30 -19.83 29.43
CA VAL B 184 -46.17 -20.24 28.02
C VAL B 184 -46.08 -19.01 27.10
N LEU B 185 -44.86 -18.52 26.89
CA LEU B 185 -44.63 -17.23 26.21
C LEU B 185 -44.08 -17.34 24.78
N ASN B 186 -44.82 -16.74 23.83
CA ASN B 186 -44.58 -16.89 22.40
C ASN B 186 -43.77 -15.76 21.76
N SER B 187 -43.53 -15.90 20.45
CA SER B 187 -43.12 -14.77 19.60
C SER B 187 -43.11 -15.09 18.11
N TRP B 188 -43.83 -14.26 17.35
CA TRP B 188 -43.91 -14.36 15.91
C TRP B 188 -42.79 -13.51 15.35
N THR B 189 -42.00 -14.05 14.41
CA THR B 189 -41.11 -13.19 13.65
C THR B 189 -42.01 -12.24 12.86
N ASP B 190 -41.52 -11.04 12.61
CA ASP B 190 -42.15 -10.17 11.66
C ASP B 190 -41.90 -10.83 10.30
N GLN B 191 -42.97 -11.02 9.54
CA GLN B 191 -42.98 -11.66 8.21
C GLN B 191 -41.62 -11.72 7.46
N ASP B 192 -41.27 -12.91 6.98
CA ASP B 192 -40.05 -13.16 6.19
C ASP B 192 -40.03 -12.27 4.95
N SER B 193 -38.84 -11.99 4.41
CA SER B 193 -38.72 -11.11 3.25
C SER B 193 -38.45 -11.85 1.92
N LYS B 194 -37.76 -12.98 2.02
CA LYS B 194 -37.51 -13.83 0.85
C LYS B 194 -38.76 -14.66 0.55
N ASP B 195 -39.18 -15.43 1.54
CA ASP B 195 -40.34 -16.31 1.43
C ASP B 195 -41.63 -15.61 1.84
N SER B 196 -41.52 -14.51 2.57
CA SER B 196 -42.66 -13.66 2.91
C SER B 196 -43.74 -14.33 3.76
N THR B 197 -43.32 -15.15 4.71
CA THR B 197 -44.25 -15.83 5.60
C THR B 197 -43.78 -15.83 7.06
N TYR B 198 -44.70 -15.60 8.00
CA TYR B 198 -44.41 -15.58 9.43
C TYR B 198 -43.66 -16.82 9.95
N SER B 199 -43.33 -16.79 11.24
CA SER B 199 -42.85 -17.94 12.01
C SER B 199 -43.35 -17.75 13.43
N MET B 200 -42.96 -18.60 14.37
CA MET B 200 -43.37 -18.44 15.77
C MET B 200 -42.55 -19.34 16.67
N SER B 201 -42.60 -19.11 17.99
CA SER B 201 -41.91 -19.97 18.97
C SER B 201 -42.47 -19.85 20.38
N SER B 202 -43.16 -20.91 20.83
CA SER B 202 -43.70 -20.96 22.18
C SER B 202 -42.76 -21.65 23.16
N THR B 203 -42.67 -21.10 24.37
CA THR B 203 -41.77 -21.61 25.39
C THR B 203 -42.52 -21.90 26.68
N LEU B 204 -42.58 -23.17 27.02
CA LEU B 204 -43.10 -23.60 28.29
C LEU B 204 -41.94 -23.66 29.28
N THR B 205 -42.06 -22.92 30.37
CA THR B 205 -40.94 -22.72 31.27
C THR B 205 -41.27 -23.08 32.73
N LEU B 206 -40.78 -24.25 33.15
CA LEU B 206 -41.05 -24.81 34.49
C LEU B 206 -39.93 -24.57 35.49
N THR B 207 -40.06 -25.19 36.67
CA THR B 207 -38.93 -25.31 37.61
C THR B 207 -38.16 -26.61 37.27
N LYS B 208 -36.92 -26.73 37.76
CA LYS B 208 -36.09 -27.93 37.57
C LYS B 208 -36.82 -29.23 37.91
N ASP B 209 -37.53 -29.22 39.04
CA ASP B 209 -38.12 -30.40 39.67
C ASP B 209 -39.56 -30.71 39.21
N GLU B 210 -40.34 -29.66 38.99
CA GLU B 210 -41.70 -29.78 38.44
C GLU B 210 -41.78 -30.40 37.03
N TYR B 211 -40.64 -30.48 36.32
CA TYR B 211 -40.61 -30.94 34.92
C TYR B 211 -40.86 -32.45 34.77
N GLU B 212 -40.38 -33.23 35.73
CA GLU B 212 -40.53 -34.70 35.69
C GLU B 212 -41.84 -35.20 36.32
N ARG B 213 -42.76 -34.25 36.57
CA ARG B 213 -44.11 -34.50 37.06
C ARG B 213 -44.89 -35.48 36.18
N HIS B 214 -44.79 -35.29 34.86
CA HIS B 214 -45.36 -36.21 33.87
C HIS B 214 -44.26 -36.80 32.99
N ASN B 215 -44.67 -37.45 31.91
CA ASN B 215 -43.73 -38.06 30.97
C ASN B 215 -43.86 -37.52 29.55
N SER B 216 -45.03 -37.72 28.94
CA SER B 216 -45.25 -37.26 27.57
C SER B 216 -45.53 -35.76 27.54
N TYR B 217 -44.93 -35.10 26.55
CA TYR B 217 -45.16 -33.69 26.27
C TYR B 217 -45.39 -33.50 24.78
N THR B 218 -46.18 -32.49 24.43
CA THR B 218 -46.35 -32.09 23.02
C THR B 218 -46.88 -30.66 22.88
N CYS B 219 -46.93 -30.17 21.65
CA CYS B 219 -47.63 -28.94 21.35
C CYS B 219 -48.35 -29.09 20.03
N GLU B 220 -49.44 -28.36 19.86
CA GLU B 220 -50.19 -28.40 18.63
C GLU B 220 -50.47 -27.03 18.06
N ALA B 221 -50.46 -26.94 16.74
CA ALA B 221 -50.98 -25.79 16.03
C ALA B 221 -52.48 -25.94 15.82
N THR B 222 -53.09 -24.98 15.11
CA THR B 222 -54.48 -25.05 14.65
C THR B 222 -54.65 -24.20 13.40
N HIS B 223 -53.53 -23.59 13.00
CA HIS B 223 -53.42 -22.70 11.83
C HIS B 223 -54.31 -23.07 10.63
N LYS B 224 -55.00 -22.06 10.13
CA LYS B 224 -56.11 -22.23 9.21
C LYS B 224 -55.70 -22.53 7.76
N THR B 225 -54.79 -23.49 7.56
CA THR B 225 -54.64 -24.12 6.23
C THR B 225 -55.64 -25.27 6.16
N SER B 226 -55.74 -25.98 7.29
CA SER B 226 -56.93 -26.72 7.70
C SER B 226 -56.84 -26.88 9.22
N THR B 227 -57.95 -26.62 9.92
CA THR B 227 -57.95 -26.65 11.38
C THR B 227 -57.91 -28.10 11.94
N SER B 228 -57.00 -28.86 11.33
CA SER B 228 -56.62 -30.19 11.75
C SER B 228 -55.30 -30.05 12.53
N PRO B 229 -55.37 -29.92 13.87
CA PRO B 229 -54.28 -29.43 14.72
C PRO B 229 -52.96 -30.22 14.67
N ILE B 230 -52.03 -29.74 13.83
CA ILE B 230 -50.67 -30.34 13.64
C ILE B 230 -49.95 -30.56 14.98
N VAL B 231 -49.66 -31.83 15.28
CA VAL B 231 -49.10 -32.24 16.56
C VAL B 231 -47.64 -32.77 16.43
N LYS B 232 -46.79 -32.43 17.40
CA LYS B 232 -45.43 -32.95 17.45
C LYS B 232 -45.02 -33.14 18.91
N SER B 233 -44.58 -34.36 19.23
CA SER B 233 -44.46 -34.82 20.62
C SER B 233 -43.10 -35.43 20.98
N PHE B 234 -42.84 -35.53 22.28
CA PHE B 234 -41.76 -36.36 22.82
C PHE B 234 -42.12 -36.79 24.25
N ASN B 235 -41.34 -37.69 24.84
CA ASN B 235 -41.58 -38.10 26.23
C ASN B 235 -40.33 -38.16 27.12
N ARG B 236 -40.48 -37.55 28.29
CA ARG B 236 -39.41 -37.33 29.28
C ARG B 236 -38.38 -38.44 29.40
N ASN B 237 -38.63 -39.38 30.32
CA ASN B 237 -37.75 -40.50 30.72
C ASN B 237 -36.27 -40.50 30.23
N GLU B 238 -36.07 -40.71 28.92
CA GLU B 238 -34.73 -40.76 28.35
C GLU B 238 -33.99 -39.41 28.52
N CYS B 239 -34.69 -38.33 28.21
CA CYS B 239 -34.10 -37.01 28.15
C CYS B 239 -34.69 -36.04 29.20
N GLU C 1 -17.42 -1.82 -0.56
CA GLU C 1 -16.72 -0.61 -1.04
C GLU C 1 -16.55 0.42 0.07
N VAL C 2 -17.69 0.93 0.54
CA VAL C 2 -17.77 1.96 1.58
C VAL C 2 -18.43 1.39 2.83
N GLN C 3 -17.75 1.49 3.96
CA GLN C 3 -18.25 0.92 5.20
C GLN C 3 -18.27 1.88 6.40
N LEU C 4 -19.19 1.56 7.32
CA LEU C 4 -19.30 2.20 8.62
C LEU C 4 -19.68 1.14 9.66
N VAL C 5 -18.93 1.13 10.75
CA VAL C 5 -19.20 0.25 11.88
C VAL C 5 -19.07 1.05 13.15
N GLU C 6 -20.19 1.51 13.67
CA GLU C 6 -20.21 2.21 14.93
C GLU C 6 -20.18 1.16 16.01
N SER C 7 -19.80 1.56 17.23
CA SER C 7 -19.71 0.62 18.32
C SER C 7 -19.31 1.28 19.64
N GLY C 8 -19.36 0.47 20.70
CA GLY C 8 -18.93 0.88 22.03
C GLY C 8 -20.00 1.49 22.91
N GLY C 9 -21.06 0.73 23.20
CA GLY C 9 -22.09 1.24 24.10
C GLY C 9 -23.17 0.25 24.39
N GLY C 10 -23.42 0.03 25.67
CA GLY C 10 -24.54 -0.79 26.11
C GLY C 10 -25.44 -0.06 27.10
N LEU C 11 -25.36 -0.45 28.38
CA LEU C 11 -26.22 0.14 29.40
C LEU C 11 -25.49 1.25 30.17
N VAL C 12 -26.23 2.29 30.54
CA VAL C 12 -25.70 3.43 31.28
C VAL C 12 -26.79 4.03 32.15
N LYS C 13 -26.40 4.45 33.34
CA LYS C 13 -27.38 4.94 34.30
C LYS C 13 -27.80 6.37 33.95
N PRO C 14 -29.04 6.76 34.33
CA PRO C 14 -29.48 8.15 34.26
C PRO C 14 -28.40 9.14 34.71
N GLY C 15 -28.40 10.32 34.11
CA GLY C 15 -27.34 11.31 34.35
C GLY C 15 -25.98 10.85 33.84
N GLY C 16 -25.91 9.60 33.38
CA GLY C 16 -24.65 8.97 32.98
C GLY C 16 -23.90 9.54 31.78
N SER C 17 -22.87 8.82 31.38
CA SER C 17 -22.03 9.22 30.26
C SER C 17 -21.49 8.00 29.53
N LEU C 18 -20.98 8.20 28.31
CA LEU C 18 -20.58 7.11 27.40
C LEU C 18 -20.40 7.60 25.97
N LYS C 19 -19.33 7.16 25.32
CA LYS C 19 -18.88 7.67 24.03
C LYS C 19 -18.78 6.58 22.95
N LEU C 20 -19.41 6.82 21.80
CA LEU C 20 -19.46 5.83 20.72
C LEU C 20 -18.65 6.33 19.55
N SER C 21 -18.06 5.39 18.82
CA SER C 21 -17.23 5.75 17.69
C SER C 21 -17.65 4.98 16.49
N CYS C 22 -17.83 5.70 15.39
CA CYS C 22 -18.12 5.08 14.13
C CYS C 22 -16.79 4.87 13.45
N ALA C 23 -16.40 3.61 13.28
CA ALA C 23 -15.15 3.31 12.58
C ALA C 23 -15.43 3.39 11.08
N ALA C 24 -14.93 4.42 10.43
CA ALA C 24 -15.25 4.61 9.01
C ALA C 24 -14.21 3.97 8.11
N SER C 25 -14.63 3.29 7.05
CA SER C 25 -13.68 2.61 6.17
C SER C 25 -14.13 2.30 4.74
N GLY C 26 -13.58 3.07 3.80
CA GLY C 26 -13.70 2.73 2.38
C GLY C 26 -14.22 3.85 1.51
N PHE C 27 -14.00 5.08 1.95
CA PHE C 27 -14.31 6.28 1.17
C PHE C 27 -13.43 7.43 1.66
N ALA C 28 -13.31 8.46 0.83
CA ALA C 28 -12.54 9.66 1.18
C ALA C 28 -13.11 10.33 2.44
N PHE C 29 -12.80 9.76 3.61
CA PHE C 29 -13.39 10.22 4.85
C PHE C 29 -13.39 11.76 5.01
N SER C 30 -12.21 12.38 5.00
CA SER C 30 -12.08 13.80 5.40
C SER C 30 -12.85 14.78 4.52
N SER C 31 -13.41 14.27 3.44
CA SER C 31 -14.16 15.07 2.48
C SER C 31 -15.71 15.11 2.70
N TYR C 32 -16.28 14.04 3.27
CA TYR C 32 -17.70 14.03 3.57
C TYR C 32 -18.03 14.67 4.92
N ASP C 33 -19.32 14.96 5.16
CA ASP C 33 -19.81 15.30 6.49
C ASP C 33 -20.32 14.06 7.20
N MET C 34 -20.53 14.17 8.51
CA MET C 34 -21.01 13.02 9.24
C MET C 34 -22.15 13.37 10.18
N SER C 35 -23.03 12.39 10.38
CA SER C 35 -24.25 12.54 11.18
C SER C 35 -24.46 11.33 12.05
N TRP C 36 -25.30 11.50 13.06
CA TRP C 36 -25.54 10.46 14.07
C TRP C 36 -27.01 10.33 14.31
N VAL C 37 -27.62 9.30 13.74
CA VAL C 37 -29.06 9.10 13.90
C VAL C 37 -29.30 7.95 14.87
N ARG C 38 -30.28 8.15 15.77
CA ARG C 38 -30.73 7.09 16.68
C ARG C 38 -32.13 6.66 16.30
N GLN C 39 -32.53 5.48 16.76
CA GLN C 39 -33.88 5.01 16.51
C GLN C 39 -34.48 4.52 17.81
N THR C 40 -35.59 5.13 18.21
CA THR C 40 -36.17 4.84 19.52
C THR C 40 -36.76 3.44 19.56
N PRO C 41 -37.15 2.99 20.78
CA PRO C 41 -37.86 1.72 20.96
C PRO C 41 -39.21 1.67 20.26
N GLU C 42 -39.82 2.84 20.02
CA GLU C 42 -41.05 2.90 19.23
C GLU C 42 -40.76 2.68 17.76
N LYS C 43 -39.48 2.58 17.39
CA LYS C 43 -39.05 2.44 15.98
C LYS C 43 -38.96 3.80 15.30
N ARG C 44 -39.24 4.83 16.10
CA ARG C 44 -39.15 6.26 15.75
C ARG C 44 -37.72 6.66 15.28
N LEU C 45 -37.59 7.70 14.47
CA LEU C 45 -36.27 8.08 13.92
C LEU C 45 -35.81 9.53 14.17
N GLU C 46 -34.94 9.74 15.14
CA GLU C 46 -34.49 11.10 15.42
C GLU C 46 -33.03 11.32 14.99
N TRP C 47 -32.81 12.46 14.33
CA TRP C 47 -31.47 12.89 13.96
C TRP C 47 -30.90 13.51 15.20
N VAL C 48 -29.60 13.34 15.40
CA VAL C 48 -29.01 13.63 16.70
C VAL C 48 -27.83 14.61 16.68
N ALA C 49 -26.97 14.50 15.67
CA ALA C 49 -25.83 15.39 15.58
C ALA C 49 -25.32 15.43 14.15
N TYR C 50 -24.61 16.49 13.84
CA TYR C 50 -24.06 16.67 12.51
C TYR C 50 -22.76 17.40 12.63
N ILE C 51 -21.69 16.78 12.16
CA ILE C 51 -20.41 17.48 12.08
C ILE C 51 -20.05 17.74 10.62
N SER C 52 -19.47 18.91 10.37
CA SER C 52 -18.98 19.27 9.04
C SER C 52 -17.68 18.57 8.67
N SER C 53 -17.49 18.38 7.37
CA SER C 53 -16.31 17.71 6.77
C SER C 53 -14.99 17.88 7.55
N GLY C 54 -14.65 19.15 7.82
CA GLY C 54 -13.42 19.49 8.52
C GLY C 54 -13.67 19.88 9.98
N GLY C 55 -14.49 19.10 10.68
CA GLY C 55 -14.73 19.32 12.12
C GLY C 55 -15.09 20.73 12.52
N GLY C 56 -15.28 21.59 11.53
CA GLY C 56 -15.47 23.02 11.72
C GLY C 56 -16.72 23.32 12.53
N SER C 57 -17.87 23.19 11.88
CA SER C 57 -19.16 23.36 12.54
C SER C 57 -19.81 22.02 13.00
N THR C 58 -20.58 22.08 14.08
CA THR C 58 -21.40 20.94 14.49
C THR C 58 -22.81 21.46 14.66
N TYR C 59 -23.82 20.58 14.55
CA TYR C 59 -25.22 20.97 14.82
C TYR C 59 -25.99 19.91 15.61
N TYR C 60 -26.96 20.34 16.40
CA TYR C 60 -27.76 19.39 17.16
C TYR C 60 -29.20 19.81 17.31
N PRO C 61 -30.11 18.84 17.35
CA PRO C 61 -31.43 19.15 17.79
C PRO C 61 -31.34 19.72 19.19
N ASP C 62 -32.26 20.61 19.54
CA ASP C 62 -32.34 21.11 20.91
C ASP C 62 -32.45 20.03 21.99
N THR C 63 -32.92 18.83 21.59
CA THR C 63 -33.13 17.73 22.54
C THR C 63 -31.85 17.08 23.01
N VAL C 64 -30.75 17.26 22.29
CA VAL C 64 -29.46 16.87 22.88
C VAL C 64 -28.45 18.01 22.94
N LYS C 65 -28.80 19.17 22.39
CA LYS C 65 -27.86 20.28 22.40
C LYS C 65 -27.46 20.51 23.84
N GLY C 66 -26.17 20.52 24.07
CA GLY C 66 -25.61 20.70 25.41
C GLY C 66 -25.07 19.41 26.00
N ARG C 67 -25.80 18.30 25.79
CA ARG C 67 -25.47 17.02 26.41
C ARG C 67 -24.69 16.11 25.48
N PHE C 68 -24.56 16.50 24.22
CA PHE C 68 -24.01 15.63 23.17
C PHE C 68 -22.95 16.32 22.26
N THR C 69 -21.97 15.55 21.77
CA THR C 69 -20.76 16.17 21.17
C THR C 69 -20.13 15.41 19.96
N ILE C 70 -20.44 15.87 18.75
CA ILE C 70 -20.07 15.12 17.58
C ILE C 70 -18.66 15.48 17.10
N SER C 71 -17.66 14.80 17.65
CA SER C 71 -16.28 15.02 17.18
C SER C 71 -15.90 14.00 16.09
N ARG C 72 -14.81 14.28 15.38
CA ARG C 72 -14.21 13.35 14.42
C ARG C 72 -12.70 13.42 14.45
N ASP C 73 -12.06 12.36 13.97
CA ASP C 73 -10.62 12.29 13.88
C ASP C 73 -10.27 11.56 12.59
N ASN C 74 -10.01 12.33 11.55
CA ASN C 74 -9.68 11.79 10.23
C ASN C 74 -8.21 11.32 10.19
N ALA C 75 -7.60 11.29 11.36
CA ALA C 75 -6.32 10.64 11.52
C ALA C 75 -6.64 9.16 11.61
N LYS C 76 -7.42 8.79 12.62
CA LYS C 76 -7.81 7.40 12.76
C LYS C 76 -9.19 7.09 12.19
N ASN C 77 -9.64 7.94 11.27
CA ASN C 77 -10.83 7.67 10.46
C ASN C 77 -12.16 7.46 11.21
N THR C 78 -12.12 7.69 12.52
CA THR C 78 -13.29 7.49 13.36
C THR C 78 -14.17 8.77 13.42
N LEU C 79 -15.48 8.56 13.57
CA LEU C 79 -16.41 9.61 13.97
C LEU C 79 -16.70 9.34 15.43
N TYR C 80 -17.08 10.36 16.19
CA TYR C 80 -17.41 10.13 17.58
C TYR C 80 -18.70 10.79 18.02
N LEU C 81 -19.44 10.10 18.87
CA LEU C 81 -20.47 10.76 19.63
C LEU C 81 -20.22 10.59 21.12
N GLN C 82 -20.02 11.71 21.79
CA GLN C 82 -19.80 11.71 23.24
C GLN C 82 -21.05 12.15 23.96
N MET C 83 -21.77 11.18 24.54
CA MET C 83 -23.03 11.41 25.25
C MET C 83 -22.74 11.72 26.70
N SER C 84 -23.38 12.76 27.25
CA SER C 84 -23.30 13.04 28.69
C SER C 84 -24.70 13.00 29.31
N SER C 85 -24.97 13.86 30.29
CA SER C 85 -26.21 13.86 31.13
C SER C 85 -27.36 12.97 30.64
N LEU C 86 -27.16 11.66 30.69
CA LEU C 86 -28.00 10.75 29.91
C LEU C 86 -29.41 10.59 30.42
N LYS C 87 -30.36 11.11 29.64
CA LYS C 87 -31.78 10.85 29.84
C LYS C 87 -32.16 9.45 29.37
N SER C 88 -33.12 8.85 30.07
CA SER C 88 -33.70 7.57 29.68
C SER C 88 -34.57 7.67 28.42
N GLU C 89 -34.73 8.89 27.90
CA GLU C 89 -35.23 9.12 26.55
C GLU C 89 -34.17 8.72 25.52
N ASP C 90 -32.90 8.91 25.84
CA ASP C 90 -31.78 8.67 24.92
C ASP C 90 -31.67 7.22 24.49
N THR C 91 -32.29 6.37 25.30
CA THR C 91 -32.44 4.95 25.04
C THR C 91 -32.88 4.70 23.59
N ALA C 92 -31.93 4.31 22.72
CA ALA C 92 -32.25 3.98 21.34
C ALA C 92 -31.09 3.26 20.69
N MET C 93 -31.28 2.83 19.43
CA MET C 93 -30.22 2.29 18.58
C MET C 93 -29.54 3.46 17.90
N TYR C 94 -28.22 3.42 17.77
CA TYR C 94 -27.46 4.58 17.29
C TYR C 94 -26.73 4.47 15.95
N TYR C 95 -27.33 4.92 14.86
CA TYR C 95 -26.71 4.80 13.53
C TYR C 95 -25.79 5.96 13.23
N CYS C 96 -24.76 5.67 12.44
CA CYS C 96 -23.80 6.65 11.99
C CYS C 96 -24.01 6.75 10.49
N ALA C 97 -24.36 7.95 10.03
CA ALA C 97 -24.76 8.12 8.63
C ALA C 97 -23.87 9.07 7.80
N ARG C 98 -24.03 8.99 6.47
CA ARG C 98 -23.24 9.75 5.54
C ARG C 98 -24.12 10.54 4.57
N PRO C 99 -23.94 11.87 4.53
CA PRO C 99 -24.62 12.75 3.57
C PRO C 99 -23.70 13.40 2.52
N ASP C 100 -24.29 13.99 1.47
CA ASP C 100 -23.53 14.53 0.31
C ASP C 100 -23.30 16.05 0.33
N ALA C 105 -28.74 13.93 3.13
CA ALA C 105 -29.21 12.73 2.42
C ALA C 105 -28.32 11.53 2.70
N MET C 106 -28.61 10.88 3.83
CA MET C 106 -27.85 9.76 4.37
C MET C 106 -27.77 8.60 3.39
N ASP C 107 -26.61 8.40 2.77
CA ASP C 107 -26.55 7.45 1.69
C ASP C 107 -25.87 6.13 2.04
N TYR C 108 -25.00 6.14 3.04
CA TYR C 108 -24.44 4.89 3.63
C TYR C 108 -24.59 4.89 5.15
N TRP C 109 -25.47 4.02 5.65
CA TRP C 109 -25.79 3.95 7.06
C TRP C 109 -25.03 2.84 7.73
N GLY C 110 -24.82 2.97 9.03
CA GLY C 110 -24.07 1.96 9.76
C GLY C 110 -24.89 0.71 10.00
N GLN C 111 -25.05 0.37 11.27
CA GLN C 111 -25.66 -0.88 11.68
C GLN C 111 -26.19 -0.73 13.09
N GLY C 112 -25.69 0.28 13.79
CA GLY C 112 -26.14 0.60 15.12
C GLY C 112 -25.30 0.08 16.27
N THR C 113 -25.23 0.87 17.33
CA THR C 113 -24.91 0.37 18.63
C THR C 113 -26.18 0.70 19.39
N SER C 114 -26.78 -0.32 20.00
CA SER C 114 -27.88 -0.07 20.90
C SER C 114 -27.33 0.59 22.16
N VAL C 115 -28.04 1.59 22.67
CA VAL C 115 -27.70 2.21 23.94
C VAL C 115 -28.96 2.31 24.78
N THR C 116 -28.95 1.68 25.96
CA THR C 116 -30.10 1.84 26.87
C THR C 116 -29.75 2.50 28.19
N VAL C 117 -30.73 3.23 28.71
CA VAL C 117 -30.58 4.06 29.87
C VAL C 117 -31.71 3.69 30.81
N SER C 118 -31.30 3.27 32.00
CA SER C 118 -32.13 2.51 32.94
C SER C 118 -31.27 2.42 34.21
N SER C 119 -31.84 1.88 35.29
CA SER C 119 -31.07 1.64 36.51
C SER C 119 -30.98 0.16 36.88
N LYS C 121 -28.96 -2.39 35.76
CA LYS C 121 -28.79 -3.74 36.31
C LYS C 121 -28.55 -4.78 35.21
N THR C 122 -27.32 -4.78 34.71
CA THR C 122 -26.87 -5.70 33.67
C THR C 122 -26.93 -7.16 34.12
N THR C 123 -27.23 -8.06 33.18
CA THR C 123 -27.34 -9.49 33.48
C THR C 123 -26.89 -10.30 32.25
N ALA C 124 -25.75 -10.95 32.37
CA ALA C 124 -25.23 -11.82 31.31
C ALA C 124 -26.27 -12.87 30.91
N PRO C 125 -26.43 -13.12 29.59
CA PRO C 125 -27.46 -14.07 29.19
C PRO C 125 -27.01 -15.52 29.33
N SER C 126 -27.92 -16.37 29.78
CA SER C 126 -27.70 -17.81 29.85
C SER C 126 -28.01 -18.40 28.48
N VAL C 127 -27.12 -19.25 27.97
CA VAL C 127 -27.23 -19.81 26.61
C VAL C 127 -27.21 -21.32 26.62
N TYR C 128 -28.35 -21.93 26.32
CA TYR C 128 -28.45 -23.38 26.28
C TYR C 128 -28.69 -23.84 24.85
N PRO C 129 -27.98 -24.91 24.42
CA PRO C 129 -28.19 -25.44 23.07
C PRO C 129 -29.41 -26.32 23.00
N LEU C 130 -30.15 -26.26 21.90
CA LEU C 130 -31.36 -27.07 21.75
C LEU C 130 -31.17 -28.23 20.75
N ALA C 131 -30.85 -29.41 21.28
CA ALA C 131 -30.75 -30.61 20.46
C ALA C 131 -32.13 -31.24 20.26
N PRO C 132 -32.41 -31.81 19.06
CA PRO C 132 -33.76 -32.34 18.81
C PRO C 132 -34.10 -33.60 19.65
N VAL C 133 -35.32 -34.14 19.47
CA VAL C 133 -35.74 -35.39 20.12
C VAL C 133 -34.62 -36.43 20.19
N CYS C 134 -34.28 -36.95 21.38
CA CYS C 134 -33.19 -37.96 21.50
C CYS C 134 -33.45 -39.27 20.78
N GLY C 135 -34.67 -39.42 20.27
CA GLY C 135 -35.03 -40.51 19.36
C GLY C 135 -34.26 -40.37 18.07
N ASP C 136 -33.81 -41.51 17.54
CA ASP C 136 -32.98 -41.57 16.33
C ASP C 136 -33.81 -41.27 15.08
N THR C 137 -35.14 -41.37 15.24
CA THR C 137 -36.16 -40.99 14.25
C THR C 137 -35.72 -39.90 13.28
N THR C 138 -35.11 -40.32 12.18
CA THR C 138 -34.67 -39.38 11.15
C THR C 138 -35.86 -38.94 10.27
N GLY C 139 -36.04 -37.63 10.17
CA GLY C 139 -36.97 -37.02 9.23
C GLY C 139 -36.22 -36.75 7.95
N SER C 140 -36.13 -35.48 7.55
CA SER C 140 -35.41 -35.10 6.34
C SER C 140 -34.66 -33.77 6.47
N SER C 141 -35.40 -32.75 6.91
CA SER C 141 -34.88 -31.40 7.13
C SER C 141 -34.81 -31.17 8.61
N VAL C 142 -33.66 -31.52 9.19
CA VAL C 142 -33.42 -31.42 10.63
C VAL C 142 -33.31 -29.97 11.09
N THR C 143 -34.13 -29.60 12.07
CA THR C 143 -34.02 -28.26 12.66
C THR C 143 -33.48 -28.38 14.09
N LEU C 144 -32.49 -27.54 14.42
CA LEU C 144 -31.94 -27.48 15.76
C LEU C 144 -32.23 -26.09 16.29
N GLY C 145 -31.98 -25.89 17.57
CA GLY C 145 -32.23 -24.59 18.19
C GLY C 145 -31.11 -24.08 19.10
N CYS C 146 -31.29 -22.84 19.51
CA CYS C 146 -30.45 -22.20 20.52
C CYS C 146 -31.36 -21.37 21.41
N LEU C 147 -31.21 -21.49 22.73
CA LEU C 147 -32.06 -20.73 23.66
C LEU C 147 -31.29 -19.81 24.59
N VAL C 148 -31.79 -18.58 24.70
CA VAL C 148 -31.11 -17.48 25.40
C VAL C 148 -32.05 -16.81 26.42
N LYS C 149 -31.64 -16.84 27.69
CA LYS C 149 -32.59 -16.64 28.77
C LYS C 149 -32.00 -15.87 29.95
N GLY C 150 -32.84 -15.03 30.55
CA GLY C 150 -32.51 -14.29 31.76
C GLY C 150 -31.38 -13.29 31.52
N TYR C 151 -31.65 -12.28 30.70
CA TYR C 151 -30.67 -11.22 30.47
C TYR C 151 -31.25 -9.82 30.49
N PHE C 152 -30.35 -8.86 30.69
CA PHE C 152 -30.65 -7.44 30.53
C PHE C 152 -29.38 -6.72 30.11
N PRO C 153 -29.52 -5.75 29.20
CA PRO C 153 -30.73 -5.43 28.47
C PRO C 153 -30.68 -5.97 27.05
N GLU C 154 -31.71 -5.67 26.25
CA GLU C 154 -31.65 -5.81 24.81
C GLU C 154 -30.48 -4.98 24.30
N PRO C 155 -29.87 -5.36 23.17
CA PRO C 155 -30.15 -6.54 22.37
C PRO C 155 -29.19 -7.66 22.73
N VAL C 156 -29.33 -8.81 22.08
CA VAL C 156 -28.24 -9.76 21.99
C VAL C 156 -27.87 -9.90 20.52
N THR C 157 -26.85 -10.70 20.21
CA THR C 157 -26.48 -10.98 18.83
C THR C 157 -26.21 -12.48 18.63
N LEU C 158 -27.23 -13.17 18.09
CA LEU C 158 -27.19 -14.61 17.91
C LEU C 158 -26.78 -14.94 16.48
N THR C 159 -25.69 -15.68 16.33
CA THR C 159 -25.17 -16.08 15.02
C THR C 159 -24.97 -17.59 14.96
N TRP C 160 -25.50 -18.21 13.90
CA TRP C 160 -25.25 -19.61 13.64
C TRP C 160 -23.95 -19.79 12.86
N ASN C 161 -23.05 -20.59 13.43
CA ASN C 161 -21.72 -20.87 12.84
C ASN C 161 -20.98 -19.66 12.29
N SER C 162 -20.64 -18.73 13.19
CA SER C 162 -19.84 -17.54 12.87
C SER C 162 -20.38 -16.76 11.67
N GLY C 163 -21.70 -16.68 11.57
CA GLY C 163 -22.39 -15.97 10.48
C GLY C 163 -22.54 -16.80 9.21
N SER C 164 -21.87 -17.95 9.16
CA SER C 164 -21.85 -18.79 7.96
C SER C 164 -23.18 -19.51 7.73
N LEU C 165 -23.83 -19.94 8.82
CA LEU C 165 -25.19 -20.45 8.73
C LEU C 165 -26.13 -19.24 8.86
N SER C 166 -26.52 -18.71 7.71
CA SER C 166 -27.35 -17.51 7.66
C SER C 166 -28.63 -17.77 6.90
N SER C 167 -28.57 -18.67 5.91
CA SER C 167 -29.76 -19.02 5.11
C SER C 167 -30.58 -20.16 5.69
N GLY C 168 -31.72 -19.81 6.30
CA GLY C 168 -32.64 -20.78 6.86
C GLY C 168 -32.66 -20.77 8.37
N VAL C 169 -32.94 -19.61 8.96
CA VAL C 169 -32.91 -19.47 10.43
C VAL C 169 -33.90 -18.41 10.93
N HIS C 170 -34.57 -18.69 12.06
CA HIS C 170 -35.49 -17.72 12.68
C HIS C 170 -35.09 -17.34 14.10
N THR C 171 -35.08 -16.03 14.40
CA THR C 171 -34.68 -15.54 15.72
C THR C 171 -35.73 -14.63 16.36
N PHE C 172 -36.47 -15.20 17.29
CA PHE C 172 -37.73 -14.65 17.75
C PHE C 172 -37.60 -13.55 18.81
N PRO C 173 -38.32 -12.43 18.62
CA PRO C 173 -38.29 -11.23 19.46
C PRO C 173 -38.31 -11.52 20.96
N ALA C 174 -37.21 -11.22 21.65
CA ALA C 174 -37.11 -11.44 23.10
C ALA C 174 -38.32 -10.86 23.84
N VAL C 175 -38.78 -11.55 24.88
CA VAL C 175 -39.93 -11.04 25.65
C VAL C 175 -39.54 -10.54 27.04
N LEU C 176 -40.50 -9.89 27.68
CA LEU C 176 -40.25 -9.10 28.89
C LEU C 176 -40.88 -9.69 30.16
N GLN C 177 -40.72 -11.00 30.36
CA GLN C 177 -41.08 -11.59 31.67
C GLN C 177 -40.19 -10.99 32.74
N SER C 178 -40.78 -10.66 33.89
CA SER C 178 -40.08 -9.99 35.00
C SER C 178 -39.45 -8.66 34.58
N ASP C 179 -38.13 -8.73 34.37
CA ASP C 179 -37.29 -7.65 33.82
C ASP C 179 -36.00 -8.32 33.35
N LEU C 180 -36.20 -9.50 32.78
CA LEU C 180 -35.19 -10.27 32.06
C LEU C 180 -35.76 -10.67 30.70
N TYR C 181 -34.96 -10.55 29.66
CA TYR C 181 -35.45 -10.84 28.32
C TYR C 181 -35.12 -12.27 28.02
N THR C 182 -35.97 -12.94 27.25
CA THR C 182 -35.70 -14.32 26.88
C THR C 182 -36.08 -14.62 25.41
N LEU C 183 -35.13 -15.22 24.68
CA LEU C 183 -35.18 -15.31 23.22
C LEU C 183 -34.67 -16.63 22.63
N SER C 184 -35.37 -17.13 21.62
CA SER C 184 -35.14 -18.47 21.05
C SER C 184 -34.54 -18.37 19.66
N SER C 185 -33.94 -19.46 19.16
CA SER C 185 -33.40 -19.47 17.79
C SER C 185 -33.46 -20.80 17.02
N SER C 186 -34.30 -20.85 15.99
CA SER C 186 -34.41 -22.05 15.17
C SER C 186 -33.51 -21.89 13.96
N VAL C 187 -32.97 -23.00 13.49
CA VAL C 187 -32.24 -23.06 12.23
C VAL C 187 -32.48 -24.44 11.62
N THR C 188 -33.11 -24.48 10.45
CA THR C 188 -33.36 -25.75 9.75
C THR C 188 -32.06 -26.15 9.06
N VAL C 189 -31.97 -27.40 8.62
CA VAL C 189 -30.95 -27.79 7.64
C VAL C 189 -30.98 -29.29 7.29
N THR C 190 -30.60 -29.61 6.05
CA THR C 190 -30.54 -30.97 5.54
C THR C 190 -29.90 -31.93 6.53
N SER C 191 -30.45 -33.14 6.60
CA SER C 191 -29.95 -34.19 7.48
C SER C 191 -28.56 -34.58 7.05
N SER C 192 -28.25 -34.34 5.79
CA SER C 192 -26.91 -34.58 5.32
C SER C 192 -25.92 -33.64 5.99
N THR C 193 -26.31 -32.37 6.10
CA THR C 193 -25.43 -31.35 6.69
C THR C 193 -25.30 -31.40 8.22
N TRP C 194 -26.31 -31.88 8.96
CA TRP C 194 -26.08 -32.02 10.41
C TRP C 194 -25.28 -33.27 10.78
N PRO C 195 -25.60 -33.91 11.93
CA PRO C 195 -24.62 -34.43 12.92
C PRO C 195 -23.16 -34.49 12.44
N SER C 196 -22.92 -35.15 11.30
CA SER C 196 -21.62 -35.19 10.64
C SER C 196 -20.90 -33.86 10.71
N GLN C 197 -21.47 -32.88 10.02
CA GLN C 197 -20.91 -31.54 9.96
C GLN C 197 -21.38 -30.79 11.20
N SER C 198 -20.47 -30.03 11.82
CA SER C 198 -20.78 -29.30 13.06
C SER C 198 -21.62 -28.06 12.80
N ILE C 199 -22.43 -27.70 13.80
CA ILE C 199 -23.28 -26.51 13.76
C ILE C 199 -23.35 -25.96 15.18
N THR C 200 -22.84 -24.74 15.38
CA THR C 200 -22.86 -24.14 16.70
C THR C 200 -23.57 -22.79 16.73
N CYS C 201 -24.15 -22.50 17.89
CA CYS C 201 -24.81 -21.24 18.18
C CYS C 201 -23.79 -20.28 18.84
N ASN C 202 -23.58 -19.12 18.24
CA ASN C 202 -22.80 -18.04 18.87
C ASN C 202 -23.71 -16.91 19.38
N VAL C 203 -23.58 -16.55 20.64
CA VAL C 203 -24.40 -15.48 21.22
C VAL C 203 -23.52 -14.35 21.75
N ALA C 204 -23.84 -13.11 21.38
CA ALA C 204 -23.08 -11.96 21.86
C ALA C 204 -23.96 -10.96 22.61
N HIS C 205 -23.75 -10.87 23.91
CA HIS C 205 -24.33 -9.82 24.70
C HIS C 205 -23.29 -8.69 24.74
N PRO C 206 -23.63 -7.54 24.11
CA PRO C 206 -22.70 -6.42 24.05
C PRO C 206 -22.79 -5.60 25.33
N ALA C 207 -24.02 -5.34 25.75
CA ALA C 207 -24.32 -4.55 26.94
C ALA C 207 -23.78 -5.18 28.24
N SER C 208 -23.04 -6.30 28.12
CA SER C 208 -22.35 -6.96 29.25
C SER C 208 -20.97 -7.59 28.93
N SER C 209 -20.58 -7.56 27.66
CA SER C 209 -19.42 -8.33 27.17
C SER C 209 -19.59 -9.82 27.51
N THR C 210 -20.11 -10.58 26.54
CA THR C 210 -20.35 -12.00 26.71
C THR C 210 -20.25 -12.66 25.34
N LYS C 211 -19.22 -13.49 25.14
CA LYS C 211 -19.07 -14.21 23.88
C LYS C 211 -19.29 -15.72 24.09
N VAL C 212 -20.50 -16.06 24.54
CA VAL C 212 -20.87 -17.45 24.81
C VAL C 212 -21.05 -18.25 23.52
N ASP C 213 -20.29 -19.35 23.42
CA ASP C 213 -20.38 -20.30 22.31
C ASP C 213 -21.02 -21.58 22.78
N LYS C 214 -22.00 -22.08 22.03
CA LYS C 214 -22.68 -23.33 22.37
C LYS C 214 -22.74 -24.22 21.14
N LYS C 215 -22.01 -25.33 21.17
CA LYS C 215 -22.05 -26.31 20.06
C LYS C 215 -23.23 -27.27 20.24
N ILE C 216 -24.01 -27.48 19.19
CA ILE C 216 -25.20 -28.34 19.29
C ILE C 216 -24.84 -29.79 19.17
N GLU C 217 -24.91 -30.47 20.31
CA GLU C 217 -24.61 -31.89 20.43
C GLU C 217 -25.88 -32.69 20.36
N PRO C 218 -25.83 -33.89 19.74
CA PRO C 218 -26.91 -34.87 19.87
C PRO C 218 -27.12 -35.27 21.33
N ARG C 219 -27.71 -36.43 21.58
CA ARG C 219 -28.12 -36.74 22.95
C ARG C 219 -27.75 -38.14 23.43
N GLY C 220 -26.53 -38.26 23.96
CA GLY C 220 -26.04 -39.47 24.63
C GLY C 220 -26.49 -39.54 26.08
N PRO C 221 -26.44 -40.75 26.69
CA PRO C 221 -26.89 -40.90 28.07
C PRO C 221 -25.74 -40.97 29.08
N GLN D 10 77.35 30.69 -35.96
CA GLN D 10 76.74 29.37 -35.56
C GLN D 10 77.84 28.30 -35.44
N GLY D 11 78.83 28.39 -36.32
CA GLY D 11 79.94 27.46 -36.33
C GLY D 11 79.67 26.39 -37.37
N ARG D 12 80.72 26.07 -38.15
CA ARG D 12 80.67 25.09 -39.29
C ARG D 12 79.89 23.78 -39.08
N GLY D 13 79.91 23.20 -37.88
CA GLY D 13 79.19 21.94 -37.64
C GLY D 13 78.42 21.96 -36.32
N ALA D 14 78.11 23.17 -35.82
CA ALA D 14 77.37 23.34 -34.57
C ALA D 14 76.00 22.65 -34.62
N TRP D 15 75.36 22.73 -35.78
CA TRP D 15 74.05 22.12 -36.01
C TRP D 15 74.10 20.59 -35.82
N LEU D 16 75.22 19.96 -36.20
CA LEU D 16 75.39 18.49 -36.08
C LEU D 16 75.68 18.02 -34.63
N LEU D 17 76.12 18.97 -33.79
CA LEU D 17 76.40 18.71 -32.37
C LEU D 17 75.19 17.98 -31.84
N MET D 18 74.03 18.62 -31.99
CA MET D 18 72.77 18.04 -31.54
C MET D 18 72.21 16.97 -32.47
N ALA D 19 72.22 17.21 -33.78
CA ALA D 19 71.71 16.22 -34.74
C ALA D 19 72.49 14.91 -34.65
N PHE D 20 73.82 15.01 -34.76
CA PHE D 20 74.69 13.84 -34.70
C PHE D 20 74.73 13.21 -33.29
N THR D 21 74.99 14.01 -32.24
CA THR D 21 75.10 13.45 -30.88
C THR D 21 73.88 12.56 -30.48
N ALA D 22 72.66 13.07 -30.68
CA ALA D 22 71.46 12.30 -30.34
C ALA D 22 71.28 11.11 -31.30
N LEU D 23 71.41 11.34 -32.60
CA LEU D 23 71.33 10.23 -33.58
C LEU D 23 72.45 9.23 -33.34
N ALA D 24 73.55 9.70 -32.76
CA ALA D 24 74.70 8.85 -32.44
C ALA D 24 74.47 8.19 -31.08
N LEU D 25 74.27 9.03 -30.06
CA LEU D 25 74.04 8.57 -28.70
C LEU D 25 72.74 7.74 -28.62
N GLU D 26 71.71 8.16 -29.35
CA GLU D 26 70.46 7.44 -29.32
C GLU D 26 70.53 6.08 -30.09
N LEU D 27 71.42 6.03 -31.08
CA LEU D 27 71.68 4.81 -31.86
C LEU D 27 72.36 3.80 -30.96
N THR D 28 73.33 4.28 -30.18
CA THR D 28 74.10 3.44 -29.23
C THR D 28 73.15 2.55 -28.43
N ALA D 29 71.87 2.96 -28.38
CA ALA D 29 70.84 2.22 -27.65
C ALA D 29 70.81 0.74 -28.03
N LEU D 30 71.29 0.43 -29.25
CA LEU D 30 71.32 -0.95 -29.74
C LEU D 30 72.29 -1.83 -28.93
N TRP D 31 73.19 -1.19 -28.18
CA TRP D 31 74.17 -1.90 -27.33
C TRP D 31 74.17 -3.39 -27.63
N PHE D 32 73.16 -4.09 -27.10
CA PHE D 32 73.01 -5.54 -27.35
C PHE D 32 71.67 -5.84 -28.03
N GLN D 33 71.54 -5.43 -29.29
CA GLN D 33 70.33 -5.70 -30.08
C GLN D 33 70.62 -6.86 -31.02
N HIS D 34 70.32 -6.65 -32.32
CA HIS D 34 70.45 -7.73 -33.31
C HIS D 34 71.73 -8.59 -33.22
N VAL D 35 72.90 -8.01 -33.38
CA VAL D 35 74.13 -8.80 -33.39
C VAL D 35 74.47 -9.51 -32.07
N MET D 36 74.16 -8.85 -30.95
CA MET D 36 74.47 -9.39 -29.65
C MET D 36 73.14 -9.96 -28.93
N LEU D 37 72.15 -9.07 -28.83
CA LEU D 37 70.87 -9.37 -28.20
C LEU D 37 70.78 -10.38 -26.88
N LEU D 38 70.06 -9.53 -25.99
CA LEU D 38 70.07 -9.30 -24.48
C LEU D 38 69.43 -7.81 -24.34
N LYS D 39 70.04 -6.97 -23.49
CA LYS D 39 69.49 -5.66 -23.07
C LYS D 39 68.34 -5.09 -23.95
N PRO D 40 68.64 -4.46 -25.09
CA PRO D 40 67.60 -3.85 -25.98
C PRO D 40 66.76 -4.90 -26.72
N SER D 41 66.01 -4.40 -27.73
CA SER D 41 65.16 -5.23 -28.61
C SER D 41 63.71 -5.44 -28.10
N VAL D 42 62.84 -4.42 -28.34
CA VAL D 42 61.40 -4.46 -27.96
C VAL D 42 60.71 -3.09 -28.23
N LEU D 43 59.41 -3.20 -28.63
CA LEU D 43 58.52 -2.04 -28.88
C LEU D 43 59.17 -1.12 -29.92
N CYS D 44 60.30 -0.52 -29.52
CA CYS D 44 61.02 0.47 -30.26
C CYS D 44 61.14 0.32 -31.86
N ILE D 45 60.73 -0.81 -32.40
CA ILE D 45 60.74 -0.97 -33.85
C ILE D 45 59.76 0.09 -34.47
N TYR D 46 58.60 0.25 -33.82
CA TYR D 46 57.57 1.25 -34.23
C TYR D 46 58.08 2.64 -33.84
N GLU D 47 58.62 2.74 -32.62
CA GLU D 47 59.15 4.00 -32.07
C GLU D 47 60.41 4.45 -32.81
N ARG D 48 61.09 3.49 -33.45
CA ARG D 48 62.30 3.79 -34.22
C ARG D 48 61.98 4.87 -35.23
N VAL D 49 60.68 5.03 -35.47
CA VAL D 49 60.17 6.02 -36.41
C VAL D 49 60.67 7.46 -36.05
N ALA D 50 60.78 7.76 -34.76
CA ALA D 50 61.32 9.05 -34.34
C ALA D 50 62.84 9.11 -34.60
N LEU D 51 63.50 7.95 -34.52
CA LEU D 51 64.96 7.86 -34.79
C LEU D 51 65.25 7.99 -36.26
N PHE D 52 64.50 7.26 -37.12
CA PHE D 52 64.69 7.38 -38.57
C PHE D 52 64.39 8.84 -38.92
N GLY D 53 63.28 9.32 -38.37
CA GLY D 53 62.82 10.67 -38.55
C GLY D 53 63.82 11.67 -37.99
N VAL D 54 64.32 11.43 -36.79
CA VAL D 54 65.31 12.35 -36.25
C VAL D 54 66.61 12.22 -37.05
N LEU D 55 66.96 10.98 -37.43
CA LEU D 55 68.12 10.77 -38.28
C LEU D 55 67.94 11.64 -39.50
N GLY D 56 66.88 11.36 -40.28
CA GLY D 56 66.61 12.12 -41.49
C GLY D 56 66.42 13.59 -41.18
N ALA D 57 65.41 13.88 -40.38
CA ALA D 57 65.03 15.25 -40.02
C ALA D 57 66.17 16.15 -39.53
N ALA D 58 67.09 15.56 -38.76
CA ALA D 58 68.22 16.29 -38.20
C ALA D 58 69.35 16.41 -39.20
N LEU D 59 69.64 15.30 -39.88
CA LEU D 59 70.70 15.26 -40.90
C LEU D 59 70.32 16.00 -42.18
N ILE D 60 69.09 15.79 -42.64
CA ILE D 60 68.61 16.46 -43.84
C ILE D 60 68.76 17.95 -43.64
N GLY D 61 68.77 18.37 -42.37
CA GLY D 61 68.95 19.77 -42.03
C GLY D 61 70.42 20.17 -42.01
N ALA D 62 71.25 19.26 -41.50
CA ALA D 62 72.68 19.49 -41.43
C ALA D 62 73.24 19.56 -42.85
N ILE D 63 72.56 18.91 -43.79
CA ILE D 63 73.05 18.87 -45.17
C ILE D 63 73.58 20.21 -45.65
N ALA D 64 72.69 21.20 -45.67
CA ALA D 64 73.02 22.58 -46.09
C ALA D 64 72.01 23.63 -45.53
N PRO D 65 72.12 23.92 -44.24
CA PRO D 65 71.29 24.91 -43.44
C PRO D 65 70.59 26.17 -44.13
N LYS D 66 71.05 26.52 -45.42
CA LYS D 66 70.99 27.55 -46.22
C LYS D 66 69.73 28.07 -46.68
N THR D 67 68.87 28.28 -45.71
CA THR D 67 67.56 28.90 -45.93
C THR D 67 66.43 27.89 -46.02
N PRO D 68 66.58 26.73 -46.64
CA PRO D 68 65.48 25.79 -46.63
C PRO D 68 65.62 24.54 -45.59
N LEU D 69 66.44 23.58 -45.94
CA LEU D 69 66.71 22.46 -45.05
C LEU D 69 66.96 22.98 -43.59
N ARG D 70 67.14 24.30 -43.48
CA ARG D 70 67.30 24.97 -42.21
C ARG D 70 65.84 25.48 -41.82
N TYR D 71 64.88 25.09 -42.62
CA TYR D 71 63.47 25.45 -42.42
C TYR D 71 62.61 24.20 -42.26
N VAL D 72 62.65 23.31 -43.27
CA VAL D 72 61.85 22.07 -43.25
C VAL D 72 62.39 21.08 -42.21
N ALA D 73 63.67 20.78 -42.30
CA ALA D 73 64.34 19.88 -41.37
C ALA D 73 63.91 20.10 -39.93
N MET D 74 63.87 21.37 -39.53
CA MET D 74 63.52 21.74 -38.18
C MET D 74 62.00 21.36 -37.81
N VAL D 75 61.13 21.60 -38.76
CA VAL D 75 59.74 21.28 -38.53
C VAL D 75 59.54 19.75 -38.52
N ILE D 76 60.21 19.03 -39.43
CA ILE D 76 60.05 17.59 -39.44
C ILE D 76 60.79 16.90 -38.23
N TRP D 77 61.80 17.62 -37.73
CA TRP D 77 62.57 17.23 -36.55
C TRP D 77 61.63 17.27 -35.37
N LEU D 78 60.85 18.36 -35.31
CA LEU D 78 59.83 18.54 -34.29
C LEU D 78 58.82 17.40 -34.31
N TYR D 79 58.27 17.13 -35.49
CA TYR D 79 57.27 16.08 -35.65
C TYR D 79 57.85 14.75 -35.25
N SER D 80 58.93 14.34 -35.90
CA SER D 80 59.52 13.04 -35.57
C SER D 80 59.80 12.93 -34.06
N ALA D 81 60.33 14.00 -33.48
CA ALA D 81 60.62 14.05 -32.05
C ALA D 81 59.32 13.99 -31.26
N PHE D 82 58.33 14.76 -31.69
CA PHE D 82 57.01 14.81 -31.04
C PHE D 82 56.30 13.46 -31.08
N ARG D 83 56.30 12.80 -32.23
CA ARG D 83 55.65 11.51 -32.34
C ARG D 83 56.31 10.56 -31.35
N GLY D 84 57.63 10.70 -31.19
CA GLY D 84 58.37 9.87 -30.25
C GLY D 84 57.84 10.01 -28.83
N VAL D 85 57.55 11.25 -28.44
CA VAL D 85 57.03 11.55 -27.09
C VAL D 85 55.69 10.85 -26.86
N GLN D 86 54.82 10.89 -27.88
CA GLN D 86 53.48 10.28 -27.77
C GLN D 86 53.47 8.72 -27.64
N LEU D 87 54.35 8.04 -28.36
CA LEU D 87 54.41 6.58 -28.26
C LEU D 87 54.84 6.25 -26.82
N THR D 88 55.95 6.86 -26.38
CA THR D 88 56.48 6.63 -25.02
C THR D 88 55.47 7.03 -23.93
N TYR D 89 54.88 8.21 -24.08
CA TYR D 89 53.89 8.69 -23.11
C TYR D 89 52.90 7.59 -22.81
N GLU D 90 52.42 6.93 -23.85
CA GLU D 90 51.45 5.87 -23.68
C GLU D 90 52.11 4.58 -23.18
N HIS D 91 53.27 4.26 -23.73
CA HIS D 91 54.04 3.09 -23.31
C HIS D 91 54.46 3.27 -21.86
N THR D 92 54.64 4.54 -21.48
CA THR D 92 55.01 4.86 -20.09
C THR D 92 53.78 4.70 -19.19
N MET D 93 52.60 5.13 -19.69
CA MET D 93 51.35 5.00 -18.94
C MET D 93 51.14 3.50 -18.57
N LEU D 94 51.63 2.63 -19.44
CA LEU D 94 51.52 1.17 -19.24
C LEU D 94 51.54 0.80 -17.76
N GLN D 95 52.40 1.45 -16.99
CA GLN D 95 52.50 1.16 -15.57
C GLN D 95 51.22 1.56 -14.84
N LEU D 96 50.88 2.85 -14.86
CA LEU D 96 49.68 3.33 -14.18
C LEU D 96 48.40 3.18 -15.04
N TYR D 97 48.53 2.65 -16.24
CA TYR D 97 47.38 2.45 -17.12
C TYR D 97 47.36 1.02 -17.66
N PRO D 98 47.48 0.00 -16.82
CA PRO D 98 47.53 -1.36 -17.33
C PRO D 98 46.17 -1.77 -17.88
N SER D 99 46.12 -2.94 -18.53
CA SER D 99 44.88 -3.44 -19.11
C SER D 99 44.57 -4.82 -18.53
N PRO D 100 43.51 -5.47 -19.01
CA PRO D 100 43.14 -6.81 -18.53
C PRO D 100 43.75 -7.93 -19.36
N PHE D 101 43.24 -9.15 -19.18
CA PHE D 101 43.74 -10.33 -19.89
C PHE D 101 45.27 -10.50 -19.73
N ALA D 102 45.75 -10.41 -18.48
CA ALA D 102 47.19 -10.54 -18.13
C ALA D 102 48.06 -10.94 -19.33
N THR D 103 49.04 -10.09 -19.64
CA THR D 103 49.87 -10.33 -20.80
C THR D 103 51.47 -10.07 -20.42
N CYS D 104 52.32 -10.53 -21.34
CA CYS D 104 53.74 -10.37 -21.14
C CYS D 104 54.40 -9.37 -22.23
N ASP D 105 55.50 -8.76 -21.81
CA ASP D 105 56.14 -7.75 -22.64
C ASP D 105 56.27 -8.12 -24.13
N PHE D 106 56.11 -7.09 -24.98
CA PHE D 106 56.15 -7.24 -26.45
C PHE D 106 54.86 -7.93 -26.99
N MET D 107 54.33 -8.89 -26.18
CA MET D 107 53.07 -9.66 -26.54
C MET D 107 51.84 -9.22 -25.72
N VAL D 108 50.94 -8.48 -26.42
CA VAL D 108 49.68 -7.99 -25.83
C VAL D 108 48.48 -8.40 -26.70
N LEU D 114 50.96 -2.07 -60.96
CA LEU D 114 52.35 -1.79 -60.60
C LEU D 114 52.66 -2.21 -59.15
N PRO D 115 53.95 -2.36 -58.83
CA PRO D 115 54.42 -2.69 -57.48
C PRO D 115 54.42 -1.51 -56.50
N LEU D 116 54.40 -1.84 -55.19
CA LEU D 116 54.36 -0.77 -54.13
C LEU D 116 55.32 -1.10 -52.95
N ASP D 117 55.12 -0.40 -51.83
CA ASP D 117 55.94 -0.55 -50.62
C ASP D 117 55.85 -1.97 -50.09
N LYS D 118 54.61 -2.49 -50.11
CA LYS D 118 54.28 -3.79 -49.55
C LYS D 118 55.35 -4.87 -49.65
N TRP D 119 55.78 -5.24 -50.86
CA TRP D 119 56.82 -6.28 -50.99
C TRP D 119 57.96 -5.91 -51.96
N VAL D 120 59.16 -5.63 -51.38
CA VAL D 120 60.36 -5.33 -52.19
C VAL D 120 61.54 -6.23 -51.79
N PRO D 121 62.48 -6.45 -52.70
CA PRO D 121 63.67 -7.29 -52.46
C PRO D 121 64.47 -6.98 -51.15
N GLN D 122 64.12 -5.86 -50.51
CA GLN D 122 64.83 -5.40 -49.31
C GLN D 122 64.49 -6.20 -48.00
N VAL D 123 63.22 -6.37 -47.69
CA VAL D 123 62.79 -7.09 -46.49
C VAL D 123 62.68 -6.17 -45.27
N PHE D 124 61.74 -6.48 -44.38
CA PHE D 124 61.54 -5.66 -43.18
C PHE D 124 62.63 -5.97 -42.14
N VAL D 125 62.44 -5.34 -40.95
CA VAL D 125 63.34 -5.47 -39.81
C VAL D 125 62.82 -6.56 -38.86
N ALA D 126 63.66 -6.96 -37.90
CA ALA D 126 63.30 -8.03 -36.95
C ALA D 126 62.69 -7.47 -35.65
N SER D 127 62.58 -8.34 -34.63
CA SER D 127 62.01 -7.92 -33.34
C SER D 127 62.75 -8.52 -32.13
N GLY D 128 62.00 -8.81 -31.07
CA GLY D 128 62.55 -9.37 -29.83
C GLY D 128 61.47 -10.04 -28.98
N ASP D 129 61.91 -10.65 -27.86
CA ASP D 129 61.01 -11.40 -26.96
C ASP D 129 60.48 -10.59 -25.75
N CYS D 130 60.32 -11.30 -24.61
CA CYS D 130 59.76 -10.70 -23.38
C CYS D 130 60.82 -10.09 -22.44
N ALA D 131 60.30 -9.46 -21.37
CA ALA D 131 61.13 -8.84 -20.35
C ALA D 131 61.67 -9.99 -19.52
N GLU D 132 62.50 -9.65 -18.53
CA GLU D 132 63.18 -10.63 -17.68
C GLU D 132 64.53 -11.09 -18.31
N ARG D 133 65.62 -10.46 -17.84
CA ARG D 133 66.99 -10.77 -18.24
C ARG D 133 67.85 -10.73 -16.97
N GLN D 134 68.26 -9.54 -16.53
CA GLN D 134 69.14 -9.38 -15.34
C GLN D 134 70.13 -10.55 -15.07
N TRP D 135 71.38 -10.34 -15.55
CA TRP D 135 72.50 -11.29 -15.33
C TRP D 135 73.71 -10.52 -14.74
N ASP D 136 73.47 -9.95 -13.54
CA ASP D 136 74.50 -9.18 -12.83
C ASP D 136 74.21 -9.15 -11.31
N PHE D 137 74.92 -8.27 -10.59
CA PHE D 137 74.74 -8.14 -9.12
C PHE D 137 74.07 -6.81 -8.76
N LEU D 138 74.88 -5.88 -8.21
CA LEU D 138 74.41 -4.57 -7.72
C LEU D 138 74.42 -3.41 -8.74
N GLY D 139 75.14 -3.60 -9.85
CA GLY D 139 75.24 -2.59 -10.92
C GLY D 139 73.88 -2.20 -11.53
N LEU D 140 73.66 -0.88 -11.61
CA LEU D 140 72.43 -0.31 -12.16
C LEU D 140 71.22 -0.72 -11.30
N GLU D 141 70.03 -0.40 -11.83
CA GLU D 141 68.75 -0.69 -11.17
C GLU D 141 67.59 -0.50 -12.17
N MET D 142 67.54 -1.33 -13.20
CA MET D 142 66.51 -1.26 -14.25
C MET D 142 66.18 0.18 -14.66
N PRO D 143 67.00 0.80 -15.51
CA PRO D 143 66.70 2.16 -15.95
C PRO D 143 65.53 2.17 -16.91
N GLN D 144 64.49 2.93 -16.56
CA GLN D 144 63.29 3.07 -17.38
C GLN D 144 62.74 4.49 -17.25
N TRP D 145 62.59 4.95 -16.01
CA TRP D 145 62.15 6.32 -15.76
C TRP D 145 63.05 7.26 -16.57
N LEU D 146 64.31 6.83 -16.75
CA LEU D 146 65.36 7.60 -17.46
C LEU D 146 64.95 7.92 -18.91
N LEU D 147 64.01 7.16 -19.45
CA LEU D 147 63.52 7.37 -20.82
C LEU D 147 62.97 8.76 -21.03
N GLY D 148 62.41 9.33 -19.97
CA GLY D 148 61.87 10.67 -20.05
C GLY D 148 62.90 11.59 -20.69
N ILE D 149 64.17 11.19 -20.59
CA ILE D 149 65.26 12.04 -21.05
C ILE D 149 65.21 12.47 -22.57
N PHE D 150 64.78 11.56 -23.42
CA PHE D 150 64.63 11.88 -24.83
C PHE D 150 63.45 12.84 -25.04
N ILE D 151 62.54 12.92 -24.04
CA ILE D 151 61.38 13.80 -24.15
C ILE D 151 61.86 15.30 -24.09
N ALA D 152 63.03 15.49 -23.48
CA ALA D 152 63.64 16.83 -23.38
C ALA D 152 64.38 17.21 -24.67
N TYR D 153 65.19 16.24 -25.14
CA TYR D 153 65.98 16.38 -26.35
C TYR D 153 65.00 16.80 -27.45
N LEU D 154 63.74 16.43 -27.24
CA LEU D 154 62.66 16.82 -28.17
C LEU D 154 62.42 18.32 -28.09
N ILE D 155 62.52 18.91 -26.89
CA ILE D 155 62.28 20.32 -26.80
C ILE D 155 63.52 21.12 -27.58
N VAL D 156 64.69 20.54 -27.49
CA VAL D 156 65.85 21.08 -28.20
C VAL D 156 65.44 21.37 -29.65
N ALA D 157 64.39 20.67 -30.08
CA ALA D 157 63.84 20.87 -31.40
C ALA D 157 63.46 22.33 -31.48
N VAL D 158 62.76 22.81 -30.44
CA VAL D 158 62.35 24.21 -30.37
C VAL D 158 63.57 25.12 -30.25
N LEU D 159 64.58 24.63 -29.54
CA LEU D 159 65.83 25.40 -29.28
C LEU D 159 66.70 25.62 -30.51
N VAL D 160 66.72 24.62 -31.42
CA VAL D 160 67.47 24.76 -32.66
C VAL D 160 66.67 25.75 -33.52
N VAL D 161 65.34 25.54 -33.60
CA VAL D 161 64.46 26.39 -34.43
C VAL D 161 64.10 27.78 -33.87
N ILE D 162 63.72 27.85 -32.59
CA ILE D 162 63.42 29.15 -31.98
C ILE D 162 63.75 29.13 -30.48
N ASP E 21 39.41 -18.48 -15.72
CA ASP E 21 39.63 -17.12 -15.12
C ASP E 21 40.25 -17.21 -13.72
N ILE E 22 40.09 -16.13 -12.94
CA ILE E 22 40.46 -16.17 -11.54
C ILE E 22 39.19 -16.32 -10.67
N VAL E 23 39.30 -17.12 -9.61
CA VAL E 23 38.24 -17.18 -8.57
C VAL E 23 38.56 -16.42 -7.29
N MET E 24 37.69 -15.48 -6.96
CA MET E 24 37.78 -14.73 -5.73
C MET E 24 36.85 -15.36 -4.74
N SER E 25 37.32 -15.60 -3.52
CA SER E 25 36.46 -16.17 -2.48
C SER E 25 36.55 -15.47 -1.13
N GLN E 26 35.45 -14.82 -0.74
CA GLN E 26 35.33 -14.18 0.56
C GLN E 26 34.84 -15.07 1.68
N SER E 27 35.40 -14.80 2.87
CA SER E 27 35.05 -15.46 4.11
C SER E 27 35.00 -14.41 5.21
N PRO E 28 33.97 -14.45 6.07
CA PRO E 28 32.86 -15.39 6.11
C PRO E 28 31.77 -14.95 5.14
N SER E 29 30.66 -15.68 5.12
CA SER E 29 29.48 -15.25 4.38
C SER E 29 28.92 -13.97 4.97
N SER E 30 28.87 -13.94 6.29
CA SER E 30 28.37 -12.79 7.02
C SER E 30 28.89 -12.71 8.44
N LEU E 31 28.66 -11.55 9.05
CA LEU E 31 29.05 -11.29 10.41
C LEU E 31 28.26 -10.15 11.00
N ALA E 32 27.51 -10.46 12.05
CA ALA E 32 26.86 -9.43 12.84
C ALA E 32 27.88 -8.88 13.81
N VAL E 33 27.84 -7.57 14.02
CA VAL E 33 28.81 -6.92 14.93
C VAL E 33 28.24 -5.71 15.70
N SER E 34 28.99 -5.29 16.72
CA SER E 34 28.58 -4.26 17.67
C SER E 34 29.25 -2.92 17.38
N ALA E 35 28.43 -1.87 17.38
CA ALA E 35 28.84 -0.54 16.92
C ALA E 35 29.99 0.09 17.74
N GLY E 36 31.12 0.29 17.07
CA GLY E 36 32.29 0.93 17.69
C GLY E 36 33.50 0.01 17.78
N GLU E 37 33.30 -1.26 17.43
CA GLU E 37 34.35 -2.28 17.44
C GLU E 37 35.27 -2.24 16.21
N LYS E 38 36.01 -3.34 15.98
CA LYS E 38 36.89 -3.48 14.82
C LYS E 38 36.84 -4.86 14.16
N VAL E 39 35.92 -5.00 13.20
CA VAL E 39 35.79 -6.19 12.31
C VAL E 39 36.86 -6.26 11.22
N THR E 40 37.09 -7.47 10.70
CA THR E 40 37.92 -7.65 9.53
C THR E 40 37.36 -8.79 8.69
N MET E 41 36.94 -8.51 7.45
CA MET E 41 36.60 -9.62 6.54
C MET E 41 37.79 -10.00 5.70
N SER E 42 37.71 -11.17 5.07
CA SER E 42 38.82 -11.70 4.29
C SER E 42 38.47 -11.98 2.83
N CYS E 43 39.46 -11.76 1.98
CA CYS E 43 39.33 -11.97 0.55
C CYS E 43 40.55 -12.73 0.05
N LYS E 44 40.29 -13.81 -0.68
CA LYS E 44 41.35 -14.59 -1.25
C LYS E 44 41.13 -14.80 -2.76
N SER E 45 42.19 -15.23 -3.43
CA SER E 45 42.22 -15.26 -4.88
C SER E 45 42.96 -16.49 -5.31
N SER E 46 42.52 -17.10 -6.42
CA SER E 46 43.12 -18.35 -6.88
C SER E 46 44.54 -18.08 -7.37
N GLN E 47 44.68 -16.98 -8.09
CA GLN E 47 45.97 -16.56 -8.63
C GLN E 47 46.53 -15.41 -7.83
N SER E 48 47.85 -15.29 -7.83
CA SER E 48 48.50 -14.17 -7.20
C SER E 48 48.24 -12.92 -8.01
N LEU E 49 48.00 -11.82 -7.30
CA LEU E 49 47.61 -10.58 -7.95
C LEU E 49 48.76 -9.56 -7.92
N LEU E 50 49.96 -10.03 -7.61
CA LEU E 50 51.18 -9.20 -7.62
C LEU E 50 51.69 -8.93 -9.04
N ASN E 51 52.50 -7.88 -9.18
CA ASN E 51 53.15 -7.56 -10.45
C ASN E 51 54.63 -7.24 -10.25
N SER E 52 55.52 -8.01 -10.90
CA SER E 52 56.99 -7.84 -10.78
C SER E 52 57.41 -6.37 -10.65
N ARG E 53 56.80 -5.53 -11.47
CA ARG E 53 56.92 -4.07 -11.41
C ARG E 53 55.51 -3.46 -11.45
N THR E 54 55.21 -2.48 -10.60
CA THR E 54 55.90 -2.27 -9.33
C THR E 54 55.03 -3.09 -8.41
N ARG E 55 55.49 -3.35 -7.18
CA ARG E 55 54.62 -3.97 -6.18
C ARG E 55 53.25 -3.28 -6.22
N LYS E 56 52.32 -3.93 -6.93
CA LYS E 56 50.94 -3.49 -7.05
C LYS E 56 50.08 -4.75 -7.07
N ASN E 57 48.84 -4.61 -6.64
CA ASN E 57 48.05 -5.72 -6.15
C ASN E 57 46.70 -5.09 -5.93
N TYR E 58 45.92 -4.68 -6.93
CA TYR E 58 45.50 -5.35 -8.18
C TYR E 58 44.23 -6.11 -7.84
N LEU E 59 43.51 -5.45 -6.95
CA LEU E 59 42.32 -5.93 -6.28
C LEU E 59 41.71 -4.69 -5.64
N ALA E 60 40.38 -4.62 -5.66
CA ALA E 60 39.64 -3.53 -5.06
C ALA E 60 38.76 -4.01 -3.91
N TRP E 61 38.00 -3.07 -3.32
CA TRP E 61 36.98 -3.33 -2.32
C TRP E 61 35.81 -2.40 -2.58
N TYR E 62 34.63 -2.96 -2.73
CA TYR E 62 33.43 -2.17 -2.99
C TYR E 62 32.40 -2.49 -1.90
N GLN E 63 31.73 -1.47 -1.38
CA GLN E 63 30.62 -1.71 -0.45
C GLN E 63 29.25 -1.40 -1.06
N GLN E 64 28.31 -2.33 -0.92
CA GLN E 64 26.96 -2.16 -1.46
C GLN E 64 25.88 -2.25 -0.37
N LYS E 65 25.26 -1.10 -0.11
CA LYS E 65 24.12 -0.99 0.77
C LYS E 65 22.85 -1.36 -0.02
N PRO E 66 21.83 -1.90 0.68
CA PRO E 66 20.57 -2.30 0.02
C PRO E 66 20.01 -1.22 -0.90
N GLY E 67 19.30 -1.65 -1.95
CA GLY E 67 18.68 -0.74 -2.91
C GLY E 67 19.61 0.28 -3.55
N GLN E 68 20.78 -0.18 -4.02
CA GLN E 68 21.87 0.67 -4.57
C GLN E 68 22.95 -0.10 -5.35
N SER E 69 23.80 0.66 -6.05
CA SER E 69 25.04 0.14 -6.62
C SER E 69 26.09 0.01 -5.51
N PRO E 70 27.28 -0.52 -5.86
CA PRO E 70 28.43 -0.43 -4.95
C PRO E 70 29.15 0.91 -5.05
N LYS E 71 30.07 1.17 -4.13
CA LYS E 71 30.99 2.31 -4.22
C LYS E 71 32.40 1.79 -4.02
N LEU E 72 33.37 2.25 -4.82
CA LEU E 72 34.77 1.86 -4.62
C LEU E 72 35.29 2.37 -3.28
N LEU E 73 35.70 1.45 -2.42
CA LEU E 73 36.17 1.81 -1.11
C LEU E 73 37.67 1.88 -1.13
N ILE E 74 38.29 0.84 -1.65
CA ILE E 74 39.73 0.79 -1.74
C ILE E 74 40.14 0.19 -3.08
N TYR E 75 41.13 0.80 -3.73
CA TYR E 75 41.73 0.24 -4.94
C TYR E 75 43.20 -0.12 -4.70
N TRP E 76 43.73 -1.00 -5.55
CA TRP E 76 45.07 -1.54 -5.41
C TRP E 76 45.29 -2.11 -4.01
N ALA E 77 44.19 -2.59 -3.42
CA ALA E 77 44.13 -3.15 -2.04
C ALA E 77 44.43 -2.17 -0.89
N SER E 78 45.43 -1.32 -1.08
CA SER E 78 45.82 -0.34 -0.06
C SER E 78 45.13 1.00 -0.26
N THR E 79 45.61 1.81 -1.20
CA THR E 79 45.20 3.21 -1.27
C THR E 79 43.68 3.36 -1.15
N ARG E 80 43.26 4.20 -0.20
CA ARG E 80 41.86 4.54 -0.02
C ARG E 80 41.28 5.24 -1.25
N GLU E 81 39.99 5.54 -1.19
CA GLU E 81 39.36 6.30 -2.24
C GLU E 81 39.08 7.74 -1.77
N SER E 82 38.84 8.64 -2.72
CA SER E 82 38.60 10.06 -2.41
C SER E 82 37.29 10.27 -1.65
N GLY E 83 37.42 10.46 -0.33
CA GLY E 83 36.28 10.64 0.57
C GLY E 83 35.95 9.38 1.36
N VAL E 84 36.97 8.58 1.63
CA VAL E 84 36.78 7.33 2.37
C VAL E 84 37.51 7.36 3.72
N PRO E 85 36.72 7.26 4.81
CA PRO E 85 37.15 7.30 6.22
C PRO E 85 38.45 6.53 6.55
N ASP E 86 39.08 6.96 7.65
CA ASP E 86 40.32 6.36 8.15
C ASP E 86 40.11 4.93 8.57
N ARG E 87 38.98 4.67 9.20
CA ARG E 87 38.63 3.37 9.78
C ARG E 87 38.93 2.15 8.90
N PHE E 88 38.43 2.17 7.65
CA PHE E 88 38.74 1.12 6.65
C PHE E 88 40.23 1.13 6.31
N THR E 89 40.80 -0.05 6.11
CA THR E 89 42.23 -0.19 5.84
C THR E 89 42.51 -1.55 5.23
N GLY E 90 42.47 -1.62 3.90
CA GLY E 90 42.78 -2.87 3.21
C GLY E 90 44.21 -3.28 3.46
N SER E 91 44.47 -4.58 3.40
CA SER E 91 45.81 -5.11 3.62
C SER E 91 45.93 -6.45 2.91
N GLY E 92 47.13 -7.02 2.92
CA GLY E 92 47.31 -8.34 2.35
C GLY E 92 48.07 -8.27 1.06
N SER E 93 48.57 -9.42 0.59
CA SER E 93 49.49 -9.44 -0.53
C SER E 93 49.51 -10.75 -1.34
N GLY E 94 49.22 -10.62 -2.63
CA GLY E 94 49.34 -11.73 -3.56
C GLY E 94 48.07 -12.56 -3.66
N THR E 95 47.83 -13.34 -2.61
CA THR E 95 46.69 -14.26 -2.55
C THR E 95 45.96 -14.21 -1.20
N ASP E 96 45.99 -13.05 -0.54
CA ASP E 96 45.49 -12.91 0.85
C ASP E 96 45.12 -11.49 1.24
N PHE E 97 43.97 -11.01 0.79
CA PHE E 97 43.57 -9.62 1.01
C PHE E 97 42.52 -9.47 2.13
N THR E 98 42.64 -8.40 2.92
CA THR E 98 41.87 -8.31 4.16
C THR E 98 41.42 -6.90 4.50
N LEU E 99 40.17 -6.60 4.19
CA LEU E 99 39.56 -5.33 4.54
C LEU E 99 39.20 -5.34 6.01
N THR E 100 39.36 -4.20 6.69
CA THR E 100 39.12 -4.09 8.12
C THR E 100 38.53 -2.75 8.55
N ILE E 101 37.46 -2.78 9.33
CA ILE E 101 36.81 -1.56 9.89
C ILE E 101 36.94 -1.48 11.41
N SER E 102 37.26 -0.30 11.93
CA SER E 102 36.98 0.03 13.34
C SER E 102 35.89 1.11 13.39
N SER E 103 35.49 1.51 14.60
CA SER E 103 34.41 2.52 14.82
C SER E 103 33.10 2.17 14.09
N VAL E 104 32.99 0.91 13.70
CA VAL E 104 31.85 0.40 12.97
C VAL E 104 30.63 1.29 13.13
N GLN E 105 30.35 2.11 12.11
CA GLN E 105 29.13 2.91 12.10
C GLN E 105 27.88 2.04 11.93
N ALA E 106 26.71 2.65 12.14
CA ALA E 106 25.44 1.99 11.89
C ALA E 106 25.18 2.04 10.40
N GLU E 107 25.67 3.11 9.77
CA GLU E 107 25.67 3.27 8.31
C GLU E 107 26.95 2.66 7.71
N ASP E 108 27.26 1.45 8.18
CA ASP E 108 28.34 0.62 7.66
C ASP E 108 27.79 -0.76 7.41
N LEU E 109 26.48 -0.90 7.60
CA LEU E 109 25.79 -2.12 7.24
C LEU E 109 25.73 -2.14 5.71
N ALA E 110 26.23 -3.23 5.14
CA ALA E 110 26.35 -3.42 3.70
C ALA E 110 26.98 -4.78 3.39
N VAL E 111 27.00 -5.17 2.12
CA VAL E 111 27.78 -6.32 1.70
C VAL E 111 29.09 -5.81 1.11
N TYR E 112 30.20 -6.32 1.63
CA TYR E 112 31.50 -5.92 1.15
C TYR E 112 32.00 -6.99 0.20
N TYR E 113 32.29 -6.56 -1.03
CA TYR E 113 32.80 -7.39 -2.11
C TYR E 113 34.28 -7.10 -2.33
N CYS E 114 34.98 -8.00 -3.02
CA CYS E 114 36.33 -7.70 -3.50
C CYS E 114 36.48 -8.07 -4.96
N LYS E 115 37.12 -7.18 -5.72
CA LYS E 115 37.31 -7.32 -7.16
C LYS E 115 38.80 -7.34 -7.48
N GLN E 116 39.26 -8.39 -8.15
CA GLN E 116 40.57 -8.35 -8.76
C GLN E 116 40.45 -7.87 -10.18
N SER E 117 41.47 -7.15 -10.63
CA SER E 117 41.53 -6.72 -12.02
C SER E 117 42.86 -7.07 -12.67
N TYR E 118 43.71 -7.81 -11.95
CA TYR E 118 44.98 -8.29 -12.52
C TYR E 118 44.74 -8.87 -13.90
N ASN E 119 43.75 -9.73 -14.01
CA ASN E 119 43.40 -10.35 -15.27
C ASN E 119 41.90 -10.38 -15.34
N LEU E 120 41.36 -9.66 -16.32
CA LEU E 120 39.92 -9.45 -16.45
C LEU E 120 39.30 -8.78 -15.20
N TYR E 121 37.99 -8.94 -15.02
CA TYR E 121 37.30 -8.45 -13.84
C TYR E 121 36.50 -9.59 -13.20
N THR E 122 36.89 -10.03 -12.01
CA THR E 122 36.13 -11.08 -11.34
C THR E 122 35.87 -10.73 -9.88
N PHE E 123 34.61 -10.77 -9.44
CA PHE E 123 34.26 -10.42 -8.06
C PHE E 123 34.33 -11.53 -6.99
N GLY E 124 34.33 -11.12 -5.72
CA GLY E 124 34.21 -12.05 -4.59
C GLY E 124 32.76 -12.40 -4.34
N GLY E 125 32.50 -13.23 -3.35
CA GLY E 125 31.13 -13.59 -2.96
C GLY E 125 30.44 -12.51 -2.15
N GLY E 126 31.15 -12.00 -1.16
CA GLY E 126 30.63 -10.98 -0.28
C GLY E 126 30.83 -11.39 1.16
N THR E 127 30.87 -10.40 2.04
CA THR E 127 30.73 -10.61 3.47
C THR E 127 29.65 -9.64 3.89
N LYS E 128 28.50 -10.17 4.31
CA LYS E 128 27.38 -9.32 4.74
C LYS E 128 27.68 -8.87 6.15
N LEU E 129 27.44 -7.59 6.44
CA LEU E 129 27.80 -7.08 7.77
C LEU E 129 26.59 -6.59 8.58
N GLU E 130 25.96 -7.50 9.31
CA GLU E 130 24.79 -7.18 10.12
C GLU E 130 25.09 -6.58 11.52
N ILE E 131 24.08 -5.96 12.12
CA ILE E 131 24.22 -5.28 13.42
C ILE E 131 23.52 -6.02 14.57
N LYS E 132 24.25 -6.27 15.67
CA LYS E 132 23.66 -6.79 16.90
C LYS E 132 22.72 -5.75 17.53
N ALA E 134 21.28 -7.56 20.15
CA ALA E 134 20.71 -8.11 21.37
C ALA E 134 19.44 -8.93 21.09
N ASP E 135 19.38 -10.12 21.70
CA ASP E 135 18.44 -11.18 21.32
C ASP E 135 16.96 -10.82 21.47
N ALA E 136 16.11 -11.73 21.02
CA ALA E 136 14.64 -11.68 21.19
C ALA E 136 14.00 -13.00 20.74
N ALA E 137 12.78 -13.27 21.22
CA ALA E 137 12.03 -14.44 20.78
C ALA E 137 11.01 -14.10 19.68
N PRO E 138 10.75 -15.05 18.76
CA PRO E 138 9.88 -14.77 17.62
C PRO E 138 8.40 -14.76 17.98
N THR E 139 7.71 -13.73 17.48
CA THR E 139 6.27 -13.59 17.62
C THR E 139 5.59 -14.33 16.48
N VAL E 140 5.27 -15.60 16.73
CA VAL E 140 4.69 -16.46 15.72
C VAL E 140 3.15 -16.46 15.77
N SER E 141 2.54 -16.42 14.59
CA SER E 141 1.10 -16.42 14.48
C SER E 141 0.70 -17.17 13.24
N ILE E 142 -0.19 -18.15 13.40
CA ILE E 142 -0.68 -19.01 12.31
C ILE E 142 -2.00 -18.50 11.73
N PHE E 143 -2.23 -18.81 10.45
CA PHE E 143 -3.35 -18.26 9.69
C PHE E 143 -3.87 -19.29 8.70
N PRO E 144 -5.14 -19.70 8.85
CA PRO E 144 -5.87 -20.63 7.96
C PRO E 144 -6.11 -20.10 6.55
N PRO E 145 -6.41 -21.00 5.59
CA PRO E 145 -6.59 -20.58 4.20
C PRO E 145 -7.85 -19.74 4.04
N SER E 146 -7.65 -18.51 3.59
CA SER E 146 -8.71 -17.51 3.52
C SER E 146 -10.00 -17.99 2.85
N SER E 147 -11.10 -17.58 3.47
CA SER E 147 -12.48 -17.72 3.01
C SER E 147 -12.63 -17.99 1.50
N GLU E 148 -12.06 -17.10 0.69
CA GLU E 148 -12.27 -17.18 -0.75
C GLU E 148 -11.29 -18.10 -1.48
N GLN E 149 -10.04 -18.14 -1.02
CA GLN E 149 -9.04 -18.97 -1.68
C GLN E 149 -9.58 -20.38 -1.93
N LEU E 150 -10.29 -20.88 -0.92
CA LEU E 150 -10.86 -22.23 -0.93
C LEU E 150 -11.74 -22.49 -2.15
N THR E 151 -12.80 -21.69 -2.27
CA THR E 151 -13.74 -21.78 -3.41
C THR E 151 -13.02 -21.81 -4.76
N SER E 152 -11.81 -21.25 -4.78
CA SER E 152 -10.99 -21.17 -6.00
C SER E 152 -10.31 -22.49 -6.37
N GLY E 153 -10.38 -23.48 -5.47
CA GLY E 153 -9.82 -24.81 -5.71
C GLY E 153 -8.47 -25.02 -5.07
N GLY E 154 -7.96 -23.97 -4.42
CA GLY E 154 -6.67 -24.00 -3.74
C GLY E 154 -6.80 -23.58 -2.28
N ALA E 155 -5.75 -23.82 -1.51
CA ALA E 155 -5.73 -23.50 -0.06
C ALA E 155 -4.30 -23.38 0.49
N SER E 156 -3.99 -22.20 1.03
CA SER E 156 -2.66 -21.95 1.60
C SER E 156 -2.74 -21.51 3.05
N VAL E 157 -2.08 -22.28 3.92
CA VAL E 157 -1.96 -21.94 5.33
C VAL E 157 -0.66 -21.18 5.53
N VAL E 158 -0.71 -20.00 6.13
CA VAL E 158 0.53 -19.27 6.41
C VAL E 158 0.78 -19.10 7.91
N CYS E 159 2.01 -18.77 8.27
CA CYS E 159 2.29 -18.29 9.61
C CYS E 159 3.56 -17.45 9.68
N PHE E 160 3.43 -16.29 10.32
CA PHE E 160 4.49 -15.29 10.36
C PHE E 160 5.32 -15.36 11.63
N LEU E 161 6.59 -15.72 11.46
CA LEU E 161 7.55 -15.80 12.56
C LEU E 161 8.30 -14.47 12.67
N ASN E 162 7.75 -13.53 13.43
CA ASN E 162 8.20 -12.15 13.35
C ASN E 162 9.10 -11.69 14.49
N ASN E 163 9.99 -10.76 14.19
CA ASN E 163 10.81 -10.05 15.17
C ASN E 163 11.60 -10.92 16.13
N PHE E 164 12.70 -11.46 15.61
CA PHE E 164 13.60 -12.33 16.38
C PHE E 164 15.07 -12.18 15.99
N TYR E 165 15.94 -12.38 16.96
CA TYR E 165 17.36 -12.37 16.72
C TYR E 165 18.02 -13.39 17.64
N PRO E 166 18.97 -14.20 17.14
CA PRO E 166 19.64 -14.36 15.83
C PRO E 166 18.78 -15.00 14.73
N LYS E 167 19.16 -14.79 13.46
CA LYS E 167 18.36 -15.26 12.33
C LYS E 167 17.99 -16.74 12.39
N ASP E 168 18.94 -17.57 12.82
CA ASP E 168 18.81 -19.03 12.77
C ASP E 168 17.57 -19.53 13.46
N ILE E 169 16.50 -19.69 12.68
CA ILE E 169 15.27 -20.25 13.19
C ILE E 169 15.02 -21.57 12.49
N ASN E 170 14.02 -22.30 12.97
CA ASN E 170 13.68 -23.58 12.41
C ASN E 170 12.19 -23.84 12.59
N VAL E 171 11.44 -23.86 11.49
CA VAL E 171 10.02 -24.16 11.56
C VAL E 171 9.79 -25.65 11.30
N LYS E 172 8.73 -26.18 11.87
CA LYS E 172 8.40 -27.60 11.72
C LYS E 172 6.89 -27.79 11.75
N TRP E 173 6.29 -27.88 10.56
CA TRP E 173 4.84 -28.02 10.41
C TRP E 173 4.30 -29.39 10.83
N LYS E 174 3.05 -29.39 11.29
CA LYS E 174 2.34 -30.63 11.61
C LYS E 174 0.89 -30.55 11.16
N ILE E 175 0.44 -31.61 10.48
CA ILE E 175 -0.97 -31.90 10.23
C ILE E 175 -1.39 -32.93 11.27
N ASP E 176 -2.17 -32.49 12.26
CA ASP E 176 -2.38 -33.21 13.53
C ASP E 176 -1.29 -34.25 13.87
N GLY E 177 -0.31 -33.79 14.65
CA GLY E 177 0.72 -34.63 15.25
C GLY E 177 1.79 -35.08 14.27
N SER E 178 1.36 -35.58 13.11
CA SER E 178 2.30 -36.01 12.06
C SER E 178 2.86 -34.78 11.36
N GLU E 179 4.16 -34.78 11.12
CA GLU E 179 4.88 -33.58 10.70
C GLU E 179 5.41 -33.72 9.30
N ARG E 180 4.57 -33.53 8.28
CA ARG E 180 5.03 -33.56 6.89
C ARG E 180 5.82 -32.29 6.50
N GLN E 181 6.80 -32.45 5.61
CA GLN E 181 7.67 -31.36 5.26
C GLN E 181 7.28 -30.78 3.92
N ASN E 182 7.28 -31.62 2.89
CA ASN E 182 7.14 -31.12 1.51
C ASN E 182 5.83 -30.39 1.24
N GLY E 183 5.90 -29.40 0.36
CA GLY E 183 4.79 -28.51 0.11
C GLY E 183 4.94 -27.19 0.84
N VAL E 184 5.91 -27.11 1.74
CA VAL E 184 6.16 -25.89 2.52
C VAL E 184 7.11 -24.92 1.81
N LEU E 185 6.79 -23.63 1.88
CA LEU E 185 7.62 -22.57 1.33
C LEU E 185 8.00 -21.59 2.42
N ASN E 186 9.27 -21.18 2.48
CA ASN E 186 9.69 -20.14 3.44
C ASN E 186 10.26 -18.89 2.79
N SER E 187 10.46 -17.87 3.61
CA SER E 187 10.88 -16.54 3.16
C SER E 187 11.38 -15.66 4.31
N TRP E 188 12.58 -15.11 4.13
CA TRP E 188 13.25 -14.37 5.20
C TRP E 188 13.53 -12.93 4.85
N THR E 189 13.23 -12.05 5.80
CA THR E 189 13.58 -10.65 5.66
C THR E 189 15.03 -10.43 6.09
N ASP E 190 15.58 -9.29 5.68
CA ASP E 190 16.78 -8.74 6.25
C ASP E 190 16.44 -7.99 7.53
N GLN E 191 17.44 -7.87 8.38
CA GLN E 191 17.38 -7.03 9.57
C GLN E 191 16.47 -5.82 9.45
N ASP E 192 15.77 -5.49 10.53
CA ASP E 192 14.92 -4.31 10.55
C ASP E 192 15.78 -3.07 10.70
N SER E 193 15.31 -1.96 10.13
CA SER E 193 16.07 -0.70 10.17
C SER E 193 15.97 -0.03 11.55
N LYS E 194 14.80 -0.17 12.18
CA LYS E 194 14.56 0.38 13.51
C LYS E 194 14.68 -0.73 14.56
N ASP E 195 13.85 -1.77 14.39
CA ASP E 195 13.79 -2.90 15.29
C ASP E 195 15.04 -3.82 15.19
N SER E 196 15.76 -3.71 14.07
CA SER E 196 17.05 -4.38 13.87
C SER E 196 17.02 -5.90 14.07
N THR E 197 15.87 -6.51 13.76
CA THR E 197 15.71 -7.95 13.86
C THR E 197 15.00 -8.56 12.63
N TYR E 198 14.89 -9.88 12.62
CA TYR E 198 14.36 -10.60 11.48
C TYR E 198 12.93 -11.07 11.69
N SER E 199 12.28 -11.36 10.57
CA SER E 199 10.95 -11.97 10.52
C SER E 199 10.92 -12.92 9.34
N MET E 200 10.26 -14.05 9.51
CA MET E 200 10.19 -15.04 8.47
C MET E 200 8.76 -15.53 8.32
N SER E 201 8.31 -15.71 7.10
CA SER E 201 7.01 -16.34 6.89
C SER E 201 7.18 -17.76 6.35
N SER E 202 6.16 -18.60 6.57
CA SER E 202 6.19 -19.99 6.16
C SER E 202 4.80 -20.41 5.72
N THR E 203 4.73 -21.10 4.58
CA THR E 203 3.45 -21.39 3.96
C THR E 203 3.36 -22.83 3.46
N LEU E 204 2.69 -23.65 4.24
CA LEU E 204 2.28 -24.97 3.77
C LEU E 204 1.07 -24.78 2.86
N THR E 205 1.19 -25.23 1.62
CA THR E 205 0.13 -25.05 0.64
C THR E 205 -0.42 -26.37 0.08
N LEU E 206 -1.75 -26.45 0.04
CA LEU E 206 -2.48 -27.67 -0.36
C LEU E 206 -3.69 -27.42 -1.27
N THR E 207 -3.96 -28.41 -2.12
CA THR E 207 -5.24 -28.49 -2.81
C THR E 207 -6.33 -28.66 -1.73
N LYS E 208 -7.31 -27.76 -1.76
CA LYS E 208 -8.52 -27.82 -0.92
C LYS E 208 -8.89 -29.26 -0.55
N ASP E 209 -9.14 -30.09 -1.57
CA ASP E 209 -9.40 -31.52 -1.37
C ASP E 209 -8.57 -32.11 -0.22
N GLU E 210 -7.25 -31.92 -0.32
CA GLU E 210 -6.34 -32.42 0.68
C GLU E 210 -6.33 -31.56 1.93
N TYR E 211 -6.79 -30.33 1.82
CA TYR E 211 -6.88 -29.48 3.00
C TYR E 211 -7.80 -30.12 4.01
N GLU E 212 -8.94 -30.62 3.53
CA GLU E 212 -9.96 -31.21 4.41
C GLU E 212 -9.71 -32.68 4.77
N ARG E 213 -8.65 -33.28 4.22
CA ARG E 213 -8.23 -34.60 4.65
C ARG E 213 -8.13 -34.61 6.18
N HIS E 214 -7.55 -33.55 6.74
CA HIS E 214 -7.31 -33.49 8.18
C HIS E 214 -7.98 -32.32 8.90
N ASN E 215 -7.68 -32.19 10.19
CA ASN E 215 -8.28 -31.17 11.04
C ASN E 215 -7.25 -30.22 11.67
N SER E 216 -6.27 -30.77 12.36
CA SER E 216 -5.37 -29.95 13.16
C SER E 216 -4.16 -29.53 12.37
N TYR E 217 -3.88 -28.23 12.35
CA TYR E 217 -2.68 -27.69 11.72
C TYR E 217 -1.89 -26.84 12.72
N THR E 218 -0.56 -26.91 12.65
CA THR E 218 0.30 -26.21 13.61
C THR E 218 1.72 -25.92 13.08
N CYS E 219 2.27 -24.75 13.45
CA CYS E 219 3.66 -24.40 13.12
C CYS E 219 4.48 -24.04 14.36
N GLU E 220 5.75 -24.42 14.35
CA GLU E 220 6.59 -24.27 15.54
C GLU E 220 7.95 -23.68 15.26
N ALA E 221 8.18 -22.47 15.77
CA ALA E 221 9.53 -21.91 15.85
C ALA E 221 10.38 -22.83 16.71
N THR E 222 11.71 -22.66 16.67
CA THR E 222 12.60 -23.38 17.58
C THR E 222 13.87 -22.57 17.69
N HIS E 223 13.67 -21.26 17.78
CA HIS E 223 14.71 -20.27 18.02
C HIS E 223 15.63 -20.52 19.22
N LYS E 224 16.83 -19.94 19.15
CA LYS E 224 17.80 -20.07 20.23
C LYS E 224 17.53 -19.04 21.33
N THR E 225 16.30 -19.03 21.86
CA THR E 225 15.98 -18.17 23.01
C THR E 225 15.56 -19.04 24.16
N SER E 226 14.49 -19.79 23.93
CA SER E 226 14.03 -20.81 24.86
C SER E 226 13.96 -22.13 24.10
N THR E 227 14.86 -23.07 24.41
CA THR E 227 14.80 -24.36 23.73
C THR E 227 13.56 -25.14 24.18
N SER E 228 12.44 -24.63 23.69
CA SER E 228 11.11 -25.20 23.82
C SER E 228 10.31 -24.57 22.66
N PRO E 229 9.96 -25.37 21.65
CA PRO E 229 9.21 -24.90 20.51
C PRO E 229 8.06 -23.97 20.88
N ILE E 230 7.88 -22.89 20.12
CA ILE E 230 6.65 -22.10 20.19
C ILE E 230 5.64 -22.69 19.19
N VAL E 231 4.88 -23.66 19.67
CA VAL E 231 3.72 -24.18 18.96
C VAL E 231 2.62 -23.13 19.00
N LYS E 232 1.79 -23.15 17.96
CA LYS E 232 0.72 -22.20 17.82
C LYS E 232 -0.16 -22.81 16.74
N SER E 233 -1.22 -23.47 17.17
CA SER E 233 -2.00 -24.32 16.28
C SER E 233 -3.45 -23.87 16.10
N PHE E 234 -4.00 -24.17 14.92
CA PHE E 234 -5.43 -24.00 14.66
C PHE E 234 -5.96 -25.31 14.03
N ASN E 235 -7.25 -25.58 14.16
CA ASN E 235 -7.83 -26.83 13.62
C ASN E 235 -9.16 -26.64 12.94
N ARG E 236 -9.31 -27.34 11.81
CA ARG E 236 -10.33 -27.06 10.79
C ARG E 236 -11.74 -26.67 11.25
N ASN E 237 -12.51 -27.64 11.77
CA ASN E 237 -13.96 -27.50 12.10
C ASN E 237 -14.70 -26.23 11.64
N GLU E 238 -14.46 -25.14 12.37
CA GLU E 238 -15.14 -23.86 12.17
C GLU E 238 -14.78 -23.16 10.84
N CYS E 239 -13.56 -23.44 10.33
CA CYS E 239 -13.04 -22.86 9.07
C CYS E 239 -12.72 -23.92 8.01
N GLU F 1 26.99 15.40 -8.82
CA GLU F 1 27.74 15.99 -9.95
C GLU F 1 27.85 15.02 -11.15
N VAL F 2 28.79 14.07 -11.09
CA VAL F 2 29.12 13.17 -12.21
C VAL F 2 28.16 11.97 -12.27
N GLN F 3 27.45 11.83 -13.40
CA GLN F 3 26.30 10.92 -13.44
C GLN F 3 26.05 10.03 -14.67
N LEU F 4 25.59 8.80 -14.40
CA LEU F 4 25.14 7.83 -15.40
C LEU F 4 23.69 7.41 -15.13
N VAL F 5 22.90 7.25 -16.20
CA VAL F 5 21.51 6.89 -16.04
C VAL F 5 21.17 5.77 -17.03
N GLU F 6 21.44 4.54 -16.62
CA GLU F 6 21.13 3.38 -17.46
C GLU F 6 19.63 3.06 -17.41
N SER F 7 19.08 2.56 -18.52
CA SER F 7 17.63 2.39 -18.65
C SER F 7 17.18 1.57 -19.87
N GLY F 8 15.87 1.35 -19.95
CA GLY F 8 15.27 0.57 -21.02
C GLY F 8 15.58 -0.91 -20.95
N GLY F 9 14.71 -1.67 -20.27
CA GLY F 9 14.85 -3.13 -20.12
C GLY F 9 13.82 -3.78 -19.20
N GLY F 10 13.43 -5.01 -19.55
CA GLY F 10 12.42 -5.76 -18.79
C GLY F 10 12.27 -7.17 -19.34
N LEU F 11 11.08 -7.75 -19.24
CA LEU F 11 10.83 -9.12 -19.74
C LEU F 11 11.25 -9.34 -21.20
N VAL F 12 11.68 -10.57 -21.48
CA VAL F 12 11.93 -11.04 -22.85
C VAL F 12 11.83 -12.58 -22.92
N LYS F 13 11.61 -13.11 -24.11
CA LYS F 13 11.69 -14.54 -24.35
C LYS F 13 13.14 -14.94 -24.58
N PRO F 14 13.53 -16.13 -24.09
CA PRO F 14 14.79 -16.79 -24.41
C PRO F 14 15.00 -16.86 -25.91
N GLY F 15 15.85 -15.97 -26.41
CA GLY F 15 16.13 -15.85 -27.85
C GLY F 15 15.99 -14.41 -28.33
N GLY F 16 15.16 -13.63 -27.63
CA GLY F 16 14.84 -12.26 -28.00
C GLY F 16 16.00 -11.27 -27.87
N SER F 17 15.67 -9.98 -27.88
CA SER F 17 16.71 -8.94 -27.85
C SER F 17 16.31 -7.73 -27.04
N LEU F 18 17.30 -6.86 -26.76
CA LEU F 18 17.13 -5.69 -25.88
C LEU F 18 18.35 -4.75 -25.96
N LYS F 19 18.10 -3.50 -26.36
CA LYS F 19 19.21 -2.55 -26.56
C LYS F 19 19.35 -1.58 -25.40
N LEU F 20 19.97 -2.08 -24.33
CA LEU F 20 20.18 -1.32 -23.10
C LEU F 20 21.09 -0.11 -23.30
N SER F 21 20.81 0.94 -22.53
CA SER F 21 21.46 2.25 -22.70
C SER F 21 21.70 2.98 -21.37
N CYS F 22 22.73 3.82 -21.35
CA CYS F 22 23.19 4.53 -20.17
C CYS F 22 23.56 5.98 -20.50
N ALA F 23 22.83 6.95 -19.96
CA ALA F 23 23.09 8.39 -20.22
C ALA F 23 24.12 8.98 -19.26
N ALA F 24 25.23 9.43 -19.80
CA ALA F 24 26.31 9.97 -18.98
C ALA F 24 26.19 11.48 -18.90
N SER F 25 25.91 11.98 -17.70
CA SER F 25 25.59 13.39 -17.53
C SER F 25 26.41 14.05 -16.42
N GLY F 26 27.61 14.50 -16.78
CA GLY F 26 28.44 15.30 -15.86
C GLY F 26 29.94 15.05 -15.92
N PHE F 27 30.38 14.29 -16.91
CA PHE F 27 31.82 14.02 -17.06
C PHE F 27 32.26 14.04 -18.53
N ALA F 28 33.58 14.17 -18.74
CA ALA F 28 34.17 14.36 -20.08
C ALA F 28 34.07 13.12 -20.99
N PHE F 29 33.08 12.27 -20.69
CA PHE F 29 32.69 11.10 -21.47
C PHE F 29 33.83 10.49 -22.27
N SER F 30 34.04 10.99 -23.49
CA SER F 30 35.15 10.59 -24.35
C SER F 30 36.47 10.48 -23.58
N SER F 31 36.51 11.12 -22.41
CA SER F 31 37.61 11.05 -21.47
C SER F 31 38.11 9.61 -21.23
N TYR F 32 37.30 8.81 -20.53
CA TYR F 32 37.69 7.45 -20.09
C TYR F 32 37.00 6.35 -20.90
N ASP F 33 37.41 5.11 -20.61
CA ASP F 33 36.78 3.92 -21.16
C ASP F 33 35.43 3.71 -20.46
N MET F 34 34.69 2.69 -20.87
CA MET F 34 33.39 2.34 -20.23
C MET F 34 33.14 0.83 -20.04
N SER F 35 32.05 0.49 -19.33
CA SER F 35 31.73 -0.90 -19.02
C SER F 35 30.36 -1.06 -18.38
N TRP F 36 29.81 -2.27 -18.52
CA TRP F 36 28.64 -2.70 -17.78
C TRP F 36 28.99 -3.82 -16.83
N VAL F 37 28.48 -3.74 -15.61
CA VAL F 37 28.48 -4.88 -14.72
C VAL F 37 27.03 -5.25 -14.46
N ARG F 38 26.75 -6.54 -14.32
CA ARG F 38 25.40 -6.95 -13.97
C ARG F 38 25.42 -7.67 -12.64
N GLN F 39 24.23 -7.85 -12.07
CA GLN F 39 24.07 -8.50 -10.78
C GLN F 39 22.79 -9.28 -10.79
N THR F 40 22.90 -10.56 -10.47
CA THR F 40 21.77 -11.48 -10.43
C THR F 40 20.82 -11.20 -9.25
N PRO F 41 19.65 -11.90 -9.24
CA PRO F 41 18.78 -11.83 -8.07
C PRO F 41 19.50 -12.29 -6.80
N GLU F 42 20.41 -13.26 -6.97
CA GLU F 42 21.22 -13.80 -5.89
C GLU F 42 22.35 -12.87 -5.49
N LYS F 43 22.35 -11.67 -6.06
CA LYS F 43 23.33 -10.62 -5.74
C LYS F 43 24.78 -11.00 -6.10
N ARG F 44 24.91 -11.98 -6.99
CA ARG F 44 26.17 -12.25 -7.67
C ARG F 44 26.42 -11.13 -8.68
N LEU F 45 27.64 -10.60 -8.67
CA LEU F 45 28.09 -9.58 -9.64
C LEU F 45 28.82 -10.22 -10.81
N GLU F 46 28.82 -9.53 -11.95
CA GLU F 46 29.36 -10.08 -13.19
C GLU F 46 29.81 -9.02 -14.19
N TRP F 47 31.12 -8.99 -14.48
CA TRP F 47 31.61 -8.12 -15.55
C TRP F 47 31.23 -8.62 -16.95
N VAL F 48 30.44 -7.83 -17.64
CA VAL F 48 29.81 -8.24 -18.87
C VAL F 48 30.41 -7.60 -20.13
N ALA F 49 30.73 -6.31 -20.06
CA ALA F 49 31.15 -5.59 -21.25
C ALA F 49 32.16 -4.52 -20.89
N TYR F 50 32.98 -4.13 -21.87
CA TYR F 50 33.96 -3.05 -21.70
C TYR F 50 34.35 -2.39 -23.01
N ILE F 51 33.90 -1.16 -23.21
CA ILE F 51 34.27 -0.35 -24.37
C ILE F 51 35.48 0.56 -24.06
N SER F 52 36.35 0.77 -25.03
CA SER F 52 37.52 1.65 -24.83
C SER F 52 37.14 3.13 -24.66
N SER F 53 38.15 4.01 -24.69
CA SER F 53 37.94 5.46 -24.60
C SER F 53 37.04 5.93 -25.76
N GLY F 54 37.58 5.85 -26.98
CA GLY F 54 36.78 6.09 -28.19
C GLY F 54 36.55 4.78 -28.93
N GLY F 55 35.57 4.02 -28.45
CA GLY F 55 35.18 2.71 -29.02
C GLY F 55 36.13 2.01 -29.98
N GLY F 56 37.43 2.16 -29.75
CA GLY F 56 38.47 1.53 -30.57
C GLY F 56 38.29 0.02 -30.58
N SER F 57 38.56 -0.61 -29.45
CA SER F 57 38.25 -2.02 -29.26
C SER F 57 37.33 -2.25 -28.04
N THR F 58 36.76 -3.46 -27.97
CA THR F 58 35.83 -3.82 -26.90
C THR F 58 36.30 -5.07 -26.17
N TYR F 59 35.67 -5.37 -25.02
CA TYR F 59 36.05 -6.50 -24.15
C TYR F 59 34.88 -7.24 -23.47
N TYR F 60 34.95 -8.57 -23.46
CA TYR F 60 33.86 -9.42 -22.93
C TYR F 60 34.38 -10.64 -22.13
N PRO F 61 33.57 -11.18 -21.20
CA PRO F 61 33.87 -12.50 -20.70
C PRO F 61 33.34 -13.48 -21.75
N ASP F 62 33.91 -14.67 -21.81
CA ASP F 62 33.50 -15.62 -22.83
C ASP F 62 32.00 -15.81 -22.82
N THR F 63 31.42 -15.84 -21.61
CA THR F 63 29.99 -16.07 -21.39
C THR F 63 29.02 -15.26 -22.28
N VAL F 64 29.37 -14.02 -22.60
CA VAL F 64 28.50 -13.16 -23.42
C VAL F 64 29.06 -12.94 -24.84
N LYS F 65 30.37 -13.19 -25.01
CA LYS F 65 31.11 -12.96 -26.25
C LYS F 65 30.43 -13.49 -27.52
N GLY F 66 29.77 -12.59 -28.23
CA GLY F 66 29.09 -12.94 -29.47
C GLY F 66 27.61 -13.14 -29.24
N ARG F 67 27.06 -12.46 -28.25
CA ARG F 67 25.60 -12.42 -28.04
C ARG F 67 25.26 -11.06 -27.45
N PHE F 68 26.33 -10.32 -27.17
CA PHE F 68 26.30 -9.02 -26.53
C PHE F 68 27.27 -8.12 -27.28
N THR F 69 26.89 -6.86 -27.45
CA THR F 69 27.80 -5.86 -27.99
C THR F 69 27.65 -4.52 -27.27
N ILE F 70 28.78 -3.86 -27.06
CA ILE F 70 28.83 -2.56 -26.38
C ILE F 70 29.16 -1.40 -27.34
N SER F 71 28.22 -0.47 -27.46
CA SER F 71 28.38 0.64 -28.39
C SER F 71 28.25 1.98 -27.69
N ARG F 72 29.12 2.93 -28.06
CA ARG F 72 29.02 4.30 -27.57
C ARG F 72 29.05 5.31 -28.71
N ASP F 73 28.42 6.46 -28.46
CA ASP F 73 28.49 7.63 -29.33
C ASP F 73 29.21 8.77 -28.57
N ASN F 74 30.53 8.81 -28.70
CA ASN F 74 31.41 9.75 -27.99
C ASN F 74 30.87 11.18 -27.96
N ALA F 75 29.94 11.47 -28.87
CA ALA F 75 29.25 12.75 -28.94
C ALA F 75 28.11 12.86 -27.93
N LYS F 76 27.00 12.16 -28.18
CA LYS F 76 25.76 12.38 -27.43
C LYS F 76 25.77 11.82 -25.98
N ASN F 77 26.98 11.52 -25.51
CA ASN F 77 27.24 11.11 -24.11
C ASN F 77 26.44 9.90 -23.59
N THR F 78 26.26 8.93 -24.48
CA THR F 78 25.48 7.73 -24.17
C THR F 78 26.28 6.45 -24.42
N LEU F 79 26.11 5.50 -23.50
CA LEU F 79 26.64 4.14 -23.63
C LEU F 79 25.49 3.17 -23.95
N TYR F 80 25.78 2.12 -24.71
CA TYR F 80 24.75 1.13 -25.03
C TYR F 80 25.25 -0.29 -24.84
N LEU F 81 24.33 -1.15 -24.38
CA LEU F 81 24.54 -2.60 -24.41
C LEU F 81 23.48 -3.25 -25.29
N GLN F 82 23.91 -3.87 -26.38
CA GLN F 82 23.01 -4.51 -27.30
C GLN F 82 23.01 -6.00 -27.02
N MET F 83 21.88 -6.50 -26.53
CA MET F 83 21.78 -7.91 -26.12
C MET F 83 20.90 -8.76 -27.02
N SER F 84 21.41 -9.93 -27.38
CA SER F 84 20.71 -10.76 -28.35
C SER F 84 21.00 -12.25 -28.15
N SER F 85 20.21 -13.10 -28.79
CA SER F 85 20.20 -14.54 -28.51
C SER F 85 20.31 -14.70 -27.01
N LEU F 86 19.27 -14.22 -26.33
CA LEU F 86 19.30 -14.06 -24.89
C LEU F 86 19.09 -15.36 -24.12
N LYS F 87 19.97 -15.56 -23.14
CA LYS F 87 19.88 -16.66 -22.21
C LYS F 87 19.15 -16.18 -20.95
N SER F 88 18.45 -17.12 -20.29
CA SER F 88 17.82 -16.92 -18.99
C SER F 88 18.80 -16.35 -17.98
N GLU F 89 20.05 -16.79 -18.09
CA GLU F 89 21.18 -16.34 -17.25
C GLU F 89 21.36 -14.83 -17.24
N ASP F 90 21.08 -14.20 -18.37
CA ASP F 90 21.32 -12.77 -18.51
C ASP F 90 20.36 -11.91 -17.69
N THR F 91 19.35 -12.54 -17.10
CA THR F 91 18.50 -11.89 -16.09
C THR F 91 19.41 -11.29 -15.03
N ALA F 92 19.14 -10.04 -14.69
CA ALA F 92 19.92 -9.30 -13.72
C ALA F 92 19.57 -7.82 -13.79
N MET F 93 19.90 -7.11 -12.73
CA MET F 93 19.91 -5.65 -12.75
C MET F 93 21.28 -5.26 -13.34
N TYR F 94 21.27 -4.36 -14.33
CA TYR F 94 22.47 -4.07 -15.13
C TYR F 94 23.01 -2.69 -14.85
N TYR F 95 24.21 -2.62 -14.26
CA TYR F 95 24.81 -1.33 -13.86
C TYR F 95 25.85 -0.80 -14.83
N CYS F 96 25.59 0.37 -15.42
CA CYS F 96 26.58 1.11 -16.18
C CYS F 96 27.51 1.76 -15.17
N ALA F 97 28.78 1.35 -15.21
CA ALA F 97 29.80 1.88 -14.31
C ALA F 97 31.00 2.37 -15.09
N ARG F 98 31.85 3.16 -14.43
CA ARG F 98 32.92 3.86 -15.11
C ARG F 98 34.25 3.66 -14.41
N PRO F 99 35.23 3.14 -15.14
CA PRO F 99 36.56 2.84 -14.60
C PRO F 99 37.31 4.11 -14.27
N ASP F 100 38.06 4.10 -13.17
CA ASP F 100 38.87 5.27 -12.79
C ASP F 100 40.06 5.42 -13.73
N TYR F 101 40.40 6.67 -14.00
CA TYR F 101 41.60 7.08 -14.76
C TYR F 101 42.68 5.98 -14.93
N ARG F 102 43.27 5.54 -13.82
CA ARG F 102 44.46 4.71 -13.83
C ARG F 102 44.23 3.42 -13.07
N SER F 103 43.43 3.50 -12.02
CA SER F 103 43.10 2.36 -11.17
C SER F 103 42.17 1.39 -11.89
N TYR F 104 41.40 1.92 -12.84
CA TYR F 104 40.34 1.17 -13.54
C TYR F 104 39.27 0.72 -12.57
N ALA F 105 39.52 0.96 -11.29
CA ALA F 105 38.54 0.77 -10.25
C ALA F 105 37.32 1.59 -10.60
N MET F 106 36.19 0.93 -10.81
CA MET F 106 34.97 1.59 -11.24
C MET F 106 34.50 2.59 -10.17
N ASP F 107 34.94 3.83 -10.31
CA ASP F 107 34.67 4.84 -9.27
C ASP F 107 33.32 5.54 -9.38
N TYR F 108 32.68 5.49 -10.55
CA TYR F 108 31.33 6.03 -10.64
C TYR F 108 30.32 5.11 -11.29
N TRP F 109 29.23 4.87 -10.56
CA TRP F 109 28.27 3.83 -10.88
C TRP F 109 26.89 4.40 -11.22
N GLY F 110 26.14 3.63 -12.01
CA GLY F 110 24.75 3.96 -12.33
C GLY F 110 23.76 3.49 -11.27
N GLN F 111 22.60 3.01 -11.71
CA GLN F 111 21.54 2.62 -10.80
C GLN F 111 20.85 1.33 -11.25
N GLY F 112 21.06 0.95 -12.51
CA GLY F 112 20.65 -0.36 -12.99
C GLY F 112 19.34 -0.43 -13.75
N THR F 113 19.09 -1.56 -14.40
CA THR F 113 17.85 -1.77 -15.14
C THR F 113 17.40 -3.22 -15.06
N SER F 114 16.17 -3.44 -14.60
CA SER F 114 15.61 -4.78 -14.47
C SER F 114 15.61 -5.50 -15.81
N VAL F 115 16.01 -6.77 -15.80
CA VAL F 115 15.90 -7.64 -16.95
C VAL F 115 15.48 -9.01 -16.44
N THR F 116 14.73 -9.73 -17.25
CA THR F 116 14.36 -11.11 -17.00
C THR F 116 13.96 -11.82 -18.30
N VAL F 117 14.24 -13.11 -18.35
CA VAL F 117 14.04 -13.86 -19.56
C VAL F 117 13.10 -15.03 -19.24
N SER F 118 11.81 -14.72 -19.17
CA SER F 118 10.79 -15.67 -18.68
C SER F 118 9.84 -16.20 -19.78
N SER F 119 10.14 -17.39 -20.31
CA SER F 119 9.31 -18.01 -21.32
C SER F 119 8.05 -18.62 -20.68
N LYS F 121 4.89 -12.96 -20.04
CA LYS F 121 3.53 -13.36 -19.64
C LYS F 121 3.03 -12.67 -18.36
N THR F 122 2.75 -11.36 -18.49
CA THR F 122 2.02 -10.62 -17.47
C THR F 122 0.99 -11.54 -16.84
N THR F 123 0.99 -11.66 -15.50
CA THR F 123 -0.09 -12.37 -14.77
C THR F 123 -0.47 -11.71 -13.42
N ALA F 124 -1.74 -11.83 -13.04
CA ALA F 124 -2.31 -11.03 -11.95
C ALA F 124 -2.35 -11.74 -10.59
N PRO F 125 -2.31 -10.95 -9.48
CA PRO F 125 -2.19 -11.45 -8.11
C PRO F 125 -3.47 -11.33 -7.27
N SER F 126 -4.09 -12.48 -6.97
CA SER F 126 -5.26 -12.54 -6.11
C SER F 126 -4.78 -12.26 -4.70
N VAL F 127 -5.20 -11.12 -4.13
CA VAL F 127 -4.78 -10.79 -2.77
C VAL F 127 -5.77 -11.32 -1.73
N TYR F 128 -5.54 -12.56 -1.31
CA TYR F 128 -6.38 -13.21 -0.32
C TYR F 128 -6.17 -12.54 1.03
N PRO F 129 -7.27 -12.23 1.74
CA PRO F 129 -7.11 -11.59 3.04
C PRO F 129 -6.69 -12.62 4.08
N LEU F 130 -6.03 -12.19 5.15
CA LEU F 130 -5.62 -13.10 6.22
C LEU F 130 -6.11 -12.65 7.61
N ALA F 131 -7.24 -13.18 8.04
CA ALA F 131 -7.82 -12.88 9.36
C ALA F 131 -7.46 -13.98 10.38
N PRO F 132 -7.17 -13.58 11.63
CA PRO F 132 -6.55 -14.49 12.59
C PRO F 132 -7.40 -15.73 13.00
N VAL F 133 -7.19 -16.20 14.23
CA VAL F 133 -7.67 -17.51 14.68
C VAL F 133 -9.18 -17.77 14.57
N CYS F 134 -9.49 -18.79 13.76
CA CYS F 134 -10.84 -19.35 13.54
C CYS F 134 -11.83 -19.17 14.72
N GLY F 135 -11.38 -19.64 15.89
CA GLY F 135 -12.00 -19.31 17.17
C GLY F 135 -11.03 -18.43 17.92
N ASP F 136 -11.49 -17.24 18.31
CA ASP F 136 -10.67 -16.23 18.97
C ASP F 136 -9.98 -16.73 20.25
N THR F 137 -8.87 -16.07 20.63
CA THR F 137 -8.21 -16.27 21.93
C THR F 137 -7.40 -15.00 22.31
N THR F 138 -7.88 -13.85 21.85
CA THR F 138 -7.17 -12.55 21.93
C THR F 138 -6.26 -12.37 23.17
N GLY F 139 -5.00 -12.78 23.00
CA GLY F 139 -3.98 -12.85 24.05
C GLY F 139 -3.60 -11.51 24.65
N SER F 140 -3.12 -10.58 23.82
CA SER F 140 -2.79 -9.22 24.29
C SER F 140 -2.67 -8.18 23.15
N SER F 141 -1.97 -8.53 22.08
CA SER F 141 -1.83 -7.63 20.93
C SER F 141 -2.10 -8.34 19.59
N VAL F 142 -2.89 -7.67 18.75
CA VAL F 142 -3.40 -8.26 17.51
C VAL F 142 -2.38 -8.22 16.37
N THR F 143 -2.22 -9.34 15.66
CA THR F 143 -1.37 -9.41 14.46
C THR F 143 -2.12 -9.98 13.24
N LEU F 144 -1.95 -9.32 12.08
CA LEU F 144 -2.75 -9.62 10.89
C LEU F 144 -1.91 -9.72 9.63
N GLY F 145 -2.46 -10.39 8.61
CA GLY F 145 -1.74 -10.63 7.37
C GLY F 145 -2.47 -10.20 6.09
N CYS F 146 -1.82 -10.48 4.95
CA CYS F 146 -2.28 -10.09 3.62
C CYS F 146 -1.52 -10.95 2.60
N LEU F 147 -2.21 -11.81 1.85
CA LEU F 147 -1.53 -12.78 0.97
C LEU F 147 -1.69 -12.47 -0.51
N VAL F 148 -0.62 -12.63 -1.27
CA VAL F 148 -0.59 -12.30 -2.70
C VAL F 148 0.10 -13.43 -3.49
N LYS F 149 -0.68 -14.28 -4.12
CA LYS F 149 -0.12 -15.50 -4.72
C LYS F 149 -0.30 -15.52 -6.25
N GLY F 150 0.35 -16.48 -6.90
CA GLY F 150 0.26 -16.75 -8.34
C GLY F 150 0.35 -15.60 -9.34
N TYR F 151 1.52 -14.95 -9.45
CA TYR F 151 1.66 -13.75 -10.32
C TYR F 151 2.94 -13.60 -11.17
N PHE F 152 2.97 -12.55 -12.00
CA PHE F 152 4.15 -12.26 -12.83
C PHE F 152 4.09 -10.88 -13.55
N PRO F 153 5.23 -10.16 -13.62
CA PRO F 153 6.44 -10.41 -12.83
C PRO F 153 6.60 -9.38 -11.70
N GLU F 154 7.80 -9.34 -11.15
CA GLU F 154 8.14 -8.33 -10.16
C GLU F 154 7.96 -6.96 -10.80
N PRO F 155 7.57 -5.96 -9.99
CA PRO F 155 7.23 -6.17 -8.60
C PRO F 155 5.72 -6.18 -8.42
N VAL F 156 5.29 -5.79 -7.22
CA VAL F 156 3.90 -5.47 -6.86
C VAL F 156 4.05 -4.61 -5.60
N THR F 157 3.12 -3.69 -5.38
CA THR F 157 3.19 -2.90 -4.15
C THR F 157 2.01 -3.16 -3.20
N LEU F 158 2.34 -3.80 -2.08
CA LEU F 158 1.42 -3.98 -0.97
C LEU F 158 1.63 -2.83 0.02
N THR F 159 0.54 -2.36 0.60
CA THR F 159 0.61 -1.48 1.77
C THR F 159 -0.59 -1.67 2.69
N TRP F 160 -0.49 -1.16 3.93
CA TRP F 160 -1.61 -1.16 4.87
C TRP F 160 -2.08 0.29 5.12
N ASN F 161 -3.39 0.48 4.97
CA ASN F 161 -4.05 1.79 5.06
C ASN F 161 -3.52 2.86 4.09
N SER F 162 -3.40 2.48 2.83
CA SER F 162 -2.93 3.34 1.74
C SER F 162 -1.48 3.79 1.94
N GLY F 163 -1.06 3.81 3.20
CA GLY F 163 0.30 4.16 3.63
C GLY F 163 0.27 4.56 5.09
N SER F 164 -0.93 4.82 5.60
CA SER F 164 -1.15 5.38 6.93
C SER F 164 -0.73 4.46 8.07
N LEU F 165 -0.64 3.17 7.77
CA LEU F 165 -0.12 2.21 8.73
C LEU F 165 1.18 1.63 8.18
N SER F 166 2.25 1.75 8.97
CA SER F 166 3.58 1.41 8.51
C SER F 166 4.45 0.81 9.62
N SER F 167 4.70 1.60 10.65
CA SER F 167 5.51 1.24 11.82
C SER F 167 5.38 -0.24 12.25
N GLY F 168 6.20 -1.11 11.66
CA GLY F 168 6.15 -2.55 11.99
C GLY F 168 5.38 -3.41 11.00
N VAL F 169 5.48 -3.08 9.71
CA VAL F 169 5.00 -3.92 8.62
C VAL F 169 6.11 -4.92 8.20
N HIS F 170 5.72 -6.02 7.56
CA HIS F 170 6.70 -6.98 7.06
C HIS F 170 6.28 -7.58 5.72
N THR F 171 6.97 -7.21 4.65
CA THR F 171 6.71 -7.80 3.34
C THR F 171 7.86 -8.72 2.89
N PHE F 172 7.55 -10.01 2.83
CA PHE F 172 8.58 -11.02 2.65
C PHE F 172 8.91 -11.18 1.18
N PRO F 173 10.21 -11.35 0.85
CA PRO F 173 10.66 -11.49 -0.53
C PRO F 173 9.80 -12.48 -1.30
N ALA F 174 9.38 -12.11 -2.49
CA ALA F 174 8.54 -12.99 -3.31
C ALA F 174 9.23 -14.30 -3.62
N VAL F 175 8.45 -15.28 -4.05
CA VAL F 175 8.94 -16.65 -4.22
C VAL F 175 8.33 -17.28 -5.45
N LEU F 176 9.12 -18.09 -6.15
CA LEU F 176 8.67 -18.63 -7.43
C LEU F 176 8.09 -20.05 -7.40
N GLN F 177 6.77 -20.14 -7.26
CA GLN F 177 6.05 -21.39 -7.51
C GLN F 177 5.83 -21.57 -9.02
N SER F 178 6.56 -22.54 -9.57
CA SER F 178 6.69 -22.70 -11.01
C SER F 178 6.95 -21.34 -11.69
N ASP F 179 6.13 -21.00 -12.68
CA ASP F 179 6.32 -19.76 -13.40
C ASP F 179 5.46 -18.68 -12.81
N LEU F 180 5.16 -18.82 -11.52
CA LEU F 180 4.45 -17.79 -10.80
C LEU F 180 5.17 -17.42 -9.53
N TYR F 181 4.73 -16.32 -8.94
CA TYR F 181 5.35 -15.71 -7.77
C TYR F 181 4.43 -15.81 -6.58
N THR F 182 4.92 -15.43 -5.40
CA THR F 182 4.12 -15.48 -4.18
C THR F 182 4.68 -14.56 -3.13
N LEU F 183 3.79 -13.85 -2.43
CA LEU F 183 4.18 -12.90 -1.38
C LEU F 183 3.12 -12.76 -0.27
N SER F 184 3.50 -12.10 0.82
CA SER F 184 2.60 -11.77 1.92
C SER F 184 3.23 -10.74 2.84
N SER F 185 2.41 -9.87 3.43
CA SER F 185 2.88 -8.96 4.46
C SER F 185 2.16 -9.10 5.80
N SER F 186 2.86 -8.78 6.87
CA SER F 186 2.30 -8.88 8.20
C SER F 186 2.34 -7.54 8.93
N VAL F 187 1.41 -7.35 9.86
CA VAL F 187 1.35 -6.15 10.68
C VAL F 187 0.80 -6.44 12.09
N THR F 188 1.29 -5.71 13.07
CA THR F 188 1.05 -6.00 14.49
C THR F 188 0.52 -4.77 15.28
N VAL F 189 -0.79 -4.77 15.53
CA VAL F 189 -1.55 -3.65 16.11
C VAL F 189 -1.87 -3.90 17.59
N THR F 190 -2.20 -2.85 18.33
CA THR F 190 -2.77 -2.97 19.68
C THR F 190 -4.12 -3.64 19.58
N SER F 191 -4.36 -4.66 20.40
CA SER F 191 -5.67 -5.31 20.48
C SER F 191 -6.82 -4.29 20.34
N SER F 192 -6.64 -3.13 20.99
CA SER F 192 -7.63 -2.06 21.00
C SER F 192 -7.96 -1.48 19.61
N THR F 193 -6.92 -1.23 18.82
CA THR F 193 -7.08 -0.53 17.55
C THR F 193 -7.65 -1.37 16.39
N TRP F 194 -7.38 -2.67 16.34
CA TRP F 194 -8.18 -3.47 15.42
C TRP F 194 -9.45 -3.91 16.12
N PRO F 195 -9.92 -5.15 15.84
CA PRO F 195 -11.34 -5.33 15.66
C PRO F 195 -12.04 -3.99 15.37
N SER F 196 -12.24 -3.17 16.40
CA SER F 196 -12.83 -1.83 16.30
C SER F 196 -12.54 -1.07 14.98
N GLN F 197 -11.42 -0.34 14.95
CA GLN F 197 -10.98 0.40 13.76
C GLN F 197 -10.40 -0.54 12.69
N SER F 198 -10.81 -0.30 11.45
CA SER F 198 -10.48 -1.15 10.30
C SER F 198 -9.09 -0.90 9.70
N ILE F 199 -8.59 -1.89 8.97
CA ILE F 199 -7.34 -1.76 8.19
C ILE F 199 -7.53 -2.41 6.82
N THR F 200 -7.68 -1.58 5.80
CA THR F 200 -7.83 -2.03 4.42
C THR F 200 -6.45 -2.25 3.77
N CYS F 201 -6.22 -3.47 3.28
CA CYS F 201 -4.92 -3.89 2.76
C CYS F 201 -4.75 -3.58 1.28
N ASN F 202 -4.03 -2.50 1.01
CA ASN F 202 -3.96 -1.89 -0.32
C ASN F 202 -2.83 -2.44 -1.17
N VAL F 203 -3.20 -3.20 -2.18
CA VAL F 203 -2.19 -3.84 -3.03
C VAL F 203 -2.41 -3.51 -4.51
N ALA F 204 -1.30 -3.38 -5.24
CA ALA F 204 -1.32 -3.08 -6.67
C ALA F 204 -0.22 -3.83 -7.44
N HIS F 205 -0.57 -4.29 -8.65
CA HIS F 205 0.38 -4.90 -9.57
C HIS F 205 0.58 -3.95 -10.73
N PRO F 206 1.84 -3.62 -11.08
CA PRO F 206 2.05 -2.73 -12.23
C PRO F 206 1.70 -3.39 -13.55
N ALA F 207 2.31 -4.52 -13.86
CA ALA F 207 2.11 -5.17 -15.15
C ALA F 207 0.68 -5.65 -15.40
N SER F 208 -0.16 -5.64 -14.36
CA SER F 208 -1.59 -5.93 -14.52
C SER F 208 -2.43 -4.66 -14.40
N SER F 209 -2.16 -3.90 -13.34
CA SER F 209 -2.82 -2.62 -13.03
C SER F 209 -4.13 -2.80 -12.25
N THR F 210 -4.02 -3.25 -10.99
CA THR F 210 -5.20 -3.45 -10.14
C THR F 210 -5.05 -2.87 -8.74
N LYS F 211 -5.99 -1.99 -8.36
CA LYS F 211 -6.10 -1.41 -7.03
C LYS F 211 -7.15 -2.15 -6.18
N VAL F 212 -6.77 -3.32 -5.67
CA VAL F 212 -7.63 -4.13 -4.83
C VAL F 212 -7.19 -3.94 -3.38
N ASP F 213 -8.12 -3.49 -2.53
CA ASP F 213 -7.77 -3.04 -1.16
C ASP F 213 -8.63 -3.65 -0.04
N LYS F 214 -8.23 -4.83 0.45
CA LYS F 214 -9.06 -5.67 1.34
C LYS F 214 -9.05 -5.30 2.83
N LYS F 215 -9.90 -5.96 3.61
CA LYS F 215 -9.99 -5.73 5.05
C LYS F 215 -10.43 -7.00 5.80
N GLN A 10 9.07 42.17 -16.12
CA GLN A 10 7.62 41.89 -16.02
C GLN A 10 6.80 43.08 -16.51
N GLY A 11 7.37 44.27 -16.35
CA GLY A 11 6.73 45.51 -16.78
C GLY A 11 5.82 46.09 -15.71
N ARG A 12 5.94 47.42 -15.49
CA ARG A 12 5.11 48.12 -14.52
C ARG A 12 3.63 48.07 -14.95
N GLY A 13 3.38 48.30 -16.24
CA GLY A 13 2.03 48.28 -16.79
C GLY A 13 1.39 46.91 -16.68
N ALA A 14 2.20 45.87 -16.92
CA ALA A 14 1.74 44.48 -16.87
C ALA A 14 0.95 44.15 -15.59
N TRP A 15 1.43 44.68 -14.47
CA TRP A 15 0.79 44.51 -13.16
C TRP A 15 -0.20 45.66 -12.94
N LEU A 16 0.27 46.91 -13.10
CA LEU A 16 -0.61 48.09 -12.88
C LEU A 16 -1.98 47.94 -13.61
N LEU A 17 -1.98 47.33 -14.79
CA LEU A 17 -3.22 47.08 -15.53
C LEU A 17 -4.07 46.14 -14.68
N MET A 18 -3.45 45.06 -14.19
CA MET A 18 -4.18 44.10 -13.36
C MET A 18 -4.76 44.74 -12.09
N ALA A 19 -3.96 45.51 -11.35
CA ALA A 19 -4.45 46.20 -10.16
C ALA A 19 -5.60 47.15 -10.53
N PHE A 20 -5.44 47.91 -11.63
CA PHE A 20 -6.49 48.83 -12.08
C PHE A 20 -7.71 48.00 -12.46
N THR A 21 -7.54 47.09 -13.43
CA THR A 21 -8.65 46.28 -13.92
C THR A 21 -9.49 45.65 -12.75
N ALA A 22 -8.81 45.02 -11.81
CA ALA A 22 -9.48 44.42 -10.65
C ALA A 22 -10.21 45.44 -9.76
N LEU A 23 -9.49 46.46 -9.28
CA LEU A 23 -10.13 47.48 -8.43
C LEU A 23 -11.34 48.01 -9.18
N ALA A 24 -11.10 48.49 -10.41
CA ALA A 24 -12.16 49.07 -11.22
C ALA A 24 -13.26 48.07 -11.53
N LEU A 25 -12.85 46.96 -12.15
CA LEU A 25 -13.78 45.90 -12.56
C LEU A 25 -14.47 45.34 -11.34
N GLU A 26 -13.71 45.13 -10.27
CA GLU A 26 -14.25 44.59 -9.03
C GLU A 26 -14.97 45.63 -8.12
N LEU A 27 -14.67 46.89 -8.35
CA LEU A 27 -15.34 47.95 -7.59
C LEU A 27 -16.80 48.03 -8.05
N THR A 28 -17.04 47.77 -9.34
CA THR A 28 -18.40 47.80 -9.89
C THR A 28 -19.32 47.03 -8.95
N ALA A 29 -18.70 46.08 -8.23
CA ALA A 29 -19.41 45.25 -7.27
C ALA A 29 -20.37 46.08 -6.41
N LEU A 30 -19.92 47.27 -6.02
CA LEU A 30 -20.69 48.16 -5.15
C LEU A 30 -21.94 48.74 -5.83
N TRP A 31 -21.86 48.90 -7.14
CA TRP A 31 -22.98 49.42 -7.95
C TRP A 31 -24.18 48.49 -7.86
N PHE A 32 -24.19 47.49 -8.74
CA PHE A 32 -25.26 46.48 -8.81
C PHE A 32 -26.41 46.74 -7.84
N GLN A 33 -26.18 46.48 -6.55
CA GLN A 33 -27.21 46.68 -5.53
C GLN A 33 -28.10 47.84 -5.86
N HIS A 34 -27.50 49.01 -6.02
CA HIS A 34 -28.23 50.25 -6.22
C HIS A 34 -29.13 50.32 -7.47
N VAL A 35 -28.87 49.49 -8.48
CA VAL A 35 -29.71 49.53 -9.69
C VAL A 35 -31.17 49.46 -9.31
N MET A 36 -31.52 48.61 -8.33
CA MET A 36 -32.90 48.48 -7.92
C MET A 36 -33.09 48.90 -6.38
N LEU A 37 -32.26 48.28 -5.54
CA LEU A 37 -32.25 48.52 -4.11
C LEU A 37 -30.94 48.19 -3.08
N LEU A 38 -31.33 46.89 -2.67
CA LEU A 38 -30.58 45.60 -2.31
C LEU A 38 -29.91 45.17 -1.13
N LYS A 39 -30.50 44.12 -0.53
CA LYS A 39 -29.94 43.53 0.68
C LYS A 39 -28.41 43.45 0.57
N PRO A 40 -27.72 43.50 1.72
CA PRO A 40 -26.22 43.44 1.85
C PRO A 40 -25.45 42.69 0.75
N SER A 41 -24.68 41.68 1.17
CA SER A 41 -23.91 40.89 0.25
C SER A 41 -23.46 39.58 0.88
N VAL A 42 -24.43 38.74 1.25
CA VAL A 42 -24.18 37.49 1.95
C VAL A 42 -23.01 37.75 2.95
N LEU A 43 -22.21 36.71 3.23
CA LEU A 43 -21.06 36.79 4.13
C LEU A 43 -19.82 37.22 3.36
N CYS A 44 -20.04 38.09 2.38
CA CYS A 44 -18.99 38.56 1.52
C CYS A 44 -17.81 39.33 2.28
N ILE A 45 -18.10 39.93 3.44
CA ILE A 45 -17.04 40.62 4.17
C ILE A 45 -15.81 39.65 4.33
N TYR A 46 -16.09 38.37 4.29
CA TYR A 46 -15.04 37.38 4.41
C TYR A 46 -14.45 37.07 3.04
N GLU A 47 -15.34 36.99 2.04
CA GLU A 47 -14.96 36.61 0.68
C GLU A 47 -14.43 37.74 -0.16
N ARG A 48 -15.04 38.90 -0.09
CA ARG A 48 -14.64 40.02 -0.91
C ARG A 48 -13.18 40.24 -0.63
N VAL A 49 -12.75 39.68 0.51
CA VAL A 49 -11.36 39.77 0.96
C VAL A 49 -10.33 39.54 -0.17
N ALA A 50 -10.53 38.51 -0.99
CA ALA A 50 -9.61 38.23 -2.09
C ALA A 50 -9.32 39.48 -2.96
N LEU A 51 -10.33 40.32 -3.21
CA LEU A 51 -10.11 41.56 -4.03
C LEU A 51 -9.00 42.46 -3.49
N PHE A 52 -9.09 42.89 -2.22
CA PHE A 52 -8.04 43.74 -1.63
C PHE A 52 -6.78 42.89 -1.44
N GLY A 53 -6.97 41.61 -1.14
CA GLY A 53 -5.84 40.71 -0.99
C GLY A 53 -5.09 40.71 -2.31
N VAL A 54 -5.85 40.52 -3.40
CA VAL A 54 -5.26 40.51 -4.75
C VAL A 54 -4.87 41.90 -5.25
N LEU A 55 -5.80 42.86 -5.15
CA LEU A 55 -5.50 44.25 -5.56
C LEU A 55 -4.37 44.74 -4.67
N GLY A 56 -4.59 44.69 -3.34
CA GLY A 56 -3.57 45.11 -2.37
C GLY A 56 -2.22 44.55 -2.77
N ALA A 57 -2.21 43.24 -3.04
CA ALA A 57 -1.00 42.51 -3.47
C ALA A 57 -0.39 43.07 -4.77
N ALA A 58 -1.23 43.18 -5.82
CA ALA A 58 -0.80 43.69 -7.12
C ALA A 58 -0.41 45.16 -7.05
N LEU A 59 -1.13 45.92 -6.23
CA LEU A 59 -0.86 47.36 -6.02
C LEU A 59 0.45 47.57 -5.23
N ILE A 60 0.69 46.82 -4.14
CA ILE A 60 1.93 46.98 -3.37
C ILE A 60 3.08 46.16 -4.01
N GLY A 61 2.72 45.38 -5.04
CA GLY A 61 3.71 44.59 -5.79
C GLY A 61 3.95 45.24 -7.14
N ALA A 62 3.18 46.31 -7.41
CA ALA A 62 3.31 47.08 -8.65
C ALA A 62 4.08 48.39 -8.38
N ILE A 63 3.64 49.20 -7.40
CA ILE A 63 4.30 50.48 -7.11
C ILE A 63 5.81 50.35 -7.24
N ALA A 64 6.30 49.13 -7.01
CA ALA A 64 7.72 48.80 -7.07
C ALA A 64 8.07 47.97 -8.32
N PRO A 65 8.46 48.67 -9.39
CA PRO A 65 8.75 48.04 -10.76
C PRO A 65 9.82 46.90 -10.42
N LYS A 66 10.90 46.89 -11.38
CA LYS A 66 11.83 46.12 -11.84
C LYS A 66 11.48 44.74 -11.52
N THR A 67 12.33 44.21 -10.65
CA THR A 67 12.16 42.89 -10.05
C THR A 67 12.46 42.99 -8.53
N PRO A 68 12.26 44.15 -7.92
CA PRO A 68 12.45 44.28 -6.49
C PRO A 68 11.71 43.08 -5.66
N LEU A 69 11.61 43.32 -4.36
CA LEU A 69 10.98 42.42 -3.44
C LEU A 69 9.58 41.96 -3.95
N ARG A 70 9.13 42.59 -5.03
CA ARG A 70 7.84 42.30 -5.65
C ARG A 70 7.75 40.77 -6.08
N TYR A 71 8.72 39.99 -5.67
CA TYR A 71 8.74 38.55 -5.93
C TYR A 71 7.66 37.82 -5.09
N VAL A 72 7.52 38.22 -3.83
CA VAL A 72 6.53 37.62 -2.96
C VAL A 72 5.18 37.87 -3.58
N ALA A 73 5.06 38.99 -4.30
CA ALA A 73 3.81 39.37 -4.96
C ALA A 73 3.10 38.16 -5.59
N MET A 74 3.87 37.28 -6.22
CA MET A 74 3.31 36.12 -6.85
C MET A 74 2.62 35.10 -5.79
N VAL A 75 3.38 34.76 -4.79
CA VAL A 75 2.89 33.85 -3.77
C VAL A 75 1.76 34.49 -2.96
N ILE A 76 1.93 35.75 -2.60
CA ILE A 76 0.88 36.44 -1.85
C ILE A 76 -0.42 36.57 -2.74
N TRP A 77 -0.24 36.81 -4.04
CA TRP A 77 -1.36 36.86 -5.02
C TRP A 77 -1.92 35.45 -5.16
N LEU A 78 -1.01 34.48 -5.31
CA LEU A 78 -1.42 33.08 -5.44
C LEU A 78 -2.36 32.77 -4.30
N TYR A 79 -1.90 33.01 -3.06
CA TYR A 79 -2.72 32.72 -1.87
C TYR A 79 -3.94 33.63 -1.77
N SER A 80 -3.71 34.93 -1.67
CA SER A 80 -4.80 35.90 -1.55
C SER A 80 -5.98 35.68 -2.52
N ALA A 81 -5.72 35.08 -3.67
CA ALA A 81 -6.80 34.78 -4.61
C ALA A 81 -7.34 33.38 -4.31
N PHE A 82 -6.44 32.38 -4.31
CA PHE A 82 -6.81 30.99 -4.00
C PHE A 82 -7.84 30.93 -2.90
N ARG A 83 -7.44 31.43 -1.71
CA ARG A 83 -8.34 31.48 -0.56
C ARG A 83 -9.71 31.99 -1.03
N GLY A 84 -9.72 32.81 -2.07
CA GLY A 84 -10.97 33.28 -2.62
C GLY A 84 -11.77 32.13 -3.22
N VAL A 85 -11.11 31.27 -4.01
CA VAL A 85 -11.78 30.14 -4.64
C VAL A 85 -12.52 29.30 -3.60
N GLN A 86 -11.86 28.99 -2.47
CA GLN A 86 -12.50 28.20 -1.41
C GLN A 86 -13.72 28.90 -0.78
N LEU A 87 -13.57 30.17 -0.41
CA LEU A 87 -14.68 30.96 0.15
C LEU A 87 -15.84 31.11 -0.89
N THR A 88 -15.55 31.51 -2.14
CA THR A 88 -16.63 31.62 -3.17
C THR A 88 -17.18 30.26 -3.55
N TYR A 89 -16.31 29.28 -3.74
CA TYR A 89 -16.74 27.94 -4.14
C TYR A 89 -17.89 27.42 -3.27
N GLU A 90 -17.71 27.46 -1.94
CA GLU A 90 -18.77 27.00 -1.04
C GLU A 90 -19.99 27.87 -1.21
N HIS A 91 -19.79 29.17 -1.25
CA HIS A 91 -20.90 30.09 -1.46
C HIS A 91 -21.69 29.70 -2.72
N THR A 92 -21.03 29.11 -3.72
CA THR A 92 -21.73 28.72 -4.93
C THR A 92 -22.38 27.38 -4.69
N MET A 93 -21.53 26.40 -4.34
CA MET A 93 -21.99 25.05 -4.06
C MET A 93 -23.22 25.06 -3.11
N LEU A 94 -23.25 26.03 -2.21
CA LEU A 94 -24.35 26.16 -1.27
C LEU A 94 -25.73 26.35 -1.95
N GLN A 95 -25.76 26.81 -3.21
CA GLN A 95 -27.03 26.94 -3.94
C GLN A 95 -27.39 25.61 -4.61
N LEU A 96 -26.38 24.89 -5.06
CA LEU A 96 -26.61 23.60 -5.70
C LEU A 96 -26.71 22.51 -4.61
N TYR A 97 -26.59 22.98 -3.39
CA TYR A 97 -26.62 22.13 -2.22
C TYR A 97 -26.76 23.07 -1.02
N PRO A 98 -27.94 23.59 -0.69
CA PRO A 98 -28.04 24.51 0.45
C PRO A 98 -28.24 23.71 1.71
N SER A 99 -27.69 24.17 2.84
CA SER A 99 -27.79 23.39 4.08
C SER A 99 -29.13 23.55 4.79
N PRO A 100 -29.34 22.76 5.84
CA PRO A 100 -30.57 22.77 6.67
C PRO A 100 -30.49 23.65 7.89
N PHE A 101 -29.27 23.94 8.34
CA PHE A 101 -29.06 24.76 9.55
C PHE A 101 -30.13 25.82 9.79
N ALA A 102 -31.03 25.55 10.73
CA ALA A 102 -32.08 26.48 11.01
C ALA A 102 -31.47 27.86 11.24
N THR A 103 -30.35 27.84 11.99
CA THR A 103 -29.64 29.04 12.35
C THR A 103 -29.11 29.66 10.91
N CYS A 104 -29.33 30.93 10.77
CA CYS A 104 -28.91 31.55 9.57
C CYS A 104 -27.83 32.71 9.88
N ASP A 105 -27.12 33.08 8.84
CA ASP A 105 -26.07 34.08 9.03
C ASP A 105 -26.63 35.48 9.35
N PHE A 106 -26.51 35.82 10.64
CA PHE A 106 -27.04 37.08 11.18
C PHE A 106 -26.57 37.31 12.62
N MET A 107 -26.18 36.23 13.31
CA MET A 107 -25.65 36.30 14.69
C MET A 107 -24.19 36.91 14.82
N VAL A 108 -23.18 36.12 14.46
CA VAL A 108 -21.75 36.49 14.56
C VAL A 108 -21.50 37.93 14.09
N LEU A 114 -8.63 44.22 15.89
CA LEU A 114 -8.85 43.51 14.62
C LEU A 114 -10.22 43.83 14.03
N PRO A 115 -10.52 45.11 13.87
CA PRO A 115 -11.81 45.56 13.28
C PRO A 115 -11.96 45.32 11.79
N LEU A 116 -10.86 44.92 11.16
CA LEU A 116 -10.91 44.61 9.75
C LEU A 116 -11.77 45.64 9.02
N ASP A 117 -11.75 46.87 9.56
CA ASP A 117 -12.52 48.01 9.00
C ASP A 117 -12.19 49.38 9.61
N LYS A 118 -11.04 49.95 9.22
CA LYS A 118 -10.58 51.26 9.77
C LYS A 118 -11.35 52.49 9.27
N TRP A 119 -10.72 53.26 8.36
CA TRP A 119 -11.29 54.53 7.86
C TRP A 119 -12.85 54.62 7.91
N VAL A 120 -13.53 53.51 7.55
CA VAL A 120 -14.98 53.36 7.71
C VAL A 120 -15.41 51.97 7.22
N PRO A 121 -16.31 51.31 7.91
CA PRO A 121 -16.79 50.00 7.49
C PRO A 121 -17.72 50.09 6.24
N GLN A 122 -18.23 51.29 5.98
CA GLN A 122 -19.22 51.54 4.92
C GLN A 122 -19.07 50.63 3.63
N VAL A 123 -17.86 50.35 3.20
CA VAL A 123 -17.68 49.48 2.02
C VAL A 123 -18.04 48.01 2.31
N PHE A 124 -17.78 47.53 3.53
CA PHE A 124 -18.11 46.15 3.92
C PHE A 124 -19.58 45.78 3.69
N VAL A 125 -19.99 44.60 4.20
CA VAL A 125 -21.38 44.15 4.08
C VAL A 125 -21.85 43.56 5.42
N ALA A 126 -23.10 43.84 5.77
CA ALA A 126 -23.67 43.38 7.04
C ALA A 126 -25.17 43.68 7.15
N SER A 127 -25.86 43.03 8.08
CA SER A 127 -27.31 43.24 8.29
C SER A 127 -28.17 42.62 7.17
N GLY A 128 -29.34 43.21 6.95
CA GLY A 128 -30.26 42.75 5.92
C GLY A 128 -30.99 41.50 6.37
N ASP A 129 -30.83 40.43 5.57
CA ASP A 129 -31.52 39.15 5.83
C ASP A 129 -30.76 37.90 5.31
N CYS A 130 -31.51 36.82 5.13
CA CYS A 130 -30.99 35.52 4.68
C CYS A 130 -31.05 35.38 3.17
N ALA A 131 -31.16 34.12 2.74
CA ALA A 131 -31.33 33.81 1.36
C ALA A 131 -32.74 34.29 1.12
N GLU A 132 -33.02 34.85 -0.04
CA GLU A 132 -34.35 35.34 -0.30
C GLU A 132 -34.64 35.23 -1.80
N ARG A 133 -34.87 36.36 -2.44
CA ARG A 133 -35.15 36.40 -3.88
C ARG A 133 -33.89 36.20 -4.69
N GLN A 134 -32.87 37.00 -4.37
CA GLN A 134 -31.58 36.90 -5.04
C GLN A 134 -31.79 36.84 -6.54
N TRP A 135 -31.43 37.91 -7.25
CA TRP A 135 -31.57 37.93 -8.71
C TRP A 135 -30.41 38.67 -9.40
N ASP A 136 -30.43 38.64 -10.71
CA ASP A 136 -29.43 39.28 -11.55
C ASP A 136 -29.86 39.22 -13.01
N PHE A 137 -29.69 40.35 -13.69
CA PHE A 137 -30.14 40.55 -15.10
C PHE A 137 -29.49 39.60 -16.14
N LEU A 138 -30.23 38.51 -16.43
CA LEU A 138 -29.92 37.48 -17.44
C LEU A 138 -28.63 36.64 -17.16
N GLY A 139 -28.46 35.61 -18.02
CA GLY A 139 -27.31 34.73 -17.92
C GLY A 139 -27.37 33.81 -16.68
N LEU A 140 -26.86 34.32 -15.57
CA LEU A 140 -26.87 33.57 -14.32
C LEU A 140 -26.85 34.57 -13.14
N GLU A 141 -26.68 34.04 -11.94
CA GLU A 141 -26.64 34.87 -10.73
C GLU A 141 -25.47 35.84 -10.81
N MET A 142 -24.50 35.68 -9.92
CA MET A 142 -23.34 36.54 -9.92
C MET A 142 -22.21 35.87 -9.17
N PRO A 143 -22.38 35.45 -7.92
CA PRO A 143 -21.28 34.80 -7.22
C PRO A 143 -20.60 33.76 -8.13
N GLN A 144 -21.40 33.06 -8.93
CA GLN A 144 -20.88 32.03 -9.81
C GLN A 144 -20.09 32.62 -10.99
N TRP A 145 -20.67 33.65 -11.61
CA TRP A 145 -20.01 34.34 -12.71
C TRP A 145 -18.68 34.84 -12.15
N LEU A 146 -18.77 35.41 -10.92
CA LEU A 146 -17.60 35.97 -10.19
C LEU A 146 -16.46 34.98 -9.97
N LEU A 147 -16.75 33.73 -9.64
CA LEU A 147 -15.68 32.72 -9.48
C LEU A 147 -14.98 32.49 -10.82
N GLY A 148 -15.76 32.35 -11.89
CA GLY A 148 -15.22 32.13 -13.24
C GLY A 148 -14.31 33.27 -13.67
N ILE A 149 -14.72 34.50 -13.34
CA ILE A 149 -13.92 35.66 -13.69
C ILE A 149 -12.73 35.86 -12.66
N PHE A 150 -12.93 35.40 -11.43
CA PHE A 150 -11.89 35.51 -10.40
C PHE A 150 -10.81 34.49 -10.62
N ILE A 151 -11.22 33.27 -11.00
CA ILE A 151 -10.25 32.24 -11.22
C ILE A 151 -9.34 32.72 -12.40
N ALA A 152 -9.99 33.29 -13.42
CA ALA A 152 -9.28 33.84 -14.57
C ALA A 152 -8.30 34.98 -14.23
N TYR A 153 -8.72 35.94 -13.40
CA TYR A 153 -7.85 37.04 -12.99
C TYR A 153 -6.73 36.45 -12.14
N LEU A 154 -7.12 35.56 -11.22
CA LEU A 154 -6.15 34.89 -10.34
C LEU A 154 -5.09 34.23 -11.19
N ILE A 155 -5.52 33.53 -12.23
CA ILE A 155 -4.58 32.81 -13.02
C ILE A 155 -3.78 33.81 -14.10
N VAL A 156 -4.46 34.87 -14.49
CA VAL A 156 -3.84 35.84 -15.36
C VAL A 156 -2.55 36.29 -14.69
N ALA A 157 -2.65 36.69 -13.41
CA ALA A 157 -1.48 37.15 -12.65
C ALA A 157 -0.68 36.05 -11.99
N VAL A 158 -1.32 34.92 -11.65
CA VAL A 158 -0.56 33.86 -10.99
C VAL A 158 0.16 33.05 -12.05
N LEU A 159 -0.54 32.78 -13.17
CA LEU A 159 0.00 31.90 -14.25
C LEU A 159 1.47 32.11 -14.62
N VAL A 160 2.04 33.28 -14.29
CA VAL A 160 3.45 33.56 -14.55
C VAL A 160 4.34 32.40 -14.08
N VAL A 161 4.32 32.08 -12.77
CA VAL A 161 5.11 30.94 -12.27
C VAL A 161 4.25 29.65 -12.31
N ILE A 162 2.93 29.79 -12.12
CA ILE A 162 2.06 28.61 -12.17
C ILE A 162 0.57 29.00 -12.23
N ASP B 21 -40.69 22.38 14.82
CA ASP B 21 -39.96 22.03 13.55
C ASP B 21 -40.96 21.74 12.44
N ILE B 22 -40.48 21.13 11.36
CA ILE B 22 -41.37 20.59 10.37
C ILE B 22 -41.88 19.26 10.94
N VAL B 23 -43.17 18.94 10.72
CA VAL B 23 -43.68 17.59 11.00
C VAL B 23 -44.07 16.79 9.75
N MET B 24 -43.35 15.70 9.56
CA MET B 24 -43.67 14.69 8.56
C MET B 24 -44.61 13.69 9.19
N SER B 25 -45.61 13.33 8.40
CA SER B 25 -46.67 12.46 8.80
C SER B 25 -47.11 11.69 7.57
N GLN B 26 -46.91 10.37 7.59
CA GLN B 26 -47.32 9.48 6.50
C GLN B 26 -48.64 8.77 6.84
N SER B 27 -49.44 8.48 5.81
CA SER B 27 -50.56 7.55 5.95
C SER B 27 -50.44 6.54 4.82
N PRO B 28 -50.83 5.28 5.07
CA PRO B 28 -51.33 4.71 6.30
C PRO B 28 -50.19 4.12 7.10
N SER B 29 -50.49 3.57 8.28
CA SER B 29 -49.50 2.82 9.05
C SER B 29 -49.04 1.58 8.30
N SER B 30 -50.00 0.84 7.74
CA SER B 30 -49.71 -0.43 7.08
C SER B 30 -50.38 -0.61 5.72
N LEU B 31 -49.72 -1.37 4.85
CA LEU B 31 -50.26 -1.79 3.56
C LEU B 31 -50.02 -3.28 3.31
N ALA B 32 -51.06 -3.95 2.86
CA ALA B 32 -50.91 -5.30 2.36
C ALA B 32 -50.99 -5.25 0.83
N VAL B 33 -50.30 -6.17 0.17
CA VAL B 33 -50.38 -6.32 -1.30
C VAL B 33 -49.84 -7.68 -1.78
N SER B 34 -50.49 -8.24 -2.80
CA SER B 34 -50.06 -9.49 -3.39
C SER B 34 -48.87 -9.20 -4.29
N ALA B 35 -47.86 -10.07 -4.19
CA ALA B 35 -46.53 -9.81 -4.77
C ALA B 35 -46.51 -9.50 -6.26
N GLY B 36 -46.53 -8.21 -6.60
CA GLY B 36 -46.37 -7.79 -7.99
C GLY B 36 -47.25 -6.63 -8.36
N GLU B 37 -47.77 -5.96 -7.33
CA GLU B 37 -48.74 -4.88 -7.53
C GLU B 37 -48.14 -3.46 -7.49
N LYS B 38 -49.00 -2.47 -7.72
CA LYS B 38 -48.62 -1.07 -7.54
C LYS B 38 -49.14 -0.56 -6.20
N VAL B 39 -48.25 0.07 -5.44
CA VAL B 39 -48.58 0.68 -4.14
C VAL B 39 -48.01 2.07 -4.14
N THR B 40 -48.81 3.00 -3.61
CA THR B 40 -48.43 4.39 -3.56
C THR B 40 -48.80 4.95 -2.19
N MET B 41 -47.91 4.83 -1.21
CA MET B 41 -48.17 5.48 0.08
C MET B 41 -47.78 6.97 0.06
N SER B 42 -48.27 7.73 1.04
CA SER B 42 -48.16 9.18 0.99
C SER B 42 -47.45 9.79 2.18
N CYS B 43 -46.62 10.79 1.90
CA CYS B 43 -45.92 11.58 2.91
C CYS B 43 -46.32 13.04 2.77
N LYS B 44 -46.86 13.61 3.84
CA LYS B 44 -47.20 15.03 3.88
C LYS B 44 -46.44 15.79 4.95
N SER B 45 -45.82 16.91 4.58
CA SER B 45 -45.07 17.71 5.54
C SER B 45 -45.82 18.99 5.92
N SER B 46 -45.59 19.45 7.15
CA SER B 46 -46.28 20.61 7.70
C SER B 46 -45.89 21.92 7.01
N GLN B 47 -44.70 21.93 6.43
CA GLN B 47 -44.09 23.12 5.85
C GLN B 47 -43.78 22.84 4.41
N SER B 48 -44.01 23.79 3.52
CA SER B 48 -43.68 23.53 2.13
C SER B 48 -42.19 23.27 1.98
N LEU B 49 -41.83 22.37 1.08
CA LEU B 49 -40.44 21.95 0.93
C LEU B 49 -39.75 22.47 -0.35
N LEU B 50 -40.32 23.51 -0.97
CA LEU B 50 -39.77 24.07 -2.22
C LEU B 50 -38.84 25.27 -1.97
N ASN B 51 -37.73 25.30 -2.68
CA ASN B 51 -36.95 26.51 -2.79
C ASN B 51 -37.49 27.41 -3.91
N SER B 52 -37.31 28.71 -3.76
CA SER B 52 -37.53 29.61 -4.89
C SER B 52 -36.55 29.23 -6.01
N ARG B 53 -35.24 29.27 -5.73
CA ARG B 53 -34.23 28.86 -6.71
C ARG B 53 -34.11 27.33 -6.85
N THR B 54 -34.41 26.91 -8.08
CA THR B 54 -34.66 25.51 -8.48
C THR B 54 -35.85 24.89 -7.80
N ARG B 55 -36.75 24.35 -8.61
CA ARG B 55 -37.68 23.34 -8.10
C ARG B 55 -36.80 22.26 -7.51
N LYS B 56 -36.70 22.27 -6.19
CA LYS B 56 -35.85 21.36 -5.44
C LYS B 56 -36.64 21.05 -4.21
N ASN B 57 -37.16 19.82 -4.12
CA ASN B 57 -38.14 19.59 -3.07
C ASN B 57 -37.69 18.95 -1.78
N TYR B 58 -36.38 18.82 -1.60
CA TYR B 58 -35.76 18.59 -0.28
C TYR B 58 -36.41 17.55 0.67
N LEU B 59 -37.00 16.53 0.05
CA LEU B 59 -37.56 15.43 0.77
C LEU B 59 -36.88 14.17 0.28
N ALA B 60 -36.56 13.29 1.22
CA ALA B 60 -36.10 11.96 0.88
C ALA B 60 -37.04 10.85 1.38
N TRP B 61 -36.96 9.69 0.71
CA TRP B 61 -37.65 8.46 1.11
C TRP B 61 -36.61 7.43 1.45
N TYR B 62 -36.66 6.89 2.65
CA TYR B 62 -35.76 5.80 3.05
C TYR B 62 -36.55 4.54 3.29
N GLN B 63 -36.11 3.44 2.71
CA GLN B 63 -36.70 2.16 3.05
C GLN B 63 -35.85 1.54 4.12
N GLN B 64 -36.49 0.75 5.00
CA GLN B 64 -35.77 0.09 6.10
C GLN B 64 -36.29 -1.30 6.29
N LYS B 65 -35.48 -2.29 5.96
CA LYS B 65 -35.88 -3.69 6.05
C LYS B 65 -35.91 -4.20 7.50
N PRO B 66 -36.67 -5.29 7.77
CA PRO B 66 -36.78 -5.75 9.15
C PRO B 66 -35.41 -6.00 9.82
N GLY B 67 -35.14 -5.23 10.87
CA GLY B 67 -33.88 -5.28 11.59
C GLY B 67 -32.76 -4.99 10.62
N GLN B 68 -32.76 -3.77 10.11
CA GLN B 68 -31.69 -3.23 9.27
C GLN B 68 -31.62 -1.72 9.33
N SER B 69 -30.44 -1.21 9.04
CA SER B 69 -30.30 0.22 8.88
C SER B 69 -31.12 0.65 7.65
N PRO B 70 -31.83 1.80 7.77
CA PRO B 70 -32.54 2.32 6.61
C PRO B 70 -31.61 2.42 5.38
N LYS B 71 -32.18 2.28 4.18
CA LYS B 71 -31.43 2.50 2.91
C LYS B 71 -31.97 3.73 2.17
N LEU B 72 -31.10 4.50 1.56
CA LEU B 72 -31.56 5.65 0.76
C LEU B 72 -32.22 5.15 -0.52
N LEU B 73 -33.30 5.80 -0.91
CA LEU B 73 -34.18 5.26 -1.94
C LEU B 73 -34.45 6.29 -3.04
N ILE B 74 -34.87 7.46 -2.60
CA ILE B 74 -35.14 8.58 -3.48
C ILE B 74 -34.67 9.81 -2.76
N TYR B 75 -33.87 10.65 -3.42
CA TYR B 75 -33.67 11.98 -2.88
C TYR B 75 -34.33 13.10 -3.68
N TRP B 76 -34.18 14.32 -3.17
CA TRP B 76 -34.82 15.52 -3.74
C TRP B 76 -36.33 15.48 -3.92
N ALA B 77 -36.86 14.37 -4.43
CA ALA B 77 -38.28 13.99 -4.28
C ALA B 77 -38.63 13.03 -5.37
N SER B 78 -38.00 13.29 -6.52
CA SER B 78 -38.16 12.55 -7.77
C SER B 78 -37.01 11.58 -7.98
N THR B 79 -35.78 12.10 -7.85
CA THR B 79 -34.57 11.38 -8.30
C THR B 79 -34.19 10.15 -7.47
N ARG B 80 -34.06 9.01 -8.17
CA ARG B 80 -33.72 7.73 -7.57
C ARG B 80 -32.21 7.61 -7.36
N GLU B 81 -31.82 6.64 -6.53
CA GLU B 81 -30.43 6.55 -6.12
C GLU B 81 -29.73 5.25 -6.60
N SER B 82 -28.43 5.37 -6.88
CA SER B 82 -27.60 4.28 -7.43
C SER B 82 -28.11 2.88 -7.13
N GLY B 83 -28.75 2.27 -8.12
CA GLY B 83 -29.28 0.91 -7.95
C GLY B 83 -30.68 0.86 -7.34
N VAL B 84 -31.47 1.90 -7.56
CA VAL B 84 -32.88 1.85 -7.26
C VAL B 84 -33.58 1.42 -8.53
N PRO B 85 -34.29 0.28 -8.49
CA PRO B 85 -35.12 -0.14 -9.61
C PRO B 85 -36.25 0.87 -9.91
N ASP B 86 -36.38 1.21 -11.19
CA ASP B 86 -37.33 2.22 -11.71
C ASP B 86 -38.67 2.19 -10.99
N ARG B 87 -39.00 1.01 -10.47
CA ARG B 87 -40.32 0.71 -9.89
C ARG B 87 -40.70 1.57 -8.70
N PHE B 88 -39.72 1.91 -7.86
CA PHE B 88 -39.95 2.90 -6.82
C PHE B 88 -39.95 4.22 -7.54
N THR B 89 -41.02 5.00 -7.38
CA THR B 89 -41.07 6.32 -7.98
C THR B 89 -41.45 7.37 -6.96
N GLY B 90 -40.87 8.55 -7.09
CA GLY B 90 -41.14 9.65 -6.17
C GLY B 90 -41.83 10.77 -6.89
N SER B 91 -43.10 10.99 -6.54
CA SER B 91 -43.80 12.15 -7.03
C SER B 91 -43.97 13.03 -5.82
N GLY B 92 -44.60 14.19 -6.01
CA GLY B 92 -44.91 15.07 -4.89
C GLY B 92 -44.24 16.40 -5.07
N SER B 93 -44.70 17.40 -4.33
CA SER B 93 -44.23 18.76 -4.50
C SER B 93 -45.00 19.71 -3.61
N GLY B 94 -44.27 20.61 -2.96
CA GLY B 94 -44.86 21.44 -1.93
C GLY B 94 -44.91 20.66 -0.63
N THR B 95 -46.12 20.41 -0.13
CA THR B 95 -46.28 19.73 1.15
C THR B 95 -46.74 18.28 0.97
N ASP B 96 -46.64 17.76 -0.25
CA ASP B 96 -47.44 16.59 -0.66
C ASP B 96 -46.72 15.52 -1.46
N PHE B 97 -46.07 14.62 -0.77
CA PHE B 97 -45.28 13.64 -1.47
C PHE B 97 -45.89 12.25 -1.42
N THR B 98 -45.56 11.47 -2.44
CA THR B 98 -46.10 10.12 -2.62
C THR B 98 -45.03 9.17 -3.15
N LEU B 99 -44.89 8.02 -2.52
CA LEU B 99 -43.96 7.01 -3.01
C LEU B 99 -44.76 5.89 -3.61
N THR B 100 -44.28 5.39 -4.75
CA THR B 100 -45.01 4.41 -5.56
C THR B 100 -44.12 3.26 -6.04
N ILE B 101 -44.47 2.03 -5.62
CA ILE B 101 -43.67 0.86 -5.92
C ILE B 101 -44.47 -0.08 -6.76
N SER B 102 -44.13 -0.15 -8.05
CA SER B 102 -44.78 -1.10 -8.97
C SER B 102 -44.04 -2.45 -8.97
N SER B 103 -44.81 -3.53 -9.17
CA SER B 103 -44.26 -4.88 -9.28
C SER B 103 -43.57 -5.33 -8.00
N VAL B 104 -44.32 -5.24 -6.89
CA VAL B 104 -43.81 -5.55 -5.55
C VAL B 104 -43.18 -6.94 -5.45
N GLN B 105 -41.85 -6.99 -5.47
CA GLN B 105 -41.19 -8.23 -5.18
C GLN B 105 -41.30 -8.58 -3.70
N ALA B 106 -40.87 -9.79 -3.37
CA ALA B 106 -41.02 -10.33 -2.03
C ALA B 106 -40.05 -9.63 -1.08
N GLU B 107 -38.89 -9.27 -1.62
CA GLU B 107 -37.83 -8.56 -0.91
C GLU B 107 -38.13 -7.07 -0.97
N ASP B 108 -39.36 -6.72 -0.59
CA ASP B 108 -39.80 -5.35 -0.49
C ASP B 108 -40.60 -5.22 0.79
N LEU B 109 -40.40 -6.18 1.69
CA LEU B 109 -41.00 -6.08 3.02
C LEU B 109 -40.24 -5.04 3.82
N ALA B 110 -40.89 -3.94 4.16
CA ALA B 110 -40.19 -2.85 4.80
C ALA B 110 -41.09 -1.80 5.41
N VAL B 111 -40.51 -0.96 6.24
CA VAL B 111 -41.14 0.31 6.53
C VAL B 111 -40.41 1.39 5.70
N TYR B 112 -41.22 2.29 5.14
CA TYR B 112 -40.77 3.34 4.23
C TYR B 112 -40.93 4.68 4.92
N TYR B 113 -39.82 5.38 5.08
CA TYR B 113 -39.77 6.57 5.90
C TYR B 113 -39.51 7.73 4.98
N CYS B 114 -40.22 8.83 5.19
CA CYS B 114 -39.87 10.02 4.44
C CYS B 114 -39.13 10.93 5.39
N LYS B 115 -38.17 11.67 4.85
CA LYS B 115 -37.38 12.63 5.63
C LYS B 115 -37.42 13.98 4.95
N GLN B 116 -37.57 15.03 5.74
CA GLN B 116 -37.37 16.35 5.19
C GLN B 116 -35.96 16.78 5.52
N SER B 117 -35.33 17.48 4.57
CA SER B 117 -34.03 18.08 4.82
C SER B 117 -34.03 19.55 4.41
N TYR B 118 -35.18 20.20 4.52
CA TYR B 118 -35.31 21.60 4.18
C TYR B 118 -34.94 22.46 5.34
N ASN B 119 -35.23 22.02 6.55
CA ASN B 119 -34.80 22.77 7.72
C ASN B 119 -34.65 21.81 8.85
N LEU B 120 -33.39 21.46 9.09
CA LEU B 120 -32.98 20.32 9.93
C LEU B 120 -33.48 19.00 9.28
N TYR B 121 -33.38 17.90 10.00
CA TYR B 121 -33.81 16.62 9.46
C TYR B 121 -35.00 16.11 10.25
N THR B 122 -36.19 16.03 9.65
CA THR B 122 -37.27 15.23 10.31
C THR B 122 -37.77 14.06 9.46
N PHE B 123 -38.31 13.06 10.16
CA PHE B 123 -38.79 11.81 9.57
C PHE B 123 -40.32 11.67 9.70
N GLY B 124 -40.92 10.87 8.83
CA GLY B 124 -42.32 10.52 8.97
C GLY B 124 -42.35 9.43 10.01
N GLY B 125 -43.55 8.95 10.30
CA GLY B 125 -43.71 7.90 11.29
C GLY B 125 -43.37 6.54 10.72
N GLY B 126 -43.67 6.34 9.44
CA GLY B 126 -43.37 5.09 8.79
C GLY B 126 -44.64 4.48 8.24
N THR B 127 -44.49 3.64 7.24
CA THR B 127 -45.58 2.94 6.57
C THR B 127 -45.04 1.54 6.39
N LYS B 128 -45.67 0.57 7.04
CA LYS B 128 -45.26 -0.83 6.94
C LYS B 128 -45.90 -1.51 5.73
N LEU B 129 -45.09 -1.85 4.73
CA LEU B 129 -45.56 -2.60 3.56
C LEU B 129 -45.38 -4.09 3.76
N GLU B 130 -46.37 -4.73 4.40
CA GLU B 130 -46.33 -6.18 4.63
C GLU B 130 -46.99 -6.95 3.50
N ILE B 131 -46.37 -8.06 3.10
CA ILE B 131 -46.84 -8.84 1.95
C ILE B 131 -48.03 -9.76 2.24
N LYS B 132 -48.85 -9.95 1.21
CA LYS B 132 -49.88 -10.98 1.16
C LYS B 132 -49.20 -12.27 0.70
N ALA B 134 -50.69 -16.60 -0.53
CA ALA B 134 -51.48 -17.81 -0.28
C ALA B 134 -50.97 -18.59 0.92
N ASP B 135 -51.88 -19.18 1.68
CA ASP B 135 -51.58 -19.83 2.96
C ASP B 135 -50.49 -20.93 2.85
N ALA B 136 -49.92 -21.32 4.00
CA ALA B 136 -49.06 -22.52 4.10
C ALA B 136 -49.11 -23.15 5.51
N ALA B 137 -48.71 -24.42 5.58
CA ALA B 137 -48.79 -25.22 6.82
C ALA B 137 -47.61 -25.02 7.79
N PRO B 138 -47.90 -24.62 9.03
CA PRO B 138 -46.88 -24.44 10.09
C PRO B 138 -46.11 -25.73 10.34
N THR B 139 -44.81 -25.61 10.61
CA THR B 139 -43.94 -26.80 10.69
C THR B 139 -43.36 -27.03 12.10
N VAL B 140 -44.17 -27.55 13.04
CA VAL B 140 -43.73 -27.65 14.46
C VAL B 140 -42.63 -28.69 14.72
N SER B 141 -41.97 -28.55 15.87
CA SER B 141 -40.83 -29.37 16.30
C SER B 141 -40.52 -29.07 17.76
N ILE B 142 -40.70 -30.05 18.65
CA ILE B 142 -40.52 -29.83 20.10
C ILE B 142 -39.09 -30.07 20.61
N PHE B 143 -38.72 -29.29 21.63
CA PHE B 143 -37.36 -29.25 22.17
C PHE B 143 -37.33 -29.30 23.70
N PRO B 144 -36.82 -30.42 24.27
CA PRO B 144 -36.71 -30.64 25.70
C PRO B 144 -35.71 -29.69 26.35
N PRO B 145 -35.77 -29.51 27.68
CA PRO B 145 -34.73 -28.78 28.41
C PRO B 145 -33.31 -29.20 28.01
N SER B 146 -32.33 -28.38 28.33
CA SER B 146 -30.92 -28.75 28.15
C SER B 146 -30.27 -29.15 29.47
N SER B 147 -29.62 -30.31 29.45
CA SER B 147 -28.91 -30.84 30.61
C SER B 147 -28.49 -29.75 31.59
N GLU B 148 -27.68 -28.79 31.11
CA GLU B 148 -27.08 -27.79 31.99
C GLU B 148 -28.11 -26.85 32.62
N GLN B 149 -29.13 -26.46 31.84
CA GLN B 149 -30.24 -25.65 32.37
C GLN B 149 -30.81 -26.33 33.61
N LEU B 150 -30.98 -27.65 33.50
CA LEU B 150 -31.52 -28.48 34.56
C LEU B 150 -30.56 -28.50 35.74
N THR B 151 -29.34 -28.98 35.50
CA THR B 151 -28.32 -29.09 36.57
C THR B 151 -27.91 -27.71 37.13
N SER B 152 -28.50 -26.66 36.56
CA SER B 152 -28.41 -25.32 37.12
C SER B 152 -29.76 -24.79 37.63
N GLY B 153 -30.69 -25.71 37.90
CA GLY B 153 -31.85 -25.43 38.74
C GLY B 153 -33.12 -24.91 38.07
N GLY B 154 -33.30 -25.25 36.80
CA GLY B 154 -34.49 -24.84 36.04
C GLY B 154 -34.77 -25.74 34.86
N ALA B 155 -35.94 -25.58 34.25
CA ALA B 155 -36.34 -26.43 33.12
C ALA B 155 -37.33 -25.72 32.20
N SER B 156 -36.98 -25.63 30.91
CA SER B 156 -37.82 -24.94 29.92
C SER B 156 -38.00 -25.78 28.68
N VAL B 157 -39.23 -25.85 28.19
CA VAL B 157 -39.54 -26.65 27.01
C VAL B 157 -40.18 -25.80 25.90
N VAL B 158 -39.60 -25.86 24.70
CA VAL B 158 -40.01 -25.01 23.55
C VAL B 158 -40.35 -25.80 22.29
N CYS B 159 -41.28 -25.28 21.50
CA CYS B 159 -41.45 -25.75 20.13
C CYS B 159 -41.60 -24.60 19.13
N PHE B 160 -40.85 -24.70 18.04
CA PHE B 160 -40.87 -23.71 16.97
C PHE B 160 -41.96 -24.05 15.97
N LEU B 161 -42.58 -23.01 15.41
CA LEU B 161 -43.61 -23.16 14.40
C LEU B 161 -43.13 -22.45 13.13
N ASN B 162 -42.18 -23.05 12.44
CA ASN B 162 -41.56 -22.37 11.31
C ASN B 162 -42.48 -22.23 10.10
N ASN B 163 -42.18 -21.22 9.29
CA ASN B 163 -42.73 -21.01 7.93
C ASN B 163 -44.23 -21.07 7.68
N PHE B 164 -45.05 -20.57 8.60
CA PHE B 164 -46.49 -20.59 8.39
C PHE B 164 -47.06 -19.26 7.89
N TYR B 165 -48.32 -19.28 7.47
CA TYR B 165 -49.02 -18.12 6.92
C TYR B 165 -50.50 -18.47 6.69
N PRO B 166 -51.44 -17.61 7.13
CA PRO B 166 -51.33 -16.32 7.78
C PRO B 166 -50.89 -16.38 9.24
N LYS B 167 -50.78 -15.19 9.85
CA LYS B 167 -50.31 -14.97 11.22
C LYS B 167 -51.00 -15.86 12.25
N ASP B 168 -52.31 -16.03 12.11
CA ASP B 168 -53.15 -16.62 13.14
C ASP B 168 -52.91 -18.12 13.33
N ILE B 169 -52.48 -18.46 14.53
CA ILE B 169 -52.15 -19.83 14.92
C ILE B 169 -52.30 -19.98 16.44
N ASN B 170 -53.26 -20.82 16.85
CA ASN B 170 -53.46 -21.08 18.28
C ASN B 170 -52.71 -22.35 18.69
N VAL B 171 -51.58 -22.14 19.35
CA VAL B 171 -50.68 -23.22 19.74
C VAL B 171 -50.97 -23.64 21.18
N LYS B 172 -51.32 -24.91 21.34
CA LYS B 172 -51.77 -25.47 22.61
C LYS B 172 -50.84 -26.55 23.12
N TRP B 173 -50.30 -26.34 24.33
CA TRP B 173 -49.43 -27.31 25.00
C TRP B 173 -50.22 -28.43 25.69
N LYS B 174 -49.68 -29.65 25.66
CA LYS B 174 -50.29 -30.83 26.32
C LYS B 174 -49.29 -31.56 27.22
N ILE B 175 -49.68 -31.74 28.48
CA ILE B 175 -48.95 -32.63 29.36
C ILE B 175 -49.68 -33.97 29.35
N ASP B 176 -49.14 -34.93 28.58
CA ASP B 176 -49.77 -36.24 28.25
C ASP B 176 -51.21 -36.19 27.72
N GLY B 177 -51.93 -35.12 28.09
CA GLY B 177 -53.33 -34.91 27.73
C GLY B 177 -53.96 -33.82 28.58
N SER B 178 -53.51 -33.74 29.85
CA SER B 178 -53.91 -32.68 30.79
C SER B 178 -53.23 -31.36 30.41
N GLU B 179 -54.04 -30.33 30.18
CA GLU B 179 -53.53 -29.11 29.57
C GLU B 179 -53.52 -27.87 30.46
N ARG B 180 -52.38 -27.60 31.09
CA ARG B 180 -52.14 -26.36 31.87
C ARG B 180 -51.52 -25.21 31.03
N GLN B 181 -51.60 -23.98 31.53
CA GLN B 181 -51.25 -22.81 30.71
C GLN B 181 -50.30 -21.79 31.34
N ASN B 182 -50.49 -21.47 32.63
CA ASN B 182 -49.67 -20.46 33.33
C ASN B 182 -48.14 -20.61 33.14
N GLY B 183 -47.58 -19.78 32.26
CA GLY B 183 -46.13 -19.79 31.98
C GLY B 183 -45.80 -20.29 30.60
N VAL B 184 -46.44 -19.72 29.58
CA VAL B 184 -46.31 -20.14 28.19
C VAL B 184 -46.21 -18.92 27.25
N LEU B 185 -44.99 -18.43 27.04
CA LEU B 185 -44.75 -17.15 26.35
C LEU B 185 -44.20 -17.27 24.92
N ASN B 186 -44.93 -16.67 23.98
CA ASN B 186 -44.68 -16.84 22.54
C ASN B 186 -43.88 -15.72 21.89
N SER B 187 -43.62 -15.86 20.59
CA SER B 187 -43.21 -14.75 19.73
C SER B 187 -43.18 -15.08 18.24
N TRP B 188 -43.91 -14.26 17.48
CA TRP B 188 -43.98 -14.37 16.03
C TRP B 188 -42.85 -13.54 15.46
N THR B 189 -42.06 -14.08 14.54
CA THR B 189 -41.17 -13.22 13.78
C THR B 189 -42.06 -12.28 12.97
N ASP B 190 -41.58 -11.08 12.71
CA ASP B 190 -42.21 -10.23 11.75
C ASP B 190 -41.94 -10.89 10.39
N GLN B 191 -43.01 -11.09 9.63
CA GLN B 191 -43.02 -11.75 8.31
C GLN B 191 -41.65 -11.81 7.57
N ASP B 192 -41.28 -13.01 7.10
CA ASP B 192 -40.07 -13.26 6.32
C ASP B 192 -40.04 -12.39 5.06
N SER B 193 -38.85 -12.11 4.54
CA SER B 193 -38.72 -11.23 3.37
C SER B 193 -38.45 -11.99 2.05
N LYS B 194 -37.76 -13.12 2.16
CA LYS B 194 -37.51 -13.97 1.00
C LYS B 194 -38.74 -14.81 0.70
N ASP B 195 -39.18 -15.57 1.70
CA ASP B 195 -40.33 -16.45 1.59
C ASP B 195 -41.63 -15.75 1.99
N SER B 196 -41.52 -14.65 2.71
CA SER B 196 -42.66 -13.79 3.03
C SER B 196 -43.75 -14.46 3.88
N THR B 197 -43.33 -15.26 4.85
CA THR B 197 -44.27 -15.94 5.74
C THR B 197 -43.80 -15.94 7.20
N TYR B 198 -44.73 -15.69 8.12
CA TYR B 198 -44.43 -15.66 9.56
C TYR B 198 -43.69 -16.89 10.10
N SER B 199 -43.37 -16.84 11.40
CA SER B 199 -42.90 -17.99 12.17
C SER B 199 -43.42 -17.78 13.59
N MET B 200 -43.01 -18.62 14.53
CA MET B 200 -43.44 -18.45 15.93
C MET B 200 -42.62 -19.34 16.85
N SER B 201 -42.68 -19.10 18.17
CA SER B 201 -41.99 -19.95 19.15
C SER B 201 -42.56 -19.81 20.56
N SER B 202 -43.25 -20.87 21.02
CA SER B 202 -43.80 -20.91 22.37
C SER B 202 -42.86 -21.60 23.35
N THR B 203 -42.78 -21.03 24.56
CA THR B 203 -41.88 -21.53 25.59
C THR B 203 -42.64 -21.81 26.87
N LEU B 204 -42.69 -23.07 27.23
CA LEU B 204 -43.22 -23.49 28.50
C LEU B 204 -42.06 -23.55 29.51
N THR B 205 -42.21 -22.80 30.58
CA THR B 205 -41.08 -22.59 31.49
C THR B 205 -41.41 -22.93 32.95
N LEU B 206 -40.94 -24.10 33.38
CA LEU B 206 -41.21 -24.65 34.72
C LEU B 206 -40.09 -24.40 35.73
N THR B 207 -40.23 -25.01 36.91
CA THR B 207 -39.11 -25.12 37.86
C THR B 207 -38.32 -26.42 37.53
N LYS B 208 -37.09 -26.53 38.03
CA LYS B 208 -36.27 -27.73 37.86
C LYS B 208 -37.00 -29.03 38.20
N ASP B 209 -37.70 -29.01 39.33
CA ASP B 209 -38.31 -30.19 39.97
C ASP B 209 -39.74 -30.49 39.51
N GLU B 210 -40.52 -29.44 39.27
CA GLU B 210 -41.88 -29.58 38.72
C GLU B 210 -41.94 -30.21 37.32
N TYR B 211 -40.80 -30.30 36.62
CA TYR B 211 -40.77 -30.77 35.21
C TYR B 211 -41.02 -32.28 35.08
N GLU B 212 -40.54 -33.05 36.05
CA GLU B 212 -40.69 -34.52 36.02
C GLU B 212 -42.00 -35.01 36.64
N ARG B 213 -42.92 -34.07 36.88
CA ARG B 213 -44.27 -34.32 37.37
C ARG B 213 -45.05 -35.30 36.49
N HIS B 214 -44.93 -35.13 35.17
CA HIS B 214 -45.51 -36.06 34.20
C HIS B 214 -44.40 -36.66 33.32
N ASN B 215 -44.80 -37.31 32.24
CA ASN B 215 -43.85 -37.94 31.32
C ASN B 215 -43.98 -37.41 29.88
N SER B 216 -45.14 -37.62 29.27
CA SER B 216 -45.36 -37.17 27.91
C SER B 216 -45.64 -35.66 27.86
N TYR B 217 -45.04 -35.01 26.86
CA TYR B 217 -45.27 -33.60 26.57
C TYR B 217 -45.49 -33.43 25.07
N THR B 218 -46.29 -32.43 24.71
CA THR B 218 -46.44 -32.05 23.30
C THR B 218 -46.97 -30.61 23.14
N CYS B 219 -47.01 -30.14 21.90
CA CYS B 219 -47.70 -28.90 21.59
C CYS B 219 -48.42 -29.07 20.26
N GLU B 220 -49.51 -28.34 20.09
CA GLU B 220 -50.26 -28.39 18.85
C GLU B 220 -50.54 -27.02 18.27
N ALA B 221 -50.53 -26.95 16.94
CA ALA B 221 -51.03 -25.80 16.22
C ALA B 221 -52.55 -25.96 16.00
N THR B 222 -53.14 -25.01 15.29
CA THR B 222 -54.54 -25.09 14.81
C THR B 222 -54.70 -24.25 13.55
N HIS B 223 -53.58 -23.64 13.15
CA HIS B 223 -53.46 -22.76 11.98
C HIS B 223 -54.33 -23.14 10.78
N LYS B 224 -55.03 -22.14 10.26
CA LYS B 224 -56.14 -22.32 9.33
C LYS B 224 -55.72 -22.63 7.90
N THR B 225 -54.81 -23.59 7.71
CA THR B 225 -54.65 -24.23 6.39
C THR B 225 -55.65 -25.39 6.33
N SER B 226 -55.75 -26.09 7.46
CA SER B 226 -56.95 -26.82 7.87
C SER B 226 -56.86 -26.98 9.39
N THR B 227 -57.97 -26.71 10.08
CA THR B 227 -57.98 -26.72 11.55
C THR B 227 -57.94 -28.16 12.11
N SER B 228 -57.03 -28.94 11.52
CA SER B 228 -56.65 -30.26 11.96
C SER B 228 -55.33 -30.10 12.73
N PRO B 229 -55.42 -29.97 14.08
CA PRO B 229 -54.33 -29.47 14.93
C PRO B 229 -53.01 -30.25 14.89
N ILE B 230 -52.08 -29.79 14.05
CA ILE B 230 -50.72 -30.38 13.89
C ILE B 230 -50.00 -30.59 15.23
N VAL B 231 -49.72 -31.84 15.54
CA VAL B 231 -49.15 -32.25 16.83
C VAL B 231 -47.70 -32.78 16.71
N LYS B 232 -46.86 -32.43 17.68
CA LYS B 232 -45.49 -32.95 17.74
C LYS B 232 -45.09 -33.13 19.20
N SER B 233 -44.64 -34.34 19.54
CA SER B 233 -44.52 -34.78 20.93
C SER B 233 -43.18 -35.39 21.30
N PHE B 234 -42.91 -35.48 22.61
CA PHE B 234 -41.85 -36.30 23.15
C PHE B 234 -42.22 -36.72 24.58
N ASN B 235 -41.43 -37.61 25.20
CA ASN B 235 -41.67 -38.03 26.59
C ASN B 235 -40.45 -38.07 27.48
N ARG B 236 -40.59 -37.43 28.64
CA ARG B 236 -39.54 -37.21 29.64
C ARG B 236 -38.50 -38.33 29.77
N ASN B 237 -38.75 -39.25 30.71
CA ASN B 237 -37.87 -40.37 31.11
C ASN B 237 -36.40 -40.38 30.64
N GLU B 238 -36.19 -40.59 29.33
CA GLU B 238 -34.84 -40.64 28.77
C GLU B 238 -34.11 -39.30 28.94
N CYS B 239 -34.81 -38.21 28.61
CA CYS B 239 -34.21 -36.89 28.54
C CYS B 239 -34.81 -35.93 29.57
N GLU C 1 -17.33 -1.87 -0.27
CA GLU C 1 -16.61 -0.66 -0.76
C GLU C 1 -16.48 0.38 0.35
N VAL C 2 -17.62 0.89 0.80
CA VAL C 2 -17.70 1.93 1.83
C VAL C 2 -18.39 1.36 3.08
N GLN C 3 -17.72 1.48 4.22
CA GLN C 3 -18.23 0.91 5.45
C GLN C 3 -18.28 1.88 6.63
N LEU C 4 -19.20 1.57 7.54
CA LEU C 4 -19.34 2.22 8.84
C LEU C 4 -19.72 1.17 9.88
N VAL C 5 -19.00 1.17 10.99
CA VAL C 5 -19.28 0.30 12.12
C VAL C 5 -19.15 1.11 13.38
N GLU C 6 -20.30 1.57 13.88
CA GLU C 6 -20.33 2.28 15.14
C GLU C 6 -20.30 1.24 16.23
N SER C 7 -19.94 1.65 17.45
CA SER C 7 -19.86 0.73 18.55
C SER C 7 -19.48 1.39 19.86
N GLY C 8 -19.55 0.60 20.94
CA GLY C 8 -19.13 1.02 22.26
C GLY C 8 -20.22 1.62 23.12
N GLY C 9 -21.28 0.86 23.41
CA GLY C 9 -22.32 1.38 24.29
C GLY C 9 -23.40 0.38 24.58
N GLY C 10 -23.67 0.17 25.86
CA GLY C 10 -24.78 -0.66 26.30
C GLY C 10 -25.69 0.08 27.26
N LEU C 11 -25.63 -0.29 28.54
CA LEU C 11 -26.51 0.30 29.55
C LEU C 11 -25.80 1.42 30.31
N VAL C 12 -26.55 2.46 30.66
CA VAL C 12 -26.03 3.60 31.40
C VAL C 12 -27.13 4.21 32.25
N LYS C 13 -26.76 4.64 33.45
CA LYS C 13 -27.76 5.14 34.40
C LYS C 13 -28.18 6.56 34.02
N PRO C 14 -29.42 6.95 34.38
CA PRO C 14 -29.86 8.34 34.30
C PRO C 14 -28.81 9.33 34.75
N GLY C 15 -28.79 10.52 34.14
CA GLY C 15 -27.75 11.50 34.39
C GLY C 15 -26.37 11.06 33.90
N GLY C 16 -26.30 9.80 33.45
CA GLY C 16 -25.03 9.17 33.08
C GLY C 16 -24.27 9.73 31.89
N SER C 17 -23.22 9.01 31.50
CA SER C 17 -22.38 9.41 30.38
C SER C 17 -21.82 8.17 29.67
N LEU C 18 -21.30 8.38 28.46
CA LEU C 18 -20.87 7.27 27.57
C LEU C 18 -20.68 7.77 26.13
N LYS C 19 -19.60 7.32 25.50
CA LYS C 19 -19.13 7.82 24.21
C LYS C 19 -19.02 6.71 23.14
N LEU C 20 -19.64 6.94 21.98
CA LEU C 20 -19.67 5.94 20.91
C LEU C 20 -18.84 6.43 19.75
N SER C 21 -18.24 5.50 19.03
CA SER C 21 -17.40 5.86 17.91
C SER C 21 -17.80 5.08 16.70
N CYS C 22 -17.96 5.78 15.60
CA CYS C 22 -18.24 5.15 14.35
C CYS C 22 -16.90 4.94 13.68
N ALA C 23 -16.50 3.68 13.53
CA ALA C 23 -15.25 3.38 12.86
C ALA C 23 -15.50 3.44 11.34
N ALA C 24 -15.00 4.47 10.68
CA ALA C 24 -15.31 4.65 9.26
C ALA C 24 -14.25 4.01 8.39
N SER C 25 -14.66 3.31 7.32
CA SER C 25 -13.68 2.64 6.46
C SER C 25 -14.12 2.32 5.02
N GLY C 26 -13.56 3.07 4.08
CA GLY C 26 -13.65 2.72 2.67
C GLY C 26 -14.18 3.84 1.78
N PHE C 27 -13.96 5.07 2.21
CA PHE C 27 -14.28 6.26 1.42
C PHE C 27 -13.41 7.41 1.92
N ALA C 28 -13.27 8.44 1.07
CA ALA C 28 -12.52 9.64 1.43
C ALA C 28 -13.10 10.33 2.68
N PHE C 29 -12.80 9.76 3.85
CA PHE C 29 -13.42 10.23 5.07
C PHE C 29 -13.42 11.77 5.23
N SER C 30 -12.24 12.40 5.23
CA SER C 30 -12.13 13.82 5.62
C SER C 30 -12.89 14.80 4.72
N SER C 31 -13.44 14.28 3.63
CA SER C 31 -14.18 15.06 2.67
C SER C 31 -15.73 15.09 2.87
N TYR C 32 -16.30 14.03 3.43
CA TYR C 32 -17.73 14.02 3.71
C TYR C 32 -18.08 14.67 5.05
N ASP C 33 -19.37 14.94 5.28
CA ASP C 33 -19.88 15.30 6.59
C ASP C 33 -20.39 14.06 7.31
N MET C 34 -20.62 14.18 8.61
CA MET C 34 -21.09 13.04 9.34
C MET C 34 -22.25 13.39 10.27
N SER C 35 -23.14 12.40 10.47
CA SER C 35 -24.36 12.55 11.25
C SER C 35 -24.58 11.36 12.14
N TRP C 36 -25.44 11.53 13.13
CA TRP C 36 -25.69 10.51 14.14
C TRP C 36 -27.16 10.36 14.36
N VAL C 37 -27.75 9.32 13.79
CA VAL C 37 -29.19 9.12 13.94
C VAL C 37 -29.44 7.99 14.92
N ARG C 38 -30.42 8.18 15.80
CA ARG C 38 -30.89 7.12 16.71
C ARG C 38 -32.29 6.68 16.32
N GLN C 39 -32.68 5.51 16.78
CA GLN C 39 -34.04 5.03 16.53
C GLN C 39 -34.64 4.55 17.82
N THR C 40 -35.75 5.15 18.20
CA THR C 40 -36.36 4.87 19.50
C THR C 40 -36.93 3.47 19.55
N PRO C 41 -37.35 3.03 20.76
CA PRO C 41 -38.05 1.76 20.94
C PRO C 41 -39.39 1.71 20.24
N GLU C 42 -40.00 2.86 19.97
CA GLU C 42 -41.22 2.91 19.17
C GLU C 42 -40.91 2.68 17.70
N LYS C 43 -39.63 2.58 17.35
CA LYS C 43 -39.18 2.43 15.95
C LYS C 43 -39.08 3.79 15.26
N ARG C 44 -39.38 4.82 16.05
CA ARG C 44 -39.29 6.25 15.68
C ARG C 44 -37.87 6.64 15.24
N LEU C 45 -37.73 7.69 14.41
CA LEU C 45 -36.40 8.06 13.88
C LEU C 45 -35.95 9.51 14.12
N GLU C 46 -35.09 9.75 15.10
CA GLU C 46 -34.64 11.10 15.38
C GLU C 46 -33.19 11.33 14.96
N TRP C 47 -32.97 12.48 14.30
CA TRP C 47 -31.62 12.90 13.93
C TRP C 47 -31.07 13.53 15.18
N VAL C 48 -29.77 13.37 15.41
CA VAL C 48 -29.20 13.68 16.70
C VAL C 48 -28.02 14.65 16.69
N ALA C 49 -27.15 14.55 15.70
CA ALA C 49 -26.01 15.44 15.60
C ALA C 49 -25.49 15.46 14.20
N TYR C 50 -24.77 16.53 13.88
CA TYR C 50 -24.21 16.69 12.55
C TYR C 50 -22.91 17.44 12.69
N ILE C 51 -21.84 16.82 12.23
CA ILE C 51 -20.56 17.53 12.17
C ILE C 51 -20.19 17.77 10.70
N SER C 52 -19.59 18.94 10.45
CA SER C 52 -19.09 19.29 9.13
C SER C 52 -17.78 18.59 8.78
N SER C 53 -17.58 18.40 7.48
CA SER C 53 -16.39 17.72 6.90
C SER C 53 -15.09 17.91 7.69
N GLY C 54 -14.76 19.18 7.97
CA GLY C 54 -13.54 19.54 8.68
C GLY C 54 -13.80 19.94 10.12
N GLY C 55 -14.62 19.16 10.83
CA GLY C 55 -14.89 19.38 12.25
C GLY C 55 -15.26 20.81 12.65
N GLY C 56 -15.44 21.65 11.64
CA GLY C 56 -15.64 23.08 11.82
C GLY C 56 -16.89 23.39 12.61
N SER C 57 -18.03 23.25 11.95
CA SER C 57 -19.35 23.41 12.59
C SER C 57 -19.98 22.08 13.05
N THR C 58 -20.77 22.14 14.12
CA THR C 58 -21.60 21.00 14.53
C THR C 58 -23.01 21.51 14.68
N TYR C 59 -24.01 20.63 14.55
CA TYR C 59 -25.41 21.02 14.81
C TYR C 59 -26.20 19.95 15.59
N TYR C 60 -27.18 20.39 16.36
CA TYR C 60 -27.99 19.44 17.14
C TYR C 60 -29.43 19.86 17.26
N PRO C 61 -30.33 18.89 17.29
CA PRO C 61 -31.66 19.20 17.72
C PRO C 61 -31.59 19.77 19.11
N ASP C 62 -32.51 20.67 19.45
CA ASP C 62 -32.62 21.18 20.81
C ASP C 62 -32.74 20.09 21.89
N THR C 63 -33.20 18.89 21.51
CA THR C 63 -33.42 17.80 22.45
C THR C 63 -32.14 17.15 22.94
N VAL C 64 -31.03 17.33 22.25
CA VAL C 64 -29.75 16.96 22.85
C VAL C 64 -28.73 18.11 22.90
N LYS C 65 -29.09 19.27 22.35
CA LYS C 65 -28.15 20.38 22.36
C LYS C 65 -27.78 20.63 23.80
N GLY C 66 -26.48 20.63 24.05
CA GLY C 66 -25.95 20.82 25.40
C GLY C 66 -25.40 19.55 26.01
N ARG C 67 -26.13 18.43 25.79
CA ARG C 67 -25.80 17.15 26.43
C ARG C 67 -25.00 16.25 25.52
N PHE C 68 -24.86 16.63 24.25
CA PHE C 68 -24.28 15.75 23.20
C PHE C 68 -23.21 16.43 22.32
N THR C 69 -22.22 15.67 21.85
CA THR C 69 -21.01 16.28 21.25
C THR C 69 -20.38 15.52 20.07
N ILE C 70 -20.67 15.97 18.85
CA ILE C 70 -20.28 15.22 17.68
C ILE C 70 -18.87 15.57 17.22
N SER C 71 -17.87 14.90 17.78
CA SER C 71 -16.49 15.12 17.33
C SER C 71 -16.09 14.10 16.26
N ARG C 72 -14.99 14.38 15.56
CA ARG C 72 -14.38 13.44 14.61
C ARG C 72 -12.86 13.51 14.66
N ASP C 73 -12.21 12.44 14.21
CA ASP C 73 -10.77 12.39 14.13
C ASP C 73 -10.41 11.65 12.86
N ASN C 74 -10.13 12.42 11.81
CA ASN C 74 -9.78 11.86 10.49
C ASN C 74 -8.31 11.40 10.48
N ALA C 75 -7.71 11.39 11.66
CA ALA C 75 -6.43 10.75 11.83
C ALA C 75 -6.75 9.26 11.93
N LYS C 76 -7.54 8.90 12.94
CA LYS C 76 -7.92 7.50 13.09
C LYS C 76 -9.30 7.18 12.50
N ASN C 77 -9.74 8.02 11.57
CA ASN C 77 -10.91 7.74 10.75
C ASN C 77 -12.25 7.54 11.48
N THR C 78 -12.23 7.78 12.78
CA THR C 78 -13.42 7.58 13.61
C THR C 78 -14.30 8.86 13.66
N LEU C 79 -15.61 8.64 13.78
CA LEU C 79 -16.55 9.69 14.16
C LEU C 79 -16.86 9.43 15.63
N TYR C 80 -17.25 10.45 16.37
CA TYR C 80 -17.59 10.23 17.76
C TYR C 80 -18.90 10.88 18.17
N LEU C 81 -19.64 10.20 19.03
CA LEU C 81 -20.69 10.86 19.76
C LEU C 81 -20.46 10.71 21.26
N GLN C 82 -20.26 11.84 21.93
CA GLN C 82 -20.07 11.84 23.37
C GLN C 82 -21.33 12.28 24.08
N MET C 83 -22.05 11.32 24.65
CA MET C 83 -23.33 11.54 25.35
C MET C 83 -23.05 11.88 26.81
N SER C 84 -23.70 12.91 27.34
CA SER C 84 -23.64 13.21 28.77
C SER C 84 -25.04 13.17 29.37
N SER C 85 -25.33 14.03 30.35
CA SER C 85 -26.58 14.03 31.17
C SER C 85 -27.72 13.13 30.67
N LEU C 86 -27.52 11.82 30.73
CA LEU C 86 -28.34 10.91 29.95
C LEU C 86 -29.76 10.75 30.44
N LYS C 87 -30.70 11.26 29.65
CA LYS C 87 -32.13 11.00 29.83
C LYS C 87 -32.49 9.59 29.36
N SER C 88 -33.46 8.99 30.06
CA SER C 88 -34.03 7.70 29.67
C SER C 88 -34.88 7.78 28.39
N GLU C 89 -35.04 9.00 27.88
CA GLU C 89 -35.53 9.22 26.52
C GLU C 89 -34.45 8.80 25.49
N ASP C 90 -33.18 9.01 25.83
CA ASP C 90 -32.06 8.77 24.92
C ASP C 90 -31.94 7.31 24.51
N THR C 91 -32.55 6.47 25.32
CA THR C 91 -32.70 5.05 25.07
C THR C 91 -33.12 4.77 23.62
N ALA C 92 -32.16 4.38 22.77
CA ALA C 92 -32.46 4.04 21.38
C ALA C 92 -31.29 3.32 20.74
N MET C 93 -31.46 2.88 19.50
CA MET C 93 -30.38 2.34 18.66
C MET C 93 -29.71 3.51 17.98
N TYR C 94 -28.38 3.47 17.86
CA TYR C 94 -27.62 4.64 17.39
C TYR C 94 -26.87 4.51 16.06
N TYR C 95 -27.46 4.96 14.95
CA TYR C 95 -26.82 4.83 13.64
C TYR C 95 -25.90 5.99 13.34
N CYS C 96 -24.86 5.70 12.57
CA CYS C 96 -23.90 6.67 12.12
C CYS C 96 -24.09 6.76 10.62
N ALA C 97 -24.44 7.96 10.14
CA ALA C 97 -24.82 8.11 8.73
C ALA C 97 -23.93 9.07 7.90
N ARG C 98 -24.07 8.96 6.58
CA ARG C 98 -23.27 9.73 5.64
C ARG C 98 -24.14 10.51 4.67
N PRO C 99 -23.97 11.84 4.62
CA PRO C 99 -24.64 12.69 3.63
C PRO C 99 -23.71 13.35 2.60
N ASP C 100 -24.28 13.92 1.53
CA ASP C 100 -23.52 14.46 0.37
C ASP C 100 -23.28 15.98 0.39
N ALA C 105 -28.75 13.86 3.13
CA ALA C 105 -29.21 12.66 2.43
C ALA C 105 -28.32 11.47 2.74
N MET C 106 -28.62 10.81 3.85
CA MET C 106 -27.86 9.71 4.42
C MET C 106 -27.77 8.53 3.45
N ASP C 107 -26.60 8.34 2.85
CA ASP C 107 -26.52 7.37 1.77
C ASP C 107 -25.84 6.06 2.14
N TYR C 108 -24.97 6.09 3.17
CA TYR C 108 -24.43 4.85 3.77
C TYR C 108 -24.59 4.85 5.29
N TRP C 109 -25.47 3.98 5.78
CA TRP C 109 -25.82 3.93 7.19
C TRP C 109 -25.06 2.83 7.87
N GLY C 110 -24.86 2.96 9.18
CA GLY C 110 -24.12 1.97 9.93
C GLY C 110 -24.93 0.72 10.17
N GLN C 111 -25.10 0.39 11.44
CA GLN C 111 -25.73 -0.86 11.85
C GLN C 111 -26.27 -0.70 13.24
N GLY C 112 -25.79 0.32 13.94
CA GLY C 112 -26.26 0.64 15.28
C GLY C 112 -25.42 0.13 16.44
N THR C 113 -25.38 0.93 17.48
CA THR C 113 -25.08 0.45 18.80
C THR C 113 -26.35 0.77 19.53
N SER C 114 -26.96 -0.23 20.14
CA SER C 114 -28.06 0.01 21.03
C SER C 114 -27.54 0.69 22.29
N VAL C 115 -28.26 1.69 22.78
CA VAL C 115 -27.92 2.31 24.05
C VAL C 115 -29.20 2.41 24.88
N THR C 116 -29.21 1.79 26.06
CA THR C 116 -30.36 1.97 26.95
C THR C 116 -30.04 2.63 28.27
N VAL C 117 -31.03 3.36 28.77
CA VAL C 117 -30.90 4.21 29.93
C VAL C 117 -32.04 3.84 30.85
N SER C 118 -31.65 3.43 32.06
CA SER C 118 -32.47 2.67 33.00
C SER C 118 -31.64 2.60 34.27
N SER C 119 -32.22 2.07 35.35
CA SER C 119 -31.46 1.85 36.58
C SER C 119 -31.37 0.36 36.97
N LYS C 121 -29.32 -2.19 35.90
CA LYS C 121 -29.15 -3.52 36.46
C LYS C 121 -28.90 -4.58 35.36
N THR C 122 -27.66 -4.58 34.88
CA THR C 122 -27.20 -5.51 33.85
C THR C 122 -27.26 -6.97 34.32
N THR C 123 -27.53 -7.88 33.39
CA THR C 123 -27.65 -9.30 33.68
C THR C 123 -27.18 -10.11 32.48
N ALA C 124 -26.02 -10.77 32.62
CA ALA C 124 -25.49 -11.64 31.57
C ALA C 124 -26.53 -12.69 31.17
N PRO C 125 -26.66 -12.96 29.86
CA PRO C 125 -27.69 -13.92 29.44
C PRO C 125 -27.24 -15.37 29.60
N SER C 126 -28.16 -16.22 30.05
CA SER C 126 -27.92 -17.64 30.13
C SER C 126 -28.21 -18.26 28.76
N VAL C 127 -27.30 -19.11 28.27
CA VAL C 127 -27.40 -19.67 26.91
C VAL C 127 -27.37 -21.20 26.93
N TYR C 128 -28.50 -21.80 26.62
CA TYR C 128 -28.60 -23.25 26.61
C TYR C 128 -28.82 -23.73 25.17
N PRO C 129 -28.09 -24.80 24.76
CA PRO C 129 -28.28 -25.33 23.41
C PRO C 129 -29.51 -26.23 23.34
N LEU C 130 -30.23 -26.18 22.22
CA LEU C 130 -31.43 -27.00 22.07
C LEU C 130 -31.22 -28.16 21.08
N ALA C 131 -30.91 -29.33 21.61
CA ALA C 131 -30.79 -30.54 20.80
C ALA C 131 -32.17 -31.19 20.59
N PRO C 132 -32.44 -31.77 19.39
CA PRO C 132 -33.78 -32.30 19.13
C PRO C 132 -34.12 -33.56 19.98
N VAL C 133 -35.33 -34.10 19.80
CA VAL C 133 -35.76 -35.35 20.44
C VAL C 133 -34.63 -36.38 20.54
N CYS C 134 -34.32 -36.89 21.74
CA CYS C 134 -33.21 -37.89 21.88
C CYS C 134 -33.46 -39.22 21.17
N GLY C 135 -34.68 -39.38 20.64
CA GLY C 135 -35.01 -40.46 19.74
C GLY C 135 -34.22 -40.34 18.45
N ASP C 136 -33.76 -41.48 17.94
CA ASP C 136 -32.92 -41.54 16.74
C ASP C 136 -33.74 -41.26 15.48
N THR C 137 -35.06 -41.37 15.63
CA THR C 137 -36.08 -41.00 14.62
C THR C 137 -35.64 -39.91 13.64
N THR C 138 -35.00 -40.34 12.55
CA THR C 138 -34.55 -39.41 11.52
C THR C 138 -35.74 -38.98 10.62
N GLY C 139 -35.91 -37.67 10.51
CA GLY C 139 -36.84 -37.08 9.55
C GLY C 139 -36.07 -36.81 8.28
N SER C 140 -35.99 -35.54 7.88
CA SER C 140 -35.25 -35.17 6.66
C SER C 140 -34.51 -33.84 6.80
N SER C 141 -35.25 -32.82 7.22
CA SER C 141 -34.75 -31.47 7.42
C SER C 141 -34.71 -31.22 8.91
N VAL C 142 -33.55 -31.55 9.51
CA VAL C 142 -33.34 -31.44 10.95
C VAL C 142 -33.23 -29.99 11.40
N THR C 143 -34.07 -29.61 12.37
CA THR C 143 -33.96 -28.28 12.95
C THR C 143 -33.45 -28.37 14.39
N LEU C 144 -32.47 -27.54 14.72
CA LEU C 144 -31.94 -27.45 16.07
C LEU C 144 -32.23 -26.06 16.57
N GLY C 145 -32.01 -25.85 17.87
CA GLY C 145 -32.27 -24.55 18.47
C GLY C 145 -31.18 -24.03 19.38
N CYS C 146 -31.35 -22.78 19.79
CA CYS C 146 -30.52 -22.13 20.80
C CYS C 146 -31.45 -21.30 21.68
N LEU C 147 -31.32 -21.40 23.00
CA LEU C 147 -32.19 -20.65 23.91
C LEU C 147 -31.43 -19.71 24.84
N VAL C 148 -31.94 -18.48 24.94
CA VAL C 148 -31.28 -17.37 25.64
C VAL C 148 -32.23 -16.70 26.64
N LYS C 149 -31.83 -16.72 27.91
CA LYS C 149 -32.80 -16.52 28.97
C LYS C 149 -32.22 -15.73 30.15
N GLY C 150 -33.08 -14.89 30.74
CA GLY C 150 -32.77 -14.14 31.94
C GLY C 150 -31.64 -13.14 31.73
N TYR C 151 -31.90 -12.14 30.89
CA TYR C 151 -30.92 -11.07 30.66
C TYR C 151 -31.51 -9.67 30.65
N PHE C 152 -30.62 -8.70 30.85
CA PHE C 152 -30.92 -7.30 30.69
C PHE C 152 -29.66 -6.57 30.27
N PRO C 153 -29.78 -5.60 29.35
CA PRO C 153 -30.99 -5.30 28.61
C PRO C 153 -30.91 -5.85 27.19
N GLU C 154 -31.94 -5.56 26.39
CA GLU C 154 -31.85 -5.72 24.93
C GLU C 154 -30.68 -4.88 24.44
N PRO C 155 -30.06 -5.27 23.32
CA PRO C 155 -30.32 -6.46 22.52
C PRO C 155 -29.37 -7.57 22.91
N VAL C 156 -29.49 -8.72 22.26
CA VAL C 156 -28.39 -9.67 22.20
C VAL C 156 -28.01 -9.82 20.73
N THR C 157 -26.98 -10.61 20.45
CA THR C 157 -26.60 -10.92 19.06
C THR C 157 -26.31 -12.40 18.88
N LEU C 158 -27.32 -13.10 18.34
CA LEU C 158 -27.27 -14.54 18.16
C LEU C 158 -26.84 -14.89 16.74
N THR C 159 -25.74 -15.62 16.62
CA THR C 159 -25.20 -16.04 15.32
C THR C 159 -25.00 -17.54 15.26
N TRP C 160 -25.51 -18.16 14.21
CA TRP C 160 -25.25 -19.58 13.97
C TRP C 160 -23.95 -19.76 13.20
N ASN C 161 -23.05 -20.55 13.79
CA ASN C 161 -21.72 -20.83 13.22
C ASN C 161 -20.96 -19.62 12.68
N SER C 162 -20.64 -18.68 13.57
CA SER C 162 -19.84 -17.49 13.24
C SER C 162 -20.37 -16.72 12.03
N GLY C 163 -21.70 -16.64 11.92
CA GLY C 163 -22.37 -15.95 10.82
C GLY C 163 -22.50 -16.79 9.55
N SER C 164 -21.82 -17.93 9.51
CA SER C 164 -21.80 -18.78 8.32
C SER C 164 -23.11 -19.51 8.08
N LEU C 165 -23.77 -19.94 9.16
CA LEU C 165 -25.14 -20.45 9.06
C LEU C 165 -26.07 -19.24 9.17
N SER C 166 -26.46 -18.73 8.01
CA SER C 166 -27.28 -17.53 7.94
C SER C 166 -28.55 -17.80 7.16
N SER C 167 -28.48 -18.71 6.18
CA SER C 167 -29.65 -19.07 5.38
C SER C 167 -30.48 -20.22 5.96
N GLY C 168 -31.63 -19.87 6.55
CA GLY C 168 -32.56 -20.83 7.11
C GLY C 168 -32.59 -20.81 8.61
N VAL C 169 -32.89 -19.65 9.19
CA VAL C 169 -32.87 -19.49 10.65
C VAL C 169 -33.87 -18.44 11.15
N HIS C 170 -34.55 -18.70 12.26
CA HIS C 170 -35.48 -17.73 12.86
C HIS C 170 -35.11 -17.34 14.29
N THR C 171 -35.11 -16.04 14.57
CA THR C 171 -34.73 -15.53 15.90
C THR C 171 -35.79 -14.62 16.52
N PHE C 172 -36.54 -15.19 17.45
CA PHE C 172 -37.81 -14.64 17.88
C PHE C 172 -37.69 -13.52 18.93
N PRO C 173 -38.41 -12.41 18.71
CA PRO C 173 -38.40 -11.21 19.55
C PRO C 173 -38.44 -11.48 21.06
N ALA C 174 -37.35 -11.17 21.75
CA ALA C 174 -37.27 -11.38 23.21
C ALA C 174 -38.48 -10.80 23.92
N VAL C 175 -38.97 -11.48 24.97
CA VAL C 175 -40.13 -10.97 25.72
C VAL C 175 -39.76 -10.46 27.11
N LEU C 176 -40.72 -9.80 27.74
CA LEU C 176 -40.50 -9.01 28.94
C LEU C 176 -41.14 -9.59 30.20
N GLN C 177 -40.99 -10.90 30.42
CA GLN C 177 -41.35 -11.47 31.72
C GLN C 177 -40.47 -10.85 32.80
N SER C 178 -41.08 -10.52 33.94
CA SER C 178 -40.41 -9.85 35.05
C SER C 178 -39.76 -8.52 34.63
N ASP C 179 -38.45 -8.58 34.43
CA ASP C 179 -37.61 -7.50 33.89
C ASP C 179 -36.31 -8.17 33.44
N LEU C 180 -36.49 -9.36 32.88
CA LEU C 180 -35.46 -10.12 32.18
C LEU C 180 -36.03 -10.54 30.82
N TYR C 181 -35.21 -10.43 29.78
CA TYR C 181 -35.69 -10.73 28.45
C TYR C 181 -35.33 -12.15 28.16
N THR C 182 -36.17 -12.84 27.38
CA THR C 182 -35.89 -14.22 27.03
C THR C 182 -36.25 -14.54 25.56
N LEU C 183 -35.30 -15.14 24.85
CA LEU C 183 -35.32 -15.24 23.38
C LEU C 183 -34.80 -16.57 22.82
N SER C 184 -35.49 -17.07 21.80
CA SER C 184 -35.25 -18.41 21.24
C SER C 184 -34.63 -18.32 19.86
N SER C 185 -34.01 -19.41 19.37
CA SER C 185 -33.46 -19.43 18.01
C SER C 185 -33.50 -20.78 17.25
N SER C 186 -34.32 -20.84 16.21
CA SER C 186 -34.42 -22.04 15.39
C SER C 186 -33.51 -21.88 14.20
N VAL C 187 -32.96 -23.00 13.75
CA VAL C 187 -32.21 -23.06 12.49
C VAL C 187 -32.45 -24.45 11.89
N THR C 188 -33.05 -24.51 10.71
CA THR C 188 -33.28 -25.78 10.02
C THR C 188 -31.98 -26.18 9.36
N VAL C 189 -31.88 -27.44 8.93
CA VAL C 189 -30.84 -27.82 7.95
C VAL C 189 -30.86 -29.33 7.62
N THR C 190 -30.46 -29.66 6.39
CA THR C 190 -30.39 -31.03 5.90
C THR C 190 -29.76 -31.97 6.90
N SER C 191 -30.31 -33.20 6.98
CA SER C 191 -29.82 -34.23 7.88
C SER C 191 -28.41 -34.62 7.47
N SER C 192 -28.09 -34.38 6.21
CA SER C 192 -26.75 -34.61 5.74
C SER C 192 -25.76 -33.67 6.43
N THR C 193 -26.16 -32.40 6.52
CA THR C 193 -25.29 -31.37 7.11
C THR C 193 -25.19 -31.41 8.65
N TRP C 194 -26.20 -31.89 9.37
CA TRP C 194 -25.98 -32.02 10.83
C TRP C 194 -25.18 -33.26 11.22
N PRO C 195 -25.51 -33.88 12.37
CA PRO C 195 -24.56 -34.40 13.38
C PRO C 195 -23.09 -34.45 12.92
N SER C 196 -22.83 -35.13 11.79
CA SER C 196 -21.51 -35.17 11.15
C SER C 196 -20.81 -33.83 11.21
N GLN C 197 -21.37 -32.85 10.50
CA GLN C 197 -20.82 -31.52 10.44
C GLN C 197 -21.30 -30.76 11.67
N SER C 198 -20.41 -29.98 12.30
CA SER C 198 -20.73 -29.25 13.52
C SER C 198 -21.58 -28.02 13.24
N ILE C 199 -22.40 -27.65 14.22
CA ILE C 199 -23.26 -26.47 14.18
C ILE C 199 -23.34 -25.90 15.59
N THR C 200 -22.84 -24.68 15.78
CA THR C 200 -22.88 -24.07 17.11
C THR C 200 -23.59 -22.72 17.10
N CYS C 201 -24.20 -22.43 18.25
CA CYS C 201 -24.87 -21.16 18.53
C CYS C 201 -23.87 -20.20 19.20
N ASN C 202 -23.64 -19.03 18.59
CA ASN C 202 -22.88 -17.96 19.22
C ASN C 202 -23.80 -16.83 19.70
N VAL C 203 -23.69 -16.45 20.97
CA VAL C 203 -24.51 -15.37 21.52
C VAL C 203 -23.65 -14.24 22.06
N ALA C 204 -23.97 -13.01 21.67
CA ALA C 204 -23.23 -11.85 22.15
C ALA C 204 -24.11 -10.85 22.88
N HIS C 205 -23.92 -10.75 24.18
CA HIS C 205 -24.52 -9.68 24.95
C HIS C 205 -23.49 -8.56 24.99
N PRO C 206 -23.82 -7.42 24.36
CA PRO C 206 -22.89 -6.29 24.30
C PRO C 206 -23.00 -5.46 25.58
N ALA C 207 -24.25 -5.20 25.98
CA ALA C 207 -24.56 -4.40 27.15
C ALA C 207 -24.04 -5.02 28.46
N SER C 208 -23.29 -6.13 28.36
CA SER C 208 -22.61 -6.79 29.50
C SER C 208 -21.22 -7.40 29.21
N SER C 209 -20.82 -7.39 27.94
CA SER C 209 -19.65 -8.16 27.48
C SER C 209 -19.82 -9.64 27.82
N THR C 210 -20.32 -10.42 26.86
CA THR C 210 -20.56 -11.83 27.03
C THR C 210 -20.43 -12.51 25.67
N LYS C 211 -19.40 -13.34 25.50
CA LYS C 211 -19.22 -14.07 24.25
C LYS C 211 -19.45 -15.58 24.45
N VAL C 212 -20.66 -15.92 24.89
CA VAL C 212 -21.03 -17.30 25.17
C VAL C 212 -21.19 -18.12 23.89
N ASP C 213 -20.43 -19.21 23.81
CA ASP C 213 -20.49 -20.16 22.70
C ASP C 213 -21.14 -21.45 23.17
N LYS C 214 -22.10 -21.96 22.41
CA LYS C 214 -22.77 -23.21 22.75
C LYS C 214 -22.82 -24.11 21.54
N LYS C 215 -22.09 -25.22 21.58
CA LYS C 215 -22.11 -26.19 20.47
C LYS C 215 -23.28 -27.16 20.65
N ILE C 216 -24.06 -27.40 19.60
CA ILE C 216 -25.25 -28.24 19.69
C ILE C 216 -24.87 -29.72 19.58
N GLU C 217 -24.95 -30.38 20.74
CA GLU C 217 -24.64 -31.79 20.86
C GLU C 217 -25.92 -32.60 20.79
N PRO C 218 -25.85 -33.80 20.18
CA PRO C 218 -26.92 -34.79 20.30
C PRO C 218 -27.16 -35.18 21.77
N ARG C 219 -27.75 -36.34 22.02
CA ARG C 219 -28.16 -36.65 23.39
C ARG C 219 -27.79 -38.03 23.89
N GLY C 220 -26.58 -38.14 24.43
CA GLY C 220 -26.10 -39.35 25.11
C GLY C 220 -26.57 -39.41 26.56
N PRO C 221 -26.52 -40.61 27.18
CA PRO C 221 -26.99 -40.74 28.55
C PRO C 221 -25.84 -40.80 29.57
N GLN D 10 73.07 27.57 -33.16
CA GLN D 10 72.18 28.21 -34.18
C GLN D 10 72.91 28.29 -35.54
N GLY D 11 73.86 27.40 -35.72
CA GLY D 11 74.63 27.29 -36.94
C GLY D 11 75.08 25.86 -37.09
N ARG D 12 76.18 25.68 -37.84
CA ARG D 12 76.77 24.35 -38.17
C ARG D 12 77.21 23.44 -36.98
N GLY D 13 77.88 23.97 -35.98
CA GLY D 13 78.33 23.17 -34.83
C GLY D 13 77.19 22.72 -33.94
N ALA D 14 76.31 23.66 -33.59
CA ALA D 14 75.15 23.38 -32.72
C ALA D 14 74.26 22.28 -33.32
N TRP D 15 73.90 22.44 -34.60
CA TRP D 15 73.07 21.48 -35.31
C TRP D 15 73.72 20.08 -35.34
N LEU D 16 74.98 19.99 -35.79
CA LEU D 16 75.71 18.69 -35.88
C LEU D 16 76.02 18.07 -34.50
N LEU D 17 76.24 18.94 -33.51
CA LEU D 17 76.50 18.50 -32.13
C LEU D 17 75.27 17.76 -31.69
N MET D 18 74.12 18.37 -31.98
CA MET D 18 72.83 17.78 -31.63
C MET D 18 72.54 16.46 -32.31
N ALA D 19 72.72 16.37 -33.63
CA ALA D 19 72.51 15.10 -34.35
C ALA D 19 73.43 14.01 -33.82
N PHE D 20 74.74 14.30 -33.84
CA PHE D 20 75.75 13.35 -33.34
C PHE D 20 75.39 12.79 -31.96
N THR D 21 75.14 13.63 -30.96
CA THR D 21 74.83 13.15 -29.60
C THR D 21 73.63 12.12 -29.58
N ALA D 22 72.51 12.51 -30.16
CA ALA D 22 71.34 11.63 -30.19
C ALA D 22 71.69 10.24 -30.74
N LEU D 23 72.46 10.18 -31.84
CA LEU D 23 72.87 8.90 -32.38
C LEU D 23 73.95 8.26 -31.52
N ALA D 24 75.10 8.93 -31.40
CA ALA D 24 76.21 8.44 -30.60
C ALA D 24 75.72 8.06 -29.21
N LEU D 25 75.11 9.04 -28.53
CA LEU D 25 74.61 8.83 -27.16
C LEU D 25 73.49 7.80 -27.12
N GLU D 26 72.48 7.96 -27.98
CA GLU D 26 71.36 7.06 -27.95
C GLU D 26 71.72 5.63 -28.50
N LEU D 27 72.55 5.62 -29.53
CA LEU D 27 73.06 4.37 -30.13
C LEU D 27 73.69 3.54 -29.03
N THR D 28 74.34 4.24 -28.07
CA THR D 28 74.99 3.59 -26.91
C THR D 28 73.94 2.77 -26.13
N ALA D 29 72.72 3.30 -26.05
CA ALA D 29 71.63 2.64 -25.33
C ALA D 29 71.48 1.17 -25.73
N LEU D 30 71.65 0.89 -27.03
CA LEU D 30 71.54 -0.49 -27.55
C LEU D 30 72.14 -1.53 -26.59
N TRP D 31 73.04 -1.07 -25.70
CA TRP D 31 73.69 -1.94 -24.71
C TRP D 31 73.96 -3.32 -25.29
N PHE D 32 74.60 -3.34 -26.46
CA PHE D 32 74.94 -4.57 -27.17
C PHE D 32 73.70 -5.24 -27.77
N GLN D 33 73.06 -4.55 -28.72
CA GLN D 33 71.86 -5.08 -29.40
C GLN D 33 72.13 -6.53 -29.79
N HIS D 34 71.21 -7.10 -30.58
CA HIS D 34 71.27 -8.53 -30.96
C HIS D 34 72.67 -9.04 -31.34
N VAL D 35 73.56 -8.18 -31.80
CA VAL D 35 74.88 -8.63 -32.24
C VAL D 35 75.73 -9.34 -31.19
N MET D 36 75.56 -8.94 -29.94
CA MET D 36 76.32 -9.54 -28.83
C MET D 36 75.31 -10.14 -27.73
N LEU D 37 74.40 -9.28 -27.27
CA LEU D 37 73.35 -9.68 -26.26
C LEU D 37 72.13 -8.59 -26.76
N LEU D 38 72.36 -7.57 -25.78
CA LEU D 38 71.43 -6.61 -25.04
C LEU D 38 70.40 -7.47 -24.21
N LYS D 39 69.45 -8.05 -24.94
CA LYS D 39 68.35 -8.84 -24.35
C LYS D 39 66.98 -8.08 -24.37
N PRO D 40 66.78 -7.05 -23.54
CA PRO D 40 65.51 -6.26 -23.50
C PRO D 40 64.94 -5.93 -24.89
N SER D 41 64.42 -4.70 -25.00
CA SER D 41 63.85 -4.18 -26.26
C SER D 41 62.35 -4.50 -26.49
N VAL D 42 61.47 -3.53 -26.11
CA VAL D 42 59.99 -3.68 -26.29
C VAL D 42 59.35 -2.36 -26.81
N LEU D 43 58.35 -2.54 -27.72
CA LEU D 43 57.57 -1.43 -28.33
C LEU D 43 58.49 -0.52 -29.13
N CYS D 44 59.75 -0.49 -28.71
CA CYS D 44 60.77 0.40 -29.24
C CYS D 44 60.99 0.47 -30.84
N ILE D 45 60.53 -0.52 -31.57
CA ILE D 45 60.65 -0.44 -33.03
C ILE D 45 59.69 0.69 -33.54
N TYR D 46 58.50 0.76 -32.94
CA TYR D 46 57.50 1.79 -33.26
C TYR D 46 57.99 3.14 -32.70
N GLU D 47 58.65 3.07 -31.54
CA GLU D 47 59.18 4.26 -30.85
C GLU D 47 60.53 4.69 -31.42
N ARG D 48 61.25 3.74 -32.02
CA ARG D 48 62.55 4.03 -32.64
C ARG D 48 62.34 5.06 -33.72
N VAL D 49 61.17 4.97 -34.36
CA VAL D 49 60.79 5.88 -35.44
C VAL D 49 61.04 7.37 -35.04
N ALA D 50 60.72 7.73 -33.80
CA ALA D 50 60.99 9.10 -33.34
C ALA D 50 62.50 9.42 -33.42
N LEU D 51 63.32 8.51 -32.86
CA LEU D 51 64.80 8.67 -32.89
C LEU D 51 65.33 8.53 -34.31
N PHE D 52 64.83 7.53 -35.06
CA PHE D 52 65.23 7.36 -36.46
C PHE D 52 64.94 8.71 -37.14
N GLY D 53 63.85 9.33 -36.68
CA GLY D 53 63.41 10.63 -37.16
C GLY D 53 64.35 11.72 -36.66
N VAL D 54 64.82 11.60 -35.42
CA VAL D 54 65.76 12.60 -34.93
C VAL D 54 67.09 12.43 -35.67
N LEU D 55 67.46 11.17 -35.94
CA LEU D 55 68.67 10.90 -36.73
C LEU D 55 68.46 11.58 -38.06
N GLY D 56 67.36 11.21 -38.75
CA GLY D 56 67.04 11.81 -40.05
C GLY D 56 66.91 13.31 -39.91
N ALA D 57 65.95 13.74 -39.11
CA ALA D 57 65.67 15.17 -38.87
C ALA D 57 66.88 16.02 -38.50
N ALA D 58 67.54 15.67 -37.40
CA ALA D 58 68.71 16.41 -36.91
C ALA D 58 69.74 16.59 -38.01
N LEU D 59 70.04 15.50 -38.71
CA LEU D 59 71.01 15.51 -39.81
C LEU D 59 70.46 16.16 -41.08
N ILE D 60 69.18 15.91 -41.36
CA ILE D 60 68.54 16.52 -42.52
C ILE D 60 68.75 18.02 -42.43
N GLY D 61 68.81 18.53 -41.20
CA GLY D 61 69.07 19.95 -40.98
C GLY D 61 70.56 20.25 -41.05
N ALA D 62 71.36 19.33 -40.51
CA ALA D 62 72.81 19.46 -40.51
C ALA D 62 73.31 19.42 -41.95
N ILE D 63 72.42 19.02 -42.88
CA ILE D 63 72.81 18.91 -44.29
C ILE D 63 73.30 20.25 -44.86
N ALA D 64 72.65 21.34 -44.42
CA ALA D 64 72.99 22.70 -44.84
C ALA D 64 72.23 23.79 -44.00
N PRO D 65 72.60 23.90 -42.72
CA PRO D 65 72.04 24.87 -41.70
C PRO D 65 71.58 26.36 -42.03
N LYS D 66 71.60 26.73 -43.40
CA LYS D 66 71.55 27.85 -44.11
C LYS D 66 70.37 28.67 -44.16
N THR D 67 69.29 28.14 -43.60
CA THR D 67 68.03 28.86 -43.44
C THR D 67 66.85 28.16 -44.10
N PRO D 68 67.03 27.36 -45.14
CA PRO D 68 65.89 26.67 -45.67
C PRO D 68 65.72 25.10 -45.32
N LEU D 69 66.32 24.25 -46.14
CA LEU D 69 66.31 22.81 -45.86
C LEU D 69 66.50 22.53 -44.37
N ARG D 70 67.00 23.56 -43.66
CA ARG D 70 67.19 23.49 -42.23
C ARG D 70 65.81 23.93 -41.60
N TYR D 71 65.13 24.80 -42.31
CA TYR D 71 63.80 25.31 -41.91
C TYR D 71 62.82 24.14 -41.73
N VAL D 72 62.93 23.12 -42.61
CA VAL D 72 62.06 21.93 -42.54
C VAL D 72 62.59 20.94 -41.49
N ALA D 73 63.89 20.69 -41.54
CA ALA D 73 64.55 19.77 -40.61
C ALA D 73 64.05 19.94 -39.17
N MET D 74 63.84 21.20 -38.79
CA MET D 74 63.43 21.52 -37.45
C MET D 74 61.96 20.95 -37.11
N VAL D 75 61.06 21.15 -38.03
CA VAL D 75 59.72 20.69 -37.81
C VAL D 75 59.69 19.16 -37.64
N ILE D 76 60.42 18.43 -38.48
CA ILE D 76 60.45 16.98 -38.34
C ILE D 76 61.25 16.54 -37.06
N TRP D 77 62.28 17.32 -36.76
CA TRP D 77 63.12 17.15 -35.56
C TRP D 77 62.24 17.40 -34.37
N LEU D 78 61.49 18.49 -34.44
CA LEU D 78 60.53 18.86 -33.41
C LEU D 78 59.52 17.75 -33.17
N TYR D 79 58.79 17.39 -34.21
CA TYR D 79 57.75 16.36 -34.10
C TYR D 79 58.36 15.05 -33.69
N SER D 80 59.42 14.65 -34.36
CA SER D 80 60.06 13.38 -34.01
C SER D 80 60.08 13.16 -32.48
N ALA D 81 60.40 14.22 -31.75
CA ALA D 81 60.42 14.17 -30.29
C ALA D 81 59.00 14.12 -29.74
N PHE D 82 58.11 14.87 -30.39
CA PHE D 82 56.69 14.95 -29.98
C PHE D 82 56.03 13.58 -29.97
N ARG D 83 56.16 12.82 -31.06
CA ARG D 83 55.57 11.48 -31.10
C ARG D 83 56.33 10.60 -30.13
N GLY D 84 57.64 10.79 -30.05
CA GLY D 84 58.47 10.01 -29.14
C GLY D 84 57.92 10.00 -27.72
N VAL D 85 57.71 11.21 -27.18
CA VAL D 85 57.20 11.38 -25.82
C VAL D 85 55.79 10.80 -25.70
N GLN D 86 54.92 11.14 -26.65
CA GLN D 86 53.52 10.70 -26.62
C GLN D 86 53.29 9.18 -26.46
N LEU D 87 53.84 8.37 -27.35
CA LEU D 87 53.68 6.93 -27.26
C LEU D 87 54.42 6.49 -26.00
N THR D 88 55.60 7.10 -25.76
CA THR D 88 56.43 6.79 -24.57
C THR D 88 55.68 7.07 -23.26
N TYR D 89 54.98 8.18 -23.20
CA TYR D 89 54.22 8.55 -22.01
C TYR D 89 53.21 7.47 -21.69
N GLU D 90 52.41 7.11 -22.68
CA GLU D 90 51.39 6.09 -22.48
C GLU D 90 52.02 4.73 -22.14
N HIS D 91 53.17 4.43 -22.76
CA HIS D 91 53.92 3.21 -22.48
C HIS D 91 54.38 3.26 -21.02
N THR D 92 54.88 4.43 -20.62
CA THR D 92 55.33 4.61 -19.24
C THR D 92 54.13 4.44 -18.29
N MET D 93 52.98 5.03 -18.67
CA MET D 93 51.75 4.90 -17.87
C MET D 93 51.34 3.40 -17.82
N LEU D 94 51.62 2.70 -18.92
CA LEU D 94 51.30 1.27 -19.03
C LEU D 94 52.04 0.44 -17.97
N GLN D 95 53.32 0.71 -17.81
CA GLN D 95 54.11 -0.03 -16.83
C GLN D 95 53.67 0.28 -15.40
N LEU D 96 53.41 1.56 -15.13
CA LEU D 96 52.99 1.98 -13.78
C LEU D 96 51.53 1.60 -13.45
N TYR D 97 50.63 1.76 -14.41
CA TYR D 97 49.22 1.44 -14.17
C TYR D 97 48.67 0.60 -15.33
N PRO D 98 49.11 -0.65 -15.48
CA PRO D 98 48.62 -1.46 -16.60
C PRO D 98 47.13 -1.74 -16.42
N SER D 99 46.63 -2.76 -17.10
CA SER D 99 45.23 -3.13 -17.03
C SER D 99 45.08 -4.61 -16.74
N PRO D 100 43.90 -5.06 -16.36
CA PRO D 100 43.64 -6.49 -16.12
C PRO D 100 44.19 -7.38 -17.24
N PHE D 101 44.73 -6.76 -18.28
CA PHE D 101 45.26 -7.50 -19.43
C PHE D 101 45.88 -8.87 -19.05
N ALA D 102 46.62 -8.91 -17.94
CA ALA D 102 47.29 -10.13 -17.43
C ALA D 102 48.28 -10.73 -18.45
N THR D 103 49.34 -9.98 -18.75
CA THR D 103 50.30 -10.46 -19.73
C THR D 103 51.85 -10.06 -19.23
N CYS D 104 52.79 -10.71 -19.91
CA CYS D 104 54.18 -10.47 -19.59
C CYS D 104 54.97 -9.77 -20.82
N ASP D 105 56.01 -9.03 -20.45
CA ASP D 105 56.75 -8.24 -21.43
C ASP D 105 57.20 -9.02 -22.69
N PHE D 106 56.52 -8.72 -23.81
CA PHE D 106 56.79 -9.35 -25.12
C PHE D 106 55.74 -8.92 -26.19
N MET D 107 54.56 -8.44 -25.70
CA MET D 107 53.45 -7.93 -26.59
C MET D 107 52.33 -7.15 -25.83
N VAL D 108 51.82 -7.73 -24.74
CA VAL D 108 50.76 -7.15 -23.91
C VAL D 108 49.37 -7.30 -24.56
N LEU D 114 54.46 -6.79 -56.97
CA LEU D 114 53.74 -5.61 -56.45
C LEU D 114 54.49 -4.96 -55.27
N PRO D 115 55.54 -4.21 -55.56
CA PRO D 115 56.31 -3.46 -54.54
C PRO D 115 55.54 -2.34 -53.85
N LEU D 116 55.63 -2.30 -52.51
CA LEU D 116 54.93 -1.24 -51.72
C LEU D 116 55.28 -1.35 -50.19
N ASP D 117 55.09 -2.54 -49.60
CA ASP D 117 55.39 -2.78 -48.17
C ASP D 117 56.17 -4.08 -48.01
N LYS D 118 55.92 -5.00 -48.96
CA LYS D 118 56.48 -6.37 -48.92
C LYS D 118 58.00 -6.47 -49.13
N TRP D 119 58.44 -7.14 -50.19
CA TRP D 119 59.88 -7.33 -50.42
C TRP D 119 60.68 -6.00 -50.49
N VAL D 120 60.08 -4.88 -50.06
CA VAL D 120 60.78 -3.59 -50.03
C VAL D 120 61.54 -3.39 -48.70
N PRO D 121 62.51 -2.47 -48.67
CA PRO D 121 63.32 -2.19 -47.47
C PRO D 121 62.50 -2.23 -46.12
N GLN D 122 61.23 -1.88 -46.18
CA GLN D 122 60.34 -1.83 -45.01
C GLN D 122 60.58 -3.00 -43.97
N VAL D 123 61.31 -4.04 -44.38
CA VAL D 123 61.55 -5.15 -43.46
C VAL D 123 62.09 -4.68 -42.10
N PHE D 124 61.37 -5.06 -41.03
CA PHE D 124 61.79 -4.69 -39.68
C PHE D 124 62.52 -5.85 -39.00
N VAL D 125 62.99 -5.56 -37.77
CA VAL D 125 63.71 -6.51 -36.91
C VAL D 125 63.09 -6.47 -35.49
N ALA D 126 63.35 -7.51 -34.70
CA ALA D 126 62.80 -7.63 -33.34
C ALA D 126 63.49 -8.75 -32.54
N SER D 127 63.35 -8.70 -31.20
CA SER D 127 63.92 -9.75 -30.34
C SER D 127 63.97 -9.34 -28.85
N GLY D 128 63.73 -10.33 -27.98
CA GLY D 128 63.74 -10.13 -26.53
C GLY D 128 63.02 -11.28 -25.80
N ASP D 129 62.81 -11.07 -24.48
CA ASP D 129 62.17 -12.09 -23.63
C ASP D 129 61.09 -11.52 -22.67
N CYS D 130 61.26 -11.80 -21.36
CA CYS D 130 60.31 -11.37 -20.32
C CYS D 130 60.97 -10.75 -19.07
N ALA D 131 60.12 -10.46 -18.07
CA ALA D 131 60.55 -9.90 -16.80
C ALA D 131 61.52 -10.92 -16.22
N GLU D 132 62.06 -10.62 -15.06
CA GLU D 132 63.07 -11.43 -14.39
C GLU D 132 64.38 -11.55 -15.23
N ARG D 133 65.35 -10.69 -14.88
CA ARG D 133 66.68 -10.68 -15.51
C ARG D 133 67.71 -10.41 -14.37
N GLN D 134 68.02 -9.15 -14.12
CA GLN D 134 69.04 -8.76 -13.09
C GLN D 134 70.37 -9.59 -13.14
N TRP D 135 71.47 -8.84 -13.40
CA TRP D 135 72.83 -9.42 -13.43
C TRP D 135 73.27 -9.80 -12.00
N ASP D 136 74.04 -8.92 -11.35
CA ASP D 136 74.57 -9.17 -9.99
C ASP D 136 73.91 -8.24 -8.96
N PHE D 137 74.35 -8.37 -7.70
CA PHE D 137 73.80 -7.55 -6.61
C PHE D 137 74.09 -6.06 -6.80
N LEU D 138 75.26 -5.77 -7.41
CA LEU D 138 75.77 -4.40 -7.64
C LEU D 138 74.71 -3.29 -7.71
N GLY D 139 73.81 -3.39 -8.69
CA GLY D 139 72.72 -2.40 -8.87
C GLY D 139 73.13 -1.18 -9.70
N LEU D 140 72.25 -0.83 -10.66
CA LEU D 140 72.47 0.32 -11.55
C LEU D 140 71.22 1.18 -11.68
N GLU D 141 70.30 0.96 -10.74
CA GLU D 141 69.01 1.68 -10.69
C GLU D 141 68.22 1.46 -11.97
N MET D 142 66.97 1.00 -11.81
CA MET D 142 66.11 0.73 -12.98
C MET D 142 65.93 1.94 -13.91
N PRO D 143 65.81 1.72 -15.22
CA PRO D 143 65.67 2.85 -16.14
C PRO D 143 64.26 3.43 -16.05
N GLN D 144 64.13 4.69 -16.47
CA GLN D 144 62.84 5.38 -16.48
C GLN D 144 63.04 6.81 -17.00
N TRP D 145 64.14 7.44 -16.58
CA TRP D 145 64.49 8.77 -17.06
C TRP D 145 64.36 8.77 -18.59
N LEU D 146 64.40 7.54 -19.16
CA LEU D 146 64.32 7.34 -20.62
C LEU D 146 63.25 8.17 -21.30
N LEU D 147 62.19 8.48 -20.56
CA LEU D 147 61.10 9.30 -21.06
C LEU D 147 61.43 10.80 -21.02
N GLY D 148 62.09 11.22 -19.96
CA GLY D 148 62.46 12.61 -19.80
C GLY D 148 63.28 13.04 -21.01
N ILE D 149 64.13 12.12 -21.50
CA ILE D 149 65.02 12.44 -22.60
C ILE D 149 64.34 12.96 -23.91
N PHE D 150 63.14 12.50 -24.19
CA PHE D 150 62.40 12.98 -25.33
C PHE D 150 61.98 14.45 -25.11
N ILE D 151 61.31 14.74 -23.98
CA ILE D 151 60.88 16.11 -23.70
C ILE D 151 62.11 17.09 -23.79
N ALA D 152 63.27 16.57 -23.41
CA ALA D 152 64.50 17.37 -23.44
C ALA D 152 64.84 17.84 -24.86
N TYR D 153 65.06 16.86 -25.74
CA TYR D 153 65.39 17.11 -27.13
C TYR D 153 64.27 17.96 -27.70
N LEU D 154 63.04 17.63 -27.30
CA LEU D 154 61.85 18.39 -27.73
C LEU D 154 61.98 19.85 -27.25
N ILE D 155 62.53 20.07 -26.05
CA ILE D 155 62.64 21.43 -25.62
C ILE D 155 63.98 22.11 -26.41
N VAL D 156 65.03 21.35 -26.47
CA VAL D 156 66.23 21.78 -27.20
C VAL D 156 65.81 22.10 -28.66
N ALA D 157 64.67 21.50 -29.04
CA ALA D 157 64.10 21.74 -30.34
C ALA D 157 63.64 23.19 -30.32
N VAL D 158 62.91 23.55 -29.25
CA VAL D 158 62.41 24.92 -29.09
C VAL D 158 63.58 25.90 -29.17
N LEU D 159 64.65 25.61 -28.41
CA LEU D 159 65.84 26.47 -28.36
C LEU D 159 66.65 26.49 -29.68
N VAL D 160 66.67 25.35 -30.39
CA VAL D 160 67.34 25.28 -31.68
C VAL D 160 66.47 26.10 -32.64
N VAL D 161 65.15 25.87 -32.61
CA VAL D 161 64.21 26.56 -33.51
C VAL D 161 63.72 27.93 -33.05
N ILE D 162 63.82 28.25 -31.78
CA ILE D 162 63.41 29.56 -31.26
C ILE D 162 62.22 29.44 -30.30
N ASP E 21 39.68 -18.46 -14.69
CA ASP E 21 39.89 -17.10 -14.10
C ASP E 21 40.48 -17.16 -12.70
N ILE E 22 40.31 -16.09 -11.93
CA ILE E 22 40.66 -16.10 -10.52
C ILE E 22 39.39 -16.26 -9.67
N VAL E 23 39.49 -17.04 -8.59
CA VAL E 23 38.42 -17.10 -7.58
C VAL E 23 38.74 -16.32 -6.29
N MET E 24 37.85 -15.39 -5.98
CA MET E 24 37.94 -14.62 -4.76
C MET E 24 36.99 -15.25 -3.77
N SER E 25 37.45 -15.47 -2.54
CA SER E 25 36.57 -16.03 -1.50
C SER E 25 36.65 -15.32 -0.15
N GLN E 26 35.55 -14.67 0.21
CA GLN E 26 35.42 -14.02 1.51
C GLN E 26 34.91 -14.91 2.63
N SER E 27 35.46 -14.62 3.82
CA SER E 27 35.11 -15.27 5.07
C SER E 27 35.04 -14.21 6.16
N PRO E 28 34.00 -14.25 7.01
CA PRO E 28 32.90 -15.20 7.04
C PRO E 28 31.82 -14.77 6.06
N SER E 29 30.70 -15.49 6.03
CA SER E 29 29.53 -15.07 5.27
C SER E 29 28.96 -13.80 5.84
N SER E 30 28.89 -13.76 7.17
CA SER E 30 28.37 -12.61 7.89
C SER E 30 28.89 -12.50 9.31
N LEU E 31 28.65 -11.33 9.90
CA LEU E 31 29.02 -11.07 11.27
C LEU E 31 28.22 -9.92 11.83
N ALA E 32 27.46 -10.22 12.88
CA ALA E 32 26.80 -9.18 13.65
C ALA E 32 27.81 -8.63 14.63
N VAL E 33 27.77 -7.31 14.83
CA VAL E 33 28.72 -6.66 15.73
C VAL E 33 28.14 -5.44 16.50
N SER E 34 28.88 -5.00 17.52
CA SER E 34 28.45 -3.97 18.45
C SER E 34 29.12 -2.62 18.15
N ALA E 35 28.30 -1.58 18.13
CA ALA E 35 28.71 -0.26 17.67
C ALA E 35 29.84 0.39 18.49
N GLY E 36 30.98 0.59 17.84
CA GLY E 36 32.15 1.23 18.46
C GLY E 36 33.35 0.33 18.56
N GLU E 37 33.16 -0.96 18.23
CA GLU E 37 34.23 -1.97 18.26
C GLU E 37 35.15 -1.93 17.04
N LYS E 38 35.89 -3.04 16.83
CA LYS E 38 36.79 -3.18 15.68
C LYS E 38 36.75 -4.57 15.03
N VAL E 39 35.84 -4.72 14.05
CA VAL E 39 35.73 -5.92 13.18
C VAL E 39 36.80 -5.99 12.11
N THR E 40 37.04 -7.20 11.59
CA THR E 40 37.89 -7.41 10.43
C THR E 40 37.34 -8.55 9.59
N MET E 41 36.94 -8.28 8.35
CA MET E 41 36.61 -9.39 7.45
C MET E 41 37.81 -9.78 6.63
N SER E 42 37.74 -10.96 6.01
CA SER E 42 38.85 -11.49 5.24
C SER E 42 38.52 -11.79 3.78
N CYS E 43 39.52 -11.57 2.93
CA CYS E 43 39.41 -11.80 1.51
C CYS E 43 40.63 -12.56 1.04
N LYS E 44 40.38 -13.65 0.31
CA LYS E 44 41.46 -14.43 -0.25
C LYS E 44 41.25 -14.65 -1.74
N SER E 45 42.32 -15.09 -2.41
CA SER E 45 42.36 -15.13 -3.86
C SER E 45 43.11 -16.36 -4.27
N SER E 46 42.69 -16.98 -5.37
CA SER E 46 43.30 -18.23 -5.82
C SER E 46 44.72 -17.97 -6.30
N GLN E 47 44.87 -16.87 -7.03
CA GLN E 47 46.15 -16.44 -7.56
C GLN E 47 46.70 -15.28 -6.76
N SER E 48 48.03 -15.16 -6.75
CA SER E 48 48.67 -14.03 -6.12
C SER E 48 48.40 -12.79 -6.94
N LEU E 49 48.16 -11.68 -6.25
CA LEU E 49 47.77 -10.45 -6.91
C LEU E 49 48.90 -9.43 -6.89
N LEU E 50 50.12 -9.90 -6.56
CA LEU E 50 51.32 -9.05 -6.58
C LEU E 50 51.85 -8.79 -7.98
N ASN E 51 52.66 -7.75 -8.13
CA ASN E 51 53.32 -7.44 -9.40
C ASN E 51 54.80 -7.11 -9.19
N SER E 52 55.70 -7.87 -9.81
CA SER E 52 57.17 -7.69 -9.68
C SER E 52 57.58 -6.23 -9.55
N ARG E 53 56.97 -5.40 -10.39
CA ARG E 53 57.09 -3.94 -10.34
C ARG E 53 55.67 -3.33 -10.41
N THR E 54 55.36 -2.35 -9.56
CA THR E 54 56.04 -2.13 -8.31
C THR E 54 55.16 -2.94 -7.37
N ARG E 55 55.61 -3.18 -6.13
CA ARG E 55 54.73 -3.80 -5.14
C ARG E 55 53.35 -3.11 -5.21
N LYS E 56 52.44 -3.78 -5.91
CA LYS E 56 51.06 -3.35 -6.05
C LYS E 56 50.21 -4.60 -6.07
N ASN E 57 48.95 -4.46 -5.65
CA ASN E 57 48.17 -5.57 -5.16
C ASN E 57 46.81 -4.95 -4.96
N TYR E 58 46.04 -4.55 -5.97
CA TYR E 58 45.64 -5.24 -7.21
C TYR E 58 44.37 -6.00 -6.88
N LEU E 59 43.64 -5.33 -6.01
CA LEU E 59 42.45 -5.79 -5.35
C LEU E 59 41.81 -4.57 -4.72
N ALA E 60 40.48 -4.51 -4.75
CA ALA E 60 39.74 -3.41 -4.18
C ALA E 60 38.84 -3.88 -3.03
N TRP E 61 38.09 -2.94 -2.46
CA TRP E 61 37.05 -3.19 -1.46
C TRP E 61 35.88 -2.27 -1.74
N TYR E 62 34.70 -2.84 -1.90
CA TYR E 62 33.50 -2.06 -2.17
C TYR E 62 32.47 -2.36 -1.08
N GLN E 63 31.77 -1.34 -0.59
CA GLN E 63 30.66 -1.58 0.33
C GLN E 63 29.30 -1.28 -0.30
N GLN E 64 28.37 -2.21 -0.16
CA GLN E 64 27.02 -2.05 -0.71
C GLN E 64 25.93 -2.14 0.36
N LYS E 65 25.31 -1.00 0.61
CA LYS E 65 24.14 -0.87 1.48
C LYS E 65 22.89 -1.25 0.69
N PRO E 66 21.86 -1.80 1.37
CA PRO E 66 20.61 -2.20 0.71
C PRO E 66 20.06 -1.13 -0.23
N GLY E 67 19.37 -1.58 -1.29
CA GLY E 67 18.75 -0.69 -2.26
C GLY E 67 19.68 0.33 -2.90
N GLN E 68 20.86 -0.13 -3.35
CA GLN E 68 21.94 0.72 -3.90
C GLN E 68 23.03 -0.04 -4.66
N SER E 69 23.90 0.71 -5.36
CA SER E 69 25.14 0.19 -5.91
C SER E 69 26.17 0.08 -4.80
N PRO E 70 27.37 -0.45 -5.12
CA PRO E 70 28.51 -0.35 -4.21
C PRO E 70 29.23 0.99 -4.31
N LYS E 71 30.14 1.27 -3.39
CA LYS E 71 31.05 2.41 -3.48
C LYS E 71 32.47 1.90 -3.26
N LEU E 72 33.44 2.36 -4.06
CA LEU E 72 34.84 1.97 -3.84
C LEU E 72 35.35 2.49 -2.48
N LEU E 73 35.76 1.58 -1.62
CA LEU E 73 36.20 1.96 -0.30
C LEU E 73 37.71 2.04 -0.32
N ILE E 74 38.34 0.98 -0.82
CA ILE E 74 39.79 0.94 -0.89
C ILE E 74 40.20 0.34 -2.23
N TYR E 75 41.20 0.95 -2.87
CA TYR E 75 41.82 0.37 -4.07
C TYR E 75 43.28 0.02 -3.81
N TRP E 76 43.81 -0.87 -4.65
CA TRP E 76 45.18 -1.39 -4.49
C TRP E 76 45.37 -1.95 -3.07
N ALA E 77 44.27 -2.43 -2.50
CA ALA E 77 44.19 -2.98 -1.12
C ALA E 77 44.48 -2.00 0.03
N SER E 78 45.49 -1.14 -0.15
CA SER E 78 45.86 -0.13 0.85
C SER E 78 45.16 1.19 0.63
N THR E 79 45.65 2.00 -0.30
CA THR E 79 45.22 3.39 -0.39
C THR E 79 43.71 3.54 -0.29
N ARG E 80 43.28 4.38 0.64
CA ARG E 80 41.88 4.71 0.81
C ARG E 80 41.30 5.40 -0.43
N GLU E 81 40.02 5.70 -0.38
CA GLU E 81 39.39 6.45 -1.46
C GLU E 81 39.10 7.89 -1.00
N SER E 82 38.86 8.78 -1.96
CA SER E 82 38.62 10.21 -1.66
C SER E 82 37.30 10.41 -0.92
N GLY E 83 37.42 10.62 0.40
CA GLY E 83 36.27 10.81 1.29
C GLY E 83 35.93 9.55 2.08
N VAL E 84 36.96 8.75 2.37
CA VAL E 84 36.77 7.50 3.12
C VAL E 84 37.48 7.55 4.48
N PRO E 85 36.68 7.46 5.57
CA PRO E 85 37.10 7.51 6.97
C PRO E 85 38.39 6.76 7.33
N ASP E 86 39.01 7.20 8.43
CA ASP E 86 40.24 6.61 8.96
C ASP E 86 40.04 5.17 9.37
N ARG E 87 38.90 4.93 10.00
CA ARG E 87 38.55 3.63 10.60
C ARG E 87 38.86 2.40 9.72
N PHE E 88 38.38 2.40 8.47
CA PHE E 88 38.71 1.36 7.48
C PHE E 88 40.20 1.36 7.15
N THR E 89 40.77 0.18 6.97
CA THR E 89 42.20 0.05 6.72
C THR E 89 42.50 -1.32 6.13
N GLY E 90 42.47 -1.41 4.80
CA GLY E 90 42.79 -2.66 4.11
C GLY E 90 44.23 -3.06 4.39
N SER E 91 44.49 -4.36 4.34
CA SER E 91 45.82 -4.89 4.58
C SER E 91 45.97 -6.22 3.89
N GLY E 92 47.15 -6.80 3.92
CA GLY E 92 47.36 -8.11 3.36
C GLY E 92 48.12 -8.06 2.07
N SER E 93 48.63 -9.21 1.62
CA SER E 93 49.57 -9.24 0.51
C SER E 93 49.60 -10.55 -0.28
N GLY E 94 49.32 -10.43 -1.58
CA GLY E 94 49.46 -11.55 -2.51
C GLY E 94 48.19 -12.39 -2.60
N THR E 95 47.95 -13.17 -1.55
CA THR E 95 46.81 -14.08 -1.49
C THR E 95 46.06 -14.03 -0.15
N ASP E 96 46.08 -12.86 0.51
CA ASP E 96 45.57 -12.71 1.88
C ASP E 96 45.18 -11.29 2.27
N PHE E 97 44.04 -10.81 1.79
CA PHE E 97 43.62 -9.42 1.99
C PHE E 97 42.56 -9.26 3.10
N THR E 98 42.68 -8.19 3.88
CA THR E 98 41.90 -8.09 5.10
C THR E 98 41.44 -6.68 5.44
N LEU E 99 40.19 -6.39 5.11
CA LEU E 99 39.56 -5.11 5.44
C LEU E 99 39.20 -5.12 6.92
N THR E 100 39.35 -3.97 7.57
CA THR E 100 39.08 -3.85 9.01
C THR E 100 38.49 -2.51 9.41
N ILE E 101 37.42 -2.53 10.19
CA ILE E 101 36.75 -1.32 10.73
C ILE E 101 36.86 -1.22 12.24
N SER E 102 37.18 -0.03 12.76
CA SER E 102 36.87 0.32 14.16
C SER E 102 35.78 1.39 14.19
N SER E 103 35.36 1.80 15.40
CA SER E 103 34.28 2.80 15.60
C SER E 103 32.99 2.45 14.85
N VAL E 104 32.89 1.18 14.47
CA VAL E 104 31.75 0.66 13.74
C VAL E 104 30.52 1.55 13.87
N GLN E 105 30.26 2.35 12.84
CA GLN E 105 29.03 3.15 12.81
C GLN E 105 27.78 2.28 12.63
N ALA E 106 26.62 2.88 12.84
CA ALA E 106 25.34 2.21 12.58
C ALA E 106 25.10 2.24 11.08
N GLU E 107 25.60 3.32 10.46
CA GLU E 107 25.62 3.47 9.00
C GLU E 107 26.90 2.85 8.41
N ASP E 108 27.22 1.65 8.89
CA ASP E 108 28.30 0.82 8.39
C ASP E 108 27.76 -0.57 8.15
N LEU E 109 26.44 -0.71 8.32
CA LEU E 109 25.76 -1.94 7.97
C LEU E 109 25.71 -1.97 6.44
N ALA E 110 26.23 -3.07 5.88
CA ALA E 110 26.37 -3.27 4.44
C ALA E 110 27.01 -4.63 4.16
N VAL E 111 27.04 -5.03 2.88
CA VAL E 111 27.82 -6.18 2.49
C VAL E 111 29.14 -5.66 1.91
N TYR E 112 30.24 -6.17 2.45
CA TYR E 112 31.55 -5.78 1.97
C TYR E 112 32.06 -6.85 1.04
N TYR E 113 32.36 -6.43 -0.18
CA TYR E 113 32.89 -7.27 -1.26
C TYR E 113 34.37 -6.97 -1.46
N CYS E 114 35.08 -7.87 -2.14
CA CYS E 114 36.43 -7.57 -2.60
C CYS E 114 36.59 -7.96 -4.06
N LYS E 115 37.23 -7.07 -4.82
CA LYS E 115 37.45 -7.22 -6.27
C LYS E 115 38.93 -7.24 -6.57
N GLN E 116 39.40 -8.30 -7.23
CA GLN E 116 40.73 -8.26 -7.82
C GLN E 116 40.62 -7.79 -9.24
N SER E 117 41.65 -7.06 -9.69
CA SER E 117 41.71 -6.65 -11.08
C SER E 117 43.05 -7.01 -11.71
N TYR E 118 43.90 -7.73 -10.99
CA TYR E 118 45.17 -8.22 -11.53
C TYR E 118 44.95 -8.81 -12.91
N ASN E 119 43.96 -9.68 -13.02
CA ASN E 119 43.62 -10.31 -14.27
C ASN E 119 42.12 -10.34 -14.37
N LEU E 120 41.59 -9.65 -15.36
CA LEU E 120 40.16 -9.43 -15.50
C LEU E 120 39.52 -8.75 -14.27
N TYR E 121 38.21 -8.93 -14.09
CA TYR E 121 37.50 -8.42 -12.92
C TYR E 121 36.70 -9.56 -12.29
N THR E 122 37.07 -9.98 -11.09
CA THR E 122 36.31 -11.03 -10.42
C THR E 122 36.04 -10.67 -8.96
N PHE E 123 34.78 -10.70 -8.54
CA PHE E 123 34.42 -10.34 -7.16
C PHE E 123 34.47 -11.44 -6.08
N GLY E 124 34.47 -11.02 -4.82
CA GLY E 124 34.34 -11.93 -3.68
C GLY E 124 32.88 -12.29 -3.45
N GLY E 125 32.62 -13.12 -2.44
CA GLY E 125 31.25 -13.49 -2.07
C GLY E 125 30.54 -12.39 -1.28
N GLY E 126 31.24 -11.88 -0.27
CA GLY E 126 30.70 -10.85 0.59
C GLY E 126 30.90 -11.24 2.04
N THR E 127 30.93 -10.24 2.90
CA THR E 127 30.77 -10.44 4.33
C THR E 127 29.68 -9.47 4.74
N LYS E 128 28.52 -10.00 5.14
CA LYS E 128 27.40 -9.15 5.56
C LYS E 128 27.69 -8.68 6.97
N LEU E 129 27.44 -7.41 7.25
CA LEU E 129 27.77 -6.89 8.57
C LEU E 129 26.57 -6.39 9.36
N GLU E 130 25.93 -7.30 10.09
CA GLU E 130 24.75 -6.98 10.89
C GLU E 130 25.04 -6.36 12.29
N ILE E 131 24.02 -5.73 12.87
CA ILE E 131 24.14 -5.04 14.17
C ILE E 131 23.43 -5.78 15.32
N LYS E 132 24.15 -6.01 16.42
CA LYS E 132 23.55 -6.52 17.65
C LYS E 132 22.60 -5.48 18.26
N ALA E 134 21.15 -7.27 20.88
CA ALA E 134 20.56 -7.81 22.11
C ALA E 134 19.30 -8.64 21.82
N ASP E 135 19.24 -9.82 22.44
CA ASP E 135 18.30 -10.89 22.07
C ASP E 135 16.82 -10.54 22.19
N ALA E 136 15.98 -11.47 21.75
CA ALA E 136 14.51 -11.41 21.89
C ALA E 136 13.88 -12.74 21.46
N ALA E 137 12.66 -13.00 21.92
CA ALA E 137 11.90 -14.18 21.49
C ALA E 137 10.89 -13.85 20.38
N PRO E 138 10.66 -14.81 19.46
CA PRO E 138 9.79 -14.55 18.32
C PRO E 138 8.31 -14.54 18.65
N THR E 139 7.62 -13.52 18.14
CA THR E 139 6.18 -13.39 18.27
C THR E 139 5.52 -14.14 17.12
N VAL E 140 5.20 -15.41 17.39
CA VAL E 140 4.62 -16.27 16.37
C VAL E 140 3.09 -16.29 16.41
N SER E 141 2.49 -16.26 15.23
CA SER E 141 1.05 -16.27 15.10
C SER E 141 0.67 -17.04 13.85
N ILE E 142 -0.22 -18.01 14.02
CA ILE E 142 -0.69 -18.88 12.94
C ILE E 142 -2.00 -18.39 12.34
N PHE E 143 -2.23 -18.71 11.06
CA PHE E 143 -3.34 -18.17 10.29
C PHE E 143 -3.84 -19.20 9.30
N PRO E 144 -5.11 -19.63 9.44
CA PRO E 144 -5.84 -20.57 8.56
C PRO E 144 -6.06 -20.06 7.13
N PRO E 145 -6.35 -20.96 6.18
CA PRO E 145 -6.51 -20.56 4.79
C PRO E 145 -7.77 -19.72 4.60
N SER E 146 -7.58 -18.49 4.14
CA SER E 146 -8.64 -17.50 4.06
C SER E 146 -9.91 -18.00 3.38
N SER E 147 -11.03 -17.57 3.99
CA SER E 147 -12.40 -17.73 3.50
C SER E 147 -12.54 -18.02 2.00
N GLU E 148 -11.97 -17.14 1.18
CA GLU E 148 -12.16 -17.23 -0.26
C GLU E 148 -11.16 -18.15 -0.97
N GLN E 149 -9.93 -18.18 -0.49
CA GLN E 149 -8.91 -19.01 -1.14
C GLN E 149 -9.45 -20.42 -1.38
N LEU E 150 -10.15 -20.92 -0.37
CA LEU E 150 -10.72 -22.27 -0.37
C LEU E 150 -11.60 -22.55 -1.59
N THR E 151 -12.66 -21.75 -1.75
CA THR E 151 -13.58 -21.85 -2.89
C THR E 151 -12.85 -21.90 -4.23
N SER E 152 -11.64 -21.33 -4.25
CA SER E 152 -10.81 -21.26 -5.45
C SER E 152 -10.11 -22.59 -5.80
N GLY E 153 -10.20 -23.57 -4.89
CA GLY E 153 -9.63 -24.89 -5.13
C GLY E 153 -8.28 -25.09 -4.46
N GLY E 154 -7.79 -24.03 -3.82
CA GLY E 154 -6.50 -24.05 -3.12
C GLY E 154 -6.65 -23.62 -1.67
N ALA E 155 -5.60 -23.85 -0.88
CA ALA E 155 -5.60 -23.51 0.56
C ALA E 155 -4.18 -23.37 1.13
N SER E 156 -3.87 -22.19 1.66
CA SER E 156 -2.56 -21.93 2.23
C SER E 156 -2.65 -21.48 3.67
N VAL E 157 -2.00 -22.24 4.56
CA VAL E 157 -1.89 -21.88 5.97
C VAL E 157 -0.60 -21.12 6.19
N VAL E 158 -0.65 -19.93 6.77
CA VAL E 158 0.58 -19.20 7.05
C VAL E 158 0.81 -19.01 8.56
N CYS E 159 2.04 -18.67 8.92
CA CYS E 159 2.31 -18.18 10.26
C CYS E 159 3.57 -17.33 10.33
N PHE E 160 3.43 -16.17 10.96
CA PHE E 160 4.48 -15.16 11.00
C PHE E 160 5.30 -15.21 12.28
N LEU E 161 6.57 -15.58 12.14
CA LEU E 161 7.52 -15.64 13.24
C LEU E 161 8.26 -14.30 13.34
N ASN E 162 7.71 -13.36 14.09
CA ASN E 162 8.15 -11.97 14.00
C ASN E 162 9.04 -11.50 15.15
N ASN E 163 9.92 -10.57 14.84
CA ASN E 163 10.73 -9.85 15.82
C ASN E 163 11.52 -10.71 16.80
N PHE E 164 12.63 -11.26 16.30
CA PHE E 164 13.52 -12.11 17.08
C PHE E 164 14.99 -11.96 16.71
N TYR E 165 15.85 -12.15 17.69
CA TYR E 165 17.27 -12.13 17.46
C TYR E 165 17.93 -13.13 18.41
N PRO E 166 18.89 -13.94 17.92
CA PRO E 166 19.57 -14.11 16.61
C PRO E 166 18.73 -14.77 15.51
N LYS E 167 19.11 -14.57 14.25
CA LYS E 167 18.33 -15.05 13.11
C LYS E 167 17.97 -16.54 13.19
N ASP E 168 18.92 -17.36 13.63
CA ASP E 168 18.79 -18.81 13.59
C ASP E 168 17.54 -19.32 14.27
N ILE E 169 16.49 -19.49 13.49
CA ILE E 169 15.25 -20.05 13.99
C ILE E 169 15.01 -21.38 13.30
N ASN E 170 14.01 -22.10 13.77
CA ASN E 170 13.69 -23.39 13.22
C ASN E 170 12.19 -23.66 13.39
N VAL E 171 11.45 -23.69 12.29
CA VAL E 171 10.02 -24.01 12.35
C VAL E 171 9.81 -25.49 12.09
N LYS E 172 8.74 -26.03 12.66
CA LYS E 172 8.43 -27.44 12.52
C LYS E 172 6.91 -27.64 12.54
N TRP E 173 6.32 -27.75 11.34
CA TRP E 173 4.88 -27.88 11.18
C TRP E 173 4.34 -29.25 11.60
N LYS E 174 3.09 -29.25 12.05
CA LYS E 174 2.39 -30.49 12.38
C LYS E 174 0.94 -30.42 11.91
N ILE E 175 0.50 -31.50 11.24
CA ILE E 175 -0.92 -31.79 10.97
C ILE E 175 -1.34 -32.82 12.03
N ASP E 176 -2.13 -32.37 13.00
CA ASP E 176 -2.35 -33.08 14.27
C ASP E 176 -1.27 -34.11 14.64
N GLY E 177 -0.29 -33.63 15.41
CA GLY E 177 0.74 -34.47 16.04
C GLY E 177 1.82 -34.92 15.08
N SER E 178 1.41 -35.44 13.91
CA SER E 178 2.34 -35.87 12.88
C SER E 178 2.91 -34.65 12.17
N GLU E 179 4.22 -34.65 11.96
CA GLU E 179 4.93 -33.45 11.51
C GLU E 179 5.48 -33.60 10.12
N ARG E 180 4.64 -33.42 9.10
CA ARG E 180 5.13 -33.46 7.70
C ARG E 180 5.91 -32.19 7.32
N GLN E 181 6.90 -32.36 6.43
CA GLN E 181 7.78 -31.26 6.09
C GLN E 181 7.40 -30.70 4.74
N ASN E 182 7.41 -31.54 3.71
CA ASN E 182 7.28 -31.07 2.33
C ASN E 182 5.97 -30.34 2.05
N GLY E 183 6.04 -29.36 1.15
CA GLY E 183 4.93 -28.48 0.89
C GLY E 183 5.07 -27.15 1.60
N VAL E 184 6.03 -27.06 2.52
CA VAL E 184 6.27 -25.82 3.28
C VAL E 184 7.23 -24.86 2.57
N LEU E 185 6.90 -23.57 2.63
CA LEU E 185 7.73 -22.52 2.07
C LEU E 185 8.10 -21.52 3.16
N ASN E 186 9.36 -21.11 3.23
CA ASN E 186 9.77 -20.06 4.18
C ASN E 186 10.34 -18.81 3.53
N SER E 187 10.52 -17.77 4.34
CA SER E 187 10.95 -16.46 3.87
C SER E 187 11.44 -15.57 5.02
N TRP E 188 12.63 -15.00 4.86
CA TRP E 188 13.28 -14.26 5.92
C TRP E 188 13.56 -12.82 5.57
N THR E 189 13.26 -11.92 6.50
CA THR E 189 13.60 -10.52 6.34
C THR E 189 15.04 -10.30 6.79
N ASP E 190 15.58 -9.16 6.37
CA ASP E 190 16.79 -8.60 6.95
C ASP E 190 16.43 -7.84 8.22
N GLN E 191 17.42 -7.71 9.09
CA GLN E 191 17.34 -6.86 10.26
C GLN E 191 16.43 -5.65 10.12
N ASP E 192 15.72 -5.31 11.20
CA ASP E 192 14.86 -4.14 11.20
C ASP E 192 15.72 -2.89 11.34
N SER E 193 15.25 -1.78 10.76
CA SER E 193 16.00 -0.53 10.80
C SER E 193 15.88 0.16 12.17
N LYS E 194 14.72 0.02 12.78
CA LYS E 194 14.46 0.58 14.11
C LYS E 194 14.57 -0.53 15.17
N ASP E 195 13.75 -1.56 14.99
CA ASP E 195 13.68 -2.69 15.91
C ASP E 195 14.93 -3.60 15.83
N SER E 196 15.67 -3.50 14.73
CA SER E 196 16.97 -4.17 14.55
C SER E 196 16.94 -5.69 14.74
N THR E 197 15.80 -6.30 14.44
CA THR E 197 15.63 -7.76 14.54
C THR E 197 14.95 -8.36 13.32
N TYR E 198 14.84 -9.69 13.32
CA TYR E 198 14.32 -10.42 12.18
C TYR E 198 12.90 -10.90 12.38
N SER E 199 12.25 -11.21 11.25
CA SER E 199 10.94 -11.81 11.20
C SER E 199 10.92 -12.77 10.02
N MET E 200 10.26 -13.91 10.20
CA MET E 200 10.20 -14.90 9.17
C MET E 200 8.77 -15.40 9.01
N SER E 201 8.33 -15.60 7.78
CA SER E 201 7.04 -16.23 7.56
C SER E 201 7.22 -17.66 7.05
N SER E 202 6.21 -18.49 7.27
CA SER E 202 6.24 -19.89 6.87
C SER E 202 4.86 -20.32 6.42
N THR E 203 4.80 -21.02 5.29
CA THR E 203 3.54 -21.33 4.65
C THR E 203 3.45 -22.77 4.15
N LEU E 204 2.77 -23.60 4.94
CA LEU E 204 2.37 -24.91 4.48
C LEU E 204 1.17 -24.74 3.56
N THR E 205 1.31 -25.20 2.33
CA THR E 205 0.26 -25.02 1.34
C THR E 205 -0.28 -26.36 0.78
N LEU E 206 -1.62 -26.45 0.73
CA LEU E 206 -2.34 -27.67 0.33
C LEU E 206 -3.53 -27.44 -0.59
N THR E 207 -3.79 -28.43 -1.43
CA THR E 207 -5.06 -28.52 -2.12
C THR E 207 -6.16 -28.69 -1.08
N LYS E 208 -7.15 -27.79 -1.11
CA LYS E 208 -8.36 -27.85 -0.30
C LYS E 208 -8.74 -29.28 0.09
N ASP E 209 -8.97 -30.14 -0.91
CA ASP E 209 -9.23 -31.56 -0.71
C ASP E 209 -8.41 -32.12 0.45
N GLU E 210 -7.09 -31.94 0.37
CA GLU E 210 -6.19 -32.43 1.38
C GLU E 210 -6.19 -31.56 2.63
N TYR E 211 -6.66 -30.32 2.49
CA TYR E 211 -6.75 -29.47 3.66
C TYR E 211 -7.68 -30.10 4.68
N GLU E 212 -8.82 -30.61 4.18
CA GLU E 212 -9.85 -31.19 5.06
C GLU E 212 -9.60 -32.66 5.43
N ARG E 213 -8.52 -33.25 4.91
CA ARG E 213 -8.10 -34.58 5.35
C ARG E 213 -8.02 -34.57 6.87
N HIS E 214 -7.45 -33.50 7.44
CA HIS E 214 -7.23 -33.43 8.88
C HIS E 214 -7.90 -32.26 9.58
N ASN E 215 -7.62 -32.10 10.87
CA ASN E 215 -8.23 -31.08 11.70
C ASN E 215 -7.21 -30.12 12.33
N SER E 216 -6.24 -30.67 13.04
CA SER E 216 -5.35 -29.84 13.84
C SER E 216 -4.12 -29.42 13.06
N TYR E 217 -3.86 -28.12 13.03
CA TYR E 217 -2.65 -27.57 12.41
C TYR E 217 -1.88 -26.72 13.40
N THR E 218 -0.55 -26.77 13.35
CA THR E 218 0.30 -26.07 14.31
C THR E 218 1.74 -25.77 13.80
N CYS E 219 2.27 -24.61 14.16
CA CYS E 219 3.66 -24.25 13.84
C CYS E 219 4.47 -23.88 15.08
N GLU E 220 5.75 -24.24 15.09
CA GLU E 220 6.56 -24.08 16.29
C GLU E 220 7.92 -23.49 16.02
N ALA E 221 8.15 -22.27 16.51
CA ALA E 221 9.48 -21.72 16.60
C ALA E 221 10.34 -22.62 17.49
N THR E 222 11.66 -22.45 17.46
CA THR E 222 12.55 -23.16 18.38
C THR E 222 13.82 -22.33 18.49
N HIS E 223 13.61 -21.02 18.57
CA HIS E 223 14.64 -20.03 18.80
C HIS E 223 15.56 -20.26 20.02
N LYS E 224 16.75 -19.68 19.97
CA LYS E 224 17.71 -19.79 21.05
C LYS E 224 17.42 -18.76 22.13
N THR E 225 16.19 -18.74 22.66
CA THR E 225 15.86 -17.87 23.79
C THR E 225 15.42 -18.74 24.95
N SER E 226 14.35 -19.50 24.72
CA SER E 226 13.90 -20.51 25.66
C SER E 226 13.85 -21.83 24.90
N THR E 227 14.74 -22.77 25.24
CA THR E 227 14.69 -24.07 24.56
C THR E 227 13.46 -24.84 25.00
N SER E 228 12.33 -24.34 24.49
CA SER E 228 11.01 -24.92 24.62
C SER E 228 10.21 -24.30 23.46
N PRO E 229 9.88 -25.11 22.45
CA PRO E 229 9.14 -24.65 21.29
C PRO E 229 7.98 -23.72 21.64
N ILE E 230 7.80 -22.65 20.87
CA ILE E 230 6.56 -21.87 20.92
C ILE E 230 5.57 -22.47 19.91
N VAL E 231 4.81 -23.45 20.40
CA VAL E 231 3.66 -23.97 19.68
C VAL E 231 2.55 -22.92 19.69
N LYS E 232 1.74 -22.95 18.65
CA LYS E 232 0.66 -22.02 18.49
C LYS E 232 -0.20 -22.63 17.40
N SER E 233 -1.26 -23.30 17.83
CA SER E 233 -2.04 -24.17 16.95
C SER E 233 -3.49 -23.72 16.75
N PHE E 234 -4.02 -24.04 15.57
CA PHE E 234 -5.45 -23.87 15.29
C PHE E 234 -5.97 -25.19 14.66
N ASN E 235 -7.26 -25.46 14.77
CA ASN E 235 -7.82 -26.72 14.25
C ASN E 235 -9.15 -26.54 13.55
N ARG E 236 -9.29 -27.25 12.44
CA ARG E 236 -10.30 -26.99 11.40
C ARG E 236 -11.72 -26.60 11.84
N ASN E 237 -12.48 -27.57 12.35
CA ASN E 237 -13.93 -27.43 12.68
C ASN E 237 -14.67 -26.17 12.20
N GLU E 238 -14.45 -25.07 12.91
CA GLU E 238 -15.14 -23.79 12.70
C GLU E 238 -14.76 -23.10 11.36
N CYS E 239 -13.54 -23.38 10.88
CA CYS E 239 -13.00 -22.81 9.61
C CYS E 239 -12.67 -23.88 8.56
N GLU F 1 27.08 15.44 -8.20
CA GLU F 1 27.85 16.02 -9.33
C GLU F 1 27.97 15.04 -10.52
N VAL F 2 28.91 14.09 -10.43
CA VAL F 2 29.25 13.19 -11.55
C VAL F 2 28.29 11.99 -11.62
N GLN F 3 27.60 11.83 -12.74
CA GLN F 3 26.45 10.92 -12.79
C GLN F 3 26.21 10.02 -14.02
N LEU F 4 25.75 8.80 -13.73
CA LEU F 4 25.32 7.82 -14.73
C LEU F 4 23.86 7.39 -14.47
N VAL F 5 23.09 7.23 -15.55
CA VAL F 5 21.69 6.86 -15.39
C VAL F 5 21.36 5.74 -16.39
N GLU F 6 21.64 4.50 -15.97
CA GLU F 6 21.33 3.34 -16.80
C GLU F 6 19.84 3.02 -16.76
N SER F 7 19.29 2.51 -17.87
CA SER F 7 17.85 2.33 -18.01
C SER F 7 17.42 1.51 -19.23
N GLY F 8 16.11 1.27 -19.33
CA GLY F 8 15.51 0.50 -20.40
C GLY F 8 15.83 -0.99 -20.30
N GLY F 9 14.95 -1.74 -19.64
CA GLY F 9 15.10 -3.20 -19.46
C GLY F 9 14.06 -3.84 -18.56
N GLY F 10 13.68 -5.08 -18.89
CA GLY F 10 12.66 -5.83 -18.13
C GLY F 10 12.53 -7.24 -18.69
N LEU F 11 11.32 -7.83 -18.59
CA LEU F 11 11.09 -9.20 -19.09
C LEU F 11 11.52 -9.43 -20.54
N VAL F 12 11.96 -10.66 -20.81
CA VAL F 12 12.22 -11.14 -22.17
C VAL F 12 12.12 -12.67 -22.23
N LYS F 13 11.92 -13.21 -23.43
CA LYS F 13 12.01 -14.64 -23.65
C LYS F 13 13.46 -15.05 -23.87
N PRO F 14 13.85 -16.23 -23.36
CA PRO F 14 15.11 -16.89 -23.67
C PRO F 14 15.32 -16.97 -25.17
N GLY F 15 16.18 -16.08 -25.67
CA GLY F 15 16.48 -15.97 -27.10
C GLY F 15 16.34 -14.53 -27.59
N GLY F 16 15.50 -13.76 -26.91
CA GLY F 16 15.17 -12.38 -27.29
C GLY F 16 16.33 -11.40 -27.16
N SER F 17 16.01 -10.10 -27.18
CA SER F 17 17.04 -9.05 -27.15
C SER F 17 16.64 -7.83 -26.34
N LEU F 18 17.61 -6.97 -26.07
CA LEU F 18 17.43 -5.80 -25.20
C LEU F 18 18.65 -4.85 -25.27
N LYS F 19 18.40 -3.60 -25.67
CA LYS F 19 19.51 -2.66 -25.87
C LYS F 19 19.64 -1.69 -24.72
N LEU F 20 20.26 -2.17 -23.64
CA LEU F 20 20.44 -1.40 -22.42
C LEU F 20 21.34 -0.19 -22.61
N SER F 21 21.06 0.87 -21.85
CA SER F 21 21.71 2.18 -22.03
C SER F 21 21.93 2.91 -20.70
N CYS F 22 22.97 3.76 -20.68
CA CYS F 22 23.41 4.48 -19.49
C CYS F 22 23.79 5.93 -19.84
N ALA F 23 23.05 6.90 -19.31
CA ALA F 23 23.31 8.33 -19.58
C ALA F 23 24.33 8.94 -18.60
N ALA F 24 25.45 9.39 -19.15
CA ALA F 24 26.51 9.93 -18.32
C ALA F 24 26.39 11.45 -18.25
N SER F 25 26.09 11.95 -17.05
CA SER F 25 25.78 13.36 -16.90
C SER F 25 26.58 14.04 -15.79
N GLY F 26 27.79 14.48 -16.13
CA GLY F 26 28.60 15.29 -15.21
C GLY F 26 30.10 15.04 -15.26
N PHE F 27 30.55 14.27 -16.23
CA PHE F 27 31.99 14.01 -16.38
C PHE F 27 32.45 14.03 -17.84
N ALA F 28 33.76 14.17 -18.04
CA ALA F 28 34.37 14.34 -19.38
C ALA F 28 34.28 13.10 -20.29
N PHE F 29 33.29 12.24 -19.98
CA PHE F 29 32.91 11.07 -20.76
C PHE F 29 34.06 10.45 -21.54
N SER F 30 34.29 10.95 -22.76
CA SER F 30 35.40 10.54 -23.61
C SER F 30 36.71 10.45 -22.82
N SER F 31 36.74 11.09 -21.67
CA SER F 31 37.84 11.02 -20.71
C SER F 31 38.33 9.59 -20.47
N TYR F 32 37.52 8.79 -19.75
CA TYR F 32 37.91 7.44 -19.32
C TYR F 32 37.23 6.33 -20.12
N ASP F 33 37.64 5.10 -19.82
CA ASP F 33 37.02 3.90 -20.36
C ASP F 33 35.66 3.69 -19.68
N MET F 34 34.92 2.66 -20.10
CA MET F 34 33.63 2.32 -19.47
C MET F 34 33.38 0.80 -19.26
N SER F 35 32.28 0.46 -18.56
CA SER F 35 31.96 -0.92 -18.23
C SER F 35 30.59 -1.08 -17.62
N TRP F 36 30.04 -2.29 -17.74
CA TRP F 36 28.86 -2.73 -17.01
C TRP F 36 29.21 -3.83 -16.05
N VAL F 37 28.69 -3.74 -14.84
CA VAL F 37 28.68 -4.88 -13.94
C VAL F 37 27.23 -5.25 -13.69
N ARG F 38 26.95 -6.53 -13.54
CA ARG F 38 25.60 -6.96 -13.21
C ARG F 38 25.61 -7.67 -11.87
N GLN F 39 24.41 -7.84 -11.31
CA GLN F 39 24.26 -8.49 -10.02
C GLN F 39 22.97 -9.28 -10.03
N THR F 40 23.09 -10.55 -9.71
CA THR F 40 21.95 -11.47 -9.67
C THR F 40 20.99 -11.19 -8.50
N PRO F 41 19.83 -11.88 -8.49
CA PRO F 41 18.94 -11.81 -7.33
C PRO F 41 19.65 -12.27 -6.06
N GLU F 42 20.56 -13.23 -6.21
CA GLU F 42 21.37 -13.76 -5.11
C GLU F 42 22.50 -12.82 -4.71
N LYS F 43 22.49 -11.63 -5.29
CA LYS F 43 23.47 -10.57 -4.96
C LYS F 43 24.92 -10.95 -5.31
N ARG F 44 25.07 -11.93 -6.20
CA ARG F 44 26.33 -12.21 -6.86
C ARG F 44 26.58 -11.09 -7.87
N LEU F 45 27.81 -10.56 -7.86
CA LEU F 45 28.25 -9.55 -8.83
C LEU F 45 29.00 -10.20 -9.99
N GLU F 46 29.01 -9.51 -11.13
CA GLU F 46 29.56 -10.06 -12.36
C GLU F 46 30.02 -9.01 -13.37
N TRP F 47 31.33 -8.99 -13.65
CA TRP F 47 31.83 -8.12 -14.73
C TRP F 47 31.47 -8.63 -16.12
N VAL F 48 30.68 -7.84 -16.82
CA VAL F 48 30.06 -8.27 -18.06
C VAL F 48 30.66 -7.64 -19.32
N ALA F 49 30.99 -6.35 -19.25
CA ALA F 49 31.42 -5.62 -20.43
C ALA F 49 32.42 -4.55 -20.08
N TYR F 50 33.24 -4.16 -21.05
CA TYR F 50 34.22 -3.08 -20.88
C TYR F 50 34.62 -2.43 -22.20
N ILE F 51 34.17 -1.20 -22.40
CA ILE F 51 34.55 -0.40 -23.57
C ILE F 51 35.74 0.51 -23.25
N SER F 52 36.63 0.72 -24.22
CA SER F 52 37.80 1.60 -24.02
C SER F 52 37.41 3.09 -23.85
N SER F 53 38.42 3.97 -23.88
CA SER F 53 38.20 5.42 -23.81
C SER F 53 37.32 5.88 -24.98
N GLY F 54 37.86 5.79 -26.19
CA GLY F 54 37.08 6.02 -27.41
C GLY F 54 36.86 4.70 -28.14
N GLY F 55 35.87 3.94 -27.66
CA GLY F 55 35.48 2.64 -28.22
C GLY F 55 36.44 1.93 -29.18
N GLY F 56 37.75 2.08 -28.94
CA GLY F 56 38.80 1.45 -29.74
C GLY F 56 38.62 -0.06 -29.75
N SER F 57 38.88 -0.68 -28.60
CA SER F 57 38.58 -2.10 -28.42
C SER F 57 37.65 -2.32 -27.21
N THR F 58 37.08 -3.52 -27.13
CA THR F 58 36.13 -3.88 -26.07
C THR F 58 36.60 -5.13 -25.31
N TYR F 59 35.96 -5.42 -24.17
CA TYR F 59 36.33 -6.55 -23.29
C TYR F 59 35.16 -7.28 -22.62
N TYR F 60 35.24 -8.61 -22.59
CA TYR F 60 34.15 -9.47 -22.07
C TYR F 60 34.67 -10.67 -21.25
N PRO F 61 33.85 -11.21 -20.33
CA PRO F 61 34.15 -12.54 -19.82
C PRO F 61 33.63 -13.51 -20.86
N ASP F 62 34.21 -14.71 -20.92
CA ASP F 62 33.80 -15.67 -21.93
C ASP F 62 32.30 -15.86 -21.93
N THR F 63 31.71 -15.88 -20.73
CA THR F 63 30.28 -16.12 -20.52
C THR F 63 29.31 -15.31 -21.42
N VAL F 64 29.67 -14.08 -21.75
CA VAL F 64 28.81 -13.22 -22.58
C VAL F 64 29.38 -13.01 -24.00
N LYS F 65 30.69 -13.26 -24.15
CA LYS F 65 31.43 -13.02 -25.39
C LYS F 65 30.76 -13.57 -26.67
N GLY F 66 30.11 -12.68 -27.40
CA GLY F 66 29.44 -13.04 -28.63
C GLY F 66 27.96 -13.25 -28.42
N ARG F 67 27.41 -12.56 -27.43
CA ARG F 67 25.95 -12.52 -27.23
C ARG F 67 25.59 -11.15 -26.66
N PHE F 68 26.65 -10.41 -26.38
CA PHE F 68 26.61 -9.10 -25.75
C PHE F 68 27.59 -8.22 -26.48
N THR F 69 27.21 -6.96 -26.68
CA THR F 69 28.12 -5.94 -27.20
C THR F 69 27.96 -4.60 -26.50
N ILE F 70 29.09 -3.94 -26.28
CA ILE F 70 29.12 -2.64 -25.60
C ILE F 70 29.47 -1.49 -26.58
N SER F 71 28.53 -0.56 -26.71
CA SER F 71 28.70 0.54 -27.65
C SER F 71 28.55 1.90 -26.96
N ARG F 72 29.41 2.83 -27.33
CA ARG F 72 29.31 4.21 -26.84
C ARG F 72 29.35 5.22 -28.00
N ASP F 73 28.72 6.36 -27.76
CA ASP F 73 28.79 7.53 -28.64
C ASP F 73 29.50 8.67 -27.88
N ASN F 74 30.83 8.72 -28.00
CA ASN F 74 31.70 9.67 -27.28
C ASN F 74 31.15 11.10 -27.26
N ALA F 75 30.22 11.37 -28.19
CA ALA F 75 29.54 12.67 -28.28
C ALA F 75 28.38 12.77 -27.27
N LYS F 76 27.28 12.06 -27.53
CA LYS F 76 26.04 12.29 -26.78
C LYS F 76 26.02 11.73 -25.34
N ASN F 77 27.23 11.44 -24.84
CA ASN F 77 27.49 11.04 -23.45
C ASN F 77 26.68 9.83 -22.93
N THR F 78 26.51 8.86 -23.81
CA THR F 78 25.74 7.66 -23.50
C THR F 78 26.54 6.38 -23.73
N LEU F 79 26.36 5.42 -22.81
CA LEU F 79 26.89 4.06 -22.93
C LEU F 79 25.75 3.10 -23.25
N TYR F 80 26.06 2.05 -24.00
CA TYR F 80 25.03 1.06 -24.32
C TYR F 80 25.52 -0.37 -24.11
N LEU F 81 24.61 -1.23 -23.67
CA LEU F 81 24.82 -2.68 -23.68
C LEU F 81 23.77 -3.34 -24.56
N GLN F 82 24.22 -3.95 -25.64
CA GLN F 82 23.33 -4.61 -26.57
C GLN F 82 23.33 -6.10 -26.28
N MET F 83 22.19 -6.60 -25.80
CA MET F 83 22.09 -8.01 -25.37
C MET F 83 21.23 -8.86 -26.28
N SER F 84 21.73 -10.03 -26.63
CA SER F 84 21.04 -10.88 -27.60
C SER F 84 21.35 -12.35 -27.38
N SER F 85 20.56 -13.22 -28.03
CA SER F 85 20.55 -14.65 -27.73
C SER F 85 20.64 -14.81 -26.23
N LEU F 86 19.60 -14.32 -25.57
CA LEU F 86 19.61 -14.15 -24.13
C LEU F 86 19.41 -15.44 -23.35
N LYS F 87 20.29 -15.65 -22.36
CA LYS F 87 20.18 -16.73 -21.42
C LYS F 87 19.43 -16.25 -20.17
N SER F 88 18.73 -17.18 -19.52
CA SER F 88 18.09 -16.97 -18.22
C SER F 88 19.07 -16.39 -17.20
N GLU F 89 20.31 -16.84 -17.30
CA GLU F 89 21.43 -16.39 -16.46
C GLU F 89 21.62 -14.86 -16.46
N ASP F 90 21.34 -14.23 -17.60
CA ASP F 90 21.58 -12.81 -17.75
C ASP F 90 20.61 -11.94 -16.93
N THR F 91 19.59 -12.57 -16.35
CA THR F 91 18.73 -11.93 -15.36
C THR F 91 19.63 -11.32 -14.29
N ALA F 92 19.36 -10.06 -13.96
CA ALA F 92 20.14 -9.31 -12.99
C ALA F 92 19.78 -7.85 -13.07
N MET F 93 20.09 -7.11 -12.01
CA MET F 93 20.10 -5.66 -12.04
C MET F 93 21.47 -5.27 -12.62
N TYR F 94 21.47 -4.38 -13.61
CA TYR F 94 22.67 -4.09 -14.40
C TYR F 94 23.21 -2.70 -14.13
N TYR F 95 24.40 -2.63 -13.53
CA TYR F 95 24.99 -1.34 -13.13
C TYR F 95 26.05 -0.81 -14.10
N CYS F 96 25.78 0.36 -14.69
CA CYS F 96 26.78 1.09 -15.45
C CYS F 96 27.71 1.75 -14.45
N ALA F 97 28.97 1.35 -14.47
CA ALA F 97 29.97 1.89 -13.56
C ALA F 97 31.19 2.37 -14.34
N ARG F 98 32.03 3.17 -13.68
CA ARG F 98 33.11 3.87 -14.35
C ARG F 98 34.43 3.67 -13.63
N PRO F 99 35.42 3.16 -14.36
CA PRO F 99 36.74 2.86 -13.80
C PRO F 99 37.49 4.14 -13.47
N ASP F 100 38.23 4.14 -12.36
CA ASP F 100 39.02 5.30 -11.98
C ASP F 100 40.22 5.45 -12.91
N TYR F 101 40.56 6.71 -13.21
CA TYR F 101 41.78 7.11 -13.94
C TYR F 101 42.86 6.02 -14.10
N ARG F 102 43.44 5.59 -12.98
CA ARG F 102 44.63 4.75 -12.97
C ARG F 102 44.39 3.47 -12.22
N SER F 103 43.59 3.56 -11.16
CA SER F 103 43.25 2.43 -10.31
C SER F 103 42.33 1.45 -11.03
N TYR F 104 41.57 1.97 -11.99
CA TYR F 104 40.53 1.20 -12.69
C TYR F 104 39.44 0.76 -11.73
N ALA F 105 39.68 1.01 -10.45
CA ALA F 105 38.70 0.83 -9.42
C ALA F 105 37.47 1.65 -9.78
N MET F 106 36.35 0.97 -10.00
CA MET F 106 35.13 1.64 -10.44
C MET F 106 34.64 2.64 -9.39
N ASP F 107 35.08 3.88 -9.53
CA ASP F 107 34.80 4.89 -8.50
C ASP F 107 33.44 5.59 -8.63
N TYR F 108 32.83 5.54 -9.80
CA TYR F 108 31.47 6.06 -9.91
C TYR F 108 30.46 5.13 -10.57
N TRP F 109 29.38 4.90 -9.84
CA TRP F 109 28.42 3.86 -10.17
C TRP F 109 27.03 4.41 -10.52
N GLY F 110 26.29 3.63 -11.30
CA GLY F 110 24.91 3.97 -11.64
C GLY F 110 23.92 3.50 -10.59
N GLN F 111 22.76 3.01 -11.04
CA GLN F 111 21.69 2.63 -10.13
C GLN F 111 21.01 1.33 -10.57
N GLY F 112 21.23 0.94 -11.83
CA GLY F 112 20.83 -0.38 -12.31
C GLY F 112 19.52 -0.44 -13.08
N THR F 113 19.28 -1.58 -13.72
CA THR F 113 18.05 -1.81 -14.47
C THR F 113 17.61 -3.25 -14.39
N SER F 114 16.37 -3.47 -13.94
CA SER F 114 15.81 -4.82 -13.80
C SER F 114 15.81 -5.54 -15.14
N VAL F 115 16.23 -6.81 -15.11
CA VAL F 115 16.13 -7.70 -16.27
C VAL F 115 15.71 -9.05 -15.74
N THR F 116 14.97 -9.78 -16.58
CA THR F 116 14.60 -11.16 -16.31
C THR F 116 14.22 -11.88 -17.60
N VAL F 117 14.50 -13.17 -17.64
CA VAL F 117 14.31 -13.94 -18.84
C VAL F 117 13.37 -15.09 -18.53
N SER F 118 12.07 -14.80 -18.48
CA SER F 118 11.05 -15.74 -17.98
C SER F 118 10.11 -16.28 -19.09
N SER F 119 10.42 -17.47 -19.60
CA SER F 119 9.61 -18.11 -20.62
C SER F 119 8.35 -18.71 -19.99
N LYS F 121 5.16 -13.05 -19.41
CA LYS F 121 3.80 -13.45 -19.02
C LYS F 121 3.29 -12.76 -17.75
N THR F 122 3.01 -11.46 -17.89
CA THR F 122 2.28 -10.70 -16.88
C THR F 122 1.23 -11.63 -16.25
N THR F 123 1.22 -11.73 -14.92
CA THR F 123 0.13 -12.45 -14.20
C THR F 123 -0.26 -11.78 -12.86
N ALA F 124 -1.53 -11.90 -12.48
CA ALA F 124 -2.11 -11.08 -11.39
C ALA F 124 -2.17 -11.79 -10.04
N PRO F 125 -2.14 -11.00 -8.93
CA PRO F 125 -2.04 -11.49 -7.56
C PRO F 125 -3.32 -11.37 -6.73
N SER F 126 -3.93 -12.51 -6.42
CA SER F 126 -5.10 -12.57 -5.58
C SER F 126 -4.65 -12.27 -4.16
N VAL F 127 -5.07 -11.15 -3.61
CA VAL F 127 -4.67 -10.79 -2.25
C VAL F 127 -5.67 -11.32 -1.22
N TYR F 128 -5.43 -12.57 -0.78
CA TYR F 128 -6.28 -13.20 0.20
C TYR F 128 -6.08 -12.53 1.56
N PRO F 129 -7.19 -12.21 2.25
CA PRO F 129 -7.05 -11.55 3.55
C PRO F 129 -6.63 -12.58 4.60
N LEU F 130 -5.98 -12.15 5.67
CA LEU F 130 -5.59 -13.05 6.76
C LEU F 130 -6.08 -12.58 8.13
N ALA F 131 -7.22 -13.13 8.56
CA ALA F 131 -7.80 -12.83 9.87
C ALA F 131 -7.45 -13.90 10.89
N PRO F 132 -7.18 -13.50 12.15
CA PRO F 132 -6.57 -14.40 13.12
C PRO F 132 -7.42 -15.64 13.53
N VAL F 133 -7.22 -16.10 14.76
CA VAL F 133 -7.69 -17.41 15.22
C VAL F 133 -9.20 -17.67 15.11
N CYS F 134 -9.50 -18.70 14.30
CA CYS F 134 -10.85 -19.27 14.07
C CYS F 134 -11.84 -19.09 15.23
N GLY F 135 -11.41 -19.54 16.41
CA GLY F 135 -12.04 -19.21 17.68
C GLY F 135 -11.07 -18.31 18.45
N ASP F 136 -11.55 -17.13 18.82
CA ASP F 136 -10.73 -16.11 19.48
C ASP F 136 -10.06 -16.59 20.77
N THR F 137 -8.95 -15.94 21.15
CA THR F 137 -8.30 -16.11 22.45
C THR F 137 -7.49 -14.86 22.84
N THR F 138 -7.98 -13.69 22.37
CA THR F 138 -7.27 -12.40 22.45
C THR F 138 -6.38 -12.20 23.70
N GLY F 139 -5.11 -12.62 23.53
CA GLY F 139 -4.10 -12.67 24.60
C GLY F 139 -3.73 -11.33 25.20
N SER F 140 -3.23 -10.41 24.36
CA SER F 140 -2.92 -9.04 24.81
C SER F 140 -2.80 -8.01 23.68
N SER F 141 -2.08 -8.37 22.61
CA SER F 141 -1.93 -7.47 21.46
C SER F 141 -2.20 -8.19 20.12
N VAL F 142 -2.97 -7.54 19.27
CA VAL F 142 -3.47 -8.13 18.02
C VAL F 142 -2.44 -8.09 16.90
N THR F 143 -2.27 -9.23 16.20
CA THR F 143 -1.41 -9.28 15.00
C THR F 143 -2.14 -9.87 13.77
N LEU F 144 -1.97 -9.22 12.62
CA LEU F 144 -2.76 -9.53 11.42
C LEU F 144 -1.91 -9.64 10.17
N GLY F 145 -2.45 -10.32 9.16
CA GLY F 145 -1.72 -10.57 7.91
C GLY F 145 -2.43 -10.15 6.64
N CYS F 146 -1.78 -10.43 5.50
CA CYS F 146 -2.22 -10.05 4.16
C CYS F 146 -1.45 -10.91 3.16
N LEU F 147 -2.13 -11.78 2.40
CA LEU F 147 -1.44 -12.75 1.53
C LEU F 147 -1.61 -12.45 0.06
N VAL F 148 -0.52 -12.61 -0.70
CA VAL F 148 -0.48 -12.30 -2.13
C VAL F 148 0.22 -13.42 -2.90
N LYS F 149 -0.55 -14.29 -3.54
CA LYS F 149 0.01 -15.51 -4.12
C LYS F 149 -0.14 -15.53 -5.65
N GLY F 150 0.53 -16.51 -6.29
CA GLY F 150 0.45 -16.79 -7.73
C GLY F 150 0.54 -15.64 -8.73
N TYR F 151 1.70 -14.99 -8.84
CA TYR F 151 1.84 -13.80 -9.72
C TYR F 151 3.13 -13.65 -10.56
N PHE F 152 3.18 -12.60 -11.39
CA PHE F 152 4.35 -12.30 -12.23
C PHE F 152 4.29 -10.94 -12.94
N PRO F 153 5.43 -10.21 -13.01
CA PRO F 153 6.64 -10.46 -12.21
C PRO F 153 6.79 -9.42 -11.09
N GLU F 154 7.98 -9.37 -10.52
CA GLU F 154 8.32 -8.35 -9.54
C GLU F 154 8.13 -6.99 -10.19
N PRO F 155 7.73 -5.98 -9.38
CA PRO F 155 7.38 -6.18 -8.00
C PRO F 155 5.87 -6.19 -7.83
N VAL F 156 5.43 -5.81 -6.64
CA VAL F 156 4.04 -5.49 -6.30
C VAL F 156 4.17 -4.62 -5.04
N THR F 157 3.24 -3.70 -4.83
CA THR F 157 3.29 -2.90 -3.61
C THR F 157 2.11 -3.16 -2.67
N LEU F 158 2.43 -3.79 -1.53
CA LEU F 158 1.50 -3.96 -0.43
C LEU F 158 1.69 -2.80 0.54
N THR F 159 0.60 -2.33 1.13
CA THR F 159 0.67 -1.44 2.29
C THR F 159 -0.55 -1.63 3.20
N TRP F 160 -0.46 -1.12 4.43
CA TRP F 160 -1.58 -1.10 5.36
C TRP F 160 -2.06 0.33 5.59
N ASN F 161 -3.37 0.53 5.43
CA ASN F 161 -4.04 1.84 5.51
C ASN F 161 -3.50 2.91 4.54
N SER F 162 -3.37 2.51 3.27
CA SER F 162 -2.90 3.37 2.18
C SER F 162 -1.44 3.83 2.39
N GLY F 163 -1.04 3.85 3.67
CA GLY F 163 0.32 4.21 4.10
C GLY F 163 0.28 4.62 5.56
N SER F 164 -0.94 4.87 6.05
CA SER F 164 -1.17 5.44 7.38
C SER F 164 -0.75 4.53 8.52
N LEU F 165 -0.65 3.24 8.23
CA LEU F 165 -0.14 2.29 9.21
C LEU F 165 1.17 1.71 8.68
N SER F 166 2.23 1.84 9.47
CA SER F 166 3.57 1.50 9.02
C SER F 166 4.42 0.90 10.15
N SER F 167 4.66 1.71 11.18
CA SER F 167 5.46 1.35 12.36
C SER F 167 5.33 -0.13 12.79
N GLY F 168 6.16 -0.99 12.23
CA GLY F 168 6.11 -2.42 12.55
C GLY F 168 5.36 -3.31 11.56
N VAL F 169 5.46 -2.97 10.28
CA VAL F 169 4.99 -3.84 9.18
C VAL F 169 6.12 -4.82 8.78
N HIS F 170 5.74 -5.93 8.14
CA HIS F 170 6.72 -6.90 7.66
C HIS F 170 6.31 -7.51 6.32
N THR F 171 7.00 -7.14 5.25
CA THR F 171 6.77 -7.74 3.94
C THR F 171 7.92 -8.65 3.51
N PHE F 172 7.62 -9.95 3.45
CA PHE F 172 8.64 -10.96 3.29
C PHE F 172 8.99 -11.13 1.82
N PRO F 173 10.29 -11.30 1.51
CA PRO F 173 10.76 -11.44 0.13
C PRO F 173 9.91 -12.44 -0.63
N ALA F 174 9.49 -12.08 -1.83
CA ALA F 174 8.66 -12.96 -2.65
C ALA F 174 9.37 -14.28 -2.95
N VAL F 175 8.58 -15.26 -3.38
CA VAL F 175 9.08 -16.62 -3.54
C VAL F 175 8.48 -17.28 -4.77
N LEU F 176 9.28 -18.08 -5.46
CA LEU F 176 8.85 -18.64 -6.73
C LEU F 176 8.27 -20.06 -6.69
N GLN F 177 6.95 -20.14 -6.56
CA GLN F 177 6.23 -21.41 -6.82
C GLN F 177 6.02 -21.59 -8.33
N SER F 178 6.76 -22.56 -8.87
CA SER F 178 6.91 -22.74 -10.31
C SER F 178 7.17 -21.38 -10.99
N ASP F 179 6.36 -21.05 -12.00
CA ASP F 179 6.55 -19.81 -12.72
C ASP F 179 5.68 -18.73 -12.14
N LEU F 180 5.38 -18.86 -10.85
CA LEU F 180 4.65 -17.82 -10.15
C LEU F 180 5.37 -17.44 -8.88
N TYR F 181 4.91 -16.34 -8.29
CA TYR F 181 5.52 -15.73 -7.12
C TYR F 181 4.59 -15.82 -5.93
N THR F 182 5.07 -15.43 -4.76
CA THR F 182 4.26 -15.48 -3.55
C THR F 182 4.81 -14.54 -2.49
N LEU F 183 3.91 -13.83 -1.81
CA LEU F 183 4.28 -12.87 -0.76
C LEU F 183 3.22 -12.73 0.34
N SER F 184 3.59 -12.06 1.43
CA SER F 184 2.67 -11.73 2.51
C SER F 184 3.29 -10.69 3.43
N SER F 185 2.46 -9.82 4.01
CA SER F 185 2.93 -8.90 5.04
C SER F 185 2.19 -9.03 6.37
N SER F 186 2.88 -8.69 7.45
CA SER F 186 2.30 -8.80 8.77
C SER F 186 2.34 -7.46 9.49
N VAL F 187 1.40 -7.25 10.42
CA VAL F 187 1.33 -6.04 11.23
C VAL F 187 0.77 -6.34 12.62
N THR F 188 1.25 -5.59 13.62
CA THR F 188 0.99 -5.88 15.03
C THR F 188 0.46 -4.65 15.82
N VAL F 189 -0.86 -4.65 16.05
CA VAL F 189 -1.62 -3.52 16.62
C VAL F 189 -1.95 -3.78 18.09
N THR F 190 -2.29 -2.71 18.82
CA THR F 190 -2.87 -2.83 20.17
C THR F 190 -4.24 -3.50 20.06
N SER F 191 -4.47 -4.52 20.88
CA SER F 191 -5.77 -5.16 20.97
C SER F 191 -6.92 -4.15 20.81
N SER F 192 -6.76 -2.99 21.44
CA SER F 192 -7.75 -1.91 21.44
C SER F 192 -8.07 -1.35 20.06
N THR F 193 -7.02 -1.10 19.27
CA THR F 193 -7.17 -0.41 17.99
C THR F 193 -7.72 -1.26 16.83
N TRP F 194 -7.45 -2.56 16.78
CA TRP F 194 -8.24 -3.36 15.86
C TRP F 194 -9.52 -3.80 16.55
N PRO F 195 -9.99 -5.05 16.28
CA PRO F 195 -11.41 -5.23 16.10
C PRO F 195 -12.11 -3.90 15.78
N SER F 196 -12.32 -3.07 16.81
CA SER F 196 -12.91 -1.73 16.68
C SER F 196 -12.60 -0.98 15.37
N GLN F 197 -11.49 -0.26 15.34
CA GLN F 197 -11.04 0.48 14.15
C GLN F 197 -10.45 -0.45 13.09
N SER F 198 -10.84 -0.23 11.85
CA SER F 198 -10.50 -1.09 10.72
C SER F 198 -9.11 -0.84 10.13
N ILE F 199 -8.60 -1.83 9.40
CA ILE F 199 -7.36 -1.71 8.64
C ILE F 199 -7.53 -2.36 7.27
N THR F 200 -7.67 -1.53 6.24
CA THR F 200 -7.79 -2.00 4.86
C THR F 200 -6.42 -2.22 4.22
N CYS F 201 -6.18 -3.44 3.75
CA CYS F 201 -4.87 -3.86 3.24
C CYS F 201 -4.69 -3.56 1.76
N ASN F 202 -3.97 -2.47 1.48
CA ASN F 202 -3.89 -1.88 0.15
C ASN F 202 -2.75 -2.42 -0.68
N VAL F 203 -3.11 -3.20 -1.70
CA VAL F 203 -2.10 -3.85 -2.53
C VAL F 203 -2.31 -3.52 -4.01
N ALA F 204 -1.19 -3.39 -4.73
CA ALA F 204 -1.19 -3.11 -6.17
C ALA F 204 -0.09 -3.86 -6.93
N HIS F 205 -0.42 -4.33 -8.13
CA HIS F 205 0.54 -4.94 -9.03
C HIS F 205 0.74 -4.00 -10.21
N PRO F 206 2.01 -3.67 -10.55
CA PRO F 206 2.23 -2.78 -11.69
C PRO F 206 1.89 -3.45 -13.03
N ALA F 207 2.51 -4.59 -13.32
CA ALA F 207 2.32 -5.24 -14.60
C ALA F 207 0.88 -5.72 -14.86
N SER F 208 0.05 -5.71 -13.83
CA SER F 208 -1.39 -6.01 -13.99
C SER F 208 -2.23 -4.74 -13.89
N SER F 209 -1.97 -3.97 -12.83
CA SER F 209 -2.65 -2.69 -12.54
C SER F 209 -3.95 -2.88 -11.76
N THR F 210 -3.85 -3.32 -10.51
CA THR F 210 -5.04 -3.51 -9.68
C THR F 210 -4.91 -2.92 -8.26
N LYS F 211 -5.85 -2.05 -7.91
CA LYS F 211 -5.97 -1.45 -6.58
C LYS F 211 -7.03 -2.19 -5.73
N VAL F 212 -6.64 -3.35 -5.21
CA VAL F 212 -7.52 -4.16 -4.38
C VAL F 212 -7.09 -3.97 -2.92
N ASP F 213 -8.03 -3.51 -2.08
CA ASP F 213 -7.69 -3.05 -0.71
C ASP F 213 -8.57 -3.66 0.40
N LYS F 214 -8.16 -4.82 0.90
CA LYS F 214 -9.00 -5.67 1.79
C LYS F 214 -9.00 -5.29 3.27
N LYS F 215 -9.86 -5.94 4.05
CA LYS F 215 -9.95 -5.70 5.50
C LYS F 215 -10.40 -6.96 6.25
#